data_9L3G
#
_entry.id   9L3G
#
loop_
_entity.id
_entity.type
_entity.pdbx_description
1 polymer Flotillin-1
2 polymer Flotillin-2
#
loop_
_entity_poly.entity_id
_entity_poly.type
_entity_poly.pdbx_seq_one_letter_code
_entity_poly.pdbx_strand_id
1 'polypeptide(L)'
;MFFTCGPNEAMVVSGFCRSPPVMVAGGRVFVLPCIQQIQRISLNTLTLNVKSEKVYTRHGVPISVTGIAQVKIQGQNKEM
LAAACQMFLGKTEAEIAHIALETLEGHQRAIMAHMTVEEIYKDRQKFSEQVFKVASSDLVNMGISVVSYTLKDIHDDQDY
LHSLGKARTAQVQKDARIGEAEAKRDAGIREAKAKQEKVSAQYLSEIEMAKAQRDYELKKAAYDIEVNTRRAQADLAYQL
QVAKTKQQIEEQRVQVQVVERAQQVAVQEQEIARREKELEARVRKPAEAERYKLERLAEAEKSQLIMQAEAEAASVRMRG
EAEAFAIGARARAEAEQMAKKAEAFQLYQEAAQLDMLLEKLPQVAEEISGPLTSANKITLVSSGSGTMGAAKVTGEVLDI
LTRLPESVERLTGVSISQVNHKPLRTAGITENLYFQGGSGDYKDHDGDYKDHDIDYKDDDDK
;
A,B,I,N,C,D,J,O,E,H,Q,S,F,G,K,P,U,V,R,T,L,M
2 'polypeptide(L)'
;MGNCHTVGPNEALVVSGGCCGSDYKQYVFGGWAWAWWCISDTQRISLEIMTLQPRCEDVETAEGVALTVTGVAQVKIMTE
KELLAVACEQFLGKNVQDIKNVVLQTLEGHLRSILGTLTVEQIYQDRDQFAKLVREVAAPDVGRMGIEILSFTIKDVYDK
VDYLSSLGKTQTAVVQRDADIGVAEAERDAGIREAECKKEMLDVKFMADTKIADSKRAFELQKSAFSEEVNIKTAEAQLA
YELQGAREQQKIRQEEIEIEVVQRKKQIAVEAQEILRTDKELIATVRRPAEAEAHRIQQIAEGEKVKQVLLAQAEAEKIR
KIGEAEAAVIEAMGKAEAERMKLKAEAYQKYGDAAKMALVLEALPQIAAKIAAPLTKVDEIVVLSGDNSKVTSEVNRLLA
ELPASVHALTGVDLSKIPLIKKATGVQV
;
a,b,i,n,c,d,j,o,e,h,q,s,f,g,k,p,u,v,r,t,l,m
#
# COMPACT_ATOMS: atom_id res chain seq x y z
N MET A 1 15.51 -11.77 172.50
CA MET A 1 16.68 -12.64 172.62
C MET A 1 17.93 -11.96 172.06
N PHE A 2 19.09 -12.50 172.43
CA PHE A 2 20.35 -11.92 171.99
C PHE A 2 20.56 -12.13 170.50
N PHE A 3 21.11 -11.12 169.84
CA PHE A 3 21.34 -11.14 168.40
C PHE A 3 22.84 -10.93 168.13
N THR A 4 23.52 -12.02 167.78
CA THR A 4 24.94 -11.93 167.46
C THR A 4 25.16 -11.17 166.17
N CYS A 5 26.32 -10.52 166.08
CA CYS A 5 26.72 -9.82 164.88
C CYS A 5 28.21 -10.02 164.67
N GLY A 6 28.61 -10.00 163.39
CA GLY A 6 30.02 -10.04 163.07
C GLY A 6 30.67 -8.69 163.25
N PRO A 7 31.95 -8.61 162.88
CA PRO A 7 32.67 -7.34 162.90
C PRO A 7 32.63 -6.53 161.61
N ASN A 8 31.68 -6.79 160.71
CA ASN A 8 31.48 -5.99 159.50
C ASN A 8 30.16 -5.25 159.51
N GLU A 9 29.42 -5.31 160.62
CA GLU A 9 28.15 -4.61 160.72
C GLU A 9 28.01 -4.04 162.12
N ALA A 10 27.26 -2.95 162.23
CA ALA A 10 26.98 -2.31 163.50
C ALA A 10 25.51 -2.54 163.87
N MET A 11 25.29 -3.22 164.99
CA MET A 11 23.94 -3.49 165.48
C MET A 11 23.56 -2.39 166.47
N VAL A 12 22.73 -1.46 166.01
CA VAL A 12 22.21 -0.40 166.86
C VAL A 12 20.69 -0.51 166.86
N VAL A 13 20.11 -0.60 168.06
CA VAL A 13 18.67 -0.82 168.22
C VAL A 13 18.18 0.02 169.39
N SER A 14 16.90 0.39 169.35
CA SER A 14 16.24 1.07 170.46
C SER A 14 15.27 0.10 171.13
N GLY A 15 15.37 -0.01 172.44
CA GLY A 15 14.52 -0.93 173.18
C GLY A 15 13.59 -0.26 174.17
N PHE A 16 13.82 -0.51 175.45
CA PHE A 16 13.06 0.12 176.53
C PHE A 16 14.04 0.75 177.51
N CYS A 17 13.88 2.06 177.75
CA CYS A 17 14.74 2.81 178.67
C CYS A 17 16.22 2.67 178.31
N ARG A 18 16.51 3.00 177.05
CA ARG A 18 17.87 2.98 176.51
C ARG A 18 18.15 4.28 175.78
N SER A 19 17.86 5.40 176.44
CA SER A 19 17.97 6.71 175.80
C SER A 19 19.37 7.03 175.29
N PRO A 20 20.45 6.82 176.04
CA PRO A 20 21.77 7.07 175.48
C PRO A 20 22.04 6.12 174.31
N PRO A 21 22.82 6.55 173.34
CA PRO A 21 23.08 5.69 172.16
C PRO A 21 23.80 4.42 172.55
N VAL A 22 23.53 3.36 171.80
CA VAL A 22 24.13 2.05 172.01
C VAL A 22 25.00 1.70 170.79
N MET A 23 26.28 1.49 171.03
CA MET A 23 27.24 1.18 169.98
C MET A 23 27.63 -0.29 170.11
N VAL A 24 27.01 -1.15 169.31
CA VAL A 24 27.28 -2.57 169.32
C VAL A 24 27.65 -3.01 167.91
N ALA A 25 28.83 -3.58 167.76
CA ALA A 25 29.29 -4.17 166.50
C ALA A 25 30.18 -5.36 166.86
N GLY A 26 29.62 -6.56 166.81
CA GLY A 26 30.33 -7.75 167.25
C GLY A 26 29.99 -8.12 168.69
N GLY A 27 28.71 -8.16 168.99
CA GLY A 27 28.24 -8.51 170.32
C GLY A 27 26.83 -9.04 170.26
N ARG A 28 26.14 -8.94 171.39
CA ARG A 28 24.75 -9.36 171.47
C ARG A 28 23.92 -8.32 172.23
N VAL A 29 22.63 -8.29 171.92
CA VAL A 29 21.68 -7.40 172.58
C VAL A 29 20.40 -8.18 172.81
N PHE A 30 19.91 -8.18 174.05
CA PHE A 30 18.61 -8.78 174.35
C PHE A 30 17.51 -7.89 173.78
N VAL A 31 16.75 -8.43 172.83
CA VAL A 31 15.78 -7.66 172.06
C VAL A 31 14.39 -8.19 172.34
N LEU A 32 13.51 -7.31 172.83
CA LEU A 32 12.09 -7.62 172.96
C LEU A 32 11.44 -7.61 171.59
N PRO A 33 10.51 -8.52 171.31
CA PRO A 33 9.96 -8.58 169.94
C PRO A 33 9.00 -7.44 169.62
N CYS A 34 8.11 -7.09 170.54
CA CYS A 34 7.09 -6.08 170.28
C CYS A 34 7.45 -4.70 170.82
N ILE A 35 8.66 -4.53 171.37
CA ILE A 35 9.08 -3.27 171.96
C ILE A 35 10.26 -2.65 171.23
N GLN A 36 11.25 -3.46 170.87
CA GLN A 36 12.46 -2.94 170.25
C GLN A 36 12.36 -2.94 168.73
N GLN A 37 13.15 -2.06 168.11
CA GLN A 37 13.22 -1.93 166.66
C GLN A 37 14.65 -2.17 166.22
N ILE A 38 14.81 -2.96 165.15
CA ILE A 38 16.12 -3.44 164.70
C ILE A 38 16.49 -2.74 163.41
N GLN A 39 17.71 -2.20 163.36
CA GLN A 39 18.26 -1.61 162.15
C GLN A 39 19.75 -1.94 162.10
N ARG A 40 20.29 -1.99 160.86
CA ARG A 40 21.64 -2.48 160.62
C ARG A 40 22.39 -1.54 159.70
N ILE A 41 23.71 -1.47 159.90
CA ILE A 41 24.64 -0.79 159.00
C ILE A 41 25.77 -1.74 158.66
N SER A 42 26.11 -1.84 157.38
CA SER A 42 27.22 -2.66 156.93
C SER A 42 28.51 -1.85 156.97
N LEU A 43 29.53 -2.39 157.65
CA LEU A 43 30.81 -1.73 157.80
C LEU A 43 31.85 -2.19 156.79
N ASN A 44 31.47 -3.04 155.83
CA ASN A 44 32.43 -3.59 154.90
C ASN A 44 32.97 -2.49 153.99
N THR A 45 34.25 -2.58 153.67
CA THR A 45 34.91 -1.56 152.85
C THR A 45 34.45 -1.64 151.41
N LEU A 46 34.07 -0.49 150.85
CA LEU A 46 33.62 -0.41 149.46
C LEU A 46 34.58 0.47 148.67
N THR A 47 34.92 0.03 147.47
CA THR A 47 35.81 0.78 146.59
C THR A 47 35.02 1.77 145.77
N LEU A 48 35.65 2.90 145.46
CA LEU A 48 35.02 3.99 144.73
C LEU A 48 35.85 4.32 143.50
N ASN A 49 35.18 4.42 142.34
CA ASN A 49 35.83 4.79 141.10
C ASN A 49 35.61 6.29 140.89
N VAL A 50 36.45 7.08 141.56
CA VAL A 50 36.32 8.53 141.55
C VAL A 50 36.83 9.03 140.19
N LYS A 51 35.92 9.35 139.30
CA LYS A 51 36.24 9.72 137.92
C LYS A 51 36.04 11.22 137.73
N SER A 52 37.05 11.88 137.16
CA SER A 52 36.99 13.29 136.81
C SER A 52 37.22 13.42 135.32
N GLU A 53 36.31 14.10 134.62
CA GLU A 53 36.39 14.24 133.17
C GLU A 53 36.50 15.72 132.80
N LYS A 54 37.51 16.05 132.01
CA LYS A 54 37.71 17.40 131.48
C LYS A 54 37.79 18.43 132.61
N VAL A 55 38.79 18.25 133.47
CA VAL A 55 39.01 19.12 134.62
C VAL A 55 40.27 19.93 134.37
N TYR A 56 40.21 21.22 134.68
CA TYR A 56 41.32 22.14 134.45
C TYR A 56 42.31 22.14 135.61
N THR A 57 43.59 22.20 135.27
CA THR A 57 44.68 22.25 136.23
C THR A 57 45.05 23.71 136.49
N ARG A 58 46.16 23.94 137.19
CA ARG A 58 46.46 25.31 137.60
C ARG A 58 47.06 26.09 136.44
N HIS A 59 47.51 25.39 135.38
CA HIS A 59 47.73 26.01 134.09
C HIS A 59 46.46 26.15 133.26
N GLY A 60 45.40 25.44 133.63
CA GLY A 60 44.17 25.43 132.86
C GLY A 60 44.05 24.33 131.82
N VAL A 61 45.09 23.54 131.62
CA VAL A 61 45.01 22.46 130.62
C VAL A 61 44.03 21.40 131.11
N PRO A 62 43.11 20.93 130.25
CA PRO A 62 42.16 19.90 130.68
C PRO A 62 42.74 18.51 130.48
N ILE A 63 42.69 17.71 131.55
CA ILE A 63 43.16 16.33 131.52
C ILE A 63 42.11 15.44 132.17
N SER A 64 41.85 14.29 131.55
CA SER A 64 40.92 13.32 132.12
C SER A 64 41.64 12.51 133.19
N VAL A 65 41.14 12.60 134.43
CA VAL A 65 41.80 12.00 135.59
C VAL A 65 40.82 11.04 136.25
N THR A 66 41.29 9.82 136.51
CA THR A 66 40.51 8.81 137.21
C THR A 66 41.17 8.49 138.55
N GLY A 67 40.35 8.34 139.58
CA GLY A 67 40.85 8.04 140.91
C GLY A 67 40.09 6.89 141.52
N ILE A 68 40.79 6.17 142.40
CA ILE A 68 40.23 5.02 143.11
C ILE A 68 40.42 5.25 144.60
N ALA A 69 39.38 5.01 145.38
CA ALA A 69 39.42 5.21 146.83
C ALA A 69 38.84 4.00 147.54
N GLN A 70 39.39 3.70 148.72
CA GLN A 70 38.88 2.65 149.59
C GLN A 70 38.38 3.29 150.87
N VAL A 71 37.07 3.31 151.06
CA VAL A 71 36.44 4.01 152.17
C VAL A 71 35.74 3.00 153.07
N LYS A 72 35.85 3.20 154.38
CA LYS A 72 35.26 2.30 155.36
C LYS A 72 34.75 3.13 156.54
N ILE A 73 33.77 2.57 157.25
CA ILE A 73 33.17 3.21 158.41
C ILE A 73 33.93 2.73 159.64
N GLN A 74 34.71 3.62 160.26
CA GLN A 74 35.53 3.24 161.39
C GLN A 74 34.69 3.02 162.64
N GLY A 75 34.18 1.79 162.80
CA GLY A 75 33.35 1.47 163.95
C GLY A 75 34.10 1.41 165.27
N GLN A 76 35.43 1.44 165.23
CA GLN A 76 36.20 1.45 166.48
C GLN A 76 35.93 2.71 167.29
N ASN A 77 35.81 3.86 166.62
CA ASN A 77 35.52 5.11 167.30
C ASN A 77 34.05 5.19 167.64
N LYS A 78 33.74 5.25 168.94
CA LYS A 78 32.35 5.30 169.38
C LYS A 78 31.67 6.58 168.91
N GLU A 79 32.36 7.72 169.03
CA GLU A 79 31.75 8.99 168.64
C GLU A 79 31.46 9.04 167.14
N MET A 80 32.44 8.63 166.33
CA MET A 80 32.24 8.66 164.89
C MET A 80 31.15 7.69 164.45
N LEU A 81 31.13 6.49 165.03
CA LEU A 81 30.09 5.53 164.68
C LEU A 81 28.71 6.05 165.09
N ALA A 82 28.60 6.65 166.27
CA ALA A 82 27.34 7.21 166.72
C ALA A 82 26.88 8.33 165.79
N ALA A 83 27.82 9.17 165.35
CA ALA A 83 27.46 10.20 164.38
C ALA A 83 26.98 9.59 163.07
N ALA A 84 27.66 8.54 162.60
CA ALA A 84 27.31 7.95 161.31
C ALA A 84 25.97 7.25 161.36
N CYS A 85 25.63 6.65 162.50
CA CYS A 85 24.36 5.93 162.61
C CYS A 85 23.18 6.87 162.50
N GLN A 86 23.38 8.17 162.74
CA GLN A 86 22.27 9.12 162.69
C GLN A 86 21.73 9.31 161.29
N MET A 87 22.50 8.98 160.25
CA MET A 87 22.02 9.12 158.89
C MET A 87 22.21 7.89 158.01
N PHE A 88 23.10 6.96 158.38
CA PHE A 88 23.39 5.83 157.50
C PHE A 88 22.49 4.63 157.72
N LEU A 89 21.68 4.62 158.78
CA LEU A 89 20.67 3.58 158.93
C LEU A 89 19.62 3.73 157.83
N GLY A 90 19.22 2.60 157.24
CA GLY A 90 18.20 2.59 156.22
C GLY A 90 18.67 2.95 154.83
N LYS A 91 19.96 3.20 154.64
CA LYS A 91 20.50 3.52 153.33
C LYS A 91 21.22 2.30 152.75
N THR A 92 20.94 2.02 151.49
CA THR A 92 21.53 0.87 150.81
C THR A 92 23.01 1.12 150.54
N GLU A 93 23.71 0.04 150.20
CA GLU A 93 25.15 0.15 149.91
C GLU A 93 25.40 1.02 148.69
N ALA A 94 24.53 0.92 147.68
CA ALA A 94 24.74 1.70 146.45
C ALA A 94 24.68 3.20 146.73
N GLU A 95 23.67 3.66 147.48
CA GLU A 95 23.55 5.08 147.76
C GLU A 95 24.67 5.55 148.70
N ILE A 96 25.04 4.71 149.67
CA ILE A 96 26.12 5.05 150.57
C ILE A 96 27.41 5.26 149.80
N ALA A 97 27.70 4.35 148.86
CA ALA A 97 28.87 4.50 148.01
C ALA A 97 28.75 5.76 147.15
N HIS A 98 27.57 5.99 146.56
CA HIS A 98 27.40 7.06 145.58
C HIS A 98 27.56 8.44 146.20
N ILE A 99 27.02 8.67 147.39
CA ILE A 99 27.10 10.00 147.99
C ILE A 99 28.55 10.35 148.33
N ALA A 100 29.25 9.42 148.99
CA ALA A 100 30.65 9.66 149.31
C ALA A 100 31.49 9.74 148.05
N LEU A 101 31.09 9.05 146.98
CA LEU A 101 31.79 9.16 145.70
C LEU A 101 31.72 10.58 145.17
N GLU A 102 30.52 11.17 145.19
CA GLU A 102 30.39 12.56 144.74
C GLU A 102 31.17 13.51 145.63
N THR A 103 31.15 13.28 146.94
CA THR A 103 31.90 14.16 147.83
C THR A 103 33.40 14.09 147.54
N LEU A 104 33.94 12.87 147.42
CA LEU A 104 35.37 12.72 147.16
C LEU A 104 35.73 13.24 145.77
N GLU A 105 34.82 13.10 144.81
CA GLU A 105 35.04 13.70 143.50
C GLU A 105 35.12 15.21 143.60
N GLY A 106 34.26 15.81 144.41
CA GLY A 106 34.34 17.25 144.64
C GLY A 106 35.69 17.65 145.22
N HIS A 107 36.15 16.90 146.24
CA HIS A 107 37.45 17.22 146.83
C HIS A 107 38.59 17.07 145.82
N GLN A 108 38.59 15.98 145.05
CA GLN A 108 39.66 15.75 144.08
C GLN A 108 39.67 16.82 143.00
N ARG A 109 38.50 17.10 142.43
CA ARG A 109 38.39 18.09 141.36
C ARG A 109 38.69 19.49 141.88
N ALA A 110 38.46 19.75 143.18
CA ALA A 110 38.86 21.03 143.76
C ALA A 110 40.37 21.11 143.91
N ILE A 111 41.00 20.03 144.40
CA ILE A 111 42.45 20.04 144.55
C ILE A 111 43.17 19.90 143.22
N MET A 112 42.44 19.64 142.13
CA MET A 112 43.05 19.56 140.81
C MET A 112 43.79 20.85 140.47
N ALA A 113 43.20 22.00 140.81
CA ALA A 113 43.81 23.28 140.48
C ALA A 113 44.92 23.66 141.45
N HIS A 114 45.14 22.89 142.51
CA HIS A 114 46.25 23.20 143.39
C HIS A 114 47.58 22.72 142.80
N MET A 115 47.65 21.43 142.44
CA MET A 115 48.85 20.83 141.90
C MET A 115 48.73 20.70 140.39
N THR A 116 49.77 21.13 139.68
CA THR A 116 49.81 21.03 138.23
C THR A 116 50.07 19.59 137.79
N VAL A 117 49.81 19.33 136.51
CA VAL A 117 49.99 17.98 135.96
C VAL A 117 51.44 17.55 136.09
N GLU A 118 52.37 18.46 135.78
CA GLU A 118 53.79 18.19 135.98
C GLU A 118 54.05 17.74 137.41
N GLU A 119 53.35 18.34 138.37
CA GLU A 119 53.47 17.90 139.75
C GLU A 119 52.78 16.56 139.97
N ILE A 120 51.62 16.34 139.34
CA ILE A 120 50.82 15.17 139.72
C ILE A 120 51.48 13.88 139.26
N TYR A 121 52.07 13.85 138.05
CA TYR A 121 52.64 12.56 137.67
C TYR A 121 54.05 12.39 138.23
N LYS A 122 54.78 13.48 138.43
CA LYS A 122 56.12 13.39 139.01
C LYS A 122 56.06 13.29 140.53
N ASP A 123 55.55 14.34 141.18
CA ASP A 123 55.45 14.37 142.63
C ASP A 123 54.06 13.92 143.07
N ARG A 124 53.86 12.62 143.17
CA ARG A 124 52.54 12.06 143.45
C ARG A 124 52.33 11.77 144.92
N GLN A 125 53.42 11.53 145.67
CA GLN A 125 53.28 11.16 147.06
C GLN A 125 52.73 12.30 147.90
N LYS A 126 53.29 13.50 147.75
CA LYS A 126 52.79 14.65 148.49
C LYS A 126 51.37 15.01 148.07
N PHE A 127 51.09 14.92 146.76
CA PHE A 127 49.73 15.12 146.28
C PHE A 127 48.75 14.17 146.97
N SER A 128 49.06 12.87 146.97
CA SER A 128 48.17 11.89 147.56
C SER A 128 48.00 12.13 149.05
N GLU A 129 49.10 12.48 149.73
CA GLU A 129 49.01 12.73 151.17
C GLU A 129 48.11 13.92 151.49
N GLN A 130 48.25 15.01 150.73
CA GLN A 130 47.41 16.18 150.98
C GLN A 130 45.95 15.88 150.64
N VAL A 131 45.71 15.18 149.54
CA VAL A 131 44.34 14.80 149.19
C VAL A 131 43.73 13.94 150.30
N PHE A 132 44.49 12.95 150.78
CA PHE A 132 44.00 12.10 151.85
C PHE A 132 43.71 12.91 153.11
N LYS A 133 44.61 13.82 153.47
CA LYS A 133 44.39 14.63 154.67
C LYS A 133 43.10 15.43 154.57
N VAL A 134 42.93 16.19 153.50
CA VAL A 134 41.79 17.09 153.40
C VAL A 134 40.49 16.29 153.28
N ALA A 135 40.48 15.27 152.41
CA ALA A 135 39.28 14.47 152.22
C ALA A 135 38.92 13.72 153.50
N SER A 136 39.93 13.16 154.18
CA SER A 136 39.66 12.45 155.42
C SER A 136 39.11 13.37 156.49
N SER A 137 39.64 14.60 156.58
CA SER A 137 39.09 15.54 157.54
C SER A 137 37.62 15.84 157.24
N ASP A 138 37.32 16.21 155.99
CA ASP A 138 35.96 16.63 155.68
C ASP A 138 34.99 15.45 155.66
N LEU A 139 35.51 14.23 155.54
CA LEU A 139 34.63 13.06 155.48
C LEU A 139 34.43 12.44 156.86
N VAL A 140 35.44 12.54 157.74
CA VAL A 140 35.24 12.22 159.15
C VAL A 140 34.27 13.21 159.76
N ASN A 141 34.32 14.46 159.30
CA ASN A 141 33.26 15.40 159.65
C ASN A 141 31.90 14.85 159.25
N MET A 142 31.83 14.22 158.08
CA MET A 142 30.57 13.58 157.67
C MET A 142 30.40 12.22 158.33
N GLY A 143 31.50 11.49 158.55
CA GLY A 143 31.46 10.26 159.30
C GLY A 143 32.15 9.06 158.66
N ILE A 144 32.70 9.19 157.46
CA ILE A 144 33.42 8.11 156.79
C ILE A 144 34.90 8.45 156.74
N SER A 145 35.73 7.48 157.09
CA SER A 145 37.19 7.63 157.02
C SER A 145 37.70 6.85 155.82
N VAL A 146 38.45 7.53 154.96
CA VAL A 146 39.02 6.90 153.77
C VAL A 146 40.24 6.10 154.17
N VAL A 147 40.25 4.81 153.87
CA VAL A 147 41.39 3.97 154.20
C VAL A 147 42.60 4.37 153.37
N SER A 148 42.42 4.52 152.07
CA SER A 148 43.51 4.89 151.18
C SER A 148 42.93 5.41 149.87
N TYR A 149 43.48 6.51 149.39
CA TYR A 149 43.08 7.11 148.13
C TYR A 149 44.25 7.05 147.14
N THR A 150 43.93 6.77 145.89
CA THR A 150 44.95 6.72 144.83
C THR A 150 44.36 7.31 143.57
N LEU A 151 45.24 7.60 142.62
CA LEU A 151 44.86 8.12 141.31
C LEU A 151 45.00 7.02 140.28
N LYS A 152 43.89 6.69 139.60
CA LYS A 152 43.88 5.53 138.72
C LYS A 152 44.64 5.81 137.42
N ASP A 153 44.18 6.80 136.65
CA ASP A 153 44.77 7.08 135.36
C ASP A 153 44.67 8.56 135.07
N ILE A 154 45.61 9.06 134.25
CA ILE A 154 45.60 10.42 133.76
C ILE A 154 45.58 10.37 132.24
N HIS A 155 44.62 11.06 131.64
CA HIS A 155 44.45 11.07 130.19
C HIS A 155 44.37 12.50 129.70
N ASP A 156 44.95 12.74 128.52
CA ASP A 156 44.92 14.06 127.89
C ASP A 156 44.40 13.90 126.47
N ASP A 157 43.28 14.56 126.18
CA ASP A 157 42.72 14.58 124.84
C ASP A 157 43.23 15.72 123.99
N GLN A 158 44.05 16.61 124.56
CA GLN A 158 44.58 17.77 123.86
C GLN A 158 45.98 17.52 123.30
N ASP A 159 46.52 16.31 123.44
CA ASP A 159 47.87 15.94 123.05
C ASP A 159 48.93 16.73 123.82
N TYR A 160 48.63 17.14 125.06
CA TYR A 160 49.56 17.95 125.82
C TYR A 160 50.79 17.15 126.24
N LEU A 161 50.57 15.90 126.68
CA LEU A 161 51.66 15.14 127.29
C LEU A 161 52.37 14.27 126.25
N HIS A 162 51.74 14.04 125.10
CA HIS A 162 52.33 13.18 124.08
C HIS A 162 53.64 13.77 123.56
N SER A 163 53.69 15.08 123.37
CA SER A 163 54.93 15.72 122.91
C SER A 163 56.03 15.62 123.95
N LEU A 164 55.67 15.81 125.23
CA LEU A 164 56.65 15.66 126.30
C LEU A 164 57.22 14.24 126.31
N GLY A 165 56.37 13.25 126.06
CA GLY A 165 56.87 11.89 125.91
C GLY A 165 57.76 11.71 124.70
N LYS A 166 57.37 12.33 123.57
CA LYS A 166 58.08 12.12 122.31
C LYS A 166 59.46 12.75 122.32
N ALA A 167 59.66 13.77 123.15
CA ALA A 167 60.97 14.41 123.25
C ALA A 167 62.06 13.40 123.61
N ARG A 168 61.83 12.62 124.66
CA ARG A 168 62.84 11.65 125.09
C ARG A 168 62.99 10.52 124.06
N THR A 169 61.90 10.16 123.38
CA THR A 169 62.00 9.16 122.33
C THR A 169 62.92 9.62 121.22
N ALA A 170 62.82 10.88 120.83
CA ALA A 170 63.78 11.42 119.86
C ALA A 170 65.19 11.41 120.43
N GLN A 171 65.32 11.78 121.71
CA GLN A 171 66.64 11.87 122.32
C GLN A 171 67.32 10.49 122.40
N VAL A 172 66.53 9.41 122.42
CA VAL A 172 67.12 8.08 122.43
C VAL A 172 67.30 7.56 121.01
N GLN A 173 66.43 7.98 120.09
CA GLN A 173 66.57 7.56 118.70
C GLN A 173 67.83 8.14 118.07
N LYS A 174 68.29 9.31 118.55
CA LYS A 174 69.55 9.82 118.05
C LYS A 174 70.70 8.87 118.42
N ASP A 175 70.68 8.34 119.64
CA ASP A 175 71.65 7.33 120.04
C ASP A 175 71.49 6.05 119.22
N ALA A 176 70.25 5.64 118.97
CA ALA A 176 70.01 4.47 118.14
C ALA A 176 70.64 4.62 116.76
N ARG A 177 70.57 5.83 116.20
CA ARG A 177 71.17 6.05 114.89
C ARG A 177 72.68 6.18 114.97
N ILE A 178 73.20 6.77 116.05
CA ILE A 178 74.65 6.93 116.18
C ILE A 178 75.33 5.58 116.28
N GLY A 179 74.70 4.63 116.97
CA GLY A 179 75.27 3.29 117.05
C GLY A 179 75.33 2.61 115.69
N GLU A 180 74.25 2.74 114.91
CA GLU A 180 74.22 2.15 113.58
C GLU A 180 75.26 2.79 112.68
N ALA A 181 75.45 4.11 112.79
CA ALA A 181 76.48 4.77 111.99
C ALA A 181 77.87 4.28 112.35
N GLU A 182 78.16 4.15 113.66
CA GLU A 182 79.42 3.55 114.08
C GLU A 182 79.62 2.18 113.46
N ALA A 183 78.62 1.31 113.60
CA ALA A 183 78.76 -0.06 113.11
C ALA A 183 78.97 -0.10 111.60
N LYS A 184 78.19 0.70 110.86
CA LYS A 184 78.31 0.68 109.41
C LYS A 184 79.67 1.20 108.94
N ARG A 185 80.16 2.29 109.52
CA ARG A 185 81.46 2.79 109.13
C ARG A 185 82.56 1.79 109.44
N ASP A 186 82.51 1.19 110.64
CA ASP A 186 83.53 0.24 111.03
C ASP A 186 83.51 -1.00 110.16
N ALA A 187 82.33 -1.47 109.75
CA ALA A 187 82.26 -2.61 108.86
C ALA A 187 82.78 -2.27 107.47
N GLY A 188 82.31 -1.15 106.90
CA GLY A 188 82.68 -0.79 105.55
C GLY A 188 84.15 -0.52 105.35
N ILE A 189 84.80 0.13 106.32
CA ILE A 189 86.21 0.45 106.16
C ILE A 189 87.05 -0.80 105.89
N ARG A 190 86.96 -1.80 106.77
CA ARG A 190 87.76 -3.00 106.60
C ARG A 190 87.22 -3.93 105.54
N GLU A 191 85.90 -3.92 105.27
CA GLU A 191 85.41 -4.68 104.13
C GLU A 191 86.03 -4.19 102.83
N ALA A 192 86.04 -2.87 102.62
CA ALA A 192 86.64 -2.31 101.43
C ALA A 192 88.14 -2.60 101.39
N LYS A 193 88.81 -2.50 102.55
CA LYS A 193 90.25 -2.79 102.54
C LYS A 193 90.54 -4.23 102.15
N ALA A 194 89.80 -5.20 102.70
CA ALA A 194 90.01 -6.59 102.34
C ALA A 194 89.70 -6.84 100.87
N LYS A 195 88.62 -6.22 100.36
CA LYS A 195 88.34 -6.25 98.94
C LYS A 195 89.54 -5.79 98.14
N GLN A 196 90.17 -4.69 98.59
CA GLN A 196 91.34 -4.14 97.91
C GLN A 196 92.48 -5.14 97.85
N GLU A 197 92.81 -5.75 99.00
CA GLU A 197 93.90 -6.72 98.99
C GLU A 197 93.60 -7.91 98.08
N LYS A 198 92.37 -8.42 98.09
CA LYS A 198 92.13 -9.62 97.29
C LYS A 198 92.24 -9.29 95.81
N VAL A 199 91.72 -8.11 95.41
CA VAL A 199 91.83 -7.73 94.00
C VAL A 199 93.29 -7.51 93.61
N SER A 200 94.07 -6.88 94.48
CA SER A 200 95.48 -6.66 94.18
C SER A 200 96.22 -7.98 93.99
N ALA A 201 95.97 -8.95 94.87
CA ALA A 201 96.59 -10.26 94.71
C ALA A 201 96.11 -10.99 93.47
N GLN A 202 94.82 -10.88 93.13
CA GLN A 202 94.31 -11.53 91.93
C GLN A 202 94.99 -10.98 90.68
N TYR A 203 95.16 -9.66 90.61
CA TYR A 203 95.85 -9.07 89.47
C TYR A 203 97.33 -9.43 89.46
N LEU A 204 97.95 -9.53 90.65
CA LEU A 204 99.34 -9.98 90.68
C LEU A 204 99.48 -11.38 90.11
N SER A 205 98.53 -12.27 90.43
CA SER A 205 98.55 -13.60 89.84
C SER A 205 98.31 -13.54 88.33
N GLU A 206 97.39 -12.68 87.90
CA GLU A 206 97.14 -12.55 86.46
C GLU A 206 98.34 -12.02 85.71
N ILE A 207 99.27 -11.32 86.39
CA ILE A 207 100.53 -10.95 85.75
C ILE A 207 101.31 -12.19 85.34
N GLU A 208 101.48 -13.14 86.26
CA GLU A 208 102.16 -14.38 85.93
C GLU A 208 101.37 -15.20 84.92
N MET A 209 100.03 -15.08 84.93
CA MET A 209 99.24 -15.67 83.88
C MET A 209 99.71 -15.21 82.51
N ALA A 210 99.88 -13.90 82.33
CA ALA A 210 100.34 -13.38 81.06
C ALA A 210 101.80 -13.74 80.79
N LYS A 211 102.63 -13.83 81.83
CA LYS A 211 103.98 -14.34 81.66
C LYS A 211 103.97 -15.72 81.00
N ALA A 212 103.20 -16.64 81.56
CA ALA A 212 103.12 -17.99 81.00
C ALA A 212 102.48 -17.98 79.61
N GLN A 213 101.48 -17.13 79.40
CA GLN A 213 100.85 -17.04 78.09
C GLN A 213 101.84 -16.62 77.02
N ARG A 214 102.66 -15.61 77.32
CA ARG A 214 103.74 -15.23 76.41
C ARG A 214 104.70 -16.39 76.19
N ASP A 215 105.17 -16.99 77.29
CA ASP A 215 106.17 -18.06 77.19
C ASP A 215 105.69 -19.21 76.33
N TYR A 216 104.39 -19.48 76.31
CA TYR A 216 103.84 -20.53 75.46
C TYR A 216 103.57 -20.07 74.03
N GLU A 217 102.91 -18.93 73.86
CA GLU A 217 102.50 -18.47 72.55
C GLU A 217 103.68 -18.11 71.66
N LEU A 218 104.71 -17.47 72.22
CA LEU A 218 105.85 -17.08 71.40
C LEU A 218 106.56 -18.31 70.83
N LYS A 219 106.78 -19.33 71.67
CA LYS A 219 107.42 -20.55 71.18
C LYS A 219 106.52 -21.28 70.20
N LYS A 220 105.20 -21.30 70.44
CA LYS A 220 104.32 -21.96 69.50
C LYS A 220 104.39 -21.29 68.12
N ALA A 221 104.38 -19.96 68.09
CA ALA A 221 104.49 -19.25 66.81
C ALA A 221 105.85 -19.48 66.16
N ALA A 222 106.92 -19.48 66.95
CA ALA A 222 108.25 -19.70 66.39
C ALA A 222 108.35 -21.08 65.75
N TYR A 223 107.76 -22.09 66.39
CA TYR A 223 107.75 -23.44 65.81
C TYR A 223 106.86 -23.51 64.58
N ASP A 224 105.73 -22.78 64.61
CA ASP A 224 104.85 -22.74 63.46
C ASP A 224 105.53 -22.15 62.25
N ILE A 225 106.41 -21.17 62.45
CA ILE A 225 107.13 -20.60 61.31
C ILE A 225 107.91 -21.68 60.58
N GLU A 226 108.67 -22.49 61.33
CA GLU A 226 109.48 -23.54 60.72
C GLU A 226 108.61 -24.59 60.05
N VAL A 227 107.54 -25.01 60.71
CA VAL A 227 106.72 -26.06 60.11
C VAL A 227 106.05 -25.56 58.85
N ASN A 228 105.60 -24.30 58.83
CA ASN A 228 105.00 -23.75 57.63
C ASN A 228 106.01 -23.65 56.49
N THR A 229 107.24 -23.22 56.79
CA THR A 229 108.25 -23.15 55.73
C THR A 229 108.52 -24.54 55.13
N ARG A 230 108.71 -25.54 55.98
CA ARG A 230 108.98 -26.88 55.47
C ARG A 230 107.79 -27.46 54.70
N ARG A 231 106.56 -27.22 55.19
CA ARG A 231 105.39 -27.69 54.46
C ARG A 231 105.27 -27.00 53.10
N ALA A 232 105.57 -25.70 53.04
CA ALA A 232 105.53 -25.00 51.76
C ALA A 232 106.54 -25.57 50.78
N GLN A 233 107.74 -25.90 51.26
CA GLN A 233 108.72 -26.54 50.38
C GLN A 233 108.22 -27.90 49.90
N ALA A 234 107.64 -28.68 50.82
CA ALA A 234 107.22 -30.04 50.49
C ALA A 234 106.09 -30.03 49.47
N ASP A 235 105.18 -29.06 49.56
CA ASP A 235 104.06 -29.02 48.63
C ASP A 235 104.53 -28.85 47.19
N LEU A 236 105.48 -27.94 46.96
CA LEU A 236 105.90 -27.59 45.61
C LEU A 236 107.07 -28.41 45.11
N ALA A 237 107.68 -29.25 45.95
CA ALA A 237 108.68 -30.19 45.44
C ALA A 237 108.10 -31.05 44.32
N TYR A 238 106.84 -31.47 44.46
CA TYR A 238 106.21 -32.30 43.44
C TYR A 238 106.15 -31.59 42.10
N GLN A 239 105.69 -30.33 42.10
CA GLN A 239 105.62 -29.57 40.86
C GLN A 239 107.01 -29.33 40.27
N LEU A 240 108.00 -29.05 41.13
CA LEU A 240 109.36 -28.88 40.64
C LEU A 240 109.84 -30.12 39.90
N GLN A 241 109.67 -31.29 40.51
CA GLN A 241 110.15 -32.52 39.88
C GLN A 241 109.35 -32.86 38.63
N VAL A 242 108.04 -32.63 38.64
CA VAL A 242 107.24 -32.98 37.46
C VAL A 242 107.62 -32.07 36.30
N ALA A 243 107.95 -30.81 36.57
CA ALA A 243 108.44 -29.95 35.50
C ALA A 243 109.81 -30.42 35.01
N LYS A 244 110.69 -30.77 35.94
CA LYS A 244 112.05 -31.19 35.55
C LYS A 244 112.01 -32.43 34.66
N THR A 245 111.07 -33.34 34.91
CA THR A 245 110.96 -34.52 34.06
C THR A 245 110.11 -34.28 32.81
N LYS A 246 109.14 -33.36 32.87
CA LYS A 246 108.44 -32.95 31.66
C LYS A 246 109.39 -32.32 30.66
N GLN A 247 110.52 -31.77 31.14
CA GLN A 247 111.56 -31.34 30.21
C GLN A 247 111.96 -32.46 29.26
N GLN A 248 112.31 -33.62 29.80
CA GLN A 248 112.70 -34.75 28.94
C GLN A 248 111.50 -35.32 28.19
N ILE A 249 110.32 -35.29 28.81
CA ILE A 249 109.12 -35.76 28.11
C ILE A 249 108.96 -34.99 26.80
N GLU A 250 109.04 -33.66 26.86
CA GLU A 250 108.93 -32.84 25.66
C GLU A 250 110.15 -32.99 24.76
N GLU A 251 111.34 -33.16 25.33
CA GLU A 251 112.54 -33.34 24.52
C GLU A 251 112.40 -34.53 23.58
N GLN A 252 111.77 -35.61 24.03
CA GLN A 252 111.55 -36.75 23.15
C GLN A 252 110.27 -36.64 22.31
N ARG A 253 109.21 -36.03 22.87
CA ARG A 253 107.98 -35.84 22.11
C ARG A 253 108.19 -34.92 20.92
N VAL A 254 109.28 -34.14 20.94
CA VAL A 254 109.64 -33.37 19.75
C VAL A 254 110.66 -34.10 18.88
N GLN A 255 111.49 -34.96 19.47
CA GLN A 255 112.42 -35.78 18.70
C GLN A 255 111.69 -36.71 17.74
N VAL A 256 110.49 -37.15 18.11
CA VAL A 256 109.72 -37.95 17.15
C VAL A 256 109.42 -37.13 15.89
N GLN A 257 109.18 -35.82 16.03
CA GLN A 257 109.00 -34.97 14.85
C GLN A 257 110.27 -34.87 14.01
N VAL A 258 111.43 -34.80 14.65
CA VAL A 258 112.68 -34.79 13.90
C VAL A 258 112.81 -36.06 13.07
N VAL A 259 112.47 -37.20 13.66
CA VAL A 259 112.52 -38.47 12.90
C VAL A 259 111.54 -38.42 11.74
N GLU A 260 110.32 -37.93 11.98
CA GLU A 260 109.32 -37.80 10.92
C GLU A 260 109.87 -37.02 9.74
N ARG A 261 110.44 -35.85 10.00
CA ARG A 261 110.92 -35.01 8.89
C ARG A 261 112.16 -35.61 8.23
N ALA A 262 113.06 -36.18 9.02
CA ALA A 262 114.27 -36.80 8.49
C ALA A 262 113.98 -38.04 7.66
N GLN A 263 112.77 -38.60 7.74
CA GLN A 263 112.37 -39.62 6.80
C GLN A 263 111.48 -39.11 5.67
N GLN A 264 110.71 -38.05 5.90
CA GLN A 264 110.03 -37.40 4.78
C GLN A 264 111.00 -36.87 3.75
N VAL A 265 112.21 -36.51 4.17
CA VAL A 265 113.21 -36.10 3.18
C VAL A 265 113.57 -37.28 2.27
N ALA A 266 113.63 -38.50 2.79
CA ALA A 266 113.87 -39.66 1.95
C ALA A 266 112.67 -39.96 1.07
N VAL A 267 111.46 -39.75 1.60
CA VAL A 267 110.26 -39.85 0.78
C VAL A 267 110.37 -38.95 -0.44
N GLN A 268 110.77 -37.69 -0.23
CA GLN A 268 110.94 -36.77 -1.35
C GLN A 268 112.12 -37.16 -2.22
N GLU A 269 113.15 -37.80 -1.65
CA GLU A 269 114.27 -38.27 -2.44
C GLU A 269 113.83 -39.31 -3.45
N GLN A 270 112.89 -40.17 -3.06
CA GLN A 270 112.30 -41.08 -4.04
C GLN A 270 111.32 -40.36 -4.96
N GLU A 271 110.62 -39.35 -4.44
CA GLU A 271 109.63 -38.63 -5.23
C GLU A 271 110.28 -37.88 -6.39
N ILE A 272 111.52 -37.41 -6.22
CA ILE A 272 112.15 -36.68 -7.32
C ILE A 272 112.35 -37.58 -8.52
N ALA A 273 112.81 -38.82 -8.31
CA ALA A 273 112.98 -39.74 -9.42
C ALA A 273 111.65 -40.22 -9.96
N ARG A 274 110.66 -40.38 -9.08
CA ARG A 274 109.32 -40.72 -9.56
C ARG A 274 108.78 -39.65 -10.50
N ARG A 275 108.97 -38.38 -10.11
CA ARG A 275 108.56 -37.27 -10.97
C ARG A 275 109.38 -37.24 -12.26
N GLU A 276 110.69 -37.50 -12.18
CA GLU A 276 111.49 -37.66 -13.39
C GLU A 276 110.79 -38.61 -14.37
N LYS A 277 110.57 -39.85 -13.94
CA LYS A 277 110.02 -40.86 -14.84
C LYS A 277 108.62 -40.49 -15.32
N GLU A 278 107.74 -40.10 -14.41
CA GLU A 278 106.36 -39.83 -14.78
C GLU A 278 106.25 -38.63 -15.71
N LEU A 279 107.00 -37.56 -15.41
CA LEU A 279 106.99 -36.38 -16.26
C LEU A 279 107.56 -36.68 -17.62
N GLU A 280 108.64 -37.47 -17.69
CA GLU A 280 109.15 -37.89 -18.99
C GLU A 280 108.07 -38.60 -19.78
N ALA A 281 107.44 -39.61 -19.18
CA ALA A 281 106.42 -40.39 -19.88
C ALA A 281 105.25 -39.54 -20.34
N ARG A 282 104.80 -38.59 -19.52
CA ARG A 282 103.60 -37.83 -19.83
C ARG A 282 103.87 -36.54 -20.60
N VAL A 283 105.13 -36.16 -20.82
CA VAL A 283 105.40 -34.93 -21.55
C VAL A 283 106.31 -35.17 -22.74
N ARG A 284 107.49 -35.76 -22.51
CA ARG A 284 108.50 -35.82 -23.55
C ARG A 284 108.08 -36.75 -24.69
N LYS A 285 107.64 -37.95 -24.35
CA LYS A 285 107.18 -38.89 -25.38
C LYS A 285 105.97 -38.37 -26.15
N PRO A 286 104.93 -37.82 -25.51
CA PRO A 286 103.85 -37.22 -26.30
C PRO A 286 104.32 -36.11 -27.21
N ALA A 287 105.28 -35.30 -26.76
CA ALA A 287 105.82 -34.24 -27.61
C ALA A 287 106.54 -34.82 -28.82
N GLU A 288 107.33 -35.87 -28.63
CA GLU A 288 107.99 -36.52 -29.77
C GLU A 288 106.98 -37.09 -30.74
N ALA A 289 105.94 -37.75 -30.22
CA ALA A 289 104.92 -38.33 -31.07
C ALA A 289 104.17 -37.24 -31.85
N GLU A 290 103.84 -36.13 -31.19
CA GLU A 290 103.16 -35.04 -31.88
C GLU A 290 104.05 -34.42 -32.94
N ARG A 291 105.35 -34.29 -32.65
CA ARG A 291 106.27 -33.76 -33.67
C ARG A 291 106.32 -34.67 -34.89
N TYR A 292 106.38 -35.99 -34.66
CA TYR A 292 106.40 -36.91 -35.79
C TYR A 292 105.10 -36.84 -36.58
N LYS A 293 103.97 -36.74 -35.87
CA LYS A 293 102.68 -36.62 -36.56
C LYS A 293 102.61 -35.36 -37.40
N LEU A 294 103.07 -34.22 -36.85
CA LEU A 294 103.08 -32.98 -37.60
C LEU A 294 104.01 -33.08 -38.81
N GLU A 295 105.18 -33.68 -38.63
CA GLU A 295 106.10 -33.87 -39.74
C GLU A 295 105.44 -34.65 -40.88
N ARG A 296 104.82 -35.78 -40.55
CA ARG A 296 104.24 -36.62 -41.60
C ARG A 296 103.04 -35.96 -42.25
N LEU A 297 102.17 -35.31 -41.48
CA LEU A 297 101.02 -34.64 -42.08
C LEU A 297 101.46 -33.48 -42.96
N ALA A 298 102.47 -32.72 -42.52
CA ALA A 298 102.99 -31.64 -43.35
C ALA A 298 103.61 -32.17 -44.63
N GLU A 299 104.35 -33.28 -44.56
CA GLU A 299 104.91 -33.88 -45.76
C GLU A 299 103.81 -34.30 -46.73
N ALA A 300 102.74 -34.90 -46.19
CA ALA A 300 101.62 -35.29 -47.04
C ALA A 300 100.95 -34.08 -47.68
N GLU A 301 100.78 -33.00 -46.91
CA GLU A 301 100.16 -31.79 -47.47
C GLU A 301 101.01 -31.19 -48.56
N LYS A 302 102.34 -31.16 -48.37
CA LYS A 302 103.20 -30.67 -49.43
C LYS A 302 103.12 -31.55 -50.66
N SER A 303 103.11 -32.87 -50.46
CA SER A 303 103.05 -33.79 -51.60
C SER A 303 101.75 -33.61 -52.37
N GLN A 304 100.65 -33.34 -51.67
CA GLN A 304 99.39 -33.11 -52.35
C GLN A 304 99.38 -31.77 -53.07
N LEU A 305 99.84 -30.72 -52.40
CA LEU A 305 99.77 -29.37 -52.98
C LEU A 305 100.65 -29.25 -54.20
N ILE A 306 101.85 -29.82 -54.17
CA ILE A 306 102.76 -29.71 -55.30
C ILE A 306 102.15 -30.29 -56.56
N MET A 307 101.53 -31.46 -56.47
CA MET A 307 100.99 -32.12 -57.65
C MET A 307 99.62 -31.61 -58.04
N GLN A 308 98.83 -31.09 -57.09
CA GLN A 308 97.62 -30.36 -57.48
C GLN A 308 98.00 -29.09 -58.25
N ALA A 309 99.05 -28.39 -57.82
CA ALA A 309 99.54 -27.24 -58.55
C ALA A 309 100.02 -27.64 -59.94
N GLU A 310 100.75 -28.76 -60.04
CA GLU A 310 101.19 -29.23 -61.35
C GLU A 310 100.02 -29.53 -62.26
N ALA A 311 98.97 -30.16 -61.72
CA ALA A 311 97.78 -30.44 -62.52
C ALA A 311 97.12 -29.16 -62.99
N GLU A 312 96.99 -28.17 -62.10
CA GLU A 312 96.39 -26.90 -62.50
C GLU A 312 97.22 -26.21 -63.57
N ALA A 313 98.54 -26.24 -63.43
CA ALA A 313 99.41 -25.61 -64.42
C ALA A 313 99.28 -26.30 -65.78
N ALA A 314 99.23 -27.63 -65.79
CA ALA A 314 99.05 -28.36 -67.04
C ALA A 314 97.69 -28.04 -67.66
N SER A 315 96.65 -27.95 -66.83
CA SER A 315 95.33 -27.58 -67.33
C SER A 315 95.36 -26.22 -68.00
N VAL A 316 95.95 -25.23 -67.33
CA VAL A 316 96.02 -23.88 -67.88
C VAL A 316 96.80 -23.88 -69.19
N ARG A 317 97.96 -24.55 -69.20
CA ARG A 317 98.78 -24.61 -70.40
C ARG A 317 98.01 -25.19 -71.57
N MET A 318 97.39 -26.35 -71.38
CA MET A 318 96.70 -27.02 -72.47
C MET A 318 95.49 -26.24 -72.96
N ARG A 319 94.67 -25.73 -72.04
CA ARG A 319 93.49 -24.97 -72.47
C ARG A 319 93.90 -23.70 -73.20
N GLY A 320 94.91 -23.00 -72.71
CA GLY A 320 95.37 -21.80 -73.39
C GLY A 320 95.95 -22.09 -74.76
N GLU A 321 96.72 -23.17 -74.88
CA GLU A 321 97.27 -23.54 -76.19
C GLU A 321 96.15 -23.87 -77.17
N ALA A 322 95.14 -24.61 -76.70
CA ALA A 322 94.03 -24.95 -77.58
C ALA A 322 93.28 -23.71 -78.04
N GLU A 323 93.02 -22.77 -77.12
CA GLU A 323 92.24 -21.60 -77.50
C GLU A 323 93.06 -20.69 -78.41
N ALA A 324 94.38 -20.63 -78.20
CA ALA A 324 95.24 -19.87 -79.10
C ALA A 324 95.26 -20.46 -80.49
N PHE A 325 95.31 -21.79 -80.59
CA PHE A 325 95.25 -22.43 -81.90
C PHE A 325 93.91 -22.14 -82.58
N ALA A 326 92.83 -22.14 -81.79
CA ALA A 326 91.53 -21.78 -82.35
C ALA A 326 91.49 -20.34 -82.84
N ILE A 327 92.11 -19.42 -82.10
CA ILE A 327 92.22 -18.04 -82.54
C ILE A 327 92.97 -17.95 -83.86
N GLY A 328 94.08 -18.68 -83.97
CA GLY A 328 94.80 -18.72 -85.23
C GLY A 328 93.97 -19.30 -86.36
N ALA A 329 93.13 -20.29 -86.06
CA ALA A 329 92.27 -20.88 -87.08
C ALA A 329 91.29 -19.85 -87.63
N ARG A 330 90.55 -19.16 -86.74
CA ARG A 330 89.70 -18.08 -87.24
C ARG A 330 90.51 -16.98 -87.92
N ALA A 331 91.75 -16.75 -87.49
CA ALA A 331 92.57 -15.72 -88.12
C ALA A 331 92.82 -16.06 -89.59
N ARG A 332 93.29 -17.28 -89.84
CA ARG A 332 93.54 -17.71 -91.22
C ARG A 332 92.24 -17.71 -92.03
N ALA A 333 91.15 -18.19 -91.45
CA ALA A 333 89.88 -18.21 -92.15
C ALA A 333 89.43 -16.80 -92.52
N GLU A 334 89.54 -15.86 -91.58
CA GLU A 334 89.09 -14.50 -91.82
C GLU A 334 89.99 -13.79 -92.84
N ALA A 335 91.29 -14.08 -92.83
CA ALA A 335 92.17 -13.47 -93.83
C ALA A 335 91.84 -13.96 -95.23
N GLU A 336 91.73 -15.28 -95.40
CA GLU A 336 91.35 -15.81 -96.70
C GLU A 336 89.95 -15.36 -97.09
N GLN A 337 89.11 -15.04 -96.09
CA GLN A 337 87.78 -14.52 -96.34
C GLN A 337 87.82 -13.09 -96.88
N MET A 338 88.62 -12.23 -96.25
CA MET A 338 88.64 -10.82 -96.60
C MET A 338 89.40 -10.58 -97.89
N ALA A 339 90.32 -11.47 -98.25
CA ALA A 339 90.97 -11.33 -99.55
C ALA A 339 89.95 -11.32 -100.68
N LYS A 340 88.97 -12.22 -100.65
CA LYS A 340 87.95 -12.23 -101.68
C LYS A 340 87.00 -11.05 -101.57
N LYS A 341 86.74 -10.56 -100.35
CA LYS A 341 85.98 -9.32 -100.22
C LYS A 341 86.66 -8.19 -100.99
N ALA A 342 87.97 -8.02 -100.80
CA ALA A 342 88.68 -6.99 -101.54
C ALA A 342 88.63 -7.24 -103.04
N GLU A 343 88.82 -8.49 -103.45
CA GLU A 343 88.78 -8.80 -104.88
C GLU A 343 87.43 -8.45 -105.48
N ALA A 344 86.35 -8.79 -104.79
CA ALA A 344 85.02 -8.47 -105.29
C ALA A 344 84.78 -6.97 -105.32
N PHE A 345 85.17 -6.26 -104.25
CA PHE A 345 85.01 -4.81 -104.21
C PHE A 345 85.74 -4.12 -105.34
N GLN A 346 86.84 -4.70 -105.83
CA GLN A 346 87.58 -4.06 -106.90
C GLN A 346 86.71 -3.82 -108.13
N LEU A 347 85.76 -4.71 -108.40
CA LEU A 347 84.89 -4.59 -109.57
C LEU A 347 83.58 -3.87 -109.25
N TYR A 348 83.67 -2.67 -108.67
CA TYR A 348 82.51 -1.85 -108.35
C TYR A 348 82.58 -0.54 -109.12
N GLN A 349 81.52 -0.23 -109.86
CA GLN A 349 81.39 1.00 -110.60
C GLN A 349 80.56 1.99 -109.79
N GLU A 350 80.17 3.10 -110.45
CA GLU A 350 79.39 4.12 -109.77
C GLU A 350 78.02 3.63 -109.34
N ALA A 351 77.42 2.70 -110.10
CA ALA A 351 76.11 2.17 -109.72
C ALA A 351 76.18 1.44 -108.39
N ALA A 352 77.23 0.64 -108.20
CA ALA A 352 77.36 -0.12 -106.96
C ALA A 352 77.61 0.80 -105.77
N GLN A 353 78.46 1.81 -105.94
CA GLN A 353 78.68 2.76 -104.85
C GLN A 353 77.41 3.53 -104.53
N LEU A 354 76.64 3.90 -105.55
CA LEU A 354 75.36 4.54 -105.31
C LEU A 354 74.41 3.63 -104.55
N ASP A 355 74.39 2.33 -104.89
CA ASP A 355 73.56 1.39 -104.17
C ASP A 355 73.98 1.28 -102.72
N MET A 356 75.29 1.23 -102.46
CA MET A 356 75.76 1.16 -101.07
C MET A 356 75.39 2.41 -100.29
N LEU A 357 75.57 3.58 -100.90
CA LEU A 357 75.23 4.83 -100.23
C LEU A 357 73.74 4.91 -99.92
N LEU A 358 72.89 4.51 -100.86
CA LEU A 358 71.46 4.57 -100.64
C LEU A 358 70.94 3.43 -99.77
N GLU A 359 71.74 2.38 -99.57
CA GLU A 359 71.39 1.38 -98.57
C GLU A 359 71.81 1.79 -97.18
N LYS A 360 72.88 2.58 -97.06
CA LYS A 360 73.35 3.02 -95.75
C LYS A 360 72.68 4.29 -95.24
N LEU A 361 72.17 5.13 -96.14
CA LEU A 361 71.51 6.36 -95.69
C LEU A 361 70.33 6.10 -94.77
N PRO A 362 69.40 5.17 -95.06
CA PRO A 362 68.28 4.96 -94.13
C PRO A 362 68.72 4.53 -92.74
N GLN A 363 69.80 3.76 -92.63
CA GLN A 363 70.24 3.32 -91.30
C GLN A 363 70.77 4.50 -90.49
N VAL A 364 71.53 5.39 -91.11
CA VAL A 364 72.00 6.58 -90.42
C VAL A 364 70.81 7.45 -90.03
N ALA A 365 69.83 7.58 -90.93
CA ALA A 365 68.64 8.35 -90.62
C ALA A 365 67.90 7.76 -89.42
N GLU A 366 67.78 6.43 -89.36
CA GLU A 366 67.19 5.80 -88.18
C GLU A 366 67.99 6.10 -86.93
N GLU A 367 69.31 5.95 -86.99
CA GLU A 367 70.10 6.17 -85.79
C GLU A 367 70.11 7.62 -85.33
N ILE A 368 69.77 8.56 -86.22
CA ILE A 368 69.76 9.96 -85.81
C ILE A 368 68.36 10.41 -85.44
N SER A 369 67.34 9.73 -85.94
CA SER A 369 65.96 10.11 -85.68
C SER A 369 65.28 9.25 -84.63
N GLY A 370 65.95 8.21 -84.14
CA GLY A 370 65.41 7.40 -83.08
C GLY A 370 65.38 8.12 -81.76
N PRO A 371 66.54 8.63 -81.31
CA PRO A 371 66.55 9.43 -80.08
C PRO A 371 65.70 10.69 -80.17
N LEU A 372 65.61 11.31 -81.35
CA LEU A 372 64.87 12.56 -81.46
C LEU A 372 63.37 12.35 -81.28
N THR A 373 62.84 11.23 -81.74
CA THR A 373 61.41 10.97 -81.62
C THR A 373 61.00 10.52 -80.23
N SER A 374 61.88 10.66 -79.24
CA SER A 374 61.52 10.39 -77.85
C SER A 374 60.97 11.64 -77.15
N ALA A 375 60.91 12.77 -77.83
CA ALA A 375 60.35 13.98 -77.22
C ALA A 375 58.87 13.78 -76.96
N ASN A 376 58.42 14.28 -75.80
CA ASN A 376 57.01 14.10 -75.41
C ASN A 376 56.09 14.92 -76.30
N LYS A 377 56.40 16.21 -76.49
CA LYS A 377 55.58 17.08 -77.32
C LYS A 377 56.47 18.07 -78.04
N ILE A 378 56.02 18.50 -79.22
CA ILE A 378 56.71 19.50 -80.03
C ILE A 378 55.70 20.54 -80.45
N THR A 379 55.99 21.81 -80.19
CA THR A 379 55.10 22.91 -80.50
C THR A 379 55.71 23.75 -81.63
N LEU A 380 54.92 24.01 -82.65
CA LEU A 380 55.34 24.75 -83.83
C LEU A 380 54.53 26.03 -83.94
N VAL A 381 55.21 27.15 -84.12
CA VAL A 381 54.57 28.46 -84.21
C VAL A 381 55.19 29.24 -85.34
N SER A 382 54.36 29.89 -86.15
CA SER A 382 54.81 30.69 -87.27
C SER A 382 54.29 32.12 -87.14
N SER A 383 54.91 33.02 -87.89
CA SER A 383 54.52 34.42 -87.88
C SER A 383 55.11 35.10 -89.11
N GLY A 384 54.36 36.03 -89.67
CA GLY A 384 54.84 36.71 -90.86
C GLY A 384 54.92 35.77 -92.04
N SER A 385 55.88 36.03 -92.93
CA SER A 385 56.09 35.22 -94.11
C SER A 385 56.94 33.98 -93.84
N GLY A 386 57.10 33.60 -92.58
CA GLY A 386 57.91 32.47 -92.23
C GLY A 386 57.18 31.15 -92.39
N THR A 387 57.92 30.08 -92.14
CA THR A 387 57.41 28.73 -92.23
C THR A 387 56.81 28.29 -90.89
N MET A 388 56.07 27.18 -90.92
CA MET A 388 55.41 26.65 -89.74
C MET A 388 56.40 26.02 -88.76
N GLY A 389 57.39 25.28 -89.25
CA GLY A 389 58.40 24.69 -88.40
C GLY A 389 58.72 23.23 -88.66
N ALA A 390 57.90 22.51 -89.43
CA ALA A 390 58.20 21.12 -89.72
C ALA A 390 59.45 21.02 -90.58
N ALA A 391 59.60 21.94 -91.53
CA ALA A 391 60.82 22.01 -92.31
C ALA A 391 62.03 22.23 -91.41
N LYS A 392 61.87 22.93 -90.27
CA LYS A 392 62.98 23.11 -89.36
C LYS A 392 63.44 21.78 -88.77
N VAL A 393 62.50 20.93 -88.35
CA VAL A 393 62.88 19.64 -87.77
C VAL A 393 63.51 18.74 -88.83
N THR A 394 62.89 18.68 -90.02
CA THR A 394 63.45 17.86 -91.09
C THR A 394 64.83 18.36 -91.49
N GLY A 395 65.01 19.68 -91.54
CA GLY A 395 66.30 20.25 -91.86
C GLY A 395 67.34 19.97 -90.79
N GLU A 396 66.95 19.97 -89.53
CA GLU A 396 67.89 19.62 -88.47
C GLU A 396 68.36 18.18 -88.62
N VAL A 397 67.43 17.26 -88.86
CA VAL A 397 67.81 15.86 -89.02
C VAL A 397 68.71 15.68 -90.25
N LEU A 398 68.32 16.31 -91.37
CA LEU A 398 69.09 16.16 -92.60
C LEU A 398 70.46 16.83 -92.47
N ASP A 399 70.53 17.97 -91.77
CA ASP A 399 71.80 18.65 -91.58
C ASP A 399 72.75 17.82 -90.73
N ILE A 400 72.24 17.16 -89.68
CA ILE A 400 73.10 16.27 -88.91
C ILE A 400 73.54 15.10 -89.79
N LEU A 401 72.62 14.53 -90.56
CA LEU A 401 72.96 13.37 -91.39
C LEU A 401 73.96 13.73 -92.48
N THR A 402 74.00 14.99 -92.91
CA THR A 402 74.93 15.41 -93.95
C THR A 402 76.24 15.96 -93.39
N ARG A 403 76.24 16.43 -92.14
CA ARG A 403 77.46 16.93 -91.54
C ARG A 403 78.26 15.81 -90.89
N LEU A 404 77.61 14.71 -90.51
CA LEU A 404 78.34 13.58 -89.97
C LEU A 404 79.39 13.03 -90.94
N PRO A 405 79.08 12.80 -92.22
CA PRO A 405 80.14 12.35 -93.13
C PRO A 405 81.28 13.33 -93.27
N GLU A 406 81.02 14.64 -93.17
CA GLU A 406 82.12 15.60 -93.24
C GLU A 406 82.95 15.59 -91.97
N SER A 407 82.32 15.40 -90.81
CA SER A 407 83.08 15.27 -89.58
C SER A 407 83.97 14.04 -89.62
N VAL A 408 83.46 12.92 -90.14
CA VAL A 408 84.29 11.73 -90.31
C VAL A 408 85.36 11.97 -91.36
N GLU A 409 85.04 12.75 -92.40
CA GLU A 409 86.02 13.16 -93.40
C GLU A 409 87.20 13.86 -92.76
N ARG A 410 86.94 14.72 -91.78
CA ARG A 410 88.01 15.50 -91.16
C ARG A 410 89.06 14.60 -90.55
N LEU A 411 88.67 13.43 -90.04
CA LEU A 411 89.65 12.52 -89.45
C LEU A 411 90.19 11.53 -90.47
N THR A 412 89.30 10.79 -91.14
CA THR A 412 89.75 9.72 -92.02
C THR A 412 90.47 10.26 -93.24
N GLY A 413 89.89 11.25 -93.91
CA GLY A 413 90.46 11.78 -95.12
C GLY A 413 90.13 11.03 -96.39
N VAL A 414 89.11 10.17 -96.36
CA VAL A 414 88.70 9.40 -97.54
C VAL A 414 87.26 9.77 -97.87
N SER A 415 87.02 10.06 -99.15
CA SER A 415 85.74 10.57 -99.60
C SER A 415 84.62 9.55 -99.39
N ILE A 416 83.41 10.07 -99.22
CA ILE A 416 82.24 9.24 -99.02
C ILE A 416 81.23 9.37 -100.15
N SER A 417 81.22 10.49 -100.87
CA SER A 417 80.34 10.69 -102.01
C SER A 417 81.17 10.77 -103.29
N GLN A 418 80.69 10.07 -104.33
CA GLN A 418 81.44 10.05 -105.59
C GLN A 418 81.32 11.36 -106.35
N VAL A 419 80.22 12.09 -106.15
CA VAL A 419 80.01 13.36 -106.83
C VAL A 419 79.66 14.44 -105.83
N MET B 1 23.39 -23.08 166.36
CA MET B 1 23.14 -24.50 166.63
C MET B 1 24.49 -25.23 166.71
N GLY B 2 25.32 -25.02 165.69
CA GLY B 2 26.63 -25.66 165.64
C GLY B 2 27.52 -25.30 166.81
N ASN B 3 28.17 -26.31 167.39
CA ASN B 3 28.99 -26.11 168.58
C ASN B 3 30.36 -26.73 168.36
N CYS B 4 31.38 -26.10 168.96
CA CYS B 4 32.74 -26.65 169.03
C CYS B 4 33.31 -26.92 167.63
N HIS B 5 33.52 -25.83 166.91
CA HIS B 5 34.07 -25.87 165.56
C HIS B 5 35.56 -25.53 165.57
N THR B 6 36.29 -26.20 164.69
CA THR B 6 37.72 -25.96 164.49
C THR B 6 37.98 -25.86 162.99
N VAL B 7 39.03 -25.10 162.64
CA VAL B 7 39.38 -24.83 161.25
C VAL B 7 40.85 -25.17 161.05
N GLY B 8 41.20 -25.50 159.81
CA GLY B 8 42.56 -25.82 159.46
C GLY B 8 43.44 -24.58 159.39
N PRO B 9 44.76 -24.80 159.26
CA PRO B 9 45.68 -23.66 159.25
C PRO B 9 45.53 -22.73 158.05
N ASN B 10 44.85 -23.17 156.98
CA ASN B 10 44.69 -22.31 155.82
C ASN B 10 43.73 -21.15 156.07
N GLU B 11 42.73 -21.34 156.92
CA GLU B 11 41.72 -20.33 157.17
C GLU B 11 41.68 -19.99 158.65
N ALA B 12 41.37 -18.73 158.94
CA ALA B 12 41.31 -18.22 160.31
C ALA B 12 39.86 -18.16 160.75
N LEU B 13 39.55 -18.77 161.89
CA LEU B 13 38.22 -18.73 162.45
C LEU B 13 38.06 -17.48 163.31
N VAL B 14 37.00 -16.71 163.07
CA VAL B 14 36.72 -15.50 163.81
C VAL B 14 35.39 -15.67 164.54
N VAL B 15 35.40 -15.38 165.84
CA VAL B 15 34.20 -15.40 166.65
C VAL B 15 34.18 -14.15 167.52
N SER B 16 32.98 -13.61 167.75
CA SER B 16 32.81 -12.45 168.60
C SER B 16 31.45 -12.52 169.27
N GLY B 17 31.43 -12.28 170.58
CA GLY B 17 30.20 -12.32 171.34
C GLY B 17 30.37 -11.85 172.77
N GLY B 18 29.43 -11.03 173.24
CA GLY B 18 29.50 -10.50 174.59
C GLY B 18 28.84 -11.40 175.63
N CYS B 19 29.64 -12.19 176.33
CA CYS B 19 29.09 -13.14 177.30
C CYS B 19 28.32 -12.41 178.40
N CYS B 20 28.87 -11.31 178.91
CA CYS B 20 28.18 -10.45 179.86
C CYS B 20 27.92 -9.06 179.30
N GLY B 21 27.93 -8.93 177.96
CA GLY B 21 27.79 -7.65 177.32
C GLY B 21 29.11 -6.96 176.99
N SER B 22 30.22 -7.44 177.52
CA SER B 22 31.52 -6.87 177.22
C SER B 22 32.06 -7.43 175.90
N ASP B 23 32.84 -6.61 175.21
CA ASP B 23 33.34 -6.94 173.88
C ASP B 23 34.44 -7.99 174.01
N TYR B 24 34.13 -9.22 173.62
CA TYR B 24 35.10 -10.32 173.60
C TYR B 24 35.12 -10.90 172.19
N LYS B 25 36.14 -10.53 171.42
CA LYS B 25 36.34 -11.04 170.06
C LYS B 25 37.55 -11.96 170.05
N GLN B 26 37.37 -13.17 169.52
CA GLN B 26 38.44 -14.14 169.43
C GLN B 26 38.68 -14.49 167.96
N TYR B 27 39.91 -14.28 167.50
CA TYR B 27 40.31 -14.62 166.14
C TYR B 27 41.48 -15.60 166.23
N VAL B 28 41.26 -16.83 165.77
CA VAL B 28 42.26 -17.88 165.86
C VAL B 28 42.34 -18.57 164.50
N PHE B 29 43.57 -18.78 164.02
CA PHE B 29 43.81 -19.44 162.75
C PHE B 29 44.31 -20.86 163.02
N GLY B 30 43.62 -21.85 162.44
CA GLY B 30 44.04 -23.23 162.58
C GLY B 30 44.09 -23.74 164.01
N GLY B 31 43.10 -23.38 164.82
CA GLY B 31 43.12 -23.77 166.22
C GLY B 31 41.81 -24.36 166.70
N TRP B 32 41.43 -24.03 167.93
CA TRP B 32 40.23 -24.57 168.56
C TRP B 32 39.34 -23.43 169.03
N ALA B 33 38.03 -23.68 168.99
CA ALA B 33 37.06 -22.71 169.47
C ALA B 33 35.73 -23.42 169.70
N TRP B 34 34.86 -22.76 170.45
CA TRP B 34 33.50 -23.22 170.65
C TRP B 34 32.54 -22.05 170.57
N ALA B 35 31.35 -22.30 170.02
CA ALA B 35 30.31 -21.29 169.92
C ALA B 35 28.96 -21.98 170.07
N TRP B 36 28.06 -21.36 170.83
CA TRP B 36 26.76 -21.93 171.12
C TRP B 36 25.73 -21.43 170.11
N TRP B 37 24.44 -21.65 170.43
CA TRP B 37 23.36 -21.29 169.52
C TRP B 37 23.42 -19.82 169.12
N CYS B 38 23.52 -18.93 170.11
CA CYS B 38 23.64 -17.50 169.82
C CYS B 38 24.64 -16.78 170.72
N ILE B 39 25.78 -17.40 171.06
CA ILE B 39 26.75 -16.68 171.89
C ILE B 39 27.66 -15.81 171.03
N SER B 40 27.98 -16.25 169.81
CA SER B 40 28.92 -15.52 168.97
C SER B 40 28.58 -15.80 167.51
N ASP B 41 29.51 -15.47 166.61
CA ASP B 41 29.35 -15.69 165.18
C ASP B 41 30.49 -16.58 164.68
N THR B 42 30.14 -17.55 163.84
CA THR B 42 31.10 -18.49 163.28
C THR B 42 31.40 -18.11 161.84
N GLN B 43 32.56 -17.51 161.61
CA GLN B 43 32.98 -17.14 160.27
C GLN B 43 34.45 -17.48 160.10
N ARG B 44 34.86 -17.68 158.85
CA ARG B 44 36.24 -18.01 158.51
C ARG B 44 36.74 -17.04 157.46
N ILE B 45 38.06 -16.81 157.48
CA ILE B 45 38.72 -15.94 156.52
C ILE B 45 39.71 -16.80 155.74
N SER B 46 39.56 -16.85 154.42
CA SER B 46 40.48 -17.60 153.58
C SER B 46 41.81 -16.88 153.47
N LEU B 47 42.85 -17.41 154.10
CA LEU B 47 44.17 -16.79 154.09
C LEU B 47 45.03 -17.26 152.92
N GLU B 48 44.41 -17.75 151.85
CA GLU B 48 45.14 -18.20 150.69
C GLU B 48 45.69 -17.02 149.92
N ILE B 49 46.73 -17.27 149.11
CA ILE B 49 47.30 -16.24 148.26
C ILE B 49 46.29 -15.83 147.20
N MET B 50 46.17 -14.53 146.98
CA MET B 50 45.33 -13.97 145.94
C MET B 50 46.19 -13.62 144.73
N THR B 51 45.77 -14.06 143.56
CA THR B 51 46.51 -13.78 142.34
C THR B 51 46.29 -12.33 141.90
N LEU B 52 47.35 -11.68 141.45
CA LEU B 52 47.29 -10.30 140.98
C LEU B 52 47.84 -10.21 139.57
N GLN B 53 47.13 -9.47 138.71
CA GLN B 53 47.58 -9.17 137.35
C GLN B 53 47.47 -7.67 137.11
N PRO B 54 48.29 -6.86 137.80
CA PRO B 54 48.24 -5.42 137.56
C PRO B 54 48.72 -5.08 136.15
N ARG B 55 47.84 -4.45 135.37
CA ARG B 55 48.13 -4.08 134.00
C ARG B 55 47.72 -2.62 133.79
N CYS B 56 48.71 -1.73 133.72
CA CYS B 56 48.48 -0.31 133.52
C CYS B 56 48.65 0.01 132.05
N GLU B 57 47.69 0.73 131.49
CA GLU B 57 47.67 1.08 130.07
C GLU B 57 47.93 2.57 129.90
N ASP B 58 48.87 2.90 129.02
CA ASP B 58 49.20 4.29 128.67
C ASP B 58 49.64 5.07 129.91
N VAL B 59 50.67 4.56 130.57
CA VAL B 59 51.25 5.19 131.75
C VAL B 59 52.65 5.67 131.40
N GLU B 60 53.05 6.80 131.96
CA GLU B 60 54.28 7.48 131.57
C GLU B 60 55.18 7.70 132.79
N THR B 61 56.48 7.61 132.55
CA THR B 61 57.50 7.77 133.59
C THR B 61 57.86 9.24 133.75
N ALA B 62 58.95 9.50 134.46
CA ALA B 62 59.36 10.88 134.73
C ALA B 62 59.67 11.63 133.44
N GLU B 63 60.40 11.01 132.53
CA GLU B 63 60.69 11.63 131.24
C GLU B 63 59.48 11.64 130.32
N GLY B 64 58.45 10.87 130.64
CA GLY B 64 57.20 10.93 129.90
C GLY B 64 56.98 9.88 128.85
N VAL B 65 57.93 8.95 128.66
CA VAL B 65 57.76 7.92 127.65
C VAL B 65 56.60 7.01 128.06
N ALA B 66 55.64 6.84 127.16
CA ALA B 66 54.45 6.06 127.47
C ALA B 66 54.75 4.57 127.39
N LEU B 67 54.30 3.83 128.41
CA LEU B 67 54.48 2.39 128.45
C LEU B 67 53.17 1.76 128.92
N THR B 68 53.00 0.49 128.54
CA THR B 68 51.86 -0.33 128.99
C THR B 68 52.45 -1.48 129.79
N VAL B 69 52.67 -1.24 131.08
CA VAL B 69 53.41 -2.16 131.94
C VAL B 69 52.43 -3.06 132.67
N THR B 70 52.66 -4.37 132.58
CA THR B 70 51.88 -5.37 133.30
C THR B 70 52.75 -5.95 134.40
N GLY B 71 52.14 -6.18 135.58
CA GLY B 71 52.86 -6.64 136.74
C GLY B 71 52.27 -7.90 137.35
N VAL B 72 52.99 -8.45 138.32
CA VAL B 72 52.50 -9.54 139.16
C VAL B 72 52.92 -9.26 140.59
N ALA B 73 51.99 -9.44 141.52
CA ALA B 73 52.24 -9.23 142.95
C ALA B 73 51.65 -10.38 143.74
N GLN B 74 52.34 -10.73 144.82
CA GLN B 74 51.91 -11.81 145.71
C GLN B 74 51.33 -11.19 146.98
N VAL B 75 50.05 -11.46 147.24
CA VAL B 75 49.33 -10.85 148.35
C VAL B 75 48.62 -11.93 149.15
N LYS B 76 48.66 -11.79 150.46
CA LYS B 76 48.01 -12.73 151.38
C LYS B 76 47.64 -12.00 152.65
N ILE B 77 46.51 -12.36 153.24
CA ILE B 77 46.11 -11.78 154.52
C ILE B 77 47.07 -12.24 155.60
N MET B 78 47.53 -11.29 156.42
CA MET B 78 48.56 -11.57 157.41
C MET B 78 47.97 -12.32 158.60
N THR B 79 48.83 -12.68 159.55
CA THR B 79 48.45 -13.45 160.72
C THR B 79 48.97 -12.83 162.02
N GLU B 80 49.18 -11.51 162.01
CA GLU B 80 49.63 -10.80 163.19
C GLU B 80 48.52 -10.78 164.25
N LYS B 81 48.81 -10.12 165.38
CA LYS B 81 47.87 -10.06 166.50
C LYS B 81 46.92 -8.87 166.40
N GLU B 82 47.48 -7.65 166.43
CA GLU B 82 46.64 -6.46 166.38
C GLU B 82 46.15 -6.16 164.98
N LEU B 83 46.91 -6.53 163.94
CA LEU B 83 46.46 -6.29 162.58
C LEU B 83 45.28 -7.18 162.20
N LEU B 84 45.18 -8.37 162.79
CA LEU B 84 44.05 -9.22 162.50
C LEU B 84 42.76 -8.74 163.14
N ALA B 85 42.85 -7.90 164.17
CA ALA B 85 41.64 -7.20 164.61
C ALA B 85 41.09 -6.34 163.48
N VAL B 86 41.97 -5.59 162.80
CA VAL B 86 41.55 -4.79 161.66
C VAL B 86 41.06 -5.69 160.53
N ALA B 87 41.76 -6.80 160.30
CA ALA B 87 41.38 -7.70 159.22
C ALA B 87 39.98 -8.27 159.45
N CYS B 88 39.67 -8.65 160.68
CA CYS B 88 38.36 -9.21 161.00
C CYS B 88 37.28 -8.14 160.99
N GLU B 89 37.59 -6.94 161.51
CA GLU B 89 36.61 -5.87 161.49
C GLU B 89 36.49 -5.20 160.14
N GLN B 90 37.28 -5.62 159.15
CA GLN B 90 37.45 -4.86 157.92
C GLN B 90 36.62 -5.38 156.76
N PHE B 91 36.81 -6.64 156.36
CA PHE B 91 36.41 -7.04 155.01
C PHE B 91 35.31 -8.10 154.97
N LEU B 92 35.53 -9.26 155.61
CA LEU B 92 34.62 -10.38 155.46
C LEU B 92 33.20 -9.99 155.87
N GLY B 93 32.20 -10.70 155.32
CA GLY B 93 32.39 -11.89 154.49
C GLY B 93 32.25 -11.72 152.99
N LYS B 94 32.81 -10.64 152.45
CA LYS B 94 32.85 -10.48 151.01
C LYS B 94 33.78 -11.54 150.41
N ASN B 95 33.42 -12.05 149.24
CA ASN B 95 34.05 -13.25 148.71
C ASN B 95 35.40 -12.94 148.08
N VAL B 96 36.07 -13.99 147.58
CA VAL B 96 37.44 -13.88 147.10
C VAL B 96 37.55 -12.92 145.92
N GLN B 97 36.53 -12.90 145.06
CA GLN B 97 36.54 -11.93 143.96
C GLN B 97 36.60 -10.51 144.49
N ASP B 98 36.00 -10.27 145.65
CA ASP B 98 36.03 -8.93 146.23
C ASP B 98 37.44 -8.58 146.73
N ILE B 99 38.12 -9.52 147.39
CA ILE B 99 39.51 -9.28 147.77
C ILE B 99 40.32 -8.95 146.54
N LYS B 100 40.23 -9.79 145.50
CA LYS B 100 41.10 -9.63 144.36
C LYS B 100 40.82 -8.34 143.61
N ASN B 101 39.55 -7.96 143.46
CA ASN B 101 39.23 -6.71 142.79
C ASN B 101 39.73 -5.51 143.59
N VAL B 102 39.47 -5.47 144.89
CA VAL B 102 39.89 -4.32 145.68
C VAL B 102 41.41 -4.18 145.64
N VAL B 103 42.12 -5.28 145.87
CA VAL B 103 43.58 -5.22 145.88
C VAL B 103 44.09 -4.90 144.48
N LEU B 104 43.39 -5.35 143.45
CA LEU B 104 43.80 -5.08 142.08
C LEU B 104 43.77 -3.59 141.80
N GLN B 105 42.65 -2.91 142.10
CA GLN B 105 42.59 -1.48 141.85
C GLN B 105 43.60 -0.71 142.70
N THR B 106 43.70 -1.05 144.00
CA THR B 106 44.58 -0.23 144.83
C THR B 106 46.04 -0.42 144.44
N LEU B 107 46.48 -1.65 144.17
CA LEU B 107 47.84 -1.87 143.72
C LEU B 107 48.04 -1.38 142.30
N GLU B 108 46.98 -1.31 141.50
CA GLU B 108 47.10 -0.69 140.19
C GLU B 108 47.48 0.78 140.33
N GLY B 109 46.75 1.50 141.17
CA GLY B 109 47.09 2.89 141.42
C GLY B 109 48.49 3.05 141.99
N HIS B 110 48.84 2.22 142.98
CA HIS B 110 50.16 2.33 143.60
C HIS B 110 51.27 2.03 142.62
N LEU B 111 51.09 1.00 141.79
CA LEU B 111 52.10 0.62 140.82
C LEU B 111 52.29 1.69 139.76
N ARG B 112 51.19 2.25 139.25
CA ARG B 112 51.32 3.34 138.29
C ARG B 112 52.02 4.53 138.93
N SER B 113 51.69 4.84 140.18
CA SER B 113 52.30 5.96 140.87
C SER B 113 53.81 5.78 140.99
N ILE B 114 54.25 4.62 141.48
CA ILE B 114 55.68 4.40 141.64
C ILE B 114 56.36 4.32 140.27
N LEU B 115 55.68 3.77 139.27
CA LEU B 115 56.25 3.73 137.92
C LEU B 115 56.51 5.14 137.42
N GLY B 116 55.58 6.05 137.67
CA GLY B 116 55.84 7.44 137.37
C GLY B 116 56.97 8.02 138.22
N THR B 117 57.15 7.49 139.42
CA THR B 117 58.18 8.02 140.32
C THR B 117 59.58 7.85 139.74
N LEU B 118 59.88 6.69 139.17
CA LEU B 118 61.21 6.44 138.62
C LEU B 118 61.19 6.59 137.11
N THR B 119 62.39 6.64 136.53
CA THR B 119 62.52 6.82 135.10
C THR B 119 62.55 5.47 134.38
N VAL B 120 62.43 5.53 133.06
CA VAL B 120 62.43 4.33 132.24
C VAL B 120 63.80 3.66 132.19
N GLU B 121 64.89 4.43 132.30
CA GLU B 121 66.20 3.82 132.36
C GLU B 121 66.34 2.92 133.59
N GLN B 122 65.79 3.36 134.72
CA GLN B 122 65.82 2.54 135.92
C GLN B 122 64.97 1.28 135.78
N ILE B 123 63.76 1.39 135.21
CA ILE B 123 62.95 0.19 135.01
C ILE B 123 63.60 -0.71 133.98
N TYR B 124 64.51 -0.16 133.17
CA TYR B 124 65.26 -0.96 132.22
C TYR B 124 66.38 -1.74 132.91
N GLN B 125 67.29 -1.03 133.57
CA GLN B 125 68.48 -1.66 134.15
C GLN B 125 68.19 -2.32 135.49
N ASP B 126 67.80 -1.53 136.48
CA ASP B 126 67.66 -2.00 137.86
C ASP B 126 66.18 -1.97 138.24
N ARG B 127 65.49 -3.07 137.93
CA ARG B 127 64.09 -3.22 138.31
C ARG B 127 63.90 -4.17 139.49
N ASP B 128 64.94 -4.89 139.92
CA ASP B 128 64.88 -5.55 141.21
C ASP B 128 64.84 -4.51 142.33
N GLN B 129 65.66 -3.46 142.22
CA GLN B 129 65.57 -2.34 143.15
C GLN B 129 64.24 -1.61 142.98
N PHE B 130 63.66 -1.63 141.78
CA PHE B 130 62.34 -1.06 141.60
C PHE B 130 61.31 -1.81 142.45
N ALA B 131 61.37 -3.14 142.44
CA ALA B 131 60.47 -3.92 143.28
C ALA B 131 60.78 -3.73 144.77
N LYS B 132 62.06 -3.57 145.11
CA LYS B 132 62.42 -3.32 146.50
C LYS B 132 61.84 -2.00 146.99
N LEU B 133 61.84 -0.98 146.14
CA LEU B 133 61.19 0.29 146.48
C LEU B 133 59.68 0.18 146.45
N VAL B 134 59.13 -0.67 145.58
CA VAL B 134 57.69 -0.92 145.61
C VAL B 134 57.27 -1.47 146.95
N ARG B 135 58.06 -2.41 147.48
CA ARG B 135 57.81 -2.89 148.83
C ARG B 135 57.86 -1.76 149.84
N GLU B 136 58.94 -0.97 149.82
CA GLU B 136 59.13 0.12 150.77
C GLU B 136 57.97 1.11 150.76
N VAL B 137 57.37 1.37 149.60
CA VAL B 137 56.28 2.33 149.51
C VAL B 137 54.90 1.69 149.67
N ALA B 138 54.74 0.40 149.42
CA ALA B 138 53.42 -0.22 149.41
C ALA B 138 53.10 -0.91 150.74
N ALA B 139 54.12 -1.38 151.45
CA ALA B 139 53.90 -1.93 152.79
C ALA B 139 53.19 -0.96 153.73
N PRO B 140 53.54 0.34 153.79
CA PRO B 140 52.83 1.23 154.72
C PRO B 140 51.33 1.37 154.46
N ASP B 141 50.86 1.19 153.23
CA ASP B 141 49.45 1.39 152.93
C ASP B 141 48.71 0.10 152.65
N VAL B 142 49.28 -0.81 151.86
CA VAL B 142 48.61 -2.08 151.60
C VAL B 142 48.50 -2.92 152.86
N GLY B 143 49.39 -2.71 153.84
CA GLY B 143 49.27 -3.41 155.11
C GLY B 143 48.21 -2.84 156.03
N ARG B 144 47.68 -1.66 155.72
CA ARG B 144 46.66 -1.07 156.58
C ARG B 144 45.38 -1.89 156.60
N MET B 145 44.98 -2.43 155.44
CA MET B 145 43.82 -3.31 155.37
C MET B 145 44.18 -4.77 155.59
N GLY B 146 45.35 -5.05 156.18
CA GLY B 146 45.71 -6.40 156.56
C GLY B 146 46.25 -7.27 155.45
N ILE B 147 46.54 -6.71 154.27
CA ILE B 147 47.02 -7.48 153.14
C ILE B 147 48.53 -7.37 153.08
N GLU B 148 49.21 -8.51 153.11
CA GLU B 148 50.67 -8.54 153.01
C GLU B 148 51.10 -8.62 151.55
N ILE B 149 52.35 -8.25 151.30
CA ILE B 149 52.91 -8.30 149.96
C ILE B 149 54.09 -9.26 149.94
N LEU B 150 53.82 -10.52 149.59
CA LEU B 150 54.87 -11.53 149.60
C LEU B 150 55.92 -11.26 148.54
N SER B 151 55.49 -10.84 147.35
CA SER B 151 56.42 -10.56 146.26
C SER B 151 55.80 -9.54 145.33
N PHE B 152 56.65 -8.88 144.55
CA PHE B 152 56.21 -7.85 143.61
C PHE B 152 57.22 -7.76 142.47
N THR B 153 56.70 -7.68 141.25
CA THR B 153 57.48 -7.36 140.06
C THR B 153 56.53 -7.08 138.92
N ILE B 154 57.10 -6.82 137.74
CA ILE B 154 56.32 -6.48 136.56
C ILE B 154 56.42 -7.62 135.54
N LYS B 155 55.28 -7.96 134.95
CA LYS B 155 55.22 -9.12 134.05
C LYS B 155 55.84 -8.82 132.70
N ASP B 156 55.31 -7.82 131.99
CA ASP B 156 55.83 -7.48 130.67
C ASP B 156 55.66 -5.99 130.44
N VAL B 157 56.49 -5.44 129.56
CA VAL B 157 56.47 -4.03 129.22
C VAL B 157 56.31 -3.91 127.71
N TYR B 158 55.38 -3.06 127.29
CA TYR B 158 55.12 -2.82 125.88
C TYR B 158 55.04 -1.33 125.61
N ASP B 159 55.51 -0.92 124.44
CA ASP B 159 55.56 0.48 124.06
C ASP B 159 54.99 0.67 122.66
N LYS B 160 54.32 1.79 122.45
CA LYS B 160 53.82 2.18 121.14
C LYS B 160 54.78 3.10 120.39
N VAL B 161 55.66 3.80 121.11
CA VAL B 161 56.67 4.66 120.50
C VAL B 161 58.04 3.98 120.49
N ASP B 162 58.06 2.63 120.48
CA ASP B 162 59.24 1.77 120.28
C ASP B 162 60.49 2.33 120.95
N TYR B 163 60.44 2.45 122.28
CA TYR B 163 61.59 2.80 123.08
C TYR B 163 62.65 1.70 123.08
N LEU B 164 62.27 0.52 123.57
CA LEU B 164 63.23 -0.56 123.77
C LEU B 164 63.79 -1.09 122.46
N SER B 165 62.93 -1.18 121.44
CA SER B 165 63.41 -1.61 120.13
C SER B 165 64.45 -0.64 119.58
N SER B 166 64.23 0.66 119.80
CA SER B 166 65.23 1.65 119.41
C SER B 166 66.50 1.47 120.23
N LEU B 167 66.37 1.16 121.52
CA LEU B 167 67.54 0.98 122.37
C LEU B 167 68.36 -0.23 121.95
N GLY B 168 67.74 -1.26 121.40
CA GLY B 168 68.45 -2.44 120.95
C GLY B 168 69.25 -2.22 119.67
N LYS B 169 68.91 -1.16 118.94
CA LYS B 169 69.57 -0.85 117.69
C LYS B 169 71.06 -0.59 117.88
N THR B 170 71.46 -0.16 119.08
CA THR B 170 72.85 0.24 119.31
C THR B 170 73.80 -0.93 119.11
N GLN B 171 73.41 -2.12 119.58
CA GLN B 171 74.29 -3.28 119.48
C GLN B 171 73.76 -4.35 118.53
N THR B 172 72.53 -4.23 118.03
CA THR B 172 72.05 -5.22 117.07
C THR B 172 72.87 -5.20 115.78
N ALA B 173 73.66 -4.15 115.56
CA ALA B 173 74.52 -4.05 114.39
C ALA B 173 75.99 -4.26 114.70
N VAL B 174 76.40 -4.15 115.97
CA VAL B 174 77.79 -4.34 116.33
C VAL B 174 78.22 -5.78 116.05
N VAL B 175 77.40 -6.76 116.43
CA VAL B 175 77.70 -8.14 116.10
C VAL B 175 77.67 -8.35 114.60
N GLN B 176 76.74 -7.67 113.90
CA GLN B 176 76.74 -7.73 112.45
C GLN B 176 77.99 -7.10 111.87
N ARG B 177 78.48 -6.03 112.48
CA ARG B 177 79.76 -5.44 112.07
C ARG B 177 80.88 -6.46 112.18
N ASP B 178 81.00 -7.11 113.33
CA ASP B 178 82.06 -8.09 113.52
C ASP B 178 81.93 -9.26 112.55
N ALA B 179 80.71 -9.73 112.33
CA ALA B 179 80.50 -10.84 111.41
C ALA B 179 80.90 -10.47 109.99
N ASP B 180 80.54 -9.26 109.55
CA ASP B 180 80.93 -8.81 108.21
C ASP B 180 82.45 -8.70 108.10
N ILE B 181 83.11 -8.18 109.14
CA ILE B 181 84.56 -8.08 109.11
C ILE B 181 85.19 -9.47 108.98
N GLY B 182 84.69 -10.42 109.78
CA GLY B 182 85.25 -11.76 109.74
C GLY B 182 85.06 -12.44 108.39
N VAL B 183 83.85 -12.33 107.85
CA VAL B 183 83.58 -12.98 106.57
C VAL B 183 84.38 -12.33 105.45
N ALA B 184 84.57 -11.00 105.52
CA ALA B 184 85.39 -10.33 104.52
C ALA B 184 86.84 -10.81 104.59
N GLU B 185 87.39 -10.91 105.80
CA GLU B 185 88.77 -11.39 105.93
C GLU B 185 88.91 -12.83 105.43
N ALA B 186 87.94 -13.69 105.77
CA ALA B 186 88.02 -15.07 105.34
C ALA B 186 87.95 -15.17 103.81
N GLU B 187 87.03 -14.43 103.20
CA GLU B 187 86.94 -14.45 101.74
C GLU B 187 88.21 -13.90 101.09
N ARG B 188 88.83 -12.90 101.71
CA ARG B 188 90.08 -12.36 101.19
C ARG B 188 91.17 -13.42 101.20
N ASP B 189 91.31 -14.14 102.32
CA ASP B 189 92.34 -15.17 102.41
C ASP B 189 92.08 -16.29 101.40
N ALA B 190 90.82 -16.74 101.31
CA ALA B 190 90.49 -17.78 100.35
C ALA B 190 90.84 -17.35 98.94
N GLY B 191 90.43 -16.13 98.57
CA GLY B 191 90.69 -15.66 97.21
C GLY B 191 92.18 -15.54 96.91
N ILE B 192 92.95 -14.98 97.84
CA ILE B 192 94.38 -14.83 97.57
C ILE B 192 95.04 -16.18 97.37
N ARG B 193 94.75 -17.16 98.25
CA ARG B 193 95.55 -18.37 98.15
C ARG B 193 95.07 -19.21 96.97
N GLU B 194 93.77 -19.15 96.65
CA GLU B 194 93.25 -19.82 95.47
C GLU B 194 93.84 -19.23 94.20
N ALA B 195 94.00 -17.91 94.14
CA ALA B 195 94.65 -17.30 92.98
C ALA B 195 96.09 -17.77 92.86
N GLU B 196 96.79 -17.89 93.99
CA GLU B 196 98.14 -18.42 93.95
C GLU B 196 98.18 -19.84 93.38
N CYS B 197 97.25 -20.70 93.83
CA CYS B 197 97.19 -22.06 93.31
C CYS B 197 96.92 -22.08 91.81
N LYS B 198 95.97 -21.26 91.36
CA LYS B 198 95.63 -21.20 89.94
C LYS B 198 96.83 -20.76 89.13
N LYS B 199 97.57 -19.77 89.64
CA LYS B 199 98.77 -19.28 88.96
C LYS B 199 99.79 -20.40 88.80
N GLU B 200 100.09 -21.12 89.89
CA GLU B 200 101.10 -22.18 89.79
C GLU B 200 100.67 -23.27 88.82
N MET B 201 99.40 -23.68 88.88
CA MET B 201 98.97 -24.77 88.01
C MET B 201 98.97 -24.33 86.54
N LEU B 202 98.60 -23.08 86.26
CA LEU B 202 98.70 -22.59 84.89
C LEU B 202 100.14 -22.55 84.40
N ASP B 203 101.08 -22.12 85.25
CA ASP B 203 102.48 -22.10 84.80
C ASP B 203 102.94 -23.50 84.42
N VAL B 204 102.66 -24.49 85.26
CA VAL B 204 103.13 -25.83 84.93
C VAL B 204 102.42 -26.38 83.70
N LYS B 205 101.11 -26.13 83.58
CA LYS B 205 100.38 -26.60 82.42
C LYS B 205 100.91 -25.99 81.13
N PHE B 206 101.26 -24.70 81.16
CA PHE B 206 101.80 -24.07 79.97
C PHE B 206 103.20 -24.57 79.65
N MET B 207 104.00 -24.89 80.66
CA MET B 207 105.30 -25.51 80.38
C MET B 207 105.13 -26.85 79.69
N ALA B 208 104.20 -27.67 80.19
CA ALA B 208 103.94 -28.97 79.55
C ALA B 208 103.44 -28.79 78.12
N ASP B 209 102.55 -27.82 77.91
CA ASP B 209 102.06 -27.56 76.56
C ASP B 209 103.17 -27.06 75.64
N THR B 210 104.12 -26.29 76.17
CA THR B 210 105.26 -25.87 75.36
C THR B 210 106.09 -27.08 74.92
N LYS B 211 106.34 -28.01 75.84
CA LYS B 211 107.05 -29.22 75.45
C LYS B 211 106.29 -30.02 74.40
N ILE B 212 104.96 -30.11 74.56
CA ILE B 212 104.15 -30.82 73.57
C ILE B 212 104.27 -30.15 72.21
N ALA B 213 104.22 -28.81 72.19
CA ALA B 213 104.35 -28.09 70.93
C ALA B 213 105.70 -28.33 70.30
N ASP B 214 106.76 -28.40 71.11
CA ASP B 214 108.09 -28.69 70.55
C ASP B 214 108.12 -30.07 69.91
N SER B 215 107.56 -31.07 70.59
CA SER B 215 107.52 -32.41 70.01
C SER B 215 106.71 -32.44 68.73
N LYS B 216 105.58 -31.74 68.70
CA LYS B 216 104.75 -31.68 67.51
C LYS B 216 105.50 -31.02 66.35
N ARG B 217 106.25 -29.95 66.65
CA ARG B 217 107.04 -29.29 65.62
C ARG B 217 108.09 -30.23 65.05
N ALA B 218 108.80 -30.96 65.91
CA ALA B 218 109.80 -31.89 65.43
C ALA B 218 109.17 -32.96 64.54
N PHE B 219 108.04 -33.51 64.97
CA PHE B 219 107.39 -34.56 64.18
C PHE B 219 106.92 -34.02 62.84
N GLU B 220 106.30 -32.84 62.83
CA GLU B 220 105.81 -32.28 61.57
C GLU B 220 106.97 -31.96 60.63
N LEU B 221 108.07 -31.43 61.17
CA LEU B 221 109.23 -31.14 60.33
C LEU B 221 109.78 -32.40 59.70
N GLN B 222 109.95 -33.46 60.48
CA GLN B 222 110.48 -34.71 59.92
C GLN B 222 109.52 -35.30 58.89
N LYS B 223 108.22 -35.27 59.18
CA LYS B 223 107.26 -35.84 58.24
C LYS B 223 107.23 -35.08 56.92
N SER B 224 107.26 -33.74 56.97
CA SER B 224 107.30 -32.96 55.74
C SER B 224 108.58 -33.21 54.97
N ALA B 225 109.71 -33.31 55.69
CA ALA B 225 110.98 -33.60 55.03
C ALA B 225 110.92 -34.92 54.29
N PHE B 226 110.34 -35.95 54.91
CA PHE B 226 110.22 -37.25 54.24
C PHE B 226 109.29 -37.17 53.05
N SER B 227 108.16 -36.48 53.22
CA SER B 227 107.21 -36.31 52.13
C SER B 227 107.86 -35.63 50.92
N GLU B 228 108.85 -34.77 51.16
CA GLU B 228 109.55 -34.12 50.06
C GLU B 228 110.10 -35.15 49.07
N GLU B 229 111.03 -36.00 49.53
CA GLU B 229 111.64 -36.93 48.59
C GLU B 229 110.68 -38.02 48.16
N VAL B 230 109.71 -38.40 48.99
CA VAL B 230 108.78 -39.42 48.51
C VAL B 230 107.95 -38.86 47.34
N ASN B 231 107.55 -37.59 47.43
CA ASN B 231 106.82 -36.97 46.33
C ASN B 231 107.71 -36.80 45.10
N ILE B 232 108.99 -36.47 45.31
CA ILE B 232 109.90 -36.36 44.19
C ILE B 232 110.00 -37.69 43.44
N LYS B 233 110.22 -38.78 44.18
CA LYS B 233 110.34 -40.09 43.55
C LYS B 233 109.06 -40.49 42.85
N THR B 234 107.90 -40.24 43.47
CA THR B 234 106.66 -40.53 42.76
C THR B 234 106.57 -39.75 41.47
N ALA B 235 106.75 -38.43 41.53
CA ALA B 235 106.62 -37.59 40.35
C ALA B 235 107.50 -38.08 39.21
N GLU B 236 108.69 -38.60 39.54
CA GLU B 236 109.45 -39.31 38.52
C GLU B 236 108.73 -40.56 38.05
N ALA B 237 108.06 -41.27 38.97
CA ALA B 237 107.50 -42.57 38.63
C ALA B 237 106.38 -42.47 37.60
N GLN B 238 105.47 -41.50 37.74
CA GLN B 238 104.40 -41.45 36.72
C GLN B 238 104.94 -41.17 35.33
N LEU B 239 105.88 -40.23 35.20
CA LEU B 239 106.27 -39.75 33.89
C LEU B 239 107.40 -40.56 33.26
N ALA B 240 108.01 -41.49 33.98
CA ALA B 240 108.91 -42.44 33.31
C ALA B 240 108.17 -43.20 32.20
N TYR B 241 106.89 -43.48 32.40
CA TYR B 241 106.09 -44.17 31.39
C TYR B 241 106.04 -43.35 30.10
N GLU B 242 105.72 -42.06 30.20
CA GLU B 242 105.64 -41.21 29.03
C GLU B 242 107.01 -41.06 28.37
N LEU B 243 108.07 -40.96 29.18
CA LEU B 243 109.41 -40.83 28.61
C LEU B 243 109.75 -42.05 27.75
N GLN B 244 109.56 -43.25 28.30
CA GLN B 244 109.85 -44.44 27.51
C GLN B 244 108.90 -44.59 26.33
N GLY B 245 107.66 -44.15 26.48
CA GLY B 245 106.72 -44.22 25.38
C GLY B 245 107.14 -43.37 24.21
N ALA B 246 107.58 -42.14 24.48
CA ALA B 246 108.09 -41.29 23.40
C ALA B 246 109.36 -41.87 22.80
N ARG B 247 110.24 -42.39 23.65
CA ARG B 247 111.48 -42.99 23.13
C ARG B 247 111.19 -44.13 22.18
N GLU B 248 110.18 -44.95 22.49
CA GLU B 248 109.80 -46.04 21.59
C GLU B 248 109.06 -45.52 20.36
N GLN B 249 108.16 -44.54 20.53
CA GLN B 249 107.46 -43.95 19.41
C GLN B 249 108.42 -43.38 18.37
N GLN B 250 109.61 -42.98 18.78
CA GLN B 250 110.64 -42.61 17.80
C GLN B 250 110.79 -43.70 16.74
N LYS B 251 111.17 -44.91 17.15
CA LYS B 251 111.36 -46.00 16.21
C LYS B 251 110.05 -46.45 15.58
N ILE B 252 108.96 -46.41 16.35
CA ILE B 252 107.66 -46.79 15.80
C ILE B 252 107.34 -45.97 14.57
N ARG B 253 107.46 -44.65 14.70
CA ARG B 253 107.16 -43.76 13.58
C ARG B 253 108.23 -43.85 12.51
N GLN B 254 109.49 -44.11 12.91
CA GLN B 254 110.55 -44.32 11.92
C GLN B 254 110.16 -45.42 10.94
N GLU B 255 109.72 -46.57 11.46
CA GLU B 255 109.31 -47.64 10.55
C GLU B 255 107.98 -47.35 9.86
N GLU B 256 107.03 -46.73 10.57
CA GLU B 256 105.76 -46.40 9.94
C GLU B 256 105.95 -45.48 8.74
N ILE B 257 106.99 -44.65 8.75
CA ILE B 257 107.28 -43.78 7.62
C ILE B 257 108.24 -44.41 6.62
N GLU B 258 109.08 -45.36 7.05
CA GLU B 258 109.84 -46.15 6.09
C GLU B 258 108.93 -47.02 5.22
N ILE B 259 107.71 -47.29 5.68
CA ILE B 259 106.73 -48.00 4.85
C ILE B 259 106.64 -47.37 3.46
N GLU B 260 106.23 -46.11 3.41
CA GLU B 260 106.03 -45.48 2.11
C GLU B 260 107.34 -45.10 1.43
N VAL B 261 108.44 -45.00 2.18
CA VAL B 261 109.75 -44.88 1.53
C VAL B 261 110.01 -46.10 0.67
N VAL B 262 109.83 -47.29 1.24
CA VAL B 262 110.01 -48.52 0.49
C VAL B 262 109.02 -48.61 -0.66
N GLN B 263 107.78 -48.18 -0.43
CA GLN B 263 106.78 -48.21 -1.50
C GLN B 263 107.18 -47.33 -2.68
N ARG B 264 107.55 -46.08 -2.40
CA ARG B 264 107.92 -45.15 -3.46
C ARG B 264 109.25 -45.51 -4.10
N LYS B 265 110.09 -46.29 -3.41
CA LYS B 265 111.34 -46.72 -4.02
C LYS B 265 111.12 -47.57 -5.26
N LYS B 266 110.07 -48.39 -5.25
CA LYS B 266 109.75 -49.25 -6.39
C LYS B 266 108.60 -48.71 -7.23
N GLN B 267 107.89 -47.69 -6.76
CA GLN B 267 107.11 -46.90 -7.70
C GLN B 267 107.98 -46.36 -8.84
N ILE B 268 109.31 -46.27 -8.62
CA ILE B 268 110.22 -45.91 -9.70
C ILE B 268 110.14 -46.92 -10.83
N ALA B 269 110.23 -48.21 -10.51
CA ALA B 269 110.12 -49.25 -11.53
C ALA B 269 108.72 -49.28 -12.13
N VAL B 270 107.71 -49.02 -11.30
CA VAL B 270 106.34 -48.90 -11.83
C VAL B 270 106.30 -47.85 -12.93
N GLU B 271 106.88 -46.68 -12.66
CA GLU B 271 106.84 -45.60 -13.64
C GLU B 271 107.72 -45.88 -14.85
N ALA B 272 108.81 -46.61 -14.68
CA ALA B 272 109.63 -46.98 -15.84
C ALA B 272 108.85 -47.90 -16.78
N GLN B 273 108.19 -48.92 -16.22
CA GLN B 273 107.34 -49.76 -17.05
C GLN B 273 106.22 -48.96 -17.69
N GLU B 274 105.68 -47.97 -16.97
CA GLU B 274 104.68 -47.08 -17.55
C GLU B 274 105.27 -46.28 -18.71
N ILE B 275 106.53 -45.85 -18.60
CA ILE B 275 107.18 -45.14 -19.70
C ILE B 275 107.22 -46.00 -20.95
N LEU B 276 107.65 -47.26 -20.79
CA LEU B 276 107.69 -48.15 -21.94
C LEU B 276 106.30 -48.36 -22.53
N ARG B 277 105.31 -48.59 -21.66
CA ARG B 277 103.95 -48.82 -22.14
C ARG B 277 103.40 -47.62 -22.88
N THR B 278 103.62 -46.41 -22.35
CA THR B 278 103.08 -45.22 -23.00
C THR B 278 103.84 -44.90 -24.28
N ASP B 279 105.13 -45.24 -24.35
CA ASP B 279 105.84 -45.11 -25.61
C ASP B 279 105.20 -45.97 -26.69
N LYS B 280 104.98 -47.26 -26.39
CA LYS B 280 104.35 -48.13 -27.37
C LYS B 280 102.93 -47.70 -27.70
N GLU B 281 102.19 -47.25 -26.69
CA GLU B 281 100.82 -46.81 -26.92
C GLU B 281 100.78 -45.58 -27.81
N LEU B 282 101.66 -44.61 -27.59
CA LEU B 282 101.73 -43.45 -28.46
C LEU B 282 102.11 -43.83 -29.87
N ILE B 283 103.04 -44.77 -30.02
CA ILE B 283 103.34 -45.28 -31.36
C ILE B 283 102.06 -45.77 -32.03
N ALA B 284 101.44 -46.79 -31.43
CA ALA B 284 100.26 -47.40 -32.05
C ALA B 284 99.12 -46.42 -32.23
N THR B 285 99.09 -45.35 -31.45
CA THR B 285 97.94 -44.45 -31.47
C THR B 285 98.10 -43.31 -32.48
N VAL B 286 99.30 -42.74 -32.61
CA VAL B 286 99.44 -41.55 -33.46
C VAL B 286 100.50 -41.72 -34.54
N ARG B 287 101.50 -42.58 -34.30
CA ARG B 287 102.61 -42.65 -35.25
C ARG B 287 102.20 -43.36 -36.53
N ARG B 288 101.48 -44.47 -36.42
CA ARG B 288 101.05 -45.25 -37.57
C ARG B 288 99.83 -44.64 -38.25
N PRO B 289 98.83 -44.13 -37.52
CA PRO B 289 97.75 -43.39 -38.19
C PRO B 289 98.24 -42.21 -39.00
N ALA B 290 99.31 -41.54 -38.56
CA ALA B 290 99.86 -40.44 -39.35
C ALA B 290 100.37 -40.94 -40.70
N GLU B 291 101.08 -42.07 -40.71
CA GLU B 291 101.58 -42.63 -41.96
C GLU B 291 100.43 -43.08 -42.85
N ALA B 292 99.41 -43.70 -42.26
CA ALA B 292 98.26 -44.11 -43.04
C ALA B 292 97.54 -42.91 -43.65
N GLU B 293 97.41 -41.83 -42.88
CA GLU B 293 96.79 -40.62 -43.40
C GLU B 293 97.63 -40.03 -44.53
N ALA B 294 98.95 -40.04 -44.39
CA ALA B 294 99.80 -39.54 -45.47
C ALA B 294 99.61 -40.36 -46.74
N HIS B 295 99.57 -41.69 -46.60
CA HIS B 295 99.36 -42.54 -47.77
C HIS B 295 98.00 -42.27 -48.40
N ARG B 296 96.96 -42.11 -47.58
CA ARG B 296 95.63 -41.81 -48.10
C ARG B 296 95.61 -40.49 -48.86
N ILE B 297 96.24 -39.46 -48.29
CA ILE B 297 96.25 -38.15 -48.94
C ILE B 297 96.98 -38.23 -50.26
N GLN B 298 98.13 -38.92 -50.31
CA GLN B 298 98.87 -38.95 -51.57
C GLN B 298 98.15 -39.80 -52.63
N GLN B 299 97.48 -40.88 -52.22
CA GLN B 299 96.70 -41.66 -53.17
C GLN B 299 95.54 -40.83 -53.74
N ILE B 300 94.80 -40.15 -52.86
CA ILE B 300 93.67 -39.35 -53.32
C ILE B 300 94.14 -38.18 -54.17
N ALA B 301 95.29 -37.59 -53.83
CA ALA B 301 95.85 -36.53 -54.65
C ALA B 301 96.23 -37.04 -56.04
N GLU B 302 96.78 -38.25 -56.12
CA GLU B 302 97.08 -38.84 -57.43
C GLU B 302 95.81 -39.01 -58.23
N GLY B 303 94.76 -39.55 -57.61
CA GLY B 303 93.50 -39.70 -58.31
C GLY B 303 92.95 -38.38 -58.82
N GLU B 304 92.95 -37.36 -57.96
CA GLU B 304 92.41 -36.06 -58.35
C GLU B 304 93.25 -35.42 -59.45
N LYS B 305 94.58 -35.56 -59.38
CA LYS B 305 95.43 -35.00 -60.41
C LYS B 305 95.17 -35.65 -61.77
N VAL B 306 95.05 -36.98 -61.78
CA VAL B 306 94.76 -37.65 -63.05
C VAL B 306 93.40 -37.22 -63.58
N LYS B 307 92.40 -37.11 -62.70
CA LYS B 307 91.08 -36.67 -63.14
C LYS B 307 91.12 -35.27 -63.74
N GLN B 308 91.81 -34.34 -63.08
CA GLN B 308 91.90 -32.98 -63.57
C GLN B 308 92.65 -32.90 -64.89
N VAL B 309 93.73 -33.67 -65.02
CA VAL B 309 94.49 -33.66 -66.28
C VAL B 309 93.63 -34.18 -67.42
N LEU B 310 92.90 -35.27 -67.18
CA LEU B 310 92.04 -35.83 -68.23
C LEU B 310 90.93 -34.86 -68.59
N LEU B 311 90.30 -34.23 -67.60
CA LEU B 311 89.25 -33.26 -67.88
C LEU B 311 89.79 -32.07 -68.67
N ALA B 312 90.98 -31.60 -68.30
CA ALA B 312 91.59 -30.49 -69.03
C ALA B 312 91.90 -30.87 -70.47
N GLN B 313 92.40 -32.08 -70.70
CA GLN B 313 92.66 -32.53 -72.06
C GLN B 313 91.37 -32.60 -72.86
N ALA B 314 90.31 -33.12 -72.25
CA ALA B 314 89.02 -33.20 -72.93
C ALA B 314 88.50 -31.81 -73.30
N GLU B 315 88.60 -30.87 -72.36
CA GLU B 315 88.14 -29.50 -72.63
C GLU B 315 88.98 -28.85 -73.71
N ALA B 316 90.29 -29.07 -73.69
CA ALA B 316 91.17 -28.48 -74.70
C ALA B 316 90.83 -28.99 -76.08
N GLU B 317 90.61 -30.29 -76.23
CA GLU B 317 90.31 -30.82 -77.55
C GLU B 317 88.89 -30.45 -77.98
N LYS B 318 87.98 -30.31 -77.01
CA LYS B 318 86.67 -29.74 -77.30
C LYS B 318 86.81 -28.36 -77.93
N ILE B 319 87.61 -27.50 -77.31
CA ILE B 319 87.81 -26.15 -77.82
C ILE B 319 88.46 -26.19 -79.20
N ARG B 320 89.43 -27.08 -79.39
CA ARG B 320 90.12 -27.17 -80.68
C ARG B 320 89.14 -27.56 -81.79
N LYS B 321 88.32 -28.59 -81.55
CA LYS B 321 87.39 -29.05 -82.57
C LYS B 321 86.32 -28.01 -82.85
N ILE B 322 85.81 -27.35 -81.81
CA ILE B 322 84.81 -26.30 -82.01
C ILE B 322 85.40 -25.16 -82.82
N GLY B 323 86.65 -24.78 -82.51
CA GLY B 323 87.29 -23.71 -83.27
C GLY B 323 87.51 -24.08 -84.72
N GLU B 324 87.90 -25.33 -84.98
CA GLU B 324 88.04 -25.77 -86.37
C GLU B 324 86.71 -25.73 -87.10
N ALA B 325 85.64 -26.15 -86.45
CA ALA B 325 84.32 -26.10 -87.08
C ALA B 325 83.92 -24.66 -87.38
N GLU B 326 84.16 -23.74 -86.43
CA GLU B 326 83.83 -22.35 -86.66
C GLU B 326 84.67 -21.75 -87.80
N ALA B 327 85.94 -22.13 -87.88
CA ALA B 327 86.78 -21.65 -88.98
C ALA B 327 86.25 -22.14 -90.31
N ALA B 328 85.84 -23.42 -90.37
CA ALA B 328 85.31 -23.96 -91.60
C ALA B 328 84.03 -23.24 -92.03
N VAL B 329 83.12 -23.01 -91.09
CA VAL B 329 81.86 -22.36 -91.46
C VAL B 329 82.11 -20.92 -91.85
N ILE B 330 83.04 -20.24 -91.17
CA ILE B 330 83.34 -18.85 -91.52
C ILE B 330 83.94 -18.78 -92.92
N GLU B 331 84.83 -19.71 -93.26
CA GLU B 331 85.39 -19.73 -94.61
C GLU B 331 84.30 -20.01 -95.64
N ALA B 332 83.34 -20.87 -95.30
CA ALA B 332 82.22 -21.12 -96.21
C ALA B 332 81.39 -19.85 -96.44
N MET B 333 81.10 -19.12 -95.35
CA MET B 333 80.42 -17.84 -95.50
C MET B 333 81.20 -16.88 -96.36
N GLY B 334 82.53 -16.85 -96.20
CA GLY B 334 83.33 -15.99 -97.05
C GLY B 334 83.23 -16.38 -98.52
N LYS B 335 83.34 -17.67 -98.81
CA LYS B 335 83.16 -18.17 -100.16
C LYS B 335 81.84 -17.67 -100.73
N ALA B 336 80.74 -17.90 -100.01
CA ALA B 336 79.42 -17.62 -100.53
C ALA B 336 79.18 -16.11 -100.69
N GLU B 337 79.54 -15.33 -99.67
CA GLU B 337 79.26 -13.90 -99.72
C GLU B 337 80.13 -13.22 -100.77
N ALA B 338 81.38 -13.64 -100.91
CA ALA B 338 82.23 -13.07 -101.95
C ALA B 338 81.70 -13.43 -103.33
N GLU B 339 81.23 -14.67 -103.52
CA GLU B 339 80.63 -15.02 -104.81
C GLU B 339 79.39 -14.17 -105.07
N ARG B 340 78.60 -13.92 -104.03
CA ARG B 340 77.42 -13.08 -104.16
C ARG B 340 77.80 -11.68 -104.63
N MET B 341 78.78 -11.07 -103.96
CA MET B 341 79.19 -9.72 -104.32
C MET B 341 79.78 -9.67 -105.72
N LYS B 342 80.58 -10.68 -106.07
CA LYS B 342 81.19 -10.72 -107.40
C LYS B 342 80.11 -10.81 -108.47
N LEU B 343 79.14 -11.70 -108.31
CA LEU B 343 78.08 -11.82 -109.30
C LEU B 343 77.22 -10.57 -109.36
N LYS B 344 77.02 -9.91 -108.21
CA LYS B 344 76.22 -8.69 -108.20
C LYS B 344 76.99 -7.53 -108.85
N ALA B 345 78.32 -7.65 -108.93
CA ALA B 345 79.13 -6.60 -109.54
C ALA B 345 78.78 -6.40 -111.02
N GLU B 346 78.78 -7.47 -111.81
CA GLU B 346 78.41 -7.33 -113.22
C GLU B 346 76.96 -6.90 -113.36
N ALA B 347 76.10 -7.31 -112.43
CA ALA B 347 74.71 -6.87 -112.48
C ALA B 347 74.61 -5.36 -112.34
N TYR B 348 75.32 -4.78 -111.37
CA TYR B 348 75.32 -3.33 -111.24
C TYR B 348 76.04 -2.64 -112.39
N GLN B 349 76.98 -3.34 -113.03
CA GLN B 349 77.76 -2.69 -114.09
C GLN B 349 76.88 -2.36 -115.30
N LYS B 350 75.75 -3.03 -115.44
CA LYS B 350 74.91 -2.85 -116.62
C LYS B 350 73.75 -1.89 -116.37
N TYR B 351 73.87 -1.05 -115.35
CA TYR B 351 72.83 -0.10 -114.97
C TYR B 351 72.96 1.18 -115.79
N GLY B 352 71.85 1.66 -116.32
CA GLY B 352 71.78 2.91 -117.05
C GLY B 352 71.28 4.04 -116.20
N ASP B 353 70.84 5.12 -116.86
CA ASP B 353 70.28 6.25 -116.13
C ASP B 353 68.96 5.88 -115.48
N ALA B 354 68.09 5.17 -116.20
CA ALA B 354 66.77 4.82 -115.68
C ALA B 354 66.88 3.92 -114.46
N ALA B 355 67.82 2.97 -114.47
CA ALA B 355 67.97 2.06 -113.35
C ALA B 355 68.47 2.79 -112.09
N LYS B 356 69.42 3.71 -112.26
CA LYS B 356 69.86 4.51 -111.12
C LYS B 356 68.74 5.38 -110.60
N MET B 357 67.93 5.93 -111.50
CA MET B 357 66.75 6.68 -111.07
C MET B 357 65.81 5.80 -110.26
N ALA B 358 65.62 4.55 -110.70
CA ALA B 358 64.78 3.63 -109.96
C ALA B 358 65.35 3.37 -108.57
N LEU B 359 66.66 3.20 -108.47
CA LEU B 359 67.29 2.98 -107.16
C LEU B 359 67.04 4.16 -106.24
N VAL B 360 67.26 5.38 -106.74
CA VAL B 360 67.07 6.56 -105.91
C VAL B 360 65.61 6.71 -105.49
N LEU B 361 64.68 6.50 -106.43
CA LEU B 361 63.27 6.62 -106.09
C LEU B 361 62.84 5.57 -105.08
N GLU B 362 63.39 4.37 -105.18
CA GLU B 362 63.07 3.32 -104.21
C GLU B 362 63.63 3.67 -102.84
N ALA B 363 64.82 4.29 -102.80
CA ALA B 363 65.41 4.64 -101.52
C ALA B 363 64.68 5.81 -100.85
N LEU B 364 64.11 6.71 -101.66
CA LEU B 364 63.52 7.94 -101.12
C LEU B 364 62.45 7.72 -100.05
N PRO B 365 61.44 6.87 -100.25
CA PRO B 365 60.39 6.76 -99.22
C PRO B 365 60.89 6.31 -97.87
N GLN B 366 61.87 5.40 -97.81
CA GLN B 366 62.39 4.97 -96.52
C GLN B 366 63.09 6.10 -95.80
N ILE B 367 63.91 6.87 -96.53
CA ILE B 367 64.58 8.02 -95.93
C ILE B 367 63.56 9.03 -95.44
N ALA B 368 62.52 9.28 -96.26
CA ALA B 368 61.49 10.23 -95.87
C ALA B 368 60.76 9.77 -94.61
N ALA B 369 60.47 8.47 -94.52
CA ALA B 369 59.83 7.95 -93.32
C ALA B 369 60.73 8.12 -92.10
N LYS B 370 62.03 7.88 -92.27
CA LYS B 370 62.94 8.03 -91.14
C LYS B 370 63.04 9.47 -90.68
N ILE B 371 63.14 10.42 -91.62
CA ILE B 371 63.29 11.82 -91.25
C ILE B 371 62.02 12.36 -90.62
N ALA B 372 60.85 11.93 -91.07
CA ALA B 372 59.59 12.44 -90.57
C ALA B 372 59.16 11.81 -89.25
N ALA B 373 59.86 10.77 -88.79
CA ALA B 373 59.49 10.12 -87.54
C ALA B 373 59.39 11.07 -86.35
N PRO B 374 60.31 12.02 -86.14
CA PRO B 374 60.14 12.94 -85.00
C PRO B 374 58.88 13.79 -85.09
N LEU B 375 58.31 13.95 -86.28
CA LEU B 375 57.12 14.79 -86.42
C LEU B 375 55.89 14.12 -85.83
N THR B 376 56.00 12.86 -85.44
CA THR B 376 54.87 12.11 -84.91
C THR B 376 54.39 12.67 -83.58
N LYS B 377 55.30 13.25 -82.80
CA LYS B 377 54.99 13.66 -81.44
C LYS B 377 54.56 15.11 -81.32
N VAL B 378 54.23 15.77 -82.43
CA VAL B 378 53.78 17.15 -82.36
C VAL B 378 52.46 17.22 -81.58
N ASP B 379 52.36 18.20 -80.70
CA ASP B 379 51.18 18.37 -79.86
C ASP B 379 50.18 19.35 -80.47
N GLU B 380 50.61 20.57 -80.75
CA GLU B 380 49.71 21.58 -81.29
C GLU B 380 50.50 22.48 -82.23
N ILE B 381 49.80 23.06 -83.20
CA ILE B 381 50.40 23.91 -84.20
C ILE B 381 49.68 25.25 -84.17
N VAL B 382 50.45 26.34 -84.11
CA VAL B 382 49.90 27.69 -84.15
C VAL B 382 50.48 28.39 -85.37
N VAL B 383 49.59 28.88 -86.24
CA VAL B 383 49.99 29.55 -87.47
C VAL B 383 49.41 30.96 -87.46
N LEU B 384 50.26 31.94 -87.74
CA LEU B 384 49.84 33.33 -87.88
C LEU B 384 50.34 33.85 -89.22
N SER B 385 49.57 34.76 -89.82
CA SER B 385 49.90 35.29 -91.12
C SER B 385 49.61 36.78 -91.16
N GLY B 386 50.23 37.46 -92.12
CA GLY B 386 50.05 38.89 -92.28
C GLY B 386 50.93 39.70 -91.34
N ASP B 387 51.51 40.79 -91.85
CA ASP B 387 52.40 41.65 -91.06
C ASP B 387 51.59 42.71 -90.33
N ASN B 388 51.18 42.38 -89.10
CA ASN B 388 50.39 43.28 -88.29
C ASN B 388 50.87 43.22 -86.84
N SER B 389 50.15 43.91 -85.96
CA SER B 389 50.53 44.00 -84.56
C SER B 389 50.13 42.72 -83.82
N LYS B 390 50.48 42.68 -82.53
CA LYS B 390 50.23 41.53 -81.68
C LYS B 390 49.17 41.84 -80.62
N VAL B 391 48.21 42.69 -80.97
CA VAL B 391 47.17 43.11 -80.04
C VAL B 391 45.84 42.43 -80.34
N THR B 392 45.62 42.07 -81.60
CA THR B 392 44.33 41.51 -82.01
C THR B 392 44.04 40.20 -81.29
N SER B 393 45.03 39.33 -81.16
CA SER B 393 44.90 38.02 -80.50
C SER B 393 43.82 37.23 -81.23
N GLU B 394 42.84 36.66 -80.53
CA GLU B 394 41.79 35.89 -81.19
C GLU B 394 40.47 36.63 -81.16
N MET C 1 39.86 -42.19 163.61
CA MET C 1 40.85 -43.23 163.40
C MET C 1 42.10 -42.67 162.73
N PHE C 2 43.18 -43.43 162.79
CA PHE C 2 44.45 -43.00 162.22
C PHE C 2 44.38 -42.99 160.69
N PHE C 3 44.99 -41.98 160.09
CA PHE C 3 44.99 -41.81 158.64
C PHE C 3 46.43 -41.79 158.13
N THR C 4 46.85 -42.89 157.52
CA THR C 4 48.20 -42.98 156.97
C THR C 4 48.35 -42.07 155.77
N CYS C 5 49.57 -41.59 155.56
CA CYS C 5 49.90 -40.78 154.41
C CYS C 5 51.28 -41.17 153.91
N GLY C 6 51.48 -40.99 152.60
CA GLY C 6 52.78 -41.20 152.02
C GLY C 6 53.68 -40.02 152.26
N PRO C 7 54.88 -40.09 151.68
CA PRO C 7 55.81 -38.96 151.74
C PRO C 7 55.72 -37.95 150.60
N ASN C 8 54.62 -37.91 149.86
CA ASN C 8 54.38 -36.91 148.83
C ASN C 8 53.24 -35.98 149.18
N GLU C 9 52.68 -36.10 150.38
CA GLU C 9 51.59 -35.23 150.82
C GLU C 9 51.78 -34.89 152.28
N ALA C 10 51.26 -33.73 152.66
CA ALA C 10 51.30 -33.28 154.04
C ALA C 10 49.89 -33.33 154.62
N MET C 11 49.73 -34.14 155.67
CA MET C 11 48.45 -34.28 156.37
C MET C 11 48.43 -33.31 157.54
N VAL C 12 47.72 -32.20 157.37
CA VAL C 12 47.53 -31.22 158.44
C VAL C 12 46.04 -31.10 158.70
N VAL C 13 45.64 -31.29 159.96
CA VAL C 13 44.25 -31.30 160.35
C VAL C 13 44.10 -30.59 161.69
N SER C 14 42.91 -30.04 161.93
CA SER C 14 42.57 -29.45 163.22
C SER C 14 41.56 -30.35 163.92
N GLY C 15 41.84 -30.70 165.18
CA GLY C 15 40.96 -31.58 165.92
C GLY C 15 40.34 -30.94 167.14
N PHE C 16 40.72 -31.43 168.33
CA PHE C 16 40.26 -30.87 169.59
C PHE C 16 41.48 -30.58 170.46
N CYS C 17 41.60 -29.32 170.89
CA CYS C 17 42.70 -28.88 171.73
C CYS C 17 44.06 -29.18 171.10
N ARG C 18 44.21 -28.70 169.86
CA ARG C 18 45.44 -28.85 169.08
C ARG C 18 45.85 -27.49 168.49
N SER C 19 45.86 -26.47 169.35
CA SER C 19 46.11 -25.10 168.88
C SER C 19 47.44 -24.93 168.17
N PRO C 20 48.58 -25.42 168.67
CA PRO C 20 49.81 -25.30 167.92
C PRO C 20 49.72 -26.06 166.62
N PRO C 21 50.40 -25.62 165.57
CA PRO C 21 50.31 -26.30 164.27
C PRO C 21 50.85 -27.72 164.35
N VAL C 22 50.27 -28.58 163.51
CA VAL C 22 50.66 -29.99 163.44
C VAL C 22 51.24 -30.25 162.05
N MET C 23 52.49 -30.70 162.01
CA MET C 23 53.20 -30.98 160.78
C MET C 23 53.34 -32.50 160.63
N VAL C 24 52.45 -33.10 159.85
CA VAL C 24 52.45 -34.54 159.62
C VAL C 24 52.51 -34.78 158.12
N ALA C 25 53.54 -35.51 157.68
CA ALA C 25 53.68 -35.94 156.29
C ALA C 25 54.38 -37.29 156.32
N GLY C 26 53.61 -38.37 156.21
CA GLY C 26 54.15 -39.71 156.35
C GLY C 26 53.98 -40.26 157.76
N GLY C 27 52.77 -40.14 158.29
CA GLY C 27 52.47 -40.63 159.62
C GLY C 27 50.99 -40.91 159.74
N ARG C 28 50.50 -40.89 160.99
CA ARG C 28 49.10 -41.10 161.26
C ARG C 28 48.61 -40.10 162.29
N VAL C 29 47.31 -39.81 162.22
CA VAL C 29 46.65 -38.90 163.16
C VAL C 29 45.29 -39.50 163.52
N PHE C 30 45.01 -39.63 164.81
CA PHE C 30 43.69 -40.05 165.26
C PHE C 30 42.70 -38.93 165.02
N VAL C 31 41.72 -39.18 164.16
CA VAL C 31 40.80 -38.15 163.69
C VAL C 31 39.39 -38.49 164.15
N LEU C 32 38.77 -37.58 164.91
CA LEU C 32 37.36 -37.69 165.24
C LEU C 32 36.51 -37.34 164.02
N PRO C 33 35.40 -38.04 163.80
CA PRO C 33 34.64 -37.79 162.56
C PRO C 33 33.87 -36.49 162.57
N CYS C 34 33.21 -36.15 163.68
CA CYS C 34 32.37 -34.96 163.74
C CYS C 34 33.05 -33.77 164.40
N ILE C 35 34.34 -33.88 164.73
CA ILE C 35 35.06 -32.81 165.41
C ILE C 35 36.21 -32.28 164.56
N GLN C 36 36.97 -33.16 163.92
CA GLN C 36 38.15 -32.75 163.17
C GLN C 36 37.80 -32.47 161.71
N GLN C 37 38.64 -31.63 161.08
CA GLN C 37 38.50 -31.28 159.68
C GLN C 37 39.78 -31.67 158.95
N ILE C 38 39.63 -32.29 157.77
CA ILE C 38 40.74 -32.88 157.03
C ILE C 38 41.03 -32.04 155.80
N GLN C 39 42.30 -31.70 155.60
CA GLN C 39 42.75 -31.02 154.40
C GLN C 39 44.13 -31.55 154.03
N ARG C 40 44.45 -31.49 152.74
CA ARG C 40 45.63 -32.13 152.19
C ARG C 40 46.39 -31.18 151.28
N ILE C 41 47.72 -31.36 151.24
CA ILE C 41 48.59 -30.68 150.29
C ILE C 41 49.48 -31.73 149.62
N SER C 42 49.58 -31.68 148.30
CA SER C 42 50.46 -32.58 147.55
C SER C 42 51.86 -32.00 147.46
N LEU C 43 52.85 -32.79 147.87
CA LEU C 43 54.24 -32.37 147.87
C LEU C 43 55.00 -32.81 146.63
N ASN C 44 54.33 -33.41 145.66
CA ASN C 44 55.02 -33.96 144.50
C ASN C 44 55.60 -32.82 143.66
N THR C 45 56.78 -33.06 143.10
CA THR C 45 57.48 -32.03 142.33
C THR C 45 56.78 -31.79 141.00
N LEU C 46 56.54 -30.53 140.67
CA LEU C 46 55.90 -30.15 139.41
C LEU C 46 56.87 -29.31 138.60
N THR C 47 56.93 -29.60 137.30
CA THR C 47 57.80 -28.87 136.39
C THR C 47 57.07 -27.64 135.85
N LEU C 48 57.85 -26.58 135.60
CA LEU C 48 57.32 -25.31 135.14
C LEU C 48 58.00 -24.91 133.84
N ASN C 49 57.19 -24.52 132.86
CA ASN C 49 57.69 -24.05 131.57
C ASN C 49 57.72 -22.53 131.61
N VAL C 50 58.78 -22.00 132.22
CA VAL C 50 58.92 -20.56 132.43
C VAL C 50 59.29 -19.93 131.08
N LYS C 51 58.32 -19.33 130.42
CA LYS C 51 58.49 -18.79 129.07
C LYS C 51 58.53 -17.28 129.12
N SER C 52 59.54 -16.70 128.48
CA SER C 52 59.68 -15.25 128.33
C SER C 52 59.71 -14.92 126.85
N GLU C 53 58.84 -14.00 126.43
CA GLU C 53 58.71 -13.63 125.03
C GLU C 53 59.02 -12.15 124.85
N LYS C 54 59.94 -11.86 123.94
CA LYS C 54 60.30 -10.49 123.57
C LYS C 54 60.74 -9.68 124.79
N VAL C 55 61.81 -10.16 125.42
CA VAL C 55 62.36 -9.54 126.61
C VAL C 55 63.70 -8.89 126.26
N TYR C 56 63.91 -7.67 126.75
CA TYR C 56 65.12 -6.92 126.44
C TYR C 56 66.27 -7.27 127.39
N THR C 57 67.47 -7.36 126.84
CA THR C 57 68.68 -7.62 127.58
C THR C 57 69.35 -6.30 127.97
N ARG C 58 70.58 -6.37 128.47
CA ARG C 58 71.19 -5.15 129.01
C ARG C 58 71.73 -4.30 127.87
N HIS C 59 71.87 -4.87 126.67
CA HIS C 59 72.00 -4.09 125.45
C HIS C 59 70.66 -3.62 124.89
N GLY C 60 69.56 -4.21 125.34
CA GLY C 60 68.24 -3.90 124.82
C GLY C 60 67.77 -4.78 123.69
N VAL C 61 68.61 -5.68 123.19
CA VAL C 61 68.18 -6.55 122.09
C VAL C 61 67.09 -7.51 122.59
N PRO C 62 65.99 -7.69 121.87
CA PRO C 62 64.95 -8.61 122.31
C PRO C 62 65.23 -10.03 121.83
N ILE C 63 65.20 -10.98 122.77
CA ILE C 63 65.40 -12.38 122.47
C ILE C 63 64.31 -13.20 123.17
N SER C 64 63.77 -14.17 122.47
CA SER C 64 62.77 -15.07 123.06
C SER C 64 63.49 -16.14 123.86
N VAL C 65 63.22 -16.19 125.16
CA VAL C 65 63.93 -17.05 126.09
C VAL C 65 62.91 -17.96 126.79
N THR C 66 63.18 -19.26 126.79
CA THR C 66 62.35 -20.23 127.47
C THR C 66 63.14 -20.87 128.61
N GLY C 67 62.48 -21.04 129.75
CA GLY C 67 63.12 -21.64 130.91
C GLY C 67 62.27 -22.75 131.49
N ILE C 68 62.95 -23.70 132.12
CA ILE C 68 62.32 -24.85 132.76
C ILE C 68 62.78 -24.90 134.21
N ALA C 69 61.84 -25.10 135.13
CA ALA C 69 62.14 -25.15 136.55
C ALA C 69 61.47 -26.35 137.19
N GLN C 70 62.13 -26.92 138.20
CA GLN C 70 61.58 -28.01 138.99
C GLN C 70 61.42 -27.52 140.42
N VAL C 71 60.18 -27.33 140.85
CA VAL C 71 59.86 -26.73 142.14
C VAL C 71 59.15 -27.75 143.00
N LYS C 72 59.49 -27.79 144.29
CA LYS C 72 58.92 -28.73 145.24
C LYS C 72 58.75 -28.04 146.58
N ILE C 73 57.81 -28.55 147.37
CA ILE C 73 57.52 -28.02 148.70
C ILE C 73 58.36 -28.82 149.70
N GLN C 74 59.37 -28.16 150.28
CA GLN C 74 60.28 -28.86 151.18
C GLN C 74 59.61 -29.15 152.52
N GLY C 75 58.93 -30.28 152.61
CA GLY C 75 58.25 -30.66 153.83
C GLY C 75 59.16 -31.05 154.97
N GLN C 76 60.46 -31.22 154.71
CA GLN C 76 61.40 -31.54 155.77
C GLN C 76 61.49 -30.40 156.78
N ASN C 77 61.48 -29.15 156.31
CA ASN C 77 61.54 -27.99 157.19
C ASN C 77 60.17 -27.75 157.80
N LYS C 78 60.09 -27.85 159.14
CA LYS C 78 58.82 -27.66 159.82
C LYS C 78 58.31 -26.23 159.66
N GLU C 79 59.20 -25.25 159.80
CA GLU C 79 58.78 -23.86 159.70
C GLU C 79 58.28 -23.52 158.31
N MET C 80 59.02 -23.93 157.28
CA MET C 80 58.62 -23.63 155.91
C MET C 80 57.32 -24.34 155.56
N LEU C 81 57.17 -25.60 155.97
CA LEU C 81 55.93 -26.31 155.69
C LEU C 81 54.74 -25.66 156.41
N ALA C 82 54.95 -25.25 157.66
CA ALA C 82 53.88 -24.58 158.40
C ALA C 82 53.49 -23.27 157.73
N ALA C 83 54.49 -22.52 157.24
CA ALA C 83 54.18 -21.31 156.50
C ALA C 83 53.39 -21.62 155.23
N ALA C 84 53.79 -22.66 154.51
CA ALA C 84 53.15 -22.98 153.24
C ALA C 84 51.71 -23.45 153.44
N CYS C 85 51.46 -24.18 154.53
CA CYS C 85 50.12 -24.70 154.77
C CYS C 85 49.11 -23.57 155.00
N GLN C 86 49.58 -22.39 155.37
CA GLN C 86 48.68 -21.28 155.65
C GLN C 86 47.97 -20.76 154.41
N MET C 87 48.49 -21.05 153.21
CA MET C 87 47.83 -20.62 151.99
C MET C 87 47.67 -21.70 150.94
N PHE C 88 48.41 -22.80 151.01
CA PHE C 88 48.36 -23.80 149.95
C PHE C 88 47.30 -24.86 150.17
N LEU C 89 46.67 -24.92 151.35
CA LEU C 89 45.53 -25.80 151.52
C LEU C 89 44.36 -25.31 150.67
N GLY C 90 43.69 -26.26 150.02
CA GLY C 90 42.53 -25.94 149.21
C GLY C 90 42.83 -25.43 147.82
N LYS C 91 44.10 -25.36 147.43
CA LYS C 91 44.48 -24.92 146.10
C LYS C 91 44.87 -26.13 145.24
N THR C 92 44.34 -26.15 144.01
CA THR C 92 44.60 -27.24 143.10
C THR C 92 46.05 -27.19 142.60
N GLU C 93 46.48 -28.29 141.99
CA GLU C 93 47.84 -28.37 141.47
C GLU C 93 48.06 -27.35 140.35
N ALA C 94 47.05 -27.14 139.52
CA ALA C 94 47.20 -26.22 138.39
C ALA C 94 47.46 -24.80 138.87
N GLU C 95 46.67 -24.32 139.84
CA GLU C 95 46.86 -22.96 140.34
C GLU C 95 48.17 -22.82 141.10
N ILE C 96 48.53 -23.86 141.87
CA ILE C 96 49.79 -23.85 142.61
C ILE C 96 50.96 -23.72 141.64
N ALA C 97 50.93 -24.50 140.55
CA ALA C 97 51.95 -24.38 139.52
C ALA C 97 51.93 -23.00 138.89
N HIS C 98 50.74 -22.51 138.56
CA HIS C 98 50.61 -21.28 137.78
C HIS C 98 51.12 -20.05 138.53
N ILE C 99 50.82 -19.94 139.83
CA ILE C 99 51.24 -18.76 140.58
C ILE C 99 52.76 -18.70 140.69
N ALA C 100 53.37 -19.82 141.08
CA ALA C 100 54.82 -19.86 141.16
C ALA C 100 55.46 -19.70 139.80
N LEU C 101 54.77 -20.13 138.73
CA LEU C 101 55.27 -19.92 137.38
C LEU C 101 55.39 -18.44 137.06
N GLU C 102 54.33 -17.69 137.38
CA GLU C 102 54.38 -16.24 137.15
C GLU C 102 55.45 -15.57 138.00
N THR C 103 55.59 -16.01 139.26
CA THR C 103 56.63 -15.42 140.11
C THR C 103 58.03 -15.68 139.54
N LEU C 104 58.31 -16.94 139.16
CA LEU C 104 59.61 -17.26 138.63
C LEU C 104 59.86 -16.58 137.28
N GLU C 105 58.79 -16.41 136.49
CA GLU C 105 58.91 -15.65 135.26
C GLU C 105 59.28 -14.20 135.54
N GLY C 106 58.67 -13.62 136.58
CA GLY C 106 59.05 -12.28 136.97
C GLY C 106 60.53 -12.20 137.34
N HIS C 107 61.00 -13.15 138.15
CA HIS C 107 62.41 -13.14 138.54
C HIS C 107 63.33 -13.30 137.33
N GLN C 108 63.01 -14.24 136.42
CA GLN C 108 63.86 -14.47 135.26
C GLN C 108 63.89 -13.24 134.35
N ARG C 109 62.72 -12.70 134.05
CA ARG C 109 62.63 -11.55 133.16
C ARG C 109 63.26 -10.31 133.80
N ALA C 110 63.28 -10.23 135.14
CA ALA C 110 63.98 -9.15 135.80
C ALA C 110 65.49 -9.33 135.69
N ILE C 111 65.98 -10.56 135.90
CA ILE C 111 67.42 -10.81 135.78
C ILE C 111 67.89 -10.84 134.34
N MET C 112 66.96 -10.80 133.38
CA MET C 112 67.34 -10.75 131.98
C MET C 112 68.23 -9.56 131.68
N ALA C 113 67.92 -8.40 132.27
CA ALA C 113 68.70 -7.20 132.02
C ALA C 113 70.00 -7.15 132.80
N HIS C 114 70.23 -8.11 133.70
CA HIS C 114 71.51 -8.13 134.40
C HIS C 114 72.61 -8.71 133.52
N MET C 115 72.39 -9.91 132.98
CA MET C 115 73.36 -10.60 132.15
C MET C 115 72.99 -10.45 130.68
N THR C 116 73.97 -10.09 129.86
CA THR C 116 73.76 -9.95 128.43
C THR C 116 73.68 -11.31 127.76
N VAL C 117 73.17 -11.32 126.52
CA VAL C 117 73.03 -12.56 125.78
C VAL C 117 74.38 -13.24 125.58
N GLU C 118 75.40 -12.44 125.23
CA GLU C 118 76.75 -12.96 125.13
C GLU C 118 77.16 -13.67 126.41
N GLU C 119 76.73 -13.14 127.56
CA GLU C 119 76.98 -13.81 128.82
C GLU C 119 76.10 -15.04 128.98
N ILE C 120 74.83 -14.98 128.56
CA ILE C 120 73.91 -16.05 128.90
C ILE C 120 74.25 -17.34 128.16
N TYR C 121 74.62 -17.26 126.88
CA TYR C 121 74.89 -18.54 126.22
C TYR C 121 76.31 -19.03 126.49
N LYS C 122 77.26 -18.11 126.70
CA LYS C 122 78.63 -18.50 127.01
C LYS C 122 78.78 -18.83 128.49
N ASP C 123 78.58 -17.84 129.36
CA ASP C 123 78.72 -18.03 130.79
C ASP C 123 77.36 -18.32 131.41
N ARG C 124 76.94 -19.58 131.37
CA ARG C 124 75.60 -19.96 131.80
C ARG C 124 75.57 -20.46 133.24
N GLN C 125 76.70 -20.98 133.73
CA GLN C 125 76.71 -21.56 135.08
C GLN C 125 76.51 -20.48 136.14
N LYS C 126 77.25 -19.38 136.04
CA LYS C 126 77.10 -18.31 137.02
C LYS C 126 75.72 -17.67 136.91
N PHE C 127 75.23 -17.49 135.69
CA PHE C 127 73.86 -17.01 135.49
C PHE C 127 72.85 -17.90 136.21
N SER C 128 72.92 -19.21 135.97
CA SER C 128 71.96 -20.13 136.58
C SER C 128 72.08 -20.12 138.10
N GLU C 129 73.31 -20.05 138.61
CA GLU C 129 73.50 -20.04 140.06
C GLU C 129 72.90 -18.79 140.69
N GLN C 130 73.11 -17.62 140.08
CA GLN C 130 72.53 -16.39 140.63
C GLN C 130 71.01 -16.39 140.53
N VAL C 131 70.48 -16.86 139.40
CA VAL C 131 69.03 -16.97 139.25
C VAL C 131 68.46 -17.88 140.33
N PHE C 132 69.09 -19.05 140.53
CA PHE C 132 68.63 -19.98 141.55
C PHE C 132 68.69 -19.35 142.93
N LYS C 133 69.78 -18.66 143.24
CA LYS C 133 69.91 -18.04 144.56
C LYS C 133 68.79 -17.04 144.82
N VAL C 134 68.59 -16.09 143.90
CA VAL C 134 67.62 -15.03 144.13
C VAL C 134 66.20 -15.58 144.14
N ALA C 135 65.87 -16.42 143.15
CA ALA C 135 64.53 -16.98 143.08
C ALA C 135 64.25 -17.88 144.29
N SER C 136 65.22 -18.68 144.70
CA SER C 136 65.03 -19.55 145.85
C SER C 136 64.82 -18.74 147.12
N SER C 137 65.58 -17.64 147.29
CA SER C 137 65.36 -16.79 148.45
C SER C 137 63.95 -16.23 148.46
N ASP C 138 63.54 -15.61 147.36
CA ASP C 138 62.23 -14.93 147.35
C ASP C 138 61.08 -15.92 147.34
N LEU C 139 61.34 -17.19 146.97
CA LEU C 139 60.26 -18.17 146.92
C LEU C 139 60.18 -18.97 148.22
N VAL C 140 61.31 -19.17 148.89
CA VAL C 140 61.29 -19.69 150.26
C VAL C 140 60.61 -18.68 151.17
N ASN C 141 60.81 -17.39 150.88
CA ASN C 141 60.01 -16.37 151.55
C ASN C 141 58.53 -16.62 151.33
N MET C 142 58.16 -17.04 150.12
CA MET C 142 56.76 -17.39 149.86
C MET C 142 56.45 -18.80 150.36
N GLY C 143 57.42 -19.72 150.27
CA GLY C 143 57.27 -21.05 150.83
C GLY C 143 57.62 -22.21 149.92
N ILE C 144 58.00 -21.98 148.67
CA ILE C 144 58.39 -23.03 147.74
C ILE C 144 59.88 -22.91 147.47
N SER C 145 60.57 -24.05 147.53
CA SER C 145 62.01 -24.11 147.22
C SER C 145 62.17 -24.76 145.85
N VAL C 146 62.89 -24.08 144.97
CA VAL C 146 63.14 -24.58 143.61
C VAL C 146 64.25 -25.61 143.68
N VAL C 147 63.97 -26.82 143.21
CA VAL C 147 64.98 -27.88 143.21
C VAL C 147 66.11 -27.53 142.24
N SER C 148 65.74 -27.15 141.02
CA SER C 148 66.74 -26.82 140.00
C SER C 148 66.06 -26.01 138.91
N TYR C 149 66.72 -24.94 138.49
CA TYR C 149 66.25 -24.08 137.41
C TYR C 149 67.21 -24.16 136.23
N THR C 150 66.66 -24.18 135.03
CA THR C 150 67.47 -24.20 133.82
C THR C 150 66.82 -23.33 132.77
N LEU C 151 67.57 -23.03 131.71
CA LEU C 151 67.09 -22.25 130.59
C LEU C 151 66.86 -23.18 129.40
N LYS C 152 65.63 -23.22 128.90
CA LYS C 152 65.27 -24.19 127.89
C LYS C 152 65.85 -23.83 126.53
N ASP C 153 65.46 -22.67 125.99
CA ASP C 153 65.90 -22.28 124.66
C ASP C 153 66.02 -20.77 124.60
N ILE C 154 66.88 -20.30 123.70
CA ILE C 154 67.05 -18.88 123.41
C ILE C 154 66.78 -18.68 121.92
N HIS C 155 65.89 -17.76 121.60
CA HIS C 155 65.49 -17.50 120.23
C HIS C 155 65.60 -16.00 119.95
N ASP C 156 66.02 -15.67 118.74
CA ASP C 156 66.14 -14.27 118.30
C ASP C 156 65.38 -14.10 117.00
N ASP C 157 64.37 -13.25 117.01
CA ASP C 157 63.61 -12.93 115.81
C ASP C 157 64.19 -11.75 115.03
N GLN C 158 65.23 -11.11 115.56
CA GLN C 158 65.85 -9.95 114.94
C GLN C 158 67.08 -10.31 114.12
N ASP C 159 67.40 -11.60 113.99
CA ASP C 159 68.58 -12.10 113.31
C ASP C 159 69.87 -11.62 113.96
N TYR C 160 69.85 -11.39 115.28
CA TYR C 160 71.02 -10.87 115.98
C TYR C 160 72.13 -11.91 116.05
N LEU C 161 71.77 -13.17 116.35
CA LEU C 161 72.78 -14.18 116.63
C LEU C 161 73.15 -14.97 115.39
N HIS C 162 72.31 -14.90 114.34
CA HIS C 162 72.58 -15.66 113.13
C HIS C 162 73.87 -15.20 112.46
N SER C 163 74.13 -13.89 112.45
CA SER C 163 75.37 -13.41 111.85
C SER C 163 76.59 -13.84 112.67
N LEU C 164 76.47 -13.81 113.99
CA LEU C 164 77.56 -14.29 114.84
C LEU C 164 77.86 -15.75 114.56
N GLY C 165 76.82 -16.54 114.33
CA GLY C 165 77.03 -17.92 113.92
C GLY C 165 77.68 -18.03 112.55
N LYS C 166 77.23 -17.19 111.60
CA LYS C 166 77.68 -17.30 110.22
C LYS C 166 79.14 -16.91 110.06
N ALA C 167 79.65 -16.08 110.97
CA ALA C 167 81.05 -15.68 110.92
C ALA C 167 81.99 -16.88 110.93
N ARG C 168 81.79 -17.78 111.89
CA ARG C 168 82.66 -18.95 111.99
C ARG C 168 82.44 -19.90 110.82
N THR C 169 81.21 -19.97 110.30
CA THR C 169 80.95 -20.80 109.13
C THR C 169 81.76 -20.31 107.93
N ALA C 170 81.84 -18.99 107.75
CA ALA C 170 82.72 -18.46 106.70
C ALA C 170 84.17 -18.79 107.00
N GLN C 171 84.56 -18.67 108.27
CA GLN C 171 85.96 -18.89 108.64
C GLN C 171 86.37 -20.34 108.40
N VAL C 172 85.42 -21.26 108.42
CA VAL C 172 85.76 -22.66 108.14
C VAL C 172 85.61 -22.96 106.66
N GLN C 173 84.69 -22.26 105.97
CA GLN C 173 84.54 -22.47 104.54
C GLN C 173 85.78 -22.00 103.79
N LYS C 174 86.49 -21.01 104.31
CA LYS C 174 87.75 -20.63 103.66
C LYS C 174 88.75 -21.78 103.69
N ASP C 175 88.81 -22.50 104.81
CA ASP C 175 89.64 -23.71 104.89
C ASP C 175 89.13 -24.80 103.95
N ALA C 176 87.81 -24.95 103.87
CA ALA C 176 87.23 -25.92 102.96
C ALA C 176 87.65 -25.64 101.52
N ARG C 177 87.72 -24.36 101.14
CA ARG C 177 88.14 -24.02 99.78
C ARG C 177 89.64 -24.15 99.61
N ILE C 178 90.42 -23.84 100.64
CA ILE C 178 91.88 -23.92 100.52
C ILE C 178 92.31 -25.37 100.31
N GLY C 179 91.63 -26.31 100.98
CA GLY C 179 91.96 -27.71 100.77
C GLY C 179 91.67 -28.16 99.35
N GLU C 180 90.53 -27.73 98.81
CA GLU C 180 90.18 -28.08 97.43
C GLU C 180 91.18 -27.49 96.45
N ALA C 181 91.61 -26.25 96.69
CA ALA C 181 92.60 -25.63 95.83
C ALA C 181 93.93 -26.38 95.86
N GLU C 182 94.39 -26.76 97.06
CA GLU C 182 95.57 -27.62 97.16
C GLU C 182 95.41 -28.88 96.34
N ALA C 183 94.31 -29.60 96.53
CA ALA C 183 94.12 -30.87 95.85
C ALA C 183 94.08 -30.69 94.34
N LYS C 184 93.36 -29.68 93.86
CA LYS C 184 93.24 -29.47 92.42
C LYS C 184 94.58 -29.10 91.80
N ARG C 185 95.35 -28.20 92.42
CA ARG C 185 96.65 -27.86 91.85
C ARG C 185 97.57 -29.07 91.84
N ASP C 186 97.61 -29.83 92.94
CA ASP C 186 98.48 -30.98 93.00
C ASP C 186 98.11 -32.05 91.98
N ALA C 187 96.80 -32.24 91.74
CA ALA C 187 96.40 -33.21 90.72
C ALA C 187 96.75 -32.72 89.33
N GLY C 188 96.41 -31.46 89.02
CA GLY C 188 96.61 -30.95 87.68
C GLY C 188 98.06 -30.88 87.25
N ILE C 189 98.96 -30.51 88.17
CA ILE C 189 100.37 -30.39 87.80
C ILE C 189 100.90 -31.69 87.21
N ARG C 190 100.78 -32.80 87.95
CA ARG C 190 101.32 -34.06 87.48
C ARG C 190 100.45 -34.71 86.41
N GLU C 191 99.13 -34.45 86.38
CA GLU C 191 98.34 -34.93 85.27
C GLU C 191 98.83 -34.34 83.96
N ALA C 192 99.04 -33.02 83.94
CA ALA C 192 99.55 -32.37 82.74
C ALA C 192 100.95 -32.88 82.39
N LYS C 193 101.79 -33.08 83.40
CA LYS C 193 103.13 -33.58 83.11
C LYS C 193 103.09 -34.96 82.47
N ALA C 194 102.27 -35.88 83.01
CA ALA C 194 102.17 -37.22 82.43
C ALA C 194 101.60 -37.16 81.03
N LYS C 195 100.59 -36.31 80.81
CA LYS C 195 100.09 -36.06 79.48
C LYS C 195 101.22 -35.66 78.54
N GLN C 196 102.09 -34.78 79.00
CA GLN C 196 103.22 -34.30 78.20
C GLN C 196 104.14 -35.46 77.81
N GLU C 197 104.53 -36.29 78.78
CA GLU C 197 105.41 -37.41 78.44
C GLU C 197 104.77 -38.36 77.46
N LYS C 198 103.48 -38.67 77.61
CA LYS C 198 102.90 -39.67 76.72
C LYS C 198 102.83 -39.11 75.31
N VAL C 199 102.48 -37.83 75.17
CA VAL C 199 102.44 -37.24 73.82
C VAL C 199 103.83 -37.19 73.21
N SER C 200 104.85 -36.84 74.01
CA SER C 200 106.20 -36.79 73.48
C SER C 200 106.65 -38.17 72.98
N ALA C 201 106.36 -39.21 73.75
CA ALA C 201 106.71 -40.56 73.31
C ALA C 201 105.93 -40.99 72.08
N GLN C 202 104.64 -40.64 72.01
CA GLN C 202 103.84 -40.99 70.85
C GLN C 202 104.40 -40.35 69.58
N TYR C 203 104.79 -39.08 69.66
CA TYR C 203 105.38 -38.44 68.49
C TYR C 203 106.77 -39.00 68.17
N LEU C 204 107.53 -39.39 69.19
CA LEU C 204 108.80 -40.05 68.93
C LEU C 204 108.60 -41.35 68.15
N SER C 205 107.57 -42.12 68.51
CA SER C 205 107.25 -43.32 67.75
C SER C 205 106.79 -42.98 66.34
N GLU C 206 105.99 -41.93 66.20
CA GLU C 206 105.54 -41.52 64.88
C GLU C 206 106.69 -41.06 63.99
N ILE C 207 107.81 -40.65 64.58
CA ILE C 207 109.01 -40.37 63.77
C ILE C 207 109.48 -41.64 63.06
N GLU C 208 109.62 -42.73 63.81
CA GLU C 208 110.00 -44.00 63.19
C GLU C 208 108.92 -44.52 62.24
N MET C 209 107.66 -44.18 62.51
CA MET C 209 106.60 -44.47 61.55
C MET C 209 106.93 -43.86 60.18
N ALA C 210 107.31 -42.59 60.16
CA ALA C 210 107.66 -41.94 58.91
C ALA C 210 108.96 -42.47 58.32
N LYS C 211 109.91 -42.86 59.18
CA LYS C 211 111.11 -43.55 58.70
C LYS C 211 110.75 -44.77 57.88
N ALA C 212 109.91 -45.65 58.44
CA ALA C 212 109.50 -46.85 57.72
C ALA C 212 108.67 -46.51 56.48
N GLN C 213 107.81 -45.50 56.58
CA GLN C 213 107.01 -45.10 55.43
C GLN C 213 107.89 -44.67 54.26
N ARG C 214 108.92 -43.86 54.54
CA ARG C 214 109.89 -43.51 53.51
C ARG C 214 110.59 -44.75 52.97
N ASP C 215 111.10 -45.59 53.87
CA ASP C 215 111.86 -46.77 53.45
C ASP C 215 111.04 -47.67 52.54
N TYR C 216 109.73 -47.73 52.72
CA TYR C 216 108.87 -48.53 51.85
C TYR C 216 108.49 -47.81 50.58
N GLU C 217 108.02 -46.57 50.69
CA GLU C 217 107.50 -45.83 49.54
C GLU C 217 108.57 -45.53 48.51
N LEU C 218 109.78 -45.14 48.95
CA LEU C 218 110.83 -44.82 48.00
C LEU C 218 111.20 -46.03 47.16
N LYS C 219 111.36 -47.19 47.79
CA LYS C 219 111.68 -48.40 47.03
C LYS C 219 110.53 -48.81 46.14
N LYS C 220 109.28 -48.67 46.61
CA LYS C 220 108.15 -49.02 45.76
C LYS C 220 108.13 -48.16 44.50
N ALA C 221 108.36 -46.85 44.65
CA ALA C 221 108.39 -45.97 43.49
C ALA C 221 109.57 -46.30 42.57
N ALA C 222 110.74 -46.59 43.15
CA ALA C 222 111.89 -46.92 42.32
C ALA C 222 111.65 -48.18 41.50
N TYR C 223 110.98 -49.18 42.09
CA TYR C 223 110.65 -50.39 41.35
C TYR C 223 109.57 -50.11 40.31
N ASP C 224 108.62 -49.24 40.64
CA ASP C 224 107.58 -48.87 39.67
C ASP C 224 108.16 -48.19 38.45
N ILE C 225 109.22 -47.42 38.62
CA ILE C 225 109.85 -46.78 37.46
C ILE C 225 110.31 -47.85 36.46
N GLU C 226 111.01 -48.87 36.95
CA GLU C 226 111.51 -49.91 36.07
C GLU C 226 110.37 -50.69 35.42
N VAL C 227 109.35 -51.05 36.22
CA VAL C 227 108.28 -51.84 35.63
C VAL C 227 107.52 -51.05 34.59
N ASN C 228 107.31 -49.74 34.82
CA ASN C 228 106.64 -48.92 33.83
C ASN C 228 107.46 -48.79 32.57
N THR C 229 108.78 -48.62 32.68
CA THR C 229 109.60 -48.54 31.48
C THR C 229 109.52 -49.82 30.65
N ARG C 230 109.65 -50.97 31.32
CA ARG C 230 109.60 -52.24 30.59
C ARG C 230 108.22 -52.48 29.98
N ARG C 231 107.15 -52.15 30.70
CA ARG C 231 105.81 -52.30 30.15
C ARG C 231 105.59 -51.39 28.94
N ALA C 232 106.12 -50.16 29.00
CA ALA C 232 106.02 -49.25 27.86
C ALA C 232 106.74 -49.82 26.65
N GLN C 233 107.92 -50.39 26.84
CA GLN C 233 108.62 -51.02 25.73
C GLN C 233 107.81 -52.19 25.17
N ALA C 234 107.26 -53.02 26.06
CA ALA C 234 106.54 -54.22 25.63
C ALA C 234 105.29 -53.87 24.84
N ASP C 235 104.59 -52.80 25.23
CA ASP C 235 103.37 -52.44 24.53
C ASP C 235 103.64 -52.09 23.06
N LEU C 236 104.69 -51.32 22.79
CA LEU C 236 104.94 -50.82 21.45
C LEU C 236 105.86 -51.73 20.64
N ALA C 237 106.41 -52.78 21.23
CA ALA C 237 107.14 -53.76 20.43
C ALA C 237 106.25 -54.34 19.33
N TYR C 238 104.97 -54.56 19.63
CA TYR C 238 104.04 -55.11 18.65
C TYR C 238 103.91 -54.18 17.45
N GLN C 239 103.70 -52.89 17.70
CA GLN C 239 103.57 -51.94 16.60
C GLN C 239 104.86 -51.83 15.81
N LEU C 240 106.01 -51.85 16.51
CA LEU C 240 107.28 -51.81 15.81
C LEU C 240 107.42 -52.97 14.84
N GLN C 241 107.14 -54.19 15.30
CA GLN C 241 107.28 -55.35 14.43
C GLN C 241 106.26 -55.35 13.31
N VAL C 242 105.01 -54.93 13.59
CA VAL C 242 104.00 -54.95 12.55
C VAL C 242 104.34 -53.94 11.46
N ALA C 243 104.93 -52.80 11.84
CA ALA C 243 105.40 -51.86 10.82
C ALA C 243 106.57 -52.45 10.04
N LYS C 244 107.51 -53.09 10.73
CA LYS C 244 108.68 -53.64 10.05
C LYS C 244 108.29 -54.69 9.03
N THR C 245 107.25 -55.47 9.31
CA THR C 245 106.79 -56.47 8.34
C THR C 245 105.82 -55.90 7.31
N LYS C 246 105.05 -54.86 7.67
CA LYS C 246 104.26 -54.15 6.68
C LYS C 246 105.15 -53.53 5.61
N GLN C 247 106.41 -53.24 5.95
CA GLN C 247 107.36 -52.82 4.92
C GLN C 247 107.39 -53.82 3.77
N GLN C 248 107.60 -55.10 4.07
CA GLN C 248 107.63 -56.12 3.02
C GLN C 248 106.27 -56.36 2.42
N ILE C 249 105.21 -56.26 3.24
CA ILE C 249 103.85 -56.40 2.71
C ILE C 249 103.63 -55.43 1.58
N GLU C 250 103.96 -54.15 1.79
CA GLU C 250 103.82 -53.14 0.76
C GLU C 250 104.83 -53.33 -0.37
N GLU C 251 106.05 -53.77 -0.04
CA GLU C 251 107.06 -54.00 -1.07
C GLU C 251 106.56 -54.98 -2.13
N GLN C 252 105.82 -56.00 -1.72
CA GLN C 252 105.25 -56.94 -2.68
C GLN C 252 103.91 -56.50 -3.26
N ARG C 253 103.08 -55.82 -2.44
CA ARG C 253 101.80 -55.33 -2.94
C ARG C 253 101.99 -54.27 -3.99
N VAL C 254 103.19 -53.68 -4.08
CA VAL C 254 103.48 -52.79 -5.21
C VAL C 254 104.21 -53.52 -6.33
N GLN C 255 104.95 -54.58 -6.01
CA GLN C 255 105.58 -55.39 -7.05
C GLN C 255 104.56 -56.03 -7.98
N VAL C 256 103.37 -56.34 -7.46
CA VAL C 256 102.33 -56.83 -8.36
C VAL C 256 101.99 -55.79 -9.42
N GLN C 257 102.02 -54.50 -9.07
CA GLN C 257 101.81 -53.45 -10.06
C GLN C 257 102.93 -53.41 -11.11
N VAL C 258 104.17 -53.63 -10.69
CA VAL C 258 105.28 -53.70 -11.64
C VAL C 258 105.04 -54.81 -12.65
N VAL C 259 104.60 -55.97 -12.17
CA VAL C 259 104.29 -57.08 -13.08
C VAL C 259 103.16 -56.70 -14.02
N GLU C 260 102.10 -56.07 -13.51
CA GLU C 260 101.00 -55.61 -14.34
C GLU C 260 101.48 -54.73 -15.49
N ARG C 261 102.29 -53.73 -15.18
CA ARG C 261 102.74 -52.82 -16.23
C ARG C 261 103.73 -53.48 -17.18
N ALA C 262 104.63 -54.31 -16.66
CA ALA C 262 105.60 -55.01 -17.48
C ALA C 262 104.97 -56.04 -18.39
N GLN C 263 103.71 -56.39 -18.17
CA GLN C 263 102.99 -57.18 -19.16
C GLN C 263 102.04 -56.36 -20.02
N GLN C 264 101.52 -55.24 -19.52
CA GLN C 264 100.80 -54.32 -20.39
C GLN C 264 101.68 -53.79 -21.50
N VAL C 265 102.99 -53.70 -21.27
CA VAL C 265 103.88 -53.30 -22.35
C VAL C 265 103.87 -54.34 -23.47
N ALA C 266 103.79 -55.63 -23.13
CA ALA C 266 103.68 -56.65 -24.16
C ALA C 266 102.31 -56.62 -24.84
N VAL C 267 101.27 -56.30 -24.06
CA VAL C 267 99.96 -56.09 -24.66
C VAL C 267 100.03 -55.02 -25.74
N GLN C 268 100.69 -53.90 -25.45
CA GLN C 268 100.84 -52.84 -26.44
C GLN C 268 101.78 -53.26 -27.57
N GLU C 269 102.75 -54.13 -27.28
CA GLU C 269 103.64 -54.64 -28.32
C GLU C 269 102.86 -55.42 -29.36
N GLN C 270 101.85 -56.17 -28.93
CA GLN C 270 100.95 -56.81 -29.90
C GLN C 270 99.99 -55.81 -30.52
N GLU C 271 99.58 -54.80 -29.74
CA GLU C 271 98.64 -53.82 -30.24
C GLU C 271 99.22 -53.00 -31.38
N ILE C 272 100.53 -52.76 -31.38
CA ILE C 272 101.10 -51.96 -32.46
C ILE C 272 100.95 -52.68 -33.80
N ALA C 273 101.20 -53.98 -33.83
CA ALA C 273 101.04 -54.73 -35.08
C ALA C 273 99.56 -54.90 -35.43
N ARG C 274 98.70 -55.05 -34.41
CA ARG C 274 97.27 -55.09 -34.69
C ARG C 274 96.80 -53.80 -35.36
N ARG C 275 97.27 -52.66 -34.85
CA ARG C 275 96.95 -51.38 -35.45
C ARG C 275 97.53 -51.27 -36.85
N GLU C 276 98.78 -51.73 -37.04
CA GLU C 276 99.33 -51.83 -38.39
C GLU C 276 98.34 -52.47 -39.35
N LYS C 277 97.96 -53.72 -39.06
CA LYS C 277 97.10 -54.47 -39.97
C LYS C 277 95.74 -53.81 -40.14
N GLU C 278 95.09 -53.45 -39.03
CA GLU C 278 93.74 -52.90 -39.10
C GLU C 278 93.71 -51.57 -39.83
N LEU C 279 94.67 -50.70 -39.53
CA LEU C 279 94.75 -49.40 -40.19
C LEU C 279 95.04 -49.55 -41.68
N GLU C 280 95.93 -50.48 -42.03
CA GLU C 280 96.14 -50.75 -43.45
C GLU C 280 94.84 -51.15 -44.13
N ALA C 281 94.14 -52.13 -43.56
CA ALA C 281 92.91 -52.62 -44.16
C ALA C 281 91.85 -51.54 -44.28
N ARG C 282 91.71 -50.68 -43.27
CA ARG C 282 90.64 -49.70 -43.26
C ARG C 282 91.01 -48.35 -43.87
N VAL C 283 92.27 -48.15 -44.27
CA VAL C 283 92.65 -46.87 -44.86
C VAL C 283 93.30 -47.06 -46.22
N ARG C 284 94.37 -47.86 -46.29
CA ARG C 284 95.18 -47.89 -47.49
C ARG C 284 94.43 -48.55 -48.66
N LYS C 285 93.83 -49.71 -48.41
CA LYS C 285 93.05 -50.38 -49.45
C LYS C 285 91.86 -49.56 -49.91
N PRO C 286 91.04 -48.97 -49.03
CA PRO C 286 89.97 -48.08 -49.53
C PRO C 286 90.49 -46.91 -50.33
N ALA C 287 91.65 -46.35 -49.96
CA ALA C 287 92.24 -45.27 -50.75
C ALA C 287 92.63 -45.75 -52.14
N GLU C 288 93.25 -46.93 -52.25
CA GLU C 288 93.59 -47.47 -53.55
C GLU C 288 92.35 -47.71 -54.40
N ALA C 289 91.31 -48.28 -53.79
CA ALA C 289 90.06 -48.54 -54.52
C ALA C 289 89.42 -47.24 -54.99
N GLU C 290 89.40 -46.22 -54.13
CA GLU C 290 88.84 -44.94 -54.54
C GLU C 290 89.66 -44.29 -55.64
N ARG C 291 90.98 -44.41 -55.58
CA ARG C 291 91.81 -43.88 -56.67
C ARG C 291 91.51 -44.57 -57.98
N TYR C 292 91.35 -45.89 -57.96
CA TYR C 292 91.03 -46.62 -59.18
C TYR C 292 89.65 -46.22 -59.71
N LYS C 293 88.69 -46.06 -58.81
CA LYS C 293 87.35 -45.63 -59.22
C LYS C 293 87.38 -44.25 -59.86
N LEU C 294 88.11 -43.31 -59.25
CA LEU C 294 88.23 -41.98 -59.82
C LEU C 294 88.93 -42.01 -61.17
N GLU C 295 89.99 -42.81 -61.30
CA GLU C 295 90.68 -42.96 -62.58
C GLU C 295 89.73 -43.44 -63.66
N ARG C 296 88.96 -44.49 -63.38
CA ARG C 296 88.08 -45.05 -64.41
C ARG C 296 86.94 -44.11 -64.74
N LEU C 297 86.33 -43.48 -63.74
CA LEU C 297 85.25 -42.54 -64.03
C LEU C 297 85.75 -41.33 -64.81
N ALA C 298 86.93 -40.82 -64.47
CA ALA C 298 87.50 -39.71 -65.22
C ALA C 298 87.81 -40.11 -66.65
N GLU C 299 88.33 -41.33 -66.86
CA GLU C 299 88.58 -41.79 -68.21
C GLU C 299 87.28 -41.88 -69.01
N ALA C 300 86.22 -42.38 -68.38
CA ALA C 300 84.93 -42.45 -69.06
C ALA C 300 84.40 -41.05 -69.39
N GLU C 301 84.55 -40.11 -68.47
CA GLU C 301 84.07 -38.75 -68.73
C GLU C 301 84.85 -38.11 -69.87
N LYS C 302 86.16 -38.31 -69.92
CA LYS C 302 86.94 -37.80 -71.04
C LYS C 302 86.50 -38.44 -72.35
N SER C 303 86.28 -39.77 -72.34
CA SER C 303 85.87 -40.46 -73.56
C SER C 303 84.52 -39.96 -74.04
N GLN C 304 83.62 -39.64 -73.13
CA GLN C 304 82.32 -39.12 -73.53
C GLN C 304 82.44 -37.68 -74.04
N LEU C 305 83.20 -36.83 -73.34
CA LEU C 305 83.27 -35.42 -73.70
C LEU C 305 83.97 -35.23 -75.04
N ILE C 306 85.04 -35.99 -75.30
CA ILE C 306 85.77 -35.83 -76.55
C ILE C 306 84.86 -36.09 -77.75
N MET C 307 84.07 -37.15 -77.70
CA MET C 307 83.24 -37.51 -78.84
C MET C 307 81.94 -36.74 -78.90
N GLN C 308 81.42 -36.27 -77.77
CA GLN C 308 80.32 -35.30 -77.82
C GLN C 308 80.78 -34.01 -78.48
N ALA C 309 82.00 -33.56 -78.15
CA ALA C 309 82.58 -32.39 -78.80
C ALA C 309 82.76 -32.63 -80.29
N GLU C 310 83.24 -33.82 -80.67
CA GLU C 310 83.38 -34.14 -82.09
C GLU C 310 82.04 -34.09 -82.80
N ALA C 311 81.00 -34.63 -82.17
CA ALA C 311 79.67 -34.59 -82.77
C ALA C 311 79.18 -33.16 -82.93
N GLU C 312 79.39 -32.32 -81.92
CA GLU C 312 78.96 -30.93 -82.02
C GLU C 312 79.72 -30.20 -83.13
N ALA C 313 81.03 -30.46 -83.24
CA ALA C 313 81.83 -29.82 -84.28
C ALA C 313 81.36 -30.25 -85.67
N ALA C 314 81.08 -31.54 -85.84
CA ALA C 314 80.58 -32.01 -87.13
C ALA C 314 79.22 -31.39 -87.44
N SER C 315 78.34 -31.28 -86.44
CA SER C 315 77.06 -30.63 -86.63
C SER C 315 77.23 -29.19 -87.11
N VAL C 316 78.09 -28.44 -86.42
CA VAL C 316 78.31 -27.04 -86.80
C VAL C 316 78.87 -26.94 -88.21
N ARG C 317 79.87 -27.78 -88.52
CA ARG C 317 80.47 -27.77 -89.85
C ARG C 317 79.44 -28.02 -90.92
N MET C 318 78.64 -29.09 -90.78
CA MET C 318 77.69 -29.45 -91.82
C MET C 318 76.58 -28.43 -91.97
N ARG C 319 76.01 -27.95 -90.86
CA ARG C 319 74.94 -26.96 -90.95
C ARG C 319 75.45 -25.66 -91.57
N GLY C 320 76.64 -25.22 -91.17
CA GLY C 320 77.20 -24.01 -91.76
C GLY C 320 77.49 -24.16 -93.23
N GLU C 321 78.03 -25.30 -93.65
CA GLU C 321 78.29 -25.53 -95.07
C GLU C 321 76.99 -25.53 -95.85
N ALA C 322 75.95 -26.17 -95.33
CA ALA C 322 74.66 -26.18 -96.02
C ALA C 322 74.09 -24.78 -96.16
N GLU C 323 74.15 -23.98 -95.09
CA GLU C 323 73.55 -22.65 -95.17
C GLU C 323 74.38 -21.75 -96.07
N ALA C 324 75.70 -21.93 -96.10
CA ALA C 324 76.54 -21.16 -97.03
C ALA C 324 76.23 -21.52 -98.48
N PHE C 325 76.02 -22.81 -98.76
CA PHE C 325 75.63 -23.20 -100.11
C PHE C 325 74.29 -22.61 -100.48
N ALA C 326 73.36 -22.56 -99.54
CA ALA C 326 72.07 -21.92 -99.78
C ALA C 326 72.22 -20.42 -100.06
N ILE C 327 73.12 -19.76 -99.33
CA ILE C 327 73.40 -18.34 -99.59
C ILE C 327 73.93 -18.17 -101.00
N GLY C 328 74.87 -19.03 -101.41
CA GLY C 328 75.36 -18.98 -102.78
C GLY C 328 74.28 -19.23 -103.80
N ALA C 329 73.33 -20.10 -103.49
CA ALA C 329 72.22 -20.37 -104.41
C ALA C 329 71.37 -19.13 -104.62
N ARG C 330 70.92 -18.50 -103.54
CA ARG C 330 70.21 -17.24 -103.72
C ARG C 330 71.08 -16.17 -104.37
N ALA C 331 72.40 -16.21 -104.14
CA ALA C 331 73.28 -15.24 -104.78
C ALA C 331 73.23 -15.36 -106.29
N ARG C 332 73.44 -16.58 -106.80
CA ARG C 332 73.37 -16.81 -108.24
C ARG C 332 72.00 -16.48 -108.80
N ALA C 333 70.94 -16.87 -108.10
CA ALA C 333 69.59 -16.57 -108.55
C ALA C 333 69.36 -15.07 -108.64
N GLU C 334 69.78 -14.33 -107.61
CA GLU C 334 69.55 -12.89 -107.59
C GLU C 334 70.39 -12.17 -108.64
N ALA C 335 71.60 -12.67 -108.91
CA ALA C 335 72.42 -12.05 -109.95
C ALA C 335 71.78 -12.24 -111.33
N GLU C 336 71.41 -13.48 -111.65
CA GLU C 336 70.74 -13.72 -112.92
C GLU C 336 69.40 -13.00 -112.99
N GLN C 337 68.81 -12.72 -111.82
CA GLN C 337 67.56 -11.97 -111.76
C GLN C 337 67.78 -10.50 -112.09
N MET C 338 68.81 -9.89 -111.50
CA MET C 338 69.04 -8.46 -111.65
C MET C 338 69.60 -8.12 -113.02
N ALA C 339 70.29 -9.08 -113.66
CA ALA C 339 70.74 -8.83 -115.02
C ALA C 339 69.58 -8.46 -115.94
N LYS C 340 68.47 -9.21 -115.85
CA LYS C 340 67.32 -8.89 -116.67
C LYS C 340 66.62 -7.61 -116.23
N LYS C 341 66.65 -7.29 -114.93
CA LYS C 341 66.16 -5.98 -114.51
C LYS C 341 66.90 -4.86 -115.22
N ALA C 342 68.23 -4.94 -115.25
CA ALA C 342 69.00 -3.92 -115.95
C ALA C 342 68.67 -3.90 -117.45
N GLU C 343 68.56 -5.09 -118.05
CA GLU C 343 68.25 -5.15 -119.48
C GLU C 343 66.90 -4.51 -119.78
N ALA C 344 65.89 -4.77 -118.95
CA ALA C 344 64.58 -4.17 -119.14
C ALA C 344 64.62 -2.67 -118.92
N PHE C 345 65.30 -2.22 -117.86
CA PHE C 345 65.40 -0.79 -117.60
C PHE C 345 66.07 -0.04 -118.74
N GLN C 346 66.96 -0.70 -119.49
CA GLN C 346 67.63 -0.01 -120.59
C GLN C 346 66.63 0.56 -121.60
N LEU C 347 65.50 -0.11 -121.80
CA LEU C 347 64.50 0.33 -122.77
C LEU C 347 63.41 1.18 -122.11
N TYR C 348 63.81 2.24 -121.41
CA TYR C 348 62.88 3.17 -120.78
C TYR C 348 63.07 4.56 -121.36
N GLN C 349 61.97 5.14 -121.85
CA GLN C 349 61.95 6.49 -122.39
C GLN C 349 61.45 7.45 -121.32
N GLU C 350 61.18 8.69 -121.73
CA GLU C 350 60.71 9.70 -120.79
C GLU C 350 59.36 9.36 -120.19
N ALA C 351 58.48 8.68 -120.94
CA ALA C 351 57.18 8.31 -120.41
C ALA C 351 57.32 7.37 -119.23
N ALA C 352 58.22 6.39 -119.34
CA ALA C 352 58.41 5.43 -118.26
C ALA C 352 59.00 6.08 -117.01
N GLN C 353 59.98 6.97 -117.19
CA GLN C 353 60.55 7.68 -116.05
C GLN C 353 59.50 8.57 -115.40
N LEU C 354 58.66 9.22 -116.20
CA LEU C 354 57.56 10.00 -115.65
C LEU C 354 56.60 9.13 -114.87
N ASP C 355 56.30 7.94 -115.37
CA ASP C 355 55.42 7.02 -114.64
C ASP C 355 56.04 6.62 -113.31
N MET C 356 57.34 6.32 -113.30
CA MET C 356 58.00 5.95 -112.06
C MET C 356 57.99 7.09 -111.06
N LEU C 357 58.28 8.31 -111.52
CA LEU C 357 58.28 9.47 -110.63
C LEU C 357 56.90 9.72 -110.05
N LEU C 358 55.86 9.64 -110.88
CA LEU C 358 54.51 9.87 -110.39
C LEU C 358 53.94 8.70 -109.60
N GLU C 359 54.56 7.52 -109.69
CA GLU C 359 54.20 6.43 -108.80
C GLU C 359 54.90 6.55 -107.45
N LYS C 360 56.09 7.12 -107.42
CA LYS C 360 56.83 7.27 -106.18
C LYS C 360 56.49 8.52 -105.40
N LEU C 361 56.02 9.57 -106.06
CA LEU C 361 55.66 10.79 -105.33
C LEU C 361 54.60 10.57 -104.26
N PRO C 362 53.49 9.87 -104.51
CA PRO C 362 52.51 9.67 -103.42
C PRO C 362 53.08 8.96 -102.21
N GLN C 363 54.00 8.02 -102.39
CA GLN C 363 54.57 7.31 -101.25
C GLN C 363 55.41 8.24 -100.38
N VAL C 364 56.22 9.09 -101.02
CA VAL C 364 57.00 10.07 -100.26
C VAL C 364 56.07 11.05 -99.55
N ALA C 365 55.00 11.46 -100.24
CA ALA C 365 54.03 12.35 -99.61
C ALA C 365 53.39 11.70 -98.38
N GLU C 366 53.04 10.41 -98.48
CA GLU C 366 52.53 9.69 -97.32
C GLU C 366 53.56 9.65 -96.19
N GLU C 367 54.81 9.31 -96.51
CA GLU C 367 55.81 9.20 -95.46
C GLU C 367 56.14 10.54 -94.83
N ILE C 368 55.85 11.66 -95.50
CA ILE C 368 56.17 12.95 -94.91
C ILE C 368 54.94 13.55 -94.23
N SER C 369 53.75 13.13 -94.63
CA SER C 369 52.51 13.68 -94.07
C SER C 369 51.86 12.76 -93.04
N GLY C 370 52.41 11.57 -92.82
CA GLY C 370 51.89 10.69 -91.80
C GLY C 370 52.21 11.18 -90.41
N PRO C 371 53.49 11.42 -90.12
CA PRO C 371 53.83 12.00 -88.81
C PRO C 371 53.23 13.37 -88.58
N LEU C 372 53.07 14.19 -89.62
CA LEU C 372 52.56 15.53 -89.43
C LEU C 372 51.09 15.53 -89.01
N THR C 373 50.31 14.59 -89.52
CA THR C 373 48.89 14.54 -89.18
C THR C 373 48.62 13.95 -87.81
N SER C 374 49.65 13.78 -86.98
CA SER C 374 49.48 13.36 -85.60
C SER C 374 49.28 14.53 -84.65
N ALA C 375 49.33 15.76 -85.15
CA ALA C 375 49.09 16.92 -84.29
C ALA C 375 47.65 16.93 -83.79
N ASN C 376 47.49 17.29 -82.52
CA ASN C 376 46.17 17.27 -81.91
C ASN C 376 45.27 18.36 -82.50
N LYS C 377 45.78 19.58 -82.56
CA LYS C 377 45.00 20.69 -83.11
C LYS C 377 45.94 21.66 -83.83
N ILE C 378 45.40 22.33 -84.83
CA ILE C 378 46.12 23.33 -85.61
C ILE C 378 45.26 24.57 -85.70
N THR C 379 45.82 25.72 -85.34
CA THR C 379 45.11 26.99 -85.32
C THR C 379 45.67 27.88 -86.41
N LEU C 380 44.78 28.43 -87.24
CA LEU C 380 45.16 29.27 -88.37
C LEU C 380 44.58 30.67 -88.15
N VAL C 381 45.42 31.69 -88.30
CA VAL C 381 45.02 33.07 -88.09
C VAL C 381 45.59 33.93 -89.21
N SER C 382 44.77 34.81 -89.75
CA SER C 382 45.17 35.71 -90.82
C SER C 382 44.94 37.16 -90.40
N SER C 383 45.61 38.06 -91.12
CA SER C 383 45.48 39.49 -90.85
C SER C 383 45.98 40.26 -92.06
N GLY C 384 45.34 41.38 -92.35
CA GLY C 384 45.75 42.16 -93.50
C GLY C 384 45.47 41.43 -94.79
N SER C 385 46.30 41.67 -95.79
CA SER C 385 46.17 41.05 -97.10
C SER C 385 46.82 39.67 -97.15
N GLY C 386 47.09 39.07 -96.00
CA GLY C 386 47.74 37.78 -95.96
C GLY C 386 46.76 36.63 -96.17
N THR C 387 47.32 35.43 -96.20
CA THR C 387 46.57 34.21 -96.38
C THR C 387 46.12 33.65 -95.03
N MET C 388 45.19 32.69 -95.07
CA MET C 388 44.64 32.09 -93.87
C MET C 388 45.64 31.17 -93.18
N GLY C 389 46.39 30.36 -93.94
CA GLY C 389 47.40 29.49 -93.38
C GLY C 389 47.40 28.07 -93.88
N ALA C 390 46.35 27.63 -94.58
CA ALA C 390 46.35 26.27 -95.10
C ALA C 390 47.41 26.11 -96.18
N ALA C 391 47.57 27.14 -97.02
CA ALA C 391 48.66 27.15 -97.98
C ALA C 391 50.01 27.03 -97.30
N LYS C 392 50.15 27.55 -96.08
CA LYS C 392 51.41 27.39 -95.36
C LYS C 392 51.71 25.93 -95.05
N VAL C 393 50.71 25.19 -94.58
CA VAL C 393 50.92 23.78 -94.26
C VAL C 393 51.21 22.98 -95.53
N THR C 394 50.41 23.21 -96.58
CA THR C 394 50.64 22.50 -97.83
C THR C 394 52.02 22.84 -98.41
N GLY C 395 52.42 24.11 -98.31
CA GLY C 395 53.72 24.51 -98.78
C GLY C 395 54.85 23.90 -97.97
N GLU C 396 54.66 23.76 -96.66
CA GLU C 396 55.68 23.09 -95.86
C GLU C 396 55.85 21.64 -96.28
N VAL C 397 54.74 20.92 -96.47
CA VAL C 397 54.83 19.52 -96.89
C VAL C 397 55.48 19.43 -98.27
N LEU C 398 55.04 20.28 -99.21
CA LEU C 398 55.58 20.22 -100.56
C LEU C 398 57.05 20.63 -100.60
N ASP C 399 57.43 21.61 -99.77
CA ASP C 399 58.82 22.05 -99.73
C ASP C 399 59.72 20.94 -99.19
N ILE C 400 59.27 20.23 -98.15
CA ILE C 400 60.06 19.09 -97.69
C ILE C 400 60.15 18.02 -98.78
N LEU C 401 59.03 17.74 -99.44
CA LEU C 401 59.01 16.70 -100.47
C LEU C 401 59.88 17.07 -101.66
N THR C 402 60.08 18.35 -101.91
CA THR C 402 60.90 18.79 -103.04
C THR C 402 62.35 19.04 -102.66
N ARG C 403 62.62 19.29 -101.39
CA ARG C 403 64.00 19.49 -100.96
C ARG C 403 64.67 18.17 -100.61
N LEU C 404 63.90 17.13 -100.27
CA LEU C 404 64.50 15.83 -100.03
C LEU C 404 65.26 15.29 -101.23
N PRO C 405 64.72 15.32 -102.47
CA PRO C 405 65.53 14.87 -103.61
C PRO C 405 66.80 15.67 -103.81
N GLU C 406 66.79 16.96 -103.49
CA GLU C 406 68.02 17.75 -103.64
C GLU C 406 69.03 17.39 -102.55
N SER C 407 68.55 17.11 -101.32
CA SER C 407 69.47 16.68 -100.28
C SER C 407 70.10 15.34 -100.65
N VAL C 408 69.32 14.42 -101.21
CA VAL C 408 69.88 13.16 -101.70
C VAL C 408 70.81 13.39 -102.88
N GLU C 409 70.47 14.38 -103.73
CA GLU C 409 71.34 14.78 -104.83
C GLU C 409 72.72 15.18 -104.33
N ARG C 410 72.77 15.90 -103.20
CA ARG C 410 74.05 16.39 -102.68
C ARG C 410 75.01 15.24 -102.41
N LEU C 411 74.49 14.09 -102.00
CA LEU C 411 75.36 12.95 -101.73
C LEU C 411 75.56 12.06 -102.95
N THR C 412 74.45 11.60 -103.54
CA THR C 412 74.56 10.63 -104.63
C THR C 412 75.17 11.24 -105.87
N GLY C 413 74.67 12.40 -106.28
CA GLY C 413 75.14 13.04 -107.50
C GLY C 413 74.48 12.56 -108.77
N VAL C 414 73.34 11.88 -108.68
CA VAL C 414 72.61 11.39 -109.84
C VAL C 414 71.23 12.02 -109.87
N SER C 415 70.85 12.55 -111.03
CA SER C 415 69.63 13.33 -111.16
C SER C 415 68.40 12.47 -110.89
N ILE C 416 67.33 13.14 -110.43
CA ILE C 416 66.08 12.47 -110.13
C ILE C 416 64.95 12.95 -111.05
N SER C 417 65.04 14.15 -111.60
CA SER C 417 64.04 14.67 -112.52
C SER C 417 64.65 14.84 -113.90
N GLN C 418 63.91 14.41 -114.92
CA GLN C 418 64.43 14.47 -116.29
C GLN C 418 64.42 15.89 -116.83
N VAL C 419 63.52 16.74 -116.34
CA VAL C 419 63.46 18.12 -116.79
C VAL C 419 63.46 19.06 -115.59
N MET D 1 44.49 -53.41 154.67
CA MET D 1 44.04 -54.80 154.79
C MET D 1 45.22 -55.73 154.52
N GLY D 2 45.91 -55.50 153.41
CA GLY D 2 47.05 -56.31 153.03
C GLY D 2 48.17 -56.30 154.06
N ASN D 3 48.71 -57.47 154.37
CA ASN D 3 49.72 -57.61 155.40
C ASN D 3 50.91 -58.39 154.87
N CYS D 4 52.11 -58.03 155.35
CA CYS D 4 53.34 -58.78 155.09
C CYS D 4 53.62 -58.91 153.60
N HIS D 5 53.91 -57.75 152.99
CA HIS D 5 54.23 -57.68 151.58
C HIS D 5 55.74 -57.57 151.35
N THR D 6 56.19 -58.20 150.27
CA THR D 6 57.58 -58.15 149.85
C THR D 6 57.63 -57.84 148.36
N VAL D 7 58.73 -57.21 147.94
CA VAL D 7 58.91 -56.77 146.56
C VAL D 7 60.24 -57.29 146.04
N GLY D 8 60.32 -57.47 144.73
CA GLY D 8 61.53 -57.93 144.09
C GLY D 8 62.60 -56.86 144.04
N PRO D 9 63.82 -57.25 143.65
CA PRO D 9 64.93 -56.28 143.62
C PRO D 9 64.75 -55.16 142.61
N ASN D 10 63.86 -55.30 141.63
CA ASN D 10 63.67 -54.25 140.63
C ASN D 10 62.98 -53.02 141.21
N GLU D 11 62.12 -53.19 142.19
CA GLU D 11 61.36 -52.08 142.76
C GLU D 11 61.61 -51.98 144.25
N ALA D 12 61.58 -50.76 144.77
CA ALA D 12 61.83 -50.48 146.17
C ALA D 12 60.50 -50.27 146.87
N LEU D 13 60.27 -51.00 147.96
CA LEU D 13 59.07 -50.84 148.76
C LEU D 13 59.28 -49.74 149.79
N VAL D 14 58.34 -48.80 149.85
CA VAL D 14 58.41 -47.69 150.79
C VAL D 14 57.21 -47.77 151.72
N VAL D 15 57.46 -47.69 153.02
CA VAL D 15 56.42 -47.67 154.03
C VAL D 15 56.76 -46.60 155.05
N SER D 16 55.74 -45.92 155.57
CA SER D 16 55.92 -44.90 156.57
C SER D 16 54.69 -44.87 157.48
N GLY D 17 54.92 -44.85 158.78
CA GLY D 17 53.84 -44.81 159.74
C GLY D 17 54.31 -44.62 161.17
N GLY D 18 53.61 -43.76 161.91
CA GLY D 18 54.00 -43.47 163.28
C GLY D 18 53.35 -44.40 164.28
N CYS D 19 54.10 -45.43 164.72
CA CYS D 19 53.54 -46.42 165.64
C CYS D 19 53.09 -45.77 166.94
N CYS D 20 53.90 -44.87 167.48
CA CYS D 20 53.54 -44.08 168.66
C CYS D 20 53.46 -42.60 168.34
N GLY D 21 53.29 -42.25 167.07
CA GLY D 21 53.28 -40.87 166.62
C GLY D 21 54.62 -40.34 166.17
N SER D 22 55.70 -41.08 166.41
CA SER D 22 57.03 -40.68 165.96
C SER D 22 57.24 -41.09 164.50
N ASP D 23 58.04 -40.30 163.80
CA ASP D 23 58.25 -40.48 162.37
C ASP D 23 59.15 -41.70 162.16
N TYR D 24 58.56 -42.78 161.66
CA TYR D 24 59.30 -44.00 161.32
C TYR D 24 59.00 -44.34 159.86
N LYS D 25 59.94 -44.01 158.97
CA LYS D 25 59.82 -44.32 157.56
C LYS D 25 60.83 -45.40 157.20
N GLN D 26 60.36 -46.46 156.55
CA GLN D 26 61.20 -47.56 156.13
C GLN D 26 61.15 -47.69 154.62
N TYR D 27 62.30 -47.61 153.96
CA TYR D 27 62.42 -47.77 152.52
C TYR D 27 63.39 -48.92 152.27
N VAL D 28 62.88 -50.01 151.70
CA VAL D 28 63.68 -51.21 151.45
C VAL D 28 63.43 -51.67 150.03
N PHE D 29 64.50 -51.98 149.30
CA PHE D 29 64.42 -52.46 147.93
C PHE D 29 64.68 -53.97 147.92
N GLY D 30 63.75 -54.72 147.34
CA GLY D 30 63.93 -56.16 147.21
C GLY D 30 64.10 -56.89 148.53
N GLY D 31 63.33 -56.52 149.54
CA GLY D 31 63.49 -57.13 150.85
C GLY D 31 62.19 -57.59 151.48
N TRP D 32 62.08 -57.41 152.80
CA TRP D 32 60.92 -57.86 153.55
C TRP D 32 60.33 -56.68 154.32
N ALA D 33 59.01 -56.71 154.49
CA ALA D 33 58.32 -55.69 155.26
C ALA D 33 56.93 -56.21 155.64
N TRP D 34 56.33 -55.56 156.62
CA TRP D 34 54.95 -55.84 157.00
C TRP D 34 54.22 -54.53 157.25
N ALA D 35 52.94 -54.49 156.89
CA ALA D 35 52.08 -53.34 157.12
C ALA D 35 50.68 -53.81 157.42
N TRP D 36 50.04 -53.19 158.41
CA TRP D 36 48.72 -53.60 158.86
C TRP D 36 47.64 -52.80 158.12
N TRP D 37 46.41 -52.85 158.64
CA TRP D 37 45.28 -52.19 157.99
C TRP D 37 45.54 -50.70 157.80
N CYS D 38 45.96 -50.01 158.86
CA CYS D 38 46.29 -48.59 158.75
C CYS D 38 47.53 -48.20 159.55
N ILE D 39 48.57 -49.03 159.58
CA ILE D 39 49.78 -48.62 160.30
C ILE D 39 50.69 -47.77 159.42
N SER D 40 50.73 -48.04 158.12
CA SER D 40 51.64 -47.34 157.22
C SER D 40 51.03 -47.32 155.83
N ASP D 41 51.85 -46.99 154.83
CA ASP D 41 51.44 -46.95 153.44
C ASP D 41 52.30 -47.91 152.62
N THR D 42 51.65 -48.66 151.73
CA THR D 42 52.33 -49.65 150.90
C THR D 42 52.47 -49.08 149.49
N GLN D 43 53.67 -48.64 149.13
CA GLN D 43 53.94 -48.13 147.80
C GLN D 43 55.27 -48.67 147.32
N ARG D 44 55.44 -48.71 146.00
CA ARG D 44 56.66 -49.19 145.38
C ARG D 44 57.17 -48.15 144.38
N ILE D 45 58.48 -48.13 144.21
CA ILE D 45 59.14 -47.24 143.27
C ILE D 45 59.83 -48.09 142.21
N SER D 46 59.46 -47.90 140.95
CA SER D 46 60.09 -48.65 139.87
C SER D 46 61.49 -48.12 139.60
N LEU D 47 62.51 -48.91 139.97
CA LEU D 47 63.90 -48.50 139.79
C LEU D 47 64.46 -48.91 138.43
N GLU D 48 63.60 -49.11 137.45
CA GLU D 48 64.06 -49.48 136.11
C GLU D 48 64.68 -48.28 135.41
N ILE D 49 65.51 -48.57 134.41
CA ILE D 49 66.12 -47.50 133.63
C ILE D 49 65.05 -46.77 132.84
N MET D 50 65.14 -45.44 132.82
CA MET D 50 64.25 -44.61 132.02
C MET D 50 64.97 -44.21 130.74
N THR D 51 64.30 -44.37 129.61
CA THR D 51 64.89 -44.01 128.33
C THR D 51 64.85 -42.49 128.14
N LEU D 52 65.94 -41.95 127.59
CA LEU D 52 66.07 -40.52 127.33
C LEU D 52 66.38 -40.28 125.86
N GLN D 53 65.70 -39.32 125.26
CA GLN D 53 65.97 -38.87 123.91
C GLN D 53 66.10 -37.35 123.89
N PRO D 54 67.14 -36.80 124.53
CA PRO D 54 67.33 -35.35 124.48
C PRO D 54 67.63 -34.87 123.08
N ARG D 55 66.77 -33.99 122.56
CA ARG D 55 66.91 -33.44 121.22
C ARG D 55 66.74 -31.93 121.29
N CYS D 56 67.85 -31.21 121.17
CA CYS D 56 67.86 -29.75 121.20
C CYS D 56 67.85 -29.22 119.78
N GLU D 57 66.96 -28.27 119.51
CA GLU D 57 66.80 -27.70 118.18
C GLU D 57 67.29 -26.27 118.16
N ASP D 58 68.12 -25.94 117.17
CA ASP D 58 68.63 -24.59 116.97
C ASP D 58 69.40 -24.10 118.20
N VAL D 59 70.41 -24.87 118.59
CA VAL D 59 71.27 -24.52 119.72
C VAL D 59 72.67 -24.24 119.19
N GLU D 60 73.35 -23.28 119.81
CA GLU D 60 74.60 -22.75 119.31
C GLU D 60 75.70 -22.87 120.35
N THR D 61 76.92 -23.12 119.87
CA THR D 61 78.08 -23.30 120.72
C THR D 61 78.74 -21.95 121.00
N ALA D 62 79.96 -21.98 121.54
CA ALA D 62 80.65 -20.75 121.91
C ALA D 62 80.88 -19.84 120.70
N GLU D 63 81.34 -20.42 119.59
CA GLU D 63 81.52 -19.65 118.38
C GLU D 63 80.21 -19.30 117.70
N GLY D 64 79.12 -19.94 118.09
CA GLY D 64 77.81 -19.56 117.62
C GLY D 64 77.23 -20.39 116.49
N VAL D 65 77.96 -21.39 116.00
CA VAL D 65 77.44 -22.22 114.91
C VAL D 65 76.22 -22.99 115.40
N ALA D 66 75.12 -22.85 114.67
CA ALA D 66 73.87 -23.48 115.09
C ALA D 66 73.87 -24.97 114.75
N LEU D 67 73.46 -25.78 115.73
CA LEU D 67 73.38 -27.22 115.55
C LEU D 67 72.07 -27.72 116.14
N THR D 68 71.61 -28.86 115.64
CA THR D 68 70.43 -29.54 116.17
C THR D 68 70.92 -30.89 116.69
N VAL D 69 71.37 -30.91 117.94
CA VAL D 69 72.07 -32.05 118.52
C VAL D 69 71.07 -32.91 119.28
N THR D 70 71.03 -34.20 118.98
CA THR D 70 70.21 -35.17 119.68
C THR D 70 71.11 -36.06 120.52
N GLY D 71 70.67 -36.38 121.74
CA GLY D 71 71.47 -37.12 122.69
C GLY D 71 70.76 -38.36 123.22
N VAL D 72 71.51 -39.16 123.95
CA VAL D 72 70.96 -40.29 124.71
C VAL D 72 71.65 -40.32 126.08
N ALA D 73 70.86 -40.51 127.13
CA ALA D 73 71.36 -40.57 128.48
C ALA D 73 70.71 -41.73 129.22
N GLN D 74 71.48 -42.37 130.10
CA GLN D 74 71.00 -43.48 130.90
C GLN D 74 70.75 -43.00 132.32
N VAL D 75 69.50 -43.11 132.77
CA VAL D 75 69.08 -42.58 134.07
C VAL D 75 68.33 -43.67 134.82
N LYS D 76 68.59 -43.75 136.12
CA LYS D 76 67.94 -44.72 137.00
C LYS D 76 67.91 -44.14 138.41
N ILE D 77 66.84 -44.42 139.14
CA ILE D 77 66.75 -44.00 140.54
C ILE D 77 67.77 -44.77 141.36
N MET D 78 68.52 -44.05 142.19
CA MET D 78 69.62 -44.64 142.94
C MET D 78 69.10 -45.48 144.10
N THR D 79 70.02 -46.13 144.81
CA THR D 79 69.70 -47.02 145.92
C THR D 79 70.52 -46.70 147.17
N GLU D 80 70.95 -45.44 147.31
CA GLU D 80 71.71 -45.02 148.48
C GLU D 80 70.80 -45.00 149.71
N LYS D 81 71.37 -44.58 150.85
CA LYS D 81 70.64 -44.58 152.11
C LYS D 81 69.93 -43.24 152.35
N GLU D 82 70.69 -42.15 152.44
CA GLU D 82 70.08 -40.85 152.71
C GLU D 82 69.44 -40.24 151.47
N LEU D 83 69.96 -40.56 150.28
CA LEU D 83 69.34 -40.03 149.07
C LEU D 83 67.99 -40.66 148.79
N LEU D 84 67.77 -41.89 149.22
CA LEU D 84 66.46 -42.50 149.02
C LEU D 84 65.40 -41.93 149.95
N ALA D 85 65.80 -41.29 151.05
CA ALA D 85 64.82 -40.50 151.80
C ALA D 85 64.27 -39.38 150.92
N VAL D 86 65.15 -38.69 150.19
CA VAL D 86 64.70 -37.65 149.26
C VAL D 86 63.90 -38.27 148.13
N ALA D 87 64.34 -39.43 147.63
CA ALA D 87 63.64 -40.07 146.53
C ALA D 87 62.21 -40.44 146.93
N CYS D 88 62.03 -40.96 148.13
CA CYS D 88 60.71 -41.36 148.60
C CYS D 88 59.85 -40.14 148.94
N GLU D 89 60.45 -39.11 149.54
CA GLU D 89 59.69 -37.91 149.86
C GLU D 89 59.48 -37.02 148.64
N GLN D 90 60.03 -37.38 147.49
CA GLN D 90 60.13 -36.47 146.36
C GLN D 90 59.05 -36.66 145.30
N PHE D 91 58.95 -37.85 144.71
CA PHE D 91 58.28 -37.95 143.42
C PHE D 91 57.02 -38.81 143.44
N LEU D 92 57.11 -40.07 143.86
CA LEU D 92 56.00 -41.01 143.73
C LEU D 92 54.76 -40.48 144.44
N GLY D 93 53.58 -40.92 144.00
CA GLY D 93 53.41 -41.96 142.99
C GLY D 93 53.07 -41.53 141.58
N LYS D 94 53.72 -40.49 141.09
CA LYS D 94 53.57 -40.10 139.70
C LYS D 94 54.19 -41.17 138.81
N ASN D 95 53.56 -41.42 137.66
CA ASN D 95 53.87 -42.60 136.87
C ASN D 95 55.15 -42.40 136.05
N VAL D 96 55.51 -43.45 135.31
CA VAL D 96 56.80 -43.48 134.60
C VAL D 96 56.89 -42.37 133.57
N GLN D 97 55.78 -42.04 132.91
CA GLN D 97 55.78 -40.93 131.97
C GLN D 97 56.19 -39.64 132.67
N ASP D 98 55.83 -39.50 133.94
CA ASP D 98 56.20 -38.30 134.67
C ASP D 98 57.70 -38.25 134.95
N ILE D 99 58.29 -39.38 135.35
CA ILE D 99 59.75 -39.42 135.51
C ILE D 99 60.41 -39.03 134.19
N LYS D 100 59.99 -39.67 133.09
CA LYS D 100 60.70 -39.47 131.84
C LYS D 100 60.54 -38.04 131.34
N ASN D 101 59.35 -37.44 131.48
CA ASN D 101 59.17 -36.07 131.04
C ASN D 101 59.99 -35.10 131.89
N VAL D 102 59.94 -35.24 133.21
CA VAL D 102 60.68 -34.32 134.06
C VAL D 102 62.18 -34.41 133.77
N VAL D 103 62.71 -35.64 133.71
CA VAL D 103 64.13 -35.80 133.47
C VAL D 103 64.48 -35.34 132.06
N LEU D 104 63.54 -35.51 131.12
CA LEU D 104 63.79 -35.07 129.75
C LEU D 104 63.98 -33.57 129.67
N GLN D 105 63.06 -32.79 130.26
CA GLN D 105 63.24 -31.34 130.22
C GLN D 105 64.47 -30.89 130.98
N THR D 106 64.72 -31.44 132.17
CA THR D 106 65.86 -30.92 132.94
C THR D 106 67.19 -31.27 132.26
N LEU D 107 67.33 -32.50 131.76
CA LEU D 107 68.55 -32.85 131.04
C LEU D 107 68.62 -32.16 129.68
N GLU D 108 67.47 -31.80 129.11
CA GLU D 108 67.49 -31.00 127.90
C GLU D 108 68.16 -29.65 128.17
N GLY D 109 67.70 -28.97 129.21
CA GLY D 109 68.33 -27.72 129.59
C GLY D 109 69.80 -27.87 129.90
N HIS D 110 70.15 -28.90 130.69
CA HIS D 110 71.54 -29.08 131.07
C HIS D 110 72.42 -29.40 129.86
N LEU D 111 71.92 -30.24 128.96
CA LEU D 111 72.69 -30.61 127.77
C LEU D 111 72.89 -29.42 126.86
N ARG D 112 71.84 -28.62 126.64
CA ARG D 112 72.02 -27.42 125.83
C ARG D 112 73.02 -26.48 126.47
N SER D 113 72.94 -26.33 127.81
CA SER D 113 73.85 -25.44 128.51
C SER D 113 75.30 -25.87 128.33
N ILE D 114 75.60 -27.16 128.57
CA ILE D 114 76.97 -27.61 128.43
C ILE D 114 77.41 -27.57 126.97
N LEU D 115 76.49 -27.85 126.04
CA LEU D 115 76.83 -27.75 124.63
C LEU D 115 77.25 -26.34 124.28
N GLY D 116 76.56 -25.35 124.82
CA GLY D 116 77.02 -23.97 124.67
C GLY D 116 78.34 -23.73 125.36
N THR D 117 78.62 -24.48 126.43
CA THR D 117 79.85 -24.26 127.18
C THR D 117 81.09 -24.56 126.35
N LEU D 118 81.09 -25.64 125.58
CA LEU D 118 82.25 -25.99 124.77
C LEU D 118 82.02 -25.60 123.31
N THR D 119 83.09 -25.64 122.54
CA THR D 119 83.04 -25.25 121.15
C THR D 119 82.71 -26.46 120.26
N VAL D 120 82.39 -26.16 119.00
CA VAL D 120 82.05 -27.20 118.03
C VAL D 120 83.24 -28.05 117.65
N GLU D 121 84.45 -27.49 117.67
CA GLU D 121 85.63 -28.30 117.41
C GLU D 121 85.80 -29.39 118.45
N GLN D 122 85.52 -29.07 119.72
CA GLN D 122 85.59 -30.08 120.77
C GLN D 122 84.51 -31.14 120.63
N ILE D 123 83.28 -30.76 120.31
CA ILE D 123 82.24 -31.77 120.10
C ILE D 123 82.54 -32.57 118.84
N TYR D 124 83.39 -32.04 117.97
CA TYR D 124 83.83 -32.79 116.80
C TYR D 124 84.88 -33.84 117.16
N GLN D 125 86.00 -33.39 117.73
CA GLN D 125 87.14 -34.28 117.99
C GLN D 125 86.94 -35.10 119.27
N ASP D 126 86.86 -34.43 120.41
CA ASP D 126 86.86 -35.09 121.72
C ASP D 126 85.49 -34.90 122.35
N ARG D 127 84.57 -35.81 122.03
CA ARG D 127 83.24 -35.80 122.65
C ARG D 127 83.07 -36.88 123.70
N ASP D 128 84.01 -37.82 123.81
CA ASP D 128 84.04 -38.67 125.01
C ASP D 128 84.36 -37.84 126.24
N GLN D 129 85.33 -36.93 126.13
CA GLN D 129 85.58 -35.97 127.20
C GLN D 129 84.40 -35.03 127.38
N PHE D 130 83.66 -34.75 126.31
CA PHE D 130 82.44 -33.97 126.45
C PHE D 130 81.44 -34.67 127.35
N ALA D 131 81.25 -35.98 127.16
CA ALA D 131 80.37 -36.74 128.04
C ALA D 131 80.93 -36.84 129.45
N LYS D 132 82.26 -36.94 129.58
CA LYS D 132 82.87 -36.99 130.90
C LYS D 132 82.64 -35.69 131.67
N LEU D 133 82.68 -34.55 130.97
CA LEU D 133 82.34 -33.28 131.59
C LEU D 133 80.84 -33.14 131.82
N VAL D 134 80.02 -33.74 130.97
CA VAL D 134 78.58 -33.76 131.21
C VAL D 134 78.28 -34.45 132.53
N ARG D 135 78.95 -35.58 132.78
CA ARG D 135 78.84 -36.24 134.07
C ARG D 135 79.25 -35.30 135.20
N GLU D 136 80.44 -34.70 135.09
CA GLU D 136 80.96 -33.81 136.12
C GLU D 136 80.02 -32.67 136.46
N VAL D 137 79.31 -32.14 135.47
CA VAL D 137 78.41 -31.02 135.73
C VAL D 137 76.98 -31.45 136.03
N ALA D 138 76.54 -32.65 135.65
CA ALA D 138 75.14 -33.04 135.80
C ALA D 138 74.92 -33.89 137.04
N ALA D 139 75.94 -34.61 137.50
CA ALA D 139 75.84 -35.34 138.77
C ALA D 139 75.47 -34.43 139.94
N PRO D 140 76.05 -33.24 140.11
CA PRO D 140 75.68 -32.41 141.27
C PRO D 140 74.21 -32.01 141.30
N ASP D 141 73.53 -31.89 140.17
CA ASP D 141 72.13 -31.43 140.16
C ASP D 141 71.13 -32.53 139.85
N VAL D 142 71.42 -33.38 138.85
CA VAL D 142 70.49 -34.46 138.55
C VAL D 142 70.42 -35.47 139.70
N GLY D 143 71.48 -35.57 140.50
CA GLY D 143 71.43 -36.44 141.66
C GLY D 143 70.65 -35.87 142.84
N ARG D 144 70.30 -34.59 142.78
CA ARG D 144 69.55 -33.99 143.89
C ARG D 144 68.17 -34.61 144.02
N MET D 145 67.51 -34.87 142.90
CA MET D 145 66.21 -35.54 142.92
C MET D 145 66.32 -37.05 142.88
N GLY D 146 67.49 -37.60 143.20
CA GLY D 146 67.67 -39.03 143.33
C GLY D 146 67.86 -39.78 142.02
N ILE D 147 68.04 -39.09 140.90
CA ILE D 147 68.20 -39.74 139.61
C ILE D 147 69.68 -39.85 139.28
N GLU D 148 70.15 -41.07 139.04
CA GLU D 148 71.54 -41.30 138.67
C GLU D 148 71.71 -41.21 137.16
N ILE D 149 72.95 -41.00 136.74
CA ILE D 149 73.27 -40.92 135.32
C ILE D 149 74.24 -42.05 134.96
N LEU D 150 73.70 -43.17 134.50
CA LEU D 150 74.54 -44.32 134.19
C LEU D 150 75.44 -44.04 133.00
N SER D 151 74.91 -43.38 131.97
CA SER D 151 75.70 -43.07 130.78
C SER D 151 75.14 -41.82 130.12
N PHE D 152 75.96 -41.18 129.30
CA PHE D 152 75.57 -39.97 128.60
C PHE D 152 76.38 -39.84 127.32
N THR D 153 75.70 -39.48 126.23
CA THR D 153 76.35 -39.10 124.98
C THR D 153 75.29 -38.49 124.08
N ILE D 154 75.70 -38.13 122.86
CA ILE D 154 74.83 -37.47 121.90
C ILE D 154 74.56 -38.43 120.74
N LYS D 155 73.30 -38.50 120.31
CA LYS D 155 72.88 -39.46 119.31
C LYS D 155 73.34 -39.04 117.91
N ASP D 156 72.90 -37.88 117.45
CA ASP D 156 73.24 -37.41 116.12
C ASP D 156 73.31 -35.89 116.13
N VAL D 157 74.09 -35.35 115.20
CA VAL D 157 74.28 -33.92 115.06
C VAL D 157 73.91 -33.52 113.63
N TYR D 158 73.09 -32.47 113.51
CA TYR D 158 72.66 -31.98 112.21
C TYR D 158 72.80 -30.47 112.16
N ASP D 159 73.16 -29.95 110.99
CA ASP D 159 73.39 -28.53 110.80
C ASP D 159 72.66 -28.03 109.57
N LYS D 160 72.18 -26.80 109.65
CA LYS D 160 71.57 -26.12 108.50
C LYS D 160 72.55 -25.26 107.73
N VAL D 161 73.64 -24.84 108.36
CA VAL D 161 74.68 -24.05 107.71
C VAL D 161 75.89 -24.92 107.34
N ASP D 162 75.65 -26.23 107.15
CA ASP D 162 76.62 -27.22 106.64
C ASP D 162 78.04 -26.98 107.13
N TYR D 163 78.22 -27.08 108.45
CA TYR D 163 79.53 -27.05 109.07
C TYR D 163 80.35 -28.28 108.72
N LEU D 164 79.85 -29.45 109.12
CA LEU D 164 80.62 -30.69 109.00
C LEU D 164 80.86 -31.08 107.54
N SER D 165 79.85 -30.86 106.69
CA SER D 165 80.03 -31.14 105.27
C SER D 165 81.13 -30.27 104.68
N SER D 166 81.18 -29.00 105.09
CA SER D 166 82.28 -28.14 104.68
C SER D 166 83.61 -28.63 105.21
N LEU D 167 83.63 -29.13 106.45
CA LEU D 167 84.87 -29.62 107.04
C LEU D 167 85.38 -30.87 106.34
N GLY D 168 84.49 -31.68 105.77
CA GLY D 168 84.91 -32.87 105.05
C GLY D 168 85.52 -32.58 103.68
N LYS D 169 85.26 -31.36 103.18
CA LYS D 169 85.77 -30.96 101.88
C LYS D 169 87.30 -30.98 101.83
N THR D 170 87.95 -30.81 102.98
CA THR D 170 89.40 -30.68 103.00
C THR D 170 90.08 -31.93 102.48
N GLN D 171 89.57 -33.11 102.83
CA GLN D 171 90.18 -34.36 102.43
C GLN D 171 89.34 -35.16 101.45
N THR D 172 88.08 -34.77 101.21
CA THR D 172 87.30 -35.51 100.23
C THR D 172 87.89 -35.40 98.83
N ALA D 173 88.81 -34.46 98.61
CA ALA D 173 89.48 -34.31 97.33
C ALA D 173 90.92 -34.79 97.33
N VAL D 174 91.53 -34.95 98.52
CA VAL D 174 92.91 -35.42 98.59
C VAL D 174 93.03 -36.84 98.03
N VAL D 175 92.10 -37.72 98.42
CA VAL D 175 92.10 -39.07 97.86
C VAL D 175 91.78 -39.02 96.38
N GLN D 176 90.91 -38.10 95.96
CA GLN D 176 90.66 -37.92 94.54
C GLN D 176 91.91 -37.41 93.83
N ARG D 177 92.67 -36.53 94.48
CA ARG D 177 93.94 -36.09 93.94
C ARG D 177 94.87 -37.28 93.69
N ASP D 178 95.04 -38.12 94.71
CA ASP D 178 95.94 -39.28 94.56
C ASP D 178 95.45 -40.24 93.48
N ALA D 179 94.13 -40.47 93.43
CA ALA D 179 93.58 -41.37 92.41
C ALA D 179 93.82 -40.82 91.02
N ASP D 180 93.62 -39.52 90.82
CA ASP D 180 93.88 -38.93 89.51
C ASP D 180 95.34 -39.04 89.14
N ILE D 181 96.24 -38.81 90.10
CA ILE D 181 97.67 -38.93 89.81
C ILE D 181 98.01 -40.36 89.38
N GLY D 182 97.48 -41.34 90.12
CA GLY D 182 97.78 -42.72 89.80
C GLY D 182 97.25 -43.14 88.44
N VAL D 183 96.01 -42.76 88.14
CA VAL D 183 95.43 -43.14 86.86
C VAL D 183 96.16 -42.45 85.71
N ALA D 184 96.59 -41.19 85.92
CA ALA D 184 97.36 -40.51 84.89
C ALA D 184 98.68 -41.19 84.63
N GLU D 185 99.39 -41.59 85.69
CA GLU D 185 100.66 -42.28 85.50
C GLU D 185 100.46 -43.62 84.80
N ALA D 186 99.42 -44.36 85.19
CA ALA D 186 99.16 -45.66 84.57
C ALA D 186 98.85 -45.50 83.09
N GLU D 187 98.00 -44.53 82.74
CA GLU D 187 97.68 -44.29 81.34
C GLU D 187 98.92 -43.86 80.56
N ARG D 188 99.79 -43.07 81.18
CA ARG D 188 101.02 -42.65 80.52
C ARG D 188 101.88 -43.86 80.19
N ASP D 189 102.07 -44.76 81.16
CA ASP D 189 102.90 -45.95 80.91
C ASP D 189 102.28 -46.84 79.84
N ALA D 190 100.96 -47.05 79.91
CA ALA D 190 100.30 -47.87 78.90
C ALA D 190 100.49 -47.27 77.51
N GLY D 191 100.27 -45.95 77.39
CA GLY D 191 100.40 -45.31 76.10
C GLY D 191 101.80 -45.38 75.54
N ILE D 192 102.81 -45.11 76.38
CA ILE D 192 104.18 -45.14 75.89
C ILE D 192 104.55 -46.53 75.39
N ARG D 193 104.22 -47.57 76.16
CA ARG D 193 104.76 -48.87 75.75
C ARG D 193 103.96 -49.42 74.58
N GLU D 194 102.66 -49.10 74.52
CA GLU D 194 101.85 -49.46 73.37
C GLU D 194 102.33 -48.79 72.09
N ALA D 195 102.72 -47.50 72.19
CA ALA D 195 103.28 -46.82 71.03
C ALA D 195 104.57 -47.49 70.58
N GLU D 196 105.40 -47.91 71.54
CA GLU D 196 106.62 -48.63 71.18
C GLU D 196 106.30 -49.92 70.43
N CYS D 197 105.32 -50.68 70.91
CA CYS D 197 104.93 -51.91 70.23
C CYS D 197 104.43 -51.64 68.83
N LYS D 198 103.59 -50.63 68.67
CA LYS D 198 103.05 -50.29 67.36
C LYS D 198 104.17 -49.90 66.41
N LYS D 199 105.16 -49.15 66.91
CA LYS D 199 106.29 -48.75 66.09
C LYS D 199 107.07 -49.97 65.59
N GLU D 200 107.39 -50.89 66.51
CA GLU D 200 108.15 -52.06 66.08
C GLU D 200 107.39 -52.90 65.07
N MET D 201 106.10 -53.12 65.30
CA MET D 201 105.34 -53.96 64.39
C MET D 201 105.19 -53.29 63.02
N LEU D 202 105.02 -51.98 62.98
CA LEU D 202 104.99 -51.29 61.69
C LEU D 202 106.32 -51.38 60.95
N ASP D 203 107.44 -51.26 61.67
CA ASP D 203 108.73 -51.38 60.98
C ASP D 203 108.88 -52.76 60.34
N VAL D 204 108.54 -53.81 61.08
CA VAL D 204 108.71 -55.14 60.50
C VAL D 204 107.72 -55.36 59.35
N LYS D 205 106.48 -54.90 59.50
CA LYS D 205 105.50 -55.05 58.43
C LYS D 205 105.93 -54.33 57.17
N PHE D 206 106.51 -53.14 57.31
CA PHE D 206 106.96 -52.40 56.14
C PHE D 206 108.18 -53.05 55.50
N MET D 207 109.05 -53.66 56.30
CA MET D 207 110.17 -54.41 55.70
C MET D 207 109.64 -55.59 54.88
N ALA D 208 108.67 -56.32 55.42
CA ALA D 208 108.08 -57.43 54.69
C ALA D 208 107.41 -56.95 53.41
N ASP D 209 106.69 -55.83 53.48
CA ASP D 209 106.05 -55.28 52.29
C ASP D 209 107.08 -54.82 51.26
N THR D 210 108.22 -54.30 51.71
CA THR D 210 109.28 -53.94 50.78
C THR D 210 109.80 -55.17 50.04
N LYS D 211 110.00 -56.27 50.76
CA LYS D 211 110.42 -57.50 50.08
C LYS D 211 109.37 -57.99 49.09
N ILE D 212 108.10 -57.90 49.47
CA ILE D 212 107.02 -58.29 48.57
C ILE D 212 107.04 -57.42 47.31
N ALA D 213 107.24 -56.12 47.48
CA ALA D 213 107.30 -55.23 46.33
C ALA D 213 108.47 -55.57 45.43
N ASP D 214 109.61 -55.94 46.01
CA ASP D 214 110.75 -56.34 45.20
C ASP D 214 110.44 -57.58 44.38
N SER D 215 109.81 -58.58 45.01
CA SER D 215 109.45 -59.79 44.28
C SER D 215 108.45 -59.47 43.16
N LYS D 216 107.47 -58.62 43.45
CA LYS D 216 106.50 -58.23 42.43
C LYS D 216 107.17 -57.51 41.27
N ARG D 217 108.14 -56.64 41.57
CA ARG D 217 108.86 -55.95 40.50
C ARG D 217 109.63 -56.93 39.63
N ALA D 218 110.31 -57.90 40.25
CA ALA D 218 111.05 -58.88 39.46
C ALA D 218 110.10 -59.68 38.56
N PHE D 219 108.97 -60.11 39.12
CA PHE D 219 108.02 -60.89 38.32
C PHE D 219 107.46 -60.08 37.18
N GLU D 220 107.06 -58.84 37.44
CA GLU D 220 106.51 -58.00 36.38
C GLU D 220 107.53 -57.72 35.29
N LEU D 221 108.79 -57.46 35.69
CA LEU D 221 109.83 -57.22 34.71
C LEU D 221 110.03 -58.43 33.80
N GLN D 222 110.14 -59.62 34.40
CA GLN D 222 110.33 -60.81 33.59
C GLN D 222 109.13 -61.07 32.68
N LYS D 223 107.92 -60.90 33.20
CA LYS D 223 106.74 -61.15 32.40
C LYS D 223 106.64 -60.18 31.21
N SER D 224 106.92 -58.89 31.44
CA SER D 224 106.91 -57.94 30.35
C SER D 224 108.00 -58.26 29.33
N ALA D 225 109.18 -58.66 29.80
CA ALA D 225 110.25 -59.02 28.89
C ALA D 225 109.83 -60.18 28.00
N PHE D 226 109.18 -61.19 28.57
CA PHE D 226 108.74 -62.33 27.78
C PHE D 226 107.66 -61.91 26.78
N SER D 227 106.71 -61.08 27.25
CA SER D 227 105.65 -60.58 26.37
C SER D 227 106.21 -59.84 25.19
N GLU D 228 107.36 -59.19 25.35
CA GLU D 228 107.99 -58.49 24.24
C GLU D 228 108.20 -59.41 23.03
N GLU D 229 109.01 -60.46 23.19
CA GLU D 229 109.29 -61.30 22.04
C GLU D 229 108.09 -62.16 21.65
N VAL D 230 107.21 -62.50 22.59
CA VAL D 230 106.04 -63.27 22.14
C VAL D 230 105.16 -62.41 21.25
N ASN D 231 105.01 -61.13 21.57
CA ASN D 231 104.24 -60.23 20.72
C ASN D 231 104.95 -60.00 19.39
N ILE D 232 106.28 -59.91 19.40
CA ILE D 232 107.02 -59.76 18.15
C ILE D 232 106.75 -60.94 17.22
N LYS D 233 106.88 -62.16 17.76
CA LYS D 233 106.67 -63.36 16.95
C LYS D 233 105.23 -63.44 16.44
N THR D 234 104.26 -63.10 17.28
CA THR D 234 102.88 -63.09 16.79
C THR D 234 102.73 -62.10 15.64
N ALA D 235 103.17 -60.85 15.86
CA ALA D 235 103.00 -59.81 14.85
C ALA D 235 103.59 -60.25 13.52
N GLU D 236 104.70 -60.98 13.55
CA GLU D 236 105.16 -61.63 12.32
C GLU D 236 104.15 -62.66 11.81
N ALA D 237 103.53 -63.39 12.73
CA ALA D 237 102.69 -64.52 12.34
C ALA D 237 101.46 -64.09 11.55
N GLN D 238 100.76 -63.02 11.98
CA GLN D 238 99.58 -62.64 11.20
C GLN D 238 99.94 -62.22 9.78
N LEU D 239 101.00 -61.43 9.61
CA LEU D 239 101.26 -60.81 8.32
C LEU D 239 102.11 -61.66 7.38
N ALA D 240 102.66 -62.79 7.86
CA ALA D 240 103.25 -63.74 6.92
C ALA D 240 102.22 -64.18 5.87
N TYR D 241 100.95 -64.29 6.26
CA TYR D 241 99.90 -64.67 5.32
C TYR D 241 99.80 -63.65 4.19
N GLU D 242 99.73 -62.37 4.53
CA GLU D 242 99.63 -61.34 3.50
C GLU D 242 100.89 -61.29 2.64
N LEU D 243 102.06 -61.50 3.24
CA LEU D 243 103.29 -61.49 2.47
C LEU D 243 103.27 -62.57 1.40
N GLN D 244 102.95 -63.81 1.80
CA GLN D 244 102.90 -64.89 0.82
C GLN D 244 101.76 -64.69 -0.17
N GLY D 245 100.65 -64.10 0.27
CA GLY D 245 99.55 -63.84 -0.65
C GLY D 245 99.94 -62.87 -1.76
N ALA D 246 100.64 -61.79 -1.41
CA ALA D 246 101.11 -60.86 -2.43
C ALA D 246 102.15 -61.53 -3.33
N ARG D 247 103.05 -62.32 -2.74
CA ARG D 247 104.06 -63.00 -3.54
C ARG D 247 103.41 -63.91 -4.57
N GLU D 248 102.34 -64.61 -4.19
CA GLU D 248 101.63 -65.45 -5.15
C GLU D 248 100.81 -64.64 -6.14
N GLN D 249 100.16 -63.57 -5.68
CA GLN D 249 99.40 -62.70 -6.57
C GLN D 249 100.26 -62.13 -7.67
N GLN D 250 101.57 -61.99 -7.44
CA GLN D 250 102.48 -61.63 -8.53
C GLN D 250 102.26 -62.54 -9.74
N LYS D 251 102.48 -63.85 -9.56
CA LYS D 251 102.32 -64.78 -10.67
C LYS D 251 100.86 -64.92 -11.10
N ILE D 252 99.93 -64.83 -10.15
CA ILE D 252 98.51 -64.91 -10.49
C ILE D 252 98.17 -63.85 -11.53
N ARG D 253 98.53 -62.60 -11.25
CA ARG D 253 98.23 -61.52 -12.16
C ARG D 253 99.10 -61.60 -13.41
N GLN D 254 100.32 -62.11 -13.29
CA GLN D 254 101.16 -62.32 -14.47
C GLN D 254 100.44 -63.18 -15.50
N GLU D 255 99.88 -64.30 -15.08
CA GLU D 255 99.14 -65.13 -16.03
C GLU D 255 97.80 -64.53 -16.42
N GLU D 256 97.09 -63.89 -15.48
CA GLU D 256 95.82 -63.26 -15.81
C GLU D 256 95.99 -62.21 -16.90
N ILE D 257 97.15 -61.56 -16.96
CA ILE D 257 97.42 -60.57 -18.00
C ILE D 257 98.07 -61.17 -19.22
N GLU D 258 98.78 -62.30 -19.10
CA GLU D 258 99.23 -63.02 -20.27
C GLU D 258 98.06 -63.60 -21.06
N ILE D 259 96.89 -63.75 -20.43
CA ILE D 259 95.68 -64.15 -21.16
C ILE D 259 95.49 -63.29 -22.41
N GLU D 260 95.31 -61.98 -22.22
CA GLU D 260 95.04 -61.12 -23.36
C GLU D 260 96.27 -60.85 -24.20
N VAL D 261 97.47 -61.05 -23.66
CA VAL D 261 98.67 -61.03 -24.52
C VAL D 261 98.56 -62.12 -25.57
N VAL D 262 98.25 -63.34 -25.14
CA VAL D 262 98.09 -64.45 -26.07
C VAL D 262 96.94 -64.19 -27.03
N GLN D 263 95.85 -63.61 -26.52
CA GLN D 263 94.69 -63.31 -27.38
C GLN D 263 95.07 -62.32 -28.48
N ARG D 264 95.70 -61.21 -28.11
CA ARG D 264 96.06 -60.18 -29.08
C ARG D 264 97.18 -60.64 -30.00
N LYS D 265 97.97 -61.64 -29.58
CA LYS D 265 99.02 -62.16 -30.46
C LYS D 265 98.44 -62.75 -31.74
N LYS D 266 97.28 -63.39 -31.65
CA LYS D 266 96.63 -63.99 -32.82
C LYS D 266 95.48 -63.14 -33.36
N GLN D 267 95.05 -62.12 -32.64
CA GLN D 267 94.30 -61.07 -33.31
C GLN D 267 95.06 -60.49 -34.50
N ILE D 268 96.39 -60.65 -34.52
CA ILE D 268 97.18 -60.26 -35.69
C ILE D 268 96.73 -61.04 -36.92
N ALA D 269 96.64 -62.37 -36.78
CA ALA D 269 96.19 -63.19 -37.90
C ALA D 269 94.74 -62.91 -38.23
N VAL D 270 93.93 -62.64 -37.20
CA VAL D 270 92.54 -62.23 -37.46
C VAL D 270 92.52 -61.01 -38.38
N GLU D 271 93.33 -60.01 -38.06
CA GLU D 271 93.34 -58.79 -38.86
C GLU D 271 93.95 -59.00 -40.24
N ALA D 272 94.91 -59.91 -40.37
CA ALA D 272 95.45 -60.20 -41.70
C ALA D 272 94.39 -60.83 -42.60
N GLN D 273 93.64 -61.81 -42.07
CA GLN D 273 92.54 -62.36 -42.84
C GLN D 273 91.49 -61.29 -43.15
N GLU D 274 91.25 -60.38 -42.21
CA GLU D 274 90.36 -59.26 -42.49
C GLU D 274 90.90 -58.36 -43.61
N ILE D 275 92.21 -58.17 -43.68
CA ILE D 275 92.80 -57.39 -44.77
C ILE D 275 92.50 -58.04 -46.11
N LEU D 276 92.71 -59.35 -46.19
CA LEU D 276 92.41 -60.05 -47.46
C LEU D 276 90.93 -59.94 -47.80
N ARG D 277 90.05 -60.15 -46.80
CA ARG D 277 88.62 -60.09 -47.06
C ARG D 277 88.19 -58.70 -47.51
N THR D 278 88.71 -57.64 -46.87
CA THR D 278 88.30 -56.30 -47.25
C THR D 278 88.90 -55.90 -48.59
N ASP D 279 90.07 -56.42 -48.94
CA ASP D 279 90.59 -56.19 -50.28
C ASP D 279 89.64 -56.76 -51.32
N LYS D 280 89.24 -58.02 -51.17
CA LYS D 280 88.33 -58.62 -52.13
C LYS D 280 86.97 -57.91 -52.13
N GLU D 281 86.49 -57.53 -50.95
CA GLU D 281 85.20 -56.85 -50.86
C GLU D 281 85.24 -55.50 -51.57
N LEU D 282 86.32 -54.73 -51.37
CA LEU D 282 86.46 -53.46 -52.07
C LEU D 282 86.53 -53.66 -53.58
N ILE D 283 87.25 -54.70 -54.02
CA ILE D 283 87.24 -55.03 -55.45
C ILE D 283 85.80 -55.19 -55.92
N ALA D 284 85.10 -56.18 -55.37
CA ALA D 284 83.75 -56.50 -55.85
C ALA D 284 82.79 -55.33 -55.69
N THR D 285 83.07 -54.41 -54.76
CA THR D 285 82.12 -53.35 -54.46
C THR D 285 82.34 -52.10 -55.31
N VAL D 286 83.58 -51.71 -55.58
CA VAL D 286 83.79 -50.44 -56.28
C VAL D 286 84.62 -50.59 -57.55
N ARG D 287 85.48 -51.61 -57.61
CA ARG D 287 86.40 -51.71 -58.75
C ARG D 287 85.67 -52.13 -60.02
N ARG D 288 84.79 -53.12 -59.92
CA ARG D 288 84.04 -53.62 -61.07
C ARG D 288 82.87 -52.71 -61.44
N PRO D 289 82.10 -52.20 -60.47
CA PRO D 289 81.09 -51.19 -60.83
C PRO D 289 81.65 -49.98 -61.53
N ALA D 290 82.88 -49.56 -61.22
CA ALA D 290 83.49 -48.46 -61.94
C ALA D 290 83.68 -48.80 -63.42
N GLU D 291 84.16 -50.01 -63.69
CA GLU D 291 84.35 -50.43 -65.09
C GLU D 291 83.01 -50.54 -65.80
N ALA D 292 82.01 -51.08 -65.13
CA ALA D 292 80.68 -51.18 -65.74
C ALA D 292 80.12 -49.79 -66.04
N GLU D 293 80.30 -48.84 -65.11
CA GLU D 293 79.85 -47.48 -65.35
C GLU D 293 80.58 -46.86 -66.53
N ALA D 294 81.89 -47.10 -66.63
CA ALA D 294 82.64 -46.56 -67.77
C ALA D 294 82.11 -47.12 -69.08
N HIS D 295 81.85 -48.43 -69.12
CA HIS D 295 81.29 -49.04 -70.33
C HIS D 295 79.93 -48.46 -70.66
N ARG D 296 79.08 -48.27 -69.65
CA ARG D 296 77.76 -47.70 -69.88
C ARG D 296 77.87 -46.28 -70.44
N ILE D 297 78.76 -45.47 -69.86
CA ILE D 297 78.90 -44.09 -70.32
C ILE D 297 79.40 -44.06 -71.75
N GLN D 298 80.37 -44.90 -72.10
CA GLN D 298 80.88 -44.84 -73.46
C GLN D 298 79.87 -45.37 -74.47
N GLN D 299 79.09 -46.39 -74.10
CA GLN D 299 78.03 -46.88 -74.99
C GLN D 299 76.97 -45.80 -75.22
N ILE D 300 76.52 -45.16 -74.15
CA ILE D 300 75.49 -44.13 -74.28
C ILE D 300 76.03 -42.93 -75.03
N ALA D 301 77.31 -42.59 -74.84
CA ALA D 301 77.92 -41.50 -75.59
C ALA D 301 77.97 -41.84 -77.07
N GLU D 302 78.28 -43.09 -77.41
CA GLU D 302 78.26 -43.49 -78.82
C GLU D 302 76.86 -43.34 -79.41
N GLY D 303 75.85 -43.79 -78.67
CA GLY D 303 74.48 -43.63 -79.15
C GLY D 303 74.11 -42.18 -79.37
N GLU D 304 74.43 -41.32 -78.39
CA GLU D 304 74.08 -39.90 -78.50
C GLU D 304 74.85 -39.23 -79.64
N LYS D 305 76.11 -39.59 -79.82
CA LYS D 305 76.89 -39.00 -80.92
C LYS D 305 76.31 -39.38 -82.27
N VAL D 306 75.94 -40.65 -82.45
CA VAL D 306 75.34 -41.05 -83.72
C VAL D 306 74.02 -40.33 -83.93
N LYS D 307 73.21 -40.21 -82.88
CA LYS D 307 71.93 -39.51 -83.00
C LYS D 307 72.13 -38.05 -83.41
N GLN D 308 73.08 -37.37 -82.76
CA GLN D 308 73.32 -35.96 -83.07
C GLN D 308 73.87 -35.79 -84.49
N VAL D 309 74.76 -36.68 -84.92
CA VAL D 309 75.30 -36.59 -86.27
C VAL D 309 74.19 -36.78 -87.30
N LEU D 310 73.32 -37.77 -87.07
CA LEU D 310 72.23 -38.00 -88.01
C LEU D 310 71.26 -36.83 -88.05
N LEU D 311 70.92 -36.27 -86.87
CA LEU D 311 70.03 -35.13 -86.83
C LEU D 311 70.65 -33.92 -87.53
N ALA D 312 71.95 -33.71 -87.34
CA ALA D 312 72.63 -32.59 -88.00
C ALA D 312 72.64 -32.78 -89.51
N GLN D 313 72.87 -34.00 -89.98
CA GLN D 313 72.83 -34.26 -91.42
C GLN D 313 71.44 -33.99 -91.98
N ALA D 314 70.40 -34.44 -91.27
CA ALA D 314 69.03 -34.20 -91.69
C ALA D 314 68.73 -32.71 -91.77
N GLU D 315 69.14 -31.95 -90.75
CA GLU D 315 68.90 -30.52 -90.74
C GLU D 315 69.66 -29.83 -91.87
N ALA D 316 70.90 -30.26 -92.11
CA ALA D 316 71.69 -29.64 -93.17
C ALA D 316 71.06 -29.86 -94.54
N GLU D 317 70.59 -31.08 -94.80
CA GLU D 317 69.99 -31.32 -96.11
C GLU D 317 68.62 -30.67 -96.22
N LYS D 318 67.91 -30.56 -95.10
CA LYS D 318 66.70 -29.75 -95.05
C LYS D 318 66.99 -28.32 -95.51
N ILE D 319 68.02 -27.71 -94.94
CA ILE D 319 68.38 -26.34 -95.29
C ILE D 319 68.78 -26.26 -96.76
N ARG D 320 69.55 -27.24 -97.24
CA ARG D 320 69.98 -27.23 -98.63
C ARG D 320 68.80 -27.27 -99.58
N LYS D 321 67.85 -28.19 -99.34
CA LYS D 321 66.70 -28.32 -100.23
C LYS D 321 65.81 -27.09 -100.17
N ILE D 322 65.59 -26.55 -98.97
CA ILE D 322 64.79 -25.34 -98.85
C ILE D 322 65.44 -24.19 -99.58
N GLY D 323 66.76 -24.05 -99.46
CA GLY D 323 67.46 -22.99 -100.17
C GLY D 323 67.38 -23.14 -101.68
N GLU D 324 67.48 -24.38 -102.17
CA GLU D 324 67.34 -24.60 -103.61
C GLU D 324 65.94 -24.23 -104.07
N ALA D 325 64.91 -24.59 -103.30
CA ALA D 325 63.55 -24.23 -103.66
C ALA D 325 63.38 -22.72 -103.69
N GLU D 326 63.93 -22.02 -102.70
CA GLU D 326 63.83 -20.56 -102.67
C GLU D 326 64.57 -19.93 -103.83
N ALA D 327 65.73 -20.48 -104.20
CA ALA D 327 66.45 -19.96 -105.35
C ALA D 327 65.64 -20.15 -106.63
N ALA D 328 64.99 -21.31 -106.78
CA ALA D 328 64.19 -21.56 -107.98
C ALA D 328 63.02 -20.58 -108.06
N VAL D 329 62.31 -20.37 -106.94
CA VAL D 329 61.16 -19.49 -106.98
C VAL D 329 61.60 -18.04 -107.20
N ILE D 330 62.73 -17.65 -106.62
CA ILE D 330 63.23 -16.29 -106.84
C ILE D 330 63.61 -16.08 -108.30
N GLU D 331 64.24 -17.07 -108.92
CA GLU D 331 64.57 -16.96 -110.33
C GLU D 331 63.31 -16.89 -111.17
N ALA D 332 62.27 -17.63 -110.78
CA ALA D 332 61.00 -17.55 -111.50
C ALA D 332 60.38 -16.15 -111.40
N MET D 333 60.41 -15.58 -110.19
CA MET D 333 59.95 -14.20 -110.04
C MET D 333 60.76 -13.24 -110.89
N GLY D 334 62.06 -13.44 -110.98
CA GLY D 334 62.87 -12.59 -111.83
C GLY D 334 62.47 -12.71 -113.29
N LYS D 335 62.30 -13.94 -113.77
CA LYS D 335 61.83 -14.18 -115.12
C LYS D 335 60.55 -13.39 -115.37
N ALA D 336 59.55 -13.56 -114.50
CA ALA D 336 58.24 -12.99 -114.73
C ALA D 336 58.25 -11.48 -114.64
N GLU D 337 58.90 -10.92 -113.61
CA GLU D 337 58.88 -9.48 -113.42
C GLU D 337 59.68 -8.78 -114.49
N ALA D 338 60.80 -9.36 -114.92
CA ALA D 338 61.56 -8.77 -116.01
C ALA D 338 60.78 -8.81 -117.31
N GLU D 339 60.07 -9.91 -117.58
CA GLU D 339 59.21 -9.94 -118.76
C GLU D 339 58.13 -8.88 -118.67
N ARG D 340 57.56 -8.70 -117.49
CA ARG D 340 56.54 -7.67 -117.29
C ARG D 340 57.10 -6.28 -117.62
N MET D 341 58.26 -5.95 -117.07
CA MET D 341 58.86 -4.64 -117.30
C MET D 341 59.22 -4.47 -118.78
N LYS D 342 59.75 -5.51 -119.40
CA LYS D 342 60.13 -5.43 -120.80
C LYS D 342 58.90 -5.16 -121.68
N LEU D 343 57.82 -5.91 -121.45
CA LEU D 343 56.61 -5.70 -122.25
C LEU D 343 56.00 -4.34 -121.98
N LYS D 344 56.11 -3.85 -120.74
CA LYS D 344 55.56 -2.54 -120.42
C LYS D 344 56.41 -1.42 -121.02
N ALA D 345 57.66 -1.73 -121.36
CA ALA D 345 58.54 -0.74 -121.97
C ALA D 345 58.01 -0.25 -123.32
N GLU D 346 57.69 -1.16 -124.24
CA GLU D 346 57.14 -0.73 -125.51
C GLU D 346 55.78 -0.06 -125.33
N ALA D 347 55.02 -0.48 -124.32
CA ALA D 347 53.74 0.17 -124.06
C ALA D 347 53.95 1.63 -123.69
N TYR D 348 54.89 1.93 -122.81
CA TYR D 348 55.17 3.32 -122.48
C TYR D 348 55.82 4.06 -123.65
N GLN D 349 56.51 3.35 -124.53
CA GLN D 349 57.21 4.02 -125.62
C GLN D 349 56.24 4.69 -126.59
N LYS D 350 54.99 4.23 -126.61
CA LYS D 350 54.03 4.73 -127.59
C LYS D 350 53.11 5.81 -127.01
N TYR D 351 53.54 6.44 -125.91
CA TYR D 351 52.75 7.46 -125.23
C TYR D 351 53.00 8.82 -125.88
N GLY D 352 51.91 9.55 -126.13
CA GLY D 352 51.97 10.89 -126.66
C GLY D 352 51.82 11.94 -125.58
N ASP D 353 51.49 13.16 -126.01
CA ASP D 353 51.26 14.23 -125.05
C ASP D 353 50.00 13.98 -124.21
N ALA D 354 48.92 13.53 -124.87
CA ALA D 354 47.66 13.32 -124.15
C ALA D 354 47.80 12.22 -123.10
N ALA D 355 48.53 11.15 -123.41
CA ALA D 355 48.69 10.06 -122.47
C ALA D 355 49.50 10.48 -121.24
N LYS D 356 50.57 11.26 -121.45
CA LYS D 356 51.31 11.78 -120.31
C LYS D 356 50.46 12.72 -119.48
N MET D 357 49.64 13.54 -120.15
CA MET D 357 48.70 14.38 -119.42
C MET D 357 47.76 13.54 -118.57
N ALA D 358 47.28 12.43 -119.13
CA ALA D 358 46.41 11.53 -118.38
C ALA D 358 47.12 10.96 -117.16
N LEU D 359 48.39 10.57 -117.33
CA LEU D 359 49.16 10.04 -116.20
C LEU D 359 49.28 11.08 -115.10
N VAL D 360 49.62 12.32 -115.46
CA VAL D 360 49.79 13.36 -114.45
C VAL D 360 48.47 13.66 -113.76
N LEU D 361 47.38 13.75 -114.53
CA LEU D 361 46.09 14.05 -113.93
C LEU D 361 45.64 12.93 -113.02
N GLU D 362 45.93 11.67 -113.38
CA GLU D 362 45.58 10.55 -112.51
C GLU D 362 46.41 10.58 -111.23
N ALA D 363 47.67 10.99 -111.33
CA ALA D 363 48.51 11.03 -110.14
C ALA D 363 48.12 12.17 -109.20
N LEU D 364 47.61 13.26 -109.75
CA LEU D 364 47.35 14.46 -108.97
C LEU D 364 46.43 14.25 -107.75
N PRO D 365 45.25 13.60 -107.88
CA PRO D 365 44.39 13.50 -106.70
C PRO D 365 45.00 12.76 -105.53
N GLN D 366 45.79 11.72 -105.78
CA GLN D 366 46.42 11.00 -104.67
C GLN D 366 47.43 11.87 -103.95
N ILE D 367 48.25 12.61 -104.70
CA ILE D 367 49.20 13.53 -104.09
C ILE D 367 48.47 14.59 -103.29
N ALA D 368 47.39 15.13 -103.86
CA ALA D 368 46.61 16.15 -103.17
C ALA D 368 46.02 15.61 -101.87
N ALA D 369 45.51 14.38 -101.90
CA ALA D 369 44.98 13.76 -100.69
C ALA D 369 46.07 13.59 -99.64
N LYS D 370 47.27 13.19 -100.07
CA LYS D 370 48.36 13.01 -99.13
C LYS D 370 48.78 14.33 -98.50
N ILE D 371 48.91 15.38 -99.30
CA ILE D 371 49.36 16.67 -98.78
C ILE D 371 48.33 17.29 -97.85
N ALA D 372 47.05 17.12 -98.15
CA ALA D 372 45.99 17.74 -97.36
C ALA D 372 45.66 16.97 -96.09
N ALA D 373 46.23 15.78 -95.90
CA ALA D 373 45.94 15.00 -94.70
C ALA D 373 46.21 15.74 -93.40
N PRO D 374 47.31 16.49 -93.23
CA PRO D 374 47.48 17.23 -91.97
C PRO D 374 46.41 18.25 -91.71
N LEU D 375 45.70 18.70 -92.75
CA LEU D 375 44.67 19.72 -92.56
C LEU D 375 43.44 19.17 -91.84
N THR D 376 43.39 17.86 -91.65
CA THR D 376 42.23 17.21 -91.04
C THR D 376 42.07 17.63 -89.57
N LYS D 377 43.18 17.92 -88.90
CA LYS D 377 43.18 18.14 -87.46
C LYS D 377 43.04 19.60 -87.07
N VAL D 378 42.66 20.48 -88.01
CA VAL D 378 42.49 21.88 -87.67
C VAL D 378 41.35 22.02 -86.67
N ASP D 379 41.56 22.85 -85.65
CA ASP D 379 40.58 23.07 -84.60
C ASP D 379 39.69 24.27 -84.87
N GLU D 380 40.28 25.44 -85.06
CA GLU D 380 39.50 26.65 -85.29
C GLU D 380 40.29 27.56 -86.22
N ILE D 381 39.56 28.40 -86.96
CA ILE D 381 40.13 29.29 -87.94
C ILE D 381 39.69 30.71 -87.60
N VAL D 382 40.64 31.63 -87.53
CA VAL D 382 40.35 33.05 -87.29
C VAL D 382 40.84 33.84 -88.48
N VAL D 383 39.94 34.60 -89.11
CA VAL D 383 40.25 35.38 -90.29
C VAL D 383 39.95 36.85 -89.99
N LEU D 384 40.91 37.72 -90.27
CA LEU D 384 40.74 39.16 -90.15
C LEU D 384 41.10 39.82 -91.47
N SER D 385 40.43 40.92 -91.79
CA SER D 385 40.65 41.59 -93.06
C SER D 385 40.62 43.10 -92.84
N GLY D 386 41.20 43.83 -93.79
CA GLY D 386 41.26 45.27 -93.71
C GLY D 386 42.41 45.77 -92.86
N ASP D 387 43.09 46.82 -93.31
CA ASP D 387 44.23 47.38 -92.59
C ASP D 387 43.75 48.42 -91.58
N ASN D 388 43.49 47.97 -90.36
CA ASN D 388 43.00 48.83 -89.29
C ASN D 388 43.70 48.46 -87.99
N SER D 389 43.26 49.10 -86.91
CA SER D 389 43.86 48.89 -85.61
C SER D 389 43.36 47.60 -84.98
N LYS D 390 43.88 47.28 -83.79
CA LYS D 390 43.56 46.06 -83.06
C LYS D 390 42.77 46.36 -81.80
N VAL D 391 41.92 47.39 -81.85
CA VAL D 391 41.15 47.80 -80.69
C VAL D 391 39.68 47.42 -80.85
N THR D 392 39.21 47.29 -82.09
CA THR D 392 37.79 47.02 -82.32
C THR D 392 37.38 45.67 -81.74
N SER D 393 38.20 44.65 -81.92
CA SER D 393 37.94 43.29 -81.43
C SER D 393 36.63 42.80 -82.05
N GLU D 394 35.69 42.29 -81.27
CA GLU D 394 34.43 41.80 -81.82
C GLU D 394 33.28 42.74 -81.45
N MET E 1 62.32 -132.54 93.17
CA MET E 1 62.42 -133.59 92.16
C MET E 1 63.44 -133.23 91.09
N PHE E 2 63.85 -134.23 90.32
CA PHE E 2 64.85 -134.02 89.28
C PHE E 2 64.29 -133.18 88.14
N PHE E 3 65.11 -132.29 87.60
CA PHE E 3 64.70 -131.38 86.52
C PHE E 3 65.62 -131.61 85.32
N THR E 4 65.11 -132.29 84.30
CA THR E 4 65.88 -132.53 83.09
C THR E 4 66.10 -131.23 82.33
N CYS E 5 67.22 -131.17 81.61
CA CYS E 5 67.54 -130.04 80.76
C CYS E 5 68.18 -130.56 79.47
N GLY E 6 67.97 -129.81 78.39
CA GLY E 6 68.63 -130.10 77.16
C GLY E 6 70.07 -129.62 77.16
N PRO E 7 70.73 -129.78 76.02
CA PRO E 7 72.08 -129.25 75.85
C PRO E 7 72.19 -127.84 75.30
N ASN E 8 71.12 -127.04 75.35
CA ASN E 8 71.17 -125.64 74.97
C ASN E 8 70.94 -124.70 76.14
N GLU E 9 70.87 -125.23 77.37
CA GLU E 9 70.68 -124.42 78.55
C GLU E 9 71.52 -124.98 79.68
N ALA E 10 71.91 -124.11 80.60
CA ALA E 10 72.67 -124.49 81.77
C ALA E 10 71.78 -124.36 83.00
N MET E 11 71.56 -125.48 83.69
CA MET E 11 70.76 -125.51 84.91
C MET E 11 71.70 -125.37 86.10
N VAL E 12 71.73 -124.18 86.68
CA VAL E 12 72.50 -123.92 87.88
C VAL E 12 71.54 -123.45 88.96
N VAL E 13 71.56 -124.12 90.11
CA VAL E 13 70.63 -123.85 91.20
C VAL E 13 71.38 -123.96 92.52
N SER E 14 70.90 -123.25 93.54
CA SER E 14 71.41 -123.35 94.90
C SER E 14 70.37 -124.08 95.75
N GLY E 15 70.82 -125.10 96.47
CA GLY E 15 69.92 -125.87 97.31
C GLY E 15 70.24 -125.81 98.78
N PHE E 16 70.64 -126.94 99.36
CA PHE E 16 71.05 -127.02 100.75
C PHE E 16 72.42 -127.67 100.82
N CYS E 17 73.37 -126.96 101.44
CA CYS E 17 74.75 -127.43 101.61
C CYS E 17 75.37 -127.79 100.26
N ARG E 18 75.34 -126.83 99.35
CA ARG E 18 75.91 -126.95 98.01
C ARG E 18 76.77 -125.72 97.70
N SER E 19 77.66 -125.39 98.64
CA SER E 19 78.45 -124.15 98.52
C SER E 19 79.31 -124.10 97.26
N PRO E 20 80.06 -125.14 96.88
CA PRO E 20 80.80 -125.07 95.62
C PRO E 20 79.84 -124.95 94.45
N PRO E 21 80.26 -124.29 93.37
CA PRO E 21 79.37 -124.10 92.24
C PRO E 21 79.00 -125.43 91.59
N VAL E 22 77.79 -125.47 91.03
CA VAL E 22 77.26 -126.65 90.36
C VAL E 22 77.07 -126.33 88.88
N MET E 23 77.75 -127.08 88.02
CA MET E 23 77.71 -126.90 86.58
C MET E 23 76.90 -128.04 85.97
N VAL E 24 75.62 -127.80 85.69
CA VAL E 24 74.74 -128.80 85.11
C VAL E 24 74.13 -128.22 83.85
N ALA E 25 74.35 -128.90 82.72
CA ALA E 25 73.73 -128.57 81.44
C ALA E 25 73.52 -129.86 80.68
N GLY E 26 72.29 -130.39 80.74
CA GLY E 26 72.00 -131.69 80.17
C GLY E 26 72.04 -132.79 81.20
N GLY E 27 71.38 -132.57 82.34
CA GLY E 27 71.33 -133.55 83.40
C GLY E 27 70.10 -133.33 84.25
N ARG E 28 70.17 -133.80 85.50
CA ARG E 28 69.09 -133.63 86.44
C ARG E 28 69.64 -133.22 87.80
N VAL E 29 68.80 -132.51 88.57
CA VAL E 29 69.14 -132.08 89.92
C VAL E 29 67.90 -132.26 90.79
N PHE E 30 68.06 -132.95 91.92
CA PHE E 30 66.98 -133.07 92.89
C PHE E 30 66.78 -131.72 93.58
N VAL E 31 65.61 -131.13 93.39
CA VAL E 31 65.33 -129.77 93.84
C VAL E 31 64.24 -129.79 94.89
N LEU E 32 64.55 -129.27 96.07
CA LEU E 32 63.55 -129.06 97.10
C LEU E 32 62.68 -127.85 96.73
N PRO E 33 61.37 -127.89 96.99
CA PRO E 33 60.52 -126.78 96.52
C PRO E 33 60.68 -125.50 97.32
N CYS E 34 60.75 -125.60 98.64
CA CYS E 34 60.80 -124.42 99.50
C CYS E 34 62.21 -124.08 99.97
N ILE E 35 63.24 -124.77 99.47
CA ILE E 35 64.62 -124.55 99.88
C ILE E 35 65.49 -124.08 98.73
N GLN E 36 65.34 -124.69 97.56
CA GLN E 36 66.20 -124.38 96.42
C GLN E 36 65.61 -123.27 95.55
N GLN E 37 66.48 -122.58 94.83
CA GLN E 37 66.10 -121.52 93.92
C GLN E 37 66.59 -121.88 92.51
N ILE E 38 65.73 -121.69 91.52
CA ILE E 38 65.98 -122.15 90.16
C ILE E 38 66.24 -120.94 89.27
N GLN E 39 67.32 -121.01 88.49
CA GLN E 39 67.65 -120.00 87.49
C GLN E 39 68.25 -120.69 86.28
N ARG E 40 68.07 -120.06 85.11
CA ARG E 40 68.42 -120.68 83.83
C ARG E 40 69.22 -119.72 82.96
N ILE E 41 70.10 -120.29 82.14
CA ILE E 41 70.81 -119.57 81.09
C ILE E 41 70.66 -120.35 79.79
N SER E 42 70.31 -119.63 78.71
CA SER E 42 70.20 -120.24 77.39
C SER E 42 71.56 -120.22 76.70
N LEU E 43 71.99 -121.40 76.22
CA LEU E 43 73.29 -121.55 75.57
C LEU E 43 73.18 -121.49 74.04
N ASN E 44 72.01 -121.23 73.50
CA ASN E 44 71.82 -121.27 72.06
C ASN E 44 72.61 -120.14 71.39
N THR E 45 73.17 -120.43 70.23
CA THR E 45 74.01 -119.47 69.53
C THR E 45 73.17 -118.35 68.94
N LEU E 46 73.58 -117.12 69.17
CA LEU E 46 72.88 -115.95 68.67
C LEU E 46 73.80 -115.19 67.71
N THR E 47 73.24 -114.75 66.59
CA THR E 47 73.99 -113.99 65.60
C THR E 47 73.96 -112.50 65.94
N LEU E 48 75.05 -111.82 65.59
CA LEU E 48 75.21 -110.41 65.89
C LEU E 48 75.49 -109.64 64.61
N ASN E 49 74.76 -108.55 64.41
CA ASN E 49 74.96 -107.67 63.26
C ASN E 49 75.86 -106.52 63.70
N VAL E 50 77.16 -106.79 63.71
CA VAL E 50 78.15 -105.83 64.20
C VAL E 50 78.31 -104.76 63.12
N LYS E 51 77.70 -103.60 63.32
CA LYS E 51 77.67 -102.54 62.33
C LYS E 51 78.57 -101.40 62.76
N SER E 52 79.44 -100.96 61.85
CA SER E 52 80.30 -99.80 62.07
C SER E 52 80.01 -98.77 60.99
N GLU E 53 79.72 -97.54 61.40
CA GLU E 53 79.35 -96.47 60.49
C GLU E 53 80.36 -95.34 60.59
N LYS E 54 80.90 -94.93 59.44
CA LYS E 54 81.82 -93.80 59.33
C LYS E 54 83.02 -93.97 60.26
N VAL E 55 83.77 -95.03 60.01
CA VAL E 55 84.95 -95.36 60.81
C VAL E 55 86.19 -95.13 59.95
N TYR E 56 87.21 -94.52 60.56
CA TYR E 56 88.43 -94.18 59.85
C TYR E 56 89.42 -95.34 59.85
N THR E 57 90.09 -95.52 58.71
CA THR E 57 91.11 -96.56 58.54
C THR E 57 92.48 -95.95 58.83
N ARG E 58 93.55 -96.69 58.52
CA ARG E 58 94.87 -96.23 58.93
C ARG E 58 95.38 -95.15 57.97
N HIS E 59 94.75 -95.02 56.79
CA HIS E 59 94.86 -93.80 55.99
C HIS E 59 93.93 -92.70 56.45
N GLY E 60 92.92 -93.01 57.26
CA GLY E 60 91.93 -92.04 57.67
C GLY E 60 90.69 -91.97 56.82
N VAL E 61 90.64 -92.70 55.71
CA VAL E 61 89.45 -92.65 54.85
C VAL E 61 88.27 -93.30 55.58
N PRO E 62 87.09 -92.67 55.58
CA PRO E 62 85.94 -93.26 56.27
C PRO E 62 85.18 -94.21 55.34
N ILE E 63 84.96 -95.44 55.82
CA ILE E 63 84.21 -96.44 55.08
C ILE E 63 83.18 -97.08 56.01
N SER E 64 81.97 -97.28 55.51
CA SER E 64 80.92 -97.94 56.26
C SER E 64 81.14 -99.45 56.20
N VAL E 65 81.36 -100.07 57.34
CA VAL E 65 81.71 -101.48 57.43
C VAL E 65 80.69 -102.20 58.29
N THR E 66 80.15 -103.30 57.78
CA THR E 66 79.22 -104.14 58.51
C THR E 66 79.84 -105.50 58.77
N GLY E 67 79.64 -106.02 59.97
CA GLY E 67 80.18 -107.31 60.35
C GLY E 67 79.12 -108.18 60.98
N ILE E 68 79.31 -109.50 60.82
CA ILE E 68 78.41 -110.51 61.36
C ILE E 68 79.23 -111.46 62.21
N ALA E 69 78.72 -111.78 63.39
CA ALA E 69 79.41 -112.67 64.32
C ALA E 69 78.45 -113.71 64.86
N GLN E 70 78.96 -114.91 65.11
CA GLN E 70 78.22 -115.98 65.74
C GLN E 70 78.86 -116.31 67.07
N VAL E 71 78.18 -115.96 68.16
CA VAL E 71 78.73 -116.06 69.51
C VAL E 71 77.90 -117.07 70.30
N LYS E 72 78.58 -117.89 71.09
CA LYS E 72 77.94 -118.93 71.89
C LYS E 72 78.66 -119.03 73.23
N ILE E 73 77.94 -119.53 74.23
CA ILE E 73 78.48 -119.72 75.58
C ILE E 73 79.00 -121.15 75.65
N GLN E 74 80.33 -121.30 75.72
CA GLN E 74 80.93 -122.62 75.72
C GLN E 74 80.73 -123.32 77.06
N GLY E 75 79.60 -124.02 77.19
CA GLY E 75 79.30 -124.72 78.43
C GLY E 75 80.16 -125.94 78.69
N GLN E 76 80.95 -126.37 77.70
CA GLN E 76 81.84 -127.50 77.92
C GLN E 76 82.90 -127.18 78.97
N ASN E 77 83.42 -125.96 78.95
CA ASN E 77 84.43 -125.54 79.93
C ASN E 77 83.75 -125.20 81.25
N LYS E 78 84.08 -125.95 82.30
CA LYS E 78 83.47 -125.73 83.60
C LYS E 78 83.83 -124.36 84.16
N GLU E 79 85.11 -123.98 84.04
CA GLU E 79 85.55 -122.70 84.59
C GLU E 79 84.87 -121.53 83.87
N MET E 80 84.85 -121.57 82.54
CA MET E 80 84.25 -120.47 81.79
C MET E 80 82.74 -120.39 82.05
N LEU E 81 82.07 -121.53 82.11
CA LEU E 81 80.64 -121.52 82.39
C LEU E 81 80.36 -120.99 83.79
N ALA E 82 81.17 -121.39 84.77
CA ALA E 82 80.99 -120.89 86.13
C ALA E 82 81.22 -119.39 86.19
N ALA E 83 82.21 -118.89 85.46
CA ALA E 83 82.42 -117.45 85.39
C ALA E 83 81.22 -116.75 84.77
N ALA E 84 80.68 -117.32 83.69
CA ALA E 84 79.58 -116.68 82.97
C ALA E 84 78.31 -116.66 83.80
N CYS E 85 78.07 -117.71 84.59
CA CYS E 85 76.86 -117.79 85.39
C CYS E 85 76.80 -116.69 86.44
N GLN E 86 77.96 -116.13 86.80
CA GLN E 86 78.00 -115.10 87.84
C GLN E 86 77.33 -113.80 87.42
N MET E 87 77.15 -113.58 86.11
CA MET E 87 76.48 -112.36 85.65
C MET E 87 75.40 -112.60 84.62
N PHE E 88 75.35 -113.76 83.96
CA PHE E 88 74.39 -113.94 82.88
C PHE E 88 73.06 -114.54 83.35
N LEU E 89 72.97 -114.98 84.59
CA LEU E 89 71.67 -115.37 85.14
C LEU E 89 70.78 -114.15 85.27
N GLY E 90 69.51 -114.30 84.88
CA GLY E 90 68.54 -113.23 84.98
C GLY E 90 68.57 -112.21 83.88
N LYS E 91 69.43 -112.39 82.88
CA LYS E 91 69.52 -111.47 81.75
C LYS E 91 68.84 -112.09 80.54
N THR E 92 68.02 -111.29 79.86
CA THR E 92 67.28 -111.75 78.70
C THR E 92 68.22 -111.94 77.52
N GLU E 93 67.73 -112.63 76.49
CA GLU E 93 68.53 -112.88 75.30
C GLU E 93 68.88 -111.57 74.59
N ALA E 94 67.94 -110.62 74.56
CA ALA E 94 68.18 -109.36 73.87
C ALA E 94 69.35 -108.59 74.49
N GLU E 95 69.36 -108.46 75.82
CA GLU E 95 70.44 -107.73 76.47
C GLU E 95 71.76 -108.48 76.37
N ILE E 96 71.71 -109.80 76.48
CA ILE E 96 72.92 -110.62 76.35
C ILE E 96 73.54 -110.41 74.96
N ALA E 97 72.70 -110.43 73.94
CA ALA E 97 73.19 -110.16 72.58
C ALA E 97 73.73 -108.73 72.47
N HIS E 98 73.00 -107.77 73.03
CA HIS E 98 73.33 -106.36 72.84
C HIS E 98 74.66 -105.97 73.49
N ILE E 99 74.94 -106.47 74.69
CA ILE E 99 76.17 -106.09 75.37
C ILE E 99 77.39 -106.62 74.62
N ALA E 100 77.36 -107.90 74.27
CA ALA E 100 78.46 -108.48 73.51
C ALA E 100 78.56 -107.84 72.12
N LEU E 101 77.42 -107.39 71.57
CA LEU E 101 77.46 -106.70 70.29
C LEU E 101 78.26 -105.41 70.39
N GLU E 102 78.02 -104.63 71.44
CA GLU E 102 78.79 -103.39 71.63
C GLU E 102 80.25 -103.69 71.89
N THR E 103 80.55 -104.74 72.66
CA THR E 103 81.94 -105.08 72.89
C THR E 103 82.66 -105.47 71.60
N LEU E 104 82.04 -106.33 70.80
CA LEU E 104 82.66 -106.76 69.55
C LEU E 104 82.75 -105.61 68.56
N GLU E 105 81.78 -104.69 68.59
CA GLU E 105 81.88 -103.49 67.77
C GLU E 105 83.06 -102.65 68.19
N GLY E 106 83.30 -102.52 69.50
CA GLY E 106 84.47 -101.81 69.97
C GLY E 106 85.75 -102.46 69.46
N HIS E 107 85.84 -103.78 69.55
CA HIS E 107 87.04 -104.46 69.06
C HIS E 107 87.23 -104.26 67.56
N GLN E 108 86.16 -104.41 66.78
CA GLN E 108 86.27 -104.27 65.33
C GLN E 108 86.66 -102.85 64.94
N ARG E 109 85.98 -101.86 65.51
CA ARG E 109 86.26 -100.47 65.20
C ARG E 109 87.64 -100.06 65.69
N ALA E 110 88.16 -100.71 66.74
CA ALA E 110 89.53 -100.46 67.15
C ALA E 110 90.53 -101.05 66.17
N ILE E 111 90.28 -102.29 65.72
CA ILE E 111 91.18 -102.91 64.75
C ILE E 111 91.02 -102.34 63.35
N MET E 112 90.02 -101.48 63.14
CA MET E 112 89.85 -100.83 61.84
C MET E 112 91.09 -100.06 61.45
N ALA E 113 91.72 -99.36 62.40
CA ALA E 113 92.89 -98.55 62.11
C ALA E 113 94.16 -99.38 62.00
N HIS E 114 94.10 -100.68 62.29
CA HIS E 114 95.29 -101.49 62.12
C HIS E 114 95.49 -101.86 60.65
N MET E 115 94.47 -102.43 60.02
CA MET E 115 94.53 -102.87 58.63
C MET E 115 93.82 -101.86 57.74
N THR E 116 94.48 -101.48 56.65
CA THR E 116 93.91 -100.54 55.70
C THR E 116 92.86 -101.23 54.83
N VAL E 117 92.05 -100.40 54.15
CA VAL E 117 90.98 -100.94 53.31
C VAL E 117 91.55 -101.83 52.21
N GLU E 118 92.65 -101.36 51.59
CA GLU E 118 93.35 -102.19 50.60
C GLU E 118 93.68 -103.55 51.18
N GLU E 119 94.06 -103.59 52.46
CA GLU E 119 94.31 -104.86 53.11
C GLU E 119 93.00 -105.61 53.38
N ILE E 120 91.95 -104.89 53.79
CA ILE E 120 90.76 -105.60 54.28
C ILE E 120 90.05 -106.32 53.15
N TYR E 121 89.92 -105.71 51.97
CA TYR E 121 89.18 -106.46 50.94
C TYR E 121 90.06 -107.47 50.22
N LYS E 122 91.36 -107.19 50.12
CA LYS E 122 92.28 -108.13 49.47
C LYS E 122 92.72 -109.21 50.45
N ASP E 123 93.42 -108.82 51.51
CA ASP E 123 93.91 -109.78 52.49
C ASP E 123 92.93 -109.86 53.67
N ARG E 124 91.89 -110.68 53.51
CA ARG E 124 90.82 -110.74 54.49
C ARG E 124 91.02 -111.88 55.49
N GLN E 125 91.74 -112.92 55.10
CA GLN E 125 91.89 -114.08 55.97
C GLN E 125 92.70 -113.74 57.22
N LYS E 126 93.85 -113.09 57.03
CA LYS E 126 94.67 -112.71 58.17
C LYS E 126 93.95 -111.68 59.05
N PHE E 127 93.26 -110.74 58.42
CA PHE E 127 92.44 -109.79 59.16
C PHE E 127 91.42 -110.51 60.05
N SER E 128 90.66 -111.43 59.46
CA SER E 128 89.63 -112.14 60.22
C SER E 128 90.25 -112.96 61.33
N GLU E 129 91.39 -113.61 61.06
CA GLU E 129 92.03 -114.42 62.08
C GLU E 129 92.49 -113.57 63.26
N GLN E 130 93.10 -112.41 62.99
CA GLN E 130 93.55 -111.56 64.08
C GLN E 130 92.37 -110.98 64.86
N VAL E 131 91.31 -110.57 64.15
CA VAL E 131 90.11 -110.08 64.83
C VAL E 131 89.55 -111.17 65.72
N PHE E 132 89.43 -112.39 65.21
CA PHE E 132 88.91 -113.49 66.00
C PHE E 132 89.78 -113.75 67.21
N LYS E 133 91.10 -113.76 67.04
CA LYS E 133 91.99 -114.01 68.16
C LYS E 133 91.79 -112.98 69.27
N VAL E 134 91.88 -111.69 68.93
CA VAL E 134 91.82 -110.65 69.95
C VAL E 134 90.44 -110.61 70.61
N ALA E 135 89.39 -110.63 69.80
CA ALA E 135 88.04 -110.58 70.33
C ALA E 135 87.74 -111.80 71.18
N SER E 136 88.16 -112.99 70.73
CA SER E 136 87.92 -114.20 71.49
C SER E 136 88.66 -114.15 72.82
N SER E 137 89.90 -113.65 72.83
CA SER E 137 90.62 -113.53 74.09
C SER E 137 89.87 -112.61 75.05
N ASP E 138 89.52 -111.40 74.60
CA ASP E 138 88.93 -110.44 75.52
C ASP E 138 87.49 -110.81 75.88
N LEU E 139 86.86 -111.68 75.10
CA LEU E 139 85.47 -112.05 75.39
C LEU E 139 85.40 -113.33 76.22
N VAL E 140 86.37 -114.23 76.05
CA VAL E 140 86.53 -115.34 76.99
C VAL E 140 86.90 -114.80 78.36
N ASN E 141 87.68 -113.72 78.38
CA ASN E 141 87.89 -113.00 79.63
C ASN E 141 86.54 -112.57 80.23
N MET E 142 85.62 -112.13 79.38
CA MET E 142 84.28 -111.79 79.86
C MET E 142 83.43 -113.05 80.02
N GLY E 143 83.61 -114.04 79.17
CA GLY E 143 82.94 -115.32 79.32
C GLY E 143 82.24 -115.87 78.09
N ILE E 144 82.24 -115.16 76.97
CA ILE E 144 81.61 -115.63 75.73
C ILE E 144 82.71 -115.91 74.71
N SER E 145 82.61 -117.06 74.05
CA SER E 145 83.54 -117.43 72.99
C SER E 145 82.85 -117.27 71.64
N VAL E 146 83.47 -116.52 70.74
CA VAL E 146 82.90 -116.29 69.41
C VAL E 146 83.18 -117.50 68.55
N VAL E 147 82.12 -118.10 68.00
CA VAL E 147 82.30 -119.27 67.14
C VAL E 147 83.00 -118.88 65.85
N SER E 148 82.53 -117.81 65.21
CA SER E 148 83.11 -117.36 63.96
C SER E 148 82.69 -115.92 63.71
N TYR E 149 83.63 -115.09 63.31
CA TYR E 149 83.38 -113.70 62.98
C TYR E 149 83.67 -113.48 61.50
N THR E 150 82.83 -112.66 60.86
CA THR E 150 83.01 -112.32 59.46
C THR E 150 82.65 -110.86 59.25
N LEU E 151 83.03 -110.33 58.09
CA LEU E 151 82.72 -108.97 57.70
C LEU E 151 81.62 -109.00 56.65
N LYS E 152 80.50 -108.33 56.95
CA LYS E 152 79.32 -108.44 56.09
C LYS E 152 79.50 -107.64 54.80
N ASP E 153 79.68 -106.33 54.92
CA ASP E 153 79.77 -105.46 53.75
C ASP E 153 80.69 -104.29 54.06
N ILE E 154 81.30 -103.77 53.00
CA ILE E 154 82.12 -102.56 53.08
C ILE E 154 81.51 -101.54 52.13
N HIS E 155 81.26 -100.34 52.64
CA HIS E 155 80.64 -99.27 51.87
C HIS E 155 81.46 -98.00 52.00
N ASP E 156 81.55 -97.25 50.92
CA ASP E 156 82.27 -95.98 50.90
C ASP E 156 81.35 -94.90 50.35
N ASP E 157 81.08 -93.89 51.17
CA ASP E 157 80.27 -92.75 50.75
C ASP E 157 81.11 -91.62 50.15
N GLN E 158 82.43 -91.76 50.15
CA GLN E 158 83.34 -90.74 49.64
C GLN E 158 83.78 -91.01 48.21
N ASP E 159 83.25 -92.06 47.57
CA ASP E 159 83.63 -92.50 46.23
C ASP E 159 85.09 -92.91 46.16
N TYR E 160 85.65 -93.41 47.26
CA TYR E 160 87.07 -93.77 47.29
C TYR E 160 87.34 -95.00 46.43
N LEU E 161 86.47 -96.01 46.51
CA LEU E 161 86.76 -97.29 45.88
C LEU E 161 86.16 -97.38 44.48
N HIS E 162 85.21 -96.49 44.16
CA HIS E 162 84.57 -96.54 42.86
C HIS E 162 85.56 -96.28 41.74
N SER E 163 86.49 -95.34 41.94
CA SER E 163 87.50 -95.06 40.93
C SER E 163 88.45 -96.25 40.75
N LEU E 164 88.84 -96.89 41.86
CA LEU E 164 89.68 -98.07 41.77
C LEU E 164 88.98 -99.17 40.98
N GLY E 165 87.67 -99.31 41.16
CA GLY E 165 86.92 -100.24 40.33
C GLY E 165 86.87 -99.81 38.88
N LYS E 166 86.69 -98.52 38.63
CA LYS E 166 86.49 -98.03 37.27
C LYS E 166 87.76 -98.14 36.43
N ALA E 167 88.92 -98.14 37.09
CA ALA E 167 90.18 -98.29 36.36
C ALA E 167 90.21 -99.55 35.51
N ARG E 168 89.88 -100.69 36.13
CA ARG E 168 89.91 -101.95 35.39
C ARG E 168 88.81 -102.00 34.33
N THR E 169 87.67 -101.36 34.60
CA THR E 169 86.61 -101.29 33.60
C THR E 169 87.09 -100.56 32.35
N ALA E 170 87.82 -99.46 32.53
CA ALA E 170 88.42 -98.80 31.37
C ALA E 170 89.43 -99.71 30.70
N GLN E 171 90.23 -100.42 31.49
CA GLN E 171 91.28 -101.27 30.93
C GLN E 171 90.70 -102.41 30.12
N VAL E 172 89.46 -102.81 30.41
CA VAL E 172 88.83 -103.88 29.62
C VAL E 172 88.05 -103.27 28.45
N GLN E 173 87.52 -102.06 28.63
CA GLN E 173 86.81 -101.41 27.56
C GLN E 173 87.73 -101.08 26.39
N LYS E 174 89.01 -100.83 26.67
CA LYS E 174 89.94 -100.61 25.57
C LYS E 174 90.06 -101.86 24.71
N ASP E 175 90.09 -103.05 25.34
CA ASP E 175 90.06 -104.31 24.60
C ASP E 175 88.74 -104.48 23.86
N ALA E 176 87.63 -104.11 24.50
CA ALA E 176 86.33 -104.19 23.83
C ALA E 176 86.32 -103.36 22.56
N ARG E 177 86.96 -102.19 22.59
CA ARG E 177 87.00 -101.35 21.39
C ARG E 177 88.00 -101.87 20.37
N ILE E 178 89.12 -102.44 20.82
CA ILE E 178 90.12 -102.94 19.90
C ILE E 178 89.56 -104.11 19.08
N GLY E 179 88.76 -104.96 19.72
CA GLY E 179 88.14 -106.05 18.98
C GLY E 179 87.19 -105.55 17.92
N GLU E 180 86.38 -104.55 18.25
CA GLU E 180 85.45 -103.97 17.28
C GLU E 180 86.20 -103.34 16.13
N ALA E 181 87.30 -102.65 16.41
CA ALA E 181 88.11 -102.05 15.35
C ALA E 181 88.68 -103.10 14.42
N GLU E 182 89.22 -104.19 14.98
CA GLU E 182 89.68 -105.31 14.17
C GLU E 182 88.57 -105.81 13.25
N ALA E 183 87.40 -106.09 13.83
CA ALA E 183 86.30 -106.66 13.05
C ALA E 183 85.85 -105.71 11.95
N LYS E 184 85.72 -104.42 12.27
CA LYS E 184 85.26 -103.46 11.27
C LYS E 184 86.25 -103.31 10.13
N ARG E 185 87.55 -103.20 10.44
CA ARG E 185 88.53 -103.07 9.37
C ARG E 185 88.54 -104.33 8.49
N ASP E 186 88.50 -105.51 9.12
CA ASP E 186 88.55 -106.75 8.35
C ASP E 186 87.31 -106.90 7.48
N ALA E 187 86.15 -106.48 7.96
CA ALA E 187 84.94 -106.55 7.14
C ALA E 187 85.01 -105.57 5.98
N GLY E 188 85.34 -104.31 6.28
CA GLY E 188 85.33 -103.27 5.27
C GLY E 188 86.31 -103.50 4.14
N ILE E 189 87.51 -103.99 4.45
CA ILE E 189 88.52 -104.19 3.41
C ILE E 189 87.98 -105.08 2.28
N ARG E 190 87.52 -106.28 2.62
CA ARG E 190 87.04 -107.20 1.60
C ARG E 190 85.67 -106.85 1.08
N GLU E 191 84.82 -106.20 1.87
CA GLU E 191 83.56 -105.70 1.31
C GLU E 191 83.81 -104.71 0.18
N ALA E 192 84.72 -103.75 0.42
CA ALA E 192 85.06 -102.79 -0.63
C ALA E 192 85.70 -103.48 -1.81
N LYS E 193 86.56 -104.45 -1.57
CA LYS E 193 87.19 -105.14 -2.69
C LYS E 193 86.16 -105.89 -3.55
N ALA E 194 85.22 -106.60 -2.93
CA ALA E 194 84.20 -107.30 -3.68
C ALA E 194 83.31 -106.32 -4.45
N LYS E 195 82.96 -105.20 -3.81
CA LYS E 195 82.26 -104.13 -4.50
C LYS E 195 83.01 -103.71 -5.76
N GLN E 196 84.34 -103.57 -5.63
CA GLN E 196 85.17 -103.17 -6.76
C GLN E 196 85.09 -104.17 -7.90
N GLU E 197 85.24 -105.46 -7.60
CA GLU E 197 85.16 -106.45 -8.67
C GLU E 197 83.79 -106.46 -9.34
N LYS E 198 82.70 -106.34 -8.57
CA LYS E 198 81.41 -106.45 -9.23
C LYS E 198 81.18 -105.25 -10.14
N VAL E 199 81.59 -104.06 -9.69
CA VAL E 199 81.43 -102.88 -10.55
C VAL E 199 82.29 -102.99 -11.79
N SER E 200 83.52 -103.48 -11.65
CA SER E 200 84.39 -103.64 -12.80
C SER E 200 83.79 -104.59 -13.83
N ALA E 201 83.25 -105.72 -13.36
CA ALA E 201 82.61 -106.66 -14.28
C ALA E 201 81.35 -106.08 -14.91
N GLN E 202 80.55 -105.32 -14.14
CA GLN E 202 79.35 -104.71 -14.70
C GLN E 202 79.71 -103.74 -15.82
N TYR E 203 80.74 -102.92 -15.62
CA TYR E 203 81.15 -102.02 -16.68
C TYR E 203 81.76 -102.76 -17.87
N LEU E 204 82.46 -103.86 -17.62
CA LEU E 204 82.96 -104.67 -18.72
C LEU E 204 81.81 -105.20 -19.57
N SER E 205 80.73 -105.64 -18.93
CA SER E 205 79.55 -106.07 -19.68
C SER E 205 78.91 -104.90 -20.42
N GLU E 206 78.85 -103.74 -19.79
CA GLU E 206 78.29 -102.57 -20.45
C GLU E 206 79.11 -102.14 -21.66
N ILE E 207 80.39 -102.51 -21.72
CA ILE E 207 81.17 -102.28 -22.94
C ILE E 207 80.57 -103.05 -24.11
N GLU E 208 80.31 -104.35 -23.91
CA GLU E 208 79.67 -105.14 -24.95
C GLU E 208 78.25 -104.67 -25.24
N MET E 209 77.58 -104.13 -24.22
CA MET E 209 76.29 -103.48 -24.46
C MET E 209 76.41 -102.40 -25.53
N ALA E 210 77.41 -101.52 -25.41
CA ALA E 210 77.60 -100.48 -26.41
C ALA E 210 78.08 -101.03 -27.74
N LYS E 211 78.87 -102.11 -27.71
CA LYS E 211 79.22 -102.81 -28.95
C LYS E 211 77.98 -103.20 -29.73
N ALA E 212 77.05 -103.89 -29.07
CA ALA E 212 75.82 -104.31 -29.72
C ALA E 212 74.96 -103.12 -30.13
N GLN E 213 74.92 -102.07 -29.29
CA GLN E 213 74.15 -100.89 -29.62
C GLN E 213 74.65 -100.25 -30.90
N ARG E 214 75.97 -100.11 -31.05
CA ARG E 214 76.55 -99.63 -32.30
C ARG E 214 76.19 -100.54 -33.45
N ASP E 215 76.41 -101.85 -33.28
CA ASP E 215 76.17 -102.81 -34.36
C ASP E 215 74.74 -102.76 -34.86
N TYR E 216 73.78 -102.44 -34.00
CA TYR E 216 72.39 -102.32 -34.41
C TYR E 216 72.07 -100.95 -34.99
N GLU E 217 72.46 -99.88 -34.29
CA GLU E 217 72.08 -98.53 -34.68
C GLU E 217 72.70 -98.12 -36.01
N LEU E 218 73.98 -98.47 -36.24
CA LEU E 218 74.63 -98.07 -37.48
C LEU E 218 73.94 -98.70 -38.68
N LYS E 219 73.63 -99.98 -38.61
CA LYS E 219 72.92 -100.63 -39.71
C LYS E 219 71.52 -100.10 -39.87
N LYS E 220 70.83 -99.80 -38.76
CA LYS E 220 69.49 -99.24 -38.89
C LYS E 220 69.52 -97.91 -39.61
N ALA E 221 70.48 -97.04 -39.26
CA ALA E 221 70.60 -95.76 -39.94
C ALA E 221 70.99 -95.93 -41.40
N ALA E 222 71.89 -96.87 -41.69
CA ALA E 222 72.30 -97.09 -43.08
C ALA E 222 71.13 -97.55 -43.93
N TYR E 223 70.27 -98.41 -43.38
CA TYR E 223 69.08 -98.84 -44.10
C TYR E 223 68.07 -97.70 -44.23
N ASP E 224 67.96 -96.87 -43.20
CA ASP E 224 67.05 -95.74 -43.26
C ASP E 224 67.45 -94.76 -44.36
N ILE E 225 68.75 -94.61 -44.60
CA ILE E 225 69.18 -93.72 -45.68
C ILE E 225 68.58 -94.17 -47.01
N GLU E 226 68.70 -95.47 -47.31
CA GLU E 226 68.19 -95.99 -48.57
C GLU E 226 66.68 -95.87 -48.65
N VAL E 227 65.97 -96.21 -47.56
CA VAL E 227 64.51 -96.16 -47.62
C VAL E 227 64.04 -94.72 -47.79
N ASN E 228 64.70 -93.77 -47.13
CA ASN E 228 64.31 -92.37 -47.29
C ASN E 228 64.57 -91.88 -48.70
N THR E 229 65.69 -92.27 -49.31
CA THR E 229 65.95 -91.85 -50.68
C THR E 229 64.89 -92.40 -51.63
N ARG E 230 64.56 -93.69 -51.51
CA ARG E 230 63.56 -94.27 -52.40
C ARG E 230 62.19 -93.66 -52.17
N ARG E 231 61.82 -93.41 -50.91
CA ARG E 231 60.53 -92.78 -50.63
C ARG E 231 60.47 -91.37 -51.19
N ALA E 232 61.58 -90.62 -51.11
CA ALA E 232 61.61 -89.28 -51.68
C ALA E 232 61.42 -89.32 -53.18
N GLN E 233 62.06 -90.28 -53.86
CA GLN E 233 61.84 -90.42 -55.30
C GLN E 233 60.38 -90.76 -55.60
N ALA E 234 59.81 -91.69 -54.83
CA ALA E 234 58.45 -92.15 -55.10
C ALA E 234 57.43 -91.03 -54.90
N ASP E 235 57.64 -90.17 -53.91
CA ASP E 235 56.69 -89.10 -53.67
C ASP E 235 56.57 -88.15 -54.87
N LEU E 236 57.71 -87.77 -55.44
CA LEU E 236 57.72 -86.76 -56.50
C LEU E 236 57.63 -87.35 -57.90
N ALA E 237 57.66 -88.67 -58.05
CA ALA E 237 57.37 -89.27 -59.35
C ALA E 237 56.01 -88.83 -59.87
N TYR E 238 55.03 -88.72 -58.97
CA TYR E 238 53.68 -88.32 -59.38
C TYR E 238 53.68 -86.91 -59.98
N GLN E 239 54.34 -85.97 -59.30
CA GLN E 239 54.41 -84.61 -59.81
C GLN E 239 55.17 -84.55 -61.13
N LEU E 240 56.26 -85.32 -61.24
CA LEU E 240 57.00 -85.36 -62.49
C LEU E 240 56.11 -85.81 -63.64
N GLN E 241 55.37 -86.90 -63.46
CA GLN E 241 54.53 -87.39 -64.54
C GLN E 241 53.37 -86.45 -64.84
N VAL E 242 52.77 -85.85 -63.80
CA VAL E 242 51.64 -84.97 -64.05
C VAL E 242 52.09 -83.72 -64.81
N ALA E 243 53.31 -83.24 -64.53
CA ALA E 243 53.84 -82.13 -65.33
C ALA E 243 54.12 -82.58 -66.76
N LYS E 244 54.71 -83.77 -66.93
CA LYS E 244 55.05 -84.24 -68.26
C LYS E 244 53.80 -84.38 -69.13
N THR E 245 52.68 -84.79 -68.54
CA THR E 245 51.44 -84.89 -69.32
C THR E 245 50.68 -83.58 -69.41
N LYS E 246 50.81 -82.70 -68.41
CA LYS E 246 50.27 -81.35 -68.55
C LYS E 246 50.92 -80.61 -69.70
N GLN E 247 52.15 -81.00 -70.07
CA GLN E 247 52.75 -80.45 -71.29
C GLN E 247 51.81 -80.63 -72.48
N GLN E 248 51.35 -81.86 -72.72
CA GLN E 248 50.45 -82.12 -73.84
C GLN E 248 49.08 -81.51 -73.61
N ILE E 249 48.63 -81.51 -72.34
CA ILE E 249 47.35 -80.88 -72.02
C ILE E 249 47.34 -79.44 -72.52
N GLU E 250 48.38 -78.68 -72.18
CA GLU E 250 48.48 -77.30 -72.63
C GLU E 250 48.75 -77.20 -74.12
N GLU E 251 49.54 -78.13 -74.67
CA GLU E 251 49.81 -78.11 -76.10
C GLU E 251 48.52 -78.15 -76.92
N GLN E 252 47.53 -78.91 -76.47
CA GLN E 252 46.24 -78.94 -77.16
C GLN E 252 45.29 -77.83 -76.73
N ARG E 253 45.32 -77.45 -75.44
CA ARG E 253 44.47 -76.37 -74.96
C ARG E 253 44.84 -75.04 -75.61
N VAL E 254 46.04 -74.96 -76.18
CA VAL E 254 46.39 -73.78 -76.98
C VAL E 254 46.14 -73.99 -78.46
N GLN E 255 46.20 -75.24 -78.94
CA GLN E 255 45.86 -75.54 -80.32
C GLN E 255 44.42 -75.21 -80.64
N VAL E 256 43.53 -75.31 -79.66
CA VAL E 256 42.16 -74.87 -79.91
C VAL E 256 42.13 -73.38 -80.26
N GLN E 257 43.00 -72.58 -79.64
CA GLN E 257 43.09 -71.15 -80.00
C GLN E 257 43.59 -70.97 -81.43
N VAL E 258 44.55 -71.79 -81.87
CA VAL E 258 45.01 -71.70 -83.24
C VAL E 258 43.86 -71.96 -84.21
N VAL E 259 43.05 -72.97 -83.90
CA VAL E 259 41.88 -73.25 -84.75
C VAL E 259 40.92 -72.06 -84.75
N GLU E 260 40.65 -71.49 -83.58
CA GLU E 260 39.79 -70.32 -83.47
C GLU E 260 40.26 -69.19 -84.39
N ARG E 261 41.55 -68.85 -84.33
CA ARG E 261 42.03 -67.74 -85.15
C ARG E 261 42.08 -68.09 -86.63
N ALA E 262 42.47 -69.33 -86.95
CA ALA E 262 42.53 -69.76 -88.34
C ALA E 262 41.16 -69.87 -88.98
N GLN E 263 40.08 -69.84 -88.20
CA GLN E 263 38.75 -69.68 -88.78
C GLN E 263 38.20 -68.26 -88.69
N GLN E 264 38.62 -67.48 -87.69
CA GLN E 264 38.29 -66.06 -87.71
C GLN E 264 38.87 -65.36 -88.92
N VAL E 265 39.99 -65.86 -89.46
CA VAL E 265 40.51 -65.27 -90.68
C VAL E 265 39.55 -65.50 -91.84
N ALA E 266 38.88 -66.66 -91.89
CA ALA E 266 37.86 -66.88 -92.92
C ALA E 266 36.62 -66.03 -92.66
N VAL E 267 36.28 -65.83 -91.39
CA VAL E 267 35.20 -64.90 -91.05
C VAL E 267 35.49 -63.53 -91.65
N GLN E 268 36.71 -63.03 -91.47
CA GLN E 268 37.08 -61.74 -92.04
C GLN E 268 37.18 -61.79 -93.56
N GLU E 269 37.51 -62.95 -94.11
CA GLU E 269 37.54 -63.10 -95.57
C GLU E 269 36.15 -62.90 -96.16
N GLN E 270 35.12 -63.37 -95.46
CA GLN E 270 33.76 -63.06 -95.89
C GLN E 270 33.38 -61.62 -95.55
N GLU E 271 33.91 -61.09 -94.44
CA GLU E 271 33.58 -59.74 -94.02
C GLU E 271 34.08 -58.70 -95.00
N ILE E 272 35.20 -58.97 -95.68
CA ILE E 272 35.71 -57.98 -96.62
C ILE E 272 34.74 -57.77 -97.78
N ALA E 273 34.18 -58.86 -98.31
CA ALA E 273 33.21 -58.73 -99.39
C ALA E 273 31.88 -58.18 -98.88
N ARG E 274 31.50 -58.53 -97.64
CA ARG E 274 30.30 -57.93 -97.07
C ARG E 274 30.45 -56.42 -96.96
N ARG E 275 31.61 -55.95 -96.51
CA ARG E 275 31.88 -54.53 -96.45
C ARG E 275 31.92 -53.91 -97.84
N GLU E 276 32.52 -54.58 -98.82
CA GLU E 276 32.42 -54.14 -100.20
C GLU E 276 30.99 -53.80 -100.57
N LYS E 277 30.10 -54.80 -100.47
CA LYS E 277 28.72 -54.60 -100.91
C LYS E 277 28.00 -53.53 -100.10
N GLU E 278 28.10 -53.62 -98.77
CA GLU E 278 27.37 -52.69 -97.91
C GLU E 278 27.85 -51.26 -98.09
N LEU E 279 29.17 -51.07 -98.16
CA LEU E 279 29.73 -49.75 -98.34
C LEU E 279 29.34 -49.18 -99.71
N GLU E 280 29.37 -50.02 -100.75
CA GLU E 280 28.90 -49.55 -102.05
C GLU E 280 27.47 -49.07 -101.95
N ALA E 281 26.58 -49.89 -101.39
CA ALA E 281 25.16 -49.54 -101.29
C ALA E 281 24.94 -48.26 -100.49
N ARG E 282 25.67 -48.08 -99.40
CA ARG E 282 25.41 -46.95 -98.50
C ARG E 282 26.24 -45.72 -98.82
N VAL E 283 27.16 -45.77 -99.77
CA VAL E 283 27.97 -44.59 -100.10
C VAL E 283 27.88 -44.24 -101.57
N ARG E 284 28.22 -45.20 -102.44
CA ARG E 284 28.39 -44.87 -103.86
C ARG E 284 27.07 -44.51 -104.51
N LYS E 285 26.04 -45.34 -104.31
CA LYS E 285 24.72 -45.05 -104.87
C LYS E 285 24.12 -43.76 -104.32
N PRO E 286 24.14 -43.49 -103.01
CA PRO E 286 23.67 -42.17 -102.56
C PRO E 286 24.44 -41.02 -103.16
N ALA E 287 25.76 -41.17 -103.36
CA ALA E 287 26.54 -40.11 -104.00
C ALA E 287 26.09 -39.88 -105.44
N GLU E 288 25.85 -40.96 -106.19
CA GLU E 288 25.36 -40.81 -107.56
C GLU E 288 24.00 -40.13 -107.58
N ALA E 289 23.10 -40.54 -106.68
CA ALA E 289 21.77 -39.93 -106.63
C ALA E 289 21.86 -38.46 -106.27
N GLU E 290 22.71 -38.10 -105.31
CA GLU E 290 22.87 -36.70 -104.94
C GLU E 290 23.46 -35.89 -106.08
N ARG E 291 24.41 -36.47 -106.82
CA ARG E 291 24.97 -35.77 -107.98
C ARG E 291 23.90 -35.51 -109.03
N TYR E 292 23.05 -36.51 -109.29
CA TYR E 292 21.98 -36.31 -110.26
C TYR E 292 20.99 -35.26 -109.78
N LYS E 293 20.66 -35.27 -108.49
CA LYS E 293 19.76 -34.27 -107.94
C LYS E 293 20.34 -32.87 -108.07
N LEU E 294 21.62 -32.71 -107.76
CA LEU E 294 22.26 -31.41 -107.89
C LEU E 294 22.31 -30.97 -109.35
N GLU E 295 22.61 -31.88 -110.26
CA GLU E 295 22.61 -31.55 -111.69
C GLU E 295 21.25 -31.03 -112.12
N ARG E 296 20.19 -31.74 -111.78
CA ARG E 296 18.86 -31.33 -112.23
C ARG E 296 18.41 -30.02 -111.59
N LEU E 297 18.65 -29.86 -110.29
CA LEU E 297 18.26 -28.61 -109.64
C LEU E 297 19.05 -27.43 -110.19
N ALA E 298 20.34 -27.61 -110.45
CA ALA E 298 21.13 -26.55 -111.05
C ALA E 298 20.65 -26.22 -112.45
N GLU E 299 20.30 -27.22 -113.24
CA GLU E 299 19.76 -26.96 -114.57
C GLU E 299 18.46 -26.17 -114.49
N ALA E 300 17.58 -26.52 -113.53
CA ALA E 300 16.35 -25.78 -113.35
C ALA E 300 16.62 -24.34 -112.92
N GLU E 301 17.58 -24.14 -112.03
CA GLU E 301 17.91 -22.78 -111.58
C GLU E 301 18.45 -21.94 -112.73
N LYS E 302 19.31 -22.53 -113.57
CA LYS E 302 19.79 -21.81 -114.74
C LYS E 302 18.65 -21.47 -115.68
N SER E 303 17.75 -22.43 -115.92
CA SER E 303 16.64 -22.19 -116.83
C SER E 303 15.73 -21.09 -116.32
N GLN E 304 15.55 -21.01 -114.99
CA GLN E 304 14.74 -19.94 -114.43
C GLN E 304 15.45 -18.60 -114.51
N LEU E 305 16.73 -18.57 -114.14
CA LEU E 305 17.47 -17.31 -114.08
C LEU E 305 17.64 -16.69 -115.46
N ILE E 306 17.92 -17.51 -116.47
CA ILE E 306 18.13 -16.98 -117.82
C ILE E 306 16.90 -16.23 -118.31
N MET E 307 15.72 -16.82 -118.12
CA MET E 307 14.51 -16.22 -118.65
C MET E 307 13.94 -15.13 -117.75
N GLN E 308 14.18 -15.19 -116.43
CA GLN E 308 13.90 -14.03 -115.59
C GLN E 308 14.75 -12.84 -116.00
N ALA E 309 16.02 -13.08 -116.31
CA ALA E 309 16.89 -12.02 -116.81
C ALA E 309 16.38 -11.48 -118.14
N GLU E 310 15.95 -12.38 -119.04
CA GLU E 310 15.40 -11.93 -120.31
C GLU E 310 14.16 -11.06 -120.10
N ALA E 311 13.30 -11.45 -119.17
CA ALA E 311 12.11 -10.65 -118.88
C ALA E 311 12.48 -9.28 -118.33
N GLU E 312 13.46 -9.23 -117.42
CA GLU E 312 13.89 -7.95 -116.88
C GLU E 312 14.50 -7.07 -117.96
N ALA E 313 15.30 -7.66 -118.86
CA ALA E 313 15.90 -6.88 -119.94
C ALA E 313 14.83 -6.33 -120.87
N ALA E 314 13.83 -7.14 -121.22
CA ALA E 314 12.75 -6.65 -122.06
C ALA E 314 11.97 -5.55 -121.37
N SER E 315 11.72 -5.70 -120.06
CA SER E 315 11.04 -4.64 -119.31
C SER E 315 11.83 -3.34 -119.38
N VAL E 316 13.13 -3.39 -119.11
CA VAL E 316 13.95 -2.18 -119.15
C VAL E 316 13.94 -1.57 -120.54
N ARG E 317 14.12 -2.38 -121.56
CA ARG E 317 14.13 -1.89 -122.94
C ARG E 317 12.83 -1.16 -123.26
N MET E 318 11.69 -1.81 -123.00
CA MET E 318 10.41 -1.21 -123.38
C MET E 318 10.10 0.04 -122.58
N ARG E 319 10.32 0.03 -121.26
CA ARG E 319 10.04 1.21 -120.45
C ARG E 319 10.94 2.37 -120.86
N GLY E 320 12.23 2.10 -121.11
CA GLY E 320 13.12 3.15 -121.54
C GLY E 320 12.75 3.73 -122.90
N GLU E 321 12.37 2.86 -123.83
CA GLU E 321 11.96 3.34 -125.14
C GLU E 321 10.70 4.21 -125.04
N ALA E 322 9.74 3.79 -124.21
CA ALA E 322 8.54 4.58 -124.03
C ALA E 322 8.84 5.94 -123.43
N GLU E 323 9.70 5.98 -122.41
CA GLU E 323 9.97 7.26 -121.77
C GLU E 323 10.80 8.16 -122.68
N ALA E 324 11.68 7.58 -123.50
CA ALA E 324 12.41 8.38 -124.47
C ALA E 324 11.48 8.96 -125.53
N PHE E 325 10.51 8.18 -125.99
CA PHE E 325 9.53 8.72 -126.93
C PHE E 325 8.73 9.84 -126.30
N ALA E 326 8.38 9.69 -125.02
CA ALA E 326 7.69 10.76 -124.31
C ALA E 326 8.54 12.02 -124.20
N ILE E 327 9.84 11.85 -123.95
CA ILE E 327 10.75 12.99 -123.92
C ILE E 327 10.78 13.69 -125.26
N GLY E 328 10.86 12.91 -126.35
CA GLY E 328 10.79 13.50 -127.67
C GLY E 328 9.48 14.22 -127.93
N ALA E 329 8.38 13.69 -127.40
CA ALA E 329 7.08 14.34 -127.57
C ALA E 329 7.06 15.72 -126.91
N ARG E 330 7.45 15.79 -125.63
CA ARG E 330 7.57 17.13 -125.03
C ARG E 330 8.60 17.99 -125.73
N ALA E 331 9.64 17.40 -126.31
CA ALA E 331 10.64 18.19 -127.02
C ALA E 331 10.02 18.90 -128.21
N ARG E 332 9.31 18.14 -129.05
CA ARG E 332 8.65 18.75 -130.20
C ARG E 332 7.61 19.77 -129.77
N ALA E 333 6.83 19.46 -128.74
CA ALA E 333 5.82 20.40 -128.26
C ALA E 333 6.46 21.68 -127.77
N GLU E 334 7.55 21.58 -127.01
CA GLU E 334 8.20 22.77 -126.46
C GLU E 334 8.87 23.58 -127.55
N ALA E 335 9.41 22.93 -128.58
CA ALA E 335 10.01 23.68 -129.68
C ALA E 335 8.96 24.48 -130.44
N GLU E 336 7.86 23.81 -130.83
CA GLU E 336 6.79 24.52 -131.51
C GLU E 336 6.17 25.58 -130.60
N GLN E 337 6.28 25.37 -129.29
CA GLN E 337 5.79 26.35 -128.32
C GLN E 337 6.66 27.60 -128.30
N MET E 338 7.99 27.41 -128.25
CA MET E 338 8.90 28.53 -128.10
C MET E 338 9.05 29.31 -129.39
N ALA E 339 8.80 28.67 -130.53
CA ALA E 339 8.82 29.43 -131.79
C ALA E 339 7.84 30.59 -131.73
N LYS E 340 6.63 30.34 -131.25
CA LYS E 340 5.65 31.42 -131.16
C LYS E 340 6.01 32.42 -130.06
N LYS E 341 6.65 31.98 -128.98
CA LYS E 341 7.16 32.94 -128.01
C LYS E 341 8.10 33.93 -128.67
N ALA E 342 9.04 33.44 -129.46
CA ALA E 342 9.95 34.34 -130.16
C ALA E 342 9.21 35.25 -131.13
N GLU E 343 8.24 34.68 -131.87
CA GLU E 343 7.49 35.48 -132.82
C GLU E 343 6.73 36.61 -132.11
N ALA E 344 6.12 36.31 -130.98
CA ALA E 344 5.39 37.33 -130.23
C ALA E 344 6.35 38.38 -129.66
N PHE E 345 7.47 37.93 -129.08
CA PHE E 345 8.44 38.87 -128.55
C PHE E 345 8.98 39.82 -129.59
N GLN E 346 9.02 39.40 -130.87
CA GLN E 346 9.53 40.29 -131.90
C GLN E 346 8.76 41.60 -131.97
N LEU E 347 7.46 41.57 -131.68
CA LEU E 347 6.62 42.78 -131.74
C LEU E 347 6.50 43.46 -130.39
N TYR E 348 7.64 43.78 -129.77
CA TYR E 348 7.68 44.49 -128.50
C TYR E 348 8.41 45.81 -128.66
N GLN E 349 7.75 46.89 -128.27
CA GLN E 349 8.30 48.23 -128.30
C GLN E 349 8.83 48.59 -126.92
N GLU E 350 9.18 49.86 -126.74
CA GLU E 350 9.73 50.32 -125.47
C GLU E 350 8.72 50.20 -124.32
N ALA E 351 7.43 50.37 -124.62
CA ALA E 351 6.41 50.25 -123.57
C ALA E 351 6.39 48.84 -122.99
N ALA E 352 6.48 47.83 -123.86
CA ALA E 352 6.46 46.45 -123.39
C ALA E 352 7.69 46.10 -122.57
N GLN E 353 8.87 46.54 -123.02
CA GLN E 353 10.08 46.31 -122.24
C GLN E 353 10.02 47.02 -120.90
N LEU E 354 9.48 48.23 -120.87
CA LEU E 354 9.28 48.93 -119.61
C LEU E 354 8.34 48.17 -118.70
N ASP E 355 7.26 47.61 -119.25
CA ASP E 355 6.34 46.81 -118.45
C ASP E 355 7.03 45.58 -117.88
N MET E 356 7.85 44.90 -118.68
CA MET E 356 8.57 43.73 -118.19
C MET E 356 9.55 44.11 -117.08
N LEU E 357 10.28 45.20 -117.27
CA LEU E 357 11.24 45.63 -116.26
C LEU E 357 10.55 45.99 -114.96
N LEU E 358 9.43 46.72 -115.04
CA LEU E 358 8.71 47.11 -113.83
C LEU E 358 7.90 45.97 -113.23
N GLU E 359 7.67 44.89 -113.97
CA GLU E 359 7.09 43.70 -113.37
C GLU E 359 8.14 42.84 -112.69
N LYS E 360 9.37 42.86 -113.18
CA LYS E 360 10.44 42.06 -112.60
C LYS E 360 11.16 42.75 -111.44
N LEU E 361 11.16 44.08 -111.39
CA LEU E 361 11.83 44.77 -110.29
C LEU E 361 11.28 44.39 -108.92
N PRO E 362 9.96 44.35 -108.68
CA PRO E 362 9.49 43.97 -107.34
C PRO E 362 9.93 42.58 -106.92
N GLN E 363 10.04 41.63 -107.84
CA GLN E 363 10.45 40.29 -107.47
C GLN E 363 11.91 40.26 -107.01
N VAL E 364 12.78 40.98 -107.73
CA VAL E 364 14.17 41.08 -107.29
C VAL E 364 14.27 41.78 -105.95
N ALA E 365 13.46 42.83 -105.76
CA ALA E 365 13.44 43.52 -104.48
C ALA E 365 13.02 42.59 -103.35
N GLU E 366 11.99 41.76 -103.60
CA GLU E 366 11.61 40.76 -102.60
C GLU E 366 12.74 39.79 -102.32
N GLU E 367 13.37 39.27 -103.36
CA GLU E 367 14.42 38.29 -103.13
C GLU E 367 15.65 38.87 -102.45
N ILE E 368 15.84 40.19 -102.50
CA ILE E 368 17.01 40.80 -101.86
C ILE E 368 16.65 41.32 -100.47
N SER E 369 15.38 41.61 -100.23
CA SER E 369 14.94 42.17 -98.95
C SER E 369 14.29 41.13 -98.04
N GLY E 370 14.10 39.90 -98.50
CA GLY E 370 13.58 38.85 -97.66
C GLY E 370 14.56 38.40 -96.62
N PRO E 371 15.77 37.99 -97.05
CA PRO E 371 16.80 37.65 -96.07
C PRO E 371 17.19 38.79 -95.16
N LEU E 372 17.18 40.03 -95.67
CA LEU E 372 17.61 41.16 -94.84
C LEU E 372 16.66 41.44 -93.70
N THR E 373 15.36 41.24 -93.91
CA THR E 373 14.38 41.51 -92.86
C THR E 373 14.32 40.41 -91.81
N SER E 374 15.28 39.49 -91.79
CA SER E 374 15.39 38.50 -90.74
C SER E 374 16.22 38.98 -89.55
N ALA E 375 16.78 40.18 -89.63
CA ALA E 375 17.55 40.72 -88.51
C ALA E 375 16.64 40.95 -87.30
N ASN E 376 17.15 40.62 -86.13
CA ASN E 376 16.36 40.74 -84.90
C ASN E 376 16.10 42.20 -84.56
N LYS E 377 17.14 43.02 -84.55
CA LYS E 377 17.00 44.43 -84.24
C LYS E 377 18.00 45.24 -85.06
N ILE E 378 17.62 46.48 -85.35
CA ILE E 378 18.46 47.42 -86.08
C ILE E 378 18.48 48.73 -85.32
N THR E 379 19.67 49.24 -85.03
CA THR E 379 19.85 50.46 -84.26
C THR E 379 20.41 51.54 -85.18
N LEU E 380 19.77 52.70 -85.17
CA LEU E 380 20.14 53.83 -86.02
C LEU E 380 20.56 54.99 -85.14
N VAL E 381 21.72 55.58 -85.45
CA VAL E 381 22.26 56.68 -84.66
C VAL E 381 22.79 57.74 -85.62
N SER E 382 22.49 59.00 -85.33
CA SER E 382 22.93 60.13 -86.15
C SER E 382 23.71 61.11 -85.29
N SER E 383 24.47 61.96 -85.97
CA SER E 383 25.28 62.98 -85.30
C SER E 383 25.67 64.03 -86.31
N GLY E 384 25.72 65.29 -85.85
CA GLY E 384 26.07 66.35 -86.77
C GLY E 384 24.99 66.57 -87.81
N SER E 385 25.43 66.99 -89.00
CA SER E 385 24.53 67.24 -90.12
C SER E 385 24.22 65.98 -90.91
N GLY E 386 24.49 64.81 -90.33
CA GLY E 386 24.26 63.56 -91.02
C GLY E 386 22.80 63.12 -90.96
N THR E 387 22.55 62.00 -91.63
CA THR E 387 21.23 61.40 -91.68
C THR E 387 21.04 60.41 -90.52
N MET E 388 19.79 60.01 -90.32
CA MET E 388 19.45 59.09 -89.23
C MET E 388 19.92 57.66 -89.51
N GLY E 389 19.76 57.18 -90.75
CA GLY E 389 20.23 55.86 -91.12
C GLY E 389 19.25 55.02 -91.92
N ALA E 390 17.98 55.41 -91.99
CA ALA E 390 17.03 54.62 -92.78
C ALA E 390 17.37 54.70 -94.26
N ALA E 391 17.79 55.89 -94.71
CA ALA E 391 18.28 56.02 -96.07
C ALA E 391 19.47 55.11 -96.33
N LYS E 392 20.28 54.83 -95.31
CA LYS E 392 21.40 53.90 -95.51
C LYS E 392 20.90 52.50 -95.85
N VAL E 393 19.89 52.02 -95.13
CA VAL E 393 19.36 50.67 -95.39
C VAL E 393 18.70 50.63 -96.76
N THR E 394 17.87 51.63 -97.06
CA THR E 394 17.21 51.65 -98.37
C THR E 394 18.23 51.75 -99.49
N GLY E 395 19.28 52.55 -99.28
CA GLY E 395 20.33 52.65 -100.28
C GLY E 395 21.12 51.38 -100.46
N GLU E 396 21.34 50.64 -99.37
CA GLU E 396 22.01 49.35 -99.49
C GLU E 396 21.18 48.39 -100.34
N VAL E 397 19.88 48.30 -100.05
CA VAL E 397 19.02 47.41 -100.82
C VAL E 397 18.96 47.83 -102.28
N LEU E 398 18.79 49.14 -102.53
CA LEU E 398 18.71 49.63 -103.90
C LEU E 398 20.03 49.45 -104.64
N ASP E 399 21.15 49.65 -103.94
CA ASP E 399 22.46 49.50 -104.56
C ASP E 399 22.70 48.05 -104.96
N ILE E 400 22.31 47.10 -104.10
CA ILE E 400 22.42 45.70 -104.50
C ILE E 400 21.52 45.42 -105.70
N LEU E 401 20.29 45.92 -105.67
CA LEU E 401 19.35 45.66 -106.74
C LEU E 401 19.81 46.28 -108.06
N THR E 402 20.59 47.35 -108.01
CA THR E 402 21.05 47.99 -109.23
C THR E 402 22.42 47.49 -109.68
N ARG E 403 23.21 46.93 -108.77
CA ARG E 403 24.50 46.38 -109.15
C ARG E 403 24.39 44.94 -109.63
N LEU E 404 23.33 44.22 -109.22
CA LEU E 404 23.13 42.87 -109.73
C LEU E 404 22.99 42.83 -111.25
N PRO E 405 22.18 43.68 -111.89
CA PRO E 405 22.14 43.65 -113.36
C PRO E 405 23.47 43.95 -114.01
N GLU E 406 24.31 44.80 -113.41
CA GLU E 406 25.62 45.06 -113.98
C GLU E 406 26.56 43.86 -113.80
N SER E 407 26.46 43.17 -112.67
CA SER E 407 27.26 41.96 -112.49
C SER E 407 26.86 40.90 -113.51
N VAL E 408 25.56 40.75 -113.76
CA VAL E 408 25.11 39.83 -114.80
C VAL E 408 25.54 40.32 -116.18
N GLU E 409 25.54 41.64 -116.38
CA GLU E 409 26.05 42.25 -117.61
C GLU E 409 27.49 41.82 -117.88
N ARG E 410 28.30 41.77 -116.83
CA ARG E 410 29.71 41.44 -117.01
C ARG E 410 29.89 40.08 -117.65
N LEU E 411 28.99 39.14 -117.37
CA LEU E 411 29.11 37.80 -117.97
C LEU E 411 28.33 37.70 -119.27
N THR E 412 27.03 38.02 -119.25
CA THR E 412 26.20 37.79 -120.42
C THR E 412 26.57 38.73 -121.56
N GLY E 413 26.72 40.02 -121.27
CA GLY E 413 27.01 40.99 -122.31
C GLY E 413 25.80 41.51 -123.06
N VAL E 414 24.60 41.33 -122.54
CA VAL E 414 23.38 41.80 -123.18
C VAL E 414 22.69 42.79 -122.23
N SER E 415 22.30 43.94 -122.78
CA SER E 415 21.77 45.03 -121.97
C SER E 415 20.45 44.64 -121.31
N ILE E 416 20.19 45.28 -120.17
CA ILE E 416 18.97 45.04 -119.43
C ILE E 416 18.07 46.27 -119.37
N SER E 417 18.63 47.47 -119.50
CA SER E 417 17.85 48.70 -119.51
C SER E 417 17.93 49.34 -120.88
N GLN E 418 16.78 49.80 -121.39
CA GLN E 418 16.75 50.39 -122.73
C GLN E 418 17.35 51.79 -122.74
N VAL E 419 17.32 52.48 -121.62
CA VAL E 419 17.89 53.82 -121.55
C VAL E 419 18.83 53.94 -120.35
N MET F 1 56.43 -138.17 80.49
CA MET F 1 55.37 -139.16 80.44
C MET F 1 55.64 -140.14 79.31
N GLY F 2 55.90 -139.62 78.12
CA GLY F 2 56.18 -140.43 76.96
C GLY F 2 57.37 -141.35 77.13
N ASN F 3 57.23 -142.61 76.74
CA ASN F 3 58.27 -143.61 76.94
C ASN F 3 58.54 -144.34 75.63
N CYS F 4 59.81 -144.73 75.43
CA CYS F 4 60.22 -145.61 74.34
C CYS F 4 59.85 -145.01 72.97
N HIS F 5 60.51 -143.89 72.67
CA HIS F 5 60.32 -143.19 71.41
C HIS F 5 61.42 -143.51 70.42
N THR F 6 61.05 -143.58 69.15
CA THR F 6 61.98 -143.80 68.04
C THR F 6 61.68 -142.79 66.94
N VAL F 7 62.72 -142.46 66.17
CA VAL F 7 62.61 -141.44 65.12
C VAL F 7 63.15 -142.04 63.83
N GLY F 8 62.67 -141.51 62.71
CA GLY F 8 63.10 -141.96 61.41
C GLY F 8 64.49 -141.46 61.05
N PRO F 9 65.05 -141.97 59.95
CA PRO F 9 66.41 -141.58 59.58
C PRO F 9 66.57 -140.11 59.21
N ASN F 10 65.48 -139.41 58.90
CA ASN F 10 65.59 -138.01 58.54
C ASN F 10 65.97 -137.11 59.71
N GLU F 11 65.56 -137.47 60.92
CA GLU F 11 65.80 -136.64 62.09
C GLU F 11 66.56 -137.44 63.14
N ALA F 12 67.40 -136.74 63.89
CA ALA F 12 68.22 -137.36 64.93
C ALA F 12 67.58 -137.10 66.28
N LEU F 13 67.37 -138.17 67.05
CA LEU F 13 66.82 -138.04 68.39
C LEU F 13 67.96 -137.81 69.39
N VAL F 14 67.81 -136.79 70.21
CA VAL F 14 68.81 -136.43 71.22
C VAL F 14 68.17 -136.57 72.60
N VAL F 15 68.86 -137.29 73.48
CA VAL F 15 68.43 -137.44 74.87
C VAL F 15 69.65 -137.26 75.77
N SER F 16 69.42 -136.65 76.93
CA SER F 16 70.48 -136.44 77.91
C SER F 16 69.88 -136.48 79.30
N GLY F 17 70.51 -137.23 80.19
CA GLY F 17 70.05 -137.33 81.57
C GLY F 17 71.00 -138.10 82.47
N GLY F 18 71.23 -137.58 83.67
CA GLY F 18 72.13 -138.21 84.60
C GLY F 18 71.47 -139.24 85.48
N CYS F 19 71.61 -140.53 85.13
CA CYS F 19 70.94 -141.59 85.87
C CYS F 19 71.42 -141.62 87.33
N CYS F 20 72.72 -141.48 87.54
CA CYS F 20 73.29 -141.36 88.87
C CYS F 20 73.96 -140.01 89.09
N GLY F 21 73.58 -139.00 88.29
CA GLY F 21 74.21 -137.69 88.33
C GLY F 21 75.35 -137.51 87.37
N SER F 22 75.84 -138.58 86.75
CA SER F 22 76.90 -138.48 85.76
C SER F 22 76.33 -138.11 84.39
N ASP F 23 77.14 -137.40 83.62
CA ASP F 23 76.71 -136.86 82.34
C ASP F 23 76.63 -138.00 81.32
N TYR F 24 75.41 -138.39 80.97
CA TYR F 24 75.15 -139.40 79.94
C TYR F 24 74.24 -138.79 78.89
N LYS F 25 74.83 -138.39 77.75
CA LYS F 25 74.08 -137.85 76.63
C LYS F 25 74.12 -138.84 75.48
N GLN F 26 72.94 -139.18 74.95
CA GLN F 26 72.81 -140.10 73.84
C GLN F 26 72.18 -139.38 72.66
N TYR F 27 72.87 -139.38 71.53
CA TYR F 27 72.37 -138.79 70.29
C TYR F 27 72.36 -139.88 69.22
N VAL F 28 71.18 -140.26 68.76
CA VAL F 28 71.01 -141.32 67.79
C VAL F 28 70.08 -140.85 66.70
N PHE F 29 70.46 -141.08 65.44
CA PHE F 29 69.66 -140.70 64.28
C PHE F 29 69.01 -141.96 63.71
N GLY F 30 67.69 -141.92 63.58
CA GLY F 30 66.97 -143.04 62.98
C GLY F 30 67.14 -144.36 63.70
N GLY F 31 67.11 -144.35 65.02
CA GLY F 31 67.34 -145.56 65.78
C GLY F 31 66.32 -145.80 66.88
N TRP F 32 66.79 -146.32 68.01
CA TRP F 32 65.92 -146.67 69.13
C TRP F 32 66.40 -145.95 70.39
N ALA F 33 65.45 -145.61 71.25
CA ALA F 33 65.76 -144.98 72.53
C ALA F 33 64.56 -145.11 73.45
N TRP F 34 64.81 -144.92 74.75
CA TRP F 34 63.75 -144.86 75.73
C TRP F 34 64.02 -143.72 76.71
N ALA F 35 62.95 -143.07 77.16
CA ALA F 35 63.04 -142.00 78.13
C ALA F 35 61.81 -142.04 79.03
N TRP F 36 62.02 -141.87 80.33
CA TRP F 36 60.95 -141.96 81.31
C TRP F 36 60.34 -140.58 81.56
N TRP F 37 59.56 -140.47 82.65
CA TRP F 37 58.86 -139.23 82.97
C TRP F 37 59.82 -138.06 83.08
N CYS F 38 60.90 -138.23 83.87
CA CYS F 38 61.91 -137.17 83.99
C CYS F 38 63.33 -137.71 84.02
N ILE F 39 63.66 -138.74 83.23
CA ILE F 39 65.05 -139.21 83.23
C ILE F 39 65.90 -138.39 82.27
N SER F 40 65.34 -137.94 81.15
CA SER F 40 66.11 -137.23 80.14
C SER F 40 65.18 -136.27 79.41
N ASP F 41 65.65 -135.78 78.26
CA ASP F 41 64.88 -134.87 77.41
C ASP F 41 64.71 -135.48 76.04
N THR F 42 63.51 -135.37 75.49
CA THR F 42 63.17 -135.93 74.18
C THR F 42 63.10 -134.80 73.17
N GLN F 43 64.13 -134.69 72.34
CA GLN F 43 64.16 -133.68 71.29
C GLN F 43 64.71 -134.29 70.02
N ARG F 44 64.35 -133.69 68.88
CA ARG F 44 64.79 -134.16 67.58
C ARG F 44 65.41 -133.00 66.82
N ILE F 45 66.36 -133.34 65.93
CA ILE F 45 67.03 -132.37 65.08
C ILE F 45 66.71 -132.72 63.64
N SER F 46 66.11 -131.78 62.91
CA SER F 46 65.78 -132.01 61.51
C SER F 46 67.04 -131.94 60.66
N LEU F 47 67.49 -133.10 60.15
CA LEU F 47 68.70 -133.17 59.35
C LEU F 47 68.45 -132.95 57.87
N GLU F 48 67.34 -132.30 57.52
CA GLU F 48 67.02 -132.04 56.12
C GLU F 48 67.92 -130.95 55.56
N ILE F 49 68.04 -130.93 54.23
CA ILE F 49 68.84 -129.90 53.58
C ILE F 49 68.16 -128.54 53.77
N MET F 50 68.97 -127.53 54.07
CA MET F 50 68.50 -126.16 54.19
C MET F 50 68.83 -125.42 52.89
N THR F 51 67.84 -124.72 52.35
CA THR F 51 68.04 -123.96 51.12
C THR F 51 68.81 -122.68 51.41
N LEU F 52 69.74 -122.34 50.52
CA LEU F 52 70.55 -121.13 50.66
C LEU F 52 70.42 -120.28 49.40
N GLN F 53 70.25 -118.99 49.59
CA GLN F 53 70.23 -118.01 48.49
C GLN F 53 71.19 -116.87 48.83
N PRO F 54 72.50 -117.14 48.90
CA PRO F 54 73.44 -116.03 49.17
C PRO F 54 73.46 -115.03 48.03
N ARG F 55 73.12 -113.79 48.36
CA ARG F 55 73.08 -112.70 47.40
C ARG F 55 73.82 -111.50 47.97
N CYS F 56 75.02 -111.25 47.44
CA CYS F 56 75.85 -110.14 47.88
C CYS F 56 75.66 -108.98 46.91
N GLU F 57 75.44 -107.79 47.47
CA GLU F 57 75.17 -106.59 46.68
C GLU F 57 76.35 -105.63 46.80
N ASP F 58 76.82 -105.14 45.65
CA ASP F 58 77.89 -104.16 45.58
C ASP F 58 79.17 -104.68 46.25
N VAL F 59 79.63 -105.83 45.77
CA VAL F 59 80.85 -106.45 46.25
C VAL F 59 81.89 -106.43 45.13
N GLU F 60 83.15 -106.24 45.51
CA GLU F 60 84.22 -105.99 44.56
C GLU F 60 85.35 -107.02 44.72
N THR F 61 85.95 -107.37 43.59
CA THR F 61 87.02 -108.36 43.54
C THR F 61 88.36 -107.68 43.78
N ALA F 62 89.46 -108.41 43.49
CA ALA F 62 90.79 -107.88 43.74
C ALA F 62 91.06 -106.62 42.92
N GLU F 63 90.69 -106.64 41.64
CA GLU F 63 90.86 -105.46 40.80
C GLU F 63 89.84 -104.38 41.11
N GLY F 64 88.79 -104.71 41.85
CA GLY F 64 87.84 -103.73 42.33
C GLY F 64 86.56 -103.58 41.54
N VAL F 65 86.37 -104.35 40.47
CA VAL F 65 85.16 -104.25 39.68
C VAL F 65 83.97 -104.68 40.53
N ALA F 66 82.96 -103.81 40.62
CA ALA F 66 81.81 -104.09 41.47
C ALA F 66 80.87 -105.07 40.81
N LEU F 67 80.43 -106.08 41.56
CA LEU F 67 79.50 -107.09 41.07
C LEU F 67 78.44 -107.33 42.13
N THR F 68 77.27 -107.80 41.68
CA THR F 68 76.19 -108.21 42.57
C THR F 68 75.98 -109.70 42.32
N VAL F 69 76.73 -110.52 43.04
CA VAL F 69 76.81 -111.96 42.77
C VAL F 69 75.84 -112.68 43.69
N THR F 70 74.99 -113.52 43.11
CA THR F 70 74.06 -114.36 43.85
C THR F 70 74.53 -115.81 43.76
N GLY F 71 74.44 -116.55 44.87
CA GLY F 71 74.94 -117.89 44.94
C GLY F 71 73.88 -118.89 45.41
N VAL F 72 74.26 -120.17 45.34
CA VAL F 72 73.47 -121.26 45.92
C VAL F 72 74.44 -122.23 46.59
N ALA F 73 74.10 -122.65 47.80
CA ALA F 73 74.91 -123.59 48.55
C ALA F 73 74.02 -124.66 49.18
N GLN F 74 74.54 -125.88 49.24
CA GLN F 74 73.82 -127.01 49.83
C GLN F 74 74.40 -127.30 51.21
N VAL F 75 73.55 -127.19 52.23
CA VAL F 75 73.98 -127.32 53.62
C VAL F 75 73.06 -128.30 54.33
N LYS F 76 73.66 -129.13 55.18
CA LYS F 76 72.92 -130.12 55.96
C LYS F 76 73.71 -130.42 57.23
N ILE F 77 72.99 -130.64 58.32
CA ILE F 77 73.64 -131.02 59.57
C ILE F 77 74.25 -132.41 59.43
N MET F 78 75.51 -132.54 59.86
CA MET F 78 76.26 -133.77 59.65
C MET F 78 75.79 -134.86 60.62
N THR F 79 76.37 -136.05 60.48
CA THR F 79 76.00 -137.21 61.27
C THR F 79 77.23 -137.90 61.87
N GLU F 80 78.31 -137.15 62.08
CA GLU F 80 79.52 -137.69 62.69
C GLU F 80 79.27 -138.02 64.16
N LYS F 81 80.32 -138.49 64.84
CA LYS F 81 80.22 -138.89 66.24
C LYS F 81 80.52 -137.74 67.20
N GLU F 82 81.73 -137.19 67.14
CA GLU F 82 82.09 -136.11 68.06
C GLU F 82 81.53 -134.77 67.63
N LEU F 83 81.33 -134.56 66.32
CA LEU F 83 80.75 -133.30 65.85
C LEU F 83 79.28 -133.18 66.24
N LEU F 84 78.57 -134.30 66.35
CA LEU F 84 77.17 -134.22 66.76
C LEU F 84 77.02 -133.91 68.25
N ALA F 85 78.05 -134.12 69.05
CA ALA F 85 78.03 -133.56 70.40
C ALA F 85 77.92 -132.04 70.33
N VAL F 86 78.73 -131.42 69.47
CA VAL F 86 78.66 -129.97 69.28
C VAL F 86 77.32 -129.58 68.69
N ALA F 87 76.84 -130.36 67.73
CA ALA F 87 75.56 -130.05 67.09
C ALA F 87 74.42 -130.05 68.09
N CYS F 88 74.40 -131.04 68.99
CA CYS F 88 73.34 -131.14 69.99
C CYS F 88 73.50 -130.08 71.08
N GLU F 89 74.74 -129.80 71.50
CA GLU F 89 74.94 -128.77 72.50
C GLU F 89 74.88 -127.36 71.91
N GLN F 90 74.68 -127.23 70.60
CA GLN F 90 74.89 -125.96 69.93
C GLN F 90 73.61 -125.19 69.67
N PHE F 91 72.65 -125.76 68.94
CA PHE F 91 71.65 -124.94 68.28
C PHE F 91 70.23 -125.18 68.76
N LEU F 92 69.74 -126.41 68.68
CA LEU F 92 68.33 -126.70 68.94
C LEU F 92 67.93 -126.23 70.34
N GLY F 93 66.64 -125.93 70.53
CA GLY F 93 65.58 -126.16 69.56
C GLY F 93 65.09 -124.97 68.77
N LYS F 94 66.01 -124.12 68.32
CA LYS F 94 65.63 -123.04 67.43
C LYS F 94 65.19 -123.61 66.08
N ASN F 95 64.19 -122.99 65.48
CA ASN F 95 63.47 -123.59 64.36
C ASN F 95 64.27 -123.44 63.06
N VAL F 96 63.70 -124.00 61.98
CA VAL F 96 64.41 -124.09 60.70
C VAL F 96 64.75 -122.71 60.15
N GLN F 97 63.87 -121.73 60.36
CA GLN F 97 64.18 -120.38 59.93
C GLN F 97 65.45 -119.88 60.61
N ASP F 98 65.69 -120.31 61.84
CA ASP F 98 66.90 -119.89 62.54
C ASP F 98 68.15 -120.51 61.92
N ILE F 99 68.09 -121.81 61.59
CA ILE F 99 69.22 -122.41 60.87
C ILE F 99 69.49 -121.64 59.59
N LYS F 100 68.44 -121.43 58.79
CA LYS F 100 68.66 -120.85 57.48
C LYS F 100 69.16 -119.42 57.57
N ASN F 101 68.65 -118.62 58.51
CA ASN F 101 69.14 -117.26 58.67
C ASN F 101 70.60 -117.24 59.12
N VAL F 102 70.93 -118.02 60.15
CA VAL F 102 72.30 -118.00 60.65
C VAL F 102 73.27 -118.43 59.55
N VAL F 103 72.97 -119.54 58.87
CA VAL F 103 73.86 -120.02 57.83
C VAL F 103 73.89 -119.04 56.67
N LEU F 104 72.78 -118.36 56.42
CA LEU F 104 72.74 -117.39 55.33
C LEU F 104 73.70 -116.23 55.59
N GLN F 105 73.64 -115.63 56.77
CA GLN F 105 74.58 -114.54 57.05
C GLN F 105 76.02 -115.01 57.07
N THR F 106 76.30 -116.15 57.71
CA THR F 106 77.71 -116.54 57.81
C THR F 106 78.29 -116.90 56.44
N LEU F 107 77.54 -117.65 55.62
CA LEU F 107 78.02 -117.96 54.28
C LEU F 107 77.98 -116.73 53.38
N GLU F 108 77.13 -115.76 53.67
CA GLU F 108 77.19 -114.50 52.94
C GLU F 108 78.52 -113.83 53.15
N GLY F 109 78.94 -113.69 54.42
CA GLY F 109 80.23 -113.12 54.70
C GLY F 109 81.36 -113.92 54.07
N HIS F 110 81.32 -115.24 54.20
CA HIS F 110 82.38 -116.08 53.67
C HIS F 110 82.46 -115.99 52.15
N LEU F 111 81.30 -115.99 51.48
CA LEU F 111 81.26 -115.92 50.03
C LEU F 111 81.77 -114.57 49.53
N ARG F 112 81.36 -113.48 50.17
CA ARG F 112 81.89 -112.18 49.78
C ARG F 112 83.40 -112.12 49.99
N SER F 113 83.87 -112.69 51.10
CA SER F 113 85.30 -112.68 51.39
C SER F 113 86.08 -113.41 50.31
N ILE F 114 85.66 -114.64 49.98
CA ILE F 114 86.40 -115.40 48.96
C ILE F 114 86.24 -114.75 47.60
N LEU F 115 85.08 -114.16 47.31
CA LEU F 115 84.91 -113.45 46.05
C LEU F 115 85.90 -112.31 45.92
N GLY F 116 86.13 -111.59 47.02
CA GLY F 116 87.18 -110.60 47.02
C GLY F 116 88.56 -111.22 46.89
N THR F 117 88.72 -112.47 47.35
CA THR F 117 90.03 -113.12 47.31
C THR F 117 90.51 -113.33 45.88
N LEU F 118 89.62 -113.76 44.99
CA LEU F 118 90.02 -114.01 43.61
C LEU F 118 89.57 -112.87 42.71
N THR F 119 90.10 -112.85 41.49
CA THR F 119 89.79 -111.80 40.54
C THR F 119 88.56 -112.16 39.70
N VAL F 120 88.06 -111.15 38.99
CA VAL F 120 86.89 -111.34 38.14
C VAL F 120 87.18 -112.21 36.93
N GLU F 121 88.41 -112.20 36.42
CA GLU F 121 88.75 -113.10 35.32
C GLU F 121 88.62 -114.55 35.74
N GLN F 122 89.02 -114.87 36.97
CA GLN F 122 88.88 -116.23 37.48
C GLN F 122 87.42 -116.61 37.67
N ILE F 123 86.59 -115.72 38.22
CA ILE F 123 85.17 -116.04 38.36
C ILE F 123 84.51 -116.12 36.99
N TYR F 124 85.15 -115.53 35.98
CA TYR F 124 84.66 -115.65 34.61
C TYR F 124 84.99 -117.01 34.02
N GLN F 125 86.27 -117.35 33.95
CA GLN F 125 86.72 -118.57 33.27
C GLN F 125 86.55 -119.81 34.14
N ASP F 126 87.26 -119.87 35.26
CA ASP F 126 87.33 -121.07 36.10
C ASP F 126 86.62 -120.78 37.42
N ARG F 127 85.30 -121.01 37.43
CA ARG F 127 84.53 -120.87 38.65
C ARG F 127 84.14 -122.21 39.27
N ASP F 128 84.37 -123.33 38.58
CA ASP F 128 84.32 -124.61 39.25
C ASP F 128 85.46 -124.73 40.26
N GLN F 129 86.65 -124.29 39.88
CA GLN F 129 87.75 -124.20 40.82
C GLN F 129 87.47 -123.16 41.90
N PHE F 130 86.68 -122.13 41.57
CA PHE F 130 86.26 -121.17 42.58
C PHE F 130 85.43 -121.85 43.65
N ALA F 131 84.48 -122.71 43.24
CA ALA F 131 83.69 -123.46 44.21
C ALA F 131 84.54 -124.48 44.96
N LYS F 132 85.53 -125.07 44.29
CA LYS F 132 86.42 -126.02 44.96
C LYS F 132 87.23 -125.32 46.05
N LEU F 133 87.66 -124.09 45.80
CA LEU F 133 88.33 -123.31 46.83
C LEU F 133 87.37 -122.81 47.89
N VAL F 134 86.12 -122.54 47.52
CA VAL F 134 85.10 -122.19 48.52
C VAL F 134 84.93 -123.33 49.51
N ARG F 135 84.90 -124.56 49.01
CA ARG F 135 84.88 -125.71 49.90
C ARG F 135 86.11 -125.72 50.81
N GLU F 136 87.30 -125.60 50.22
CA GLU F 136 88.55 -125.64 50.97
C GLU F 136 88.60 -124.60 52.09
N VAL F 137 88.03 -123.42 51.88
CA VAL F 137 88.06 -122.37 52.88
C VAL F 137 86.85 -122.38 53.81
N ALA F 138 85.72 -122.96 53.42
CA ALA F 138 84.50 -122.87 54.21
C ALA F 138 84.28 -124.11 55.08
N ALA F 139 84.79 -125.26 54.65
CA ALA F 139 84.75 -126.45 55.49
C ALA F 139 85.38 -126.25 56.87
N PRO F 140 86.55 -125.61 57.01
CA PRO F 140 87.12 -125.44 58.35
C PRO F 140 86.26 -124.64 59.32
N ASP F 141 85.41 -123.72 58.85
CA ASP F 141 84.64 -122.88 59.75
C ASP F 141 83.16 -123.23 59.77
N VAL F 142 82.54 -123.46 58.60
CA VAL F 142 81.13 -123.83 58.58
C VAL F 142 80.91 -125.19 59.22
N GLY F 143 81.92 -126.05 59.25
CA GLY F 143 81.80 -127.32 59.92
C GLY F 143 81.93 -127.24 61.43
N ARG F 144 82.38 -126.09 61.95
CA ARG F 144 82.53 -125.95 63.40
C ARG F 144 81.19 -126.02 64.11
N MET F 145 80.15 -125.42 63.54
CA MET F 145 78.81 -125.49 64.10
C MET F 145 78.03 -126.70 63.57
N GLY F 146 78.72 -127.70 63.02
CA GLY F 146 78.08 -128.93 62.61
C GLY F 146 77.35 -128.90 61.29
N ILE F 147 77.50 -127.84 60.50
CA ILE F 147 76.81 -127.71 59.22
C ILE F 147 77.76 -128.13 58.11
N GLU F 148 77.33 -129.11 57.31
CA GLU F 148 78.12 -129.59 56.19
C GLU F 148 77.78 -128.78 54.94
N ILE F 149 78.69 -128.82 53.97
CA ILE F 149 78.49 -128.12 52.70
C ILE F 149 78.47 -129.13 51.57
N LEU F 150 77.27 -129.58 51.20
CA LEU F 150 77.15 -130.60 50.17
C LEU F 150 77.57 -130.06 48.81
N SER F 151 77.19 -128.82 48.48
CA SER F 151 77.55 -128.22 47.21
C SER F 151 77.60 -126.72 47.36
N PHE F 152 78.31 -126.07 46.43
CA PHE F 152 78.46 -124.62 46.45
C PHE F 152 78.70 -124.13 45.03
N THR F 153 78.02 -123.04 44.67
CA THR F 153 78.29 -122.31 43.43
C THR F 153 77.52 -121.00 43.49
N ILE F 154 77.61 -120.22 42.41
CA ILE F 154 77.00 -118.90 42.34
C ILE F 154 75.86 -118.95 41.33
N LYS F 155 74.73 -118.34 41.69
CA LYS F 155 73.53 -118.42 40.87
C LYS F 155 73.62 -117.52 39.63
N ASP F 156 73.80 -116.22 39.86
CA ASP F 156 73.87 -115.27 38.76
C ASP F 156 74.78 -114.12 39.15
N VAL F 157 75.34 -113.47 38.13
CA VAL F 157 76.24 -112.34 38.32
C VAL F 157 75.70 -111.16 37.54
N TYR F 158 75.63 -110.00 38.18
CA TYR F 158 75.13 -108.79 37.55
C TYR F 158 76.08 -107.64 37.86
N ASP F 159 76.24 -106.74 36.89
CA ASP F 159 77.15 -105.61 37.01
C ASP F 159 76.45 -104.32 36.60
N LYS F 160 76.81 -103.23 37.27
CA LYS F 160 76.34 -101.90 36.91
C LYS F 160 77.31 -101.16 36.00
N VAL F 161 78.57 -101.53 35.99
CA VAL F 161 79.58 -100.94 35.11
C VAL F 161 79.87 -101.84 33.91
N ASP F 162 78.89 -102.68 33.53
CA ASP F 162 78.88 -103.51 32.32
C ASP F 162 80.26 -104.07 31.96
N TYR F 163 80.78 -104.90 32.86
CA TYR F 163 82.00 -105.65 32.61
C TYR F 163 81.81 -106.71 31.53
N LEU F 164 80.90 -107.66 31.80
CA LEU F 164 80.75 -108.82 30.93
C LEU F 164 80.21 -108.43 29.55
N SER F 165 79.29 -107.46 29.52
CA SER F 165 78.77 -107.01 28.23
C SER F 165 79.89 -106.39 27.40
N SER F 166 80.79 -105.64 28.05
CA SER F 166 81.95 -105.12 27.34
C SER F 166 82.86 -106.25 26.88
N LEU F 167 83.02 -107.29 27.70
CA LEU F 167 83.87 -108.41 27.32
C LEU F 167 83.32 -109.18 26.13
N GLY F 168 82.00 -109.22 25.96
CA GLY F 168 81.39 -109.90 24.84
C GLY F 168 81.56 -109.16 23.51
N LYS F 169 81.87 -107.87 23.61
CA LYS F 169 82.04 -107.04 22.41
C LYS F 169 83.15 -107.55 21.52
N THR F 170 84.13 -108.25 22.09
CA THR F 170 85.31 -108.65 21.33
C THR F 170 84.93 -109.59 20.19
N GLN F 171 84.01 -110.51 20.43
CA GLN F 171 83.64 -111.48 19.41
C GLN F 171 82.21 -111.31 18.91
N THR F 172 81.40 -110.44 19.54
CA THR F 172 80.06 -110.24 19.00
C THR F 172 80.09 -109.63 17.61
N ALA F 173 81.23 -109.09 17.19
CA ALA F 173 81.38 -108.53 15.86
C ALA F 173 82.20 -109.40 14.92
N VAL F 174 82.97 -110.35 15.45
CA VAL F 174 83.76 -111.23 14.60
C VAL F 174 82.87 -112.08 13.70
N VAL F 175 81.81 -112.66 14.28
CA VAL F 175 80.86 -113.41 13.48
C VAL F 175 80.14 -112.48 12.51
N GLN F 176 79.85 -111.25 12.94
CA GLN F 176 79.29 -110.27 12.01
C GLN F 176 80.27 -109.93 10.90
N ARG F 177 81.56 -109.85 11.23
CA ARG F 177 82.58 -109.66 10.20
C ARG F 177 82.53 -110.77 9.16
N ASP F 178 82.52 -112.02 9.62
CA ASP F 178 82.51 -113.14 8.68
C ASP F 178 81.23 -113.16 7.86
N ALA F 179 80.08 -112.86 8.49
CA ALA F 179 78.82 -112.84 7.77
C ALA F 179 78.82 -111.77 6.68
N ASP F 180 79.34 -110.57 7.01
CA ASP F 180 79.42 -109.52 6.01
C ASP F 180 80.34 -109.90 4.87
N ILE F 181 81.47 -110.54 5.17
CA ILE F 181 82.38 -110.98 4.12
C ILE F 181 81.68 -111.98 3.20
N GLY F 182 80.98 -112.95 3.79
CA GLY F 182 80.31 -113.96 2.98
C GLY F 182 79.22 -113.38 2.11
N VAL F 183 78.39 -112.50 2.67
CA VAL F 183 77.30 -111.92 1.90
C VAL F 183 77.85 -111.03 0.79
N ALA F 184 78.96 -110.32 1.06
CA ALA F 184 79.57 -109.50 0.02
C ALA F 184 80.08 -110.37 -1.12
N GLU F 185 80.76 -111.47 -0.80
CA GLU F 185 81.26 -112.34 -1.86
C GLU F 185 80.12 -112.94 -2.67
N ALA F 186 79.05 -113.37 -1.99
CA ALA F 186 77.92 -113.96 -2.69
C ALA F 186 77.26 -112.96 -3.62
N GLU F 187 77.05 -111.72 -3.14
CA GLU F 187 76.46 -110.70 -3.99
C GLU F 187 77.36 -110.37 -5.17
N ARG F 188 78.68 -110.38 -4.94
CA ARG F 188 79.61 -110.13 -6.04
C ARG F 188 79.47 -111.19 -7.13
N ASP F 189 79.43 -112.47 -6.72
CA ASP F 189 79.30 -113.54 -7.71
C ASP F 189 77.98 -113.46 -8.45
N ALA F 190 76.88 -113.22 -7.71
CA ALA F 190 75.58 -113.09 -8.35
C ALA F 190 75.59 -111.95 -9.37
N GLY F 191 76.12 -110.80 -8.98
CA GLY F 191 76.13 -109.66 -9.88
C GLY F 191 76.96 -109.90 -11.12
N ILE F 192 78.16 -110.48 -10.96
CA ILE F 192 79.01 -110.71 -12.12
C ILE F 192 78.33 -111.66 -13.11
N ARG F 193 77.76 -112.77 -12.61
CA ARG F 193 77.31 -113.74 -13.59
C ARG F 193 75.98 -113.28 -14.21
N GLU F 194 75.17 -112.55 -13.43
CA GLU F 194 73.95 -111.96 -13.97
C GLU F 194 74.27 -110.92 -15.05
N ALA F 195 75.30 -110.11 -14.83
CA ALA F 195 75.71 -109.16 -15.87
C ALA F 195 76.16 -109.88 -17.12
N GLU F 196 76.88 -111.00 -16.96
CA GLU F 196 77.27 -111.79 -18.13
C GLU F 196 76.04 -112.28 -18.89
N CYS F 197 75.04 -112.80 -18.18
CA CYS F 197 73.83 -113.27 -18.83
C CYS F 197 73.11 -112.15 -19.57
N LYS F 198 73.00 -110.99 -18.93
CA LYS F 198 72.34 -109.84 -19.54
C LYS F 198 73.07 -109.43 -20.82
N LYS F 199 74.40 -109.45 -20.77
CA LYS F 199 75.21 -109.09 -21.94
C LYS F 199 74.93 -110.05 -23.09
N GLU F 200 74.97 -111.35 -22.84
CA GLU F 200 74.74 -112.31 -23.92
C GLU F 200 73.34 -112.17 -24.52
N MET F 201 72.33 -112.01 -23.66
CA MET F 201 70.98 -111.93 -24.18
C MET F 201 70.77 -110.64 -24.98
N LEU F 202 71.37 -109.53 -24.54
CA LEU F 202 71.29 -108.30 -25.33
C LEU F 202 71.99 -108.45 -26.69
N ASP F 203 73.15 -109.12 -26.72
CA ASP F 203 73.81 -109.29 -28.01
C ASP F 203 72.92 -110.07 -28.98
N VAL F 204 72.34 -111.17 -28.51
CA VAL F 204 71.51 -111.96 -29.43
C VAL F 204 70.26 -111.18 -29.83
N LYS F 205 69.64 -110.47 -28.89
CA LYS F 205 68.44 -109.70 -29.20
C LYS F 205 68.74 -108.62 -30.24
N PHE F 206 69.89 -107.96 -30.12
CA PHE F 206 70.24 -106.93 -31.08
C PHE F 206 70.58 -107.52 -32.44
N MET F 207 71.17 -108.71 -32.49
CA MET F 207 71.38 -109.36 -33.77
C MET F 207 70.04 -109.67 -34.45
N ALA F 208 69.08 -110.19 -33.69
CA ALA F 208 67.76 -110.47 -34.24
C ALA F 208 67.09 -109.18 -34.73
N ASP F 209 67.20 -108.11 -33.95
CA ASP F 209 66.62 -106.84 -34.37
C ASP F 209 67.30 -106.29 -35.61
N THR F 210 68.60 -106.51 -35.76
CA THR F 210 69.28 -106.10 -36.99
C THR F 210 68.74 -106.84 -38.19
N LYS F 211 68.52 -108.15 -38.05
CA LYS F 211 67.91 -108.90 -39.16
C LYS F 211 66.51 -108.40 -39.47
N ILE F 212 65.72 -108.08 -38.43
CA ILE F 212 64.38 -107.55 -38.65
C ILE F 212 64.45 -106.23 -39.39
N ALA F 213 65.39 -105.36 -39.01
CA ALA F 213 65.55 -104.08 -39.69
C ALA F 213 65.93 -104.28 -41.15
N ASP F 214 66.79 -105.26 -41.43
CA ASP F 214 67.14 -105.53 -42.82
C ASP F 214 65.92 -105.96 -43.63
N SER F 215 65.10 -106.86 -43.07
CA SER F 215 63.89 -107.29 -43.77
C SER F 215 62.94 -106.11 -43.99
N LYS F 216 62.79 -105.27 -42.98
CA LYS F 216 61.92 -104.09 -43.11
C LYS F 216 62.43 -103.15 -44.19
N ARG F 217 63.75 -102.97 -44.27
CA ARG F 217 64.33 -102.11 -45.31
C ARG F 217 64.04 -102.69 -46.69
N ALA F 218 64.23 -103.99 -46.86
CA ALA F 218 63.96 -104.60 -48.16
C ALA F 218 62.49 -104.42 -48.55
N PHE F 219 61.58 -104.67 -47.60
CA PHE F 219 60.16 -104.53 -47.91
C PHE F 219 59.80 -103.10 -48.26
N GLU F 220 60.29 -102.14 -47.48
CA GLU F 220 59.98 -100.73 -47.76
C GLU F 220 60.54 -100.30 -49.10
N LEU F 221 61.75 -100.74 -49.43
CA LEU F 221 62.35 -100.38 -50.71
C LEU F 221 61.51 -100.92 -51.87
N GLN F 222 61.13 -102.20 -51.80
CA GLN F 222 60.32 -102.77 -52.87
C GLN F 222 58.96 -102.09 -52.98
N LYS F 223 58.33 -101.80 -51.83
CA LYS F 223 57.02 -101.17 -51.87
C LYS F 223 57.09 -99.77 -52.47
N SER F 224 58.10 -98.98 -52.09
CA SER F 224 58.25 -97.65 -52.68
C SER F 224 58.54 -97.74 -54.16
N ALA F 225 59.36 -98.71 -54.57
CA ALA F 225 59.66 -98.88 -55.98
C ALA F 225 58.39 -99.17 -56.77
N PHE F 226 57.53 -100.02 -56.23
CA PHE F 226 56.28 -100.34 -56.91
C PHE F 226 55.36 -99.12 -56.97
N SER F 227 55.27 -98.40 -55.84
CA SER F 227 54.46 -97.20 -55.78
C SER F 227 54.89 -96.18 -56.82
N GLU F 228 56.18 -96.16 -57.16
CA GLU F 228 56.67 -95.24 -58.18
C GLU F 228 55.89 -95.39 -59.49
N GLU F 229 55.97 -96.57 -60.12
CA GLU F 229 55.30 -96.72 -61.41
C GLU F 229 53.79 -96.76 -61.27
N VAL F 230 53.24 -97.23 -60.14
CA VAL F 230 51.79 -97.20 -60.04
C VAL F 230 51.30 -95.75 -60.01
N ASN F 231 52.03 -94.87 -59.32
CA ASN F 231 51.66 -93.46 -59.30
C ASN F 231 51.86 -92.82 -60.67
N ILE F 232 52.91 -93.22 -61.39
CA ILE F 232 53.13 -92.69 -62.73
C ILE F 232 51.95 -93.04 -63.63
N LYS F 233 51.54 -94.31 -63.63
CA LYS F 233 50.43 -94.74 -64.47
C LYS F 233 49.13 -94.04 -64.08
N THR F 234 48.87 -93.90 -62.78
CA THR F 234 47.68 -93.15 -62.38
C THR F 234 47.74 -91.73 -62.91
N ALA F 235 48.84 -91.02 -62.64
CA ALA F 235 48.94 -89.62 -63.06
C ALA F 235 48.69 -89.46 -64.54
N GLU F 236 49.12 -90.43 -65.35
CA GLU F 236 48.68 -90.44 -66.74
C GLU F 236 47.17 -90.64 -66.85
N ALA F 237 46.60 -91.48 -65.99
CA ALA F 237 45.19 -91.87 -66.13
C ALA F 237 44.25 -90.68 -65.94
N GLN F 238 44.48 -89.85 -64.92
CA GLN F 238 43.53 -88.74 -64.75
C GLN F 238 43.55 -87.78 -65.95
N LEU F 239 44.74 -87.44 -66.45
CA LEU F 239 44.84 -86.37 -67.43
C LEU F 239 44.68 -86.84 -68.88
N ALA F 240 44.62 -88.15 -69.13
CA ALA F 240 44.21 -88.59 -70.45
C ALA F 240 42.83 -88.04 -70.82
N TYR F 241 41.95 -87.89 -69.84
CA TYR F 241 40.62 -87.33 -70.08
C TYR F 241 40.72 -85.91 -70.62
N GLU F 242 41.51 -85.06 -69.96
CA GLU F 242 41.67 -83.69 -70.42
C GLU F 242 42.33 -83.63 -71.78
N LEU F 243 43.31 -84.51 -72.02
CA LEU F 243 43.97 -84.52 -73.32
C LEU F 243 42.98 -84.79 -74.44
N GLN F 244 42.18 -85.85 -74.29
CA GLN F 244 41.20 -86.17 -75.33
C GLN F 244 40.12 -85.10 -75.40
N GLY F 245 39.77 -84.48 -74.26
CA GLY F 245 38.78 -83.42 -74.29
C GLY F 245 39.24 -82.23 -75.10
N ALA F 246 40.48 -81.81 -74.93
CA ALA F 246 41.01 -80.71 -75.73
C ALA F 246 41.11 -81.11 -77.19
N ARG F 247 41.55 -82.33 -77.47
CA ARG F 247 41.65 -82.80 -78.84
C ARG F 247 40.29 -82.75 -79.55
N GLU F 248 39.22 -83.11 -78.84
CA GLU F 248 37.89 -83.03 -79.42
C GLU F 248 37.39 -81.59 -79.50
N GLN F 249 37.66 -80.78 -78.48
CA GLN F 249 37.27 -79.37 -78.50
C GLN F 249 37.86 -78.65 -79.69
N GLN F 250 39.01 -79.10 -80.20
CA GLN F 250 39.52 -78.57 -81.45
C GLN F 250 38.43 -78.56 -82.53
N LYS F 251 37.91 -79.74 -82.88
CA LYS F 251 36.89 -79.83 -83.92
C LYS F 251 35.57 -79.22 -83.47
N ILE F 252 35.24 -79.32 -82.18
CA ILE F 252 34.01 -78.73 -81.68
C ILE F 252 33.99 -77.24 -81.98
N ARG F 253 35.06 -76.54 -81.62
CA ARG F 253 35.14 -75.12 -81.87
C ARG F 253 35.32 -74.80 -83.35
N GLN F 254 35.99 -75.69 -84.09
CA GLN F 254 36.10 -75.53 -85.53
C GLN F 254 34.72 -75.40 -86.17
N GLU F 255 33.81 -76.31 -85.84
CA GLU F 255 32.46 -76.21 -86.39
C GLU F 255 31.67 -75.07 -85.78
N GLU F 256 31.80 -74.83 -84.47
CA GLU F 256 31.09 -73.73 -83.84
C GLU F 256 31.44 -72.39 -84.48
N ILE F 257 32.66 -72.25 -85.00
CA ILE F 257 33.06 -71.03 -85.68
C ILE F 257 32.79 -71.08 -87.18
N GLU F 258 32.75 -72.26 -87.79
CA GLU F 258 32.26 -72.36 -89.16
C GLU F 258 30.79 -71.99 -89.28
N ILE F 259 30.04 -72.04 -88.17
CA ILE F 259 28.66 -71.55 -88.17
C ILE F 259 28.56 -70.17 -88.80
N GLU F 260 29.23 -69.18 -88.18
CA GLU F 260 29.12 -67.83 -88.68
C GLU F 260 29.91 -67.59 -89.95
N VAL F 261 30.89 -68.44 -90.26
CA VAL F 261 31.50 -68.38 -91.59
C VAL F 261 30.45 -68.64 -92.66
N VAL F 262 29.68 -69.72 -92.48
CA VAL F 262 28.61 -70.03 -93.43
C VAL F 262 27.57 -68.93 -93.45
N GLN F 263 27.24 -68.37 -92.28
CA GLN F 263 26.25 -67.30 -92.22
C GLN F 263 26.71 -66.07 -93.02
N ARG F 264 27.94 -65.61 -92.76
CA ARG F 264 28.45 -64.43 -93.44
C ARG F 264 28.73 -64.69 -94.91
N LYS F 265 28.89 -65.96 -95.32
CA LYS F 265 29.09 -66.25 -96.73
C LYS F 265 27.89 -65.84 -97.56
N LYS F 266 26.68 -65.99 -97.02
CA LYS F 266 25.46 -65.62 -97.73
C LYS F 266 24.89 -64.29 -97.28
N GLN F 267 25.39 -63.72 -96.17
CA GLN F 267 25.18 -62.29 -95.99
C GLN F 267 25.67 -61.49 -97.18
N ILE F 268 26.58 -62.04 -97.99
CA ILE F 268 26.99 -61.40 -99.23
C ILE F 268 25.79 -61.21 -100.16
N ALA F 269 25.02 -62.28 -100.38
CA ALA F 269 23.83 -62.18 -101.22
C ALA F 269 22.79 -61.28 -100.58
N VAL F 270 22.69 -61.33 -99.25
CA VAL F 270 21.79 -60.41 -98.55
C VAL F 270 22.13 -58.98 -98.92
N GLU F 271 23.42 -58.63 -98.85
CA GLU F 271 23.84 -57.27 -99.13
C GLU F 271 23.71 -56.92 -100.60
N ALA F 272 23.87 -57.88 -101.51
CA ALA F 272 23.66 -57.60 -102.93
C ALA F 272 22.20 -57.24 -103.20
N GLN F 273 21.27 -58.03 -102.65
CA GLN F 273 19.86 -57.68 -102.78
C GLN F 273 19.57 -56.33 -102.13
N GLU F 274 20.24 -56.03 -101.01
CA GLU F 274 20.10 -54.71 -100.41
C GLU F 274 20.61 -53.61 -101.33
N ILE F 275 21.69 -53.87 -102.08
CA ILE F 275 22.19 -52.89 -103.04
C ILE F 275 21.14 -52.59 -104.09
N LEU F 276 20.54 -53.64 -104.65
CA LEU F 276 19.49 -53.41 -105.64
C LEU F 276 18.32 -52.63 -105.05
N ARG F 277 17.88 -53.03 -103.84
CA ARG F 277 16.75 -52.35 -103.22
C ARG F 277 17.06 -50.88 -102.95
N THR F 278 18.25 -50.58 -102.44
CA THR F 278 18.57 -49.19 -102.13
C THR F 278 18.79 -48.38 -103.40
N ASP F 279 19.26 -49.00 -104.48
CA ASP F 279 19.32 -48.30 -105.76
C ASP F 279 17.92 -47.86 -106.19
N LYS F 280 16.97 -48.80 -106.20
CA LYS F 280 15.61 -48.44 -106.60
C LYS F 280 14.99 -47.43 -105.64
N GLU F 281 15.25 -47.58 -104.34
CA GLU F 281 14.69 -46.66 -103.36
C GLU F 281 15.24 -45.26 -103.55
N LEU F 282 16.55 -45.12 -103.79
CA LEU F 282 17.13 -43.81 -104.06
C LEU F 282 16.56 -43.20 -105.33
N ILE F 283 16.35 -44.02 -106.36
CA ILE F 283 15.68 -43.52 -107.57
C ILE F 283 14.34 -42.91 -107.18
N ALA F 284 13.44 -43.73 -106.63
CA ALA F 284 12.09 -43.27 -106.32
C ALA F 284 12.07 -42.12 -105.33
N THR F 285 13.13 -41.98 -104.52
CA THR F 285 13.12 -40.99 -103.46
C THR F 285 13.68 -39.64 -103.88
N VAL F 286 14.75 -39.62 -104.68
CA VAL F 286 15.38 -38.34 -104.99
C VAL F 286 15.48 -38.08 -106.50
N ARG F 287 15.53 -39.14 -107.31
CA ARG F 287 15.78 -38.92 -108.73
C ARG F 287 14.56 -38.33 -109.43
N ARG F 288 13.37 -38.85 -109.13
CA ARG F 288 12.14 -38.38 -109.75
C ARG F 288 11.64 -37.09 -109.12
N PRO F 289 11.69 -36.92 -107.79
CA PRO F 289 11.36 -35.61 -107.22
C PRO F 289 12.22 -34.49 -107.75
N ALA F 290 13.49 -34.74 -108.08
CA ALA F 290 14.32 -33.71 -108.68
C ALA F 290 13.77 -33.27 -110.02
N GLU F 291 13.36 -34.22 -110.86
CA GLU F 291 12.79 -33.88 -112.16
C GLU F 291 11.48 -33.14 -112.00
N ALA F 292 10.64 -33.57 -111.05
CA ALA F 292 9.39 -32.87 -110.81
C ALA F 292 9.63 -31.44 -110.34
N GLU F 293 10.62 -31.25 -109.47
CA GLU F 293 10.96 -29.91 -109.00
C GLU F 293 11.46 -29.06 -110.16
N ALA F 294 12.28 -29.64 -111.05
CA ALA F 294 12.75 -28.89 -112.21
C ALA F 294 11.58 -28.45 -113.09
N HIS F 295 10.64 -29.35 -113.33
CA HIS F 295 9.47 -29.00 -114.14
C HIS F 295 8.66 -27.91 -113.46
N ARG F 296 8.47 -28.00 -112.15
CA ARG F 296 7.73 -26.98 -111.42
C ARG F 296 8.41 -25.63 -111.51
N ILE F 297 9.72 -25.60 -111.34
CA ILE F 297 10.46 -24.34 -111.39
C ILE F 297 10.36 -23.72 -112.78
N GLN F 298 10.50 -24.53 -113.83
CA GLN F 298 10.45 -23.95 -115.17
C GLN F 298 9.03 -23.48 -115.53
N GLN F 299 8.00 -24.21 -115.10
CA GLN F 299 6.64 -23.75 -115.32
C GLN F 299 6.36 -22.43 -114.61
N ILE F 300 6.74 -22.34 -113.33
CA ILE F 300 6.51 -21.11 -112.58
C ILE F 300 7.34 -19.97 -113.13
N ALA F 301 8.55 -20.25 -113.61
CA ALA F 301 9.37 -19.22 -114.24
C ALA F 301 8.71 -18.71 -115.51
N GLU F 302 8.12 -19.62 -116.30
CA GLU F 302 7.40 -19.17 -117.48
C GLU F 302 6.24 -18.27 -117.11
N GLY F 303 5.46 -18.66 -116.10
CA GLY F 303 4.36 -17.82 -115.67
C GLY F 303 4.83 -16.44 -115.22
N GLU F 304 5.88 -16.40 -114.40
CA GLU F 304 6.39 -15.13 -113.90
C GLU F 304 6.95 -14.26 -115.02
N LYS F 305 7.63 -14.88 -115.98
CA LYS F 305 8.17 -14.11 -117.11
C LYS F 305 7.06 -13.50 -117.93
N VAL F 306 6.01 -14.27 -118.22
CA VAL F 306 4.90 -13.70 -118.97
C VAL F 306 4.23 -12.57 -118.20
N LYS F 307 4.05 -12.76 -116.89
CA LYS F 307 3.44 -11.71 -116.08
C LYS F 307 4.28 -10.44 -116.10
N GLN F 308 5.59 -10.57 -115.93
CA GLN F 308 6.46 -9.39 -115.92
C GLN F 308 6.48 -8.70 -117.28
N VAL F 309 6.51 -9.48 -118.37
CA VAL F 309 6.50 -8.87 -119.70
C VAL F 309 5.20 -8.10 -119.93
N LEU F 310 4.07 -8.69 -119.55
CA LEU F 310 2.80 -8.00 -119.72
C LEU F 310 2.72 -6.74 -118.87
N LEU F 311 3.18 -6.81 -117.62
CA LEU F 311 3.17 -5.63 -116.77
C LEU F 311 4.06 -4.54 -117.32
N ALA F 312 5.23 -4.92 -117.84
CA ALA F 312 6.14 -3.94 -118.44
C ALA F 312 5.52 -3.29 -119.66
N GLN F 313 4.85 -4.07 -120.50
CA GLN F 313 4.18 -3.50 -121.67
C GLN F 313 3.09 -2.52 -121.25
N ALA F 314 2.31 -2.89 -120.23
CA ALA F 314 1.26 -2.01 -119.73
C ALA F 314 1.85 -0.71 -119.20
N GLU F 315 2.94 -0.80 -118.42
CA GLU F 315 3.57 0.40 -117.90
C GLU F 315 4.15 1.27 -119.00
N ALA F 316 4.75 0.64 -120.01
CA ALA F 316 5.33 1.40 -121.11
C ALA F 316 4.26 2.16 -121.87
N GLU F 317 3.12 1.52 -122.15
CA GLU F 317 2.09 2.23 -122.91
C GLU F 317 1.39 3.25 -122.04
N LYS F 318 1.30 3.00 -120.73
CA LYS F 318 0.87 4.03 -119.79
C LYS F 318 1.73 5.27 -119.92
N ILE F 319 3.05 5.09 -119.87
CA ILE F 319 3.96 6.22 -119.97
C ILE F 319 3.81 6.92 -121.32
N ARG F 320 3.66 6.14 -122.39
CA ARG F 320 3.52 6.74 -123.72
C ARG F 320 2.27 7.61 -123.81
N LYS F 321 1.14 7.10 -123.34
CA LYS F 321 -0.11 7.86 -123.42
C LYS F 321 -0.07 9.08 -122.53
N ILE F 322 0.49 8.96 -121.32
CA ILE F 322 0.60 10.11 -120.44
C ILE F 322 1.50 11.16 -121.06
N GLY F 323 2.60 10.76 -121.67
CA GLY F 323 3.48 11.70 -122.33
C GLY F 323 2.82 12.41 -123.49
N GLU F 324 2.04 11.67 -124.28
CA GLU F 324 1.30 12.30 -125.37
C GLU F 324 0.30 13.31 -124.85
N ALA F 325 -0.41 12.98 -123.77
CA ALA F 325 -1.35 13.92 -123.18
C ALA F 325 -0.65 15.17 -122.69
N GLU F 326 0.50 15.00 -122.03
CA GLU F 326 1.26 16.15 -121.54
C GLU F 326 1.77 17.01 -122.70
N ALA F 327 2.21 16.38 -123.78
CA ALA F 327 2.65 17.14 -124.95
C ALA F 327 1.50 17.95 -125.53
N ALA F 328 0.30 17.34 -125.61
CA ALA F 328 -0.84 18.05 -126.15
C ALA F 328 -1.21 19.25 -125.28
N VAL F 329 -1.24 19.07 -123.96
CA VAL F 329 -1.63 20.18 -123.10
C VAL F 329 -0.56 21.27 -123.12
N ILE F 330 0.72 20.88 -123.19
CA ILE F 330 1.78 21.89 -123.27
C ILE F 330 1.68 22.69 -124.56
N GLU F 331 1.40 22.02 -125.66
CA GLU F 331 1.22 22.74 -126.92
C GLU F 331 0.02 23.68 -126.85
N ALA F 332 -1.05 23.25 -126.18
CA ALA F 332 -2.21 24.12 -125.98
C ALA F 332 -1.85 25.36 -125.17
N MET F 333 -1.09 25.17 -124.09
CA MET F 333 -0.61 26.32 -123.32
C MET F 333 0.24 27.24 -124.17
N GLY F 334 1.08 26.68 -125.04
CA GLY F 334 1.88 27.52 -125.92
C GLY F 334 1.02 28.33 -126.86
N LYS F 335 0.02 27.67 -127.48
CA LYS F 335 -0.93 28.37 -128.33
C LYS F 335 -1.53 29.56 -127.59
N ALA F 336 -2.08 29.30 -126.40
CA ALA F 336 -2.83 30.32 -125.68
C ALA F 336 -1.93 31.44 -125.19
N GLU F 337 -0.78 31.10 -124.60
CA GLU F 337 0.08 32.13 -124.04
C GLU F 337 0.72 32.98 -125.14
N ALA F 338 1.08 32.36 -126.26
CA ALA F 338 1.61 33.13 -127.37
C ALA F 338 0.55 34.05 -127.96
N GLU F 339 -0.69 33.58 -128.06
CA GLU F 339 -1.76 34.46 -128.51
C GLU F 339 -1.95 35.62 -127.54
N ARG F 340 -1.86 35.34 -126.24
CA ARG F 340 -1.98 36.39 -125.24
C ARG F 340 -0.90 37.44 -125.43
N MET F 341 0.35 37.01 -125.55
CA MET F 341 1.44 37.96 -125.71
C MET F 341 1.32 38.74 -127.00
N LYS F 342 0.92 38.07 -128.08
CA LYS F 342 0.76 38.75 -129.36
C LYS F 342 -0.30 39.83 -129.27
N LEU F 343 -1.47 39.50 -128.70
CA LEU F 343 -2.53 40.49 -128.59
C LEU F 343 -2.14 41.63 -127.65
N LYS F 344 -1.35 41.32 -126.61
CA LYS F 344 -0.91 42.36 -125.68
C LYS F 344 0.14 43.26 -126.32
N ALA F 345 0.80 42.77 -127.37
CA ALA F 345 1.80 43.56 -128.06
C ALA F 345 1.23 44.83 -128.69
N GLU F 346 0.16 44.70 -129.47
CA GLU F 346 -0.45 45.90 -130.04
C GLU F 346 -1.03 46.80 -128.95
N ALA F 347 -1.50 46.20 -127.85
CA ALA F 347 -2.00 47.00 -126.75
C ALA F 347 -0.91 47.89 -126.17
N TYR F 348 0.28 47.33 -125.93
CA TYR F 348 1.39 48.14 -125.45
C TYR F 348 1.89 49.11 -126.51
N GLN F 349 1.70 48.78 -127.79
CA GLN F 349 2.24 49.63 -128.84
C GLN F 349 1.55 51.00 -128.86
N LYS F 350 0.34 51.08 -128.29
CA LYS F 350 -0.43 52.32 -128.38
C LYS F 350 -0.32 53.15 -127.11
N TYR F 351 0.73 52.93 -126.32
CA TYR F 351 0.96 53.64 -125.07
C TYR F 351 1.67 54.95 -125.32
N GLY F 352 1.18 56.02 -124.70
CA GLY F 352 1.80 57.33 -124.78
C GLY F 352 2.65 57.63 -123.57
N ASP F 353 2.94 58.91 -123.37
CA ASP F 353 3.70 59.32 -122.19
C ASP F 353 2.89 59.11 -120.91
N ALA F 354 1.61 59.47 -120.93
CA ALA F 354 0.78 59.37 -119.73
C ALA F 354 0.63 57.92 -119.30
N ALA F 355 0.47 57.01 -120.26
CA ALA F 355 0.30 55.59 -119.90
C ALA F 355 1.57 55.00 -119.29
N LYS F 356 2.73 55.35 -119.84
CA LYS F 356 3.99 54.90 -119.23
C LYS F 356 4.15 55.49 -117.84
N MET F 357 3.77 56.76 -117.66
CA MET F 357 3.78 57.35 -116.33
C MET F 357 2.89 56.58 -115.38
N ALA F 358 1.71 56.17 -115.85
CA ALA F 358 0.81 55.36 -115.03
C ALA F 358 1.44 54.04 -114.64
N LEU F 359 2.12 53.39 -115.59
CA LEU F 359 2.78 52.13 -115.30
C LEU F 359 3.85 52.32 -114.21
N VAL F 360 4.68 53.35 -114.34
CA VAL F 360 5.73 53.57 -113.37
C VAL F 360 5.15 53.89 -111.99
N LEU F 361 4.11 54.74 -111.96
CA LEU F 361 3.51 55.10 -110.69
C LEU F 361 2.85 53.90 -110.03
N GLU F 362 2.25 53.01 -110.84
CA GLU F 362 1.65 51.81 -110.27
C GLU F 362 2.72 50.87 -109.73
N ALA F 363 3.88 50.81 -110.40
CA ALA F 363 4.94 49.92 -109.94
C ALA F 363 5.61 50.45 -108.68
N LEU F 364 5.64 51.78 -108.51
CA LEU F 364 6.39 52.39 -107.41
C LEU F 364 6.00 51.89 -106.02
N PRO F 365 4.71 51.85 -105.63
CA PRO F 365 4.40 51.45 -104.25
C PRO F 365 4.85 50.04 -103.90
N GLN F 366 4.77 49.10 -104.83
CA GLN F 366 5.21 47.75 -104.52
C GLN F 366 6.72 47.70 -104.28
N ILE F 367 7.49 48.39 -105.12
CA ILE F 367 8.94 48.46 -104.93
C ILE F 367 9.26 49.12 -103.59
N ALA F 368 8.54 50.20 -103.27
CA ALA F 368 8.78 50.90 -102.02
C ALA F 368 8.47 50.00 -100.82
N ALA F 369 7.39 49.23 -100.91
CA ALA F 369 7.05 48.30 -99.84
C ALA F 369 8.14 47.24 -99.68
N LYS F 370 8.67 46.75 -100.80
CA LYS F 370 9.71 45.73 -100.74
C LYS F 370 10.98 46.28 -100.12
N ILE F 371 11.39 47.49 -100.52
CA ILE F 371 12.64 48.05 -100.01
C ILE F 371 12.53 48.40 -98.52
N ALA F 372 11.37 48.87 -98.09
CA ALA F 372 11.19 49.29 -96.71
C ALA F 372 10.95 48.13 -95.75
N ALA F 373 10.77 46.91 -96.25
CA ALA F 373 10.52 45.77 -95.38
C ALA F 373 11.59 45.58 -94.30
N PRO F 374 12.89 45.69 -94.58
CA PRO F 374 13.87 45.54 -93.49
C PRO F 374 13.73 46.57 -92.40
N LEU F 375 13.09 47.71 -92.68
CA LEU F 375 12.96 48.76 -91.67
C LEU F 375 11.98 48.38 -90.58
N THR F 376 11.25 47.28 -90.77
CA THR F 376 10.24 46.84 -89.82
C THR F 376 10.85 46.46 -88.47
N LYS F 377 12.07 45.94 -88.49
CA LYS F 377 12.69 45.35 -87.31
C LYS F 377 13.55 46.34 -86.51
N VAL F 378 13.44 47.64 -86.79
CA VAL F 378 14.21 48.61 -86.04
C VAL F 378 13.77 48.60 -84.58
N ASP F 379 14.75 48.63 -83.67
CA ASP F 379 14.49 48.58 -82.24
C ASP F 379 14.41 49.96 -81.62
N GLU F 380 15.44 50.77 -81.77
CA GLU F 380 15.46 52.10 -81.18
C GLU F 380 16.24 53.03 -82.09
N ILE F 381 15.91 54.32 -82.02
CA ILE F 381 16.52 55.33 -82.87
C ILE F 381 17.09 56.40 -81.95
N VAL F 382 18.35 56.77 -82.18
CA VAL F 382 19.01 57.84 -81.44
C VAL F 382 19.42 58.92 -82.43
N VAL F 383 18.95 60.14 -82.19
CA VAL F 383 19.23 61.28 -83.06
C VAL F 383 19.92 62.35 -82.25
N LEU F 384 21.04 62.85 -82.76
CA LEU F 384 21.76 63.97 -82.17
C LEU F 384 21.95 65.05 -83.22
N SER F 385 21.95 66.31 -82.79
CA SER F 385 22.06 67.43 -83.70
C SER F 385 22.97 68.50 -83.10
N GLY F 386 23.48 69.36 -83.97
CA GLY F 386 24.37 70.42 -83.55
C GLY F 386 25.81 69.97 -83.38
N ASP F 387 26.75 70.79 -83.82
CA ASP F 387 28.17 70.46 -83.74
C ASP F 387 28.74 70.91 -82.40
N ASN F 388 28.71 70.00 -81.43
CA ASN F 388 29.20 70.28 -80.08
C ASN F 388 29.96 69.07 -79.57
N SER F 389 30.36 69.14 -78.30
CA SER F 389 31.15 68.09 -77.68
C SER F 389 30.25 66.93 -77.27
N LYS F 390 30.88 65.88 -76.73
CA LYS F 390 30.19 64.65 -76.33
C LYS F 390 30.19 64.50 -74.81
N VAL F 391 30.12 65.61 -74.09
CA VAL F 391 30.17 65.59 -72.63
C VAL F 391 28.79 65.87 -72.04
N THR F 392 27.94 66.59 -72.77
CA THR F 392 26.64 66.98 -72.23
C THR F 392 25.77 65.77 -71.92
N SER F 393 25.76 64.79 -72.81
CA SER F 393 24.97 63.56 -72.66
C SER F 393 23.49 63.95 -72.54
N GLU F 394 22.77 63.46 -71.56
CA GLU F 394 21.36 63.80 -71.40
C GLU F 394 21.14 64.73 -70.21
N MET G 1 51.05 -154.10 61.48
CA MET G 1 50.80 -154.97 60.34
C MET G 1 51.68 -154.59 59.16
N PHE G 2 51.78 -155.50 58.20
CA PHE G 2 52.63 -155.29 57.03
C PHE G 2 52.05 -154.20 56.13
N PHE G 3 52.93 -153.36 55.58
CA PHE G 3 52.53 -152.25 54.73
C PHE G 3 53.20 -152.41 53.36
N THR G 4 52.42 -152.82 52.37
CA THR G 4 52.93 -152.98 51.02
C THR G 4 53.26 -151.63 50.41
N CYS G 5 54.25 -151.62 49.52
CA CYS G 5 54.62 -150.44 48.78
C CYS G 5 54.95 -150.82 47.35
N GLY G 6 54.73 -149.89 46.43
CA GLY G 6 55.11 -150.07 45.06
C GLY G 6 56.60 -149.83 44.87
N PRO G 7 57.04 -149.89 43.61
CA PRO G 7 58.41 -149.56 43.28
C PRO G 7 58.70 -148.11 42.92
N ASN G 8 57.81 -147.17 43.27
CA ASN G 8 58.05 -145.76 43.07
C ASN G 8 58.19 -145.00 44.39
N GLU G 9 58.20 -145.71 45.52
CA GLU G 9 58.36 -145.08 46.82
C GLU G 9 59.24 -145.95 47.69
N ALA G 10 59.93 -145.31 48.63
CA ALA G 10 60.78 -145.99 49.59
C ALA G 10 60.13 -145.93 50.96
N MET G 11 59.81 -147.09 51.51
CA MET G 11 59.23 -147.20 52.84
C MET G 11 60.34 -147.41 53.85
N VAL G 12 60.69 -146.35 54.58
CA VAL G 12 61.67 -146.41 55.64
C VAL G 12 60.99 -145.98 56.94
N VAL G 13 61.07 -146.83 57.96
CA VAL G 13 60.38 -146.61 59.23
C VAL G 13 61.30 -147.05 60.36
N SER G 14 61.11 -146.44 61.53
CA SER G 14 61.80 -146.85 62.75
C SER G 14 60.80 -147.53 63.68
N GLY G 15 61.17 -148.72 64.16
CA GLY G 15 60.28 -149.47 65.03
C GLY G 15 60.83 -149.69 66.41
N PHE G 16 61.10 -150.96 66.75
CA PHE G 16 61.70 -151.32 68.02
C PHE G 16 62.93 -152.18 67.76
N CYS G 17 64.08 -151.74 68.28
CA CYS G 17 65.35 -152.44 68.13
C CYS G 17 65.68 -152.67 66.65
N ARG G 18 65.69 -151.57 65.90
CA ARG G 18 66.01 -151.56 64.48
C ARG G 18 67.02 -150.45 64.18
N SER G 19 68.09 -150.41 64.99
CA SER G 19 69.06 -149.32 64.89
C SER G 19 69.70 -149.19 63.52
N PRO G 20 70.19 -150.25 62.87
CA PRO G 20 70.72 -150.10 61.52
C PRO G 20 69.64 -149.64 60.57
N PRO G 21 70.00 -148.88 59.54
CA PRO G 21 68.99 -148.37 58.61
C PRO G 21 68.28 -149.50 57.87
N VAL G 22 67.02 -149.27 57.53
CA VAL G 22 66.19 -150.22 56.83
C VAL G 22 65.83 -149.63 55.46
N MET G 23 66.21 -150.34 54.40
CA MET G 23 65.98 -149.91 53.02
C MET G 23 64.90 -150.80 52.42
N VAL G 24 63.66 -150.32 52.42
CA VAL G 24 62.53 -151.06 51.88
C VAL G 24 61.84 -150.19 50.84
N ALA G 25 61.75 -150.70 49.61
CA ALA G 25 61.01 -150.07 48.52
C ALA G 25 60.45 -151.19 47.65
N GLY G 26 59.18 -151.51 47.85
CA GLY G 26 58.56 -152.64 47.18
C GLY G 26 58.56 -153.89 48.02
N GLY G 27 58.14 -153.75 49.27
CA GLY G 27 58.09 -154.87 50.19
C GLY G 27 57.06 -154.61 51.27
N ARG G 28 57.24 -155.29 52.41
CA ARG G 28 56.37 -155.11 53.55
C ARG G 28 57.19 -155.00 54.83
N VAL G 29 56.63 -154.32 55.82
CA VAL G 29 57.24 -154.17 57.13
C VAL G 29 56.15 -154.31 58.18
N PHE G 30 56.35 -155.18 59.16
CA PHE G 30 55.44 -155.29 60.29
C PHE G 30 55.59 -154.06 61.18
N VAL G 31 54.53 -153.27 61.29
CA VAL G 31 54.58 -151.97 61.95
C VAL G 31 53.67 -151.99 63.18
N LEU G 32 54.26 -151.73 64.35
CA LEU G 32 53.48 -151.53 65.56
C LEU G 32 52.81 -150.16 65.51
N PRO G 33 51.56 -150.04 66.00
CA PRO G 33 50.86 -148.76 65.84
C PRO G 33 51.36 -147.67 66.78
N CYS G 34 51.64 -147.99 68.04
CA CYS G 34 52.03 -146.99 69.02
C CYS G 34 53.54 -146.96 69.26
N ILE G 35 54.32 -147.71 68.50
CA ILE G 35 55.77 -147.78 68.68
C ILE G 35 56.52 -147.26 67.46
N GLN G 36 56.09 -147.64 66.27
CA GLN G 36 56.80 -147.29 65.04
C GLN G 36 56.28 -145.97 64.46
N GLN G 37 57.15 -145.31 63.69
CA GLN G 37 56.82 -144.07 63.00
C GLN G 37 57.02 -144.27 61.51
N ILE G 38 56.07 -143.79 60.71
CA ILE G 38 56.01 -144.04 59.28
C ILE G 38 56.34 -142.76 58.54
N GLN G 39 57.26 -142.87 57.57
CA GLN G 39 57.60 -141.77 56.68
C GLN G 39 57.87 -142.34 55.29
N ARG G 40 57.64 -141.52 54.27
CA ARG G 40 57.66 -141.97 52.88
C ARG G 40 58.47 -141.00 52.01
N ILE G 41 59.09 -141.56 50.98
CA ILE G 41 59.76 -140.80 49.92
C ILE G 41 59.26 -141.31 48.58
N SER G 42 58.89 -140.40 47.69
CA SER G 42 58.46 -140.75 46.34
C SER G 42 59.68 -140.83 45.42
N LEU G 43 59.81 -141.95 44.73
CA LEU G 43 60.94 -142.20 43.82
C LEU G 43 60.62 -141.89 42.37
N ASN G 44 59.42 -141.35 42.09
CA ASN G 44 59.01 -141.13 40.72
C ASN G 44 59.88 -140.04 40.08
N THR G 45 60.19 -140.23 38.80
CA THR G 45 61.08 -139.30 38.09
C THR G 45 60.36 -137.98 37.83
N LEU G 46 61.03 -136.88 38.16
CA LEU G 46 60.49 -135.54 37.94
C LEU G 46 61.36 -134.80 36.94
N THR G 47 60.73 -134.09 36.01
CA THR G 47 61.43 -133.32 35.01
C THR G 47 61.73 -131.92 35.55
N LEU G 48 62.85 -131.36 35.11
CA LEU G 48 63.31 -130.06 35.56
C LEU G 48 63.52 -129.15 34.36
N ASN G 49 62.98 -127.93 34.45
CA ASN G 49 63.16 -126.92 33.41
C ASN G 49 64.30 -126.01 33.83
N VAL G 50 65.52 -126.48 33.58
CA VAL G 50 66.74 -125.78 34.00
C VAL G 50 66.92 -124.58 33.06
N LYS G 51 66.56 -123.40 33.53
CA LYS G 51 66.57 -122.19 32.71
C LYS G 51 67.72 -121.29 33.11
N SER G 52 68.50 -120.84 32.13
CA SER G 52 69.58 -119.89 32.34
C SER G 52 69.32 -118.66 31.48
N GLU G 53 69.33 -117.49 32.12
CA GLU G 53 69.01 -116.24 31.43
C GLU G 53 70.21 -115.30 31.49
N LYS G 54 70.64 -114.81 30.33
CA LYS G 54 71.72 -113.83 30.23
C LYS G 54 73.00 -114.34 30.88
N VAL G 55 73.51 -115.44 30.36
CA VAL G 55 74.71 -116.08 30.87
C VAL G 55 75.82 -115.91 29.85
N TYR G 56 77.01 -115.57 30.33
CA TYR G 56 78.15 -115.32 29.47
C TYR G 56 78.90 -116.60 29.13
N THR G 57 79.35 -116.70 27.88
CA THR G 57 80.12 -117.83 27.38
C THR G 57 81.61 -117.50 27.50
N ARG G 58 82.46 -118.34 26.89
CA ARG G 58 83.89 -118.16 27.13
C ARG G 58 84.43 -117.03 26.24
N HIS G 59 83.66 -116.61 25.23
CA HIS G 59 83.86 -115.32 24.60
C HIS G 59 83.23 -114.16 25.36
N GLY G 60 82.32 -114.45 26.29
CA GLY G 60 81.60 -113.42 27.00
C GLY G 60 80.27 -113.02 26.40
N VAL G 61 79.91 -113.53 25.23
CA VAL G 61 78.64 -113.16 24.62
C VAL G 61 77.49 -113.72 25.46
N PRO G 62 76.46 -112.92 25.76
CA PRO G 62 75.33 -113.45 26.56
C PRO G 62 74.29 -114.10 25.66
N ILE G 63 73.92 -115.33 26.00
CA ILE G 63 72.90 -116.07 25.29
C ILE G 63 71.93 -116.68 26.29
N SER G 64 70.64 -116.60 25.99
CA SER G 64 69.62 -117.22 26.83
C SER G 64 69.55 -118.71 26.52
N VAL G 65 69.82 -119.54 27.52
CA VAL G 65 69.93 -120.99 27.34
C VAL G 65 68.94 -121.66 28.27
N THR G 66 68.14 -122.57 27.72
CA THR G 66 67.19 -123.36 28.48
C THR G 66 67.59 -124.83 28.45
N GLY G 67 67.49 -125.50 29.59
CA GLY G 67 67.84 -126.90 29.68
C GLY G 67 66.74 -127.69 30.36
N ILE G 68 66.67 -128.97 30.00
CA ILE G 68 65.69 -129.91 30.55
C ILE G 68 66.44 -131.11 31.10
N ALA G 69 66.08 -131.53 32.31
CA ALA G 69 66.73 -132.65 32.96
C ALA G 69 65.70 -133.62 33.52
N GLN G 70 66.03 -134.90 33.51
CA GLN G 70 65.19 -135.94 34.11
C GLN G 70 65.97 -136.57 35.26
N VAL G 71 65.55 -136.30 36.48
CA VAL G 71 66.27 -136.71 37.68
C VAL G 71 65.41 -137.69 38.46
N LYS G 72 66.05 -138.73 39.01
CA LYS G 72 65.37 -139.77 39.76
C LYS G 72 66.25 -140.20 40.91
N ILE G 73 65.62 -140.74 41.95
CA ILE G 73 66.31 -141.23 43.14
C ILE G 73 66.58 -142.72 42.93
N GLN G 74 67.84 -143.07 42.73
CA GLN G 74 68.20 -144.46 42.44
C GLN G 74 68.08 -145.32 43.69
N GLY G 75 66.88 -145.86 43.93
CA GLY G 75 66.66 -146.70 45.09
C GLY G 75 67.30 -148.06 45.02
N GLN G 76 67.83 -148.44 43.86
CA GLN G 76 68.54 -149.71 43.76
C GLN G 76 69.78 -149.74 44.63
N ASN G 77 70.51 -148.63 44.68
CA ASN G 77 71.72 -148.54 45.51
C ASN G 77 71.31 -148.32 46.96
N LYS G 78 71.68 -149.28 47.83
CA LYS G 78 71.32 -149.18 49.24
C LYS G 78 72.01 -147.99 49.90
N GLU G 79 73.30 -147.79 49.60
CA GLU G 79 74.04 -146.71 50.23
C GLU G 79 73.49 -145.35 49.82
N MET G 80 73.25 -145.16 48.52
CA MET G 80 72.75 -143.87 48.04
C MET G 80 71.35 -143.61 48.58
N LEU G 81 70.49 -144.63 48.61
CA LEU G 81 69.15 -144.43 49.14
C LEU G 81 69.19 -144.11 50.63
N ALA G 82 70.05 -144.79 51.38
CA ALA G 82 70.18 -144.50 52.81
C ALA G 82 70.69 -143.08 53.02
N ALA G 83 71.62 -142.63 52.20
CA ALA G 83 72.08 -141.24 52.29
C ALA G 83 70.95 -140.28 51.99
N ALA G 84 70.15 -140.57 50.96
CA ALA G 84 69.09 -139.65 50.55
C ALA G 84 67.97 -139.58 51.59
N CYS G 85 67.69 -140.69 52.26
CA CYS G 85 66.62 -140.71 53.25
C CYS G 85 66.94 -139.81 54.43
N GLN G 86 68.21 -139.49 54.65
CA GLN G 86 68.60 -138.67 55.80
C GLN G 86 68.12 -137.23 55.68
N MET G 87 67.79 -136.77 54.47
CA MET G 87 67.28 -135.42 54.31
C MET G 87 66.02 -135.30 53.47
N PHE G 88 65.66 -136.31 52.68
CA PHE G 88 64.53 -136.18 51.78
C PHE G 88 63.21 -136.61 52.40
N LEU G 89 63.23 -137.24 53.58
CA LEU G 89 61.99 -137.50 54.28
C LEU G 89 61.35 -136.19 54.73
N GLY G 90 60.04 -136.08 54.56
CA GLY G 90 59.31 -134.92 55.00
C GLY G 90 59.35 -133.74 54.04
N LYS G 91 60.00 -133.88 52.89
CA LYS G 91 60.08 -132.82 51.89
C LYS G 91 59.11 -133.11 50.76
N THR G 92 58.34 -132.09 50.36
CA THR G 92 57.37 -132.23 49.30
C THR G 92 58.07 -132.37 47.95
N GLU G 93 57.29 -132.80 46.95
CA GLU G 93 57.85 -132.96 45.61
C GLU G 93 58.32 -131.64 45.02
N ALA G 94 57.58 -130.56 45.30
CA ALA G 94 57.94 -129.25 44.75
C ALA G 94 59.30 -128.80 45.25
N GLU G 95 59.54 -128.88 46.55
CA GLU G 95 60.82 -128.45 47.10
C GLU G 95 61.95 -129.37 46.66
N ILE G 96 61.68 -130.67 46.59
CA ILE G 96 62.69 -131.62 46.13
C ILE G 96 63.11 -131.29 44.71
N ALA G 97 62.13 -131.01 43.85
CA ALA G 97 62.45 -130.60 42.48
C ALA G 97 63.21 -129.28 42.48
N HIS G 98 62.77 -128.31 43.27
CA HIS G 98 63.31 -126.96 43.22
C HIS G 98 64.77 -126.90 43.66
N ILE G 99 65.14 -127.62 44.72
CA ILE G 99 66.51 -127.55 45.20
C ILE G 99 67.48 -128.13 44.18
N ALA G 100 67.16 -129.33 43.67
CA ALA G 100 68.00 -129.93 42.64
C ALA G 100 68.00 -129.10 41.37
N LEU G 101 66.90 -128.40 41.09
CA LEU G 101 66.86 -127.51 39.94
C LEU G 101 67.89 -126.40 40.06
N GLU G 102 67.96 -125.77 41.24
CA GLU G 102 68.94 -124.73 41.45
C GLU G 102 70.37 -125.29 41.39
N THR G 103 70.58 -126.48 41.95
CA THR G 103 71.91 -127.07 41.89
C THR G 103 72.34 -127.34 40.44
N LEU G 104 71.45 -127.95 39.65
CA LEU G 104 71.78 -128.26 38.26
C LEU G 104 71.92 -126.99 37.44
N GLU G 105 71.15 -125.95 37.77
CA GLU G 105 71.34 -124.67 37.11
C GLU G 105 72.71 -124.10 37.42
N GLY G 106 73.15 -124.22 38.68
CA GLY G 106 74.50 -123.79 39.01
C GLY G 106 75.55 -124.53 38.19
N HIS G 107 75.41 -125.85 38.09
CA HIS G 107 76.38 -126.63 37.30
C HIS G 107 76.36 -126.21 35.83
N GLN G 108 75.17 -126.06 35.24
CA GLN G 108 75.08 -125.70 33.83
C GLN G 108 75.66 -124.32 33.58
N ARG G 109 75.27 -123.34 34.39
CA ARG G 109 75.74 -121.98 34.22
C ARG G 109 77.23 -121.88 34.50
N ALA G 110 77.78 -122.75 35.34
CA ALA G 110 79.23 -122.80 35.53
C ALA G 110 79.93 -123.37 34.31
N ILE G 111 79.40 -124.46 33.75
CA ILE G 111 80.00 -125.05 32.56
C ILE G 111 79.74 -124.23 31.31
N MET G 112 78.88 -123.21 31.40
CA MET G 112 78.64 -122.34 30.25
C MET G 112 79.92 -121.71 29.75
N ALA G 113 80.80 -121.29 30.67
CA ALA G 113 82.03 -120.64 30.26
C ALA G 113 83.10 -121.61 29.82
N HIS G 114 82.86 -122.93 29.94
CA HIS G 114 83.84 -123.88 29.44
C HIS G 114 83.74 -124.02 27.93
N MET G 115 82.55 -124.33 27.42
CA MET G 115 82.30 -124.53 26.00
C MET G 115 81.67 -123.28 25.40
N THR G 116 82.21 -122.84 24.27
CA THR G 116 81.67 -121.68 23.56
C THR G 116 80.38 -122.04 22.82
N VAL G 117 79.64 -121.00 22.42
CA VAL G 117 78.38 -121.21 21.72
C VAL G 117 78.60 -121.99 20.42
N GLU G 118 79.65 -121.60 19.68
CA GLU G 118 80.03 -122.35 18.48
C GLU G 118 80.20 -123.83 18.80
N GLU G 119 80.76 -124.13 19.97
CA GLU G 119 80.86 -125.52 20.39
C GLU G 119 79.51 -126.09 20.80
N ILE G 120 78.67 -125.30 21.48
CA ILE G 120 77.47 -125.87 22.08
C ILE G 120 76.46 -126.29 21.01
N TYR G 121 76.28 -125.48 19.96
CA TYR G 121 75.26 -125.93 19.00
C TYR G 121 75.83 -126.92 17.99
N LYS G 122 77.12 -126.83 17.69
CA LYS G 122 77.74 -127.78 16.77
C LYS G 122 78.12 -129.07 17.49
N ASP G 123 79.04 -128.98 18.46
CA ASP G 123 79.50 -130.14 19.20
C ASP G 123 78.71 -130.27 20.50
N ARG G 124 77.54 -130.88 20.43
CA ARG G 124 76.63 -130.93 21.58
C ARG G 124 76.77 -132.24 22.35
N GLN G 125 77.22 -133.31 21.70
CA GLN G 125 77.29 -134.60 22.37
C GLN G 125 78.34 -134.59 23.47
N LYS G 126 79.54 -134.11 23.17
CA LYS G 126 80.59 -134.06 24.19
C LYS G 126 80.21 -133.09 25.31
N PHE G 127 79.62 -131.95 24.95
CA PHE G 127 79.11 -131.03 25.96
C PHE G 127 78.13 -131.71 26.91
N SER G 128 77.12 -132.40 26.35
CA SER G 128 76.12 -133.05 27.17
C SER G 128 76.74 -134.14 28.04
N GLU G 129 77.69 -134.89 27.48
CA GLU G 129 78.33 -135.96 28.25
C GLU G 129 79.11 -135.40 29.42
N GLN G 130 79.87 -134.32 29.21
CA GLN G 130 80.63 -133.73 30.31
C GLN G 130 79.72 -133.12 31.35
N VAL G 131 78.65 -132.44 30.92
CA VAL G 131 77.68 -131.88 31.85
C VAL G 131 77.07 -133.00 32.70
N PHE G 132 76.66 -134.09 32.04
CA PHE G 132 76.07 -135.21 32.76
C PHE G 132 77.06 -135.80 33.75
N LYS G 133 78.31 -135.98 33.33
CA LYS G 133 79.32 -136.55 34.23
C LYS G 133 79.48 -135.70 35.49
N VAL G 134 79.74 -134.40 35.32
CA VAL G 134 80.03 -133.54 36.47
C VAL G 134 78.80 -133.40 37.36
N ALA G 135 77.65 -133.11 36.75
CA ALA G 135 76.43 -132.94 37.53
C ALA G 135 76.05 -134.24 38.25
N SER G 136 76.17 -135.38 37.56
CA SER G 136 75.85 -136.65 38.19
C SER G 136 76.78 -136.93 39.35
N SER G 137 78.07 -136.64 39.21
CA SER G 137 78.99 -136.84 40.33
C SER G 137 78.58 -135.99 41.52
N ASP G 138 78.39 -134.68 41.31
CA ASP G 138 78.13 -133.80 42.44
C ASP G 138 76.73 -134.00 43.00
N LEU G 139 75.83 -134.62 42.24
CA LEU G 139 74.46 -134.82 42.72
C LEU G 139 74.29 -136.18 43.37
N VAL G 140 75.05 -137.19 42.92
CA VAL G 140 75.14 -138.45 43.65
C VAL G 140 75.82 -138.21 44.99
N ASN G 141 76.78 -137.28 45.01
CA ASN G 141 77.30 -136.81 46.29
C ASN G 141 76.17 -136.28 47.17
N MET G 142 75.21 -135.57 46.57
CA MET G 142 74.06 -135.11 47.33
C MET G 142 73.02 -136.23 47.47
N GLY G 143 72.88 -137.09 46.47
CA GLY G 143 72.02 -138.25 46.56
C GLY G 143 71.06 -138.48 45.42
N ILE G 144 71.00 -137.59 44.42
CA ILE G 144 70.12 -137.76 43.27
C ILE G 144 70.98 -138.02 42.04
N SER G 145 70.57 -139.02 41.27
CA SER G 145 71.24 -139.36 40.01
C SER G 145 70.37 -138.87 38.85
N VAL G 146 70.98 -138.09 37.95
CA VAL G 146 70.27 -137.56 36.80
C VAL G 146 70.18 -138.65 35.74
N VAL G 147 68.96 -138.98 35.32
CA VAL G 147 68.78 -140.00 34.30
C VAL G 147 69.34 -139.51 32.96
N SER G 148 68.98 -138.30 32.57
CA SER G 148 69.42 -137.74 31.30
C SER G 148 69.23 -136.23 31.33
N TYR G 149 70.24 -135.50 30.88
CA TYR G 149 70.20 -134.05 30.79
C TYR G 149 70.29 -133.63 29.33
N THR G 150 69.52 -132.61 28.97
CA THR G 150 69.53 -132.08 27.61
C THR G 150 69.42 -130.57 27.68
N LEU G 151 69.70 -129.92 26.56
CA LEU G 151 69.59 -128.48 26.42
C LEU G 151 68.35 -128.16 25.59
N LYS G 152 67.43 -127.39 26.17
CA LYS G 152 66.13 -127.17 25.52
C LYS G 152 66.25 -126.21 24.35
N ASP G 153 66.67 -124.97 24.61
CA ASP G 153 66.74 -123.96 23.58
C ASP G 153 67.89 -123.01 23.86
N ILE G 154 68.43 -122.42 22.79
CA ILE G 154 69.45 -121.38 22.89
C ILE G 154 68.90 -120.13 22.21
N HIS G 155 68.94 -119.01 22.92
CA HIS G 155 68.42 -117.75 22.41
C HIS G 155 69.46 -116.66 22.58
N ASP G 156 69.52 -115.76 21.60
CA ASP G 156 70.45 -114.63 21.63
C ASP G 156 69.66 -113.35 21.41
N ASP G 157 69.71 -112.46 22.39
CA ASP G 157 69.07 -111.15 22.28
C ASP G 157 69.99 -110.09 21.70
N GLN G 158 71.25 -110.43 21.45
CA GLN G 158 72.23 -109.49 20.93
C GLN G 158 72.39 -109.59 19.41
N ASP G 159 71.59 -110.42 18.74
CA ASP G 159 71.67 -110.69 17.31
C ASP G 159 73.00 -111.30 16.91
N TYR G 160 73.63 -112.06 17.82
CA TYR G 160 74.95 -112.64 17.53
C TYR G 160 74.85 -113.74 16.49
N LEU G 161 73.83 -114.60 16.60
CA LEU G 161 73.78 -115.80 15.75
C LEU G 161 72.97 -115.55 14.48
N HIS G 162 72.16 -114.49 14.47
CA HIS G 162 71.32 -114.22 13.31
C HIS G 162 72.16 -113.93 12.06
N SER G 163 73.26 -113.20 12.22
CA SER G 163 74.13 -112.92 11.09
C SER G 163 74.81 -114.18 10.58
N LEU G 164 75.25 -115.05 11.50
CA LEU G 164 75.84 -116.33 11.10
C LEU G 164 74.84 -117.16 10.31
N GLY G 165 73.57 -117.12 10.71
CA GLY G 165 72.53 -117.77 9.92
C GLY G 165 72.34 -117.12 8.57
N LYS G 166 72.36 -115.78 8.53
CA LYS G 166 72.04 -115.05 7.31
C LYS G 166 73.13 -115.21 6.24
N ALA G 167 74.35 -115.51 6.67
CA ALA G 167 75.44 -115.72 5.72
C ALA G 167 75.10 -116.82 4.72
N ARG G 168 74.67 -117.97 5.22
CA ARG G 168 74.36 -119.09 4.32
C ARG G 168 73.12 -118.79 3.48
N THR G 169 72.17 -118.04 4.04
CA THR G 169 71.00 -117.65 3.26
C THR G 169 71.39 -116.80 2.07
N ALA G 170 72.33 -115.88 2.26
CA ALA G 170 72.85 -115.13 1.11
C ALA G 170 73.57 -116.06 0.14
N GLN G 171 74.35 -117.01 0.68
CA GLN G 171 75.12 -117.91 -0.17
C GLN G 171 74.22 -118.80 -1.01
N VAL G 172 73.00 -119.05 -0.56
CA VAL G 172 72.07 -119.85 -1.36
C VAL G 172 71.23 -118.95 -2.27
N GLN G 173 70.97 -117.72 -1.83
CA GLN G 173 70.21 -116.79 -2.67
C GLN G 173 71.00 -116.42 -3.92
N LYS G 174 72.33 -116.43 -3.85
CA LYS G 174 73.10 -116.18 -5.07
C LYS G 174 72.85 -117.28 -6.09
N ASP G 175 72.77 -118.54 -5.63
CA ASP G 175 72.39 -119.63 -6.53
C ASP G 175 70.97 -119.48 -7.03
N ALA G 176 70.06 -119.05 -6.17
CA ALA G 176 68.68 -118.82 -6.58
C ALA G 176 68.61 -117.80 -7.71
N ARG G 177 69.45 -116.76 -7.64
CA ARG G 177 69.46 -115.75 -8.70
C ARG G 177 70.17 -116.25 -9.95
N ILE G 178 71.24 -117.05 -9.79
CA ILE G 178 71.97 -117.54 -10.95
C ILE G 178 71.09 -118.46 -11.78
N GLY G 179 70.25 -119.27 -11.13
CA GLY G 179 69.34 -120.11 -11.88
C GLY G 179 68.33 -119.31 -12.69
N GLU G 180 67.78 -118.26 -12.08
CA GLU G 180 66.83 -117.40 -12.78
C GLU G 180 67.50 -116.69 -13.96
N ALA G 181 68.74 -116.25 -13.78
CA ALA G 181 69.46 -115.62 -14.88
C ALA G 181 69.68 -116.58 -16.03
N GLU G 182 70.11 -117.80 -15.73
CA GLU G 182 70.21 -118.84 -16.76
C GLU G 182 68.90 -119.00 -17.52
N ALA G 183 67.80 -119.19 -16.78
CA ALA G 183 66.52 -119.44 -17.41
C ALA G 183 66.07 -118.27 -18.28
N LYS G 184 66.23 -117.05 -17.77
CA LYS G 184 65.80 -115.87 -18.53
C LYS G 184 66.61 -115.69 -19.80
N ARG G 185 67.94 -115.84 -19.71
CA ARG G 185 68.75 -115.70 -20.92
C ARG G 185 68.40 -116.77 -21.94
N ASP G 186 68.25 -118.03 -21.49
CA ASP G 186 67.95 -119.10 -22.41
C ASP G 186 66.58 -118.93 -23.06
N ALA G 187 65.60 -118.41 -22.32
CA ALA G 187 64.30 -118.17 -22.92
C ALA G 187 64.35 -117.02 -23.92
N GLY G 188 64.95 -115.90 -23.52
CA GLY G 188 64.97 -114.72 -24.37
C GLY G 188 65.70 -114.90 -25.67
N ILE G 189 66.83 -115.62 -25.65
CA ILE G 189 67.61 -115.80 -26.87
C ILE G 189 66.75 -116.40 -27.99
N ARG G 190 66.13 -117.56 -27.74
CA ARG G 190 65.35 -118.21 -28.77
C ARG G 190 63.99 -117.57 -28.99
N GLU G 191 63.41 -116.92 -27.97
CA GLU G 191 62.19 -116.16 -28.23
C GLU G 191 62.45 -115.05 -29.23
N ALA G 192 63.53 -114.29 -29.04
CA ALA G 192 63.86 -113.24 -29.98
C ALA G 192 64.19 -113.81 -31.35
N LYS G 193 64.89 -114.94 -31.40
CA LYS G 193 65.20 -115.52 -32.70
C LYS G 193 63.94 -115.95 -33.45
N ALA G 194 62.99 -116.59 -32.77
CA ALA G 194 61.74 -116.99 -33.42
C ALA G 194 60.94 -115.78 -33.87
N LYS G 195 60.91 -114.74 -33.03
CA LYS G 195 60.32 -113.46 -33.43
C LYS G 195 60.92 -112.98 -34.73
N GLN G 196 62.25 -113.06 -34.84
CA GLN G 196 62.95 -112.61 -36.03
C GLN G 196 62.51 -113.39 -37.27
N GLU G 197 62.48 -114.72 -37.16
CA GLU G 197 62.05 -115.49 -38.33
C GLU G 197 60.62 -115.18 -38.74
N LYS G 198 59.71 -115.02 -37.78
CA LYS G 198 58.33 -114.82 -38.20
C LYS G 198 58.18 -113.47 -38.87
N VAL G 199 58.86 -112.44 -38.36
CA VAL G 199 58.79 -111.13 -39.00
C VAL G 199 59.42 -111.17 -40.39
N SER G 200 60.54 -111.87 -40.54
CA SER G 200 61.17 -111.96 -41.84
C SER G 200 60.26 -112.63 -42.86
N ALA G 201 59.59 -113.72 -42.46
CA ALA G 201 58.65 -114.38 -43.36
C ALA G 201 57.44 -113.51 -43.67
N GLN G 202 56.94 -112.78 -42.67
CA GLN G 202 55.79 -111.91 -42.92
C GLN G 202 56.13 -110.83 -43.94
N TYR G 203 57.31 -110.23 -43.82
CA TYR G 203 57.72 -109.23 -44.81
C TYR G 203 57.98 -109.86 -46.17
N LEU G 204 58.51 -111.09 -46.20
CA LEU G 204 58.67 -111.77 -47.47
C LEU G 204 57.33 -111.96 -48.17
N SER G 205 56.29 -112.33 -47.41
CA SER G 205 54.96 -112.45 -47.97
C SER G 205 54.42 -111.09 -48.43
N GLU G 206 54.68 -110.04 -47.64
CA GLU G 206 54.25 -108.70 -48.03
C GLU G 206 54.93 -108.22 -49.30
N ILE G 207 56.10 -108.77 -49.64
CA ILE G 207 56.71 -108.46 -50.94
C ILE G 207 55.81 -108.93 -52.07
N GLU G 208 55.35 -110.18 -52.02
CA GLU G 208 54.42 -110.68 -53.02
C GLU G 208 53.08 -109.97 -52.97
N MET G 209 52.69 -109.50 -51.79
CA MET G 209 51.51 -108.62 -51.70
C MET G 209 51.66 -107.43 -52.62
N ALA G 210 52.80 -106.74 -52.57
CA ALA G 210 53.03 -105.59 -53.42
C ALA G 210 53.18 -105.99 -54.89
N LYS G 211 53.76 -107.16 -55.15
CA LYS G 211 53.79 -107.68 -56.51
C LYS G 211 52.38 -107.75 -57.10
N ALA G 212 51.46 -108.39 -56.38
CA ALA G 212 50.09 -108.49 -56.85
C ALA G 212 49.41 -107.13 -56.93
N GLN G 213 49.69 -106.25 -55.97
CA GLN G 213 49.10 -104.92 -55.98
C GLN G 213 49.51 -104.16 -57.24
N ARG G 214 50.79 -104.21 -57.59
CA ARG G 214 51.23 -103.63 -58.85
C ARG G 214 50.55 -104.28 -60.04
N ASP G 215 50.55 -105.61 -60.09
CA ASP G 215 49.98 -106.33 -61.22
C ASP G 215 48.52 -105.97 -61.45
N TYR G 216 47.78 -105.66 -60.40
CA TYR G 216 46.39 -105.25 -60.52
C TYR G 216 46.23 -103.77 -60.84
N GLU G 217 46.91 -102.91 -60.09
CA GLU G 217 46.73 -101.47 -60.23
C GLU G 217 47.20 -100.95 -61.58
N LEU G 218 48.34 -101.45 -62.07
CA LEU G 218 48.85 -100.96 -63.35
C LEU G 218 47.88 -101.26 -64.48
N LYS G 219 47.36 -102.49 -64.52
CA LYS G 219 46.39 -102.83 -65.55
C LYS G 219 45.09 -102.05 -65.38
N LYS G 220 44.65 -101.84 -64.13
CA LYS G 220 43.42 -101.07 -63.94
C LYS G 220 43.59 -99.65 -64.47
N ALA G 221 44.73 -99.02 -64.18
CA ALA G 221 44.98 -97.68 -64.69
C ALA G 221 45.09 -97.66 -66.21
N ALA G 222 45.75 -98.67 -66.79
CA ALA G 222 45.89 -98.72 -68.24
C ALA G 222 44.53 -98.85 -68.92
N TYR G 223 43.64 -99.64 -68.34
CA TYR G 223 42.29 -99.76 -68.88
C TYR G 223 41.49 -98.48 -68.68
N ASP G 224 41.70 -97.82 -67.54
CA ASP G 224 41.01 -96.56 -67.27
C ASP G 224 41.41 -95.49 -68.29
N ILE G 225 42.66 -95.50 -68.74
CA ILE G 225 43.07 -94.52 -69.75
C ILE G 225 42.20 -94.66 -70.99
N GLU G 226 42.03 -95.89 -71.49
CA GLU G 226 41.24 -96.11 -72.69
C GLU G 226 39.78 -95.74 -72.47
N VAL G 227 39.21 -96.15 -71.34
CA VAL G 227 37.79 -95.86 -71.12
C VAL G 227 37.57 -94.36 -71.00
N ASN G 228 38.49 -93.64 -70.35
CA ASN G 228 38.34 -92.19 -70.25
C ASN G 228 38.45 -91.53 -71.61
N THR G 229 39.38 -91.98 -72.46
CA THR G 229 39.49 -91.38 -73.78
C THR G 229 38.21 -91.59 -74.59
N ARG G 230 37.68 -92.82 -74.59
CA ARG G 230 36.47 -93.08 -75.35
C ARG G 230 35.28 -92.32 -74.79
N ARG G 231 35.15 -92.23 -73.47
CA ARG G 231 34.07 -91.45 -72.87
C ARG G 231 34.18 -89.97 -73.22
N ALA G 232 35.40 -89.43 -73.24
CA ALA G 232 35.59 -88.04 -73.61
C ALA G 232 35.16 -87.80 -75.05
N GLN G 233 35.50 -88.73 -75.96
CA GLN G 233 35.04 -88.60 -77.34
C GLN G 233 33.51 -88.65 -77.42
N ALA G 234 32.91 -89.59 -76.68
CA ALA G 234 31.47 -89.78 -76.75
C ALA G 234 30.71 -88.57 -76.23
N ASP G 235 31.23 -87.92 -75.19
CA ASP G 235 30.53 -86.76 -74.63
C ASP G 235 30.41 -85.64 -75.65
N LEU G 236 31.48 -85.34 -76.38
CA LEU G 236 31.52 -84.19 -77.26
C LEU G 236 31.09 -84.52 -78.69
N ALA G 237 30.86 -85.79 -79.02
CA ALA G 237 30.28 -86.10 -80.32
C ALA G 237 28.95 -85.39 -80.51
N TYR G 238 28.15 -85.28 -79.45
CA TYR G 238 26.86 -84.60 -79.54
C TYR G 238 27.02 -83.15 -79.93
N GLN G 239 27.94 -82.43 -79.27
CA GLN G 239 28.17 -81.03 -79.59
C GLN G 239 28.71 -80.88 -81.01
N LEU G 240 29.61 -81.78 -81.41
CA LEU G 240 30.14 -81.73 -82.78
C LEU G 240 29.01 -81.83 -83.80
N GLN G 241 28.13 -82.81 -83.63
CA GLN G 241 27.05 -82.99 -84.60
C GLN G 241 26.05 -81.84 -84.55
N VAL G 242 25.73 -81.34 -83.36
CA VAL G 242 24.76 -80.25 -83.27
C VAL G 242 25.31 -79.00 -83.92
N ALA G 243 26.61 -78.75 -83.81
CA ALA G 243 27.21 -77.63 -84.53
C ALA G 243 27.18 -77.87 -86.04
N LYS G 244 27.50 -79.09 -86.46
CA LYS G 244 27.54 -79.38 -87.89
C LYS G 244 26.17 -79.19 -88.53
N THR G 245 25.09 -79.50 -87.81
CA THR G 245 23.76 -79.29 -88.35
C THR G 245 23.24 -77.87 -88.13
N LYS G 246 23.69 -77.19 -87.07
CA LYS G 246 23.39 -75.78 -86.90
C LYS G 246 23.98 -74.96 -88.05
N GLN G 247 25.03 -75.47 -88.69
CA GLN G 247 25.53 -74.84 -89.91
C GLN G 247 24.39 -74.68 -90.93
N GLN G 248 23.68 -75.76 -91.24
CA GLN G 248 22.59 -75.68 -92.21
C GLN G 248 21.40 -74.92 -91.64
N ILE G 249 21.16 -75.06 -90.33
CA ILE G 249 20.09 -74.29 -89.70
C ILE G 249 20.26 -72.81 -89.99
N GLU G 250 21.46 -72.29 -89.74
CA GLU G 250 21.74 -70.89 -90.00
C GLU G 250 21.79 -70.58 -91.49
N GLU G 251 22.29 -71.52 -92.30
CA GLU G 251 22.34 -71.30 -93.75
C GLU G 251 20.96 -71.02 -94.31
N GLN G 252 19.92 -71.68 -93.80
CA GLN G 252 18.56 -71.38 -94.25
C GLN G 252 17.90 -70.23 -93.49
N ARG G 253 18.21 -70.08 -92.20
CA ARG G 253 17.64 -68.97 -91.43
C ARG G 253 18.15 -67.64 -91.94
N VAL G 254 19.24 -67.63 -92.71
CA VAL G 254 19.66 -66.41 -93.38
C VAL G 254 19.15 -66.34 -94.82
N GLN G 255 18.92 -67.49 -95.46
CA GLN G 255 18.32 -67.50 -96.79
C GLN G 255 16.92 -66.89 -96.80
N VAL G 256 16.20 -67.02 -95.69
CA VAL G 256 14.90 -66.34 -95.62
C VAL G 256 15.09 -64.82 -95.75
N GLN G 257 16.18 -64.27 -95.20
CA GLN G 257 16.47 -62.85 -95.38
C GLN G 257 16.77 -62.51 -96.83
N VAL G 258 17.47 -63.39 -97.55
CA VAL G 258 17.73 -63.15 -98.97
C VAL G 258 16.42 -63.07 -99.72
N VAL G 259 15.48 -63.97 -99.42
CA VAL G 259 14.17 -63.92 -100.07
C VAL G 259 13.46 -62.62 -99.73
N GLU G 260 13.49 -62.21 -98.46
CA GLU G 260 12.89 -60.95 -98.05
C GLU G 260 13.39 -59.78 -98.88
N ARG G 261 14.71 -59.65 -99.01
CA ARG G 261 15.26 -58.51 -99.73
C ARG G 261 15.00 -58.62 -101.24
N ALA G 262 15.12 -59.82 -101.79
CA ALA G 262 14.88 -60.04 -103.21
C ALA G 262 13.42 -59.82 -103.60
N GLN G 263 12.51 -59.75 -102.64
CA GLN G 263 11.15 -59.29 -102.94
C GLN G 263 10.90 -57.85 -102.56
N GLN G 264 11.60 -57.32 -101.56
CA GLN G 264 11.54 -55.88 -101.32
C GLN G 264 12.03 -55.09 -102.52
N VAL G 265 12.95 -55.66 -103.31
CA VAL G 265 13.37 -54.97 -104.52
C VAL G 265 12.20 -54.84 -105.50
N ALA G 266 11.34 -55.86 -105.58
CA ALA G 266 10.15 -55.75 -106.43
C ALA G 266 9.14 -54.77 -105.84
N VAL G 267 9.04 -54.73 -104.51
CA VAL G 267 8.22 -53.72 -103.86
C VAL G 267 8.65 -52.32 -104.31
N GLN G 268 9.96 -52.06 -104.29
CA GLN G 268 10.47 -50.77 -104.73
C GLN G 268 10.31 -50.59 -106.24
N GLU G 269 10.33 -51.68 -107.00
CA GLU G 269 10.11 -51.59 -108.45
C GLU G 269 8.71 -51.07 -108.74
N GLN G 270 7.73 -51.48 -107.93
CA GLN G 270 6.40 -50.90 -108.06
C GLN G 270 6.34 -49.49 -107.47
N GLU G 271 7.11 -49.25 -106.41
CA GLU G 271 7.11 -47.95 -105.75
C GLU G 271 7.63 -46.85 -106.67
N ILE G 272 8.57 -47.17 -107.56
CA ILE G 272 9.10 -46.13 -108.43
C ILE G 272 8.01 -45.59 -109.36
N ALA G 273 7.19 -46.48 -109.92
CA ALA G 273 6.10 -46.03 -110.79
C ALA G 273 5.00 -45.37 -109.97
N ARG G 274 4.75 -45.85 -108.75
CA ARG G 274 3.79 -45.18 -107.90
C ARG G 274 4.22 -43.75 -107.61
N ARG G 275 5.51 -43.55 -107.32
CA ARG G 275 6.04 -42.21 -107.11
C ARG G 275 5.96 -41.39 -108.38
N GLU G 276 6.27 -41.97 -109.54
CA GLU G 276 6.04 -41.30 -110.82
C GLU G 276 4.65 -40.68 -110.86
N LYS G 277 3.62 -41.54 -110.74
CA LYS G 277 2.24 -41.06 -110.90
C LYS G 277 1.88 -40.04 -109.82
N GLU G 278 2.17 -40.35 -108.56
CA GLU G 278 1.76 -39.49 -107.46
C GLU G 278 2.45 -38.13 -107.54
N LEU G 279 3.76 -38.14 -107.82
CA LEU G 279 4.51 -36.90 -107.92
C LEU G 279 4.03 -36.07 -109.10
N GLU G 280 3.74 -36.71 -110.24
CA GLU G 280 3.16 -35.99 -111.35
C GLU G 280 1.88 -35.30 -110.93
N ALA G 281 0.95 -36.06 -110.33
CA ALA G 281 -0.34 -35.50 -109.93
C ALA G 281 -0.21 -34.36 -108.94
N ARG G 282 0.71 -34.48 -107.97
CA ARG G 282 0.80 -33.48 -106.91
C ARG G 282 1.78 -32.35 -107.20
N VAL G 283 2.52 -32.40 -108.31
CA VAL G 283 3.46 -31.33 -108.61
C VAL G 283 3.21 -30.73 -109.98
N ARG G 284 3.22 -31.56 -111.03
CA ARG G 284 3.24 -31.04 -112.39
C ARG G 284 1.92 -30.38 -112.74
N LYS G 285 0.80 -31.06 -112.46
CA LYS G 285 -0.51 -30.47 -112.74
C LYS G 285 -0.78 -29.22 -111.91
N PRO G 286 -0.50 -29.17 -110.60
CA PRO G 286 -0.66 -27.89 -109.89
C PRO G 286 0.21 -26.79 -110.47
N ALA G 287 1.43 -27.11 -110.92
CA ALA G 287 2.28 -26.10 -111.54
C ALA G 287 1.66 -25.57 -112.83
N GLU G 288 1.11 -26.46 -113.67
CA GLU G 288 0.45 -26.00 -114.89
C GLU G 288 -0.76 -25.13 -114.57
N ALA G 289 -1.55 -25.54 -113.58
CA ALA G 289 -2.72 -24.75 -113.21
C ALA G 289 -2.32 -23.38 -112.67
N GLU G 290 -1.27 -23.33 -111.85
CA GLU G 290 -0.81 -22.05 -111.33
C GLU G 290 -0.26 -21.16 -112.45
N ARG G 291 0.44 -21.75 -113.42
CA ARG G 291 0.92 -20.97 -114.54
C ARG G 291 -0.24 -20.38 -115.33
N TYR G 292 -1.28 -21.17 -115.58
CA TYR G 292 -2.43 -20.65 -116.30
C TYR G 292 -3.12 -19.54 -115.51
N LYS G 293 -3.25 -19.72 -114.20
CA LYS G 293 -3.86 -18.69 -113.36
C LYS G 293 -3.07 -17.40 -113.41
N LEU G 294 -1.74 -17.50 -113.30
CA LEU G 294 -0.90 -16.31 -113.38
C LEU G 294 -1.00 -15.65 -114.75
N GLU G 295 -1.02 -16.44 -115.82
CA GLU G 295 -1.18 -15.89 -117.16
C GLU G 295 -2.47 -15.09 -117.27
N ARG G 296 -3.59 -15.67 -116.83
CA ARG G 296 -4.87 -15.00 -116.98
C ARG G 296 -4.97 -13.76 -116.09
N LEU G 297 -4.50 -13.85 -114.84
CA LEU G 297 -4.56 -12.68 -113.97
C LEU G 297 -3.66 -11.56 -114.49
N ALA G 298 -2.48 -11.89 -115.01
CA ALA G 298 -1.60 -10.88 -115.59
C ALA G 298 -2.23 -10.25 -116.83
N GLU G 299 -2.89 -11.05 -117.66
CA GLU G 299 -3.58 -10.49 -118.83
C GLU G 299 -4.68 -9.53 -118.40
N ALA G 300 -5.44 -9.90 -117.36
CA ALA G 300 -6.48 -9.02 -116.86
C ALA G 300 -5.88 -7.72 -116.30
N GLU G 301 -4.78 -7.83 -115.57
CA GLU G 301 -4.14 -6.63 -115.01
C GLU G 301 -3.64 -5.71 -116.12
N LYS G 302 -3.04 -6.28 -117.17
CA LYS G 302 -2.62 -5.45 -118.30
C LYS G 302 -3.82 -4.79 -118.97
N SER G 303 -4.90 -5.54 -119.16
CA SER G 303 -6.08 -4.99 -119.81
C SER G 303 -6.69 -3.86 -119.00
N GLN G 304 -6.63 -3.97 -117.67
CA GLN G 304 -7.15 -2.90 -116.83
C GLN G 304 -6.23 -1.69 -116.85
N LEU G 305 -4.92 -1.91 -116.73
CA LEU G 305 -3.97 -0.81 -116.62
C LEU G 305 -3.91 -0.01 -117.92
N ILE G 306 -3.93 -0.69 -119.07
CA ILE G 306 -3.84 0.02 -120.34
C ILE G 306 -4.99 1.01 -120.50
N MET G 307 -6.21 0.60 -120.18
CA MET G 307 -7.36 1.46 -120.39
C MET G 307 -7.58 2.46 -119.26
N GLN G 308 -7.13 2.15 -118.04
CA GLN G 308 -7.08 3.18 -117.01
C GLN G 308 -6.10 4.27 -117.40
N ALA G 309 -4.95 3.89 -117.96
CA ALA G 309 -4.00 4.87 -118.47
C ALA G 309 -4.60 5.69 -119.60
N GLU G 310 -5.33 5.04 -120.51
CA GLU G 310 -5.98 5.77 -121.59
C GLU G 310 -6.97 6.78 -121.05
N ALA G 311 -7.76 6.38 -120.04
CA ALA G 311 -8.71 7.29 -119.42
C ALA G 311 -8.01 8.47 -118.78
N GLU G 312 -6.92 8.23 -118.06
CA GLU G 312 -6.17 9.32 -117.44
C GLU G 312 -5.60 10.26 -118.48
N ALA G 313 -5.07 9.71 -119.57
CA ALA G 313 -4.52 10.55 -120.64
C ALA G 313 -5.60 11.41 -121.28
N ALA G 314 -6.76 10.82 -121.54
CA ALA G 314 -7.86 11.60 -122.10
C ALA G 314 -8.31 12.70 -121.13
N SER G 315 -8.37 12.38 -119.84
CA SER G 315 -8.72 13.39 -118.84
C SER G 315 -7.74 14.55 -118.86
N VAL G 316 -6.44 14.24 -118.86
CA VAL G 316 -5.43 15.29 -118.87
C VAL G 316 -5.55 16.13 -120.14
N ARG G 317 -5.68 15.47 -121.29
CA ARG G 317 -5.80 16.18 -122.56
C ARG G 317 -6.98 17.14 -122.54
N MET G 318 -8.16 16.66 -122.17
CA MET G 318 -9.36 17.49 -122.22
C MET G 318 -9.30 18.63 -121.21
N ARG G 319 -8.88 18.36 -119.97
CA ARG G 319 -8.82 19.42 -118.98
C ARG G 319 -7.80 20.48 -119.38
N GLY G 320 -6.63 20.06 -119.90
CA GLY G 320 -5.65 21.02 -120.33
C GLY G 320 -6.11 21.86 -121.50
N GLU G 321 -6.78 21.22 -122.47
CA GLU G 321 -7.30 21.97 -123.60
C GLU G 321 -8.34 22.99 -123.15
N ALA G 322 -9.22 22.59 -122.23
CA ALA G 322 -10.23 23.53 -121.74
C ALA G 322 -9.59 24.71 -121.02
N GLU G 323 -8.58 24.45 -120.17
CA GLU G 323 -8.00 25.54 -119.43
C GLU G 323 -7.17 26.45 -120.34
N ALA G 324 -6.55 25.88 -121.38
CA ALA G 324 -5.84 26.70 -122.35
C ALA G 324 -6.80 27.59 -123.14
N PHE G 325 -7.96 27.05 -123.51
CA PHE G 325 -8.97 27.88 -124.18
C PHE G 325 -9.44 29.00 -123.27
N ALA G 326 -9.60 28.69 -121.98
CA ALA G 326 -9.97 29.73 -121.01
C ALA G 326 -8.90 30.80 -120.89
N ILE G 327 -7.62 30.40 -120.90
CA ILE G 327 -6.53 31.36 -120.88
C ILE G 327 -6.59 32.26 -122.11
N GLY G 328 -6.82 31.66 -123.28
CA GLY G 328 -6.99 32.47 -124.48
C GLY G 328 -8.18 33.41 -124.40
N ALA G 329 -9.25 32.99 -123.75
CA ALA G 329 -10.42 33.85 -123.59
C ALA G 329 -10.08 35.08 -122.76
N ARG G 330 -9.49 34.88 -121.58
CA ARG G 330 -9.04 36.06 -120.83
C ARG G 330 -7.99 36.86 -121.59
N ALA G 331 -7.17 36.21 -122.41
CA ALA G 331 -6.18 36.95 -123.18
C ALA G 331 -6.84 37.93 -124.13
N ARG G 332 -7.80 37.44 -124.92
CA ARG G 332 -8.52 38.32 -125.85
C ARG G 332 -9.27 39.41 -125.10
N ALA G 333 -9.92 39.05 -123.99
CA ALA G 333 -10.66 40.04 -123.21
C ALA G 333 -9.73 41.13 -122.68
N GLU G 334 -8.57 40.73 -122.15
CA GLU G 334 -7.64 41.69 -121.57
C GLU G 334 -7.00 42.57 -122.65
N ALA G 335 -6.76 42.01 -123.84
CA ALA G 335 -6.20 42.84 -124.91
C ALA G 335 -7.20 43.89 -125.36
N GLU G 336 -8.45 43.48 -125.63
CA GLU G 336 -9.47 44.45 -126.00
C GLU G 336 -9.74 45.42 -124.86
N GLN G 337 -9.47 45.00 -123.62
CA GLN G 337 -9.62 45.87 -122.47
C GLN G 337 -8.53 46.94 -122.43
N MET G 338 -7.28 46.55 -122.65
CA MET G 338 -6.16 47.47 -122.52
C MET G 338 -6.07 48.42 -123.70
N ALA G 339 -6.61 48.03 -124.85
CA ALA G 339 -6.65 48.96 -125.98
C ALA G 339 -7.39 50.24 -125.59
N LYS G 340 -8.53 50.11 -124.93
CA LYS G 340 -9.27 51.30 -124.51
C LYS G 340 -8.58 52.03 -123.38
N LYS G 341 -7.87 51.33 -122.50
CA LYS G 341 -7.05 52.01 -121.51
C LYS G 341 -6.05 52.95 -122.19
N ALA G 342 -5.34 52.45 -123.20
CA ALA G 342 -4.41 53.30 -123.93
C ALA G 342 -5.13 54.46 -124.61
N GLU G 343 -6.27 54.18 -125.24
CA GLU G 343 -7.01 55.25 -125.92
C GLU G 343 -7.42 56.33 -124.94
N ALA G 344 -7.91 55.95 -123.77
CA ALA G 344 -8.31 56.94 -122.77
C ALA G 344 -7.10 57.71 -122.24
N PHE G 345 -6.00 57.01 -121.95
CA PHE G 345 -4.80 57.68 -121.48
C PHE G 345 -4.28 58.70 -122.47
N GLN G 346 -4.51 58.50 -123.76
CA GLN G 346 -4.02 59.45 -124.75
C GLN G 346 -4.54 60.86 -124.49
N LEU G 347 -5.76 60.99 -123.98
CA LEU G 347 -6.37 62.30 -123.73
C LEU G 347 -6.14 62.77 -122.29
N TYR G 348 -4.89 62.79 -121.85
CA TYR G 348 -4.52 63.27 -120.53
C TYR G 348 -3.60 64.47 -120.64
N GLN G 349 -3.98 65.56 -119.99
CA GLN G 349 -3.20 66.79 -119.94
C GLN G 349 -2.41 66.83 -118.64
N GLU G 350 -1.81 67.99 -118.36
CA GLU G 350 -1.00 68.13 -117.16
C GLU G 350 -1.82 67.98 -115.88
N ALA G 351 -3.10 68.39 -115.90
CA ALA G 351 -3.94 68.26 -114.72
C ALA G 351 -4.12 66.80 -114.34
N ALA G 352 -4.35 65.95 -115.33
CA ALA G 352 -4.56 64.53 -115.07
C ALA G 352 -3.29 63.87 -114.54
N GLN G 353 -2.13 64.19 -115.13
CA GLN G 353 -0.88 63.64 -114.63
C GLN G 353 -0.60 64.12 -113.21
N LEU G 354 -0.90 65.38 -112.92
CA LEU G 354 -0.77 65.89 -111.56
C LEU G 354 -1.68 65.15 -110.60
N ASP G 355 -2.91 64.85 -111.02
CA ASP G 355 -3.83 64.09 -110.18
C ASP G 355 -3.29 62.69 -109.92
N MET G 356 -2.75 62.03 -110.94
CA MET G 356 -2.19 60.70 -110.75
C MET G 356 -1.00 60.74 -109.80
N LEU G 357 -0.11 61.72 -109.97
CA LEU G 357 1.05 61.82 -109.10
C LEU G 357 0.66 62.06 -107.65
N LEU G 358 -0.32 62.96 -107.44
CA LEU G 358 -0.75 63.25 -106.08
C LEU G 358 -1.65 62.17 -105.50
N GLU G 359 -2.19 61.28 -106.32
CA GLU G 359 -2.87 60.10 -105.80
C GLU G 359 -1.90 58.99 -105.44
N LYS G 360 -0.78 58.91 -106.13
CA LYS G 360 0.21 57.87 -105.87
C LYS G 360 1.21 58.23 -104.78
N LEU G 361 1.46 59.52 -104.55
CA LEU G 361 2.41 59.91 -103.50
C LEU G 361 2.01 59.40 -102.12
N PRO G 362 0.77 59.53 -101.66
CA PRO G 362 0.45 59.00 -100.32
C PRO G 362 0.69 57.52 -100.17
N GLN G 363 0.47 56.73 -101.23
CA GLN G 363 0.70 55.29 -101.11
C GLN G 363 2.18 54.97 -100.94
N VAL G 364 3.04 55.64 -101.70
CA VAL G 364 4.47 55.46 -101.51
C VAL G 364 4.90 55.91 -100.13
N ALA G 365 4.34 57.02 -99.65
CA ALA G 365 4.65 57.49 -98.31
C ALA G 365 4.25 56.46 -97.27
N GLU G 366 3.07 55.85 -97.42
CA GLU G 366 2.66 54.77 -96.53
C GLU G 366 3.63 53.61 -96.58
N GLU G 367 3.99 53.17 -97.78
CA GLU G 367 4.86 52.01 -97.88
C GLU G 367 6.27 52.29 -97.37
N ILE G 368 6.68 53.55 -97.26
CA ILE G 368 8.02 53.85 -96.77
C ILE G 368 7.99 54.18 -95.28
N SER G 369 6.84 54.63 -94.79
CA SER G 369 6.73 55.02 -93.39
C SER G 369 6.05 53.97 -92.52
N GLY G 370 5.57 52.88 -93.10
CA GLY G 370 5.00 51.80 -92.34
C GLY G 370 6.04 51.02 -91.55
N PRO G 371 7.06 50.51 -92.25
CA PRO G 371 8.16 49.86 -91.52
C PRO G 371 8.89 50.77 -90.56
N LEU G 372 9.02 52.06 -90.88
CA LEU G 372 9.78 52.95 -90.01
C LEU G 372 9.08 53.18 -88.68
N THR G 373 7.75 53.22 -88.67
CA THR G 373 7.01 53.47 -87.44
C THR G 373 6.92 52.24 -86.54
N SER G 374 7.69 51.20 -86.84
CA SER G 374 7.77 50.03 -85.96
C SER G 374 8.84 50.18 -84.90
N ALA G 375 9.60 51.27 -84.91
CA ALA G 375 10.62 51.49 -83.89
C ALA G 375 9.97 51.66 -82.51
N ASN G 376 10.60 51.06 -81.50
CA ASN G 376 10.03 51.10 -80.15
C ASN G 376 10.10 52.51 -79.57
N LYS G 377 11.27 53.14 -79.65
CA LYS G 377 11.43 54.49 -79.12
C LYS G 377 12.41 55.26 -79.99
N ILE G 378 12.23 56.57 -80.04
CA ILE G 378 13.11 57.47 -80.78
C ILE G 378 13.48 58.63 -79.86
N THR G 379 14.77 58.88 -79.73
CA THR G 379 15.30 59.92 -78.85
C THR G 379 15.89 61.04 -79.70
N LEU G 380 15.47 62.27 -79.42
CA LEU G 380 15.90 63.45 -80.16
C LEU G 380 16.66 64.37 -79.21
N VAL G 381 17.84 64.82 -79.64
CA VAL G 381 18.70 65.68 -78.84
C VAL G 381 19.25 66.78 -79.72
N SER G 382 19.23 68.01 -79.22
CA SER G 382 19.74 69.17 -79.93
C SER G 382 20.81 69.87 -79.11
N SER G 383 21.60 70.69 -79.79
CA SER G 383 22.67 71.44 -79.14
C SER G 383 23.07 72.58 -80.06
N GLY G 384 23.42 73.72 -79.45
CA GLY G 384 23.82 74.86 -80.26
C GLY G 384 22.65 75.39 -81.07
N SER G 385 22.96 75.94 -82.23
CA SER G 385 21.96 76.50 -83.13
C SER G 385 21.31 75.45 -84.01
N GLY G 386 21.45 74.18 -83.66
CA GLY G 386 20.89 73.11 -84.46
C GLY G 386 19.40 72.89 -84.19
N THR G 387 18.85 71.96 -84.95
CA THR G 387 17.45 71.59 -84.85
C THR G 387 17.27 70.46 -83.82
N MET G 388 16.01 70.22 -83.44
CA MET G 388 15.69 69.20 -82.45
C MET G 388 15.83 67.80 -83.00
N GLY G 389 15.42 67.56 -84.24
CA GLY G 389 15.57 66.26 -84.87
C GLY G 389 14.34 65.72 -85.58
N ALA G 390 13.16 66.30 -85.36
CA ALA G 390 11.97 65.82 -86.06
C ALA G 390 12.09 66.09 -87.57
N ALA G 391 12.64 67.25 -87.92
CA ALA G 391 12.93 67.53 -89.31
C ALA G 391 13.88 66.50 -89.90
N LYS G 392 14.77 65.93 -89.10
CA LYS G 392 15.66 64.88 -89.61
C LYS G 392 14.86 63.65 -90.04
N VAL G 393 13.91 63.22 -89.22
CA VAL G 393 13.11 62.04 -89.57
C VAL G 393 12.24 62.32 -90.78
N THR G 394 11.57 63.47 -90.79
CA THR G 394 10.74 63.81 -91.94
C THR G 394 11.58 63.94 -93.21
N GLY G 395 12.77 64.52 -93.09
CA GLY G 395 13.65 64.63 -94.24
C GLY G 395 14.15 63.28 -94.73
N GLU G 396 14.41 62.36 -93.80
CA GLU G 396 14.80 61.01 -94.22
C GLU G 396 13.69 60.34 -95.02
N VAL G 397 12.45 60.41 -94.52
CA VAL G 397 11.34 59.80 -95.23
C VAL G 397 11.14 60.47 -96.59
N LEU G 398 11.17 61.80 -96.63
CA LEU G 398 10.96 62.52 -97.88
C LEU G 398 12.10 62.27 -98.87
N ASP G 399 13.34 62.18 -98.36
CA ASP G 399 14.47 61.91 -99.23
C ASP G 399 14.39 60.53 -99.85
N ILE G 400 13.97 59.53 -99.08
CA ILE G 400 13.76 58.21 -99.67
C ILE G 400 12.65 58.27 -100.71
N LEU G 401 11.55 58.95 -100.38
CA LEU G 401 10.41 59.02 -101.30
C LEU G 401 10.77 59.76 -102.58
N THR G 402 11.73 60.68 -102.53
CA THR G 402 12.12 61.44 -103.72
C THR G 402 13.27 60.81 -104.47
N ARG G 403 14.08 59.99 -103.80
CA ARG G 403 15.18 59.32 -104.49
C ARG G 403 14.73 58.01 -105.13
N LEU G 404 13.65 57.41 -104.63
CA LEU G 404 13.13 56.21 -105.28
C LEU G 404 12.74 56.44 -106.73
N PRO G 405 12.01 57.51 -107.10
CA PRO G 405 11.73 57.73 -108.53
C PRO G 405 12.98 57.91 -109.36
N GLU G 406 14.04 58.51 -108.81
CA GLU G 406 15.28 58.65 -109.57
C GLU G 406 16.00 57.31 -109.74
N SER G 407 15.95 56.47 -108.70
CA SER G 407 16.53 55.14 -108.83
C SER G 407 15.80 54.32 -109.90
N VAL G 408 14.47 54.43 -109.92
CA VAL G 408 13.69 53.77 -110.98
C VAL G 408 13.98 54.41 -112.34
N GLU G 409 14.20 55.72 -112.35
CA GLU G 409 14.62 56.44 -113.56
C GLU G 409 15.88 55.85 -114.15
N ARG G 410 16.84 55.50 -113.29
CA ARG G 410 18.13 54.99 -113.76
C ARG G 410 17.94 53.74 -114.61
N LEU G 411 16.94 52.91 -114.29
CA LEU G 411 16.72 51.70 -115.07
C LEU G 411 15.74 51.92 -116.21
N THR G 412 14.55 52.44 -115.90
CA THR G 412 13.51 52.55 -116.92
C THR G 412 13.86 53.58 -117.98
N GLY G 413 14.28 54.76 -117.56
CA GLY G 413 14.58 55.84 -118.49
C GLY G 413 13.39 56.65 -118.93
N VAL G 414 12.27 56.58 -118.23
CA VAL G 414 11.07 57.34 -118.56
C VAL G 414 10.72 58.25 -117.38
N SER G 415 10.46 59.52 -117.69
CA SER G 415 10.28 60.53 -116.66
C SER G 415 9.03 60.25 -115.83
N ILE G 416 9.07 60.73 -114.58
CA ILE G 416 7.95 60.56 -113.67
C ILE G 416 7.32 61.89 -113.28
N SER G 417 8.05 62.99 -113.35
CA SER G 417 7.52 64.31 -113.05
C SER G 417 7.51 65.16 -114.32
N GLN G 418 6.40 65.86 -114.54
CA GLN G 418 6.25 66.66 -115.75
C GLN G 418 7.09 67.93 -115.69
N VAL G 419 7.36 68.44 -114.50
CA VAL G 419 8.18 69.64 -114.35
C VAL G 419 9.29 69.40 -113.35
N MET H 1 42.33 -156.58 49.43
CA MET H 1 41.11 -157.37 49.45
C MET H 1 41.01 -158.19 48.17
N GLY H 2 41.18 -157.52 47.03
CA GLY H 2 41.12 -158.17 45.74
C GLY H 2 42.15 -159.27 45.57
N ASN H 3 41.72 -160.41 45.04
CA ASN H 3 42.57 -161.59 44.91
C ASN H 3 42.50 -162.13 43.49
N CYS H 4 43.63 -162.67 43.01
CA CYS H 4 43.69 -163.41 41.75
C CYS H 4 43.23 -162.54 40.57
N HIS H 5 44.03 -161.50 40.30
CA HIS H 5 43.77 -160.59 39.21
C HIS H 5 44.64 -160.90 38.00
N THR H 6 44.06 -160.70 36.81
CA THR H 6 44.75 -160.88 35.54
C THR H 6 44.48 -159.68 34.66
N VAL H 7 45.41 -159.38 33.77
CA VAL H 7 45.34 -158.21 32.90
C VAL H 7 45.55 -158.65 31.46
N GLY H 8 45.00 -157.88 30.54
CA GLY H 8 45.13 -158.16 29.12
C GLY H 8 46.52 -157.84 28.60
N PRO H 9 46.80 -158.25 27.36
CA PRO H 9 48.14 -158.02 26.80
C PRO H 9 48.50 -156.56 26.61
N ASN H 10 47.51 -155.65 26.60
CA ASN H 10 47.83 -154.23 26.41
C ASN H 10 48.53 -153.61 27.60
N GLU H 11 48.27 -154.10 28.81
CA GLU H 11 48.83 -153.52 30.03
C GLU H 11 49.59 -154.59 30.79
N ALA H 12 50.65 -154.17 31.47
CA ALA H 12 51.50 -155.05 32.25
C ALA H 12 51.13 -154.93 33.72
N LEU H 13 50.85 -156.07 34.35
CA LEU H 13 50.56 -156.08 35.78
C LEU H 13 51.85 -156.19 36.57
N VAL H 14 52.02 -155.32 37.55
CA VAL H 14 53.21 -155.29 38.40
C VAL H 14 52.79 -155.56 39.83
N VAL H 15 53.46 -156.50 40.48
CA VAL H 15 53.23 -156.81 41.89
C VAL H 15 54.58 -156.98 42.56
N SER H 16 54.66 -156.54 43.82
CA SER H 16 55.88 -156.66 44.60
C SER H 16 55.50 -156.83 46.07
N GLY H 17 56.13 -157.81 46.71
CA GLY H 17 55.87 -158.06 48.12
C GLY H 17 56.79 -159.10 48.72
N GLY H 18 57.29 -158.83 49.93
CA GLY H 18 58.21 -159.73 50.58
C GLY H 18 57.51 -160.79 51.43
N CYS H 19 57.36 -161.99 50.88
CA CYS H 19 56.64 -163.05 51.58
C CYS H 19 57.32 -163.39 52.90
N CYS H 20 58.65 -163.49 52.89
CA CYS H 20 59.44 -163.68 54.10
C CYS H 20 60.36 -162.51 54.38
N GLY H 21 60.05 -161.34 53.80
CA GLY H 21 60.89 -160.18 53.91
C GLY H 21 61.90 -160.01 52.78
N SER H 22 62.07 -161.03 51.95
CA SER H 22 62.97 -160.93 50.81
C SER H 22 62.28 -160.26 49.63
N ASP H 23 63.07 -159.56 48.83
CA ASP H 23 62.55 -158.76 47.72
C ASP H 23 62.10 -159.69 46.60
N TYR H 24 60.79 -159.82 46.42
CA TYR H 24 60.20 -160.60 45.33
C TYR H 24 59.26 -159.69 44.55
N LYS H 25 59.72 -159.21 43.41
CA LYS H 25 58.92 -158.38 42.52
C LYS H 25 58.59 -159.17 41.25
N GLN H 26 57.31 -159.22 40.90
CA GLN H 26 56.85 -159.92 39.72
C GLN H 26 56.18 -158.92 38.79
N TYR H 27 56.67 -158.84 37.55
CA TYR H 27 56.10 -157.98 36.52
C TYR H 27 55.73 -158.86 35.34
N VAL H 28 54.43 -158.97 35.05
CA VAL H 28 53.94 -159.83 33.99
C VAL H 28 52.94 -159.05 33.16
N PHE H 29 53.08 -159.12 31.84
CA PHE H 29 52.19 -158.44 30.91
C PHE H 29 51.24 -159.47 30.30
N GLY H 30 49.93 -159.21 30.41
CA GLY H 30 48.94 -160.08 29.81
C GLY H 30 48.98 -161.51 30.30
N GLY H 31 49.17 -161.71 31.60
CA GLY H 31 49.28 -163.06 32.13
C GLY H 31 48.42 -163.32 33.35
N TRP H 32 48.95 -164.08 34.30
CA TRP H 32 48.23 -164.46 35.50
C TRP H 32 49.02 -164.05 36.73
N ALA H 33 48.30 -163.71 37.80
CA ALA H 33 48.91 -163.35 39.07
C ALA H 33 47.87 -163.45 40.16
N TRP H 34 48.35 -163.51 41.40
CA TRP H 34 47.48 -163.45 42.57
C TRP H 34 48.10 -162.54 43.62
N ALA H 35 47.25 -161.82 44.35
CA ALA H 35 47.68 -160.94 45.42
C ALA H 35 46.63 -160.95 46.52
N TRP H 36 47.06 -161.02 47.76
CA TRP H 36 46.16 -161.11 48.90
C TRP H 36 45.85 -159.72 49.45
N TRP H 37 45.28 -159.67 50.65
CA TRP H 37 44.88 -158.40 51.26
C TRP H 37 46.05 -157.43 51.35
N CYS H 38 47.18 -157.88 51.91
CA CYS H 38 48.37 -157.04 51.99
C CYS H 38 49.67 -157.79 51.68
N ILE H 39 49.67 -158.70 50.71
CA ILE H 39 50.93 -159.38 50.40
C ILE H 39 51.76 -158.56 49.41
N SER H 40 51.12 -157.85 48.50
CA SER H 40 51.85 -157.11 47.47
C SER H 40 51.00 -155.91 47.04
N ASP H 41 51.36 -155.31 45.91
CA ASP H 41 50.65 -154.17 45.35
C ASP H 41 50.16 -154.51 43.96
N THR H 42 48.92 -154.13 43.66
CA THR H 42 48.29 -154.41 42.38
C THR H 42 48.27 -153.13 41.55
N GLN H 43 49.16 -153.04 40.57
CA GLN H 43 49.21 -151.89 39.68
C GLN H 43 49.43 -152.37 38.26
N ARG H 44 49.02 -151.55 37.30
CA ARG H 44 49.16 -151.85 35.88
C ARG H 44 49.85 -150.70 35.18
N ILE H 45 50.57 -151.02 34.11
CA ILE H 45 51.26 -150.04 33.29
C ILE H 45 50.66 -150.10 31.89
N SER H 46 50.13 -148.97 31.42
CA SER H 46 49.56 -148.91 30.09
C SER H 46 50.66 -148.90 29.03
N LEU H 47 50.81 -150.01 28.30
CA LEU H 47 51.85 -150.14 27.29
C LEU H 47 51.40 -149.65 25.92
N GLU H 48 50.40 -148.78 25.88
CA GLU H 48 49.91 -148.25 24.61
C GLU H 48 50.90 -147.24 24.05
N ILE H 49 50.82 -147.02 22.74
CA ILE H 49 51.67 -146.03 22.09
C ILE H 49 51.29 -144.64 22.58
N MET H 50 52.30 -143.82 22.87
CA MET H 50 52.11 -142.44 23.25
C MET H 50 52.37 -141.56 22.03
N THR H 51 51.45 -140.63 21.77
CA THR H 51 51.60 -139.72 20.65
C THR H 51 52.62 -138.63 20.96
N LEU H 52 53.44 -138.31 19.98
CA LEU H 52 54.47 -137.28 20.12
C LEU H 52 54.30 -136.23 19.03
N GLN H 53 54.39 -134.96 19.42
CA GLN H 53 54.40 -133.83 18.49
C GLN H 53 55.58 -132.92 18.81
N PRO H 54 56.81 -133.39 18.58
CA PRO H 54 57.97 -132.52 18.83
C PRO H 54 57.98 -131.35 17.86
N ARG H 55 57.95 -130.14 18.41
CA ARG H 55 57.94 -128.91 17.63
C ARG H 55 58.98 -127.96 18.20
N CYS H 56 60.10 -127.81 17.51
CA CYS H 56 61.18 -126.94 17.93
C CYS H 56 61.06 -125.62 17.19
N GLU H 57 61.13 -124.52 17.93
CA GLU H 57 60.97 -123.18 17.38
C GLU H 57 62.31 -122.45 17.41
N ASP H 58 62.67 -121.85 16.27
CA ASP H 58 63.89 -121.04 16.14
C ASP H 58 65.13 -121.87 16.48
N VAL H 59 65.30 -122.98 15.77
CA VAL H 59 66.45 -123.86 15.94
C VAL H 59 67.29 -123.81 14.67
N GLU H 60 68.60 -123.88 14.83
CA GLU H 60 69.54 -123.65 13.74
C GLU H 60 70.46 -124.85 13.56
N THR H 61 70.81 -125.10 12.30
CA THR H 61 71.66 -126.23 11.93
C THR H 61 73.13 -125.81 11.99
N ALA H 62 74.01 -126.64 11.42
CA ALA H 62 75.45 -126.37 11.50
C ALA H 62 75.80 -125.06 10.81
N GLU H 63 75.25 -124.81 9.63
CA GLU H 63 75.49 -123.55 8.95
C GLU H 63 74.74 -122.39 9.58
N GLY H 64 73.77 -122.67 10.44
CA GLY H 64 73.12 -121.64 11.22
C GLY H 64 71.78 -121.17 10.70
N VAL H 65 71.29 -121.71 9.59
CA VAL H 65 69.99 -121.30 9.06
C VAL H 65 68.90 -121.68 10.04
N ALA H 66 68.10 -120.69 10.44
CA ALA H 66 67.06 -120.92 11.44
C ALA H 66 65.86 -121.63 10.82
N LEU H 67 65.37 -122.66 11.49
CA LEU H 67 64.20 -123.40 11.05
C LEU H 67 63.30 -123.66 12.24
N THR H 68 62.01 -123.86 11.96
CA THR H 68 61.02 -124.24 12.96
C THR H 68 60.50 -125.62 12.56
N VAL H 69 61.20 -126.65 13.01
CA VAL H 69 60.98 -128.02 12.55
C VAL H 69 60.05 -128.72 13.52
N THR H 70 58.98 -129.32 13.00
CA THR H 70 58.04 -130.11 13.78
C THR H 70 58.22 -131.57 13.40
N GLY H 71 58.17 -132.46 14.39
CA GLY H 71 58.42 -133.86 14.19
C GLY H 71 57.30 -134.75 14.71
N VAL H 72 57.42 -136.04 14.40
CA VAL H 72 56.55 -137.07 14.95
C VAL H 72 57.41 -138.28 15.31
N ALA H 73 57.20 -138.84 16.49
CA ALA H 73 57.93 -140.01 16.95
C ALA H 73 56.97 -141.00 17.57
N GLN H 74 57.26 -142.29 17.38
CA GLN H 74 56.46 -143.37 17.92
C GLN H 74 57.17 -143.97 19.13
N VAL H 75 56.54 -143.90 20.29
CA VAL H 75 57.13 -144.32 21.55
C VAL H 75 56.18 -145.24 22.28
N LYS H 76 56.73 -146.30 22.87
CA LYS H 76 55.97 -147.27 23.63
C LYS H 76 56.88 -147.89 24.69
N ILE H 77 56.31 -148.18 25.86
CA ILE H 77 57.07 -148.86 26.91
C ILE H 77 57.39 -150.27 26.46
N MET H 78 58.65 -150.67 26.63
CA MET H 78 59.12 -151.94 26.13
C MET H 78 58.63 -153.09 27.01
N THR H 79 58.95 -154.32 26.60
CA THR H 79 58.50 -155.54 27.30
C THR H 79 59.67 -156.49 27.56
N GLU H 80 60.88 -155.96 27.67
CA GLU H 80 62.05 -156.77 27.96
C GLU H 80 61.98 -157.30 29.40
N LYS H 81 63.02 -158.03 29.80
CA LYS H 81 63.07 -158.64 31.14
C LYS H 81 63.71 -157.72 32.17
N GLU H 82 64.98 -157.37 31.97
CA GLU H 82 65.67 -156.52 32.94
C GLU H 82 65.30 -155.05 32.80
N LEU H 83 64.94 -154.61 31.59
CA LEU H 83 64.53 -153.22 31.42
C LEU H 83 63.19 -152.93 32.07
N LEU H 84 62.32 -153.93 32.17
CA LEU H 84 61.04 -153.70 32.83
C LEU H 84 61.17 -153.61 34.34
N ALA H 85 62.27 -154.11 34.91
CA ALA H 85 62.55 -153.79 36.31
C ALA H 85 62.72 -152.28 36.47
N VAL H 86 63.48 -151.66 35.56
CA VAL H 86 63.65 -150.21 35.59
C VAL H 86 62.33 -149.52 35.30
N ALA H 87 61.56 -150.05 34.36
CA ALA H 87 60.28 -149.44 34.00
C ALA H 87 59.33 -149.43 35.19
N CYS H 88 59.28 -150.54 35.93
CA CYS H 88 58.39 -150.63 37.09
C CYS H 88 58.90 -149.81 38.26
N GLU H 89 60.21 -149.79 38.48
CA GLU H 89 60.76 -148.99 39.56
C GLU H 89 60.86 -147.51 39.20
N GLN H 90 60.49 -147.14 37.98
CA GLN H 90 60.82 -145.82 37.45
C GLN H 90 59.67 -144.82 37.53
N PHE H 91 58.53 -145.11 36.91
CA PHE H 91 57.60 -144.04 36.57
C PHE H 91 56.24 -144.14 37.26
N LEU H 92 55.53 -145.26 37.11
CA LEU H 92 54.15 -145.36 37.59
C LEU H 92 54.08 -145.07 39.08
N GLY H 93 52.91 -144.61 39.54
CA GLY H 93 51.69 -144.51 38.75
C GLY H 93 51.30 -143.14 38.24
N LYS H 94 52.27 -142.39 37.75
CA LYS H 94 51.96 -141.12 37.09
C LYS H 94 51.22 -141.39 35.79
N ASN H 95 50.26 -140.53 35.46
CA ASN H 95 49.29 -140.82 34.42
C ASN H 95 49.88 -140.59 33.03
N VAL H 96 49.07 -140.86 32.00
CA VAL H 96 49.53 -140.85 30.62
C VAL H 96 50.03 -139.48 30.22
N GLN H 97 49.38 -138.41 30.70
CA GLN H 97 49.88 -137.07 30.42
C GLN H 97 51.30 -136.89 30.91
N ASP H 98 51.64 -137.56 32.01
CA ASP H 98 53.00 -137.45 32.53
C ASP H 98 54.00 -138.15 31.62
N ILE H 99 53.67 -139.35 31.12
CA ILE H 99 54.54 -140.00 30.14
C ILE H 99 54.74 -139.08 28.95
N LYS H 100 53.63 -138.57 28.39
CA LYS H 100 53.74 -137.82 27.14
C LYS H 100 54.51 -136.52 27.34
N ASN H 101 54.30 -135.83 28.46
CA ASN H 101 55.05 -134.60 28.70
C ASN H 101 56.54 -134.88 28.89
N VAL H 102 56.88 -135.86 29.71
CA VAL H 102 58.30 -136.15 29.96
C VAL H 102 58.99 -136.53 28.65
N VAL H 103 58.39 -137.45 27.90
CA VAL H 103 59.00 -137.89 26.66
C VAL H 103 59.04 -136.75 25.65
N LEU H 104 58.04 -135.87 25.69
CA LEU H 104 58.00 -134.74 24.78
C LEU H 104 59.18 -133.81 25.01
N GLN H 105 59.42 -133.41 26.26
CA GLN H 105 60.57 -132.53 26.51
C GLN H 105 61.90 -133.22 26.20
N THR H 106 62.07 -134.48 26.62
CA THR H 106 63.38 -135.09 26.40
C THR H 106 63.65 -135.32 24.92
N LEU H 107 62.66 -135.79 24.16
CA LEU H 107 62.86 -135.94 22.72
C LEU H 107 62.90 -134.60 22.01
N GLU H 108 62.30 -133.56 22.59
CA GLU H 108 62.47 -132.23 22.04
C GLU H 108 63.92 -131.80 22.09
N GLY H 109 64.54 -131.95 23.27
CA GLY H 109 65.96 -131.65 23.38
C GLY H 109 66.81 -132.49 22.46
N HIS H 110 66.54 -133.80 22.42
CA HIS H 110 67.35 -134.68 21.59
C HIS H 110 67.20 -134.36 20.10
N LEU H 111 65.97 -134.07 19.66
CA LEU H 111 65.71 -133.76 18.26
C LEU H 111 66.37 -132.45 17.87
N ARG H 112 66.27 -131.42 18.71
CA ARG H 112 66.97 -130.17 18.41
C ARG H 112 68.47 -130.39 18.35
N SER H 113 69.00 -131.19 19.27
CA SER H 113 70.44 -131.45 19.29
C SER H 113 70.89 -132.11 18.00
N ILE H 114 70.22 -133.19 17.59
CA ILE H 114 70.63 -133.87 16.37
C ILE H 114 70.39 -132.99 15.14
N LEU H 115 69.32 -132.19 15.17
CA LEU H 115 69.08 -131.27 14.06
C LEU H 115 70.23 -130.29 13.92
N GLY H 116 70.75 -129.81 15.04
CA GLY H 116 71.97 -129.01 14.98
C GLY H 116 73.16 -129.80 14.51
N THR H 117 73.17 -131.11 14.77
CA THR H 117 74.30 -131.94 14.40
C THR H 117 74.51 -131.99 12.90
N LEU H 118 73.44 -132.13 12.12
CA LEU H 118 73.56 -132.21 10.68
C LEU H 118 73.19 -130.87 10.04
N THR H 119 73.52 -130.75 8.76
CA THR H 119 73.26 -129.51 8.03
C THR H 119 71.87 -129.54 7.39
N VAL H 120 71.45 -128.36 6.92
CA VAL H 120 70.15 -128.21 6.28
C VAL H 120 70.09 -128.92 4.94
N GLU H 121 71.21 -129.02 4.21
CA GLU H 121 71.20 -129.76 2.96
C GLU H 121 70.88 -131.23 3.19
N GLN H 122 71.40 -131.80 4.27
CA GLN H 122 71.09 -133.18 4.61
C GLN H 122 69.63 -133.36 5.01
N ILE H 123 69.08 -132.46 5.82
CA ILE H 123 67.66 -132.57 6.17
C ILE H 123 66.80 -132.31 4.95
N TYR H 124 67.36 -131.68 3.92
CA TYR H 124 66.66 -131.49 2.67
C TYR H 124 66.64 -132.77 1.85
N GLN H 125 67.82 -133.30 1.50
CA GLN H 125 67.92 -134.43 0.59
C GLN H 125 67.66 -135.77 1.30
N ASP H 126 68.52 -136.12 2.26
CA ASP H 126 68.49 -137.43 2.90
C ASP H 126 68.06 -137.26 4.35
N ARG H 127 66.76 -137.27 4.57
CA ARG H 127 66.22 -137.23 5.92
C ARG H 127 65.70 -138.56 6.41
N ASP H 128 65.61 -139.57 5.54
CA ASP H 128 65.43 -140.94 6.03
C ASP H 128 66.66 -141.39 6.80
N GLN H 129 67.85 -141.09 6.27
CA GLN H 129 69.08 -141.33 7.00
C GLN H 129 69.15 -140.44 8.25
N PHE H 130 68.54 -139.26 8.19
CA PHE H 130 68.45 -138.42 9.39
C PHE H 130 67.69 -139.14 10.49
N ALA H 131 66.54 -139.75 10.15
CA ALA H 131 65.79 -140.52 11.14
C ALA H 131 66.56 -141.77 11.57
N LYS H 132 67.30 -142.39 10.66
CA LYS H 132 68.10 -143.56 11.03
C LYS H 132 69.18 -143.20 12.04
N LEU H 133 69.79 -142.02 11.87
CA LEU H 133 70.75 -141.53 12.87
C LEU H 133 70.06 -141.07 14.14
N VAL H 134 68.83 -140.56 14.04
CA VAL H 134 68.07 -140.22 15.24
C VAL H 134 67.86 -141.47 16.10
N ARG H 135 67.52 -142.58 15.45
CA ARG H 135 67.44 -143.84 16.16
C ARG H 135 68.77 -144.19 16.82
N GLU H 136 69.85 -144.16 16.04
CA GLU H 136 71.18 -144.52 16.55
C GLU H 136 71.59 -143.69 17.76
N VAL H 137 71.21 -142.42 17.82
CA VAL H 137 71.59 -141.57 18.94
C VAL H 137 70.56 -141.55 20.06
N ALA H 138 69.29 -141.87 19.81
CA ALA H 138 68.25 -141.72 20.81
C ALA H 138 67.95 -143.03 21.53
N ALA H 139 68.17 -144.17 20.86
CA ALA H 139 68.04 -145.46 21.53
C ALA H 139 68.91 -145.59 22.78
N PRO H 140 70.18 -145.17 22.79
CA PRO H 140 70.99 -145.31 24.02
C PRO H 140 70.44 -144.56 25.22
N ASP H 141 69.72 -143.46 25.05
CA ASP H 141 69.25 -142.67 26.19
C ASP H 141 67.75 -142.78 26.42
N VAL H 142 66.93 -142.71 25.36
CA VAL H 142 65.49 -142.85 25.54
C VAL H 142 65.13 -144.25 26.04
N GLY H 143 65.96 -145.25 25.74
CA GLY H 143 65.71 -146.58 26.26
C GLY H 143 66.09 -146.76 27.72
N ARG H 144 66.82 -145.80 28.30
CA ARG H 144 67.22 -145.93 29.70
C ARG H 144 66.01 -145.91 30.63
N MET H 145 65.03 -145.06 30.34
CA MET H 145 63.80 -145.02 31.12
C MET H 145 62.74 -145.99 30.59
N GLY H 146 63.13 -146.97 29.78
CA GLY H 146 62.23 -148.02 29.34
C GLY H 146 61.32 -147.65 28.18
N ILE H 147 61.54 -146.51 27.54
CA ILE H 147 60.69 -146.07 26.44
C ILE H 147 61.36 -146.44 25.13
N GLU H 148 60.65 -147.20 24.29
CA GLU H 148 61.15 -147.59 22.98
C GLU H 148 60.77 -146.55 21.93
N ILE H 149 61.50 -146.57 20.82
CA ILE H 149 61.24 -145.65 19.72
C ILE H 149 60.85 -146.45 18.49
N LEU H 150 59.55 -146.63 18.28
CA LEU H 150 59.09 -147.44 17.17
C LEU H 150 59.38 -146.77 15.83
N SER H 151 59.19 -145.45 15.76
CA SER H 151 59.44 -144.72 14.53
C SER H 151 59.80 -143.27 14.87
N PHE H 152 60.45 -142.60 13.93
CA PHE H 152 60.86 -141.22 14.11
C PHE H 152 60.96 -140.53 12.75
N THR H 153 60.44 -139.32 12.67
CA THR H 153 60.64 -138.44 11.52
C THR H 153 60.14 -137.05 11.89
N ILE H 154 60.21 -136.14 10.93
CA ILE H 154 59.84 -134.74 11.15
C ILE H 154 58.56 -134.44 10.37
N LYS H 155 57.63 -133.73 11.00
CA LYS H 155 56.32 -133.49 10.41
C LYS H 155 56.39 -132.42 9.32
N ASP H 156 56.83 -131.22 9.68
CA ASP H 156 56.89 -130.13 8.72
C ASP H 156 58.05 -129.20 9.09
N VAL H 157 58.55 -128.50 8.09
CA VAL H 157 59.67 -127.57 8.26
C VAL H 157 59.23 -126.20 7.75
N TYR H 158 59.47 -125.17 8.55
CA TYR H 158 59.11 -123.81 8.20
C TYR H 158 60.29 -122.89 8.48
N ASP H 159 60.45 -121.87 7.62
CA ASP H 159 61.56 -120.94 7.73
C ASP H 159 61.05 -119.51 7.63
N LYS H 160 61.70 -118.61 8.36
CA LYS H 160 61.43 -117.19 8.29
C LYS H 160 62.35 -116.45 7.32
N VAL H 161 63.53 -117.03 7.04
CA VAL H 161 64.47 -116.45 6.08
C VAL H 161 64.40 -117.18 4.73
N ASP H 162 63.25 -117.78 4.42
CA ASP H 162 62.89 -118.38 3.12
C ASP H 162 64.07 -119.09 2.46
N TYR H 163 64.56 -120.13 3.13
CA TYR H 163 65.58 -121.00 2.56
C TYR H 163 65.03 -121.83 1.40
N LEU H 164 64.02 -122.66 1.69
CA LEU H 164 63.53 -123.62 0.72
C LEU H 164 62.86 -122.93 -0.46
N SER H 165 62.12 -121.85 -0.21
CA SER H 165 61.52 -121.11 -1.30
C SER H 165 62.58 -120.54 -2.23
N SER H 166 63.69 -120.07 -1.67
CA SER H 166 64.81 -119.62 -2.49
C SER H 166 65.40 -120.78 -3.27
N LEU H 167 65.50 -121.96 -2.64
CA LEU H 167 66.06 -123.12 -3.31
C LEU H 167 65.21 -123.58 -4.48
N GLY H 168 63.89 -123.39 -4.40
CA GLY H 168 63.01 -123.77 -5.49
C GLY H 168 63.08 -122.86 -6.70
N LYS H 169 63.64 -121.67 -6.50
CA LYS H 169 63.77 -120.70 -7.58
C LYS H 169 64.62 -121.21 -8.71
N THR H 170 65.54 -122.14 -8.43
CA THR H 170 66.48 -122.60 -9.44
C THR H 170 65.77 -123.27 -10.61
N GLN H 171 64.74 -124.06 -10.33
CA GLN H 171 64.05 -124.78 -11.39
C GLN H 171 62.62 -124.30 -11.59
N THR H 172 62.08 -123.44 -10.72
CA THR H 172 60.74 -122.93 -10.96
C THR H 172 60.66 -122.12 -12.24
N ALA H 173 61.79 -121.71 -12.79
CA ALA H 173 61.84 -120.96 -14.04
C ALA H 173 62.33 -121.79 -15.22
N VAL H 174 62.98 -122.92 -14.97
CA VAL H 174 63.47 -123.76 -16.07
C VAL H 174 62.31 -124.30 -16.89
N VAL H 175 61.26 -124.80 -16.21
CA VAL H 175 60.07 -125.24 -16.92
C VAL H 175 59.39 -124.07 -17.61
N GLN H 176 59.40 -122.89 -16.97
CA GLN H 176 58.89 -121.70 -17.64
C GLN H 176 59.73 -121.34 -18.85
N ARG H 177 61.05 -121.51 -18.76
CA ARG H 177 61.91 -121.31 -19.91
C ARG H 177 61.50 -122.22 -21.08
N ASP H 178 61.34 -123.52 -20.80
CA ASP H 178 60.97 -124.45 -21.85
C ASP H 178 59.59 -124.13 -22.43
N ALA H 179 58.64 -123.77 -21.57
CA ALA H 179 57.30 -123.43 -22.04
C ALA H 179 57.33 -122.21 -22.94
N ASP H 180 58.10 -121.18 -22.56
CA ASP H 180 58.21 -120.00 -23.41
C ASP H 180 58.86 -120.34 -24.74
N ILE H 181 59.89 -121.17 -24.73
CA ILE H 181 60.52 -121.57 -25.99
C ILE H 181 59.53 -122.29 -26.89
N GLY H 182 58.76 -123.22 -26.31
CA GLY H 182 57.80 -123.97 -27.12
C GLY H 182 56.71 -123.10 -27.70
N VAL H 183 56.16 -122.20 -26.87
CA VAL H 183 55.09 -121.34 -27.35
C VAL H 183 55.61 -120.37 -28.41
N ALA H 184 56.85 -119.90 -28.25
CA ALA H 184 57.43 -119.02 -29.26
C ALA H 184 57.59 -119.75 -30.59
N GLU H 185 58.10 -120.99 -30.55
CA GLU H 185 58.26 -121.75 -31.79
C GLU H 185 56.92 -122.03 -32.45
N ALA H 186 55.91 -122.39 -31.65
CA ALA H 186 54.59 -122.67 -32.21
C ALA H 186 53.99 -121.43 -32.86
N GLU H 187 54.08 -120.29 -32.18
CA GLU H 187 53.57 -119.05 -32.76
C GLU H 187 54.33 -118.68 -34.04
N ARG H 188 55.63 -118.93 -34.06
CA ARG H 188 56.41 -118.65 -35.27
C ARG H 188 55.91 -119.49 -36.44
N ASP H 189 55.70 -120.78 -36.21
CA ASP H 189 55.24 -121.66 -37.30
C ASP H 189 53.84 -121.23 -37.76
N ALA H 190 52.94 -120.95 -36.81
CA ALA H 190 51.60 -120.52 -37.19
C ALA H 190 51.66 -119.25 -38.02
N GLY H 191 52.44 -118.28 -37.58
CA GLY H 191 52.52 -117.02 -38.31
C GLY H 191 53.09 -117.18 -39.70
N ILE H 192 54.17 -117.95 -39.84
CA ILE H 192 54.76 -118.12 -41.14
C ILE H 192 53.79 -118.77 -42.12
N ARG H 193 53.11 -119.85 -41.68
CA ARG H 193 52.33 -120.56 -42.69
C ARG H 193 51.04 -119.81 -42.98
N GLU H 194 50.51 -119.10 -41.98
CA GLU H 194 49.35 -118.25 -42.21
C GLU H 194 49.67 -117.11 -43.17
N ALA H 195 50.86 -116.51 -43.04
CA ALA H 195 51.26 -115.48 -43.99
C ALA H 195 51.37 -116.05 -45.39
N GLU H 196 51.89 -117.27 -45.52
CA GLU H 196 51.95 -117.91 -46.83
C GLU H 196 50.54 -118.08 -47.42
N CYS H 197 49.59 -118.54 -46.60
CA CYS H 197 48.22 -118.71 -47.09
C CYS H 197 47.63 -117.38 -47.53
N LYS H 198 47.82 -116.34 -46.73
CA LYS H 198 47.29 -115.02 -47.06
C LYS H 198 47.87 -114.52 -48.37
N LYS H 199 49.18 -114.75 -48.57
CA LYS H 199 49.83 -114.34 -49.80
C LYS H 199 49.22 -115.03 -51.01
N GLU H 200 49.06 -116.36 -50.94
CA GLU H 200 48.50 -117.07 -52.09
C GLU H 200 47.07 -116.63 -52.39
N MET H 201 46.25 -116.45 -51.35
CA MET H 201 44.87 -116.08 -51.61
C MET H 201 44.78 -114.66 -52.16
N LEU H 202 45.63 -113.74 -51.70
CA LEU H 202 45.65 -112.40 -52.30
C LEU H 202 46.08 -112.44 -53.76
N ASP H 203 47.09 -113.25 -54.10
CA ASP H 203 47.49 -113.32 -55.49
C ASP H 203 46.35 -113.78 -56.38
N VAL H 204 45.65 -114.84 -55.97
CA VAL H 204 44.56 -115.31 -56.82
C VAL H 204 43.42 -114.31 -56.88
N LYS H 205 43.09 -113.68 -55.75
CA LYS H 205 42.03 -112.68 -55.74
C LYS H 205 42.35 -111.51 -56.65
N PHE H 206 43.61 -111.07 -56.64
CA PHE H 206 43.98 -109.96 -57.51
C PHE H 206 43.99 -110.36 -58.98
N MET H 207 44.34 -111.61 -59.29
CA MET H 207 44.22 -112.06 -60.68
C MET H 207 42.77 -112.04 -61.13
N ALA H 208 41.86 -112.53 -60.28
CA ALA H 208 40.44 -112.50 -60.62
C ALA H 208 39.95 -111.07 -60.79
N ASP H 209 40.37 -110.16 -59.91
CA ASP H 209 39.97 -108.76 -60.04
C ASP H 209 40.53 -108.13 -61.30
N THR H 210 41.74 -108.53 -61.72
CA THR H 210 42.28 -108.03 -62.97
C THR H 210 41.43 -108.47 -64.15
N LYS H 211 40.99 -109.74 -64.15
CA LYS H 211 40.10 -110.18 -65.23
C LYS H 211 38.77 -109.43 -65.20
N ILE H 212 38.24 -109.17 -64.01
CA ILE H 212 37.00 -108.41 -63.90
C ILE H 212 37.18 -107.01 -64.46
N ALA H 213 38.32 -106.38 -64.15
CA ALA H 213 38.60 -105.04 -64.66
C ALA H 213 38.71 -105.05 -66.17
N ASP H 214 39.31 -106.09 -66.74
CA ASP H 214 39.39 -106.20 -68.20
C ASP H 214 38.00 -106.28 -68.82
N SER H 215 37.14 -107.12 -68.24
CA SER H 215 35.78 -107.24 -68.76
C SER H 215 35.03 -105.91 -68.65
N LYS H 216 35.19 -105.22 -67.52
CA LYS H 216 34.55 -103.93 -67.33
C LYS H 216 35.04 -102.92 -68.35
N ARG H 217 36.34 -102.92 -68.64
CA ARG H 217 36.89 -102.02 -69.64
C ARG H 217 36.29 -102.29 -71.01
N ALA H 218 36.22 -103.57 -71.39
CA ALA H 218 35.64 -103.91 -72.69
C ALA H 218 34.19 -103.45 -72.78
N PHE H 219 33.41 -103.69 -71.73
CA PHE H 219 32.01 -103.29 -71.74
C PHE H 219 31.87 -101.78 -71.82
N GLU H 220 32.63 -101.05 -71.03
CA GLU H 220 32.54 -99.59 -71.05
C GLU H 220 32.96 -99.03 -72.40
N LEU H 221 34.00 -99.59 -73.00
CA LEU H 221 34.44 -99.12 -74.31
C LEU H 221 33.35 -99.33 -75.36
N GLN H 222 32.75 -100.53 -75.38
CA GLN H 222 31.69 -100.79 -76.36
C GLN H 222 30.49 -99.90 -76.13
N LYS H 223 30.11 -99.70 -74.87
CA LYS H 223 28.94 -98.87 -74.57
C LYS H 223 29.17 -97.43 -74.98
N SER H 224 30.35 -96.87 -74.69
CA SER H 224 30.64 -95.51 -75.10
C SER H 224 30.69 -95.40 -76.62
N ALA H 225 31.25 -96.40 -77.29
CA ALA H 225 31.27 -96.38 -78.75
C ALA H 225 29.88 -96.33 -79.32
N PHE H 226 28.96 -97.13 -78.76
CA PHE H 226 27.59 -97.13 -79.24
C PHE H 226 26.90 -95.79 -78.96
N SER H 227 27.14 -95.26 -77.75
CA SER H 227 26.57 -93.96 -77.38
C SER H 227 27.01 -92.88 -78.34
N GLU H 228 28.21 -93.00 -78.90
CA GLU H 228 28.69 -92.01 -79.86
C GLU H 228 27.70 -91.82 -81.01
N GLU H 229 27.47 -92.88 -81.80
CA GLU H 229 26.59 -92.71 -82.95
C GLU H 229 25.14 -92.54 -82.55
N VAL H 230 24.71 -93.09 -81.41
CA VAL H 230 23.31 -92.84 -81.05
C VAL H 230 23.09 -91.37 -80.73
N ASN H 231 24.06 -90.74 -80.07
CA ASN H 231 23.97 -89.31 -79.79
C ASN H 231 24.08 -88.50 -81.08
N ILE H 232 24.91 -88.93 -82.02
CA ILE H 232 25.01 -88.23 -83.30
C ILE H 232 23.65 -88.23 -84.01
N LYS H 233 23.03 -89.41 -84.09
CA LYS H 233 21.75 -89.51 -84.78
C LYS H 233 20.68 -88.71 -84.07
N THR H 234 20.65 -88.73 -82.73
CA THR H 234 19.68 -87.89 -82.03
C THR H 234 19.91 -86.42 -82.36
N ALA H 235 21.16 -85.95 -82.21
CA ALA H 235 21.45 -84.54 -82.43
C ALA H 235 21.00 -84.09 -83.82
N GLU H 236 21.11 -84.98 -84.81
CA GLU H 236 20.47 -84.68 -86.09
C GLU H 236 18.95 -84.62 -85.96
N ALA H 237 18.38 -85.49 -85.13
CA ALA H 237 16.93 -85.63 -85.07
C ALA H 237 16.25 -84.36 -84.55
N GLN H 238 16.78 -83.76 -83.47
CA GLN H 238 16.09 -82.55 -82.99
C GLN H 238 16.10 -81.42 -84.03
N LEU H 239 17.23 -81.20 -84.69
CA LEU H 239 17.37 -80.01 -85.52
C LEU H 239 16.90 -80.20 -86.95
N ALA H 240 16.56 -81.43 -87.36
CA ALA H 240 15.87 -81.58 -88.64
C ALA H 240 14.59 -80.76 -88.68
N TYR H 241 13.91 -80.64 -87.53
CA TYR H 241 12.69 -79.85 -87.45
C TYR H 241 12.96 -78.40 -87.80
N GLU H 242 13.98 -77.80 -87.19
CA GLU H 242 14.31 -76.41 -87.48
C GLU H 242 14.76 -76.23 -88.93
N LEU H 243 15.51 -77.21 -89.45
CA LEU H 243 15.95 -77.10 -90.84
C LEU H 243 14.76 -77.03 -91.78
N GLN H 244 13.82 -77.96 -91.65
CA GLN H 244 12.64 -77.95 -92.51
C GLN H 244 11.77 -76.72 -92.24
N GLY H 245 11.73 -76.26 -91.00
CA GLY H 245 10.95 -75.07 -90.70
C GLY H 245 11.47 -73.84 -91.40
N ALA H 246 12.79 -73.66 -91.40
CA ALA H 246 13.38 -72.54 -92.13
C ALA H 246 13.18 -72.69 -93.64
N ARG H 247 13.34 -73.92 -94.14
CA ARG H 247 13.13 -74.15 -95.57
C ARG H 247 11.72 -73.78 -95.99
N GLU H 248 10.72 -74.08 -95.16
CA GLU H 248 9.35 -73.70 -95.48
C GLU H 248 9.12 -72.21 -95.26
N GLN H 249 9.69 -71.63 -94.21
CA GLN H 249 9.57 -70.20 -93.97
C GLN H 249 10.08 -69.39 -95.14
N GLN H 250 11.03 -69.93 -95.90
CA GLN H 250 11.42 -69.28 -97.15
C GLN H 250 10.21 -68.93 -98.00
N LYS H 251 9.44 -69.94 -98.40
CA LYS H 251 8.26 -69.70 -99.25
C LYS H 251 7.16 -68.96 -98.48
N ILE H 252 7.03 -69.23 -97.18
CA ILE H 252 6.02 -68.54 -96.38
C ILE H 252 6.21 -67.04 -96.48
N ARG H 253 7.45 -66.59 -96.24
CA ARG H 253 7.73 -65.16 -96.28
C ARG H 253 7.74 -64.65 -97.72
N GLN H 254 8.12 -65.50 -98.69
CA GLN H 254 8.02 -65.11 -100.09
C GLN H 254 6.61 -64.67 -100.44
N GLU H 255 5.61 -65.47 -100.08
CA GLU H 255 4.24 -65.07 -100.36
C GLU H 255 3.76 -63.93 -99.46
N GLU H 256 4.15 -63.95 -98.18
CA GLU H 256 3.75 -62.86 -97.28
C GLU H 256 4.24 -61.51 -97.79
N ILE H 257 5.36 -61.47 -98.50
CA ILE H 257 5.87 -60.23 -99.08
C ILE H 257 5.36 -59.99 -100.49
N GLU H 258 5.01 -61.03 -101.23
CA GLU H 258 4.30 -60.84 -102.50
C GLU H 258 2.92 -60.22 -102.29
N ILE H 259 2.36 -60.34 -101.08
CA ILE H 259 1.10 -59.65 -100.76
C ILE H 259 1.17 -58.19 -101.17
N GLU H 260 2.09 -57.43 -100.56
CA GLU H 260 2.15 -56.01 -100.84
C GLU H 260 2.76 -55.69 -102.19
N VAL H 261 3.51 -56.62 -102.79
CA VAL H 261 3.91 -56.44 -104.19
C VAL H 261 2.68 -56.36 -105.07
N VAL H 262 1.75 -57.31 -104.91
CA VAL H 262 0.52 -57.30 -105.68
C VAL H 262 -0.30 -56.05 -105.35
N GLN H 263 -0.33 -55.65 -104.08
CA GLN H 263 -1.09 -54.47 -103.70
C GLN H 263 -0.55 -53.21 -104.39
N ARG H 264 0.77 -53.00 -104.31
CA ARG H 264 1.38 -51.81 -104.90
C ARG H 264 1.37 -51.87 -106.42
N LYS H 265 1.24 -53.06 -107.01
CA LYS H 265 1.15 -53.14 -108.46
C LYS H 265 -0.06 -52.42 -109.00
N LYS H 266 -1.19 -52.47 -108.28
CA LYS H 266 -2.41 -51.81 -108.70
C LYS H 266 -2.66 -50.49 -107.97
N GLN H 267 -1.89 -50.20 -106.91
CA GLN H 267 -1.81 -48.81 -106.50
C GLN H 267 -1.37 -47.90 -107.64
N ILE H 268 -0.72 -48.45 -108.66
CA ILE H 268 -0.40 -47.68 -109.86
C ILE H 268 -1.67 -47.16 -110.52
N ALA H 269 -2.64 -48.05 -110.74
CA ALA H 269 -3.91 -47.63 -111.33
C ALA H 269 -4.66 -46.70 -110.39
N VAL H 270 -4.57 -46.95 -109.08
CA VAL H 270 -5.16 -46.03 -108.12
C VAL H 270 -4.62 -44.62 -108.35
N GLU H 271 -3.30 -44.49 -108.46
CA GLU H 271 -2.69 -43.19 -108.63
C GLU H 271 -2.99 -42.58 -110.00
N ALA H 272 -3.14 -43.41 -111.03
CA ALA H 272 -3.52 -42.86 -112.34
C ALA H 272 -4.92 -42.24 -112.30
N GLN H 273 -5.87 -42.94 -111.69
CA GLN H 273 -7.20 -42.37 -111.51
C GLN H 273 -7.13 -41.12 -110.65
N GLU H 274 -6.26 -41.11 -109.65
CA GLU H 274 -6.06 -39.90 -108.86
C GLU H 274 -5.51 -38.76 -109.70
N ILE H 275 -4.62 -39.06 -110.65
CA ILE H 275 -4.10 -38.02 -111.54
C ILE H 275 -5.23 -37.40 -112.34
N LEU H 276 -6.10 -38.23 -112.91
CA LEU H 276 -7.24 -37.68 -113.66
C LEU H 276 -8.14 -36.84 -112.76
N ARG H 277 -8.44 -37.35 -111.57
CA ARG H 277 -9.32 -36.63 -110.65
C ARG H 277 -8.72 -35.29 -110.25
N THR H 278 -7.42 -35.26 -109.93
CA THR H 278 -6.81 -34.01 -109.50
C THR H 278 -6.65 -33.04 -110.67
N ASP H 279 -6.48 -33.55 -111.89
CA ASP H 279 -6.49 -32.66 -113.05
C ASP H 279 -7.83 -31.94 -113.16
N LYS H 280 -8.92 -32.71 -113.11
CA LYS H 280 -10.24 -32.08 -113.22
C LYS H 280 -10.52 -31.16 -112.03
N GLU H 281 -10.09 -31.55 -110.83
CA GLU H 281 -10.30 -30.73 -109.65
C GLU H 281 -9.55 -29.42 -109.75
N LEU H 282 -8.30 -29.46 -110.20
CA LEU H 282 -7.54 -28.22 -110.39
C LEU H 282 -8.19 -27.34 -111.44
N ILE H 283 -8.69 -27.93 -112.53
CA ILE H 283 -9.44 -27.15 -113.50
C ILE H 283 -10.57 -26.40 -112.79
N ALA H 284 -11.50 -27.15 -112.21
CA ALA H 284 -12.68 -26.54 -111.61
C ALA H 284 -12.33 -25.58 -110.49
N THR H 285 -11.16 -25.74 -109.86
CA THR H 285 -10.83 -24.95 -108.69
C THR H 285 -10.10 -23.65 -109.03
N VAL H 286 -9.19 -23.66 -110.00
CA VAL H 286 -8.39 -22.47 -110.24
C VAL H 286 -8.48 -21.99 -111.69
N ARG H 287 -8.75 -22.88 -112.64
CA ARG H 287 -8.69 -22.49 -114.03
C ARG H 287 -9.88 -21.60 -114.42
N ARG H 288 -11.08 -21.97 -113.98
CA ARG H 288 -12.29 -21.22 -114.29
C ARG H 288 -12.44 -19.98 -113.41
N PRO H 289 -12.16 -20.06 -112.10
CA PRO H 289 -12.14 -18.82 -111.30
C PRO H 289 -11.18 -17.77 -111.84
N ALA H 290 -10.06 -18.16 -112.42
CA ALA H 290 -9.15 -17.20 -113.02
C ALA H 290 -9.81 -16.45 -114.17
N GLU H 291 -10.52 -17.19 -115.03
CA GLU H 291 -11.22 -16.55 -116.15
C GLU H 291 -12.34 -15.64 -115.65
N ALA H 292 -13.08 -16.09 -114.64
CA ALA H 292 -14.13 -15.25 -114.08
C ALA H 292 -13.55 -13.97 -113.47
N GLU H 293 -12.42 -14.10 -112.77
CA GLU H 293 -11.77 -12.91 -112.21
C GLU H 293 -11.31 -11.97 -113.31
N ALA H 294 -10.76 -12.52 -114.39
CA ALA H 294 -10.35 -11.66 -115.51
C ALA H 294 -11.54 -10.91 -116.10
N HIS H 295 -12.66 -11.61 -116.29
CA HIS H 295 -13.86 -10.96 -116.80
C HIS H 295 -14.35 -9.87 -115.85
N ARG H 296 -14.34 -10.15 -114.56
CA ARG H 296 -14.76 -9.17 -113.58
C ARG H 296 -13.87 -7.94 -113.61
N ILE H 297 -12.56 -8.14 -113.67
CA ILE H 297 -11.62 -7.02 -113.69
C ILE H 297 -11.83 -6.17 -114.93
N GLN H 298 -12.01 -6.80 -116.10
CA GLN H 298 -12.16 -6.01 -117.30
C GLN H 298 -13.49 -5.28 -117.35
N GLN H 299 -14.56 -5.90 -116.83
CA GLN H 299 -15.85 -5.20 -116.74
C GLN H 299 -15.76 -3.99 -115.82
N ILE H 300 -15.17 -4.17 -114.63
CA ILE H 300 -15.06 -3.07 -113.68
C ILE H 300 -14.13 -1.99 -114.22
N ALA H 301 -13.08 -2.38 -114.94
CA ALA H 301 -12.21 -1.39 -115.56
C ALA H 301 -12.95 -0.59 -116.61
N GLU H 302 -13.81 -1.24 -117.39
CA GLU H 302 -14.61 -0.51 -118.37
C GLU H 302 -15.52 0.49 -117.67
N GLY H 303 -16.19 0.06 -116.60
CA GLY H 303 -17.04 0.99 -115.85
C GLY H 303 -16.26 2.18 -115.32
N GLU H 304 -15.10 1.92 -114.70
CA GLU H 304 -14.31 3.00 -114.14
C GLU H 304 -13.78 3.94 -115.21
N LYS H 305 -13.38 3.39 -116.36
CA LYS H 305 -12.88 4.24 -117.45
C LYS H 305 -13.99 5.15 -117.96
N VAL H 306 -15.19 4.61 -118.16
CA VAL H 306 -16.29 5.45 -118.62
C VAL H 306 -16.60 6.53 -117.59
N LYS H 307 -16.61 6.16 -116.30
CA LYS H 307 -16.88 7.15 -115.26
C LYS H 307 -15.84 8.26 -115.26
N GLN H 308 -14.57 7.91 -115.35
CA GLN H 308 -13.51 8.91 -115.35
C GLN H 308 -13.58 9.80 -116.59
N VAL H 309 -13.86 9.23 -117.75
CA VAL H 309 -13.97 10.03 -118.96
C VAL H 309 -15.12 11.02 -118.85
N LEU H 310 -16.27 10.56 -118.35
CA LEU H 310 -17.41 11.46 -118.20
C LEU H 310 -17.12 12.57 -117.18
N LEU H 311 -16.49 12.21 -116.06
CA LEU H 311 -16.15 13.22 -115.06
C LEU H 311 -15.17 14.24 -115.62
N ALA H 312 -14.18 13.77 -116.39
CA ALA H 312 -13.22 14.69 -117.00
C ALA H 312 -13.90 15.62 -118.00
N GLN H 313 -14.82 15.09 -118.80
CA GLN H 313 -15.55 15.95 -119.74
C GLN H 313 -16.37 17.00 -118.99
N ALA H 314 -17.03 16.59 -117.90
CA ALA H 314 -17.81 17.53 -117.11
C ALA H 314 -16.92 18.62 -116.53
N GLU H 315 -15.77 18.24 -115.98
CA GLU H 315 -14.84 19.22 -115.41
C GLU H 315 -14.30 20.16 -116.48
N ALA H 316 -13.98 19.62 -117.66
CA ALA H 316 -13.46 20.46 -118.73
C ALA H 316 -14.48 21.48 -119.18
N GLU H 317 -15.75 21.08 -119.34
CA GLU H 317 -16.73 22.06 -119.79
C GLU H 317 -17.09 23.02 -118.67
N LYS H 318 -17.02 22.57 -117.41
CA LYS H 318 -17.11 23.48 -116.27
C LYS H 318 -16.07 24.59 -116.39
N ILE H 319 -14.82 24.20 -116.62
CA ILE H 319 -13.74 25.18 -116.73
C ILE H 319 -13.97 26.10 -117.91
N ARG H 320 -14.42 25.54 -119.04
CA ARG H 320 -14.65 26.36 -120.23
C ARG H 320 -15.72 27.42 -119.97
N LYS H 321 -16.84 27.01 -119.38
CA LYS H 321 -17.92 27.96 -119.13
C LYS H 321 -17.53 29.00 -118.10
N ILE H 322 -16.83 28.59 -117.04
CA ILE H 322 -16.37 29.55 -116.05
C ILE H 322 -15.41 30.55 -116.67
N GLY H 323 -14.50 30.07 -117.52
CA GLY H 323 -13.57 30.97 -118.19
C GLY H 323 -14.28 31.95 -119.11
N GLU H 324 -15.28 31.49 -119.83
CA GLU H 324 -16.05 32.39 -120.68
C GLU H 324 -16.76 33.46 -119.84
N ALA H 325 -17.35 33.06 -118.71
CA ALA H 325 -18.00 34.03 -117.84
C ALA H 325 -17.00 35.06 -117.32
N GLU H 326 -15.82 34.60 -116.90
CA GLU H 326 -14.81 35.53 -116.42
C GLU H 326 -14.33 36.47 -117.52
N ALA H 327 -14.19 35.96 -118.74
CA ALA H 327 -13.81 36.83 -119.85
C ALA H 327 -14.88 37.89 -120.10
N ALA H 328 -16.15 37.49 -120.05
CA ALA H 328 -17.23 38.45 -120.26
C ALA H 328 -17.23 39.54 -119.19
N VAL H 329 -17.08 39.15 -117.93
CA VAL H 329 -17.12 40.15 -116.87
C VAL H 329 -15.89 41.05 -116.93
N ILE H 330 -14.73 40.49 -117.29
CA ILE H 330 -13.52 41.31 -117.41
C ILE H 330 -13.68 42.31 -118.54
N GLU H 331 -14.25 41.90 -119.66
CA GLU H 331 -14.49 42.83 -120.77
C GLU H 331 -15.48 43.91 -120.34
N ALA H 332 -16.49 43.55 -119.55
CA ALA H 332 -17.42 44.55 -119.04
C ALA H 332 -16.72 45.58 -118.14
N MET H 333 -15.85 45.10 -117.25
CA MET H 333 -15.04 46.01 -116.44
C MET H 333 -14.19 46.91 -117.29
N GLY H 334 -13.61 46.38 -118.37
CA GLY H 334 -12.82 47.21 -119.25
C GLY H 334 -13.67 48.30 -119.91
N LYS H 335 -14.84 47.91 -120.42
CA LYS H 335 -15.77 48.88 -120.97
C LYS H 335 -16.03 50.00 -119.99
N ALA H 336 -16.42 49.64 -118.76
CA ALA H 336 -16.85 50.63 -117.78
C ALA H 336 -15.70 51.51 -117.33
N GLU H 337 -14.55 50.91 -117.00
CA GLU H 337 -13.44 51.68 -116.48
C GLU H 337 -12.84 52.58 -117.54
N ALA H 338 -12.77 52.11 -118.79
CA ALA H 338 -12.29 52.97 -119.86
C ALA H 338 -13.25 54.13 -120.12
N GLU H 339 -14.56 53.88 -120.06
CA GLU H 339 -15.51 54.98 -120.18
C GLU H 339 -15.33 55.98 -119.04
N ARG H 340 -15.09 55.47 -117.83
CA ARG H 340 -14.86 56.34 -116.69
C ARG H 340 -13.65 57.24 -116.92
N MET H 341 -12.53 56.64 -117.34
CA MET H 341 -11.32 57.42 -117.56
C MET H 341 -11.50 58.42 -118.69
N LYS H 342 -12.18 58.00 -119.76
CA LYS H 342 -12.41 58.90 -120.89
C LYS H 342 -13.23 60.10 -120.47
N LEU H 343 -14.33 59.87 -119.73
CA LEU H 343 -15.17 60.99 -119.29
C LEU H 343 -14.43 61.87 -118.30
N LYS H 344 -13.56 61.28 -117.47
CA LYS H 344 -12.80 62.07 -116.51
C LYS H 344 -11.72 62.88 -117.20
N ALA H 345 -11.34 62.47 -118.41
CA ALA H 345 -10.32 63.20 -119.17
C ALA H 345 -10.75 64.63 -119.49
N GLU H 346 -11.94 64.81 -120.08
CA GLU H 346 -12.40 66.17 -120.35
C GLU H 346 -12.64 66.94 -119.07
N ALA H 347 -13.02 66.25 -117.99
CA ALA H 347 -13.19 66.93 -116.71
C ALA H 347 -11.88 67.54 -116.24
N TYR H 348 -10.79 66.76 -116.29
CA TYR H 348 -9.49 67.30 -115.91
C TYR H 348 -8.99 68.35 -116.91
N GLN H 349 -9.44 68.26 -118.16
CA GLN H 349 -8.92 69.18 -119.17
C GLN H 349 -9.35 70.62 -118.88
N LYS H 350 -10.41 70.80 -118.10
CA LYS H 350 -10.96 72.14 -117.87
C LYS H 350 -10.49 72.73 -116.55
N TYR H 351 -9.40 72.22 -116.00
CA TYR H 351 -8.85 72.67 -114.73
C TYR H 351 -7.96 73.88 -114.93
N GLY H 352 -8.14 74.90 -114.09
CA GLY H 352 -7.32 76.08 -114.09
C GLY H 352 -6.25 76.04 -113.03
N ASP H 353 -5.70 77.22 -112.72
CA ASP H 353 -4.71 77.30 -111.65
C ASP H 353 -5.34 77.01 -110.29
N ALA H 354 -6.51 77.57 -110.02
CA ALA H 354 -7.15 77.40 -108.72
C ALA H 354 -7.50 75.94 -108.46
N ALA H 355 -7.96 75.22 -109.49
CA ALA H 355 -8.33 73.83 -109.31
C ALA H 355 -7.11 72.95 -109.03
N LYS H 356 -6.00 73.20 -109.73
CA LYS H 356 -4.77 72.47 -109.42
C LYS H 356 -4.29 72.78 -108.01
N MET H 357 -4.40 74.05 -107.60
CA MET H 357 -4.08 74.41 -106.23
C MET H 357 -4.93 73.63 -105.24
N ALA H 358 -6.22 73.49 -105.55
CA ALA H 358 -7.11 72.72 -104.69
C ALA H 358 -6.68 71.27 -104.60
N LEU H 359 -6.29 70.69 -105.74
CA LEU H 359 -5.82 69.30 -105.74
C LEU H 359 -4.59 69.14 -104.86
N VAL H 360 -3.62 70.04 -105.00
CA VAL H 360 -2.40 69.93 -104.21
C VAL H 360 -2.70 70.11 -102.72
N LEU H 361 -3.54 71.09 -102.39
CA LEU H 361 -3.86 71.33 -100.98
C LEU H 361 -4.62 70.15 -100.39
N GLU H 362 -5.48 69.52 -101.18
CA GLU H 362 -6.20 68.34 -100.69
C GLU H 362 -5.24 67.18 -100.48
N ALA H 363 -4.24 67.04 -101.35
CA ALA H 363 -3.30 65.94 -101.21
C ALA H 363 -2.35 66.15 -100.03
N LEU H 364 -2.05 67.40 -99.70
CA LEU H 364 -1.04 67.69 -98.69
C LEU H 364 -1.31 67.06 -97.32
N PRO H 365 -2.49 67.15 -96.72
CA PRO H 365 -2.66 66.58 -95.38
C PRO H 365 -2.43 65.09 -95.29
N GLN H 366 -2.81 64.33 -96.32
CA GLN H 366 -2.58 62.88 -96.28
C GLN H 366 -1.09 62.56 -96.33
N ILE H 367 -0.35 63.26 -97.19
CA ILE H 367 1.10 63.06 -97.26
C ILE H 367 1.73 63.44 -95.93
N ALA H 368 1.29 64.55 -95.34
CA ALA H 368 1.85 64.99 -94.06
C ALA H 368 1.57 63.97 -92.97
N ALA H 369 0.36 63.40 -92.96
CA ALA H 369 0.04 62.36 -91.98
C ALA H 369 0.92 61.14 -92.17
N LYS H 370 1.18 60.77 -93.42
CA LYS H 370 2.01 59.60 -93.68
C LYS H 370 3.45 59.83 -93.24
N ILE H 371 4.01 61.01 -93.54
CA ILE H 371 5.39 61.29 -93.20
C ILE H 371 5.58 61.40 -91.70
N ALA H 372 4.60 61.96 -90.99
CA ALA H 372 4.73 62.17 -89.55
C ALA H 372 4.43 60.93 -88.73
N ALA H 373 3.96 59.85 -89.36
CA ALA H 373 3.64 58.63 -88.60
C ALA H 373 4.81 58.10 -87.78
N PRO H 374 6.06 58.06 -88.28
CA PRO H 374 7.16 57.58 -87.42
C PRO H 374 7.38 58.43 -86.18
N LEU H 375 6.91 59.68 -86.19
CA LEU H 375 7.13 60.56 -85.04
C LEU H 375 6.28 60.15 -83.85
N THR H 376 5.34 59.23 -84.06
CA THR H 376 4.43 58.80 -83.00
C THR H 376 5.16 58.11 -81.86
N LYS H 377 6.26 57.43 -82.17
CA LYS H 377 6.93 56.56 -81.20
C LYS H 377 8.07 57.26 -80.46
N VAL H 378 8.15 58.59 -80.53
CA VAL H 378 9.20 59.30 -79.80
C VAL H 378 9.00 59.10 -78.30
N ASP H 379 10.10 58.84 -77.59
CA ASP H 379 10.05 58.59 -76.16
C ASP H 379 10.32 59.85 -75.35
N GLU H 380 11.45 60.51 -75.58
CA GLU H 380 11.81 61.70 -74.83
C GLU H 380 12.59 62.63 -75.74
N ILE H 381 12.51 63.92 -75.43
CA ILE H 381 13.15 64.96 -76.22
C ILE H 381 14.05 65.77 -75.29
N VAL H 382 15.30 65.96 -75.69
CA VAL H 382 16.25 66.78 -74.94
C VAL H 382 16.69 67.92 -75.83
N VAL H 383 16.50 69.15 -75.35
CA VAL H 383 16.83 70.36 -76.10
C VAL H 383 17.83 71.16 -75.28
N LEU H 384 18.92 71.57 -75.93
CA LEU H 384 19.92 72.45 -75.33
C LEU H 384 20.13 73.63 -76.24
N SER H 385 20.43 74.79 -75.65
CA SER H 385 20.60 76.02 -76.41
C SER H 385 21.77 76.81 -75.85
N GLY H 386 22.29 77.72 -76.66
CA GLY H 386 23.40 78.55 -76.27
C GLY H 386 24.74 77.86 -76.43
N ASP H 387 25.75 78.58 -76.92
CA ASP H 387 27.08 78.02 -77.15
C ASP H 387 27.92 78.15 -75.89
N ASN H 388 27.87 77.11 -75.05
CA ASN H 388 28.61 77.09 -73.80
C ASN H 388 29.21 75.70 -73.60
N SER H 389 29.81 75.51 -72.42
CA SER H 389 30.48 74.25 -72.11
C SER H 389 29.46 73.19 -71.70
N LYS H 390 29.96 72.00 -71.43
CA LYS H 390 29.14 70.84 -71.08
C LYS H 390 29.35 70.43 -69.62
N VAL H 391 29.60 71.41 -68.76
CA VAL H 391 29.86 71.15 -67.35
C VAL H 391 28.67 71.53 -66.49
N THR H 392 27.86 72.49 -66.94
CA THR H 392 26.76 72.99 -66.13
C THR H 392 25.74 71.89 -65.83
N SER H 393 25.41 71.08 -66.84
CA SER H 393 24.44 69.98 -66.71
C SER H 393 23.10 70.57 -66.27
N GLU H 394 22.46 70.04 -65.23
CA GLU H 394 21.17 70.57 -64.79
C GLU H 394 21.32 71.31 -63.46
N MET I 1 56.48 -74.24 146.39
CA MET I 1 57.21 -75.39 145.86
C MET I 1 58.42 -74.92 145.05
N PHE I 2 59.36 -75.85 144.82
CA PHE I 2 60.57 -75.52 144.09
C PHE I 2 60.26 -75.25 142.63
N PHE I 3 60.95 -74.26 142.06
CA PHE I 3 60.75 -73.85 140.67
C PHE I 3 62.07 -73.98 139.92
N THR I 4 62.19 -75.01 139.09
CA THR I 4 63.39 -75.23 138.31
C THR I 4 63.52 -74.16 137.22
N CYS I 5 64.76 -73.85 136.88
CA CYS I 5 65.06 -72.92 135.80
C CYS I 5 66.24 -73.44 135.00
N GLY I 6 66.27 -73.08 133.72
CA GLY I 6 67.39 -73.39 132.88
C GLY I 6 68.53 -72.42 133.12
N PRO I 7 69.59 -72.58 132.33
CA PRO I 7 70.70 -71.63 132.38
C PRO I 7 70.62 -70.45 131.41
N ASN I 8 69.44 -70.11 130.89
CA ASN I 8 69.24 -68.93 130.07
C ASN I 8 68.35 -67.90 130.75
N GLU I 9 67.97 -68.13 132.01
CA GLU I 9 67.13 -67.19 132.74
C GLU I 9 67.61 -67.12 134.19
N ALA I 10 67.38 -65.99 134.81
CA ALA I 10 67.71 -65.77 136.21
C ALA I 10 66.42 -65.71 137.02
N MET I 11 66.27 -66.64 137.96
CA MET I 11 65.12 -66.68 138.84
C MET I 11 65.46 -65.93 140.13
N VAL I 12 64.95 -64.71 140.25
CA VAL I 12 65.11 -63.91 141.45
C VAL I 12 63.73 -63.60 141.99
N VAL I 13 63.51 -63.93 143.26
CA VAL I 13 62.20 -63.79 143.90
C VAL I 13 62.40 -63.30 145.33
N SER I 14 61.39 -62.60 145.86
CA SER I 14 61.36 -62.20 147.25
C SER I 14 60.33 -63.04 147.99
N GLY I 15 60.73 -63.62 149.11
CA GLY I 15 59.83 -64.46 149.88
C GLY I 15 59.54 -63.94 151.27
N PHE I 16 60.00 -64.68 152.28
CA PHE I 16 59.85 -64.27 153.68
C PHE I 16 61.21 -64.32 154.34
N CYS I 17 61.63 -63.19 154.91
CA CYS I 17 62.92 -63.06 155.60
C CYS I 17 64.07 -63.47 154.68
N ARG I 18 64.13 -62.82 153.52
CA ARG I 18 65.18 -63.02 152.51
C ARG I 18 65.72 -61.67 152.06
N SER I 19 66.05 -60.81 153.02
CA SER I 19 66.46 -59.45 152.71
C SER I 19 67.68 -59.37 151.80
N PRO I 20 68.77 -60.10 152.02
CA PRO I 20 69.88 -60.05 151.07
C PRO I 20 69.44 -60.57 149.71
N PRO I 21 70.04 -60.07 148.63
CA PRO I 21 69.62 -60.50 147.30
C PRO I 21 69.90 -61.98 147.07
N VAL I 22 69.05 -62.60 146.26
CA VAL I 22 69.15 -64.01 145.92
C VAL I 22 69.46 -64.13 144.42
N MET I 23 70.58 -64.76 144.10
CA MET I 23 71.03 -64.94 142.72
C MET I 23 70.86 -66.41 142.37
N VAL I 24 69.77 -66.73 141.68
CA VAL I 24 69.47 -68.09 141.26
C VAL I 24 69.25 -68.09 139.75
N ALA I 25 70.05 -68.89 139.04
CA ALA I 25 69.89 -69.11 137.61
C ALA I 25 70.33 -70.54 137.31
N GLY I 26 69.37 -71.45 137.21
CA GLY I 26 69.68 -72.86 137.07
C GLY I 26 69.63 -73.60 138.39
N GLY I 27 68.56 -73.39 139.14
CA GLY I 27 68.38 -74.03 140.42
C GLY I 27 66.92 -74.10 140.77
N ARG I 28 66.64 -74.21 142.07
CA ARG I 28 65.28 -74.24 142.57
C ARG I 28 65.14 -73.34 143.80
N VAL I 29 63.93 -72.85 144.01
CA VAL I 29 63.59 -72.03 145.17
C VAL I 29 62.23 -72.45 145.67
N PHE I 30 62.13 -72.76 146.97
CA PHE I 30 60.84 -73.03 147.59
C PHE I 30 60.04 -71.74 147.69
N VAL I 31 58.90 -71.70 147.00
CA VAL I 31 58.13 -70.47 146.85
C VAL I 31 56.77 -70.65 147.50
N LEU I 32 56.46 -69.80 148.47
CA LEU I 32 55.13 -69.74 149.05
C LEU I 32 54.17 -69.07 148.07
N PRO I 33 52.92 -69.53 147.94
CA PRO I 33 52.05 -68.97 146.91
C PRO I 33 51.53 -67.59 147.24
N CYS I 34 51.12 -67.34 148.48
CA CYS I 34 50.53 -66.05 148.86
C CYS I 34 51.52 -65.11 149.54
N ILE I 35 52.79 -65.47 149.61
CA ILE I 35 53.80 -64.66 150.28
C ILE I 35 54.88 -64.18 149.32
N GLN I 36 55.36 -65.05 148.44
CA GLN I 36 56.46 -64.71 147.56
C GLN I 36 55.95 -64.14 146.23
N GLN I 37 56.81 -63.35 145.58
CA GLN I 37 56.53 -62.76 144.28
C GLN I 37 57.59 -63.22 143.29
N ILE I 38 57.14 -63.60 142.09
CA ILE I 38 57.99 -64.24 141.09
C ILE I 38 58.24 -63.26 139.95
N GLN I 39 59.50 -63.09 139.57
CA GLN I 39 59.88 -62.30 138.42
C GLN I 39 61.06 -62.98 137.73
N ARG I 40 61.19 -62.75 136.41
CA ARG I 40 62.13 -63.47 135.59
C ARG I 40 62.90 -62.51 134.68
N ILE I 41 64.15 -62.89 134.38
CA ILE I 41 64.97 -62.21 133.38
C ILE I 41 65.54 -63.27 132.44
N SER I 42 65.45 -63.00 131.14
CA SER I 42 66.01 -63.89 130.14
C SER I 42 67.46 -63.52 129.87
N LEU I 43 68.34 -64.52 129.97
CA LEU I 43 69.78 -64.33 129.79
C LEU I 43 70.24 -64.67 128.38
N ASN I 44 69.33 -65.00 127.47
CA ASN I 44 69.72 -65.44 126.14
C ASN I 44 70.35 -64.28 125.37
N THR I 45 71.37 -64.61 124.59
CA THR I 45 72.11 -63.59 123.85
C THR I 45 71.28 -63.03 122.71
N LEU I 46 71.22 -61.71 122.60
CA LEU I 46 70.47 -61.04 121.54
C LEU I 46 71.44 -60.24 120.68
N THR I 47 71.24 -60.31 119.37
CA THR I 47 72.07 -59.58 118.43
C THR I 47 71.51 -58.18 118.21
N LEU I 48 72.43 -57.24 117.96
CA LEU I 48 72.06 -55.84 117.79
C LEU I 48 72.59 -55.34 116.45
N ASN I 49 71.72 -54.67 115.69
CA ASN I 49 72.09 -54.08 114.40
C ASN I 49 72.40 -52.61 114.65
N VAL I 50 73.62 -52.36 115.12
CA VAL I 50 74.06 -51.02 115.50
C VAL I 50 74.32 -50.24 114.20
N LYS I 51 73.37 -49.39 113.81
CA LYS I 51 73.44 -48.68 112.55
C LYS I 51 73.77 -47.21 112.78
N SER I 52 74.75 -46.69 112.05
CA SER I 52 75.12 -45.29 112.09
C SER I 52 74.99 -44.72 110.69
N GLU I 53 74.24 -43.63 110.56
CA GLU I 53 73.96 -43.02 109.26
C GLU I 53 74.50 -41.60 109.23
N LYS I 54 75.32 -41.30 108.22
CA LYS I 54 75.85 -39.96 107.97
C LYS I 54 76.61 -39.45 109.20
N VAL I 55 77.68 -40.18 109.55
CA VAL I 55 78.50 -39.85 110.70
C VAL I 55 79.85 -39.38 110.20
N TYR I 56 80.36 -38.31 110.80
CA TYR I 56 81.62 -37.71 110.39
C TYR I 56 82.82 -38.39 111.05
N THR I 57 83.89 -38.57 110.28
CA THR I 57 85.14 -39.14 110.76
C THR I 57 86.08 -38.02 111.19
N ARG I 58 87.35 -38.35 111.45
CA ARG I 58 88.24 -37.35 112.03
C ARG I 58 88.74 -36.42 110.93
N HIS I 59 88.59 -36.81 109.66
CA HIS I 59 88.66 -35.85 108.56
C HIS I 59 87.36 -35.10 108.33
N GLY I 60 86.26 -35.58 108.88
CA GLY I 60 84.96 -34.98 108.65
C GLY I 60 84.16 -35.59 107.51
N VAL I 61 84.73 -36.51 106.76
CA VAL I 61 83.99 -37.11 105.64
C VAL I 61 82.84 -37.96 106.20
N PRO I 62 81.62 -37.84 105.67
CA PRO I 62 80.51 -38.65 106.17
C PRO I 62 80.44 -39.99 105.46
N ILE I 63 80.40 -41.06 106.25
CA ILE I 63 80.29 -42.42 105.73
C ILE I 63 79.21 -43.16 106.50
N SER I 64 78.37 -43.91 105.78
CA SER I 64 77.34 -44.72 106.41
C SER I 64 77.97 -46.01 106.92
N VAL I 65 77.90 -46.23 108.23
CA VAL I 65 78.57 -47.34 108.89
C VAL I 65 77.53 -48.16 109.63
N THR I 66 77.56 -49.47 109.41
CA THR I 66 76.68 -50.41 110.09
C THR I 66 77.51 -51.34 110.97
N GLY I 67 77.02 -51.60 112.18
CA GLY I 67 77.70 -52.47 113.11
C GLY I 67 76.77 -53.51 113.68
N ILE I 68 77.35 -54.65 114.03
CA ILE I 68 76.63 -55.77 114.63
C ILE I 68 77.30 -56.13 115.94
N ALA I 69 76.48 -56.34 116.98
CA ALA I 69 76.99 -56.66 118.30
C ALA I 69 76.22 -57.83 118.88
N GLN I 70 76.92 -58.66 119.67
CA GLN I 70 76.31 -59.76 120.39
C GLN I 70 76.47 -59.50 121.89
N VAL I 71 75.36 -59.19 122.55
CA VAL I 71 75.37 -58.77 123.95
C VAL I 71 74.61 -59.80 124.78
N LYS I 72 75.15 -60.10 125.96
CA LYS I 72 74.56 -61.08 126.86
C LYS I 72 74.73 -60.60 128.30
N ILE I 73 73.86 -61.09 129.17
CA ILE I 73 73.88 -60.74 130.59
C ILE I 73 74.70 -61.81 131.30
N GLN I 74 75.89 -61.44 131.76
CA GLN I 74 76.79 -62.40 132.39
C GLN I 74 76.29 -62.80 133.77
N GLY I 75 75.44 -63.82 133.83
CA GLY I 75 74.90 -64.27 135.10
C GLY I 75 75.89 -64.99 135.98
N GLN I 76 77.09 -65.30 135.46
CA GLN I 76 78.10 -65.94 136.29
C GLN I 76 78.55 -65.01 137.41
N ASN I 77 78.69 -63.72 137.12
CA ASN I 77 79.11 -62.74 138.13
C ASN I 77 77.91 -62.39 139.01
N LYS I 78 78.02 -62.70 140.30
CA LYS I 78 76.93 -62.43 141.23
C LYS I 78 76.67 -60.93 141.36
N GLU I 79 77.74 -60.14 141.47
CA GLU I 79 77.58 -58.69 141.64
C GLU I 79 76.93 -58.07 140.42
N MET I 80 77.42 -58.41 139.22
CA MET I 80 76.87 -57.83 138.01
C MET I 80 75.42 -58.25 137.80
N LEU I 81 75.10 -59.52 138.06
CA LEU I 81 73.73 -59.98 137.92
C LEU I 81 72.81 -59.28 138.92
N ALA I 82 73.27 -59.12 140.16
CA ALA I 82 72.47 -58.43 141.15
C ALA I 82 72.23 -56.98 140.76
N ALA I 83 73.25 -56.32 140.20
CA ALA I 83 73.07 -54.97 139.70
C ALA I 83 72.06 -54.94 138.56
N ALA I 84 72.14 -55.89 137.64
CA ALA I 84 71.25 -55.89 136.47
C ALA I 84 69.81 -56.17 136.87
N CYS I 85 69.60 -57.01 137.88
CA CYS I 85 68.25 -57.35 138.29
C CYS I 85 67.50 -56.14 138.85
N GLN I 86 68.23 -55.12 139.29
CA GLN I 86 67.59 -53.95 139.88
C GLN I 86 66.81 -53.13 138.87
N MET I 87 67.08 -53.29 137.57
CA MET I 87 66.33 -52.56 136.55
C MET I 87 65.81 -53.42 135.42
N PHE I 88 66.34 -54.62 135.20
CA PHE I 88 65.94 -55.41 134.04
C PHE I 88 64.76 -56.32 134.30
N LEU I 89 64.32 -56.47 135.55
CA LEU I 89 63.08 -57.17 135.82
C LEU I 89 61.90 -56.38 135.26
N GLY I 90 60.97 -57.09 134.62
CA GLY I 90 59.78 -56.47 134.09
C GLY I 90 59.95 -55.79 132.74
N LYS I 91 61.13 -55.85 132.14
CA LYS I 91 61.37 -55.26 130.84
C LYS I 91 61.40 -56.35 129.77
N THR I 92 60.70 -56.09 128.67
CA THR I 92 60.61 -57.05 127.58
C THR I 92 61.94 -57.14 126.84
N GLU I 93 62.07 -58.19 126.02
CA GLU I 93 63.30 -58.37 125.25
C GLU I 93 63.52 -57.24 124.26
N ALA I 94 62.44 -56.74 123.66
CA ALA I 94 62.57 -55.68 122.66
C ALA I 94 63.16 -54.42 123.28
N GLU I 95 62.64 -53.99 124.42
CA GLU I 95 63.15 -52.77 125.07
C GLU I 95 64.56 -52.98 125.58
N ILE I 96 64.84 -54.17 126.13
CA ILE I 96 66.19 -54.47 126.62
C ILE I 96 67.19 -54.37 125.49
N ALA I 97 66.84 -54.94 124.32
CA ALA I 97 67.71 -54.82 123.16
C ALA I 97 67.84 -53.37 122.72
N HIS I 98 66.72 -52.64 122.68
CA HIS I 98 66.70 -51.29 122.11
C HIS I 98 67.53 -50.31 122.93
N ILE I 99 67.46 -50.37 124.25
CA ILE I 99 68.19 -49.40 125.07
C ILE I 99 69.70 -49.59 124.92
N ALA I 100 70.15 -50.85 125.04
CA ALA I 100 71.57 -51.13 124.84
C ALA I 100 72.00 -50.85 123.41
N LEU I 101 71.09 -50.99 122.45
CA LEU I 101 71.40 -50.64 121.07
C LEU I 101 71.73 -49.16 120.94
N GLU I 102 70.90 -48.31 121.54
CA GLU I 102 71.17 -46.88 121.51
C GLU I 102 72.46 -46.54 122.23
N THR I 103 72.71 -47.19 123.37
CA THR I 103 73.96 -46.91 124.08
C THR I 103 75.18 -47.29 123.25
N LEU I 104 75.17 -48.49 122.66
CA LEU I 104 76.30 -48.93 121.85
C LEU I 104 76.44 -48.08 120.59
N GLU I 105 75.32 -47.63 120.03
CA GLU I 105 75.39 -46.70 118.92
C GLU I 105 76.05 -45.40 119.32
N GLY I 106 75.73 -44.90 120.52
CA GLY I 106 76.40 -43.71 121.02
C GLY I 106 77.90 -43.92 121.13
N HIS I 107 78.31 -45.07 121.70
CA HIS I 107 79.74 -45.34 121.82
C HIS I 107 80.42 -45.44 120.45
N GLN I 108 79.81 -46.15 119.51
CA GLN I 108 80.41 -46.31 118.18
C GLN I 108 80.51 -44.98 117.46
N ARG I 109 79.43 -44.22 117.44
CA ARG I 109 79.42 -42.93 116.76
C ARG I 109 80.35 -41.93 117.44
N ALA I 110 80.59 -42.08 118.75
CA ALA I 110 81.58 -41.25 119.41
C ALA I 110 82.99 -41.64 119.01
N ILE I 111 83.28 -42.95 118.96
CA ILE I 111 84.61 -43.39 118.55
C ILE I 111 84.83 -43.26 117.06
N MET I 112 83.79 -42.91 116.29
CA MET I 112 83.94 -42.69 114.86
C MET I 112 84.98 -41.62 114.57
N ALA I 113 84.99 -40.55 115.36
CA ALA I 113 85.92 -39.45 115.13
C ALA I 113 87.31 -39.74 115.68
N HIS I 114 87.50 -40.86 116.37
CA HIS I 114 88.85 -41.19 116.82
C HIS I 114 89.67 -41.78 115.69
N MET I 115 89.16 -42.83 115.04
CA MET I 115 89.85 -43.51 113.96
C MET I 115 89.29 -43.07 112.61
N THR I 116 90.17 -42.73 111.69
CA THR I 116 89.77 -42.34 110.35
C THR I 116 89.35 -43.54 109.52
N VAL I 117 88.66 -43.26 108.41
CA VAL I 117 88.18 -44.34 107.55
C VAL I 117 89.33 -45.16 107.02
N GLU I 118 90.41 -44.49 106.59
CA GLU I 118 91.62 -45.19 106.18
C GLU I 118 92.08 -46.16 107.27
N GLU I 119 91.94 -45.76 108.52
CA GLU I 119 92.26 -46.66 109.62
C GLU I 119 91.21 -47.76 109.76
N ILE I 120 89.93 -47.42 109.59
CA ILE I 120 88.89 -48.37 109.96
C ILE I 120 88.87 -49.57 108.99
N TYR I 121 89.04 -49.33 107.69
CA TYR I 121 88.97 -50.52 106.83
C TYR I 121 90.30 -51.25 106.76
N LYS I 122 91.42 -50.54 106.93
CA LYS I 122 92.73 -51.18 106.93
C LYS I 122 93.05 -51.78 108.29
N ASP I 123 93.17 -50.92 109.31
CA ASP I 123 93.48 -51.36 110.66
C ASP I 123 92.21 -51.53 111.46
N ARG I 124 91.57 -52.70 111.33
CA ARG I 124 90.27 -52.93 111.94
C ARG I 124 90.38 -53.64 113.27
N GLN I 125 91.45 -54.41 113.48
CA GLN I 125 91.57 -55.19 114.71
C GLN I 125 91.73 -54.28 115.92
N LYS I 126 92.65 -53.32 115.85
CA LYS I 126 92.84 -52.40 116.97
C LYS I 126 91.59 -51.56 117.21
N PHE I 127 90.96 -51.09 116.12
CA PHE I 127 89.69 -50.40 116.25
C PHE I 127 88.66 -51.21 117.00
N SER I 128 88.44 -52.46 116.58
CA SER I 128 87.45 -53.31 117.22
C SER I 128 87.80 -53.56 118.69
N GLU I 129 89.08 -53.78 118.98
CA GLU I 129 89.50 -54.03 120.36
C GLU I 129 89.23 -52.83 121.25
N GLN I 130 89.56 -51.62 120.77
CA GLN I 130 89.32 -50.42 121.57
C GLN I 130 87.82 -50.18 121.76
N VAL I 131 87.04 -50.37 120.69
CA VAL I 131 85.59 -50.22 120.80
C VAL I 131 85.04 -51.19 121.83
N PHE I 132 85.46 -52.45 121.75
CA PHE I 132 85.01 -53.46 122.69
C PHE I 132 85.40 -53.09 124.11
N LYS I 133 86.63 -52.63 124.32
CA LYS I 133 87.08 -52.27 125.66
C LYS I 133 86.20 -51.16 126.24
N VAL I 134 86.05 -50.06 125.52
CA VAL I 134 85.33 -48.90 126.07
C VAL I 134 83.85 -49.22 126.26
N ALA I 135 83.23 -49.83 125.25
CA ALA I 135 81.82 -50.17 125.34
C ALA I 135 81.57 -51.18 126.44
N SER I 136 82.43 -52.19 126.56
CA SER I 136 82.26 -53.19 127.60
C SER I 136 82.42 -52.58 128.98
N SER I 137 83.37 -51.66 129.16
CA SER I 137 83.50 -50.99 130.44
C SER I 137 82.23 -50.22 130.79
N ASP I 138 81.76 -49.37 129.87
CA ASP I 138 80.62 -48.51 130.19
C ASP I 138 79.32 -49.30 130.26
N LEU I 139 79.28 -50.50 129.68
CA LEU I 139 78.06 -51.28 129.69
C LEU I 139 78.03 -52.26 130.86
N VAL I 140 79.19 -52.76 131.28
CA VAL I 140 79.29 -53.47 132.55
C VAL I 140 78.96 -52.53 133.70
N ASN I 141 79.35 -51.26 133.56
CA ASN I 141 78.86 -50.24 134.49
C ASN I 141 77.34 -50.23 134.51
N MET I 142 76.70 -50.38 133.34
CA MET I 142 75.26 -50.47 133.30
C MET I 142 74.77 -51.87 133.64
N GLY I 143 75.53 -52.89 133.25
CA GLY I 143 75.24 -54.26 133.65
C GLY I 143 75.22 -55.30 132.55
N ILE I 144 75.44 -54.92 131.29
CA ILE I 144 75.48 -55.86 130.18
C ILE I 144 76.90 -55.94 129.65
N SER I 145 77.39 -57.16 129.43
CA SER I 145 78.71 -57.39 128.86
C SER I 145 78.55 -57.82 127.40
N VAL I 146 79.23 -57.12 126.51
CA VAL I 146 79.16 -57.43 125.08
C VAL I 146 80.07 -58.61 124.80
N VAL I 147 79.50 -59.68 124.22
CA VAL I 147 80.30 -60.86 123.91
C VAL I 147 81.29 -60.55 122.80
N SER I 148 80.83 -59.91 121.73
CA SER I 148 81.69 -59.57 120.61
C SER I 148 81.01 -58.49 119.78
N TYR I 149 81.78 -57.48 119.38
CA TYR I 149 81.31 -56.40 118.54
C TYR I 149 82.05 -56.44 117.22
N THR I 150 81.33 -56.18 116.13
CA THR I 150 81.92 -56.13 114.81
C THR I 150 81.27 -54.99 114.01
N LEU I 151 81.90 -54.65 112.90
CA LEU I 151 81.40 -53.63 111.99
C LEU I 151 80.83 -54.30 110.76
N LYS I 152 79.54 -54.06 110.49
CA LYS I 152 78.86 -54.80 109.43
C LYS I 152 79.27 -54.30 108.05
N ASP I 153 79.03 -53.03 107.75
CA ASP I 153 79.30 -52.49 106.43
C ASP I 153 79.70 -51.04 106.55
N ILE I 154 80.48 -50.56 105.59
CA ILE I 154 80.85 -49.16 105.46
C ILE I 154 80.39 -48.68 104.10
N HIS I 155 79.65 -47.59 104.07
CA HIS I 155 79.10 -47.04 102.84
C HIS I 155 79.43 -45.56 102.75
N ASP I 156 79.72 -45.10 101.53
CA ASP I 156 80.01 -43.69 101.28
C ASP I 156 79.11 -43.19 100.17
N ASP I 157 78.28 -42.20 100.48
CA ASP I 157 77.41 -41.57 99.49
C ASP I 157 78.07 -40.39 98.80
N GLN I 158 79.28 -40.02 99.20
CA GLN I 158 79.99 -38.88 98.64
C GLN I 158 81.00 -39.28 97.57
N ASP I 159 81.05 -40.57 97.21
CA ASP I 159 82.01 -41.14 96.27
C ASP I 159 83.44 -40.98 96.74
N TYR I 160 83.67 -40.96 98.06
CA TYR I 160 85.02 -40.75 98.59
C TYR I 160 85.91 -41.95 98.32
N LEU I 161 85.38 -43.16 98.51
CA LEU I 161 86.22 -44.36 98.46
C LEU I 161 86.24 -44.97 97.07
N HIS I 162 85.28 -44.61 96.22
CA HIS I 162 85.21 -45.19 94.89
C HIS I 162 86.44 -44.84 94.07
N SER I 163 86.93 -43.61 94.18
CA SER I 163 88.14 -43.22 93.44
C SER I 163 89.37 -43.96 93.95
N LEU I 164 89.47 -44.14 95.27
CA LEU I 164 90.57 -44.91 95.82
C LEU I 164 90.55 -46.34 95.31
N GLY I 165 89.35 -46.91 95.17
CA GLY I 165 89.24 -48.22 94.53
C GLY I 165 89.63 -48.20 93.07
N LYS I 166 89.22 -47.15 92.35
CA LYS I 166 89.41 -47.10 90.90
C LYS I 166 90.88 -46.91 90.54
N ALA I 167 91.67 -46.34 91.44
CA ALA I 167 93.09 -46.16 91.18
C ALA I 167 93.78 -47.49 90.87
N ARG I 168 93.57 -48.49 91.72
CA ARG I 168 94.21 -49.78 91.50
C ARG I 168 93.65 -50.48 90.26
N THR I 169 92.36 -50.27 89.98
CA THR I 169 91.79 -50.84 88.77
C THR I 169 92.47 -50.29 87.53
N ALA I 170 92.76 -48.99 87.51
CA ALA I 170 93.54 -48.44 86.40
C ALA I 170 94.95 -49.03 86.38
N GLN I 171 95.55 -49.18 87.56
CA GLN I 171 96.91 -49.68 87.64
C GLN I 171 97.02 -51.12 87.15
N VAL I 172 95.92 -51.87 87.21
CA VAL I 172 95.95 -53.24 86.69
C VAL I 172 95.52 -53.27 85.22
N GLN I 173 94.66 -52.33 84.83
CA GLN I 173 94.25 -52.26 83.43
C GLN I 173 95.42 -51.88 82.53
N LYS I 174 96.37 -51.12 83.05
CA LYS I 174 97.56 -50.83 82.23
C LYS I 174 98.33 -52.12 81.93
N ASP I 175 98.44 -53.02 82.92
CA ASP I 175 99.03 -54.33 82.67
C ASP I 175 98.19 -55.16 81.71
N ALA I 176 96.87 -55.09 81.84
CA ALA I 176 95.98 -55.80 80.92
C ALA I 176 96.23 -55.35 79.48
N ARG I 177 96.46 -54.06 79.28
CA ARG I 177 96.71 -53.56 77.93
C ARG I 177 98.13 -53.89 77.47
N ILE I 178 99.11 -53.87 78.38
CA ILE I 178 100.48 -54.16 77.99
C ILE I 178 100.61 -55.60 77.51
N GLY I 179 99.88 -56.54 78.15
CA GLY I 179 99.91 -57.91 77.70
C GLY I 179 99.34 -58.07 76.30
N GLU I 180 98.21 -57.39 76.04
CA GLU I 180 97.60 -57.45 74.72
C GLU I 180 98.52 -56.86 73.66
N ALA I 181 99.20 -55.76 73.99
CA ALA I 181 100.15 -55.17 73.06
C ALA I 181 101.30 -56.11 72.74
N GLU I 182 101.87 -56.75 73.77
CA GLU I 182 102.88 -57.79 73.54
C GLU I 182 102.37 -58.86 72.59
N ALA I 183 101.20 -59.42 72.88
CA ALA I 183 100.68 -60.51 72.08
C ALA I 183 100.43 -60.09 70.63
N LYS I 184 99.84 -58.91 70.44
CA LYS I 184 99.54 -58.45 69.09
C LYS I 184 100.81 -58.19 68.29
N ARG I 185 101.81 -57.55 68.89
CA ARG I 185 103.05 -57.31 68.15
C ARG I 185 103.73 -58.63 67.79
N ASP I 186 103.79 -59.56 68.75
CA ASP I 186 104.44 -60.84 68.50
C ASP I 186 103.73 -61.64 67.43
N ALA I 187 102.39 -61.59 67.41
CA ALA I 187 101.66 -62.30 66.36
C ALA I 187 101.88 -61.66 65.00
N GLY I 188 101.72 -60.32 64.92
CA GLY I 188 101.81 -59.63 63.65
C GLY I 188 103.16 -59.72 62.99
N ILE I 189 104.24 -59.66 63.77
CA ILE I 189 105.57 -59.70 63.17
C ILE I 189 105.76 -60.96 62.33
N ARG I 190 105.56 -62.13 62.92
CA ARG I 190 105.78 -63.37 62.19
C ARG I 190 104.65 -63.69 61.21
N GLU I 191 103.42 -63.23 61.47
CA GLU I 191 102.39 -63.39 60.45
C GLU I 191 102.76 -62.66 59.17
N ALA I 192 103.20 -61.41 59.30
CA ALA I 192 103.63 -60.66 58.13
C ALA I 192 104.84 -61.31 57.46
N LYS I 193 105.78 -61.81 58.27
CA LYS I 193 106.95 -62.46 57.67
C LYS I 193 106.56 -63.70 56.87
N ALA I 194 105.69 -64.55 57.42
CA ALA I 194 105.25 -65.74 56.70
C ALA I 194 104.49 -65.37 55.43
N LYS I 195 103.64 -64.35 55.52
CA LYS I 195 102.98 -63.80 54.35
C LYS I 195 104.00 -63.43 53.28
N GLN I 196 105.09 -62.79 53.70
CA GLN I 196 106.14 -62.37 52.77
C GLN I 196 106.76 -63.57 52.08
N GLU I 197 107.14 -64.60 52.83
CA GLU I 197 107.74 -65.77 52.20
C GLU I 197 106.79 -66.44 51.22
N LYS I 198 105.50 -66.57 51.57
CA LYS I 198 104.63 -67.31 50.67
C LYS I 198 104.44 -66.51 49.37
N VAL I 199 104.31 -65.19 49.47
CA VAL I 199 104.16 -64.39 48.26
C VAL I 199 105.43 -64.45 47.40
N SER I 200 106.61 -64.41 48.04
CA SER I 200 107.85 -64.48 47.30
C SER I 200 107.96 -65.80 46.54
N ALA I 201 107.61 -66.92 47.20
CA ALA I 201 107.63 -68.20 46.53
C ALA I 201 106.60 -68.30 45.42
N GLN I 202 105.41 -67.74 45.62
CA GLN I 202 104.38 -67.77 44.58
C GLN I 202 104.85 -67.02 43.34
N TYR I 203 105.47 -65.85 43.52
CA TYR I 203 105.98 -65.13 42.37
C TYR I 203 107.17 -65.85 41.73
N LEU I 204 107.99 -66.51 42.53
CA LEU I 204 109.07 -67.31 41.95
C LEU I 204 108.52 -68.41 41.06
N SER I 205 107.43 -69.06 41.49
CA SER I 205 106.79 -70.06 40.65
C SER I 205 106.19 -69.43 39.39
N GLU I 206 105.57 -68.26 39.55
CA GLU I 206 105.01 -67.56 38.40
C GLU I 206 106.07 -67.16 37.38
N ILE I 207 107.33 -67.02 37.80
CA ILE I 207 108.41 -66.81 36.85
C ILE I 207 108.53 -68.00 35.89
N GLU I 208 108.58 -69.20 36.45
CA GLU I 208 108.62 -70.40 35.61
C GLU I 208 107.34 -70.57 34.81
N MET I 209 106.21 -70.10 35.35
CA MET I 209 104.99 -70.05 34.56
C MET I 209 105.21 -69.29 33.26
N ALA I 210 105.80 -68.11 33.33
CA ALA I 210 106.06 -67.32 32.13
C ALA I 210 107.14 -67.95 31.27
N LYS I 211 108.12 -68.62 31.88
CA LYS I 211 109.09 -69.39 31.09
C LYS I 211 108.38 -70.40 30.19
N ALA I 212 107.50 -71.21 30.77
CA ALA I 212 106.77 -72.20 29.98
C ALA I 212 105.84 -71.54 28.98
N GLN I 213 105.21 -70.43 29.37
CA GLN I 213 104.32 -69.72 28.44
C GLN I 213 105.07 -69.25 27.21
N ARG I 214 106.26 -68.67 27.40
CA ARG I 214 107.10 -68.31 26.27
C ARG I 214 107.47 -69.54 25.44
N ASP I 215 107.96 -70.59 26.11
CA ASP I 215 108.41 -71.78 25.41
C ASP I 215 107.32 -72.39 24.54
N TYR I 216 106.06 -72.27 24.95
CA TYR I 216 104.95 -72.77 24.16
C TYR I 216 104.50 -71.80 23.08
N GLU I 217 104.29 -70.53 23.45
CA GLU I 217 103.74 -69.55 22.52
C GLU I 217 104.68 -69.25 21.36
N LEU I 218 105.99 -69.13 21.62
CA LEU I 218 106.92 -68.83 20.55
C LEU I 218 106.93 -69.92 19.50
N LYS I 219 106.97 -71.18 19.93
CA LYS I 219 106.94 -72.28 18.97
C LYS I 219 105.60 -72.36 18.25
N LYS I 220 104.50 -72.09 18.95
CA LYS I 220 103.21 -72.13 18.29
C LYS I 220 103.15 -71.08 17.18
N ALA I 221 103.62 -69.87 17.46
CA ALA I 221 103.64 -68.82 16.44
C ALA I 221 104.58 -69.17 15.29
N ALA I 222 105.75 -69.74 15.60
CA ALA I 222 106.69 -70.11 14.55
C ALA I 222 106.09 -71.15 13.62
N TYR I 223 105.36 -72.12 14.18
CA TYR I 223 104.69 -73.13 13.36
C TYR I 223 103.54 -72.52 12.56
N ASP I 224 102.82 -71.57 13.18
CA ASP I 224 101.73 -70.90 12.49
C ASP I 224 102.23 -70.13 11.28
N ILE I 225 103.44 -69.55 11.36
CA ILE I 225 103.98 -68.85 10.20
C ILE I 225 104.06 -69.78 8.99
N GLU I 226 104.64 -70.97 9.21
CA GLU I 226 104.80 -71.93 8.11
C GLU I 226 103.46 -72.40 7.59
N VAL I 227 102.52 -72.72 8.49
CA VAL I 227 101.24 -73.24 8.02
C VAL I 227 100.49 -72.16 7.24
N ASN I 228 100.57 -70.90 7.69
CA ASN I 228 99.90 -69.82 6.96
C ASN I 228 100.52 -69.62 5.59
N THR I 229 101.85 -69.69 5.49
CA THR I 229 102.48 -69.53 4.17
C THR I 229 102.05 -70.64 3.21
N ARG I 230 102.06 -71.89 3.68
CA ARG I 230 101.67 -72.99 2.81
C ARG I 230 100.20 -72.91 2.44
N ARG I 231 99.32 -72.53 3.37
CA ARG I 231 97.91 -72.38 3.06
C ARG I 231 97.68 -71.26 2.05
N ALA I 232 98.43 -70.17 2.17
CA ALA I 232 98.31 -69.07 1.21
C ALA I 232 98.71 -69.53 -0.18
N GLN I 233 99.79 -70.31 -0.28
CA GLN I 233 100.18 -70.85 -1.58
C GLN I 233 99.10 -71.77 -2.14
N ALA I 234 98.54 -72.64 -1.29
CA ALA I 234 97.57 -73.62 -1.74
C ALA I 234 96.29 -72.96 -2.23
N ASP I 235 95.87 -71.87 -1.58
CA ASP I 235 94.64 -71.21 -1.99
C ASP I 235 94.73 -70.68 -3.42
N LEU I 236 95.85 -70.05 -3.76
CA LEU I 236 95.98 -69.38 -5.05
C LEU I 236 96.58 -70.27 -6.14
N ALA I 237 97.03 -71.47 -5.80
CA ALA I 237 97.42 -72.42 -6.85
C ALA I 237 96.28 -72.65 -7.84
N TYR I 238 95.05 -72.72 -7.34
CA TYR I 238 93.89 -72.95 -8.21
C TYR I 238 93.75 -71.83 -9.23
N GLN I 239 93.81 -70.58 -8.76
CA GLN I 239 93.70 -69.45 -9.67
C GLN I 239 94.85 -69.41 -10.66
N LEU I 240 96.06 -69.73 -10.21
CA LEU I 240 97.20 -69.77 -11.11
C LEU I 240 96.97 -70.77 -12.23
N GLN I 241 96.54 -71.99 -11.89
CA GLN I 241 96.34 -73.00 -12.92
C GLN I 241 95.17 -72.66 -13.84
N VAL I 242 94.09 -72.10 -13.28
CA VAL I 242 92.93 -71.79 -14.12
C VAL I 242 93.28 -70.67 -15.10
N ALA I 243 94.11 -69.72 -14.69
CA ALA I 243 94.59 -68.71 -15.64
C ALA I 243 95.50 -69.34 -16.69
N LYS I 244 96.39 -70.22 -16.28
CA LYS I 244 97.32 -70.83 -17.21
C LYS I 244 96.59 -71.62 -18.29
N THR I 245 95.48 -72.27 -17.92
CA THR I 245 94.71 -73.01 -18.92
C THR I 245 93.71 -72.13 -19.67
N LYS I 246 93.21 -71.07 -19.05
CA LYS I 246 92.42 -70.08 -19.77
C LYS I 246 93.22 -69.44 -20.88
N GLN I 247 94.55 -69.41 -20.75
CA GLN I 247 95.39 -68.99 -21.87
C GLN I 247 95.06 -69.77 -23.13
N GLN I 248 95.08 -71.11 -23.05
CA GLN I 248 94.76 -71.93 -24.22
C GLN I 248 93.29 -71.85 -24.59
N ILE I 249 92.42 -71.72 -23.59
CA ILE I 249 90.99 -71.56 -23.86
C ILE I 249 90.78 -70.38 -24.81
N GLU I 250 91.37 -69.24 -24.47
CA GLU I 250 91.25 -68.06 -25.32
C GLU I 250 92.02 -68.20 -26.62
N GLU I 251 93.17 -68.88 -26.59
CA GLU I 251 93.94 -69.09 -27.81
C GLU I 251 93.12 -69.80 -28.88
N GLN I 252 92.29 -70.76 -28.49
CA GLN I 252 91.42 -71.41 -29.45
C GLN I 252 90.10 -70.68 -29.70
N ARG I 253 89.55 -70.02 -28.66
CA ARG I 253 88.31 -69.27 -28.85
C ARG I 253 88.53 -68.08 -29.77
N VAL I 254 89.78 -67.68 -29.99
CA VAL I 254 90.06 -66.68 -31.02
C VAL I 254 90.46 -67.31 -32.34
N GLN I 255 91.04 -68.52 -32.32
CA GLN I 255 91.34 -69.23 -33.55
C GLN I 255 90.08 -69.54 -34.36
N VAL I 256 88.96 -69.75 -33.69
CA VAL I 256 87.71 -69.92 -34.43
C VAL I 256 87.41 -68.67 -35.27
N GLN I 257 87.73 -67.47 -34.75
CA GLN I 257 87.56 -66.26 -35.54
C GLN I 257 88.48 -66.23 -36.75
N VAL I 258 89.72 -66.71 -36.60
CA VAL I 258 90.63 -66.78 -37.73
C VAL I 258 90.04 -67.66 -38.82
N VAL I 259 89.48 -68.81 -38.43
CA VAL I 259 88.84 -69.69 -39.41
C VAL I 259 87.66 -68.98 -40.09
N GLU I 260 86.84 -68.30 -39.30
CA GLU I 260 85.71 -67.53 -39.85
C GLU I 260 86.17 -66.57 -40.93
N ARG I 261 87.19 -65.77 -40.65
CA ARG I 261 87.61 -64.77 -41.63
C ARG I 261 88.31 -65.42 -42.82
N ALA I 262 89.12 -66.45 -42.59
CA ALA I 262 89.81 -67.14 -43.66
C ALA I 262 88.86 -67.90 -44.57
N GLN I 263 87.60 -68.09 -44.18
CA GLN I 263 86.61 -68.57 -45.11
C GLN I 263 85.70 -67.49 -45.67
N GLN I 264 85.48 -66.40 -44.94
CA GLN I 264 84.81 -65.25 -45.52
C GLN I 264 85.59 -64.69 -46.71
N VAL I 265 86.91 -64.84 -46.70
CA VAL I 265 87.68 -64.40 -47.86
C VAL I 265 87.31 -65.24 -49.09
N ALA I 266 87.05 -66.54 -48.92
CA ALA I 266 86.60 -67.35 -50.05
C ALA I 266 85.18 -66.99 -50.45
N VAL I 267 84.34 -66.64 -49.46
CA VAL I 267 83.01 -66.14 -49.78
C VAL I 267 83.11 -64.94 -50.71
N GLN I 268 83.99 -64.00 -50.38
CA GLN I 268 84.17 -62.82 -51.23
C GLN I 268 84.85 -63.19 -52.55
N GLU I 269 85.67 -64.23 -52.56
CA GLU I 269 86.28 -64.69 -53.80
C GLU I 269 85.21 -65.16 -54.79
N GLN I 270 84.17 -65.81 -54.28
CA GLN I 270 83.04 -66.13 -55.15
C GLN I 270 82.18 -64.90 -55.45
N GLU I 271 82.09 -63.99 -54.49
CA GLU I 271 81.27 -62.79 -54.65
C GLU I 271 81.81 -61.90 -55.77
N ILE I 272 83.12 -61.88 -55.98
CA ILE I 272 83.66 -61.01 -57.03
C ILE I 272 83.17 -61.46 -58.40
N ALA I 273 83.17 -62.77 -58.66
CA ALA I 273 82.68 -63.26 -59.93
C ALA I 273 81.17 -63.14 -60.02
N ARG I 274 80.47 -63.32 -58.90
CA ARG I 274 79.02 -63.11 -58.92
C ARG I 274 78.70 -61.67 -59.31
N ARG I 275 79.44 -60.71 -58.74
CA ARG I 275 79.26 -59.31 -59.10
C ARG I 275 79.64 -59.06 -60.56
N GLU I 276 80.73 -59.67 -61.04
CA GLU I 276 81.04 -59.63 -62.46
C GLU I 276 79.81 -59.95 -63.30
N LYS I 277 79.26 -61.14 -63.12
CA LYS I 277 78.15 -61.60 -63.95
C LYS I 277 76.92 -60.70 -63.78
N GLU I 278 76.53 -60.44 -62.53
CA GLU I 278 75.31 -59.69 -62.28
C GLU I 278 75.41 -58.26 -62.80
N LEU I 279 76.55 -57.62 -62.57
CA LEU I 279 76.75 -56.25 -63.05
C LEU I 279 76.77 -56.21 -64.57
N GLU I 280 77.41 -57.19 -65.21
CA GLU I 280 77.36 -57.26 -66.66
C GLU I 280 75.91 -57.33 -67.13
N ALA I 281 75.14 -58.27 -66.59
CA ALA I 281 73.75 -58.45 -67.02
C ALA I 281 72.91 -57.21 -66.80
N ARG I 282 73.09 -56.52 -65.67
CA ARG I 282 72.22 -55.40 -65.33
C ARG I 282 72.74 -54.04 -65.81
N VAL I 283 73.93 -53.98 -66.40
CA VAL I 283 74.44 -52.70 -66.88
C VAL I 283 74.83 -52.75 -68.34
N ARG I 284 75.71 -53.68 -68.71
CA ARG I 284 76.31 -53.64 -70.04
C ARG I 284 75.28 -53.98 -71.11
N LYS I 285 74.52 -55.06 -70.93
CA LYS I 285 73.49 -55.41 -71.90
C LYS I 285 72.40 -54.35 -72.01
N PRO I 286 71.85 -53.80 -70.92
CA PRO I 286 70.90 -52.69 -71.09
C PRO I 286 71.49 -51.50 -71.82
N ALA I 287 72.77 -51.19 -71.58
CA ALA I 287 73.41 -50.10 -72.32
C ALA I 287 73.50 -50.40 -73.81
N GLU I 288 73.86 -51.62 -74.18
CA GLU I 288 73.90 -51.99 -75.59
C GLU I 288 72.52 -51.90 -76.22
N ALA I 289 71.50 -52.39 -75.51
CA ALA I 289 70.13 -52.33 -76.04
C ALA I 289 69.67 -50.89 -76.20
N GLU I 290 69.97 -50.03 -75.23
CA GLU I 290 69.60 -48.63 -75.34
C GLU I 290 70.32 -47.94 -76.48
N ARG I 291 71.60 -48.27 -76.69
CA ARG I 291 72.33 -47.71 -77.81
C ARG I 291 71.71 -48.12 -79.13
N TYR I 292 71.33 -49.39 -79.27
CA TYR I 292 70.69 -49.83 -80.50
C TYR I 292 69.35 -49.14 -80.71
N LYS I 293 68.58 -48.99 -79.63
CA LYS I 293 67.30 -48.30 -79.73
C LYS I 293 67.48 -46.85 -80.17
N LEU I 294 68.44 -46.16 -79.58
CA LEU I 294 68.72 -44.78 -79.98
C LEU I 294 69.19 -44.70 -81.43
N GLU I 295 70.05 -45.62 -81.85
CA GLU I 295 70.49 -45.66 -83.24
C GLU I 295 69.31 -45.79 -84.19
N ARG I 296 68.42 -46.75 -83.92
CA ARG I 296 67.30 -46.99 -84.83
C ARG I 296 66.31 -45.84 -84.83
N LEU I 297 65.99 -45.29 -83.65
CA LEU I 297 65.06 -44.16 -83.61
C LEU I 297 65.65 -42.94 -84.30
N ALA I 298 66.94 -42.67 -84.11
CA ALA I 298 67.57 -41.56 -84.80
C ALA I 298 67.58 -41.76 -86.30
N GLU I 299 67.83 -42.99 -86.76
CA GLU I 299 67.78 -43.26 -88.19
C GLU I 299 66.38 -43.02 -88.74
N ALA I 300 65.36 -43.44 -88.01
CA ALA I 300 63.99 -43.20 -88.44
C ALA I 300 63.68 -41.70 -88.48
N GLU I 301 64.13 -40.96 -87.47
CA GLU I 301 63.89 -39.52 -87.45
C GLU I 301 64.57 -38.83 -88.62
N LYS I 302 65.81 -39.22 -88.94
CA LYS I 302 66.47 -38.66 -90.11
C LYS I 302 65.72 -39.00 -91.39
N SER I 303 65.28 -40.25 -91.52
CA SER I 303 64.57 -40.67 -92.72
C SER I 303 63.27 -39.89 -92.89
N GLN I 304 62.60 -39.59 -91.78
CA GLN I 304 61.37 -38.80 -91.86
C GLN I 304 61.67 -37.35 -92.21
N LEU I 305 62.66 -36.76 -91.54
CA LEU I 305 62.94 -35.34 -91.71
C LEU I 305 63.44 -35.03 -93.11
N ILE I 306 64.29 -35.89 -93.66
CA ILE I 306 64.83 -35.65 -94.99
C ILE I 306 63.72 -35.57 -96.03
N MET I 307 62.76 -36.49 -95.98
CA MET I 307 61.73 -36.52 -96.99
C MET I 307 60.59 -35.55 -96.71
N GLN I 308 60.34 -35.20 -95.45
CA GLN I 308 59.45 -34.08 -95.18
C GLN I 308 60.04 -32.78 -95.71
N ALA I 309 61.34 -32.59 -95.56
CA ALA I 309 62.01 -31.44 -96.14
C ALA I 309 61.92 -31.45 -97.66
N GLU I 310 62.11 -32.62 -98.27
CA GLU I 310 61.98 -32.71 -99.72
C GLU I 310 60.56 -32.34 -100.17
N ALA I 311 59.55 -32.81 -99.44
CA ALA I 311 58.17 -32.46 -99.78
C ALA I 311 57.93 -30.97 -99.65
N GLU I 312 58.44 -30.35 -98.58
CA GLU I 312 58.27 -28.91 -98.43
C GLU I 312 58.97 -28.15 -99.54
N ALA I 313 60.17 -28.58 -99.91
CA ALA I 313 60.89 -27.91 -100.99
C ALA I 313 60.15 -28.02 -102.31
N ALA I 314 59.61 -29.21 -102.61
CA ALA I 314 58.84 -29.37 -103.83
C ALA I 314 57.59 -28.51 -103.81
N SER I 315 56.92 -28.43 -102.65
CA SER I 315 55.75 -27.57 -102.53
C SER I 315 56.10 -26.12 -102.82
N VAL I 316 57.19 -25.63 -102.21
CA VAL I 316 57.59 -24.24 -102.43
C VAL I 316 57.93 -24.00 -103.89
N ARG I 317 58.71 -24.92 -104.48
CA ARG I 317 59.09 -24.78 -105.88
C ARG I 317 57.87 -24.69 -106.79
N MET I 318 56.93 -25.63 -106.64
CA MET I 318 55.78 -25.66 -107.54
C MET I 318 54.86 -24.46 -107.34
N ARG I 319 54.57 -24.09 -106.08
CA ARG I 319 53.70 -22.95 -105.84
C ARG I 319 54.33 -21.67 -106.37
N GLY I 320 55.64 -21.48 -106.14
CA GLY I 320 56.29 -20.30 -106.65
C GLY I 320 56.32 -20.25 -108.16
N GLU I 321 56.58 -21.37 -108.81
CA GLU I 321 56.57 -21.41 -110.27
C GLU I 321 55.19 -21.07 -110.81
N ALA I 322 54.13 -21.62 -110.19
CA ALA I 322 52.78 -21.32 -110.63
C ALA I 322 52.47 -19.84 -110.48
N GLU I 323 52.82 -19.25 -109.33
CA GLU I 323 52.48 -17.85 -109.12
C GLU I 323 53.30 -16.94 -110.04
N ALA I 324 54.55 -17.32 -110.33
CA ALA I 324 55.35 -16.55 -111.27
C ALA I 324 54.77 -16.62 -112.68
N PHE I 325 54.28 -17.79 -113.09
CA PHE I 325 53.63 -17.90 -114.39
C PHE I 325 52.37 -17.04 -114.43
N ALA I 326 51.62 -17.01 -113.33
CA ALA I 326 50.45 -16.14 -113.24
C ALA I 326 50.83 -14.67 -113.34
N ILE I 327 51.92 -14.27 -112.71
CA ILE I 327 52.41 -12.90 -112.82
C ILE I 327 52.75 -12.58 -114.27
N GLY I 328 53.43 -13.49 -114.95
CA GLY I 328 53.71 -13.30 -116.36
C GLY I 328 52.45 -13.20 -117.20
N ALA I 329 51.42 -13.96 -116.84
CA ALA I 329 50.16 -13.90 -117.57
C ALA I 329 49.52 -12.52 -117.46
N ARG I 330 49.36 -12.01 -116.23
CA ARG I 330 48.89 -10.64 -116.11
C ARG I 330 49.83 -9.63 -116.76
N ALA I 331 51.12 -9.91 -116.79
CA ALA I 331 52.06 -8.99 -117.43
C ALA I 331 51.76 -8.86 -118.91
N ARG I 332 51.65 -10.00 -119.60
CA ARG I 332 51.33 -9.98 -121.02
C ARG I 332 49.97 -9.34 -121.27
N ALA I 333 48.98 -9.68 -120.45
CA ALA I 333 47.65 -9.10 -120.62
C ALA I 333 47.68 -7.59 -120.45
N GLU I 334 48.39 -7.10 -119.43
CA GLU I 334 48.43 -5.66 -119.17
C GLU I 334 49.22 -4.93 -120.25
N ALA I 335 50.26 -5.55 -120.80
CA ALA I 335 51.00 -4.90 -121.88
C ALA I 335 50.14 -4.77 -123.13
N GLU I 336 49.50 -5.87 -123.55
CA GLU I 336 48.60 -5.78 -124.69
C GLU I 336 47.42 -4.85 -124.41
N GLN I 337 47.08 -4.69 -123.13
CA GLN I 337 46.02 -3.77 -122.74
C GLN I 337 46.44 -2.32 -122.91
N MET I 338 47.65 -1.99 -122.44
CA MET I 338 48.10 -0.60 -122.44
C MET I 338 48.50 -0.14 -123.82
N ALA I 339 48.89 -1.07 -124.70
CA ALA I 339 49.16 -0.67 -126.08
C ALA I 339 47.96 0.01 -126.70
N LYS I 340 46.76 -0.55 -126.52
CA LYS I 340 45.58 0.07 -127.07
C LYS I 340 45.20 1.36 -126.33
N LYS I 341 45.49 1.45 -125.03
CA LYS I 341 45.32 2.73 -124.36
C LYS I 341 46.13 3.82 -125.03
N ALA I 342 47.40 3.55 -125.31
CA ALA I 342 48.22 4.54 -126.00
C ALA I 342 47.67 4.85 -127.39
N GLU I 343 47.26 3.81 -128.12
CA GLU I 343 46.72 4.03 -129.46
C GLU I 343 45.48 4.91 -129.42
N ALA I 344 44.59 4.68 -128.47
CA ALA I 344 43.39 5.50 -128.34
C ALA I 344 43.74 6.93 -127.93
N PHE I 345 44.64 7.09 -126.96
CA PHE I 345 45.04 8.42 -126.52
C PHE I 345 45.65 9.22 -127.65
N GLN I 346 46.28 8.57 -128.63
CA GLN I 346 46.88 9.32 -129.74
C GLN I 346 45.85 10.20 -130.45
N LEU I 347 44.61 9.75 -130.55
CA LEU I 347 43.56 10.50 -131.24
C LEU I 347 42.76 11.38 -130.29
N TYR I 348 43.45 12.24 -129.54
CA TYR I 348 42.82 13.18 -128.62
C TYR I 348 43.16 14.60 -129.04
N GLN I 349 42.13 15.42 -129.24
CA GLN I 349 42.27 16.82 -129.57
C GLN I 349 42.13 17.67 -128.31
N GLU I 350 42.01 18.98 -128.49
CA GLU I 350 41.90 19.89 -127.36
C GLU I 350 40.61 19.66 -126.57
N ALA I 351 39.53 19.27 -127.24
CA ALA I 351 38.28 19.02 -126.53
C ALA I 351 38.42 17.88 -125.54
N ALA I 352 39.11 16.81 -125.93
CA ALA I 352 39.28 15.67 -125.05
C ALA I 352 40.16 16.00 -123.86
N GLN I 353 41.25 16.74 -124.10
CA GLN I 353 42.10 17.16 -122.98
C GLN I 353 41.36 18.08 -122.04
N LEU I 354 40.53 18.98 -122.57
CA LEU I 354 39.69 19.83 -121.75
C LEU I 354 38.73 19.00 -120.92
N ASP I 355 38.13 17.97 -121.51
CA ASP I 355 37.23 17.09 -120.77
C ASP I 355 37.97 16.37 -119.64
N MET I 356 39.17 15.89 -119.91
CA MET I 356 39.94 15.21 -118.87
C MET I 356 40.30 16.17 -117.74
N LEU I 357 40.73 17.39 -118.08
CA LEU I 357 41.08 18.36 -117.06
C LEU I 357 39.87 18.73 -116.21
N LEU I 358 38.71 18.95 -116.84
CA LEU I 358 37.52 19.30 -116.08
C LEU I 358 36.89 18.13 -115.37
N GLU I 359 37.25 16.90 -115.73
CA GLU I 359 36.84 15.75 -114.93
C GLU I 359 37.75 15.52 -113.74
N LYS I 360 39.02 15.90 -113.85
CA LYS I 360 39.96 15.71 -112.76
C LYS I 360 39.98 16.86 -111.76
N LEU I 361 39.61 18.07 -112.17
CA LEU I 361 39.60 19.19 -111.24
C LEU I 361 38.69 18.96 -110.03
N PRO I 362 37.45 18.50 -110.17
CA PRO I 362 36.63 18.28 -108.96
C PRO I 362 37.25 17.29 -107.98
N GLN I 363 37.95 16.26 -108.45
CA GLN I 363 38.53 15.31 -107.53
C GLN I 363 39.67 15.93 -106.72
N VAL I 364 40.51 16.74 -107.37
CA VAL I 364 41.56 17.44 -106.63
C VAL I 364 40.94 18.42 -105.65
N ALA I 365 39.87 19.10 -106.06
CA ALA I 365 39.18 20.02 -105.15
C ALA I 365 38.64 19.27 -103.94
N GLU I 366 38.05 18.10 -104.14
CA GLU I 366 37.61 17.28 -103.02
C GLU I 366 38.77 16.90 -102.11
N GLU I 367 39.87 16.43 -102.69
CA GLU I 367 40.98 15.99 -101.86
C GLU I 367 41.66 17.14 -101.12
N ILE I 368 41.47 18.38 -101.57
CA ILE I 368 42.10 19.51 -100.89
C ILE I 368 41.12 20.16 -99.92
N SER I 369 39.83 20.01 -100.15
CA SER I 369 38.81 20.63 -99.31
C SER I 369 38.18 19.67 -98.31
N GLY I 370 38.52 18.39 -98.36
CA GLY I 370 38.02 17.44 -97.39
C GLY I 370 38.63 17.65 -96.02
N PRO I 371 39.97 17.63 -95.94
CA PRO I 371 40.61 17.93 -94.65
C PRO I 371 40.30 19.32 -94.13
N LEU I 372 40.14 20.31 -95.00
CA LEU I 372 39.92 21.68 -94.54
C LEU I 372 38.56 21.83 -93.87
N THR I 373 37.54 21.12 -94.35
CA THR I 373 36.21 21.24 -93.76
C THR I 373 36.07 20.47 -92.46
N SER I 374 37.16 20.02 -91.86
CA SER I 374 37.13 19.40 -90.55
C SER I 374 37.29 20.42 -89.42
N ALA I 375 37.48 21.69 -89.75
CA ALA I 375 37.60 22.71 -88.72
C ALA I 375 36.29 22.86 -87.97
N ASN I 376 36.39 23.03 -86.65
CA ASN I 376 35.19 23.13 -85.82
C ASN I 376 34.44 24.42 -86.08
N LYS I 377 35.13 25.55 -86.07
CA LYS I 377 34.51 26.84 -86.30
C LYS I 377 35.48 27.74 -87.06
N ILE I 378 34.91 28.66 -87.85
CA ILE I 378 35.68 29.64 -88.61
C ILE I 378 35.04 31.00 -88.36
N THR I 379 35.87 31.97 -87.95
CA THR I 379 35.40 33.31 -87.63
C THR I 379 35.94 34.28 -88.67
N LEU I 380 35.06 35.08 -89.25
CA LEU I 380 35.40 36.04 -90.29
C LEU I 380 35.13 37.44 -89.79
N VAL I 381 36.09 38.33 -89.96
CA VAL I 381 35.99 39.70 -89.48
C VAL I 381 36.52 40.63 -90.56
N SER I 382 35.81 41.71 -90.82
CA SER I 382 36.20 42.71 -91.82
C SER I 382 36.31 44.08 -91.17
N SER I 383 37.00 44.97 -91.86
CA SER I 383 37.18 46.35 -91.38
C SER I 383 37.61 47.21 -92.55
N GLY I 384 37.15 48.46 -92.57
CA GLY I 384 37.51 49.34 -93.66
C GLY I 384 36.89 48.87 -94.97
N SER I 385 37.61 49.16 -96.05
CA SER I 385 37.17 48.78 -97.39
C SER I 385 37.53 47.35 -97.75
N GLY I 386 37.87 46.53 -96.76
CA GLY I 386 38.27 45.17 -97.01
C GLY I 386 37.07 44.24 -97.20
N THR I 387 37.40 42.99 -97.49
CA THR I 387 36.41 41.94 -97.69
C THR I 387 36.08 41.25 -96.36
N MET I 388 35.01 40.46 -96.38
CA MET I 388 34.55 39.76 -95.18
C MET I 388 35.45 38.59 -94.81
N GLY I 389 35.91 37.82 -95.80
CA GLY I 389 36.83 36.73 -95.56
C GLY I 389 36.49 35.42 -96.24
N ALA I 390 35.28 35.26 -96.78
CA ALA I 390 34.95 34.03 -97.49
C ALA I 390 35.79 33.88 -98.75
N ALA I 391 36.00 35.00 -99.45
CA ALA I 391 36.91 35.00 -100.58
C ALA I 391 38.32 34.56 -100.19
N LYS I 392 38.73 34.84 -98.94
CA LYS I 392 40.04 34.38 -98.50
C LYS I 392 40.11 32.86 -98.46
N VAL I 393 39.08 32.21 -97.92
CA VAL I 393 39.07 30.75 -97.84
C VAL I 393 39.01 30.15 -99.23
N THR I 394 38.11 30.65 -100.07
CA THR I 394 38.02 30.13 -101.43
C THR I 394 39.32 30.35 -102.20
N GLY I 395 39.96 31.51 -102.00
CA GLY I 395 41.22 31.76 -102.65
C GLY I 395 42.34 30.87 -102.15
N GLU I 396 42.33 30.55 -100.85
CA GLU I 396 43.32 29.61 -100.33
C GLU I 396 43.16 28.24 -101.00
N VAL I 397 41.92 27.74 -101.06
CA VAL I 397 41.69 26.43 -101.68
C VAL I 397 42.08 26.47 -103.15
N LEU I 398 41.67 27.51 -103.87
CA LEU I 398 41.97 27.60 -105.30
C LEU I 398 43.46 27.77 -105.54
N ASP I 399 44.14 28.53 -104.68
CA ASP I 399 45.58 28.73 -104.82
C ASP I 399 46.34 27.44 -104.61
N ILE I 400 45.93 26.63 -103.62
CA ILE I 400 46.56 25.33 -103.46
C ILE I 400 46.29 24.46 -104.69
N LEU I 401 45.04 24.46 -105.17
CA LEU I 401 44.68 23.62 -106.31
C LEU I 401 45.41 24.04 -107.58
N THR I 402 45.79 25.31 -107.69
CA THR I 402 46.49 25.79 -108.87
C THR I 402 48.00 25.73 -108.73
N ARG I 403 48.52 25.74 -107.51
CA ARG I 403 49.96 25.63 -107.31
C ARG I 403 50.43 24.19 -107.27
N LEU I 404 49.53 23.25 -106.94
CA LEU I 404 49.92 21.84 -106.99
C LEU I 404 50.37 21.40 -108.39
N PRO I 405 49.66 21.71 -109.48
CA PRO I 405 50.18 21.34 -110.79
C PRO I 405 51.53 21.95 -111.12
N GLU I 406 51.81 23.17 -110.63
CA GLU I 406 53.13 23.76 -110.88
C GLU I 406 54.21 23.08 -110.05
N SER I 407 53.89 22.68 -108.82
CA SER I 407 54.85 21.93 -108.03
C SER I 407 55.18 20.59 -108.68
N VAL I 408 54.16 19.91 -109.22
CA VAL I 408 54.40 18.68 -109.96
C VAL I 408 55.15 18.96 -111.25
N GLU I 409 54.88 20.11 -111.87
CA GLU I 409 55.62 20.55 -113.04
C GLU I 409 57.10 20.64 -112.76
N ARG I 410 57.46 21.15 -111.57
CA ARG I 410 58.87 21.34 -111.24
C ARG I 410 59.64 20.03 -111.30
N LEU I 411 59.00 18.91 -110.96
CA LEU I 411 59.68 17.63 -111.01
C LEU I 411 59.51 16.93 -112.36
N THR I 412 58.26 16.75 -112.80
CA THR I 412 58.02 15.97 -114.00
C THR I 412 58.52 16.68 -115.24
N GLY I 413 58.19 17.96 -115.40
CA GLY I 413 58.58 18.70 -116.58
C GLY I 413 57.65 18.55 -117.76
N VAL I 414 56.44 18.04 -117.56
CA VAL I 414 55.46 17.88 -118.63
C VAL I 414 54.24 18.71 -118.31
N SER I 415 53.78 19.47 -119.31
CA SER I 415 52.71 20.44 -119.10
C SER I 415 51.40 19.76 -118.74
N ILE I 416 50.57 20.49 -118.00
CA ILE I 416 49.27 19.99 -117.58
C ILE I 416 48.11 20.78 -118.19
N SER I 417 48.33 22.03 -118.58
CA SER I 417 47.31 22.85 -119.22
C SER I 417 47.73 23.14 -120.67
N GLN I 418 46.76 23.00 -121.58
CA GLN I 418 47.07 23.21 -123.00
C GLN I 418 47.24 24.68 -123.33
N VAL I 419 46.60 25.57 -122.58
CA VAL I 419 46.71 27.00 -122.82
C VAL I 419 47.07 27.72 -121.53
N MET J 1 57.54 -84.43 135.32
CA MET J 1 56.87 -85.73 135.33
C MET J 1 57.80 -86.77 134.73
N GLY J 2 58.34 -86.47 133.55
CA GLY J 2 59.24 -87.38 132.87
C GLY J 2 60.50 -87.71 133.66
N ASN J 3 60.86 -88.99 133.71
CA ASN J 3 61.97 -89.45 134.52
C ASN J 3 62.91 -90.31 133.67
N CYS J 4 64.20 -90.23 133.97
CA CYS J 4 65.23 -91.11 133.41
C CYS J 4 65.24 -91.02 131.87
N HIS J 5 65.64 -89.85 131.38
CA HIS J 5 65.74 -89.58 129.96
C HIS J 5 67.19 -89.68 129.48
N THR J 6 67.35 -90.18 128.26
CA THR J 6 68.65 -90.28 127.60
C THR J 6 68.52 -89.74 126.19
N VAL J 7 69.63 -89.24 125.66
CA VAL J 7 69.66 -88.61 124.35
C VAL J 7 70.79 -89.23 123.54
N GLY J 8 70.63 -89.20 122.22
CA GLY J 8 71.62 -89.74 121.31
C GLY J 8 72.84 -88.85 121.21
N PRO J 9 73.89 -89.36 120.55
CA PRO J 9 75.15 -88.58 120.46
C PRO J 9 75.02 -87.30 119.66
N ASN J 10 73.97 -87.14 118.85
CA ASN J 10 73.83 -85.92 118.05
C ASN J 10 73.48 -84.71 118.91
N GLU J 11 72.76 -84.90 120.00
CA GLU J 11 72.31 -83.79 120.84
C GLU J 11 72.81 -83.99 122.27
N ALA J 12 73.08 -82.88 122.93
CA ALA J 12 73.59 -82.87 124.30
C ALA J 12 72.44 -82.57 125.25
N LEU J 13 72.26 -83.44 126.24
CA LEU J 13 71.24 -83.22 127.26
C LEU J 13 71.81 -82.36 128.38
N VAL J 14 71.08 -81.30 128.74
CA VAL J 14 71.50 -80.38 129.79
C VAL J 14 70.46 -80.42 130.90
N VAL J 15 70.92 -80.61 132.13
CA VAL J 15 70.07 -80.59 133.32
C VAL J 15 70.76 -79.76 134.39
N SER J 16 69.96 -79.03 135.16
CA SER J 16 70.48 -78.22 136.25
C SER J 16 69.43 -78.16 137.35
N GLY J 17 69.86 -78.39 138.59
CA GLY J 17 68.97 -78.34 139.72
C GLY J 17 69.68 -78.46 141.06
N GLY J 18 69.28 -77.64 142.02
CA GLY J 18 69.91 -77.64 143.33
C GLY J 18 69.28 -78.62 144.30
N CYS J 19 69.89 -79.79 144.45
CA CYS J 19 69.31 -80.82 145.31
C CYS J 19 69.19 -80.35 146.75
N CYS J 20 70.23 -79.68 147.25
CA CYS J 20 70.21 -79.06 148.56
C CYS J 20 70.34 -77.53 148.47
N GLY J 21 70.04 -76.97 147.31
CA GLY J 21 70.22 -75.54 147.08
C GLY J 21 71.55 -75.17 146.45
N SER J 22 72.50 -76.10 146.39
CA SER J 22 73.78 -75.84 145.77
C SER J 22 73.69 -76.03 144.26
N ASP J 23 74.50 -75.26 143.54
CA ASP J 23 74.45 -75.24 142.08
C ASP J 23 75.07 -76.53 141.53
N TYR J 24 74.23 -77.42 141.02
CA TYR J 24 74.67 -78.65 140.38
C TYR J 24 74.09 -78.70 138.97
N LYS J 25 74.92 -78.38 137.98
CA LYS J 25 74.53 -78.44 136.58
C LYS J 25 75.26 -79.58 135.90
N GLN J 26 74.51 -80.44 135.22
CA GLN J 26 75.07 -81.57 134.50
C GLN J 26 74.75 -81.43 133.02
N TYR J 27 75.78 -81.44 132.19
CA TYR J 27 75.64 -81.38 130.74
C TYR J 27 76.34 -82.60 130.15
N VAL J 28 75.56 -83.49 129.54
CA VAL J 28 76.07 -84.75 129.00
C VAL J 28 75.52 -84.92 127.60
N PHE J 29 76.40 -85.26 126.65
CA PHE J 29 76.02 -85.50 125.27
C PHE J 29 75.99 -87.00 125.01
N GLY J 30 74.87 -87.49 124.51
CA GLY J 30 74.76 -88.90 124.16
C GLY J 30 75.00 -89.86 125.30
N GLY J 31 74.48 -89.54 126.49
CA GLY J 31 74.72 -90.38 127.65
C GLY J 31 73.47 -90.73 128.44
N TRP J 32 73.60 -90.76 129.76
CA TRP J 32 72.52 -91.13 130.65
C TRP J 32 72.27 -90.02 131.66
N ALA J 33 71.02 -89.87 132.06
CA ALA J 33 70.64 -88.89 133.08
C ALA J 33 69.27 -89.25 133.62
N TRP J 34 68.95 -88.68 134.78
CA TRP J 34 67.62 -88.80 135.36
C TRP J 34 67.19 -87.45 135.93
N ALA J 35 65.90 -87.16 135.81
CA ALA J 35 65.31 -85.94 136.34
C ALA J 35 63.90 -86.23 136.82
N TRP J 36 63.55 -85.70 137.98
CA TRP J 36 62.26 -85.96 138.61
C TRP J 36 61.25 -84.89 138.20
N TRP J 37 60.13 -84.83 138.91
CA TRP J 37 59.05 -83.90 138.58
C TRP J 37 59.55 -82.46 138.54
N CYS J 38 60.24 -82.03 139.60
CA CYS J 38 60.80 -80.68 139.62
C CYS J 38 62.20 -80.62 140.23
N ILE J 39 63.06 -81.60 139.96
CA ILE J 39 64.42 -81.51 140.50
C ILE J 39 65.31 -80.68 139.59
N SER J 40 65.10 -80.73 138.28
CA SER J 40 65.99 -80.04 137.34
C SER J 40 65.18 -79.70 136.08
N ASP J 41 65.88 -79.35 135.01
CA ASP J 41 65.28 -79.02 133.73
C ASP J 41 65.81 -79.95 132.65
N THR J 42 64.91 -80.43 131.81
CA THR J 42 65.25 -81.36 130.73
C THR J 42 65.26 -80.60 129.41
N GLN J 43 66.46 -80.30 128.90
CA GLN J 43 66.60 -79.62 127.63
C GLN J 43 67.73 -80.27 126.85
N ARG J 44 67.67 -80.12 125.53
CA ARG J 44 68.68 -80.69 124.64
C ARG J 44 69.20 -79.59 123.71
N ILE J 45 70.46 -79.74 123.30
CA ILE J 45 71.12 -78.81 122.39
C ILE J 45 71.46 -79.59 121.13
N SER J 46 70.94 -79.13 119.99
CA SER J 46 71.25 -79.78 118.72
C SER J 46 72.66 -79.44 118.27
N LEU J 47 73.56 -80.43 118.34
CA LEU J 47 74.96 -80.22 117.97
C LEU J 47 75.23 -80.48 116.49
N GLU J 48 74.20 -80.38 115.66
CA GLU J 48 74.36 -80.59 114.23
C GLU J 48 75.09 -79.40 113.60
N ILE J 49 75.68 -79.65 112.43
CA ILE J 49 76.34 -78.57 111.70
C ILE J 49 75.31 -77.56 111.22
N MET J 50 75.64 -76.28 111.36
CA MET J 50 74.80 -75.20 110.87
C MET J 50 75.38 -74.71 109.54
N THR J 51 74.52 -74.57 108.54
CA THR J 51 74.95 -74.10 107.24
C THR J 51 75.18 -72.59 107.26
N LEU J 52 76.24 -72.14 106.61
CA LEU J 52 76.57 -70.73 106.53
C LEU J 52 76.70 -70.31 105.07
N GLN J 53 76.12 -69.16 104.74
CA GLN J 53 76.26 -68.54 103.42
C GLN J 53 76.66 -67.07 103.60
N PRO J 54 77.87 -66.82 104.10
CA PRO J 54 78.31 -65.42 104.22
C PRO J 54 78.47 -64.77 102.86
N ARG J 55 77.71 -63.69 102.64
CA ARG J 55 77.74 -62.96 101.39
C ARG J 55 77.86 -61.47 101.68
N CYS J 56 79.05 -60.92 101.45
CA CYS J 56 79.32 -59.51 101.69
C CYS J 56 79.19 -58.75 100.38
N GLU J 57 78.46 -57.65 100.41
CA GLU J 57 78.19 -56.85 99.22
C GLU J 57 78.93 -55.52 99.30
N ASP J 58 79.64 -55.17 98.24
CA ASP J 58 80.35 -53.90 98.13
C ASP J 58 81.37 -53.74 99.26
N VAL J 59 82.28 -54.72 99.34
CA VAL J 59 83.35 -54.71 100.34
C VAL J 59 84.68 -54.56 99.60
N GLU J 60 85.61 -53.83 100.22
CA GLU J 60 86.84 -53.42 99.57
C GLU J 60 88.05 -53.89 100.38
N THR J 61 89.12 -54.24 99.65
CA THR J 61 90.35 -54.74 100.24
C THR J 61 91.27 -53.57 100.58
N ALA J 62 92.54 -53.88 100.88
CA ALA J 62 93.48 -52.84 101.29
C ALA J 62 93.68 -51.82 100.19
N GLU J 63 93.86 -52.26 98.94
CA GLU J 63 93.99 -51.33 97.84
C GLU J 63 92.67 -50.67 97.46
N GLY J 64 91.55 -51.19 97.95
CA GLY J 64 90.27 -50.54 97.78
C GLY J 64 89.40 -51.07 96.67
N VAL J 65 89.84 -52.09 95.93
CA VAL J 65 89.02 -52.63 94.85
C VAL J 65 87.77 -53.28 95.44
N ALA J 66 86.61 -52.85 94.95
CA ALA J 66 85.34 -53.33 95.50
C ALA J 66 85.04 -54.72 94.97
N LEU J 67 84.64 -55.61 95.88
CA LEU J 67 84.26 -56.97 95.52
C LEU J 67 83.00 -57.35 96.27
N THR J 68 82.26 -58.31 95.71
CA THR J 68 81.08 -58.88 96.36
C THR J 68 81.39 -60.36 96.59
N VAL J 69 82.01 -60.65 97.72
CA VAL J 69 82.57 -61.97 98.00
C VAL J 69 81.56 -62.77 98.82
N THR J 70 81.25 -63.97 98.35
CA THR J 70 80.38 -64.91 99.05
C THR J 70 81.22 -66.05 99.59
N GLY J 71 80.93 -66.49 100.81
CA GLY J 71 81.72 -67.50 101.48
C GLY J 71 80.89 -68.67 101.96
N VAL J 72 81.58 -69.70 102.43
CA VAL J 72 80.97 -70.84 103.11
C VAL J 72 81.85 -71.19 104.31
N ALA J 73 81.20 -71.43 105.46
CA ALA J 73 81.89 -71.79 106.68
C ALA J 73 81.16 -72.93 107.37
N GLN J 74 81.93 -73.83 107.98
CA GLN J 74 81.39 -74.97 108.70
C GLN J 74 81.46 -74.70 110.20
N VAL J 75 80.30 -74.68 110.85
CA VAL J 75 80.18 -74.32 112.25
C VAL J 75 79.37 -75.38 112.99
N LYS J 76 79.81 -75.71 114.19
CA LYS J 76 79.14 -76.69 115.03
C LYS J 76 79.45 -76.37 116.49
N ILE J 77 78.46 -76.59 117.36
CA ILE J 77 78.67 -76.40 118.79
C ILE J 77 79.64 -77.45 119.30
N MET J 78 80.63 -76.99 120.08
CA MET J 78 81.71 -77.86 120.52
C MET J 78 81.23 -78.79 121.63
N THR J 79 82.12 -79.69 122.08
CA THR J 79 81.81 -80.69 123.10
C THR J 79 82.87 -80.70 124.20
N GLU J 80 83.54 -79.58 124.43
CA GLU J 80 84.53 -79.47 125.48
C GLU J 80 83.85 -79.52 126.86
N LYS J 81 84.65 -79.39 127.91
CA LYS J 81 84.14 -79.47 129.28
C LYS J 81 83.73 -78.11 129.83
N GLU J 82 84.68 -77.17 129.93
CA GLU J 82 84.37 -75.86 130.47
C GLU J 82 83.66 -74.96 129.46
N LEU J 83 83.92 -75.16 128.17
CA LEU J 83 83.24 -74.34 127.16
C LEU J 83 81.76 -74.69 127.05
N LEU J 84 81.38 -75.94 127.36
CA LEU J 84 79.97 -76.29 127.32
C LEU J 84 79.20 -75.73 128.48
N ALA J 85 79.87 -75.34 129.58
CA ALA J 85 79.19 -74.54 130.58
C ALA J 85 78.71 -73.23 129.98
N VAL J 86 79.58 -72.57 129.21
CA VAL J 86 79.20 -71.34 128.52
C VAL J 86 78.12 -71.62 127.49
N ALA J 87 78.26 -72.73 126.76
CA ALA J 87 77.29 -73.07 125.73
C ALA J 87 75.90 -73.28 126.31
N CYS J 88 75.82 -73.96 127.47
CA CYS J 88 74.54 -74.21 128.10
C CYS J 88 73.98 -72.94 128.75
N GLU J 89 74.83 -72.14 129.37
CA GLU J 89 74.36 -70.90 129.97
C GLU J 89 74.14 -69.80 128.95
N GLN J 90 74.42 -70.06 127.67
CA GLN J 90 74.52 -68.99 126.68
C GLN J 90 73.27 -68.84 125.83
N PHE J 91 72.86 -69.88 125.11
CA PHE J 91 71.98 -69.66 123.96
C PHE J 91 70.61 -70.31 124.08
N LEU J 92 70.54 -71.62 124.31
CA LEU J 92 69.27 -72.34 124.26
C LEU J 92 68.27 -71.74 125.24
N GLY J 93 66.97 -71.91 124.96
CA GLY J 93 66.47 -72.74 123.88
C GLY J 93 65.99 -72.03 122.62
N LYS J 94 66.75 -71.03 122.18
CA LYS J 94 66.45 -70.41 120.90
C LYS J 94 66.71 -71.40 119.78
N ASN J 95 65.88 -71.36 118.73
CA ASN J 95 65.85 -72.42 117.74
C ASN J 95 66.99 -72.30 116.74
N VAL J 96 67.05 -73.25 115.81
CA VAL J 96 68.17 -73.37 114.88
C VAL J 96 68.30 -72.12 114.01
N GLN J 97 67.18 -71.53 113.62
CA GLN J 97 67.25 -70.29 112.85
C GLN J 97 67.98 -69.21 113.63
N ASP J 98 67.85 -69.22 114.96
CA ASP J 98 68.54 -68.23 115.77
C ASP J 98 70.05 -68.48 115.77
N ILE J 99 70.48 -69.73 115.90
CA ILE J 99 71.91 -70.02 115.78
C ILE J 99 72.42 -69.52 114.44
N LYS J 100 71.74 -69.91 113.35
CA LYS J 100 72.27 -69.61 112.03
C LYS J 100 72.28 -68.11 111.76
N ASN J 101 71.27 -67.37 112.20
CA ASN J 101 71.26 -65.92 112.00
C ASN J 101 72.38 -65.25 112.80
N VAL J 102 72.51 -65.60 114.09
CA VAL J 102 73.53 -64.96 114.90
C VAL J 102 74.92 -65.23 114.33
N VAL J 103 75.20 -66.49 114.01
CA VAL J 103 76.51 -66.84 113.49
C VAL J 103 76.72 -66.21 112.12
N LEU J 104 75.64 -66.07 111.35
CA LEU J 104 75.73 -65.46 110.03
C LEU J 104 76.18 -64.02 110.13
N GLN J 105 75.53 -63.21 110.97
CA GLN J 105 75.95 -61.83 111.09
C GLN J 105 77.36 -61.70 111.68
N THR J 106 77.68 -62.48 112.72
CA THR J 106 78.99 -62.27 113.33
C THR J 106 80.11 -62.71 112.38
N LEU J 107 79.95 -63.84 111.70
CA LEU J 107 80.96 -64.25 110.74
C LEU J 107 80.94 -63.37 109.49
N GLU J 108 79.80 -62.75 109.18
CA GLU J 108 79.78 -61.76 108.12
C GLU J 108 80.71 -60.61 108.43
N GLY J 109 80.56 -60.04 109.63
CA GLY J 109 81.46 -58.98 110.05
C GLY J 109 82.90 -59.42 110.07
N HIS J 110 83.17 -60.59 110.63
CA HIS J 110 84.56 -61.06 110.73
C HIS J 110 85.16 -61.31 109.35
N LEU J 111 84.39 -61.90 108.43
CA LEU J 111 84.87 -62.18 107.09
C LEU J 111 85.15 -60.90 106.33
N ARG J 112 84.24 -59.92 106.41
CA ARG J 112 84.52 -58.65 105.75
C ARG J 112 85.74 -57.99 106.34
N SER J 113 85.90 -58.06 107.66
CA SER J 113 87.06 -57.45 108.30
C SER J 113 88.37 -58.07 107.81
N ILE J 114 88.46 -59.40 107.82
CA ILE J 114 89.69 -60.04 107.37
C ILE J 114 89.89 -59.83 105.87
N LEU J 115 88.80 -59.80 105.10
CA LEU J 115 88.93 -59.52 103.67
C LEU J 115 89.54 -58.16 103.44
N GLY J 116 89.14 -57.17 104.24
CA GLY J 116 89.81 -55.88 104.19
C GLY J 116 91.25 -55.96 104.65
N THR J 117 91.55 -56.91 105.54
CA THR J 117 92.89 -57.02 106.09
C THR J 117 93.92 -57.36 105.01
N LEU J 118 93.59 -58.29 104.12
CA LEU J 118 94.53 -58.68 103.07
C LEU J 118 94.15 -58.02 101.74
N THR J 119 95.07 -58.10 100.79
CA THR J 119 94.86 -57.48 99.49
C THR J 119 94.19 -58.46 98.53
N VAL J 120 93.75 -57.91 97.39
CA VAL J 120 93.07 -58.70 96.38
C VAL J 120 94.02 -59.66 95.67
N GLU J 121 95.30 -59.31 95.55
CA GLU J 121 96.25 -60.24 94.97
C GLU J 121 96.38 -61.50 95.81
N GLN J 122 96.36 -61.34 97.14
CA GLN J 122 96.42 -62.51 98.02
C GLN J 122 95.15 -63.36 97.92
N ILE J 123 93.97 -62.74 97.88
CA ILE J 123 92.74 -63.52 97.74
C ILE J 123 92.70 -64.15 96.35
N TYR J 124 93.48 -63.63 95.41
CA TYR J 124 93.60 -64.22 94.09
C TYR J 124 94.47 -65.47 94.11
N GLN J 125 95.74 -65.30 94.52
CA GLN J 125 96.71 -66.39 94.45
C GLN J 125 96.58 -67.37 95.62
N ASP J 126 96.80 -66.90 96.85
CA ASP J 126 96.88 -67.76 98.02
C ASP J 126 95.67 -67.47 98.92
N ARG J 127 94.57 -68.15 98.64
CA ARG J 127 93.39 -68.04 99.48
C ARG J 127 93.18 -69.24 100.39
N ASP J 128 93.94 -70.32 100.22
CA ASP J 128 94.00 -71.34 101.25
C ASP J 128 94.65 -70.79 102.51
N GLN J 129 95.75 -70.04 102.34
CA GLN J 129 96.33 -69.31 103.47
C GLN J 129 95.39 -68.25 103.99
N PHE J 130 94.55 -67.68 103.12
CA PHE J 130 93.52 -66.75 103.59
C PHE J 130 92.58 -67.44 104.55
N ALA J 131 92.12 -68.65 104.22
CA ALA J 131 91.26 -69.39 105.14
C ALA J 131 92.02 -69.81 106.39
N LYS J 132 93.30 -70.14 106.27
CA LYS J 132 94.10 -70.49 107.44
C LYS J 132 94.21 -69.32 108.40
N LEU J 133 94.36 -68.10 107.86
CA LEU J 133 94.37 -66.91 108.71
C LEU J 133 92.96 -66.58 109.23
N VAL J 134 91.93 -66.90 108.46
CA VAL J 134 90.55 -66.73 108.95
C VAL J 134 90.35 -67.58 110.19
N ARG J 135 90.84 -68.82 110.16
CA ARG J 135 90.80 -69.65 111.35
C ARG J 135 91.56 -69.00 112.50
N GLU J 136 92.80 -68.57 112.26
CA GLU J 136 93.63 -67.97 113.29
C GLU J 136 92.98 -66.76 113.95
N VAL J 137 92.22 -65.96 113.19
CA VAL J 137 91.59 -64.78 113.75
C VAL J 137 90.18 -65.02 114.25
N ALA J 138 89.48 -66.06 113.79
CA ALA J 138 88.08 -66.25 114.14
C ALA J 138 87.90 -67.24 115.28
N ALA J 139 88.82 -68.19 115.43
CA ALA J 139 88.79 -69.08 116.59
C ALA J 139 88.78 -68.34 117.92
N PRO J 140 89.59 -67.30 118.15
CA PRO J 140 89.55 -66.62 119.46
C PRO J 140 88.20 -66.01 119.81
N ASP J 141 87.39 -65.60 118.85
CA ASP J 141 86.12 -64.93 119.16
C ASP J 141 84.90 -65.80 118.88
N VAL J 142 84.86 -66.50 117.75
CA VAL J 142 83.72 -67.37 117.46
C VAL J 142 83.65 -68.52 118.46
N GLY J 143 84.78 -68.91 119.05
CA GLY J 143 84.76 -69.95 120.06
C GLY J 143 84.29 -69.47 121.42
N ARG J 144 84.17 -68.16 121.62
CA ARG J 144 83.73 -67.63 122.91
C ARG J 144 82.30 -68.05 123.20
N MET J 145 81.42 -68.01 122.20
CA MET J 145 80.05 -68.46 122.36
C MET J 145 79.88 -69.95 122.10
N GLY J 146 80.97 -70.72 122.12
CA GLY J 146 80.89 -72.16 122.01
C GLY J 146 80.74 -72.71 120.61
N ILE J 147 80.88 -71.88 119.59
CA ILE J 147 80.70 -72.32 118.20
C ILE J 147 82.08 -72.60 117.61
N GLU J 148 82.27 -73.83 117.11
CA GLU J 148 83.52 -74.21 116.47
C GLU J 148 83.46 -73.90 114.98
N ILE J 149 84.65 -73.82 114.38
CA ILE J 149 84.75 -73.55 112.94
C ILE J 149 85.43 -74.74 112.27
N LEU J 150 84.63 -75.67 111.76
CA LEU J 150 85.18 -76.88 111.15
C LEU J 150 85.93 -76.56 109.86
N SER J 151 85.37 -75.65 109.05
CA SER J 151 86.00 -75.27 107.79
C SER J 151 85.59 -73.86 107.43
N PHE J 152 86.37 -73.24 106.56
CA PHE J 152 86.11 -71.88 106.12
C PHE J 152 86.72 -71.67 104.73
N THR J 153 85.95 -71.04 103.85
CA THR J 153 86.46 -70.56 102.57
C THR J 153 85.39 -69.65 101.96
N ILE J 154 85.67 -69.17 100.75
CA ILE J 154 84.79 -68.23 100.05
C ILE J 154 84.18 -68.93 98.85
N LYS J 155 82.88 -68.73 98.66
CA LYS J 155 82.15 -69.44 97.61
C LYS J 155 82.44 -68.87 96.23
N ASP J 156 82.16 -67.59 96.03
CA ASP J 156 82.38 -66.97 94.73
C ASP J 156 82.71 -65.50 94.92
N VAL J 157 83.42 -64.95 93.95
CA VAL J 157 83.84 -63.55 93.97
C VAL J 157 83.33 -62.87 92.71
N TYR J 158 82.71 -61.71 92.88
CA TYR J 158 82.18 -60.95 91.75
C TYR J 158 82.59 -59.49 91.89
N ASP J 159 82.85 -58.85 90.76
CA ASP J 159 83.31 -57.47 90.73
C ASP J 159 82.49 -56.67 89.72
N LYS J 160 82.26 -55.40 90.05
CA LYS J 160 81.61 -54.46 89.14
C LYS J 160 82.59 -53.64 88.33
N VAL J 161 83.83 -53.50 88.80
CA VAL J 161 84.89 -52.80 88.09
C VAL J 161 85.84 -53.77 87.39
N ASP J 162 85.35 -54.98 87.07
CA ASP J 162 86.02 -56.01 86.26
C ASP J 162 87.52 -56.09 86.51
N TYR J 163 87.88 -56.42 87.75
CA TYR J 163 89.27 -56.70 88.13
C TYR J 163 89.78 -57.98 87.46
N LEU J 164 89.14 -59.10 87.78
CA LEU J 164 89.65 -60.41 87.36
C LEU J 164 89.58 -60.58 85.85
N SER J 165 88.51 -60.07 85.23
CA SER J 165 88.41 -60.13 83.77
C SER J 165 89.54 -59.36 83.11
N SER J 166 89.89 -58.21 83.69
CA SER J 166 91.05 -57.46 83.20
C SER J 166 92.33 -58.25 83.41
N LEU J 167 92.45 -58.93 84.55
CA LEU J 167 93.65 -59.70 84.83
C LEU J 167 93.82 -60.88 83.87
N GLY J 168 92.72 -61.43 83.38
CA GLY J 168 92.79 -62.54 82.43
C GLY J 168 93.23 -62.13 81.04
N LYS J 169 93.12 -60.81 80.76
CA LYS J 169 93.49 -60.29 79.45
C LYS J 169 94.96 -60.53 79.13
N THR J 170 95.80 -60.67 80.15
CA THR J 170 97.23 -60.77 79.93
C THR J 170 97.59 -62.02 79.13
N GLN J 171 96.93 -63.14 79.41
CA GLN J 171 97.25 -64.38 78.73
C GLN J 171 96.12 -64.87 77.82
N THR J 172 94.93 -64.25 77.87
CA THR J 172 93.89 -64.69 76.96
C THR J 172 94.26 -64.45 75.50
N ALA J 173 95.29 -63.64 75.24
CA ALA J 173 95.77 -63.39 73.90
C ALA J 173 97.08 -64.09 73.58
N VAL J 174 97.83 -64.52 74.60
CA VAL J 174 99.10 -65.21 74.36
C VAL J 174 98.86 -66.52 73.59
N VAL J 175 97.87 -67.29 74.03
CA VAL J 175 97.53 -68.52 73.30
C VAL J 175 97.01 -68.17 71.91
N GLN J 176 96.26 -67.07 71.79
CA GLN J 176 95.83 -66.62 70.47
C GLN J 176 97.02 -66.21 69.63
N ARG J 177 98.03 -65.58 70.25
CA ARG J 177 99.26 -65.26 69.54
C ARG J 177 99.90 -66.52 68.97
N ASP J 178 100.08 -67.54 69.81
CA ASP J 178 100.71 -68.77 69.35
C ASP J 178 99.90 -69.45 68.27
N ALA J 179 98.56 -69.47 68.42
CA ALA J 179 97.71 -70.08 67.41
C ALA J 179 97.83 -69.37 66.07
N ASP J 180 97.83 -68.03 66.10
CA ASP J 180 97.99 -67.29 64.86
C ASP J 180 99.33 -67.55 64.22
N ILE J 181 100.39 -67.63 65.02
CA ILE J 181 101.71 -67.92 64.46
C ILE J 181 101.72 -69.29 63.80
N GLY J 182 101.14 -70.29 64.47
CA GLY J 182 101.13 -71.63 63.92
C GLY J 182 100.33 -71.73 62.63
N VAL J 183 99.14 -71.12 62.61
CA VAL J 183 98.32 -71.19 61.41
C VAL J 183 98.98 -70.44 60.27
N ALA J 184 99.66 -69.32 60.56
CA ALA J 184 100.36 -68.60 59.52
C ALA J 184 101.48 -69.44 58.92
N GLU J 185 102.26 -70.10 59.77
CA GLU J 185 103.34 -70.95 59.27
C GLU J 185 102.80 -72.10 58.44
N ALA J 186 101.71 -72.73 58.91
CA ALA J 186 101.13 -73.85 58.17
C ALA J 186 100.63 -73.40 56.80
N GLU J 187 99.92 -72.26 56.76
CA GLU J 187 99.44 -71.75 55.49
C GLU J 187 100.59 -71.40 54.56
N ARG J 188 101.68 -70.86 55.12
CA ARG J 188 102.85 -70.54 54.30
C ARG J 188 103.42 -71.81 53.66
N ASP J 189 103.58 -72.87 54.44
CA ASP J 189 104.13 -74.10 53.90
C ASP J 189 103.21 -74.70 52.83
N ALA J 190 101.90 -74.72 53.12
CA ALA J 190 100.95 -75.23 52.14
C ALA J 190 101.03 -74.45 50.84
N GLY J 191 101.03 -73.12 50.94
CA GLY J 191 101.07 -72.30 49.74
C GLY J 191 102.34 -72.50 48.94
N ILE J 192 103.50 -72.53 49.61
CA ILE J 192 104.74 -72.69 48.88
C ILE J 192 104.77 -74.02 48.13
N ARG J 193 104.38 -75.12 48.80
CA ARG J 193 104.62 -76.38 48.13
C ARG J 193 103.56 -76.61 47.06
N GLU J 194 102.34 -76.08 47.28
CA GLU J 194 101.30 -76.13 46.25
C GLU J 194 101.70 -75.33 45.02
N ALA J 195 102.32 -74.17 45.22
CA ALA J 195 102.80 -73.40 44.08
C ALA J 195 103.87 -74.17 43.32
N GLU J 196 104.75 -74.86 44.04
CA GLU J 196 105.75 -75.69 43.38
C GLU J 196 105.08 -76.77 42.52
N CYS J 197 104.07 -77.45 43.08
CA CYS J 197 103.36 -78.49 42.32
C CYS J 197 102.71 -77.91 41.06
N LYS J 198 102.05 -76.76 41.21
CA LYS J 198 101.38 -76.12 40.08
C LYS J 198 102.39 -75.77 39.00
N LYS J 199 103.56 -75.27 39.41
CA LYS J 199 104.61 -74.92 38.46
C LYS J 199 105.06 -76.15 37.68
N GLU J 200 105.36 -77.25 38.38
CA GLU J 200 105.82 -78.44 37.67
C GLU J 200 104.77 -78.97 36.70
N MET J 201 103.51 -79.02 37.13
CA MET J 201 102.48 -79.57 36.27
C MET J 201 102.25 -78.67 35.05
N LEU J 202 102.31 -77.36 35.22
CA LEU J 202 102.20 -76.47 34.06
C LEU J 202 103.36 -76.65 33.10
N ASP J 203 104.59 -76.82 33.61
CA ASP J 203 105.71 -77.02 32.69
C ASP J 203 105.50 -78.28 31.85
N VAL J 204 105.10 -79.38 32.49
CA VAL J 204 104.93 -80.60 31.71
C VAL J 204 103.75 -80.47 30.74
N LYS J 205 102.66 -79.85 31.17
CA LYS J 205 101.51 -79.68 30.29
C LYS J 205 101.86 -78.84 29.08
N PHE J 206 102.66 -77.78 29.27
CA PHE J 206 103.05 -76.94 28.15
C PHE J 206 104.02 -77.67 27.22
N MET J 207 104.88 -78.53 27.76
CA MET J 207 105.73 -79.33 26.88
C MET J 207 104.88 -80.26 26.01
N ALA J 208 103.89 -80.91 26.61
CA ALA J 208 103.00 -81.78 25.85
C ALA J 208 102.23 -81.00 24.79
N ASP J 209 101.75 -79.81 25.15
CA ASP J 209 101.04 -78.97 24.18
C ASP J 209 101.96 -78.51 23.05
N THR J 210 103.24 -78.26 23.35
CA THR J 210 104.19 -77.93 22.30
C THR J 210 104.35 -79.08 21.32
N LYS J 211 104.47 -80.30 21.84
CA LYS J 211 104.55 -81.45 20.94
C LYS J 211 103.28 -81.60 20.09
N ILE J 212 102.12 -81.38 20.71
CA ILE J 212 100.86 -81.44 19.96
C ILE J 212 100.84 -80.41 18.85
N ALA J 213 101.30 -79.19 19.16
CA ALA J 213 101.34 -78.13 18.15
C ALA J 213 102.28 -78.50 17.01
N ASP J 214 103.41 -79.13 17.33
CA ASP J 214 104.32 -79.56 16.27
C ASP J 214 103.66 -80.59 15.36
N SER J 215 102.97 -81.57 15.95
CA SER J 215 102.28 -82.57 15.14
C SER J 215 101.19 -81.93 14.28
N LYS J 216 100.45 -80.98 14.86
CA LYS J 216 99.42 -80.29 14.10
C LYS J 216 100.01 -79.50 12.94
N ARG J 217 101.16 -78.85 13.17
CA ARG J 217 101.82 -78.13 12.10
C ARG J 217 102.25 -79.06 10.97
N ALA J 218 102.83 -80.20 11.32
CA ALA J 218 103.24 -81.14 10.29
C ALA J 218 102.05 -81.63 9.48
N PHE J 219 100.95 -81.97 10.16
CA PHE J 219 99.77 -82.45 9.46
C PHE J 219 99.19 -81.37 8.55
N GLU J 220 99.07 -80.15 9.05
CA GLU J 220 98.52 -79.07 8.23
C GLU J 220 99.40 -78.78 7.03
N LEU J 221 100.72 -78.80 7.22
CA LEU J 221 101.62 -78.55 6.10
C LEU J 221 101.47 -79.62 5.02
N GLN J 222 101.44 -80.89 5.42
CA GLN J 222 101.29 -81.95 4.43
C GLN J 222 99.94 -81.87 3.73
N LYS J 223 98.88 -81.59 4.49
CA LYS J 223 97.54 -81.52 3.87
C LYS J 223 97.45 -80.37 2.88
N SER J 224 97.99 -79.19 3.22
CA SER J 224 97.98 -78.08 2.28
C SER J 224 98.82 -78.39 1.05
N ALA J 225 99.97 -79.05 1.25
CA ALA J 225 100.80 -79.42 0.12
C ALA J 225 100.05 -80.33 -0.83
N PHE J 226 99.32 -81.31 -0.29
CA PHE J 226 98.55 -82.22 -1.15
C PHE J 226 97.43 -81.47 -1.85
N SER J 227 96.74 -80.60 -1.12
CA SER J 227 95.67 -79.81 -1.70
C SER J 227 96.16 -78.97 -2.87
N GLU J 228 97.42 -78.55 -2.83
CA GLU J 228 97.99 -77.78 -3.93
C GLU J 228 97.82 -78.51 -5.26
N GLU J 229 98.45 -79.68 -5.40
CA GLU J 229 98.39 -80.36 -6.69
C GLU J 229 97.01 -80.93 -6.97
N VAL J 230 96.22 -81.30 -5.94
CA VAL J 230 94.89 -81.78 -6.26
C VAL J 230 94.06 -80.67 -6.87
N ASN J 231 94.20 -79.44 -6.35
CA ASN J 231 93.48 -78.31 -6.93
C ASN J 231 94.00 -77.97 -8.31
N ILE J 232 95.31 -78.10 -8.53
CA ILE J 232 95.86 -77.86 -9.86
C ILE J 232 95.24 -78.83 -10.87
N LYS J 233 95.22 -80.11 -10.54
CA LYS J 233 94.69 -81.11 -11.45
C LYS J 233 93.19 -80.88 -11.69
N THR J 234 92.43 -80.55 -10.66
CA THR J 234 91.03 -80.23 -10.88
C THR J 234 90.89 -79.05 -11.83
N ALA J 235 91.57 -77.95 -11.53
CA ALA J 235 91.44 -76.75 -12.35
C ALA J 235 91.72 -77.04 -13.82
N GLU J 236 92.67 -77.94 -14.09
CA GLU J 236 92.81 -78.43 -15.45
C GLU J 236 91.56 -79.20 -15.91
N ALA J 237 90.96 -79.97 -14.99
CA ALA J 237 89.88 -80.87 -15.37
C ALA J 237 88.65 -80.13 -15.87
N GLN J 238 88.23 -79.05 -15.17
CA GLN J 238 87.03 -78.36 -15.67
C GLN J 238 87.24 -77.78 -17.05
N LEU J 239 88.39 -77.14 -17.31
CA LEU J 239 88.55 -76.37 -18.53
C LEU J 239 89.08 -77.18 -19.71
N ALA J 240 89.48 -78.44 -19.50
CA ALA J 240 89.73 -79.30 -20.65
C ALA J 240 88.49 -79.40 -21.54
N TYR J 241 87.30 -79.37 -20.96
CA TYR J 241 86.07 -79.42 -21.73
C TYR J 241 85.96 -78.23 -22.68
N GLU J 242 86.19 -77.02 -22.16
CA GLU J 242 86.12 -75.83 -23.00
C GLU J 242 87.22 -75.85 -24.07
N LEU J 243 88.41 -76.33 -23.71
CA LEU J 243 89.49 -76.38 -24.70
C LEU J 243 89.10 -77.26 -25.88
N GLN J 244 88.63 -78.48 -25.59
CA GLN J 244 88.23 -79.37 -26.68
C GLN J 244 87.01 -78.83 -27.41
N GLY J 245 86.11 -78.15 -26.71
CA GLY J 245 84.95 -77.57 -27.36
C GLY J 245 85.33 -76.52 -28.38
N ALA J 246 86.25 -75.63 -28.03
CA ALA J 246 86.72 -74.63 -28.97
C ALA J 246 87.47 -75.29 -30.14
N ARG J 247 88.29 -76.29 -29.84
CA ARG J 247 89.03 -76.99 -30.88
C ARG J 247 88.07 -77.61 -31.90
N GLU J 248 86.96 -78.18 -31.43
CA GLU J 248 85.98 -78.73 -32.35
C GLU J 248 85.16 -77.65 -33.05
N GLN J 249 84.80 -76.58 -32.34
CA GLN J 249 84.09 -75.47 -32.94
C GLN J 249 84.85 -74.87 -34.11
N GLN J 250 86.19 -74.97 -34.09
CA GLN J 250 86.95 -74.59 -35.26
C GLN J 250 86.40 -75.24 -36.53
N LYS J 251 86.39 -76.57 -36.58
CA LYS J 251 85.90 -77.28 -37.76
C LYS J 251 84.40 -77.11 -37.93
N ILE J 252 83.65 -77.04 -36.83
CA ILE J 252 82.21 -76.84 -36.91
C ILE J 252 81.90 -75.59 -37.72
N ARG J 253 82.53 -74.48 -37.34
CA ARG J 253 82.29 -73.22 -38.02
C ARG J 253 82.93 -73.21 -39.41
N GLN J 254 84.04 -73.93 -39.59
CA GLN J 254 84.63 -74.08 -40.92
C GLN J 254 83.61 -74.62 -41.90
N GLU J 255 82.94 -75.71 -41.55
CA GLU J 255 81.93 -76.24 -42.44
C GLU J 255 80.66 -75.38 -42.50
N GLU J 256 80.24 -74.81 -41.37
CA GLU J 256 79.07 -73.94 -41.38
C GLU J 256 79.26 -72.76 -42.32
N ILE J 257 80.49 -72.29 -42.50
CA ILE J 257 80.77 -71.20 -43.43
C ILE J 257 81.10 -71.69 -44.83
N GLU J 258 81.62 -72.92 -44.98
CA GLU J 258 81.73 -73.51 -46.31
C GLU J 258 80.36 -73.74 -46.95
N ILE J 259 79.30 -73.81 -46.14
CA ILE J 259 77.95 -73.90 -46.68
C ILE J 259 77.72 -72.82 -47.75
N GLU J 260 77.81 -71.56 -47.36
CA GLU J 260 77.52 -70.49 -48.30
C GLU J 260 78.64 -70.28 -49.32
N VAL J 261 79.85 -70.74 -49.03
CA VAL J 261 80.87 -70.77 -50.08
C VAL J 261 80.42 -71.64 -51.23
N VAL J 262 79.96 -72.86 -50.92
CA VAL J 262 79.46 -73.76 -51.94
C VAL J 262 78.24 -73.17 -52.63
N GLN J 263 77.36 -72.52 -51.86
CA GLN J 263 76.17 -71.91 -52.46
C GLN J 263 76.53 -70.81 -53.46
N ARG J 264 77.41 -69.89 -53.06
CA ARG J 264 77.79 -68.79 -53.93
C ARG J 264 78.66 -69.26 -55.09
N LYS J 265 79.30 -70.42 -54.97
CA LYS J 265 80.09 -70.94 -56.08
C LYS J 265 79.22 -71.23 -57.30
N LYS J 266 77.99 -71.68 -57.09
CA LYS J 266 77.08 -71.97 -58.19
C LYS J 266 76.03 -70.88 -58.40
N GLN J 267 75.91 -69.93 -57.47
CA GLN J 267 75.26 -68.68 -57.84
C GLN J 267 75.93 -68.04 -59.06
N ILE J 268 77.18 -68.39 -59.35
CA ILE J 268 77.84 -67.95 -60.58
C ILE J 268 77.07 -68.45 -61.79
N ALA J 269 76.76 -69.75 -61.84
CA ALA J 269 76.00 -70.29 -62.95
C ALA J 269 74.59 -69.73 -62.97
N VAL J 270 74.01 -69.51 -61.79
CA VAL J 270 72.70 -68.85 -61.73
C VAL J 270 72.76 -67.52 -62.46
N GLU J 271 73.77 -66.71 -62.16
CA GLU J 271 73.88 -65.39 -62.77
C GLU J 271 74.22 -65.47 -64.26
N ALA J 272 74.97 -66.49 -64.68
CA ALA J 272 75.23 -66.63 -66.11
C ALA J 272 73.95 -66.93 -66.88
N GLN J 273 73.14 -67.85 -66.37
CA GLN J 273 71.83 -68.10 -66.99
C GLN J 273 70.97 -66.85 -66.96
N GLU J 274 71.06 -66.06 -65.87
CA GLU J 274 70.35 -64.79 -65.83
C GLU J 274 70.85 -63.83 -66.90
N ILE J 275 72.16 -63.83 -67.17
CA ILE J 275 72.70 -62.98 -68.23
C ILE J 275 72.08 -63.35 -69.57
N LEU J 276 72.03 -64.64 -69.88
CA LEU J 276 71.41 -65.06 -71.14
C LEU J 276 69.94 -64.67 -71.19
N ARG J 277 69.21 -64.90 -70.10
CA ARG J 277 67.79 -64.57 -70.07
C ARG J 277 67.56 -63.08 -70.26
N THR J 278 68.35 -62.24 -69.58
CA THR J 278 68.13 -60.80 -69.69
C THR J 278 68.58 -60.28 -71.05
N ASP J 279 69.57 -60.92 -71.67
CA ASP J 279 69.91 -60.56 -73.05
C ASP J 279 68.72 -60.79 -73.97
N LYS J 280 68.13 -61.99 -73.91
CA LYS J 280 66.99 -62.26 -74.77
C LYS J 280 65.80 -61.37 -74.42
N GLU J 281 65.58 -61.10 -73.13
CA GLU J 281 64.47 -60.26 -72.72
C GLU J 281 64.65 -58.84 -73.23
N LEU J 282 65.86 -58.29 -73.14
CA LEU J 282 66.11 -56.95 -73.67
C LEU J 282 65.92 -56.92 -75.18
N ILE J 283 66.36 -57.97 -75.88
CA ILE J 283 66.06 -58.05 -77.31
C ILE J 283 64.57 -57.91 -77.54
N ALA J 284 63.79 -58.85 -77.01
CA ALA J 284 62.36 -58.88 -77.27
C ALA J 284 61.65 -57.61 -76.77
N THR J 285 62.24 -56.92 -75.81
CA THR J 285 61.56 -55.79 -75.19
C THR J 285 61.85 -54.46 -75.89
N VAL J 286 63.10 -54.23 -76.33
CA VAL J 286 63.43 -52.91 -76.87
C VAL J 286 64.00 -52.99 -78.28
N ARG J 287 64.65 -54.10 -78.63
CA ARG J 287 65.33 -54.15 -79.92
C ARG J 287 64.36 -54.24 -81.08
N ARG J 288 63.33 -55.08 -80.96
CA ARG J 288 62.34 -55.26 -82.01
C ARG J 288 61.31 -54.13 -82.03
N PRO J 289 60.81 -53.66 -80.89
CA PRO J 289 59.95 -52.47 -80.91
C PRO J 289 60.60 -51.26 -81.55
N ALA J 290 61.92 -51.10 -81.40
CA ALA J 290 62.60 -50.00 -82.06
C ALA J 290 62.50 -50.12 -83.58
N GLU J 291 62.72 -51.32 -84.11
CA GLU J 291 62.59 -51.54 -85.55
C GLU J 291 61.17 -51.31 -86.02
N ALA J 292 60.19 -51.80 -85.26
CA ALA J 292 58.79 -51.59 -85.62
C ALA J 292 58.45 -50.10 -85.62
N GLU J 293 58.95 -49.35 -84.63
CA GLU J 293 58.71 -47.92 -84.59
C GLU J 293 59.36 -47.23 -85.79
N ALA J 294 60.57 -47.65 -86.16
CA ALA J 294 61.22 -47.07 -87.33
C ALA J 294 60.40 -47.31 -88.58
N HIS J 295 59.89 -48.53 -88.75
CA HIS J 295 59.07 -48.84 -89.91
C HIS J 295 57.80 -48.01 -89.91
N ARG J 296 57.16 -47.87 -88.74
CA ARG J 296 55.95 -47.06 -88.65
C ARG J 296 56.22 -45.61 -89.02
N ILE J 297 57.32 -45.05 -88.51
CA ILE J 297 57.65 -43.65 -88.79
C ILE J 297 57.91 -43.45 -90.28
N GLN J 298 58.64 -44.37 -90.90
CA GLN J 298 58.94 -44.17 -92.32
C GLN J 298 57.70 -44.37 -93.19
N GLN J 299 56.81 -45.31 -92.82
CA GLN J 299 55.56 -45.46 -93.57
C GLN J 299 54.69 -44.21 -93.46
N ILE J 300 54.54 -43.70 -92.24
CA ILE J 300 53.70 -42.51 -92.04
C ILE J 300 54.33 -41.29 -92.71
N ALA J 301 55.67 -41.20 -92.70
CA ALA J 301 56.34 -40.12 -93.40
C ALA J 301 56.10 -40.20 -94.90
N GLU J 302 56.12 -41.42 -95.46
CA GLU J 302 55.80 -41.56 -96.88
C GLU J 302 54.38 -41.10 -97.17
N GLY J 303 53.43 -41.51 -96.34
CA GLY J 303 52.06 -41.06 -96.54
C GLY J 303 51.92 -39.55 -96.49
N GLU J 304 52.55 -38.93 -95.48
CA GLU J 304 52.45 -37.48 -95.33
C GLU J 304 53.13 -36.76 -96.48
N LYS J 305 54.28 -37.27 -96.94
CA LYS J 305 54.97 -36.65 -98.06
C LYS J 305 54.12 -36.69 -99.33
N VAL J 306 53.50 -37.85 -99.61
CA VAL J 306 52.65 -37.93 -100.79
C VAL J 306 51.46 -36.98 -100.66
N LYS J 307 50.87 -36.91 -99.47
CA LYS J 307 49.74 -36.01 -99.27
C LYS J 307 50.13 -34.56 -99.50
N GLN J 308 51.28 -34.15 -98.94
CA GLN J 308 51.72 -32.77 -99.11
C GLN J 308 52.05 -32.46 -100.56
N VAL J 309 52.70 -33.39 -101.26
CA VAL J 309 53.02 -33.16 -102.66
C VAL J 309 51.75 -33.00 -103.48
N LEU J 310 50.76 -33.87 -103.25
CA LEU J 310 49.52 -33.76 -104.00
C LEU J 310 48.78 -32.46 -103.69
N LEU J 311 48.74 -32.06 -102.42
CA LEU J 311 48.10 -30.81 -102.06
C LEU J 311 48.79 -29.63 -102.69
N ALA J 312 50.13 -29.65 -102.71
CA ALA J 312 50.88 -28.57 -103.33
C ALA J 312 50.63 -28.49 -104.82
N GLN J 313 50.56 -29.65 -105.49
CA GLN J 313 50.25 -29.65 -106.92
C GLN J 313 48.86 -29.09 -107.17
N ALA J 314 47.88 -29.47 -106.34
CA ALA J 314 46.53 -28.96 -106.49
C ALA J 314 46.49 -27.45 -106.30
N GLU J 315 47.19 -26.95 -105.27
CA GLU J 315 47.22 -25.51 -105.03
C GLU J 315 47.91 -24.77 -106.17
N ALA J 316 49.00 -25.34 -106.69
CA ALA J 316 49.71 -24.69 -107.79
C ALA J 316 48.85 -24.59 -109.02
N GLU J 317 48.12 -25.66 -109.37
CA GLU J 317 47.29 -25.58 -110.58
C GLU J 317 46.06 -24.71 -110.34
N LYS J 318 45.57 -24.68 -109.10
CA LYS J 318 44.54 -23.71 -108.73
C LYS J 318 45.02 -22.29 -109.04
N ILE J 319 46.22 -21.95 -108.58
CA ILE J 319 46.76 -20.61 -108.80
C ILE J 319 46.94 -20.35 -110.29
N ARG J 320 47.42 -21.35 -111.03
CA ARG J 320 47.64 -21.18 -112.47
C ARG J 320 46.33 -20.88 -113.19
N LYS J 321 45.29 -21.66 -112.90
CA LYS J 321 44.01 -21.46 -113.58
C LYS J 321 43.37 -20.14 -113.19
N ILE J 322 43.44 -19.78 -111.91
CA ILE J 322 42.90 -18.50 -111.47
C ILE J 322 43.63 -17.34 -112.16
N GLY J 323 44.96 -17.44 -112.26
CA GLY J 323 45.72 -16.40 -112.94
C GLY J 323 45.38 -16.30 -114.40
N GLU J 324 45.19 -17.43 -115.07
CA GLU J 324 44.78 -17.40 -116.48
C GLU J 324 43.41 -16.73 -116.63
N ALA J 325 42.47 -17.05 -115.74
CA ALA J 325 41.15 -16.42 -115.80
C ALA J 325 41.25 -14.91 -115.58
N GLU J 326 42.07 -14.49 -114.61
CA GLU J 326 42.24 -13.06 -114.38
C GLU J 326 42.90 -12.37 -115.57
N ALA J 327 43.87 -13.03 -116.20
CA ALA J 327 44.48 -12.44 -117.39
C ALA J 327 43.46 -12.28 -118.50
N ALA J 328 42.61 -13.29 -118.69
CA ALA J 328 41.59 -13.21 -119.74
C ALA J 328 40.61 -12.07 -119.48
N VAL J 329 40.15 -11.94 -118.23
CA VAL J 329 39.17 -10.89 -117.95
C VAL J 329 39.84 -9.51 -118.05
N ILE J 330 41.09 -9.39 -117.63
CA ILE J 330 41.79 -8.11 -117.75
C ILE J 330 41.97 -7.73 -119.21
N GLU J 331 42.31 -8.70 -120.07
CA GLU J 331 42.43 -8.40 -121.49
C GLU J 331 41.08 -8.00 -122.07
N ALA J 332 40.01 -8.62 -121.61
CA ALA J 332 38.66 -8.23 -122.06
C ALA J 332 38.34 -6.79 -121.66
N MET J 333 38.65 -6.42 -120.41
CA MET J 333 38.48 -5.04 -119.99
C MET J 333 39.30 -4.09 -120.84
N GLY J 334 40.53 -4.48 -121.18
CA GLY J 334 41.34 -3.63 -122.05
C GLY J 334 40.71 -3.45 -123.41
N LYS J 335 40.23 -4.54 -124.01
CA LYS J 335 39.52 -4.47 -125.27
C LYS J 335 38.39 -3.46 -125.19
N ALA J 336 37.52 -3.63 -124.18
CA ALA J 336 36.31 -2.83 -124.09
C ALA J 336 36.62 -1.36 -123.79
N GLU J 337 37.50 -1.10 -122.84
CA GLU J 337 37.79 0.27 -122.45
C GLU J 337 38.53 1.02 -123.55
N ALA J 338 39.44 0.33 -124.24
CA ALA J 338 40.11 0.97 -125.36
C ALA J 338 39.14 1.27 -126.49
N GLU J 339 38.21 0.35 -126.77
CA GLU J 339 37.18 0.65 -127.77
C GLU J 339 36.33 1.84 -127.35
N ARG J 340 36.01 1.91 -126.06
CA ARG J 340 35.24 3.05 -125.55
C ARG J 340 35.98 4.36 -125.79
N MET J 341 37.25 4.41 -125.41
CA MET J 341 38.03 5.63 -125.57
C MET J 341 38.18 5.99 -127.05
N LYS J 342 38.42 4.98 -127.89
CA LYS J 342 38.57 5.25 -129.32
C LYS J 342 37.30 5.84 -129.91
N LEU J 343 36.15 5.24 -129.59
CA LEU J 343 34.89 5.76 -130.13
C LEU J 343 34.58 7.15 -129.56
N LYS J 344 34.96 7.40 -128.31
CA LYS J 344 34.73 8.71 -127.71
C LYS J 344 35.66 9.76 -128.31
N ALA J 345 36.77 9.32 -128.91
CA ALA J 345 37.70 10.25 -129.53
C ALA J 345 37.08 11.04 -130.67
N GLU J 346 36.45 10.34 -131.63
CA GLU J 346 35.80 11.06 -132.73
C GLU J 346 34.64 11.89 -132.21
N ALA J 347 33.98 11.44 -131.15
CA ALA J 347 32.90 12.22 -130.57
C ALA J 347 33.41 13.56 -130.06
N TYR J 348 34.52 13.56 -129.33
CA TYR J 348 35.10 14.82 -128.87
C TYR J 348 35.67 15.63 -130.01
N GLN J 349 36.08 14.97 -131.11
CA GLN J 349 36.71 15.70 -132.20
C GLN J 349 35.74 16.65 -132.88
N LYS J 350 34.44 16.41 -132.72
CA LYS J 350 33.45 17.22 -133.44
C LYS J 350 32.84 18.30 -132.56
N TYR J 351 33.54 18.67 -131.49
CA TYR J 351 33.07 19.68 -130.54
C TYR J 351 33.45 21.08 -131.03
N GLY J 352 32.49 21.99 -130.97
CA GLY J 352 32.71 23.38 -131.32
C GLY J 352 32.92 24.24 -130.10
N ASP J 353 32.76 25.55 -130.29
CA ASP J 353 32.88 26.47 -129.16
C ASP J 353 31.75 26.28 -128.17
N ALA J 354 30.52 26.12 -128.66
CA ALA J 354 29.36 25.99 -127.77
C ALA J 354 29.46 24.74 -126.92
N ALA J 355 29.93 23.64 -127.51
CA ALA J 355 30.03 22.39 -126.76
C ALA J 355 31.08 22.47 -125.66
N LYS J 356 32.22 23.09 -125.95
CA LYS J 356 33.23 23.29 -124.91
C LYS J 356 32.70 24.21 -123.81
N MET J 357 31.94 25.24 -124.20
CA MET J 357 31.29 26.09 -123.20
C MET J 357 30.35 25.28 -122.33
N ALA J 358 29.60 24.36 -122.93
CA ALA J 358 28.72 23.49 -122.16
C ALA J 358 29.50 22.63 -121.19
N LEU J 359 30.63 22.08 -121.63
CA LEU J 359 31.45 21.26 -120.74
C LEU J 359 31.93 22.08 -119.55
N VAL J 360 32.43 23.29 -119.80
CA VAL J 360 32.94 24.11 -118.70
C VAL J 360 31.82 24.50 -117.75
N LEU J 361 30.66 24.88 -118.29
CA LEU J 361 29.55 25.27 -117.43
C LEU J 361 29.05 24.09 -116.61
N GLU J 362 29.06 22.89 -117.19
CA GLU J 362 28.65 21.71 -116.43
C GLU J 362 29.66 21.39 -115.33
N ALA J 363 30.94 21.61 -115.59
CA ALA J 363 31.95 21.33 -114.58
C ALA J 363 31.92 22.34 -113.46
N LEU J 364 31.53 23.58 -113.75
CA LEU J 364 31.62 24.66 -112.77
C LEU J 364 30.88 24.39 -111.46
N PRO J 365 29.61 23.96 -111.44
CA PRO J 365 28.92 23.81 -110.15
C PRO J 365 29.57 22.79 -109.23
N GLN J 366 30.11 21.70 -109.76
CA GLN J 366 30.76 20.72 -108.89
C GLN J 366 32.01 21.29 -108.25
N ILE J 367 32.83 22.02 -109.03
CA ILE J 367 34.01 22.66 -108.48
C ILE J 367 33.62 23.69 -107.43
N ALA J 368 32.57 24.46 -107.71
CA ALA J 368 32.12 25.47 -106.76
C ALA J 368 31.65 24.82 -105.47
N ALA J 369 30.92 23.70 -105.57
CA ALA J 369 30.49 22.98 -104.38
C ALA J 369 31.68 22.47 -103.58
N LYS J 370 32.70 21.97 -104.27
CA LYS J 370 33.87 21.46 -103.57
C LYS J 370 34.63 22.58 -102.86
N ILE J 371 34.81 23.72 -103.52
CA ILE J 371 35.57 24.82 -102.91
C ILE J 371 34.81 25.43 -101.74
N ALA J 372 33.50 25.52 -101.82
CA ALA J 372 32.71 26.15 -100.77
C ALA J 372 32.45 25.24 -99.58
N ALA J 373 32.82 23.96 -99.67
CA ALA J 373 32.57 23.05 -98.55
C ALA J 373 33.17 23.52 -97.22
N PRO J 374 34.40 24.04 -97.16
CA PRO J 374 34.91 24.52 -95.86
C PRO J 374 34.08 25.65 -95.27
N LEU J 375 33.31 26.37 -96.09
CA LEU J 375 32.53 27.50 -95.59
C LEU J 375 31.36 27.03 -94.75
N THR J 376 31.09 25.73 -94.73
CA THR J 376 29.95 25.18 -94.01
C THR J 376 30.10 25.37 -92.50
N LYS J 377 31.33 25.36 -92.00
CA LYS J 377 31.59 25.34 -90.56
C LYS J 377 31.78 26.73 -89.96
N VAL J 378 31.43 27.79 -90.69
CA VAL J 378 31.57 29.13 -90.13
C VAL J 378 30.65 29.29 -88.94
N ASP J 379 31.16 29.89 -87.87
CA ASP J 379 30.40 30.08 -86.64
C ASP J 379 29.71 31.43 -86.58
N GLU J 380 30.47 32.52 -86.71
CA GLU J 380 29.90 33.85 -86.64
C GLU J 380 30.68 34.77 -87.56
N ILE J 381 30.01 35.82 -88.03
CA ILE J 381 30.59 36.77 -88.97
C ILE J 381 30.46 38.16 -88.36
N VAL J 382 31.57 38.89 -88.34
CA VAL J 382 31.58 40.28 -87.86
C VAL J 382 32.02 41.17 -89.01
N VAL J 383 31.19 42.15 -89.35
CA VAL J 383 31.45 43.07 -90.45
C VAL J 383 31.46 44.49 -89.90
N LEU J 384 32.51 45.23 -90.24
CA LEU J 384 32.62 46.65 -89.89
C LEU J 384 32.89 47.45 -91.15
N SER J 385 32.39 48.67 -91.19
CA SER J 385 32.52 49.51 -92.37
C SER J 385 32.81 50.95 -91.95
N GLY J 386 33.35 51.71 -92.89
CA GLY J 386 33.69 53.10 -92.64
C GLY J 386 35.02 53.26 -91.94
N ASP J 387 35.80 54.25 -92.35
CA ASP J 387 37.12 54.51 -91.78
C ASP J 387 37.01 55.43 -90.57
N ASN J 388 36.86 54.83 -89.40
CA ASN J 388 36.71 55.57 -88.15
C ASN J 388 37.52 54.89 -87.06
N SER J 389 37.38 55.39 -85.85
CA SER J 389 38.13 54.90 -84.71
C SER J 389 37.51 53.60 -84.19
N LYS J 390 38.14 53.02 -83.17
CA LYS J 390 37.71 51.76 -82.57
C LYS J 390 37.20 51.97 -81.15
N VAL J 391 36.56 53.11 -80.91
CA VAL J 391 36.06 53.44 -79.58
C VAL J 391 34.54 53.31 -79.52
N THR J 392 33.86 53.47 -80.66
CA THR J 392 32.40 53.47 -80.67
C THR J 392 31.84 52.12 -80.21
N SER J 393 32.44 51.03 -80.68
CA SER J 393 32.02 49.67 -80.32
C SER J 393 30.56 49.50 -80.76
N GLU J 394 29.67 49.00 -79.90
CA GLU J 394 28.27 48.82 -80.27
C GLU J 394 27.39 49.85 -79.58
N MET K 1 64.24 -105.14 122.27
CA MET K 1 64.67 -106.27 121.48
C MET K 1 65.80 -105.89 120.53
N PHE K 2 66.49 -106.89 120.01
CA PHE K 2 67.62 -106.64 119.12
C PHE K 2 67.15 -106.09 117.78
N PHE K 3 67.91 -105.14 117.23
CA PHE K 3 67.57 -104.48 115.98
C PHE K 3 68.71 -104.69 114.99
N THR K 4 68.50 -105.59 114.03
CA THR K 4 69.51 -105.84 113.01
C THR K 4 69.66 -104.64 112.08
N CYS K 5 70.87 -104.48 111.56
CA CYS K 5 71.16 -103.44 110.58
C CYS K 5 72.09 -103.99 109.52
N GLY K 6 71.97 -103.45 108.32
CA GLY K 6 72.89 -103.79 107.25
C GLY K 6 74.20 -103.06 107.40
N PRO K 7 75.08 -103.24 106.43
CA PRO K 7 76.33 -102.51 106.39
C PRO K 7 76.32 -101.18 105.63
N ASN K 8 75.16 -100.59 105.38
CA ASN K 8 75.05 -99.27 104.78
C ASN K 8 74.47 -98.24 105.74
N GLU K 9 74.26 -98.60 107.00
CA GLU K 9 73.73 -97.69 108.00
C GLU K 9 74.43 -97.94 109.33
N ALA K 10 74.51 -96.89 110.13
CA ALA K 10 75.09 -96.96 111.46
C ALA K 10 73.98 -96.83 112.49
N MET K 11 73.82 -97.87 113.31
CA MET K 11 72.83 -97.88 114.38
C MET K 11 73.49 -97.41 115.66
N VAL K 12 73.23 -96.17 116.04
CA VAL K 12 73.73 -95.61 117.29
C VAL K 12 72.52 -95.18 118.12
N VAL K 13 72.44 -95.67 119.34
CA VAL K 13 71.30 -95.43 120.22
C VAL K 13 71.81 -95.23 121.65
N SER K 14 71.04 -94.48 122.43
CA SER K 14 71.30 -94.31 123.85
C SER K 14 70.26 -95.08 124.65
N GLY K 15 70.72 -95.90 125.59
CA GLY K 15 69.82 -96.71 126.39
C GLY K 15 69.84 -96.39 127.86
N PHE K 16 70.31 -97.34 128.67
CA PHE K 16 70.46 -97.15 130.10
C PHE K 16 71.89 -97.52 130.49
N CYS K 17 72.58 -96.57 131.13
CA CYS K 17 73.95 -96.76 131.58
C CYS K 17 74.88 -97.19 130.42
N ARG K 18 74.85 -96.37 129.38
CA ARG K 18 75.67 -96.56 128.18
C ARG K 18 76.37 -95.26 127.81
N SER K 19 77.01 -94.63 128.80
CA SER K 19 77.61 -93.32 128.61
C SER K 19 78.66 -93.28 127.50
N PRO K 20 79.62 -94.21 127.43
CA PRO K 20 80.55 -94.17 126.31
C PRO K 20 79.82 -94.39 125.00
N PRO K 21 80.33 -93.81 123.90
CA PRO K 21 79.64 -93.94 122.62
C PRO K 21 79.60 -95.39 122.16
N VAL K 22 78.54 -95.73 121.43
CA VAL K 22 78.33 -97.07 120.89
C VAL K 22 78.37 -96.99 119.36
N MET K 23 79.29 -97.72 118.76
CA MET K 23 79.48 -97.74 117.31
C MET K 23 78.99 -99.09 116.79
N VAL K 24 77.77 -99.12 116.28
CA VAL K 24 77.17 -100.33 115.74
C VAL K 24 76.72 -100.05 114.31
N ALA K 25 77.24 -100.82 113.36
CA ALA K 25 76.82 -100.78 111.98
C ALA K 25 76.95 -102.19 111.42
N GLY K 26 75.82 -102.92 111.36
CA GLY K 26 75.85 -104.31 110.97
C GLY K 26 75.88 -105.24 112.17
N GLY K 27 75.00 -104.99 113.13
CA GLY K 27 74.91 -105.80 114.32
C GLY K 27 73.52 -105.70 114.93
N ARG K 28 73.44 -105.98 116.22
CA ARG K 28 72.19 -105.87 116.95
C ARG K 28 72.41 -105.19 118.29
N VAL K 29 71.35 -104.55 118.79
CA VAL K 29 71.36 -103.89 120.09
C VAL K 29 70.03 -104.18 120.77
N PHE K 30 70.09 -104.67 122.01
CA PHE K 30 68.89 -104.84 122.81
C PHE K 30 68.35 -103.47 123.23
N VAL K 31 67.15 -103.14 122.77
CA VAL K 31 66.60 -101.79 122.93
C VAL K 31 65.35 -101.87 123.79
N LEU K 32 65.35 -101.14 124.90
CA LEU K 32 64.16 -100.98 125.71
C LEU K 32 63.20 -100.02 125.02
N PRO K 33 61.89 -100.26 125.07
CA PRO K 33 60.97 -99.40 124.30
C PRO K 33 60.77 -98.02 124.90
N CYS K 34 60.62 -97.92 126.22
CA CYS K 34 60.34 -96.65 126.87
C CYS K 34 61.57 -95.99 127.47
N ILE K 35 62.77 -96.55 127.27
CA ILE K 35 63.99 -96.02 127.85
C ILE K 35 64.97 -95.56 126.78
N GLN K 36 65.15 -96.34 125.72
CA GLN K 36 66.14 -96.04 124.70
C GLN K 36 65.54 -95.19 123.58
N GLN K 37 66.41 -94.45 122.90
CA GLN K 37 66.04 -93.61 121.77
C GLN K 37 66.83 -94.06 120.54
N ILE K 38 66.14 -94.17 119.40
CA ILE K 38 66.70 -94.76 118.19
C ILE K 38 66.93 -93.65 117.16
N GLN K 39 68.13 -93.62 116.59
CA GLN K 39 68.47 -92.73 115.50
C GLN K 39 69.38 -93.45 114.53
N ARG K 40 69.33 -93.03 113.26
CA ARG K 40 70.00 -93.75 112.17
C ARG K 40 70.78 -92.78 111.29
N ILE K 41 71.88 -93.29 110.72
CA ILE K 41 72.65 -92.60 109.69
C ILE K 41 72.85 -93.56 108.53
N SER K 42 72.60 -93.07 107.31
CA SER K 42 72.83 -93.86 106.11
C SER K 42 74.28 -93.69 105.63
N LEU K 43 74.96 -94.82 105.44
CA LEU K 43 76.36 -94.83 105.03
C LEU K 43 76.52 -94.99 103.52
N ASN K 44 75.44 -95.02 102.76
CA ASN K 44 75.53 -95.29 101.33
C ASN K 44 76.24 -94.15 100.62
N THR K 45 77.05 -94.49 99.63
CA THR K 45 77.83 -93.49 98.92
C THR K 45 76.95 -92.63 98.02
N LEU K 46 77.11 -91.31 98.12
CA LEU K 46 76.35 -90.37 97.31
C LEU K 46 77.29 -89.61 96.41
N THR K 47 76.88 -89.43 95.15
CA THR K 47 77.67 -88.68 94.18
C THR K 47 77.35 -87.20 94.26
N LEU K 48 78.37 -86.38 93.98
CA LEU K 48 78.25 -84.93 94.07
C LEU K 48 78.64 -84.31 92.75
N ASN K 49 77.79 -83.40 92.24
CA ASN K 49 78.07 -82.68 91.01
C ASN K 49 78.67 -81.32 91.39
N VAL K 50 79.98 -81.35 91.66
CA VAL K 50 80.70 -80.17 92.13
C VAL K 50 80.90 -79.25 90.92
N LYS K 51 80.07 -78.21 90.83
CA LYS K 51 80.06 -77.31 89.68
C LYS K 51 80.68 -75.98 90.06
N SER K 52 81.61 -75.51 89.24
CA SER K 52 82.24 -74.20 89.39
C SER K 52 81.99 -73.40 88.12
N GLU K 53 81.45 -72.19 88.29
CA GLU K 53 81.09 -71.34 87.16
C GLU K 53 81.87 -70.04 87.22
N LYS K 54 82.54 -69.71 86.13
CA LYS K 54 83.27 -68.45 85.98
C LYS K 54 84.30 -68.26 87.10
N VAL K 55 85.24 -69.20 87.15
CA VAL K 55 86.30 -69.20 88.16
C VAL K 55 87.61 -68.86 87.49
N TYR K 56 88.40 -68.01 88.13
CA TYR K 56 89.66 -67.55 87.57
C TYR K 56 90.81 -68.50 87.92
N THR K 57 91.69 -68.72 86.95
CA THR K 57 92.87 -69.55 87.10
C THR K 57 94.06 -68.68 87.51
N ARG K 58 95.27 -69.24 87.48
CA ARG K 58 96.40 -68.49 88.02
C ARG K 58 96.89 -67.49 86.99
N HIS K 59 96.47 -67.63 85.72
CA HIS K 59 96.55 -66.54 84.76
C HIS K 59 95.38 -65.57 84.88
N GLY K 60 94.31 -65.95 85.56
CA GLY K 60 93.12 -65.13 85.65
C GLY K 60 92.07 -65.40 84.60
N VAL K 61 92.33 -66.27 83.64
CA VAL K 61 91.31 -66.55 82.61
C VAL K 61 90.14 -67.29 83.24
N PRO K 62 88.90 -66.90 82.96
CA PRO K 62 87.75 -67.60 83.55
C PRO K 62 87.33 -68.78 82.69
N ILE K 63 87.21 -69.95 83.32
CA ILE K 63 86.77 -71.17 82.64
C ILE K 63 85.71 -71.84 83.50
N SER K 64 84.67 -72.32 82.84
CA SER K 64 83.60 -73.06 83.53
C SER K 64 84.07 -74.50 83.74
N VAL K 65 84.17 -74.91 85.00
CA VAL K 65 84.72 -76.21 85.37
C VAL K 65 83.67 -76.98 86.17
N THR K 66 83.42 -78.22 85.77
CA THR K 66 82.50 -79.11 86.47
C THR K 66 83.29 -80.28 87.05
N GLY K 67 82.95 -80.65 88.27
CA GLY K 67 83.60 -81.76 88.94
C GLY K 67 82.59 -82.73 89.52
N ILE K 68 83.01 -83.99 89.62
CA ILE K 68 82.20 -85.06 90.16
C ILE K 68 82.98 -85.73 91.28
N ALA K 69 82.32 -85.97 92.40
CA ALA K 69 82.97 -86.58 93.57
C ALA K 69 82.10 -87.70 94.11
N GLN K 70 82.74 -88.74 94.63
CA GLN K 70 82.07 -89.84 95.31
C GLN K 70 82.50 -89.86 96.76
N VAL K 71 81.58 -89.49 97.65
CA VAL K 71 81.89 -89.31 99.07
C VAL K 71 81.10 -90.34 99.88
N LYS K 72 81.74 -90.90 100.90
CA LYS K 72 81.13 -91.92 101.74
C LYS K 72 81.62 -91.72 103.17
N ILE K 73 80.81 -92.19 104.12
CA ILE K 73 81.11 -92.10 105.54
C ILE K 73 81.83 -93.39 105.94
N GLN K 74 83.13 -93.28 106.23
CA GLN K 74 83.93 -94.46 106.54
C GLN K 74 83.59 -95.00 107.93
N GLY K 75 82.58 -95.86 108.00
CA GLY K 75 82.17 -96.43 109.28
C GLY K 75 83.15 -97.44 109.86
N GLN K 76 84.17 -97.84 109.09
CA GLN K 76 85.17 -98.75 109.62
C GLN K 76 85.96 -98.11 110.76
N ASN K 77 86.27 -96.82 110.63
CA ASN K 77 87.01 -96.10 111.67
C ASN K 77 86.05 -95.72 112.79
N LYS K 78 86.30 -96.25 113.99
CA LYS K 78 85.44 -95.96 115.13
C LYS K 78 85.47 -94.49 115.50
N GLU K 79 86.68 -93.90 115.52
CA GLU K 79 86.81 -92.49 115.91
C GLU K 79 86.10 -91.57 114.92
N MET K 80 86.32 -91.79 113.62
CA MET K 80 85.70 -90.94 112.61
C MET K 80 84.19 -91.09 112.63
N LEU K 81 83.70 -92.32 112.76
CA LEU K 81 82.25 -92.54 112.82
C LEU K 81 81.64 -91.89 114.05
N ALA K 82 82.32 -92.00 115.19
CA ALA K 82 81.82 -91.36 116.41
C ALA K 82 81.79 -89.84 116.26
N ALA K 83 82.81 -89.28 115.61
CA ALA K 83 82.81 -87.85 115.35
C ALA K 83 81.65 -87.47 114.43
N ALA K 84 81.41 -88.27 113.39
CA ALA K 84 80.37 -87.93 112.41
C ALA K 84 78.98 -88.04 113.02
N CYS K 85 78.78 -88.99 113.93
CA CYS K 85 77.46 -89.18 114.53
C CYS K 85 77.04 -87.98 115.37
N GLN K 86 78.01 -87.17 115.81
CA GLN K 86 77.70 -86.03 116.65
C GLN K 86 76.93 -84.94 115.92
N MET K 87 76.95 -84.93 114.59
CA MET K 87 76.20 -83.93 113.83
C MET K 87 75.36 -84.51 112.70
N PHE K 88 75.63 -85.73 112.24
CA PHE K 88 74.92 -86.24 111.07
C PHE K 88 73.64 -86.99 111.42
N LEU K 89 73.39 -87.26 112.69
CA LEU K 89 72.09 -87.80 113.08
C LEU K 89 71.00 -86.76 112.86
N GLY K 90 69.88 -87.19 112.31
CA GLY K 90 68.75 -86.32 112.09
C GLY K 90 68.82 -85.46 110.85
N LYS K 91 69.87 -85.61 110.03
CA LYS K 91 70.01 -84.86 108.80
C LYS K 91 69.67 -85.74 107.61
N THR K 92 68.86 -85.21 106.70
CA THR K 92 68.43 -85.95 105.52
C THR K 92 69.60 -86.12 104.55
N GLU K 93 69.40 -87.02 103.59
CA GLU K 93 70.43 -87.28 102.59
C GLU K 93 70.70 -86.04 101.74
N ALA K 94 69.65 -85.29 101.41
CA ALA K 94 69.82 -84.11 100.57
C ALA K 94 70.72 -83.07 101.23
N GLU K 95 70.46 -82.76 102.50
CA GLU K 95 71.28 -81.76 103.19
C GLU K 95 72.70 -82.26 103.41
N ILE K 96 72.84 -83.55 103.73
CA ILE K 96 74.16 -84.14 103.92
C ILE K 96 74.98 -84.01 102.65
N ALA K 97 74.36 -84.32 101.51
CA ALA K 97 75.04 -84.15 100.23
C ALA K 97 75.36 -82.68 99.97
N HIS K 98 74.40 -81.80 100.24
CA HIS K 98 74.53 -80.39 99.88
C HIS K 98 75.64 -79.69 100.65
N ILE K 99 75.77 -79.95 101.94
CA ILE K 99 76.80 -79.26 102.74
C ILE K 99 78.19 -79.67 102.29
N ALA K 100 78.43 -80.97 102.15
CA ALA K 100 79.72 -81.43 101.67
C ALA K 100 79.97 -80.99 100.24
N LEU K 101 78.91 -80.83 99.44
CA LEU K 101 79.06 -80.31 98.09
C LEU K 101 79.62 -78.90 98.10
N GLU K 102 79.07 -78.04 98.96
CA GLU K 102 79.59 -76.68 99.06
C GLU K 102 81.01 -76.67 99.59
N THR K 103 81.32 -77.53 100.56
CA THR K 103 82.69 -77.57 101.06
C THR K 103 83.67 -78.00 99.97
N LEU K 104 83.35 -79.06 99.24
CA LEU K 104 84.25 -79.54 98.19
C LEU K 104 84.35 -78.52 97.06
N GLU K 105 83.25 -77.80 96.78
CA GLU K 105 83.31 -76.74 95.80
C GLU K 105 84.25 -75.64 96.25
N GLY K 106 84.22 -75.30 97.54
CA GLY K 106 85.16 -74.33 98.07
C GLY K 106 86.59 -74.79 97.88
N HIS K 107 86.88 -76.06 98.20
CA HIS K 107 88.23 -76.57 98.02
C HIS K 107 88.66 -76.55 96.55
N GLN K 108 87.78 -76.98 95.65
CA GLN K 108 88.14 -77.02 94.23
C GLN K 108 88.37 -75.62 93.68
N ARG K 109 87.45 -74.70 93.97
CA ARG K 109 87.57 -73.34 93.48
C ARG K 109 88.76 -72.63 94.10
N ALA K 110 89.16 -73.02 95.32
CA ALA K 110 90.38 -72.47 95.90
C ALA K 110 91.62 -73.01 95.19
N ILE K 111 91.65 -74.31 94.91
CA ILE K 111 92.80 -74.89 94.22
C ILE K 111 92.80 -74.54 92.73
N MET K 112 91.74 -73.92 92.23
CA MET K 112 91.71 -73.50 90.83
C MET K 112 92.87 -72.56 90.51
N ALA K 113 93.19 -71.65 91.42
CA ALA K 113 94.25 -70.69 91.19
C ALA K 113 95.64 -71.28 91.42
N HIS K 114 95.74 -72.51 91.91
CA HIS K 114 97.05 -73.12 92.06
C HIS K 114 97.56 -73.63 90.72
N MET K 115 96.78 -74.47 90.04
CA MET K 115 97.16 -75.07 88.77
C MET K 115 96.47 -74.34 87.63
N THR K 116 97.26 -73.99 86.60
CA THR K 116 96.73 -73.31 85.43
C THR K 116 95.97 -74.29 84.54
N VAL K 117 95.18 -73.73 83.61
CA VAL K 117 94.37 -74.55 82.71
C VAL K 117 95.28 -75.45 81.88
N GLU K 118 96.38 -74.90 81.37
CA GLU K 118 97.35 -75.70 80.65
C GLU K 118 97.79 -76.89 81.49
N GLU K 119 97.93 -76.68 82.81
CA GLU K 119 98.24 -77.79 83.68
C GLU K 119 97.05 -78.71 83.87
N ILE K 120 95.83 -78.17 83.97
CA ILE K 120 94.71 -79.00 84.39
C ILE K 120 94.33 -79.99 83.30
N TYR K 121 94.33 -79.58 82.02
CA TYR K 121 93.91 -80.57 81.04
C TYR K 121 95.06 -81.49 80.64
N LYS K 122 96.30 -81.00 80.70
CA LYS K 122 97.45 -81.84 80.36
C LYS K 122 97.87 -82.69 81.56
N ASP K 123 98.30 -82.03 82.64
CA ASP K 123 98.74 -82.74 83.83
C ASP K 123 97.60 -82.84 84.83
N ARG K 124 96.74 -83.85 84.65
CA ARG K 124 95.53 -83.97 85.45
C ARG K 124 95.72 -84.91 86.65
N GLN K 125 96.65 -85.85 86.54
CA GLN K 125 96.82 -86.83 87.61
C GLN K 125 97.34 -86.18 88.89
N LYS K 126 98.39 -85.36 88.78
CA LYS K 126 98.92 -84.69 89.96
C LYS K 126 97.89 -83.71 90.54
N PHE K 127 97.19 -82.99 89.66
CA PHE K 127 96.11 -82.12 90.10
C PHE K 127 95.08 -82.88 90.92
N SER K 128 94.58 -84.00 90.38
CA SER K 128 93.56 -84.77 91.07
C SER K 128 94.08 -85.31 92.39
N GLU K 129 95.33 -85.77 92.41
CA GLU K 129 95.89 -86.30 93.65
C GLU K 129 96.00 -85.24 94.72
N GLN K 130 96.46 -84.04 94.36
CA GLN K 130 96.57 -82.97 95.35
C GLN K 130 95.19 -82.52 95.84
N VAL K 131 94.23 -82.40 94.92
CA VAL K 131 92.86 -82.06 95.30
C VAL K 131 92.31 -83.09 96.27
N PHE K 132 92.49 -84.38 95.94
CA PHE K 132 92.02 -85.44 96.82
C PHE K 132 92.68 -85.37 98.18
N LYS K 133 94.00 -85.15 98.21
CA LYS K 133 94.70 -85.08 99.49
C LYS K 133 94.15 -83.97 100.37
N VAL K 134 94.08 -82.75 99.84
CA VAL K 134 93.68 -81.61 100.66
C VAL K 134 92.22 -81.72 101.07
N ALA K 135 91.35 -82.05 100.11
CA ALA K 135 89.92 -82.17 100.42
C ALA K 135 89.67 -83.30 101.40
N SER K 136 90.34 -84.44 101.22
CA SER K 136 90.16 -85.56 102.13
C SER K 136 90.64 -85.21 103.53
N SER K 137 91.76 -84.49 103.65
CA SER K 137 92.20 -84.07 104.97
C SER K 137 91.16 -83.18 105.64
N ASP K 138 90.72 -82.13 104.95
CA ASP K 138 89.83 -81.16 105.59
C ASP K 138 88.43 -81.74 105.79
N LEU K 139 88.09 -82.81 105.06
CA LEU K 139 86.75 -83.39 105.19
C LEU K 139 86.72 -84.53 106.19
N VAL K 140 87.84 -85.26 106.34
CA VAL K 140 87.99 -86.19 107.45
C VAL K 140 88.03 -85.40 108.76
N ASN K 141 88.61 -84.20 108.72
CA ASN K 141 88.46 -83.29 109.85
C ASN K 141 86.99 -83.04 110.16
N MET K 142 86.17 -82.90 109.11
CA MET K 142 84.73 -82.74 109.32
C MET K 142 84.07 -84.10 109.55
N GLY K 143 84.57 -85.15 108.90
CA GLY K 143 84.08 -86.49 109.15
C GLY K 143 83.71 -87.33 107.94
N ILE K 144 83.79 -86.78 106.73
CA ILE K 144 83.49 -87.53 105.51
C ILE K 144 84.78 -87.73 104.73
N SER K 145 84.99 -88.96 104.26
CA SER K 145 86.14 -89.30 103.43
C SER K 145 85.68 -89.45 101.99
N VAL K 146 86.34 -88.73 101.09
CA VAL K 146 85.99 -88.79 99.67
C VAL K 146 86.62 -90.04 99.07
N VAL K 147 85.77 -90.89 98.47
CA VAL K 147 86.28 -92.11 97.85
C VAL K 147 87.13 -91.78 96.64
N SER K 148 86.63 -90.91 95.77
CA SER K 148 87.36 -90.53 94.56
C SER K 148 86.77 -89.24 94.02
N TYR K 149 87.63 -88.31 93.63
CA TYR K 149 87.23 -87.05 93.05
C TYR K 149 87.74 -86.98 91.62
N THR K 150 86.92 -86.43 90.73
CA THR K 150 87.29 -86.26 89.33
C THR K 150 86.75 -84.93 88.84
N LEU K 151 87.25 -84.50 87.68
CA LEU K 151 86.81 -83.28 87.02
C LEU K 151 85.93 -83.65 85.83
N LYS K 152 84.69 -83.17 85.84
CA LYS K 152 83.73 -83.60 84.84
C LYS K 152 84.01 -82.96 83.48
N ASP K 153 83.95 -81.64 83.41
CA ASP K 153 84.11 -80.94 82.14
C ASP K 153 84.78 -79.59 82.39
N ILE K 154 85.47 -79.11 81.37
CA ILE K 154 86.07 -77.78 81.37
C ILE K 154 85.49 -77.01 80.18
N HIS K 155 84.97 -75.83 80.45
CA HIS K 155 84.34 -75.01 79.42
C HIS K 155 84.91 -73.60 79.48
N ASP K 156 85.08 -73.00 78.30
CA ASP K 156 85.59 -71.63 78.19
C ASP K 156 84.63 -70.82 77.33
N ASP K 157 84.05 -69.78 77.92
CA ASP K 157 83.16 -68.87 77.20
C ASP K 157 83.91 -67.70 76.56
N GLN K 158 85.22 -67.60 76.80
CA GLN K 158 86.04 -66.51 76.28
C GLN K 158 86.76 -66.88 74.99
N ASP K 159 86.52 -68.08 74.46
CA ASP K 159 87.20 -68.63 73.28
C ASP K 159 88.70 -68.78 73.52
N TYR K 160 89.13 -69.00 74.75
CA TYR K 160 90.56 -69.10 75.06
C TYR K 160 91.17 -70.37 74.47
N LEU K 161 90.46 -71.49 74.58
CA LEU K 161 91.06 -72.78 74.23
C LEU K 161 90.74 -73.16 72.78
N HIS K 162 89.75 -72.51 72.18
CA HIS K 162 89.37 -72.84 70.82
C HIS K 162 90.49 -72.56 69.84
N SER K 163 91.22 -71.46 70.02
CA SER K 163 92.34 -71.14 69.14
C SER K 163 93.47 -72.15 69.31
N LEU K 164 93.74 -72.55 70.55
CA LEU K 164 94.76 -73.56 70.80
C LEU K 164 94.40 -74.87 70.10
N GLY K 165 93.11 -75.22 70.10
CA GLY K 165 92.68 -76.36 69.33
C GLY K 165 92.84 -76.17 67.83
N LYS K 166 92.51 -74.97 67.35
CA LYS K 166 92.48 -74.71 65.91
C LYS K 166 93.88 -74.70 65.31
N ALA K 167 94.88 -74.40 66.14
CA ALA K 167 96.26 -74.41 65.65
C ALA K 167 96.64 -75.75 65.03
N ARG K 168 96.39 -76.84 65.77
CA ARG K 168 96.75 -78.17 65.26
C ARG K 168 95.88 -78.56 64.06
N THR K 169 94.63 -78.10 64.05
CA THR K 169 93.77 -78.37 62.89
C THR K 169 94.35 -77.74 61.63
N ALA K 170 94.85 -76.51 61.73
CA ALA K 170 95.54 -75.91 60.59
C ALA K 170 96.79 -76.70 60.25
N GLN K 171 97.53 -77.14 61.27
CA GLN K 171 98.79 -77.85 61.03
C GLN K 171 98.55 -79.19 60.33
N VAL K 172 97.36 -79.76 60.48
CA VAL K 172 97.06 -81.01 59.79
C VAL K 172 96.41 -80.72 58.43
N GLN K 173 95.68 -79.61 58.33
CA GLN K 173 95.08 -79.26 57.06
C GLN K 173 96.13 -78.92 56.01
N LYS K 174 97.29 -78.41 56.45
CA LYS K 174 98.36 -78.19 55.49
C LYS K 174 98.83 -79.50 54.87
N ASP K 175 98.92 -80.56 55.68
CA ASP K 175 99.22 -81.89 55.17
C ASP K 175 98.11 -82.40 54.27
N ALA K 176 96.85 -82.15 54.65
CA ALA K 176 95.73 -82.56 53.81
C ALA K 176 95.82 -81.93 52.44
N ARG K 177 96.25 -80.66 52.37
CA ARG K 177 96.37 -80.00 51.07
C ARG K 177 97.61 -80.47 50.31
N ILE K 178 98.71 -80.76 51.03
CA ILE K 178 99.93 -81.19 50.36
C ILE K 178 99.71 -82.53 49.68
N GLY K 179 98.94 -83.42 50.31
CA GLY K 179 98.66 -84.70 49.68
C GLY K 179 97.85 -84.53 48.41
N GLU K 180 96.84 -83.65 48.44
CA GLU K 180 96.03 -83.39 47.26
C GLU K 180 96.87 -82.80 46.15
N ALA K 181 97.78 -81.89 46.48
CA ALA K 181 98.65 -81.30 45.47
C ALA K 181 99.55 -82.35 44.84
N GLU K 182 100.14 -83.23 45.65
CA GLU K 182 100.91 -84.36 45.10
C GLU K 182 100.06 -85.16 44.13
N ALA K 183 98.87 -85.58 44.55
CA ALA K 183 98.05 -86.43 43.72
C ALA K 183 97.66 -85.74 42.42
N LYS K 184 97.27 -84.47 42.49
CA LYS K 184 96.85 -83.75 41.30
C LYS K 184 98.00 -83.57 40.31
N ARG K 185 99.19 -83.19 40.80
CA ARG K 185 100.31 -83.04 39.89
C ARG K 185 100.68 -84.37 39.24
N ASP K 186 100.72 -85.44 40.04
CA ASP K 186 101.09 -86.74 39.50
C ASP K 186 100.08 -87.24 38.48
N ALA K 187 98.78 -86.98 38.71
CA ALA K 187 97.78 -87.38 37.72
C ALA K 187 97.89 -86.56 36.45
N GLY K 188 97.98 -85.23 36.59
CA GLY K 188 97.99 -84.37 35.42
C GLY K 188 99.18 -84.56 34.52
N ILE K 189 100.37 -84.78 35.08
CA ILE K 189 101.56 -84.93 34.26
C ILE K 189 101.38 -86.04 33.23
N ARG K 190 101.06 -87.26 33.68
CA ARG K 190 100.93 -88.38 32.76
C ARG K 190 99.63 -88.36 31.99
N GLU K 191 98.56 -87.76 32.52
CA GLU K 191 97.37 -87.59 31.69
C GLU K 191 97.66 -86.73 30.48
N ALA K 192 98.34 -85.60 30.69
CA ALA K 192 98.71 -84.74 29.57
C ALA K 192 99.66 -85.45 28.62
N LYS K 193 100.61 -86.22 29.16
CA LYS K 193 101.53 -86.94 28.27
C LYS K 193 100.80 -87.95 27.40
N ALA K 194 99.88 -88.73 27.98
CA ALA K 194 99.14 -89.71 27.20
C ALA K 194 98.27 -89.02 26.15
N LYS K 195 97.63 -87.90 26.54
CA LYS K 195 96.91 -87.08 25.58
C LYS K 195 97.81 -86.71 24.41
N GLN K 196 99.05 -86.31 24.71
CA GLN K 196 100.00 -85.92 23.67
C GLN K 196 100.28 -87.07 22.71
N GLU K 197 100.57 -88.25 23.24
CA GLU K 197 100.84 -89.38 22.35
C GLU K 197 99.64 -89.72 21.48
N LYS K 198 98.43 -89.71 22.04
CA LYS K 198 97.30 -90.14 21.22
C LYS K 198 97.06 -89.12 20.10
N VAL K 199 97.20 -87.83 20.40
CA VAL K 199 97.01 -86.84 19.35
C VAL K 199 98.10 -86.95 18.28
N SER K 200 99.34 -87.20 18.71
CA SER K 200 100.42 -87.34 17.74
C SER K 200 100.17 -88.52 16.80
N ALA K 201 99.73 -89.66 17.36
CA ALA K 201 99.42 -90.80 16.52
C ALA K 201 98.21 -90.55 15.62
N GLN K 202 97.19 -89.85 16.11
CA GLN K 202 96.04 -89.55 15.29
C GLN K 202 96.42 -88.70 14.09
N TYR K 203 97.27 -87.69 14.31
CA TYR K 203 97.72 -86.87 13.18
C TYR K 203 98.64 -87.65 12.25
N LEU K 204 99.46 -88.56 12.80
CA LEU K 204 100.26 -89.41 11.93
C LEU K 204 99.38 -90.25 11.00
N SER K 205 98.28 -90.78 11.53
CA SER K 205 97.34 -91.52 10.69
C SER K 205 96.67 -90.60 9.68
N GLU K 206 96.31 -89.39 10.09
CA GLU K 206 95.71 -88.43 9.16
C GLU K 206 96.66 -88.04 8.04
N ILE K 207 97.97 -88.17 8.24
CA ILE K 207 98.92 -87.97 7.14
C ILE K 207 98.66 -88.99 6.03
N GLU K 208 98.58 -90.27 6.40
CA GLU K 208 98.27 -91.30 5.41
C GLU K 208 96.87 -91.14 4.85
N MET K 209 95.95 -90.59 5.63
CA MET K 209 94.64 -90.23 5.09
C MET K 209 94.78 -89.31 3.89
N ALA K 210 95.59 -88.25 4.02
CA ALA K 210 95.80 -87.34 2.92
C ALA K 210 96.60 -87.97 1.78
N LYS K 211 97.53 -88.88 2.11
CA LYS K 211 98.20 -89.65 1.08
C LYS K 211 97.20 -90.37 0.18
N ALA K 212 96.29 -91.12 0.79
CA ALA K 212 95.27 -91.84 0.02
C ALA K 212 94.32 -90.89 -0.69
N GLN K 213 93.98 -89.77 -0.06
CA GLN K 213 93.09 -88.80 -0.69
C GLN K 213 93.73 -88.25 -1.97
N ARG K 214 95.01 -87.90 -1.92
CA ARG K 214 95.72 -87.50 -3.13
C ARG K 214 95.72 -88.62 -4.16
N ASP K 215 96.12 -89.82 -3.74
CA ASP K 215 96.22 -90.94 -4.67
C ASP K 215 94.92 -91.22 -5.40
N TYR K 216 93.78 -90.97 -4.76
CA TYR K 216 92.49 -91.16 -5.40
C TYR K 216 92.06 -89.96 -6.23
N GLU K 217 92.15 -88.75 -5.67
CA GLU K 217 91.65 -87.56 -6.33
C GLU K 217 92.43 -87.23 -7.59
N LEU K 218 93.76 -87.37 -7.56
CA LEU K 218 94.56 -87.03 -8.73
C LEU K 218 94.20 -87.92 -9.92
N LYS K 219 94.09 -89.23 -9.67
CA LYS K 219 93.70 -90.15 -10.75
C LYS K 219 92.28 -89.89 -11.22
N LYS K 220 91.37 -89.59 -10.29
CA LYS K 220 90.00 -89.30 -10.71
C LYS K 220 89.96 -88.08 -11.64
N ALA K 221 90.69 -87.02 -11.28
CA ALA K 221 90.73 -85.85 -12.14
C ALA K 221 91.40 -86.14 -13.48
N ALA K 222 92.47 -86.93 -13.46
CA ALA K 222 93.16 -87.26 -14.71
C ALA K 222 92.24 -88.03 -15.64
N TYR K 223 91.45 -88.95 -15.10
CA TYR K 223 90.49 -89.69 -15.92
C TYR K 223 89.35 -88.78 -16.39
N ASP K 224 88.93 -87.85 -15.54
CA ASP K 224 87.89 -86.92 -15.92
C ASP K 224 88.32 -86.05 -17.09
N ILE K 225 89.60 -85.69 -17.15
CA ILE K 225 90.08 -84.89 -18.28
C ILE K 225 89.81 -85.63 -19.60
N GLU K 226 90.17 -86.90 -19.66
CA GLU K 226 89.99 -87.67 -20.88
C GLU K 226 88.52 -87.85 -21.21
N VAL K 227 87.70 -88.16 -20.20
CA VAL K 227 86.28 -88.39 -20.50
C VAL K 227 85.62 -87.09 -20.97
N ASN K 228 86.00 -85.95 -20.39
CA ASN K 228 85.44 -84.68 -20.83
C ASN K 228 85.87 -84.35 -22.25
N THR K 229 87.13 -84.60 -22.61
CA THR K 229 87.56 -84.34 -23.98
C THR K 229 86.79 -85.19 -24.98
N ARG K 230 86.65 -86.49 -24.69
CA ARG K 230 85.93 -87.36 -25.61
C ARG K 230 84.45 -86.99 -25.71
N ARG K 231 83.82 -86.64 -24.58
CA ARG K 231 82.43 -86.22 -24.61
C ARG K 231 82.26 -84.93 -25.40
N ALA K 232 83.20 -83.99 -25.27
CA ALA K 232 83.12 -82.76 -26.04
C ALA K 232 83.22 -83.04 -27.53
N GLN K 233 84.11 -83.95 -27.93
CA GLN K 233 84.18 -84.32 -29.34
C GLN K 233 82.88 -84.96 -29.80
N ALA K 234 82.32 -85.86 -28.99
CA ALA K 234 81.13 -86.59 -29.38
C ALA K 234 79.93 -85.66 -29.54
N ASP K 235 79.82 -84.65 -28.69
CA ASP K 235 78.68 -83.74 -28.78
C ASP K 235 78.64 -83.01 -30.12
N LEU K 236 79.79 -82.51 -30.56
CA LEU K 236 79.84 -81.67 -31.75
C LEU K 236 80.09 -82.44 -33.04
N ALA K 237 80.35 -83.75 -32.95
CA ALA K 237 80.40 -84.55 -34.17
C ALA K 237 79.10 -84.44 -34.97
N TYR K 238 77.97 -84.40 -34.26
CA TYR K 238 76.67 -84.30 -34.93
C TYR K 238 76.57 -83.02 -35.74
N GLN K 239 76.93 -81.88 -35.14
CA GLN K 239 76.88 -80.61 -35.85
C GLN K 239 77.86 -80.60 -37.03
N LEU K 240 79.05 -81.17 -36.84
CA LEU K 240 80.00 -81.24 -37.93
C LEU K 240 79.42 -81.99 -39.12
N GLN K 241 78.84 -83.17 -38.87
CA GLN K 241 78.30 -83.95 -39.98
C GLN K 241 77.07 -83.28 -40.61
N VAL K 242 76.21 -82.67 -39.79
CA VAL K 242 75.02 -82.04 -40.36
C VAL K 242 75.41 -80.85 -41.22
N ALA K 243 76.46 -80.12 -40.85
CA ALA K 243 76.95 -79.06 -41.72
C ALA K 243 77.55 -79.63 -43.00
N LYS K 244 78.34 -80.71 -42.87
CA LYS K 244 78.98 -81.29 -44.05
C LYS K 244 77.96 -81.77 -45.07
N THR K 245 76.82 -82.29 -44.59
CA THR K 245 75.78 -82.72 -45.53
C THR K 245 74.85 -81.59 -45.96
N LYS K 246 74.66 -80.57 -45.11
CA LYS K 246 73.95 -79.37 -45.54
C LYS K 246 74.68 -78.69 -46.68
N GLN K 247 75.99 -78.89 -46.79
CA GLN K 247 76.71 -78.42 -47.97
C GLN K 247 76.05 -78.93 -49.25
N GLN K 248 75.84 -80.24 -49.35
CA GLN K 248 75.21 -80.81 -50.54
C GLN K 248 73.73 -80.44 -50.62
N ILE K 249 73.06 -80.34 -49.47
CA ILE K 249 71.66 -79.92 -49.46
C ILE K 249 71.52 -78.59 -50.18
N GLU K 250 72.36 -77.61 -49.81
CA GLU K 250 72.33 -76.31 -50.45
C GLU K 250 72.84 -76.36 -51.89
N GLU K 251 73.84 -77.20 -52.16
CA GLU K 251 74.36 -77.33 -53.51
C GLU K 251 73.27 -77.71 -54.50
N GLN K 252 72.34 -78.58 -54.08
CA GLN K 252 71.23 -78.93 -54.96
C GLN K 252 70.05 -77.95 -54.86
N ARG K 253 69.79 -77.42 -53.67
CA ARG K 253 68.70 -76.46 -53.51
C ARG K 253 68.97 -75.18 -54.30
N VAL K 254 70.23 -74.95 -54.68
CA VAL K 254 70.53 -73.85 -55.60
C VAL K 254 70.58 -74.31 -57.05
N GLN K 255 70.94 -75.57 -57.30
CA GLN K 255 70.90 -76.12 -58.65
C GLN K 255 69.51 -76.09 -59.25
N VAL K 256 68.48 -76.23 -58.41
CA VAL K 256 67.12 -76.07 -58.94
C VAL K 256 66.92 -74.68 -59.52
N GLN K 257 67.53 -73.64 -58.92
CA GLN K 257 67.47 -72.31 -59.49
C GLN K 257 68.19 -72.22 -60.84
N VAL K 258 69.32 -72.90 -60.98
CA VAL K 258 70.01 -72.93 -62.26
C VAL K 258 69.12 -73.51 -63.33
N VAL K 259 68.42 -74.61 -63.01
CA VAL K 259 67.48 -75.20 -63.96
C VAL K 259 66.37 -74.22 -64.32
N GLU K 260 65.80 -73.55 -63.29
CA GLU K 260 64.77 -72.55 -63.53
C GLU K 260 65.22 -71.51 -64.54
N ARG K 261 66.40 -70.93 -64.33
CA ARG K 261 66.84 -69.86 -65.22
C ARG K 261 67.21 -70.41 -66.61
N ALA K 262 67.85 -71.58 -66.67
CA ALA K 262 68.22 -72.18 -67.93
C ALA K 262 67.02 -72.62 -68.75
N GLN K 263 65.83 -72.68 -68.16
CA GLN K 263 64.62 -72.84 -68.96
C GLN K 263 63.85 -71.55 -69.19
N GLN K 264 63.95 -70.58 -68.29
CA GLN K 264 63.41 -69.26 -68.59
C GLN K 264 64.09 -68.63 -69.80
N VAL K 265 65.35 -68.99 -70.05
CA VAL K 265 66.00 -68.49 -71.27
C VAL K 265 65.29 -69.05 -72.51
N ALA K 266 64.83 -70.30 -72.46
CA ALA K 266 64.07 -70.84 -73.60
C ALA K 266 62.69 -70.19 -73.68
N VAL K 267 62.09 -69.89 -72.52
CA VAL K 267 60.84 -69.14 -72.52
C VAL K 267 61.02 -67.83 -73.28
N GLN K 268 62.09 -67.11 -72.99
CA GLN K 268 62.36 -65.85 -73.70
C GLN K 268 62.73 -66.10 -75.15
N GLU K 269 63.33 -67.24 -75.46
CA GLU K 269 63.65 -67.58 -76.84
C GLU K 269 62.38 -67.71 -77.67
N GLN K 270 61.33 -68.27 -77.07
CA GLN K 270 60.04 -68.26 -77.76
C GLN K 270 59.39 -66.88 -77.73
N GLU K 271 59.61 -66.13 -76.65
CA GLU K 271 59.00 -64.81 -76.50
C GLU K 271 59.51 -63.84 -77.56
N ILE K 272 60.76 -63.99 -78.00
CA ILE K 272 61.27 -63.05 -79.00
C ILE K 272 60.51 -63.20 -80.31
N ALA K 273 60.23 -64.43 -80.73
CA ALA K 273 59.46 -64.62 -81.96
C ALA K 273 58.00 -64.25 -81.76
N ARG K 274 57.46 -64.50 -80.56
CA ARG K 274 56.10 -64.06 -80.28
C ARG K 274 55.99 -62.55 -80.41
N ARG K 275 56.96 -61.82 -79.87
CA ARG K 275 56.99 -60.38 -80.00
C ARG K 275 57.17 -59.95 -81.45
N GLU K 276 58.04 -60.63 -82.19
CA GLU K 276 58.14 -60.41 -83.64
C GLU K 276 56.75 -60.39 -84.27
N LYS K 277 56.03 -61.50 -84.15
CA LYS K 277 54.74 -61.63 -84.83
C LYS K 277 53.73 -60.61 -84.32
N GLU K 278 53.60 -60.49 -82.99
CA GLU K 278 52.59 -59.61 -82.42
C GLU K 278 52.86 -58.15 -82.76
N LEU K 279 54.12 -57.72 -82.65
CA LEU K 279 54.49 -56.36 -82.98
C LEU K 279 54.28 -56.07 -84.45
N GLU K 280 54.63 -57.02 -85.32
CA GLU K 280 54.33 -56.83 -86.73
C GLU K 280 52.85 -56.60 -86.94
N ALA K 281 52.01 -57.49 -86.40
CA ALA K 281 50.56 -57.38 -86.59
C ALA K 281 50.00 -56.08 -86.05
N ARG K 282 50.48 -55.62 -84.90
CA ARG K 282 49.91 -54.44 -84.25
C ARG K 282 50.56 -53.12 -84.63
N VAL K 283 51.65 -53.15 -85.42
CA VAL K 283 52.30 -51.90 -85.80
C VAL K 283 52.44 -51.78 -87.30
N ARG K 284 53.06 -52.77 -87.95
CA ARG K 284 53.44 -52.60 -89.34
C ARG K 284 52.22 -52.59 -90.25
N LYS K 285 51.31 -53.55 -90.08
CA LYS K 285 50.10 -53.58 -90.88
C LYS K 285 49.21 -52.36 -90.66
N PRO K 286 48.95 -51.91 -89.41
CA PRO K 286 48.20 -50.65 -89.26
C PRO K 286 48.88 -49.47 -89.92
N ALA K 287 50.22 -49.41 -89.88
CA ALA K 287 50.92 -48.32 -90.56
C ALA K 287 50.72 -48.38 -92.06
N GLU K 288 50.79 -49.57 -92.66
CA GLU K 288 50.54 -49.70 -94.09
C GLU K 288 49.12 -49.29 -94.44
N ALA K 289 48.14 -49.72 -93.63
CA ALA K 289 46.75 -49.37 -93.89
C ALA K 289 46.53 -47.86 -93.76
N GLU K 290 47.14 -47.24 -92.76
CA GLU K 290 47.01 -45.79 -92.60
C GLU K 290 47.67 -45.05 -93.76
N ARG K 291 48.81 -45.54 -94.24
CA ARG K 291 49.45 -44.91 -95.39
C ARG K 291 48.56 -45.00 -96.62
N TYR K 292 47.94 -46.17 -96.84
CA TYR K 292 47.05 -46.29 -98.00
C TYR K 292 45.84 -45.39 -97.86
N LYS K 293 45.28 -45.29 -96.64
CA LYS K 293 44.15 -44.40 -96.41
C LYS K 293 44.52 -42.95 -96.69
N LEU K 294 45.68 -42.51 -96.20
CA LEU K 294 46.14 -41.15 -96.45
C LEU K 294 46.36 -40.91 -97.93
N GLU K 295 46.98 -41.87 -98.62
CA GLU K 295 47.18 -41.74 -100.06
C GLU K 295 45.86 -41.54 -100.79
N ARG K 296 44.87 -42.38 -100.50
CA ARG K 296 43.60 -42.28 -101.21
C ARG K 296 42.84 -41.00 -100.88
N LEU K 297 42.81 -40.62 -99.59
CA LEU K 297 42.12 -39.39 -99.23
C LEU K 297 42.81 -38.17 -99.83
N ALA K 298 44.14 -38.15 -99.86
CA ALA K 298 44.84 -37.05 -100.49
C ALA K 298 44.59 -37.00 -101.99
N GLU K 299 44.54 -38.16 -102.65
CA GLU K 299 44.21 -38.18 -104.08
C GLU K 299 42.81 -37.63 -104.32
N ALA K 300 41.86 -38.01 -103.48
CA ALA K 300 40.50 -37.48 -103.61
C ALA K 300 40.47 -35.97 -103.40
N GLU K 301 41.20 -35.48 -102.40
CA GLU K 301 41.22 -34.04 -102.14
C GLU K 301 41.84 -33.29 -103.31
N LYS K 302 42.91 -33.81 -103.89
CA LYS K 302 43.48 -33.17 -105.08
C LYS K 302 42.49 -33.18 -106.24
N SER K 303 41.80 -34.32 -106.45
CA SER K 303 40.86 -34.41 -107.54
C SER K 303 39.71 -33.42 -107.36
N GLN K 304 39.28 -33.21 -106.13
CA GLN K 304 38.22 -32.24 -105.88
C GLN K 304 38.72 -30.80 -106.06
N LEU K 305 39.90 -30.49 -105.51
CA LEU K 305 40.39 -29.13 -105.55
C LEU K 305 40.72 -28.68 -106.96
N ILE K 306 41.32 -29.56 -107.77
CA ILE K 306 41.67 -29.19 -109.14
C ILE K 306 40.45 -28.76 -109.93
N MET K 307 39.36 -29.51 -109.83
CA MET K 307 38.18 -29.22 -110.63
C MET K 307 37.30 -28.15 -110.02
N GLN K 308 37.31 -27.97 -108.70
CA GLN K 308 36.70 -26.79 -108.11
C GLN K 308 37.41 -25.53 -108.57
N ALA K 309 38.75 -25.58 -108.64
CA ALA K 309 39.52 -24.45 -109.17
C ALA K 309 39.18 -24.20 -110.63
N GLU K 310 39.06 -25.27 -111.41
CA GLU K 310 38.69 -25.11 -112.82
C GLU K 310 37.32 -24.45 -112.96
N ALA K 311 36.36 -24.87 -112.12
CA ALA K 311 35.03 -24.27 -112.15
C ALA K 311 35.09 -22.79 -111.79
N GLU K 312 35.86 -22.44 -110.75
CA GLU K 312 35.99 -21.03 -110.37
C GLU K 312 36.63 -20.22 -111.47
N ALA K 313 37.66 -20.76 -112.12
CA ALA K 313 38.32 -20.05 -113.21
C ALA K 313 37.37 -19.83 -114.37
N ALA K 314 36.59 -20.85 -114.73
CA ALA K 314 35.61 -20.68 -115.80
C ALA K 314 34.56 -19.66 -115.44
N SER K 315 34.10 -19.66 -114.18
CA SER K 315 33.14 -18.67 -113.72
C SER K 315 33.71 -17.26 -113.88
N VAL K 316 34.94 -17.04 -113.42
CA VAL K 316 35.55 -15.72 -113.51
C VAL K 316 35.70 -15.31 -114.96
N ARG K 317 36.19 -16.22 -115.81
CA ARG K 317 36.36 -15.92 -117.23
C ARG K 317 35.05 -15.49 -117.87
N MET K 318 33.99 -16.29 -117.69
CA MET K 318 32.73 -15.99 -118.34
C MET K 318 32.09 -14.72 -117.82
N ARG K 319 32.07 -14.51 -116.50
CA ARG K 319 31.47 -13.30 -115.96
C ARG K 319 32.23 -12.06 -116.40
N GLY K 320 33.57 -12.13 -116.40
CA GLY K 320 34.35 -11.00 -116.85
C GLY K 320 34.15 -10.69 -118.32
N GLU K 321 34.08 -11.73 -119.15
CA GLU K 321 33.85 -11.51 -120.57
C GLU K 321 32.48 -10.88 -120.80
N ALA K 322 31.46 -11.36 -120.08
CA ALA K 322 30.13 -10.78 -120.24
C ALA K 322 30.11 -9.31 -119.82
N GLU K 323 30.75 -8.98 -118.70
CA GLU K 323 30.70 -7.60 -118.24
C GLU K 323 31.52 -6.69 -119.15
N ALA K 324 32.61 -7.21 -119.72
CA ALA K 324 33.38 -6.44 -120.68
C ALA K 324 32.59 -6.18 -121.95
N PHE K 325 31.84 -7.18 -122.42
CA PHE K 325 30.98 -6.96 -123.58
C PHE K 325 29.91 -5.92 -123.27
N ALA K 326 29.37 -5.97 -122.06
CA ALA K 326 28.40 -4.95 -121.65
C ALA K 326 29.00 -3.55 -121.62
N ILE K 327 30.25 -3.45 -121.14
CA ILE K 327 30.95 -2.17 -121.15
C ILE K 327 31.11 -1.67 -122.58
N GLY K 328 31.50 -2.55 -123.49
CA GLY K 328 31.59 -2.17 -124.89
C GLY K 328 30.25 -1.73 -125.47
N ALA K 329 29.16 -2.38 -125.03
CA ALA K 329 27.84 -2.01 -125.51
C ALA K 329 27.49 -0.58 -125.10
N ARG K 330 27.63 -0.27 -123.80
CA ARG K 330 27.42 1.13 -123.41
C ARG K 330 28.42 2.06 -124.09
N ALA K 331 29.62 1.60 -124.38
CA ALA K 331 30.60 2.45 -125.05
C ALA K 331 30.10 2.87 -126.42
N ARG K 332 29.68 1.89 -127.23
CA ARG K 332 29.15 2.20 -128.55
C ARG K 332 27.91 3.07 -128.46
N ALA K 333 27.01 2.77 -127.53
CA ALA K 333 25.80 3.56 -127.37
C ALA K 333 26.13 5.00 -127.01
N GLU K 334 27.06 5.20 -126.08
CA GLU K 334 27.42 6.54 -125.64
C GLU K 334 28.13 7.32 -126.73
N ALA K 335 28.94 6.64 -127.54
CA ALA K 335 29.61 7.34 -128.64
C ALA K 335 28.60 7.81 -129.68
N GLU K 336 27.72 6.91 -130.12
CA GLU K 336 26.69 7.31 -131.06
C GLU K 336 25.76 8.35 -130.45
N GLN K 337 25.65 8.36 -129.12
CA GLN K 337 24.85 9.34 -128.42
C GLN K 337 25.50 10.72 -128.47
N MET K 338 26.81 10.78 -128.18
CA MET K 338 27.50 12.06 -128.08
C MET K 338 27.75 12.68 -129.43
N ALA K 339 27.82 11.86 -130.48
CA ALA K 339 27.95 12.43 -131.83
C ALA K 339 26.80 13.38 -132.12
N LYS K 340 25.57 12.99 -131.80
CA LYS K 340 24.44 13.87 -132.04
C LYS K 340 24.43 15.06 -131.07
N LYS K 341 24.93 14.90 -129.84
CA LYS K 341 25.10 16.06 -128.98
C LYS K 341 25.98 17.11 -129.64
N ALA K 342 27.12 16.68 -130.18
CA ALA K 342 27.99 17.63 -130.87
C ALA K 342 27.30 18.25 -132.09
N GLU K 343 26.59 17.42 -132.86
CA GLU K 343 25.90 17.94 -134.04
C GLU K 343 24.87 18.99 -133.65
N ALA K 344 24.10 18.74 -132.59
CA ALA K 344 23.11 19.71 -132.15
C ALA K 344 23.77 20.98 -131.62
N PHE K 345 24.83 20.83 -130.81
CA PHE K 345 25.53 21.99 -130.28
C PHE K 345 26.08 22.87 -131.38
N GLN K 346 26.42 22.30 -132.53
CA GLN K 346 26.97 23.12 -133.62
C GLN K 346 26.02 24.25 -134.02
N LEU K 347 24.72 24.02 -133.94
CA LEU K 347 23.72 25.03 -134.33
C LEU K 347 23.26 25.86 -133.13
N TYR K 348 24.20 26.47 -132.41
CA TYR K 348 23.90 27.33 -131.28
C TYR K 348 24.42 28.73 -131.55
N GLN K 349 23.55 29.71 -131.45
CA GLN K 349 23.89 31.12 -131.61
C GLN K 349 24.09 31.75 -130.23
N GLU K 350 24.20 33.08 -130.21
CA GLU K 350 24.42 33.80 -128.96
C GLU K 350 23.25 33.65 -127.99
N ALA K 351 22.03 33.54 -128.50
CA ALA K 351 20.87 33.38 -127.63
C ALA K 351 20.96 32.08 -126.84
N ALA K 352 21.37 31.00 -127.49
CA ALA K 352 21.47 29.72 -126.82
C ALA K 352 22.58 29.71 -125.77
N GLN K 353 23.73 30.29 -126.10
CA GLN K 353 24.80 30.39 -125.12
C GLN K 353 24.40 31.25 -123.93
N LEU K 354 23.67 32.35 -124.19
CA LEU K 354 23.14 33.17 -123.11
C LEU K 354 22.18 32.37 -122.24
N ASP K 355 21.32 31.55 -122.85
CA ASP K 355 20.41 30.72 -122.08
C ASP K 355 21.17 29.72 -121.21
N MET K 356 22.21 29.10 -121.76
CA MET K 356 23.00 28.16 -120.98
C MET K 356 23.69 28.85 -119.81
N LEU K 357 24.27 30.02 -120.05
CA LEU K 357 24.96 30.75 -119.00
C LEU K 357 23.99 31.15 -117.89
N LEU K 358 22.80 31.64 -118.27
CA LEU K 358 21.83 32.05 -117.27
C LEU K 358 21.10 30.89 -116.62
N GLU K 359 21.18 29.69 -117.20
CA GLU K 359 20.69 28.51 -116.51
C GLU K 359 21.73 27.95 -115.54
N LYS K 360 23.01 28.14 -115.83
CA LYS K 360 24.07 27.63 -114.96
C LYS K 360 24.44 28.58 -113.84
N LEU K 361 24.23 29.88 -114.01
CA LEU K 361 24.57 30.83 -112.94
C LEU K 361 23.85 30.54 -111.63
N PRO K 362 22.54 30.30 -111.60
CA PRO K 362 21.89 30.02 -110.31
C PRO K 362 22.45 28.81 -109.60
N GLN K 363 22.87 27.77 -110.33
CA GLN K 363 23.42 26.60 -109.67
C GLN K 363 24.75 26.89 -109.00
N VAL K 364 25.62 27.66 -109.67
CA VAL K 364 26.88 28.07 -109.06
C VAL K 364 26.61 28.95 -107.84
N ALA K 365 25.63 29.85 -107.97
CA ALA K 365 25.28 30.69 -106.83
C ALA K 365 24.80 29.86 -105.65
N GLU K 366 23.98 28.84 -105.90
CA GLU K 366 23.58 27.92 -104.83
C GLU K 366 24.78 27.23 -104.21
N GLU K 367 25.67 26.69 -105.05
CA GLU K 367 26.80 25.95 -104.50
C GLU K 367 27.78 26.85 -103.75
N ILE K 368 27.76 28.16 -103.98
CA ILE K 368 28.68 29.04 -103.27
C ILE K 368 28.01 29.67 -102.06
N SER K 369 26.68 29.76 -102.07
CA SER K 369 25.95 30.40 -100.99
C SER K 369 25.30 29.40 -100.03
N GLY K 370 25.40 28.10 -100.31
CA GLY K 370 24.90 27.10 -99.41
C GLY K 370 25.74 26.97 -98.15
N PRO K 371 27.04 26.73 -98.32
CA PRO K 371 27.92 26.72 -97.15
C PRO K 371 27.96 28.04 -96.39
N LEU K 372 27.84 29.17 -97.09
CA LEU K 372 27.94 30.45 -96.41
C LEU K 372 26.77 30.71 -95.48
N THR K 373 25.57 30.25 -95.85
CA THR K 373 24.39 30.48 -95.03
C THR K 373 24.31 29.54 -93.84
N SER K 374 25.39 28.82 -93.53
CA SER K 374 25.44 28.02 -92.32
C SER K 374 25.97 28.79 -91.12
N ALA K 375 26.34 30.06 -91.30
CA ALA K 375 26.79 30.88 -90.17
C ALA K 375 25.66 31.09 -89.19
N ASN K 376 26.00 31.02 -87.89
CA ASN K 376 24.98 31.16 -86.85
C ASN K 376 24.44 32.58 -86.80
N LYS K 377 25.33 33.58 -86.76
CA LYS K 377 24.91 34.97 -86.70
C LYS K 377 25.89 35.83 -87.48
N ILE K 378 25.39 36.93 -88.03
CA ILE K 378 26.20 37.89 -88.77
C ILE K 378 25.88 39.27 -88.24
N THR K 379 26.90 40.02 -87.85
CA THR K 379 26.74 41.35 -87.28
C THR K 379 27.29 42.38 -88.27
N LEU K 380 26.49 43.39 -88.55
CA LEU K 380 26.82 44.45 -89.50
C LEU K 380 26.89 45.77 -88.76
N VAL K 381 27.97 46.53 -88.99
CA VAL K 381 28.19 47.80 -88.33
C VAL K 381 28.72 48.79 -89.35
N SER K 382 28.17 50.01 -89.33
CA SER K 382 28.58 51.07 -90.22
C SER K 382 29.03 52.29 -89.44
N SER K 383 29.75 53.17 -90.12
CA SER K 383 30.25 54.39 -89.50
C SER K 383 30.65 55.36 -90.60
N GLY K 384 30.42 56.65 -90.36
CA GLY K 384 30.76 57.63 -91.37
C GLY K 384 29.88 57.50 -92.59
N SER K 385 30.44 57.83 -93.74
CA SER K 385 29.74 57.75 -95.01
C SER K 385 29.78 56.35 -95.63
N GLY K 386 30.11 55.35 -94.83
CA GLY K 386 30.21 54.00 -95.33
C GLY K 386 28.85 53.31 -95.42
N THR K 387 28.90 52.09 -95.94
CA THR K 387 27.73 51.25 -96.09
C THR K 387 27.49 50.41 -94.84
N MET K 388 26.30 49.82 -94.75
CA MET K 388 25.92 49.01 -93.61
C MET K 388 26.64 47.68 -93.57
N GLY K 389 26.80 47.01 -94.72
CA GLY K 389 27.52 45.75 -94.80
C GLY K 389 26.85 44.65 -95.58
N ALA K 390 25.56 44.78 -95.91
CA ALA K 390 24.90 43.74 -96.70
C ALA K 390 25.50 43.69 -98.10
N ALA K 391 25.80 44.85 -98.68
CA ALA K 391 26.50 44.89 -99.95
C ALA K 391 27.84 44.18 -99.87
N LYS K 392 28.50 44.19 -98.69
CA LYS K 392 29.75 43.46 -98.56
C LYS K 392 29.55 41.96 -98.74
N VAL K 393 28.51 41.40 -98.11
CA VAL K 393 28.26 39.97 -98.23
C VAL K 393 27.87 39.61 -99.66
N THR K 394 26.96 40.39 -100.25
CA THR K 394 26.56 40.12 -101.63
C THR K 394 27.75 40.26 -102.58
N GLY K 395 28.61 41.24 -102.35
CA GLY K 395 29.78 41.41 -103.17
C GLY K 395 30.77 40.28 -103.01
N GLU K 396 30.91 39.75 -101.79
CA GLU K 396 31.78 38.60 -101.59
C GLU K 396 31.28 37.40 -102.38
N VAL K 397 29.98 37.12 -102.30
CA VAL K 397 29.42 35.99 -103.03
C VAL K 397 29.57 36.20 -104.54
N LEU K 398 29.24 37.40 -105.02
CA LEU K 398 29.33 37.67 -106.45
C LEU K 398 30.78 37.65 -106.94
N ASP K 399 31.70 38.14 -106.12
CA ASP K 399 33.12 38.13 -106.48
C ASP K 399 33.65 36.71 -106.60
N ILE K 400 33.27 35.84 -105.67
CA ILE K 400 33.66 34.44 -105.80
C ILE K 400 33.05 33.84 -107.07
N LEU K 401 31.76 34.11 -107.30
CA LEU K 401 31.08 33.54 -108.46
C LEU K 401 31.67 34.04 -109.78
N THR K 402 32.25 35.24 -109.78
CA THR K 402 32.84 35.79 -111.00
C THR K 402 34.32 35.49 -111.14
N ARG K 403 35.01 35.21 -110.04
CA ARG K 403 36.42 34.85 -110.13
C ARG K 403 36.61 33.36 -110.38
N LEU K 404 35.64 32.53 -110.02
CA LEU K 404 35.74 31.11 -110.34
C LEU K 404 35.88 30.84 -111.82
N PRO K 405 35.09 31.43 -112.71
CA PRO K 405 35.31 31.20 -114.15
C PRO K 405 36.68 31.65 -114.61
N GLU K 406 37.25 32.69 -114.04
CA GLU K 406 38.59 33.11 -114.43
C GLU K 406 39.65 32.13 -113.92
N SER K 407 39.46 31.61 -112.71
CA SER K 407 40.39 30.60 -112.21
C SER K 407 40.36 29.35 -113.10
N VAL K 408 39.16 28.93 -113.52
CA VAL K 408 39.06 27.81 -114.45
C VAL K 408 39.64 28.19 -115.81
N GLU K 409 39.48 29.45 -116.22
CA GLU K 409 40.10 29.95 -117.44
C GLU K 409 41.61 29.76 -117.42
N ARG K 410 42.23 30.01 -116.26
CA ARG K 410 43.69 29.92 -116.16
C ARG K 410 44.18 28.54 -116.54
N LEU K 411 43.40 27.49 -116.24
CA LEU K 411 43.84 26.14 -116.57
C LEU K 411 43.33 25.71 -117.96
N THR K 412 42.02 25.80 -118.18
CA THR K 412 41.44 25.28 -119.42
C THR K 412 41.88 26.10 -120.63
N GLY K 413 41.76 27.41 -120.54
CA GLY K 413 42.09 28.27 -121.66
C GLY K 413 40.97 28.46 -122.67
N VAL K 414 39.73 28.14 -122.32
CA VAL K 414 38.59 28.29 -123.20
C VAL K 414 37.60 29.24 -122.56
N SER K 415 37.14 30.22 -123.34
CA SER K 415 36.31 31.29 -122.82
C SER K 415 34.97 30.78 -122.32
N ILE K 416 34.40 31.50 -121.35
CA ILE K 416 33.12 31.14 -120.77
C ILE K 416 32.05 32.19 -121.06
N SER K 417 32.43 33.45 -121.31
CA SER K 417 31.49 34.50 -121.63
C SER K 417 31.71 34.96 -123.07
N GLN K 418 30.62 35.12 -123.81
CA GLN K 418 30.73 35.51 -125.21
C GLN K 418 31.11 36.97 -125.37
N VAL K 419 30.76 37.81 -124.40
CA VAL K 419 31.09 39.23 -124.46
C VAL K 419 31.77 39.66 -123.16
N MET L 1 61.69 -113.41 109.92
CA MET L 1 60.81 -114.57 109.87
C MET L 1 61.44 -115.64 108.98
N GLY L 2 61.83 -115.23 107.77
CA GLY L 2 62.44 -116.14 106.82
C GLY L 2 63.71 -116.79 107.33
N ASN L 3 63.84 -118.09 107.13
CA ASN L 3 64.97 -118.86 107.65
C ASN L 3 65.58 -119.69 106.55
N CYS L 4 66.90 -119.87 106.60
CA CYS L 4 67.64 -120.79 105.75
C CYS L 4 67.44 -120.47 104.26
N HIS L 5 67.96 -119.30 103.88
CA HIS L 5 67.89 -118.82 102.51
C HIS L 5 69.20 -119.06 101.78
N THR L 6 69.07 -119.37 100.49
CA THR L 6 70.21 -119.57 99.59
C THR L 6 69.97 -118.79 98.31
N VAL L 7 71.06 -118.38 97.67
CA VAL L 7 71.00 -117.56 96.46
C VAL L 7 71.85 -118.22 95.38
N GLY L 8 71.50 -117.94 94.13
CA GLY L 8 72.22 -118.47 92.99
C GLY L 8 73.55 -117.77 92.80
N PRO L 9 74.37 -118.32 91.90
CA PRO L 9 75.72 -117.74 91.68
C PRO L 9 75.70 -116.34 91.10
N ASN L 10 74.58 -115.89 90.52
CA ASN L 10 74.55 -114.56 89.94
C ASN L 10 74.56 -113.46 91.00
N GLU L 11 73.99 -113.72 92.17
CA GLU L 11 73.90 -112.71 93.21
C GLU L 11 74.55 -113.21 94.48
N ALA L 12 75.14 -112.27 95.24
CA ALA L 12 75.84 -112.58 96.47
C ALA L 12 74.94 -112.26 97.65
N LEU L 13 74.75 -113.24 98.54
CA LEU L 13 73.96 -113.04 99.75
C LEU L 13 74.84 -112.47 100.85
N VAL L 14 74.39 -111.38 101.47
CA VAL L 14 75.12 -110.73 102.54
C VAL L 14 74.27 -110.80 103.81
N VAL L 15 74.88 -111.24 104.89
CA VAL L 15 74.25 -111.29 106.21
C VAL L 15 75.23 -110.76 107.24
N SER L 16 74.71 -110.05 108.24
CA SER L 16 75.53 -109.53 109.32
C SER L 16 74.70 -109.48 110.59
N GLY L 17 75.27 -109.98 111.68
CA GLY L 17 74.58 -109.98 112.96
C GLY L 17 75.46 -110.43 114.11
N GLY L 18 75.37 -109.71 115.24
CA GLY L 18 76.19 -110.04 116.39
C GLY L 18 75.55 -111.04 117.32
N CYS L 19 75.95 -112.31 117.19
CA CYS L 19 75.33 -113.37 117.99
C CYS L 19 75.53 -113.12 119.48
N CYS L 20 76.74 -112.72 119.88
CA CYS L 20 77.04 -112.32 121.24
C CYS L 20 77.43 -110.84 121.33
N GLY L 21 77.06 -110.05 120.34
CA GLY L 21 77.45 -108.65 120.26
C GLY L 21 78.71 -108.39 119.47
N SER L 22 79.46 -109.44 119.11
CA SER L 22 80.65 -109.28 118.31
C SER L 22 80.30 -109.21 116.83
N ASP L 23 81.11 -108.47 116.08
CA ASP L 23 80.84 -108.20 114.67
C ASP L 23 81.12 -109.46 113.85
N TYR L 24 80.06 -110.11 113.39
CA TYR L 24 80.17 -111.28 112.51
C TYR L 24 79.37 -111.00 111.24
N LYS L 25 80.08 -110.65 110.17
CA LYS L 25 79.48 -110.41 108.87
C LYS L 25 79.88 -111.53 107.92
N GLN L 26 78.88 -112.14 107.28
CA GLN L 26 79.11 -113.22 106.32
C GLN L 26 78.59 -112.79 104.96
N TYR L 27 79.46 -112.81 103.96
CA TYR L 27 79.11 -112.50 102.58
C TYR L 27 79.47 -113.70 101.71
N VAL L 28 78.46 -114.35 101.15
CA VAL L 28 78.65 -115.56 100.36
C VAL L 28 77.86 -115.41 99.06
N PHE L 29 78.50 -115.73 97.95
CA PHE L 29 77.87 -115.66 96.63
C PHE L 29 77.54 -117.08 96.17
N GLY L 30 76.27 -117.30 95.82
CA GLY L 30 75.86 -118.61 95.32
C GLY L 30 76.10 -119.77 96.26
N GLY L 31 75.83 -119.58 97.55
CA GLY L 31 76.10 -120.62 98.52
C GLY L 31 74.95 -120.89 99.47
N TRP L 32 75.28 -121.15 100.73
CA TRP L 32 74.29 -121.49 101.74
C TRP L 32 74.41 -120.54 102.92
N ALA L 33 73.28 -120.27 103.57
CA ALA L 33 73.26 -119.42 104.74
C ALA L 33 71.95 -119.64 105.48
N TRP L 34 71.92 -119.24 106.75
CA TRP L 34 70.69 -119.24 107.53
C TRP L 34 70.61 -117.95 108.34
N ALA L 35 69.39 -117.45 108.50
CA ALA L 35 69.12 -116.25 109.29
C ALA L 35 67.78 -116.40 109.98
N TRP L 36 67.72 -116.01 111.26
CA TRP L 36 66.52 -116.17 112.06
C TRP L 36 65.66 -114.90 111.98
N TRP L 37 64.69 -114.79 112.90
CA TRP L 37 63.76 -113.67 112.89
C TRP L 37 64.50 -112.34 112.96
N CYS L 38 65.42 -112.19 113.92
CA CYS L 38 66.21 -110.96 114.02
C CYS L 38 67.68 -111.23 114.36
N ILE L 39 68.30 -112.28 113.81
CA ILE L 39 69.71 -112.49 114.11
C ILE L 39 70.60 -111.67 113.18
N SER L 40 70.18 -111.47 111.93
CA SER L 40 71.01 -110.78 110.95
C SER L 40 70.09 -110.12 109.91
N ASP L 41 70.67 -109.71 108.79
CA ASP L 41 69.94 -109.08 107.71
C ASP L 41 70.12 -109.89 106.43
N THR L 42 69.03 -110.08 105.69
CA THR L 42 69.03 -110.86 104.46
C THR L 42 68.97 -109.90 103.28
N GLN L 43 70.11 -109.71 102.61
CA GLN L 43 70.17 -108.87 101.43
C GLN L 43 71.03 -109.55 100.38
N ARG L 44 70.79 -109.18 99.12
CA ARG L 44 71.53 -109.74 97.99
C ARG L 44 72.09 -108.61 97.15
N ILE L 45 73.22 -108.87 96.50
CA ILE L 45 73.88 -107.92 95.62
C ILE L 45 73.87 -108.53 94.22
N SER L 46 73.28 -107.81 93.26
CA SER L 46 73.26 -108.28 91.88
C SER L 46 74.62 -108.10 91.24
N LEU L 47 75.33 -109.21 91.01
CA LEU L 47 76.67 -109.17 90.42
C LEU L 47 76.65 -109.21 88.90
N GLU L 48 75.54 -108.82 88.29
CA GLU L 48 75.44 -108.82 86.83
C GLU L 48 76.25 -107.66 86.26
N ILE L 49 76.61 -107.81 84.98
CA ILE L 49 77.33 -106.74 84.29
C ILE L 49 76.43 -105.52 84.15
N MET L 50 77.01 -104.35 84.40
CA MET L 50 76.31 -103.08 84.21
C MET L 50 76.75 -102.48 82.88
N THR L 51 75.79 -102.05 82.08
CA THR L 51 76.10 -101.44 80.79
C THR L 51 76.58 -100.01 80.98
N LEU L 52 77.60 -99.63 80.22
CA LEU L 52 78.17 -98.29 80.26
C LEU L 52 78.14 -97.66 78.88
N GLN L 53 77.73 -96.40 78.82
CA GLN L 53 77.77 -95.60 77.60
C GLN L 53 78.45 -94.27 77.89
N PRO L 54 79.75 -94.28 78.19
CA PRO L 54 80.45 -93.01 78.43
C PRO L 54 80.52 -92.18 77.16
N ARG L 55 79.94 -90.98 77.23
CA ARG L 55 79.89 -90.06 76.10
C ARG L 55 80.33 -88.68 76.57
N CYS L 56 81.55 -88.29 76.20
CA CYS L 56 82.11 -87.00 76.57
C CYS L 56 81.92 -86.03 75.42
N GLU L 57 81.41 -84.84 75.73
CA GLU L 57 81.11 -83.82 74.72
C GLU L 57 82.09 -82.66 74.87
N ASP L 58 82.68 -82.25 73.74
CA ASP L 58 83.58 -81.11 73.68
C ASP L 58 84.78 -81.30 74.61
N VAL L 59 85.49 -82.41 74.41
CA VAL L 59 86.69 -82.72 75.17
C VAL L 59 87.89 -82.66 74.24
N GLU L 60 89.01 -82.20 74.77
CA GLU L 60 90.20 -81.89 73.97
C GLU L 60 91.41 -82.67 74.46
N THR L 61 92.26 -83.05 73.53
CA THR L 61 93.46 -83.83 73.80
C THR L 61 94.62 -82.89 74.13
N ALA L 62 95.84 -83.44 74.14
CA ALA L 62 97.01 -82.64 74.51
C ALA L 62 97.22 -81.48 73.54
N GLU L 63 97.10 -81.74 72.24
CA GLU L 63 97.24 -80.67 71.26
C GLU L 63 96.02 -79.77 71.22
N GLY L 64 94.92 -80.18 71.83
CA GLY L 64 93.76 -79.33 71.99
C GLY L 64 92.64 -79.52 71.00
N VAL L 65 92.77 -80.46 70.05
CA VAL L 65 91.71 -80.68 69.08
C VAL L 65 90.47 -81.20 69.79
N ALA L 66 89.35 -80.54 69.59
CA ALA L 66 88.11 -80.89 70.28
C ALA L 66 87.48 -82.12 69.64
N LEU L 67 87.07 -83.08 70.47
CA LEU L 67 86.41 -84.28 70.01
C LEU L 67 85.23 -84.58 70.92
N THR L 68 84.25 -85.30 70.38
CA THR L 68 83.10 -85.78 71.14
C THR L 68 83.17 -87.30 71.11
N VAL L 69 83.90 -87.87 72.06
CA VAL L 69 84.25 -89.29 72.05
C VAL L 69 83.25 -90.04 72.92
N THR L 70 82.66 -91.09 72.36
CA THR L 70 81.76 -91.98 73.08
C THR L 70 82.45 -93.32 73.29
N GLY L 71 82.27 -93.90 74.48
CA GLY L 71 82.96 -95.11 74.85
C GLY L 71 82.01 -96.21 75.31
N VAL L 72 82.58 -97.40 75.52
CA VAL L 72 81.89 -98.52 76.13
C VAL L 72 82.85 -99.20 77.10
N ALA L 73 82.37 -99.52 78.29
CA ALA L 73 83.16 -100.18 79.30
C ALA L 73 82.35 -101.30 79.95
N GLN L 74 83.03 -102.38 80.29
CA GLN L 74 82.41 -103.54 80.94
C GLN L 74 82.76 -103.52 82.42
N VAL L 75 81.74 -103.43 83.27
CA VAL L 75 81.92 -103.29 84.71
C VAL L 75 81.05 -104.31 85.42
N LYS L 76 81.61 -104.91 86.47
CA LYS L 76 80.90 -105.90 87.28
C LYS L 76 81.49 -105.87 88.68
N ILE L 77 80.62 -106.07 89.68
CA ILE L 77 81.08 -106.16 91.06
C ILE L 77 81.92 -107.42 91.24
N MET L 78 83.08 -107.26 91.88
CA MET L 78 84.04 -108.34 92.00
C MET L 78 83.58 -109.36 93.05
N THR L 79 84.35 -110.44 93.19
CA THR L 79 84.03 -111.53 94.10
C THR L 79 85.22 -111.89 94.99
N GLU L 80 86.12 -110.94 95.24
CA GLU L 80 87.27 -111.16 96.11
C GLU L 80 86.81 -111.33 97.55
N LYS L 81 87.78 -111.50 98.46
CA LYS L 81 87.49 -111.72 99.87
C LYS L 81 87.42 -110.42 100.67
N GLU L 82 88.53 -109.67 100.71
CA GLU L 82 88.54 -108.43 101.48
C GLU L 82 87.86 -107.28 100.75
N LEU L 83 87.87 -107.30 99.41
CA LEU L 83 87.20 -106.24 98.66
C LEU L 83 85.69 -106.33 98.79
N LEU L 84 85.15 -107.54 98.98
CA LEU L 84 83.70 -107.65 99.15
C LEU L 84 83.24 -107.17 100.50
N ALA L 85 84.13 -107.09 101.49
CA ALA L 85 83.77 -106.36 102.71
C ALA L 85 83.45 -104.91 102.38
N VAL L 86 84.29 -104.28 101.56
CA VAL L 86 84.03 -102.91 101.14
C VAL L 86 82.78 -102.85 100.28
N ALA L 87 82.60 -103.82 99.39
CA ALA L 87 81.44 -103.84 98.52
C ALA L 87 80.14 -103.92 99.32
N CYS L 88 80.12 -104.76 100.36
CA CYS L 88 78.92 -104.91 101.18
C CYS L 88 78.71 -103.71 102.09
N GLU L 89 79.79 -103.15 102.64
CA GLU L 89 79.66 -101.96 103.48
C GLU L 89 79.48 -100.69 102.68
N GLN L 90 79.51 -100.77 101.35
CA GLN L 90 79.63 -99.59 100.51
C GLN L 90 78.30 -99.11 99.93
N PHE L 91 77.60 -99.94 99.16
CA PHE L 91 76.62 -99.41 98.23
C PHE L 91 75.19 -99.84 98.51
N LEU L 92 74.92 -101.14 98.57
CA LEU L 92 73.55 -101.64 98.65
C LEU L 92 72.84 -101.07 99.88
N GLY L 93 71.51 -100.98 99.82
CA GLY L 93 70.70 -101.54 98.74
C GLY L 93 70.17 -100.57 97.70
N LYS L 94 71.01 -99.63 97.26
CA LYS L 94 70.63 -98.77 96.15
C LYS L 94 70.54 -99.58 94.87
N ASN L 95 69.58 -99.25 94.02
CA ASN L 95 69.19 -100.11 92.92
C ASN L 95 70.17 -100.00 91.75
N VAL L 96 69.91 -100.80 90.70
CA VAL L 96 70.84 -100.92 89.58
C VAL L 96 71.06 -99.60 88.88
N GLN L 97 70.01 -98.77 88.78
CA GLN L 97 70.18 -97.45 88.18
C GLN L 97 71.21 -96.64 88.96
N ASP L 98 71.28 -96.86 90.27
CA ASP L 98 72.27 -96.13 91.07
C ASP L 98 73.68 -96.60 90.76
N ILE L 99 73.91 -97.91 90.64
CA ILE L 99 75.22 -98.40 90.22
C ILE L 99 75.59 -97.77 88.89
N LYS L 100 74.69 -97.86 87.91
CA LYS L 100 75.04 -97.44 86.56
C LYS L 100 75.29 -95.93 86.50
N ASN L 101 74.50 -95.13 87.21
CA ASN L 101 74.73 -93.69 87.22
C ASN L 101 76.06 -93.34 87.88
N VAL L 102 76.33 -93.91 89.07
CA VAL L 102 77.56 -93.57 89.75
C VAL L 102 78.78 -93.96 88.92
N VAL L 103 78.77 -95.19 88.38
CA VAL L 103 79.91 -95.64 87.59
C VAL L 103 79.99 -94.84 86.30
N LEU L 104 78.85 -94.41 85.77
CA LEU L 104 78.86 -93.61 84.55
C LEU L 104 79.56 -92.28 84.75
N GLN L 105 79.20 -91.54 85.80
CA GLN L 105 79.89 -90.27 86.03
C GLN L 105 81.36 -90.47 86.36
N THR L 106 81.71 -91.44 87.22
CA THR L 106 83.11 -91.55 87.60
C THR L 106 83.97 -91.99 86.41
N LEU L 107 83.50 -92.96 85.62
CA LEU L 107 84.26 -93.36 84.44
C LEU L 107 84.20 -92.29 83.35
N GLU L 108 83.17 -91.45 83.35
CA GLU L 108 83.16 -90.32 82.44
C GLU L 108 84.32 -89.39 82.74
N GLY L 109 84.46 -89.01 84.01
CA GLY L 109 85.58 -88.19 84.39
C GLY L 109 86.91 -88.84 84.09
N HIS L 110 87.06 -90.12 84.43
CA HIS L 110 88.32 -90.81 84.22
C HIS L 110 88.65 -90.91 82.74
N LEU L 111 87.65 -91.22 81.90
CA LEU L 111 87.87 -91.36 80.47
C LEU L 111 88.25 -90.02 79.84
N ARG L 112 87.55 -88.95 80.22
CA ARG L 112 87.94 -87.63 79.71
C ARG L 112 89.36 -87.28 80.13
N SER L 113 89.70 -87.59 81.39
CA SER L 113 91.03 -87.28 81.89
C SER L 113 92.11 -88.01 81.08
N ILE L 114 91.95 -89.32 80.90
CA ILE L 114 92.97 -90.05 80.15
C ILE L 114 92.96 -89.64 78.68
N LEU L 115 91.80 -89.31 78.13
CA LEU L 115 91.75 -88.83 76.76
C LEU L 115 92.56 -87.55 76.60
N GLY L 116 92.47 -86.66 77.59
CA GLY L 116 93.34 -85.51 77.59
C GLY L 116 94.79 -85.88 77.77
N THR L 117 95.06 -87.00 78.46
CA THR L 117 96.43 -87.41 78.72
C THR L 117 97.20 -87.72 77.44
N LEU L 118 96.56 -88.42 76.50
CA LEU L 118 97.24 -88.77 75.27
C LEU L 118 96.79 -87.86 74.13
N THR L 119 97.52 -87.92 73.02
CA THR L 119 97.23 -87.08 71.87
C THR L 119 96.25 -87.77 70.93
N VAL L 120 95.74 -86.98 69.99
CA VAL L 120 94.78 -87.49 69.01
C VAL L 120 95.42 -88.44 68.02
N GLU L 121 96.70 -88.28 67.71
CA GLU L 121 97.37 -89.23 66.84
C GLU L 121 97.40 -90.62 67.47
N GLN L 122 97.61 -90.69 68.79
CA GLN L 122 97.59 -91.97 69.48
C GLN L 122 96.20 -92.59 69.50
N ILE L 123 95.16 -91.80 69.76
CA ILE L 123 93.80 -92.34 69.73
C ILE L 123 93.42 -92.73 68.31
N TYR L 124 94.14 -92.18 67.32
CA TYR L 124 93.93 -92.56 65.93
C TYR L 124 94.57 -93.91 65.63
N GLN L 125 95.88 -94.02 65.83
CA GLN L 125 96.62 -95.22 65.43
C GLN L 125 96.50 -96.33 66.46
N ASP L 126 96.99 -96.11 67.67
CA ASP L 126 97.09 -97.15 68.69
C ASP L 126 96.12 -96.83 69.82
N ARG L 127 94.88 -97.28 69.67
CA ARG L 127 93.88 -97.13 70.71
C ARG L 127 93.60 -98.42 71.48
N ASP L 128 94.12 -99.56 71.02
CA ASP L 128 94.16 -100.73 71.88
C ASP L 128 95.09 -100.50 73.06
N GLN L 129 96.26 -99.91 72.80
CA GLN L 129 97.13 -99.49 73.88
C GLN L 129 96.49 -98.38 74.71
N PHE L 130 95.64 -97.56 74.09
CA PHE L 130 94.89 -96.58 74.85
C PHE L 130 94.00 -97.24 75.88
N ALA L 131 93.28 -98.30 75.48
CA ALA L 131 92.46 -99.04 76.42
C ALA L 131 93.30 -99.77 77.46
N LYS L 132 94.48 -100.27 77.05
CA LYS L 132 95.37 -100.94 78.00
C LYS L 132 95.85 -99.97 79.08
N LEU L 133 96.12 -98.72 78.70
CA LEU L 133 96.47 -97.70 79.67
C LEU L 133 95.26 -97.25 80.48
N VAL L 134 94.06 -97.26 79.87
CA VAL L 134 92.84 -96.97 80.63
C VAL L 134 92.68 -97.97 81.76
N ARG L 135 92.93 -99.25 81.47
CA ARG L 135 92.94 -100.25 82.53
C ARG L 135 93.96 -99.91 83.60
N GLU L 136 95.21 -99.66 83.20
CA GLU L 136 96.29 -99.37 84.13
C GLU L 136 95.97 -98.20 85.05
N VAL L 137 95.26 -97.19 84.55
CA VAL L 137 94.95 -96.01 85.37
C VAL L 137 93.61 -96.12 86.09
N ALA L 138 92.67 -96.94 85.63
CA ALA L 138 91.34 -96.97 86.20
C ALA L 138 91.15 -98.10 87.20
N ALA L 139 91.91 -99.18 87.06
CA ALA L 139 91.90 -100.24 88.07
C ALA L 139 92.23 -99.74 89.48
N PRO L 140 93.24 -98.88 89.69
CA PRO L 140 93.53 -98.43 91.06
C PRO L 140 92.39 -97.68 91.74
N ASP L 141 91.52 -97.00 90.99
CA ASP L 141 90.46 -96.21 91.62
C ASP L 141 89.08 -96.81 91.45
N VAL L 142 88.73 -97.30 90.26
CA VAL L 142 87.42 -97.93 90.08
C VAL L 142 87.30 -99.20 90.90
N GLY L 143 88.42 -99.86 91.22
CA GLY L 143 88.37 -101.03 92.06
C GLY L 143 88.21 -100.71 93.54
N ARG L 144 88.37 -99.45 93.93
CA ARG L 144 88.23 -99.08 95.34
C ARG L 144 86.82 -99.30 95.83
N MET L 145 85.82 -98.98 95.02
CA MET L 145 84.43 -99.22 95.36
C MET L 145 83.95 -100.61 94.93
N GLY L 146 84.87 -101.53 94.66
CA GLY L 146 84.52 -102.90 94.36
C GLY L 146 84.05 -103.18 92.97
N ILE L 147 84.17 -102.23 92.04
CA ILE L 147 83.71 -102.40 90.67
C ILE L 147 84.90 -102.79 89.80
N GLU L 148 84.78 -103.93 89.12
CA GLU L 148 85.82 -104.40 88.23
C GLU L 148 85.60 -103.85 86.82
N ILE L 149 86.67 -103.85 86.03
CA ILE L 149 86.60 -103.37 84.65
C ILE L 149 86.94 -104.52 83.71
N LEU L 150 85.91 -105.23 83.24
CA LEU L 150 86.14 -106.38 82.37
C LEU L 150 86.72 -105.96 81.03
N SER L 151 86.22 -104.87 80.46
CA SER L 151 86.70 -104.40 79.17
C SER L 151 86.48 -102.90 79.08
N PHE L 152 87.24 -102.27 78.17
CA PHE L 152 87.16 -100.83 77.98
C PHE L 152 87.57 -100.50 76.55
N THR L 153 86.81 -99.61 75.91
CA THR L 153 87.17 -99.02 74.64
C THR L 153 86.22 -97.86 74.36
N ILE L 154 86.38 -97.24 73.19
CA ILE L 154 85.59 -96.07 72.80
C ILE L 154 84.67 -96.46 71.65
N LYS L 155 83.42 -96.02 71.73
CA LYS L 155 82.41 -96.44 70.75
C LYS L 155 82.59 -95.71 69.42
N ASP L 156 82.52 -94.39 69.45
CA ASP L 156 82.64 -93.59 68.23
C ASP L 156 83.27 -92.25 68.56
N VAL L 157 83.90 -91.65 67.55
CA VAL L 157 84.57 -90.37 67.70
C VAL L 157 84.00 -89.42 66.65
N TYR L 158 83.63 -88.22 67.07
CA TYR L 158 83.07 -87.21 66.18
C TYR L 158 83.76 -85.88 66.44
N ASP L 159 83.95 -85.10 65.38
CA ASP L 159 84.63 -83.82 65.45
C ASP L 159 83.84 -82.76 64.72
N LYS L 160 83.89 -81.53 65.26
CA LYS L 160 83.29 -80.37 64.62
C LYS L 160 84.27 -79.59 63.76
N VAL L 161 85.58 -79.73 64.02
CA VAL L 161 86.61 -79.08 63.22
C VAL L 161 87.25 -80.07 62.24
N ASP L 162 86.51 -81.12 61.85
CA ASP L 162 86.84 -82.09 60.80
C ASP L 162 88.33 -82.44 60.76
N TYR L 163 88.81 -83.03 61.86
CA TYR L 163 90.15 -83.57 61.93
C TYR L 163 90.33 -84.78 61.03
N LEU L 164 89.55 -85.84 61.30
CA LEU L 164 89.73 -87.12 60.61
C LEU L 164 89.40 -87.02 59.13
N SER L 165 88.36 -86.26 58.80
CA SER L 165 88.02 -86.07 57.38
C SER L 165 89.16 -85.38 56.65
N SER L 166 89.81 -84.41 57.30
CA SER L 166 90.98 -83.79 56.70
C SER L 166 92.13 -84.78 56.58
N LEU L 167 92.29 -85.66 57.58
CA LEU L 167 93.37 -86.64 57.52
C LEU L 167 93.16 -87.65 56.40
N GLY L 168 91.92 -87.95 56.04
CA GLY L 168 91.64 -88.88 54.96
C GLY L 168 91.93 -88.31 53.58
N LYS L 169 92.01 -86.98 53.50
CA LYS L 169 92.26 -86.31 52.23
C LYS L 169 93.59 -86.72 51.62
N THR L 170 94.54 -87.16 52.45
CA THR L 170 95.88 -87.43 51.94
C THR L 170 95.88 -88.57 50.94
N GLN L 171 95.07 -89.61 51.19
CA GLN L 171 95.05 -90.75 50.30
C GLN L 171 93.73 -90.90 49.55
N THR L 172 92.69 -90.14 49.89
CA THR L 172 91.45 -90.24 49.14
C THR L 172 91.64 -89.83 47.68
N ALA L 173 92.75 -89.16 47.36
CA ALA L 173 93.05 -88.76 45.98
C ALA L 173 94.15 -89.59 45.35
N VAL L 174 94.95 -90.31 46.14
CA VAL L 174 96.02 -91.14 45.58
C VAL L 174 95.43 -92.24 44.72
N VAL L 175 94.39 -92.92 45.20
CA VAL L 175 93.73 -93.93 44.39
C VAL L 175 93.06 -93.29 43.18
N GLN L 176 92.52 -92.09 43.35
CA GLN L 176 91.98 -91.37 42.21
C GLN L 176 93.08 -91.00 41.22
N ARG L 177 94.26 -90.65 41.73
CA ARG L 177 95.41 -90.41 40.86
C ARG L 177 95.72 -91.65 40.02
N ASP L 178 95.84 -92.80 40.67
CA ASP L 178 96.15 -94.03 39.94
C ASP L 178 95.07 -94.39 38.94
N ALA L 179 93.79 -94.22 39.33
CA ALA L 179 92.70 -94.52 38.42
C ALA L 179 92.73 -93.62 37.19
N ASP L 180 92.99 -92.33 37.39
CA ASP L 180 93.08 -91.42 36.26
C ASP L 180 94.23 -91.79 35.34
N ILE L 181 95.38 -92.16 35.93
CA ILE L 181 96.52 -92.56 35.11
C ILE L 181 96.17 -93.78 34.27
N GLY L 182 95.53 -94.77 34.90
CA GLY L 182 95.20 -96.00 34.18
C GLY L 182 94.20 -95.75 33.06
N VAL L 183 93.16 -94.97 33.34
CA VAL L 183 92.16 -94.71 32.32
C VAL L 183 92.75 -93.89 31.19
N ALA L 184 93.66 -92.96 31.49
CA ALA L 184 94.31 -92.18 30.44
C ALA L 184 95.15 -93.09 29.55
N GLU L 185 95.93 -93.99 30.15
CA GLU L 185 96.75 -94.90 29.35
C GLU L 185 95.87 -95.81 28.48
N ALA L 186 94.78 -96.32 29.05
CA ALA L 186 93.90 -97.20 28.29
C ALA L 186 93.27 -96.46 27.10
N GLU L 187 92.79 -95.24 27.34
CA GLU L 187 92.21 -94.46 26.25
C GLU L 187 93.25 -94.14 25.19
N ARG L 188 94.49 -93.88 25.61
CA ARG L 188 95.56 -93.61 24.65
C ARG L 188 95.78 -94.83 23.74
N ASP L 189 95.86 -96.01 24.34
CA ASP L 189 96.09 -97.21 23.54
C ASP L 189 94.92 -97.48 22.60
N ALA L 190 93.70 -97.34 23.10
CA ALA L 190 92.52 -97.54 22.26
C ALA L 190 92.55 -96.57 21.08
N GLY L 191 92.81 -95.29 21.35
CA GLY L 191 92.81 -94.30 20.29
C GLY L 191 93.88 -94.56 19.26
N ILE L 192 95.09 -94.89 19.70
CA ILE L 192 96.16 -95.11 18.73
C ILE L 192 95.83 -96.29 17.83
N ARG L 193 95.36 -97.41 18.39
CA ARG L 193 95.25 -98.56 17.53
C ARG L 193 94.00 -98.44 16.65
N GLU L 194 92.96 -97.78 17.15
CA GLU L 194 91.79 -97.50 16.34
C GLU L 194 92.13 -96.57 15.17
N ALA L 195 92.97 -95.57 15.40
CA ALA L 195 93.40 -94.71 14.31
C ALA L 195 94.18 -95.50 13.27
N GLU L 196 95.02 -96.43 13.72
CA GLU L 196 95.74 -97.29 12.78
C GLU L 196 94.76 -98.10 11.93
N CYS L 197 93.73 -98.68 12.56
CA CYS L 197 92.75 -99.46 11.81
C CYS L 197 92.02 -98.59 10.78
N LYS L 198 91.61 -97.40 11.20
CA LYS L 198 90.90 -96.48 10.31
C LYS L 198 91.78 -96.13 9.12
N LYS L 199 93.07 -95.88 9.37
CA LYS L 199 94.00 -95.56 8.31
C LYS L 199 94.10 -96.69 7.29
N GLU L 200 94.30 -97.92 7.77
CA GLU L 200 94.42 -99.04 6.83
C GLU L 200 93.15 -99.24 6.02
N MET L 201 91.99 -99.15 6.66
CA MET L 201 90.75 -99.39 5.93
C MET L 201 90.48 -98.28 4.91
N LEU L 202 90.83 -97.03 5.24
CA LEU L 202 90.71 -95.96 4.26
C LEU L 202 91.64 -96.17 3.08
N ASP L 203 92.88 -96.60 3.33
CA ASP L 203 93.78 -96.83 2.21
C ASP L 203 93.22 -97.87 1.25
N VAL L 204 92.74 -98.99 1.80
CA VAL L 204 92.23 -100.03 0.90
C VAL L 204 90.96 -99.56 0.19
N LYS L 205 90.08 -98.85 0.90
CA LYS L 205 88.85 -98.36 0.27
C LYS L 205 89.17 -97.39 -0.86
N PHE L 206 90.16 -96.53 -0.67
CA PHE L 206 90.51 -95.59 -1.72
C PHE L 206 91.18 -96.29 -2.90
N MET L 207 91.95 -97.35 -2.65
CA MET L 207 92.48 -98.12 -3.77
C MET L 207 91.35 -98.75 -4.59
N ALA L 208 90.37 -99.33 -3.91
CA ALA L 208 89.23 -99.91 -4.62
C ALA L 208 88.47 -98.85 -5.40
N ASP L 209 88.27 -97.68 -4.80
CA ASP L 209 87.58 -96.59 -5.50
C ASP L 209 88.38 -96.12 -6.70
N THR L 210 89.70 -96.12 -6.61
CA THR L 210 90.53 -95.76 -7.76
C THR L 210 90.32 -96.74 -8.90
N LYS L 211 90.29 -98.04 -8.58
CA LYS L 211 90.02 -99.02 -9.63
C LYS L 211 88.63 -98.83 -10.23
N ILE L 212 87.64 -98.53 -9.41
CA ILE L 212 86.29 -98.28 -9.91
C ILE L 212 86.29 -97.08 -10.84
N ALA L 213 87.00 -96.02 -10.47
CA ALA L 213 87.07 -94.84 -11.31
C ALA L 213 87.74 -95.16 -12.64
N ASP L 214 88.78 -95.99 -12.62
CA ASP L 214 89.42 -96.39 -13.88
C ASP L 214 88.45 -97.14 -14.78
N SER L 215 87.68 -98.07 -14.21
CA SER L 215 86.71 -98.81 -15.01
C SER L 215 85.64 -97.87 -15.57
N LYS L 216 85.18 -96.93 -14.75
CA LYS L 216 84.18 -95.97 -15.20
C LYS L 216 84.72 -95.11 -16.34
N ARG L 217 85.98 -94.70 -16.24
CA ARG L 217 86.60 -93.91 -17.30
C ARG L 217 86.66 -94.70 -18.59
N ALA L 218 87.08 -95.96 -18.52
CA ALA L 218 87.15 -96.77 -19.73
C ALA L 218 85.77 -96.92 -20.36
N PHE L 219 84.76 -97.19 -19.55
CA PHE L 219 83.41 -97.36 -20.07
C PHE L 219 82.90 -96.08 -20.72
N GLU L 220 83.08 -94.95 -20.04
CA GLU L 220 82.61 -93.68 -20.59
C GLU L 220 83.34 -93.34 -21.88
N LEU L 221 84.65 -93.58 -21.94
CA LEU L 221 85.40 -93.30 -23.15
C LEU L 221 84.88 -94.14 -24.32
N GLN L 222 84.69 -95.45 -24.11
CA GLN L 222 84.19 -96.30 -25.18
C GLN L 222 82.79 -95.89 -25.61
N LYS L 223 81.92 -95.57 -24.64
CA LYS L 223 80.55 -95.19 -24.98
C LYS L 223 80.51 -93.90 -25.78
N SER L 224 81.30 -92.90 -25.39
CA SER L 224 81.34 -91.66 -26.15
C SER L 224 81.92 -91.89 -27.54
N ALA L 225 82.94 -92.74 -27.65
CA ALA L 225 83.50 -93.04 -28.95
C ALA L 225 82.47 -93.66 -29.86
N PHE L 226 81.66 -94.59 -29.34
CA PHE L 226 80.61 -95.21 -30.15
C PHE L 226 79.55 -94.20 -30.54
N SER L 227 79.15 -93.35 -29.58
CA SER L 227 78.15 -92.32 -29.85
C SER L 227 78.61 -91.39 -30.96
N GLU L 228 79.92 -91.19 -31.09
CA GLU L 228 80.43 -90.34 -32.16
C GLU L 228 79.94 -90.81 -33.53
N GLU L 229 80.31 -92.02 -33.94
CA GLU L 229 79.92 -92.47 -35.28
C GLU L 229 78.44 -92.76 -35.37
N VAL L 230 77.77 -93.17 -34.28
CA VAL L 230 76.34 -93.39 -34.42
C VAL L 230 75.63 -92.06 -34.70
N ASN L 231 76.07 -90.97 -34.06
CA ASN L 231 75.49 -89.67 -34.32
C ASN L 231 75.84 -89.20 -35.73
N ILE L 232 77.06 -89.49 -36.19
CA ILE L 232 77.43 -89.12 -37.57
C ILE L 232 76.49 -89.79 -38.57
N LYS L 233 76.30 -91.10 -38.42
CA LYS L 233 75.45 -91.84 -39.34
C LYS L 233 74.01 -91.34 -39.28
N THR L 234 73.49 -91.07 -38.08
CA THR L 234 72.15 -90.51 -38.00
C THR L 234 72.07 -89.18 -38.75
N ALA L 235 72.98 -88.25 -38.43
CA ALA L 235 72.95 -86.93 -39.04
C ALA L 235 72.95 -87.02 -40.56
N GLU L 236 73.66 -88.00 -41.11
CA GLU L 236 73.49 -88.28 -42.54
C GLU L 236 72.08 -88.76 -42.85
N ALA L 237 71.50 -89.57 -41.96
CA ALA L 237 70.22 -90.22 -42.25
C ALA L 237 69.08 -89.21 -42.41
N GLN L 238 68.98 -88.22 -41.51
CA GLN L 238 67.86 -87.28 -41.68
C GLN L 238 67.96 -86.51 -42.99
N LEU L 239 69.14 -86.03 -43.36
CA LEU L 239 69.25 -85.10 -44.48
C LEU L 239 69.43 -85.78 -45.83
N ALA L 240 69.62 -87.11 -45.87
CA ALA L 240 69.53 -87.79 -47.16
C ALA L 240 68.17 -87.55 -47.82
N TYR L 241 67.11 -87.43 -47.02
CA TYR L 241 65.79 -87.16 -47.55
C TYR L 241 65.76 -85.83 -48.29
N GLU L 242 66.28 -84.77 -47.66
CA GLU L 242 66.29 -83.47 -48.32
C GLU L 242 67.19 -83.48 -49.55
N LEU L 243 68.31 -84.18 -49.49
CA LEU L 243 69.20 -84.26 -50.65
C LEU L 243 68.48 -84.85 -51.86
N GLN L 244 67.84 -86.01 -51.66
CA GLN L 244 67.12 -86.63 -52.76
C GLN L 244 65.92 -85.79 -53.18
N GLY L 245 65.28 -85.11 -52.23
CA GLY L 245 64.16 -84.26 -52.58
C GLY L 245 64.56 -83.12 -53.51
N ALA L 246 65.67 -82.46 -53.21
CA ALA L 246 66.16 -81.40 -54.09
C ALA L 246 66.59 -81.97 -55.43
N ARG L 247 67.25 -83.14 -55.43
CA ARG L 247 67.67 -83.74 -56.68
C ARG L 247 66.47 -84.03 -57.58
N GLU L 248 65.36 -84.50 -56.99
CA GLU L 248 64.16 -84.74 -57.79
C GLU L 248 63.46 -83.44 -58.17
N GLN L 249 63.41 -82.46 -57.27
CA GLN L 249 62.83 -81.16 -57.58
C GLN L 249 63.50 -80.51 -58.77
N GLN L 250 64.78 -80.82 -59.01
CA GLN L 250 65.42 -80.37 -60.25
C GLN L 250 64.56 -80.70 -61.46
N LYS L 251 64.31 -81.99 -61.70
CA LYS L 251 63.50 -82.42 -62.85
C LYS L 251 62.05 -81.99 -62.71
N ILE L 252 61.51 -81.99 -61.50
CA ILE L 252 60.13 -81.56 -61.29
C ILE L 252 59.94 -80.15 -61.84
N ARG L 253 60.81 -79.23 -61.44
CA ARG L 253 60.70 -77.85 -61.91
C ARG L 253 61.10 -77.72 -63.36
N GLN L 254 62.02 -78.56 -63.83
CA GLN L 254 62.37 -78.58 -65.25
C GLN L 254 61.12 -78.78 -66.11
N GLU L 255 60.33 -79.80 -65.78
CA GLU L 255 59.10 -80.01 -66.55
C GLU L 255 58.03 -78.97 -66.25
N GLU L 256 57.90 -78.54 -65.00
CA GLU L 256 56.92 -77.51 -64.68
C GLU L 256 57.16 -76.23 -65.47
N ILE L 257 58.42 -75.95 -65.80
CA ILE L 257 58.74 -74.77 -66.61
C ILE L 257 58.77 -75.07 -68.11
N GLU L 258 59.00 -76.32 -68.51
CA GLU L 258 58.80 -76.69 -69.90
C GLU L 258 57.34 -76.60 -70.31
N ILE L 259 56.42 -76.63 -69.34
CA ILE L 259 55.00 -76.42 -69.63
C ILE L 259 54.82 -75.17 -70.49
N GLU L 260 55.19 -74.01 -69.95
CA GLU L 260 54.96 -72.77 -70.67
C GLU L 260 55.92 -72.57 -71.83
N VAL L 261 57.07 -73.26 -71.84
CA VAL L 261 57.89 -73.28 -73.04
C VAL L 261 57.11 -73.86 -74.21
N VAL L 262 56.49 -75.02 -73.98
CA VAL L 262 55.68 -75.65 -75.02
C VAL L 262 54.49 -74.78 -75.38
N GLN L 263 53.88 -74.14 -74.38
CA GLN L 263 52.74 -73.26 -74.66
C GLN L 263 53.14 -72.09 -75.56
N ARG L 264 54.22 -71.39 -75.20
CA ARG L 264 54.65 -70.24 -75.98
C ARG L 264 55.23 -70.62 -77.32
N LYS L 265 55.65 -71.88 -77.48
CA LYS L 265 56.15 -72.33 -78.77
C LYS L 265 55.07 -72.27 -79.84
N LYS L 266 53.83 -72.56 -79.49
CA LYS L 266 52.72 -72.51 -80.43
C LYS L 266 51.86 -71.25 -80.29
N GLN L 267 52.07 -70.47 -79.23
CA GLN L 267 51.60 -69.09 -79.31
C GLN L 267 52.18 -68.37 -80.53
N ILE L 268 53.29 -68.86 -81.09
CA ILE L 268 53.81 -68.33 -82.34
C ILE L 268 52.79 -68.50 -83.46
N ALA L 269 52.25 -69.70 -83.61
CA ALA L 269 51.23 -69.93 -84.64
C ALA L 269 49.96 -69.16 -84.32
N VAL L 270 49.62 -69.05 -83.04
CA VAL L 270 48.49 -68.22 -82.65
C VAL L 270 48.66 -66.81 -83.19
N GLU L 271 49.84 -66.23 -82.98
CA GLU L 271 50.09 -64.86 -83.42
C GLU L 271 50.18 -64.74 -84.93
N ALA L 272 50.65 -65.78 -85.62
CA ALA L 272 50.66 -65.73 -87.08
C ALA L 272 49.23 -65.69 -87.64
N GLN L 273 48.35 -66.55 -87.11
CA GLN L 273 46.96 -66.48 -87.51
C GLN L 273 46.35 -65.13 -87.15
N GLU L 274 46.74 -64.56 -86.02
CA GLU L 274 46.29 -63.23 -85.67
C GLU L 274 46.79 -62.18 -86.67
N ILE L 275 48.01 -62.34 -87.18
CA ILE L 275 48.52 -61.42 -88.19
C ILE L 275 47.64 -61.46 -89.43
N LEU L 276 47.32 -62.67 -89.90
CA LEU L 276 46.45 -62.78 -91.07
C LEU L 276 45.08 -62.15 -90.80
N ARG L 277 44.50 -62.45 -89.63
CA ARG L 277 43.19 -61.92 -89.30
C ARG L 277 43.20 -60.40 -89.24
N THR L 278 44.23 -59.81 -88.61
CA THR L 278 44.26 -58.36 -88.49
C THR L 278 44.58 -57.71 -89.81
N ASP L 279 45.33 -58.37 -90.70
CA ASP L 279 45.51 -57.85 -92.04
C ASP L 279 44.17 -57.73 -92.76
N LYS L 280 43.39 -58.82 -92.75
CA LYS L 280 42.09 -58.77 -93.43
C LYS L 280 41.14 -57.77 -92.75
N GLU L 281 41.19 -57.70 -91.42
CA GLU L 281 40.33 -56.77 -90.70
C GLU L 281 40.67 -55.31 -91.04
N LEU L 282 41.97 -54.99 -91.09
CA LEU L 282 42.37 -53.64 -91.47
C LEU L 282 41.95 -53.33 -92.90
N ILE L 283 42.08 -54.31 -93.80
CA ILE L 283 41.56 -54.10 -95.16
C ILE L 283 40.10 -53.70 -95.08
N ALA L 284 39.26 -54.58 -94.56
CA ALA L 284 37.81 -54.34 -94.55
C ALA L 284 37.44 -53.09 -93.77
N THR L 285 38.29 -52.65 -92.85
CA THR L 285 37.93 -51.54 -91.98
C THR L 285 38.35 -50.19 -92.52
N VAL L 286 39.53 -50.07 -93.15
CA VAL L 286 40.00 -48.76 -93.56
C VAL L 286 40.33 -48.69 -95.05
N ARG L 287 40.69 -49.82 -95.66
CA ARG L 287 41.15 -49.75 -97.03
C ARG L 287 40.01 -49.49 -98.01
N ARG L 288 38.88 -50.18 -97.83
CA ARG L 288 37.72 -50.03 -98.69
C ARG L 288 36.92 -48.77 -98.37
N PRO L 289 36.70 -48.43 -97.09
CA PRO L 289 36.07 -47.13 -96.80
C PRO L 289 36.83 -45.95 -97.37
N ALA L 290 38.17 -46.02 -97.45
CA ALA L 290 38.92 -44.94 -98.07
C ALA L 290 38.56 -44.79 -99.55
N GLU L 291 38.47 -45.92 -100.26
CA GLU L 291 38.09 -45.86 -101.68
C GLU L 291 36.67 -45.35 -101.84
N ALA L 292 35.75 -45.79 -100.98
CA ALA L 292 34.38 -45.30 -101.06
C ALA L 292 34.32 -43.80 -100.79
N GLU L 293 35.08 -43.33 -99.82
CA GLU L 293 35.13 -41.90 -99.55
C GLU L 293 35.69 -41.12 -100.73
N ALA L 294 36.73 -41.66 -101.37
CA ALA L 294 37.29 -41.00 -102.55
C ALA L 294 36.24 -40.91 -103.65
N HIS L 295 35.51 -41.99 -103.90
CA HIS L 295 34.47 -41.98 -104.92
C HIS L 295 33.39 -40.97 -104.57
N ARG L 296 32.98 -40.92 -103.31
CA ARG L 296 31.97 -39.96 -102.88
C ARG L 296 32.43 -38.53 -103.09
N ILE L 297 33.68 -38.24 -102.72
CA ILE L 297 34.20 -36.88 -102.87
C ILE L 297 34.26 -36.49 -104.33
N GLN L 298 34.72 -37.39 -105.20
CA GLN L 298 34.82 -37.02 -106.60
C GLN L 298 33.44 -36.86 -107.26
N GLN L 299 32.48 -37.70 -106.87
CA GLN L 299 31.11 -37.54 -107.38
C GLN L 299 30.51 -36.20 -106.95
N ILE L 300 30.65 -35.87 -105.66
CA ILE L 300 30.08 -34.62 -105.16
C ILE L 300 30.81 -33.42 -105.76
N ALA L 301 32.11 -33.54 -105.98
CA ALA L 301 32.86 -32.47 -106.64
C ALA L 301 32.37 -32.28 -108.06
N GLU L 302 32.09 -33.37 -108.78
CA GLU L 302 31.53 -33.24 -110.12
C GLU L 302 30.19 -32.51 -110.09
N GLY L 303 29.32 -32.90 -109.16
CA GLY L 303 28.04 -32.22 -109.05
C GLY L 303 28.20 -30.73 -108.76
N GLU L 304 29.06 -30.39 -107.81
CA GLU L 304 29.27 -28.99 -107.45
C GLU L 304 29.88 -28.20 -108.60
N LYS L 305 30.82 -28.80 -109.32
CA LYS L 305 31.43 -28.11 -110.46
C LYS L 305 30.40 -27.82 -111.54
N VAL L 306 29.55 -28.80 -111.86
CA VAL L 306 28.52 -28.56 -112.86
C VAL L 306 27.56 -27.47 -112.39
N LYS L 307 27.18 -27.51 -111.12
CA LYS L 307 26.27 -26.48 -110.59
C LYS L 307 26.89 -25.10 -110.69
N GLN L 308 28.15 -24.97 -110.31
CA GLN L 308 28.82 -23.66 -110.36
C GLN L 308 28.97 -23.17 -111.79
N VAL L 309 29.32 -24.07 -112.72
CA VAL L 309 29.46 -23.66 -114.11
C VAL L 309 28.13 -23.18 -114.66
N LEU L 310 27.04 -23.90 -114.38
CA LEU L 310 25.73 -23.48 -114.86
C LEU L 310 25.31 -22.16 -114.25
N LEU L 311 25.54 -21.98 -112.95
CA LEU L 311 25.19 -20.71 -112.31
C LEU L 311 26.00 -19.56 -112.89
N ALA L 312 27.28 -19.79 -113.15
CA ALA L 312 28.11 -18.76 -113.75
C ALA L 312 27.64 -18.40 -115.15
N GLN L 313 27.26 -19.40 -115.94
CA GLN L 313 26.73 -19.12 -117.28
C GLN L 313 25.44 -18.30 -117.20
N ALA L 314 24.55 -18.67 -116.26
CA ALA L 314 23.32 -17.93 -116.09
C ALA L 314 23.58 -16.49 -115.69
N GLU L 315 24.51 -16.27 -114.76
CA GLU L 315 24.85 -14.92 -114.34
C GLU L 315 25.47 -14.12 -115.47
N ALA L 316 26.34 -14.75 -116.25
CA ALA L 316 26.98 -14.06 -117.36
C ALA L 316 25.96 -13.62 -118.39
N GLU L 317 25.02 -14.48 -118.75
CA GLU L 317 24.04 -14.08 -119.75
C GLU L 317 23.03 -13.09 -119.18
N LYS L 318 22.76 -13.18 -117.88
CA LYS L 318 22.00 -12.13 -117.20
C LYS L 318 22.66 -10.78 -117.40
N ILE L 319 23.96 -10.71 -117.13
CA ILE L 319 24.69 -9.45 -117.26
C ILE L 319 24.68 -8.99 -118.71
N ARG L 320 24.85 -9.92 -119.65
CA ARG L 320 24.87 -9.55 -121.06
C ARG L 320 23.54 -8.93 -121.48
N LYS L 321 22.44 -9.58 -121.12
CA LYS L 321 21.12 -9.08 -121.53
C LYS L 321 20.80 -7.75 -120.85
N ILE L 322 21.15 -7.62 -119.57
CA ILE L 322 20.91 -6.35 -118.88
C ILE L 322 21.72 -5.24 -119.51
N GLY L 323 22.98 -5.53 -119.88
CA GLY L 323 23.80 -4.52 -120.53
C GLY L 323 23.26 -4.12 -121.88
N GLU L 324 22.76 -5.09 -122.65
CA GLU L 324 22.15 -4.75 -123.93
C GLU L 324 20.92 -3.87 -123.75
N ALA L 325 20.09 -4.19 -122.76
CA ALA L 325 18.92 -3.36 -122.48
C ALA L 325 19.32 -1.94 -122.09
N GLU L 326 20.34 -1.81 -121.24
CA GLU L 326 20.81 -0.49 -120.84
C GLU L 326 21.38 0.28 -122.03
N ALA L 327 22.10 -0.40 -122.91
CA ALA L 327 22.62 0.27 -124.10
C ALA L 327 21.48 0.77 -124.98
N ALA L 328 20.44 -0.06 -125.15
CA ALA L 328 19.30 0.35 -125.97
C ALA L 328 18.61 1.57 -125.38
N VAL L 329 18.37 1.57 -124.07
CA VAL L 329 17.66 2.69 -123.47
C VAL L 329 18.54 3.95 -123.51
N ILE L 330 19.85 3.79 -123.32
CA ILE L 330 20.74 4.96 -123.38
C ILE L 330 20.76 5.55 -124.78
N GLU L 331 20.78 4.69 -125.81
CA GLU L 331 20.72 5.19 -127.18
C GLU L 331 19.40 5.89 -127.44
N ALA L 332 18.30 5.37 -126.89
CA ALA L 332 17.01 6.04 -127.02
C ALA L 332 17.02 7.42 -126.38
N MET L 333 17.58 7.53 -125.17
CA MET L 333 17.74 8.84 -124.54
C MET L 333 18.57 9.77 -125.39
N GLY L 334 19.65 9.26 -126.00
CA GLY L 334 20.44 10.10 -126.87
C GLY L 334 19.64 10.61 -128.06
N LYS L 335 18.90 9.70 -128.71
CA LYS L 335 18.02 10.09 -129.80
C LYS L 335 17.11 11.23 -129.37
N ALA L 336 16.40 11.05 -128.26
CA ALA L 336 15.38 12.01 -127.84
C ALA L 336 16.00 13.34 -127.42
N GLU L 337 17.06 13.29 -126.60
CA GLU L 337 17.64 14.52 -126.08
C GLU L 337 18.31 15.31 -127.19
N ALA L 338 18.97 14.62 -128.13
CA ALA L 338 19.56 15.32 -129.26
C ALA L 338 18.50 15.95 -130.14
N GLU L 339 17.38 15.25 -130.37
CA GLU L 339 16.30 15.85 -131.12
C GLU L 339 15.75 17.08 -130.39
N ARG L 340 15.65 16.99 -129.06
CA ARG L 340 15.19 18.14 -128.27
C ARG L 340 16.10 19.33 -128.47
N MET L 341 17.41 19.12 -128.32
CA MET L 341 18.36 20.22 -128.45
C MET L 341 18.34 20.78 -129.87
N LYS L 342 18.26 19.91 -130.87
CA LYS L 342 18.23 20.37 -132.26
C LYS L 342 17.01 21.24 -132.52
N LEU L 343 15.84 20.79 -132.08
CA LEU L 343 14.63 21.58 -132.30
C LEU L 343 14.66 22.88 -131.51
N LYS L 344 15.28 22.87 -130.32
CA LYS L 344 15.37 24.08 -129.53
C LYS L 344 16.37 25.06 -130.14
N ALA L 345 17.29 24.55 -130.98
CA ALA L 345 18.26 25.42 -131.62
C ALA L 345 17.62 26.47 -132.52
N GLU L 346 16.73 26.05 -133.44
CA GLU L 346 16.06 27.02 -134.28
C GLU L 346 15.16 27.93 -133.46
N ALA L 347 14.60 27.41 -132.36
CA ALA L 347 13.79 28.25 -131.49
C ALA L 347 14.60 29.40 -130.92
N TYR L 348 15.80 29.10 -130.40
CA TYR L 348 16.67 30.16 -129.89
C TYR L 348 17.19 31.05 -131.00
N GLN L 349 17.30 30.52 -132.23
CA GLN L 349 17.87 31.31 -133.30
C GLN L 349 16.99 32.50 -133.66
N LYS L 350 15.71 32.45 -133.32
CA LYS L 350 14.77 33.50 -133.71
C LYS L 350 14.53 34.51 -132.60
N TYR L 351 15.44 34.59 -131.64
CA TYR L 351 15.32 35.49 -130.49
C TYR L 351 15.87 36.87 -130.86
N GLY L 352 15.11 37.90 -130.50
CA GLY L 352 15.52 39.28 -130.69
C GLY L 352 16.07 39.89 -129.42
N ASP L 353 16.12 41.22 -129.40
CA ASP L 353 16.58 41.91 -128.20
C ASP L 353 15.59 41.73 -127.05
N ALA L 354 14.30 41.85 -127.32
CA ALA L 354 13.29 41.76 -126.27
C ALA L 354 13.29 40.38 -125.63
N ALA L 355 13.45 39.33 -126.43
CA ALA L 355 13.44 37.98 -125.89
C ALA L 355 14.65 37.72 -125.00
N LYS L 356 15.83 38.18 -125.41
CA LYS L 356 17.01 38.06 -124.55
C LYS L 356 16.82 38.86 -123.26
N MET L 357 16.22 40.03 -123.36
CA MET L 357 15.89 40.80 -122.16
C MET L 357 14.97 40.01 -121.24
N ALA L 358 13.98 39.33 -121.82
CA ALA L 358 13.08 38.51 -121.02
C ALA L 358 13.84 37.38 -120.34
N LEU L 359 14.76 36.74 -121.04
CA LEU L 359 15.56 35.68 -120.44
C LEU L 359 16.36 36.19 -119.25
N VAL L 360 17.02 37.33 -119.43
CA VAL L 360 17.84 37.88 -118.34
C VAL L 360 16.97 38.28 -117.16
N LEU L 361 15.83 38.91 -117.42
CA LEU L 361 14.96 39.32 -116.33
C LEU L 361 14.39 38.12 -115.60
N GLU L 362 14.09 37.05 -116.32
CA GLU L 362 13.59 35.84 -115.67
C GLU L 362 14.68 35.20 -114.83
N ALA L 363 15.93 35.25 -115.29
CA ALA L 363 17.02 34.64 -114.53
C ALA L 363 17.35 35.46 -113.28
N LEU L 364 17.15 36.77 -113.33
CA LEU L 364 17.59 37.65 -112.24
C LEU L 364 17.02 37.29 -110.86
N PRO L 365 15.71 37.06 -110.68
CA PRO L 365 15.22 36.81 -109.32
C PRO L 365 15.81 35.56 -108.68
N GLN L 366 16.05 34.50 -109.44
CA GLN L 366 16.64 33.30 -108.84
C GLN L 366 18.06 33.56 -108.37
N ILE L 367 18.85 34.27 -109.18
CA ILE L 367 20.21 34.62 -108.78
C ILE L 367 20.18 35.50 -107.54
N ALA L 368 19.26 36.47 -107.52
CA ALA L 368 19.15 37.37 -106.37
C ALA L 368 18.78 36.59 -105.12
N ALA L 369 17.86 35.64 -105.24
CA ALA L 369 17.49 34.81 -104.09
C ALA L 369 18.68 34.00 -103.59
N LYS L 370 19.48 33.46 -104.52
CA LYS L 370 20.63 32.68 -104.12
C LYS L 370 21.67 33.53 -103.41
N ILE L 371 21.95 34.72 -103.94
CA ILE L 371 22.98 35.56 -103.35
C ILE L 371 22.55 36.09 -101.98
N ALA L 372 21.27 36.38 -101.80
CA ALA L 372 20.78 36.96 -100.56
C ALA L 372 20.56 35.91 -99.47
N ALA L 373 20.67 34.62 -99.79
CA ALA L 373 20.44 33.60 -98.79
C ALA L 373 21.31 33.74 -97.54
N PRO L 374 22.61 34.04 -97.64
CA PRO L 374 23.39 34.23 -96.39
C PRO L 374 22.89 35.36 -95.52
N LEU L 375 22.14 36.31 -96.08
CA LEU L 375 21.66 37.44 -95.30
C LEU L 375 20.57 37.03 -94.32
N THR L 376 20.08 35.81 -94.44
CA THR L 376 18.99 35.33 -93.59
C THR L 376 19.39 35.24 -92.13
N LYS L 377 20.67 34.97 -91.87
CA LYS L 377 21.14 34.66 -90.52
C LYS L 377 21.67 35.89 -89.79
N VAL L 378 21.42 37.10 -90.29
CA VAL L 378 21.88 38.29 -89.59
C VAL L 378 21.19 38.39 -88.23
N ASP L 379 21.97 38.72 -87.20
CA ASP L 379 21.46 38.82 -85.84
C ASP L 379 21.05 40.24 -85.48
N GLU L 380 21.97 41.19 -85.60
CA GLU L 380 21.67 42.57 -85.23
C GLU L 380 22.45 43.49 -86.16
N ILE L 381 21.92 44.70 -86.34
CA ILE L 381 22.49 45.68 -87.24
C ILE L 381 22.72 46.96 -86.44
N VAL L 382 23.93 47.51 -86.52
CA VAL L 382 24.27 48.76 -85.87
C VAL L 382 24.67 49.76 -86.94
N VAL L 383 23.99 50.91 -86.99
CA VAL L 383 24.24 51.93 -87.98
C VAL L 383 24.60 53.23 -87.26
N LEU L 384 25.70 53.85 -87.68
CA LEU L 384 26.11 55.14 -87.17
C LEU L 384 26.32 56.09 -88.34
N SER L 385 26.06 57.37 -88.12
CA SER L 385 26.15 58.36 -89.19
C SER L 385 26.75 59.64 -88.63
N GLY L 386 27.28 60.46 -89.54
CA GLY L 386 27.89 61.72 -89.16
C GLY L 386 29.33 61.56 -88.71
N ASP L 387 30.20 62.47 -89.12
CA ASP L 387 31.62 62.41 -88.77
C ASP L 387 31.86 63.14 -87.45
N ASN L 388 31.78 62.38 -86.35
CA ASN L 388 31.98 62.92 -85.02
C ASN L 388 32.81 61.95 -84.19
N SER L 389 32.95 62.27 -82.91
CA SER L 389 33.77 61.46 -82.01
C SER L 389 33.01 60.22 -81.56
N LYS L 390 33.69 59.40 -80.76
CA LYS L 390 33.14 58.13 -80.27
C LYS L 390 32.88 58.18 -78.76
N VAL L 391 32.51 59.35 -78.27
CA VAL L 391 32.29 59.54 -76.84
C VAL L 391 30.81 59.64 -76.52
N THR L 392 30.00 60.09 -77.48
CA THR L 392 28.58 60.32 -77.23
C THR L 392 27.86 59.02 -76.86
N SER L 393 28.17 57.93 -77.57
CA SER L 393 27.57 56.61 -77.34
C SER L 393 26.05 56.75 -77.52
N GLU L 394 25.24 56.26 -76.58
CA GLU L 394 23.79 56.37 -76.71
C GLU L 394 23.22 57.39 -75.74
N MET M 1 -27.16 -169.79 -23.78
CA MET M 1 -28.24 -169.77 -24.77
C MET M 1 -27.76 -169.17 -26.08
N PHE M 2 -28.53 -169.41 -27.14
CA PHE M 2 -28.17 -168.92 -28.46
C PHE M 2 -28.30 -167.40 -28.53
N PHE M 3 -27.37 -166.77 -29.23
CA PHE M 3 -27.33 -165.31 -29.35
C PHE M 3 -27.38 -164.94 -30.84
N THR M 4 -28.54 -164.47 -31.28
CA THR M 4 -28.70 -164.07 -32.67
C THR M 4 -27.91 -162.80 -32.96
N CYS M 5 -27.47 -162.67 -34.21
CA CYS M 5 -26.77 -161.48 -34.66
C CYS M 5 -27.23 -161.14 -36.06
N GLY M 6 -27.19 -159.85 -36.39
CA GLY M 6 -27.47 -159.41 -37.73
C GLY M 6 -26.28 -159.62 -38.64
N PRO M 7 -26.41 -159.17 -39.88
CA PRO M 7 -25.31 -159.22 -40.83
C PRO M 7 -24.41 -157.98 -40.87
N ASN M 8 -24.42 -157.14 -39.83
CA ASN M 8 -23.52 -156.01 -39.72
C ASN M 8 -22.54 -156.16 -38.56
N GLU M 9 -22.54 -157.30 -37.89
CA GLU M 9 -21.63 -157.56 -36.79
C GLU M 9 -21.14 -158.99 -36.85
N ALA M 10 -19.95 -159.22 -36.33
CA ALA M 10 -19.36 -160.55 -36.25
C ALA M 10 -19.34 -161.01 -34.79
N MET M 11 -20.05 -162.09 -34.52
CA MET M 11 -20.10 -162.67 -33.17
C MET M 11 -19.03 -163.75 -33.08
N VAL M 12 -17.92 -163.42 -32.41
CA VAL M 12 -16.85 -164.36 -32.15
C VAL M 12 -16.67 -164.48 -30.65
N VAL M 13 -16.75 -165.71 -30.14
CA VAL M 13 -16.70 -165.96 -28.69
C VAL M 13 -15.87 -167.21 -28.45
N SER M 14 -15.27 -167.29 -27.26
CA SER M 14 -14.57 -168.48 -26.82
C SER M 14 -15.38 -169.17 -25.73
N GLY M 15 -15.61 -170.47 -25.88
CA GLY M 15 -16.40 -171.20 -24.92
C GLY M 15 -15.64 -172.30 -24.21
N PHE M 16 -16.02 -173.55 -24.46
CA PHE M 16 -15.35 -174.71 -23.90
C PHE M 16 -14.99 -175.65 -25.04
N CYS M 17 -13.70 -175.99 -25.16
CA CYS M 17 -13.19 -176.89 -26.19
C CYS M 17 -13.57 -176.40 -27.59
N ARG M 18 -13.21 -175.15 -27.86
CA ARG M 18 -13.44 -174.50 -29.15
C ARG M 18 -12.17 -173.83 -29.64
N SER M 19 -11.06 -174.58 -29.61
CA SER M 19 -9.76 -174.02 -29.92
C SER M 19 -9.67 -173.42 -31.33
N PRO M 20 -10.12 -174.07 -32.39
CA PRO M 20 -10.09 -173.42 -33.69
C PRO M 20 -10.98 -172.19 -33.70
N PRO M 21 -10.64 -171.18 -34.50
CA PRO M 21 -11.44 -169.95 -34.51
C PRO M 21 -12.85 -170.20 -35.01
N VAL M 22 -13.78 -169.41 -34.48
CA VAL M 22 -15.19 -169.49 -34.84
C VAL M 22 -15.59 -168.20 -35.54
N MET M 23 -16.06 -168.33 -36.77
CA MET M 23 -16.47 -167.19 -37.59
C MET M 23 -17.99 -167.20 -37.70
N VAL M 24 -18.65 -166.40 -36.87
CA VAL M 24 -20.11 -166.30 -36.87
C VAL M 24 -20.50 -164.84 -37.05
N ALA M 25 -21.27 -164.57 -38.10
CA ALA M 25 -21.84 -163.24 -38.35
C ALA M 25 -23.19 -163.46 -39.02
N GLY M 26 -24.26 -163.38 -38.24
CA GLY M 26 -25.59 -163.70 -38.73
C GLY M 26 -26.00 -165.13 -38.42
N GLY M 27 -25.82 -165.53 -37.18
CA GLY M 27 -26.18 -166.86 -36.74
C GLY M 27 -26.43 -166.87 -35.25
N ARG M 28 -26.28 -168.06 -34.65
CA ARG M 28 -26.44 -168.22 -33.22
C ARG M 28 -25.33 -169.10 -32.66
N VAL M 29 -25.03 -168.89 -31.38
CA VAL M 29 -24.03 -169.68 -30.67
C VAL M 29 -24.57 -169.95 -29.27
N PHE M 30 -24.58 -171.23 -28.88
CA PHE M 30 -24.94 -171.59 -27.51
C PHE M 30 -23.83 -171.15 -26.56
N VAL M 31 -24.15 -170.24 -25.65
CA VAL M 31 -23.15 -169.58 -24.80
C VAL M 31 -23.42 -169.94 -23.35
N LEU M 32 -22.43 -170.55 -22.69
CA LEU M 32 -22.49 -170.76 -21.26
C LEU M 32 -22.25 -169.45 -20.53
N PRO M 33 -22.95 -169.19 -19.42
CA PRO M 33 -22.81 -167.86 -18.78
C PRO M 33 -21.50 -167.68 -18.05
N CYS M 34 -21.05 -168.69 -17.30
CA CYS M 34 -19.85 -168.56 -16.48
C CYS M 34 -18.61 -169.18 -17.13
N ILE M 35 -18.70 -169.63 -18.38
CA ILE M 35 -17.59 -170.26 -19.07
C ILE M 35 -17.15 -169.48 -20.30
N GLN M 36 -18.10 -169.00 -21.10
CA GLN M 36 -17.78 -168.32 -22.34
C GLN M 36 -17.63 -166.82 -22.14
N GLN M 37 -16.88 -166.20 -23.04
CA GLN M 37 -16.66 -164.76 -23.05
C GLN M 37 -17.13 -164.19 -24.38
N ILE M 38 -17.85 -163.07 -24.32
CA ILE M 38 -18.54 -162.50 -25.48
C ILE M 38 -17.83 -161.22 -25.90
N GLN M 39 -17.52 -161.11 -27.19
CA GLN M 39 -16.96 -159.90 -27.77
C GLN M 39 -17.55 -159.71 -29.15
N ARG M 40 -17.61 -158.45 -29.60
CA ARG M 40 -18.31 -158.08 -30.81
C ARG M 40 -17.47 -157.16 -31.67
N ILE M 41 -17.67 -157.26 -32.99
CA ILE M 41 -17.10 -156.34 -33.97
C ILE M 41 -18.22 -155.85 -34.88
N SER M 42 -18.29 -154.54 -35.10
CA SER M 42 -19.26 -153.97 -36.02
C SER M 42 -18.72 -153.96 -37.44
N LEU M 43 -19.49 -154.52 -38.37
CA LEU M 43 -19.09 -154.62 -39.77
C LEU M 43 -19.65 -153.50 -40.62
N ASN M 44 -20.34 -152.54 -40.03
CA ASN M 44 -21.00 -151.50 -40.81
C ASN M 44 -19.95 -150.61 -41.48
N THR M 45 -20.26 -150.19 -42.72
CA THR M 45 -19.31 -149.40 -43.50
C THR M 45 -19.21 -147.98 -42.93
N LEU M 46 -17.98 -147.52 -42.75
CA LEU M 46 -17.70 -146.19 -42.24
C LEU M 46 -16.97 -145.38 -43.30
N THR M 47 -17.37 -144.12 -43.47
CA THR M 47 -16.74 -143.24 -44.43
C THR M 47 -15.55 -142.53 -43.80
N LEU M 48 -14.54 -142.25 -44.61
CA LEU M 48 -13.31 -141.64 -44.15
C LEU M 48 -13.04 -140.37 -44.95
N ASN M 49 -12.74 -139.28 -44.25
CA ASN M 49 -12.40 -138.00 -44.87
C ASN M 49 -10.88 -137.91 -44.93
N VAL M 50 -10.31 -138.56 -45.94
CA VAL M 50 -8.86 -138.65 -46.10
C VAL M 50 -8.37 -137.29 -46.61
N LYS M 51 -7.81 -136.48 -45.71
CA LYS M 51 -7.41 -135.12 -46.02
C LYS M 51 -5.89 -135.03 -46.09
N SER M 52 -5.39 -134.43 -47.18
CA SER M 52 -3.97 -134.16 -47.36
C SER M 52 -3.77 -132.67 -47.54
N GLU M 53 -2.90 -132.09 -46.72
CA GLU M 53 -2.66 -130.65 -46.73
C GLU M 53 -1.20 -130.37 -47.09
N LYS M 54 -1.01 -129.52 -48.10
CA LYS M 54 0.31 -129.06 -48.52
C LYS M 54 1.22 -130.24 -48.87
N VAL M 55 0.80 -131.01 -49.86
CA VAL M 55 1.51 -132.18 -50.32
C VAL M 55 2.11 -131.89 -51.69
N TYR M 56 3.36 -132.29 -51.89
CA TYR M 56 4.06 -132.02 -53.14
C TYR M 56 3.79 -133.10 -54.18
N THR M 57 3.63 -132.67 -55.43
CA THR M 57 3.42 -133.55 -56.57
C THR M 57 4.76 -133.87 -57.22
N ARG M 58 4.73 -134.50 -58.41
CA ARG M 58 5.98 -134.97 -58.99
C ARG M 58 6.71 -133.81 -59.65
N HIS M 59 6.02 -132.69 -59.89
CA HIS M 59 6.69 -131.41 -60.14
C HIS M 59 7.12 -130.70 -58.87
N GLY M 60 6.59 -131.10 -57.71
CA GLY M 60 6.88 -130.43 -56.47
C GLY M 60 5.90 -129.34 -56.08
N VAL M 61 4.93 -129.01 -56.94
CA VAL M 61 3.98 -127.96 -56.59
C VAL M 61 3.09 -128.44 -55.44
N PRO M 62 2.86 -127.64 -54.40
CA PRO M 62 2.00 -128.08 -53.30
C PRO M 62 0.54 -127.76 -53.59
N ILE M 63 -0.31 -128.77 -53.46
CA ILE M 63 -1.76 -128.62 -53.66
C ILE M 63 -2.48 -129.29 -52.50
N SER M 64 -3.51 -128.63 -51.99
CA SER M 64 -4.33 -129.20 -50.93
C SER M 64 -5.33 -130.17 -51.53
N VAL M 65 -5.25 -131.44 -51.15
CA VAL M 65 -6.04 -132.51 -51.75
C VAL M 65 -6.85 -133.19 -50.66
N THR M 66 -8.15 -133.33 -50.89
CA THR M 66 -9.05 -134.02 -49.98
C THR M 66 -9.58 -135.28 -50.64
N GLY M 67 -9.65 -136.37 -49.89
CA GLY M 67 -10.14 -137.63 -50.40
C GLY M 67 -11.18 -138.23 -49.48
N ILE M 68 -12.08 -139.01 -50.08
CA ILE M 68 -13.15 -139.69 -49.36
C ILE M 68 -13.06 -141.18 -49.68
N ALA M 69 -13.17 -142.02 -48.66
CA ALA M 69 -13.08 -143.46 -48.83
C ALA M 69 -14.21 -144.15 -48.08
N GLN M 70 -14.69 -145.26 -48.63
CA GLN M 70 -15.69 -146.09 -47.98
C GLN M 70 -15.07 -147.45 -47.70
N VAL M 71 -14.82 -147.74 -46.43
CA VAL M 71 -14.09 -148.94 -46.02
C VAL M 71 -15.02 -149.82 -45.20
N LYS M 72 -14.93 -151.13 -45.42
CA LYS M 72 -15.78 -152.11 -44.74
C LYS M 72 -14.96 -153.36 -44.47
N ILE M 73 -15.38 -154.11 -43.45
CA ILE M 73 -14.73 -155.35 -43.06
C ILE M 73 -15.43 -156.48 -43.78
N GLN M 74 -14.75 -157.09 -44.75
CA GLN M 74 -15.37 -158.13 -45.56
C GLN M 74 -15.52 -159.43 -44.77
N GLY M 75 -16.63 -159.55 -44.05
CA GLY M 75 -16.87 -160.75 -43.25
C GLY M 75 -17.17 -161.99 -44.05
N GLN M 76 -17.38 -161.86 -45.36
CA GLN M 76 -17.61 -163.04 -46.19
C GLN M 76 -16.39 -163.94 -46.22
N ASN M 77 -15.19 -163.36 -46.28
CA ASN M 77 -13.97 -164.13 -46.28
C ASN M 77 -13.63 -164.58 -44.87
N LYS M 78 -13.61 -165.90 -44.67
CA LYS M 78 -13.34 -166.45 -43.33
C LYS M 78 -11.92 -166.11 -42.88
N GLU M 79 -10.94 -166.24 -43.79
CA GLU M 79 -9.55 -165.98 -43.41
C GLU M 79 -9.35 -164.52 -43.05
N MET M 80 -9.87 -163.60 -43.87
CA MET M 80 -9.70 -162.18 -43.59
C MET M 80 -10.41 -161.78 -42.32
N LEU M 81 -11.62 -162.29 -42.10
CA LEU M 81 -12.34 -161.97 -40.88
C LEU M 81 -11.62 -162.50 -39.65
N ALA M 82 -11.08 -163.73 -39.74
CA ALA M 82 -10.34 -164.30 -38.62
C ALA M 82 -9.09 -163.48 -38.34
N ALA M 83 -8.41 -163.01 -39.38
CA ALA M 83 -7.26 -162.15 -39.18
C ALA M 83 -7.67 -160.84 -38.50
N ALA M 84 -8.78 -160.25 -38.94
CA ALA M 84 -9.21 -158.96 -38.40
C ALA M 84 -9.65 -159.07 -36.95
N CYS M 85 -10.26 -160.20 -36.58
CA CYS M 85 -10.73 -160.36 -35.21
C CYS M 85 -9.59 -160.40 -34.21
N GLN M 86 -8.38 -160.70 -34.67
CA GLN M 86 -7.24 -160.79 -33.77
C GLN M 86 -6.83 -159.44 -33.19
N MET M 87 -7.23 -158.33 -33.82
CA MET M 87 -6.90 -157.02 -33.29
C MET M 87 -8.08 -156.06 -33.20
N PHE M 88 -9.19 -156.31 -33.89
CA PHE M 88 -10.27 -155.34 -33.92
C PHE M 88 -11.30 -155.55 -32.83
N LEU M 89 -11.23 -156.67 -32.09
CA LEU M 89 -12.08 -156.82 -30.90
C LEU M 89 -11.66 -155.82 -29.83
N GLY M 90 -12.65 -155.20 -29.21
CA GLY M 90 -12.39 -154.26 -28.13
C GLY M 90 -12.03 -152.87 -28.57
N LYS M 91 -12.01 -152.59 -29.87
CA LYS M 91 -11.70 -151.27 -30.39
C LYS M 91 -12.98 -150.56 -30.82
N THR M 92 -13.11 -149.30 -30.41
CA THR M 92 -14.29 -148.52 -30.73
C THR M 92 -14.31 -148.15 -32.21
N GLU M 93 -15.48 -147.69 -32.67
CA GLU M 93 -15.62 -147.31 -34.07
C GLU M 93 -14.71 -146.12 -34.42
N ALA M 94 -14.57 -145.19 -33.49
CA ALA M 94 -13.75 -144.00 -33.76
C ALA M 94 -12.30 -144.37 -34.01
N GLU M 95 -11.72 -145.21 -33.15
CA GLU M 95 -10.33 -145.59 -33.33
C GLU M 95 -10.14 -146.46 -34.57
N ILE M 96 -11.10 -147.35 -34.82
CA ILE M 96 -11.03 -148.20 -36.01
C ILE M 96 -11.03 -147.33 -37.26
N ALA M 97 -11.89 -146.32 -37.31
CA ALA M 97 -11.88 -145.40 -38.43
C ALA M 97 -10.57 -144.63 -38.50
N HIS M 98 -10.10 -144.14 -37.36
CA HIS M 98 -8.94 -143.25 -37.33
C HIS M 98 -7.66 -143.93 -37.78
N ILE M 99 -7.43 -145.17 -37.39
CA ILE M 99 -6.18 -145.84 -37.75
C ILE M 99 -6.14 -146.10 -39.25
N ALA M 100 -7.22 -146.64 -39.81
CA ALA M 100 -7.27 -146.86 -41.25
C ALA M 100 -7.25 -145.55 -42.00
N LEU M 101 -7.78 -144.48 -41.41
CA LEU M 101 -7.71 -143.16 -42.04
C LEU M 101 -6.26 -142.73 -42.21
N GLU M 102 -5.45 -142.87 -41.15
CA GLU M 102 -4.05 -142.51 -41.26
C GLU M 102 -3.32 -143.40 -42.25
N THR M 103 -3.63 -144.69 -42.27
CA THR M 103 -2.98 -145.57 -43.24
C THR M 103 -3.32 -145.17 -44.67
N LEU M 104 -4.60 -144.93 -44.96
CA LEU M 104 -5.00 -144.55 -46.31
C LEU M 104 -4.45 -143.18 -46.69
N GLU M 105 -4.35 -142.28 -45.70
CA GLU M 105 -3.70 -141.00 -45.95
C GLU M 105 -2.24 -141.18 -46.33
N GLY M 106 -1.56 -142.09 -45.65
CA GLY M 106 -0.19 -142.40 -46.02
C GLY M 106 -0.08 -142.90 -47.45
N HIS M 107 -0.98 -143.83 -47.82
CA HIS M 107 -0.95 -144.34 -49.19
C HIS M 107 -1.23 -143.24 -50.22
N GLN M 108 -2.24 -142.40 -49.96
CA GLN M 108 -2.60 -141.35 -50.91
C GLN M 108 -1.46 -140.34 -51.05
N ARG M 109 -0.93 -139.87 -49.92
CA ARG M 109 0.13 -138.89 -49.94
C ARG M 109 1.41 -139.47 -50.54
N ALA M 110 1.61 -140.78 -50.43
CA ALA M 110 2.74 -141.40 -51.11
C ALA M 110 2.53 -141.46 -52.62
N ILE M 111 1.32 -141.82 -53.06
CA ILE M 111 1.04 -141.86 -54.49
C ILE M 111 0.88 -140.47 -55.08
N MET M 112 0.84 -139.44 -54.24
CA MET M 112 0.75 -138.07 -54.75
C MET M 112 1.89 -137.75 -55.70
N ALA M 113 3.10 -138.21 -55.36
CA ALA M 113 4.27 -137.91 -56.19
C ALA M 113 4.36 -138.81 -57.41
N HIS M 114 3.49 -139.80 -57.54
CA HIS M 114 3.52 -140.62 -58.75
C HIS M 114 2.85 -139.90 -59.91
N MET M 115 1.61 -139.46 -59.71
CA MET M 115 0.82 -138.79 -60.74
C MET M 115 0.84 -137.29 -60.50
N THR M 116 1.10 -136.53 -61.57
CA THR M 116 1.11 -135.08 -61.49
C THR M 116 -0.31 -134.53 -61.44
N VAL M 117 -0.43 -133.26 -61.05
CA VAL M 117 -1.73 -132.62 -60.94
C VAL M 117 -2.44 -132.62 -62.29
N GLU M 118 -1.70 -132.29 -63.35
CA GLU M 118 -2.25 -132.37 -64.70
C GLU M 118 -2.84 -133.74 -64.96
N GLU M 119 -2.19 -134.78 -64.45
CA GLU M 119 -2.74 -136.13 -64.57
C GLU M 119 -3.95 -136.32 -63.65
N ILE M 120 -3.90 -135.77 -62.44
CA ILE M 120 -4.92 -136.13 -61.45
C ILE M 120 -6.27 -135.54 -61.83
N TYR M 121 -6.32 -134.29 -62.32
CA TYR M 121 -7.66 -133.79 -62.62
C TYR M 121 -8.15 -134.23 -63.99
N LYS M 122 -7.23 -134.45 -64.93
CA LYS M 122 -7.61 -134.92 -66.26
C LYS M 122 -7.80 -136.43 -66.27
N ASP M 123 -6.73 -137.18 -66.02
CA ASP M 123 -6.79 -138.63 -66.02
C ASP M 123 -6.99 -139.15 -64.60
N ARG M 124 -8.25 -139.18 -64.16
CA ARG M 124 -8.57 -139.52 -62.78
C ARG M 124 -8.92 -141.00 -62.62
N GLN M 125 -9.41 -141.63 -63.67
CA GLN M 125 -9.86 -143.01 -63.56
C GLN M 125 -8.69 -143.95 -63.28
N LYS M 126 -7.61 -143.83 -64.05
CA LYS M 126 -6.45 -144.68 -63.84
C LYS M 126 -5.81 -144.38 -62.48
N PHE M 127 -5.73 -143.10 -62.11
CA PHE M 127 -5.25 -142.74 -60.79
C PHE M 127 -6.05 -143.44 -59.69
N SER M 128 -7.38 -143.34 -59.74
CA SER M 128 -8.23 -143.93 -58.72
C SER M 128 -8.07 -145.45 -58.70
N GLU M 129 -7.98 -146.07 -59.88
CA GLU M 129 -7.82 -147.52 -59.93
C GLU M 129 -6.51 -147.97 -59.30
N GLN M 130 -5.42 -147.27 -59.60
CA GLN M 130 -4.13 -147.66 -59.01
C GLN M 130 -4.12 -147.42 -57.51
N VAL M 131 -4.70 -146.29 -57.06
CA VAL M 131 -4.79 -146.02 -55.63
C VAL M 131 -5.58 -147.12 -54.95
N PHE M 132 -6.73 -147.48 -55.52
CA PHE M 132 -7.56 -148.53 -54.95
C PHE M 132 -6.81 -149.86 -54.90
N LYS M 133 -6.10 -150.20 -55.98
CA LYS M 133 -5.37 -151.46 -56.00
C LYS M 133 -4.33 -151.52 -54.88
N VAL M 134 -3.47 -150.50 -54.79
CA VAL M 134 -2.37 -150.55 -53.82
C VAL M 134 -2.90 -150.48 -52.40
N ALA M 135 -3.83 -149.55 -52.14
CA ALA M 135 -4.38 -149.41 -50.80
C ALA M 135 -5.14 -150.65 -50.39
N SER M 136 -5.92 -151.22 -51.30
CA SER M 136 -6.67 -152.43 -50.99
C SER M 136 -5.74 -153.59 -50.69
N SER M 137 -4.64 -153.73 -51.46
CA SER M 137 -3.69 -154.78 -51.15
C SER M 137 -3.10 -154.61 -49.75
N ASP M 138 -2.59 -153.41 -49.45
CA ASP M 138 -1.89 -153.23 -48.18
C ASP M 138 -2.87 -153.21 -47.00
N LEU M 139 -4.16 -152.98 -47.27
CA LEU M 139 -5.12 -152.92 -46.18
C LEU M 139 -5.80 -154.27 -45.96
N VAL M 140 -5.96 -155.07 -47.02
CA VAL M 140 -6.35 -156.47 -46.86
C VAL M 140 -5.24 -157.21 -46.13
N ASN M 141 -3.98 -156.83 -46.39
CA ASN M 141 -2.89 -157.32 -45.55
C ASN M 141 -3.15 -156.98 -44.09
N MET M 142 -3.68 -155.79 -43.81
CA MET M 142 -4.03 -155.44 -42.44
C MET M 142 -5.38 -156.03 -42.06
N GLY M 143 -6.32 -156.11 -43.01
CA GLY M 143 -7.58 -156.78 -42.78
C GLY M 143 -8.83 -156.02 -43.17
N ILE M 144 -8.71 -154.80 -43.68
CA ILE M 144 -9.86 -154.01 -44.13
C ILE M 144 -9.80 -153.87 -45.64
N SER M 145 -10.93 -154.10 -46.30
CA SER M 145 -11.04 -153.93 -47.75
C SER M 145 -11.81 -152.65 -48.02
N VAL M 146 -11.23 -151.77 -48.84
CA VAL M 146 -11.86 -150.50 -49.19
C VAL M 146 -12.91 -150.77 -50.27
N VAL M 147 -14.15 -150.39 -50.01
CA VAL M 147 -15.21 -150.59 -50.99
C VAL M 147 -14.98 -149.69 -52.21
N SER M 148 -14.70 -148.41 -51.96
CA SER M 148 -14.48 -147.46 -53.05
C SER M 148 -13.76 -146.24 -52.50
N TYR M 149 -12.76 -145.78 -53.22
CA TYR M 149 -12.00 -144.60 -52.86
C TYR M 149 -12.20 -143.53 -53.93
N THR M 150 -12.33 -142.28 -53.49
CA THR M 150 -12.48 -141.16 -54.41
C THR M 150 -11.69 -139.98 -53.86
N LEU M 151 -11.51 -138.97 -54.73
CA LEU M 151 -10.83 -137.74 -54.36
C LEU M 151 -11.87 -136.63 -54.23
N LYS M 152 -11.93 -136.03 -53.04
CA LYS M 152 -13.00 -135.08 -52.75
C LYS M 152 -12.77 -133.75 -53.46
N ASP M 153 -11.66 -133.07 -53.15
CA ASP M 153 -11.41 -131.75 -53.71
C ASP M 153 -9.91 -131.56 -53.87
N ILE M 154 -9.54 -130.72 -54.84
CA ILE M 154 -8.16 -130.31 -55.06
C ILE M 154 -8.10 -128.79 -54.92
N HIS M 155 -7.19 -128.31 -54.09
CA HIS M 155 -7.05 -126.88 -53.83
C HIS M 155 -5.60 -126.48 -53.99
N ASP M 156 -5.38 -125.28 -54.54
CA ASP M 156 -4.05 -124.73 -54.72
C ASP M 156 -3.99 -123.35 -54.10
N ASP M 157 -3.11 -123.19 -53.11
CA ASP M 157 -2.90 -121.89 -52.46
C ASP M 157 -1.81 -121.08 -53.14
N GLN M 158 -1.13 -121.64 -54.14
CA GLN M 158 -0.05 -120.97 -54.84
C GLN M 158 -0.51 -120.30 -56.13
N ASP M 159 -1.80 -120.32 -56.43
CA ASP M 159 -2.39 -119.81 -57.67
C ASP M 159 -1.87 -120.54 -58.90
N TYR M 160 -1.51 -121.82 -58.76
CA TYR M 160 -0.95 -122.57 -59.88
C TYR M 160 -1.99 -122.83 -60.96
N LEU M 161 -3.20 -123.21 -60.54
CA LEU M 161 -4.20 -123.69 -61.49
C LEU M 161 -5.11 -122.55 -61.96
N HIS M 162 -5.13 -121.45 -61.22
CA HIS M 162 -6.00 -120.33 -61.57
C HIS M 162 -5.64 -119.75 -62.93
N SER M 163 -4.33 -119.63 -63.23
CA SER M 163 -3.91 -119.11 -64.52
C SER M 163 -4.29 -120.07 -65.66
N LEU M 164 -4.13 -121.38 -65.42
CA LEU M 164 -4.54 -122.36 -66.41
C LEU M 164 -6.04 -122.25 -66.70
N GLY M 165 -6.83 -122.00 -65.66
CA GLY M 165 -8.24 -121.74 -65.89
C GLY M 165 -8.49 -120.44 -66.65
N LYS M 166 -7.73 -119.40 -66.32
CA LYS M 166 -7.98 -118.06 -66.88
C LYS M 166 -7.62 -118.01 -68.36
N ALA M 167 -6.72 -118.89 -68.80
CA ALA M 167 -6.35 -118.93 -70.21
C ALA M 167 -7.56 -119.13 -71.12
N ARG M 168 -8.37 -120.16 -70.80
CA ARG M 168 -9.54 -120.44 -71.63
C ARG M 168 -10.59 -119.35 -71.50
N THR M 169 -10.69 -118.73 -70.33
CA THR M 169 -11.61 -117.61 -70.15
C THR M 169 -11.25 -116.46 -71.09
N ALA M 170 -9.97 -116.16 -71.21
CA ALA M 170 -9.55 -115.15 -72.18
C ALA M 170 -9.86 -115.62 -73.60
N GLN M 171 -9.63 -116.90 -73.88
CA GLN M 171 -9.83 -117.42 -75.23
C GLN M 171 -11.31 -117.36 -75.63
N VAL M 172 -12.21 -117.37 -74.65
CA VAL M 172 -13.63 -117.26 -74.99
C VAL M 172 -14.07 -115.80 -74.96
N GLN M 173 -13.42 -114.98 -74.14
CA GLN M 173 -13.76 -113.56 -74.11
C GLN M 173 -13.39 -112.88 -75.42
N LYS M 174 -12.36 -113.38 -76.11
CA LYS M 174 -12.06 -112.81 -77.43
C LYS M 174 -13.22 -113.04 -78.39
N ASP M 175 -13.83 -114.23 -78.34
CA ASP M 175 -15.04 -114.49 -79.12
C ASP M 175 -16.20 -113.62 -78.68
N ALA M 176 -16.34 -113.42 -77.37
CA ALA M 176 -17.39 -112.56 -76.85
C ALA M 176 -17.26 -111.15 -77.40
N ARG M 177 -16.02 -110.66 -77.54
CA ARG M 177 -15.81 -109.32 -78.08
C ARG M 177 -15.98 -109.30 -79.60
N ILE M 178 -15.57 -110.37 -80.29
CA ILE M 178 -15.69 -110.39 -81.74
C ILE M 178 -17.16 -110.36 -82.16
N GLY M 179 -18.03 -111.05 -81.40
CA GLY M 179 -19.45 -110.99 -81.71
C GLY M 179 -20.02 -109.61 -81.55
N GLU M 180 -19.64 -108.92 -80.47
CA GLU M 180 -20.11 -107.56 -80.24
C GLU M 180 -19.62 -106.62 -81.34
N ALA M 181 -18.37 -106.79 -81.77
CA ALA M 181 -17.85 -105.97 -82.85
C ALA M 181 -18.62 -106.19 -84.15
N GLU M 182 -18.88 -107.45 -84.49
CA GLU M 182 -19.74 -107.75 -85.64
C GLU M 182 -21.08 -107.02 -85.54
N ALA M 183 -21.76 -107.19 -84.40
CA ALA M 183 -23.08 -106.61 -84.25
C ALA M 183 -23.06 -105.09 -84.34
N LYS M 184 -22.08 -104.45 -83.69
CA LYS M 184 -22.00 -103.00 -83.71
C LYS M 184 -21.72 -102.46 -85.11
N ARG M 185 -20.78 -103.09 -85.83
CA ARG M 185 -20.50 -102.61 -87.18
C ARG M 185 -21.71 -102.78 -88.08
N ASP M 186 -22.38 -103.95 -88.00
CA ASP M 186 -23.53 -104.20 -88.84
C ASP M 186 -24.67 -103.25 -88.53
N ALA M 187 -24.88 -102.91 -87.25
CA ALA M 187 -25.93 -101.96 -86.92
C ALA M 187 -25.58 -100.56 -87.41
N GLY M 188 -24.36 -100.10 -87.13
CA GLY M 188 -23.98 -98.74 -87.46
C GLY M 188 -23.97 -98.45 -88.95
N ILE M 189 -23.52 -99.41 -89.76
CA ILE M 189 -23.47 -99.17 -91.20
C ILE M 189 -24.83 -98.76 -91.76
N ARG M 190 -25.85 -99.57 -91.54
CA ARG M 190 -27.16 -99.27 -92.09
C ARG M 190 -27.89 -98.19 -91.31
N GLU M 191 -27.62 -98.03 -90.01
CA GLU M 191 -28.20 -96.89 -89.31
C GLU M 191 -27.72 -95.58 -89.92
N ALA M 192 -26.42 -95.46 -90.17
CA ALA M 192 -25.90 -94.26 -90.81
C ALA M 192 -26.45 -94.08 -92.21
N LYS M 193 -26.57 -95.18 -92.95
CA LYS M 193 -27.11 -95.07 -94.30
C LYS M 193 -28.56 -94.56 -94.30
N ALA M 194 -29.41 -95.10 -93.41
CA ALA M 194 -30.78 -94.64 -93.33
C ALA M 194 -30.86 -93.19 -92.89
N LYS M 195 -30.02 -92.81 -91.93
CA LYS M 195 -29.89 -91.41 -91.55
C LYS M 195 -29.60 -90.55 -92.77
N GLN M 196 -28.68 -91.01 -93.62
CA GLN M 196 -28.31 -90.28 -94.83
C GLN M 196 -29.49 -90.08 -95.75
N GLU M 197 -30.24 -91.16 -96.03
CA GLU M 197 -31.39 -91.01 -96.92
C GLU M 197 -32.44 -90.05 -96.34
N LYS M 198 -32.71 -90.13 -95.03
CA LYS M 198 -33.78 -89.27 -94.52
C LYS M 198 -33.36 -87.81 -94.59
N VAL M 199 -32.08 -87.52 -94.29
CA VAL M 199 -31.64 -86.13 -94.38
C VAL M 199 -31.66 -85.65 -95.83
N SER M 200 -31.25 -86.50 -96.77
CA SER M 200 -31.28 -86.10 -98.17
C SER M 200 -32.69 -85.78 -98.63
N ALA M 201 -33.66 -86.61 -98.25
CA ALA M 201 -35.04 -86.33 -98.60
C ALA M 201 -35.58 -85.08 -97.92
N GLN M 202 -35.21 -84.86 -96.66
CA GLN M 202 -35.66 -83.66 -95.96
C GLN M 202 -35.15 -82.40 -96.65
N TYR M 203 -33.88 -82.40 -97.06
CA TYR M 203 -33.36 -81.24 -97.77
C TYR M 203 -33.98 -81.10 -99.16
N LEU M 204 -34.28 -82.23 -99.82
CA LEU M 204 -34.98 -82.13 -101.10
C LEU M 204 -36.34 -81.47 -100.93
N SER M 205 -37.06 -81.80 -99.86
CA SER M 205 -38.32 -81.13 -99.58
C SER M 205 -38.12 -79.65 -99.26
N GLU M 206 -37.07 -79.34 -98.50
CA GLU M 206 -36.78 -77.95 -98.19
C GLU M 206 -36.43 -77.13 -99.42
N ILE M 207 -35.97 -77.78 -100.49
CA ILE M 207 -35.79 -77.07 -101.76
C ILE M 207 -37.13 -76.53 -102.27
N GLU M 208 -38.15 -77.38 -102.32
CA GLU M 208 -39.47 -76.93 -102.71
C GLU M 208 -40.06 -75.93 -101.72
N MET M 209 -39.68 -76.05 -100.44
CA MET M 209 -40.04 -75.02 -99.48
C MET M 209 -39.58 -73.65 -99.94
N ALA M 210 -38.32 -73.54 -100.35
CA ALA M 210 -37.79 -72.27 -100.83
C ALA M 210 -38.40 -71.86 -102.16
N LYS M 211 -38.71 -72.84 -103.03
CA LYS M 211 -39.46 -72.53 -104.24
C LYS M 211 -40.75 -71.79 -103.93
N ALA M 212 -41.56 -72.36 -103.02
CA ALA M 212 -42.82 -71.72 -102.65
C ALA M 212 -42.59 -70.39 -101.95
N GLN M 213 -41.55 -70.31 -101.11
CA GLN M 213 -41.25 -69.06 -100.42
C GLN M 213 -40.95 -67.94 -101.42
N ARG M 214 -40.14 -68.23 -102.44
CA ARG M 214 -39.90 -67.27 -103.50
C ARG M 214 -41.19 -66.91 -104.21
N ASP M 215 -41.95 -67.94 -104.63
CA ASP M 215 -43.18 -67.70 -105.39
C ASP M 215 -44.16 -66.80 -104.65
N TYR M 216 -44.17 -66.86 -103.32
CA TYR M 216 -45.04 -66.00 -102.53
C TYR M 216 -44.43 -64.62 -102.28
N GLU M 217 -43.17 -64.58 -101.83
CA GLU M 217 -42.55 -63.33 -101.43
C GLU M 217 -42.36 -62.38 -102.60
N LEU M 218 -41.96 -62.89 -103.77
CA LEU M 218 -41.73 -62.02 -104.90
C LEU M 218 -43.03 -61.32 -105.33
N LYS M 219 -44.13 -62.08 -105.40
CA LYS M 219 -45.40 -61.47 -105.76
C LYS M 219 -45.88 -60.51 -104.68
N LYS M 220 -45.67 -60.85 -103.41
CA LYS M 220 -46.08 -59.94 -102.34
C LYS M 220 -45.35 -58.61 -102.47
N ALA M 221 -44.04 -58.66 -102.70
CA ALA M 221 -43.27 -57.42 -102.87
C ALA M 221 -43.69 -56.65 -104.11
N ALA M 222 -43.96 -57.36 -105.21
CA ALA M 222 -44.38 -56.69 -106.44
C ALA M 222 -45.71 -55.96 -106.24
N TYR M 223 -46.63 -56.57 -105.50
CA TYR M 223 -47.90 -55.92 -105.20
C TYR M 223 -47.71 -54.76 -104.23
N ASP M 224 -46.80 -54.92 -103.27
CA ASP M 224 -46.51 -53.84 -102.34
C ASP M 224 -45.96 -52.63 -103.05
N ILE M 225 -45.18 -52.81 -104.11
CA ILE M 225 -44.67 -51.67 -104.85
C ILE M 225 -45.82 -50.81 -105.37
N GLU M 226 -46.81 -51.45 -106.01
CA GLU M 226 -47.95 -50.73 -106.56
C GLU M 226 -48.76 -50.05 -105.46
N VAL M 227 -49.03 -50.77 -104.37
CA VAL M 227 -49.86 -50.17 -103.33
C VAL M 227 -49.14 -48.99 -102.69
N ASN M 228 -47.83 -49.08 -102.50
CA ASN M 228 -47.10 -47.97 -101.93
C ASN M 228 -47.09 -46.77 -102.87
N THR M 229 -46.94 -46.99 -104.18
CA THR M 229 -46.98 -45.86 -105.10
C THR M 229 -48.33 -45.16 -105.07
N ARG M 230 -49.42 -45.94 -105.11
CA ARG M 230 -50.75 -45.33 -105.10
C ARG M 230 -51.02 -44.62 -103.77
N ARG M 231 -50.60 -45.21 -102.65
CA ARG M 231 -50.79 -44.54 -101.37
C ARG M 231 -49.99 -43.25 -101.29
N ALA M 232 -48.77 -43.24 -101.83
CA ALA M 232 -47.98 -42.01 -101.85
C ALA M 232 -48.66 -40.93 -102.66
N GLN M 233 -49.24 -41.29 -103.81
CA GLN M 233 -49.98 -40.30 -104.59
C GLN M 233 -51.19 -39.78 -103.81
N ALA M 234 -51.92 -40.69 -103.16
CA ALA M 234 -53.14 -40.31 -102.46
C ALA M 234 -52.85 -39.38 -101.29
N ASP M 235 -51.74 -39.60 -100.59
CA ASP M 235 -51.43 -38.76 -99.44
C ASP M 235 -51.23 -37.31 -99.84
N LEU M 236 -50.50 -37.06 -100.94
CA LEU M 236 -50.13 -35.71 -101.33
C LEU M 236 -51.12 -35.06 -102.29
N ALA M 237 -52.12 -35.81 -102.77
CA ALA M 237 -53.19 -35.17 -103.54
C ALA M 237 -53.85 -34.05 -102.74
N TYR M 238 -54.02 -34.25 -101.44
CA TYR M 238 -54.65 -33.24 -100.59
C TYR M 238 -53.84 -31.94 -100.58
N GLN M 239 -52.52 -32.06 -100.38
CA GLN M 239 -51.67 -30.87 -100.38
C GLN M 239 -51.66 -30.21 -101.74
N LEU M 240 -51.63 -31.00 -102.81
CA LEU M 240 -51.68 -30.42 -104.16
C LEU M 240 -52.93 -29.58 -104.35
N GLN M 241 -54.09 -30.13 -103.99
CA GLN M 241 -55.33 -29.39 -104.18
C GLN M 241 -55.42 -28.17 -103.27
N VAL M 242 -54.97 -28.30 -102.02
CA VAL M 242 -55.06 -27.17 -101.10
C VAL M 242 -54.17 -26.04 -101.56
N ALA M 243 -53.00 -26.35 -102.15
CA ALA M 243 -52.17 -25.30 -102.73
C ALA M 243 -52.85 -24.69 -103.95
N LYS M 244 -53.44 -25.53 -104.80
CA LYS M 244 -54.07 -25.02 -106.02
C LYS M 244 -55.20 -24.06 -105.70
N THR M 245 -55.94 -24.32 -104.61
CA THR M 245 -57.02 -23.41 -104.23
C THR M 245 -56.53 -22.24 -103.37
N LYS M 246 -55.46 -22.43 -102.60
CA LYS M 246 -54.83 -21.30 -101.92
C LYS M 246 -54.32 -20.28 -102.91
N GLN M 247 -54.03 -20.70 -104.15
CA GLN M 247 -53.72 -19.72 -105.19
C GLN M 247 -54.82 -18.68 -105.31
N GLN M 248 -56.07 -19.12 -105.46
CA GLN M 248 -57.18 -18.17 -105.56
C GLN M 248 -57.46 -17.47 -104.24
N ILE M 249 -57.27 -18.17 -103.13
CA ILE M 249 -57.44 -17.55 -101.82
C ILE M 249 -56.57 -16.30 -101.72
N GLU M 250 -55.29 -16.44 -102.07
CA GLU M 250 -54.37 -15.30 -102.04
C GLU M 250 -54.68 -14.30 -103.15
N GLU M 251 -55.11 -14.78 -104.32
CA GLU M 251 -55.45 -13.86 -105.40
C GLU M 251 -56.52 -12.87 -104.99
N GLN M 252 -57.49 -13.31 -104.19
CA GLN M 252 -58.50 -12.38 -103.69
C GLN M 252 -58.09 -11.64 -102.42
N ARG M 253 -57.34 -12.31 -101.53
CA ARG M 253 -56.88 -11.67 -100.31
C ARG M 253 -55.92 -10.52 -100.62
N VAL M 254 -55.36 -10.50 -101.84
CA VAL M 254 -54.59 -9.34 -102.26
C VAL M 254 -55.42 -8.35 -103.06
N GLN M 255 -56.47 -8.83 -103.76
CA GLN M 255 -57.38 -7.93 -104.46
C GLN M 255 -58.09 -6.97 -103.50
N VAL M 256 -58.33 -7.41 -102.27
CA VAL M 256 -58.89 -6.47 -101.30
C VAL M 256 -57.95 -5.29 -101.09
N GLN M 257 -56.63 -5.52 -101.11
CA GLN M 257 -55.67 -4.42 -101.02
C GLN M 257 -55.75 -3.48 -102.23
N VAL M 258 -55.95 -4.04 -103.42
CA VAL M 258 -56.12 -3.19 -104.61
C VAL M 258 -57.32 -2.28 -104.43
N VAL M 259 -58.42 -2.83 -103.93
CA VAL M 259 -59.60 -2.00 -103.68
C VAL M 259 -59.30 -0.91 -102.65
N GLU M 260 -58.62 -1.28 -101.57
CA GLU M 260 -58.22 -0.30 -100.55
C GLU M 260 -57.46 0.87 -101.16
N ARG M 261 -56.44 0.58 -101.96
CA ARG M 261 -55.63 1.66 -102.52
C ARG M 261 -56.40 2.46 -103.57
N ALA M 262 -57.19 1.77 -104.41
CA ALA M 262 -57.98 2.43 -105.44
C ALA M 262 -59.09 3.31 -104.86
N GLN M 263 -59.40 3.17 -103.57
CA GLN M 263 -60.27 4.15 -102.93
C GLN M 263 -59.52 5.17 -102.08
N GLN M 264 -58.35 4.82 -101.55
CA GLN M 264 -57.51 5.83 -100.92
C GLN M 264 -57.09 6.91 -101.92
N VAL M 265 -56.99 6.55 -103.21
CA VAL M 265 -56.71 7.59 -104.19
C VAL M 265 -57.86 8.60 -104.26
N ALA M 266 -59.11 8.15 -104.12
CA ALA M 266 -60.23 9.09 -104.09
C ALA M 266 -60.23 9.89 -102.79
N VAL M 267 -59.83 9.25 -101.69
CA VAL M 267 -59.66 9.99 -100.44
C VAL M 267 -58.70 11.16 -100.64
N GLN M 268 -57.56 10.89 -101.28
CA GLN M 268 -56.61 11.96 -101.55
C GLN M 268 -57.14 12.95 -102.59
N GLU M 269 -57.99 12.50 -103.50
CA GLU M 269 -58.61 13.40 -104.47
C GLU M 269 -59.47 14.44 -103.77
N GLN M 270 -60.17 14.02 -102.71
CA GLN M 270 -60.88 15.01 -101.90
C GLN M 270 -59.93 15.81 -101.02
N GLU M 271 -58.84 15.17 -100.56
CA GLU M 271 -57.90 15.84 -99.68
C GLU M 271 -57.21 17.00 -100.38
N ILE M 272 -56.98 16.90 -101.69
CA ILE M 272 -56.30 18.00 -102.39
C ILE M 272 -57.13 19.27 -102.34
N ALA M 273 -58.44 19.16 -102.56
CA ALA M 273 -59.30 20.34 -102.49
C ALA M 273 -59.48 20.80 -101.05
N ARG M 274 -59.52 19.86 -100.11
CA ARG M 274 -59.58 20.27 -98.70
C ARG M 274 -58.35 21.08 -98.33
N ARG M 275 -57.17 20.65 -98.77
CA ARG M 275 -55.94 21.40 -98.53
C ARG M 275 -55.97 22.74 -99.25
N GLU M 276 -56.47 22.77 -100.49
CA GLU M 276 -56.70 24.04 -101.17
C GLU M 276 -57.42 25.03 -100.25
N LYS M 277 -58.62 24.66 -99.82
CA LYS M 277 -59.45 25.58 -99.03
C LYS M 277 -58.78 25.93 -97.70
N GLU M 278 -58.31 24.92 -96.97
CA GLU M 278 -57.76 25.17 -95.64
C GLU M 278 -56.49 26.02 -95.71
N LEU M 279 -55.61 25.72 -96.67
CA LEU M 279 -54.38 26.49 -96.83
C LEU M 279 -54.69 27.91 -97.24
N GLU M 280 -55.66 28.10 -98.14
CA GLU M 280 -56.06 29.46 -98.48
C GLU M 280 -56.51 30.21 -97.24
N ALA M 281 -57.42 29.61 -96.46
CA ALA M 281 -57.95 30.29 -95.27
C ALA M 281 -56.85 30.61 -94.26
N ARG M 282 -55.90 29.69 -94.05
CA ARG M 282 -54.91 29.87 -93.00
C ARG M 282 -53.64 30.57 -93.46
N VAL M 283 -53.49 30.86 -94.75
CA VAL M 283 -52.28 31.53 -95.21
C VAL M 283 -52.60 32.82 -95.98
N ARG M 284 -53.42 32.70 -97.03
CA ARG M 284 -53.58 33.82 -97.96
C ARG M 284 -54.33 34.98 -97.30
N LYS M 285 -55.45 34.68 -96.64
CA LYS M 285 -56.21 35.73 -95.96
C LYS M 285 -55.42 36.37 -94.82
N PRO M 286 -54.74 35.62 -93.94
CA PRO M 286 -53.89 36.30 -92.95
C PRO M 286 -52.81 37.16 -93.57
N ALA M 287 -52.23 36.74 -94.70
CA ALA M 287 -51.24 37.56 -95.38
C ALA M 287 -51.84 38.86 -95.89
N GLU M 288 -53.04 38.80 -96.49
CA GLU M 288 -53.71 40.01 -96.94
C GLU M 288 -54.02 40.94 -95.76
N ALA M 289 -54.51 40.39 -94.66
CA ALA M 289 -54.82 41.20 -93.49
C ALA M 289 -53.55 41.85 -92.92
N GLU M 290 -52.46 41.10 -92.85
CA GLU M 290 -51.21 41.66 -92.35
C GLU M 290 -50.68 42.75 -93.28
N ARG M 291 -50.82 42.56 -94.59
CA ARG M 291 -50.40 43.60 -95.52
C ARG M 291 -51.21 44.87 -95.33
N TYR M 292 -52.53 44.73 -95.15
CA TYR M 292 -53.35 45.92 -94.92
C TYR M 292 -52.99 46.60 -93.60
N LYS M 293 -52.72 45.81 -92.56
CA LYS M 293 -52.32 46.37 -91.28
C LYS M 293 -51.01 47.14 -91.40
N LEU M 294 -50.03 46.55 -92.09
CA LEU M 294 -48.76 47.23 -92.30
C LEU M 294 -48.93 48.51 -93.12
N GLU M 295 -49.76 48.46 -94.17
CA GLU M 295 -50.03 49.64 -94.96
C GLU M 295 -50.59 50.77 -94.10
N ARG M 296 -51.61 50.46 -93.29
CA ARG M 296 -52.24 51.50 -92.49
C ARG M 296 -51.32 52.04 -91.40
N LEU M 297 -50.59 51.16 -90.72
CA LEU M 297 -49.66 51.63 -89.69
C LEU M 297 -48.54 52.46 -90.28
N ALA M 298 -48.02 52.06 -91.45
CA ALA M 298 -47.00 52.87 -92.11
C ALA M 298 -47.53 54.22 -92.54
N GLU M 299 -48.77 54.26 -93.05
CA GLU M 299 -49.37 55.54 -93.41
C GLU M 299 -49.51 56.44 -92.19
N ALA M 300 -49.93 55.87 -91.06
CA ALA M 300 -50.04 56.65 -89.83
C ALA M 300 -48.68 57.16 -89.37
N GLU M 301 -47.66 56.32 -89.46
CA GLU M 301 -46.32 56.75 -89.04
C GLU M 301 -45.80 57.87 -89.93
N LYS M 302 -46.03 57.78 -91.24
CA LYS M 302 -45.64 58.87 -92.13
C LYS M 302 -46.40 60.15 -91.79
N SER M 303 -47.71 60.03 -91.55
CA SER M 303 -48.51 61.21 -91.23
C SER M 303 -48.04 61.86 -89.94
N GLN M 304 -47.61 61.07 -88.97
CA GLN M 304 -47.11 61.63 -87.73
C GLN M 304 -45.74 62.27 -87.92
N LEU M 305 -44.83 61.58 -88.63
CA LEU M 305 -43.47 62.06 -88.77
C LEU M 305 -43.41 63.34 -89.59
N ILE M 306 -44.21 63.44 -90.66
CA ILE M 306 -44.19 64.62 -91.51
C ILE M 306 -44.54 65.87 -90.71
N MET M 307 -45.58 65.79 -89.89
CA MET M 307 -46.04 66.97 -89.17
C MET M 307 -45.25 67.23 -87.89
N GLN M 308 -44.67 66.19 -87.28
CA GLN M 308 -43.70 66.44 -86.21
C GLN M 308 -42.48 67.15 -86.77
N ALA M 309 -42.02 66.76 -87.96
CA ALA M 309 -40.93 67.47 -88.61
C ALA M 309 -41.31 68.91 -88.93
N GLU M 310 -42.53 69.12 -89.41
CA GLU M 310 -42.97 70.49 -89.68
C GLU M 310 -42.98 71.32 -88.42
N ALA M 311 -43.45 70.75 -87.31
CA ALA M 311 -43.45 71.46 -86.03
C ALA M 311 -42.03 71.80 -85.59
N GLU M 312 -41.10 70.85 -85.72
CA GLU M 312 -39.71 71.13 -85.34
C GLU M 312 -39.11 72.22 -86.22
N ALA M 313 -39.39 72.18 -87.53
CA ALA M 313 -38.87 73.20 -88.42
C ALA M 313 -39.42 74.58 -88.08
N ALA M 314 -40.72 74.66 -87.79
CA ALA M 314 -41.30 75.95 -87.39
C ALA M 314 -40.69 76.43 -86.08
N SER M 315 -40.48 75.53 -85.12
CA SER M 315 -39.83 75.90 -83.87
C SER M 315 -38.45 76.49 -84.12
N VAL M 316 -37.64 75.81 -84.93
CA VAL M 316 -36.28 76.28 -85.22
C VAL M 316 -36.34 77.64 -85.90
N ARG M 317 -37.21 77.78 -86.91
CA ARG M 317 -37.33 79.03 -87.64
C ARG M 317 -37.67 80.18 -86.69
N MET M 318 -38.71 80.01 -85.87
CA MET M 318 -39.15 81.09 -85.01
C MET M 318 -38.13 81.44 -83.93
N ARG M 319 -37.54 80.43 -83.28
CA ARG M 319 -36.55 80.72 -82.25
C ARG M 319 -35.32 81.41 -82.84
N GLY M 320 -34.87 80.94 -84.01
CA GLY M 320 -33.73 81.59 -84.63
C GLY M 320 -34.02 83.01 -85.06
N GLU M 321 -35.20 83.25 -85.61
CA GLU M 321 -35.57 84.61 -85.99
C GLU M 321 -35.62 85.52 -84.76
N ALA M 322 -36.19 85.04 -83.66
CA ALA M 322 -36.25 85.84 -82.45
C ALA M 322 -34.85 86.17 -81.93
N GLU M 323 -33.97 85.18 -81.91
CA GLU M 323 -32.64 85.43 -81.35
C GLU M 323 -31.84 86.34 -82.27
N ALA M 324 -32.04 86.23 -83.60
CA ALA M 324 -31.37 87.14 -84.52
C ALA M 324 -31.87 88.57 -84.34
N PHE M 325 -33.17 88.74 -84.13
CA PHE M 325 -33.69 90.09 -83.86
C PHE M 325 -33.12 90.63 -82.57
N ALA M 326 -32.96 89.78 -81.55
CA ALA M 326 -32.33 90.21 -80.31
C ALA M 326 -30.88 90.61 -80.53
N ILE M 327 -30.14 89.87 -81.36
CA ILE M 327 -28.77 90.23 -81.69
C ILE M 327 -28.74 91.59 -82.36
N GLY M 328 -29.64 91.83 -83.31
CA GLY M 328 -29.73 93.14 -83.92
C GLY M 328 -30.06 94.24 -82.93
N ALA M 329 -30.89 93.93 -81.94
CA ALA M 329 -31.23 94.92 -80.92
C ALA M 329 -30.00 95.33 -80.12
N ARG M 330 -29.27 94.35 -79.58
CA ARG M 330 -28.00 94.72 -78.92
C ARG M 330 -27.03 95.38 -79.88
N ALA M 331 -27.06 95.04 -81.16
CA ALA M 331 -26.16 95.67 -82.11
C ALA M 331 -26.43 97.16 -82.21
N ARG M 332 -27.69 97.53 -82.43
CA ARG M 332 -28.05 98.94 -82.50
C ARG M 332 -27.75 99.66 -81.19
N ALA M 333 -28.07 99.02 -80.06
CA ALA M 333 -27.79 99.63 -78.76
C ALA M 333 -26.30 99.88 -78.57
N GLU M 334 -25.48 98.89 -78.92
CA GLU M 334 -24.04 99.02 -78.73
C GLU M 334 -23.43 100.04 -79.67
N ALA M 335 -23.97 100.16 -80.89
CA ALA M 335 -23.46 101.18 -81.81
C ALA M 335 -23.78 102.58 -81.30
N GLU M 336 -25.04 102.82 -80.93
CA GLU M 336 -25.39 104.12 -80.37
C GLU M 336 -24.65 104.37 -79.06
N GLN M 337 -24.26 103.30 -78.37
CA GLN M 337 -23.48 103.42 -77.14
C GLN M 337 -22.06 103.86 -77.43
N MET M 338 -21.41 103.24 -78.41
CA MET M 338 -20.00 103.51 -78.68
C MET M 338 -19.80 104.84 -79.38
N ALA M 339 -20.83 105.33 -80.09
CA ALA M 339 -20.72 106.65 -80.68
C ALA M 339 -20.42 107.71 -79.61
N LYS M 340 -21.13 107.64 -78.49
CA LYS M 340 -20.87 108.61 -77.42
C LYS M 340 -19.55 108.34 -76.71
N LYS M 341 -19.11 107.08 -76.63
CA LYS M 341 -17.76 106.83 -76.14
C LYS M 341 -16.73 107.57 -76.97
N ALA M 342 -16.83 107.47 -78.29
CA ALA M 342 -15.89 108.20 -79.14
C ALA M 342 -16.01 109.70 -78.95
N GLU M 343 -17.25 110.20 -78.87
CA GLU M 343 -17.44 111.64 -78.69
C GLU M 343 -16.81 112.13 -77.39
N ALA M 344 -16.98 111.37 -76.30
CA ALA M 344 -16.38 111.75 -75.03
C ALA M 344 -14.87 111.67 -75.09
N PHE M 345 -14.33 110.59 -75.67
CA PHE M 345 -12.88 110.45 -75.79
C PHE M 345 -12.25 111.59 -76.57
N GLN M 346 -12.99 112.19 -77.50
CA GLN M 346 -12.42 113.27 -78.29
C GLN M 346 -11.94 114.43 -77.40
N LEU M 347 -12.60 114.67 -76.28
CA LEU M 347 -12.24 115.76 -75.38
C LEU M 347 -11.31 115.29 -74.26
N TYR M 348 -10.21 114.66 -74.61
CA TYR M 348 -9.21 114.20 -73.65
C TYR M 348 -7.88 114.89 -73.93
N GLN M 349 -7.33 115.53 -72.90
CA GLN M 349 -6.04 116.18 -72.96
C GLN M 349 -4.97 115.26 -72.38
N GLU M 350 -3.77 115.82 -72.18
CA GLU M 350 -2.67 115.01 -71.65
C GLU M 350 -2.93 114.52 -70.24
N ALA M 351 -3.66 115.28 -69.42
CA ALA M 351 -3.97 114.84 -68.06
C ALA M 351 -4.80 113.57 -68.07
N ALA M 352 -5.79 113.51 -68.96
CA ALA M 352 -6.66 112.33 -69.03
C ALA M 352 -5.89 111.10 -69.52
N GLN M 353 -5.04 111.27 -70.54
CA GLN M 353 -4.24 110.15 -71.00
C GLN M 353 -3.26 109.68 -69.93
N LEU M 354 -2.69 110.62 -69.18
CA LEU M 354 -1.83 110.25 -68.05
C LEU M 354 -2.61 109.48 -67.00
N ASP M 355 -3.85 109.89 -66.71
CA ASP M 355 -4.67 109.17 -65.76
C ASP M 355 -4.96 107.75 -66.25
N MET M 356 -5.28 107.60 -67.53
CA MET M 356 -5.54 106.27 -68.07
C MET M 356 -4.30 105.39 -67.99
N LEU M 357 -3.14 105.94 -68.35
CA LEU M 357 -1.90 105.16 -68.30
C LEU M 357 -1.58 104.73 -66.89
N LEU M 358 -1.73 105.64 -65.92
CA LEU M 358 -1.43 105.30 -64.53
C LEU M 358 -2.51 104.46 -63.87
N GLU M 359 -3.70 104.38 -64.46
CA GLU M 359 -4.70 103.43 -63.99
C GLU M 359 -4.47 102.05 -64.57
N LYS M 360 -3.90 101.96 -65.78
CA LYS M 360 -3.66 100.67 -66.40
C LYS M 360 -2.33 100.04 -66.02
N LEU M 361 -1.34 100.84 -65.62
CA LEU M 361 -0.05 100.27 -65.23
C LEU M 361 -0.15 99.27 -64.08
N PRO M 362 -0.86 99.56 -62.98
CA PRO M 362 -0.94 98.56 -61.90
C PRO M 362 -1.55 97.24 -62.34
N GLN M 363 -2.51 97.26 -63.26
CA GLN M 363 -3.11 95.99 -63.70
C GLN M 363 -2.13 95.15 -64.48
N VAL M 364 -1.35 95.78 -65.37
CA VAL M 364 -0.31 95.05 -66.10
C VAL M 364 0.74 94.52 -65.12
N ALA M 365 1.11 95.33 -64.13
CA ALA M 365 2.07 94.88 -63.13
C ALA M 365 1.54 93.68 -62.37
N GLU M 366 0.25 93.68 -62.00
CA GLU M 366 -0.35 92.51 -61.37
C GLU M 366 -0.30 91.30 -62.28
N GLU M 367 -0.68 91.47 -63.55
CA GLU M 367 -0.71 90.32 -64.45
C GLU M 367 0.68 89.78 -64.76
N ILE M 368 1.73 90.57 -64.55
CA ILE M 368 3.08 90.09 -64.84
C ILE M 368 3.76 89.58 -63.58
N SER M 369 3.32 90.06 -62.41
CA SER M 369 3.93 89.66 -61.15
C SER M 369 3.12 88.62 -60.39
N GLY M 370 1.95 88.24 -60.88
CA GLY M 370 1.18 87.19 -60.25
C GLY M 370 1.79 85.82 -60.45
N PRO M 371 2.04 85.43 -61.71
CA PRO M 371 2.74 84.17 -61.95
C PRO M 371 4.13 84.13 -61.35
N LEU M 372 4.85 85.25 -61.31
CA LEU M 372 6.22 85.23 -60.81
C LEU M 372 6.28 84.95 -59.32
N THR M 373 5.30 85.43 -58.55
CA THR M 373 5.31 85.23 -57.11
C THR M 373 4.85 83.84 -56.71
N SER M 374 4.74 82.91 -57.65
CA SER M 374 4.46 81.51 -57.35
C SER M 374 5.71 80.70 -57.08
N ALA M 375 6.89 81.30 -57.21
CA ALA M 375 8.13 80.59 -56.93
C ALA M 375 8.20 80.22 -55.45
N ASN M 376 8.69 79.01 -55.18
CA ASN M 376 8.75 78.52 -53.80
C ASN M 376 9.79 79.29 -52.99
N LYS M 377 11.00 79.42 -53.52
CA LYS M 377 12.07 80.14 -52.84
C LYS M 377 12.94 80.86 -53.85
N ILE M 378 13.52 81.97 -53.42
CA ILE M 378 14.43 82.77 -54.24
C ILE M 378 15.67 83.05 -53.41
N THR M 379 16.84 82.74 -53.96
CA THR M 379 18.11 82.91 -53.28
C THR M 379 18.90 84.01 -53.97
N LEU M 380 19.37 84.97 -53.18
CA LEU M 380 20.11 86.13 -53.66
C LEU M 380 21.52 86.10 -53.10
N VAL M 381 22.51 86.27 -53.98
CA VAL M 381 23.91 86.22 -53.59
C VAL M 381 24.65 87.36 -54.27
N SER M 382 25.50 88.05 -53.53
CA SER M 382 26.28 89.16 -54.05
C SER M 382 27.77 88.90 -53.82
N SER M 383 28.59 89.63 -54.56
CA SER M 383 30.04 89.51 -54.45
C SER M 383 30.68 90.74 -55.07
N GLY M 384 31.78 91.19 -54.49
CA GLY M 384 32.44 92.36 -55.02
C GLY M 384 31.59 93.60 -54.83
N SER M 385 31.73 94.53 -55.77
CA SER M 385 30.98 95.79 -55.75
C SER M 385 29.60 95.65 -56.36
N GLY M 386 29.10 94.43 -56.52
CA GLY M 386 27.81 94.21 -57.12
C GLY M 386 26.68 94.41 -56.14
N THR M 387 25.47 94.27 -56.68
CA THR M 387 24.24 94.40 -55.91
C THR M 387 23.82 93.05 -55.33
N MET M 388 22.88 93.10 -54.40
CA MET M 388 22.39 91.90 -53.72
C MET M 388 21.52 91.04 -54.63
N GLY M 389 20.64 91.64 -55.42
CA GLY M 389 19.81 90.91 -56.35
C GLY M 389 18.34 91.28 -56.38
N ALA M 390 17.85 92.02 -55.38
CA ALA M 390 16.45 92.43 -55.40
C ALA M 390 16.18 93.38 -56.54
N ALA M 391 17.12 94.28 -56.81
CA ALA M 391 17.02 95.14 -57.97
C ALA M 391 16.96 94.32 -59.26
N LYS M 392 17.58 93.15 -59.30
CA LYS M 392 17.48 92.31 -60.49
C LYS M 392 16.05 91.85 -60.72
N VAL M 393 15.36 91.41 -59.67
CA VAL M 393 13.98 90.94 -59.81
C VAL M 393 13.07 92.09 -60.20
N THR M 394 13.22 93.23 -59.50
CA THR M 394 12.38 94.38 -59.84
C THR M 394 12.65 94.85 -61.25
N GLY M 395 13.92 94.84 -61.68
CA GLY M 395 14.24 95.22 -63.04
C GLY M 395 13.70 94.26 -64.07
N GLU M 396 13.69 92.97 -63.75
CA GLU M 396 13.09 92.00 -64.67
C GLU M 396 11.60 92.29 -64.86
N VAL M 397 10.88 92.50 -63.75
CA VAL M 397 9.45 92.78 -63.85
C VAL M 397 9.21 94.08 -64.62
N LEU M 398 9.96 95.13 -64.28
CA LEU M 398 9.79 96.42 -64.94
C LEU M 398 10.17 96.36 -66.41
N ASP M 399 11.21 95.60 -66.75
CA ASP M 399 11.63 95.45 -68.13
C ASP M 399 10.57 94.73 -68.96
N ILE M 400 9.96 93.69 -68.40
CA ILE M 400 8.87 93.05 -69.11
C ILE M 400 7.70 94.02 -69.28
N LEU M 401 7.37 94.75 -68.21
CA LEU M 401 6.24 95.68 -68.27
C LEU M 401 6.48 96.82 -69.26
N THR M 402 7.74 97.17 -69.50
CA THR M 402 8.05 98.25 -70.43
C THR M 402 8.31 97.77 -71.84
N ARG M 403 8.68 96.49 -72.01
CA ARG M 403 8.89 95.95 -73.35
C ARG M 403 7.60 95.43 -73.96
N LEU M 404 6.63 95.07 -73.13
CA LEU M 404 5.33 94.65 -73.68
C LEU M 404 4.67 95.73 -74.52
N PRO M 405 4.60 97.00 -74.10
CA PRO M 405 4.03 98.02 -74.99
C PRO M 405 4.79 98.18 -76.30
N GLU M 406 6.11 97.98 -76.29
CA GLU M 406 6.85 98.07 -77.55
C GLU M 406 6.59 96.87 -78.45
N SER M 407 6.43 95.68 -77.85
CA SER M 407 6.08 94.53 -78.66
C SER M 407 4.71 94.70 -79.30
N VAL M 408 3.75 95.25 -78.55
CA VAL M 408 2.44 95.57 -79.12
C VAL M 408 2.55 96.66 -80.15
N GLU M 409 3.46 97.63 -79.92
CA GLU M 409 3.74 98.67 -80.90
C GLU M 409 4.17 98.09 -82.23
N ARG M 410 4.99 97.04 -82.19
CA ARG M 410 5.50 96.46 -83.43
C ARG M 410 4.37 95.99 -84.33
N LEU M 411 3.27 95.52 -83.76
CA LEU M 411 2.15 95.06 -84.58
C LEU M 411 1.15 96.17 -84.85
N THR M 412 0.64 96.82 -83.80
CA THR M 412 -0.42 97.80 -83.97
C THR M 412 0.06 99.03 -84.71
N GLY M 413 1.19 99.59 -84.28
CA GLY M 413 1.69 100.81 -84.88
C GLY M 413 1.11 102.09 -84.33
N VAL M 414 0.46 102.04 -83.17
CA VAL M 414 -0.13 103.22 -82.54
C VAL M 414 0.52 103.43 -81.19
N SER M 415 0.95 104.67 -80.92
CA SER M 415 1.72 104.98 -79.74
C SER M 415 0.92 104.75 -78.46
N ILE M 416 1.63 104.45 -77.38
CA ILE M 416 1.02 104.22 -76.09
C ILE M 416 1.42 105.27 -75.05
N SER M 417 2.57 105.92 -75.22
CA SER M 417 3.02 106.97 -74.32
C SER M 417 3.03 108.30 -75.06
N GLN M 418 2.52 109.34 -74.40
CA GLN M 418 2.44 110.65 -75.05
C GLN M 418 3.81 111.32 -75.12
N VAL M 419 4.71 111.00 -74.20
CA VAL M 419 6.05 111.58 -74.21
C VAL M 419 7.10 110.48 -74.12
N MET N 1 -39.26 -162.40 -28.94
CA MET N 1 -40.62 -162.61 -28.46
C MET N 1 -41.58 -162.54 -29.64
N GLY N 2 -41.47 -161.48 -30.43
CA GLY N 2 -42.32 -161.28 -31.58
C GLY N 2 -42.23 -162.41 -32.60
N ASN N 3 -43.38 -162.88 -33.08
CA ASN N 3 -43.43 -164.01 -33.99
C ASN N 3 -44.27 -163.65 -35.21
N CYS N 4 -43.90 -164.20 -36.36
CA CYS N 4 -44.69 -164.14 -37.59
C CYS N 4 -44.96 -162.69 -38.02
N HIS N 5 -43.87 -162.02 -38.38
CA HIS N 5 -43.93 -160.64 -38.83
C HIS N 5 -43.87 -160.55 -40.35
N THR N 6 -44.60 -159.57 -40.89
CA THR N 6 -44.61 -159.28 -42.32
C THR N 6 -44.44 -157.78 -42.51
N VAL N 7 -43.87 -157.40 -43.65
CA VAL N 7 -43.57 -156.01 -43.96
C VAL N 7 -44.15 -155.67 -45.33
N GLY N 8 -44.45 -154.40 -45.52
CA GLY N 8 -45.00 -153.91 -46.78
C GLY N 8 -43.95 -153.87 -47.87
N PRO N 9 -44.39 -153.63 -49.11
CA PRO N 9 -43.44 -153.61 -50.24
C PRO N 9 -42.42 -152.49 -50.18
N ASN N 10 -42.65 -151.45 -49.37
CA ASN N 10 -41.69 -150.35 -49.31
C ASN N 10 -40.40 -150.74 -48.60
N GLU N 11 -40.46 -151.66 -47.64
CA GLU N 11 -39.29 -152.03 -46.86
C GLU N 11 -39.06 -153.54 -46.98
N ALA N 12 -37.79 -153.93 -46.93
CA ALA N 12 -37.39 -155.31 -47.06
C ALA N 12 -37.08 -155.87 -45.68
N LEU N 13 -37.71 -156.99 -45.33
CA LEU N 13 -37.46 -157.65 -44.06
C LEU N 13 -36.27 -158.60 -44.21
N VAL N 14 -35.32 -158.48 -43.29
CA VAL N 14 -34.12 -159.32 -43.30
C VAL N 14 -34.10 -160.14 -42.01
N VAL N 15 -33.90 -161.44 -42.16
CA VAL N 15 -33.77 -162.34 -41.02
C VAL N 15 -32.60 -163.29 -41.30
N SER N 16 -31.87 -163.64 -40.24
CA SER N 16 -30.76 -164.56 -40.35
C SER N 16 -30.63 -165.33 -39.05
N GLY N 17 -30.49 -166.65 -39.16
CA GLY N 17 -30.34 -167.50 -37.99
C GLY N 17 -30.02 -168.94 -38.33
N GLY N 18 -29.09 -169.53 -37.60
CA GLY N 18 -28.68 -170.90 -37.86
C GLY N 18 -29.50 -171.92 -37.10
N CYS N 19 -30.48 -172.52 -37.78
CA CYS N 19 -31.39 -173.47 -37.12
C CYS N 19 -30.61 -174.66 -36.57
N CYS N 20 -29.67 -175.19 -37.36
CA CYS N 20 -28.77 -176.25 -36.91
C CYS N 20 -27.32 -175.79 -36.89
N GLY N 21 -27.09 -174.48 -36.84
CA GLY N 21 -25.76 -173.91 -36.90
C GLY N 21 -25.30 -173.53 -38.30
N SER N 22 -26.03 -173.94 -39.34
CA SER N 22 -25.69 -173.58 -40.69
C SER N 22 -26.24 -172.19 -41.03
N ASP N 23 -25.53 -171.50 -41.91
CA ASP N 23 -25.85 -170.12 -42.25
C ASP N 23 -27.09 -170.10 -43.14
N TYR N 24 -28.21 -169.66 -42.57
CA TYR N 24 -29.47 -169.49 -43.31
C TYR N 24 -29.94 -168.06 -43.14
N LYS N 25 -29.70 -167.23 -44.15
CA LYS N 25 -30.15 -165.84 -44.16
C LYS N 25 -31.27 -165.68 -45.18
N GLN N 26 -32.38 -165.10 -44.74
CA GLN N 26 -33.53 -164.86 -45.61
C GLN N 26 -33.80 -163.37 -45.67
N TYR N 27 -33.80 -162.82 -46.88
CA TYR N 27 -34.10 -161.42 -47.13
C TYR N 27 -35.28 -161.36 -48.10
N VAL N 28 -36.41 -160.85 -47.61
CA VAL N 28 -37.64 -160.80 -48.40
C VAL N 28 -38.24 -159.40 -48.26
N PHE N 29 -38.62 -158.81 -49.40
CA PHE N 29 -39.23 -157.48 -49.42
C PHE N 29 -40.73 -157.64 -49.65
N GLY N 30 -41.52 -157.04 -48.76
CA GLY N 30 -42.97 -157.07 -48.92
C GLY N 30 -43.57 -158.46 -48.96
N GLY N 31 -43.10 -159.36 -48.11
CA GLY N 31 -43.59 -160.73 -48.13
C GLY N 31 -43.97 -161.28 -46.77
N TRP N 32 -43.66 -162.55 -46.54
CA TRP N 32 -44.02 -163.23 -45.31
C TRP N 32 -42.77 -163.83 -44.67
N ALA N 33 -42.76 -163.88 -43.34
CA ALA N 33 -41.66 -164.48 -42.61
C ALA N 33 -42.13 -164.77 -41.19
N TRP N 34 -41.37 -165.63 -40.51
CA TRP N 34 -41.60 -165.90 -39.09
C TRP N 34 -40.26 -165.97 -38.37
N ALA N 35 -40.24 -165.49 -37.14
CA ALA N 35 -39.05 -165.53 -36.29
C ALA N 35 -39.48 -165.74 -34.84
N TRP N 36 -38.77 -166.61 -34.14
CA TRP N 36 -39.10 -166.97 -32.77
C TRP N 36 -38.36 -166.06 -31.79
N TRP N 37 -38.35 -166.46 -30.51
CA TRP N 37 -37.73 -165.66 -29.46
C TRP N 37 -36.27 -165.35 -29.78
N CYS N 38 -35.49 -166.38 -30.11
CA CYS N 38 -34.09 -166.17 -30.48
C CYS N 38 -33.64 -167.04 -31.65
N ILE N 39 -34.48 -167.24 -32.67
CA ILE N 39 -34.02 -168.04 -33.81
C ILE N 39 -33.27 -167.17 -34.82
N SER N 40 -33.66 -165.91 -34.97
CA SER N 40 -33.06 -165.04 -35.98
C SER N 40 -33.17 -163.60 -35.49
N ASP N 41 -32.95 -162.65 -36.41
CA ASP N 41 -33.03 -161.23 -36.13
C ASP N 41 -34.08 -160.60 -37.04
N THR N 42 -34.90 -159.72 -36.46
CA THR N 42 -35.97 -159.04 -37.19
C THR N 42 -35.54 -157.60 -37.47
N GLN N 43 -35.16 -157.33 -38.70
CA GLN N 43 -34.78 -155.98 -39.10
C GLN N 43 -35.37 -155.68 -40.47
N ARG N 44 -35.54 -154.38 -40.74
CA ARG N 44 -36.10 -153.93 -42.01
C ARG N 44 -35.17 -152.90 -42.62
N ILE N 45 -35.18 -152.83 -43.95
CA ILE N 45 -34.39 -151.89 -44.72
C ILE N 45 -35.35 -150.98 -45.48
N SER N 46 -35.27 -149.68 -45.24
CA SER N 46 -36.13 -148.73 -45.93
C SER N 46 -35.66 -148.55 -47.37
N LEU N 47 -36.42 -149.08 -48.33
CA LEU N 47 -36.06 -149.01 -49.74
C LEU N 47 -36.59 -147.74 -50.42
N GLU N 48 -36.87 -146.71 -49.65
CA GLU N 48 -37.37 -145.46 -50.21
C GLU N 48 -36.25 -144.71 -50.93
N ILE N 49 -36.64 -143.82 -51.84
CA ILE N 49 -35.67 -143.00 -52.54
C ILE N 49 -35.00 -142.05 -51.56
N MET N 50 -33.68 -141.91 -51.69
CA MET N 50 -32.91 -140.96 -50.89
C MET N 50 -32.65 -139.73 -51.74
N THR N 51 -32.90 -138.56 -51.16
CA THR N 51 -32.67 -137.31 -51.87
C THR N 51 -31.18 -136.98 -51.89
N LEU N 52 -30.71 -136.48 -53.03
CA LEU N 52 -29.31 -136.11 -53.22
C LEU N 52 -29.22 -134.67 -53.68
N GLN N 53 -28.30 -133.92 -53.07
CA GLN N 53 -27.99 -132.55 -53.48
C GLN N 53 -26.48 -132.41 -53.65
N PRO N 54 -25.89 -133.08 -54.64
CA PRO N 54 -24.45 -132.93 -54.86
C PRO N 54 -24.11 -131.51 -55.30
N ARG N 55 -23.27 -130.85 -54.51
CA ARG N 55 -22.85 -129.48 -54.77
C ARG N 55 -21.34 -129.39 -54.64
N CYS N 56 -20.66 -129.30 -55.78
CA CYS N 56 -19.20 -129.20 -55.81
C CYS N 56 -18.81 -127.74 -55.95
N GLU N 57 -17.87 -127.29 -55.11
CA GLU N 57 -17.43 -125.91 -55.07
C GLU N 57 -16.00 -125.81 -55.60
N ASP N 58 -15.79 -124.87 -56.53
CA ASP N 58 -14.47 -124.60 -57.09
C ASP N 58 -13.88 -125.84 -57.76
N VAL N 59 -14.62 -126.40 -58.70
CA VAL N 59 -14.19 -127.56 -59.47
C VAL N 59 -13.97 -127.14 -60.91
N GLU N 60 -12.96 -127.73 -61.55
CA GLU N 60 -12.50 -127.30 -62.86
C GLU N 60 -12.54 -128.45 -63.86
N THR N 61 -12.85 -128.11 -65.11
CA THR N 61 -12.97 -129.08 -66.19
C THR N 61 -11.61 -129.29 -66.84
N ALA N 62 -11.60 -129.93 -68.01
CA ALA N 62 -10.35 -130.26 -68.69
C ALA N 62 -9.57 -129.00 -69.05
N GLU N 63 -10.26 -128.00 -69.59
CA GLU N 63 -9.60 -126.73 -69.91
C GLU N 63 -9.30 -125.91 -68.67
N GLY N 64 -9.88 -126.25 -67.53
CA GLY N 64 -9.54 -125.63 -66.28
C GLY N 64 -10.46 -124.53 -65.79
N VAL N 65 -11.52 -124.21 -66.53
CA VAL N 65 -12.43 -123.16 -66.10
C VAL N 65 -13.14 -123.60 -64.83
N ALA N 66 -13.06 -122.76 -63.79
CA ALA N 66 -13.62 -123.11 -62.50
C ALA N 66 -15.13 -122.93 -62.51
N LEU N 67 -15.84 -123.92 -61.98
CA LEU N 67 -17.29 -123.87 -61.88
C LEU N 67 -17.71 -124.39 -60.51
N THR N 68 -18.89 -123.95 -60.07
CA THR N 68 -19.50 -124.43 -58.84
C THR N 68 -20.80 -125.11 -59.24
N VAL N 69 -20.71 -126.40 -59.58
CA VAL N 69 -21.81 -127.14 -60.19
C VAL N 69 -22.56 -127.89 -59.11
N THR N 70 -23.88 -127.70 -59.07
CA THR N 70 -24.77 -128.40 -58.16
C THR N 70 -25.59 -129.41 -58.96
N GLY N 71 -25.78 -130.61 -58.41
CA GLY N 71 -26.45 -131.69 -59.10
C GLY N 71 -27.62 -132.26 -58.31
N VAL N 72 -28.36 -133.15 -58.98
CA VAL N 72 -29.41 -133.95 -58.34
C VAL N 72 -29.31 -135.37 -58.90
N ALA N 73 -29.38 -136.35 -58.01
CA ALA N 73 -29.33 -137.75 -58.39
C ALA N 73 -30.40 -138.53 -57.64
N GLN N 74 -30.97 -139.52 -58.31
CA GLN N 74 -31.99 -140.38 -57.74
C GLN N 74 -31.38 -141.73 -57.38
N VAL N 75 -31.42 -142.06 -56.08
CA VAL N 75 -30.77 -143.25 -55.56
C VAL N 75 -31.76 -144.04 -54.72
N LYS N 76 -31.73 -145.36 -54.86
CA LYS N 76 -32.60 -146.25 -54.11
C LYS N 76 -31.90 -147.60 -53.97
N ILE N 77 -32.09 -148.24 -52.82
CA ILE N 77 -31.54 -149.58 -52.62
C ILE N 77 -32.25 -150.56 -53.54
N MET N 78 -31.46 -151.40 -54.22
CA MET N 78 -32.00 -152.29 -55.25
C MET N 78 -32.72 -153.48 -54.59
N THR N 79 -33.30 -154.33 -55.44
CA THR N 79 -34.08 -155.48 -54.99
C THR N 79 -33.65 -156.76 -55.70
N GLU N 80 -32.40 -156.83 -56.16
CA GLU N 80 -31.87 -158.01 -56.81
C GLU N 80 -31.72 -159.16 -55.80
N LYS N 81 -31.23 -160.29 -56.26
CA LYS N 81 -31.07 -161.47 -55.43
C LYS N 81 -29.71 -161.53 -54.73
N GLU N 82 -28.63 -161.58 -55.50
CA GLU N 82 -27.30 -161.67 -54.89
C GLU N 82 -26.80 -160.32 -54.39
N LEU N 83 -27.24 -159.23 -55.00
CA LEU N 83 -26.82 -157.91 -54.52
C LEU N 83 -27.45 -157.57 -53.17
N LEU N 84 -28.64 -158.10 -52.89
CA LEU N 84 -29.25 -157.83 -51.59
C LEU N 84 -28.57 -158.60 -50.47
N ALA N 85 -27.84 -159.67 -50.77
CA ALA N 85 -26.96 -160.24 -49.76
C ALA N 85 -25.93 -159.22 -49.31
N VAL N 86 -25.32 -158.51 -50.27
CA VAL N 86 -24.37 -157.46 -49.94
C VAL N 86 -25.07 -156.32 -49.22
N ALA N 87 -26.27 -155.96 -49.68
CA ALA N 87 -27.02 -154.87 -49.06
C ALA N 87 -27.32 -155.16 -47.60
N CYS N 88 -27.73 -156.40 -47.30
CA CYS N 88 -28.06 -156.77 -45.92
C CYS N 88 -26.80 -156.92 -45.08
N GLU N 89 -25.74 -157.48 -45.64
CA GLU N 89 -24.50 -157.61 -44.88
C GLU N 89 -23.72 -156.30 -44.80
N GLN N 90 -24.20 -155.23 -45.45
CA GLN N 90 -23.40 -154.05 -45.67
C GLN N 90 -23.67 -152.92 -44.69
N PHE N 91 -24.91 -152.43 -44.61
CA PHE N 91 -25.12 -151.10 -44.05
C PHE N 91 -25.96 -151.08 -42.78
N LEU N 92 -27.18 -151.62 -42.81
CA LEU N 92 -28.10 -151.48 -41.70
C LEU N 92 -27.49 -152.01 -40.40
N GLY N 93 -27.95 -151.50 -39.26
CA GLY N 93 -29.08 -150.59 -39.16
C GLY N 93 -28.79 -149.12 -38.96
N LYS N 94 -27.80 -148.60 -39.68
CA LYS N 94 -27.54 -147.17 -39.66
C LYS N 94 -28.70 -146.44 -40.34
N ASN N 95 -29.06 -145.28 -39.81
CA ASN N 95 -30.31 -144.62 -40.16
C ASN N 95 -30.20 -143.91 -41.51
N VAL N 96 -31.32 -143.31 -41.93
CA VAL N 96 -31.44 -142.72 -43.26
C VAL N 96 -30.42 -141.62 -43.48
N GLN N 97 -30.15 -140.82 -42.43
CA GLN N 97 -29.13 -139.79 -42.55
C GLN N 97 -27.78 -140.40 -42.92
N ASP N 98 -27.52 -141.61 -42.44
CA ASP N 98 -26.26 -142.27 -42.77
C ASP N 98 -26.22 -142.68 -44.24
N ILE N 99 -27.31 -143.24 -44.78
CA ILE N 99 -27.35 -143.52 -46.21
C ILE N 99 -27.09 -142.25 -46.99
N LYS N 100 -27.83 -141.18 -46.67
CA LYS N 100 -27.76 -139.98 -47.49
C LYS N 100 -26.39 -139.33 -47.41
N ASN N 101 -25.76 -139.31 -46.23
CA ASN N 101 -24.43 -138.74 -46.11
C ASN N 101 -23.40 -139.56 -46.89
N VAL N 102 -23.41 -140.89 -46.71
CA VAL N 102 -22.42 -141.70 -47.40
C VAL N 102 -22.56 -141.57 -48.91
N VAL N 103 -23.79 -141.67 -49.41
CA VAL N 103 -24.01 -141.58 -50.85
C VAL N 103 -23.68 -140.17 -51.33
N LEU N 104 -23.93 -139.16 -50.48
CA LEU N 104 -23.63 -137.78 -50.86
C LEU N 104 -22.14 -137.59 -51.09
N GLN N 105 -21.30 -138.01 -50.14
CA GLN N 105 -19.86 -137.86 -50.36
C GLN N 105 -19.36 -138.69 -51.53
N THR N 106 -19.80 -139.94 -51.65
CA THR N 106 -19.23 -140.76 -52.72
C THR N 106 -19.65 -140.24 -54.10
N LEU N 107 -20.93 -139.87 -54.27
CA LEU N 107 -21.36 -139.31 -55.54
C LEU N 107 -20.80 -137.90 -55.74
N GLU N 108 -20.49 -137.19 -54.66
CA GLU N 108 -19.80 -135.92 -54.81
C GLU N 108 -18.44 -136.12 -55.47
N GLY N 109 -17.67 -137.06 -54.94
CA GLY N 109 -16.39 -137.36 -55.57
C GLY N 109 -16.54 -137.83 -57.01
N HIS N 110 -17.48 -138.74 -57.24
CA HIS N 110 -17.66 -139.27 -58.60
C HIS N 110 -18.10 -138.18 -59.57
N LEU N 111 -19.01 -137.31 -59.14
CA LEU N 111 -19.51 -136.24 -60.00
C LEU N 111 -18.41 -135.24 -60.32
N ARG N 112 -17.62 -134.85 -59.31
CA ARG N 112 -16.50 -133.95 -59.59
C ARG N 112 -15.51 -134.60 -60.55
N SER N 113 -15.25 -135.90 -60.36
CA SER N 113 -14.31 -136.60 -61.22
C SER N 113 -14.77 -136.60 -62.67
N ILE N 114 -16.03 -136.99 -62.90
CA ILE N 114 -16.52 -137.01 -64.28
C ILE N 114 -16.63 -135.61 -64.84
N LEU N 115 -16.97 -134.63 -64.01
CA LEU N 115 -17.01 -133.25 -64.48
C LEU N 115 -15.65 -132.80 -64.97
N GLY N 116 -14.59 -133.19 -64.25
CA GLY N 116 -13.26 -132.95 -64.75
C GLY N 116 -12.96 -133.74 -66.01
N THR N 117 -13.61 -134.89 -66.17
CA THR N 117 -13.35 -135.74 -67.33
C THR N 117 -13.73 -135.05 -68.64
N LEU N 118 -14.88 -134.39 -68.67
CA LEU N 118 -15.33 -133.72 -69.89
C LEU N 118 -15.08 -132.23 -69.81
N THR N 119 -15.20 -131.56 -70.96
CA THR N 119 -14.94 -130.13 -71.03
C THR N 119 -16.22 -129.34 -70.76
N VAL N 120 -16.04 -128.04 -70.56
CA VAL N 120 -17.16 -127.15 -70.28
C VAL N 120 -18.06 -126.96 -71.49
N GLU N 121 -17.52 -127.04 -72.71
CA GLU N 121 -18.37 -126.95 -73.88
C GLU N 121 -19.36 -128.11 -73.94
N GLN N 122 -18.91 -129.31 -73.55
CA GLN N 122 -19.81 -130.45 -73.50
C GLN N 122 -20.87 -130.30 -72.41
N ILE N 123 -20.51 -129.83 -71.21
CA ILE N 123 -21.52 -129.62 -70.18
C ILE N 123 -22.44 -128.49 -70.58
N TYR N 124 -22.01 -127.65 -71.52
CA TYR N 124 -22.87 -126.59 -72.04
C TYR N 124 -23.89 -127.15 -73.03
N GLN N 125 -23.41 -127.78 -74.10
CA GLN N 125 -24.28 -128.23 -75.19
C GLN N 125 -24.98 -129.55 -74.86
N ASP N 126 -24.20 -130.62 -74.69
CA ASP N 126 -24.74 -131.97 -74.55
C ASP N 126 -24.48 -132.46 -73.13
N ARG N 127 -25.40 -132.13 -72.24
CA ARG N 127 -25.31 -132.61 -70.85
C ARG N 127 -26.29 -133.74 -70.56
N ASP N 128 -27.22 -134.05 -71.46
CA ASP N 128 -27.95 -135.30 -71.36
C ASP N 128 -27.01 -136.48 -71.59
N GLN N 129 -26.14 -136.37 -72.59
CA GLN N 129 -25.08 -137.37 -72.77
C GLN N 129 -24.11 -137.35 -71.60
N PHE N 130 -23.92 -136.19 -70.96
CA PHE N 130 -23.11 -136.15 -69.75
C PHE N 130 -23.72 -137.02 -68.67
N ALA N 131 -25.03 -136.93 -68.46
CA ALA N 131 -25.69 -137.79 -67.49
C ALA N 131 -25.66 -139.25 -67.92
N LYS N 132 -25.77 -139.51 -69.22
CA LYS N 132 -25.70 -140.88 -69.71
C LYS N 132 -24.34 -141.50 -69.43
N LEU N 133 -23.27 -140.71 -69.57
CA LEU N 133 -21.94 -141.17 -69.20
C LEU N 133 -21.76 -141.25 -67.69
N VAL N 134 -22.42 -140.38 -66.94
CA VAL N 134 -22.40 -140.50 -65.47
C VAL N 134 -22.97 -141.84 -65.05
N ARG N 135 -24.07 -142.24 -65.67
CA ARG N 135 -24.60 -143.57 -65.42
C ARG N 135 -23.56 -144.65 -65.76
N GLU N 136 -22.99 -144.59 -66.97
CA GLU N 136 -22.03 -145.58 -67.40
C GLU N 136 -20.84 -145.72 -66.47
N VAL N 137 -20.39 -144.63 -65.85
CA VAL N 137 -19.24 -144.69 -64.96
C VAL N 137 -19.62 -144.91 -63.50
N ALA N 138 -20.84 -144.59 -63.08
CA ALA N 138 -21.19 -144.65 -61.66
C ALA N 138 -21.93 -145.95 -61.30
N ALA N 139 -22.62 -146.56 -62.26
CA ALA N 139 -23.21 -147.87 -62.03
C ALA N 139 -22.20 -148.92 -61.58
N PRO N 140 -21.01 -149.03 -62.17
CA PRO N 140 -20.07 -150.07 -61.71
C PRO N 140 -19.63 -149.93 -60.25
N ASP N 141 -19.62 -148.72 -59.68
CA ASP N 141 -19.14 -148.55 -58.31
C ASP N 141 -20.25 -148.24 -57.31
N VAL N 142 -21.19 -147.36 -57.66
CA VAL N 142 -22.29 -147.08 -56.74
C VAL N 142 -23.18 -148.30 -56.55
N GLY N 143 -23.21 -149.21 -57.52
CA GLY N 143 -23.97 -150.43 -57.35
C GLY N 143 -23.29 -151.47 -56.48
N ARG N 144 -22.01 -151.27 -56.16
CA ARG N 144 -21.29 -152.24 -55.33
C ARG N 144 -21.87 -152.31 -53.94
N MET N 145 -22.24 -151.16 -53.36
CA MET N 145 -22.88 -151.11 -52.06
C MET N 145 -24.40 -151.23 -52.14
N GLY N 146 -24.93 -151.71 -53.26
CA GLY N 146 -26.34 -151.97 -53.40
C GLY N 146 -27.22 -150.78 -53.68
N ILE N 147 -26.64 -149.61 -53.99
CA ILE N 147 -27.40 -148.41 -54.25
C ILE N 147 -27.56 -148.23 -55.75
N GLU N 148 -28.81 -148.14 -56.20
CA GLU N 148 -29.10 -147.94 -57.61
C GLU N 148 -29.15 -146.44 -57.93
N ILE N 149 -29.00 -146.12 -59.21
CA ILE N 149 -29.06 -144.74 -59.67
C ILE N 149 -30.23 -144.58 -60.63
N LEU N 150 -31.38 -144.18 -60.10
CA LEU N 150 -32.57 -144.05 -60.94
C LEU N 150 -32.42 -142.92 -61.96
N SER N 151 -31.84 -141.80 -61.54
CA SER N 151 -31.67 -140.66 -62.43
C SER N 151 -30.47 -139.85 -61.96
N PHE N 152 -29.93 -139.04 -62.88
CA PHE N 152 -28.78 -138.20 -62.59
C PHE N 152 -28.78 -136.99 -63.51
N THR N 153 -28.52 -135.82 -62.94
CA THR N 153 -28.27 -134.60 -63.70
C THR N 153 -27.74 -133.55 -62.75
N ILE N 154 -27.50 -132.35 -63.27
CA ILE N 154 -26.92 -131.25 -62.51
C ILE N 154 -27.98 -130.17 -62.32
N LYS N 155 -28.06 -129.63 -61.10
CA LYS N 155 -29.12 -128.69 -60.76
C LYS N 155 -28.84 -127.31 -61.35
N ASP N 156 -27.71 -126.71 -60.98
CA ASP N 156 -27.37 -125.38 -61.46
C ASP N 156 -25.87 -125.24 -61.57
N VAL N 157 -25.43 -124.34 -62.44
CA VAL N 157 -24.01 -124.09 -62.68
C VAL N 157 -23.75 -122.61 -62.43
N TYR N 158 -22.71 -122.31 -61.66
CA TYR N 158 -22.34 -120.93 -61.35
C TYR N 158 -20.84 -120.77 -61.55
N ASP N 159 -20.44 -119.59 -62.02
CA ASP N 159 -19.05 -119.30 -62.30
C ASP N 159 -18.66 -117.95 -61.69
N LYS N 160 -17.41 -117.87 -61.24
CA LYS N 160 -16.84 -116.62 -60.75
C LYS N 160 -16.07 -115.86 -61.81
N VAL N 161 -15.59 -116.56 -62.85
CA VAL N 161 -14.90 -115.93 -63.97
C VAL N 161 -15.82 -115.76 -65.18
N ASP N 162 -17.13 -115.67 -64.94
CA ASP N 162 -18.18 -115.33 -65.92
C ASP N 162 -17.91 -115.94 -67.30
N TYR N 163 -17.89 -117.28 -67.34
CA TYR N 163 -17.82 -118.01 -68.60
C TYR N 163 -19.10 -117.85 -69.42
N LEU N 164 -20.22 -118.30 -68.85
CA LEU N 164 -21.47 -118.37 -69.60
C LEU N 164 -21.99 -116.99 -69.97
N SER N 165 -21.85 -116.02 -69.05
CA SER N 165 -22.27 -114.66 -69.35
C SER N 165 -21.47 -114.10 -70.52
N SER N 166 -20.16 -114.41 -70.57
CA SER N 166 -19.36 -114.01 -71.71
C SER N 166 -19.83 -114.71 -72.98
N LEU N 167 -20.20 -115.98 -72.86
CA LEU N 167 -20.66 -116.73 -74.04
C LEU N 167 -21.96 -116.19 -74.59
N GLY N 168 -22.82 -115.62 -73.73
CA GLY N 168 -24.07 -115.05 -74.19
C GLY N 168 -23.92 -113.73 -74.92
N LYS N 169 -22.76 -113.10 -74.74
CA LYS N 169 -22.49 -111.81 -75.38
C LYS N 169 -22.53 -111.91 -76.90
N THR N 170 -22.27 -113.10 -77.44
CA THR N 170 -22.15 -113.24 -78.89
C THR N 170 -23.46 -112.90 -79.59
N GLN N 171 -24.59 -113.32 -79.02
CA GLN N 171 -25.88 -113.09 -79.64
C GLN N 171 -26.75 -112.12 -78.87
N THR N 172 -26.38 -111.72 -77.65
CA THR N 172 -27.18 -110.74 -76.94
C THR N 172 -27.23 -109.41 -77.66
N ALA N 173 -26.33 -109.18 -78.62
CA ALA N 173 -26.30 -107.96 -79.40
C ALA N 173 -26.81 -108.15 -80.83
N VAL N 174 -26.86 -109.39 -81.33
CA VAL N 174 -27.35 -109.64 -82.68
C VAL N 174 -28.81 -109.23 -82.81
N VAL N 175 -29.63 -109.61 -81.84
CA VAL N 175 -31.03 -109.18 -81.85
C VAL N 175 -31.11 -107.66 -81.68
N GLN N 176 -30.23 -107.09 -80.86
CA GLN N 176 -30.18 -105.64 -80.76
C GLN N 176 -29.76 -105.01 -82.07
N ARG N 177 -28.83 -105.65 -82.79
CA ARG N 177 -28.46 -105.18 -84.12
C ARG N 177 -29.68 -105.13 -85.03
N ASP N 178 -30.44 -106.23 -85.10
CA ASP N 178 -31.60 -106.28 -85.97
C ASP N 178 -32.65 -105.25 -85.56
N ALA N 179 -32.87 -105.10 -84.25
CA ALA N 179 -33.85 -104.13 -83.78
C ALA N 179 -33.45 -102.71 -84.15
N ASP N 180 -32.16 -102.38 -84.01
CA ASP N 180 -31.70 -101.05 -84.39
C ASP N 180 -31.87 -100.83 -85.88
N ILE N 181 -31.56 -101.84 -86.69
CA ILE N 181 -31.73 -101.70 -88.14
C ILE N 181 -33.19 -101.45 -88.48
N GLY N 182 -34.10 -102.21 -87.86
CA GLY N 182 -35.51 -102.06 -88.16
C GLY N 182 -36.04 -100.69 -87.75
N VAL N 183 -35.68 -100.24 -86.54
CA VAL N 183 -36.17 -98.94 -86.08
C VAL N 183 -35.59 -97.82 -86.93
N ALA N 184 -34.33 -97.96 -87.37
CA ALA N 184 -33.75 -96.94 -88.24
C ALA N 184 -34.49 -96.87 -89.56
N GLU N 185 -34.79 -98.02 -90.16
CA GLU N 185 -35.52 -98.02 -91.43
C GLU N 185 -36.92 -97.43 -91.27
N ALA N 186 -37.60 -97.78 -90.17
CA ALA N 186 -38.95 -97.26 -89.95
C ALA N 186 -38.92 -95.75 -89.77
N GLU N 187 -37.98 -95.24 -88.98
CA GLU N 187 -37.88 -93.80 -88.80
C GLU N 187 -37.53 -93.10 -90.11
N ARG N 188 -36.69 -93.73 -90.93
CA ARG N 188 -36.37 -93.14 -92.23
C ARG N 188 -37.61 -93.00 -93.10
N ASP N 189 -38.42 -94.06 -93.16
CA ASP N 189 -39.63 -94.02 -93.98
C ASP N 189 -40.61 -92.97 -93.45
N ALA N 190 -40.80 -92.94 -92.13
CA ALA N 190 -41.70 -91.95 -91.54
C ALA N 190 -41.24 -90.54 -91.88
N GLY N 191 -39.93 -90.28 -91.69
CA GLY N 191 -39.41 -88.94 -91.95
C GLY N 191 -39.56 -88.53 -93.41
N ILE N 192 -39.22 -89.43 -94.33
CA ILE N 192 -39.32 -89.08 -95.74
C ILE N 192 -40.76 -88.74 -96.12
N ARG N 193 -41.72 -89.57 -95.71
CA ARG N 193 -43.05 -89.34 -96.25
C ARG N 193 -43.70 -88.15 -95.54
N GLU N 194 -43.37 -87.94 -94.26
CA GLU N 194 -43.84 -86.76 -93.55
C GLU N 194 -43.28 -85.48 -94.16
N ALA N 195 -42.01 -85.49 -94.57
CA ALA N 195 -41.45 -84.33 -95.24
C ALA N 195 -42.17 -84.07 -96.56
N GLU N 196 -42.51 -85.13 -97.29
CA GLU N 196 -43.28 -84.96 -98.52
C GLU N 196 -44.62 -84.30 -98.24
N CYS N 197 -45.32 -84.76 -97.19
CA CYS N 197 -46.62 -84.17 -96.85
C CYS N 197 -46.47 -82.70 -96.49
N LYS N 198 -45.46 -82.37 -95.68
CA LYS N 198 -45.24 -80.99 -95.27
C LYS N 198 -44.96 -80.12 -96.49
N LYS N 199 -44.17 -80.64 -97.43
CA LYS N 199 -43.87 -79.89 -98.65
C LYS N 199 -45.14 -79.59 -99.44
N GLU N 200 -45.97 -80.60 -99.66
CA GLU N 200 -47.20 -80.37 -100.43
C GLU N 200 -48.12 -79.37 -99.75
N MET N 201 -48.30 -79.49 -98.43
CA MET N 201 -49.21 -78.60 -97.74
C MET N 201 -48.67 -77.17 -97.74
N LEU N 202 -47.36 -76.99 -97.59
CA LEU N 202 -46.79 -75.65 -97.70
C LEU N 202 -46.98 -75.05 -99.09
N ASP N 203 -46.81 -75.85 -100.14
CA ASP N 203 -47.01 -75.30 -101.48
C ASP N 203 -48.44 -74.81 -101.65
N VAL N 204 -49.42 -75.61 -101.24
CA VAL N 204 -50.79 -75.16 -101.42
C VAL N 204 -51.11 -73.96 -100.55
N LYS N 205 -50.61 -73.95 -99.30
CA LYS N 205 -50.86 -72.82 -98.42
C LYS N 205 -50.26 -71.53 -98.99
N PHE N 206 -49.07 -71.62 -99.57
CA PHE N 206 -48.46 -70.43 -100.14
C PHE N 206 -49.18 -69.97 -101.39
N MET N 207 -49.73 -70.90 -102.19
CA MET N 207 -50.55 -70.48 -103.32
C MET N 207 -51.78 -69.73 -102.85
N ALA N 208 -52.45 -70.25 -101.82
CA ALA N 208 -53.63 -69.56 -101.27
C ALA N 208 -53.24 -68.18 -100.74
N ASP N 209 -52.11 -68.09 -100.03
CA ASP N 209 -51.67 -66.79 -99.52
C ASP N 209 -51.33 -65.83 -100.64
N THR N 210 -50.78 -66.33 -101.75
CA THR N 210 -50.53 -65.47 -102.90
C THR N 210 -51.82 -64.90 -103.46
N LYS N 211 -52.86 -65.74 -103.57
CA LYS N 211 -54.15 -65.22 -104.03
C LYS N 211 -54.72 -64.19 -103.05
N ILE N 212 -54.56 -64.43 -101.75
CA ILE N 212 -55.03 -63.47 -100.75
C ILE N 212 -54.30 -62.15 -100.90
N ALA N 213 -52.98 -62.21 -101.11
CA ALA N 213 -52.20 -61.00 -101.31
C ALA N 213 -52.64 -60.24 -102.55
N ASP N 214 -52.97 -60.96 -103.62
CA ASP N 214 -53.46 -60.30 -104.83
C ASP N 214 -54.77 -59.58 -104.56
N SER N 215 -55.70 -60.23 -103.85
CA SER N 215 -56.96 -59.59 -103.52
C SER N 215 -56.74 -58.35 -102.64
N LYS N 216 -55.84 -58.47 -101.66
CA LYS N 216 -55.54 -57.34 -100.79
C LYS N 216 -54.95 -56.18 -101.58
N ARG N 217 -54.07 -56.48 -102.54
CA ARG N 217 -53.49 -55.44 -103.37
C ARG N 217 -54.57 -54.73 -104.19
N ALA N 218 -55.48 -55.50 -104.80
CA ALA N 218 -56.54 -54.87 -105.58
C ALA N 218 -57.41 -53.97 -104.70
N PHE N 219 -57.77 -54.46 -103.51
CA PHE N 219 -58.60 -53.65 -102.62
C PHE N 219 -57.89 -52.38 -102.18
N GLU N 220 -56.62 -52.50 -101.79
CA GLU N 220 -55.89 -51.31 -101.36
C GLU N 220 -55.73 -50.32 -102.49
N LEU N 221 -55.46 -50.80 -103.70
CA LEU N 221 -55.31 -49.89 -104.83
C LEU N 221 -56.61 -49.13 -105.09
N GLN N 222 -57.74 -49.84 -105.12
CA GLN N 222 -59.01 -49.17 -105.36
C GLN N 222 -59.34 -48.18 -104.24
N LYS N 223 -59.09 -48.56 -102.98
CA LYS N 223 -59.40 -47.68 -101.87
C LYS N 223 -58.55 -46.41 -101.91
N SER N 224 -57.25 -46.54 -102.20
CA SER N 224 -56.41 -45.37 -102.31
C SER N 224 -56.84 -44.49 -103.48
N ALA N 225 -57.20 -45.11 -104.60
CA ALA N 225 -57.67 -44.34 -105.74
C ALA N 225 -58.90 -43.52 -105.38
N PHE N 226 -59.84 -44.12 -104.66
CA PHE N 226 -61.04 -43.40 -104.26
C PHE N 226 -60.70 -42.27 -103.28
N SER N 227 -59.82 -42.56 -102.32
CA SER N 227 -59.39 -41.56 -101.36
C SER N 227 -58.77 -40.37 -102.05
N GLU N 228 -58.13 -40.58 -103.19
CA GLU N 228 -57.54 -39.47 -103.93
C GLU N 228 -58.57 -38.38 -104.22
N GLU N 229 -59.61 -38.71 -104.99
CA GLU N 229 -60.57 -37.67 -105.35
C GLU N 229 -61.43 -37.24 -104.17
N VAL N 230 -61.68 -38.13 -103.20
CA VAL N 230 -62.47 -37.65 -102.07
C VAL N 230 -61.69 -36.60 -101.28
N ASN N 231 -60.37 -36.78 -101.14
CA ASN N 231 -59.56 -35.78 -100.47
C ASN N 231 -59.46 -34.51 -101.30
N ILE N 232 -59.39 -34.64 -102.63
CA ILE N 232 -59.37 -33.45 -103.49
C ILE N 232 -60.63 -32.63 -103.28
N LYS N 233 -61.79 -33.28 -103.33
CA LYS N 233 -63.05 -32.57 -103.17
C LYS N 233 -63.16 -31.94 -101.78
N THR N 234 -62.74 -32.66 -100.74
CA THR N 234 -62.75 -32.03 -99.42
C THR N 234 -61.86 -30.79 -99.40
N ALA N 235 -60.61 -30.92 -99.84
CA ALA N 235 -59.67 -29.81 -99.79
C ALA N 235 -60.25 -28.59 -100.48
N GLU N 236 -60.98 -28.79 -101.58
CA GLU N 236 -61.75 -27.67 -102.13
C GLU N 236 -62.81 -27.18 -101.15
N ALA N 237 -63.45 -28.10 -100.42
CA ALA N 237 -64.60 -27.74 -99.59
C ALA N 237 -64.22 -26.79 -98.45
N GLN N 238 -63.11 -27.07 -97.74
CA GLN N 238 -62.78 -26.14 -96.64
C GLN N 238 -62.50 -24.73 -97.15
N LEU N 239 -61.75 -24.58 -98.24
CA LEU N 239 -61.26 -23.27 -98.63
C LEU N 239 -62.21 -22.50 -99.54
N ALA N 240 -63.30 -23.14 -100.01
CA ALA N 240 -64.33 -22.33 -100.66
C ALA N 240 -64.86 -21.24 -99.73
N TYR N 241 -64.91 -21.52 -98.42
CA TYR N 241 -65.35 -20.53 -97.45
C TYR N 241 -64.45 -19.30 -97.48
N GLU N 242 -63.15 -19.52 -97.41
CA GLU N 242 -62.22 -18.39 -97.43
C GLU N 242 -62.27 -17.65 -98.76
N LEU N 243 -62.43 -18.37 -99.86
CA LEU N 243 -62.51 -17.73 -101.16
C LEU N 243 -63.70 -16.76 -101.21
N GLN N 244 -64.88 -17.25 -100.83
CA GLN N 244 -66.05 -16.37 -100.84
C GLN N 244 -65.93 -15.26 -99.81
N GLY N 245 -65.28 -15.54 -98.68
CA GLY N 245 -65.09 -14.51 -97.67
C GLY N 245 -64.24 -13.35 -98.18
N ALA N 246 -63.14 -13.66 -98.87
CA ALA N 246 -62.33 -12.61 -99.46
C ALA N 246 -63.08 -11.87 -100.55
N ARG N 247 -63.83 -12.62 -101.37
CA ARG N 247 -64.60 -11.98 -102.44
C ARG N 247 -65.60 -10.97 -101.87
N GLU N 248 -66.23 -11.33 -100.75
CA GLU N 248 -67.16 -10.39 -100.12
C GLU N 248 -66.43 -9.25 -99.40
N GLN N 249 -65.32 -9.55 -98.74
CA GLN N 249 -64.52 -8.52 -98.09
C GLN N 249 -64.07 -7.45 -99.06
N GLN N 250 -63.92 -7.80 -100.34
CA GLN N 250 -63.69 -6.76 -101.35
C GLN N 250 -64.70 -5.62 -101.22
N LYS N 251 -65.99 -5.93 -101.39
CA LYS N 251 -67.02 -4.91 -101.31
C LYS N 251 -67.18 -4.37 -99.90
N ILE N 252 -66.99 -5.21 -98.89
CA ILE N 252 -67.09 -4.74 -97.50
C ILE N 252 -66.11 -3.59 -97.27
N ARG N 253 -64.86 -3.79 -97.66
CA ARG N 253 -63.86 -2.75 -97.45
C ARG N 253 -64.05 -1.60 -98.43
N GLN N 254 -64.58 -1.89 -99.63
CA GLN N 254 -64.91 -0.81 -100.56
C GLN N 254 -65.85 0.20 -99.92
N GLU N 255 -66.93 -0.27 -99.31
CA GLU N 255 -67.83 0.66 -98.64
C GLU N 255 -67.25 1.23 -97.35
N GLU N 256 -66.52 0.42 -96.57
CA GLU N 256 -65.90 0.93 -95.35
C GLU N 256 -64.95 2.08 -95.64
N ILE N 257 -64.33 2.09 -96.81
CA ILE N 257 -63.45 3.20 -97.20
C ILE N 257 -64.18 4.29 -97.95
N GLU N 258 -65.29 4.00 -98.62
CA GLU N 258 -66.14 5.05 -99.15
C GLU N 258 -66.76 5.90 -98.05
N ILE N 259 -66.83 5.37 -96.82
CA ILE N 259 -67.28 6.16 -95.68
C ILE N 259 -66.55 7.50 -95.62
N GLU N 260 -65.23 7.45 -95.45
CA GLU N 260 -64.48 8.68 -95.31
C GLU N 260 -64.30 9.43 -96.62
N VAL N 261 -64.46 8.77 -97.77
CA VAL N 261 -64.54 9.50 -99.03
C VAL N 261 -65.72 10.46 -99.00
N VAL N 262 -66.89 9.94 -98.62
CA VAL N 262 -68.08 10.78 -98.52
C VAL N 262 -67.89 11.85 -97.46
N GLN N 263 -67.26 11.50 -96.34
CA GLN N 263 -67.02 12.50 -95.29
C GLN N 263 -66.15 13.65 -95.78
N ARG N 264 -65.01 13.32 -96.40
CA ARG N 264 -64.09 14.35 -96.86
C ARG N 264 -64.65 15.11 -98.06
N LYS N 265 -65.62 14.54 -98.78
CA LYS N 265 -66.23 15.26 -99.89
C LYS N 265 -66.93 16.52 -99.42
N LYS N 266 -67.55 16.49 -98.24
CA LYS N 266 -68.24 17.65 -97.69
C LYS N 266 -67.44 18.38 -96.62
N GLN N 267 -66.34 17.78 -96.15
CA GLN N 267 -65.35 18.62 -95.48
C GLN N 267 -64.90 19.77 -96.36
N ILE N 268 -65.07 19.67 -97.68
CA ILE N 268 -64.81 20.78 -98.58
C ILE N 268 -65.70 21.96 -98.24
N ALA N 269 -67.00 21.72 -98.10
CA ALA N 269 -67.92 22.80 -97.73
C ALA N 269 -67.65 23.28 -96.32
N VAL N 270 -67.27 22.37 -95.43
CA VAL N 270 -66.86 22.78 -94.08
C VAL N 270 -65.75 23.81 -94.17
N GLU N 271 -64.72 23.52 -94.97
CA GLU N 271 -63.59 24.42 -95.08
C GLU N 271 -63.94 25.71 -95.81
N ALA N 272 -64.87 25.67 -96.75
CA ALA N 272 -65.29 26.91 -97.41
C ALA N 272 -65.99 27.85 -96.42
N GLN N 273 -66.90 27.30 -95.61
CA GLN N 273 -67.51 28.12 -94.56
C GLN N 273 -66.46 28.62 -93.58
N GLU N 274 -65.45 27.79 -93.28
CA GLU N 274 -64.35 28.25 -92.44
C GLU N 274 -63.58 29.40 -93.09
N ILE N 275 -63.41 29.36 -94.42
CA ILE N 275 -62.74 30.46 -95.11
C ILE N 275 -63.51 31.75 -94.92
N LEU N 276 -64.83 31.70 -95.11
CA LEU N 276 -65.63 32.91 -94.90
C LEU N 276 -65.54 33.40 -93.47
N ARG N 277 -65.64 32.47 -92.50
CA ARG N 277 -65.58 32.86 -91.10
C ARG N 277 -64.24 33.48 -90.75
N THR N 278 -63.14 32.90 -91.23
CA THR N 278 -61.83 33.44 -90.88
C THR N 278 -61.56 34.74 -91.61
N ASP N 279 -62.12 34.94 -92.80
CA ASP N 279 -62.04 36.23 -93.45
C ASP N 279 -62.68 37.31 -92.58
N LYS N 280 -63.92 37.07 -92.15
CA LYS N 280 -64.60 38.06 -91.31
C LYS N 280 -63.88 38.25 -89.97
N GLU N 281 -63.36 37.16 -89.39
CA GLU N 281 -62.67 37.26 -88.12
C GLU N 281 -61.39 38.08 -88.25
N LEU N 282 -60.63 37.86 -89.33
CA LEU N 282 -59.43 38.66 -89.55
C LEU N 282 -59.77 40.12 -89.76
N ILE N 283 -60.86 40.39 -90.49
CA ILE N 283 -61.32 41.78 -90.60
C ILE N 283 -61.50 42.38 -89.21
N ALA N 284 -62.43 41.79 -88.44
CA ALA N 284 -62.77 42.37 -87.14
C ALA N 284 -61.58 42.40 -86.19
N THR N 285 -60.58 41.55 -86.41
CA THR N 285 -59.48 41.43 -85.47
C THR N 285 -58.32 42.38 -85.78
N VAL N 286 -57.98 42.57 -87.06
CA VAL N 286 -56.78 43.35 -87.36
C VAL N 286 -57.08 44.51 -88.30
N ARG N 287 -58.11 44.40 -89.14
CA ARG N 287 -58.32 45.44 -90.15
C ARG N 287 -58.84 46.72 -89.53
N ARG N 288 -59.81 46.62 -88.61
CA ARG N 288 -60.41 47.78 -87.97
C ARG N 288 -59.52 48.34 -86.85
N PRO N 289 -58.90 47.49 -86.01
CA PRO N 289 -57.92 48.04 -85.06
C PRO N 289 -56.78 48.80 -85.71
N ALA N 290 -56.36 48.41 -86.92
CA ALA N 290 -55.34 49.18 -87.61
C ALA N 290 -55.82 50.59 -87.93
N GLU N 291 -57.06 50.71 -88.41
CA GLU N 291 -57.61 52.03 -88.72
C GLU N 291 -57.76 52.86 -87.45
N ALA N 292 -58.23 52.23 -86.37
CA ALA N 292 -58.36 52.95 -85.10
C ALA N 292 -57.00 53.43 -84.60
N GLU N 293 -55.98 52.58 -84.72
CA GLU N 293 -54.63 52.98 -84.33
C GLU N 293 -54.13 54.14 -85.18
N ALA N 294 -54.40 54.10 -86.48
CA ALA N 294 -53.99 55.21 -87.35
C ALA N 294 -54.67 56.51 -86.93
N HIS N 295 -55.96 56.44 -86.64
CA HIS N 295 -56.67 57.64 -86.19
C HIS N 295 -56.11 58.16 -84.87
N ARG N 296 -55.82 57.24 -83.94
CA ARG N 296 -55.25 57.64 -82.66
C ARG N 296 -53.90 58.31 -82.85
N ILE N 297 -53.04 57.74 -83.70
CA ILE N 297 -51.71 58.30 -83.92
C ILE N 297 -51.82 59.69 -84.53
N GLN N 298 -52.71 59.86 -85.52
CA GLN N 298 -52.78 61.17 -86.16
C GLN N 298 -53.40 62.22 -85.22
N GLN N 299 -54.37 61.83 -84.39
CA GLN N 299 -54.92 62.76 -83.41
C GLN N 299 -53.85 63.19 -82.40
N ILE N 300 -53.11 62.23 -81.86
CA ILE N 300 -52.08 62.55 -80.88
C ILE N 300 -50.95 63.35 -81.51
N ALA N 301 -50.63 63.08 -82.77
CA ALA N 301 -49.62 63.87 -83.48
C ALA N 301 -50.10 65.30 -83.66
N GLU N 302 -51.38 65.49 -83.97
CA GLU N 302 -51.92 66.85 -84.06
C GLU N 302 -51.78 67.58 -82.73
N GLY N 303 -52.16 66.90 -81.63
CA GLY N 303 -52.02 67.52 -80.33
C GLY N 303 -50.59 67.91 -80.02
N GLU N 304 -49.66 66.99 -80.26
CA GLU N 304 -48.25 67.25 -79.96
C GLU N 304 -47.70 68.38 -80.84
N LYS N 305 -48.09 68.41 -82.11
CA LYS N 305 -47.62 69.48 -82.99
C LYS N 305 -48.12 70.83 -82.53
N VAL N 306 -49.39 70.93 -82.15
CA VAL N 306 -49.90 72.21 -81.65
C VAL N 306 -49.18 72.61 -80.37
N LYS N 307 -48.95 71.65 -79.48
CA LYS N 307 -48.24 71.96 -78.24
C LYS N 307 -46.84 72.47 -78.51
N GLN N 308 -46.11 71.81 -79.40
CA GLN N 308 -44.75 72.23 -79.71
C GLN N 308 -44.72 73.59 -80.39
N VAL N 309 -45.66 73.85 -81.30
CA VAL N 309 -45.70 75.15 -81.95
C VAL N 309 -45.97 76.26 -80.94
N LEU N 310 -46.92 76.03 -80.04
CA LEU N 310 -47.23 77.05 -79.02
C LEU N 310 -46.04 77.27 -78.08
N LEU N 311 -45.38 76.19 -77.67
CA LEU N 311 -44.22 76.33 -76.79
C LEU N 311 -43.10 77.08 -77.50
N ALA N 312 -42.88 76.80 -78.79
CA ALA N 312 -41.85 77.50 -79.54
C ALA N 312 -42.17 78.97 -79.69
N GLN N 313 -43.45 79.30 -79.94
CA GLN N 313 -43.82 80.71 -80.02
C GLN N 313 -43.60 81.42 -78.69
N ALA N 314 -43.96 80.76 -77.58
CA ALA N 314 -43.74 81.34 -76.26
C ALA N 314 -42.26 81.58 -76.00
N GLU N 315 -41.42 80.60 -76.34
CA GLU N 315 -39.98 80.74 -76.13
C GLU N 315 -39.42 81.85 -77.01
N ALA N 316 -39.88 81.94 -78.26
CA ALA N 316 -39.39 82.97 -79.16
C ALA N 316 -39.73 84.37 -78.64
N GLU N 317 -40.96 84.56 -78.17
CA GLU N 317 -41.31 85.89 -77.69
C GLU N 317 -40.65 86.19 -76.35
N LYS N 318 -40.42 85.15 -75.53
CA LYS N 318 -39.59 85.29 -74.35
C LYS N 318 -38.23 85.86 -74.71
N ILE N 319 -37.57 85.25 -75.70
CA ILE N 319 -36.25 85.69 -76.12
C ILE N 319 -36.31 87.11 -76.66
N ARG N 320 -37.35 87.42 -77.44
CA ARG N 320 -37.48 88.76 -78.00
C ARG N 320 -37.59 89.82 -76.91
N LYS N 321 -38.47 89.58 -75.93
CA LYS N 321 -38.66 90.56 -74.86
C LYS N 321 -37.42 90.70 -73.99
N ILE N 322 -36.77 89.58 -73.68
CA ILE N 322 -35.54 89.64 -72.89
C ILE N 322 -34.47 90.42 -73.65
N GLY N 323 -34.35 90.18 -74.95
CA GLY N 323 -33.37 90.92 -75.73
C GLY N 323 -33.66 92.41 -75.78
N GLU N 324 -34.93 92.77 -75.91
CA GLU N 324 -35.29 94.19 -75.89
C GLU N 324 -34.94 94.82 -74.54
N ALA N 325 -35.22 94.11 -73.45
CA ALA N 325 -34.87 94.63 -72.13
C ALA N 325 -33.36 94.81 -71.99
N GLU N 326 -32.59 93.85 -72.47
CA GLU N 326 -31.13 93.96 -72.40
C GLU N 326 -30.62 95.10 -73.26
N ALA N 327 -31.21 95.31 -74.44
CA ALA N 327 -30.82 96.44 -75.26
C ALA N 327 -31.12 97.76 -74.57
N ALA N 328 -32.28 97.86 -73.91
CA ALA N 328 -32.63 99.10 -73.22
C ALA N 328 -31.65 99.37 -72.09
N VAL N 329 -31.33 98.35 -71.29
CA VAL N 329 -30.43 98.58 -70.15
C VAL N 329 -29.02 98.90 -70.65
N ILE N 330 -28.59 98.25 -71.74
CA ILE N 330 -27.25 98.54 -72.28
C ILE N 330 -27.19 99.98 -72.80
N GLU N 331 -28.25 100.44 -73.47
CA GLU N 331 -28.27 101.82 -73.92
C GLU N 331 -28.27 102.79 -72.75
N ALA N 332 -28.95 102.43 -71.66
CA ALA N 332 -28.93 103.26 -70.45
C ALA N 332 -27.51 103.34 -69.87
N MET N 333 -26.82 102.20 -69.79
CA MET N 333 -25.43 102.21 -69.36
C MET N 333 -24.58 103.08 -70.26
N GLY N 334 -24.80 103.02 -71.56
CA GLY N 334 -24.05 103.88 -72.46
C GLY N 334 -24.29 105.35 -72.20
N LYS N 335 -25.57 105.72 -72.04
CA LYS N 335 -25.92 107.08 -71.69
C LYS N 335 -25.14 107.53 -70.46
N ALA N 336 -25.22 106.74 -69.38
CA ALA N 336 -24.65 107.14 -68.11
C ALA N 336 -23.13 107.19 -68.15
N GLU N 337 -22.50 106.16 -68.71
CA GLU N 337 -21.04 106.10 -68.71
C GLU N 337 -20.45 107.16 -69.62
N ALA N 338 -21.10 107.43 -70.76
CA ALA N 338 -20.62 108.49 -71.63
C ALA N 338 -20.77 109.85 -70.97
N GLU N 339 -21.88 110.08 -70.26
CA GLU N 339 -22.01 111.32 -69.52
C GLU N 339 -20.93 111.44 -68.45
N ARG N 340 -20.62 110.33 -67.78
CA ARG N 340 -19.56 110.32 -66.78
C ARG N 340 -18.24 110.74 -67.40
N MET N 341 -17.87 110.11 -68.52
CA MET N 341 -16.59 110.41 -69.15
C MET N 341 -16.56 111.85 -69.65
N LYS N 342 -17.67 112.32 -70.22
CA LYS N 342 -17.72 113.69 -70.72
C LYS N 342 -17.52 114.69 -69.58
N LEU N 343 -18.22 114.50 -68.46
CA LEU N 343 -18.08 115.42 -67.34
C LEU N 343 -16.69 115.34 -66.74
N LYS N 344 -16.08 114.14 -66.75
CA LYS N 344 -14.74 114.00 -66.20
C LYS N 344 -13.70 114.62 -67.12
N ALA N 345 -14.06 114.80 -68.40
CA ALA N 345 -13.14 115.42 -69.35
C ALA N 345 -12.77 116.85 -68.96
N GLU N 346 -13.77 117.70 -68.71
CA GLU N 346 -13.45 119.07 -68.28
C GLU N 346 -12.75 119.07 -66.93
N ALA N 347 -13.06 118.11 -66.07
CA ALA N 347 -12.37 118.02 -64.79
C ALA N 347 -10.88 117.79 -64.99
N TYR N 348 -10.51 116.84 -65.86
CA TYR N 348 -9.09 116.62 -66.14
C TYR N 348 -8.48 117.78 -66.90
N GLN N 349 -9.29 118.53 -67.66
CA GLN N 349 -8.73 119.61 -68.47
C GLN N 349 -8.14 120.71 -67.61
N LYS N 350 -8.58 120.82 -66.35
CA LYS N 350 -8.16 121.92 -65.50
C LYS N 350 -7.03 121.52 -64.55
N TYR N 351 -6.30 120.46 -64.90
CA TYR N 351 -5.20 119.95 -64.09
C TYR N 351 -3.91 120.70 -64.41
N GLY N 352 -3.19 121.12 -63.37
CA GLY N 352 -1.91 121.76 -63.50
C GLY N 352 -0.76 120.80 -63.28
N ASP N 353 0.42 121.36 -63.02
CA ASP N 353 1.58 120.53 -62.72
C ASP N 353 1.41 119.80 -61.40
N ALA N 354 0.93 120.50 -60.37
CA ALA N 354 0.80 119.90 -59.06
C ALA N 354 -0.18 118.74 -59.06
N ALA N 355 -1.29 118.89 -59.80
CA ALA N 355 -2.29 117.84 -59.84
C ALA N 355 -1.77 116.58 -60.55
N LYS N 356 -1.04 116.76 -61.64
CA LYS N 356 -0.42 115.62 -62.30
C LYS N 356 0.61 114.96 -61.40
N MET N 357 1.37 115.77 -60.65
CA MET N 357 2.29 115.20 -59.67
C MET N 357 1.55 114.38 -58.63
N ALA N 358 0.39 114.87 -58.19
CA ALA N 358 -0.42 114.12 -57.23
C ALA N 358 -0.88 112.80 -57.82
N LEU N 359 -1.30 112.81 -59.09
CA LEU N 359 -1.72 111.58 -59.73
C LEU N 359 -0.59 110.57 -59.78
N VAL N 360 0.61 111.01 -60.18
CA VAL N 360 1.73 110.09 -60.28
C VAL N 360 2.12 109.56 -58.92
N LEU N 361 2.15 110.43 -57.90
CA LEU N 361 2.52 109.98 -56.56
C LEU N 361 1.49 109.01 -56.01
N GLU N 362 0.21 109.23 -56.31
CA GLU N 362 -0.81 108.29 -55.85
C GLU N 362 -0.68 106.95 -56.56
N ALA N 363 -0.30 106.96 -57.83
CA ALA N 363 -0.17 105.72 -58.57
C ALA N 363 1.06 104.93 -58.12
N LEU N 364 2.11 105.63 -57.68
CA LEU N 364 3.39 104.98 -57.38
C LEU N 364 3.30 103.85 -56.34
N PRO N 365 2.66 104.01 -55.18
CA PRO N 365 2.68 102.92 -54.19
C PRO N 365 2.04 101.63 -54.69
N GLN N 366 0.97 101.71 -55.48
CA GLN N 366 0.34 100.49 -55.98
C GLN N 366 1.28 99.76 -56.94
N ILE N 367 1.93 100.50 -57.84
CA ILE N 367 2.88 99.89 -58.76
C ILE N 367 4.04 99.26 -57.97
N ALA N 368 4.53 99.98 -56.96
CA ALA N 368 5.62 99.46 -56.15
C ALA N 368 5.22 98.18 -55.43
N ALA N 369 4.00 98.14 -54.90
CA ALA N 369 3.50 96.93 -54.25
C ALA N 369 3.41 95.78 -55.24
N LYS N 370 2.96 96.06 -56.46
CA LYS N 370 2.85 95.00 -57.45
C LYS N 370 4.22 94.46 -57.85
N ILE N 371 5.19 95.35 -58.07
CA ILE N 371 6.51 94.91 -58.51
C ILE N 371 7.22 94.14 -57.40
N ALA N 372 7.06 94.53 -56.15
CA ALA N 372 7.76 93.90 -55.04
C ALA N 372 7.12 92.59 -54.59
N ALA N 373 5.94 92.26 -55.11
CA ALA N 373 5.27 91.02 -54.68
C ALA N 373 6.14 89.77 -54.85
N PRO N 374 6.88 89.58 -55.96
CA PRO N 374 7.73 88.37 -56.03
C PRO N 374 8.80 88.32 -54.96
N LEU N 375 9.15 89.44 -54.35
CA LEU N 375 10.21 89.45 -53.34
C LEU N 375 9.74 88.80 -52.05
N THR N 376 8.45 88.51 -51.93
CA THR N 376 7.89 87.93 -50.72
C THR N 376 8.44 86.54 -50.44
N LYS N 377 8.77 85.79 -51.48
CA LYS N 377 9.12 84.39 -51.35
C LYS N 377 10.62 84.15 -51.21
N VAL N 378 11.41 85.20 -50.94
CA VAL N 378 12.84 85.00 -50.77
C VAL N 378 13.10 84.13 -49.54
N ASP N 379 14.02 83.18 -49.69
CA ASP N 379 14.35 82.25 -48.62
C ASP N 379 15.53 82.72 -47.78
N GLU N 380 16.67 82.96 -48.42
CA GLU N 380 17.86 83.37 -47.69
C GLU N 380 18.67 84.30 -48.58
N ILE N 381 19.44 85.18 -47.94
CA ILE N 381 20.23 86.18 -48.62
C ILE N 381 21.68 86.01 -48.18
N VAL N 382 22.60 85.94 -49.15
CA VAL N 382 24.03 85.86 -48.87
C VAL N 382 24.69 87.08 -49.49
N VAL N 383 25.41 87.84 -48.67
CA VAL N 383 26.08 89.06 -49.10
C VAL N 383 27.57 88.93 -48.81
N LEU N 384 28.39 89.20 -49.80
CA LEU N 384 29.84 89.23 -49.66
C LEU N 384 30.36 90.56 -50.16
N SER N 385 31.43 91.04 -49.54
CA SER N 385 31.99 92.34 -49.89
C SER N 385 33.51 92.27 -49.88
N GLY N 386 34.13 93.22 -50.56
CA GLY N 386 35.58 93.28 -50.65
C GLY N 386 36.13 92.36 -51.72
N ASP N 387 37.13 92.85 -52.47
CA ASP N 387 37.74 92.08 -53.55
C ASP N 387 38.89 91.23 -53.00
N ASN N 388 38.55 90.00 -52.61
CA ASN N 388 39.52 89.06 -52.07
C ASN N 388 39.26 87.67 -52.62
N SER N 389 40.00 86.70 -52.10
CA SER N 389 39.91 85.33 -52.58
C SER N 389 38.68 84.63 -51.99
N LYS N 390 38.48 83.38 -52.40
CA LYS N 390 37.34 82.59 -51.98
C LYS N 390 37.76 81.43 -51.08
N VAL N 391 38.80 81.66 -50.28
CA VAL N 391 39.34 80.62 -49.40
C VAL N 391 38.95 80.86 -47.95
N THR N 392 38.71 82.13 -47.59
CA THR N 392 38.45 82.47 -46.18
C THR N 392 37.17 81.81 -45.69
N SER N 393 36.11 81.82 -46.50
CA SER N 393 34.81 81.22 -46.17
C SER N 393 34.29 81.91 -44.92
N GLU N 394 33.86 81.18 -43.90
CA GLU N 394 33.34 81.80 -42.68
C GLU N 394 34.32 81.62 -41.52
N MET O 1 -60.84 -157.26 -41.26
CA MET O 1 -62.03 -156.92 -42.01
C MET O 1 -61.67 -156.18 -43.31
N PHE O 2 -62.62 -156.12 -44.23
CA PHE O 2 -62.38 -155.49 -45.52
C PHE O 2 -62.26 -153.98 -45.36
N PHE O 3 -61.33 -153.38 -46.11
CA PHE O 3 -61.05 -151.95 -46.05
C PHE O 3 -61.27 -151.35 -47.43
N THR O 4 -62.38 -150.63 -47.60
CA THR O 4 -62.68 -149.98 -48.85
C THR O 4 -61.72 -148.82 -49.11
N CYS O 5 -61.47 -148.56 -50.38
CA CYS O 5 -60.64 -147.44 -50.80
C CYS O 5 -61.25 -146.80 -52.03
N GLY O 6 -61.02 -145.50 -52.18
CA GLY O 6 -61.43 -144.80 -53.38
C GLY O 6 -60.46 -145.06 -54.51
N PRO O 7 -60.70 -144.39 -55.63
CA PRO O 7 -59.77 -144.44 -56.76
C PRO O 7 -58.68 -143.37 -56.80
N ASN O 8 -58.39 -142.71 -55.67
CA ASN O 8 -57.28 -141.78 -55.57
C ASN O 8 -56.18 -142.27 -54.65
N GLU O 9 -56.28 -143.49 -54.15
CA GLU O 9 -55.27 -144.07 -53.28
C GLU O 9 -55.08 -145.54 -53.62
N ALA O 10 -53.88 -146.02 -53.35
CA ALA O 10 -53.53 -147.42 -53.56
C ALA O 10 -53.37 -148.10 -52.21
N MET O 11 -54.21 -149.11 -51.96
CA MET O 11 -54.15 -149.88 -50.73
C MET O 11 -53.29 -151.11 -50.97
N VAL O 12 -52.06 -151.07 -50.47
CA VAL O 12 -51.15 -152.20 -50.55
C VAL O 12 -50.76 -152.59 -49.13
N VAL O 13 -50.97 -153.85 -48.79
CA VAL O 13 -50.75 -154.35 -47.43
C VAL O 13 -50.13 -155.74 -47.51
N SER O 14 -49.38 -156.10 -46.48
CA SER O 14 -48.84 -157.45 -46.33
C SER O 14 -49.58 -158.16 -45.21
N GLY O 15 -50.07 -159.36 -45.49
CA GLY O 15 -50.82 -160.12 -44.51
C GLY O 15 -50.17 -161.43 -44.11
N PHE O 16 -50.80 -162.54 -44.45
CA PHE O 16 -50.27 -163.87 -44.19
C PHE O 16 -50.27 -164.66 -45.49
N CYS O 17 -49.10 -165.16 -45.88
CA CYS O 17 -48.93 -165.94 -47.11
C CYS O 17 -49.43 -165.18 -48.34
N ARG O 18 -48.90 -163.98 -48.49
CA ARG O 18 -49.21 -163.10 -49.63
C ARG O 18 -47.92 -162.57 -50.24
N SER O 19 -46.98 -163.47 -50.51
CA SER O 19 -45.66 -163.07 -50.97
C SER O 19 -45.68 -162.27 -52.28
N PRO O 20 -46.41 -162.66 -53.32
CA PRO O 20 -46.46 -161.82 -54.51
C PRO O 20 -47.10 -160.48 -54.19
N PRO O 21 -46.71 -159.42 -54.89
CA PRO O 21 -47.27 -158.10 -54.59
C PRO O 21 -48.76 -158.03 -54.84
N VAL O 22 -49.44 -157.21 -54.06
CA VAL O 22 -50.89 -157.01 -54.17
C VAL O 22 -51.15 -155.57 -54.60
N MET O 23 -51.82 -155.42 -55.73
CA MET O 23 -52.13 -154.11 -56.30
C MET O 23 -53.63 -153.87 -56.13
N VAL O 24 -54.00 -153.12 -55.10
CA VAL O 24 -55.40 -152.80 -54.81
C VAL O 24 -55.53 -151.29 -54.72
N ALA O 25 -56.40 -150.73 -55.57
CA ALA O 25 -56.75 -149.32 -55.53
C ALA O 25 -58.21 -149.20 -55.97
N GLY O 26 -59.11 -149.09 -55.00
CA GLY O 26 -60.54 -149.11 -55.28
C GLY O 26 -61.15 -150.48 -55.10
N GLY O 27 -60.85 -151.12 -53.98
CA GLY O 27 -61.37 -152.43 -53.66
C GLY O 27 -61.38 -152.65 -52.17
N ARG O 28 -61.36 -153.92 -51.78
CA ARG O 28 -61.33 -154.29 -50.38
C ARG O 28 -60.31 -155.42 -50.15
N VAL O 29 -59.79 -155.46 -48.93
CA VAL O 29 -58.85 -156.50 -48.51
C VAL O 29 -59.21 -156.92 -47.10
N PHE O 30 -59.38 -158.23 -46.88
CA PHE O 30 -59.58 -158.75 -45.53
C PHE O 30 -58.28 -158.65 -44.76
N VAL O 31 -58.28 -157.85 -43.68
CA VAL O 31 -57.06 -157.52 -42.96
C VAL O 31 -57.17 -158.06 -41.54
N LEU O 32 -56.22 -158.91 -41.16
CA LEU O 32 -56.09 -159.36 -39.77
C LEU O 32 -55.49 -158.23 -38.94
N PRO O 33 -55.96 -158.05 -37.69
CA PRO O 33 -55.48 -156.89 -36.93
C PRO O 33 -54.05 -157.03 -36.42
N CYS O 34 -53.68 -158.20 -35.91
CA CYS O 34 -52.37 -158.40 -35.31
C CYS O 34 -51.38 -159.08 -36.24
N ILE O 35 -51.75 -159.30 -37.51
CA ILE O 35 -50.89 -159.99 -38.47
C ILE O 35 -50.52 -159.09 -39.65
N GLN O 36 -51.47 -158.34 -40.18
CA GLN O 36 -51.23 -157.53 -41.36
C GLN O 36 -50.79 -156.11 -41.00
N GLN O 37 -50.09 -155.48 -41.92
CA GLN O 37 -49.61 -154.11 -41.77
C GLN O 37 -50.17 -153.26 -42.90
N ILE O 38 -50.66 -152.08 -42.57
CA ILE O 38 -51.40 -151.22 -43.49
C ILE O 38 -50.55 -150.02 -43.86
N GLN O 39 -50.42 -149.74 -45.15
CA GLN O 39 -49.75 -148.56 -45.66
C GLN O 39 -50.51 -148.05 -46.88
N ARG O 40 -50.41 -146.74 -47.12
CA ARG O 40 -51.22 -146.07 -48.12
C ARG O 40 -50.36 -145.16 -49.00
N ILE O 41 -50.78 -145.01 -50.25
CA ILE O 41 -50.21 -144.04 -51.18
C ILE O 41 -51.36 -143.25 -51.80
N SER O 42 -51.23 -141.92 -51.83
CA SER O 42 -52.21 -141.07 -52.47
C SER O 42 -51.89 -140.90 -53.95
N LEU O 43 -52.89 -141.18 -54.79
CA LEU O 43 -52.74 -141.11 -56.24
C LEU O 43 -53.22 -139.79 -56.82
N ASN O 44 -53.61 -138.84 -55.98
CA ASN O 44 -54.18 -137.60 -56.49
C ASN O 44 -53.12 -136.78 -57.22
N THR O 45 -53.53 -136.12 -58.29
CA THR O 45 -52.60 -135.38 -59.12
C THR O 45 -52.14 -134.11 -58.41
N LEU O 46 -50.83 -133.88 -58.38
CA LEU O 46 -50.25 -132.71 -57.75
C LEU O 46 -49.56 -131.86 -58.81
N THR O 47 -49.75 -130.55 -58.74
CA THR O 47 -49.12 -129.62 -59.67
C THR O 47 -47.74 -129.22 -59.16
N LEU O 48 -46.84 -128.97 -60.11
CA LEU O 48 -45.46 -128.63 -59.80
C LEU O 48 -45.09 -127.31 -60.45
N ASN O 49 -44.49 -126.42 -59.67
CA ASN O 49 -44.03 -125.13 -60.17
C ASN O 49 -42.54 -125.25 -60.50
N VAL O 50 -42.26 -125.81 -61.67
CA VAL O 50 -40.90 -126.10 -62.11
C VAL O 50 -40.26 -124.77 -62.50
N LYS O 51 -39.44 -124.22 -61.61
CA LYS O 51 -38.85 -122.90 -61.81
C LYS O 51 -37.37 -123.03 -62.14
N SER O 52 -36.94 -122.35 -63.20
CA SER O 52 -35.54 -122.28 -63.60
C SER O 52 -35.10 -120.83 -63.61
N GLU O 53 -34.02 -120.53 -62.91
CA GLU O 53 -33.53 -119.17 -62.75
C GLU O 53 -32.13 -119.06 -63.33
N LYS O 54 -31.94 -118.09 -64.24
CA LYS O 54 -30.63 -117.78 -64.82
C LYS O 54 -30.02 -119.02 -65.48
N VAL O 55 -30.73 -119.53 -66.49
CA VAL O 55 -30.31 -120.72 -67.22
C VAL O 55 -29.90 -120.30 -68.63
N TYR O 56 -28.79 -120.85 -69.11
CA TYR O 56 -28.25 -120.50 -70.40
C TYR O 56 -28.88 -121.33 -71.52
N THR O 57 -29.14 -120.68 -72.66
CA THR O 57 -29.68 -121.32 -73.84
C THR O 57 -28.55 -121.73 -74.76
N ARG O 58 -28.88 -122.14 -76.00
CA ARG O 58 -27.84 -122.69 -76.85
C ARG O 58 -27.02 -121.57 -77.47
N HIS O 59 -27.52 -120.33 -77.43
CA HIS O 59 -26.68 -119.15 -77.63
C HIS O 59 -25.94 -118.74 -76.36
N GLY O 60 -26.34 -119.24 -75.20
CA GLY O 60 -25.75 -118.83 -73.95
C GLY O 60 -26.44 -117.68 -73.24
N VAL O 61 -27.45 -117.07 -73.85
CA VAL O 61 -28.14 -115.96 -73.20
C VAL O 61 -28.92 -116.48 -71.99
N PRO O 62 -28.83 -115.82 -70.83
CA PRO O 62 -29.57 -116.29 -69.65
C PRO O 62 -30.97 -115.72 -69.63
N ILE O 63 -31.96 -116.59 -69.48
CA ILE O 63 -33.37 -116.19 -69.39
C ILE O 63 -34.01 -116.93 -68.22
N SER O 64 -34.81 -116.21 -67.44
CA SER O 64 -35.55 -116.81 -66.34
C SER O 64 -36.79 -117.50 -66.89
N VAL O 65 -36.87 -118.81 -66.70
CA VAL O 65 -37.93 -119.63 -67.28
C VAL O 65 -38.67 -120.35 -66.16
N THR O 66 -40.00 -120.24 -66.18
CA THR O 66 -40.85 -120.93 -65.21
C THR O 66 -41.71 -121.96 -65.93
N GLY O 67 -41.84 -123.13 -65.34
CA GLY O 67 -42.63 -124.20 -65.92
C GLY O 67 -43.60 -124.78 -64.91
N ILE O 68 -44.71 -125.30 -65.43
CA ILE O 68 -45.76 -125.91 -64.64
C ILE O 68 -46.00 -127.31 -65.17
N ALA O 69 -46.09 -128.28 -64.27
CA ALA O 69 -46.29 -129.68 -64.64
C ALA O 69 -47.40 -130.29 -63.80
N GLN O 70 -48.15 -131.21 -64.40
CA GLN O 70 -49.17 -131.98 -63.71
C GLN O 70 -48.77 -133.45 -63.73
N VAL O 71 -48.38 -133.97 -62.58
CA VAL O 71 -47.84 -135.32 -62.47
C VAL O 71 -48.77 -136.17 -61.61
N LYS O 72 -48.96 -137.42 -62.02
CA LYS O 72 -49.85 -138.35 -61.34
C LYS O 72 -49.24 -139.75 -61.40
N ILE O 73 -49.63 -140.57 -60.43
CA ILE O 73 -49.16 -141.94 -60.33
C ILE O 73 -50.16 -142.82 -61.07
N GLN O 74 -49.75 -143.36 -62.22
CA GLN O 74 -50.67 -144.16 -63.03
C GLN O 74 -50.92 -145.51 -62.41
N GLY O 75 -51.92 -145.60 -61.52
CA GLY O 75 -52.24 -146.84 -60.86
C GLY O 75 -52.89 -147.87 -61.76
N GLN O 76 -53.27 -147.51 -62.98
CA GLN O 76 -53.84 -148.48 -63.91
C GLN O 76 -52.81 -149.54 -64.28
N ASN O 77 -51.55 -149.15 -64.47
CA ASN O 77 -50.51 -150.10 -64.81
C ASN O 77 -50.05 -150.82 -63.55
N LYS O 78 -50.23 -152.15 -63.53
CA LYS O 78 -49.86 -152.94 -62.37
C LYS O 78 -48.35 -152.90 -62.13
N GLU O 79 -47.57 -153.03 -63.21
CA GLU O 79 -46.12 -153.05 -63.06
C GLU O 79 -45.59 -151.72 -62.55
N MET O 80 -46.06 -150.61 -63.12
CA MET O 80 -45.58 -149.31 -62.70
C MET O 80 -46.00 -149.01 -61.26
N LEU O 81 -47.24 -149.36 -60.91
CA LEU O 81 -47.69 -149.13 -59.54
C LEU O 81 -46.89 -149.97 -58.55
N ALA O 82 -46.62 -151.23 -58.90
CA ALA O 82 -45.82 -152.08 -58.03
C ALA O 82 -44.41 -151.53 -57.86
N ALA O 83 -43.83 -151.01 -58.94
CA ALA O 83 -42.53 -150.37 -58.84
C ALA O 83 -42.59 -149.15 -57.93
N ALA O 84 -43.63 -148.33 -58.07
CA ALA O 84 -43.73 -147.09 -57.30
C ALA O 84 -43.94 -147.37 -55.82
N CYS O 85 -44.68 -148.44 -55.50
CA CYS O 85 -44.96 -148.75 -54.10
C CYS O 85 -43.69 -149.12 -53.34
N GLN O 86 -42.64 -149.53 -54.05
CA GLN O 86 -41.41 -149.95 -53.39
C GLN O 86 -40.68 -148.79 -52.72
N MET O 87 -40.97 -147.55 -53.10
CA MET O 87 -40.33 -146.40 -52.46
C MET O 87 -41.29 -145.31 -52.04
N PHE O 88 -42.52 -145.26 -52.55
CA PHE O 88 -43.39 -144.14 -52.24
C PHE O 88 -44.27 -144.37 -51.01
N LEU O 89 -44.29 -145.58 -50.47
CA LEU O 89 -44.95 -145.80 -49.18
C LEU O 89 -44.20 -145.07 -48.08
N GLY O 90 -44.94 -144.41 -47.20
CA GLY O 90 -44.36 -143.71 -46.08
C GLY O 90 -43.81 -142.34 -46.38
N LYS O 91 -43.96 -141.86 -47.61
CA LYS O 91 -43.49 -140.53 -47.99
C LYS O 91 -44.68 -139.58 -48.08
N THR O 92 -44.52 -138.40 -47.48
CA THR O 92 -45.56 -137.40 -47.48
C THR O 92 -45.75 -136.80 -48.88
N GLU O 93 -46.87 -136.10 -49.05
CA GLU O 93 -47.15 -135.46 -50.34
C GLU O 93 -46.12 -134.40 -50.67
N ALA O 94 -45.66 -133.65 -49.66
CA ALA O 94 -44.70 -132.58 -49.91
C ALA O 94 -43.39 -133.12 -50.48
N GLU O 95 -42.84 -134.17 -49.86
CA GLU O 95 -41.59 -134.74 -50.34
C GLU O 95 -41.76 -135.41 -51.69
N ILE O 96 -42.89 -136.09 -51.89
CA ILE O 96 -43.18 -136.72 -53.17
C ILE O 96 -43.20 -135.67 -54.28
N ALA O 97 -43.87 -134.56 -54.03
CA ALA O 97 -43.86 -133.46 -55.00
C ALA O 97 -42.46 -132.90 -55.20
N HIS O 98 -41.74 -132.69 -54.11
CA HIS O 98 -40.45 -132.01 -54.17
C HIS O 98 -39.40 -132.79 -54.94
N ILE O 99 -39.33 -134.12 -54.75
CA ILE O 99 -38.30 -134.91 -55.43
C ILE O 99 -38.54 -134.91 -56.94
N ALA O 100 -39.78 -135.18 -57.35
CA ALA O 100 -40.09 -135.15 -58.77
C ALA O 100 -39.95 -133.75 -59.34
N LEU O 101 -40.17 -132.72 -58.51
CA LEU O 101 -39.97 -131.34 -58.96
C LEU O 101 -38.51 -131.10 -59.33
N GLU O 102 -37.59 -131.55 -58.47
CA GLU O 102 -36.17 -131.40 -58.78
C GLU O 102 -35.79 -132.21 -60.01
N THR O 103 -36.33 -133.42 -60.15
CA THR O 103 -36.00 -134.22 -61.32
C THR O 103 -36.48 -133.54 -62.60
N LEU O 104 -37.72 -133.06 -62.62
CA LEU O 104 -38.26 -132.41 -63.81
C LEU O 104 -37.53 -131.11 -64.08
N GLU O 105 -37.12 -130.40 -63.03
CA GLU O 105 -36.30 -129.20 -63.22
C GLU O 105 -34.98 -129.56 -63.87
N GLY O 106 -34.36 -130.66 -63.45
CA GLY O 106 -33.15 -131.11 -64.11
C GLY O 106 -33.37 -131.38 -65.58
N HIS O 107 -34.45 -132.08 -65.91
CA HIS O 107 -34.74 -132.37 -67.32
C HIS O 107 -34.98 -131.08 -68.12
N GLN O 108 -35.76 -130.16 -67.57
CA GLN O 108 -36.05 -128.92 -68.29
C GLN O 108 -34.80 -128.08 -68.49
N ARG O 109 -34.02 -127.89 -67.43
CA ARG O 109 -32.81 -127.09 -67.51
C ARG O 109 -31.77 -127.75 -68.40
N ALA O 110 -31.80 -129.09 -68.51
CA ALA O 110 -30.92 -129.76 -69.45
C ALA O 110 -31.36 -129.53 -70.89
N ILE O 111 -32.67 -129.63 -71.15
CA ILE O 111 -33.18 -129.39 -72.50
C ILE O 111 -33.18 -127.92 -72.86
N MET O 112 -32.90 -127.02 -71.90
CA MET O 112 -32.82 -125.60 -72.20
C MET O 112 -31.79 -125.31 -73.28
N ALA O 113 -30.65 -126.00 -73.24
CA ALA O 113 -29.60 -125.76 -74.20
C ALA O 113 -29.86 -126.45 -75.54
N HIS O 114 -30.90 -127.26 -75.64
CA HIS O 114 -31.21 -127.86 -76.93
C HIS O 114 -31.92 -126.87 -77.84
N MET O 115 -33.01 -126.27 -77.37
CA MET O 115 -33.81 -125.33 -78.14
C MET O 115 -33.49 -123.91 -77.70
N THR O 116 -33.25 -123.04 -78.69
CA THR O 116 -32.98 -121.64 -78.41
C THR O 116 -34.25 -120.89 -78.04
N VAL O 117 -34.06 -119.70 -77.47
CA VAL O 117 -35.20 -118.90 -77.03
C VAL O 117 -36.10 -118.56 -78.22
N GLU O 118 -35.48 -118.18 -79.35
CA GLU O 118 -36.24 -117.94 -80.57
C GLU O 118 -37.11 -119.15 -80.90
N GLU O 119 -36.58 -120.35 -80.66
CA GLU O 119 -37.39 -121.55 -80.86
C GLU O 119 -38.44 -121.70 -79.78
N ILE O 120 -38.11 -121.38 -78.52
CA ILE O 120 -39.02 -121.73 -77.43
C ILE O 120 -40.29 -120.89 -77.47
N TYR O 121 -40.18 -119.59 -77.76
CA TYR O 121 -41.44 -118.84 -77.75
C TYR O 121 -42.19 -118.96 -79.06
N LYS O 122 -41.49 -119.16 -80.18
CA LYS O 122 -42.15 -119.34 -81.46
C LYS O 122 -42.62 -120.78 -81.65
N ASP O 123 -41.67 -121.72 -81.69
CA ASP O 123 -41.99 -123.12 -81.88
C ASP O 123 -42.07 -123.82 -80.53
N ARG O 124 -43.22 -123.74 -79.88
CA ARG O 124 -43.38 -124.24 -78.52
C ARG O 124 -43.96 -125.65 -78.49
N GLN O 125 -44.72 -126.02 -79.52
CA GLN O 125 -45.39 -127.32 -79.51
C GLN O 125 -44.37 -128.46 -79.59
N LYS O 126 -43.43 -128.38 -80.52
CA LYS O 126 -42.42 -129.42 -80.63
C LYS O 126 -41.53 -129.46 -79.40
N PHE O 127 -41.17 -128.29 -78.87
CA PHE O 127 -40.44 -128.23 -77.61
C PHE O 127 -41.16 -128.96 -76.50
N SER O 128 -42.44 -128.65 -76.30
CA SER O 128 -43.21 -129.27 -75.23
C SER O 128 -43.34 -130.77 -75.44
N GLU O 129 -43.53 -131.19 -76.69
CA GLU O 129 -43.67 -132.62 -76.96
C GLU O 129 -42.37 -133.37 -76.66
N GLN O 130 -41.22 -132.81 -77.05
CA GLN O 130 -39.95 -133.48 -76.76
C GLN O 130 -39.67 -133.50 -75.25
N VAL O 131 -39.95 -132.39 -74.57
CA VAL O 131 -39.77 -132.34 -73.12
C VAL O 131 -40.64 -133.41 -72.46
N PHE O 132 -41.91 -133.48 -72.86
CA PHE O 132 -42.81 -134.47 -72.30
C PHE O 132 -42.31 -135.88 -72.56
N LYS O 133 -41.86 -136.16 -73.79
CA LYS O 133 -41.37 -137.49 -74.11
C LYS O 133 -40.20 -137.89 -73.21
N VAL O 134 -39.17 -137.06 -73.15
CA VAL O 134 -37.96 -137.42 -72.41
C VAL O 134 -38.24 -137.51 -70.93
N ALA O 135 -38.93 -136.50 -70.38
CA ALA O 135 -39.23 -136.50 -68.96
C ALA O 135 -40.14 -137.66 -68.58
N SER O 136 -41.15 -137.95 -69.42
CA SER O 136 -42.04 -139.06 -69.12
C SER O 136 -41.29 -140.39 -69.17
N SER O 137 -40.38 -140.55 -70.13
CA SER O 137 -39.59 -141.79 -70.15
C SER O 137 -38.78 -141.93 -68.86
N ASP O 138 -38.01 -140.91 -68.51
CA ASP O 138 -37.11 -141.04 -67.37
C ASP O 138 -37.87 -141.06 -66.04
N LEU O 139 -39.12 -140.60 -66.04
CA LEU O 139 -39.88 -140.57 -64.80
C LEU O 139 -40.75 -141.80 -64.64
N VAL O 140 -41.21 -142.39 -65.75
CA VAL O 140 -41.81 -143.72 -65.71
C VAL O 140 -40.75 -144.74 -65.31
N ASN O 141 -39.51 -144.52 -65.73
CA ASN O 141 -38.40 -145.30 -65.18
C ASN O 141 -38.36 -145.18 -63.65
N MET O 142 -38.62 -143.98 -63.14
CA MET O 142 -38.68 -143.80 -61.69
C MET O 142 -40.04 -144.23 -61.16
N GLY O 143 -41.11 -144.02 -61.93
CA GLY O 143 -42.42 -144.50 -61.55
C GLY O 143 -43.57 -143.51 -61.61
N ILE O 144 -43.31 -142.25 -61.95
CA ILE O 144 -44.36 -141.24 -62.07
C ILE O 144 -44.50 -140.86 -63.54
N SER O 145 -45.74 -140.79 -64.01
CA SER O 145 -46.04 -140.37 -65.37
C SER O 145 -46.61 -138.95 -65.33
N VAL O 146 -46.01 -138.06 -66.12
CA VAL O 146 -46.44 -136.67 -66.18
C VAL O 146 -47.67 -136.59 -67.07
N VAL O 147 -48.77 -136.06 -66.53
CA VAL O 147 -50.00 -135.93 -67.32
C VAL O 147 -49.80 -134.90 -68.42
N SER O 148 -49.26 -133.73 -68.08
CA SER O 148 -49.04 -132.66 -69.04
C SER O 148 -48.04 -131.67 -68.46
N TYR O 149 -47.08 -131.27 -69.29
CA TYR O 149 -46.08 -130.29 -68.92
C TYR O 149 -46.26 -129.04 -69.77
N THR O 150 -46.08 -127.88 -69.16
CA THR O 150 -46.17 -126.61 -69.87
C THR O 150 -45.11 -125.67 -69.33
N LEU O 151 -44.88 -124.58 -70.06
CA LEU O 151 -43.94 -123.54 -69.67
C LEU O 151 -44.73 -122.33 -69.20
N LYS O 152 -44.49 -121.92 -67.95
CA LYS O 152 -45.30 -120.88 -67.34
C LYS O 152 -44.95 -119.50 -67.90
N ASP O 153 -43.72 -119.07 -67.70
CA ASP O 153 -43.31 -117.73 -68.12
C ASP O 153 -41.85 -117.75 -68.53
N ILE O 154 -41.49 -116.83 -69.41
CA ILE O 154 -40.11 -116.60 -69.82
C ILE O 154 -39.76 -115.16 -69.49
N HIS O 155 -38.65 -114.97 -68.78
CA HIS O 155 -38.22 -113.65 -68.37
C HIS O 155 -36.76 -113.45 -68.73
N ASP O 156 -36.42 -112.23 -69.13
CA ASP O 156 -35.05 -111.88 -69.49
C ASP O 156 -34.64 -110.64 -68.70
N ASP O 157 -33.61 -110.77 -67.87
CA ASP O 157 -33.07 -109.66 -67.11
C ASP O 157 -31.96 -108.92 -67.86
N GLN O 158 -31.58 -109.41 -69.04
CA GLN O 158 -30.50 -108.81 -69.82
C GLN O 158 -31.02 -107.87 -70.91
N ASP O 159 -32.34 -107.64 -70.96
CA ASP O 159 -33.01 -106.84 -71.99
C ASP O 159 -32.83 -107.44 -73.38
N TYR O 160 -32.68 -108.76 -73.48
CA TYR O 160 -32.45 -109.39 -74.78
C TYR O 160 -33.69 -109.32 -75.67
N LEU O 161 -34.86 -109.57 -75.10
CA LEU O 161 -36.07 -109.71 -75.91
C LEU O 161 -36.82 -108.40 -76.05
N HIS O 162 -36.52 -107.43 -75.17
CA HIS O 162 -37.22 -106.15 -75.21
C HIS O 162 -36.97 -105.42 -76.52
N SER O 163 -35.73 -105.46 -77.02
CA SER O 163 -35.43 -104.81 -78.30
C SER O 163 -36.15 -105.50 -79.45
N LEU O 164 -36.20 -106.83 -79.43
CA LEU O 164 -36.94 -107.56 -80.46
C LEU O 164 -38.40 -107.18 -80.45
N GLY O 165 -38.97 -106.97 -79.26
CA GLY O 165 -40.33 -106.46 -79.19
C GLY O 165 -40.45 -105.04 -79.71
N LYS O 166 -39.47 -104.19 -79.38
CA LYS O 166 -39.56 -102.77 -79.70
C LYS O 166 -39.43 -102.53 -81.20
N ALA O 167 -38.78 -103.45 -81.92
CA ALA O 167 -38.65 -103.31 -83.37
C ALA O 167 -40.01 -103.18 -84.06
N ARG O 168 -40.92 -104.09 -83.75
CA ARG O 168 -42.25 -104.06 -84.37
C ARG O 168 -43.05 -102.85 -83.91
N THR O 169 -42.84 -102.43 -82.66
CA THR O 169 -43.52 -101.22 -82.18
C THR O 169 -43.10 -100.01 -82.99
N ALA O 170 -41.81 -99.89 -83.30
CA ALA O 170 -41.38 -98.81 -84.20
C ALA O 170 -41.99 -98.98 -85.58
N GLN O 171 -42.03 -100.23 -86.06
CA GLN O 171 -42.54 -100.47 -87.41
C GLN O 171 -44.03 -100.12 -87.53
N VAL O 172 -44.76 -100.15 -86.42
CA VAL O 172 -46.17 -99.77 -86.47
C VAL O 172 -46.32 -98.28 -86.17
N GLN O 173 -45.41 -97.72 -85.36
CA GLN O 173 -45.48 -96.30 -85.09
C GLN O 173 -45.20 -95.47 -86.33
N LYS O 174 -44.40 -96.00 -87.26
CA LYS O 174 -44.21 -95.28 -88.52
C LYS O 174 -45.53 -95.16 -89.28
N ASP O 175 -46.34 -96.23 -89.28
CA ASP O 175 -47.67 -96.17 -89.87
C ASP O 175 -48.58 -95.22 -89.10
N ALA O 176 -48.47 -95.22 -87.76
CA ALA O 176 -49.26 -94.29 -86.95
C ALA O 176 -48.95 -92.85 -87.33
N ARG O 177 -47.68 -92.55 -87.62
CA ARG O 177 -47.32 -91.19 -88.01
C ARG O 177 -47.72 -90.89 -89.45
N ILE O 178 -47.63 -91.88 -90.33
CA ILE O 178 -47.98 -91.64 -91.74
C ILE O 178 -49.46 -91.32 -91.87
N GLY O 179 -50.31 -91.98 -91.08
CA GLY O 179 -51.73 -91.66 -91.11
C GLY O 179 -52.01 -90.24 -90.66
N GLU O 180 -51.34 -89.81 -89.59
CA GLU O 180 -51.52 -88.44 -89.09
C GLU O 180 -51.05 -87.43 -90.12
N ALA O 181 -49.93 -87.72 -90.80
CA ALA O 181 -49.44 -86.81 -91.83
C ALA O 181 -50.43 -86.70 -92.99
N GLU O 182 -50.97 -87.83 -93.44
CA GLU O 182 -52.04 -87.80 -94.45
C GLU O 182 -53.19 -86.91 -94.00
N ALA O 183 -53.70 -87.15 -92.79
CA ALA O 183 -54.86 -86.40 -92.32
C ALA O 183 -54.57 -84.91 -92.22
N LYS O 184 -53.41 -84.55 -91.67
CA LYS O 184 -53.06 -83.14 -91.51
C LYS O 184 -52.92 -82.44 -92.85
N ARG O 185 -52.22 -83.06 -93.81
CA ARG O 185 -52.08 -82.42 -95.12
C ARG O 185 -53.44 -82.26 -95.79
N ASP O 186 -54.28 -83.30 -95.74
CA ASP O 186 -55.58 -83.23 -96.39
C ASP O 186 -56.47 -82.18 -95.75
N ALA O 187 -56.40 -82.02 -94.43
CA ALA O 187 -57.19 -80.99 -93.78
C ALA O 187 -56.68 -79.60 -94.13
N GLY O 188 -55.36 -79.39 -94.01
CA GLY O 188 -54.80 -78.08 -94.23
C GLY O 188 -54.98 -77.55 -95.63
N ILE O 189 -54.84 -78.41 -96.64
CA ILE O 189 -54.96 -77.95 -98.02
C ILE O 189 -56.30 -77.25 -98.26
N ARG O 190 -57.41 -77.92 -97.97
CA ARG O 190 -58.71 -77.33 -98.22
C ARG O 190 -59.11 -76.30 -97.19
N GLU O 191 -58.61 -76.39 -95.95
CA GLU O 191 -58.85 -75.30 -95.01
C GLU O 191 -58.25 -74.00 -95.51
N ALA O 192 -57.00 -74.04 -95.98
CA ALA O 192 -56.38 -72.85 -96.53
C ALA O 192 -57.10 -72.38 -97.77
N LYS O 193 -57.53 -73.30 -98.63
CA LYS O 193 -58.25 -72.88 -99.83
C LYS O 193 -59.56 -72.17 -99.49
N ALA O 194 -60.34 -72.70 -98.54
CA ALA O 194 -61.59 -72.06 -98.15
C ALA O 194 -61.33 -70.70 -97.51
N LYS O 195 -60.29 -70.62 -96.68
CA LYS O 195 -59.85 -69.33 -96.15
C LYS O 195 -59.60 -68.34 -97.27
N GLN O 196 -58.93 -68.80 -98.33
CA GLN O 196 -58.63 -67.94 -99.47
C GLN O 196 -59.89 -67.41 -100.13
N GLU O 197 -60.84 -68.30 -100.40
CA GLU O 197 -62.07 -67.83 -101.04
C GLU O 197 -62.83 -66.84 -100.16
N LYS O 198 -62.90 -67.08 -98.85
CA LYS O 198 -63.70 -66.17 -98.04
C LYS O 198 -63.04 -64.79 -97.98
N VAL O 199 -61.71 -64.76 -97.88
CA VAL O 199 -61.03 -63.47 -97.87
C VAL O 199 -61.19 -62.75 -99.21
N SER O 200 -61.09 -63.49 -100.31
CA SER O 200 -61.27 -62.87 -101.62
C SER O 200 -62.65 -62.25 -101.76
N ALA O 201 -63.69 -62.97 -101.33
CA ALA O 201 -65.04 -62.43 -101.38
C ALA O 201 -65.23 -61.24 -100.44
N GLN O 202 -64.63 -61.28 -99.26
CA GLN O 202 -64.74 -60.16 -98.33
C GLN O 202 -64.12 -58.90 -98.93
N TYR O 203 -62.95 -59.03 -99.56
CA TYR O 203 -62.35 -57.86 -100.19
C TYR O 203 -63.14 -57.41 -101.41
N LEU O 204 -63.74 -58.35 -102.15
CA LEU O 204 -64.60 -57.94 -103.26
C LEU O 204 -65.78 -57.10 -102.76
N SER O 205 -66.37 -57.50 -101.63
CA SER O 205 -67.44 -56.69 -101.03
C SER O 205 -66.91 -55.34 -100.56
N GLU O 206 -65.73 -55.33 -99.96
CA GLU O 206 -65.13 -54.06 -99.52
C GLU O 206 -64.84 -53.12 -100.68
N ILE O 207 -64.69 -53.64 -101.90
CA ILE O 207 -64.58 -52.77 -103.07
C ILE O 207 -65.85 -51.95 -103.24
N GLU O 208 -67.01 -52.62 -103.22
CA GLU O 208 -68.28 -51.90 -103.31
C GLU O 208 -68.50 -51.01 -102.10
N MET O 209 -67.96 -51.39 -100.94
CA MET O 209 -67.98 -50.49 -99.80
C MET O 209 -67.35 -49.15 -100.15
N ALA O 210 -66.17 -49.17 -100.76
CA ALA O 210 -65.50 -47.94 -101.14
C ALA O 210 -66.23 -47.23 -102.28
N LYS O 211 -66.84 -47.99 -103.19
CA LYS O 211 -67.71 -47.37 -104.20
C LYS O 211 -68.78 -46.51 -103.56
N ALA O 212 -69.52 -47.08 -102.61
CA ALA O 212 -70.57 -46.32 -101.94
C ALA O 212 -70.00 -45.18 -101.11
N GLN O 213 -68.84 -45.40 -100.48
CA GLN O 213 -68.22 -44.34 -99.69
C GLN O 213 -67.88 -43.13 -100.56
N ARG O 214 -67.30 -43.38 -101.74
CA ARG O 214 -67.06 -42.31 -102.68
C ARG O 214 -68.36 -41.64 -103.10
N ASP O 215 -69.35 -42.44 -103.50
CA ASP O 215 -70.61 -41.90 -103.99
C ASP O 215 -71.28 -40.99 -102.97
N TYR O 216 -71.11 -41.26 -101.68
CA TYR O 216 -71.67 -40.42 -100.63
C TYR O 216 -70.79 -39.23 -100.31
N GLU O 217 -69.50 -39.45 -100.10
CA GLU O 217 -68.59 -38.39 -99.66
C GLU O 217 -68.42 -37.30 -100.71
N LEU O 218 -68.31 -37.67 -101.97
CA LEU O 218 -68.11 -36.66 -103.01
C LEU O 218 -69.30 -35.73 -103.10
N LYS O 219 -70.52 -36.27 -103.08
CA LYS O 219 -71.71 -35.43 -103.10
C LYS O 219 -71.82 -34.60 -101.83
N LYS O 220 -71.49 -35.17 -100.68
CA LYS O 220 -71.55 -34.39 -99.45
C LYS O 220 -70.62 -33.18 -99.52
N ALA O 221 -69.40 -33.40 -100.00
CA ALA O 221 -68.45 -32.29 -100.12
C ALA O 221 -68.92 -31.27 -101.15
N ALA O 222 -69.48 -31.74 -102.27
CA ALA O 222 -69.96 -30.82 -103.29
C ALA O 222 -71.08 -29.94 -102.76
N TYR O 223 -71.98 -30.51 -101.96
CA TYR O 223 -73.04 -29.73 -101.35
C TYR O 223 -72.49 -28.79 -100.29
N ASP O 224 -71.48 -29.24 -99.54
CA ASP O 224 -70.87 -28.39 -98.53
C ASP O 224 -70.23 -27.16 -99.15
N ILE O 225 -69.66 -27.30 -100.36
CA ILE O 225 -69.07 -26.14 -101.03
C ILE O 225 -70.12 -25.04 -101.20
N GLU O 226 -71.29 -25.41 -101.73
CA GLU O 226 -72.34 -24.43 -101.96
C GLU O 226 -72.85 -23.83 -100.66
N VAL O 227 -73.07 -24.67 -99.64
CA VAL O 227 -73.61 -24.13 -98.39
C VAL O 227 -72.60 -23.19 -97.73
N ASN O 228 -71.31 -23.52 -97.80
CA ASN O 228 -70.30 -22.63 -97.24
C ASN O 228 -70.23 -21.32 -97.98
N THR O 229 -70.32 -21.35 -99.31
CA THR O 229 -70.30 -20.09 -100.06
C THR O 229 -71.49 -19.20 -99.69
N ARG O 230 -72.69 -19.79 -99.64
CA ARG O 230 -73.86 -18.98 -99.29
C ARG O 230 -73.80 -18.47 -97.87
N ARG O 231 -73.33 -19.29 -96.92
CA ARG O 231 -73.18 -18.82 -95.55
C ARG O 231 -72.16 -17.70 -95.44
N ALA O 232 -71.06 -17.79 -96.19
CA ALA O 232 -70.08 -16.72 -96.19
C ALA O 232 -70.66 -15.42 -96.71
N GLN O 233 -71.46 -15.49 -97.78
CA GLN O 233 -72.14 -14.30 -98.26
C GLN O 233 -73.09 -13.73 -97.21
N ALA O 234 -73.86 -14.61 -96.56
CA ALA O 234 -74.87 -14.16 -95.61
C ALA O 234 -74.24 -13.49 -94.40
N ASP O 235 -73.09 -14.00 -93.95
CA ASP O 235 -72.45 -13.41 -92.77
C ASP O 235 -72.06 -11.96 -93.01
N LEU O 236 -71.48 -11.66 -94.16
CA LEU O 236 -70.94 -10.33 -94.43
C LEU O 236 -71.93 -9.39 -95.10
N ALA O 237 -73.12 -9.88 -95.49
CA ALA O 237 -74.15 -8.96 -95.96
C ALA O 237 -74.47 -7.90 -94.91
N TYR O 238 -74.47 -8.29 -93.63
CA TYR O 238 -74.76 -7.35 -92.56
C TYR O 238 -73.74 -6.22 -92.52
N GLN O 239 -72.45 -6.56 -92.58
CA GLN O 239 -71.41 -5.54 -92.57
C GLN O 239 -71.49 -4.67 -93.82
N LEU O 240 -71.77 -5.27 -94.97
CA LEU O 240 -71.92 -4.47 -96.18
C LEU O 240 -73.01 -3.42 -96.04
N GLN O 241 -74.18 -3.84 -95.55
CA GLN O 241 -75.29 -2.89 -95.42
C GLN O 241 -75.02 -1.85 -94.34
N VAL O 242 -74.39 -2.25 -93.22
CA VAL O 242 -74.14 -1.29 -92.16
C VAL O 242 -73.14 -0.23 -92.62
N ALA O 243 -72.16 -0.64 -93.44
CA ALA O 243 -71.26 0.36 -94.02
C ALA O 243 -72.00 1.26 -95.00
N LYS O 244 -72.85 0.68 -95.84
CA LYS O 244 -73.56 1.48 -96.84
C LYS O 244 -74.43 2.53 -96.18
N THR O 245 -75.03 2.21 -95.04
CA THR O 245 -75.85 3.20 -94.34
C THR O 245 -75.03 4.12 -93.43
N LYS O 246 -73.90 3.65 -92.90
CA LYS O 246 -72.98 4.53 -92.20
C LYS O 246 -72.46 5.62 -93.12
N GLN O 247 -72.44 5.36 -94.43
CA GLN O 247 -72.13 6.43 -95.38
C GLN O 247 -73.03 7.65 -95.14
N GLN O 248 -74.34 7.43 -95.12
CA GLN O 248 -75.27 8.54 -94.89
C GLN O 248 -75.21 9.05 -93.46
N ILE O 249 -74.97 8.15 -92.51
CA ILE O 249 -74.82 8.57 -91.12
C ILE O 249 -73.73 9.64 -91.01
N GLU O 250 -72.57 9.36 -91.60
CA GLU O 250 -71.47 10.32 -91.59
C GLU O 250 -71.76 11.53 -92.47
N GLU O 251 -72.44 11.33 -93.60
CA GLU O 251 -72.78 12.44 -94.48
C GLU O 251 -73.57 13.51 -93.74
N GLN O 252 -74.47 13.11 -92.84
CA GLN O 252 -75.21 14.08 -92.05
C GLN O 252 -74.47 14.53 -90.79
N ARG O 253 -73.73 13.61 -90.15
CA ARG O 253 -72.98 13.97 -88.96
C ARG O 253 -71.89 14.99 -89.28
N VAL O 254 -71.53 15.13 -90.56
CA VAL O 254 -70.63 16.20 -90.95
C VAL O 254 -71.39 17.43 -91.46
N GLN O 255 -72.59 17.24 -92.00
CA GLN O 255 -73.43 18.37 -92.39
C GLN O 255 -73.79 19.26 -91.21
N VAL O 256 -73.92 18.67 -90.02
CA VAL O 256 -74.15 19.50 -88.85
C VAL O 256 -72.98 20.48 -88.66
N GLN O 257 -71.74 20.05 -88.95
CA GLN O 257 -70.59 20.96 -88.88
C GLN O 257 -70.70 22.08 -89.91
N VAL O 258 -71.18 21.77 -91.12
CA VAL O 258 -71.37 22.81 -92.13
C VAL O 258 -72.34 23.85 -91.62
N VAL O 259 -73.44 23.41 -90.99
CA VAL O 259 -74.39 24.36 -90.43
C VAL O 259 -73.74 25.20 -89.33
N GLU O 260 -72.97 24.57 -88.45
CA GLU O 260 -72.25 25.29 -87.40
C GLU O 260 -71.40 26.40 -87.98
N ARG O 261 -70.59 26.10 -88.99
CA ARG O 261 -69.70 27.13 -89.52
C ARG O 261 -70.46 28.19 -90.31
N ALA O 262 -71.48 27.78 -91.07
CA ALA O 262 -72.28 28.72 -91.83
C ALA O 262 -73.11 29.65 -90.96
N GLN O 263 -73.25 29.35 -89.67
CA GLN O 263 -73.81 30.33 -88.75
C GLN O 263 -72.76 31.07 -87.92
N GLN O 264 -71.61 30.45 -87.66
CA GLN O 264 -70.51 31.21 -87.07
C GLN O 264 -70.07 32.36 -87.96
N VAL O 265 -70.24 32.22 -89.29
CA VAL O 265 -69.93 33.34 -90.16
C VAL O 265 -70.86 34.51 -89.88
N ALA O 266 -72.14 34.24 -89.59
CA ALA O 266 -73.06 35.33 -89.21
C ALA O 266 -72.71 35.89 -87.84
N VAL O 267 -72.26 35.03 -86.93
CA VAL O 267 -71.77 35.51 -85.64
C VAL O 267 -70.66 36.53 -85.86
N GLN O 268 -69.70 36.22 -86.72
CA GLN O 268 -68.62 37.16 -87.01
C GLN O 268 -69.13 38.37 -87.79
N GLU O 269 -70.18 38.21 -88.58
CA GLU O 269 -70.75 39.34 -89.30
C GLU O 269 -71.31 40.36 -88.31
N GLN O 270 -71.88 39.91 -87.21
CA GLN O 270 -72.28 40.84 -86.16
C GLN O 270 -71.07 41.32 -85.37
N GLU O 271 -70.06 40.46 -85.20
CA GLU O 271 -68.88 40.82 -84.42
C GLU O 271 -68.10 41.96 -85.08
N ILE O 272 -68.11 42.04 -86.41
CA ILE O 272 -67.36 43.11 -87.06
C ILE O 272 -67.93 44.47 -86.69
N ALA O 273 -69.26 44.61 -86.69
CA ALA O 273 -69.86 45.87 -86.30
C ALA O 273 -69.73 46.12 -84.80
N ARG O 274 -69.79 45.05 -84.00
CA ARG O 274 -69.56 45.23 -82.57
C ARG O 274 -68.15 45.77 -82.32
N ARG O 275 -67.16 45.23 -83.02
CA ARG O 275 -65.79 45.74 -82.92
C ARG O 275 -65.69 47.17 -83.43
N GLU O 276 -66.36 47.49 -84.54
CA GLU O 276 -66.46 48.88 -84.98
C GLU O 276 -66.84 49.79 -83.82
N LYS O 277 -68.01 49.54 -83.23
CA LYS O 277 -68.52 50.43 -82.20
C LYS O 277 -67.60 50.46 -80.97
N GLU O 278 -67.21 49.28 -80.48
CA GLU O 278 -66.42 49.22 -79.26
C GLU O 278 -65.06 49.86 -79.44
N LEU O 279 -64.40 49.59 -80.56
CA LEU O 279 -63.10 50.17 -80.85
C LEU O 279 -63.20 51.68 -81.00
N GLU O 280 -64.24 52.16 -81.68
CA GLU O 280 -64.44 53.60 -81.75
C GLU O 280 -64.55 54.20 -80.35
N ALA O 281 -65.41 53.64 -79.52
CA ALA O 281 -65.63 54.17 -78.17
C ALA O 281 -64.35 54.15 -77.34
N ARG O 282 -63.55 53.08 -77.43
CA ARG O 282 -62.39 52.92 -76.56
C ARG O 282 -61.11 53.48 -77.14
N VAL O 283 -61.11 53.96 -78.39
CA VAL O 283 -59.88 54.50 -78.97
C VAL O 283 -60.09 55.92 -79.49
N ARG O 284 -61.06 56.12 -80.38
CA ARG O 284 -61.16 57.38 -81.09
C ARG O 284 -61.58 58.52 -80.16
N LYS O 285 -62.63 58.29 -79.36
CA LYS O 285 -63.05 59.31 -78.42
C LYS O 285 -62.00 59.63 -77.36
N PRO O 286 -61.34 58.66 -76.73
CA PRO O 286 -60.23 59.01 -75.83
C PRO O 286 -59.12 59.79 -76.51
N ALA O 287 -58.82 59.48 -77.78
CA ALA O 287 -57.81 60.23 -78.50
C ALA O 287 -58.24 61.68 -78.72
N GLU O 288 -59.51 61.90 -79.09
CA GLU O 288 -60.00 63.26 -79.24
C GLU O 288 -59.96 64.02 -77.92
N ALA O 289 -60.36 63.37 -76.82
CA ALA O 289 -60.33 64.02 -75.52
C ALA O 289 -58.91 64.36 -75.10
N GLU O 290 -57.95 63.45 -75.34
CA GLU O 290 -56.57 63.72 -75.01
C GLU O 290 -56.00 64.85 -75.86
N ARG O 291 -56.37 64.90 -77.14
CA ARG O 291 -55.93 66.00 -77.98
C ARG O 291 -56.46 67.34 -77.46
N TYR O 292 -57.72 67.38 -77.07
CA TYR O 292 -58.28 68.62 -76.54
C TYR O 292 -57.59 69.02 -75.24
N LYS O 293 -57.32 68.04 -74.37
CA LYS O 293 -56.62 68.31 -73.13
C LYS O 293 -55.23 68.88 -73.38
N LEU O 294 -54.49 68.26 -74.31
CA LEU O 294 -53.17 68.77 -74.64
C LEU O 294 -53.23 70.16 -75.24
N GLU O 295 -54.20 70.41 -76.11
CA GLU O 295 -54.38 71.75 -76.68
C GLU O 295 -54.58 72.79 -75.59
N ARG O 296 -55.50 72.51 -74.65
CA ARG O 296 -55.81 73.50 -73.62
C ARG O 296 -54.64 73.70 -72.66
N LEU O 297 -53.99 72.61 -72.24
CA LEU O 297 -52.85 72.76 -71.34
C LEU O 297 -51.69 73.49 -72.01
N ALA O 298 -51.44 73.21 -73.30
CA ALA O 298 -50.41 73.94 -74.01
C ALA O 298 -50.75 75.42 -74.16
N GLU O 299 -52.02 75.74 -74.42
CA GLU O 299 -52.42 77.13 -74.49
C GLU O 299 -52.21 77.83 -73.16
N ALA O 300 -52.55 77.15 -72.05
CA ALA O 300 -52.33 77.73 -70.73
C ALA O 300 -50.85 77.94 -70.47
N GLU O 301 -50.01 76.97 -70.85
CA GLU O 301 -48.57 77.12 -70.63
C GLU O 301 -48.00 78.28 -71.44
N LYS O 302 -48.45 78.44 -72.68
CA LYS O 302 -48.01 79.59 -73.48
C LYS O 302 -48.46 80.89 -72.83
N SER O 303 -49.71 80.94 -72.37
CA SER O 303 -50.23 82.16 -71.76
C SER O 303 -49.45 82.52 -70.50
N GLN O 304 -49.03 81.51 -69.73
CA GLN O 304 -48.24 81.78 -68.54
C GLN O 304 -46.82 82.22 -68.90
N LEU O 305 -46.19 81.53 -69.84
CA LEU O 305 -44.79 81.81 -70.16
C LEU O 305 -44.64 83.18 -70.80
N ILE O 306 -45.56 83.56 -71.68
CA ILE O 306 -45.46 84.85 -72.35
C ILE O 306 -45.45 85.99 -71.33
N MET O 307 -46.35 85.95 -70.35
CA MET O 307 -46.47 87.04 -69.42
C MET O 307 -45.45 86.96 -68.28
N GLN O 308 -44.98 85.76 -67.92
CA GLN O 308 -43.82 85.68 -67.04
C GLN O 308 -42.59 86.29 -67.70
N ALA O 309 -42.41 86.03 -68.99
CA ALA O 309 -41.32 86.64 -69.74
C ALA O 309 -41.48 88.16 -69.78
N GLU O 310 -42.70 88.64 -70.00
CA GLU O 310 -42.93 90.08 -70.00
C GLU O 310 -42.59 90.69 -68.65
N ALA O 311 -42.97 90.02 -67.56
CA ALA O 311 -42.63 90.51 -66.22
C ALA O 311 -41.14 90.55 -66.01
N GLU O 312 -40.42 89.50 -66.43
CA GLU O 312 -38.97 89.49 -66.28
C GLU O 312 -38.32 90.60 -67.10
N ALA O 313 -38.81 90.82 -68.31
CA ALA O 313 -38.26 91.88 -69.15
C ALA O 313 -38.48 93.26 -68.53
N ALA O 314 -39.68 93.49 -67.99
CA ALA O 314 -39.96 94.76 -67.33
C ALA O 314 -39.07 94.94 -66.10
N SER O 315 -38.88 93.86 -65.33
CA SER O 315 -37.98 93.92 -64.17
C SER O 315 -36.58 94.32 -64.59
N VAL O 316 -36.04 93.66 -65.62
CA VAL O 316 -34.69 93.95 -66.07
C VAL O 316 -34.60 95.40 -66.55
N ARG O 317 -35.58 95.83 -67.36
CA ARG O 317 -35.58 97.20 -67.86
C ARG O 317 -35.56 98.21 -66.73
N MET O 318 -36.47 98.07 -65.77
CA MET O 318 -36.57 99.05 -64.69
C MET O 318 -35.35 99.05 -63.79
N ARG O 319 -34.86 97.87 -63.40
CA ARG O 319 -33.68 97.83 -62.54
C ARG O 319 -32.45 98.40 -63.24
N GLY O 320 -32.28 98.08 -64.53
CA GLY O 320 -31.15 98.63 -65.25
C GLY O 320 -31.23 100.13 -65.42
N GLU O 321 -32.44 100.64 -65.71
CA GLU O 321 -32.60 102.08 -65.83
C GLU O 321 -32.30 102.79 -64.51
N ALA O 322 -32.77 102.21 -63.39
CA ALA O 322 -32.49 102.81 -62.10
C ALA O 322 -31.00 102.82 -61.79
N GLU O 323 -30.31 101.71 -62.07
CA GLU O 323 -28.89 101.66 -61.73
C GLU O 323 -28.08 102.57 -62.65
N ALA O 324 -28.51 102.72 -63.92
CA ALA O 324 -27.85 103.65 -64.82
C ALA O 324 -28.04 105.09 -64.36
N PHE O 325 -29.24 105.43 -63.89
CA PHE O 325 -29.46 106.78 -63.35
C PHE O 325 -28.59 107.00 -62.12
N ALA O 326 -28.44 105.98 -61.29
CA ALA O 326 -27.56 106.09 -60.13
C ALA O 326 -26.10 106.30 -60.54
N ILE O 327 -25.67 105.60 -61.59
CA ILE O 327 -24.31 105.79 -62.12
C ILE O 327 -24.14 107.22 -62.59
N GLY O 328 -25.12 107.75 -63.31
CA GLY O 328 -25.06 109.14 -63.73
C GLY O 328 -25.03 110.11 -62.55
N ALA O 329 -25.74 109.77 -61.47
CA ALA O 329 -25.73 110.62 -60.28
C ALA O 329 -24.33 110.69 -59.67
N ARG O 330 -23.71 109.54 -59.42
CA ARG O 330 -22.33 109.60 -58.95
C ARG O 330 -21.40 110.25 -59.97
N ALA O 331 -21.70 110.13 -61.27
CA ALA O 331 -20.86 110.76 -62.28
C ALA O 331 -20.87 112.27 -62.11
N ARG O 332 -22.06 112.86 -62.04
CA ARG O 332 -22.17 114.30 -61.85
C ARG O 332 -21.54 114.73 -60.54
N ALA O 333 -21.78 113.98 -59.46
CA ALA O 333 -21.21 114.32 -58.17
C ALA O 333 -19.68 114.29 -58.23
N GLU O 334 -19.11 113.27 -58.84
CA GLU O 334 -17.66 113.13 -58.90
C GLU O 334 -17.04 114.19 -59.79
N ALA O 335 -17.72 114.59 -60.87
CA ALA O 335 -17.20 115.65 -61.72
C ALA O 335 -17.17 116.98 -60.97
N GLU O 336 -18.29 117.35 -60.34
CA GLU O 336 -18.31 118.58 -59.56
C GLU O 336 -17.34 118.50 -58.38
N GLN O 337 -17.05 117.28 -57.93
CA GLN O 337 -16.09 117.07 -56.86
C GLN O 337 -14.66 117.33 -57.34
N MET O 338 -14.30 116.78 -58.50
CA MET O 338 -12.93 116.87 -58.98
C MET O 338 -12.60 118.25 -59.52
N ALA O 339 -13.62 118.99 -59.96
CA ALA O 339 -13.36 120.37 -60.37
C ALA O 339 -12.72 121.17 -59.25
N LYS O 340 -13.24 121.04 -58.02
CA LYS O 340 -12.65 121.76 -56.90
C LYS O 340 -11.30 121.19 -56.49
N LYS O 341 -11.09 119.88 -56.66
CA LYS O 341 -9.75 119.34 -56.46
C LYS O 341 -8.74 120.04 -57.35
N ALA O 342 -9.06 120.17 -58.63
CA ALA O 342 -8.15 120.87 -59.54
C ALA O 342 -7.97 122.33 -59.13
N GLU O 343 -9.07 122.99 -58.76
CA GLU O 343 -8.97 124.39 -58.35
C GLU O 343 -8.05 124.54 -57.14
N ALA O 344 -8.19 123.67 -56.15
CA ALA O 344 -7.34 123.73 -54.97
C ALA O 344 -5.90 123.43 -55.31
N PHE O 345 -5.66 122.39 -56.12
CA PHE O 345 -4.30 122.04 -56.52
C PHE O 345 -3.61 123.18 -57.24
N GLN O 346 -4.36 124.04 -57.94
CA GLN O 346 -3.72 125.14 -58.66
C GLN O 346 -2.91 126.04 -57.72
N LEU O 347 -3.34 126.20 -56.47
CA LEU O 347 -2.64 127.06 -55.51
C LEU O 347 -1.67 126.27 -54.66
N TYR O 348 -0.76 125.54 -55.28
CA TYR O 348 0.28 124.78 -54.59
C TYR O 348 1.65 125.29 -55.01
N GLN O 349 2.46 125.66 -54.02
CA GLN O 349 3.82 126.11 -54.22
C GLN O 349 4.79 124.95 -53.99
N GLU O 350 6.09 125.26 -53.93
CA GLU O 350 7.09 124.22 -53.72
C GLU O 350 6.96 123.55 -52.37
N ALA O 351 6.52 124.27 -51.34
CA ALA O 351 6.35 123.67 -50.02
C ALA O 351 5.32 122.56 -50.05
N ALA O 352 4.20 122.80 -50.75
CA ALA O 352 3.14 121.80 -50.80
C ALA O 352 3.58 120.57 -51.60
N GLN O 353 4.28 120.76 -52.72
CA GLN O 353 4.78 119.62 -53.47
C GLN O 353 5.81 118.85 -52.66
N LEU O 354 6.66 119.54 -51.91
CA LEU O 354 7.60 118.87 -51.02
C LEU O 354 6.86 118.06 -49.95
N ASP O 355 5.79 118.61 -49.40
CA ASP O 355 5.00 117.87 -48.42
C ASP O 355 4.39 116.62 -49.03
N MET O 356 3.86 116.73 -50.24
CA MET O 356 3.27 115.57 -50.90
C MET O 356 4.33 114.50 -51.17
N LEU O 357 5.50 114.91 -51.66
CA LEU O 357 6.56 113.96 -51.94
C LEU O 357 7.03 113.26 -50.67
N LEU O 358 7.19 114.00 -49.58
CA LEU O 358 7.65 113.41 -48.33
C LEU O 358 6.55 112.64 -47.60
N GLU O 359 5.28 112.85 -47.97
CA GLU O 359 4.22 112.00 -47.47
C GLU O 359 4.10 110.71 -48.26
N LYS O 360 4.44 110.74 -49.55
CA LYS O 360 4.35 109.55 -50.39
C LYS O 360 5.59 108.67 -50.33
N LEU O 361 6.75 109.23 -50.02
CA LEU O 361 7.97 108.40 -49.95
C LEU O 361 7.86 107.26 -48.95
N PRO O 362 7.40 107.46 -47.70
CA PRO O 362 7.31 106.33 -46.78
C PRO O 362 6.42 105.21 -47.27
N GLN O 363 5.33 105.52 -47.99
CA GLN O 363 4.46 104.46 -48.47
C GLN O 363 5.14 103.61 -49.54
N VAL O 364 5.87 104.25 -50.46
CA VAL O 364 6.63 103.49 -51.45
C VAL O 364 7.71 102.66 -50.77
N ALA O 365 8.36 103.23 -49.75
CA ALA O 365 9.36 102.48 -49.01
C ALA O 365 8.75 101.26 -48.35
N GLU O 366 7.57 101.41 -47.75
CA GLU O 366 6.87 100.26 -47.19
C GLU O 366 6.56 99.21 -48.26
N GLU O 367 6.02 99.65 -49.39
CA GLU O 367 5.64 98.68 -50.41
C GLU O 367 6.85 98.00 -51.04
N ILE O 368 8.04 98.57 -50.93
CA ILE O 368 9.22 97.94 -51.52
C ILE O 368 9.98 97.12 -50.47
N SER O 369 9.82 97.46 -49.19
CA SER O 369 10.54 96.78 -48.12
C SER O 369 9.68 95.76 -47.38
N GLY O 370 8.40 95.65 -47.70
CA GLY O 370 7.56 94.66 -47.10
C GLY O 370 7.88 93.26 -47.58
N PRO O 371 7.85 93.05 -48.90
CA PRO O 371 8.27 91.75 -49.43
C PRO O 371 9.71 91.39 -49.11
N LEU O 372 10.61 92.37 -49.06
CA LEU O 372 12.02 92.05 -48.82
C LEU O 372 12.25 91.53 -47.42
N THR O 373 11.51 92.02 -46.42
CA THR O 373 11.71 91.58 -45.05
C THR O 373 11.07 90.23 -44.77
N SER O 374 10.65 89.50 -45.79
CA SER O 374 10.17 88.13 -45.63
C SER O 374 11.28 87.10 -45.71
N ALA O 375 12.52 87.53 -45.97
CA ALA O 375 13.64 86.59 -46.02
C ALA O 375 13.87 85.98 -44.64
N ASN O 376 14.16 84.68 -44.62
CA ASN O 376 14.35 83.98 -43.35
C ASN O 376 15.62 84.43 -42.66
N LYS O 377 16.74 84.45 -43.38
CA LYS O 377 18.01 84.87 -42.81
C LYS O 377 18.83 85.61 -43.86
N ILE O 378 19.66 86.53 -43.39
CA ILE O 378 20.57 87.30 -44.24
C ILE O 378 21.95 87.23 -43.63
N THR O 379 22.94 86.85 -44.43
CA THR O 379 24.31 86.70 -43.97
C THR O 379 25.17 87.77 -44.62
N LEU O 380 25.93 88.50 -43.80
CA LEU O 380 26.78 89.59 -44.26
C LEU O 380 28.23 89.25 -43.98
N VAL O 381 29.08 89.41 -44.98
CA VAL O 381 30.49 89.08 -44.86
C VAL O 381 31.31 90.18 -45.52
N SER O 382 32.37 90.61 -44.85
CA SER O 382 33.26 91.64 -45.35
C SER O 382 34.68 91.13 -45.43
N SER O 383 35.51 91.83 -46.20
CA SER O 383 36.90 91.48 -46.37
C SER O 383 37.65 92.67 -46.93
N GLY O 384 38.90 92.85 -46.50
CA GLY O 384 39.66 93.97 -46.98
C GLY O 384 39.09 95.29 -46.47
N SER O 385 39.26 96.33 -47.29
CA SER O 385 38.76 97.66 -46.96
C SER O 385 37.30 97.85 -47.33
N GLY O 386 36.58 96.76 -47.55
CA GLY O 386 35.19 96.84 -47.94
C GLY O 386 34.27 97.05 -46.75
N THR O 387 32.98 97.20 -47.07
CA THR O 387 31.93 97.38 -46.08
C THR O 387 31.37 96.03 -45.62
N MET O 388 30.61 96.08 -44.53
CA MET O 388 30.03 94.87 -43.96
C MET O 388 28.89 94.31 -44.79
N GLY O 389 28.02 95.17 -45.32
CA GLY O 389 26.95 94.74 -46.19
C GLY O 389 25.57 95.33 -45.88
N ALA O 390 25.39 95.97 -44.72
CA ALA O 390 24.11 96.58 -44.43
C ALA O 390 23.83 97.75 -45.37
N ALA O 391 24.87 98.52 -45.68
CA ALA O 391 24.75 99.56 -46.68
C ALA O 391 24.33 98.99 -48.02
N LYS O 392 24.72 97.75 -48.33
CA LYS O 392 24.29 97.14 -49.59
C LYS O 392 22.77 96.95 -49.63
N VAL O 393 22.19 96.46 -48.53
CA VAL O 393 20.75 96.24 -48.49
C VAL O 393 20.01 97.57 -48.54
N THR O 394 20.46 98.54 -47.73
CA THR O 394 19.81 99.84 -47.75
C THR O 394 19.93 100.50 -49.12
N GLY O 395 21.09 100.36 -49.77
CA GLY O 395 21.28 100.91 -51.09
C GLY O 395 20.41 100.22 -52.13
N GLU O 396 20.21 98.91 -52.00
CA GLU O 396 19.30 98.22 -52.91
C GLU O 396 17.89 98.75 -52.79
N VAL O 397 17.40 98.89 -51.54
CA VAL O 397 16.05 99.40 -51.35
C VAL O 397 15.93 100.84 -51.87
N LEU O 398 16.91 101.68 -51.55
CA LEU O 398 16.86 103.08 -51.97
C LEU O 398 17.00 103.20 -53.49
N ASP O 399 17.81 102.35 -54.10
CA ASP O 399 17.98 102.37 -55.55
C ASP O 399 16.69 101.97 -56.25
N ILE O 400 16.00 100.96 -55.75
CA ILE O 400 14.70 100.62 -56.32
C ILE O 400 13.73 101.78 -56.15
N LEU O 401 13.70 102.36 -54.95
CA LEU O 401 12.76 103.45 -54.67
C LEU O 401 13.05 104.68 -55.53
N THR O 402 14.30 104.88 -55.95
CA THR O 402 14.65 106.03 -56.75
C THR O 402 14.60 105.75 -58.25
N ARG O 403 14.70 104.49 -58.65
CA ARG O 403 14.60 104.15 -60.07
C ARG O 403 13.16 103.94 -60.49
N LEU O 404 12.27 103.61 -59.56
CA LEU O 404 10.86 103.49 -59.91
C LEU O 404 10.27 104.78 -60.48
N PRO O 405 10.50 105.96 -59.88
CA PRO O 405 9.99 107.19 -60.51
C PRO O 405 10.55 107.43 -61.89
N GLU O 406 11.80 107.04 -62.15
CA GLU O 406 12.35 107.22 -63.49
C GLU O 406 11.73 106.24 -64.49
N SER O 407 11.45 105.01 -64.05
CA SER O 407 10.78 104.06 -64.92
C SER O 407 9.38 104.56 -65.27
N VAL O 408 8.67 105.11 -64.28
CA VAL O 408 7.36 105.71 -64.56
C VAL O 408 7.51 106.95 -65.44
N GLU O 409 8.60 107.71 -65.25
CA GLU O 409 8.92 108.84 -66.10
C GLU O 409 9.01 108.43 -67.56
N ARG O 410 9.62 107.27 -67.83
CA ARG O 410 9.83 106.82 -69.19
C ARG O 410 8.50 106.69 -69.94
N LEU O 411 7.43 106.32 -69.24
CA LEU O 411 6.14 106.17 -69.90
C LEU O 411 5.32 107.46 -69.83
N THR O 412 5.12 107.99 -68.63
CA THR O 412 4.22 109.13 -68.47
C THR O 412 4.81 110.39 -69.11
N GLY O 413 6.07 110.69 -68.83
CA GLY O 413 6.69 111.89 -69.33
C GLY O 413 6.44 113.14 -68.51
N VAL O 414 5.98 113.00 -67.27
CA VAL O 414 5.72 114.14 -66.39
C VAL O 414 6.60 114.02 -65.16
N SER O 415 7.28 115.11 -64.81
CA SER O 415 8.27 115.10 -63.75
C SER O 415 7.64 114.79 -62.40
N ILE O 416 8.46 114.21 -61.52
CA ILE O 416 8.02 113.87 -60.18
C ILE O 416 8.76 114.66 -59.11
N SER O 417 9.96 115.14 -59.39
CA SER O 417 10.73 115.94 -58.45
C SER O 417 10.88 117.36 -58.99
N GLN O 418 10.66 118.34 -58.12
CA GLN O 418 10.74 119.73 -58.56
C GLN O 418 12.17 120.19 -58.79
N VAL O 419 13.13 119.58 -58.10
CA VAL O 419 14.53 119.94 -58.26
C VAL O 419 15.37 118.70 -58.52
N MET P 1 -72.05 -147.34 -43.09
CA MET P 1 -73.33 -147.40 -42.40
C MET P 1 -74.43 -147.00 -43.36
N GLY P 2 -74.25 -145.85 -44.01
CA GLY P 2 -75.23 -145.34 -44.95
C GLY P 2 -75.50 -146.27 -46.11
N ASN P 3 -76.78 -146.47 -46.44
CA ASN P 3 -77.17 -147.42 -47.46
C ASN P 3 -78.13 -146.75 -48.45
N CYS P 4 -78.04 -147.16 -49.72
CA CYS P 4 -78.99 -146.76 -50.76
C CYS P 4 -79.05 -145.24 -50.93
N HIS P 5 -77.92 -144.69 -51.39
CA HIS P 5 -77.80 -143.26 -51.63
C HIS P 5 -77.96 -142.93 -53.10
N THR P 6 -78.58 -141.78 -53.37
CA THR P 6 -78.76 -141.25 -54.71
C THR P 6 -78.35 -139.79 -54.73
N VAL P 7 -77.91 -139.33 -55.90
CA VAL P 7 -77.42 -137.97 -56.06
C VAL P 7 -78.13 -137.32 -57.24
N GLY P 8 -78.23 -136.00 -57.20
CA GLY P 8 -78.86 -135.24 -58.26
C GLY P 8 -78.01 -135.18 -59.51
N PRO P 9 -78.58 -134.66 -60.60
CA PRO P 9 -77.84 -134.61 -61.87
C PRO P 9 -76.63 -133.70 -61.85
N ASN P 10 -76.54 -132.78 -60.88
CA ASN P 10 -75.40 -131.87 -60.84
C ASN P 10 -74.10 -132.57 -60.44
N GLU P 11 -74.18 -133.60 -59.62
CA GLU P 11 -72.99 -134.29 -59.12
C GLU P 11 -73.06 -135.76 -59.48
N ALA P 12 -71.90 -136.35 -59.73
CA ALA P 12 -71.77 -137.74 -60.10
C ALA P 12 -71.36 -138.56 -58.89
N LEU P 13 -72.12 -139.61 -58.59
CA LEU P 13 -71.80 -140.50 -57.49
C LEU P 13 -70.85 -141.58 -57.98
N VAL P 14 -69.75 -141.78 -57.25
CA VAL P 14 -68.74 -142.76 -57.58
C VAL P 14 -68.66 -143.77 -56.45
N VAL P 15 -68.73 -145.06 -56.79
CA VAL P 15 -68.59 -146.15 -55.84
C VAL P 15 -67.68 -147.20 -56.45
N SER P 16 -66.86 -147.82 -55.59
CA SER P 16 -65.96 -148.88 -56.03
C SER P 16 -65.78 -149.87 -54.89
N GLY P 17 -65.89 -151.15 -55.21
CA GLY P 17 -65.72 -152.19 -54.21
C GLY P 17 -65.73 -153.59 -54.80
N GLY P 18 -64.82 -154.44 -54.33
CA GLY P 18 -64.70 -155.79 -54.84
C GLY P 18 -65.57 -156.78 -54.09
N CYS P 19 -66.74 -157.10 -54.66
CA CYS P 19 -67.68 -157.99 -53.98
C CYS P 19 -67.05 -159.36 -53.75
N CYS P 20 -66.36 -159.90 -54.76
CA CYS P 20 -65.62 -161.13 -54.63
C CYS P 20 -64.12 -160.92 -54.81
N GLY P 21 -63.66 -159.68 -54.62
CA GLY P 21 -62.27 -159.34 -54.85
C GLY P 21 -61.97 -158.80 -56.24
N SER P 22 -62.92 -158.93 -57.17
CA SER P 22 -62.73 -158.40 -58.51
C SER P 22 -63.07 -156.91 -58.56
N ASP P 23 -62.38 -156.20 -59.44
CA ASP P 23 -62.50 -154.74 -59.53
C ASP P 23 -63.84 -154.38 -60.16
N TYR P 24 -64.76 -153.88 -59.35
CA TYR P 24 -66.06 -153.40 -59.82
C TYR P 24 -66.23 -151.95 -59.37
N LYS P 25 -66.02 -151.02 -60.29
CA LYS P 25 -66.20 -149.60 -60.03
C LYS P 25 -67.42 -149.10 -60.79
N GLN P 26 -68.32 -148.43 -60.09
CA GLN P 26 -69.53 -147.88 -60.68
C GLN P 26 -69.53 -146.37 -60.50
N TYR P 27 -69.62 -145.64 -61.61
CA TYR P 27 -69.69 -144.18 -61.60
C TYR P 27 -70.98 -143.79 -62.32
N VAL P 28 -71.92 -143.19 -61.58
CA VAL P 28 -73.22 -142.82 -62.11
C VAL P 28 -73.52 -141.39 -61.68
N PHE P 29 -73.96 -140.57 -62.63
CA PHE P 29 -74.32 -139.18 -62.37
C PHE P 29 -75.85 -139.06 -62.34
N GLY P 30 -76.37 -138.51 -61.25
CA GLY P 30 -77.80 -138.28 -61.14
C GLY P 30 -78.65 -139.53 -61.26
N GLY P 31 -78.22 -140.63 -60.64
CA GLY P 31 -78.94 -141.87 -60.76
C GLY P 31 -79.19 -142.57 -59.44
N TRP P 32 -79.10 -143.91 -59.44
CA TRP P 32 -79.37 -144.71 -58.27
C TRP P 32 -78.17 -145.60 -57.97
N ALA P 33 -77.97 -145.86 -56.68
CA ALA P 33 -76.89 -146.74 -56.23
C ALA P 33 -77.17 -147.19 -54.81
N TRP P 34 -76.49 -148.25 -54.40
CA TRP P 34 -76.53 -148.72 -53.02
C TRP P 34 -75.13 -149.11 -52.58
N ALA P 35 -74.83 -148.85 -51.30
CA ALA P 35 -73.56 -149.21 -50.70
C ALA P 35 -73.78 -149.58 -49.25
N TRP P 36 -73.13 -150.65 -48.81
CA TRP P 36 -73.32 -151.18 -47.46
C TRP P 36 -72.28 -150.57 -46.52
N TRP P 37 -72.14 -151.17 -45.34
CA TRP P 37 -71.23 -150.66 -44.30
C TRP P 37 -69.80 -150.54 -44.84
N CYS P 38 -69.28 -151.61 -45.45
CA CYS P 38 -67.95 -151.56 -46.03
C CYS P 38 -67.85 -152.28 -47.37
N ILE P 39 -68.86 -152.19 -48.24
CA ILE P 39 -68.74 -152.83 -49.54
C ILE P 39 -68.02 -151.93 -50.54
N SER P 40 -68.19 -150.63 -50.44
CA SER P 40 -67.61 -149.71 -51.43
C SER P 40 -67.38 -148.36 -50.74
N ASP P 41 -67.13 -147.33 -51.54
CA ASP P 41 -66.91 -145.98 -51.06
C ASP P 41 -67.96 -145.05 -51.66
N THR P 42 -68.50 -144.16 -50.84
CA THR P 42 -69.53 -143.22 -51.26
C THR P 42 -68.90 -141.83 -51.40
N GLN P 43 -68.67 -141.42 -52.65
CA GLN P 43 -68.12 -140.10 -52.92
C GLN P 43 -68.85 -139.50 -54.10
N ARG P 44 -68.83 -138.16 -54.17
CA ARG P 44 -69.49 -137.43 -55.24
C ARG P 44 -68.49 -136.47 -55.87
N ILE P 45 -68.70 -136.18 -57.15
CA ILE P 45 -67.88 -135.25 -57.91
C ILE P 45 -68.77 -134.10 -58.35
N SER P 46 -68.42 -132.88 -57.95
CA SER P 46 -69.18 -131.71 -58.35
C SER P 46 -68.92 -131.37 -59.81
N LEU P 47 -69.90 -131.61 -60.67
CA LEU P 47 -69.75 -131.36 -62.11
C LEU P 47 -70.15 -129.94 -62.50
N GLU P 48 -70.12 -129.01 -61.55
CA GLU P 48 -70.46 -127.63 -61.84
C GLU P 48 -69.35 -126.96 -62.64
N ILE P 49 -69.71 -125.88 -63.34
CA ILE P 49 -68.73 -125.12 -64.09
C ILE P 49 -67.75 -124.45 -63.13
N MET P 50 -66.47 -124.50 -63.47
CA MET P 50 -65.42 -123.83 -62.70
C MET P 50 -65.07 -122.53 -63.41
N THR P 51 -65.02 -121.45 -62.65
CA THR P 51 -64.68 -120.14 -63.22
C THR P 51 -63.18 -120.05 -63.46
N LEU P 52 -62.81 -119.45 -64.59
CA LEU P 52 -61.41 -119.28 -64.97
C LEU P 52 -61.13 -117.81 -65.24
N GLN P 53 -60.01 -117.32 -64.71
CA GLN P 53 -59.53 -115.97 -64.98
C GLN P 53 -58.06 -116.03 -65.40
N PRO P 54 -57.76 -116.63 -66.56
CA PRO P 54 -56.37 -116.66 -67.03
C PRO P 54 -55.85 -115.26 -67.32
N ARG P 55 -54.79 -114.88 -66.62
CA ARG P 55 -54.19 -113.56 -66.76
C ARG P 55 -52.68 -113.73 -66.90
N CYS P 56 -52.17 -113.56 -68.11
CA CYS P 56 -50.75 -113.69 -68.40
C CYS P 56 -50.11 -112.31 -68.41
N GLU P 57 -49.00 -112.16 -67.70
CA GLU P 57 -48.31 -110.87 -67.56
C GLU P 57 -46.99 -110.92 -68.32
N ASP P 58 -46.76 -109.89 -69.13
CA ASP P 58 -45.51 -109.74 -69.88
C ASP P 58 -45.26 -110.93 -70.80
N VAL P 59 -46.24 -111.19 -71.67
CA VAL P 59 -46.15 -112.27 -72.65
C VAL P 59 -46.09 -111.65 -74.04
N GLU P 60 -45.32 -112.29 -74.92
CA GLU P 60 -45.00 -111.72 -76.22
C GLU P 60 -45.40 -112.67 -77.35
N THR P 61 -45.83 -112.08 -78.46
CA THR P 61 -46.29 -112.83 -79.62
C THR P 61 -45.11 -113.14 -80.53
N ALA P 62 -45.40 -113.58 -81.76
CA ALA P 62 -44.35 -113.98 -82.69
C ALA P 62 -43.43 -112.81 -83.01
N GLU P 63 -43.99 -111.64 -83.29
CA GLU P 63 -43.18 -110.46 -83.54
C GLU P 63 -42.54 -109.90 -82.28
N GLY P 64 -43.00 -110.33 -81.11
CA GLY P 64 -42.35 -109.99 -79.86
C GLY P 64 -42.97 -108.86 -79.08
N VAL P 65 -44.05 -108.26 -79.56
CA VAL P 65 -44.68 -107.17 -78.84
C VAL P 65 -45.25 -107.69 -77.52
N ALA P 66 -44.86 -107.06 -76.41
CA ALA P 66 -45.27 -107.52 -75.10
C ALA P 66 -46.70 -107.11 -74.80
N LEU P 67 -47.49 -108.06 -74.30
CA LEU P 67 -48.88 -107.80 -73.94
C LEU P 67 -49.16 -108.46 -72.59
N THR P 68 -50.16 -107.93 -71.90
CA THR P 68 -50.65 -108.50 -70.65
C THR P 68 -52.09 -108.90 -70.89
N VAL P 69 -52.29 -110.11 -71.42
CA VAL P 69 -53.59 -110.56 -71.92
C VAL P 69 -54.28 -111.34 -70.81
N THR P 70 -55.53 -110.97 -70.53
CA THR P 70 -56.38 -111.67 -69.57
C THR P 70 -57.48 -112.39 -70.34
N GLY P 71 -57.80 -113.62 -69.92
CA GLY P 71 -58.75 -114.45 -70.62
C GLY P 71 -59.87 -114.96 -69.72
N VAL P 72 -60.85 -115.59 -70.36
CA VAL P 72 -61.90 -116.31 -69.65
C VAL P 72 -62.17 -117.62 -70.40
N ALA P 73 -62.28 -118.71 -69.65
CA ALA P 73 -62.53 -120.02 -70.23
C ALA P 73 -63.59 -120.73 -69.41
N GLN P 74 -64.43 -121.50 -70.09
CA GLN P 74 -65.49 -122.27 -69.47
C GLN P 74 -65.08 -123.74 -69.40
N VAL P 75 -64.99 -124.27 -68.19
CA VAL P 75 -64.50 -125.62 -67.96
C VAL P 75 -65.46 -126.37 -67.06
N LYS P 76 -65.69 -127.64 -67.38
CA LYS P 76 -66.58 -128.50 -66.62
C LYS P 76 -66.12 -129.94 -66.79
N ILE P 77 -66.25 -130.74 -65.73
CA ILE P 77 -65.93 -132.15 -65.81
C ILE P 77 -66.93 -132.85 -66.72
N MET P 78 -66.42 -133.67 -67.63
CA MET P 78 -67.26 -134.28 -68.64
C MET P 78 -68.08 -135.43 -68.05
N THR P 79 -68.93 -136.03 -68.87
CA THR P 79 -69.82 -137.11 -68.46
C THR P 79 -69.75 -138.31 -69.40
N GLU P 80 -68.62 -138.49 -70.07
CA GLU P 80 -68.43 -139.62 -70.97
C GLU P 80 -68.33 -140.92 -70.17
N LYS P 81 -68.12 -142.03 -70.87
CA LYS P 81 -68.06 -143.35 -70.24
C LYS P 81 -66.64 -143.73 -69.82
N GLU P 82 -65.72 -143.82 -70.77
CA GLU P 82 -64.35 -144.21 -70.44
C GLU P 82 -63.55 -143.07 -69.84
N LEU P 83 -63.87 -141.82 -70.22
CA LEU P 83 -63.15 -140.69 -69.65
C LEU P 83 -63.48 -140.48 -68.18
N LEU P 84 -64.69 -140.85 -67.76
CA LEU P 84 -65.02 -140.71 -66.34
C LEU P 84 -64.34 -141.76 -65.47
N ALA P 85 -63.86 -142.86 -66.05
CA ALA P 85 -62.96 -143.73 -65.30
C ALA P 85 -61.70 -142.95 -64.91
N VAL P 86 -61.14 -142.21 -65.86
CA VAL P 86 -59.97 -141.38 -65.57
C VAL P 86 -60.34 -140.28 -64.59
N ALA P 87 -61.51 -139.68 -64.77
CA ALA P 87 -61.93 -138.59 -63.89
C ALA P 87 -62.06 -139.07 -62.44
N CYS P 88 -62.63 -140.26 -62.25
CA CYS P 88 -62.80 -140.80 -60.90
C CYS P 88 -61.48 -141.27 -60.32
N GLU P 89 -60.63 -141.89 -61.14
CA GLU P 89 -59.33 -142.33 -60.64
C GLU P 89 -58.33 -141.19 -60.53
N GLN P 90 -58.70 -139.98 -60.92
CA GLN P 90 -57.75 -138.90 -61.13
C GLN P 90 -57.64 -137.93 -59.96
N PHE P 91 -58.75 -137.27 -59.61
CA PHE P 91 -58.63 -136.04 -58.85
C PHE P 91 -59.23 -136.09 -57.45
N LEU P 92 -60.53 -136.43 -57.33
CA LEU P 92 -61.23 -136.33 -56.05
C LEU P 92 -60.52 -137.17 -54.98
N GLY P 93 -60.70 -136.78 -53.71
CA GLY P 93 -61.62 -135.73 -53.29
C GLY P 93 -61.04 -134.38 -52.94
N LYS P 94 -60.09 -133.91 -53.75
CA LYS P 94 -59.58 -132.56 -53.59
C LYS P 94 -60.68 -131.56 -53.94
N ASN P 95 -60.72 -130.45 -53.20
CA ASN P 95 -61.88 -129.56 -53.22
C ASN P 95 -61.86 -128.66 -54.47
N VAL P 96 -62.90 -127.84 -54.58
CA VAL P 96 -63.12 -127.03 -55.79
C VAL P 96 -61.97 -126.06 -56.02
N GLN P 97 -61.39 -125.51 -54.95
CA GLN P 97 -60.24 -124.65 -55.12
C GLN P 97 -59.10 -125.39 -55.80
N ASP P 98 -58.99 -126.69 -55.55
CA ASP P 98 -57.93 -127.47 -56.19
C ASP P 98 -58.20 -127.63 -57.69
N ILE P 99 -59.44 -127.92 -58.07
CA ILE P 99 -59.76 -127.95 -59.51
C ILE P 99 -59.40 -126.63 -60.15
N LYS P 100 -59.87 -125.52 -59.55
CA LYS P 100 -59.71 -124.23 -60.20
C LYS P 100 -58.25 -123.83 -60.28
N ASN P 101 -57.46 -124.10 -59.24
CA ASN P 101 -56.04 -123.77 -59.29
C ASN P 101 -55.31 -124.60 -60.34
N VAL P 102 -55.53 -125.92 -60.35
CA VAL P 102 -54.83 -126.76 -61.31
C VAL P 102 -55.18 -126.35 -62.74
N VAL P 103 -56.47 -126.18 -63.02
CA VAL P 103 -56.88 -125.82 -64.37
C VAL P 103 -56.40 -124.42 -64.71
N LEU P 104 -56.31 -123.54 -63.70
CA LEU P 104 -55.83 -122.18 -63.94
C LEU P 104 -54.38 -122.18 -64.40
N GLN P 105 -53.50 -122.88 -63.69
CA GLN P 105 -52.11 -122.91 -64.14
C GLN P 105 -51.95 -123.61 -65.48
N THR P 106 -52.62 -124.75 -65.70
CA THR P 106 -52.38 -125.45 -66.96
C THR P 106 -52.92 -124.66 -68.14
N LEU P 107 -54.12 -124.08 -68.02
CA LEU P 107 -54.63 -123.25 -69.10
C LEU P 107 -53.87 -121.92 -69.21
N GLU P 108 -53.26 -121.47 -68.13
CA GLU P 108 -52.38 -120.31 -68.22
C GLU P 108 -51.21 -120.61 -69.15
N GLY P 109 -50.54 -121.72 -68.90
CA GLY P 109 -49.45 -122.12 -69.78
C GLY P 109 -49.91 -122.32 -71.21
N HIS P 110 -51.03 -123.01 -71.40
CA HIS P 110 -51.50 -123.28 -72.76
C HIS P 110 -51.89 -121.99 -73.48
N LEU P 111 -52.56 -121.07 -72.77
CA LEU P 111 -52.97 -119.81 -73.38
C LEU P 111 -51.78 -118.95 -73.75
N ARG P 112 -50.78 -118.86 -72.86
CA ARG P 112 -49.58 -118.12 -73.22
C ARG P 112 -48.88 -118.75 -74.41
N SER P 113 -48.83 -120.09 -74.45
CA SER P 113 -48.18 -120.76 -75.56
C SER P 113 -48.86 -120.45 -76.89
N ILE P 114 -50.18 -120.60 -76.94
CA ILE P 114 -50.87 -120.33 -78.19
C ILE P 114 -50.81 -118.85 -78.54
N LEU P 115 -50.84 -117.97 -77.52
CA LEU P 115 -50.71 -116.54 -77.79
C LEU P 115 -49.37 -116.24 -78.45
N GLY P 116 -48.31 -116.90 -77.99
CA GLY P 116 -47.05 -116.79 -78.70
C GLY P 116 -47.10 -117.40 -80.09
N THR P 117 -47.96 -118.40 -80.28
CA THR P 117 -48.04 -119.07 -81.58
C THR P 117 -48.50 -118.13 -82.68
N LEU P 118 -49.50 -117.29 -82.42
CA LEU P 118 -50.01 -116.38 -83.43
C LEU P 118 -49.47 -114.97 -83.19
N THR P 119 -49.65 -114.13 -84.19
CA THR P 119 -49.16 -112.76 -84.13
C THR P 119 -50.22 -111.83 -83.52
N VAL P 120 -49.76 -110.62 -83.18
CA VAL P 120 -50.64 -109.62 -82.59
C VAL P 120 -51.68 -109.10 -83.57
N GLU P 121 -51.36 -109.06 -84.87
CA GLU P 121 -52.35 -108.66 -85.85
C GLU P 121 -53.52 -109.62 -85.87
N GLN P 122 -53.25 -110.92 -85.74
CA GLN P 122 -54.32 -111.90 -85.68
C GLN P 122 -55.16 -111.78 -84.42
N ILE P 123 -54.53 -111.57 -83.26
CA ILE P 123 -55.31 -111.38 -82.03
C ILE P 123 -56.07 -110.06 -82.10
N TYR P 124 -55.64 -109.16 -82.97
CA TYR P 124 -56.36 -107.91 -83.19
C TYR P 124 -57.61 -108.14 -84.04
N GLN P 125 -57.44 -108.64 -85.26
CA GLN P 125 -58.53 -108.76 -86.21
C GLN P 125 -59.40 -110.00 -85.95
N ASP P 126 -58.81 -111.19 -86.07
CA ASP P 126 -59.55 -112.45 -86.02
C ASP P 126 -59.15 -113.19 -84.75
N ARG P 127 -59.85 -112.88 -83.66
CA ARG P 127 -59.65 -113.60 -82.41
C ARG P 127 -60.74 -114.59 -82.09
N ASP P 128 -61.85 -114.58 -82.84
CA ASP P 128 -62.78 -115.71 -82.78
C ASP P 128 -62.11 -116.97 -83.33
N GLN P 129 -61.39 -116.83 -84.45
CA GLN P 129 -60.59 -117.94 -84.95
C GLN P 129 -59.45 -118.27 -83.99
N PHE P 130 -58.96 -117.28 -83.24
CA PHE P 130 -57.98 -117.55 -82.21
C PHE P 130 -58.55 -118.49 -81.15
N ALA P 131 -59.78 -118.23 -80.71
CA ALA P 131 -60.42 -119.12 -79.75
C ALA P 131 -60.73 -120.48 -80.37
N LYS P 132 -61.09 -120.50 -81.66
CA LYS P 132 -61.35 -121.78 -82.34
C LYS P 132 -60.08 -122.63 -82.40
N LEU P 133 -58.93 -122.00 -82.62
CA LEU P 133 -57.67 -122.72 -82.56
C LEU P 133 -57.27 -123.08 -81.14
N VAL P 134 -57.64 -122.25 -80.16
CA VAL P 134 -57.40 -122.60 -78.76
C VAL P 134 -58.13 -123.89 -78.43
N ARG P 135 -59.37 -124.02 -78.88
CA ARG P 135 -60.09 -125.28 -78.73
C ARG P 135 -59.34 -126.43 -79.39
N GLU P 136 -58.96 -126.26 -80.66
CA GLU P 136 -58.27 -127.30 -81.41
C GLU P 136 -56.99 -127.78 -80.71
N VAL P 137 -56.27 -126.88 -80.06
CA VAL P 137 -55.02 -127.27 -79.40
C VAL P 137 -55.20 -127.65 -77.94
N ALA P 138 -56.26 -127.23 -77.26
CA ALA P 138 -56.40 -127.47 -75.83
C ALA P 138 -57.28 -128.68 -75.53
N ALA P 139 -58.21 -129.00 -76.42
CA ALA P 139 -59.00 -130.23 -76.26
C ALA P 139 -58.14 -131.48 -76.15
N PRO P 140 -57.08 -131.68 -76.95
CA PRO P 140 -56.28 -132.91 -76.81
C PRO P 140 -55.61 -133.08 -75.45
N ASP P 141 -55.30 -132.01 -74.73
CA ASP P 141 -54.59 -132.14 -73.47
C ASP P 141 -55.45 -131.83 -72.25
N VAL P 142 -56.25 -130.77 -72.30
CA VAL P 142 -57.13 -130.46 -71.17
C VAL P 142 -58.18 -131.56 -70.98
N GLY P 143 -58.53 -132.28 -72.05
CA GLY P 143 -59.47 -133.38 -71.91
C GLY P 143 -58.86 -134.64 -71.33
N ARG P 144 -57.52 -134.69 -71.23
CA ARG P 144 -56.88 -135.89 -70.68
C ARG P 144 -57.23 -136.09 -69.21
N MET P 145 -57.29 -135.01 -68.44
CA MET P 145 -57.70 -135.08 -67.04
C MET P 145 -59.21 -134.94 -66.86
N GLY P 146 -59.99 -135.14 -67.93
CA GLY P 146 -61.43 -135.16 -67.83
C GLY P 146 -62.10 -133.81 -67.79
N ILE P 147 -61.38 -132.73 -68.04
CA ILE P 147 -61.95 -131.38 -67.98
C ILE P 147 -62.30 -130.94 -69.39
N GLU P 148 -63.57 -130.58 -69.60
CA GLU P 148 -64.03 -130.11 -70.90
C GLU P 148 -63.86 -128.59 -70.99
N ILE P 149 -63.86 -128.09 -72.22
CA ILE P 149 -63.74 -126.65 -72.46
C ILE P 149 -64.99 -126.17 -73.17
N LEU P 150 -65.95 -125.67 -72.40
CA LEU P 150 -67.22 -125.23 -72.98
C LEU P 150 -67.02 -124.00 -73.84
N SER P 151 -66.19 -123.05 -73.39
CA SER P 151 -65.95 -121.82 -74.14
C SER P 151 -64.58 -121.29 -73.79
N PHE P 152 -64.05 -120.45 -74.66
CA PHE P 152 -62.73 -119.86 -74.47
C PHE P 152 -62.66 -118.52 -75.21
N THR P 153 -62.11 -117.52 -74.54
CA THR P 153 -61.76 -116.24 -75.17
C THR P 153 -60.90 -115.46 -74.19
N ILE P 154 -60.54 -114.25 -74.59
CA ILE P 154 -59.66 -113.38 -73.80
C ILE P 154 -60.47 -112.20 -73.28
N LYS P 155 -60.26 -111.87 -72.01
CA LYS P 155 -61.06 -110.84 -71.35
C LYS P 155 -60.63 -109.43 -71.79
N ASP P 156 -59.36 -109.09 -71.55
CA ASP P 156 -58.87 -107.76 -71.90
C ASP P 156 -57.40 -107.86 -72.25
N VAL P 157 -56.94 -106.90 -73.06
CA VAL P 157 -55.56 -106.84 -73.51
C VAL P 157 -55.00 -105.47 -73.13
N TYR P 158 -53.81 -105.47 -72.52
CA TYR P 158 -53.15 -104.24 -72.10
C TYR P 158 -51.70 -104.28 -72.54
N ASP P 159 -51.17 -103.12 -72.91
CA ASP P 159 -49.81 -103.00 -73.41
C ASP P 159 -49.09 -101.85 -72.70
N LYS P 160 -47.80 -102.04 -72.48
CA LYS P 160 -46.94 -100.99 -71.93
C LYS P 160 -46.22 -100.20 -73.01
N VAL P 161 -46.05 -100.78 -74.20
CA VAL P 161 -45.43 -100.10 -75.33
C VAL P 161 -46.48 -99.58 -76.32
N ASP P 162 -47.71 -99.33 -75.83
CA ASP P 162 -48.82 -98.69 -76.55
C ASP P 162 -48.89 -99.08 -78.02
N TYR P 163 -49.12 -100.38 -78.25
CA TYR P 163 -49.37 -100.89 -79.59
C TYR P 163 -50.71 -100.41 -80.14
N LEU P 164 -51.80 -100.77 -79.44
CA LEU P 164 -53.14 -100.52 -79.95
C LEU P 164 -53.45 -99.03 -80.02
N SER P 165 -53.00 -98.27 -79.02
CA SER P 165 -53.20 -96.82 -79.06
C SER P 165 -52.50 -96.21 -80.26
N SER P 166 -51.30 -96.70 -80.58
CA SER P 166 -50.63 -96.25 -81.79
C SER P 166 -51.40 -96.65 -83.04
N LEU P 167 -51.98 -97.85 -83.04
CA LEU P 167 -52.74 -98.31 -84.19
C LEU P 167 -54.01 -97.50 -84.42
N GLY P 168 -54.59 -96.96 -83.36
CA GLY P 168 -55.78 -96.13 -83.48
C GLY P 168 -55.51 -94.74 -84.06
N LYS P 169 -54.23 -94.34 -84.01
CA LYS P 169 -53.84 -93.02 -84.50
C LYS P 169 -54.13 -92.87 -85.99
N THR P 170 -54.18 -93.97 -86.73
CA THR P 170 -54.32 -93.89 -88.18
C THR P 170 -55.64 -93.24 -88.58
N GLN P 171 -56.72 -93.57 -87.87
CA GLN P 171 -58.03 -93.03 -88.21
C GLN P 171 -58.58 -92.08 -87.17
N THR P 172 -57.95 -91.96 -86.00
CA THR P 172 -58.45 -90.99 -85.02
C THR P 172 -58.36 -89.56 -85.54
N ALA P 173 -57.60 -89.33 -86.60
CA ALA P 173 -57.48 -88.01 -87.20
C ALA P 173 -58.22 -87.89 -88.53
N VAL P 174 -58.57 -89.01 -89.16
CA VAL P 174 -59.30 -88.95 -90.44
C VAL P 174 -60.66 -88.29 -90.24
N VAL P 175 -61.38 -88.70 -89.20
CA VAL P 175 -62.66 -88.07 -88.90
C VAL P 175 -62.45 -86.61 -88.51
N GLN P 176 -61.35 -86.32 -87.79
CA GLN P 176 -61.02 -84.93 -87.51
C GLN P 176 -60.70 -84.17 -88.78
N ARG P 177 -60.03 -84.81 -89.73
CA ARG P 177 -59.81 -84.19 -91.04
C ARG P 177 -61.12 -83.80 -91.69
N ASP P 178 -62.06 -84.76 -91.77
CA ASP P 178 -63.34 -84.47 -92.41
C ASP P 178 -64.11 -83.38 -91.68
N ALA P 179 -64.08 -83.41 -90.34
CA ALA P 179 -64.79 -82.39 -89.57
C ALA P 179 -64.20 -81.01 -89.82
N ASP P 180 -62.87 -80.91 -89.86
CA ASP P 180 -62.24 -79.62 -90.15
C ASP P 180 -62.59 -79.13 -91.54
N ILE P 181 -62.60 -80.04 -92.52
CA ILE P 181 -62.98 -79.64 -93.88
C ILE P 181 -64.40 -79.11 -93.91
N GLY P 182 -65.32 -79.81 -93.26
CA GLY P 182 -66.70 -79.39 -93.26
C GLY P 182 -66.91 -78.05 -92.57
N VAL P 183 -66.28 -77.86 -91.41
CA VAL P 183 -66.45 -76.61 -90.69
C VAL P 183 -65.83 -75.46 -91.47
N ALA P 184 -64.70 -75.71 -92.14
CA ALA P 184 -64.09 -74.67 -92.96
C ALA P 184 -65.00 -74.27 -94.11
N GLU P 185 -65.59 -75.25 -94.79
CA GLU P 185 -66.50 -74.93 -95.90
C GLU P 185 -67.72 -74.15 -95.40
N ALA P 186 -68.28 -74.58 -94.27
CA ALA P 186 -69.45 -73.90 -93.73
C ALA P 186 -69.13 -72.46 -93.36
N GLU P 187 -67.99 -72.24 -92.69
CA GLU P 187 -67.60 -70.88 -92.33
C GLU P 187 -67.35 -70.03 -93.57
N ARG P 188 -66.78 -70.64 -94.62
CA ARG P 188 -66.56 -69.91 -95.86
C ARG P 188 -67.88 -69.44 -96.46
N ASP P 189 -68.87 -70.34 -96.52
CA ASP P 189 -70.17 -69.96 -97.09
C ASP P 189 -70.84 -68.88 -96.26
N ALA P 190 -70.82 -69.04 -94.93
CA ALA P 190 -71.41 -68.03 -94.06
C ALA P 190 -70.76 -66.68 -94.28
N GLY P 191 -69.42 -66.65 -94.30
CA GLY P 191 -68.72 -65.39 -94.47
C GLY P 191 -69.01 -64.73 -95.80
N ILE P 192 -68.99 -65.51 -96.89
CA ILE P 192 -69.24 -64.91 -98.19
C ILE P 192 -70.63 -64.30 -98.26
N ARG P 193 -71.66 -65.03 -97.79
CA ARG P 193 -72.99 -64.50 -98.05
C ARG P 193 -73.30 -63.36 -97.08
N GLU P 194 -72.73 -63.42 -95.86
CA GLU P 194 -72.86 -62.32 -94.92
C GLU P 194 -72.19 -61.05 -95.45
N ALA P 195 -71.02 -61.20 -96.08
CA ALA P 195 -70.37 -60.04 -96.68
C ALA P 195 -71.23 -59.45 -97.79
N GLU P 196 -71.86 -60.32 -98.58
CA GLU P 196 -72.76 -59.83 -99.62
C GLU P 196 -73.91 -59.02 -99.01
N CYS P 197 -74.52 -59.54 -97.93
CA CYS P 197 -75.61 -58.82 -97.28
C CYS P 197 -75.14 -57.47 -96.76
N LYS P 198 -73.98 -57.44 -96.11
CA LYS P 198 -73.44 -56.20 -95.57
C LYS P 198 -73.21 -55.19 -96.67
N LYS P 199 -72.69 -55.66 -97.81
CA LYS P 199 -72.44 -54.78 -98.95
C LYS P 199 -73.75 -54.16 -99.45
N GLU P 200 -74.79 -54.98 -99.65
CA GLU P 200 -76.05 -54.43 -100.15
C GLU P 200 -76.65 -53.43 -99.18
N MET P 201 -76.63 -53.74 -97.88
CA MET P 201 -77.25 -52.84 -96.92
C MET P 201 -76.48 -51.53 -96.82
N LEU P 202 -75.14 -51.58 -96.90
CA LEU P 202 -74.37 -50.34 -96.93
C LEU P 202 -74.66 -49.51 -98.15
N ASP P 203 -74.79 -50.14 -99.32
CA ASP P 203 -75.11 -49.36 -100.52
C ASP P 203 -76.43 -48.62 -100.36
N VAL P 204 -77.46 -49.32 -99.88
CA VAL P 204 -78.75 -48.64 -99.75
C VAL P 204 -78.69 -47.57 -98.68
N LYS P 205 -78.02 -47.84 -97.56
CA LYS P 205 -77.91 -46.83 -96.49
C LYS P 205 -77.19 -45.59 -96.98
N PHE P 206 -76.14 -45.76 -97.78
CA PHE P 206 -75.41 -44.60 -98.28
C PHE P 206 -76.23 -43.84 -99.32
N MET P 207 -77.05 -44.53 -100.11
CA MET P 207 -77.95 -43.80 -101.01
C MET P 207 -78.94 -42.96 -100.23
N ALA P 208 -79.52 -43.53 -99.16
CA ALA P 208 -80.45 -42.77 -98.34
C ALA P 208 -79.75 -41.57 -97.69
N ASP P 209 -78.53 -41.77 -97.21
CA ASP P 209 -77.79 -40.67 -96.61
C ASP P 209 -77.45 -39.60 -97.63
N THR P 210 -77.19 -39.99 -98.87
CA THR P 210 -76.96 -39.01 -99.92
C THR P 210 -78.21 -38.15 -100.15
N LYS P 211 -79.38 -38.79 -100.18
CA LYS P 211 -80.61 -38.00 -100.33
C LYS P 211 -80.82 -37.08 -99.14
N ILE P 212 -80.52 -37.55 -97.93
CA ILE P 212 -80.64 -36.70 -96.74
C ILE P 212 -79.71 -35.50 -96.85
N ALA P 213 -78.47 -35.73 -97.31
CA ALA P 213 -77.52 -34.65 -97.47
C ALA P 213 -78.01 -33.64 -98.49
N ASP P 214 -78.62 -34.11 -99.57
CA ASP P 214 -79.17 -33.20 -100.56
C ASP P 214 -80.27 -32.32 -99.97
N SER P 215 -81.18 -32.93 -99.20
CA SER P 215 -82.25 -32.16 -98.57
C SER P 215 -81.66 -31.15 -97.59
N LYS P 216 -80.66 -31.56 -96.80
CA LYS P 216 -80.03 -30.65 -95.86
C LYS P 216 -79.37 -29.48 -96.58
N ARG P 217 -78.72 -29.75 -97.72
CA ARG P 217 -78.10 -28.69 -98.49
C ARG P 217 -79.14 -27.70 -98.99
N ALA P 218 -80.25 -28.21 -99.52
CA ALA P 218 -81.30 -27.30 -100.01
C ALA P 218 -81.83 -26.43 -98.87
N PHE P 219 -82.09 -27.04 -97.71
CA PHE P 219 -82.62 -26.28 -96.59
C PHE P 219 -81.63 -25.23 -96.12
N GLU P 220 -80.36 -25.60 -95.98
CA GLU P 220 -79.36 -24.63 -95.52
C GLU P 220 -79.19 -23.50 -96.52
N LEU P 221 -79.21 -23.81 -97.82
CA LEU P 221 -79.08 -22.76 -98.82
C LEU P 221 -80.24 -21.78 -98.75
N GLN P 222 -81.48 -22.30 -98.66
CA GLN P 222 -82.63 -21.39 -98.57
C GLN P 222 -82.60 -20.57 -97.28
N LYS P 223 -82.22 -21.19 -96.17
CA LYS P 223 -82.19 -20.46 -94.90
C LYS P 223 -81.15 -19.35 -94.92
N SER P 224 -79.95 -19.63 -95.46
CA SER P 224 -78.93 -18.59 -95.56
C SER P 224 -79.37 -17.48 -96.50
N ALA P 225 -80.02 -17.85 -97.61
CA ALA P 225 -80.51 -16.83 -98.53
C ALA P 225 -81.50 -15.91 -97.85
N PHE P 226 -82.40 -16.47 -97.04
CA PHE P 226 -83.37 -15.64 -96.34
C PHE P 226 -82.70 -14.76 -95.31
N SER P 227 -81.74 -15.34 -94.57
CA SER P 227 -81.00 -14.59 -93.57
C SER P 227 -80.28 -13.40 -94.19
N GLU P 228 -79.88 -13.52 -95.45
CA GLU P 228 -79.22 -12.41 -96.13
C GLU P 228 -80.07 -11.14 -96.08
N GLU P 229 -81.27 -11.17 -96.68
CA GLU P 229 -82.06 -9.95 -96.72
C GLU P 229 -82.64 -9.60 -95.36
N VAL P 230 -82.89 -10.58 -94.49
CA VAL P 230 -83.39 -10.18 -93.17
C VAL P 230 -82.32 -9.40 -92.41
N ASN P 231 -81.05 -9.81 -92.54
CA ASN P 231 -79.97 -9.08 -91.90
C ASN P 231 -79.77 -7.72 -92.56
N ILE P 232 -79.94 -7.63 -93.88
CA ILE P 232 -79.84 -6.34 -94.55
C ILE P 232 -80.88 -5.37 -94.01
N LYS P 233 -82.13 -5.82 -93.93
CA LYS P 233 -83.20 -4.96 -93.45
C LYS P 233 -82.98 -4.56 -91.99
N THR P 234 -82.53 -5.49 -91.15
CA THR P 234 -82.23 -5.10 -89.78
C THR P 234 -81.14 -4.04 -89.75
N ALA P 235 -80.01 -4.29 -90.42
CA ALA P 235 -78.89 -3.36 -90.40
C ALA P 235 -79.33 -1.96 -90.81
N GLU P 236 -80.26 -1.86 -91.76
CA GLU P 236 -80.89 -0.57 -92.01
C GLU P 236 -81.68 -0.07 -90.79
N ALA P 237 -82.35 -0.99 -90.09
CA ALA P 237 -83.27 -0.60 -89.04
C ALA P 237 -82.55 0.07 -87.86
N GLN P 238 -81.42 -0.48 -87.41
CA GLN P 238 -80.76 0.18 -86.27
C GLN P 238 -80.31 1.60 -86.63
N LEU P 239 -79.71 1.80 -87.80
CA LEU P 239 -79.06 3.07 -88.09
C LEU P 239 -79.99 4.11 -88.70
N ALA P 240 -81.24 3.75 -89.05
CA ALA P 240 -82.20 4.79 -89.39
C ALA P 240 -82.36 5.79 -88.24
N TYR P 241 -82.27 5.30 -87.00
CA TYR P 241 -82.37 6.19 -85.84
C TYR P 241 -81.27 7.24 -85.86
N GLU P 242 -80.03 6.82 -86.06
CA GLU P 242 -78.92 7.78 -86.09
C GLU P 242 -79.05 8.73 -87.28
N LEU P 243 -79.51 8.22 -88.42
CA LEU P 243 -79.68 9.09 -89.58
C LEU P 243 -80.66 10.21 -89.29
N GLN P 244 -81.84 9.87 -88.76
CA GLN P 244 -82.81 10.90 -88.44
C GLN P 244 -82.33 11.79 -87.31
N GLY P 245 -81.58 11.23 -86.36
CA GLY P 245 -81.05 12.05 -85.28
C GLY P 245 -80.10 13.12 -85.77
N ALA P 246 -79.20 12.76 -86.69
CA ALA P 246 -78.30 13.76 -87.26
C ALA P 246 -79.07 14.77 -88.09
N ARG P 247 -80.06 14.30 -88.86
CA ARG P 247 -80.85 15.22 -89.67
C ARG P 247 -81.56 16.24 -88.80
N GLU P 248 -82.07 15.83 -87.64
CA GLU P 248 -82.69 16.78 -86.73
C GLU P 248 -81.67 17.66 -86.01
N GLN P 249 -80.53 17.08 -85.61
CA GLN P 249 -79.47 17.85 -84.98
C GLN P 249 -79.00 18.99 -85.86
N GLN P 250 -79.12 18.84 -87.18
CA GLN P 250 -78.86 19.98 -88.07
C GLN P 250 -79.62 21.22 -87.61
N LYS P 251 -80.95 21.14 -87.57
CA LYS P 251 -81.76 22.30 -87.17
C LYS P 251 -81.59 22.62 -85.70
N ILE P 252 -81.39 21.59 -84.86
CA ILE P 252 -81.19 21.84 -83.43
C ILE P 252 -80.01 22.77 -83.23
N ARG P 253 -78.88 22.45 -83.84
CA ARG P 253 -77.69 23.27 -83.70
C ARG P 253 -77.83 24.58 -84.46
N GLN P 254 -78.57 24.58 -85.57
CA GLN P 254 -78.85 25.83 -86.28
C GLN P 254 -79.48 26.86 -85.33
N GLU P 255 -80.51 26.46 -84.61
CA GLU P 255 -81.11 27.40 -83.67
C GLU P 255 -80.24 27.65 -82.44
N GLU P 256 -79.56 26.62 -81.92
CA GLU P 256 -78.67 26.82 -80.78
C GLU P 256 -77.59 27.84 -81.07
N ILE P 257 -77.17 27.96 -82.34
CA ILE P 257 -76.18 28.95 -82.71
C ILE P 257 -76.80 30.26 -83.17
N GLU P 258 -78.04 30.25 -83.66
CA GLU P 258 -78.76 31.50 -83.88
C GLU P 258 -79.03 32.24 -82.57
N ILE P 259 -79.01 31.53 -81.44
CA ILE P 259 -79.13 32.19 -80.14
C ILE P 259 -78.16 33.36 -80.04
N GLU P 260 -76.86 33.08 -80.12
CA GLU P 260 -75.88 34.15 -79.95
C GLU P 260 -75.78 35.06 -81.15
N VAL P 261 -76.24 34.63 -82.33
CA VAL P 261 -76.37 35.57 -83.45
C VAL P 261 -77.35 36.68 -83.07
N VAL P 262 -78.52 36.30 -82.55
CA VAL P 262 -79.51 37.28 -82.13
C VAL P 262 -78.96 38.13 -80.99
N GLN P 263 -78.24 37.50 -80.06
CA GLN P 263 -77.67 38.25 -78.94
C GLN P 263 -76.68 39.32 -79.42
N ARG P 264 -75.73 38.93 -80.28
CA ARG P 264 -74.73 39.86 -80.77
C ARG P 264 -75.31 40.88 -81.72
N LYS P 265 -76.48 40.60 -82.32
CA LYS P 265 -77.11 41.58 -83.19
C LYS P 265 -77.48 42.85 -82.44
N LYS P 266 -77.91 42.72 -81.18
CA LYS P 266 -78.28 43.85 -80.37
C LYS P 266 -77.21 44.26 -79.37
N GLN P 267 -76.17 43.44 -79.19
CA GLN P 267 -74.96 43.99 -78.60
C GLN P 267 -74.45 45.20 -79.39
N ILE P 268 -74.84 45.33 -80.66
CA ILE P 268 -74.52 46.52 -81.44
C ILE P 268 -75.12 47.76 -80.77
N ALA P 269 -76.42 47.70 -80.43
CA ALA P 269 -77.05 48.83 -79.76
C ALA P 269 -76.48 49.03 -78.37
N VAL P 270 -76.13 47.93 -77.69
CA VAL P 270 -75.45 48.05 -76.41
C VAL P 270 -74.20 48.90 -76.54
N GLU P 271 -73.39 48.59 -77.56
CA GLU P 271 -72.13 49.30 -77.75
C GLU P 271 -72.35 50.74 -78.21
N ALA P 272 -73.41 51.00 -78.98
CA ALA P 272 -73.70 52.38 -79.37
C ALA P 272 -74.05 53.23 -78.16
N GLN P 273 -74.91 52.71 -77.27
CA GLN P 273 -75.18 53.42 -76.04
C GLN P 273 -73.93 53.59 -75.19
N GLU P 274 -73.05 52.58 -75.20
CA GLU P 274 -71.77 52.72 -74.52
C GLU P 274 -70.91 53.82 -75.14
N ILE P 275 -70.96 53.98 -76.46
CA ILE P 275 -70.23 55.06 -77.13
C ILE P 275 -70.71 56.40 -76.61
N LEU P 276 -72.02 56.59 -76.57
CA LEU P 276 -72.55 57.86 -76.05
C LEU P 276 -72.14 58.09 -74.60
N ARG P 277 -72.26 57.04 -73.78
CA ARG P 277 -71.91 57.18 -72.37
C ARG P 277 -70.44 57.52 -72.19
N THR P 278 -69.56 56.86 -72.94
CA THR P 278 -68.13 57.12 -72.76
C THR P 278 -67.76 58.48 -73.34
N ASP P 279 -68.45 58.94 -74.36
CA ASP P 279 -68.23 60.31 -74.84
C ASP P 279 -68.53 61.31 -73.73
N LYS P 280 -69.70 61.20 -73.11
CA LYS P 280 -70.05 62.13 -72.04
C LYS P 280 -69.11 61.98 -70.85
N GLU P 281 -68.72 60.74 -70.52
CA GLU P 281 -67.82 60.52 -69.40
C GLU P 281 -66.46 61.15 -69.65
N LEU P 282 -65.93 60.98 -70.86
CA LEU P 282 -64.65 61.62 -71.19
C LEU P 282 -64.75 63.13 -71.14
N ILE P 283 -65.87 63.69 -71.61
CA ILE P 283 -66.08 65.12 -71.45
C ILE P 283 -65.94 65.51 -69.98
N ALA P 284 -66.82 64.96 -69.14
CA ALA P 284 -66.85 65.35 -67.73
C ALA P 284 -65.54 65.05 -67.02
N THR P 285 -64.75 64.09 -67.54
CA THR P 285 -63.56 63.65 -66.83
C THR P 285 -62.31 64.44 -67.21
N VAL P 286 -62.14 64.78 -68.50
CA VAL P 286 -60.89 65.41 -68.90
C VAL P 286 -61.11 66.75 -69.60
N ARG P 287 -62.27 66.93 -70.25
CA ARG P 287 -62.44 68.14 -71.05
C ARG P 287 -62.62 69.38 -70.18
N ARG P 288 -63.43 69.28 -69.14
CA ARG P 288 -63.70 70.40 -68.24
C ARG P 288 -62.56 70.62 -67.24
N PRO P 289 -61.98 69.56 -66.65
CA PRO P 289 -60.79 69.78 -65.81
C PRO P 289 -59.66 70.45 -66.56
N ALA P 290 -59.50 70.21 -67.86
CA ALA P 290 -58.47 70.91 -68.63
C ALA P 290 -58.74 72.40 -68.65
N GLU P 291 -59.99 72.80 -68.89
CA GLU P 291 -60.33 74.22 -68.90
C GLU P 291 -60.14 74.84 -67.52
N ALA P 292 -60.53 74.13 -66.47
CA ALA P 292 -60.33 74.64 -65.12
C ALA P 292 -58.85 74.81 -64.80
N GLU P 293 -58.03 73.85 -65.23
CA GLU P 293 -56.59 73.96 -65.03
C GLU P 293 -56.02 75.15 -65.79
N ALA P 294 -56.49 75.37 -67.03
CA ALA P 294 -56.03 76.52 -67.79
C ALA P 294 -56.38 77.82 -67.07
N HIS P 295 -57.62 77.93 -66.57
CA HIS P 295 -58.02 79.12 -65.84
C HIS P 295 -57.17 79.31 -64.59
N ARG P 296 -56.90 78.23 -63.86
CA ARG P 296 -56.08 78.32 -62.66
C ARG P 296 -54.67 78.80 -63.00
N ILE P 297 -54.08 78.24 -64.06
CA ILE P 297 -52.72 78.62 -64.44
C ILE P 297 -52.67 80.10 -64.84
N GLN P 298 -53.66 80.56 -65.60
CA GLN P 298 -53.59 81.95 -66.04
C GLN P 298 -53.86 82.91 -64.88
N GLN P 299 -54.74 82.55 -63.94
CA GLN P 299 -54.94 83.38 -62.77
C GLN P 299 -53.67 83.47 -61.92
N ILE P 300 -53.05 82.32 -61.66
CA ILE P 300 -51.84 82.32 -60.84
C ILE P 300 -50.70 83.03 -61.55
N ALA P 301 -50.63 82.91 -62.88
CA ALA P 301 -49.63 83.65 -63.64
C ALA P 301 -49.84 85.15 -63.53
N GLU P 302 -51.10 85.59 -63.58
CA GLU P 302 -51.39 87.01 -63.39
C GLU P 302 -50.93 87.48 -62.02
N GLY P 303 -51.24 86.70 -60.98
CA GLY P 303 -50.79 87.07 -59.65
C GLY P 303 -49.28 87.16 -59.54
N GLU P 304 -48.58 86.17 -60.07
CA GLU P 304 -47.13 86.16 -60.00
C GLU P 304 -46.52 87.31 -60.81
N LYS P 305 -47.09 87.61 -61.98
CA LYS P 305 -46.59 88.72 -62.78
C LYS P 305 -46.74 90.05 -62.05
N VAL P 306 -47.91 90.27 -61.43
CA VAL P 306 -48.09 91.52 -60.69
C VAL P 306 -47.13 91.58 -59.52
N LYS P 307 -46.93 90.46 -58.81
CA LYS P 307 -46.00 90.45 -57.69
C LYS P 307 -44.58 90.78 -58.14
N GLN P 308 -44.14 90.16 -59.23
CA GLN P 308 -42.78 90.42 -59.73
C GLN P 308 -42.61 91.85 -60.20
N VAL P 309 -43.62 92.40 -60.89
CA VAL P 309 -43.52 93.78 -61.33
C VAL P 309 -43.43 94.73 -60.15
N LEU P 310 -44.25 94.51 -59.13
CA LEU P 310 -44.21 95.37 -57.95
C LEU P 310 -42.87 95.26 -57.23
N LEU P 311 -42.36 94.03 -57.09
CA LEU P 311 -41.06 93.86 -56.43
C LEU P 311 -39.95 94.52 -57.21
N ALA P 312 -40.00 94.42 -58.55
CA ALA P 312 -38.99 95.07 -59.38
C ALA P 312 -39.06 96.58 -59.26
N GLN P 313 -40.26 97.14 -59.22
CA GLN P 313 -40.40 98.58 -59.04
C GLN P 313 -39.84 99.02 -57.69
N ALA P 314 -40.14 98.25 -56.64
CA ALA P 314 -39.61 98.57 -55.31
C ALA P 314 -38.09 98.52 -55.30
N GLU P 315 -37.51 97.49 -55.91
CA GLU P 315 -36.06 97.38 -55.96
C GLU P 315 -35.44 98.51 -56.75
N ALA P 316 -36.07 98.88 -57.89
CA ALA P 316 -35.54 99.96 -58.71
C ALA P 316 -35.54 101.28 -57.96
N GLU P 317 -36.62 101.59 -57.24
CA GLU P 317 -36.65 102.86 -56.54
C GLU P 317 -35.75 102.82 -55.31
N LYS P 318 -35.59 101.64 -54.69
CA LYS P 318 -34.57 101.46 -53.67
C LYS P 318 -33.19 101.86 -54.20
N ILE P 319 -32.83 101.32 -55.37
CA ILE P 319 -31.53 101.62 -55.95
C ILE P 319 -31.42 103.10 -56.27
N ARG P 320 -32.49 103.70 -56.80
CA ARG P 320 -32.45 105.12 -57.14
C ARG P 320 -32.20 105.98 -55.91
N LYS P 321 -32.94 105.72 -54.84
CA LYS P 321 -32.79 106.53 -53.62
C LYS P 321 -31.43 106.32 -52.99
N ILE P 322 -30.94 105.07 -52.95
CA ILE P 322 -29.61 104.82 -52.40
C ILE P 322 -28.55 105.54 -53.22
N GLY P 323 -28.68 105.50 -54.54
CA GLY P 323 -27.72 106.20 -55.38
C GLY P 323 -27.74 107.70 -55.19
N GLU P 324 -28.94 108.27 -55.02
CA GLU P 324 -29.02 109.71 -54.74
C GLU P 324 -28.36 110.04 -53.42
N ALA P 325 -28.58 109.21 -52.39
CA ALA P 325 -27.94 109.46 -51.11
C ALA P 325 -26.43 109.39 -51.22
N GLU P 326 -25.92 108.38 -51.95
CA GLU P 326 -24.48 108.26 -52.14
C GLU P 326 -23.91 109.44 -52.90
N ALA P 327 -24.64 109.92 -53.92
CA ALA P 327 -24.19 111.10 -54.65
C ALA P 327 -24.11 112.32 -53.73
N ALA P 328 -25.13 112.49 -52.87
CA ALA P 328 -25.12 113.62 -51.97
C ALA P 328 -23.95 113.57 -51.00
N VAL P 329 -23.70 112.38 -50.42
CA VAL P 329 -22.61 112.29 -49.45
C VAL P 329 -21.26 112.46 -50.15
N ILE P 330 -21.12 111.95 -51.38
CA ILE P 330 -19.87 112.11 -52.11
C ILE P 330 -19.62 113.58 -52.42
N GLU P 331 -20.68 114.31 -52.82
CA GLU P 331 -20.52 115.73 -53.07
C GLU P 331 -20.16 116.47 -51.79
N ALA P 332 -20.72 116.05 -50.66
CA ALA P 332 -20.35 116.66 -49.38
C ALA P 332 -18.88 116.43 -49.05
N MET P 333 -18.40 115.20 -49.26
CA MET P 333 -16.97 114.92 -49.09
C MET P 333 -16.13 115.77 -50.00
N GLY P 334 -16.56 115.97 -51.25
CA GLY P 334 -15.81 116.83 -52.14
C GLY P 334 -15.75 118.26 -51.64
N LYS P 335 -16.88 118.79 -51.20
CA LYS P 335 -16.93 120.12 -50.61
C LYS P 335 -15.90 120.23 -49.49
N ALA P 336 -15.95 119.29 -48.54
CA ALA P 336 -15.12 119.39 -47.33
C ALA P 336 -13.65 119.21 -47.65
N GLU P 337 -13.31 118.20 -48.46
CA GLU P 337 -11.90 117.92 -48.73
C GLU P 337 -11.29 119.01 -49.58
N ALA P 338 -12.04 119.55 -50.54
CA ALA P 338 -11.52 120.66 -51.33
C ALA P 338 -11.32 121.90 -50.47
N GLU P 339 -12.25 122.17 -49.54
CA GLU P 339 -12.03 123.29 -48.63
C GLU P 339 -10.80 123.06 -47.77
N ARG P 340 -10.59 121.82 -47.33
CA ARG P 340 -9.40 121.48 -46.54
C ARG P 340 -8.14 121.78 -47.33
N MET P 341 -8.07 121.29 -48.57
CA MET P 341 -6.87 121.50 -49.38
C MET P 341 -6.66 122.98 -49.68
N LYS P 342 -7.74 123.70 -49.97
CA LYS P 342 -7.62 125.12 -50.25
C LYS P 342 -7.07 125.88 -49.05
N LEU P 343 -7.62 125.62 -47.87
CA LEU P 343 -7.13 126.31 -46.67
C LEU P 343 -5.69 125.91 -46.35
N LYS P 344 -5.34 124.66 -46.62
CA LYS P 344 -3.97 124.21 -46.35
C LYS P 344 -2.99 124.81 -47.36
N ALA P 345 -3.50 125.26 -48.51
CA ALA P 345 -2.64 125.87 -49.52
C ALA P 345 -1.96 127.14 -49.02
N GLU P 346 -2.74 128.08 -48.48
CA GLU P 346 -2.11 129.30 -47.93
C GLU P 346 -1.22 128.97 -46.74
N ALA P 347 -1.57 127.93 -45.99
CA ALA P 347 -0.71 127.53 -44.87
C ALA P 347 0.66 127.11 -45.37
N TYR P 348 0.71 126.28 -46.41
CA TYR P 348 2.00 125.88 -46.98
C TYR P 348 2.69 127.05 -47.67
N GLN P 349 1.93 128.02 -48.15
CA GLN P 349 2.53 129.12 -48.91
C GLN P 349 3.44 129.97 -48.02
N LYS P 350 3.23 129.93 -46.70
CA LYS P 350 3.97 130.79 -45.80
C LYS P 350 5.14 130.08 -45.14
N TYR P 351 5.61 128.99 -45.75
CA TYR P 351 6.71 128.18 -45.23
C TYR P 351 8.05 128.76 -45.68
N GLY P 352 8.98 128.88 -44.73
CA GLY P 352 10.32 129.34 -45.02
C GLY P 352 11.30 128.19 -45.13
N ASP P 353 12.59 128.51 -45.02
CA ASP P 353 13.61 127.47 -45.05
C ASP P 353 13.52 126.57 -43.84
N ALA P 354 13.34 127.16 -42.65
CA ALA P 354 13.31 126.37 -41.42
C ALA P 354 12.14 125.40 -41.41
N ALA P 355 10.98 125.84 -41.90
CA ALA P 355 9.81 124.97 -41.91
C ALA P 355 9.98 123.79 -42.86
N LYS P 356 10.55 124.04 -44.04
CA LYS P 356 10.84 122.93 -44.95
C LYS P 356 11.86 121.97 -44.34
N MET P 357 12.86 122.52 -43.64
CA MET P 357 13.81 121.67 -42.93
C MET P 357 13.10 120.81 -41.90
N ALA P 358 12.13 121.40 -41.18
CA ALA P 358 11.36 120.63 -40.21
C ALA P 358 10.58 119.52 -40.88
N LEU P 359 9.98 119.80 -42.04
CA LEU P 359 9.25 118.77 -42.76
C LEU P 359 10.16 117.61 -43.15
N VAL P 360 11.34 117.93 -43.69
CA VAL P 360 12.25 116.88 -44.12
C VAL P 360 12.73 116.07 -42.92
N LEU P 361 13.09 116.75 -41.83
CA LEU P 361 13.57 116.03 -40.65
C LEU P 361 12.48 115.16 -40.05
N GLU P 362 11.23 115.61 -40.09
CA GLU P 362 10.13 114.79 -39.58
C GLU P 362 9.91 113.58 -40.48
N ALA P 363 10.09 113.75 -41.79
CA ALA P 363 9.87 112.63 -42.70
C ALA P 363 11.00 111.60 -42.59
N LEU P 364 12.21 112.05 -42.26
CA LEU P 364 13.37 111.16 -42.28
C LEU P 364 13.25 109.91 -41.42
N PRO P 365 12.85 109.97 -40.14
CA PRO P 365 12.81 108.74 -39.34
C PRO P 365 11.89 107.67 -39.87
N GLN P 366 10.73 108.05 -40.44
CA GLN P 366 9.83 107.04 -40.98
C GLN P 366 10.45 106.34 -42.18
N ILE P 367 11.08 107.10 -43.08
CA ILE P 367 11.76 106.51 -44.23
C ILE P 367 12.88 105.60 -43.76
N ALA P 368 13.65 106.04 -42.77
CA ALA P 368 14.75 105.23 -42.25
C ALA P 368 14.22 103.94 -41.64
N ALA P 369 13.11 104.00 -40.91
CA ALA P 369 12.52 102.79 -40.35
C ALA P 369 12.07 101.84 -41.45
N LYS P 370 11.49 102.39 -42.52
CA LYS P 370 11.04 101.53 -43.61
C LYS P 370 12.21 100.87 -44.32
N ILE P 371 13.28 101.61 -44.59
CA ILE P 371 14.41 101.05 -45.32
C ILE P 371 15.14 100.01 -44.48
N ALA P 372 15.23 100.21 -43.17
CA ALA P 372 15.98 99.31 -42.31
C ALA P 372 15.19 98.07 -41.93
N ALA P 373 13.90 97.99 -42.26
CA ALA P 373 13.10 96.83 -41.90
C ALA P 373 13.69 95.51 -42.39
N PRO P 374 14.20 95.38 -43.62
CA PRO P 374 14.80 94.09 -44.01
C PRO P 374 15.99 93.68 -43.17
N LEU P 375 16.63 94.64 -42.49
CA LEU P 375 17.81 94.31 -41.70
C LEU P 375 17.44 93.54 -40.43
N THR P 376 16.16 93.43 -40.14
CA THR P 376 15.70 92.76 -38.93
C THR P 376 16.02 91.28 -38.95
N LYS P 377 16.05 90.67 -40.12
CA LYS P 377 16.16 89.22 -40.25
C LYS P 377 17.59 88.73 -40.42
N VAL P 378 18.59 89.59 -40.16
CA VAL P 378 19.97 89.15 -40.28
C VAL P 378 20.26 88.06 -39.25
N ASP P 379 20.95 87.01 -39.69
CA ASP P 379 21.27 85.88 -38.82
C ASP P 379 22.63 86.01 -38.16
N GLU P 380 23.69 86.17 -38.96
CA GLU P 380 25.03 86.27 -38.41
C GLU P 380 25.84 87.20 -39.30
N ILE P 381 26.85 87.82 -38.69
CA ILE P 381 27.69 88.80 -39.38
C ILE P 381 29.14 88.33 -39.23
N VAL P 382 29.86 88.28 -40.34
CA VAL P 382 31.28 87.93 -40.35
C VAL P 382 32.06 89.12 -40.90
N VAL P 383 33.01 89.62 -40.13
CA VAL P 383 33.81 90.77 -40.50
C VAL P 383 35.28 90.36 -40.51
N LEU P 384 35.97 90.67 -41.59
CA LEU P 384 37.41 90.44 -41.71
C LEU P 384 38.09 91.74 -42.11
N SER P 385 39.31 91.94 -41.64
CA SER P 385 40.03 93.17 -41.90
C SER P 385 41.49 92.87 -42.18
N GLY P 386 42.17 93.82 -42.82
CA GLY P 386 43.56 93.65 -43.17
C GLY P 386 43.78 92.86 -44.44
N ASP P 387 44.71 93.30 -45.27
CA ASP P 387 44.99 92.63 -46.54
C ASP P 387 46.03 91.53 -46.34
N ASN P 388 45.55 90.33 -46.07
CA ASN P 388 46.40 89.17 -45.83
C ASN P 388 45.82 87.95 -46.53
N SER P 389 46.44 86.80 -46.28
CA SER P 389 46.04 85.56 -46.92
C SER P 389 44.81 84.98 -46.21
N LYS P 390 44.32 83.86 -46.74
CA LYS P 390 43.13 83.18 -46.24
C LYS P 390 43.47 81.85 -45.59
N VAL P 391 44.64 81.78 -44.97
CA VAL P 391 45.11 80.53 -44.35
C VAL P 391 45.01 80.61 -42.83
N THR P 392 45.07 81.81 -42.27
CA THR P 392 45.09 81.95 -40.81
C THR P 392 43.80 81.42 -40.18
N SER P 393 42.65 81.73 -40.79
CA SER P 393 41.33 81.30 -40.31
C SER P 393 41.15 81.84 -38.89
N GLU P 394 40.76 81.04 -37.92
CA GLU P 394 40.56 81.51 -36.56
C GLU P 394 41.66 81.00 -35.64
N MET Q 1 -148.35 -79.99 -41.58
CA MET Q 1 -149.31 -78.91 -41.41
C MET Q 1 -149.08 -77.79 -42.41
N PHE Q 2 -150.08 -76.93 -42.58
CA PHE Q 2 -149.98 -75.84 -43.54
C PHE Q 2 -148.97 -74.80 -43.07
N PHE Q 3 -148.21 -74.25 -44.01
CA PHE Q 3 -147.17 -73.26 -43.72
C PHE Q 3 -147.47 -71.99 -44.51
N THR Q 4 -147.96 -70.97 -43.80
CA THR Q 4 -148.25 -69.70 -44.44
C THR Q 4 -146.97 -68.99 -44.85
N CYS Q 5 -147.07 -68.20 -45.92
CA CYS Q 5 -145.96 -67.38 -46.39
C CYS Q 5 -146.48 -66.03 -46.83
N GLY Q 6 -145.64 -65.03 -46.71
CA GLY Q 6 -145.96 -63.71 -47.22
C GLY Q 6 -145.75 -63.65 -48.72
N PRO Q 7 -145.94 -62.45 -49.27
CA PRO Q 7 -145.67 -62.21 -50.68
C PRO Q 7 -144.26 -61.74 -51.02
N ASN Q 8 -143.29 -61.93 -50.14
CA ASN Q 8 -141.88 -61.62 -50.43
C ASN Q 8 -141.02 -62.87 -50.46
N GLU Q 9 -141.62 -64.05 -50.35
CA GLU Q 9 -140.87 -65.29 -50.40
C GLU Q 9 -141.67 -66.33 -51.19
N ALA Q 10 -140.95 -67.26 -51.80
CA ALA Q 10 -141.55 -68.35 -52.54
C ALA Q 10 -141.35 -69.65 -51.77
N MET Q 11 -142.45 -70.27 -51.38
CA MET Q 11 -142.42 -71.55 -50.67
C MET Q 11 -142.55 -72.67 -51.69
N VAL Q 12 -141.43 -73.32 -51.98
CA VAL Q 12 -141.41 -74.48 -52.87
C VAL Q 12 -140.85 -75.66 -52.08
N VAL Q 13 -141.60 -76.75 -52.05
CA VAL Q 13 -141.24 -77.93 -51.27
C VAL Q 13 -141.59 -79.17 -52.05
N SER Q 14 -140.87 -80.26 -51.78
CA SER Q 14 -141.17 -81.57 -52.34
C SER Q 14 -141.74 -82.46 -51.25
N GLY Q 15 -142.88 -83.09 -51.54
CA GLY Q 15 -143.54 -83.93 -50.56
C GLY Q 15 -143.64 -85.38 -50.98
N PHE Q 16 -144.87 -85.86 -51.19
CA PHE Q 16 -145.12 -87.21 -51.66
C PHE Q 16 -146.01 -87.14 -52.89
N CYS Q 17 -145.55 -87.72 -53.99
CA CYS Q 17 -146.28 -87.75 -55.26
C CYS Q 17 -146.65 -86.34 -55.71
N ARG Q 18 -145.63 -85.49 -55.81
CA ARG Q 18 -145.76 -84.11 -56.27
C ARG Q 18 -144.70 -83.81 -57.32
N SER Q 19 -144.59 -84.70 -58.31
CA SER Q 19 -143.53 -84.60 -59.32
C SER Q 19 -143.55 -83.29 -60.09
N PRO Q 20 -144.67 -82.78 -60.61
CA PRO Q 20 -144.65 -81.49 -61.26
C PRO Q 20 -144.27 -80.40 -60.28
N PRO Q 21 -143.62 -79.34 -60.75
CA PRO Q 21 -143.19 -78.28 -59.83
C PRO Q 21 -144.37 -77.57 -59.18
N VAL Q 22 -144.14 -77.11 -57.95
CA VAL Q 22 -145.16 -76.42 -57.16
C VAL Q 22 -144.70 -74.98 -56.95
N MET Q 23 -145.50 -74.03 -57.42
CA MET Q 23 -145.20 -72.60 -57.31
C MET Q 23 -146.13 -71.99 -56.27
N VAL Q 24 -145.63 -71.84 -55.05
CA VAL Q 24 -146.40 -71.25 -53.96
C VAL Q 24 -145.63 -70.08 -53.39
N ALA Q 25 -146.25 -68.90 -53.40
CA ALA Q 25 -145.71 -67.70 -52.78
C ALA Q 25 -146.89 -66.87 -52.27
N GLY Q 26 -147.18 -66.99 -50.98
CA GLY Q 26 -148.35 -66.37 -50.41
C GLY Q 26 -149.53 -67.32 -50.30
N GLY Q 27 -149.27 -68.51 -49.76
CA GLY Q 27 -150.29 -69.52 -49.60
C GLY Q 27 -149.92 -70.47 -48.49
N ARG Q 28 -150.48 -71.67 -48.55
CA ARG Q 28 -150.18 -72.72 -47.58
C ARG Q 28 -149.97 -74.05 -48.28
N VAL Q 29 -149.18 -74.92 -47.65
CA VAL Q 29 -148.92 -76.27 -48.14
C VAL Q 29 -148.94 -77.21 -46.95
N PHE Q 30 -149.73 -78.28 -47.05
CA PHE Q 30 -149.71 -79.32 -46.03
C PHE Q 30 -148.41 -80.10 -46.13
N VAL Q 31 -147.59 -80.05 -45.08
CA VAL Q 31 -146.24 -80.59 -45.10
C VAL Q 31 -146.14 -81.73 -44.10
N LEU Q 32 -145.76 -82.91 -44.58
CA LEU Q 32 -145.45 -84.02 -43.69
C LEU Q 32 -144.08 -83.79 -43.06
N PRO Q 33 -143.89 -84.14 -41.78
CA PRO Q 33 -142.62 -83.81 -41.13
C PRO Q 33 -141.45 -84.67 -41.57
N CYS Q 34 -141.66 -85.98 -41.72
CA CYS Q 34 -140.58 -86.90 -42.05
C CYS Q 34 -140.54 -87.27 -43.52
N ILE Q 35 -141.38 -86.66 -44.37
CA ILE Q 35 -141.44 -86.97 -45.78
C ILE Q 35 -141.06 -85.80 -46.65
N GLN Q 36 -141.54 -84.60 -46.32
CA GLN Q 36 -141.32 -83.43 -47.15
C GLN Q 36 -140.06 -82.67 -46.72
N GLN Q 37 -139.48 -81.93 -47.66
CA GLN Q 37 -138.31 -81.10 -47.43
C GLN Q 37 -138.65 -79.65 -47.76
N ILE Q 38 -138.23 -78.74 -46.89
CA ILE Q 38 -138.62 -77.34 -46.96
C ILE Q 38 -137.42 -76.51 -47.38
N GLN Q 39 -137.63 -75.65 -48.38
CA GLN Q 39 -136.63 -74.69 -48.83
C GLN Q 39 -137.33 -73.39 -49.21
N ARG Q 40 -136.60 -72.29 -49.09
CA ARG Q 40 -137.18 -70.95 -49.24
C ARG Q 40 -136.33 -70.08 -50.15
N ILE Q 41 -136.98 -69.16 -50.84
CA ILE Q 41 -136.33 -68.10 -51.62
C ILE Q 41 -136.97 -66.77 -51.23
N SER Q 42 -136.13 -65.78 -50.96
CA SER Q 42 -136.61 -64.43 -50.66
C SER Q 42 -136.79 -63.64 -51.95
N LEU Q 43 -137.98 -63.07 -52.12
CA LEU Q 43 -138.33 -62.30 -53.31
C LEU Q 43 -138.14 -60.80 -53.13
N ASN Q 44 -137.62 -60.36 -51.99
CA ASN Q 44 -137.52 -58.93 -51.71
C ASN Q 44 -136.51 -58.29 -52.66
N THR Q 45 -136.82 -57.06 -53.08
CA THR Q 45 -135.98 -56.37 -54.04
C THR Q 45 -134.68 -55.91 -53.39
N LEU Q 46 -133.56 -56.19 -54.05
CA LEU Q 46 -132.25 -55.80 -53.56
C LEU Q 46 -131.62 -54.83 -54.54
N THR Q 47 -130.99 -53.78 -54.00
CA THR Q 47 -130.31 -52.78 -54.82
C THR Q 47 -128.88 -53.21 -55.10
N LEU Q 48 -128.38 -52.82 -56.27
CA LEU Q 48 -127.04 -53.20 -56.71
C LEU Q 48 -126.26 -51.95 -57.06
N ASN Q 49 -125.04 -51.87 -56.54
CA ASN Q 49 -124.14 -50.76 -56.83
C ASN Q 49 -123.20 -51.20 -57.96
N VAL Q 50 -123.70 -51.11 -59.18
CA VAL Q 50 -122.99 -51.58 -60.37
C VAL Q 50 -121.90 -50.56 -60.67
N LYS Q 51 -120.66 -50.86 -60.29
CA LYS Q 51 -119.55 -49.95 -60.41
C LYS Q 51 -118.62 -50.37 -61.54
N SER Q 52 -118.28 -49.43 -62.41
CA SER Q 52 -117.33 -49.65 -63.49
C SER Q 52 -116.18 -48.66 -63.34
N GLU Q 53 -114.95 -49.17 -63.32
CA GLU Q 53 -113.77 -48.36 -63.10
C GLU Q 53 -112.85 -48.45 -64.31
N LYS Q 54 -112.47 -47.29 -64.84
CA LYS Q 54 -111.52 -47.18 -65.95
C LYS Q 54 -111.99 -48.01 -67.16
N VAL Q 55 -113.15 -47.63 -67.68
CA VAL Q 55 -113.76 -48.31 -68.82
C VAL Q 55 -113.69 -47.39 -70.03
N TYR Q 56 -113.32 -47.94 -71.17
CA TYR Q 56 -113.18 -47.17 -72.39
C TYR Q 56 -114.50 -47.03 -73.14
N THR Q 57 -114.72 -45.83 -73.69
CA THR Q 57 -115.90 -45.52 -74.48
C THR Q 57 -115.59 -45.74 -75.96
N ARG Q 58 -116.49 -45.30 -76.84
CA ARG Q 58 -116.32 -45.64 -78.25
C ARG Q 58 -115.27 -44.72 -78.89
N HIS Q 59 -114.94 -43.60 -78.23
CA HIS Q 59 -113.72 -42.87 -78.52
C HIS Q 59 -112.49 -43.47 -77.85
N GLY Q 60 -112.67 -44.32 -76.84
CA GLY Q 60 -111.57 -44.87 -76.10
C GLY Q 60 -111.21 -44.11 -74.84
N VAL Q 61 -111.83 -42.97 -74.57
CA VAL Q 61 -111.50 -42.21 -73.37
C VAL Q 61 -111.96 -42.99 -72.13
N PRO Q 62 -111.12 -43.12 -71.10
CA PRO Q 62 -111.54 -43.85 -69.90
C PRO Q 62 -112.27 -42.93 -68.92
N ILE Q 63 -113.46 -43.35 -68.49
CA ILE Q 63 -114.25 -42.61 -67.52
C ILE Q 63 -114.75 -43.57 -66.45
N SER Q 64 -114.68 -43.15 -65.20
CA SER Q 64 -115.20 -43.94 -64.10
C SER Q 64 -116.70 -43.76 -64.01
N VAL Q 65 -117.44 -44.85 -64.18
CA VAL Q 65 -118.89 -44.83 -64.26
C VAL Q 65 -119.47 -45.72 -63.18
N THR Q 66 -120.42 -45.19 -62.41
CA THR Q 66 -121.12 -45.93 -61.38
C THR Q 66 -122.58 -46.07 -61.75
N GLY Q 67 -123.14 -47.25 -61.53
CA GLY Q 67 -124.53 -47.50 -61.84
C GLY Q 67 -125.25 -48.15 -60.67
N ILE Q 68 -126.55 -47.90 -60.59
CA ILE Q 68 -127.40 -48.44 -59.55
C ILE Q 68 -128.56 -49.17 -60.22
N ALA Q 69 -128.87 -50.37 -59.74
CA ALA Q 69 -129.93 -51.18 -60.30
C ALA Q 69 -130.82 -51.72 -59.19
N GLN Q 70 -132.10 -51.87 -59.49
CA GLN Q 70 -133.07 -52.48 -58.59
C GLN Q 70 -133.60 -53.75 -59.25
N VAL Q 71 -133.21 -54.91 -58.71
CA VAL Q 71 -133.52 -56.19 -59.31
C VAL Q 71 -134.41 -56.98 -58.36
N LYS Q 72 -135.39 -57.67 -58.92
CA LYS Q 72 -136.35 -58.46 -58.15
C LYS Q 72 -136.69 -59.72 -58.92
N ILE Q 73 -137.12 -60.74 -58.18
CA ILE Q 73 -137.50 -62.03 -58.75
C ILE Q 73 -139.00 -61.99 -59.00
N GLN Q 74 -139.40 -61.94 -60.27
CA GLN Q 74 -140.81 -61.81 -60.61
C GLN Q 74 -141.55 -63.12 -60.36
N GLY Q 75 -142.04 -63.30 -59.14
CA GLY Q 75 -142.76 -64.51 -58.78
C GLY Q 75 -144.14 -64.63 -59.41
N GLN Q 76 -144.63 -63.55 -60.04
CA GLN Q 76 -145.93 -63.64 -60.71
C GLN Q 76 -145.88 -64.62 -61.87
N ASN Q 77 -144.78 -64.64 -62.62
CA ASN Q 77 -144.63 -65.56 -63.74
C ASN Q 77 -144.27 -66.94 -63.22
N LYS Q 78 -145.15 -67.92 -63.48
CA LYS Q 78 -144.91 -69.28 -63.00
C LYS Q 78 -143.68 -69.88 -63.65
N GLU Q 79 -143.53 -69.69 -64.96
CA GLU Q 79 -142.40 -70.29 -65.67
C GLU Q 79 -141.08 -69.70 -65.20
N MET Q 80 -141.00 -68.37 -65.08
CA MET Q 80 -139.76 -67.73 -64.65
C MET Q 80 -139.42 -68.11 -63.22
N LEU Q 81 -140.43 -68.15 -62.33
CA LEU Q 81 -140.17 -68.54 -60.95
C LEU Q 81 -139.70 -69.99 -60.87
N ALA Q 82 -140.32 -70.87 -61.65
CA ALA Q 82 -139.89 -72.27 -61.66
C ALA Q 82 -138.47 -72.41 -62.16
N ALA Q 83 -138.11 -71.63 -63.19
CA ALA Q 83 -136.73 -71.64 -63.66
C ALA Q 83 -135.78 -71.15 -62.57
N ALA Q 84 -136.15 -70.08 -61.88
CA ALA Q 84 -135.27 -69.50 -60.88
C ALA Q 84 -135.08 -70.41 -59.68
N CYS Q 85 -136.12 -71.16 -59.31
CA CYS Q 85 -136.03 -72.03 -58.15
C CYS Q 85 -135.03 -73.16 -58.38
N GLN Q 86 -134.71 -73.46 -59.64
CA GLN Q 86 -133.79 -74.55 -59.93
C GLN Q 86 -132.36 -74.26 -59.50
N MET Q 87 -132.01 -72.99 -59.29
CA MET Q 87 -130.67 -72.65 -58.84
C MET Q 87 -130.62 -71.69 -57.66
N PHE Q 88 -131.69 -70.97 -57.35
CA PHE Q 88 -131.62 -69.96 -56.31
C PHE Q 88 -131.99 -70.49 -54.93
N LEU Q 89 -132.50 -71.71 -54.83
CA LEU Q 89 -132.67 -72.33 -53.51
C LEU Q 89 -131.32 -72.59 -52.88
N GLY Q 90 -131.21 -72.30 -51.59
CA GLY Q 90 -129.99 -72.53 -50.85
C GLY Q 90 -128.92 -71.49 -51.01
N LYS Q 91 -129.17 -70.43 -51.75
CA LYS Q 91 -128.21 -69.35 -51.94
C LYS Q 91 -128.60 -68.16 -51.08
N THR Q 92 -127.60 -67.60 -50.39
CA THR Q 92 -127.83 -66.46 -49.50
C THR Q 92 -128.11 -65.21 -50.31
N GLU Q 93 -128.61 -64.18 -49.63
CA GLU Q 93 -128.92 -62.92 -50.29
C GLU Q 93 -127.66 -62.27 -50.84
N ALA Q 94 -126.54 -62.37 -50.11
CA ALA Q 94 -125.30 -61.74 -50.54
C ALA Q 94 -124.82 -62.30 -51.87
N GLU Q 95 -124.78 -63.64 -51.99
CA GLU Q 95 -124.32 -64.26 -53.22
C GLU Q 95 -125.30 -64.01 -54.37
N ILE Q 96 -126.59 -64.04 -54.08
CA ILE Q 96 -127.60 -63.77 -55.09
C ILE Q 96 -127.42 -62.36 -55.65
N ALA Q 97 -127.21 -61.39 -54.76
CA ALA Q 97 -126.93 -60.03 -55.21
C ALA Q 97 -125.62 -59.97 -56.00
N HIS Q 98 -124.58 -60.63 -55.51
CA HIS Q 98 -123.24 -60.51 -56.09
C HIS Q 98 -123.17 -61.07 -57.51
N ILE Q 99 -123.79 -62.21 -57.76
CA ILE Q 99 -123.69 -62.83 -59.08
C ILE Q 99 -124.39 -61.96 -60.13
N ALA Q 100 -125.62 -61.54 -59.83
CA ALA Q 100 -126.33 -60.65 -60.75
C ALA Q 100 -125.62 -59.31 -60.88
N LEU Q 101 -124.93 -58.87 -59.83
CA LEU Q 101 -124.16 -57.63 -59.91
C LEU Q 101 -123.05 -57.75 -60.95
N GLU Q 102 -122.32 -58.86 -60.92
CA GLU Q 102 -121.27 -59.07 -61.92
C GLU Q 102 -121.86 -59.19 -63.32
N THR Q 103 -122.99 -59.87 -63.46
CA THR Q 103 -123.60 -59.99 -64.78
C THR Q 103 -124.02 -58.62 -65.32
N LEU Q 104 -124.69 -57.82 -64.50
CA LEU Q 104 -125.13 -56.50 -64.94
C LEU Q 104 -123.95 -55.58 -65.19
N GLU Q 105 -122.87 -55.73 -64.42
CA GLU Q 105 -121.66 -54.98 -64.69
C GLU Q 105 -121.08 -55.37 -66.04
N GLY Q 106 -121.10 -56.66 -66.37
CA GLY Q 106 -120.66 -57.08 -67.69
C GLY Q 106 -121.49 -56.43 -68.79
N HIS Q 107 -122.82 -56.44 -68.63
CA HIS Q 107 -123.67 -55.82 -69.64
C HIS Q 107 -123.40 -54.32 -69.77
N GLN Q 108 -123.28 -53.62 -68.64
CA GLN Q 108 -123.05 -52.17 -68.69
C GLN Q 108 -121.71 -51.85 -69.32
N ARG Q 109 -120.65 -52.52 -68.88
CA ARG Q 109 -119.32 -52.28 -69.40
C ARG Q 109 -119.22 -52.69 -70.87
N ALA Q 110 -120.03 -53.65 -71.31
CA ALA Q 110 -120.06 -53.98 -72.74
C ALA Q 110 -120.76 -52.89 -73.53
N ILE Q 111 -121.89 -52.38 -73.02
CA ILE Q 111 -122.60 -51.31 -73.72
C ILE Q 111 -121.90 -49.97 -73.60
N MET Q 112 -120.86 -49.88 -72.76
CA MET Q 112 -120.09 -48.65 -72.63
C MET Q 112 -119.54 -48.20 -73.98
N ALA Q 113 -119.04 -49.15 -74.78
CA ALA Q 113 -118.45 -48.81 -76.05
C ALA Q 113 -119.49 -48.56 -77.14
N HIS Q 114 -120.77 -48.78 -76.86
CA HIS Q 114 -121.79 -48.47 -77.85
C HIS Q 114 -122.07 -46.97 -77.89
N MET Q 115 -122.40 -46.38 -76.74
CA MET Q 115 -122.73 -44.97 -76.63
C MET Q 115 -121.54 -44.21 -76.07
N THR Q 116 -121.21 -43.10 -76.72
CA THR Q 116 -120.12 -42.24 -76.28
C THR Q 116 -120.53 -41.42 -75.07
N VAL Q 117 -119.52 -40.85 -74.39
CA VAL Q 117 -119.78 -40.07 -73.19
C VAL Q 117 -120.68 -38.87 -73.52
N GLU Q 118 -120.39 -38.20 -74.63
CA GLU Q 118 -121.25 -37.11 -75.09
C GLU Q 118 -122.68 -37.58 -75.20
N GLU Q 119 -122.89 -38.82 -75.64
CA GLU Q 119 -124.22 -39.38 -75.68
C GLU Q 119 -124.73 -39.70 -74.28
N ILE Q 120 -123.87 -40.22 -73.40
CA ILE Q 120 -124.38 -40.76 -72.14
C ILE Q 120 -124.88 -39.64 -71.22
N TYR Q 121 -124.17 -38.51 -71.15
CA TYR Q 121 -124.68 -37.50 -70.21
C TYR Q 121 -125.78 -36.66 -70.85
N LYS Q 122 -125.74 -36.47 -72.17
CA LYS Q 122 -126.78 -35.71 -72.84
C LYS Q 122 -128.00 -36.57 -73.13
N ASP Q 123 -127.83 -37.60 -73.96
CA ASP Q 123 -128.93 -38.49 -74.32
C ASP Q 123 -128.91 -39.72 -73.42
N ARG Q 124 -129.51 -39.60 -72.23
CA ARG Q 124 -129.44 -40.65 -71.23
C ARG Q 124 -130.67 -41.57 -71.27
N GLN Q 125 -131.80 -41.05 -71.75
CA GLN Q 125 -133.02 -41.84 -71.73
C GLN Q 125 -132.93 -43.03 -72.68
N LYS Q 126 -132.50 -42.80 -73.92
CA LYS Q 126 -132.36 -43.91 -74.86
C LYS Q 126 -131.30 -44.89 -74.41
N PHE Q 127 -130.18 -44.38 -73.87
CA PHE Q 127 -129.16 -45.24 -73.29
C PHE Q 127 -129.74 -46.15 -72.22
N SER Q 128 -130.46 -45.57 -71.26
CA SER Q 128 -131.01 -46.35 -70.16
C SER Q 128 -132.02 -47.37 -70.68
N GLU Q 129 -132.85 -46.97 -71.65
CA GLU Q 129 -133.84 -47.90 -72.19
C GLU Q 129 -133.18 -49.09 -72.88
N GLN Q 130 -132.14 -48.84 -73.68
CA GLN Q 130 -131.46 -49.94 -74.36
C GLN Q 130 -130.74 -50.84 -73.35
N VAL Q 131 -130.09 -50.24 -72.36
CA VAL Q 131 -129.44 -51.04 -71.32
C VAL Q 131 -130.45 -51.91 -70.60
N PHE Q 132 -131.59 -51.33 -70.23
CA PHE Q 132 -132.63 -52.08 -69.55
C PHE Q 132 -133.14 -53.21 -70.44
N LYS Q 133 -133.37 -52.94 -71.72
CA LYS Q 133 -133.87 -53.97 -72.62
C LYS Q 133 -132.91 -55.16 -72.68
N VAL Q 134 -131.64 -54.89 -72.99
CA VAL Q 134 -130.69 -55.98 -73.20
C VAL Q 134 -130.44 -56.74 -71.90
N ALA Q 135 -130.20 -56.00 -70.82
CA ALA Q 135 -129.93 -56.64 -69.53
C ALA Q 135 -131.14 -57.44 -69.06
N SER Q 136 -132.35 -56.88 -69.21
CA SER Q 136 -133.55 -57.59 -68.80
C SER Q 136 -133.74 -58.85 -69.62
N SER Q 137 -133.48 -58.80 -70.92
CA SER Q 137 -133.59 -60.01 -71.73
C SER Q 137 -132.62 -61.08 -71.24
N ASP Q 138 -131.33 -60.73 -71.10
CA ASP Q 138 -130.34 -61.74 -70.76
C ASP Q 138 -130.47 -62.19 -69.30
N LEU Q 139 -131.15 -61.41 -68.47
CA LEU Q 139 -131.28 -61.78 -67.07
C LEU Q 139 -132.58 -62.53 -66.79
N VAL Q 140 -133.63 -62.24 -67.56
CA VAL Q 140 -134.81 -63.09 -67.56
C VAL Q 140 -134.46 -64.46 -68.13
N ASN Q 141 -133.54 -64.49 -69.10
CA ASN Q 141 -132.97 -65.77 -69.51
C ASN Q 141 -132.34 -66.48 -68.31
N MET Q 142 -131.67 -65.73 -67.43
CA MET Q 142 -131.14 -66.34 -66.23
C MET Q 142 -132.21 -66.49 -65.16
N GLY Q 143 -133.16 -65.56 -65.08
CA GLY Q 143 -134.29 -65.68 -64.20
C GLY Q 143 -134.62 -64.48 -63.33
N ILE Q 144 -133.83 -63.41 -63.39
CA ILE Q 144 -134.09 -62.20 -62.61
C ILE Q 144 -134.48 -61.08 -63.56
N SER Q 145 -135.54 -60.36 -63.22
CA SER Q 145 -136.00 -59.21 -63.98
C SER Q 145 -135.62 -57.93 -63.25
N VAL Q 146 -134.94 -57.03 -63.94
CA VAL Q 146 -134.51 -55.78 -63.36
C VAL Q 146 -135.69 -54.81 -63.34
N VAL Q 147 -136.03 -54.31 -62.16
CA VAL Q 147 -137.14 -53.38 -62.04
C VAL Q 147 -136.80 -52.06 -62.73
N SER Q 148 -135.62 -51.52 -62.44
CA SER Q 148 -135.19 -50.26 -63.02
C SER Q 148 -133.68 -50.14 -62.85
N TYR Q 149 -133.01 -49.71 -63.92
CA TYR Q 149 -131.58 -49.48 -63.92
C TYR Q 149 -131.31 -48.01 -64.15
N THR Q 150 -130.31 -47.48 -63.45
CA THR Q 150 -129.91 -46.09 -63.59
C THR Q 150 -128.39 -46.00 -63.50
N LEU Q 151 -127.86 -44.85 -63.90
CA LEU Q 151 -126.43 -44.57 -63.83
C LEU Q 151 -126.18 -43.61 -62.68
N LYS Q 152 -125.35 -44.02 -61.74
CA LYS Q 152 -125.17 -43.25 -60.52
C LYS Q 152 -124.33 -42.00 -60.76
N ASP Q 153 -123.08 -42.19 -61.18
CA ASP Q 153 -122.16 -41.07 -61.36
C ASP Q 153 -121.21 -41.38 -62.52
N ILE Q 154 -120.73 -40.31 -63.14
CA ILE Q 154 -119.71 -40.40 -64.18
C ILE Q 154 -118.52 -39.56 -63.73
N HIS Q 155 -117.33 -40.16 -63.73
CA HIS Q 155 -116.12 -39.51 -63.28
C HIS Q 155 -115.03 -39.66 -64.34
N ASP Q 156 -114.24 -38.61 -64.51
CA ASP Q 156 -113.13 -38.62 -65.45
C ASP Q 156 -111.86 -38.21 -64.73
N ASP Q 157 -110.87 -39.10 -64.70
CA ASP Q 157 -109.57 -38.82 -64.10
C ASP Q 157 -108.58 -38.23 -65.09
N GLN Q 158 -108.96 -38.12 -66.36
CA GLN Q 158 -108.10 -37.61 -67.42
C GLN Q 158 -108.34 -36.13 -67.71
N ASP Q 159 -109.22 -35.47 -66.95
CA ASP Q 159 -109.62 -34.08 -67.15
C ASP Q 159 -110.30 -33.88 -68.50
N TYR Q 160 -110.97 -34.90 -69.03
CA TYR Q 160 -111.58 -34.80 -70.34
C TYR Q 160 -112.78 -33.85 -70.32
N LEU Q 161 -113.61 -33.93 -69.28
CA LEU Q 161 -114.88 -33.21 -69.28
C LEU Q 161 -114.75 -31.86 -68.59
N HIS Q 162 -113.68 -31.66 -67.82
CA HIS Q 162 -113.50 -30.41 -67.09
C HIS Q 162 -113.35 -29.24 -68.05
N SER Q 163 -112.63 -29.43 -69.15
CA SER Q 163 -112.47 -28.35 -70.12
C SER Q 163 -113.79 -28.03 -70.81
N LEU Q 164 -114.57 -29.06 -71.14
CA LEU Q 164 -115.88 -28.85 -71.73
C LEU Q 164 -116.78 -28.05 -70.79
N GLY Q 165 -116.68 -28.32 -69.49
CA GLY Q 165 -117.39 -27.49 -68.52
C GLY Q 165 -116.86 -26.07 -68.47
N LYS Q 166 -115.53 -25.92 -68.52
CA LYS Q 166 -114.91 -24.61 -68.33
C LYS Q 166 -115.19 -23.67 -69.50
N ALA Q 167 -115.47 -24.24 -70.68
CA ALA Q 167 -115.78 -23.41 -71.84
C ALA Q 167 -116.97 -22.49 -71.58
N ARG Q 168 -118.07 -23.05 -71.08
CA ARG Q 168 -119.25 -22.24 -70.81
C ARG Q 168 -119.02 -21.26 -69.67
N THR Q 169 -118.20 -21.67 -68.69
CA THR Q 169 -117.87 -20.75 -67.60
C THR Q 169 -117.14 -19.52 -68.13
N ALA Q 170 -116.22 -19.71 -69.06
CA ALA Q 170 -115.60 -18.55 -69.70
C ALA Q 170 -116.62 -17.74 -70.48
N GLN Q 171 -117.53 -18.43 -71.18
CA GLN Q 171 -118.51 -17.75 -72.01
C GLN Q 171 -119.47 -16.91 -71.17
N VAL Q 172 -119.65 -17.27 -69.90
CA VAL Q 172 -120.51 -16.46 -69.04
C VAL Q 172 -119.69 -15.40 -68.31
N GLN Q 173 -118.42 -15.70 -68.04
CA GLN Q 173 -117.57 -14.71 -67.39
C GLN Q 173 -117.33 -13.51 -68.28
N LYS Q 174 -117.34 -13.71 -69.60
CA LYS Q 174 -117.23 -12.55 -70.49
C LYS Q 174 -118.41 -11.61 -70.30
N ASP Q 175 -119.62 -12.17 -70.15
CA ASP Q 175 -120.79 -11.36 -69.83
C ASP Q 175 -120.67 -10.70 -68.46
N ALA Q 176 -120.14 -11.44 -67.49
CA ALA Q 176 -119.93 -10.88 -66.16
C ALA Q 176 -119.02 -9.66 -66.22
N ARG Q 177 -117.99 -9.71 -67.07
CA ARG Q 177 -117.09 -8.56 -67.20
C ARG Q 177 -117.72 -7.44 -68.02
N ILE Q 178 -118.52 -7.78 -69.04
CA ILE Q 178 -119.12 -6.74 -69.87
C ILE Q 178 -120.10 -5.91 -69.04
N GLY Q 179 -120.83 -6.55 -68.13
CA GLY Q 179 -121.73 -5.80 -67.27
C GLY Q 179 -120.99 -4.83 -66.36
N GLU Q 180 -119.87 -5.30 -65.78
CA GLU Q 180 -119.07 -4.43 -64.92
C GLU Q 180 -118.51 -3.26 -65.70
N ALA Q 181 -118.06 -3.51 -66.94
CA ALA Q 181 -117.54 -2.43 -67.77
C ALA Q 181 -118.61 -1.40 -68.08
N GLU Q 182 -119.82 -1.86 -68.44
CA GLU Q 182 -120.94 -0.93 -68.61
C GLU Q 182 -121.15 -0.08 -67.37
N ALA Q 183 -121.26 -0.72 -66.21
CA ALA Q 183 -121.55 0.01 -64.98
C ALA Q 183 -120.46 1.01 -64.65
N LYS Q 184 -119.19 0.60 -64.78
CA LYS Q 184 -118.09 1.50 -64.45
C LYS Q 184 -118.04 2.70 -65.39
N ARG Q 185 -118.20 2.49 -66.70
CA ARG Q 185 -118.19 3.62 -67.62
C ARG Q 185 -119.35 4.57 -67.34
N ASP Q 186 -120.55 4.02 -67.12
CA ASP Q 186 -121.70 4.86 -66.86
C ASP Q 186 -121.56 5.64 -65.57
N ALA Q 187 -120.97 5.04 -64.54
CA ALA Q 187 -120.76 5.79 -63.29
C ALA Q 187 -119.72 6.88 -63.48
N GLY Q 188 -118.57 6.52 -64.07
CA GLY Q 188 -117.48 7.47 -64.18
C GLY Q 188 -117.79 8.68 -65.03
N ILE Q 189 -118.53 8.49 -66.13
CA ILE Q 189 -118.83 9.62 -67.01
C ILE Q 189 -119.52 10.75 -66.25
N ARG Q 190 -120.64 10.46 -65.59
CA ARG Q 190 -121.38 11.49 -64.89
C ARG Q 190 -120.74 11.89 -63.57
N GLU Q 191 -119.99 10.99 -62.91
CA GLU Q 191 -119.24 11.42 -61.74
C GLU Q 191 -118.23 12.51 -62.11
N ALA Q 192 -117.47 12.28 -63.19
CA ALA Q 192 -116.52 13.29 -63.64
C ALA Q 192 -117.22 14.56 -64.05
N LYS Q 193 -118.36 14.44 -64.74
CA LYS Q 193 -119.07 15.64 -65.15
C LYS Q 193 -119.54 16.46 -63.95
N ALA Q 194 -120.11 15.81 -62.93
CA ALA Q 194 -120.55 16.54 -61.74
C ALA Q 194 -119.37 17.17 -61.01
N LYS Q 195 -118.25 16.44 -60.93
CA LYS Q 195 -117.03 17.01 -60.41
C LYS Q 195 -116.66 18.29 -61.14
N GLN Q 196 -116.78 18.26 -62.47
CA GLN Q 196 -116.46 19.42 -63.29
C GLN Q 196 -117.34 20.62 -62.94
N GLU Q 197 -118.65 20.39 -62.87
CA GLU Q 197 -119.54 21.52 -62.54
C GLU Q 197 -119.23 22.09 -61.16
N LYS Q 198 -118.98 21.24 -60.17
CA LYS Q 198 -118.79 21.80 -58.82
C LYS Q 198 -117.50 22.61 -58.77
N VAL Q 199 -116.45 22.13 -59.43
CA VAL Q 199 -115.20 22.89 -59.44
C VAL Q 199 -115.38 24.21 -60.19
N SER Q 200 -116.10 24.18 -61.31
CA SER Q 200 -116.33 25.41 -62.06
C SER Q 200 -117.08 26.44 -61.23
N ALA Q 201 -118.11 26.00 -60.51
CA ALA Q 201 -118.85 26.92 -59.64
C ALA Q 201 -117.99 27.42 -58.48
N GLN Q 202 -117.17 26.55 -57.89
CA GLN Q 202 -116.30 26.97 -56.80
C GLN Q 202 -115.33 28.06 -57.26
N TYR Q 203 -114.74 27.89 -58.44
CA TYR Q 203 -113.85 28.92 -58.95
C TYR Q 203 -114.60 30.20 -59.33
N LEU Q 204 -115.83 30.07 -59.82
CA LEU Q 204 -116.64 31.25 -60.09
C LEU Q 204 -116.87 32.04 -58.81
N SER Q 205 -117.15 31.35 -57.70
CA SER Q 205 -117.30 32.03 -56.42
C SER Q 205 -115.99 32.65 -55.97
N GLU Q 206 -114.87 31.94 -56.17
CA GLU Q 206 -113.58 32.49 -55.81
C GLU Q 206 -113.22 33.74 -56.62
N ILE Q 207 -113.81 33.91 -57.80
CA ILE Q 207 -113.65 35.18 -58.53
C ILE Q 207 -114.20 36.33 -57.72
N GLU Q 208 -115.44 36.20 -57.23
CA GLU Q 208 -116.01 37.24 -56.39
C GLU Q 208 -115.28 37.38 -55.07
N MET Q 209 -114.69 36.29 -54.57
CA MET Q 209 -113.80 36.39 -53.42
C MET Q 209 -112.69 37.40 -53.67
N ALA Q 210 -112.02 37.30 -54.82
CA ALA Q 210 -110.96 38.24 -55.16
C ALA Q 210 -111.50 39.64 -55.44
N LYS Q 211 -112.70 39.73 -56.01
CA LYS Q 211 -113.35 41.03 -56.15
C LYS Q 211 -113.46 41.75 -54.80
N ALA Q 212 -114.01 41.05 -53.80
CA ALA Q 212 -114.14 41.65 -52.47
C ALA Q 212 -112.78 41.90 -51.84
N GLN Q 213 -111.82 41.01 -52.05
CA GLN Q 213 -110.49 41.21 -51.50
C GLN Q 213 -109.86 42.48 -52.03
N ARG Q 214 -109.96 42.72 -53.34
CA ARG Q 214 -109.50 43.97 -53.92
C ARG Q 214 -110.25 45.15 -53.32
N ASP Q 215 -111.58 45.08 -53.30
CA ASP Q 215 -112.39 46.19 -52.81
C ASP Q 215 -112.04 46.58 -51.39
N TYR Q 216 -111.61 45.63 -50.56
CA TYR Q 216 -111.21 45.93 -49.19
C TYR Q 216 -109.76 46.39 -49.11
N GLU Q 217 -108.83 45.66 -49.74
CA GLU Q 217 -107.42 45.95 -49.60
C GLU Q 217 -107.03 47.28 -50.21
N LEU Q 218 -107.59 47.64 -51.37
CA LEU Q 218 -107.23 48.89 -52.01
C LEU Q 218 -107.63 50.07 -51.13
N LYS Q 219 -108.84 50.06 -50.60
CA LYS Q 219 -109.27 51.13 -49.71
C LYS Q 219 -108.46 51.16 -48.42
N LYS Q 220 -108.13 49.99 -47.87
CA LYS Q 220 -107.32 49.97 -46.66
C LYS Q 220 -105.96 50.62 -46.90
N ALA Q 221 -105.32 50.28 -48.03
CA ALA Q 221 -104.04 50.89 -48.36
C ALA Q 221 -104.17 52.39 -48.61
N ALA Q 222 -105.24 52.81 -49.29
CA ALA Q 222 -105.43 54.23 -49.57
C ALA Q 222 -105.59 55.02 -48.27
N TYR Q 223 -106.31 54.45 -47.30
CA TYR Q 223 -106.47 55.11 -46.02
C TYR Q 223 -105.16 55.10 -45.23
N ASP Q 224 -104.39 54.01 -45.34
CA ASP Q 224 -103.12 53.93 -44.67
C ASP Q 224 -102.15 55.00 -45.18
N ILE Q 225 -102.22 55.32 -46.47
CA ILE Q 225 -101.35 56.38 -46.99
C ILE Q 225 -101.59 57.68 -46.23
N GLU Q 226 -102.85 58.07 -46.08
CA GLU Q 226 -103.17 59.32 -45.40
C GLU Q 226 -102.77 59.28 -43.93
N VAL Q 227 -103.06 58.15 -43.25
CA VAL Q 227 -102.74 58.10 -41.83
C VAL Q 227 -101.22 58.15 -41.63
N ASN Q 228 -100.45 57.48 -42.50
CA ASN Q 228 -99.00 57.53 -42.38
C ASN Q 228 -98.47 58.93 -42.63
N THR Q 229 -99.02 59.63 -43.63
CA THR Q 229 -98.55 61.00 -43.87
C THR Q 229 -98.81 61.90 -42.66
N ARG Q 230 -100.02 61.83 -42.11
CA ARG Q 230 -100.34 62.67 -40.96
C ARG Q 230 -99.51 62.30 -39.74
N ARG Q 231 -99.29 61.01 -39.50
CA ARG Q 231 -98.45 60.60 -38.39
C ARG Q 231 -97.01 61.06 -38.56
N ALA Q 232 -96.50 61.02 -39.79
CA ALA Q 232 -95.15 61.51 -40.05
C ALA Q 232 -95.05 63.00 -39.75
N GLN Q 233 -96.06 63.77 -40.16
CA GLN Q 233 -96.05 65.20 -39.82
C GLN Q 233 -96.09 65.41 -38.31
N ALA Q 234 -96.93 64.65 -37.62
CA ALA Q 234 -97.12 64.84 -36.19
C ALA Q 234 -95.85 64.51 -35.41
N ASP Q 235 -95.12 63.48 -35.85
CA ASP Q 235 -93.90 63.10 -35.13
C ASP Q 235 -92.87 64.23 -35.13
N LEU Q 236 -92.67 64.88 -36.27
CA LEU Q 236 -91.60 65.86 -36.41
C LEU Q 236 -92.05 67.29 -36.12
N ALA Q 237 -93.35 67.50 -35.89
CA ALA Q 237 -93.78 68.82 -35.41
C ALA Q 237 -93.06 69.21 -34.12
N TYR Q 238 -92.84 68.24 -33.24
CA TYR Q 238 -92.16 68.51 -31.98
C TYR Q 238 -90.75 69.02 -32.21
N GLN Q 239 -89.99 68.34 -33.07
CA GLN Q 239 -88.62 68.77 -33.37
C GLN Q 239 -88.62 70.14 -34.04
N LEU Q 240 -89.57 70.37 -34.95
CA LEU Q 240 -89.65 71.68 -35.60
C LEU Q 240 -89.84 72.78 -34.57
N GLN Q 241 -90.79 72.62 -33.65
CA GLN Q 241 -91.04 73.66 -32.66
C GLN Q 241 -89.88 73.81 -31.69
N VAL Q 242 -89.25 72.70 -31.28
CA VAL Q 242 -88.15 72.81 -30.33
C VAL Q 242 -86.96 73.51 -30.95
N ALA Q 243 -86.74 73.31 -32.26
CA ALA Q 243 -85.69 74.07 -32.94
C ALA Q 243 -86.07 75.54 -33.04
N LYS Q 244 -87.34 75.83 -33.37
CA LYS Q 244 -87.77 77.21 -33.53
C LYS Q 244 -87.60 77.99 -32.24
N THR Q 245 -87.85 77.34 -31.09
CA THR Q 245 -87.66 78.03 -29.81
C THR Q 245 -86.22 77.99 -29.31
N LYS Q 246 -85.45 76.95 -29.67
CA LYS Q 246 -84.02 76.96 -29.40
C LYS Q 246 -83.32 78.11 -30.10
N GLN Q 247 -83.91 78.60 -31.21
CA GLN Q 247 -83.40 79.82 -31.82
C GLN Q 247 -83.32 80.95 -30.79
N GLN Q 248 -84.42 81.22 -30.10
CA GLN Q 248 -84.41 82.29 -29.09
C GLN Q 248 -83.59 81.90 -27.87
N ILE Q 249 -83.60 80.62 -27.51
CA ILE Q 249 -82.76 80.17 -26.39
C ILE Q 249 -81.31 80.57 -26.63
N GLU Q 250 -80.79 80.27 -27.82
CA GLU Q 250 -79.42 80.64 -28.16
C GLU Q 250 -79.26 82.13 -28.35
N GLU Q 251 -80.28 82.80 -28.89
CA GLU Q 251 -80.20 84.25 -29.08
C GLU Q 251 -79.94 84.97 -27.76
N GLN Q 252 -80.54 84.49 -26.67
CA GLN Q 252 -80.27 85.08 -25.36
C GLN Q 252 -79.04 84.50 -24.66
N ARG Q 253 -78.78 83.21 -24.85
CA ARG Q 253 -77.60 82.60 -24.25
C ARG Q 253 -76.31 83.19 -24.83
N VAL Q 254 -76.41 83.85 -25.99
CA VAL Q 254 -75.26 84.59 -26.50
C VAL Q 254 -75.31 86.06 -26.12
N GLN Q 255 -76.52 86.62 -25.92
CA GLN Q 255 -76.65 88.00 -25.44
C GLN Q 255 -76.01 88.18 -24.07
N VAL Q 256 -76.03 87.14 -23.24
CA VAL Q 256 -75.33 87.26 -21.96
C VAL Q 256 -73.83 87.51 -22.20
N GLN Q 257 -73.25 86.91 -23.25
CA GLN Q 257 -71.85 87.19 -23.58
C GLN Q 257 -71.65 88.65 -24.02
N VAL Q 258 -72.61 89.20 -24.77
CA VAL Q 258 -72.51 90.60 -25.16
C VAL Q 258 -72.48 91.49 -23.92
N VAL Q 259 -73.33 91.18 -22.94
CA VAL Q 259 -73.33 91.95 -21.70
C VAL Q 259 -71.98 91.82 -20.99
N GLU Q 260 -71.47 90.59 -20.91
CA GLU Q 260 -70.16 90.35 -20.30
C GLU Q 260 -69.09 91.24 -20.91
N ARG Q 261 -68.99 91.25 -22.24
CA ARG Q 261 -67.93 92.03 -22.87
C ARG Q 261 -68.17 93.53 -22.76
N ALA Q 262 -69.43 93.96 -22.89
CA ALA Q 262 -69.77 95.36 -22.77
C ALA Q 262 -69.57 95.91 -21.37
N GLN Q 263 -69.39 95.04 -20.37
CA GLN Q 263 -68.95 95.51 -19.07
C GLN Q 263 -67.47 95.30 -18.80
N GLN Q 264 -66.85 94.29 -19.42
CA GLN Q 264 -65.40 94.20 -19.37
C GLN Q 264 -64.73 95.41 -20.00
N VAL Q 265 -65.39 96.05 -20.97
CA VAL Q 265 -64.83 97.28 -21.51
C VAL Q 265 -64.78 98.36 -20.44
N ALA Q 266 -65.79 98.44 -19.56
CA ALA Q 266 -65.73 99.40 -18.46
C ALA Q 266 -64.68 99.00 -17.43
N VAL Q 267 -64.52 97.69 -17.21
CA VAL Q 267 -63.44 97.22 -16.35
C VAL Q 267 -62.10 97.75 -16.86
N GLN Q 268 -61.86 97.63 -18.17
CA GLN Q 268 -60.62 98.15 -18.73
C GLN Q 268 -60.58 99.67 -18.72
N GLU Q 269 -61.74 100.33 -18.79
CA GLU Q 269 -61.78 101.78 -18.70
C GLU Q 269 -61.28 102.26 -17.34
N GLN Q 270 -61.60 101.50 -16.29
CA GLN Q 270 -61.01 101.82 -14.99
C GLN Q 270 -59.55 101.37 -14.92
N GLU Q 271 -59.22 100.27 -15.60
CA GLU Q 271 -57.87 99.74 -15.56
C GLU Q 271 -56.87 100.69 -16.19
N ILE Q 272 -57.28 101.47 -17.20
CA ILE Q 272 -56.34 102.38 -17.84
C ILE Q 272 -55.87 103.45 -16.84
N ALA Q 273 -56.79 104.00 -16.05
CA ALA Q 273 -56.41 104.99 -15.06
C ALA Q 273 -55.65 104.35 -13.90
N ARG Q 274 -56.02 103.12 -13.54
CA ARG Q 274 -55.26 102.41 -12.51
C ARG Q 274 -53.82 102.24 -12.95
N ARG Q 275 -53.61 101.84 -14.21
CA ARG Q 275 -52.26 101.71 -14.75
C ARG Q 275 -51.56 103.06 -14.81
N GLU Q 276 -52.26 104.12 -15.21
CA GLU Q 276 -51.71 105.47 -15.11
C GLU Q 276 -51.08 105.70 -13.74
N LYS Q 277 -51.90 105.60 -12.69
CA LYS Q 277 -51.42 105.92 -11.35
C LYS Q 277 -50.30 104.99 -10.91
N GLU Q 278 -50.49 103.67 -11.08
CA GLU Q 278 -49.52 102.71 -10.59
C GLU Q 278 -48.19 102.84 -11.32
N LEU Q 279 -48.24 103.00 -12.64
CA LEU Q 279 -47.03 103.15 -13.43
C LEU Q 279 -46.31 104.44 -13.08
N GLU Q 280 -47.06 105.53 -12.88
CA GLU Q 280 -46.42 106.76 -12.42
C GLU Q 280 -45.68 106.53 -11.11
N ALA Q 281 -46.36 105.95 -10.12
CA ALA Q 281 -45.76 105.73 -8.81
C ALA Q 281 -44.53 104.83 -8.89
N ARG Q 282 -44.56 103.79 -9.70
CA ARG Q 282 -43.49 102.81 -9.73
C ARG Q 282 -42.40 103.11 -10.75
N VAL Q 283 -42.56 104.13 -11.58
CA VAL Q 283 -41.54 104.44 -12.57
C VAL Q 283 -41.06 105.89 -12.47
N ARG Q 284 -42.00 106.84 -12.55
CA ARG Q 284 -41.61 108.24 -12.71
C ARG Q 284 -40.96 108.77 -11.43
N LYS Q 285 -41.59 108.54 -10.28
CA LYS Q 285 -41.02 108.98 -9.01
C LYS Q 285 -39.69 108.32 -8.70
N PRO Q 286 -39.52 106.99 -8.86
CA PRO Q 286 -38.17 106.42 -8.68
C PRO Q 286 -37.14 107.01 -9.61
N ALA Q 287 -37.52 107.32 -10.86
CA ALA Q 287 -36.59 107.96 -11.78
C ALA Q 287 -36.17 109.34 -11.30
N GLU Q 288 -37.13 110.14 -10.82
CA GLU Q 288 -36.79 111.45 -10.27
C GLU Q 288 -35.86 111.33 -9.07
N ALA Q 289 -36.17 110.39 -8.18
CA ALA Q 289 -35.33 110.19 -6.99
C ALA Q 289 -33.92 109.76 -7.38
N GLU Q 290 -33.81 108.84 -8.34
CA GLU Q 290 -32.49 108.41 -8.79
C GLU Q 290 -31.73 109.54 -9.45
N ARG Q 291 -32.41 110.38 -10.22
CA ARG Q 291 -31.75 111.52 -10.83
C ARG Q 291 -31.22 112.48 -9.77
N TYR Q 292 -32.01 112.74 -8.72
CA TYR Q 292 -31.55 113.61 -7.66
C TYR Q 292 -30.36 112.99 -6.92
N LYS Q 293 -30.42 111.68 -6.68
CA LYS Q 293 -29.31 111.01 -6.02
C LYS Q 293 -28.03 111.10 -6.84
N LEU Q 294 -28.13 110.86 -8.16
CA LEU Q 294 -26.98 110.97 -9.02
C LEU Q 294 -26.44 112.40 -9.06
N GLU Q 295 -27.33 113.39 -9.12
CA GLU Q 295 -26.90 114.78 -9.09
C GLU Q 295 -26.10 115.09 -7.83
N ARG Q 296 -26.62 114.70 -6.67
CA ARG Q 296 -25.94 115.03 -5.42
C ARG Q 296 -24.63 114.28 -5.26
N LEU Q 297 -24.60 112.98 -5.62
CA LEU Q 297 -23.35 112.24 -5.52
C LEU Q 297 -22.31 112.78 -6.49
N ALA Q 298 -22.71 113.15 -7.70
CA ALA Q 298 -21.76 113.74 -8.64
C ALA Q 298 -21.25 115.07 -8.15
N GLU Q 299 -22.12 115.89 -7.55
CA GLU Q 299 -21.66 117.16 -6.99
C GLU Q 299 -20.64 116.92 -5.87
N ALA Q 300 -20.90 115.94 -5.02
CA ALA Q 300 -19.95 115.62 -3.95
C ALA Q 300 -18.63 115.13 -4.52
N GLU Q 301 -18.68 114.30 -5.56
CA GLU Q 301 -17.44 113.80 -6.16
C GLU Q 301 -16.64 114.93 -6.78
N LYS Q 302 -17.31 115.86 -7.46
CA LYS Q 302 -16.60 117.02 -8.00
C LYS Q 302 -15.99 117.85 -6.89
N SER Q 303 -16.75 118.09 -5.81
CA SER Q 303 -16.24 118.89 -4.70
C SER Q 303 -15.03 118.24 -4.06
N GLN Q 304 -15.01 116.91 -3.98
CA GLN Q 304 -13.86 116.21 -3.42
C GLN Q 304 -12.67 116.27 -4.37
N LEU Q 305 -12.90 116.00 -5.66
CA LEU Q 305 -11.81 115.91 -6.62
C LEU Q 305 -11.14 117.26 -6.82
N ILE Q 306 -11.91 118.35 -6.88
CA ILE Q 306 -11.34 119.67 -7.10
C ILE Q 306 -10.35 120.02 -6.00
N MET Q 307 -10.71 119.77 -4.74
CA MET Q 307 -9.86 120.17 -3.64
C MET Q 307 -8.75 119.16 -3.35
N GLN Q 308 -8.95 117.88 -3.67
CA GLN Q 308 -7.83 116.96 -3.65
C GLN Q 308 -6.78 117.35 -4.70
N ALA Q 309 -7.24 117.77 -5.88
CA ALA Q 309 -6.33 118.28 -6.90
C ALA Q 309 -5.61 119.53 -6.42
N GLU Q 310 -6.32 120.44 -5.77
CA GLU Q 310 -5.69 121.63 -5.24
C GLU Q 310 -4.63 121.28 -4.21
N ALA Q 311 -4.92 120.31 -3.33
CA ALA Q 311 -3.93 119.89 -2.34
C ALA Q 311 -2.71 119.29 -3.01
N GLU Q 312 -2.91 118.45 -4.03
CA GLU Q 312 -1.76 117.87 -4.74
C GLU Q 312 -0.94 118.94 -5.42
N ALA Q 313 -1.59 119.91 -6.04
CA ALA Q 313 -0.87 121.00 -6.71
C ALA Q 313 -0.06 121.81 -5.72
N ALA Q 314 -0.65 122.13 -4.56
CA ALA Q 314 0.10 122.86 -3.53
C ALA Q 314 1.28 122.04 -3.02
N SER Q 315 1.08 120.74 -2.84
CA SER Q 315 2.18 119.87 -2.43
C SER Q 315 3.32 119.91 -3.42
N VAL Q 316 3.00 119.76 -4.72
CA VAL Q 316 4.04 119.77 -5.74
C VAL Q 316 4.74 121.12 -5.77
N ARG Q 317 3.98 122.21 -5.72
CA ARG Q 317 4.56 123.54 -5.74
C ARG Q 317 5.55 123.73 -4.58
N MET Q 318 5.11 123.43 -3.36
CA MET Q 318 5.96 123.66 -2.21
C MET Q 318 7.19 122.76 -2.18
N ARG Q 319 7.03 121.47 -2.48
CA ARG Q 319 8.19 120.59 -2.49
C ARG Q 319 9.19 120.98 -3.56
N GLY Q 320 8.70 121.34 -4.76
CA GLY Q 320 9.60 121.76 -5.80
C GLY Q 320 10.32 123.06 -5.47
N GLU Q 321 9.61 124.02 -4.87
CA GLU Q 321 10.26 125.26 -4.47
C GLU Q 321 11.33 125.01 -3.42
N ALA Q 322 11.04 124.13 -2.45
CA ALA Q 322 12.03 123.82 -1.43
C ALA Q 322 13.27 123.16 -2.03
N GLU Q 323 13.07 122.21 -2.94
CA GLU Q 323 14.22 121.51 -3.49
C GLU Q 323 15.02 122.43 -4.41
N ALA Q 324 14.35 123.34 -5.11
CA ALA Q 324 15.06 124.32 -5.93
C ALA Q 324 15.88 125.27 -5.06
N PHE Q 325 15.33 125.70 -3.93
CA PHE Q 325 16.11 126.54 -3.02
C PHE Q 325 17.32 125.77 -2.48
N ALA Q 326 17.14 124.48 -2.19
CA ALA Q 326 18.26 123.66 -1.76
C ALA Q 326 19.33 123.54 -2.84
N ILE Q 327 18.91 123.39 -4.10
CA ILE Q 327 19.85 123.36 -5.22
C ILE Q 327 20.63 124.67 -5.29
N GLY Q 328 19.93 125.79 -5.15
CA GLY Q 328 20.62 127.08 -5.11
C GLY Q 328 21.59 127.19 -3.95
N ALA Q 329 21.24 126.60 -2.80
CA ALA Q 329 22.12 126.64 -1.65
C ALA Q 329 23.43 125.90 -1.93
N ARG Q 330 23.34 124.65 -2.41
CA ARG Q 330 24.58 123.98 -2.82
C ARG Q 330 25.28 124.71 -3.95
N ALA Q 331 24.55 125.39 -4.82
CA ALA Q 331 25.19 126.12 -5.91
C ALA Q 331 26.09 127.23 -5.35
N ARG Q 332 25.55 128.05 -4.46
CA ARG Q 332 26.33 129.11 -3.85
C ARG Q 332 27.51 128.54 -3.06
N ALA Q 333 27.26 127.47 -2.30
CA ALA Q 333 28.34 126.87 -1.53
C ALA Q 333 29.45 126.35 -2.42
N GLU Q 334 29.09 125.68 -3.52
CA GLU Q 334 30.09 125.11 -4.42
C GLU Q 334 30.85 126.20 -5.17
N ALA Q 335 30.19 127.30 -5.50
CA ALA Q 335 30.89 128.40 -6.17
C ALA Q 335 31.92 129.02 -5.24
N GLU Q 336 31.50 129.37 -4.02
CA GLU Q 336 32.44 129.92 -3.05
C GLU Q 336 33.52 128.91 -2.71
N GLN Q 337 33.21 127.62 -2.85
CA GLN Q 337 34.19 126.57 -2.63
C GLN Q 337 35.24 126.53 -3.73
N MET Q 338 34.81 126.60 -4.98
CA MET Q 338 35.73 126.45 -6.11
C MET Q 338 36.56 127.70 -6.32
N ALA Q 339 36.07 128.86 -5.88
CA ALA Q 339 36.89 130.06 -5.97
C ALA Q 339 38.21 129.86 -5.23
N LYS Q 340 38.16 129.30 -4.02
CA LYS Q 340 39.39 129.06 -3.28
C LYS Q 340 40.23 127.94 -3.88
N LYS Q 341 39.59 126.94 -4.50
CA LYS Q 341 40.37 125.96 -5.25
C LYS Q 341 41.21 126.62 -6.32
N ALA Q 342 40.61 127.51 -7.10
CA ALA Q 342 41.38 128.22 -8.12
C ALA Q 342 42.48 129.08 -7.50
N GLU Q 343 42.15 129.78 -6.40
CA GLU Q 343 43.15 130.62 -5.76
C GLU Q 343 44.34 129.79 -5.28
N ALA Q 344 44.08 128.63 -4.68
CA ALA Q 344 45.16 127.77 -4.22
C ALA Q 344 45.96 127.21 -5.39
N PHE Q 345 45.28 126.75 -6.44
CA PHE Q 345 45.97 126.23 -7.61
C PHE Q 345 46.88 127.26 -8.24
N GLN Q 346 46.57 128.55 -8.12
CA GLN Q 346 47.40 129.57 -8.73
C GLN Q 346 48.84 129.50 -8.22
N LEU Q 347 49.04 129.11 -6.96
CA LEU Q 347 50.38 129.04 -6.36
C LEU Q 347 50.97 127.64 -6.47
N TYR Q 348 51.02 127.09 -7.68
CA TYR Q 348 51.61 125.78 -7.93
C TYR Q 348 52.79 125.92 -8.88
N GLN Q 349 53.94 125.42 -8.47
CA GLN Q 349 55.16 125.41 -9.26
C GLN Q 349 55.30 124.05 -9.95
N GLU Q 350 56.48 123.82 -10.54
CA GLU Q 350 56.72 122.56 -11.24
C GLU Q 350 56.72 121.36 -10.30
N ALA Q 351 57.14 121.54 -9.05
CA ALA Q 351 57.13 120.43 -8.10
C ALA Q 351 55.71 119.94 -7.84
N ALA Q 352 54.77 120.87 -7.69
CA ALA Q 352 53.39 120.48 -7.42
C ALA Q 352 52.76 119.79 -8.62
N GLN Q 353 53.01 120.30 -9.83
CA GLN Q 353 52.49 119.63 -11.02
C GLN Q 353 53.10 118.25 -11.19
N LEU Q 354 54.39 118.10 -10.89
CA LEU Q 354 55.02 116.79 -10.91
C LEU Q 354 54.38 115.86 -9.89
N ASP Q 355 54.08 116.36 -8.70
CA ASP Q 355 53.41 115.54 -7.70
C ASP Q 355 52.03 115.10 -8.18
N MET Q 356 51.27 116.01 -8.79
CA MET Q 356 49.95 115.64 -9.30
C MET Q 356 50.06 114.59 -10.40
N LEU Q 357 51.00 114.77 -11.33
CA LEU Q 357 51.17 113.81 -12.41
C LEU Q 357 51.57 112.43 -11.88
N LEU Q 358 52.48 112.39 -10.91
CA LEU Q 358 52.92 111.11 -10.36
C LEU Q 358 51.90 110.51 -9.39
N GLU Q 359 50.95 111.30 -8.90
CA GLU Q 359 49.84 110.73 -8.15
C GLU Q 359 48.75 110.18 -9.06
N LYS Q 360 48.59 110.76 -10.25
CA LYS Q 360 47.56 110.31 -11.17
C LYS Q 360 48.01 109.17 -12.08
N LEU Q 361 49.31 109.05 -12.34
CA LEU Q 361 49.79 107.96 -13.20
C LEU Q 361 49.42 106.58 -12.67
N PRO Q 362 49.60 106.24 -11.39
CA PRO Q 362 49.21 104.90 -10.93
C PRO Q 362 47.74 104.59 -11.12
N GLN Q 363 46.86 105.58 -10.99
CA GLN Q 363 45.43 105.31 -11.17
C GLN Q 363 45.11 104.98 -12.61
N VAL Q 364 45.70 105.70 -13.56
CA VAL Q 364 45.51 105.38 -14.97
C VAL Q 364 46.08 104.01 -15.28
N ALA Q 365 47.24 103.69 -14.70
CA ALA Q 365 47.82 102.38 -14.90
C ALA Q 365 46.91 101.28 -14.37
N GLU Q 366 46.31 101.48 -13.20
CA GLU Q 366 45.33 100.53 -12.70
C GLU Q 366 44.15 100.39 -13.64
N GLU Q 367 43.59 101.51 -14.10
CA GLU Q 367 42.41 101.43 -14.95
C GLU Q 367 42.71 100.80 -16.31
N ILE Q 368 43.98 100.79 -16.73
CA ILE Q 368 44.30 100.20 -18.03
C ILE Q 368 44.78 98.76 -17.87
N SER Q 369 45.28 98.41 -16.69
CA SER Q 369 45.81 97.07 -16.46
C SER Q 369 44.86 96.17 -15.69
N GLY Q 370 43.72 96.70 -15.24
CA GLY Q 370 42.73 95.88 -14.57
C GLY Q 370 42.02 94.95 -15.52
N PRO Q 371 41.43 95.49 -16.59
CA PRO Q 371 40.82 94.61 -17.59
C PRO Q 371 41.81 93.67 -18.26
N LEU Q 372 43.06 94.09 -18.44
CA LEU Q 372 44.02 93.24 -19.15
C LEU Q 372 44.39 92.01 -18.33
N THR Q 373 44.45 92.13 -17.01
CA THR Q 373 44.82 91.00 -16.17
C THR Q 373 43.68 90.01 -15.96
N SER Q 374 42.61 90.13 -16.73
CA SER Q 374 41.53 89.15 -16.71
C SER Q 374 41.76 88.01 -17.69
N ALA Q 375 42.84 88.05 -18.46
CA ALA Q 375 43.14 86.96 -19.39
C ALA Q 375 43.45 85.68 -18.62
N ASN Q 376 42.93 84.56 -19.14
CA ASN Q 376 43.11 83.28 -18.45
C ASN Q 376 44.56 82.83 -18.50
N LYS Q 377 45.17 82.85 -19.68
CA LYS Q 377 46.57 82.44 -19.83
C LYS Q 377 47.24 83.28 -20.91
N ILE Q 378 48.53 83.47 -20.76
CA ILE Q 378 49.35 84.21 -21.72
C ILE Q 378 50.57 83.37 -22.04
N THR Q 379 50.83 83.14 -23.31
CA THR Q 379 51.94 82.32 -23.78
C THR Q 379 52.96 83.21 -24.48
N LEU Q 380 54.21 83.08 -24.07
CA LEU Q 380 55.31 83.89 -24.59
C LEU Q 380 56.31 82.96 -25.28
N VAL Q 381 56.70 83.34 -26.50
CA VAL Q 381 57.62 82.53 -27.30
C VAL Q 381 58.63 83.46 -27.96
N SER Q 382 59.90 83.07 -27.92
CA SER Q 382 60.98 83.84 -28.52
C SER Q 382 61.72 82.99 -29.54
N SER Q 383 62.47 83.67 -30.40
CA SER Q 383 63.27 83.00 -31.41
C SER Q 383 64.31 83.97 -31.94
N GLY Q 384 65.50 83.45 -32.26
CA GLY Q 384 66.55 84.31 -32.75
C GLY Q 384 67.02 85.27 -31.66
N SER Q 385 67.44 86.45 -32.10
CA SER Q 385 67.94 87.48 -31.20
C SER Q 385 66.81 88.32 -30.61
N GLY Q 386 65.58 87.84 -30.67
CA GLY Q 386 64.45 88.58 -30.17
C GLY Q 386 64.28 88.43 -28.67
N THR Q 387 63.29 89.15 -28.16
CA THR Q 387 62.95 89.14 -26.75
C THR Q 387 61.93 88.04 -26.45
N MET Q 388 61.75 87.76 -25.15
CA MET Q 388 60.84 86.71 -24.72
C MET Q 388 59.38 87.11 -24.88
N GLY Q 389 59.02 88.36 -24.57
CA GLY Q 389 57.67 88.85 -24.75
C GLY Q 389 57.08 89.62 -23.58
N ALA Q 390 57.70 89.57 -22.40
CA ALA Q 390 57.17 90.33 -21.27
C ALA Q 390 57.30 91.82 -21.53
N ALA Q 391 58.41 92.23 -22.13
CA ALA Q 391 58.56 93.61 -22.56
C ALA Q 391 57.46 94.02 -23.53
N LYS Q 392 56.95 93.09 -24.34
CA LYS Q 392 55.85 93.42 -25.24
C LYS Q 392 54.60 93.80 -24.46
N VAL Q 393 54.26 93.04 -23.42
CA VAL Q 393 53.06 93.34 -22.64
C VAL Q 393 53.24 94.65 -21.89
N THR Q 394 54.40 94.84 -21.24
CA THR Q 394 54.64 96.08 -20.53
C THR Q 394 54.63 97.28 -21.48
N GLY Q 395 55.20 97.10 -22.67
CA GLY Q 395 55.19 98.16 -23.66
C GLY Q 395 53.79 98.47 -24.17
N GLU Q 396 52.95 97.45 -24.32
CA GLU Q 396 51.57 97.71 -24.73
C GLU Q 396 50.85 98.54 -23.67
N VAL Q 397 50.99 98.16 -22.40
CA VAL Q 397 50.33 98.92 -21.33
C VAL Q 397 50.86 100.34 -21.28
N LEU Q 398 52.19 100.50 -21.34
CA LEU Q 398 52.78 101.83 -21.25
C LEU Q 398 52.44 102.67 -22.47
N ASP Q 399 52.36 102.06 -23.66
CA ASP Q 399 52.01 102.78 -24.87
C ASP Q 399 50.57 103.29 -24.81
N ILE Q 400 49.65 102.45 -24.30
CA ILE Q 400 48.29 102.95 -24.12
C ILE Q 400 48.27 104.09 -23.11
N LEU Q 401 48.99 103.92 -22.00
CA LEU Q 401 48.99 104.94 -20.96
C LEU Q 401 49.60 106.25 -21.43
N THR Q 402 50.51 106.19 -22.40
CA THR Q 402 51.14 107.40 -22.92
C THR Q 402 50.42 107.98 -24.12
N ARG Q 403 49.66 107.17 -24.85
CA ARG Q 403 48.91 107.69 -25.98
C ARG Q 403 47.56 108.24 -25.56
N LEU Q 404 47.03 107.80 -24.42
CA LEU Q 404 45.77 108.38 -23.94
C LEU Q 404 45.87 109.88 -23.70
N PRO Q 405 46.91 110.41 -23.02
CA PRO Q 405 46.99 111.87 -22.89
C PRO Q 405 47.09 112.59 -24.21
N GLU Q 406 47.72 112.00 -25.23
CA GLU Q 406 47.76 112.66 -26.54
C GLU Q 406 46.40 112.63 -27.23
N SER Q 407 45.66 111.53 -27.08
CA SER Q 407 44.32 111.48 -27.64
C SER Q 407 43.43 112.53 -26.98
N VAL Q 408 43.54 112.69 -25.67
CA VAL Q 408 42.80 113.76 -24.98
C VAL Q 408 43.30 115.12 -25.40
N GLU Q 409 44.61 115.25 -25.65
CA GLU Q 409 45.19 116.47 -26.18
C GLU Q 409 44.54 116.88 -27.48
N ARG Q 410 44.25 115.90 -28.35
CA ARG Q 410 43.68 116.20 -29.66
C ARG Q 410 42.36 116.94 -29.53
N LEU Q 411 41.58 116.65 -28.49
CA LEU Q 411 40.31 117.33 -28.31
C LEU Q 411 40.43 118.58 -27.45
N THR Q 412 40.99 118.43 -26.24
CA THR Q 412 41.02 119.54 -25.30
C THR Q 412 41.95 120.66 -25.77
N GLY Q 413 43.16 120.31 -26.18
CA GLY Q 413 44.13 121.30 -26.58
C GLY Q 413 44.93 121.92 -25.46
N VAL Q 414 44.93 121.33 -24.27
CA VAL Q 414 45.67 121.84 -23.13
C VAL Q 414 46.69 120.79 -22.71
N SER Q 415 47.93 121.24 -22.51
CA SER Q 415 49.04 120.33 -22.25
C SER Q 415 48.86 119.59 -20.92
N ILE Q 416 49.45 118.40 -20.86
CA ILE Q 416 49.38 117.58 -19.67
C ILE Q 416 50.75 117.37 -19.02
N SER Q 417 51.83 117.48 -19.79
CA SER Q 417 53.19 117.36 -19.26
C SER Q 417 53.90 118.69 -19.38
N GLN Q 418 54.60 119.08 -18.31
CA GLN Q 418 55.28 120.36 -18.30
C GLN Q 418 56.54 120.35 -19.16
N VAL Q 419 57.16 119.19 -19.33
CA VAL Q 419 58.36 119.07 -20.15
C VAL Q 419 58.20 117.95 -21.18
N MET R 1 -151.84 -67.46 -33.94
CA MET R 1 -152.60 -67.44 -32.70
C MET R 1 -153.53 -66.23 -32.71
N GLY R 2 -152.97 -65.06 -32.99
CA GLY R 2 -153.74 -63.84 -33.04
C GLY R 2 -154.88 -63.88 -34.05
N ASN R 3 -156.05 -63.41 -33.65
CA ASN R 3 -157.25 -63.47 -34.48
C ASN R 3 -157.91 -62.11 -34.52
N CYS R 4 -158.51 -61.79 -35.68
CA CYS R 4 -159.37 -60.61 -35.85
C CYS R 4 -158.62 -59.32 -35.52
N HIS R 5 -157.62 -59.03 -36.35
CA HIS R 5 -156.80 -57.84 -36.22
C HIS R 5 -157.25 -56.74 -37.18
N THR R 6 -157.16 -55.50 -36.72
CA THR R 6 -157.47 -54.32 -37.51
C THR R 6 -156.33 -53.32 -37.35
N VAL R 7 -156.15 -52.48 -38.37
CA VAL R 7 -155.06 -51.51 -38.41
C VAL R 7 -155.64 -50.14 -38.74
N GLY R 8 -154.96 -49.10 -38.29
CA GLY R 8 -155.37 -47.74 -38.55
C GLY R 8 -155.12 -47.32 -39.98
N PRO R 9 -155.64 -46.15 -40.36
CA PRO R 9 -155.48 -45.70 -41.76
C PRO R 9 -154.06 -45.41 -42.17
N ASN R 10 -153.14 -45.23 -41.21
CA ASN R 10 -151.75 -44.94 -41.57
C ASN R 10 -151.03 -46.13 -42.17
N GLU R 11 -151.39 -47.34 -41.79
CA GLU R 11 -150.72 -48.55 -42.26
C GLU R 11 -151.72 -49.49 -42.91
N ALA R 12 -151.26 -50.21 -43.92
CA ALA R 12 -152.08 -51.14 -44.67
C ALA R 12 -151.81 -52.55 -44.18
N LEU R 13 -152.87 -53.26 -43.81
CA LEU R 13 -152.75 -54.65 -43.39
C LEU R 13 -152.80 -55.56 -44.61
N VAL R 14 -151.84 -56.47 -44.70
CA VAL R 14 -151.75 -57.42 -45.81
C VAL R 14 -151.87 -58.83 -45.24
N VAL R 15 -152.77 -59.61 -45.84
CA VAL R 15 -152.94 -61.01 -45.48
C VAL R 15 -153.06 -61.82 -46.76
N SER R 16 -152.51 -63.03 -46.73
CA SER R 16 -152.57 -63.95 -47.87
C SER R 16 -152.60 -65.37 -47.36
N GLY R 17 -153.51 -66.17 -47.89
CA GLY R 17 -153.62 -67.56 -47.51
C GLY R 17 -154.61 -68.34 -48.35
N GLY R 18 -154.24 -69.55 -48.74
CA GLY R 18 -155.10 -70.38 -49.57
C GLY R 18 -156.05 -71.25 -48.78
N CYS R 19 -157.30 -70.79 -48.66
CA CYS R 19 -158.28 -71.52 -47.84
C CYS R 19 -158.51 -72.93 -48.39
N CYS R 20 -158.63 -73.05 -49.71
CA CYS R 20 -158.72 -74.35 -50.38
C CYS R 20 -157.52 -74.59 -51.30
N GLY R 21 -156.42 -73.89 -51.07
CA GLY R 21 -155.26 -73.96 -51.94
C GLY R 21 -155.22 -72.92 -53.03
N SER R 22 -156.31 -72.21 -53.27
CA SER R 22 -156.34 -71.16 -54.26
C SER R 22 -155.77 -69.86 -53.70
N ASP R 23 -155.17 -69.07 -54.57
CA ASP R 23 -154.47 -67.85 -54.17
C ASP R 23 -155.48 -66.78 -53.81
N TYR R 24 -155.62 -66.50 -52.52
CA TYR R 24 -156.49 -65.43 -52.02
C TYR R 24 -155.64 -64.48 -51.17
N LYS R 25 -155.27 -63.35 -51.74
CA LYS R 25 -154.53 -62.32 -51.05
C LYS R 25 -155.41 -61.11 -50.82
N GLN R 26 -155.49 -60.65 -49.57
CA GLN R 26 -156.29 -59.49 -49.20
C GLN R 26 -155.37 -58.41 -48.64
N TYR R 27 -155.42 -57.24 -49.25
CA TYR R 27 -154.66 -56.08 -48.80
C TYR R 27 -155.64 -54.94 -48.52
N VAL R 28 -155.75 -54.55 -47.25
CA VAL R 28 -156.71 -53.54 -46.83
C VAL R 28 -155.98 -52.55 -45.93
N PHE R 29 -156.18 -51.26 -46.19
CA PHE R 29 -155.59 -50.19 -45.39
C PHE R 29 -156.64 -49.59 -44.48
N GLY R 30 -156.36 -49.56 -43.19
CA GLY R 30 -157.27 -48.95 -42.24
C GLY R 30 -158.65 -49.56 -42.19
N GLY R 31 -158.73 -50.89 -42.26
CA GLY R 31 -160.02 -51.56 -42.29
C GLY R 31 -160.15 -52.71 -41.31
N TRP R 32 -160.83 -53.77 -41.74
CA TRP R 32 -161.08 -54.93 -40.90
C TRP R 32 -160.57 -56.19 -41.59
N ALA R 33 -160.12 -57.14 -40.78
CA ALA R 33 -159.65 -58.43 -41.28
C ALA R 33 -159.63 -59.43 -40.14
N TRP R 34 -159.57 -60.71 -40.50
CA TRP R 34 -159.40 -61.78 -39.53
C TRP R 34 -158.41 -62.80 -40.08
N ALA R 35 -157.60 -63.36 -39.18
CA ALA R 35 -156.64 -64.40 -39.54
C ALA R 35 -156.52 -65.38 -38.38
N TRP R 36 -156.49 -66.67 -38.70
CA TRP R 36 -156.45 -67.72 -37.69
C TRP R 36 -155.00 -68.10 -37.37
N TRP R 37 -154.83 -69.24 -36.70
CA TRP R 37 -153.51 -69.69 -36.27
C TRP R 37 -152.55 -69.80 -37.45
N CYS R 38 -152.96 -70.49 -38.52
CA CYS R 38 -152.13 -70.60 -39.71
C CYS R 38 -152.92 -70.49 -41.01
N ILE R 39 -153.93 -69.62 -41.09
CA ILE R 39 -154.65 -69.49 -42.35
C ILE R 39 -153.95 -68.51 -43.29
N SER R 40 -153.31 -67.48 -42.75
CA SER R 40 -152.69 -66.45 -43.58
C SER R 40 -151.52 -65.84 -42.82
N ASP R 41 -151.04 -64.69 -43.29
CA ASP R 41 -149.94 -63.98 -42.65
C ASP R 41 -150.41 -62.57 -42.28
N THR R 42 -150.04 -62.13 -41.09
CA THR R 42 -150.42 -60.82 -40.57
C THR R 42 -149.23 -59.88 -40.65
N GLN R 43 -149.24 -58.99 -41.64
CA GLN R 43 -148.19 -58.00 -41.79
C GLN R 43 -148.80 -56.66 -42.13
N ARG R 44 -148.06 -55.59 -41.82
CA ARG R 44 -148.50 -54.23 -42.08
C ARG R 44 -147.43 -53.49 -42.87
N ILE R 45 -147.87 -52.52 -43.66
CA ILE R 45 -146.99 -51.69 -44.46
C ILE R 45 -147.16 -50.26 -43.99
N SER R 46 -146.08 -49.63 -43.53
CA SER R 46 -146.14 -48.25 -43.08
C SER R 46 -146.25 -47.30 -44.27
N LEU R 47 -147.42 -46.70 -44.46
CA LEU R 47 -147.66 -45.81 -45.59
C LEU R 47 -147.29 -44.36 -45.28
N GLU R 48 -146.42 -44.14 -44.30
CA GLU R 48 -146.00 -42.79 -43.95
C GLU R 48 -145.06 -42.23 -45.01
N ILE R 49 -144.97 -40.90 -45.05
CA ILE R 49 -144.05 -40.25 -45.98
C ILE R 49 -142.61 -40.57 -45.59
N MET R 50 -141.80 -40.87 -46.59
CA MET R 50 -140.37 -41.10 -46.40
C MET R 50 -139.62 -39.84 -46.78
N THR R 51 -138.71 -39.42 -45.92
CA THR R 51 -137.91 -38.22 -46.19
C THR R 51 -136.82 -38.53 -47.20
N LEU R 52 -136.59 -37.61 -48.12
CA LEU R 52 -135.57 -37.74 -49.15
C LEU R 52 -134.63 -36.55 -49.11
N GLN R 53 -133.33 -36.83 -49.20
CA GLN R 53 -132.29 -35.80 -49.31
C GLN R 53 -131.38 -36.14 -50.48
N PRO R 54 -131.89 -36.08 -51.71
CA PRO R 54 -131.01 -36.35 -52.87
C PRO R 54 -129.93 -35.28 -52.99
N ARG R 55 -128.68 -35.71 -52.93
CA ARG R 55 -127.53 -34.82 -53.03
C ARG R 55 -126.55 -35.40 -54.03
N CYS R 56 -126.48 -34.80 -55.21
CA CYS R 56 -125.59 -35.23 -56.27
C CYS R 56 -124.34 -34.37 -56.25
N GLU R 57 -123.17 -35.00 -56.28
CA GLU R 57 -121.89 -34.32 -56.21
C GLU R 57 -121.18 -34.40 -57.55
N ASP R 58 -120.70 -33.25 -58.03
CA ASP R 58 -119.93 -33.17 -59.27
C ASP R 58 -120.73 -33.70 -60.46
N VAL R 59 -121.92 -33.11 -60.66
CA VAL R 59 -122.78 -33.47 -61.77
C VAL R 59 -122.87 -32.28 -62.72
N GLU R 60 -122.95 -32.57 -64.01
CA GLU R 60 -122.84 -31.56 -65.05
C GLU R 60 -124.05 -31.56 -65.96
N THR R 61 -124.44 -30.38 -66.42
CA THR R 61 -125.60 -30.19 -67.28
C THR R 61 -125.20 -30.36 -68.74
N ALA R 62 -126.09 -29.95 -69.64
CA ALA R 62 -125.84 -30.13 -71.08
C ALA R 62 -124.60 -29.37 -71.52
N GLU R 63 -124.46 -28.12 -71.08
CA GLU R 63 -123.28 -27.34 -71.42
C GLU R 63 -122.04 -27.79 -70.64
N GLY R 64 -122.23 -28.59 -69.60
CA GLY R 64 -121.13 -29.20 -68.89
C GLY R 64 -120.68 -28.51 -67.61
N VAL R 65 -121.32 -27.42 -67.22
CA VAL R 65 -120.93 -26.74 -65.99
C VAL R 65 -121.20 -27.65 -64.80
N ALA R 66 -120.17 -27.87 -63.99
CA ALA R 66 -120.29 -28.79 -62.86
C ALA R 66 -121.03 -28.13 -61.70
N LEU R 67 -121.99 -28.85 -61.14
CA LEU R 67 -122.76 -28.37 -59.99
C LEU R 67 -122.90 -29.49 -58.97
N THR R 68 -123.10 -29.11 -57.72
CA THR R 68 -123.36 -30.05 -56.63
C THR R 68 -124.76 -29.73 -56.13
N VAL R 69 -125.76 -30.34 -56.75
CA VAL R 69 -127.16 -29.98 -56.53
C VAL R 69 -127.76 -30.93 -55.51
N THR R 70 -128.38 -30.36 -54.48
CA THR R 70 -129.08 -31.12 -53.45
C THR R 70 -130.58 -30.89 -53.62
N GLY R 71 -131.37 -31.97 -53.47
CA GLY R 71 -132.79 -31.92 -53.71
C GLY R 71 -133.61 -32.41 -52.52
N VAL R 72 -134.92 -32.23 -52.64
CA VAL R 72 -135.89 -32.80 -51.70
C VAL R 72 -137.06 -33.34 -52.49
N ALA R 73 -137.51 -34.54 -52.15
CA ALA R 73 -138.64 -35.17 -52.82
C ALA R 73 -139.56 -35.80 -51.77
N GLN R 74 -140.85 -35.75 -52.06
CA GLN R 74 -141.87 -36.31 -51.19
C GLN R 74 -142.37 -37.63 -51.78
N VAL R 75 -142.18 -38.71 -51.03
CA VAL R 75 -142.48 -40.05 -51.50
C VAL R 75 -143.32 -40.78 -50.47
N LYS R 76 -144.32 -41.52 -50.95
CA LYS R 76 -145.21 -42.29 -50.09
C LYS R 76 -145.74 -43.48 -50.89
N ILE R 77 -145.90 -44.61 -50.20
CA ILE R 77 -146.49 -45.78 -50.84
C ILE R 77 -147.95 -45.51 -51.18
N MET R 78 -148.35 -45.83 -52.40
CA MET R 78 -149.67 -45.49 -52.89
C MET R 78 -150.73 -46.43 -52.30
N THR R 79 -151.99 -46.17 -52.62
CA THR R 79 -153.12 -46.92 -52.08
C THR R 79 -154.07 -47.38 -53.20
N GLU R 80 -153.55 -47.56 -54.41
CA GLU R 80 -154.34 -48.03 -55.54
C GLU R 80 -154.73 -49.50 -55.32
N LYS R 81 -155.44 -50.07 -56.30
CA LYS R 81 -155.92 -51.44 -56.21
C LYS R 81 -154.91 -52.44 -56.78
N GLU R 82 -154.60 -52.33 -58.07
CA GLU R 82 -153.69 -53.28 -58.69
C GLU R 82 -152.23 -52.97 -58.37
N LEU R 83 -151.89 -51.71 -58.13
CA LEU R 83 -150.52 -51.36 -57.77
C LEU R 83 -150.14 -51.85 -56.38
N LEU R 84 -151.13 -51.96 -55.48
CA LEU R 84 -150.81 -52.49 -54.15
C LEU R 84 -150.59 -53.98 -54.15
N ALA R 85 -151.05 -54.70 -55.17
CA ALA R 85 -150.59 -56.07 -55.34
C ALA R 85 -149.08 -56.12 -55.53
N VAL R 86 -148.56 -55.22 -56.38
CA VAL R 86 -147.12 -55.14 -56.58
C VAL R 86 -146.43 -54.67 -55.30
N ALA R 87 -147.04 -53.70 -54.61
CA ALA R 87 -146.45 -53.18 -53.39
C ALA R 87 -146.31 -54.26 -52.33
N CYS R 88 -147.34 -55.11 -52.19
CA CYS R 88 -147.31 -56.16 -51.19
C CYS R 88 -146.39 -57.30 -51.61
N GLU R 89 -146.38 -57.65 -52.90
CA GLU R 89 -145.47 -58.68 -53.37
C GLU R 89 -144.04 -58.20 -53.53
N GLN R 90 -143.79 -56.92 -53.29
CA GLN R 90 -142.53 -56.30 -53.70
C GLN R 90 -141.51 -56.18 -52.57
N PHE R 91 -141.84 -55.50 -51.47
CA PHE R 91 -140.80 -54.97 -50.61
C PHE R 91 -140.80 -55.54 -49.20
N LEU R 92 -141.92 -55.42 -48.48
CA LEU R 92 -141.95 -55.78 -47.06
C LEU R 92 -141.53 -57.23 -46.85
N GLY R 93 -141.01 -57.53 -45.65
CA GLY R 93 -140.97 -56.62 -44.52
C GLY R 93 -139.65 -55.96 -44.20
N LYS R 94 -138.96 -55.48 -45.24
CA LYS R 94 -137.75 -54.70 -45.02
C LYS R 94 -138.13 -53.36 -44.40
N ASN R 95 -137.29 -52.86 -43.48
CA ASN R 95 -137.68 -51.77 -42.61
C ASN R 95 -137.58 -50.42 -43.34
N VAL R 96 -137.94 -49.36 -42.61
CA VAL R 96 -138.06 -48.02 -43.20
C VAL R 96 -136.73 -47.54 -43.76
N GLN R 97 -135.62 -47.87 -43.10
CA GLN R 97 -134.31 -47.50 -43.64
C GLN R 97 -134.12 -48.11 -45.02
N ASP R 98 -134.68 -49.29 -45.25
CA ASP R 98 -134.54 -49.92 -46.55
C ASP R 98 -135.34 -49.18 -47.62
N ILE R 99 -136.59 -48.77 -47.30
CA ILE R 99 -137.33 -47.93 -48.24
C ILE R 99 -136.53 -46.69 -48.57
N LYS R 100 -136.07 -45.98 -47.54
CA LYS R 100 -135.44 -44.69 -47.77
C LYS R 100 -134.14 -44.83 -48.55
N ASN R 101 -133.34 -45.86 -48.27
CA ASN R 101 -132.10 -46.05 -49.01
C ASN R 101 -132.38 -46.40 -50.47
N VAL R 102 -133.30 -47.35 -50.71
CA VAL R 102 -133.57 -47.74 -52.10
C VAL R 102 -134.09 -46.56 -52.89
N VAL R 103 -135.06 -45.84 -52.34
CA VAL R 103 -135.64 -44.70 -53.06
C VAL R 103 -134.59 -43.60 -53.20
N LEU R 104 -133.69 -43.47 -52.22
CA LEU R 104 -132.65 -42.46 -52.30
C LEU R 104 -131.72 -42.70 -53.48
N GLN R 105 -131.20 -43.93 -53.62
CA GLN R 105 -130.33 -44.20 -54.76
C GLN R 105 -131.07 -44.08 -56.08
N THR R 106 -132.28 -44.62 -56.19
CA THR R 106 -132.93 -44.60 -57.49
C THR R 106 -133.29 -43.17 -57.90
N LEU R 107 -133.82 -42.37 -56.97
CA LEU R 107 -134.12 -40.98 -57.29
C LEU R 107 -132.85 -40.15 -57.44
N GLU R 108 -131.75 -40.57 -56.81
CA GLU R 108 -130.48 -39.92 -57.06
C GLU R 108 -130.08 -40.06 -58.52
N GLY R 109 -130.12 -41.30 -59.02
CA GLY R 109 -129.83 -41.52 -60.42
C GLY R 109 -130.77 -40.76 -61.34
N HIS R 110 -132.06 -40.82 -61.04
CA HIS R 110 -133.05 -40.15 -61.90
C HIS R 110 -132.86 -38.64 -61.89
N LEU R 111 -132.60 -38.06 -60.71
CA LEU R 111 -132.41 -36.62 -60.59
C LEU R 111 -131.15 -36.17 -61.32
N ARG R 112 -130.05 -36.91 -61.16
CA ARG R 112 -128.84 -36.55 -61.90
C ARG R 112 -129.08 -36.65 -63.41
N SER R 113 -129.81 -37.68 -63.84
CA SER R 113 -130.09 -37.86 -65.25
C SER R 113 -130.87 -36.68 -65.82
N ILE R 114 -131.97 -36.31 -65.15
CA ILE R 114 -132.78 -35.21 -65.67
C ILE R 114 -132.01 -33.89 -65.55
N LEU R 115 -131.20 -33.74 -64.51
CA LEU R 115 -130.38 -32.54 -64.39
C LEU R 115 -129.44 -32.40 -65.57
N GLY R 116 -128.85 -33.52 -66.00
CA GLY R 116 -128.08 -33.51 -67.23
C GLY R 116 -128.94 -33.23 -68.45
N THR R 117 -130.22 -33.61 -68.39
CA THR R 117 -131.09 -33.43 -69.54
C THR R 117 -131.28 -31.95 -69.88
N LEU R 118 -131.49 -31.10 -68.88
CA LEU R 118 -131.70 -29.68 -69.14
C LEU R 118 -130.43 -28.90 -68.86
N THR R 119 -130.43 -27.64 -69.30
CA THR R 119 -129.26 -26.79 -69.15
C THR R 119 -129.33 -26.02 -67.82
N VAL R 120 -128.19 -25.41 -67.47
CA VAL R 120 -128.10 -24.65 -66.23
C VAL R 120 -128.91 -23.36 -66.28
N GLU R 121 -129.10 -22.76 -67.46
CA GLU R 121 -129.96 -21.58 -67.54
C GLU R 121 -131.39 -21.93 -67.17
N GLN R 122 -131.86 -23.10 -67.59
CA GLN R 122 -133.21 -23.53 -67.21
C GLN R 122 -133.32 -23.81 -65.71
N ILE R 123 -132.34 -24.48 -65.11
CA ILE R 123 -132.40 -24.71 -63.67
C ILE R 123 -132.24 -23.38 -62.93
N TYR R 124 -131.73 -22.36 -63.60
CA TYR R 124 -131.64 -21.04 -63.01
C TYR R 124 -133.00 -20.34 -63.04
N GLN R 125 -133.56 -20.16 -64.23
CA GLN R 125 -134.78 -19.37 -64.39
C GLN R 125 -136.04 -20.17 -64.03
N ASP R 126 -136.31 -21.24 -64.79
CA ASP R 126 -137.56 -21.99 -64.68
C ASP R 126 -137.25 -23.37 -64.13
N ARG R 127 -137.22 -23.46 -62.80
CA ARG R 127 -137.03 -24.75 -62.13
C ARG R 127 -138.32 -25.32 -61.54
N ASP R 128 -139.40 -24.55 -61.51
CA ASP R 128 -140.71 -25.13 -61.25
C ASP R 128 -141.10 -26.05 -62.41
N GLN R 129 -140.87 -25.60 -63.64
CA GLN R 129 -141.06 -26.47 -64.80
C GLN R 129 -140.06 -27.62 -64.78
N PHE R 130 -138.88 -27.41 -64.20
CA PHE R 130 -137.94 -28.51 -64.02
C PHE R 130 -138.53 -29.60 -63.15
N ALA R 131 -139.16 -29.21 -62.03
CA ALA R 131 -139.82 -30.20 -61.17
C ALA R 131 -141.03 -30.81 -61.86
N LYS R 132 -141.75 -30.03 -62.68
CA LYS R 132 -142.88 -30.58 -63.40
C LYS R 132 -142.44 -31.65 -64.39
N LEU R 133 -141.29 -31.43 -65.04
CA LEU R 133 -140.73 -32.45 -65.92
C LEU R 133 -140.14 -33.62 -65.13
N VAL R 134 -139.61 -33.36 -63.93
CA VAL R 134 -139.15 -34.44 -63.07
C VAL R 134 -140.32 -35.38 -62.75
N ARG R 135 -141.48 -34.81 -62.44
CA ARG R 135 -142.67 -35.63 -62.27
C ARG R 135 -142.98 -36.44 -63.53
N GLU R 136 -143.03 -35.77 -64.68
CA GLU R 136 -143.36 -36.43 -65.94
C GLU R 136 -142.43 -37.59 -66.26
N VAL R 137 -141.15 -37.49 -65.91
CA VAL R 137 -140.20 -38.56 -66.21
C VAL R 137 -140.06 -39.57 -65.09
N ALA R 138 -140.38 -39.24 -63.83
CA ALA R 138 -140.13 -40.12 -62.70
C ALA R 138 -141.37 -40.92 -62.30
N ALA R 139 -142.57 -40.39 -62.57
CA ALA R 139 -143.78 -41.16 -62.35
C ALA R 139 -143.80 -42.49 -63.09
N PRO R 140 -143.40 -42.58 -64.36
CA PRO R 140 -143.44 -43.89 -65.05
C PRO R 140 -142.57 -44.97 -64.41
N ASP R 141 -141.48 -44.62 -63.74
CA ASP R 141 -140.58 -45.63 -63.19
C ASP R 141 -140.64 -45.73 -61.67
N VAL R 142 -140.67 -44.60 -60.95
CA VAL R 142 -140.77 -44.67 -59.50
C VAL R 142 -142.11 -45.25 -59.06
N GLY R 143 -143.14 -45.13 -59.89
CA GLY R 143 -144.42 -45.74 -59.58
C GLY R 143 -144.47 -47.24 -59.81
N ARG R 144 -143.46 -47.79 -60.49
CA ARG R 144 -143.46 -49.22 -60.77
C ARG R 144 -143.34 -50.04 -59.49
N MET R 145 -142.51 -49.58 -58.55
CA MET R 145 -142.37 -50.23 -57.25
C MET R 145 -143.37 -49.70 -56.22
N GLY R 146 -144.42 -49.03 -56.67
CA GLY R 146 -145.50 -48.60 -55.79
C GLY R 146 -145.24 -47.34 -55.00
N ILE R 147 -144.16 -46.61 -55.30
CA ILE R 147 -143.81 -45.40 -54.56
C ILE R 147 -144.32 -44.19 -55.34
N GLU R 148 -145.14 -43.37 -54.68
CA GLU R 148 -145.66 -42.16 -55.30
C GLU R 148 -144.71 -40.99 -55.04
N ILE R 149 -144.86 -39.95 -55.87
CA ILE R 149 -144.04 -38.75 -55.73
C ILE R 149 -144.95 -37.57 -55.43
N LEU R 150 -145.14 -37.27 -54.15
CA LEU R 150 -146.04 -36.18 -53.78
C LEU R 150 -145.49 -34.83 -54.21
N SER R 151 -144.18 -34.62 -54.05
CA SER R 151 -143.57 -33.35 -54.43
C SER R 151 -142.11 -33.59 -54.78
N PHE R 152 -141.54 -32.66 -55.54
CA PHE R 152 -140.16 -32.74 -55.96
C PHE R 152 -139.61 -31.34 -56.21
N THR R 153 -138.39 -31.10 -55.72
CA THR R 153 -137.63 -29.90 -56.05
C THR R 153 -136.21 -30.10 -55.55
N ILE R 154 -135.38 -29.06 -55.73
CA ILE R 154 -133.97 -29.11 -55.37
C ILE R 154 -133.73 -28.19 -54.18
N LYS R 155 -132.95 -28.67 -53.22
CA LYS R 155 -132.75 -27.93 -51.97
C LYS R 155 -131.79 -26.76 -52.16
N ASP R 156 -130.56 -27.05 -52.59
CA ASP R 156 -129.57 -26.00 -52.77
C ASP R 156 -128.63 -26.39 -53.90
N VAL R 157 -128.03 -25.38 -54.52
CA VAL R 157 -127.11 -25.57 -55.63
C VAL R 157 -125.79 -24.90 -55.27
N TYR R 158 -124.69 -25.62 -55.47
CA TYR R 158 -123.36 -25.10 -55.17
C TYR R 158 -122.43 -25.40 -56.34
N ASP R 159 -121.51 -24.48 -56.60
CA ASP R 159 -120.58 -24.60 -57.72
C ASP R 159 -119.16 -24.31 -57.25
N LYS R 160 -118.21 -25.02 -57.87
CA LYS R 160 -116.79 -24.79 -57.63
C LYS R 160 -116.18 -23.85 -58.65
N VAL R 161 -116.78 -23.73 -59.83
CA VAL R 161 -116.32 -22.82 -60.88
C VAL R 161 -117.17 -21.54 -60.91
N ASP R 162 -117.78 -21.18 -59.77
CA ASP R 162 -118.49 -19.92 -59.53
C ASP R 162 -119.28 -19.43 -60.75
N TYR R 163 -120.26 -20.25 -61.16
CA TYR R 163 -121.20 -19.85 -62.20
C TYR R 163 -122.12 -18.74 -61.73
N LEU R 164 -122.91 -19.00 -60.68
CA LEU R 164 -123.95 -18.07 -60.26
C LEU R 164 -123.37 -16.78 -59.71
N SER R 165 -122.25 -16.87 -58.99
CA SER R 165 -121.60 -15.66 -58.49
C SER R 165 -121.15 -14.79 -59.66
N SER R 166 -120.63 -15.40 -60.72
CA SER R 166 -120.29 -14.65 -61.91
C SER R 166 -121.53 -14.04 -62.56
N LEU R 167 -122.63 -14.78 -62.56
CA LEU R 167 -123.87 -14.28 -63.17
C LEU R 167 -124.42 -13.08 -62.40
N GLY R 168 -124.20 -13.02 -61.09
CA GLY R 168 -124.68 -11.89 -60.30
C GLY R 168 -123.89 -10.62 -60.51
N LYS R 169 -122.69 -10.77 -61.07
CA LYS R 169 -121.82 -9.62 -61.32
C LYS R 169 -122.46 -8.61 -62.26
N THR R 170 -123.37 -9.06 -63.12
CA THR R 170 -123.93 -8.19 -64.14
C THR R 170 -124.69 -7.03 -63.53
N GLN R 171 -125.45 -7.28 -62.46
CA GLN R 171 -126.25 -6.24 -61.85
C GLN R 171 -125.77 -5.85 -60.45
N THR R 172 -124.83 -6.60 -59.87
CA THR R 172 -124.33 -6.18 -58.56
C THR R 172 -123.63 -4.83 -58.61
N ALA R 173 -123.29 -4.35 -59.80
CA ALA R 173 -122.67 -3.05 -59.98
C ALA R 173 -123.61 -2.00 -60.55
N VAL R 174 -124.73 -2.42 -61.16
CA VAL R 174 -125.67 -1.45 -61.72
C VAL R 174 -126.27 -0.58 -60.63
N VAL R 175 -126.68 -1.20 -59.52
CA VAL R 175 -127.18 -0.42 -58.39
C VAL R 175 -126.07 0.42 -57.80
N GLN R 176 -124.83 -0.10 -57.78
CA GLN R 176 -123.71 0.73 -57.35
C GLN R 176 -123.47 1.88 -58.32
N ARG R 177 -123.66 1.65 -59.61
CA ARG R 177 -123.59 2.74 -60.58
C ARG R 177 -124.58 3.84 -60.25
N ASP R 178 -125.85 3.46 -60.03
CA ASP R 178 -126.88 4.46 -59.74
C ASP R 178 -126.59 5.18 -58.43
N ALA R 179 -126.13 4.45 -57.42
CA ALA R 179 -125.82 5.07 -56.13
C ALA R 179 -124.68 6.08 -56.29
N ASP R 180 -123.65 5.73 -57.04
CA ASP R 180 -122.54 6.66 -57.25
C ASP R 180 -123.02 7.90 -58.00
N ILE R 181 -123.87 7.71 -59.01
CA ILE R 181 -124.39 8.86 -59.74
C ILE R 181 -125.17 9.78 -58.81
N GLY R 182 -126.03 9.20 -57.99
CA GLY R 182 -126.84 10.01 -57.09
C GLY R 182 -126.02 10.77 -56.07
N VAL R 183 -125.03 10.08 -55.47
CA VAL R 183 -124.21 10.74 -54.45
C VAL R 183 -123.35 11.83 -55.10
N ALA R 184 -122.89 11.60 -56.33
CA ALA R 184 -122.12 12.64 -57.02
C ALA R 184 -122.97 13.86 -57.29
N GLU R 185 -124.21 13.66 -57.76
CA GLU R 185 -125.08 14.80 -58.02
C GLU R 185 -125.39 15.56 -56.74
N ALA R 186 -125.67 14.83 -55.65
CA ALA R 186 -125.98 15.48 -54.38
C ALA R 186 -124.81 16.29 -53.87
N GLU R 187 -123.60 15.72 -53.93
CA GLU R 187 -122.41 16.46 -53.49
C GLU R 187 -122.17 17.68 -54.37
N ARG R 188 -122.45 17.57 -55.68
CA ARG R 188 -122.30 18.71 -56.56
C ARG R 188 -123.23 19.84 -56.15
N ASP R 189 -124.50 19.52 -55.89
CA ASP R 189 -125.46 20.55 -55.50
C ASP R 189 -125.07 21.18 -54.17
N ALA R 190 -124.69 20.35 -53.21
CA ALA R 190 -124.27 20.88 -51.91
C ALA R 190 -123.09 21.83 -52.06
N GLY R 191 -122.09 21.41 -52.83
CA GLY R 191 -120.90 22.23 -53.00
C GLY R 191 -121.20 23.55 -53.69
N ILE R 192 -122.00 23.51 -54.76
CA ILE R 192 -122.31 24.75 -55.48
C ILE R 192 -123.03 25.73 -54.57
N ARG R 193 -124.05 25.27 -53.83
CA ARG R 193 -124.85 26.27 -53.14
C ARG R 193 -124.10 26.75 -51.89
N GLU R 194 -123.29 25.87 -51.29
CA GLU R 194 -122.44 26.29 -50.17
C GLU R 194 -121.42 27.32 -50.61
N ALA R 195 -120.83 27.14 -51.80
CA ALA R 195 -119.89 28.13 -52.31
C ALA R 195 -120.59 29.46 -52.53
N GLU R 196 -121.83 29.43 -53.03
CA GLU R 196 -122.59 30.66 -53.18
C GLU R 196 -122.79 31.36 -51.85
N CYS R 197 -123.16 30.60 -50.81
CA CYS R 197 -123.35 31.19 -49.49
C CYS R 197 -122.06 31.81 -48.97
N LYS R 198 -120.95 31.09 -49.11
CA LYS R 198 -119.66 31.58 -48.64
C LYS R 198 -119.30 32.88 -49.36
N LYS R 199 -119.56 32.94 -50.67
CA LYS R 199 -119.28 34.13 -51.45
C LYS R 199 -120.08 35.32 -50.92
N GLU R 200 -121.39 35.14 -50.73
CA GLU R 200 -122.20 36.27 -50.26
C GLU R 200 -121.76 36.74 -48.88
N MET R 201 -121.48 35.81 -47.96
CA MET R 201 -121.11 36.21 -46.62
C MET R 201 -119.75 36.91 -46.61
N LEU R 202 -118.80 36.46 -47.44
CA LEU R 202 -117.54 37.18 -47.54
C LEU R 202 -117.71 38.58 -48.12
N ASP R 203 -118.57 38.74 -49.12
CA ASP R 203 -118.78 40.09 -49.65
C ASP R 203 -119.30 41.03 -48.58
N VAL R 204 -120.31 40.59 -47.83
CA VAL R 204 -120.84 41.49 -46.81
C VAL R 204 -119.83 41.74 -45.71
N LYS R 205 -119.08 40.71 -45.29
CA LYS R 205 -118.09 40.89 -44.24
C LYS R 205 -117.01 41.88 -44.68
N PHE R 206 -116.59 41.80 -45.94
CA PHE R 206 -115.57 42.72 -46.42
C PHE R 206 -116.11 44.14 -46.56
N MET R 207 -117.39 44.30 -46.91
CA MET R 207 -117.97 45.64 -46.90
C MET R 207 -117.97 46.24 -45.49
N ALA R 208 -118.36 45.43 -44.50
CA ALA R 208 -118.33 45.90 -43.12
C ALA R 208 -116.92 46.26 -42.68
N ASP R 209 -115.94 45.43 -43.04
CA ASP R 209 -114.56 45.71 -42.69
C ASP R 209 -114.06 46.97 -43.38
N THR R 210 -114.51 47.24 -44.60
CA THR R 210 -114.14 48.48 -45.27
C THR R 210 -114.67 49.69 -44.51
N LYS R 211 -115.93 49.61 -44.05
CA LYS R 211 -116.46 50.70 -43.26
C LYS R 211 -115.69 50.89 -41.95
N ILE R 212 -115.31 49.78 -41.31
CA ILE R 212 -114.52 49.85 -40.09
C ILE R 212 -113.18 50.51 -40.36
N ALA R 213 -112.55 50.15 -41.47
CA ALA R 213 -111.27 50.77 -41.83
C ALA R 213 -111.42 52.26 -42.07
N ASP R 214 -112.52 52.67 -42.70
CA ASP R 214 -112.76 54.09 -42.91
C ASP R 214 -112.89 54.83 -41.58
N SER R 215 -113.66 54.27 -40.65
CA SER R 215 -113.80 54.90 -39.34
C SER R 215 -112.46 54.98 -38.61
N LYS R 216 -111.67 53.91 -38.69
CA LYS R 216 -110.36 53.90 -38.06
C LYS R 216 -109.45 54.96 -38.67
N ARG R 217 -109.50 55.12 -39.99
CA ARG R 217 -108.70 56.15 -40.65
C ARG R 217 -109.10 57.53 -40.17
N ALA R 218 -110.41 57.80 -40.10
CA ALA R 218 -110.85 59.11 -39.64
C ALA R 218 -110.38 59.37 -38.21
N PHE R 219 -110.52 58.37 -37.33
CA PHE R 219 -110.10 58.56 -35.95
C PHE R 219 -108.60 58.80 -35.85
N GLU R 220 -107.81 58.01 -36.56
CA GLU R 220 -106.36 58.18 -36.50
C GLU R 220 -105.94 59.53 -37.05
N LEU R 221 -106.57 59.97 -38.14
CA LEU R 221 -106.23 61.28 -38.70
C LEU R 221 -106.52 62.39 -37.71
N GLN R 222 -107.70 62.37 -37.10
CA GLN R 222 -108.04 63.42 -36.13
C GLN R 222 -107.10 63.38 -34.92
N LYS R 223 -106.80 62.18 -34.42
CA LYS R 223 -105.93 62.07 -33.26
C LYS R 223 -104.52 62.59 -33.56
N SER R 224 -103.96 62.24 -34.72
CA SER R 224 -102.65 62.75 -35.08
C SER R 224 -102.68 64.26 -35.26
N ALA R 225 -103.75 64.78 -35.87
CA ALA R 225 -103.87 66.22 -36.03
C ALA R 225 -103.86 66.92 -34.68
N PHE R 226 -104.58 66.37 -33.70
CA PHE R 226 -104.60 66.98 -32.37
C PHE R 226 -103.24 66.89 -31.70
N SER R 227 -102.60 65.73 -31.83
CA SER R 227 -101.27 65.53 -31.26
C SER R 227 -100.28 66.54 -31.82
N GLU R 228 -100.47 66.97 -33.06
CA GLU R 228 -99.58 67.97 -33.65
C GLU R 228 -99.49 69.21 -32.78
N GLU R 229 -100.62 69.92 -32.59
CA GLU R 229 -100.54 71.16 -31.83
C GLU R 229 -100.32 70.92 -30.35
N VAL R 230 -100.75 69.77 -29.79
CA VAL R 230 -100.46 69.57 -28.39
C VAL R 230 -98.95 69.41 -28.17
N ASN R 231 -98.27 68.73 -29.11
CA ASN R 231 -96.82 68.59 -29.01
C ASN R 231 -96.14 69.92 -29.25
N ILE R 232 -96.67 70.74 -30.16
CA ILE R 232 -96.10 72.07 -30.39
C ILE R 232 -96.15 72.90 -29.11
N LYS R 233 -97.32 72.94 -28.47
CA LYS R 233 -97.47 73.72 -27.25
C LYS R 233 -96.58 73.19 -26.13
N THR R 234 -96.48 71.87 -25.99
CA THR R 234 -95.56 71.35 -24.99
C THR R 234 -94.13 71.79 -25.28
N ALA R 235 -93.66 71.57 -26.51
CA ALA R 235 -92.29 71.89 -26.86
C ALA R 235 -91.97 73.35 -26.53
N GLU R 236 -92.94 74.24 -26.73
CA GLU R 236 -92.76 75.59 -26.20
C GLU R 236 -92.67 75.61 -24.69
N ALA R 237 -93.45 74.75 -24.02
CA ALA R 237 -93.56 74.81 -22.56
C ALA R 237 -92.23 74.47 -21.87
N GLN R 238 -91.54 73.42 -22.31
CA GLN R 238 -90.28 73.12 -21.61
C GLN R 238 -89.26 74.25 -21.74
N LEU R 239 -89.11 74.81 -22.94
CA LEU R 239 -88.01 75.74 -23.18
C LEU R 239 -88.34 77.19 -22.84
N ALA R 240 -89.59 77.51 -22.51
CA ALA R 240 -89.84 78.84 -21.94
C ALA R 240 -89.02 79.07 -20.68
N TYR R 241 -88.79 78.00 -19.90
CA TYR R 241 -87.96 78.11 -18.69
C TYR R 241 -86.56 78.57 -19.04
N GLU R 242 -85.92 77.92 -20.01
CA GLU R 242 -84.57 78.31 -20.39
C GLU R 242 -84.54 79.71 -20.98
N LEU R 243 -85.56 80.07 -21.74
CA LEU R 243 -85.60 81.42 -22.32
C LEU R 243 -85.61 82.47 -21.22
N GLN R 244 -86.51 82.34 -20.25
CA GLN R 244 -86.55 83.31 -19.16
C GLN R 244 -85.29 83.24 -18.30
N GLY R 245 -84.72 82.05 -18.14
CA GLY R 245 -83.49 81.93 -17.37
C GLY R 245 -82.35 82.70 -17.99
N ALA R 246 -82.18 82.60 -19.32
CA ALA R 246 -81.14 83.37 -19.99
C ALA R 246 -81.44 84.86 -19.91
N ARG R 247 -82.71 85.24 -20.09
CA ARG R 247 -83.07 86.64 -20.02
C ARG R 247 -82.72 87.23 -18.65
N GLU R 248 -82.93 86.47 -17.58
CA GLU R 248 -82.56 86.94 -16.25
C GLU R 248 -81.05 86.90 -16.03
N GLN R 249 -80.39 85.85 -16.52
CA GLN R 249 -78.93 85.76 -16.40
C GLN R 249 -78.25 86.95 -17.04
N GLN R 250 -78.87 87.56 -18.05
CA GLN R 250 -78.34 88.82 -18.57
C GLN R 250 -78.05 89.81 -17.44
N LYS R 251 -79.09 90.19 -16.68
CA LYS R 251 -78.91 91.15 -15.60
C LYS R 251 -78.10 90.57 -14.45
N ILE R 252 -78.24 89.26 -14.20
CA ILE R 252 -77.46 88.63 -13.13
C ILE R 252 -75.97 88.85 -13.38
N ARG R 253 -75.52 88.54 -14.59
CA ARG R 253 -74.11 88.69 -14.91
C ARG R 253 -73.74 90.16 -15.07
N GLN R 254 -74.67 91.00 -15.51
CA GLN R 254 -74.42 92.44 -15.54
C GLN R 254 -73.99 92.96 -14.19
N GLU R 255 -74.74 92.62 -13.14
CA GLU R 255 -74.35 93.07 -11.81
C GLU R 255 -73.13 92.31 -11.28
N GLU R 256 -73.02 91.01 -11.55
CA GLU R 256 -71.86 90.27 -11.10
C GLU R 256 -70.56 90.84 -11.66
N ILE R 257 -70.62 91.45 -12.84
CA ILE R 257 -69.44 92.09 -13.43
C ILE R 257 -69.33 93.56 -13.05
N GLU R 258 -70.43 94.23 -12.74
CA GLU R 258 -70.35 95.57 -12.16
C GLU R 258 -69.69 95.55 -10.79
N ILE R 259 -69.67 94.39 -10.12
CA ILE R 259 -68.95 94.26 -8.85
C ILE R 259 -67.53 94.79 -9.00
N GLU R 260 -66.74 94.17 -9.87
CA GLU R 260 -65.34 94.57 -9.98
C GLU R 260 -65.17 95.89 -10.73
N VAL R 261 -66.16 96.33 -11.50
CA VAL R 261 -66.12 97.69 -12.03
C VAL R 261 -66.10 98.69 -10.89
N VAL R 262 -67.01 98.52 -9.93
CA VAL R 262 -67.07 99.40 -8.77
C VAL R 262 -65.79 99.28 -7.95
N GLN R 263 -65.27 98.05 -7.82
CA GLN R 263 -64.04 97.86 -7.06
C GLN R 263 -62.85 98.61 -7.69
N ARG R 264 -62.66 98.42 -9.00
CA ARG R 264 -61.54 99.06 -9.68
C ARG R 264 -61.73 100.57 -9.81
N LYS R 265 -62.98 101.06 -9.71
CA LYS R 265 -63.21 102.50 -9.75
C LYS R 265 -62.52 103.21 -8.60
N LYS R 266 -62.48 102.59 -7.42
CA LYS R 266 -61.83 103.18 -6.26
C LYS R 266 -60.46 102.60 -5.97
N GLN R 267 -60.08 101.51 -6.64
CA GLN R 267 -58.66 101.22 -6.72
C GLN R 267 -57.87 102.39 -7.29
N ILE R 268 -58.52 103.30 -8.01
CA ILE R 268 -57.88 104.53 -8.47
C ILE R 268 -57.40 105.34 -7.27
N ALA R 269 -58.29 105.57 -6.30
CA ALA R 269 -57.90 106.32 -5.10
C ALA R 269 -56.88 105.54 -4.29
N VAL R 270 -57.01 104.22 -4.26
CA VAL R 270 -55.99 103.40 -3.60
C VAL R 270 -54.62 103.70 -4.19
N GLU R 271 -54.53 103.71 -5.52
CA GLU R 271 -53.25 103.94 -6.17
C GLU R 271 -52.77 105.38 -6.01
N ALA R 272 -53.68 106.34 -5.94
CA ALA R 272 -53.26 107.72 -5.70
C ALA R 272 -52.62 107.87 -4.32
N GLN R 273 -53.25 107.28 -3.29
CA GLN R 273 -52.64 107.29 -1.97
C GLN R 273 -51.32 106.54 -1.98
N GLU R 274 -51.22 105.46 -2.76
CA GLU R 274 -49.95 104.78 -2.92
C GLU R 274 -48.90 105.66 -3.57
N ILE R 275 -49.30 106.51 -4.53
CA ILE R 275 -48.36 107.44 -5.16
C ILE R 275 -47.80 108.39 -4.11
N LEU R 276 -48.66 108.95 -3.29
CA LEU R 276 -48.17 109.86 -2.23
C LEU R 276 -47.24 109.13 -1.28
N ARG R 277 -47.64 107.92 -0.85
CA ARG R 277 -46.80 107.17 0.09
C ARG R 277 -45.45 106.84 -0.51
N THR R 278 -45.41 106.41 -1.77
CA THR R 278 -44.14 106.04 -2.36
C THR R 278 -43.28 107.27 -2.65
N ASP R 279 -43.91 108.42 -2.94
CA ASP R 279 -43.13 109.65 -3.04
C ASP R 279 -42.41 109.94 -1.73
N LYS R 280 -43.15 109.94 -0.62
CA LYS R 280 -42.51 110.21 0.67
C LYS R 280 -41.48 109.15 1.02
N GLU R 281 -41.78 107.89 0.72
CA GLU R 281 -40.84 106.81 1.02
C GLU R 281 -39.55 106.96 0.23
N LEU R 282 -39.65 107.29 -1.06
CA LEU R 282 -38.45 107.52 -1.86
C LEU R 282 -37.66 108.70 -1.34
N ILE R 283 -38.35 109.78 -0.91
CA ILE R 283 -37.65 110.88 -0.27
C ILE R 283 -36.82 110.36 0.89
N ALA R 284 -37.50 109.79 1.90
CA ALA R 284 -36.82 109.36 3.12
C ALA R 284 -35.76 108.30 2.84
N THR R 285 -35.88 107.57 1.74
CA THR R 285 -34.98 106.44 1.50
C THR R 285 -33.73 106.83 0.71
N VAL R 286 -33.85 107.71 -0.28
CA VAL R 286 -32.69 107.99 -1.13
C VAL R 286 -32.35 109.47 -1.19
N ARG R 287 -33.33 110.35 -0.99
CA ARG R 287 -33.06 111.77 -1.18
C ARG R 287 -32.21 112.34 -0.05
N ARG R 288 -32.52 111.99 1.19
CA ARG R 288 -31.79 112.48 2.35
C ARG R 288 -30.46 111.74 2.55
N PRO R 289 -30.42 110.41 2.38
CA PRO R 289 -29.11 109.74 2.42
C PRO R 289 -28.12 110.26 1.40
N ALA R 290 -28.60 110.70 0.23
CA ALA R 290 -27.70 111.30 -0.75
C ALA R 290 -27.06 112.57 -0.21
N GLU R 291 -27.86 113.42 0.43
CA GLU R 291 -27.32 114.65 1.01
C GLU R 291 -26.35 114.35 2.14
N ALA R 292 -26.69 113.37 2.98
CA ALA R 292 -25.78 112.99 4.06
C ALA R 292 -24.47 112.45 3.51
N GLU R 293 -24.54 111.64 2.45
CA GLU R 293 -23.32 111.14 1.83
C GLU R 293 -22.49 112.27 1.25
N ALA R 294 -23.14 113.25 0.61
CA ALA R 294 -22.41 114.39 0.08
C ALA R 294 -21.70 115.16 1.20
N HIS R 295 -22.39 115.38 2.31
CA HIS R 295 -21.78 116.08 3.44
C HIS R 295 -20.60 115.28 3.99
N ARG R 296 -20.76 113.95 4.11
CA ARG R 296 -19.67 113.12 4.60
C ARG R 296 -18.47 113.19 3.67
N ILE R 297 -18.70 113.10 2.37
CA ILE R 297 -17.59 113.15 1.41
C ILE R 297 -16.86 114.47 1.49
N GLN R 298 -17.60 115.58 1.57
CA GLN R 298 -16.92 116.87 1.58
C GLN R 298 -16.19 117.10 2.90
N GLN R 299 -16.74 116.62 4.02
CA GLN R 299 -16.02 116.72 5.30
C GLN R 299 -14.73 115.91 5.26
N ILE R 300 -14.80 114.67 4.79
CA ILE R 300 -13.62 113.82 4.75
C ILE R 300 -12.60 114.36 3.75
N ALA R 301 -13.07 114.94 2.64
CA ALA R 301 -12.16 115.57 1.69
C ALA R 301 -11.45 116.76 2.31
N GLU R 302 -12.16 117.56 3.11
CA GLU R 302 -11.52 118.66 3.81
C GLU R 302 -10.43 118.15 4.76
N GLY R 303 -10.75 117.10 5.52
CA GLY R 303 -9.75 116.54 6.40
C GLY R 303 -8.52 116.04 5.66
N GLU R 304 -8.74 115.31 4.57
CA GLU R 304 -7.62 114.76 3.81
C GLU R 304 -6.80 115.88 3.17
N LYS R 305 -7.46 116.92 2.66
CA LYS R 305 -6.73 118.03 2.06
C LYS R 305 -5.85 118.73 3.08
N VAL R 306 -6.38 118.99 4.28
CA VAL R 306 -5.58 119.62 5.32
C VAL R 306 -4.40 118.73 5.70
N LYS R 307 -4.65 117.42 5.82
CA LYS R 307 -3.57 116.50 6.17
C LYS R 307 -2.47 116.51 5.11
N GLN R 308 -2.86 116.46 3.83
CA GLN R 308 -1.87 116.44 2.76
C GLN R 308 -1.10 117.75 2.70
N VAL R 309 -1.77 118.88 2.89
CA VAL R 309 -1.09 120.16 2.86
C VAL R 309 -0.07 120.24 4.00
N LEU R 310 -0.47 119.82 5.20
CA LEU R 310 0.46 119.86 6.33
C LEU R 310 1.65 118.93 6.10
N LEU R 311 1.39 117.73 5.59
CA LEU R 311 2.49 116.80 5.32
C LEU R 311 3.44 117.36 4.27
N ALA R 312 2.89 117.99 3.22
CA ALA R 312 3.72 118.59 2.19
C ALA R 312 4.56 119.72 2.75
N GLN R 313 3.98 120.56 3.61
CA GLN R 313 4.75 121.63 4.23
C GLN R 313 5.88 121.06 5.08
N ALA R 314 5.59 120.02 5.85
CA ALA R 314 6.62 119.39 6.68
C ALA R 314 7.74 118.83 5.83
N GLU R 315 7.38 118.15 4.74
CA GLU R 315 8.40 117.59 3.85
C GLU R 315 9.23 118.68 3.19
N ALA R 316 8.58 119.77 2.78
CA ALA R 316 9.30 120.87 2.14
C ALA R 316 10.30 121.49 3.09
N GLU R 317 9.91 121.74 4.34
CA GLU R 317 10.84 122.36 5.26
C GLU R 317 11.92 121.38 5.70
N LYS R 318 11.59 120.08 5.75
CA LYS R 318 12.60 119.05 5.92
C LYS R 318 13.67 119.17 4.85
N ILE R 319 13.25 119.24 3.59
CA ILE R 319 14.19 119.33 2.48
C ILE R 319 15.00 120.62 2.59
N ARG R 320 14.35 121.72 2.94
CA ARG R 320 15.05 123.00 3.04
C ARG R 320 16.16 122.94 4.10
N LYS R 321 15.82 122.42 5.29
CA LYS R 321 16.80 122.36 6.37
C LYS R 321 17.94 121.40 6.05
N ILE R 322 17.62 120.25 5.45
CA ILE R 322 18.66 119.31 5.06
C ILE R 322 19.57 119.93 4.03
N GLY R 323 19.01 120.65 3.06
CA GLY R 323 19.83 121.31 2.06
C GLY R 323 20.73 122.38 2.64
N GLU R 324 20.21 123.15 3.60
CA GLU R 324 21.04 124.14 4.27
C GLU R 324 22.19 123.48 5.02
N ALA R 325 21.91 122.37 5.70
CA ALA R 325 22.96 121.67 6.42
C ALA R 325 24.02 121.14 5.45
N GLU R 326 23.60 120.58 4.32
CA GLU R 326 24.54 120.09 3.34
C GLU R 326 25.37 121.22 2.74
N ALA R 327 24.74 122.38 2.50
CA ALA R 327 25.50 123.53 2.00
C ALA R 327 26.55 123.96 3.02
N ALA R 328 26.18 123.99 4.29
CA ALA R 328 27.13 124.40 5.32
C ALA R 328 28.31 123.44 5.39
N VAL R 329 28.04 122.14 5.37
CA VAL R 329 29.14 121.17 5.48
C VAL R 329 30.00 121.21 4.24
N ILE R 330 29.40 121.41 3.07
CA ILE R 330 30.18 121.49 1.84
C ILE R 330 31.09 122.71 1.86
N GLU R 331 30.57 123.85 2.34
CA GLU R 331 31.40 125.05 2.45
C GLU R 331 32.53 124.82 3.45
N ALA R 332 32.26 124.09 4.53
CA ALA R 332 33.32 123.77 5.49
C ALA R 332 34.41 122.92 4.85
N MET R 333 34.01 121.90 4.08
CA MET R 333 34.98 121.11 3.32
C MET R 333 35.79 121.96 2.38
N GLY R 334 35.14 122.92 1.70
CA GLY R 334 35.88 123.80 0.82
C GLY R 334 36.90 124.63 1.58
N LYS R 335 36.50 125.20 2.71
CA LYS R 335 37.42 125.94 3.56
C LYS R 335 38.64 125.09 3.90
N ALA R 336 38.40 123.87 4.41
CA ALA R 336 39.48 123.04 4.90
C ALA R 336 40.38 122.56 3.76
N GLU R 337 39.80 122.08 2.67
CA GLU R 337 40.59 121.52 1.59
C GLU R 337 41.39 122.60 0.88
N ALA R 338 40.80 123.79 0.71
CA ALA R 338 41.53 124.89 0.11
C ALA R 338 42.69 125.34 1.01
N GLU R 339 42.45 125.37 2.33
CA GLU R 339 43.56 125.70 3.23
C GLU R 339 44.66 124.64 3.14
N ARG R 340 44.27 123.37 3.02
CA ARG R 340 45.24 122.29 2.87
C ARG R 340 46.08 122.50 1.62
N MET R 341 45.45 122.75 0.49
CA MET R 341 46.17 122.93 -0.75
C MET R 341 47.07 124.17 -0.70
N LYS R 342 46.56 125.25 -0.11
CA LYS R 342 47.35 126.47 -0.01
C LYS R 342 48.61 126.24 0.83
N LEU R 343 48.45 125.60 1.99
CA LEU R 343 49.62 125.34 2.83
C LEU R 343 50.59 124.37 2.17
N LYS R 344 50.06 123.41 1.40
CA LYS R 344 50.93 122.46 0.72
C LYS R 344 51.65 123.12 -0.46
N ALA R 345 51.12 124.25 -0.93
CA ALA R 345 51.77 124.96 -2.03
C ALA R 345 53.16 125.46 -1.67
N GLU R 346 53.30 126.18 -0.54
CA GLU R 346 54.64 126.62 -0.14
C GLU R 346 55.54 125.43 0.19
N ALA R 347 54.95 124.35 0.69
CA ALA R 347 55.75 123.15 0.96
C ALA R 347 56.37 122.61 -0.32
N TYR R 348 55.59 122.49 -1.38
CA TYR R 348 56.14 122.04 -2.66
C TYR R 348 57.08 123.08 -3.27
N GLN R 349 56.88 124.36 -2.94
CA GLN R 349 57.70 125.40 -3.56
C GLN R 349 59.16 125.29 -3.14
N LYS R 350 59.43 124.63 -2.02
CA LYS R 350 60.79 124.58 -1.48
C LYS R 350 61.50 123.27 -1.84
N TYR R 351 61.03 122.58 -2.87
CA TYR R 351 61.58 121.31 -3.31
C TYR R 351 62.76 121.54 -4.25
N GLY R 352 63.85 120.82 -4.01
CA GLY R 352 65.02 120.86 -4.85
C GLY R 352 65.07 119.69 -5.82
N ASP R 353 66.26 119.45 -6.37
CA ASP R 353 66.43 118.31 -7.26
C ASP R 353 66.28 116.99 -6.51
N ALA R 354 66.87 116.89 -5.32
CA ALA R 354 66.83 115.64 -4.57
C ALA R 354 65.41 115.28 -4.17
N ALA R 355 64.62 116.27 -3.78
CA ALA R 355 63.25 116.00 -3.36
C ALA R 355 62.38 115.53 -4.52
N LYS R 356 62.55 116.14 -5.71
CA LYS R 356 61.83 115.65 -6.88
C LYS R 356 62.27 114.24 -7.25
N MET R 357 63.56 113.96 -7.12
CA MET R 357 64.05 112.60 -7.33
C MET R 357 63.39 111.63 -6.37
N ALA R 358 63.24 112.04 -5.10
CA ALA R 358 62.56 111.20 -4.12
C ALA R 358 61.12 110.95 -4.52
N LEU R 359 60.42 111.99 -5.00
CA LEU R 359 59.04 111.81 -5.44
C LEU R 359 58.95 110.80 -6.57
N VAL R 360 59.82 110.94 -7.57
CA VAL R 360 59.77 110.03 -8.71
C VAL R 360 60.09 108.60 -8.28
N LEU R 361 61.12 108.43 -7.44
CA LEU R 361 61.48 107.09 -6.99
C LEU R 361 60.37 106.47 -6.16
N GLU R 362 59.68 107.27 -5.35
CA GLU R 362 58.57 106.75 -4.57
C GLU R 362 57.41 106.34 -5.48
N ALA R 363 57.19 107.10 -6.55
CA ALA R 363 56.09 106.78 -7.45
C ALA R 363 56.39 105.54 -8.29
N LEU R 364 57.67 105.30 -8.59
CA LEU R 364 58.03 104.22 -9.51
C LEU R 364 57.54 102.83 -9.11
N PRO R 365 57.70 102.36 -7.88
CA PRO R 365 57.27 100.98 -7.57
C PRO R 365 55.78 100.75 -7.76
N GLN R 366 54.93 101.73 -7.45
CA GLN R 366 53.50 101.54 -7.65
C GLN R 366 53.16 101.42 -9.13
N ILE R 367 53.76 102.27 -9.97
CA ILE R 367 53.53 102.18 -11.40
C ILE R 367 54.02 100.84 -11.92
N ALA R 368 55.19 100.40 -11.46
CA ALA R 368 55.74 99.11 -11.90
C ALA R 368 54.83 97.97 -11.50
N ALA R 369 54.28 98.01 -10.28
CA ALA R 369 53.35 96.99 -9.85
C ALA R 369 52.11 96.97 -10.72
N LYS R 370 51.60 98.16 -11.07
CA LYS R 370 50.41 98.22 -11.90
C LYS R 370 50.66 97.67 -13.30
N ILE R 371 51.79 98.03 -13.90
CA ILE R 371 52.08 97.59 -15.26
C ILE R 371 52.34 96.09 -15.32
N ALA R 372 52.97 95.53 -14.29
CA ALA R 372 53.32 94.12 -14.29
C ALA R 372 52.16 93.21 -13.89
N ALA R 373 51.04 93.78 -13.45
CA ALA R 373 49.91 92.95 -13.05
C ALA R 373 49.44 91.98 -14.12
N PRO R 374 49.33 92.35 -15.40
CA PRO R 374 48.92 91.35 -16.41
C PRO R 374 49.87 90.19 -16.53
N LEU R 375 51.13 90.35 -16.10
CA LEU R 375 52.11 89.28 -16.24
C LEU R 375 51.83 88.13 -15.27
N THR R 376 50.90 88.33 -14.34
CA THR R 376 50.59 87.33 -13.32
C THR R 376 50.00 86.07 -13.92
N LYS R 377 49.27 86.21 -15.04
CA LYS R 377 48.50 85.12 -15.60
C LYS R 377 49.24 84.34 -16.67
N VAL R 378 50.56 84.53 -16.79
CA VAL R 378 51.31 83.77 -17.79
C VAL R 378 51.26 82.29 -17.44
N ASP R 379 51.05 81.46 -18.47
CA ASP R 379 50.94 80.01 -18.29
C ASP R 379 52.27 79.31 -18.52
N GLU R 380 52.88 79.49 -19.68
CA GLU R 380 54.14 78.82 -19.98
C GLU R 380 54.97 79.73 -20.87
N ILE R 381 56.29 79.56 -20.79
CA ILE R 381 57.23 80.37 -21.52
C ILE R 381 58.11 79.45 -22.36
N VAL R 382 58.25 79.74 -23.64
CA VAL R 382 59.12 78.98 -24.54
C VAL R 382 60.17 79.94 -25.08
N VAL R 383 61.44 79.59 -24.88
CA VAL R 383 62.56 80.41 -25.31
C VAL R 383 63.43 79.59 -26.24
N LEU R 384 63.75 80.17 -27.40
CA LEU R 384 64.67 79.57 -28.36
C LEU R 384 65.76 80.56 -28.68
N SER R 385 66.96 80.05 -28.95
CA SER R 385 68.11 80.90 -29.22
C SER R 385 68.94 80.30 -30.35
N GLY R 386 69.76 81.15 -30.97
CA GLY R 386 70.61 80.73 -32.05
C GLY R 386 69.88 80.70 -33.39
N ASP R 387 70.54 81.17 -34.45
CA ASP R 387 69.94 81.22 -35.78
C ASP R 387 70.18 79.90 -36.51
N ASN R 388 69.22 78.99 -36.36
CA ASN R 388 69.31 77.67 -36.98
C ASN R 388 67.94 77.28 -37.52
N SER R 389 67.85 76.05 -38.02
CA SER R 389 66.63 75.55 -38.62
C SER R 389 65.61 75.15 -37.55
N LYS R 390 64.44 74.72 -37.99
CA LYS R 390 63.34 74.34 -37.12
C LYS R 390 63.06 72.84 -37.18
N VAL R 391 64.12 72.05 -37.38
CA VAL R 391 63.99 70.61 -37.51
C VAL R 391 64.47 69.89 -36.24
N THR R 392 65.39 70.52 -35.50
CA THR R 392 65.98 69.86 -34.35
C THR R 392 64.93 69.56 -33.27
N SER R 393 64.03 70.51 -33.02
CA SER R 393 62.96 70.36 -32.02
C SER R 393 63.62 70.11 -30.66
N GLU R 394 63.20 69.09 -29.91
CA GLU R 394 63.79 68.82 -28.61
C GLU R 394 64.64 67.57 -28.65
N MET S 1 -165.03 -48.00 -24.43
CA MET S 1 -165.75 -46.83 -23.94
C MET S 1 -165.47 -45.60 -24.81
N PHE S 2 -166.31 -44.59 -24.67
CA PHE S 2 -166.16 -43.37 -25.47
C PHE S 2 -164.93 -42.59 -25.06
N PHE S 3 -164.23 -42.03 -26.05
CA PHE S 3 -163.00 -41.27 -25.82
C PHE S 3 -163.19 -39.86 -26.35
N THR S 4 -163.36 -38.90 -25.44
CA THR S 4 -163.51 -37.51 -25.83
C THR S 4 -162.20 -36.96 -26.37
N CYS S 5 -162.33 -35.99 -27.28
CA CYS S 5 -161.17 -35.30 -27.83
C CYS S 5 -161.50 -33.82 -27.99
N GLY S 6 -160.48 -32.99 -27.89
CA GLY S 6 -160.64 -31.58 -28.15
C GLY S 6 -160.65 -31.30 -29.64
N PRO S 7 -160.71 -30.02 -29.98
CA PRO S 7 -160.62 -29.61 -31.37
C PRO S 7 -159.22 -29.30 -31.89
N ASN S 8 -158.17 -29.78 -31.23
CA ASN S 8 -156.80 -29.66 -31.72
C ASN S 8 -156.19 -30.99 -32.08
N GLU S 9 -156.97 -32.07 -32.04
CA GLU S 9 -156.48 -33.40 -32.38
C GLU S 9 -157.56 -34.14 -33.14
N ALA S 10 -157.13 -35.06 -33.99
CA ALA S 10 -158.02 -35.92 -34.77
C ALA S 10 -157.95 -37.33 -34.22
N MET S 11 -159.07 -37.84 -33.73
CA MET S 11 -159.17 -39.20 -33.22
C MET S 11 -159.65 -40.10 -34.34
N VAL S 12 -158.73 -40.86 -34.92
CA VAL S 12 -159.05 -41.85 -35.94
C VAL S 12 -158.59 -43.21 -35.43
N VAL S 13 -159.52 -44.17 -35.41
CA VAL S 13 -159.26 -45.50 -34.87
C VAL S 13 -159.95 -46.53 -35.75
N SER S 14 -159.41 -47.74 -35.76
CA SER S 14 -160.02 -48.88 -36.43
C SER S 14 -160.57 -49.84 -35.38
N GLY S 15 -161.84 -50.22 -35.54
CA GLY S 15 -162.47 -51.11 -34.58
C GLY S 15 -162.91 -52.44 -35.16
N PHE S 16 -164.21 -52.66 -35.21
CA PHE S 16 -164.78 -53.87 -35.81
C PHE S 16 -165.83 -53.46 -36.83
N CYS S 17 -165.65 -53.92 -38.07
CA CYS S 17 -166.56 -53.63 -39.18
C CYS S 17 -166.74 -52.12 -39.37
N ARG S 18 -165.61 -51.44 -39.53
CA ARG S 18 -165.55 -50.00 -39.77
C ARG S 18 -164.63 -49.70 -40.94
N SER S 19 -164.85 -50.41 -42.05
CA SER S 19 -163.95 -50.32 -43.20
C SER S 19 -163.84 -48.90 -43.77
N PRO S 20 -164.93 -48.17 -44.00
CA PRO S 20 -164.77 -46.79 -44.47
C PRO S 20 -164.05 -45.95 -43.43
N PRO S 21 -163.30 -44.94 -43.87
CA PRO S 21 -162.55 -44.12 -42.92
C PRO S 21 -163.47 -43.37 -41.96
N VAL S 22 -162.97 -43.15 -40.75
CA VAL S 22 -163.71 -42.45 -39.70
C VAL S 22 -162.96 -41.15 -39.39
N MET S 23 -163.65 -40.03 -39.56
CA MET S 23 -163.08 -38.70 -39.32
C MET S 23 -163.72 -38.14 -38.06
N VAL S 24 -163.01 -38.25 -36.94
CA VAL S 24 -163.49 -37.76 -35.65
C VAL S 24 -162.42 -36.82 -35.08
N ALA S 25 -162.83 -35.58 -34.82
CA ALA S 25 -161.99 -34.59 -34.15
C ALA S 25 -162.90 -33.69 -33.33
N GLY S 26 -163.00 -33.97 -32.03
CA GLY S 26 -163.94 -33.27 -31.18
C GLY S 26 -165.24 -34.04 -30.99
N GLY S 27 -165.12 -35.33 -30.68
CA GLY S 27 -166.26 -36.17 -30.47
C GLY S 27 -165.90 -37.35 -29.58
N ARG S 28 -166.67 -38.42 -29.70
CA ARG S 28 -166.42 -39.65 -28.95
C ARG S 28 -166.57 -40.85 -29.86
N VAL S 29 -165.87 -41.93 -29.50
CA VAL S 29 -165.94 -43.20 -30.21
C VAL S 29 -165.94 -44.31 -29.17
N PHE S 30 -166.91 -45.22 -29.27
CA PHE S 30 -166.93 -46.40 -28.43
C PHE S 30 -165.82 -47.35 -28.86
N VAL S 31 -164.85 -47.60 -27.98
CA VAL S 31 -163.63 -48.32 -28.33
C VAL S 31 -163.58 -49.61 -27.51
N LEU S 32 -163.52 -50.74 -28.21
CA LEU S 32 -163.28 -52.03 -27.56
C LEU S 32 -161.80 -52.11 -27.16
N PRO S 33 -161.49 -52.70 -26.00
CA PRO S 33 -160.08 -52.68 -25.54
C PRO S 33 -159.19 -53.63 -26.31
N CYS S 34 -159.64 -54.85 -26.58
CA CYS S 34 -158.81 -55.86 -27.22
C CYS S 34 -159.07 -55.98 -28.72
N ILE S 35 -159.90 -55.12 -29.31
CA ILE S 35 -160.25 -55.19 -30.72
C ILE S 35 -159.79 -53.94 -31.48
N GLN S 36 -159.99 -52.76 -30.91
CA GLN S 36 -159.68 -51.52 -31.60
C GLN S 36 -158.27 -51.05 -31.30
N GLN S 37 -157.73 -50.26 -32.23
CA GLN S 37 -156.39 -49.69 -32.10
C GLN S 37 -156.51 -48.16 -32.17
N ILE S 38 -155.81 -47.48 -31.27
CA ILE S 38 -155.95 -46.04 -31.08
C ILE S 38 -154.70 -45.35 -31.59
N GLN S 39 -154.90 -44.32 -32.41
CA GLN S 39 -153.82 -43.46 -32.90
C GLN S 39 -154.33 -42.03 -32.97
N ARG S 40 -153.40 -41.08 -32.83
CA ARG S 40 -153.74 -39.67 -32.69
C ARG S 40 -152.89 -38.80 -33.61
N ILE S 41 -153.47 -37.69 -34.05
CA ILE S 41 -152.77 -36.64 -34.77
C ILE S 41 -153.08 -35.30 -34.10
N SER S 42 -152.05 -34.51 -33.86
CA SER S 42 -152.23 -33.18 -33.30
C SER S 42 -152.45 -32.16 -34.41
N LEU S 43 -153.53 -31.39 -34.28
CA LEU S 43 -153.92 -30.40 -35.28
C LEU S 43 -153.44 -29.00 -34.93
N ASN S 44 -152.68 -28.84 -33.85
CA ASN S 44 -152.27 -27.51 -33.41
C ASN S 44 -151.32 -26.88 -34.42
N THR S 45 -151.47 -25.57 -34.61
CA THR S 45 -150.68 -24.86 -35.61
C THR S 45 -149.23 -24.73 -35.14
N LEU S 46 -148.30 -25.07 -36.02
CA LEU S 46 -146.87 -24.97 -35.74
C LEU S 46 -146.24 -23.96 -36.68
N THR S 47 -145.36 -23.13 -36.13
CA THR S 47 -144.65 -22.13 -36.91
C THR S 47 -143.38 -22.72 -37.50
N LEU S 48 -143.01 -22.23 -38.67
CA LEU S 48 -141.85 -22.73 -39.40
C LEU S 48 -140.91 -21.57 -39.71
N ASN S 49 -139.62 -21.77 -39.42
CA ASN S 49 -138.59 -20.78 -39.71
C ASN S 49 -137.95 -21.17 -41.04
N VAL S 50 -138.61 -20.80 -42.14
CA VAL S 50 -138.18 -21.17 -43.48
C VAL S 50 -136.98 -20.30 -43.83
N LYS S 51 -135.78 -20.86 -43.73
CA LYS S 51 -134.54 -20.11 -43.92
C LYS S 51 -133.90 -20.49 -45.25
N SER S 52 -133.54 -19.48 -46.04
CA SER S 52 -132.82 -19.67 -47.29
C SER S 52 -131.51 -18.91 -47.22
N GLU S 53 -130.40 -19.59 -47.49
CA GLU S 53 -129.07 -19.03 -47.38
C GLU S 53 -128.38 -19.05 -48.73
N LYS S 54 -127.89 -17.89 -49.16
CA LYS S 54 -127.12 -17.76 -50.40
C LYS S 54 -127.90 -18.29 -51.60
N VAL S 55 -129.05 -17.66 -51.85
CA VAL S 55 -129.94 -18.04 -52.95
C VAL S 55 -129.90 -16.95 -54.01
N TYR S 56 -129.82 -17.37 -55.26
CA TYR S 56 -129.72 -16.43 -56.37
C TYR S 56 -131.10 -15.96 -56.84
N THR S 57 -131.18 -14.67 -57.18
CA THR S 57 -132.40 -14.05 -57.69
C THR S 57 -132.36 -14.08 -59.22
N ARG S 58 -133.29 -13.36 -59.85
CA ARG S 58 -133.41 -13.49 -61.30
C ARG S 58 -132.33 -12.65 -61.99
N HIS S 59 -131.70 -11.72 -61.25
CA HIS S 59 -130.42 -11.15 -61.66
C HIS S 59 -129.24 -12.03 -61.31
N GLY S 60 -129.42 -13.00 -60.42
CA GLY S 60 -128.32 -13.83 -59.96
C GLY S 60 -127.64 -13.35 -58.70
N VAL S 61 -127.99 -12.19 -58.17
CA VAL S 61 -127.34 -11.70 -56.95
C VAL S 61 -127.74 -12.58 -55.77
N PRO S 62 -126.80 -13.01 -54.94
CA PRO S 62 -127.15 -13.86 -53.80
C PRO S 62 -127.53 -13.01 -52.59
N ILE S 63 -128.70 -13.30 -52.01
CA ILE S 63 -129.18 -12.62 -50.82
C ILE S 63 -129.68 -13.65 -49.82
N SER S 64 -129.33 -13.46 -48.55
CA SER S 64 -129.80 -14.34 -47.49
C SER S 64 -131.23 -13.94 -47.11
N VAL S 65 -132.17 -14.87 -47.29
CA VAL S 65 -133.58 -14.60 -47.10
C VAL S 65 -134.14 -15.55 -46.07
N THR S 66 -134.84 -15.01 -45.08
CA THR S 66 -135.50 -15.80 -44.04
C THR S 66 -137.00 -15.64 -44.15
N GLY S 67 -137.72 -16.74 -43.99
CA GLY S 67 -139.17 -16.72 -44.07
C GLY S 67 -139.80 -17.43 -42.90
N ILE S 68 -141.00 -17.00 -42.55
CA ILE S 68 -141.78 -17.57 -41.45
C ILE S 68 -143.13 -17.98 -42.00
N ALA S 69 -143.58 -19.19 -41.63
CA ALA S 69 -144.84 -19.72 -42.10
C ALA S 69 -145.62 -20.29 -40.93
N GLN S 70 -146.95 -20.18 -41.01
CA GLN S 70 -147.85 -20.77 -40.04
C GLN S 70 -148.70 -21.83 -40.75
N VAL S 71 -148.45 -23.10 -40.46
CA VAL S 71 -149.07 -24.21 -41.17
C VAL S 71 -149.93 -25.00 -40.18
N LYS S 72 -151.10 -25.43 -40.65
CA LYS S 72 -152.05 -26.16 -39.82
C LYS S 72 -152.74 -27.21 -40.68
N ILE S 73 -153.22 -28.26 -40.03
CA ILE S 73 -153.92 -29.36 -40.68
C ILE S 73 -155.40 -29.05 -40.65
N GLN S 74 -155.98 -28.73 -41.81
CA GLN S 74 -157.38 -28.33 -41.87
C GLN S 74 -158.30 -29.53 -41.66
N GLY S 75 -158.61 -29.83 -40.41
CA GLY S 75 -159.48 -30.96 -40.10
C GLY S 75 -160.93 -30.75 -40.47
N GLN S 76 -161.31 -29.53 -40.86
CA GLN S 76 -162.69 -29.29 -41.28
C GLN S 76 -163.01 -30.07 -42.56
N ASN S 77 -162.06 -30.14 -43.48
CA ASN S 77 -162.26 -30.87 -44.73
C ASN S 77 -162.07 -32.37 -44.47
N LYS S 78 -163.14 -33.14 -44.69
CA LYS S 78 -163.08 -34.57 -44.46
C LYS S 78 -162.10 -35.25 -45.40
N GLU S 79 -162.13 -34.87 -46.68
CA GLU S 79 -161.24 -35.51 -47.67
C GLU S 79 -159.78 -35.21 -47.36
N MET S 80 -159.45 -33.96 -47.07
CA MET S 80 -158.07 -33.59 -46.79
C MET S 80 -157.58 -34.25 -45.51
N LEU S 81 -158.42 -34.29 -44.47
CA LEU S 81 -158.03 -34.93 -43.22
C LEU S 81 -157.82 -36.43 -43.42
N ALA S 82 -158.70 -37.06 -44.19
CA ALA S 82 -158.55 -38.49 -44.46
C ALA S 82 -157.27 -38.76 -45.24
N ALA S 83 -156.94 -37.89 -46.19
CA ALA S 83 -155.68 -38.04 -46.91
C ALA S 83 -154.50 -37.88 -45.97
N ALA S 84 -154.56 -36.90 -45.07
CA ALA S 84 -153.43 -36.63 -44.17
C ALA S 84 -153.23 -37.75 -43.17
N CYS S 85 -154.32 -38.38 -42.72
CA CYS S 85 -154.21 -39.44 -41.73
C CYS S 85 -153.47 -40.65 -42.28
N GLN S 86 -153.41 -40.79 -43.60
CA GLN S 86 -152.77 -41.95 -44.21
C GLN S 86 -151.26 -41.95 -44.00
N MET S 87 -150.66 -40.80 -43.69
CA MET S 87 -149.22 -40.76 -43.46
C MET S 87 -148.82 -40.03 -42.18
N PHE S 88 -149.68 -39.20 -41.59
CA PHE S 88 -149.27 -38.40 -40.45
C PHE S 88 -149.50 -39.09 -39.11
N LEU S 89 -150.20 -40.22 -39.09
CA LEU S 89 -150.28 -41.01 -37.87
C LEU S 89 -148.91 -41.59 -37.52
N GLY S 90 -148.55 -41.52 -36.25
CA GLY S 90 -147.30 -42.07 -35.78
C GLY S 90 -146.08 -41.19 -35.98
N LYS S 91 -146.26 -39.99 -36.53
CA LYS S 91 -145.15 -39.06 -36.74
C LYS S 91 -145.18 -37.98 -35.66
N THR S 92 -144.01 -37.71 -35.09
CA THR S 92 -143.88 -36.71 -34.04
C THR S 92 -144.06 -35.31 -34.61
N GLU S 93 -144.26 -34.34 -33.70
CA GLU S 93 -144.42 -32.96 -34.13
C GLU S 93 -143.16 -32.43 -34.81
N ALA S 94 -141.99 -32.82 -34.31
CA ALA S 94 -140.74 -32.32 -34.86
C ALA S 94 -140.58 -32.74 -36.33
N GLU S 95 -140.80 -34.02 -36.63
CA GLU S 95 -140.66 -34.49 -38.00
C GLU S 95 -141.74 -33.91 -38.90
N ILE S 96 -142.97 -33.79 -38.39
CA ILE S 96 -144.05 -33.20 -39.16
C ILE S 96 -143.69 -31.77 -39.54
N ALA S 97 -143.18 -31.00 -38.59
CA ALA S 97 -142.73 -29.65 -38.88
C ALA S 97 -141.58 -29.66 -39.89
N HIS S 98 -140.61 -30.55 -39.69
CA HIS S 98 -139.38 -30.54 -40.48
C HIS S 98 -139.62 -30.87 -41.94
N ILE S 99 -140.49 -31.85 -42.24
CA ILE S 99 -140.71 -32.24 -43.63
C ILE S 99 -141.38 -31.10 -44.40
N ALA S 100 -142.45 -30.55 -43.83
CA ALA S 100 -143.13 -29.43 -44.47
C ALA S 100 -142.22 -28.21 -44.55
N LEU S 101 -141.31 -28.06 -43.59
CA LEU S 101 -140.34 -26.96 -43.64
C LEU S 101 -139.45 -27.08 -44.87
N GLU S 102 -138.93 -28.29 -45.13
CA GLU S 102 -138.12 -28.49 -46.32
C GLU S 102 -138.92 -28.28 -47.59
N THR S 103 -140.17 -28.75 -47.61
CA THR S 103 -140.99 -28.54 -48.80
C THR S 103 -141.23 -27.06 -49.07
N LEU S 104 -141.61 -26.30 -48.03
CA LEU S 104 -141.86 -24.89 -48.21
C LEU S 104 -140.59 -24.13 -48.55
N GLU S 105 -139.45 -24.58 -48.01
CA GLU S 105 -138.18 -23.99 -48.40
C GLU S 105 -137.90 -24.23 -49.86
N GLY S 106 -138.20 -25.43 -50.36
CA GLY S 106 -138.06 -25.69 -51.78
C GLY S 106 -138.91 -24.75 -52.61
N HIS S 107 -140.18 -24.58 -52.22
CA HIS S 107 -141.05 -23.68 -52.96
C HIS S 107 -140.54 -22.23 -52.93
N GLN S 108 -140.12 -21.76 -51.77
CA GLN S 108 -139.65 -20.38 -51.65
C GLN S 108 -138.38 -20.17 -52.47
N ARG S 109 -137.41 -21.06 -52.32
CA ARG S 109 -136.15 -20.94 -53.04
C ARG S 109 -136.36 -21.11 -54.54
N ALA S 110 -137.38 -21.85 -54.96
CA ALA S 110 -137.70 -21.93 -56.38
C ALA S 110 -138.31 -20.63 -56.88
N ILE S 111 -139.23 -20.04 -56.11
CA ILE S 111 -139.84 -18.78 -56.52
C ILE S 111 -138.89 -17.61 -56.34
N MET S 112 -137.73 -17.81 -55.70
CA MET S 112 -136.75 -16.75 -55.55
C MET S 112 -136.34 -16.19 -56.90
N ALA S 113 -136.15 -17.05 -57.90
CA ALA S 113 -135.72 -16.61 -59.21
C ALA S 113 -136.84 -16.02 -60.04
N HIS S 114 -138.09 -16.08 -59.57
CA HIS S 114 -139.17 -15.45 -60.30
C HIS S 114 -139.18 -13.94 -60.08
N MET S 115 -139.21 -13.51 -58.83
CA MET S 115 -139.26 -12.10 -58.47
C MET S 115 -137.89 -11.64 -58.04
N THR S 116 -137.46 -10.50 -58.58
CA THR S 116 -136.18 -9.90 -58.23
C THR S 116 -136.24 -9.24 -56.86
N VAL S 117 -135.06 -8.96 -56.31
CA VAL S 117 -134.98 -8.34 -54.98
C VAL S 117 -135.67 -7.00 -54.97
N GLU S 118 -135.45 -6.20 -56.03
CA GLU S 118 -136.16 -4.94 -56.18
C GLU S 118 -137.66 -5.14 -56.08
N GLU S 119 -138.14 -6.25 -56.64
CA GLU S 119 -139.55 -6.57 -56.51
C GLU S 119 -139.89 -7.04 -55.10
N ILE S 120 -139.01 -7.83 -54.48
CA ILE S 120 -139.40 -8.48 -53.22
C ILE S 120 -139.54 -7.47 -52.10
N TYR S 121 -138.63 -6.49 -51.99
CA TYR S 121 -138.81 -5.59 -50.86
C TYR S 121 -139.81 -4.49 -51.16
N LYS S 122 -139.95 -4.09 -52.42
CA LYS S 122 -140.93 -3.07 -52.79
C LYS S 122 -142.31 -3.69 -52.96
N ASP S 123 -142.46 -4.57 -53.95
CA ASP S 123 -143.74 -5.21 -54.21
C ASP S 123 -143.81 -6.55 -53.50
N ARG S 124 -144.19 -6.54 -52.23
CA ARG S 124 -144.16 -7.74 -51.41
C ARG S 124 -145.52 -8.43 -51.35
N GLN S 125 -146.60 -7.68 -51.54
CA GLN S 125 -147.93 -8.26 -51.41
C GLN S 125 -148.21 -9.28 -52.51
N LYS S 126 -147.93 -8.92 -53.76
CA LYS S 126 -148.15 -9.86 -54.86
C LYS S 126 -147.22 -11.06 -54.74
N PHE S 127 -145.97 -10.82 -54.34
CA PHE S 127 -145.04 -11.91 -54.09
C PHE S 127 -145.60 -12.89 -53.05
N SER S 128 -146.04 -12.36 -51.91
CA SER S 128 -146.56 -13.22 -50.85
C SER S 128 -147.79 -13.98 -51.31
N GLU S 129 -148.68 -13.30 -52.06
CA GLU S 129 -149.89 -13.96 -52.53
C GLU S 129 -149.58 -15.10 -53.48
N GLN S 130 -148.63 -14.89 -54.41
CA GLN S 130 -148.29 -15.97 -55.34
C GLN S 130 -147.60 -17.12 -54.62
N VAL S 131 -146.70 -16.80 -53.68
CA VAL S 131 -146.05 -17.84 -52.90
C VAL S 131 -147.08 -18.66 -52.14
N PHE S 132 -148.02 -17.97 -51.49
CA PHE S 132 -149.06 -18.66 -50.75
C PHE S 132 -149.91 -19.53 -51.66
N LYS S 133 -150.28 -19.01 -52.84
CA LYS S 133 -151.09 -19.80 -53.76
C LYS S 133 -150.38 -21.08 -54.17
N VAL S 134 -149.15 -20.97 -54.65
CA VAL S 134 -148.46 -22.15 -55.18
C VAL S 134 -148.14 -23.14 -54.06
N ALA S 135 -147.61 -22.64 -52.94
CA ALA S 135 -147.26 -23.52 -51.83
C ALA S 135 -148.51 -24.18 -51.26
N SER S 136 -149.60 -23.43 -51.11
CA SER S 136 -150.84 -24.00 -50.59
C SER S 136 -151.38 -25.07 -51.52
N SER S 137 -151.32 -24.84 -52.83
CA SER S 137 -151.77 -25.88 -53.76
C SER S 137 -150.94 -27.15 -53.60
N ASP S 138 -149.62 -27.02 -53.65
CA ASP S 138 -148.78 -28.22 -53.64
C ASP S 138 -148.76 -28.89 -52.27
N LEU S 139 -149.15 -28.15 -51.22
CA LEU S 139 -149.12 -28.72 -49.88
C LEU S 139 -150.48 -29.29 -49.49
N VAL S 140 -151.57 -28.72 -50.00
CA VAL S 140 -152.87 -29.37 -49.90
C VAL S 140 -152.86 -30.66 -50.70
N ASN S 141 -152.13 -30.67 -51.82
CA ASN S 141 -151.86 -31.93 -52.49
C ASN S 141 -151.20 -32.93 -51.54
N MET S 142 -150.28 -32.45 -50.70
CA MET S 142 -149.68 -33.33 -49.71
C MET S 142 -150.58 -33.48 -48.49
N GLY S 143 -151.33 -32.43 -48.12
CA GLY S 143 -152.32 -32.52 -47.07
C GLY S 143 -152.27 -31.45 -46.00
N ILE S 144 -151.32 -30.52 -46.06
CA ILE S 144 -151.23 -29.42 -45.09
C ILE S 144 -151.56 -28.12 -45.80
N SER S 145 -152.41 -27.30 -45.16
CA SER S 145 -152.77 -25.99 -45.67
C SER S 145 -152.05 -24.93 -44.86
N VAL S 146 -151.33 -24.05 -45.54
CA VAL S 146 -150.59 -22.98 -44.87
C VAL S 146 -151.56 -21.86 -44.51
N VAL S 147 -151.63 -21.52 -43.22
CA VAL S 147 -152.51 -20.45 -42.79
C VAL S 147 -152.04 -19.11 -43.34
N SER S 148 -150.76 -18.82 -43.19
CA SER S 148 -150.20 -17.55 -43.66
C SER S 148 -148.69 -17.70 -43.77
N TYR S 149 -148.13 -17.20 -44.87
CA TYR S 149 -146.70 -17.21 -45.09
C TYR S 149 -146.20 -15.78 -45.17
N THR S 150 -145.03 -15.54 -44.58
CA THR S 150 -144.41 -14.22 -44.62
C THR S 150 -142.90 -14.38 -44.80
N LEU S 151 -142.24 -13.28 -45.13
CA LEU S 151 -140.80 -13.24 -45.28
C LEU S 151 -140.19 -12.54 -44.08
N LYS S 152 -139.32 -13.23 -43.36
CA LYS S 152 -138.81 -12.70 -42.09
C LYS S 152 -137.80 -11.59 -42.32
N ASP S 153 -136.69 -11.88 -42.99
CA ASP S 153 -135.63 -10.92 -43.18
C ASP S 153 -134.95 -11.16 -44.50
N ILE S 154 -134.38 -10.09 -45.07
CA ILE S 154 -133.56 -10.17 -46.27
C ILE S 154 -132.19 -9.61 -45.94
N HIS S 155 -131.15 -10.38 -46.23
CA HIS S 155 -129.77 -10.00 -45.93
C HIS S 155 -128.92 -10.15 -47.17
N ASP S 156 -127.97 -9.22 -47.35
CA ASP S 156 -127.04 -9.25 -48.47
C ASP S 156 -125.62 -9.16 -47.93
N ASP S 157 -124.83 -10.19 -48.21
CA ASP S 157 -123.42 -10.22 -47.82
C ASP S 157 -122.51 -9.63 -48.89
N GLN S 158 -123.06 -9.26 -50.05
CA GLN S 158 -122.29 -8.73 -51.15
C GLN S 158 -122.30 -7.20 -51.19
N ASP S 159 -122.91 -6.54 -50.20
CA ASP S 159 -123.08 -5.11 -50.14
C ASP S 159 -123.91 -4.57 -51.31
N TYR S 160 -124.83 -5.37 -51.84
CA TYR S 160 -125.62 -4.96 -53.00
C TYR S 160 -126.60 -3.85 -52.63
N LEU S 161 -127.26 -3.98 -51.47
CA LEU S 161 -128.36 -3.08 -51.14
C LEU S 161 -127.88 -1.89 -50.32
N HIS S 162 -126.69 -2.01 -49.72
CA HIS S 162 -126.18 -0.93 -48.88
C HIS S 162 -125.97 0.35 -49.68
N SER S 163 -125.46 0.23 -50.91
CA SER S 163 -125.27 1.41 -51.75
C SER S 163 -126.60 2.05 -52.13
N LEU S 164 -127.59 1.22 -52.45
CA LEU S 164 -128.92 1.73 -52.76
C LEU S 164 -129.49 2.49 -51.57
N GLY S 165 -129.25 2.00 -50.36
CA GLY S 165 -129.64 2.75 -49.18
C GLY S 165 -128.86 4.04 -49.02
N LYS S 166 -127.55 4.00 -49.30
CA LYS S 166 -126.69 5.15 -49.05
C LYS S 166 -126.97 6.30 -50.01
N ALA S 167 -127.52 5.99 -51.18
CA ALA S 167 -127.86 7.03 -52.14
C ALA S 167 -128.81 8.06 -51.55
N ARG S 168 -129.90 7.61 -50.93
CA ARG S 168 -130.86 8.54 -50.35
C ARG S 168 -130.28 9.26 -49.14
N THR S 169 -129.40 8.58 -48.40
CA THR S 169 -128.74 9.25 -47.27
C THR S 169 -127.90 10.42 -47.74
N ALA S 170 -127.18 10.24 -48.85
CA ALA S 170 -126.46 11.38 -49.43
C ALA S 170 -127.44 12.46 -49.90
N GLN S 171 -128.55 12.03 -50.51
CA GLN S 171 -129.51 13.00 -51.04
C GLN S 171 -130.15 13.82 -49.95
N VAL S 172 -130.20 13.29 -48.72
CA VAL S 172 -130.76 14.07 -47.61
C VAL S 172 -129.66 14.85 -46.91
N GLN S 173 -128.43 14.32 -46.91
CA GLN S 173 -127.32 15.05 -46.30
C GLN S 173 -127.01 16.32 -47.06
N LYS S 174 -127.27 16.35 -48.36
CA LYS S 174 -127.09 17.61 -49.09
C LYS S 174 -128.04 18.68 -48.57
N ASP S 175 -129.29 18.29 -48.28
CA ASP S 175 -130.22 19.22 -47.64
C ASP S 175 -129.77 19.61 -46.24
N ALA S 176 -129.24 18.65 -45.49
CA ALA S 176 -128.73 18.94 -44.16
C ALA S 176 -127.64 20.00 -44.21
N ARG S 177 -126.78 19.93 -45.24
CA ARG S 177 -125.72 20.93 -45.37
C ARG S 177 -126.25 22.25 -45.91
N ILE S 178 -127.24 22.22 -46.80
CA ILE S 178 -127.77 23.46 -47.35
C ILE S 178 -128.44 24.29 -46.27
N GLY S 179 -129.13 23.62 -45.33
CA GLY S 179 -129.73 24.35 -44.23
C GLY S 179 -128.69 25.03 -43.34
N GLU S 180 -127.60 24.31 -43.04
CA GLU S 180 -126.54 24.89 -42.23
C GLU S 180 -125.89 26.07 -42.95
N ALA S 181 -125.70 25.96 -44.26
CA ALA S 181 -125.13 27.07 -45.01
C ALA S 181 -126.03 28.29 -44.97
N GLU S 182 -127.34 28.10 -45.17
CA GLU S 182 -128.29 29.19 -45.01
C GLU S 182 -128.15 29.85 -43.65
N ALA S 183 -128.18 29.05 -42.59
CA ALA S 183 -128.14 29.60 -41.24
C ALA S 183 -126.85 30.35 -40.98
N LYS S 184 -125.72 29.79 -41.39
CA LYS S 184 -124.43 30.44 -41.15
C LYS S 184 -124.31 31.75 -41.90
N ARG S 185 -124.71 31.78 -43.18
CA ARG S 185 -124.63 33.04 -43.92
C ARG S 185 -125.54 34.09 -43.31
N ASP S 186 -126.77 33.70 -42.96
CA ASP S 186 -127.71 34.67 -42.39
C ASP S 186 -127.23 35.19 -41.05
N ALA S 187 -126.59 34.35 -40.23
CA ALA S 187 -126.07 34.83 -38.96
C ALA S 187 -124.89 35.77 -39.18
N GLY S 188 -123.93 35.34 -40.00
CA GLY S 188 -122.71 36.11 -40.19
C GLY S 188 -122.93 37.48 -40.80
N ILE S 189 -123.85 37.59 -41.76
CA ILE S 189 -124.08 38.88 -42.41
C ILE S 189 -124.42 39.96 -41.38
N ARG S 190 -125.46 39.74 -40.58
CA ARG S 190 -125.89 40.75 -39.62
C ARG S 190 -124.98 40.82 -38.40
N GLU S 191 -124.31 39.72 -38.02
CA GLU S 191 -123.32 39.83 -36.96
C GLU S 191 -122.21 40.78 -37.35
N ALA S 192 -121.68 40.63 -38.57
CA ALA S 192 -120.64 41.54 -39.04
C ALA S 192 -121.16 42.95 -39.16
N LYS S 193 -122.39 43.12 -39.63
CA LYS S 193 -122.93 44.48 -39.74
C LYS S 193 -123.05 45.15 -38.37
N ALA S 194 -123.55 44.44 -37.36
CA ALA S 194 -123.67 45.02 -36.02
C ALA S 194 -122.30 45.33 -35.45
N LYS S 195 -121.33 44.43 -35.66
CA LYS S 195 -119.95 44.72 -35.30
C LYS S 195 -119.48 46.02 -35.91
N GLN S 196 -119.81 46.23 -37.18
CA GLN S 196 -119.41 47.44 -37.89
C GLN S 196 -120.00 48.69 -37.23
N GLU S 197 -121.31 48.66 -36.95
CA GLU S 197 -121.90 49.84 -36.31
C GLU S 197 -121.29 50.12 -34.94
N LYS S 198 -121.05 49.08 -34.14
CA LYS S 198 -120.55 49.39 -32.79
C LYS S 198 -119.15 49.97 -32.86
N VAL S 199 -118.31 49.44 -33.77
CA VAL S 199 -116.97 49.99 -33.89
C VAL S 199 -117.01 51.43 -34.42
N SER S 200 -117.90 51.70 -35.38
CA SER S 200 -118.01 53.06 -35.90
C SER S 200 -118.42 54.04 -34.81
N ALA S 201 -119.39 53.66 -33.98
CA ALA S 201 -119.80 54.52 -32.88
C ALA S 201 -118.71 54.68 -31.84
N GLN S 202 -117.97 53.61 -31.54
CA GLN S 202 -116.88 53.71 -30.57
C GLN S 202 -115.82 54.69 -31.05
N TYR S 203 -115.46 54.64 -32.33
CA TYR S 203 -114.48 55.58 -32.85
C TYR S 203 -115.04 56.99 -32.91
N LEU S 204 -116.34 57.14 -33.18
CA LEU S 204 -116.95 58.47 -33.13
C LEU S 204 -116.83 59.07 -31.74
N SER S 205 -117.06 58.25 -30.70
CA SER S 205 -116.88 58.72 -29.33
C SER S 205 -115.42 59.04 -29.05
N GLU S 206 -114.50 58.22 -29.54
CA GLU S 206 -113.08 58.49 -29.35
C GLU S 206 -112.63 59.78 -30.03
N ILE S 207 -113.37 60.24 -31.06
CA ILE S 207 -113.08 61.56 -31.62
C ILE S 207 -113.29 62.66 -30.58
N GLU S 208 -114.44 62.64 -29.89
CA GLU S 208 -114.68 63.60 -28.83
C GLU S 208 -113.72 63.40 -27.66
N MET S 209 -113.28 62.16 -27.43
CA MET S 209 -112.21 61.93 -26.46
C MET S 209 -110.99 62.79 -26.77
N ALA S 210 -110.55 62.78 -28.03
CA ALA S 210 -109.40 63.58 -28.41
C ALA S 210 -109.71 65.07 -28.40
N LYS S 211 -110.95 65.45 -28.72
CA LYS S 211 -111.37 66.84 -28.55
C LYS S 211 -111.12 67.32 -27.13
N ALA S 212 -111.62 66.57 -26.15
CA ALA S 212 -111.44 66.95 -24.76
C ALA S 212 -109.98 66.88 -24.35
N GLN S 213 -109.25 65.90 -24.85
CA GLN S 213 -107.83 65.79 -24.53
C GLN S 213 -107.06 67.03 -25.00
N ARG S 214 -107.33 67.48 -26.22
CA ARG S 214 -106.75 68.73 -26.69
C ARG S 214 -107.16 69.90 -25.81
N ASP S 215 -108.47 70.04 -25.56
CA ASP S 215 -108.98 71.16 -24.79
C ASP S 215 -108.33 71.25 -23.42
N TYR S 216 -107.98 70.12 -22.82
CA TYR S 216 -107.30 70.13 -21.53
C TYR S 216 -105.80 70.34 -21.63
N GLU S 217 -105.14 69.59 -22.51
CA GLU S 217 -103.69 69.62 -22.60
C GLU S 217 -103.17 70.96 -23.08
N LEU S 218 -103.83 71.58 -24.07
CA LEU S 218 -103.35 72.86 -24.58
C LEU S 218 -103.39 73.93 -23.50
N LYS S 219 -104.48 74.01 -22.75
CA LYS S 219 -104.56 74.98 -21.66
C LYS S 219 -103.57 74.66 -20.55
N LYS S 220 -103.38 73.38 -20.24
CA LYS S 220 -102.40 73.04 -19.21
C LYS S 220 -101.01 73.50 -19.60
N ALA S 221 -100.63 73.27 -20.86
CA ALA S 221 -99.32 73.71 -21.33
C ALA S 221 -99.21 75.23 -21.35
N ALA S 222 -100.28 75.92 -21.77
CA ALA S 222 -100.25 77.37 -21.80
C ALA S 222 -100.07 77.95 -20.41
N TYR S 223 -100.72 77.36 -19.41
CA TYR S 223 -100.55 77.80 -18.03
C TYR S 223 -99.16 77.47 -17.51
N ASP S 224 -98.64 76.30 -17.90
CA ASP S 224 -97.30 75.91 -17.50
C ASP S 224 -96.25 76.88 -18.02
N ILE S 225 -96.46 77.43 -19.23
CA ILE S 225 -95.51 78.41 -19.74
C ILE S 225 -95.37 79.59 -18.78
N GLU S 226 -96.52 80.14 -18.35
CA GLU S 226 -96.50 81.29 -17.46
C GLU S 226 -95.89 80.94 -16.12
N VAL S 227 -96.26 79.79 -15.56
CA VAL S 227 -95.73 79.46 -14.24
C VAL S 227 -94.23 79.23 -14.30
N ASN S 228 -93.74 78.60 -15.38
CA ASN S 228 -92.30 78.40 -15.52
C ASN S 228 -91.56 79.72 -15.68
N THR S 229 -92.12 80.67 -16.45
CA THR S 229 -91.45 81.96 -16.59
C THR S 229 -91.36 82.69 -15.24
N ARG S 230 -92.47 82.71 -14.49
CA ARG S 230 -92.44 83.40 -13.20
C ARG S 230 -91.51 82.70 -12.20
N ARG S 231 -91.50 81.36 -12.19
CA ARG S 231 -90.58 80.64 -11.31
C ARG S 231 -89.13 80.91 -11.69
N ALA S 232 -88.83 80.99 -12.98
CA ALA S 232 -87.47 81.30 -13.40
C ALA S 232 -87.05 82.68 -12.95
N GLN S 233 -87.96 83.66 -13.05
CA GLN S 233 -87.64 85.00 -12.52
C GLN S 233 -87.41 84.96 -11.02
N ALA S 234 -88.26 84.24 -10.29
CA ALA S 234 -88.18 84.21 -8.84
C ALA S 234 -86.89 83.56 -8.36
N ASP S 235 -86.42 82.52 -9.06
CA ASP S 235 -85.20 81.85 -8.63
C ASP S 235 -84.00 82.78 -8.67
N LEU S 236 -83.86 83.56 -9.73
CA LEU S 236 -82.67 84.38 -9.93
C LEU S 236 -82.80 85.80 -9.36
N ALA S 237 -83.99 86.18 -8.87
CA ALA S 237 -84.09 87.45 -8.16
C ALA S 237 -83.12 87.50 -6.98
N TYR S 238 -82.95 86.37 -6.29
CA TYR S 238 -82.04 86.32 -5.14
C TYR S 238 -80.60 86.64 -5.56
N GLN S 239 -80.13 86.00 -6.63
CA GLN S 239 -78.78 86.26 -7.10
C GLN S 239 -78.63 87.70 -7.58
N LEU S 240 -79.65 88.23 -8.26
CA LEU S 240 -79.59 89.61 -8.70
C LEU S 240 -79.41 90.55 -7.51
N GLN S 241 -80.22 90.38 -6.47
CA GLN S 241 -80.11 91.28 -5.32
C GLN S 241 -78.81 91.08 -4.56
N VAL S 242 -78.34 89.84 -4.42
CA VAL S 242 -77.11 89.61 -3.68
C VAL S 242 -75.93 90.23 -4.42
N ALA S 243 -75.95 90.20 -5.75
CA ALA S 243 -74.90 90.90 -6.50
C ALA S 243 -75.02 92.40 -6.33
N LYS S 244 -76.25 92.93 -6.39
CA LYS S 244 -76.44 94.37 -6.27
C LYS S 244 -75.94 94.90 -4.94
N THR S 245 -76.10 94.11 -3.87
CA THR S 245 -75.60 94.54 -2.57
C THR S 245 -74.13 94.20 -2.34
N LYS S 246 -73.63 93.12 -2.98
CA LYS S 246 -72.20 92.86 -2.96
C LYS S 246 -71.44 94.00 -3.62
N GLN S 247 -72.08 94.74 -4.52
CA GLN S 247 -71.46 95.95 -5.05
C GLN S 247 -71.02 96.87 -3.91
N GLN S 248 -71.92 97.19 -2.99
CA GLN S 248 -71.57 98.06 -1.87
C GLN S 248 -70.65 97.37 -0.89
N ILE S 249 -70.83 96.06 -0.71
CA ILE S 249 -69.92 95.30 0.16
C ILE S 249 -68.49 95.51 -0.27
N GLU S 250 -68.21 95.32 -1.57
CA GLU S 250 -66.87 95.53 -2.09
C GLU S 250 -66.48 97.00 -2.11
N GLU S 251 -67.43 97.88 -2.36
CA GLU S 251 -67.13 99.32 -2.36
C GLU S 251 -66.53 99.76 -1.03
N GLN S 252 -67.03 99.21 0.08
CA GLN S 252 -66.46 99.53 1.39
C GLN S 252 -65.26 98.66 1.77
N ARG S 253 -65.26 97.39 1.36
CA ARG S 253 -64.14 96.51 1.65
C ARG S 253 -62.87 96.98 0.93
N VAL S 254 -63.02 97.83 -0.09
CA VAL S 254 -61.86 98.45 -0.70
C VAL S 254 -61.59 99.84 -0.12
N GLN S 255 -62.62 100.53 0.37
CA GLN S 255 -62.42 101.81 1.04
C GLN S 255 -61.57 101.68 2.29
N VAL S 256 -61.63 100.52 2.96
CA VAL S 256 -60.73 100.32 4.09
C VAL S 256 -59.27 100.37 3.62
N GLN S 257 -58.97 99.87 2.42
CA GLN S 257 -57.63 99.99 1.87
C GLN S 257 -57.24 101.44 1.61
N VAL S 258 -58.17 102.25 1.13
CA VAL S 258 -57.89 103.67 0.92
C VAL S 258 -57.50 104.32 2.24
N VAL S 259 -58.24 104.00 3.31
CA VAL S 259 -57.90 104.55 4.63
C VAL S 259 -56.51 104.08 5.06
N GLU S 260 -56.22 102.79 4.87
CA GLU S 260 -54.90 102.26 5.19
C GLU S 260 -53.79 103.05 4.52
N ARG S 261 -53.90 103.27 3.21
CA ARG S 261 -52.82 103.96 2.50
C ARG S 261 -52.78 105.45 2.86
N ALA S 262 -53.93 106.08 3.02
CA ALA S 262 -53.99 107.49 3.39
C ALA S 262 -53.48 107.76 4.80
N GLN S 263 -53.32 106.71 5.62
CA GLN S 263 -52.59 106.89 6.87
C GLN S 263 -51.15 106.41 6.83
N GLN S 264 -50.83 105.43 5.98
CA GLN S 264 -49.43 105.11 5.75
C GLN S 264 -48.66 106.29 5.19
N VAL S 265 -49.33 107.17 4.45
CA VAL S 265 -48.65 108.37 3.98
C VAL S 265 -48.23 109.25 5.17
N ALA S 266 -49.06 109.33 6.21
CA ALA S 266 -48.67 110.08 7.41
C ALA S 266 -47.57 109.36 8.17
N VAL S 267 -47.61 108.01 8.18
CA VAL S 267 -46.51 107.26 8.75
C VAL S 267 -45.20 107.65 8.09
N GLN S 268 -45.19 107.71 6.75
CA GLN S 268 -43.97 108.11 6.04
C GLN S 268 -43.66 109.58 6.25
N GLU S 269 -44.67 110.41 6.48
CA GLU S 269 -44.44 111.83 6.78
C GLU S 269 -43.66 111.98 8.07
N GLN S 270 -43.93 111.13 9.05
CA GLN S 270 -43.10 111.12 10.26
C GLN S 270 -41.75 110.45 10.00
N GLU S 271 -41.74 109.43 9.13
CA GLU S 271 -40.52 108.70 8.85
C GLU S 271 -39.47 109.59 8.18
N ILE S 272 -39.89 110.57 7.39
CA ILE S 272 -38.91 111.42 6.72
C ILE S 272 -38.12 112.22 7.74
N ALA S 273 -38.78 112.77 8.76
CA ALA S 273 -38.07 113.52 9.79
C ALA S 273 -37.28 112.58 10.69
N ARG S 274 -37.80 111.38 10.94
CA ARG S 274 -37.03 110.41 11.71
C ARG S 274 -35.73 110.08 11.00
N ARG S 275 -35.80 109.87 9.68
CA ARG S 275 -34.59 109.63 8.89
C ARG S 275 -33.68 110.84 8.89
N GLU S 276 -34.23 112.04 8.77
CA GLU S 276 -33.43 113.26 8.94
C GLU S 276 -32.56 113.16 10.20
N LYS S 277 -33.21 113.02 11.35
CA LYS S 277 -32.48 113.04 12.62
C LYS S 277 -31.50 111.87 12.72
N GLU S 278 -31.95 110.65 12.42
CA GLU S 278 -31.10 109.49 12.58
C GLU S 278 -29.91 109.52 11.64
N LEU S 279 -30.12 109.90 10.39
CA LEU S 279 -29.04 109.99 9.42
C LEU S 279 -28.05 111.07 9.81
N GLU S 280 -28.56 112.23 10.29
CA GLU S 280 -27.64 113.24 10.78
C GLU S 280 -26.77 112.69 11.90
N ALA S 281 -27.38 112.07 12.89
CA ALA S 281 -26.62 111.55 14.03
C ALA S 281 -25.61 110.50 13.62
N ARG S 282 -25.96 109.61 12.69
CA ARG S 282 -25.09 108.50 12.34
C ARG S 282 -24.14 108.79 11.19
N VAL S 283 -24.24 109.95 10.54
CA VAL S 283 -23.34 110.26 9.43
C VAL S 283 -22.61 111.58 9.65
N ARG S 284 -23.35 112.66 9.85
CA ARG S 284 -22.74 113.98 9.83
C ARG S 284 -21.82 114.19 11.02
N LYS S 285 -22.30 113.88 12.23
CA LYS S 285 -21.46 114.01 13.42
C LYS S 285 -20.25 113.11 13.39
N PRO S 286 -20.35 111.82 13.03
CA PRO S 286 -19.11 111.02 12.88
C PRO S 286 -18.15 111.58 11.86
N ALA S 287 -18.65 112.15 10.76
CA ALA S 287 -17.78 112.78 9.77
C ALA S 287 -17.05 113.98 10.36
N GLU S 288 -17.76 114.83 11.11
CA GLU S 288 -17.11 115.96 11.76
C GLU S 288 -16.04 115.50 12.75
N ALA S 289 -16.36 114.49 13.55
CA ALA S 289 -15.41 113.97 14.52
C ALA S 289 -14.17 113.39 13.83
N GLU S 290 -14.38 112.64 12.75
CA GLU S 290 -13.25 112.09 12.01
C GLU S 290 -12.41 113.18 11.38
N ARG S 291 -13.04 114.23 10.87
CA ARG S 291 -12.28 115.34 10.31
C ARG S 291 -11.43 116.02 11.38
N TYR S 292 -11.99 116.22 12.57
CA TYR S 292 -11.22 116.82 13.65
C TYR S 292 -10.07 115.92 14.07
N LYS S 293 -10.31 114.61 14.14
CA LYS S 293 -9.26 113.67 14.49
C LYS S 293 -8.13 113.70 13.47
N LEU S 294 -8.48 113.71 12.17
CA LEU S 294 -7.47 113.77 11.14
C LEU S 294 -6.69 115.08 11.20
N GLU S 295 -7.39 116.20 11.43
CA GLU S 295 -6.72 117.48 11.57
C GLU S 295 -5.69 117.45 12.69
N ARG S 296 -6.08 116.96 13.87
CA ARG S 296 -5.16 116.97 15.00
C ARG S 296 -4.01 116.01 14.81
N LEU S 297 -4.27 114.80 14.29
CA LEU S 297 -3.17 113.87 14.06
C LEU S 297 -2.21 114.38 12.99
N ALA S 298 -2.73 115.01 11.94
CA ALA S 298 -1.85 115.59 10.93
C ALA S 298 -1.02 116.73 11.50
N GLU S 299 -1.62 117.56 12.35
CA GLU S 299 -0.86 118.63 12.98
C GLU S 299 0.25 118.06 13.86
N ALA S 300 -0.05 117.01 14.60
CA ALA S 300 0.97 116.36 15.42
C ALA S 300 2.09 115.78 14.56
N GLU S 301 1.73 115.14 13.44
CA GLU S 301 2.74 114.57 12.57
C GLU S 301 3.63 115.65 11.97
N LYS S 302 3.05 116.77 11.56
CA LYS S 302 3.86 117.87 11.06
C LYS S 302 4.78 118.41 12.15
N SER S 303 4.26 118.57 13.36
CA SER S 303 5.06 119.10 14.46
C SER S 303 6.23 118.17 14.78
N GLN S 304 6.01 116.86 14.66
CA GLN S 304 7.09 115.92 14.92
C GLN S 304 8.11 115.93 13.78
N LEU S 305 7.63 115.93 12.53
CA LEU S 305 8.53 115.82 11.39
C LEU S 305 9.40 117.07 11.25
N ILE S 306 8.83 118.25 11.48
CA ILE S 306 9.60 119.49 11.34
C ILE S 306 10.79 119.50 12.28
N MET S 307 10.59 119.10 13.53
CA MET S 307 11.66 119.18 14.51
C MET S 307 12.60 117.98 14.46
N GLN S 308 12.12 116.81 14.01
CA GLN S 308 13.05 115.74 13.69
C GLN S 308 13.97 116.12 12.55
N ALA S 309 13.42 116.80 11.53
CA ALA S 309 14.24 117.32 10.44
C ALA S 309 15.24 118.36 10.94
N GLU S 310 14.80 119.24 11.84
CA GLU S 310 15.72 120.21 12.40
C GLU S 310 16.86 119.54 13.15
N ALA S 311 16.53 118.50 13.93
CA ALA S 311 17.56 117.76 14.66
C ALA S 311 18.55 117.10 13.70
N GLU S 312 18.04 116.49 12.63
CA GLU S 312 18.92 115.85 11.66
C GLU S 312 19.82 116.89 10.99
N ALA S 313 19.26 118.05 10.64
CA ALA S 313 20.06 119.09 10.00
C ALA S 313 21.15 119.59 10.94
N ALA S 314 20.82 119.80 12.21
CA ALA S 314 21.83 120.23 13.17
C ALA S 314 22.90 119.17 13.34
N SER S 315 22.51 117.90 13.38
CA SER S 315 23.48 116.82 13.47
C SER S 315 24.45 116.85 12.29
N VAL S 316 23.90 116.96 11.08
CA VAL S 316 24.75 116.98 9.89
C VAL S 316 25.68 118.18 9.92
N ARG S 317 25.15 119.35 10.24
CA ARG S 317 25.96 120.57 10.31
C ARG S 317 27.12 120.40 11.27
N MET S 318 26.83 119.97 12.50
CA MET S 318 27.88 119.88 13.52
C MET S 318 28.91 118.82 13.19
N ARG S 319 28.47 117.63 12.74
CA ARG S 319 29.43 116.59 12.42
C ARG S 319 30.31 117.00 11.24
N GLY S 320 29.72 117.62 10.22
CA GLY S 320 30.51 118.07 9.09
C GLY S 320 31.50 119.15 9.47
N GLU S 321 31.07 120.10 10.29
CA GLU S 321 31.99 121.14 10.75
C GLU S 321 33.15 120.56 11.53
N ALA S 322 32.86 119.60 12.42
CA ALA S 322 33.92 118.96 13.19
C ALA S 322 34.91 118.23 12.28
N GLU S 323 34.40 117.47 11.31
CA GLU S 323 35.31 116.71 10.46
C GLU S 323 36.10 117.63 9.55
N ALA S 324 35.52 118.75 9.11
CA ALA S 324 36.26 119.73 8.33
C ALA S 324 37.36 120.38 9.15
N PHE S 325 37.08 120.69 10.41
CA PHE S 325 38.13 121.23 11.27
C PHE S 325 39.25 120.22 11.48
N ALA S 326 38.88 118.95 11.60
CA ALA S 326 39.89 117.89 11.71
C ALA S 326 40.74 117.79 10.44
N ILE S 327 40.11 117.92 9.28
CA ILE S 327 40.84 117.93 8.01
C ILE S 327 41.82 119.08 7.98
N GLY S 328 41.38 120.27 8.39
CA GLY S 328 42.28 121.41 8.48
C GLY S 328 43.42 121.18 9.45
N ALA S 329 43.15 120.48 10.55
CA ALA S 329 44.21 120.17 11.52
C ALA S 329 45.29 119.30 10.90
N ARG S 330 44.90 118.18 10.28
CA ARG S 330 45.91 117.40 9.58
C ARG S 330 46.55 118.18 8.45
N ALA S 331 45.83 119.10 7.82
CA ALA S 331 46.42 119.90 6.74
C ALA S 331 47.58 120.74 7.27
N ARG S 332 47.34 121.49 8.34
CA ARG S 332 48.40 122.30 8.95
C ARG S 332 49.55 121.43 9.42
N ALA S 333 49.24 120.29 10.07
CA ALA S 333 50.30 119.40 10.54
C ALA S 333 51.14 118.89 9.39
N GLU S 334 50.50 118.47 8.30
CA GLU S 334 51.22 117.90 7.17
C GLU S 334 52.04 118.97 6.46
N ALA S 335 51.55 120.20 6.39
CA ALA S 335 52.32 121.26 5.76
C ALA S 335 53.57 121.57 6.57
N GLU S 336 53.42 121.76 7.88
CA GLU S 336 54.59 122.00 8.73
C GLU S 336 55.51 120.79 8.73
N GLN S 337 54.96 119.61 8.46
CA GLN S 337 55.75 118.39 8.38
C GLN S 337 56.60 118.37 7.10
N MET S 338 55.99 118.71 5.97
CA MET S 338 56.67 118.61 4.69
C MET S 338 57.68 119.73 4.50
N ALA S 339 57.47 120.86 5.16
CA ALA S 339 58.48 121.91 5.09
C ALA S 339 59.84 121.41 5.54
N LYS S 340 59.89 120.66 6.66
CA LYS S 340 61.15 120.13 7.12
C LYS S 340 61.67 119.00 6.23
N LYS S 341 60.77 118.22 5.61
CA LYS S 341 61.23 117.26 4.61
C LYS S 341 62.01 117.95 3.51
N ALA S 342 61.45 119.05 2.98
CA ALA S 342 62.17 119.79 1.94
C ALA S 342 63.49 120.35 2.46
N GLU S 343 63.47 120.91 3.67
CA GLU S 343 64.70 121.46 4.25
C GLU S 343 65.77 120.39 4.38
N ALA S 344 65.40 119.20 4.85
CA ALA S 344 66.37 118.11 4.99
C ALA S 344 66.87 117.65 3.63
N PHE S 345 65.96 117.48 2.67
CA PHE S 345 66.35 117.05 1.33
C PHE S 345 67.33 118.02 0.68
N GLN S 346 67.26 119.30 1.04
CA GLN S 346 68.18 120.27 0.43
C GLN S 346 69.64 119.88 0.66
N LEU S 347 69.96 119.28 1.79
CA LEU S 347 71.33 118.90 2.13
C LEU S 347 71.64 117.46 1.73
N TYR S 348 71.41 117.11 0.46
CA TYR S 348 71.70 115.79 -0.07
C TYR S 348 72.72 115.90 -1.19
N GLN S 349 73.81 115.16 -1.06
CA GLN S 349 74.87 115.09 -2.07
C GLN S 349 74.65 113.86 -2.94
N GLU S 350 75.66 113.55 -3.75
CA GLU S 350 75.56 112.41 -4.65
C GLU S 350 75.48 111.08 -3.90
N ALA S 351 76.12 110.99 -2.73
CA ALA S 351 76.06 109.75 -1.96
C ALA S 351 74.64 109.45 -1.52
N ALA S 352 73.91 110.47 -1.07
CA ALA S 352 72.54 110.28 -0.61
C ALA S 352 71.61 109.89 -1.76
N GLN S 353 71.76 110.54 -2.92
CA GLN S 353 70.96 110.17 -4.07
C GLN S 353 71.26 108.76 -4.53
N LEU S 354 72.54 108.37 -4.50
CA LEU S 354 72.92 106.99 -4.81
C LEU S 354 72.28 106.01 -3.83
N ASP S 355 72.26 106.36 -2.54
CA ASP S 355 71.61 105.49 -1.55
C ASP S 355 70.12 105.35 -1.83
N MET S 356 69.46 106.45 -2.18
CA MET S 356 68.03 106.39 -2.48
C MET S 356 67.77 105.53 -3.71
N LEU S 357 68.58 105.72 -4.76
CA LEU S 357 68.40 104.93 -5.98
C LEU S 357 68.61 103.44 -5.71
N LEU S 358 69.65 103.10 -4.95
CA LEU S 358 69.92 101.70 -4.67
C LEU S 358 68.99 101.11 -3.61
N GLU S 359 68.27 101.95 -2.86
CA GLU S 359 67.21 101.44 -2.00
C GLU S 359 65.92 101.23 -2.76
N LYS S 360 65.67 102.02 -3.82
CA LYS S 360 64.45 101.88 -4.59
C LYS S 360 64.54 100.85 -5.71
N LEU S 361 65.74 100.57 -6.21
CA LEU S 361 65.87 99.59 -7.28
C LEU S 361 65.34 98.21 -6.89
N PRO S 362 65.67 97.64 -5.72
CA PRO S 362 65.11 96.31 -5.38
C PRO S 362 63.59 96.28 -5.35
N GLN S 363 62.94 97.36 -4.93
CA GLN S 363 61.48 97.35 -4.87
C GLN S 363 60.88 97.31 -6.28
N VAL S 364 61.43 98.08 -7.20
CA VAL S 364 60.97 98.03 -8.59
C VAL S 364 61.24 96.65 -9.18
N ALA S 365 62.39 96.07 -8.87
CA ALA S 365 62.69 94.73 -9.35
C ALA S 365 61.69 93.71 -8.81
N GLU S 366 61.31 93.82 -7.53
CA GLU S 366 60.27 92.95 -6.99
C GLU S 366 58.95 93.15 -7.71
N GLU S 367 58.54 94.41 -7.91
CA GLU S 367 57.26 94.65 -8.54
C GLU S 367 57.22 94.22 -10.00
N ILE S 368 58.38 94.08 -10.65
CA ILE S 368 58.39 93.68 -12.05
C ILE S 368 58.61 92.17 -12.18
N SER S 369 59.22 91.55 -11.16
CA SER S 369 59.53 90.13 -11.22
C SER S 369 58.56 89.28 -10.40
N GLY S 370 57.62 89.88 -9.69
CA GLY S 370 56.61 89.15 -8.97
C GLY S 370 55.61 88.50 -9.90
N PRO S 371 54.97 89.29 -10.76
CA PRO S 371 54.06 88.69 -11.75
C PRO S 371 54.75 87.73 -12.70
N LEU S 372 56.01 87.99 -13.06
CA LEU S 372 56.68 87.11 -14.03
C LEU S 372 56.94 85.73 -13.47
N THR S 373 57.23 85.62 -12.17
CA THR S 373 57.51 84.32 -11.57
C THR S 373 56.26 83.51 -11.30
N SER S 374 55.11 83.92 -11.84
CA SER S 374 53.90 83.12 -11.75
C SER S 374 53.76 82.13 -12.90
N ALA S 375 54.69 82.13 -13.85
CA ALA S 375 54.64 81.19 -14.95
C ALA S 375 54.83 79.76 -14.43
N ASN S 376 54.05 78.83 -15.00
CA ASN S 376 54.10 77.45 -14.54
C ASN S 376 55.42 76.78 -14.91
N LYS S 377 55.83 76.91 -16.17
CA LYS S 377 57.08 76.32 -16.62
C LYS S 377 57.71 77.21 -17.68
N ILE S 378 59.04 77.17 -17.75
CA ILE S 378 59.82 77.92 -18.72
C ILE S 378 60.80 76.96 -19.37
N THR S 379 60.81 76.91 -20.70
CA THR S 379 61.66 76.01 -21.45
C THR S 379 62.71 76.83 -22.20
N LEU S 380 63.97 76.45 -22.04
CA LEU S 380 65.10 77.14 -22.65
C LEU S 380 65.79 76.21 -23.63
N VAL S 381 66.04 76.71 -24.84
CA VAL S 381 66.66 75.91 -25.89
C VAL S 381 67.71 76.76 -26.59
N SER S 382 68.88 76.19 -26.83
CA SER S 382 69.97 76.86 -27.51
C SER S 382 70.39 76.09 -28.74
N SER S 383 71.11 76.78 -29.64
CA SER S 383 71.59 76.17 -30.86
C SER S 383 72.71 77.03 -31.42
N GLY S 384 73.71 76.40 -32.02
CA GLY S 384 74.80 77.16 -32.57
C GLY S 384 75.61 77.83 -31.48
N SER S 385 76.17 79.00 -31.82
CA SER S 385 76.98 79.78 -30.89
C SER S 385 76.14 80.67 -29.99
N GLY S 386 74.84 80.41 -29.90
CA GLY S 386 73.95 81.22 -29.10
C GLY S 386 74.00 80.85 -27.63
N THR S 387 73.25 81.62 -26.86
CA THR S 387 73.13 81.43 -25.42
C THR S 387 71.98 80.47 -25.09
N MET S 388 71.96 80.01 -23.85
CA MET S 388 70.95 79.06 -23.39
C MET S 388 69.58 79.70 -23.24
N GLY S 389 69.51 80.93 -22.69
CA GLY S 389 68.26 81.64 -22.56
C GLY S 389 68.01 82.28 -21.21
N ALA S 390 68.78 81.94 -20.18
CA ALA S 390 68.59 82.59 -18.88
C ALA S 390 68.94 84.07 -18.95
N ALA S 391 70.00 84.39 -19.69
CA ALA S 391 70.33 85.78 -19.94
C ALA S 391 69.18 86.51 -20.63
N LYS S 392 68.39 85.81 -21.45
CA LYS S 392 67.25 86.46 -22.08
C LYS S 392 66.22 86.90 -21.05
N VAL S 393 65.91 86.03 -20.07
CA VAL S 393 64.93 86.38 -19.05
C VAL S 393 65.46 87.52 -18.18
N THR S 394 66.71 87.40 -17.74
CA THR S 394 67.28 88.47 -16.92
C THR S 394 67.35 89.78 -17.68
N GLY S 395 67.68 89.72 -18.97
CA GLY S 395 67.71 90.92 -19.78
C GLY S 395 66.34 91.53 -19.99
N GLU S 396 65.31 90.68 -20.11
CA GLU S 396 63.95 91.21 -20.22
C GLU S 396 63.56 91.97 -18.96
N VAL S 397 63.83 91.36 -17.79
CA VAL S 397 63.49 92.03 -16.53
C VAL S 397 64.27 93.33 -16.38
N LEU S 398 65.58 93.29 -16.66
CA LEU S 398 66.41 94.46 -16.51
C LEU S 398 66.03 95.54 -17.52
N ASP S 399 65.67 95.15 -18.74
CA ASP S 399 65.27 96.11 -19.75
C ASP S 399 63.98 96.81 -19.37
N ILE S 400 63.01 96.07 -18.81
CA ILE S 400 61.81 96.73 -18.32
C ILE S 400 62.15 97.67 -17.18
N LEU S 401 63.00 97.22 -16.26
CA LEU S 401 63.34 98.04 -15.10
C LEU S 401 64.10 99.30 -15.50
N THR S 402 64.82 99.26 -16.62
CA THR S 402 65.57 100.43 -17.07
C THR S 402 64.79 101.30 -18.04
N ARG S 403 63.80 100.76 -18.72
CA ARG S 403 62.98 101.56 -19.62
C ARG S 403 61.83 102.24 -18.88
N LEU S 404 61.41 101.70 -17.74
CA LEU S 404 60.37 102.38 -16.96
C LEU S 404 60.79 103.79 -16.53
N PRO S 405 61.98 104.03 -16.00
CA PRO S 405 62.36 105.41 -15.68
C PRO S 405 62.38 106.33 -16.89
N GLU S 406 62.72 105.82 -18.08
CA GLU S 406 62.68 106.67 -19.27
C GLU S 406 61.25 106.96 -19.70
N SER S 407 60.35 105.99 -19.56
CA SER S 407 58.95 106.24 -19.88
C SER S 407 58.37 107.29 -18.94
N VAL S 408 58.72 107.21 -17.65
CA VAL S 408 58.30 108.25 -16.70
C VAL S 408 58.97 109.57 -17.02
N GLU S 409 60.23 109.53 -17.49
CA GLU S 409 60.93 110.72 -17.94
C GLU S 409 60.17 111.44 -19.03
N ARG S 410 59.58 110.67 -19.96
CA ARG S 410 58.87 111.27 -21.09
C ARG S 410 57.74 112.18 -20.62
N LEU S 411 57.10 111.84 -19.51
CA LEU S 411 56.01 112.67 -19.01
C LEU S 411 56.49 113.72 -18.03
N THR S 412 57.20 113.30 -16.97
CA THR S 412 57.57 114.22 -15.91
C THR S 412 58.60 115.24 -16.39
N GLY S 413 59.66 114.78 -17.05
CA GLY S 413 60.71 115.66 -17.49
C GLY S 413 61.77 115.96 -16.45
N VAL S 414 61.85 115.18 -15.38
CA VAL S 414 62.85 115.37 -14.33
C VAL S 414 63.72 114.12 -14.24
N SER S 415 65.02 114.33 -14.21
CA SER S 415 65.98 113.23 -14.29
C SER S 415 65.88 112.33 -13.06
N ILE S 416 66.24 111.06 -13.27
CA ILE S 416 66.22 110.08 -12.21
C ILE S 416 67.61 109.55 -11.86
N SER S 417 68.57 109.62 -12.78
CA SER S 417 69.93 109.20 -12.54
C SER S 417 70.86 110.41 -12.59
N GLN S 418 71.77 110.50 -11.63
CA GLN S 418 72.66 111.65 -11.57
C GLN S 418 73.75 111.58 -12.63
N VAL S 419 74.11 110.38 -13.07
CA VAL S 419 75.13 110.22 -14.11
C VAL S 419 74.62 109.32 -15.22
N MET T 1 -164.95 -36.51 -14.65
CA MET T 1 -165.50 -36.58 -13.31
C MET T 1 -166.19 -35.26 -12.98
N GLY T 2 -165.48 -34.15 -13.20
CA GLY T 2 -166.01 -32.83 -12.94
C GLY T 2 -167.27 -32.52 -13.72
N ASN T 3 -168.27 -31.96 -13.05
CA ASN T 3 -169.56 -31.69 -13.66
C ASN T 3 -169.98 -30.26 -13.40
N CYS T 4 -170.68 -29.66 -14.37
CA CYS T 4 -171.32 -28.35 -14.22
C CYS T 4 -170.30 -27.26 -13.86
N HIS T 5 -169.42 -27.00 -14.81
CA HIS T 5 -168.38 -25.98 -14.66
C HIS T 5 -168.77 -24.70 -15.38
N THR T 6 -168.39 -23.57 -14.78
CA THR T 6 -168.59 -22.25 -15.33
C THR T 6 -167.29 -21.47 -15.24
N VAL T 7 -167.11 -20.52 -16.16
CA VAL T 7 -165.89 -19.74 -16.25
C VAL T 7 -166.26 -18.26 -16.28
N GLY T 8 -165.33 -17.42 -15.84
CA GLY T 8 -165.52 -15.99 -15.82
C GLY T 8 -165.43 -15.38 -17.21
N PRO T 9 -165.78 -14.10 -17.33
CA PRO T 9 -165.78 -13.46 -18.66
C PRO T 9 -164.39 -13.32 -19.27
N ASN T 10 -163.32 -13.46 -18.48
CA ASN T 10 -161.98 -13.33 -19.04
C ASN T 10 -161.59 -14.50 -19.93
N GLU T 11 -162.10 -15.69 -19.65
CA GLU T 11 -161.74 -16.89 -20.39
C GLU T 11 -162.98 -17.53 -20.97
N ALA T 12 -162.81 -18.15 -22.14
CA ALA T 12 -163.90 -18.81 -22.85
C ALA T 12 -163.81 -20.31 -22.61
N LEU T 13 -164.92 -20.89 -22.15
CA LEU T 13 -164.99 -22.33 -21.95
C LEU T 13 -165.40 -23.02 -23.25
N VAL T 14 -164.63 -24.03 -23.65
CA VAL T 14 -164.90 -24.78 -24.87
C VAL T 14 -165.19 -26.23 -24.49
N VAL T 15 -166.29 -26.76 -25.01
CA VAL T 15 -166.65 -28.16 -24.82
C VAL T 15 -167.11 -28.72 -26.16
N SER T 16 -166.79 -29.99 -26.39
CA SER T 16 -167.19 -30.67 -27.61
C SER T 16 -167.40 -32.15 -27.31
N GLY T 17 -168.52 -32.69 -27.77
CA GLY T 17 -168.83 -34.09 -27.55
C GLY T 17 -170.05 -34.56 -28.30
N GLY T 18 -169.97 -35.74 -28.92
CA GLY T 18 -171.09 -36.27 -29.68
C GLY T 18 -172.04 -37.09 -28.86
N CYS T 19 -173.16 -36.49 -28.44
CA CYS T 19 -174.11 -37.17 -27.58
C CYS T 19 -174.68 -38.42 -28.26
N CYS T 20 -175.02 -38.30 -29.54
CA CYS T 20 -175.44 -39.44 -30.35
C CYS T 20 -174.48 -39.71 -31.50
N GLY T 21 -173.24 -39.24 -31.38
CA GLY T 21 -172.26 -39.35 -32.45
C GLY T 21 -172.20 -38.16 -33.38
N SER T 22 -173.17 -37.25 -33.31
CA SER T 22 -173.16 -36.05 -34.14
C SER T 22 -172.29 -34.98 -33.50
N ASP T 23 -171.69 -34.16 -34.37
CA ASP T 23 -170.73 -33.15 -33.93
C ASP T 23 -171.47 -32.01 -33.26
N TYR T 24 -171.34 -31.93 -31.93
CA TYR T 24 -171.92 -30.83 -31.15
C TYR T 24 -170.80 -30.18 -30.35
N LYS T 25 -170.32 -29.04 -30.82
CA LYS T 25 -169.29 -28.26 -30.13
C LYS T 25 -169.91 -26.98 -29.58
N GLN T 26 -169.70 -26.74 -28.30
CA GLN T 26 -170.21 -25.54 -27.63
C GLN T 26 -169.04 -24.73 -27.10
N TYR T 27 -168.95 -23.47 -27.52
CA TYR T 27 -167.94 -22.53 -27.06
C TYR T 27 -168.65 -21.32 -26.47
N VAL T 28 -168.49 -21.14 -25.16
CA VAL T 28 -169.16 -20.07 -24.43
C VAL T 28 -168.15 -19.37 -23.56
N PHE T 29 -168.15 -18.04 -23.60
CA PHE T 29 -167.24 -17.22 -22.80
C PHE T 29 -168.03 -16.63 -21.63
N GLY T 30 -167.54 -16.84 -20.42
CA GLY T 30 -168.17 -16.26 -19.23
C GLY T 30 -169.61 -16.67 -19.03
N GLY T 31 -169.94 -17.94 -19.26
CA GLY T 31 -171.32 -18.37 -19.15
C GLY T 31 -171.49 -19.64 -18.33
N TRP T 32 -172.41 -20.50 -18.77
CA TRP T 32 -172.74 -21.72 -18.06
C TRP T 32 -172.58 -22.91 -18.99
N ALA T 33 -172.19 -24.05 -18.41
CA ALA T 33 -172.05 -25.29 -19.16
C ALA T 33 -172.03 -26.45 -18.19
N TRP T 34 -172.27 -27.65 -18.72
CA TRP T 34 -172.13 -28.88 -17.96
C TRP T 34 -171.44 -29.94 -18.81
N ALA T 35 -170.63 -30.76 -18.15
CA ALA T 35 -169.93 -31.85 -18.82
C ALA T 35 -169.82 -33.02 -17.84
N TRP T 36 -170.06 -34.23 -18.34
CA TRP T 36 -170.06 -35.42 -17.51
C TRP T 36 -168.68 -36.07 -17.52
N TRP T 37 -168.62 -37.32 -17.04
CA TRP T 37 -167.35 -38.03 -16.93
C TRP T 37 -166.62 -38.10 -18.26
N CYS T 38 -167.31 -38.53 -19.32
CA CYS T 38 -166.71 -38.56 -20.65
C CYS T 38 -167.66 -38.13 -21.75
N ILE T 39 -168.49 -37.11 -21.53
CA ILE T 39 -169.37 -36.66 -22.61
C ILE T 39 -168.65 -35.67 -23.52
N SER T 40 -167.76 -34.84 -22.97
CA SER T 40 -167.10 -33.81 -23.75
C SER T 40 -165.74 -33.51 -23.14
N ASP T 41 -165.14 -32.40 -23.52
CA ASP T 41 -163.84 -31.97 -23.01
C ASP T 41 -163.98 -30.60 -22.38
N THR T 42 -163.36 -30.42 -21.21
CA THR T 42 -163.41 -29.17 -20.47
C THR T 42 -162.09 -28.42 -20.64
N GLN T 43 -162.10 -27.39 -21.47
CA GLN T 43 -160.91 -26.57 -21.69
C GLN T 43 -161.32 -25.11 -21.72
N ARG T 44 -160.37 -24.24 -21.41
CA ARG T 44 -160.59 -22.80 -21.39
C ARG T 44 -159.54 -22.11 -22.25
N ILE T 45 -159.91 -20.97 -22.82
CA ILE T 45 -159.02 -20.16 -23.65
C ILE T 45 -158.86 -18.82 -22.95
N SER T 46 -157.62 -18.46 -22.62
CA SER T 46 -157.35 -17.17 -21.99
C SER T 46 -157.48 -16.05 -23.00
N LEU T 47 -158.54 -15.24 -22.89
CA LEU T 47 -158.78 -14.15 -23.82
C LEU T 47 -158.12 -12.85 -23.39
N GLU T 48 -157.08 -12.93 -22.57
CA GLU T 48 -156.37 -11.74 -22.12
C GLU T 48 -155.52 -11.17 -23.24
N ILE T 49 -155.20 -9.88 -23.12
CA ILE T 49 -154.33 -9.23 -24.11
C ILE T 49 -152.94 -9.83 -24.03
N MET T 50 -152.36 -10.09 -25.20
CA MET T 50 -150.98 -10.57 -25.29
C MET T 50 -150.07 -9.39 -25.64
N THR T 51 -148.98 -9.26 -24.90
CA THR T 51 -148.04 -8.18 -25.14
C THR T 51 -147.18 -8.48 -26.37
N LEU T 52 -146.94 -7.46 -27.19
CA LEU T 52 -146.14 -7.59 -28.40
C LEU T 52 -145.00 -6.59 -28.36
N GLN T 53 -143.80 -7.04 -28.72
CA GLN T 53 -142.62 -6.18 -28.87
C GLN T 53 -141.98 -6.46 -30.23
N PRO T 54 -142.65 -6.12 -31.33
CA PRO T 54 -142.04 -6.33 -32.65
C PRO T 54 -140.83 -5.44 -32.83
N ARG T 55 -139.67 -6.05 -33.06
CA ARG T 55 -138.41 -5.35 -33.24
C ARG T 55 -137.71 -5.90 -34.47
N CYS T 56 -137.72 -5.14 -35.55
CA CYS T 56 -137.09 -5.53 -36.81
C CYS T 56 -135.72 -4.87 -36.89
N GLU T 57 -134.72 -5.68 -37.22
CA GLU T 57 -133.33 -5.22 -37.28
C GLU T 57 -132.86 -5.19 -38.73
N ASP T 58 -132.27 -4.07 -39.13
CA ASP T 58 -131.70 -3.90 -40.47
C ASP T 58 -132.76 -4.09 -41.55
N VAL T 59 -133.83 -3.31 -41.46
CA VAL T 59 -134.91 -3.33 -42.43
C VAL T 59 -134.93 -2.01 -43.18
N GLU T 60 -135.26 -2.06 -44.46
CA GLU T 60 -135.12 -0.92 -45.35
C GLU T 60 -136.46 -0.60 -46.02
N THR T 61 -136.68 0.70 -46.24
CA THR T 61 -137.91 1.20 -46.84
C THR T 61 -137.79 1.21 -48.36
N ALA T 62 -138.71 1.91 -49.02
CA ALA T 62 -138.73 1.92 -50.48
C ALA T 62 -137.45 2.54 -51.04
N GLU T 63 -137.02 3.67 -50.47
CA GLU T 63 -135.78 4.30 -50.91
C GLU T 63 -134.55 3.54 -50.42
N GLY T 64 -134.71 2.62 -49.48
CA GLY T 64 -133.63 1.74 -49.08
C GLY T 64 -132.88 2.12 -47.83
N VAL T 65 -133.25 3.22 -47.18
CA VAL T 65 -132.56 3.62 -45.96
C VAL T 65 -132.80 2.59 -44.87
N ALA T 66 -131.71 2.08 -44.30
CA ALA T 66 -131.82 1.02 -43.31
C ALA T 66 -132.23 1.58 -41.96
N LEU T 67 -133.21 0.94 -41.32
CA LEU T 67 -133.69 1.33 -40.01
C LEU T 67 -133.86 0.10 -39.15
N THR T 68 -133.80 0.30 -37.84
CA THR T 68 -134.06 -0.76 -36.85
C THR T 68 -135.28 -0.31 -36.06
N VAL T 69 -136.46 -0.64 -36.57
CA VAL T 69 -137.72 -0.12 -36.06
C VAL T 69 -138.31 -1.12 -35.08
N THR T 70 -138.65 -0.65 -33.88
CA THR T 70 -139.31 -1.44 -32.86
C THR T 70 -140.75 -0.97 -32.73
N GLY T 71 -141.68 -1.90 -32.58
CA GLY T 71 -143.09 -1.60 -32.54
C GLY T 71 -143.78 -2.14 -31.30
N VAL T 72 -145.05 -1.75 -31.16
CA VAL T 72 -145.94 -2.30 -30.14
C VAL T 72 -147.31 -2.51 -30.78
N ALA T 73 -147.91 -3.68 -30.53
CA ALA T 73 -149.23 -4.00 -31.06
C ALA T 73 -150.06 -4.64 -29.97
N GLN T 74 -151.36 -4.34 -30.01
CA GLN T 74 -152.32 -4.88 -29.04
C GLN T 74 -153.12 -5.99 -29.70
N VAL T 75 -153.02 -7.19 -29.16
CA VAL T 75 -153.64 -8.38 -29.75
C VAL T 75 -154.43 -9.12 -28.68
N LYS T 76 -155.61 -9.62 -29.07
CA LYS T 76 -156.47 -10.37 -28.18
C LYS T 76 -157.32 -11.31 -29.01
N ILE T 77 -157.59 -12.49 -28.47
CA ILE T 77 -158.47 -13.44 -29.16
C ILE T 77 -159.89 -12.90 -29.17
N MET T 78 -160.52 -12.95 -30.34
CA MET T 78 -161.83 -12.33 -30.53
C MET T 78 -162.92 -13.18 -29.88
N THR T 79 -164.15 -12.67 -29.93
CA THR T 79 -165.31 -13.32 -29.32
C THR T 79 -166.48 -13.43 -30.29
N GLU T 80 -166.20 -13.49 -31.58
CA GLU T 80 -167.23 -13.64 -32.59
C GLU T 80 -167.84 -15.05 -32.52
N LYS T 81 -168.78 -15.33 -33.42
CA LYS T 81 -169.48 -16.61 -33.43
C LYS T 81 -168.78 -17.65 -34.30
N GLU T 82 -168.65 -17.37 -35.60
CA GLU T 82 -168.03 -18.34 -36.50
C GLU T 82 -166.51 -18.31 -36.40
N LEU T 83 -165.91 -17.17 -36.06
CA LEU T 83 -164.47 -17.11 -35.93
C LEU T 83 -163.98 -17.88 -34.70
N LEU T 84 -164.80 -17.98 -33.66
CA LEU T 84 -164.39 -18.75 -32.49
C LEU T 84 -164.44 -20.24 -32.74
N ALA T 85 -165.18 -20.71 -33.74
CA ALA T 85 -165.01 -22.09 -34.18
C ALA T 85 -163.59 -22.33 -34.64
N VAL T 86 -163.05 -21.41 -35.45
CA VAL T 86 -161.67 -21.51 -35.89
C VAL T 86 -160.72 -21.37 -34.70
N ALA T 87 -161.02 -20.45 -33.80
CA ALA T 87 -160.16 -20.23 -32.63
C ALA T 87 -160.07 -21.49 -31.77
N CYS T 88 -161.19 -22.16 -31.56
CA CYS T 88 -161.21 -23.37 -30.74
C CYS T 88 -160.57 -24.55 -31.48
N GLU T 89 -160.82 -24.68 -32.78
CA GLU T 89 -160.21 -25.75 -33.55
C GLU T 89 -158.76 -25.47 -33.90
N GLN T 90 -158.24 -24.30 -33.53
CA GLN T 90 -156.97 -23.84 -34.07
C GLN T 90 -155.79 -24.07 -33.14
N PHE T 91 -155.81 -23.52 -31.93
CA PHE T 91 -154.56 -23.32 -31.20
C PHE T 91 -154.46 -24.10 -29.90
N LEU T 92 -155.41 -23.93 -28.98
CA LEU T 92 -155.28 -24.51 -27.65
C LEU T 92 -155.10 -26.02 -27.71
N GLY T 93 -154.46 -26.59 -26.69
CA GLY T 93 -154.08 -25.91 -25.46
C GLY T 93 -152.63 -25.50 -25.30
N LYS T 94 -152.03 -24.98 -26.37
CA LYS T 94 -150.69 -24.44 -26.27
C LYS T 94 -150.71 -23.18 -25.41
N ASN T 95 -149.68 -22.98 -24.61
CA ASN T 95 -149.71 -21.99 -23.55
C ASN T 95 -149.49 -20.58 -24.08
N VAL T 96 -149.52 -19.61 -23.16
CA VAL T 96 -149.50 -18.20 -23.53
C VAL T 96 -148.20 -17.84 -24.27
N GLN T 97 -147.09 -18.44 -23.86
CA GLN T 97 -145.84 -18.19 -24.58
C GLN T 97 -145.96 -18.59 -26.04
N ASP T 98 -146.76 -19.61 -26.32
CA ASP T 98 -146.95 -20.04 -27.70
C ASP T 98 -147.76 -19.01 -28.49
N ILE T 99 -148.83 -18.47 -27.90
CA ILE T 99 -149.55 -17.39 -28.57
C ILE T 99 -148.61 -16.25 -28.87
N LYS T 100 -147.86 -15.80 -27.85
CA LYS T 100 -147.05 -14.60 -28.02
C LYS T 100 -145.94 -14.81 -29.03
N ASN T 101 -145.30 -15.98 -29.04
CA ASN T 101 -144.25 -16.25 -30.01
C ASN T 101 -144.82 -16.30 -31.44
N VAL T 102 -145.91 -17.04 -31.63
CA VAL T 102 -146.47 -17.16 -32.98
C VAL T 102 -146.88 -15.79 -33.51
N VAL T 103 -147.61 -15.02 -32.68
CA VAL T 103 -148.07 -13.71 -33.13
C VAL T 103 -146.88 -12.77 -33.31
N LEU T 104 -145.83 -12.95 -32.51
CA LEU T 104 -144.65 -12.12 -32.63
C LEU T 104 -143.98 -12.31 -33.98
N GLN T 105 -143.72 -13.56 -34.38
CA GLN T 105 -143.09 -13.78 -35.68
C GLN T 105 -143.99 -13.32 -36.83
N THR T 106 -145.29 -13.65 -36.77
CA THR T 106 -146.12 -13.30 -37.93
C THR T 106 -146.28 -11.78 -38.07
N LEU T 107 -146.50 -11.07 -36.96
CA LEU T 107 -146.58 -9.62 -37.03
C LEU T 107 -145.23 -9.00 -37.29
N GLU T 108 -144.14 -9.68 -36.92
CA GLU T 108 -142.82 -9.20 -37.32
C GLU T 108 -142.69 -9.17 -38.82
N GLY T 109 -143.03 -10.28 -39.48
CA GLY T 109 -143.00 -10.31 -40.93
C GLY T 109 -143.92 -9.27 -41.54
N HIS T 110 -145.15 -9.17 -41.03
CA HIS T 110 -146.11 -8.23 -41.60
C HIS T 110 -145.65 -6.78 -41.42
N LEU T 111 -145.11 -6.46 -40.24
CA LEU T 111 -144.64 -5.11 -39.96
C LEU T 111 -143.47 -4.74 -40.83
N ARG T 112 -142.49 -5.66 -40.99
CA ARG T 112 -141.38 -5.37 -41.88
C ARG T 112 -141.87 -5.18 -43.32
N SER T 113 -142.82 -6.01 -43.74
CA SER T 113 -143.35 -5.91 -45.10
C SER T 113 -143.99 -4.55 -45.33
N ILE T 114 -144.89 -4.13 -44.44
CA ILE T 114 -145.54 -2.84 -44.65
C ILE T 114 -144.55 -1.69 -44.49
N LEU T 115 -143.55 -1.84 -43.61
CA LEU T 115 -142.53 -0.82 -43.47
C LEU T 115 -141.78 -0.64 -44.79
N GLY T 116 -141.47 -1.75 -45.46
CA GLY T 116 -140.91 -1.66 -46.79
C GLY T 116 -141.89 -1.04 -47.78
N THR T 117 -143.19 -1.22 -47.55
CA THR T 117 -144.19 -0.72 -48.48
C THR T 117 -144.16 0.81 -48.58
N LEU T 118 -144.04 1.49 -47.45
CA LEU T 118 -144.04 2.95 -47.48
C LEU T 118 -142.61 3.47 -47.33
N THR T 119 -142.45 4.77 -47.59
CA THR T 119 -141.14 5.39 -47.53
C THR T 119 -140.86 5.94 -46.12
N VAL T 120 -139.59 6.30 -45.91
CA VAL T 120 -139.16 6.82 -44.62
C VAL T 120 -139.73 8.21 -44.34
N GLU T 121 -139.98 9.01 -45.38
CA GLU T 121 -140.61 10.30 -45.14
C GLU T 121 -142.02 10.13 -44.56
N GLN T 122 -142.76 9.13 -45.03
CA GLN T 122 -144.08 8.86 -44.49
C GLN T 122 -144.01 8.36 -43.04
N ILE T 123 -143.08 7.46 -42.73
CA ILE T 123 -142.95 7.01 -41.35
C ILE T 123 -142.46 8.15 -40.47
N TYR T 124 -141.86 9.17 -41.09
CA TYR T 124 -141.45 10.36 -40.34
C TYR T 124 -142.64 11.25 -40.03
N GLN T 125 -143.35 11.72 -41.06
CA GLN T 125 -144.42 12.69 -40.89
C GLN T 125 -145.73 12.05 -40.43
N ASP T 126 -146.30 11.19 -41.26
CA ASP T 126 -147.63 10.63 -41.03
C ASP T 126 -147.49 9.13 -40.73
N ARG T 127 -147.28 8.82 -39.45
CA ARG T 127 -147.22 7.44 -39.01
C ARG T 127 -148.48 6.98 -38.28
N ASP T 128 -149.38 7.90 -37.95
CA ASP T 128 -150.72 7.48 -37.55
C ASP T 128 -151.46 6.85 -38.72
N GLN T 129 -151.34 7.45 -39.90
CA GLN T 129 -151.86 6.82 -41.11
C GLN T 129 -151.10 5.53 -41.42
N PHE T 130 -149.82 5.46 -41.05
CA PHE T 130 -149.08 4.22 -41.20
C PHE T 130 -149.72 3.11 -40.38
N ALA T 131 -150.08 3.40 -39.13
CA ALA T 131 -150.77 2.41 -38.31
C ALA T 131 -152.16 2.10 -38.84
N LYS T 132 -152.84 3.10 -39.39
CA LYS T 132 -154.16 2.87 -39.97
C LYS T 132 -154.08 1.93 -41.17
N LEU T 133 -153.03 2.06 -41.98
CA LEU T 133 -152.81 1.12 -43.07
C LEU T 133 -152.31 -0.23 -42.57
N VAL T 134 -151.57 -0.26 -41.47
CA VAL T 134 -151.20 -1.53 -40.85
C VAL T 134 -152.44 -2.31 -40.46
N ARG T 135 -153.41 -1.62 -39.87
CA ARG T 135 -154.70 -2.26 -39.60
C ARG T 135 -155.33 -2.80 -40.87
N GLU T 136 -155.45 -1.96 -41.90
CA GLU T 136 -156.08 -2.33 -43.15
C GLU T 136 -155.45 -3.56 -43.79
N VAL T 137 -154.13 -3.72 -43.67
CA VAL T 137 -153.44 -4.86 -44.27
C VAL T 137 -153.32 -6.05 -43.34
N ALA T 138 -153.38 -5.88 -42.03
CA ALA T 138 -153.11 -6.96 -41.09
C ALA T 138 -154.40 -7.62 -40.59
N ALA T 139 -155.50 -6.87 -40.55
CA ALA T 139 -156.79 -7.47 -40.22
C ALA T 139 -157.17 -8.64 -41.12
N PRO T 140 -156.99 -8.58 -42.45
CA PRO T 140 -157.38 -9.73 -43.28
C PRO T 140 -156.62 -11.03 -42.97
N ASP T 141 -155.39 -10.96 -42.47
CA ASP T 141 -154.62 -12.18 -42.23
C ASP T 141 -154.47 -12.52 -40.76
N VAL T 142 -154.17 -11.53 -39.89
CA VAL T 142 -154.05 -11.82 -38.47
C VAL T 142 -155.39 -12.25 -37.88
N GLY T 143 -156.51 -11.84 -38.48
CA GLY T 143 -157.80 -12.28 -38.02
C GLY T 143 -158.16 -13.69 -38.45
N ARG T 144 -157.39 -14.27 -39.37
CA ARG T 144 -157.69 -15.64 -39.83
C ARG T 144 -157.52 -16.65 -38.72
N MET T 145 -156.48 -16.49 -37.89
CA MET T 145 -156.27 -17.35 -36.74
C MET T 145 -156.98 -16.85 -35.49
N GLY T 146 -157.97 -15.96 -35.64
CA GLY T 146 -158.78 -15.52 -34.53
C GLY T 146 -158.17 -14.47 -33.63
N ILE T 147 -157.05 -13.87 -34.03
CA ILE T 147 -156.38 -12.87 -33.20
C ILE T 147 -156.77 -11.49 -33.70
N GLU T 148 -157.32 -10.68 -32.80
CA GLU T 148 -157.70 -9.32 -33.15
C GLU T 148 -156.53 -8.36 -32.91
N ILE T 149 -156.61 -7.19 -33.55
CA ILE T 149 -155.58 -6.17 -33.40
C ILE T 149 -156.19 -4.92 -32.79
N LEU T 150 -156.12 -4.81 -31.47
CA LEU T 150 -156.74 -3.68 -30.78
C LEU T 150 -156.03 -2.37 -31.13
N SER T 151 -154.70 -2.39 -31.19
CA SER T 151 -153.93 -1.19 -31.49
C SER T 151 -152.61 -1.60 -32.14
N PHE T 152 -152.01 -0.65 -32.85
CA PHE T 152 -150.74 -0.88 -33.53
C PHE T 152 -149.99 0.43 -33.67
N THR T 153 -148.70 0.40 -33.39
CA THR T 153 -147.79 1.51 -33.68
C THR T 153 -146.36 1.01 -33.48
N ILE T 154 -145.41 1.92 -33.65
CA ILE T 154 -144.00 1.60 -33.57
C ILE T 154 -143.40 2.27 -32.34
N LYS T 155 -142.58 1.51 -31.60
CA LYS T 155 -142.06 1.99 -30.33
C LYS T 155 -140.94 3.01 -30.53
N ASP T 156 -139.87 2.62 -31.20
CA ASP T 156 -138.75 3.51 -31.42
C ASP T 156 -138.09 3.18 -32.75
N VAL T 157 -137.41 4.17 -33.31
CA VAL T 157 -136.72 4.02 -34.59
C VAL T 157 -135.26 4.41 -34.39
N TYR T 158 -134.36 3.57 -34.87
CA TYR T 158 -132.93 3.81 -34.76
C TYR T 158 -132.26 3.57 -36.11
N ASP T 159 -131.24 4.38 -36.41
CA ASP T 159 -130.54 4.30 -37.68
C ASP T 159 -129.03 4.27 -37.45
N LYS T 160 -128.33 3.54 -38.31
CA LYS T 160 -126.88 3.50 -38.31
C LYS T 160 -126.26 4.49 -39.29
N VAL T 161 -127.01 4.90 -40.31
CA VAL T 161 -126.56 5.88 -41.28
C VAL T 161 -127.16 7.26 -40.99
N ASP T 162 -127.52 7.52 -39.72
CA ASP T 162 -127.94 8.82 -39.19
C ASP T 162 -128.80 9.61 -40.16
N TYR T 163 -129.96 9.06 -40.49
CA TYR T 163 -130.97 9.74 -41.29
C TYR T 163 -131.60 10.91 -40.51
N LEU T 164 -132.24 10.59 -39.38
CA LEU T 164 -133.02 11.58 -38.66
C LEU T 164 -132.13 12.67 -38.05
N SER T 165 -130.95 12.29 -37.56
CA SER T 165 -130.03 13.29 -37.03
C SER T 165 -129.61 14.26 -38.13
N SER T 166 -129.39 13.75 -39.34
CA SER T 166 -129.09 14.63 -40.47
C SER T 166 -130.29 15.52 -40.78
N LEU T 167 -131.51 14.97 -40.69
CA LEU T 167 -132.70 15.75 -40.98
C LEU T 167 -132.91 16.88 -39.98
N GLY T 168 -132.48 16.69 -38.74
CA GLY T 168 -132.61 17.72 -37.73
C GLY T 168 -131.64 18.88 -37.90
N LYS T 169 -130.59 18.65 -38.69
CA LYS T 169 -129.58 19.67 -38.93
C LYS T 169 -130.16 20.91 -39.60
N THR T 170 -131.27 20.74 -40.33
CA THR T 170 -131.81 21.86 -41.10
C THR T 170 -132.25 23.00 -40.21
N GLN T 171 -132.86 22.69 -39.07
CA GLN T 171 -133.35 23.74 -38.18
C GLN T 171 -132.61 23.80 -36.86
N THR T 172 -131.73 22.84 -36.56
CA THR T 172 -130.96 22.95 -35.32
C THR T 172 -130.06 24.17 -35.31
N ALA T 173 -129.82 24.79 -36.48
CA ALA T 173 -129.01 25.98 -36.58
C ALA T 173 -129.82 27.24 -36.82
N VAL T 174 -131.07 27.11 -37.28
CA VAL T 174 -131.90 28.28 -37.52
C VAL T 174 -132.15 29.04 -36.22
N VAL T 175 -132.49 28.33 -35.15
CA VAL T 175 -132.66 28.98 -33.85
C VAL T 175 -131.33 29.54 -33.37
N GLN T 176 -130.23 28.83 -33.64
CA GLN T 176 -128.92 29.39 -33.32
C GLN T 176 -128.63 30.63 -34.14
N ARG T 177 -129.06 30.65 -35.41
CA ARG T 177 -128.94 31.85 -36.22
C ARG T 177 -129.66 33.03 -35.56
N ASP T 178 -130.92 32.82 -35.18
CA ASP T 178 -131.69 33.91 -34.57
C ASP T 178 -131.08 34.35 -33.25
N ALA T 179 -130.60 33.40 -32.44
CA ALA T 179 -130.00 33.75 -31.17
C ALA T 179 -128.73 34.58 -31.37
N ASP T 180 -127.90 34.20 -32.34
CA ASP T 180 -126.70 34.97 -32.62
C ASP T 180 -127.05 36.37 -33.11
N ILE T 181 -128.07 36.49 -33.96
CA ILE T 181 -128.48 37.81 -34.42
C ILE T 181 -128.93 38.67 -33.25
N GLY T 182 -129.74 38.10 -32.36
CA GLY T 182 -130.24 38.88 -31.24
C GLY T 182 -129.13 39.31 -30.29
N VAL T 183 -128.21 38.39 -29.97
CA VAL T 183 -127.14 38.74 -29.05
C VAL T 183 -126.22 39.78 -29.69
N ALA T 184 -125.99 39.68 -31.00
CA ALA T 184 -125.16 40.68 -31.67
C ALA T 184 -125.81 42.06 -31.61
N GLU T 185 -127.12 42.13 -31.87
CA GLU T 185 -127.81 43.42 -31.81
C GLU T 185 -127.77 44.00 -30.41
N ALA T 186 -127.99 43.15 -29.39
CA ALA T 186 -127.99 43.62 -28.02
C ALA T 186 -126.62 44.15 -27.62
N GLU T 187 -125.57 43.41 -27.98
CA GLU T 187 -124.21 43.87 -27.66
C GLU T 187 -123.89 45.17 -28.40
N ARG T 188 -124.38 45.31 -29.63
CA ARG T 188 -124.16 46.56 -30.37
C ARG T 188 -124.81 47.74 -29.65
N ASP T 189 -126.06 47.57 -29.21
CA ASP T 189 -126.74 48.67 -28.51
C ASP T 189 -126.04 49.00 -27.20
N ALA T 190 -125.67 47.97 -26.44
CA ALA T 190 -124.96 48.21 -25.19
C ALA T 190 -123.67 48.98 -25.43
N GLY T 191 -122.88 48.53 -26.41
CA GLY T 191 -121.61 49.19 -26.68
C GLY T 191 -121.78 50.62 -27.12
N ILE T 192 -122.72 50.89 -28.02
CA ILE T 192 -122.90 52.26 -28.50
C ILE T 192 -123.29 53.18 -27.35
N ARG T 193 -124.25 52.76 -26.51
CA ARG T 193 -124.73 53.75 -25.55
C ARG T 193 -123.73 53.90 -24.41
N GLU T 194 -123.01 52.82 -24.08
CA GLU T 194 -121.94 52.91 -23.09
C GLU T 194 -120.82 53.82 -23.57
N ALA T 195 -120.47 53.75 -24.85
CA ALA T 195 -119.46 54.66 -25.39
C ALA T 195 -119.93 56.10 -25.30
N GLU T 196 -121.21 56.34 -25.56
CA GLU T 196 -121.76 57.69 -25.41
C GLU T 196 -121.62 58.18 -23.98
N CYS T 197 -121.96 57.32 -23.00
CA CYS T 197 -121.82 57.70 -21.59
C CYS T 197 -120.38 58.03 -21.24
N LYS T 198 -119.45 57.17 -21.68
CA LYS T 198 -118.04 57.39 -21.39
C LYS T 198 -117.57 58.70 -21.98
N LYS T 199 -118.02 59.01 -23.20
CA LYS T 199 -117.65 60.27 -23.84
C LYS T 199 -118.12 61.47 -23.03
N GLU T 200 -119.39 61.46 -22.62
CA GLU T 200 -119.91 62.60 -21.87
C GLU T 200 -119.17 62.78 -20.54
N MET T 201 -118.93 61.67 -19.83
CA MET T 201 -118.28 61.79 -18.53
C MET T 201 -116.84 62.26 -18.67
N LEU T 202 -116.13 61.80 -19.72
CA LEU T 202 -114.79 62.32 -19.96
C LEU T 202 -114.80 63.80 -20.29
N ASP T 203 -115.75 64.27 -21.09
CA ASP T 203 -115.80 65.69 -21.39
C ASP T 203 -115.96 66.52 -20.12
N VAL T 204 -116.90 66.12 -19.25
CA VAL T 204 -117.11 66.91 -18.05
C VAL T 204 -115.90 66.82 -17.12
N LYS T 205 -115.30 65.63 -17.00
CA LYS T 205 -114.13 65.47 -16.13
C LYS T 205 -112.98 66.34 -16.62
N PHE T 206 -112.77 66.41 -17.93
CA PHE T 206 -111.70 67.23 -18.46
C PHE T 206 -111.99 68.71 -18.30
N MET T 207 -113.24 69.13 -18.38
CA MET T 207 -113.57 70.52 -18.09
C MET T 207 -113.25 70.87 -16.64
N ALA T 208 -113.61 69.98 -15.71
CA ALA T 208 -113.30 70.21 -14.30
C ALA T 208 -111.79 70.26 -14.09
N ASP T 209 -111.05 69.35 -14.73
CA ASP T 209 -109.59 69.37 -14.60
C ASP T 209 -108.98 70.63 -15.19
N THR T 210 -109.57 71.16 -16.26
CA THR T 210 -109.09 72.42 -16.82
C THR T 210 -109.27 73.56 -15.82
N LYS T 211 -110.43 73.60 -15.16
CA LYS T 211 -110.62 74.62 -14.12
C LYS T 211 -109.64 74.46 -12.98
N ILE T 212 -109.38 73.22 -12.57
CA ILE T 212 -108.40 72.97 -11.51
C ILE T 212 -107.03 73.45 -11.93
N ALA T 213 -106.64 73.18 -13.18
CA ALA T 213 -105.35 73.64 -13.67
C ALA T 213 -105.26 75.16 -13.68
N ASP T 214 -106.35 75.83 -14.04
CA ASP T 214 -106.36 77.29 -14.01
C ASP T 214 -106.14 77.81 -12.59
N SER T 215 -106.84 77.22 -11.62
CA SER T 215 -106.66 77.64 -10.23
C SER T 215 -105.24 77.39 -9.76
N LYS T 216 -104.68 76.24 -10.13
CA LYS T 216 -103.30 75.93 -9.75
C LYS T 216 -102.32 76.92 -10.36
N ARG T 217 -102.55 77.30 -11.62
CA ARG T 217 -101.70 78.28 -12.26
C ARG T 217 -101.76 79.62 -11.54
N ALA T 218 -102.97 80.07 -11.20
CA ALA T 218 -103.08 81.34 -10.49
C ALA T 218 -102.36 81.29 -9.15
N PHE T 219 -102.54 80.20 -8.40
CA PHE T 219 -101.88 80.08 -7.10
C PHE T 219 -100.37 80.06 -7.24
N GLU T 220 -99.85 79.29 -8.19
CA GLU T 220 -98.41 79.21 -8.37
C GLU T 220 -97.83 80.56 -8.80
N LEU T 221 -98.54 81.27 -9.69
CA LEU T 221 -98.07 82.57 -10.12
C LEU T 221 -97.99 83.55 -8.95
N GLN T 222 -99.05 83.60 -8.13
CA GLN T 222 -99.03 84.51 -6.99
C GLN T 222 -97.95 84.13 -5.99
N LYS T 223 -97.79 82.83 -5.73
CA LYS T 223 -96.77 82.41 -4.77
C LYS T 223 -95.36 82.73 -5.24
N SER T 224 -95.07 82.50 -6.52
CA SER T 224 -93.75 82.86 -7.05
C SER T 224 -93.54 84.36 -7.01
N ALA T 225 -94.57 85.14 -7.33
CA ALA T 225 -94.45 86.59 -7.28
C ALA T 225 -94.11 87.04 -5.87
N PHE T 226 -94.75 86.47 -4.86
CA PHE T 226 -94.46 86.84 -3.47
C PHE T 226 -93.05 86.43 -3.10
N SER T 227 -92.66 85.20 -3.49
CA SER T 227 -91.32 84.72 -3.20
C SER T 227 -90.26 85.63 -3.78
N GLU T 228 -90.56 86.30 -4.91
CA GLU T 228 -89.61 87.22 -5.51
C GLU T 228 -89.16 88.28 -4.50
N GLU T 229 -90.10 89.11 -4.01
CA GLU T 229 -89.68 90.19 -3.12
C GLU T 229 -89.27 89.67 -1.75
N VAL T 230 -89.81 88.53 -1.29
CA VAL T 230 -89.34 88.05 0.01
C VAL T 230 -87.87 87.63 -0.09
N ASN T 231 -87.49 87.01 -1.21
CA ASN T 231 -86.09 86.65 -1.40
C ASN T 231 -85.22 87.88 -1.58
N ILE T 232 -85.73 88.91 -2.26
CA ILE T 232 -84.97 90.14 -2.40
C ILE T 232 -84.67 90.74 -1.03
N LYS T 233 -85.70 90.86 -0.19
CA LYS T 233 -85.51 91.45 1.13
C LYS T 233 -84.57 90.61 1.99
N THR T 234 -84.69 89.28 1.93
CA THR T 234 -83.74 88.46 2.66
C THR T 234 -82.32 88.73 2.19
N ALA T 235 -82.10 88.63 0.86
CA ALA T 235 -80.75 88.79 0.32
C ALA T 235 -80.13 90.11 0.77
N GLU T 236 -80.94 91.17 0.89
CA GLU T 236 -80.45 92.37 1.54
C GLU T 236 -80.11 92.11 3.01
N ALA T 237 -80.92 91.29 3.69
CA ALA T 237 -80.79 91.14 5.14
C ALA T 237 -79.45 90.48 5.52
N GLN T 238 -79.04 89.42 4.82
CA GLN T 238 -77.77 88.82 5.24
C GLN T 238 -76.60 89.79 5.08
N LEU T 239 -76.53 90.52 3.96
CA LEU T 239 -75.33 91.27 3.65
C LEU T 239 -75.32 92.69 4.23
N ALA T 240 -76.44 93.13 4.82
CA ALA T 240 -76.35 94.37 5.61
C ALA T 240 -75.31 94.26 6.72
N TYR T 241 -75.16 93.06 7.29
CA TYR T 241 -74.16 92.84 8.33
C TYR T 241 -72.76 93.12 7.81
N GLU T 242 -72.42 92.56 6.65
CA GLU T 242 -71.09 92.78 6.09
C GLU T 242 -70.89 94.24 5.70
N LEU T 243 -71.95 94.88 5.19
CA LEU T 243 -71.82 96.29 4.82
C LEU T 243 -71.47 97.14 6.04
N GLN T 244 -72.21 96.99 7.13
CA GLN T 244 -71.91 97.75 8.33
C GLN T 244 -70.57 97.36 8.92
N GLY T 245 -70.20 96.08 8.81
CA GLY T 245 -68.92 95.65 9.32
C GLY T 245 -67.76 96.32 8.61
N ALA T 246 -67.82 96.40 7.29
CA ALA T 246 -66.78 97.12 6.54
C ALA T 246 -66.78 98.59 6.87
N ARG T 247 -67.98 99.19 6.98
CA ARG T 247 -68.06 100.61 7.31
C ARG T 247 -67.40 100.90 8.66
N GLU T 248 -67.58 100.02 9.63
CA GLU T 248 -66.92 100.20 10.93
C GLU T 248 -65.44 99.89 10.86
N GLN T 249 -65.05 98.84 10.12
CA GLN T 249 -63.64 98.51 9.96
C GLN T 249 -62.85 99.66 9.37
N GLN T 250 -63.50 100.52 8.59
CA GLN T 250 -62.85 101.75 8.16
C GLN T 250 -62.21 102.48 9.34
N LYS T 251 -63.04 102.90 10.31
CA LYS T 251 -62.52 103.63 11.47
C LYS T 251 -61.65 102.74 12.36
N ILE T 252 -61.98 101.45 12.45
CA ILE T 252 -61.17 100.54 13.26
C ILE T 252 -59.74 100.55 12.79
N ARG T 253 -59.54 100.38 11.48
CA ARG T 253 -58.19 100.37 10.93
C ARG T 253 -57.58 101.77 10.92
N GLN T 254 -58.41 102.81 10.77
CA GLN T 254 -57.92 104.17 10.87
C GLN T 254 -57.20 104.38 12.20
N GLU T 255 -57.83 104.00 13.30
CA GLU T 255 -57.15 104.15 14.59
C GLU T 255 -56.02 103.14 14.79
N GLU T 256 -56.19 101.90 14.33
CA GLU T 256 -55.12 100.92 14.46
C GLU T 256 -53.86 101.37 13.75
N ILE T 257 -53.98 102.17 12.69
CA ILE T 257 -52.81 102.70 12.00
C ILE T 257 -52.37 104.06 12.53
N GLU T 258 -53.28 104.84 13.12
CA GLU T 258 -52.87 106.02 13.86
C GLU T 258 -52.01 105.68 15.08
N ILE T 259 -52.11 104.44 15.57
CA ILE T 259 -51.23 103.99 16.65
C ILE T 259 -49.77 104.31 16.33
N GLU T 260 -49.26 103.72 15.25
CA GLU T 260 -47.84 103.92 14.94
C GLU T 260 -47.55 105.29 14.36
N VAL T 261 -48.55 106.00 13.85
CA VAL T 261 -48.35 107.41 13.50
C VAL T 261 -47.98 108.20 14.75
N VAL T 262 -48.75 108.02 15.83
CA VAL T 262 -48.45 108.69 17.09
C VAL T 262 -47.11 108.23 17.63
N GLN T 263 -46.80 106.94 17.51
CA GLN T 263 -45.52 106.43 17.99
C GLN T 263 -44.34 107.08 17.27
N ARG T 264 -44.39 107.09 15.93
CA ARG T 264 -43.30 107.65 15.16
C ARG T 264 -43.23 109.17 15.27
N LYS T 265 -44.33 109.82 15.66
CA LYS T 265 -44.30 111.26 15.85
C LYS T 265 -43.32 111.66 16.95
N LYS T 266 -43.21 110.86 18.00
CA LYS T 266 -42.30 111.15 19.10
C LYS T 266 -41.02 110.32 19.04
N GLN T 267 -40.95 109.31 18.17
CA GLN T 267 -39.64 108.81 17.80
C GLN T 267 -38.75 109.93 17.26
N ILE T 268 -39.33 111.03 16.79
CA ILE T 268 -38.56 112.21 16.42
C ILE T 268 -37.76 112.73 17.60
N ALA T 269 -38.43 112.93 18.74
CA ALA T 269 -37.73 113.40 19.93
C ALA T 269 -36.76 112.35 20.44
N VAL T 270 -37.11 111.07 20.31
CA VAL T 270 -36.17 110.00 20.65
C VAL T 270 -34.87 110.18 19.88
N GLU T 271 -34.99 110.40 18.56
CA GLU T 271 -33.81 110.54 17.72
C GLU T 271 -33.06 111.83 17.99
N ALA T 272 -33.76 112.91 18.36
CA ALA T 272 -33.06 114.14 18.70
C ALA T 272 -32.20 113.96 19.95
N GLN T 273 -32.77 113.33 20.99
CA GLN T 273 -31.96 113.02 22.16
C GLN T 273 -30.81 112.08 21.81
N GLU T 274 -31.03 111.14 20.89
CA GLU T 274 -29.94 110.30 20.41
C GLU T 274 -28.87 111.12 19.70
N ILE T 275 -29.25 112.15 18.96
CA ILE T 275 -28.27 113.01 18.30
C ILE T 275 -27.39 113.67 19.34
N LEU T 276 -28.00 114.24 20.38
CA LEU T 276 -27.20 114.86 21.44
C LEU T 276 -26.27 113.85 22.11
N ARG T 277 -26.81 112.67 22.43
CA ARG T 277 -26.00 111.65 23.09
C ARG T 277 -24.83 111.21 22.22
N THR T 278 -25.07 111.00 20.92
CA THR T 278 -23.99 110.53 20.06
C THR T 278 -22.98 111.64 19.79
N ASP T 279 -23.42 112.91 19.79
CA ASP T 279 -22.47 114.00 19.71
C ASP T 279 -21.50 113.97 20.90
N LYS T 280 -22.05 113.89 22.11
CA LYS T 280 -21.18 113.85 23.29
C LYS T 280 -20.32 112.59 23.30
N GLU T 281 -20.88 111.46 22.88
CA GLU T 281 -20.12 110.21 22.87
C GLU T 281 -18.96 110.29 21.88
N LEU T 282 -19.20 110.85 20.69
CA LEU T 282 -18.12 111.01 19.73
C LEU T 282 -17.05 111.96 20.25
N ILE T 283 -17.47 113.03 20.92
CA ILE T 283 -16.49 113.90 21.58
C ILE T 283 -15.59 113.07 22.49
N ALA T 284 -16.20 112.46 23.51
CA ALA T 284 -15.42 111.73 24.52
C ALA T 284 -14.63 110.59 23.92
N THR T 285 -15.05 110.06 22.77
CA THR T 285 -14.43 108.87 22.22
C THR T 285 -13.27 109.19 21.27
N VAL T 286 -13.38 110.22 20.44
CA VAL T 286 -12.33 110.45 19.44
C VAL T 286 -11.74 111.85 19.53
N ARG T 287 -12.50 112.83 20.02
CA ARG T 287 -12.01 114.20 19.98
C ARG T 287 -10.90 114.44 21.00
N ARG T 288 -11.07 113.94 22.22
CA ARG T 288 -10.09 114.11 23.28
C ARG T 288 -8.91 113.15 23.14
N PRO T 289 -9.14 111.87 22.79
CA PRO T 289 -7.97 111.01 22.49
C PRO T 289 -7.09 111.54 21.39
N ALA T 290 -7.65 112.23 20.40
CA ALA T 290 -6.82 112.83 19.36
C ALA T 290 -5.88 113.88 19.94
N GLU T 291 -6.41 114.74 20.83
CA GLU T 291 -5.57 115.75 21.46
C GLU T 291 -4.51 115.12 22.35
N ALA T 292 -4.89 114.08 23.10
CA ALA T 292 -3.91 113.40 23.93
C ALA T 292 -2.81 112.76 23.09
N GLU T 293 -3.19 112.16 21.97
CA GLU T 293 -2.20 111.58 21.06
C GLU T 293 -1.28 112.65 20.50
N ALA T 294 -1.83 113.81 20.13
CA ALA T 294 -1.00 114.89 19.64
C ALA T 294 0.01 115.34 20.70
N HIS T 295 -0.45 115.49 21.94
CA HIS T 295 0.45 115.87 23.02
C HIS T 295 1.53 114.83 23.24
N ARG T 296 1.16 113.55 23.20
CA ARG T 296 2.13 112.48 23.36
C ARG T 296 3.18 112.52 22.25
N ILE T 297 2.74 112.68 21.01
CA ILE T 297 3.66 112.70 19.88
C ILE T 297 4.62 113.88 20.00
N GLN T 298 4.12 115.06 20.37
CA GLN T 298 5.01 116.20 20.44
C GLN T 298 5.99 116.10 21.62
N GLN T 299 5.54 115.54 22.75
CA GLN T 299 6.45 115.31 23.87
C GLN T 299 7.56 114.32 23.49
N ILE T 300 7.18 113.20 22.87
CA ILE T 300 8.17 112.20 22.49
C ILE T 300 9.10 112.73 21.42
N ALA T 301 8.57 113.55 20.50
CA ALA T 301 9.42 114.17 19.49
C ALA T 301 10.43 115.13 20.13
N GLU T 302 9.99 115.88 21.15
CA GLU T 302 10.94 116.74 21.87
C GLU T 302 12.04 115.92 22.52
N GLY T 303 11.66 114.82 23.18
CA GLY T 303 12.67 113.96 23.78
C GLY T 303 13.66 113.42 22.77
N GLU T 304 13.14 112.91 21.65
CA GLU T 304 14.01 112.33 20.62
C GLU T 304 14.91 113.39 20.01
N LYS T 305 14.39 114.60 19.78
CA LYS T 305 15.20 115.66 19.20
C LYS T 305 16.34 116.04 20.14
N VAL T 306 16.04 116.18 21.43
CA VAL T 306 17.11 116.50 22.37
C VAL T 306 18.15 115.39 22.42
N LYS T 307 17.69 114.14 22.41
CA LYS T 307 18.63 113.01 22.43
C LYS T 307 19.54 113.03 21.20
N GLN T 308 18.95 113.24 20.02
CA GLN T 308 19.74 113.25 18.79
C GLN T 308 20.72 114.42 18.76
N VAL T 309 20.29 115.59 19.22
CA VAL T 309 21.19 116.75 19.26
C VAL T 309 22.36 116.48 20.18
N LEU T 310 22.09 115.92 21.37
CA LEU T 310 23.18 115.63 22.31
C LEU T 310 24.13 114.58 21.75
N LEU T 311 23.58 113.52 21.13
CA LEU T 311 24.44 112.50 20.55
C LEU T 311 25.29 113.06 19.41
N ALA T 312 24.71 113.94 18.59
CA ALA T 312 25.46 114.56 17.51
C ALA T 312 26.58 115.45 18.05
N GLN T 313 26.30 116.21 19.11
CA GLN T 313 27.34 117.03 19.73
C GLN T 313 28.47 116.16 20.27
N ALA T 314 28.11 115.06 20.93
CA ALA T 314 29.13 114.16 21.47
C ALA T 314 29.98 113.58 20.36
N GLU T 315 29.34 113.15 19.26
CA GLU T 315 30.09 112.58 18.14
C GLU T 315 30.99 113.64 17.50
N ALA T 316 30.50 114.86 17.35
CA ALA T 316 31.28 115.92 16.75
C ALA T 316 32.52 116.22 17.58
N GLU T 317 32.38 116.31 18.91
CA GLU T 317 33.54 116.63 19.73
C GLU T 317 34.48 115.42 19.82
N LYS T 318 33.93 114.21 19.76
CA LYS T 318 34.75 113.02 19.59
C LYS T 318 35.65 113.15 18.37
N ILE T 319 35.06 113.49 17.23
CA ILE T 319 35.82 113.61 15.99
C ILE T 319 36.85 114.73 16.12
N ARG T 320 36.47 115.85 16.73
CA ARG T 320 37.41 116.96 16.89
C ARG T 320 38.63 116.56 17.71
N LYS T 321 38.40 115.90 18.85
CA LYS T 321 39.51 115.53 19.72
C LYS T 321 40.38 114.47 19.06
N ILE T 322 39.76 113.49 18.39
CA ILE T 322 40.55 112.47 17.70
C ILE T 322 41.39 113.11 16.59
N GLY T 323 40.82 114.05 15.86
CA GLY T 323 41.58 114.73 14.82
C GLY T 323 42.73 115.54 15.37
N GLU T 324 42.52 116.21 16.51
CA GLU T 324 43.62 116.94 17.14
C GLU T 324 44.72 116.00 17.57
N ALA T 325 44.36 114.85 18.15
CA ALA T 325 45.37 113.88 18.55
C ALA T 325 46.15 113.35 17.35
N GLU T 326 45.46 113.07 16.24
CA GLU T 326 46.14 112.61 15.05
C GLU T 326 47.05 113.68 14.47
N ALA T 327 46.62 114.94 14.50
CA ALA T 327 47.49 116.01 14.04
C ALA T 327 48.74 116.12 14.89
N ALA T 328 48.58 115.99 16.22
CA ALA T 328 49.74 116.07 17.09
C ALA T 328 50.73 114.94 16.82
N VAL T 329 50.22 113.71 16.67
CA VAL T 329 51.12 112.59 16.46
C VAL T 329 51.79 112.70 15.08
N ILE T 330 51.05 113.18 14.08
CA ILE T 330 51.64 113.34 12.75
C ILE T 330 52.73 114.39 12.77
N GLU T 331 52.52 115.49 13.50
CA GLU T 331 53.55 116.51 13.61
C GLU T 331 54.78 115.96 14.35
N ALA T 332 54.55 115.11 15.35
CA ALA T 332 55.66 114.46 16.05
C ALA T 332 56.46 113.57 15.11
N MET T 333 55.77 112.77 14.30
CA MET T 333 56.45 111.97 13.28
C MET T 333 57.25 112.83 12.32
N GLY T 334 56.69 113.97 11.92
CA GLY T 334 57.43 114.87 11.06
C GLY T 334 58.68 115.39 11.71
N LYS T 335 58.57 115.83 12.96
CA LYS T 335 59.74 116.26 13.73
C LYS T 335 60.81 115.19 13.71
N ALA T 336 60.44 113.96 14.08
CA ALA T 336 61.42 112.89 14.25
C ALA T 336 62.03 112.48 12.92
N GLU T 337 61.21 112.27 11.90
CA GLU T 337 61.71 111.78 10.62
C GLU T 337 62.56 112.84 9.93
N ALA T 338 62.18 114.11 10.04
CA ALA T 338 63.01 115.16 9.48
C ALA T 338 64.34 115.27 10.20
N GLU T 339 64.33 115.13 11.53
CA GLU T 339 65.60 115.12 12.26
C GLU T 339 66.46 113.93 11.82
N ARG T 340 65.83 112.78 11.61
CA ARG T 340 66.56 111.61 11.14
C ARG T 340 67.23 111.88 9.79
N MET T 341 66.47 112.41 8.84
CA MET T 341 67.01 112.68 7.52
C MET T 341 68.11 113.73 7.58
N LYS T 342 67.91 114.77 8.39
CA LYS T 342 68.92 115.82 8.52
C LYS T 342 70.22 115.26 9.07
N LEU T 343 70.14 114.47 10.14
CA LEU T 343 71.36 113.90 10.72
C LEU T 343 72.02 112.91 9.77
N LYS T 344 71.22 112.19 8.98
CA LYS T 344 71.77 111.24 8.03
C LYS T 344 72.42 111.96 6.85
N ALA T 345 72.04 113.22 6.62
CA ALA T 345 72.62 114.00 5.54
C ALA T 345 74.13 114.20 5.70
N GLU T 346 74.56 114.69 6.87
CA GLU T 346 75.99 114.85 7.09
C GLU T 346 76.71 113.50 7.08
N ALA T 347 76.02 112.45 7.53
CA ALA T 347 76.62 111.12 7.48
C ALA T 347 76.94 110.71 6.05
N TYR T 348 75.98 110.90 5.14
CA TYR T 348 76.24 110.59 3.74
C TYR T 348 77.24 111.54 3.11
N GLN T 349 77.34 112.77 3.64
CA GLN T 349 78.22 113.74 3.03
C GLN T 349 79.69 113.34 3.15
N LYS T 350 80.01 112.47 4.11
CA LYS T 350 81.39 112.13 4.38
C LYS T 350 81.79 110.80 3.72
N TYR T 351 81.04 110.38 2.71
CA TYR T 351 81.29 109.12 2.02
C TYR T 351 82.32 109.32 0.92
N GLY T 352 83.29 108.41 0.85
CA GLY T 352 84.31 108.41 -0.18
C GLY T 352 83.99 107.42 -1.29
N ASP T 353 85.01 107.09 -2.06
CA ASP T 353 84.84 106.09 -3.12
C ASP T 353 84.56 104.71 -2.54
N ALA T 354 85.31 104.32 -1.51
CA ALA T 354 85.16 102.99 -0.94
C ALA T 354 83.78 102.79 -0.33
N ALA T 355 83.25 103.83 0.32
CA ALA T 355 81.93 103.70 0.95
C ALA T 355 80.83 103.56 -0.11
N LYS T 356 80.91 104.33 -1.19
CA LYS T 356 79.95 104.16 -2.28
C LYS T 356 80.06 102.78 -2.91
N MET T 357 81.29 102.28 -3.06
CA MET T 357 81.48 100.92 -3.53
C MET T 357 80.81 99.92 -2.61
N ALA T 358 80.93 100.13 -1.30
CA ALA T 358 80.28 99.26 -0.33
C ALA T 358 78.77 99.30 -0.48
N LEU T 359 78.21 100.50 -0.68
CA LEU T 359 76.76 100.61 -0.88
C LEU T 359 76.32 99.83 -2.10
N VAL T 360 77.03 99.99 -3.22
CA VAL T 360 76.63 99.30 -4.45
C VAL T 360 76.76 97.80 -4.28
N LEU T 361 77.85 97.34 -3.66
CA LEU T 361 78.04 95.90 -3.48
C LEU T 361 76.98 95.33 -2.55
N GLU T 362 76.58 96.08 -1.53
CA GLU T 362 75.52 95.61 -0.64
C GLU T 362 74.18 95.55 -1.37
N ALA T 363 73.93 96.50 -2.26
CA ALA T 363 72.67 96.51 -2.99
C ALA T 363 72.61 95.39 -4.03
N LEU T 364 73.75 95.00 -4.58
CA LEU T 364 73.78 94.05 -5.69
C LEU T 364 73.10 92.72 -5.41
N PRO T 365 73.37 92.01 -4.29
CA PRO T 365 72.74 90.70 -4.10
C PRO T 365 71.23 90.73 -4.06
N GLN T 366 70.63 91.76 -3.46
CA GLN T 366 69.18 91.83 -3.41
C GLN T 366 68.60 92.01 -4.82
N ILE T 367 69.19 92.88 -5.62
CA ILE T 367 68.74 93.06 -7.00
C ILE T 367 68.89 91.77 -7.78
N ALA T 368 70.03 91.09 -7.60
CA ALA T 368 70.25 89.83 -8.30
C ALA T 368 69.22 88.79 -7.90
N ALA T 369 68.89 88.71 -6.61
CA ALA T 369 67.87 87.79 -6.16
C ALA T 369 66.52 88.12 -6.78
N LYS T 370 66.19 89.40 -6.87
CA LYS T 370 64.91 89.79 -7.45
C LYS T 370 64.84 89.44 -8.93
N ILE T 371 65.91 89.72 -9.68
CA ILE T 371 65.90 89.46 -11.12
C ILE T 371 65.87 87.97 -11.41
N ALA T 372 66.54 87.16 -10.61
CA ALA T 372 66.63 85.73 -10.87
C ALA T 372 65.39 84.97 -10.40
N ALA T 373 64.47 85.62 -9.68
CA ALA T 373 63.29 84.92 -9.19
C ALA T 373 62.49 84.22 -10.28
N PRO T 374 62.25 84.81 -11.46
CA PRO T 374 61.51 84.06 -12.50
C PRO T 374 62.22 82.80 -12.96
N LEU T 375 63.53 82.70 -12.74
CA LEU T 375 64.26 81.52 -13.20
C LEU T 375 63.94 80.29 -12.35
N THR T 376 63.21 80.48 -11.26
CA THR T 376 62.89 79.39 -10.34
C THR T 376 61.99 78.34 -11.00
N LYS T 377 61.14 78.78 -11.92
CA LYS T 377 60.10 77.92 -12.48
C LYS T 377 60.51 77.22 -13.77
N VAL T 378 61.81 77.22 -14.10
CA VAL T 378 62.25 76.53 -15.31
C VAL T 378 61.99 75.04 -15.17
N ASP T 379 61.47 74.44 -16.24
CA ASP T 379 61.13 73.02 -16.24
C ASP T 379 62.26 72.16 -16.79
N GLU T 380 62.70 72.43 -18.01
CA GLU T 380 63.75 71.63 -18.63
C GLU T 380 64.59 72.54 -19.52
N ILE T 381 65.85 72.15 -19.71
CA ILE T 381 66.80 72.92 -20.49
C ILE T 381 67.35 72.02 -21.58
N VAL T 382 67.34 72.50 -22.82
CA VAL T 382 67.91 71.78 -23.95
C VAL T 382 69.02 72.63 -24.55
N VAL T 383 70.22 72.06 -24.62
CA VAL T 383 71.40 72.76 -25.13
C VAL T 383 71.95 71.97 -26.32
N LEU T 384 72.18 72.67 -27.42
CA LEU T 384 72.81 72.10 -28.60
C LEU T 384 74.01 72.95 -28.98
N SER T 385 75.03 72.31 -29.53
CA SER T 385 76.26 73.01 -29.88
C SER T 385 76.79 72.49 -31.21
N GLY T 386 77.63 73.28 -31.85
CA GLY T 386 78.21 72.93 -33.13
C GLY T 386 77.29 73.23 -34.29
N ASP T 387 77.85 73.76 -35.38
CA ASP T 387 77.08 74.12 -36.57
C ASP T 387 76.95 72.91 -37.49
N ASN T 388 75.88 72.15 -37.30
CA ASN T 388 75.63 70.96 -38.10
C ASN T 388 74.14 70.88 -38.43
N SER T 389 73.75 69.77 -39.06
CA SER T 389 72.38 69.58 -39.50
C SER T 389 71.50 69.16 -38.32
N LYS T 390 70.20 69.01 -38.60
CA LYS T 390 69.20 68.66 -37.60
C LYS T 390 68.66 67.25 -37.81
N VAL T 391 69.52 66.36 -38.30
CA VAL T 391 69.10 64.99 -38.61
C VAL T 391 69.63 64.01 -37.56
N THR T 392 70.75 64.35 -36.92
CA THR T 392 71.38 63.43 -35.98
C THR T 392 70.48 63.12 -34.80
N SER T 393 69.82 64.14 -34.25
CA SER T 393 68.91 64.01 -33.10
C SER T 393 69.71 63.44 -31.94
N GLU T 394 69.24 62.40 -31.27
CA GLU T 394 69.96 61.82 -30.14
C GLU T 394 70.56 60.46 -30.51
N MET U 1 -94.07 -136.93 -50.33
CA MET U 1 -95.28 -136.28 -50.81
C MET U 1 -94.99 -135.41 -52.03
N PHE U 2 -96.06 -135.06 -52.75
CA PHE U 2 -95.91 -134.26 -53.96
C PHE U 2 -95.48 -132.83 -53.62
N PHE U 3 -94.61 -132.28 -54.45
CA PHE U 3 -94.06 -130.93 -54.24
C PHE U 3 -94.37 -130.08 -55.47
N THR U 4 -95.35 -129.19 -55.32
CA THR U 4 -95.72 -128.30 -56.41
C THR U 4 -94.62 -127.28 -56.67
N CYS U 5 -94.53 -126.85 -57.93
CA CYS U 5 -93.58 -125.82 -58.33
C CYS U 5 -94.26 -124.90 -59.34
N GLY U 6 -93.82 -123.65 -59.35
CA GLY U 6 -94.27 -122.72 -60.35
C GLY U 6 -93.55 -122.92 -61.66
N PRO U 7 -93.84 -122.04 -62.61
CA PRO U 7 -93.13 -122.06 -63.89
C PRO U 7 -91.88 -121.18 -63.98
N ASN U 8 -91.30 -120.78 -62.86
CA ASN U 8 -90.04 -120.05 -62.83
C ASN U 8 -88.92 -120.85 -62.20
N GLU U 9 -89.16 -122.11 -61.85
CA GLU U 9 -88.14 -122.97 -61.27
C GLU U 9 -88.27 -124.37 -61.84
N ALA U 10 -87.15 -125.07 -61.86
CA ALA U 10 -87.11 -126.46 -62.32
C ALA U 10 -86.86 -127.36 -61.13
N MET U 11 -87.82 -128.26 -60.86
CA MET U 11 -87.72 -129.23 -59.78
C MET U 11 -87.14 -130.52 -60.34
N VAL U 12 -85.86 -130.74 -60.07
CA VAL U 12 -85.19 -131.98 -60.46
C VAL U 12 -84.66 -132.65 -59.20
N VAL U 13 -85.05 -133.91 -58.99
CA VAL U 13 -84.71 -134.65 -57.78
C VAL U 13 -84.37 -136.08 -58.17
N SER U 14 -83.54 -136.73 -57.34
CA SER U 14 -83.24 -138.15 -57.47
C SER U 14 -83.93 -138.91 -56.35
N GLY U 15 -84.65 -139.96 -56.70
CA GLY U 15 -85.37 -140.74 -55.71
C GLY U 15 -84.91 -142.18 -55.61
N PHE U 16 -85.78 -143.11 -55.98
CA PHE U 16 -85.47 -144.53 -56.00
C PHE U 16 -85.81 -145.08 -57.38
N CYS U 17 -84.83 -145.69 -58.04
CA CYS U 17 -85.00 -146.28 -59.36
C CYS U 17 -85.53 -145.26 -60.37
N ARG U 18 -84.83 -144.14 -60.46
CA ARG U 18 -85.15 -143.05 -61.39
C ARG U 18 -83.89 -142.63 -62.14
N SER U 19 -83.19 -143.61 -62.70
CA SER U 19 -81.90 -143.36 -63.34
C SER U 19 -81.98 -142.36 -64.50
N PRO U 20 -82.92 -142.46 -65.44
CA PRO U 20 -83.00 -141.43 -66.47
C PRO U 20 -83.34 -140.08 -65.85
N PRO U 21 -82.87 -138.99 -66.47
CA PRO U 21 -83.12 -137.66 -65.89
C PRO U 21 -84.60 -137.34 -65.87
N VAL U 22 -84.99 -136.54 -64.86
CA VAL U 22 -86.37 -136.12 -64.67
C VAL U 22 -86.44 -134.61 -64.86
N MET U 23 -87.24 -134.16 -65.81
CA MET U 23 -87.40 -132.74 -66.13
C MET U 23 -88.78 -132.30 -65.67
N VAL U 24 -88.84 -131.69 -64.49
CA VAL U 24 -90.08 -131.21 -63.92
C VAL U 24 -89.93 -129.73 -63.60
N ALA U 25 -90.81 -128.91 -64.19
CA ALA U 25 -90.89 -127.47 -63.90
C ALA U 25 -92.35 -127.07 -64.04
N GLY U 26 -93.06 -126.98 -62.92
CA GLY U 26 -94.48 -126.73 -62.94
C GLY U 26 -95.30 -128.01 -62.84
N GLY U 27 -94.95 -128.85 -61.89
CA GLY U 27 -95.65 -130.10 -61.66
C GLY U 27 -95.47 -130.55 -60.24
N ARG U 28 -95.61 -131.87 -60.03
CA ARG U 28 -95.42 -132.46 -58.71
C ARG U 28 -94.61 -133.75 -58.83
N VAL U 29 -93.92 -134.08 -57.75
CA VAL U 29 -93.13 -135.30 -57.65
C VAL U 29 -93.33 -135.89 -56.26
N PHE U 30 -93.70 -137.17 -56.20
CA PHE U 30 -93.78 -137.87 -54.92
C PHE U 30 -92.38 -138.10 -54.39
N VAL U 31 -92.07 -137.51 -53.23
CA VAL U 31 -90.72 -137.49 -52.71
C VAL U 31 -90.69 -138.23 -51.37
N LEU U 32 -89.86 -139.27 -51.30
CA LEU U 32 -89.60 -139.95 -50.04
C LEU U 32 -88.70 -139.09 -49.17
N PRO U 33 -88.91 -139.04 -47.86
CA PRO U 33 -88.12 -138.10 -47.03
C PRO U 33 -86.69 -138.55 -46.81
N CYS U 34 -86.46 -139.84 -46.55
CA CYS U 34 -85.12 -140.33 -46.23
C CYS U 34 -84.43 -140.99 -47.42
N ILE U 35 -85.03 -140.95 -48.61
CA ILE U 35 -84.47 -141.59 -49.79
C ILE U 35 -84.13 -140.58 -50.89
N GLN U 36 -85.01 -139.61 -51.13
CA GLN U 36 -84.81 -138.66 -52.21
C GLN U 36 -84.06 -137.43 -51.75
N GLN U 37 -83.40 -136.75 -52.69
CA GLN U 37 -82.67 -135.52 -52.45
C GLN U 37 -83.25 -134.42 -53.33
N ILE U 38 -83.45 -133.25 -52.75
CA ILE U 38 -84.15 -132.15 -53.41
C ILE U 38 -83.16 -131.05 -53.75
N GLN U 39 -83.20 -130.59 -55.00
CA GLN U 39 -82.42 -129.46 -55.45
C GLN U 39 -83.25 -128.64 -56.44
N ARG U 40 -82.95 -127.34 -56.51
CA ARG U 40 -83.77 -126.40 -57.26
C ARG U 40 -82.91 -125.50 -58.14
N ILE U 41 -83.49 -125.09 -59.27
CA ILE U 41 -82.91 -124.07 -60.14
C ILE U 41 -83.97 -123.02 -60.43
N SER U 42 -83.60 -121.75 -60.31
CA SER U 42 -84.50 -120.66 -60.63
C SER U 42 -84.40 -120.30 -62.11
N LEU U 43 -85.55 -120.27 -62.78
CA LEU U 43 -85.62 -119.99 -64.21
C LEU U 43 -85.93 -118.53 -64.52
N ASN U 44 -86.01 -117.69 -63.50
CA ASN U 44 -86.42 -116.31 -63.71
C ASN U 44 -85.35 -115.56 -64.51
N THR U 45 -85.79 -114.67 -65.40
CA THR U 45 -84.88 -113.96 -66.27
C THR U 45 -84.10 -112.91 -65.49
N LEU U 46 -82.79 -112.90 -65.67
CA LEU U 46 -81.91 -111.95 -65.01
C LEU U 46 -81.24 -111.06 -66.05
N THR U 47 -81.18 -109.76 -65.77
CA THR U 47 -80.55 -108.80 -66.66
C THR U 47 -79.05 -108.71 -66.37
N LEU U 48 -78.29 -108.45 -67.41
CA LEU U 48 -76.84 -108.40 -67.33
C LEU U 48 -76.35 -107.06 -67.85
N ASN U 49 -75.47 -106.41 -67.08
CA ASN U 49 -74.87 -105.13 -67.47
C ASN U 49 -73.50 -105.44 -68.07
N VAL U 50 -73.52 -105.83 -69.35
CA VAL U 50 -72.30 -106.25 -70.05
C VAL U 50 -71.51 -105.00 -70.38
N LYS U 51 -70.47 -104.73 -69.59
CA LYS U 51 -69.68 -103.51 -69.71
C LYS U 51 -68.32 -103.81 -70.32
N SER U 52 -67.95 -103.04 -71.34
CA SER U 52 -66.64 -103.13 -71.98
C SER U 52 -65.96 -101.78 -71.86
N GLU U 53 -64.74 -101.77 -71.34
CA GLU U 53 -63.99 -100.55 -71.09
C GLU U 53 -62.70 -100.56 -71.89
N LYS U 54 -62.49 -99.50 -72.68
CA LYS U 54 -61.25 -99.31 -73.45
C LYS U 54 -60.99 -100.50 -74.37
N VAL U 55 -61.92 -100.72 -75.29
CA VAL U 55 -61.84 -101.82 -76.24
C VAL U 55 -61.59 -101.25 -77.63
N TYR U 56 -60.69 -101.88 -78.36
CA TYR U 56 -60.31 -101.41 -79.69
C TYR U 56 -61.24 -101.93 -80.77
N THR U 57 -61.55 -101.08 -81.74
CA THR U 57 -62.39 -101.42 -82.88
C THR U 57 -61.50 -101.85 -84.05
N ARG U 58 -62.09 -101.99 -85.24
CA ARG U 58 -61.31 -102.56 -86.33
C ARG U 58 -60.40 -101.49 -86.94
N HIS U 59 -60.67 -100.21 -86.64
CA HIS U 59 -59.67 -99.16 -86.82
C HIS U 59 -58.67 -99.08 -85.68
N GLY U 60 -58.97 -99.69 -84.53
CA GLY U 60 -58.13 -99.59 -83.37
C GLY U 60 -58.48 -98.48 -82.40
N VAL U 61 -59.44 -97.63 -82.72
CA VAL U 61 -59.81 -96.54 -81.81
C VAL U 61 -60.47 -97.13 -80.57
N PRO U 62 -60.07 -96.70 -79.36
CA PRO U 62 -60.71 -97.23 -78.14
C PRO U 62 -61.96 -96.45 -77.78
N ILE U 63 -63.06 -97.18 -77.58
CA ILE U 63 -64.33 -96.59 -77.18
C ILE U 63 -64.90 -97.39 -76.03
N SER U 64 -65.43 -96.69 -75.03
CA SER U 64 -66.09 -97.34 -73.90
C SER U 64 -67.51 -97.73 -74.30
N VAL U 65 -67.80 -99.03 -74.27
CA VAL U 65 -69.06 -99.56 -74.76
C VAL U 65 -69.73 -100.33 -73.64
N THR U 66 -71.00 -100.03 -73.39
CA THR U 66 -71.81 -100.72 -72.39
C THR U 66 -72.93 -101.47 -73.08
N GLY U 67 -73.19 -102.69 -72.62
CA GLY U 67 -74.24 -103.51 -73.20
C GLY U 67 -75.13 -104.09 -72.12
N ILE U 68 -76.38 -104.34 -72.49
CA ILE U 68 -77.39 -104.90 -71.60
C ILE U 68 -77.96 -106.14 -72.28
N ALA U 69 -78.09 -107.23 -71.51
CA ALA U 69 -78.59 -108.48 -72.03
C ALA U 69 -79.64 -109.05 -71.08
N GLN U 70 -80.63 -109.72 -71.66
CA GLN U 70 -81.66 -110.44 -70.90
C GLN U 70 -81.54 -111.92 -71.20
N VAL U 71 -81.08 -112.68 -70.21
CA VAL U 71 -80.77 -114.10 -70.39
C VAL U 71 -81.70 -114.92 -69.50
N LYS U 72 -82.17 -116.05 -70.04
CA LYS U 72 -83.10 -116.92 -69.34
C LYS U 72 -82.78 -118.37 -69.69
N ILE U 73 -83.14 -119.27 -68.79
CA ILE U 73 -82.93 -120.70 -68.97
C ILE U 73 -84.17 -121.27 -69.62
N GLN U 74 -84.05 -121.67 -70.88
CA GLN U 74 -85.21 -122.17 -71.62
C GLN U 74 -85.61 -123.56 -71.15
N GLY U 75 -86.45 -123.62 -70.12
CA GLY U 75 -86.90 -124.90 -69.58
C GLY U 75 -87.85 -125.66 -70.48
N GLN U 76 -88.34 -125.04 -71.54
CA GLN U 76 -89.22 -125.74 -72.48
C GLN U 76 -88.47 -126.88 -73.17
N ASN U 77 -87.20 -126.66 -73.53
CA ASN U 77 -86.41 -127.69 -74.18
C ASN U 77 -85.90 -128.67 -73.14
N LYS U 78 -86.32 -129.94 -73.27
CA LYS U 78 -85.93 -130.96 -72.31
C LYS U 78 -84.41 -131.19 -72.35
N GLU U 79 -83.84 -131.28 -73.54
CA GLU U 79 -82.41 -131.54 -73.67
C GLU U 79 -81.58 -130.41 -73.09
N MET U 80 -81.93 -129.17 -73.42
CA MET U 80 -81.17 -128.03 -72.91
C MET U 80 -81.30 -127.92 -71.41
N LEU U 81 -82.50 -128.12 -70.88
CA LEU U 81 -82.68 -128.05 -69.43
C LEU U 81 -81.91 -129.16 -68.73
N ALA U 82 -81.92 -130.37 -69.29
CA ALA U 82 -81.17 -131.47 -68.70
C ALA U 82 -79.67 -131.18 -68.72
N ALA U 83 -79.18 -130.58 -69.81
CA ALA U 83 -77.79 -130.18 -69.85
C ALA U 83 -77.48 -129.13 -68.79
N ALA U 84 -78.37 -128.15 -68.63
CA ALA U 84 -78.12 -127.05 -67.70
C ALA U 84 -78.14 -127.54 -66.25
N CYS U 85 -79.01 -128.51 -65.95
CA CYS U 85 -79.11 -129.00 -64.58
C CYS U 85 -77.83 -129.69 -64.11
N GLN U 86 -77.00 -130.13 -65.05
CA GLN U 86 -75.78 -130.84 -64.69
C GLN U 86 -74.75 -129.94 -64.02
N MET U 87 -74.86 -128.61 -64.17
CA MET U 87 -73.93 -127.71 -63.51
C MET U 87 -74.60 -126.56 -62.77
N PHE U 88 -75.86 -126.23 -63.05
CA PHE U 88 -76.47 -125.06 -62.43
C PHE U 88 -77.16 -125.35 -61.11
N LEU U 89 -77.31 -126.62 -60.73
CA LEU U 89 -77.79 -126.94 -59.40
C LEU U 89 -76.76 -126.52 -58.36
N GLY U 90 -77.23 -125.91 -57.27
CA GLY U 90 -76.36 -125.51 -56.19
C GLY U 90 -75.63 -124.19 -56.40
N LYS U 91 -75.87 -123.51 -57.51
CA LYS U 91 -75.25 -122.23 -57.78
C LYS U 91 -76.23 -121.10 -57.52
N THR U 92 -75.77 -120.07 -56.82
CA THR U 92 -76.61 -118.93 -56.49
C THR U 92 -76.89 -118.09 -57.73
N GLU U 93 -77.88 -117.21 -57.60
CA GLU U 93 -78.24 -116.33 -58.72
C GLU U 93 -77.09 -115.40 -59.09
N ALA U 94 -76.36 -114.91 -58.09
CA ALA U 94 -75.27 -113.98 -58.36
C ALA U 94 -74.19 -114.62 -59.22
N GLU U 95 -73.75 -115.83 -58.86
CA GLU U 95 -72.70 -116.49 -59.63
C GLU U 95 -73.21 -116.90 -61.01
N ILE U 96 -74.46 -117.35 -61.09
CA ILE U 96 -75.05 -117.71 -62.38
C ILE U 96 -75.06 -116.51 -63.32
N ALA U 97 -75.47 -115.35 -62.79
CA ALA U 97 -75.42 -114.13 -63.58
C ALA U 97 -73.99 -113.78 -63.96
N HIS U 98 -73.06 -113.86 -63.01
CA HIS U 98 -71.70 -113.38 -63.20
C HIS U 98 -70.94 -114.19 -64.26
N ILE U 99 -71.09 -115.51 -64.26
CA ILE U 99 -70.35 -116.33 -65.22
C ILE U 99 -70.81 -116.05 -66.65
N ALA U 100 -72.12 -116.05 -66.86
CA ALA U 100 -72.65 -115.74 -68.19
C ALA U 100 -72.34 -114.31 -68.57
N LEU U 101 -72.24 -113.41 -67.59
CA LEU U 101 -71.86 -112.03 -67.88
C LEU U 101 -70.47 -111.96 -68.47
N GLU U 102 -69.52 -112.68 -67.86
CA GLU U 102 -68.16 -112.71 -68.39
C GLU U 102 -68.12 -113.35 -69.77
N THR U 103 -68.90 -114.42 -69.96
CA THR U 103 -68.91 -115.06 -71.28
C THR U 103 -69.44 -114.11 -72.35
N LEU U 104 -70.57 -113.45 -72.08
CA LEU U 104 -71.15 -112.54 -73.05
C LEU U 104 -70.26 -111.33 -73.27
N GLU U 105 -69.55 -110.88 -72.22
CA GLU U 105 -68.58 -109.81 -72.40
C GLU U 105 -67.45 -110.26 -73.31
N GLY U 106 -67.00 -111.50 -73.17
CA GLY U 106 -66.01 -112.02 -74.09
C GLY U 106 -66.50 -112.00 -75.53
N HIS U 107 -67.72 -112.46 -75.75
CA HIS U 107 -68.28 -112.46 -77.11
C HIS U 107 -68.40 -111.04 -77.66
N GLN U 108 -68.90 -110.11 -76.86
CA GLN U 108 -69.08 -108.74 -77.34
C GLN U 108 -67.75 -108.09 -77.65
N ARG U 109 -66.79 -108.20 -76.73
CA ARG U 109 -65.48 -107.60 -76.92
C ARG U 109 -64.73 -108.26 -78.07
N ALA U 110 -65.01 -109.53 -78.36
CA ALA U 110 -64.43 -110.17 -79.54
C ALA U 110 -65.04 -109.64 -80.82
N ILE U 111 -66.37 -109.48 -80.84
CA ILE U 111 -67.03 -108.95 -82.03
C ILE U 111 -66.83 -107.46 -82.19
N MET U 112 -66.24 -106.81 -81.18
CA MET U 112 -65.94 -105.37 -81.29
C MET U 112 -65.07 -105.08 -82.49
N ALA U 113 -64.08 -105.93 -82.75
CA ALA U 113 -63.16 -105.70 -83.86
C ALA U 113 -63.75 -106.12 -85.20
N HIS U 114 -64.93 -106.72 -85.21
CA HIS U 114 -65.54 -107.05 -86.50
C HIS U 114 -66.19 -105.81 -87.13
N MET U 115 -67.07 -105.15 -86.38
CA MET U 115 -67.79 -103.98 -86.86
C MET U 115 -67.15 -102.72 -86.31
N THR U 116 -66.92 -101.75 -87.18
CA THR U 116 -66.35 -100.47 -86.78
C THR U 116 -67.39 -99.61 -86.08
N VAL U 117 -66.91 -98.57 -85.40
CA VAL U 117 -67.80 -97.67 -84.65
C VAL U 117 -68.80 -97.02 -85.60
N GLU U 118 -68.30 -96.56 -86.76
CA GLU U 118 -69.19 -96.01 -87.79
C GLU U 118 -70.30 -96.99 -88.11
N GLU U 119 -69.98 -98.28 -88.14
CA GLU U 119 -71.01 -99.30 -88.35
C GLU U 119 -71.89 -99.45 -87.11
N ILE U 120 -71.30 -99.39 -85.91
CA ILE U 120 -72.08 -99.78 -84.73
C ILE U 120 -73.17 -98.76 -84.43
N TYR U 121 -72.87 -97.45 -84.56
CA TYR U 121 -73.96 -96.53 -84.21
C TYR U 121 -74.92 -96.32 -85.37
N LYS U 122 -74.44 -96.45 -86.61
CA LYS U 122 -75.32 -96.30 -87.76
C LYS U 122 -76.06 -97.60 -88.06
N ASP U 123 -75.32 -98.66 -88.40
CA ASP U 123 -75.91 -99.94 -88.71
C ASP U 123 -75.90 -100.84 -87.48
N ARG U 124 -76.91 -100.68 -86.62
CA ARG U 124 -76.94 -101.38 -85.34
C ARG U 124 -77.76 -102.65 -85.40
N GLN U 125 -78.72 -102.73 -86.31
CA GLN U 125 -79.60 -103.89 -86.37
C GLN U 125 -78.84 -105.15 -86.77
N LYS U 126 -78.05 -105.06 -87.84
CA LYS U 126 -77.28 -106.22 -88.28
C LYS U 126 -76.23 -106.60 -87.24
N PHE U 127 -75.59 -105.59 -86.63
CA PHE U 127 -74.67 -105.85 -85.54
C PHE U 127 -75.34 -106.64 -84.41
N SER U 128 -76.49 -106.16 -83.94
CA SER U 128 -77.18 -106.83 -82.84
C SER U 128 -77.60 -108.24 -83.22
N GLU U 129 -78.06 -108.42 -84.47
CA GLU U 129 -78.49 -109.74 -84.90
C GLU U 129 -77.33 -110.72 -84.94
N GLN U 130 -76.18 -110.29 -85.45
CA GLN U 130 -75.02 -111.18 -85.49
C GLN U 130 -74.51 -111.49 -84.09
N VAL U 131 -74.47 -110.48 -83.22
CA VAL U 131 -74.06 -110.71 -81.84
C VAL U 131 -75.00 -111.72 -81.17
N PHE U 132 -76.31 -111.53 -81.35
CA PHE U 132 -77.28 -112.44 -80.77
C PHE U 132 -77.09 -113.85 -81.30
N LYS U 133 -76.89 -113.99 -82.62
CA LYS U 133 -76.71 -115.31 -83.20
C LYS U 133 -75.51 -116.03 -82.60
N VAL U 134 -74.35 -115.38 -82.61
CA VAL U 134 -73.12 -116.05 -82.17
C VAL U 134 -73.18 -116.34 -80.67
N ALA U 135 -73.58 -115.34 -79.87
CA ALA U 135 -73.65 -115.51 -78.44
C ALA U 135 -74.68 -116.57 -78.06
N SER U 136 -75.84 -116.56 -78.73
CA SER U 136 -76.86 -117.55 -78.44
C SER U 136 -76.39 -118.95 -78.79
N SER U 137 -75.68 -119.11 -79.92
CA SER U 137 -75.14 -120.42 -80.24
C SER U 137 -74.18 -120.91 -79.17
N ASP U 138 -73.19 -120.08 -78.81
CA ASP U 138 -72.16 -120.54 -77.89
C ASP U 138 -72.70 -120.66 -76.47
N LEU U 139 -73.82 -120.01 -76.16
CA LEU U 139 -74.36 -120.07 -74.81
C LEU U 139 -75.41 -121.17 -74.67
N VAL U 140 -76.14 -121.48 -75.75
CA VAL U 140 -76.95 -122.69 -75.78
C VAL U 140 -76.05 -123.91 -75.72
N ASN U 141 -74.86 -123.82 -76.32
CA ASN U 141 -73.85 -124.84 -76.10
C ASN U 141 -73.55 -124.98 -74.61
N MET U 142 -73.50 -123.84 -73.90
CA MET U 142 -73.30 -123.92 -72.45
C MET U 142 -74.62 -124.21 -71.73
N GLY U 143 -75.74 -123.70 -72.26
CA GLY U 143 -77.05 -124.04 -71.73
C GLY U 143 -77.98 -122.88 -71.44
N ILE U 144 -77.56 -121.63 -71.65
CA ILE U 144 -78.40 -120.46 -71.44
C ILE U 144 -78.71 -119.83 -72.79
N SER U 145 -79.98 -119.50 -73.02
CA SER U 145 -80.41 -118.82 -74.23
C SER U 145 -80.69 -117.36 -73.90
N VAL U 146 -80.06 -116.45 -74.65
CA VAL U 146 -80.25 -115.03 -74.44
C VAL U 146 -81.57 -114.61 -75.08
N VAL U 147 -82.45 -114.00 -74.28
CA VAL U 147 -83.74 -113.56 -74.81
C VAL U 147 -83.53 -112.40 -75.79
N SER U 148 -82.74 -111.42 -75.38
CA SER U 148 -82.49 -110.25 -76.22
C SER U 148 -81.25 -109.54 -75.70
N TYR U 149 -80.37 -109.15 -76.63
CA TYR U 149 -79.16 -108.42 -76.32
C TYR U 149 -79.24 -107.03 -76.95
N THR U 150 -78.77 -106.02 -76.23
CA THR U 150 -78.72 -104.66 -76.73
C THR U 150 -77.44 -103.99 -76.27
N LEU U 151 -77.14 -102.86 -76.89
CA LEU U 151 -75.98 -102.06 -76.52
C LEU U 151 -76.45 -100.83 -75.76
N LYS U 152 -75.94 -100.67 -74.54
CA LYS U 152 -76.46 -99.62 -73.65
C LYS U 152 -75.96 -98.25 -74.06
N ASP U 153 -74.64 -98.05 -74.05
CA ASP U 153 -74.07 -96.75 -74.34
C ASP U 153 -72.71 -96.92 -75.01
N ILE U 154 -72.34 -95.94 -75.82
CA ILE U 154 -71.02 -95.87 -76.43
C ILE U 154 -70.36 -94.57 -75.99
N HIS U 155 -69.15 -94.67 -75.46
CA HIS U 155 -68.42 -93.52 -74.95
C HIS U 155 -67.02 -93.50 -75.55
N ASP U 156 -66.54 -92.29 -75.85
CA ASP U 156 -65.20 -92.10 -76.39
C ASP U 156 -64.46 -91.09 -75.54
N ASP U 157 -63.35 -91.52 -74.93
CA ASP U 157 -62.50 -90.65 -74.14
C ASP U 157 -61.42 -89.97 -74.97
N GLN U 158 -61.30 -90.31 -76.24
CA GLN U 158 -60.28 -89.76 -77.13
C GLN U 158 -60.79 -88.59 -77.96
N ASP U 159 -62.03 -88.16 -77.75
CA ASP U 159 -62.69 -87.11 -78.52
C ASP U 159 -62.84 -87.49 -79.98
N TYR U 160 -62.96 -88.78 -80.30
CA TYR U 160 -63.04 -89.22 -81.68
C TYR U 160 -64.37 -88.81 -82.31
N LEU U 161 -65.47 -88.96 -81.57
CA LEU U 161 -66.79 -88.78 -82.17
C LEU U 161 -67.30 -87.36 -81.98
N HIS U 162 -66.71 -86.61 -81.06
CA HIS U 162 -67.16 -85.25 -80.80
C HIS U 162 -66.98 -84.37 -82.01
N SER U 163 -65.87 -84.51 -82.74
CA SER U 163 -65.66 -83.72 -83.95
C SER U 163 -66.66 -84.08 -85.03
N LEU U 164 -66.95 -85.38 -85.19
CA LEU U 164 -67.95 -85.80 -86.15
C LEU U 164 -69.31 -85.20 -85.83
N GLY U 165 -69.64 -85.11 -84.53
CA GLY U 165 -70.85 -84.41 -84.14
C GLY U 165 -70.79 -82.92 -84.44
N LYS U 166 -69.64 -82.31 -84.19
CA LYS U 166 -69.52 -80.85 -84.29
C LYS U 166 -69.59 -80.39 -85.75
N ALA U 167 -69.23 -81.27 -86.68
CA ALA U 167 -69.31 -80.92 -88.10
C ALA U 167 -70.71 -80.46 -88.50
N ARG U 168 -71.72 -81.27 -88.16
CA ARG U 168 -73.09 -80.92 -88.53
C ARG U 168 -73.57 -79.69 -87.76
N THR U 169 -73.10 -79.52 -86.53
CA THR U 169 -73.47 -78.32 -85.77
C THR U 169 -72.97 -77.07 -86.48
N ALA U 170 -71.75 -77.10 -86.99
CA ALA U 170 -71.27 -75.98 -87.80
C ALA U 170 -72.11 -75.82 -89.06
N GLN U 171 -72.46 -76.94 -89.69
CA GLN U 171 -73.20 -76.88 -90.94
C GLN U 171 -74.59 -76.30 -90.74
N VAL U 172 -75.13 -76.39 -89.53
CA VAL U 172 -76.44 -75.79 -89.27
C VAL U 172 -76.28 -74.36 -88.75
N GLN U 173 -75.17 -74.09 -88.06
CA GLN U 173 -74.93 -72.74 -87.58
C GLN U 173 -74.70 -71.77 -88.73
N LYS U 174 -74.17 -72.27 -89.86
CA LYS U 174 -74.06 -71.38 -91.03
C LYS U 174 -75.43 -70.94 -91.51
N ASP U 175 -76.41 -71.85 -91.50
CA ASP U 175 -77.79 -71.50 -91.82
C ASP U 175 -78.37 -70.55 -90.78
N ALA U 176 -78.07 -70.79 -89.50
CA ALA U 176 -78.52 -69.90 -88.44
C ALA U 176 -78.03 -68.48 -88.67
N ARG U 177 -76.79 -68.33 -89.14
CA ARG U 177 -76.25 -66.99 -89.40
C ARG U 177 -76.80 -66.41 -90.69
N ILE U 178 -77.05 -67.24 -91.71
CA ILE U 178 -77.55 -66.73 -92.98
C ILE U 178 -78.95 -66.16 -92.79
N GLY U 179 -79.77 -66.80 -91.95
CA GLY U 179 -81.09 -66.26 -91.69
C GLY U 179 -81.04 -64.91 -91.00
N GLU U 180 -80.15 -64.77 -90.02
CA GLU U 180 -79.99 -63.50 -89.33
C GLU U 180 -79.50 -62.41 -90.28
N ALA U 181 -78.58 -62.76 -91.18
CA ALA U 181 -78.11 -61.78 -92.15
C ALA U 181 -79.23 -61.33 -93.08
N GLU U 182 -80.03 -62.26 -93.58
CA GLU U 182 -81.22 -61.90 -94.35
C GLU U 182 -82.10 -60.93 -93.59
N ALA U 183 -82.45 -61.28 -92.35
CA ALA U 183 -83.37 -60.45 -91.59
C ALA U 183 -82.81 -59.07 -91.33
N LYS U 184 -81.51 -58.98 -90.97
CA LYS U 184 -80.91 -57.69 -90.68
C LYS U 184 -80.85 -56.81 -91.91
N ARG U 185 -80.44 -57.37 -93.06
CA ARG U 185 -80.39 -56.55 -94.27
C ARG U 185 -81.78 -56.07 -94.66
N ASP U 186 -82.77 -56.96 -94.61
CA ASP U 186 -84.13 -56.59 -94.99
C ASP U 186 -84.70 -55.53 -94.06
N ALA U 187 -84.41 -55.61 -92.77
CA ALA U 187 -84.88 -54.58 -91.84
C ALA U 187 -84.19 -53.25 -92.10
N GLY U 188 -82.85 -53.27 -92.19
CA GLY U 188 -82.10 -52.04 -92.32
C GLY U 188 -82.39 -51.27 -93.60
N ILE U 189 -82.58 -51.96 -94.71
CA ILE U 189 -82.82 -51.27 -95.98
C ILE U 189 -84.03 -50.34 -95.87
N ARG U 190 -85.19 -50.87 -95.49
CA ARG U 190 -86.38 -50.05 -95.41
C ARG U 190 -86.42 -49.15 -94.19
N GLU U 191 -85.76 -49.52 -93.09
CA GLU U 191 -85.65 -48.58 -91.97
C GLU U 191 -84.91 -47.32 -92.41
N ALA U 192 -83.78 -47.48 -93.08
CA ALA U 192 -83.04 -46.33 -93.57
C ALA U 192 -83.85 -45.55 -94.59
N LYS U 193 -84.58 -46.24 -95.47
CA LYS U 193 -85.38 -45.52 -96.45
C LYS U 193 -86.46 -44.68 -95.79
N ALA U 194 -87.18 -45.24 -94.79
CA ALA U 194 -88.21 -44.48 -94.10
C ALA U 194 -87.61 -43.31 -93.34
N LYS U 195 -86.45 -43.52 -92.71
CA LYS U 195 -85.72 -42.43 -92.10
C LYS U 195 -85.47 -41.31 -93.10
N GLN U 196 -85.06 -41.68 -94.32
CA GLN U 196 -84.79 -40.71 -95.37
C GLN U 196 -86.02 -39.90 -95.70
N GLU U 197 -87.16 -40.56 -95.93
CA GLU U 197 -88.37 -39.82 -96.25
C GLU U 197 -88.78 -38.87 -95.13
N LYS U 198 -88.69 -39.31 -93.87
CA LYS U 198 -89.18 -38.43 -92.81
C LYS U 198 -88.28 -37.20 -92.69
N VAL U 199 -86.96 -37.40 -92.84
CA VAL U 199 -86.06 -36.24 -92.76
C VAL U 199 -86.30 -35.30 -93.94
N SER U 200 -86.51 -35.86 -95.14
CA SER U 200 -86.77 -35.01 -96.30
C SER U 200 -88.03 -34.17 -96.09
N ALA U 201 -89.10 -34.78 -95.59
CA ALA U 201 -90.32 -34.02 -95.33
C ALA U 201 -90.13 -33.00 -94.22
N GLN U 202 -89.38 -33.33 -93.18
CA GLN U 202 -89.13 -32.37 -92.10
C GLN U 202 -88.41 -31.15 -92.62
N TYR U 203 -87.39 -31.35 -93.47
CA TYR U 203 -86.69 -30.20 -94.04
C TYR U 203 -87.57 -29.43 -95.01
N LEU U 204 -88.44 -30.13 -95.75
CA LEU U 204 -89.37 -29.43 -96.62
C LEU U 204 -90.27 -28.51 -95.81
N SER U 205 -90.75 -28.97 -94.65
CA SER U 205 -91.55 -28.13 -93.77
C SER U 205 -90.72 -26.97 -93.22
N GLU U 206 -89.47 -27.24 -92.85
CA GLU U 206 -88.60 -26.17 -92.37
C GLU U 206 -88.32 -25.12 -93.42
N ILE U 207 -88.46 -25.44 -94.71
CA ILE U 207 -88.38 -24.41 -95.75
C ILE U 207 -89.49 -23.39 -95.58
N GLU U 208 -90.73 -23.86 -95.43
CA GLU U 208 -91.85 -22.95 -95.19
C GLU U 208 -91.71 -22.25 -93.85
N MET U 209 -91.08 -22.89 -92.86
CA MET U 209 -90.75 -22.20 -91.62
C MET U 209 -89.96 -20.94 -91.91
N ALA U 210 -88.90 -21.05 -92.72
CA ALA U 210 -88.09 -19.88 -93.05
C ALA U 210 -88.85 -18.90 -93.93
N LYS U 211 -89.73 -19.39 -94.80
CA LYS U 211 -90.61 -18.49 -95.56
C LYS U 211 -91.39 -17.59 -94.61
N ALA U 212 -92.07 -18.18 -93.63
CA ALA U 212 -92.84 -17.39 -92.68
C ALA U 212 -91.95 -16.50 -91.82
N GLN U 213 -90.78 -17.00 -91.45
CA GLN U 213 -89.85 -16.19 -90.65
C GLN U 213 -89.44 -14.93 -91.40
N ARG U 214 -89.11 -15.07 -92.68
CA ARG U 214 -88.82 -13.90 -93.51
C ARG U 214 -90.03 -12.98 -93.59
N ASP U 215 -91.21 -13.54 -93.90
CA ASP U 215 -92.40 -12.73 -94.07
C ASP U 215 -92.73 -11.92 -92.83
N TYR U 216 -92.41 -12.43 -91.65
CA TYR U 216 -92.64 -11.69 -90.41
C TYR U 216 -91.52 -10.70 -90.10
N GLU U 217 -90.27 -11.17 -90.16
CA GLU U 217 -89.14 -10.35 -89.75
C GLU U 217 -88.94 -9.14 -90.65
N LEU U 218 -89.08 -9.31 -91.97
CA LEU U 218 -88.88 -8.19 -92.87
C LEU U 218 -89.87 -7.07 -92.60
N LYS U 219 -91.15 -7.43 -92.44
CA LYS U 219 -92.15 -6.41 -92.14
C LYS U 219 -91.92 -5.79 -90.77
N LYS U 220 -91.52 -6.58 -89.78
CA LYS U 220 -91.25 -6.02 -88.46
C LYS U 220 -90.14 -4.99 -88.54
N ALA U 221 -89.06 -5.31 -89.26
CA ALA U 221 -87.95 -4.36 -89.41
C ALA U 221 -88.39 -3.12 -90.19
N ALA U 222 -89.19 -3.30 -91.24
CA ALA U 222 -89.65 -2.15 -92.02
C ALA U 222 -90.49 -1.21 -91.18
N TYR U 223 -91.34 -1.77 -90.32
CA TYR U 223 -92.14 -0.94 -89.41
C TYR U 223 -91.27 -0.27 -88.36
N ASP U 224 -90.25 -1.00 -87.87
CA ASP U 224 -89.35 -0.44 -86.89
C ASP U 224 -88.60 0.76 -87.45
N ILE U 225 -88.26 0.74 -88.74
CA ILE U 225 -87.59 1.89 -89.33
C ILE U 225 -88.44 3.15 -89.18
N GLU U 226 -89.72 3.05 -89.51
CA GLU U 226 -90.60 4.21 -89.43
C GLU U 226 -90.78 4.67 -87.98
N VAL U 227 -90.98 3.72 -87.06
CA VAL U 227 -91.21 4.12 -85.68
C VAL U 227 -89.96 4.77 -85.10
N ASN U 228 -88.78 4.25 -85.44
CA ASN U 228 -87.55 4.86 -84.95
C ASN U 228 -87.36 6.26 -85.51
N THR U 229 -87.66 6.47 -86.80
CA THR U 229 -87.54 7.81 -87.36
C THR U 229 -88.46 8.80 -86.66
N ARG U 230 -89.73 8.41 -86.47
CA ARG U 230 -90.67 9.32 -85.82
C ARG U 230 -90.29 9.58 -84.36
N ARG U 231 -89.83 8.55 -83.65
CA ARG U 231 -89.39 8.75 -82.27
C ARG U 231 -88.18 9.67 -82.20
N ALA U 232 -87.25 9.53 -83.15
CA ALA U 232 -86.09 10.42 -83.17
C ALA U 232 -86.51 11.86 -83.40
N GLN U 233 -87.47 12.09 -84.30
CA GLN U 233 -87.97 13.45 -84.49
C GLN U 233 -88.63 13.98 -83.22
N ALA U 234 -89.44 13.13 -82.57
CA ALA U 234 -90.19 13.57 -81.40
C ALA U 234 -89.27 13.92 -80.24
N ASP U 235 -88.17 13.18 -80.08
CA ASP U 235 -87.26 13.46 -78.97
C ASP U 235 -86.66 14.86 -79.07
N LEU U 236 -86.22 15.24 -80.27
CA LEU U 236 -85.49 16.49 -80.44
C LEU U 236 -86.39 17.67 -80.79
N ALA U 237 -87.69 17.45 -81.02
CA ALA U 237 -88.60 18.57 -81.16
C ALA U 237 -88.55 19.49 -79.95
N TYR U 238 -88.43 18.91 -78.75
CA TYR U 238 -88.37 19.69 -77.53
C TYR U 238 -87.17 20.63 -77.52
N GLN U 239 -85.99 20.10 -77.85
CA GLN U 239 -84.79 20.93 -77.90
C GLN U 239 -84.90 22.00 -78.98
N LEU U 240 -85.47 21.65 -80.13
CA LEU U 240 -85.66 22.64 -81.19
C LEU U 240 -86.51 23.80 -80.69
N GLN U 241 -87.65 23.51 -80.06
CA GLN U 241 -88.52 24.58 -79.61
C GLN U 241 -87.90 25.38 -78.46
N VAL U 242 -87.20 24.71 -77.54
CA VAL U 242 -86.61 25.43 -76.43
C VAL U 242 -85.52 26.38 -76.91
N ALA U 243 -84.77 25.97 -77.94
CA ALA U 243 -83.80 26.89 -78.54
C ALA U 243 -84.50 28.04 -79.24
N LYS U 244 -85.57 27.75 -79.98
CA LYS U 244 -86.27 28.79 -80.72
C LYS U 244 -86.83 29.86 -79.78
N THR U 245 -87.28 29.45 -78.60
CA THR U 245 -87.79 30.43 -77.63
C THR U 245 -86.69 31.04 -76.77
N LYS U 246 -85.59 30.31 -76.53
CA LYS U 246 -84.43 30.92 -75.89
C LYS U 246 -83.87 32.05 -76.74
N GLN U 247 -84.11 32.01 -78.05
CA GLN U 247 -83.76 33.17 -78.88
C GLN U 247 -84.38 34.44 -78.33
N GLN U 248 -85.69 34.44 -78.10
CA GLN U 248 -86.35 35.64 -77.57
C GLN U 248 -85.97 35.88 -76.12
N ILE U 249 -85.75 34.81 -75.34
CA ILE U 249 -85.31 34.97 -73.96
C ILE U 249 -84.04 35.82 -73.91
N GLU U 250 -83.06 35.47 -74.73
CA GLU U 250 -81.82 36.23 -74.79
C GLU U 250 -82.02 37.59 -75.44
N GLU U 251 -82.90 37.69 -76.44
CA GLU U 251 -83.16 38.97 -77.08
C GLU U 251 -83.61 40.01 -76.07
N GLN U 252 -84.42 39.62 -75.09
CA GLN U 252 -84.83 40.55 -74.05
C GLN U 252 -83.85 40.66 -72.89
N ARG U 253 -83.19 39.55 -72.53
CA ARG U 253 -82.20 39.59 -71.46
C ARG U 253 -81.01 40.46 -71.83
N VAL U 254 -80.84 40.75 -73.12
CA VAL U 254 -79.84 41.73 -73.53
C VAL U 254 -80.43 43.12 -73.71
N GLN U 255 -81.72 43.21 -74.06
CA GLN U 255 -82.39 44.50 -74.13
C GLN U 255 -82.40 45.23 -72.79
N VAL U 256 -82.43 44.48 -71.69
CA VAL U 256 -82.31 45.14 -70.39
C VAL U 256 -80.98 45.88 -70.29
N GLN U 257 -79.90 45.31 -70.85
CA GLN U 257 -78.61 46.01 -70.88
C GLN U 257 -78.68 47.29 -71.71
N VAL U 258 -79.39 47.25 -72.84
CA VAL U 258 -79.54 48.46 -73.65
C VAL U 258 -80.21 49.55 -72.83
N VAL U 259 -81.25 49.19 -72.08
CA VAL U 259 -81.93 50.17 -71.23
C VAL U 259 -80.97 50.71 -70.17
N GLU U 260 -80.20 49.82 -69.54
CA GLU U 260 -79.21 50.23 -68.55
C GLU U 260 -78.27 51.29 -69.11
N ARG U 261 -77.68 51.04 -70.28
CA ARG U 261 -76.72 51.98 -70.83
C ARG U 261 -77.39 53.27 -71.31
N ALA U 262 -78.58 53.16 -71.93
CA ALA U 262 -79.31 54.32 -72.40
C ALA U 262 -79.80 55.20 -71.27
N GLN U 263 -79.79 54.73 -70.03
CA GLN U 263 -80.01 55.62 -68.90
C GLN U 263 -78.73 56.03 -68.18
N GLN U 264 -77.67 55.21 -68.21
CA GLN U 264 -76.38 55.69 -67.74
C GLN U 264 -75.89 56.88 -68.54
N VAL U 265 -76.28 56.99 -69.81
CA VAL U 265 -75.91 58.17 -70.57
C VAL U 265 -76.57 59.42 -69.97
N ALA U 266 -77.81 59.30 -69.48
CA ALA U 266 -78.45 60.44 -68.81
C ALA U 266 -77.80 60.71 -67.46
N VAL U 267 -77.37 59.66 -66.77
CA VAL U 267 -76.60 59.83 -65.54
C VAL U 267 -75.38 60.69 -65.81
N GLN U 268 -74.64 60.37 -66.88
CA GLN U 268 -73.46 61.17 -67.23
C GLN U 268 -73.85 62.56 -67.73
N GLU U 269 -75.02 62.69 -68.34
CA GLU U 269 -75.50 64.00 -68.77
C GLU U 269 -75.69 64.93 -67.58
N GLN U 270 -76.17 64.39 -66.46
CA GLN U 270 -76.21 65.18 -65.23
C GLN U 270 -74.82 65.35 -64.62
N GLU U 271 -73.98 64.32 -64.76
CA GLU U 271 -72.64 64.36 -64.17
C GLU U 271 -71.78 65.45 -64.79
N ILE U 272 -72.00 65.75 -66.08
CA ILE U 272 -71.16 66.78 -66.70
C ILE U 272 -71.41 68.14 -66.06
N ALA U 273 -72.68 68.48 -65.79
CA ALA U 273 -72.98 69.74 -65.13
C ALA U 273 -72.57 69.72 -63.67
N ARG U 274 -72.69 68.56 -63.02
CA ARG U 274 -72.21 68.45 -61.64
C ARG U 274 -70.72 68.72 -61.58
N ARG U 275 -69.95 68.15 -62.52
CA ARG U 275 -68.52 68.42 -62.59
C ARG U 275 -68.25 69.88 -62.92
N GLU U 276 -69.01 70.47 -63.84
CA GLU U 276 -68.92 71.91 -64.06
C GLU U 276 -68.95 72.67 -62.75
N LYS U 277 -70.03 72.52 -61.99
CA LYS U 277 -70.20 73.30 -60.76
C LYS U 277 -69.12 72.98 -59.73
N GLU U 278 -68.87 71.69 -59.48
CA GLU U 278 -67.92 71.30 -58.45
C GLU U 278 -66.51 71.75 -58.78
N LEU U 279 -66.10 71.56 -60.04
CA LEU U 279 -64.78 71.98 -60.47
C LEU U 279 -64.62 73.48 -60.40
N GLU U 280 -65.66 74.23 -60.81
CA GLU U 280 -65.60 75.67 -60.64
C GLU U 280 -65.37 76.04 -59.18
N ALA U 281 -66.18 75.50 -58.28
CA ALA U 281 -66.08 75.82 -56.87
C ALA U 281 -64.72 75.47 -56.29
N ARG U 282 -64.16 74.32 -56.67
CA ARG U 282 -62.92 73.84 -56.05
C ARG U 282 -61.66 74.28 -56.78
N VAL U 283 -61.77 74.96 -57.93
CA VAL U 283 -60.57 75.39 -58.65
C VAL U 283 -60.59 76.89 -58.92
N ARG U 284 -61.65 77.37 -59.58
CA ARG U 284 -61.63 78.74 -60.09
C ARG U 284 -61.68 79.75 -58.96
N LYS U 285 -62.60 79.57 -58.02
CA LYS U 285 -62.69 80.48 -56.87
C LYS U 285 -61.44 80.45 -56.00
N PRO U 286 -60.88 79.29 -55.65
CA PRO U 286 -59.60 79.32 -54.91
C PRO U 286 -58.49 80.02 -55.67
N ALA U 287 -58.45 79.87 -57.00
CA ALA U 287 -57.45 80.57 -57.79
C ALA U 287 -57.64 82.08 -57.72
N GLU U 288 -58.88 82.55 -57.82
CA GLU U 288 -59.15 83.98 -57.70
C GLU U 288 -58.74 84.49 -56.32
N ALA U 289 -59.09 83.74 -55.28
CA ALA U 289 -58.74 84.15 -53.91
C ALA U 289 -57.22 84.20 -53.72
N GLU U 290 -56.51 83.20 -54.25
CA GLU U 290 -55.05 83.20 -54.14
C GLU U 290 -54.44 84.34 -54.92
N ARG U 291 -54.99 84.67 -56.09
CA ARG U 291 -54.49 85.81 -56.85
C ARG U 291 -54.68 87.11 -56.07
N TYR U 292 -55.84 87.28 -55.44
CA TYR U 292 -56.07 88.49 -54.66
C TYR U 292 -55.13 88.55 -53.46
N LYS U 293 -54.91 87.41 -52.80
CA LYS U 293 -53.99 87.36 -51.68
C LYS U 293 -52.57 87.74 -52.10
N LEU U 294 -52.11 87.18 -53.23
CA LEU U 294 -50.79 87.52 -53.72
C LEU U 294 -50.69 88.99 -54.10
N GLU U 295 -51.72 89.53 -54.75
CA GLU U 295 -51.73 90.95 -55.09
C GLU U 295 -51.58 91.81 -53.84
N ARG U 296 -52.37 91.53 -52.80
CA ARG U 296 -52.33 92.38 -51.61
C ARG U 296 -51.02 92.22 -50.85
N LEU U 297 -50.50 91.00 -50.72
CA LEU U 297 -49.24 90.82 -50.02
C LEU U 297 -48.08 91.46 -50.79
N ALA U 298 -48.09 91.36 -52.12
CA ALA U 298 -47.07 92.03 -52.92
C ALA U 298 -47.17 93.54 -52.79
N GLU U 299 -48.37 94.10 -52.77
CA GLU U 299 -48.52 95.53 -52.59
C GLU U 299 -47.98 95.96 -51.23
N ALA U 300 -48.26 95.17 -50.18
CA ALA U 300 -47.73 95.48 -48.86
C ALA U 300 -46.21 95.41 -48.83
N GLU U 301 -45.63 94.40 -49.49
CA GLU U 301 -44.18 94.28 -49.53
C GLU U 301 -43.54 95.46 -50.26
N LYS U 302 -44.14 95.88 -51.37
CA LYS U 302 -43.63 97.06 -52.06
C LYS U 302 -43.73 98.29 -51.18
N SER U 303 -44.87 98.46 -50.50
CA SER U 303 -45.04 99.64 -49.64
C SER U 303 -44.04 99.66 -48.51
N GLN U 304 -43.69 98.48 -47.98
CA GLN U 304 -42.69 98.43 -46.92
C GLN U 304 -41.29 98.70 -47.47
N LEU U 305 -40.95 98.07 -48.60
CA LEU U 305 -39.59 98.18 -49.13
C LEU U 305 -39.29 99.60 -49.59
N ILE U 306 -40.25 100.26 -50.22
CA ILE U 306 -40.01 101.62 -50.72
C ILE U 306 -39.65 102.56 -49.58
N MET U 307 -40.37 102.49 -48.47
CA MET U 307 -40.13 103.42 -47.39
C MET U 307 -38.99 103.00 -46.47
N GLN U 308 -38.71 101.70 -46.37
CA GLN U 308 -37.46 101.30 -45.73
C GLN U 308 -36.26 101.80 -46.52
N ALA U 309 -36.32 101.73 -47.85
CA ALA U 309 -35.27 102.29 -48.69
C ALA U 309 -35.16 103.79 -48.49
N GLU U 310 -36.29 104.49 -48.42
CA GLU U 310 -36.25 105.93 -48.18
C GLU U 310 -35.59 106.25 -46.84
N ALA U 311 -35.91 105.47 -45.81
CA ALA U 311 -35.30 105.68 -44.51
C ALA U 311 -33.80 105.45 -44.56
N GLU U 312 -33.37 104.38 -45.24
CA GLU U 312 -31.93 104.12 -45.36
C GLU U 312 -31.23 105.24 -46.12
N ALA U 313 -31.85 105.74 -47.20
CA ALA U 313 -31.26 106.81 -47.97
C ALA U 313 -31.13 108.08 -47.13
N ALA U 314 -32.16 108.42 -46.36
CA ALA U 314 -32.09 109.58 -45.50
C ALA U 314 -31.02 109.41 -44.43
N SER U 315 -30.91 108.20 -43.87
CA SER U 315 -29.84 107.93 -42.90
C SER U 315 -28.47 108.17 -43.51
N VAL U 316 -28.23 107.61 -44.69
CA VAL U 316 -26.93 107.78 -45.34
C VAL U 316 -26.66 109.24 -45.62
N ARG U 317 -27.65 109.95 -46.18
CA ARG U 317 -27.49 111.37 -46.48
C ARG U 317 -27.11 112.16 -45.25
N MET U 318 -27.86 112.00 -44.16
CA MET U 318 -27.62 112.80 -42.97
C MET U 318 -26.28 112.46 -42.31
N ARG U 319 -25.97 111.18 -42.18
CA ARG U 319 -24.70 110.80 -41.56
C ARG U 319 -23.51 111.29 -42.39
N GLY U 320 -23.59 111.16 -43.72
CA GLY U 320 -22.52 111.64 -44.56
C GLY U 320 -22.37 113.14 -44.50
N GLU U 321 -23.47 113.88 -44.49
CA GLU U 321 -23.39 115.33 -44.39
C GLU U 321 -22.76 115.74 -43.06
N ALA U 322 -23.15 115.08 -41.96
CA ALA U 322 -22.57 115.39 -40.66
C ALA U 322 -21.07 115.13 -40.65
N GLU U 323 -20.65 113.99 -41.19
CA GLU U 323 -19.22 113.67 -41.12
C GLU U 323 -18.42 114.57 -42.05
N ALA U 324 -19.00 114.99 -43.18
CA ALA U 324 -18.33 115.94 -44.05
C ALA U 324 -18.18 117.30 -43.38
N PHE U 325 -19.22 117.74 -42.66
CA PHE U 325 -19.10 118.99 -41.91
C PHE U 325 -18.03 118.89 -40.83
N ALA U 326 -17.93 117.73 -40.19
CA ALA U 326 -16.87 117.51 -39.21
C ALA U 326 -15.49 117.55 -39.85
N ILE U 327 -15.35 116.97 -41.04
CA ILE U 327 -14.09 117.04 -41.78
C ILE U 327 -13.73 118.49 -42.08
N GLY U 328 -14.71 119.27 -42.53
CA GLY U 328 -14.46 120.68 -42.75
C GLY U 328 -14.07 121.42 -41.48
N ALA U 329 -14.65 121.03 -40.35
CA ALA U 329 -14.30 121.65 -39.08
C ALA U 329 -12.84 121.41 -38.73
N ARG U 330 -12.40 120.15 -38.75
CA ARG U 330 -10.98 119.91 -38.54
C ARG U 330 -10.12 120.57 -39.62
N ALA U 331 -10.63 120.71 -40.84
CA ALA U 331 -9.86 121.36 -41.89
C ALA U 331 -9.56 122.81 -41.53
N ARG U 332 -10.61 123.55 -41.16
CA ARG U 332 -10.43 124.94 -40.76
C ARG U 332 -9.53 125.05 -39.54
N ALA U 333 -9.74 124.18 -38.54
CA ALA U 333 -8.91 124.21 -37.34
C ALA U 333 -7.44 123.96 -37.67
N GLU U 334 -7.17 122.97 -38.53
CA GLU U 334 -5.80 122.62 -38.86
C GLU U 334 -5.13 123.71 -39.70
N ALA U 335 -5.90 124.37 -40.56
CA ALA U 335 -5.33 125.46 -41.35
C ALA U 335 -4.93 126.63 -40.45
N GLU U 336 -5.86 127.07 -39.59
CA GLU U 336 -5.54 128.13 -38.65
C GLU U 336 -4.43 127.72 -37.70
N GLN U 337 -4.30 126.40 -37.47
CA GLN U 337 -3.23 125.88 -36.63
C GLN U 337 -1.88 125.98 -37.32
N MET U 338 -1.81 125.59 -38.58
CA MET U 338 -0.54 125.54 -39.29
C MET U 338 -0.05 126.92 -39.70
N ALA U 339 -0.97 127.88 -39.84
CA ALA U 339 -0.53 129.25 -40.10
C ALA U 339 0.41 129.74 -39.01
N LYS U 340 0.06 129.49 -37.74
CA LYS U 340 0.94 129.92 -36.66
C LYS U 340 2.21 129.08 -36.59
N LYS U 341 2.15 127.80 -36.97
CA LYS U 341 3.39 127.03 -37.08
C LYS U 341 4.36 127.70 -38.04
N ALA U 342 3.87 128.10 -39.22
CA ALA U 342 4.74 128.79 -40.17
C ALA U 342 5.25 130.10 -39.60
N GLU U 343 4.36 130.87 -38.96
CA GLU U 343 4.78 132.14 -38.38
C GLU U 343 5.88 131.96 -37.35
N ALA U 344 5.74 130.95 -36.48
CA ALA U 344 6.76 130.68 -35.47
C ALA U 344 8.05 130.22 -36.12
N PHE U 345 7.97 129.31 -37.09
CA PHE U 345 9.17 128.84 -37.77
C PHE U 345 9.94 129.95 -38.45
N GLN U 346 9.26 131.02 -38.87
CA GLN U 346 9.95 132.11 -39.53
C GLN U 346 11.06 132.70 -38.66
N LEU U 347 10.86 132.72 -37.34
CA LEU U 347 11.84 133.29 -36.41
C LEU U 347 12.78 132.23 -35.87
N TYR U 348 13.43 131.48 -36.74
CA TYR U 348 14.41 130.47 -36.36
C TYR U 348 15.77 130.81 -36.95
N GLN U 349 16.77 130.89 -36.09
CA GLN U 349 18.15 131.15 -36.47
C GLN U 349 18.91 129.82 -36.56
N GLU U 350 20.24 129.92 -36.70
CA GLU U 350 21.06 128.72 -36.82
C GLU U 350 21.02 127.86 -35.57
N ALA U 351 20.89 128.47 -34.39
CA ALA U 351 20.82 127.69 -33.16
C ALA U 351 19.61 126.77 -33.15
N ALA U 352 18.46 127.30 -33.59
CA ALA U 352 17.23 126.49 -33.60
C ALA U 352 17.32 125.36 -34.61
N GLN U 353 17.85 125.62 -35.80
CA GLN U 353 18.02 124.56 -36.77
C GLN U 353 19.01 123.50 -36.28
N LEU U 354 20.07 123.93 -35.61
CA LEU U 354 21.00 122.99 -35.00
C LEU U 354 20.31 122.13 -33.95
N ASP U 355 19.45 122.74 -33.13
CA ASP U 355 18.71 121.99 -32.14
C ASP U 355 17.79 120.97 -32.79
N MET U 356 17.10 121.36 -33.86
CA MET U 356 16.22 120.41 -34.55
C MET U 356 17.01 119.26 -35.15
N LEU U 357 18.15 119.56 -35.78
CA LEU U 357 18.96 118.51 -36.38
C LEU U 357 19.49 117.54 -35.32
N LEU U 358 19.95 118.07 -34.19
CA LEU U 358 20.48 117.21 -33.13
C LEU U 358 19.38 116.52 -32.33
N GLU U 359 18.14 116.98 -32.43
CA GLU U 359 17.03 116.23 -31.86
C GLU U 359 16.55 115.13 -32.78
N LYS U 360 16.69 115.31 -34.10
CA LYS U 360 16.25 114.31 -35.05
C LYS U 360 17.30 113.24 -35.35
N LEU U 361 18.58 113.55 -35.18
CA LEU U 361 19.62 112.55 -35.44
C LEU U 361 19.47 111.29 -34.60
N PRO U 362 19.25 111.37 -33.29
CA PRO U 362 19.10 110.11 -32.52
C PRO U 362 17.95 109.24 -32.99
N GLN U 363 16.85 109.83 -33.45
CA GLN U 363 15.73 109.02 -33.90
C GLN U 363 16.07 108.26 -35.18
N VAL U 364 16.76 108.92 -36.12
CA VAL U 364 17.20 108.23 -37.32
C VAL U 364 18.20 107.13 -36.97
N ALA U 365 19.10 107.42 -36.03
CA ALA U 365 20.05 106.41 -35.58
C ALA U 365 19.34 105.21 -34.99
N GLU U 366 18.31 105.44 -34.17
CA GLU U 366 17.51 104.33 -33.65
C GLU U 366 16.85 103.54 -34.78
N GLU U 367 16.23 104.24 -35.73
CA GLU U 367 15.53 103.52 -36.78
C GLU U 367 16.47 102.77 -37.71
N ILE U 368 17.76 103.12 -37.74
CA ILE U 368 18.69 102.42 -38.61
C ILE U 368 19.44 101.34 -37.84
N SER U 369 19.55 101.49 -36.53
CA SER U 369 20.30 100.53 -35.72
C SER U 369 19.40 99.56 -34.97
N GLY U 370 18.08 99.70 -35.05
CA GLY U 370 17.18 98.76 -34.45
C GLY U 370 17.16 97.43 -35.17
N PRO U 371 16.89 97.45 -36.47
CA PRO U 371 16.97 96.20 -37.25
C PRO U 371 18.35 95.57 -37.25
N LEU U 372 19.42 96.38 -37.22
CA LEU U 372 20.76 95.81 -37.30
C LEU U 372 21.12 95.03 -36.04
N THR U 373 20.64 95.47 -34.87
CA THR U 373 20.96 94.79 -33.62
C THR U 373 20.14 93.52 -33.42
N SER U 374 19.45 93.04 -34.44
CA SER U 374 18.76 91.76 -34.38
C SER U 374 19.64 90.60 -34.79
N ALA U 375 20.88 90.86 -35.21
CA ALA U 375 21.78 89.78 -35.59
C ALA U 375 22.11 88.92 -34.37
N ASN U 376 22.16 87.61 -34.59
CA ASN U 376 22.41 86.68 -33.49
C ASN U 376 23.84 86.81 -32.97
N LYS U 377 24.82 86.78 -33.87
CA LYS U 377 26.21 86.89 -33.49
C LYS U 377 26.98 87.66 -34.56
N ILE U 378 28.03 88.35 -34.14
CA ILE U 378 28.91 89.10 -35.03
C ILE U 378 30.34 88.72 -34.69
N THR U 379 31.11 88.32 -35.70
CA THR U 379 32.49 87.88 -35.52
C THR U 379 33.42 88.90 -36.17
N LEU U 380 34.40 89.36 -35.41
CA LEU U 380 35.36 90.37 -35.86
C LEU U 380 36.75 89.76 -35.90
N VAL U 381 37.45 89.95 -37.02
CA VAL U 381 38.78 89.38 -37.20
C VAL U 381 39.68 90.44 -37.84
N SER U 382 40.89 90.58 -37.33
CA SER U 382 41.86 91.54 -37.84
C SER U 382 43.13 90.82 -38.24
N SER U 383 43.94 91.51 -39.04
CA SER U 383 45.20 90.97 -39.52
C SER U 383 46.05 92.11 -40.04
N GLY U 384 47.37 92.01 -39.82
CA GLY U 384 48.24 93.07 -40.27
C GLY U 384 48.00 94.36 -39.50
N SER U 385 48.23 95.48 -40.18
CA SER U 385 48.04 96.80 -39.59
C SER U 385 46.59 97.27 -39.66
N GLY U 386 45.65 96.36 -39.89
CA GLY U 386 44.26 96.73 -40.00
C GLY U 386 43.59 96.87 -38.65
N THR U 387 42.33 97.27 -38.70
CA THR U 387 41.49 97.45 -37.52
C THR U 387 40.78 96.15 -37.16
N MET U 388 40.22 96.13 -35.96
CA MET U 388 39.53 94.95 -35.45
C MET U 388 38.18 94.72 -36.13
N GLY U 389 37.41 95.78 -36.37
CA GLY U 389 36.15 95.67 -37.08
C GLY U 389 34.98 96.41 -36.45
N ALA U 390 35.10 96.87 -35.21
CA ALA U 390 34.00 97.62 -34.60
C ALA U 390 33.80 98.94 -35.31
N ALA U 391 34.90 99.59 -35.69
CA ALA U 391 34.82 100.79 -36.50
C ALA U 391 34.11 100.52 -37.82
N LYS U 392 34.21 99.31 -38.36
CA LYS U 392 33.48 98.99 -39.59
C LYS U 392 31.97 99.04 -39.37
N VAL U 393 31.49 98.46 -38.27
CA VAL U 393 30.05 98.47 -37.99
C VAL U 393 29.57 99.90 -37.73
N THR U 394 30.31 100.63 -36.90
CA THR U 394 29.91 102.01 -36.61
C THR U 394 29.93 102.86 -37.88
N GLY U 395 30.94 102.64 -38.74
CA GLY U 395 31.01 103.37 -39.99
C GLY U 395 29.88 103.00 -40.93
N GLU U 396 29.46 101.74 -40.95
CA GLU U 396 28.32 101.36 -41.77
C GLU U 396 27.06 102.07 -41.32
N VAL U 397 26.80 102.08 -40.00
CA VAL U 397 25.62 102.76 -39.49
C VAL U 397 25.68 104.26 -39.78
N LEU U 398 26.84 104.88 -39.53
CA LEU U 398 26.97 106.31 -39.76
C LEU U 398 26.89 106.66 -41.24
N ASP U 399 27.44 105.80 -42.10
CA ASP U 399 27.38 106.04 -43.53
C ASP U 399 25.94 105.97 -44.04
N ILE U 400 25.16 105.00 -43.56
CA ILE U 400 23.75 104.97 -43.93
C ILE U 400 23.05 106.22 -43.42
N LEU U 401 23.31 106.60 -42.17
CA LEU U 401 22.65 107.76 -41.59
C LEU U 401 23.01 109.05 -42.30
N THR U 402 24.19 109.12 -42.92
CA THR U 402 24.62 110.33 -43.61
C THR U 402 24.28 110.30 -45.09
N ARG U 403 24.09 109.12 -45.68
CA ARG U 403 23.71 109.04 -47.08
C ARG U 403 22.20 109.12 -47.27
N LEU U 404 21.43 108.79 -46.24
CA LEU U 404 19.98 108.95 -46.34
C LEU U 404 19.56 110.39 -46.60
N PRO U 405 20.09 111.40 -45.91
CA PRO U 405 19.71 112.79 -46.26
C PRO U 405 20.09 113.16 -47.67
N GLU U 406 21.19 112.63 -48.22
CA GLU U 406 21.54 112.94 -49.60
C GLU U 406 20.62 112.25 -50.58
N SER U 407 20.20 111.01 -50.27
CA SER U 407 19.22 110.34 -51.12
C SER U 407 17.91 111.10 -51.15
N VAL U 408 17.46 111.59 -49.98
CA VAL U 408 16.26 112.42 -49.93
C VAL U 408 16.50 113.75 -50.65
N GLU U 409 17.72 114.29 -50.56
CA GLU U 409 18.10 115.49 -51.29
C GLU U 409 17.88 115.30 -52.79
N ARG U 410 18.23 114.13 -53.31
CA ARG U 410 18.13 113.88 -54.75
C ARG U 410 16.71 114.08 -55.25
N LEU U 411 15.71 113.76 -54.42
CA LEU U 411 14.33 113.94 -54.85
C LEU U 411 13.78 115.31 -54.46
N THR U 412 13.86 115.66 -53.18
CA THR U 412 13.22 116.89 -52.71
C THR U 412 13.93 118.12 -53.27
N GLY U 413 15.25 118.17 -53.18
CA GLY U 413 15.99 119.33 -53.62
C GLY U 413 16.10 120.45 -52.61
N VAL U 414 15.83 120.19 -51.33
CA VAL U 414 15.91 121.19 -50.27
C VAL U 414 16.94 120.73 -49.25
N SER U 415 17.85 121.64 -48.88
CA SER U 415 18.98 121.30 -48.05
C SER U 415 18.52 120.88 -46.65
N ILE U 416 19.34 120.03 -46.01
CA ILE U 416 19.07 119.55 -44.67
C ILE U 416 20.10 120.03 -43.66
N SER U 417 21.32 120.35 -44.09
CA SER U 417 22.35 120.87 -43.21
C SER U 417 22.67 122.31 -43.58
N GLN U 418 22.78 123.16 -42.55
CA GLN U 418 23.03 124.58 -42.80
C GLN U 418 24.47 124.83 -43.22
N VAL U 419 25.40 123.98 -42.81
CA VAL U 419 26.79 124.14 -43.18
C VAL U 419 27.34 122.84 -43.75
N MET V 1 -103.43 -125.21 -48.73
CA MET V 1 -104.58 -125.19 -47.84
C MET V 1 -105.73 -124.46 -48.52
N GLY V 2 -105.45 -123.27 -49.03
CA GLY V 2 -106.46 -122.46 -49.70
C GLY V 2 -107.07 -123.15 -50.90
N ASN V 3 -108.40 -123.09 -51.02
CA ASN V 3 -109.11 -123.77 -52.07
C ASN V 3 -110.06 -122.81 -52.77
N CYS V 4 -110.25 -123.01 -54.07
CA CYS V 4 -111.27 -122.31 -54.87
C CYS V 4 -111.07 -120.79 -54.81
N HIS V 5 -109.96 -120.36 -55.39
CA HIS V 5 -109.61 -118.95 -55.45
C HIS V 5 -109.95 -118.36 -56.82
N THR V 6 -110.37 -117.10 -56.80
CA THR V 6 -110.67 -116.34 -58.01
C THR V 6 -110.01 -114.97 -57.91
N VAL V 7 -109.68 -114.39 -59.06
CA VAL V 7 -108.97 -113.12 -59.13
C VAL V 7 -109.74 -112.19 -60.05
N GLY V 8 -109.58 -110.89 -59.82
CA GLY V 8 -110.22 -109.88 -60.64
C GLY V 8 -109.58 -109.74 -62.00
N PRO V 9 -110.22 -108.98 -62.89
CA PRO V 9 -109.68 -108.83 -64.25
C PRO V 9 -108.34 -108.12 -64.32
N ASN V 10 -107.93 -107.42 -63.28
CA ASN V 10 -106.66 -106.71 -63.32
C ASN V 10 -105.46 -107.65 -63.27
N GLU V 11 -105.59 -108.79 -62.59
CA GLU V 11 -104.49 -109.72 -62.42
C GLU V 11 -104.88 -111.09 -62.95
N ALA V 12 -103.89 -111.80 -63.48
CA ALA V 12 -104.09 -113.12 -64.06
C ALA V 12 -103.65 -114.18 -63.06
N LEU V 13 -104.53 -115.13 -62.77
CA LEU V 13 -104.20 -116.23 -61.88
C LEU V 13 -103.54 -117.36 -62.68
N VAL V 14 -102.40 -117.82 -62.19
CA VAL V 14 -101.65 -118.90 -62.84
C VAL V 14 -101.59 -120.08 -61.87
N VAL V 15 -101.95 -121.27 -62.38
CA VAL V 15 -101.85 -122.50 -61.62
C VAL V 15 -101.25 -123.56 -62.53
N SER V 16 -100.44 -124.45 -61.92
CA SER V 16 -99.83 -125.54 -62.66
C SER V 16 -99.66 -126.72 -61.71
N GLY V 17 -100.05 -127.90 -62.17
CA GLY V 17 -99.92 -129.10 -61.37
C GLY V 17 -100.26 -130.37 -62.13
N GLY V 18 -99.45 -131.42 -61.96
CA GLY V 18 -99.67 -132.66 -62.66
C GLY V 18 -100.58 -133.62 -61.91
N CYS V 19 -101.86 -133.65 -62.29
CA CYS V 19 -102.83 -134.48 -61.58
C CYS V 19 -102.44 -135.95 -61.65
N CYS V 20 -102.02 -136.41 -62.83
CA CYS V 20 -101.50 -137.76 -63.01
C CYS V 20 -100.03 -137.76 -63.42
N GLY V 21 -99.32 -136.65 -63.16
CA GLY V 21 -97.96 -136.50 -63.59
C GLY V 21 -97.79 -135.79 -64.93
N SER V 22 -98.87 -135.61 -65.67
CA SER V 22 -98.81 -134.90 -66.94
C SER V 22 -98.86 -133.39 -66.72
N ASP V 23 -98.22 -132.66 -67.62
CA ASP V 23 -98.07 -131.22 -67.49
C ASP V 23 -99.41 -130.56 -67.81
N TYR V 24 -100.09 -130.05 -66.78
CA TYR V 24 -101.34 -129.30 -66.94
C TYR V 24 -101.17 -127.94 -66.27
N LYS V 25 -100.94 -126.91 -67.09
CA LYS V 25 -100.82 -125.55 -66.60
C LYS V 25 -102.02 -124.75 -67.06
N GLN V 26 -102.67 -124.07 -66.12
CA GLN V 26 -103.84 -123.24 -66.40
C GLN V 26 -103.53 -121.81 -66.02
N TYR V 27 -103.66 -120.90 -66.98
CA TYR V 27 -103.47 -119.47 -66.77
C TYR V 27 -104.77 -118.76 -67.18
N VAL V 28 -105.44 -118.16 -66.20
CA VAL V 28 -106.72 -117.50 -66.44
C VAL V 28 -106.69 -116.14 -65.77
N PHE V 29 -107.11 -115.11 -66.51
CA PHE V 29 -107.18 -113.74 -66.00
C PHE V 29 -108.62 -113.39 -65.68
N GLY V 30 -108.86 -112.96 -64.45
CA GLY V 30 -110.19 -112.53 -64.05
C GLY V 30 -111.26 -113.59 -64.18
N GLY V 31 -110.95 -114.83 -63.80
CA GLY V 31 -111.90 -115.92 -63.95
C GLY V 31 -112.06 -116.77 -62.71
N TRP V 32 -112.21 -118.08 -62.91
CA TRP V 32 -112.44 -119.02 -61.83
C TRP V 32 -111.39 -120.12 -61.87
N ALA V 33 -111.03 -120.62 -60.69
CA ALA V 33 -110.08 -121.72 -60.57
C ALA V 33 -110.22 -122.35 -59.20
N TRP V 34 -109.68 -123.56 -59.07
CA TRP V 34 -109.59 -124.23 -57.78
C TRP V 34 -108.23 -124.90 -57.65
N ALA V 35 -107.70 -124.90 -56.42
CA ALA V 35 -106.43 -125.55 -56.13
C ALA V 35 -106.50 -126.11 -54.71
N TRP V 36 -105.99 -127.33 -54.55
CA TRP V 36 -106.05 -128.03 -53.28
C TRP V 36 -104.78 -127.76 -52.46
N TRP V 37 -104.57 -128.57 -51.42
CA TRP V 37 -103.44 -128.37 -50.52
C TRP V 37 -102.12 -128.39 -51.28
N CYS V 38 -101.90 -129.41 -52.11
CA CYS V 38 -100.68 -129.47 -52.92
C CYS V 38 -100.93 -129.98 -54.34
N ILE V 39 -102.03 -129.58 -54.99
CA ILE V 39 -102.23 -130.03 -56.36
C ILE V 39 -101.52 -129.10 -57.34
N SER V 40 -101.43 -127.81 -57.04
CA SER V 40 -100.86 -126.85 -57.98
C SER V 40 -100.28 -125.69 -57.17
N ASP V 41 -99.98 -124.59 -57.86
CA ASP V 41 -99.44 -123.38 -57.24
C ASP V 41 -100.38 -122.21 -57.52
N THR V 42 -100.62 -121.40 -56.49
CA THR V 42 -101.52 -120.25 -56.60
C THR V 42 -100.67 -118.98 -56.66
N GLN V 43 -100.57 -118.41 -57.86
CA GLN V 43 -99.84 -117.16 -58.05
C GLN V 43 -100.63 -116.26 -58.99
N ARG V 44 -100.38 -114.96 -58.87
CA ARG V 44 -101.04 -113.96 -59.69
C ARG V 44 -100.01 -113.08 -60.36
N ILE V 45 -100.35 -112.56 -61.53
CA ILE V 45 -99.50 -111.66 -62.30
C ILE V 45 -100.23 -110.32 -62.41
N SER V 46 -99.60 -109.26 -61.92
CA SER V 46 -100.20 -107.93 -62.00
C SER V 46 -100.11 -107.40 -63.43
N LEU V 47 -101.24 -107.34 -64.13
CA LEU V 47 -101.27 -106.89 -65.51
C LEU V 47 -101.46 -105.38 -65.64
N GLU V 48 -101.11 -104.63 -64.59
CA GLU V 48 -101.25 -103.18 -64.63
C GLU V 48 -100.17 -102.57 -65.52
N ILE V 49 -100.43 -101.35 -65.99
CA ILE V 49 -99.45 -100.64 -66.79
C ILE V 49 -98.24 -100.30 -65.94
N MET V 50 -97.05 -100.50 -66.52
CA MET V 50 -95.80 -100.13 -65.87
C MET V 50 -95.33 -98.79 -66.45
N THR V 51 -94.97 -97.87 -65.56
CA THR V 51 -94.48 -96.56 -66.00
C THR V 51 -93.05 -96.67 -66.50
N LEU V 52 -92.76 -95.96 -67.59
CA LEU V 52 -91.43 -95.95 -68.20
C LEU V 52 -90.93 -94.51 -68.31
N GLN V 53 -89.68 -94.30 -67.93
CA GLN V 53 -89.00 -93.02 -68.10
C GLN V 53 -87.66 -93.24 -68.78
N PRO V 54 -87.66 -93.67 -70.05
CA PRO V 54 -86.38 -93.84 -70.76
C PRO V 54 -85.67 -92.51 -70.95
N ARG V 55 -84.46 -92.41 -70.40
CA ARG V 55 -83.65 -91.21 -70.48
C ARG V 55 -82.24 -91.59 -70.91
N CYS V 56 -81.91 -91.30 -72.16
CA CYS V 56 -80.59 -91.61 -72.72
C CYS V 56 -79.74 -90.35 -72.66
N GLU V 57 -78.52 -90.49 -72.15
CA GLU V 57 -77.59 -89.38 -71.97
C GLU V 57 -76.44 -89.50 -72.95
N ASP V 58 -76.15 -88.40 -73.64
CA ASP V 58 -75.03 -88.32 -74.58
C ASP V 58 -75.15 -89.37 -75.68
N VAL V 59 -76.27 -89.34 -76.39
CA VAL V 59 -76.54 -90.24 -77.50
C VAL V 59 -76.59 -89.42 -78.79
N GLU V 60 -76.09 -90.01 -79.87
CA GLU V 60 -75.88 -89.30 -81.12
C GLU V 60 -76.61 -89.97 -82.27
N THR V 61 -77.11 -89.15 -83.19
CA THR V 61 -77.87 -89.61 -84.35
C THR V 61 -76.92 -89.96 -85.49
N ALA V 62 -77.48 -90.13 -86.69
CA ALA V 62 -76.67 -90.53 -87.84
C ALA V 62 -75.61 -89.49 -88.17
N GLU V 63 -76.00 -88.21 -88.16
CA GLU V 63 -75.03 -87.14 -88.41
C GLU V 63 -74.11 -86.92 -87.21
N GLY V 64 -74.45 -87.46 -86.05
CA GLY V 64 -73.57 -87.42 -84.91
C GLY V 64 -73.83 -86.36 -83.88
N VAL V 65 -74.86 -85.52 -84.07
CA VAL V 65 -75.15 -84.48 -83.10
C VAL V 65 -75.59 -85.12 -81.80
N ALA V 66 -74.93 -84.75 -80.70
CA ALA V 66 -75.20 -85.35 -79.41
C ALA V 66 -76.47 -84.77 -78.80
N LEU V 67 -77.34 -85.65 -78.30
CA LEU V 67 -78.57 -85.24 -77.65
C LEU V 67 -78.76 -86.06 -76.39
N THR V 68 -79.52 -85.51 -75.45
CA THR V 68 -79.91 -86.19 -74.22
C THR V 68 -81.43 -86.31 -74.26
N VAL V 69 -81.92 -87.37 -74.89
CA VAL V 69 -83.34 -87.53 -75.21
C VAL V 69 -83.98 -88.37 -74.12
N THR V 70 -85.08 -87.85 -73.55
CA THR V 70 -85.87 -88.56 -72.56
C THR V 70 -87.19 -88.97 -73.20
N GLY V 71 -87.67 -90.19 -72.91
CA GLY V 71 -88.85 -90.72 -73.53
C GLY V 71 -89.88 -91.20 -72.51
N VAL V 72 -91.05 -91.56 -73.04
CA VAL V 72 -92.10 -92.22 -72.27
C VAL V 72 -92.70 -93.33 -73.12
N ALA V 73 -92.90 -94.49 -72.52
CA ALA V 73 -93.48 -95.63 -73.21
C ALA V 73 -94.51 -96.30 -72.31
N GLN V 74 -95.57 -96.81 -72.94
CA GLN V 74 -96.64 -97.49 -72.24
C GLN V 74 -96.50 -98.99 -72.44
N VAL V 75 -96.31 -99.73 -71.35
CA VAL V 75 -96.04 -101.15 -71.40
C VAL V 75 -96.98 -101.88 -70.45
N LYS V 76 -97.48 -103.03 -70.89
CA LYS V 76 -98.39 -103.85 -70.10
C LYS V 76 -98.22 -105.30 -70.55
N ILE V 77 -98.32 -106.23 -69.60
CA ILE V 77 -98.28 -107.64 -69.93
C ILE V 77 -99.52 -108.02 -70.71
N MET V 78 -99.33 -108.75 -71.81
CA MET V 78 -100.42 -109.05 -72.74
C MET V 78 -101.32 -110.14 -72.16
N THR V 79 -102.38 -110.46 -72.89
CA THR V 79 -103.38 -111.44 -72.46
C THR V 79 -103.68 -112.45 -73.56
N GLU V 80 -102.72 -112.70 -74.45
CA GLU V 80 -102.87 -113.69 -75.50
C GLU V 80 -102.89 -115.10 -74.92
N LYS V 81 -103.00 -116.09 -75.79
CA LYS V 81 -103.08 -117.49 -75.37
C LYS V 81 -101.71 -118.15 -75.26
N GLU V 82 -100.97 -118.22 -76.37
CA GLU V 82 -99.67 -118.88 -76.35
C GLU V 82 -98.59 -117.98 -75.76
N LEU V 83 -98.73 -116.66 -75.90
CA LEU V 83 -97.73 -115.75 -75.32
C LEU V 83 -97.79 -115.74 -73.80
N LEU V 84 -98.97 -115.99 -73.22
CA LEU V 84 -99.05 -116.04 -71.77
C LEU V 84 -98.44 -117.30 -71.18
N ALA V 85 -98.27 -118.35 -71.99
CA ALA V 85 -97.43 -119.45 -71.53
C ALA V 85 -96.00 -118.98 -71.28
N VAL V 86 -95.46 -118.18 -72.21
CA VAL V 86 -94.14 -117.60 -72.03
C VAL V 86 -94.13 -116.63 -70.85
N ALA V 87 -95.19 -115.83 -70.74
CA ALA V 87 -95.27 -114.86 -69.65
C ALA V 87 -95.26 -115.54 -68.29
N CYS V 88 -96.00 -116.64 -68.15
CA CYS V 88 -96.05 -117.36 -66.88
C CYS V 88 -94.76 -118.12 -66.62
N GLU V 89 -94.18 -118.73 -67.65
CA GLU V 89 -92.92 -119.44 -67.46
C GLU V 89 -91.72 -118.50 -67.39
N GLN V 90 -91.92 -117.20 -67.55
CA GLN V 90 -90.84 -116.26 -67.77
C GLN V 90 -90.39 -115.52 -66.52
N PHE V 91 -91.28 -114.77 -65.88
CA PHE V 91 -90.81 -113.72 -64.99
C PHE V 91 -91.20 -113.90 -63.53
N LEU V 92 -92.48 -114.04 -63.22
CA LEU V 92 -92.96 -114.05 -61.84
C LEU V 92 -92.26 -115.15 -61.04
N GLY V 93 -92.16 -114.95 -59.72
CA GLY V 93 -92.80 -113.86 -58.99
C GLY V 93 -91.93 -112.69 -58.58
N LYS V 94 -91.05 -112.24 -59.48
CA LYS V 94 -90.29 -111.03 -59.23
C LYS V 94 -91.23 -109.83 -59.24
N ASN V 95 -90.96 -108.87 -58.36
CA ASN V 95 -91.92 -107.82 -58.06
C ASN V 95 -91.93 -106.74 -59.15
N VAL V 96 -92.81 -105.75 -58.96
CA VAL V 96 -93.06 -104.74 -59.99
C VAL V 96 -91.81 -103.94 -60.29
N GLN V 97 -90.98 -103.66 -59.28
CA GLN V 97 -89.73 -102.97 -59.53
C GLN V 97 -88.86 -103.76 -60.50
N ASP V 98 -88.95 -105.09 -60.46
CA ASP V 98 -88.17 -105.90 -61.38
C ASP V 98 -88.69 -105.78 -62.81
N ILE V 99 -90.02 -105.80 -63.00
CA ILE V 99 -90.55 -105.55 -64.35
C ILE V 99 -90.05 -104.20 -64.85
N LYS V 100 -90.23 -103.16 -64.04
CA LYS V 100 -89.93 -101.82 -64.52
C LYS V 100 -88.46 -101.64 -64.82
N ASN V 101 -87.57 -102.19 -63.99
CA ASN V 101 -86.14 -102.09 -64.25
C ASN V 101 -85.75 -102.84 -65.52
N VAL V 102 -86.21 -104.09 -65.66
CA VAL V 102 -85.83 -104.86 -66.84
C VAL V 102 -86.31 -104.17 -68.11
N VAL V 103 -87.58 -103.75 -68.12
CA VAL V 103 -88.13 -103.11 -69.31
C VAL V 103 -87.45 -101.77 -69.54
N LEU V 104 -87.05 -101.10 -68.46
CA LEU V 104 -86.38 -99.81 -68.59
C LEU V 104 -85.05 -99.96 -69.31
N GLN V 105 -84.20 -100.90 -68.87
CA GLN V 105 -82.93 -101.08 -69.56
C GLN V 105 -83.11 -101.56 -71.00
N THR V 106 -84.01 -102.53 -71.23
CA THR V 106 -84.10 -103.04 -72.60
C THR V 106 -84.65 -101.99 -73.56
N LEU V 107 -85.69 -101.25 -73.14
CA LEU V 107 -86.21 -100.19 -73.99
C LEU V 107 -85.26 -99.01 -74.06
N GLU V 108 -84.41 -98.83 -73.05
CA GLU V 108 -83.37 -97.82 -73.15
C GLU V 108 -82.43 -98.14 -74.30
N GLY V 109 -81.93 -99.37 -74.33
CA GLY V 109 -81.09 -99.79 -75.44
C GLY V 109 -81.79 -99.67 -76.77
N HIS V 110 -83.04 -100.14 -76.85
CA HIS V 110 -83.75 -100.11 -78.11
C HIS V 110 -84.01 -98.68 -78.58
N LEU V 111 -84.37 -97.79 -77.65
CA LEU V 111 -84.65 -96.40 -77.99
C LEU V 111 -83.39 -95.69 -78.46
N ARG V 112 -82.27 -95.90 -77.76
CA ARG V 112 -81.02 -95.30 -78.22
C ARG V 112 -80.64 -95.83 -79.60
N SER V 113 -80.84 -97.13 -79.82
CA SER V 113 -80.50 -97.72 -81.11
C SER V 113 -81.31 -97.10 -82.24
N ILE V 114 -82.64 -97.02 -82.07
CA ILE V 114 -83.45 -96.44 -83.13
C ILE V 114 -83.19 -94.95 -83.27
N LEU V 115 -82.89 -94.26 -82.17
CA LEU V 115 -82.55 -92.85 -82.26
C LEU V 115 -81.30 -92.65 -83.10
N GLY V 116 -80.31 -93.53 -82.94
CA GLY V 116 -79.18 -93.51 -83.84
C GLY V 116 -79.56 -93.86 -85.26
N THR V 117 -80.61 -94.67 -85.43
CA THR V 117 -81.00 -95.10 -86.77
C THR V 117 -81.45 -93.93 -87.64
N LEU V 118 -82.23 -93.01 -87.08
CA LEU V 118 -82.71 -91.87 -87.86
C LEU V 118 -81.90 -90.63 -87.53
N THR V 119 -82.08 -89.60 -88.36
CA THR V 119 -81.34 -88.35 -88.20
C THR V 119 -82.10 -87.39 -87.29
N VAL V 120 -81.40 -86.34 -86.88
CA VAL V 120 -81.98 -85.33 -86.01
C VAL V 120 -83.04 -84.49 -86.71
N GLU V 121 -82.92 -84.29 -88.02
CA GLU V 121 -83.97 -83.58 -88.74
C GLU V 121 -85.29 -84.34 -88.68
N GLN V 122 -85.23 -85.67 -88.78
CA GLN V 122 -86.45 -86.47 -88.66
C GLN V 122 -87.03 -86.42 -87.26
N ILE V 123 -86.21 -86.51 -86.21
CA ILE V 123 -86.74 -86.40 -84.85
C ILE V 123 -87.25 -84.99 -84.60
N TYR V 124 -86.80 -84.03 -85.41
CA TYR V 124 -87.31 -82.67 -85.32
C TYR V 124 -88.69 -82.56 -85.95
N GLN V 125 -88.80 -82.88 -87.24
CA GLN V 125 -90.04 -82.68 -87.99
C GLN V 125 -91.06 -83.78 -87.74
N ASP V 126 -90.73 -85.01 -88.13
CA ASP V 126 -91.67 -86.12 -88.12
C ASP V 126 -91.23 -87.12 -87.05
N ARG V 127 -91.67 -86.89 -85.81
CA ARG V 127 -91.41 -87.82 -84.73
C ARG V 127 -92.61 -88.68 -84.36
N ASP V 128 -93.79 -88.38 -84.89
CA ASP V 128 -94.88 -89.34 -84.81
C ASP V 128 -94.56 -90.57 -85.64
N GLN V 129 -94.01 -90.37 -86.84
CA GLN V 129 -93.50 -91.49 -87.62
C GLN V 129 -92.31 -92.15 -86.94
N PHE V 130 -91.54 -91.38 -86.17
CA PHE V 130 -90.47 -91.97 -85.37
C PHE V 130 -91.03 -92.97 -84.37
N ALA V 131 -92.11 -92.60 -83.67
CA ALA V 131 -92.75 -93.53 -82.75
C ALA V 131 -93.40 -94.71 -83.48
N LYS V 132 -93.95 -94.46 -84.68
CA LYS V 132 -94.53 -95.54 -85.46
C LYS V 132 -93.47 -96.56 -85.86
N LEU V 133 -92.27 -96.10 -86.20
CA LEU V 133 -91.17 -97.00 -86.48
C LEU V 133 -90.62 -97.64 -85.21
N VAL V 134 -90.67 -96.94 -84.08
CA VAL V 134 -90.30 -97.54 -82.80
C VAL V 134 -91.18 -98.74 -82.51
N ARG V 135 -92.48 -98.59 -82.76
CA ARG V 135 -93.38 -99.74 -82.65
C ARG V 135 -92.97 -100.86 -83.57
N GLU V 136 -92.76 -100.55 -84.85
CA GLU V 136 -92.41 -101.55 -85.85
C GLU V 136 -91.15 -102.33 -85.48
N VAL V 137 -90.17 -101.68 -84.84
CA VAL V 137 -88.93 -102.35 -84.49
C VAL V 137 -88.94 -102.95 -83.08
N ALA V 138 -89.79 -102.48 -82.18
CA ALA V 138 -89.74 -102.92 -80.80
C ALA V 138 -90.78 -104.01 -80.49
N ALA V 139 -91.88 -104.03 -81.23
CA ALA V 139 -92.84 -105.13 -81.11
C ALA V 139 -92.21 -106.51 -81.32
N PRO V 140 -91.35 -106.73 -82.33
CA PRO V 140 -90.77 -108.08 -82.50
C PRO V 140 -89.94 -108.58 -81.32
N ASP V 141 -89.33 -107.70 -80.53
CA ASP V 141 -88.46 -108.14 -79.45
C ASP V 141 -89.05 -107.90 -78.07
N VAL V 142 -89.66 -106.74 -77.82
CA VAL V 142 -90.27 -106.50 -76.52
C VAL V 142 -91.47 -107.41 -76.29
N GLY V 143 -92.11 -107.89 -77.36
CA GLY V 143 -93.19 -108.84 -77.21
C GLY V 143 -92.73 -110.26 -76.92
N ARG V 144 -91.43 -110.54 -77.07
CA ARG V 144 -90.94 -111.89 -76.82
C ARG V 144 -91.10 -112.28 -75.36
N MET V 145 -90.83 -111.35 -74.45
CA MET V 145 -91.02 -111.57 -73.03
C MET V 145 -92.43 -111.23 -72.55
N GLY V 146 -93.39 -111.14 -73.47
CA GLY V 146 -94.78 -110.94 -73.13
C GLY V 146 -95.19 -109.53 -72.78
N ILE V 147 -94.32 -108.54 -73.01
CA ILE V 147 -94.62 -107.15 -72.67
C ILE V 147 -95.10 -106.44 -73.92
N GLU V 148 -96.31 -105.86 -73.84
CA GLU V 148 -96.87 -105.12 -74.95
C GLU V 148 -96.45 -103.65 -74.87
N ILE V 149 -96.55 -102.96 -76.00
CA ILE V 149 -96.19 -101.54 -76.07
C ILE V 149 -97.43 -100.75 -76.46
N LEU V 150 -98.17 -100.25 -75.46
CA LEU V 150 -99.39 -99.52 -75.74
C LEU V 150 -99.12 -98.21 -76.45
N SER V 151 -98.08 -97.49 -76.03
CA SER V 151 -97.74 -96.21 -76.64
C SER V 151 -96.25 -95.97 -76.47
N PHE V 152 -95.72 -95.08 -77.32
CA PHE V 152 -94.30 -94.74 -77.28
C PHE V 152 -94.11 -93.34 -77.84
N THR V 153 -93.28 -92.55 -77.15
CA THR V 153 -92.81 -91.26 -77.66
C THR V 153 -91.68 -90.79 -76.75
N ILE V 154 -91.18 -89.59 -77.04
CA ILE V 154 -90.04 -89.03 -76.32
C ILE V 154 -90.52 -87.84 -75.50
N LYS V 155 -90.06 -87.75 -74.25
CA LYS V 155 -90.55 -86.73 -73.33
C LYS V 155 -89.95 -85.36 -73.65
N ASP V 156 -88.62 -85.26 -73.60
CA ASP V 156 -87.95 -83.99 -73.84
C ASP V 156 -86.60 -84.25 -74.47
N VAL V 157 -86.10 -83.26 -75.21
CA VAL V 157 -84.83 -83.33 -75.90
C VAL V 157 -83.97 -82.16 -75.44
N TYR V 158 -82.73 -82.44 -75.07
CA TYR V 158 -81.80 -81.41 -74.62
C TYR V 158 -80.46 -81.61 -75.31
N ASP V 159 -79.79 -80.50 -75.61
CA ASP V 159 -78.53 -80.51 -76.32
C ASP V 159 -77.51 -79.63 -75.61
N LYS V 160 -76.26 -80.05 -75.65
CA LYS V 160 -75.15 -79.24 -75.14
C LYS V 160 -74.47 -78.40 -76.21
N VAL V 161 -74.60 -78.80 -77.47
CA VAL V 161 -74.05 -78.04 -78.60
C VAL V 161 -75.13 -77.23 -79.30
N ASP V 162 -76.20 -76.87 -78.57
CA ASP V 162 -77.27 -75.94 -78.98
C ASP V 162 -77.65 -76.08 -80.45
N TYR V 163 -78.14 -77.27 -80.81
CA TYR V 163 -78.69 -77.51 -82.15
C TYR V 163 -79.98 -76.74 -82.36
N LEU V 164 -80.99 -77.05 -81.54
CA LEU V 164 -82.33 -76.50 -81.77
C LEU V 164 -82.38 -74.99 -81.56
N SER V 165 -81.64 -74.48 -80.58
CA SER V 165 -81.58 -73.04 -80.37
C SER V 165 -80.98 -72.35 -81.59
N SER V 166 -79.95 -72.96 -82.19
CA SER V 166 -79.40 -72.43 -83.43
C SER V 166 -80.42 -72.50 -84.56
N LEU V 167 -81.21 -73.58 -84.61
CA LEU V 167 -82.21 -73.72 -85.66
C LEU V 167 -83.32 -72.69 -85.55
N GLY V 168 -83.63 -72.24 -84.32
CA GLY V 168 -84.65 -71.23 -84.13
C GLY V 168 -84.23 -69.84 -84.55
N LYS V 169 -82.91 -69.65 -84.67
CA LYS V 169 -82.36 -68.35 -85.06
C LYS V 169 -82.85 -67.90 -86.42
N THR V 170 -83.21 -68.85 -87.29
CA THR V 170 -83.56 -68.51 -88.66
C THR V 170 -84.78 -67.61 -88.71
N GLN V 171 -85.78 -67.88 -87.88
CA GLN V 171 -87.01 -67.09 -87.91
C GLN V 171 -87.21 -66.25 -86.65
N THR V 172 -86.40 -66.42 -85.62
CA THR V 172 -86.55 -65.57 -84.44
C THR V 172 -86.29 -64.11 -84.77
N ALA V 173 -85.67 -63.82 -85.92
CA ALA V 173 -85.40 -62.46 -86.34
C ALA V 173 -86.31 -62.00 -87.48
N VAL V 174 -86.96 -62.93 -88.18
CA VAL V 174 -87.85 -62.55 -89.28
C VAL V 174 -89.03 -61.74 -88.76
N VAL V 175 -89.63 -62.19 -87.66
CA VAL V 175 -90.72 -61.42 -87.05
C VAL V 175 -90.18 -60.10 -86.52
N GLN V 176 -88.95 -60.11 -85.98
CA GLN V 176 -88.33 -58.85 -85.57
C GLN V 176 -88.09 -57.94 -86.76
N ARG V 177 -87.70 -58.53 -87.91
CA ARG V 177 -87.57 -57.74 -89.13
C ARG V 177 -88.88 -57.05 -89.49
N ASP V 178 -89.98 -57.82 -89.51
CA ASP V 178 -91.26 -57.24 -89.87
C ASP V 178 -91.70 -56.18 -88.88
N ALA V 179 -91.48 -56.43 -87.58
CA ALA V 179 -91.85 -55.45 -86.56
C ALA V 179 -91.07 -54.16 -86.73
N ASP V 180 -89.77 -54.26 -86.99
CA ASP V 180 -88.97 -53.06 -87.21
C ASP V 180 -89.44 -52.30 -88.43
N ILE V 181 -89.77 -53.02 -89.51
CA ILE V 181 -90.26 -52.34 -90.71
C ILE V 181 -91.55 -51.60 -90.41
N GLY V 182 -92.48 -52.25 -89.70
CA GLY V 182 -93.75 -51.62 -89.39
C GLY V 182 -93.59 -50.39 -88.51
N VAL V 183 -92.77 -50.51 -87.47
CA VAL V 183 -92.60 -49.38 -86.56
C VAL V 183 -91.90 -48.23 -87.28
N ALA V 184 -90.96 -48.54 -88.18
CA ALA V 184 -90.30 -47.49 -88.94
C ALA V 184 -91.29 -46.76 -89.84
N GLU V 185 -92.15 -47.51 -90.54
CA GLU V 185 -93.15 -46.88 -91.40
C GLU V 185 -94.11 -46.02 -90.59
N ALA V 186 -94.55 -46.52 -89.44
CA ALA V 186 -95.49 -45.77 -88.60
C ALA V 186 -94.86 -44.47 -88.11
N GLU V 187 -93.61 -44.56 -87.64
CA GLU V 187 -92.92 -43.35 -87.17
C GLU V 187 -92.72 -42.36 -88.32
N ARG V 188 -92.44 -42.86 -89.52
CA ARG V 188 -92.29 -41.98 -90.68
C ARG V 188 -93.58 -41.22 -90.96
N ASP V 189 -94.71 -41.93 -90.96
CA ASP V 189 -95.99 -41.27 -91.22
C ASP V 189 -96.32 -40.25 -90.14
N ALA V 190 -96.11 -40.63 -88.87
CA ALA V 190 -96.37 -39.70 -87.79
C ALA V 190 -95.53 -38.44 -87.94
N GLY V 191 -94.23 -38.62 -88.20
CA GLY V 191 -93.34 -37.48 -88.32
C GLY V 191 -93.71 -36.58 -89.47
N ILE V 192 -94.02 -37.15 -90.64
CA ILE V 192 -94.35 -36.32 -91.78
C ILE V 192 -95.60 -35.50 -91.51
N ARG V 193 -96.65 -36.12 -90.96
CA ARG V 193 -97.89 -35.36 -90.91
C ARG V 193 -97.83 -34.36 -89.76
N GLU V 194 -97.10 -34.70 -88.68
CA GLU V 194 -96.88 -33.76 -87.59
C GLU V 194 -96.08 -32.55 -88.06
N ALA V 195 -95.07 -32.76 -88.89
CA ALA V 195 -94.32 -31.65 -89.45
C ALA V 195 -95.22 -30.76 -90.30
N GLU V 196 -96.12 -31.37 -91.07
CA GLU V 196 -97.07 -30.58 -91.85
C GLU V 196 -97.94 -29.72 -90.94
N CYS V 197 -98.45 -30.31 -89.85
CA CYS V 197 -99.28 -29.54 -88.91
C CYS V 197 -98.50 -28.38 -88.31
N LYS V 198 -97.26 -28.64 -87.88
CA LYS V 198 -96.44 -27.61 -87.28
C LYS V 198 -96.20 -26.48 -88.27
N LYS V 199 -95.96 -26.82 -89.54
CA LYS V 199 -95.74 -25.82 -90.57
C LYS V 199 -96.97 -24.93 -90.73
N GLU V 200 -98.15 -25.54 -90.85
CA GLU V 200 -99.35 -24.73 -91.04
C GLU V 200 -99.60 -23.81 -89.84
N MET V 201 -99.45 -24.34 -88.63
CA MET V 201 -99.73 -23.52 -87.46
C MET V 201 -98.72 -22.38 -87.32
N LEU V 202 -97.46 -22.63 -87.65
CA LEU V 202 -96.48 -21.54 -87.65
C LEU V 202 -96.81 -20.48 -88.69
N ASP V 203 -97.24 -20.88 -89.88
CA ASP V 203 -97.58 -19.87 -90.88
C ASP V 203 -98.71 -18.97 -90.39
N VAL V 204 -99.76 -19.57 -89.83
CA VAL V 204 -100.87 -18.74 -89.38
C VAL V 204 -100.44 -17.86 -88.19
N LYS V 205 -99.67 -18.42 -87.26
CA LYS V 205 -99.22 -17.64 -86.11
C LYS V 205 -98.38 -16.46 -86.55
N PHE V 206 -97.50 -16.65 -87.54
CA PHE V 206 -96.67 -15.56 -88.01
C PHE V 206 -97.49 -14.52 -88.76
N MET V 207 -98.53 -14.93 -89.48
CA MET V 207 -99.41 -13.94 -90.10
C MET V 207 -100.10 -13.09 -89.04
N ALA V 208 -100.60 -13.72 -87.98
CA ALA V 208 -101.24 -12.98 -86.89
C ALA V 208 -100.24 -12.02 -86.23
N ASP V 209 -99.01 -12.49 -86.00
CA ASP V 209 -97.99 -11.64 -85.40
C ASP V 209 -97.63 -10.47 -86.32
N THR V 210 -97.64 -10.69 -87.64
CA THR V 210 -97.41 -9.59 -88.57
C THR V 210 -98.50 -8.53 -88.45
N LYS V 211 -99.76 -8.96 -88.36
CA LYS V 211 -100.83 -8.00 -88.16
C LYS V 211 -100.68 -7.25 -86.84
N ILE V 212 -100.28 -7.95 -85.77
CA ILE V 212 -100.06 -7.30 -84.49
C ILE V 212 -98.96 -6.27 -84.60
N ALA V 213 -97.88 -6.61 -85.30
CA ALA V 213 -96.78 -5.67 -85.48
C ALA V 213 -97.23 -4.44 -86.26
N ASP V 214 -98.08 -4.63 -87.26
CA ASP V 214 -98.60 -3.48 -88.01
C ASP V 214 -99.41 -2.57 -87.11
N SER V 215 -100.29 -3.15 -86.28
CA SER V 215 -101.08 -2.33 -85.36
C SER V 215 -100.19 -1.59 -84.36
N LYS V 216 -99.16 -2.27 -83.85
CA LYS V 216 -98.23 -1.64 -82.93
C LYS V 216 -97.50 -0.49 -83.59
N ARG V 217 -97.09 -0.67 -84.85
CA ARG V 217 -96.42 0.40 -85.57
C ARG V 217 -97.32 1.60 -85.74
N ALA V 218 -98.58 1.37 -86.12
CA ALA V 218 -99.50 2.49 -86.28
C ALA V 218 -99.69 3.23 -84.96
N PHE V 219 -99.88 2.49 -83.87
CA PHE V 219 -100.07 3.13 -82.57
C PHE V 219 -98.85 3.93 -82.15
N GLU V 220 -97.66 3.35 -82.30
CA GLU V 220 -96.44 4.06 -81.91
C GLU V 220 -96.23 5.30 -82.75
N LEU V 221 -96.50 5.21 -84.05
CA LEU V 221 -96.35 6.38 -84.92
C LEU V 221 -97.28 7.50 -84.49
N GLN V 222 -98.56 7.18 -84.26
CA GLN V 222 -99.50 8.22 -83.84
C GLN V 222 -99.11 8.81 -82.49
N LYS V 223 -98.70 7.96 -81.55
CA LYS V 223 -98.33 8.46 -80.22
C LYS V 223 -97.12 9.38 -80.29
N SER V 224 -96.09 9.01 -81.05
CA SER V 224 -94.93 9.87 -81.20
C SER V 224 -95.31 11.18 -81.89
N ALA V 225 -96.17 11.11 -82.90
CA ALA V 225 -96.60 12.32 -83.57
C ALA V 225 -97.30 13.27 -82.61
N PHE V 226 -98.15 12.73 -81.74
CA PHE V 226 -98.84 13.58 -80.76
C PHE V 226 -97.85 14.16 -79.76
N SER V 227 -96.92 13.32 -79.29
CA SER V 227 -95.90 13.77 -78.35
C SER V 227 -95.09 14.92 -78.92
N GLU V 228 -94.91 14.95 -80.24
CA GLU V 228 -94.18 16.04 -80.88
C GLU V 228 -94.77 17.40 -80.50
N GLU V 229 -96.02 17.65 -80.87
CA GLU V 229 -96.58 18.97 -80.60
C GLU V 229 -96.86 19.18 -79.12
N VAL V 230 -97.16 18.12 -78.36
CA VAL V 230 -97.36 18.37 -76.93
C VAL V 230 -96.06 18.84 -76.29
N ASN V 231 -94.93 18.27 -76.69
CA ASN V 231 -93.64 18.71 -76.16
C ASN V 231 -93.30 20.11 -76.66
N ILE V 232 -93.66 20.43 -77.90
CA ILE V 232 -93.44 21.79 -78.40
C ILE V 232 -94.18 22.80 -77.55
N LYS V 233 -95.46 22.55 -77.31
CA LYS V 233 -96.27 23.48 -76.52
C LYS V 233 -95.75 23.60 -75.10
N THR V 234 -95.37 22.48 -74.48
CA THR V 234 -94.78 22.58 -73.16
C THR V 234 -93.52 23.45 -73.18
N ALA V 235 -92.59 23.14 -74.08
CA ALA V 235 -91.32 23.87 -74.13
C ALA V 235 -91.56 25.36 -74.25
N GLU V 236 -92.59 25.76 -75.00
CA GLU V 236 -93.01 27.16 -74.95
C GLU V 236 -93.49 27.56 -73.56
N ALA V 237 -94.20 26.65 -72.88
CA ALA V 237 -94.85 27.01 -71.63
C ALA V 237 -93.85 27.35 -70.53
N GLN V 238 -92.78 26.57 -70.37
CA GLN V 238 -91.84 26.93 -69.29
C GLN V 238 -91.21 28.29 -69.52
N LEU V 239 -90.78 28.59 -70.75
CA LEU V 239 -89.96 29.77 -70.98
C LEU V 239 -90.77 31.03 -71.27
N ALA V 240 -92.09 30.93 -71.43
CA ALA V 240 -92.90 32.15 -71.44
C ALA V 240 -92.70 32.95 -70.16
N TYR V 241 -92.49 32.28 -69.03
CA TYR V 241 -92.25 32.95 -67.76
C TYR V 241 -91.00 33.81 -67.84
N GLU V 242 -89.89 33.24 -68.33
CA GLU V 242 -88.66 34.01 -68.42
C GLU V 242 -88.79 35.15 -69.42
N LEU V 243 -89.51 34.92 -70.52
CA LEU V 243 -89.70 35.97 -71.50
C LEU V 243 -90.40 37.18 -70.89
N GLN V 244 -91.53 36.93 -70.21
CA GLN V 244 -92.24 38.04 -69.58
C GLN V 244 -91.43 38.64 -68.44
N GLY V 245 -90.65 37.84 -67.74
CA GLY V 245 -89.82 38.36 -66.67
C GLY V 245 -88.78 39.34 -67.18
N ALA V 246 -88.11 39.00 -68.28
CA ALA V 246 -87.15 39.92 -68.87
C ALA V 246 -87.85 41.17 -69.40
N ARG V 247 -89.01 41.00 -70.04
CA ARG V 247 -89.74 42.14 -70.54
C ARG V 247 -90.10 43.12 -69.44
N GLU V 248 -90.49 42.60 -68.27
CA GLU V 248 -90.77 43.47 -67.13
C GLU V 248 -89.51 44.05 -66.51
N GLN V 249 -88.45 43.24 -66.40
CA GLN V 249 -87.18 43.73 -65.87
C GLN V 249 -86.66 44.90 -66.67
N GLN V 250 -87.01 45.00 -67.96
CA GLN V 250 -86.69 46.20 -68.71
C GLN V 250 -87.13 47.46 -67.96
N LYS V 251 -88.43 47.59 -67.70
CA LYS V 251 -88.94 48.76 -67.01
C LYS V 251 -88.49 48.81 -65.55
N ILE V 252 -88.36 47.65 -64.91
CA ILE V 252 -87.89 47.62 -63.52
C ILE V 252 -86.54 48.31 -63.42
N ARG V 253 -85.60 47.92 -64.27
CA ARG V 253 -84.27 48.51 -64.23
C ARG V 253 -84.28 49.94 -64.76
N GLN V 254 -85.18 50.24 -65.71
CA GLN V 254 -85.33 51.61 -66.18
C GLN V 254 -85.61 52.55 -65.01
N GLU V 255 -86.57 52.21 -64.16
CA GLU V 255 -86.84 53.07 -63.01
C GLU V 255 -85.75 52.98 -61.94
N GLU V 256 -85.21 51.78 -61.70
CA GLU V 256 -84.13 51.65 -60.72
C GLU V 256 -82.93 52.52 -61.07
N ILE V 257 -82.70 52.77 -62.35
CA ILE V 257 -81.62 53.66 -62.78
C ILE V 257 -82.05 55.10 -62.93
N GLU V 258 -83.33 55.37 -63.18
CA GLU V 258 -83.84 56.73 -63.10
C GLU V 258 -83.77 57.28 -61.67
N ILE V 259 -83.70 56.40 -60.67
CA ILE V 259 -83.48 56.84 -59.29
C ILE V 259 -82.32 57.82 -59.21
N GLU V 260 -81.12 57.36 -59.56
CA GLU V 260 -79.96 58.21 -59.43
C GLU V 260 -79.88 59.29 -60.50
N VAL V 261 -80.59 59.12 -61.62
CA VAL V 261 -80.72 60.25 -62.55
C VAL V 261 -81.40 61.42 -61.86
N VAL V 262 -82.53 61.15 -61.20
CA VAL V 262 -83.25 62.18 -60.47
C VAL V 262 -82.39 62.74 -59.35
N GLN V 263 -81.65 61.87 -58.66
CA GLN V 263 -80.78 62.34 -57.57
C GLN V 263 -79.70 63.29 -58.08
N ARG V 264 -78.99 62.90 -59.13
CA ARG V 264 -77.93 63.73 -59.67
C ARG V 264 -78.46 64.98 -60.35
N LYS V 265 -79.73 64.98 -60.77
CA LYS V 265 -80.30 66.18 -61.37
C LYS V 265 -80.33 67.34 -60.39
N LYS V 266 -80.56 67.07 -59.11
CA LYS V 266 -80.59 68.12 -58.09
C LYS V 266 -79.31 68.17 -57.26
N GLN V 267 -78.43 67.18 -57.38
CA GLN V 267 -77.06 67.43 -56.96
C GLN V 267 -76.47 68.66 -57.65
N ILE V 268 -77.03 69.05 -58.80
CA ILE V 268 -76.62 70.30 -59.45
C ILE V 268 -76.87 71.49 -58.53
N ALA V 269 -78.08 71.58 -57.98
CA ALA V 269 -78.39 72.67 -57.06
C ALA V 269 -77.58 72.54 -55.78
N VAL V 270 -77.34 71.31 -55.33
CA VAL V 270 -76.46 71.11 -54.18
C VAL V 270 -75.12 71.76 -54.44
N GLU V 271 -74.54 71.50 -55.61
CA GLU V 271 -73.22 72.03 -55.93
C GLU V 271 -73.24 73.53 -56.15
N ALA V 272 -74.35 74.08 -56.67
CA ALA V 272 -74.44 75.54 -56.80
C ALA V 272 -74.43 76.22 -55.44
N GLN V 273 -75.22 75.70 -54.49
CA GLN V 273 -75.17 76.24 -53.14
C GLN V 273 -73.78 76.06 -52.54
N GLU V 274 -73.12 74.94 -52.83
CA GLU V 274 -71.74 74.77 -52.38
C GLU V 274 -70.81 75.81 -53.00
N ILE V 275 -71.04 76.19 -54.26
CA ILE V 275 -70.22 77.23 -54.88
C ILE V 275 -70.36 78.54 -54.12
N LEU V 276 -71.61 78.92 -53.81
CA LEU V 276 -71.81 80.15 -53.05
C LEU V 276 -71.14 80.06 -51.68
N ARG V 277 -71.32 78.94 -50.99
CA ARG V 277 -70.74 78.78 -49.66
C ARG V 277 -69.22 78.86 -49.70
N THR V 278 -68.59 78.19 -50.68
CA THR V 278 -67.14 78.20 -50.74
C THR V 278 -66.62 79.55 -51.19
N ASP V 279 -67.37 80.29 -52.01
CA ASP V 279 -66.98 81.66 -52.32
C ASP V 279 -66.92 82.51 -51.05
N LYS V 280 -67.98 82.48 -50.25
CA LYS V 280 -67.98 83.26 -49.02
C LYS V 280 -66.91 82.77 -48.04
N GLU V 281 -66.71 81.46 -47.96
CA GLU V 281 -65.70 80.91 -47.06
C GLU V 281 -64.30 81.34 -47.47
N LEU V 282 -63.99 81.31 -48.77
CA LEU V 282 -62.69 81.77 -49.24
C LEU V 282 -62.51 83.26 -48.96
N ILE V 283 -63.57 84.05 -49.14
CA ILE V 283 -63.49 85.46 -48.76
C ILE V 283 -63.06 85.57 -47.30
N ALA V 284 -63.88 85.03 -46.39
CA ALA V 284 -63.62 85.19 -44.96
C ALA V 284 -62.28 84.57 -44.55
N THR V 285 -61.78 83.62 -45.32
CA THR V 285 -60.58 82.88 -44.91
C THR V 285 -59.30 83.51 -45.41
N VAL V 286 -59.27 84.03 -46.63
CA VAL V 286 -58.00 84.51 -47.18
C VAL V 286 -58.07 85.96 -47.65
N ARG V 287 -59.26 86.43 -48.04
CA ARG V 287 -59.34 87.77 -48.63
C ARG V 287 -59.16 88.85 -47.57
N ARG V 288 -59.80 88.72 -46.42
CA ARG V 288 -59.71 89.70 -45.35
C ARG V 288 -58.41 89.57 -44.55
N PRO V 289 -57.95 88.35 -44.23
CA PRO V 289 -56.62 88.25 -43.60
C PRO V 289 -55.51 88.85 -44.44
N ALA V 290 -55.61 88.80 -45.76
CA ALA V 290 -54.61 89.45 -46.61
C ALA V 290 -54.60 90.95 -46.38
N GLU V 291 -55.77 91.57 -46.33
CA GLU V 291 -55.85 93.01 -46.09
C GLU V 291 -55.34 93.36 -44.69
N ALA V 292 -55.69 92.55 -43.69
CA ALA V 292 -55.19 92.79 -42.35
C ALA V 292 -53.67 92.67 -42.30
N GLU V 293 -53.11 91.69 -42.99
CA GLU V 293 -51.66 91.54 -43.03
C GLU V 293 -51.02 92.73 -43.72
N ALA V 294 -51.63 93.22 -44.81
CA ALA V 294 -51.09 94.40 -45.48
C ALA V 294 -51.08 95.60 -44.54
N HIS V 295 -52.18 95.81 -43.81
CA HIS V 295 -52.24 96.92 -42.87
C HIS V 295 -51.18 96.77 -41.78
N ARG V 296 -51.00 95.56 -41.26
CA ARG V 296 -50.00 95.32 -40.24
C ARG V 296 -48.61 95.62 -40.76
N ILE V 297 -48.29 95.16 -41.97
CA ILE V 297 -46.97 95.39 -42.54
C ILE V 297 -46.72 96.87 -42.74
N GLN V 298 -47.71 97.60 -43.24
CA GLN V 298 -47.47 99.02 -43.49
C GLN V 298 -47.37 99.81 -42.18
N GLN V 299 -48.13 99.43 -41.16
CA GLN V 299 -48.00 100.09 -39.86
C GLN V 299 -46.63 99.84 -39.25
N ILE V 300 -46.17 98.58 -39.27
CA ILE V 300 -44.88 98.26 -38.69
C ILE V 300 -43.75 98.89 -39.50
N ALA V 301 -43.91 98.98 -40.82
CA ALA V 301 -42.92 99.66 -41.65
C ALA V 301 -42.85 101.13 -41.30
N GLU V 302 -44.00 101.77 -41.05
CA GLU V 302 -43.98 103.16 -40.62
C GLU V 302 -43.25 103.32 -39.31
N GLY V 303 -43.52 102.44 -38.34
CA GLY V 303 -42.81 102.52 -37.07
C GLY V 303 -41.32 102.36 -37.23
N GLU V 304 -40.90 101.37 -38.02
CA GLU V 304 -39.48 101.12 -38.22
C GLU V 304 -38.81 102.27 -38.95
N LYS V 305 -39.49 102.86 -39.94
CA LYS V 305 -38.92 103.99 -40.67
C LYS V 305 -38.72 105.18 -39.75
N VAL V 306 -39.71 105.48 -38.91
CA VAL V 306 -39.55 106.60 -37.99
C VAL V 306 -38.41 106.32 -37.01
N LYS V 307 -38.31 105.09 -36.51
CA LYS V 307 -37.24 104.75 -35.59
C LYS V 307 -35.87 104.92 -36.24
N GLN V 308 -35.72 104.43 -37.47
CA GLN V 308 -34.44 104.54 -38.16
C GLN V 308 -34.09 105.99 -38.47
N VAL V 309 -35.08 106.80 -38.87
CA VAL V 309 -34.80 108.20 -39.14
C VAL V 309 -34.36 108.92 -37.88
N LEU V 310 -35.04 108.67 -36.76
CA LEU V 310 -34.64 109.31 -35.50
C LEU V 310 -33.26 108.87 -35.06
N LEU V 311 -32.96 107.57 -35.18
CA LEU V 311 -31.63 107.09 -34.80
C LEU V 311 -30.55 107.69 -35.68
N ALA V 312 -30.83 107.82 -36.98
CA ALA V 312 -29.86 108.42 -37.89
C ALA V 312 -29.63 109.89 -37.55
N GLN V 313 -30.70 110.62 -37.22
CA GLN V 313 -30.54 112.02 -36.83
C GLN V 313 -29.70 112.12 -35.56
N ALA V 314 -29.97 111.25 -34.58
CA ALA V 314 -29.20 111.27 -33.35
C ALA V 314 -27.73 110.99 -33.61
N GLU V 315 -27.44 109.99 -34.45
CA GLU V 315 -26.06 109.66 -34.77
C GLU V 315 -25.38 110.80 -35.51
N ALA V 316 -26.10 111.44 -36.45
CA ALA V 316 -25.52 112.55 -37.20
C ALA V 316 -25.15 113.70 -36.29
N GLU V 317 -26.04 114.05 -35.35
CA GLU V 317 -25.73 115.18 -34.49
C GLU V 317 -24.67 114.81 -33.46
N LYS V 318 -24.63 113.53 -33.05
CA LYS V 318 -23.52 113.03 -32.26
C LYS V 318 -22.19 113.29 -32.98
N ILE V 319 -22.12 112.90 -34.25
CA ILE V 319 -20.89 113.08 -35.02
C ILE V 319 -20.56 114.56 -35.15
N ARG V 320 -21.58 115.40 -35.39
CA ARG V 320 -21.34 116.83 -35.54
C ARG V 320 -20.75 117.42 -34.27
N LYS V 321 -21.35 117.12 -33.12
CA LYS V 321 -20.86 117.68 -31.86
C LYS V 321 -19.47 117.16 -31.51
N ILE V 322 -19.23 115.87 -31.73
CA ILE V 322 -17.90 115.32 -31.47
C ILE V 322 -16.87 115.99 -32.37
N GLY V 323 -17.20 116.20 -33.65
CA GLY V 323 -16.27 116.87 -34.54
C GLY V 323 -16.00 118.29 -34.14
N GLU V 324 -17.02 119.01 -33.70
CA GLU V 324 -16.80 120.37 -33.21
C GLU V 324 -15.89 120.39 -31.98
N ALA V 325 -16.10 119.45 -31.06
CA ALA V 325 -15.23 119.36 -29.89
C ALA V 325 -13.79 119.07 -30.29
N GLU V 326 -13.59 118.15 -31.23
CA GLU V 326 -12.24 117.83 -31.69
C GLU V 326 -11.60 119.02 -32.38
N ALA V 327 -12.37 119.76 -33.17
CA ALA V 327 -11.83 120.96 -33.81
C ALA V 327 -11.41 121.99 -32.76
N ALA V 328 -12.22 122.17 -31.73
CA ALA V 328 -11.88 123.13 -30.67
C ALA V 328 -10.60 122.72 -29.97
N VAL V 329 -10.47 121.44 -29.60
CA VAL V 329 -9.28 121.02 -28.87
C VAL V 329 -8.05 121.08 -29.77
N ILE V 330 -8.20 120.77 -31.06
CA ILE V 330 -7.07 120.85 -31.98
C ILE V 330 -6.61 122.30 -32.13
N GLU V 331 -7.56 123.23 -32.23
CA GLU V 331 -7.20 124.64 -32.31
C GLU V 331 -6.50 125.10 -31.03
N ALA V 332 -6.95 124.59 -29.88
CA ALA V 332 -6.28 124.92 -28.62
C ALA V 332 -4.84 124.40 -28.61
N MET V 333 -4.63 123.17 -29.06
CA MET V 333 -3.27 122.64 -29.18
C MET V 333 -2.43 123.49 -30.12
N GLY V 334 -3.02 123.95 -31.22
CA GLY V 334 -2.27 124.82 -32.11
C GLY V 334 -1.87 126.13 -31.44
N LYS V 335 -2.82 126.75 -30.74
CA LYS V 335 -2.52 127.95 -29.97
C LYS V 335 -1.33 127.71 -29.06
N ALA V 336 -1.40 126.65 -28.25
CA ALA V 336 -0.40 126.42 -27.22
C ALA V 336 0.96 126.07 -27.81
N GLU V 337 0.97 125.16 -28.80
CA GLU V 337 2.25 124.71 -29.36
C GLU V 337 2.92 125.82 -30.15
N ALA V 338 2.14 126.62 -30.88
CA ALA V 338 2.71 127.75 -31.59
C ALA V 338 3.27 128.79 -30.62
N GLU V 339 2.57 129.04 -29.51
CA GLU V 339 3.12 129.95 -28.51
C GLU V 339 4.41 129.40 -27.93
N ARG V 340 4.45 128.08 -27.71
CA ARG V 340 5.67 127.44 -27.20
C ARG V 340 6.83 127.66 -28.15
N MET V 341 6.62 127.38 -29.44
CA MET V 341 7.68 127.53 -30.42
C MET V 341 8.11 128.98 -30.56
N LYS V 342 7.15 129.90 -30.54
CA LYS V 342 7.48 131.32 -30.65
C LYS V 342 8.34 131.77 -29.48
N LEU V 343 7.95 131.41 -28.25
CA LEU V 343 8.73 131.81 -27.09
C LEU V 343 10.10 131.15 -27.09
N LYS V 344 10.18 129.91 -27.59
CA LYS V 344 11.47 129.22 -27.64
C LYS V 344 12.37 129.82 -28.72
N ALA V 345 11.78 130.52 -29.68
CA ALA V 345 12.56 131.16 -30.74
C ALA V 345 13.53 132.20 -30.20
N GLU V 346 13.04 133.15 -29.41
CA GLU V 346 13.94 134.14 -28.83
C GLU V 346 14.93 133.49 -27.88
N ALA V 347 14.53 132.41 -27.21
CA ALA V 347 15.46 131.70 -26.34
C ALA V 347 16.64 131.16 -27.13
N TYR V 348 16.38 130.51 -28.26
CA TYR V 348 17.46 130.02 -29.10
C TYR V 348 18.24 131.16 -29.74
N GLN V 349 17.60 132.31 -29.95
CA GLN V 349 18.27 133.41 -30.65
C GLN V 349 19.45 133.94 -29.83
N LYS V 350 19.44 133.72 -28.52
CA LYS V 350 20.46 134.30 -27.65
C LYS V 350 21.57 133.31 -27.32
N TYR V 351 21.73 132.28 -28.15
CA TYR V 351 22.73 131.24 -27.94
C TYR V 351 24.06 131.67 -28.55
N GLY V 352 25.15 131.49 -27.78
CA GLY V 352 26.48 131.77 -28.24
C GLY V 352 27.20 130.52 -28.69
N ASP V 353 28.53 130.62 -28.78
CA ASP V 353 29.33 129.45 -29.13
C ASP V 353 29.28 128.38 -28.05
N ALA V 354 29.38 128.79 -26.78
CA ALA V 354 29.41 127.82 -25.68
C ALA V 354 28.09 127.06 -25.59
N ALA V 355 26.97 127.75 -25.80
CA ALA V 355 25.68 127.08 -25.71
C ALA V 355 25.48 126.06 -26.83
N LYS V 356 25.89 126.41 -28.05
CA LYS V 356 25.83 125.43 -29.14
C LYS V 356 26.75 124.24 -28.86
N MET V 357 27.92 124.50 -28.29
CA MET V 357 28.80 123.41 -27.88
C MET V 357 28.12 122.52 -26.86
N ALA V 358 27.40 123.12 -25.91
CA ALA V 358 26.66 122.34 -24.92
C ALA V 358 25.60 121.48 -25.59
N LEU V 359 24.89 122.05 -26.56
CA LEU V 359 23.87 121.27 -27.28
C LEU V 359 24.48 120.06 -27.97
N VAL V 360 25.60 120.29 -28.68
CA VAL V 360 26.23 119.19 -29.40
C VAL V 360 26.74 118.13 -28.43
N LEU V 361 27.38 118.55 -27.34
CA LEU V 361 27.90 117.59 -26.38
C LEU V 361 26.78 116.81 -25.72
N GLU V 362 25.64 117.45 -25.46
CA GLU V 362 24.51 116.74 -24.88
C GLU V 362 23.93 115.74 -25.87
N ALA V 363 23.93 116.09 -27.16
CA ALA V 363 23.38 115.18 -28.16
C ALA V 363 24.30 113.98 -28.39
N LEU V 364 25.60 114.17 -28.23
CA LEU V 364 26.57 113.14 -28.59
C LEU V 364 26.36 111.79 -27.89
N PRO V 365 26.17 111.71 -26.56
CA PRO V 365 26.05 110.39 -25.95
C PRO V 365 24.87 109.57 -26.44
N GLN V 366 23.73 110.21 -26.73
CA GLN V 366 22.58 109.46 -27.23
C GLN V 366 22.87 108.88 -28.61
N ILE V 367 23.48 109.67 -29.49
CA ILE V 367 23.85 109.18 -30.81
C ILE V 367 24.85 108.03 -30.69
N ALA V 368 25.83 108.20 -29.80
CA ALA V 368 26.83 107.14 -29.61
C ALA V 368 26.18 105.86 -29.10
N ALA V 369 25.23 105.98 -28.17
CA ALA V 369 24.52 104.81 -27.68
C ALA V 369 23.74 104.13 -28.80
N LYS V 370 23.11 104.93 -29.66
CA LYS V 370 22.35 104.34 -30.76
C LYS V 370 23.25 103.62 -31.75
N ILE V 371 24.38 104.23 -32.11
CA ILE V 371 25.26 103.63 -33.10
C ILE V 371 25.92 102.36 -32.55
N ALA V 372 26.25 102.33 -31.27
CA ALA V 372 26.94 101.20 -30.68
C ALA V 372 26.01 100.04 -30.34
N ALA V 373 24.70 100.23 -30.45
CA ALA V 373 23.76 99.16 -30.10
C ALA V 373 24.01 97.86 -30.86
N PRO V 374 24.30 97.86 -32.18
CA PRO V 374 24.58 96.57 -32.85
C PRO V 374 25.80 95.86 -32.29
N LEU V 375 26.70 96.57 -31.62
CA LEU V 375 27.92 95.94 -31.10
C LEU V 375 27.62 95.04 -29.91
N THR V 376 26.39 95.09 -29.40
CA THR V 376 26.01 94.31 -28.23
C THR V 376 26.06 92.81 -28.50
N LYS V 377 25.78 92.40 -29.74
CA LYS V 377 25.61 91.00 -30.08
C LYS V 377 26.89 90.33 -30.57
N VAL V 378 28.04 90.96 -30.39
CA VAL V 378 29.29 90.34 -30.81
C VAL V 378 29.54 89.07 -30.01
N ASP V 379 29.95 88.01 -30.70
CA ASP V 379 30.18 86.72 -30.07
C ASP V 379 31.64 86.52 -29.66
N GLU V 380 32.56 86.65 -30.60
CA GLU V 380 33.96 86.44 -30.31
C GLU V 380 34.79 87.37 -31.18
N ILE V 381 35.97 87.72 -30.69
CA ILE V 381 36.87 88.64 -31.39
C ILE V 381 38.21 87.95 -31.56
N VAL V 382 38.73 87.96 -32.79
CA VAL V 382 40.04 87.41 -33.10
C VAL V 382 40.93 88.53 -33.62
N VAL V 383 42.06 88.74 -32.97
CA VAL V 383 42.99 89.80 -33.33
C VAL V 383 44.34 89.17 -33.66
N LEU V 384 44.91 89.54 -34.79
CA LEU V 384 46.24 89.12 -35.20
C LEU V 384 47.06 90.34 -35.54
N SER V 385 48.37 90.27 -35.28
CA SER V 385 49.24 91.41 -35.50
C SER V 385 50.56 90.92 -36.08
N GLY V 386 51.29 91.85 -36.70
CA GLY V 386 52.57 91.53 -37.30
C GLY V 386 52.43 90.93 -38.69
N ASP V 387 53.28 91.35 -39.62
CA ASP V 387 53.24 90.87 -41.00
C ASP V 387 54.08 89.60 -41.14
N ASN V 388 53.43 88.46 -40.95
CA ASN V 388 54.09 87.16 -41.02
C ASN V 388 53.20 86.18 -41.75
N SER V 389 53.63 84.92 -41.79
CA SER V 389 52.91 83.87 -42.50
C SER V 389 51.72 83.39 -41.67
N LYS V 390 50.97 82.45 -42.25
CA LYS V 390 49.76 81.90 -41.64
C LYS V 390 49.96 80.45 -41.25
N VAL V 391 51.17 80.09 -40.86
CA VAL V 391 51.50 78.70 -40.52
C VAL V 391 51.66 78.54 -39.01
N THR V 392 52.02 79.61 -38.30
CA THR V 392 52.28 79.51 -36.87
C THR V 392 51.04 79.09 -36.10
N SER V 393 49.89 79.67 -36.44
CA SER V 393 48.60 79.37 -35.79
C SER V 393 48.74 79.70 -34.30
N GLU V 394 48.37 78.80 -33.39
CA GLU V 394 48.47 79.08 -31.96
C GLU V 394 49.59 78.26 -31.34
N MET W 1 -124.00 -110.47 -50.52
CA MET W 1 -125.14 -109.57 -50.67
C MET W 1 -124.90 -108.56 -51.79
N PHE W 2 -125.97 -107.93 -52.25
CA PHE W 2 -125.88 -106.98 -53.35
C PHE W 2 -125.15 -105.72 -52.91
N PHE W 3 -124.31 -105.17 -53.80
CA PHE W 3 -123.51 -103.99 -53.52
C PHE W 3 -123.87 -102.91 -54.54
N THR W 4 -124.62 -101.91 -54.10
CA THR W 4 -124.99 -100.81 -54.98
C THR W 4 -123.78 -99.95 -55.29
N CYS W 5 -123.81 -99.33 -56.47
CA CYS W 5 -122.77 -98.41 -56.89
C CYS W 5 -123.41 -97.24 -57.63
N GLY W 6 -122.76 -96.09 -57.55
CA GLY W 6 -123.19 -94.95 -58.31
C GLY W 6 -122.72 -95.04 -59.75
N PRO W 7 -122.99 -93.99 -60.51
CA PRO W 7 -122.51 -93.90 -61.88
C PRO W 7 -121.16 -93.23 -62.08
N ASN W 8 -120.34 -93.11 -61.03
CA ASN W 8 -118.98 -92.60 -61.13
C ASN W 8 -117.94 -93.66 -60.83
N GLU W 9 -118.35 -94.91 -60.62
CA GLU W 9 -117.43 -95.99 -60.35
C GLU W 9 -117.89 -97.25 -61.07
N ALA W 10 -116.93 -98.10 -61.40
CA ALA W 10 -117.21 -99.38 -62.04
C ALA W 10 -116.96 -100.50 -61.05
N MET W 11 -118.01 -101.26 -60.73
CA MET W 11 -117.91 -102.40 -59.83
C MET W 11 -117.67 -103.65 -60.65
N VAL W 12 -116.43 -104.13 -60.66
CA VAL W 12 -116.06 -105.37 -61.33
C VAL W 12 -115.48 -106.30 -60.28
N VAL W 13 -116.05 -107.51 -60.18
CA VAL W 13 -115.66 -108.47 -59.17
C VAL W 13 -115.65 -109.87 -59.79
N SER W 14 -114.84 -110.76 -59.22
CA SER W 14 -114.83 -112.16 -59.61
C SER W 14 -115.45 -112.99 -58.49
N GLY W 15 -116.40 -113.83 -58.84
CA GLY W 15 -117.08 -114.64 -57.86
C GLY W 15 -116.89 -116.14 -58.04
N PHE W 16 -117.96 -116.85 -58.37
CA PHE W 16 -117.91 -118.27 -58.63
C PHE W 16 -118.56 -118.54 -59.98
N CYS W 17 -117.82 -119.17 -60.89
CA CYS W 17 -118.30 -119.50 -62.23
C CYS W 17 -118.79 -118.26 -62.97
N ARG W 18 -117.92 -117.26 -63.04
CA ARG W 18 -118.17 -115.99 -63.74
C ARG W 18 -117.00 -115.66 -64.65
N SER W 19 -116.58 -116.64 -65.45
CA SER W 19 -115.38 -116.48 -66.27
C SER W 19 -115.46 -115.31 -67.24
N PRO W 20 -116.54 -115.10 -68.01
CA PRO W 20 -116.59 -113.92 -68.86
C PRO W 20 -116.57 -112.65 -68.01
N PRO W 21 -116.03 -111.57 -68.55
CA PRO W 21 -115.94 -110.33 -67.77
C PRO W 21 -117.31 -109.77 -67.42
N VAL W 22 -117.39 -109.12 -66.27
CA VAL W 22 -118.62 -108.52 -65.78
C VAL W 22 -118.43 -107.00 -65.73
N MET W 23 -119.28 -106.28 -66.46
CA MET W 23 -119.23 -104.82 -66.56
C MET W 23 -120.42 -104.26 -65.79
N VAL W 24 -120.18 -103.85 -64.54
CA VAL W 24 -121.22 -103.28 -63.69
C VAL W 24 -120.75 -101.92 -63.21
N ALA W 25 -121.54 -100.88 -63.52
CA ALA W 25 -121.32 -99.53 -63.03
C ALA W 25 -122.69 -98.88 -62.86
N GLY W 26 -123.18 -98.87 -61.62
CA GLY W 26 -124.52 -98.39 -61.35
C GLY W 26 -125.53 -99.53 -61.27
N GLY W 27 -125.19 -100.57 -60.51
CA GLY W 27 -126.06 -101.70 -60.34
C GLY W 27 -125.75 -102.41 -59.04
N ARG W 28 -126.09 -103.70 -59.00
CA ARG W 28 -125.82 -104.53 -57.83
C ARG W 28 -125.28 -105.88 -58.27
N VAL W 29 -124.50 -106.49 -57.38
CA VAL W 29 -123.94 -107.84 -57.61
C VAL W 29 -124.04 -108.59 -56.29
N PHE W 30 -124.61 -109.80 -56.33
CA PHE W 30 -124.62 -110.67 -55.18
C PHE W 30 -123.21 -111.21 -54.93
N VAL W 31 -122.62 -110.86 -53.79
CA VAL W 31 -121.22 -111.14 -53.52
C VAL W 31 -121.13 -112.10 -52.33
N LEU W 32 -120.50 -113.24 -52.55
CA LEU W 32 -120.17 -114.15 -51.45
C LEU W 32 -118.99 -113.59 -50.66
N PRO W 33 -118.99 -113.73 -49.33
CA PRO W 33 -117.93 -113.08 -48.55
C PRO W 33 -116.58 -113.77 -48.66
N CYS W 34 -116.55 -115.10 -48.61
CA CYS W 34 -115.30 -115.85 -48.61
C CYS W 34 -114.94 -116.41 -49.99
N ILE W 35 -115.68 -116.07 -51.03
CA ILE W 35 -115.45 -116.59 -52.37
C ILE W 35 -115.10 -115.48 -53.36
N GLN W 36 -115.82 -114.36 -53.30
CA GLN W 36 -115.62 -113.29 -54.27
C GLN W 36 -114.60 -112.28 -53.78
N GLN W 37 -113.99 -111.57 -54.73
CA GLN W 37 -113.02 -110.52 -54.45
C GLN W 37 -113.51 -109.22 -55.07
N ILE W 38 -113.40 -108.13 -54.30
CA ILE W 38 -113.99 -106.85 -54.67
C ILE W 38 -112.88 -105.88 -55.03
N GLN W 39 -113.04 -105.21 -56.18
CA GLN W 39 -112.13 -104.16 -56.62
C GLN W 39 -112.95 -103.07 -57.31
N ARG W 40 -112.43 -101.84 -57.26
CA ARG W 40 -113.17 -100.66 -57.71
C ARG W 40 -112.31 -99.78 -58.60
N ILE W 41 -112.97 -99.11 -59.54
CA ILE W 41 -112.36 -98.07 -60.37
C ILE W 41 -113.25 -96.83 -60.30
N SER W 42 -112.64 -95.68 -60.08
CA SER W 42 -113.37 -94.41 -60.08
C SER W 42 -113.44 -93.84 -61.49
N LEU W 43 -114.66 -93.53 -61.94
CA LEU W 43 -114.89 -93.01 -63.28
C LEU W 43 -114.97 -91.49 -63.32
N ASN W 44 -114.74 -90.82 -62.20
CA ASN W 44 -114.92 -89.38 -62.15
C ASN W 44 -113.88 -88.68 -63.01
N THR W 45 -114.28 -87.60 -63.68
CA THR W 45 -113.40 -86.89 -64.60
C THR W 45 -112.33 -86.12 -63.84
N LEU W 46 -111.08 -86.29 -64.26
CA LEU W 46 -109.96 -85.61 -63.63
C LEU W 46 -109.31 -84.68 -64.65
N THR W 47 -108.97 -83.47 -64.21
CA THR W 47 -108.32 -82.49 -65.06
C THR W 47 -106.81 -82.68 -65.04
N LEU W 48 -106.18 -82.38 -66.17
CA LEU W 48 -104.75 -82.56 -66.33
C LEU W 48 -104.11 -81.24 -66.75
N ASN W 49 -103.02 -80.87 -66.06
CA ASN W 49 -102.26 -79.67 -66.39
C ASN W 49 -101.09 -80.08 -67.26
N VAL W 50 -101.37 -80.24 -68.56
CA VAL W 50 -100.38 -80.72 -69.52
C VAL W 50 -99.43 -79.57 -69.81
N LYS W 51 -98.26 -79.61 -69.20
CA LYS W 51 -97.29 -78.52 -69.29
C LYS W 51 -96.12 -78.92 -70.17
N SER W 52 -95.78 -78.06 -71.13
CA SER W 52 -94.62 -78.25 -72.00
C SER W 52 -93.69 -77.06 -71.83
N GLU W 53 -92.42 -77.33 -71.54
CA GLU W 53 -91.44 -76.29 -71.27
C GLU W 53 -90.32 -76.37 -72.29
N LYS W 54 -90.03 -75.25 -72.95
CA LYS W 54 -88.92 -75.12 -73.89
C LYS W 54 -89.03 -76.17 -75.00
N VAL W 55 -90.12 -76.09 -75.76
CA VAL W 55 -90.39 -77.02 -76.85
C VAL W 55 -90.26 -76.27 -78.16
N TYR W 56 -89.60 -76.90 -79.14
CA TYR W 56 -89.36 -76.28 -80.42
C TYR W 56 -90.53 -76.48 -81.38
N THR W 57 -90.83 -75.43 -82.16
CA THR W 57 -91.88 -75.45 -83.16
C THR W 57 -91.27 -75.81 -84.51
N ARG W 58 -92.06 -75.67 -85.59
CA ARG W 58 -91.58 -76.16 -86.87
C ARG W 58 -90.59 -75.16 -87.48
N HIS W 59 -90.56 -73.92 -86.97
CA HIS W 59 -89.43 -73.02 -87.19
C HIS W 59 -88.27 -73.29 -86.24
N GLY W 60 -88.50 -74.02 -85.16
CA GLY W 60 -87.49 -74.25 -84.16
C GLY W 60 -87.48 -73.28 -82.99
N VAL W 61 -88.31 -72.24 -83.03
CA VAL W 61 -88.32 -71.27 -81.92
C VAL W 61 -88.88 -71.95 -80.67
N PRO W 62 -88.23 -71.79 -79.51
CA PRO W 62 -88.75 -72.41 -78.29
C PRO W 62 -89.77 -71.52 -77.60
N ILE W 63 -90.93 -72.08 -77.30
CA ILE W 63 -92.00 -71.37 -76.60
C ILE W 63 -92.52 -72.26 -75.48
N SER W 64 -92.75 -71.66 -74.31
CA SER W 64 -93.33 -72.38 -73.19
C SER W 64 -94.83 -72.47 -73.37
N VAL W 65 -95.35 -73.70 -73.47
CA VAL W 65 -96.75 -73.94 -73.79
C VAL W 65 -97.37 -74.77 -72.67
N THR W 66 -98.51 -74.32 -72.17
CA THR W 66 -99.26 -75.02 -71.14
C THR W 66 -100.61 -75.47 -71.71
N GLY W 67 -101.00 -76.69 -71.39
CA GLY W 67 -102.26 -77.24 -71.86
C GLY W 67 -103.05 -77.84 -70.72
N ILE W 68 -104.38 -77.82 -70.90
CA ILE W 68 -105.32 -78.37 -69.93
C ILE W 68 -106.20 -79.37 -70.65
N ALA W 69 -106.40 -80.54 -70.02
CA ALA W 69 -107.20 -81.60 -70.61
C ALA W 69 -108.18 -82.14 -69.57
N GLN W 70 -109.35 -82.55 -70.05
CA GLN W 70 -110.35 -83.20 -69.22
C GLN W 70 -110.55 -84.62 -69.73
N VAL W 71 -110.09 -85.60 -68.95
CA VAL W 71 -110.09 -87.00 -69.38
C VAL W 71 -110.99 -87.80 -68.46
N LYS W 72 -111.74 -88.72 -69.05
CA LYS W 72 -112.69 -89.55 -68.31
C LYS W 72 -112.68 -90.96 -68.91
N ILE W 73 -113.07 -91.93 -68.09
CA ILE W 73 -113.15 -93.33 -68.49
C ILE W 73 -114.56 -93.59 -68.98
N GLN W 74 -114.73 -93.79 -70.29
CA GLN W 74 -116.05 -93.97 -70.86
C GLN W 74 -116.62 -95.34 -70.52
N GLY W 75 -117.28 -95.44 -69.36
CA GLY W 75 -117.86 -96.70 -68.93
C GLY W 75 -119.06 -97.15 -69.74
N GLN W 76 -119.59 -96.28 -70.61
CA GLN W 76 -120.72 -96.69 -71.45
C GLN W 76 -120.31 -97.80 -72.42
N ASN W 77 -119.10 -97.72 -72.97
CA ASN W 77 -118.61 -98.73 -73.88
C ASN W 77 -118.13 -99.95 -73.09
N LYS W 78 -118.79 -101.09 -73.31
CA LYS W 78 -118.43 -102.31 -72.59
C LYS W 78 -117.03 -102.77 -72.94
N GLU W 79 -116.67 -102.73 -74.22
CA GLU W 79 -115.35 -103.19 -74.65
C GLU W 79 -114.25 -102.32 -74.07
N MET W 80 -114.41 -101.00 -74.16
CA MET W 80 -113.38 -100.10 -73.66
C MET W 80 -113.25 -100.21 -72.13
N LEU W 81 -114.38 -100.30 -71.43
CA LEU W 81 -114.32 -100.45 -69.98
C LEU W 81 -113.66 -101.76 -69.58
N ALA W 82 -113.97 -102.85 -70.30
CA ALA W 82 -113.34 -104.13 -70.01
C ALA W 82 -111.85 -104.08 -70.26
N ALA W 83 -111.43 -103.39 -71.33
CA ALA W 83 -110.01 -103.22 -71.58
C ALA W 83 -109.36 -102.42 -70.45
N ALA W 84 -110.02 -101.35 -70.00
CA ALA W 84 -109.43 -100.48 -68.98
C ALA W 84 -109.32 -101.17 -67.65
N CYS W 85 -110.29 -102.04 -67.32
CA CYS W 85 -110.27 -102.73 -66.04
C CYS W 85 -109.08 -103.66 -65.91
N GLN W 86 -108.49 -104.08 -67.04
CA GLN W 86 -107.37 -105.02 -67.01
C GLN W 86 -106.11 -104.41 -66.41
N MET W 87 -106.00 -103.08 -66.36
CA MET W 87 -104.84 -102.44 -65.77
C MET W 87 -105.15 -101.34 -64.76
N PHE W 88 -106.37 -100.79 -64.75
CA PHE W 88 -106.65 -99.65 -63.89
C PHE W 88 -107.17 -100.05 -62.52
N LEU W 89 -107.49 -101.32 -62.30
CA LEU W 89 -107.80 -101.78 -60.95
C LEU W 89 -106.56 -101.70 -60.07
N GLY W 90 -106.74 -101.21 -58.85
CA GLY W 90 -105.65 -101.13 -57.89
C GLY W 90 -104.74 -99.94 -58.05
N LYS W 91 -105.02 -99.04 -59.00
CA LYS W 91 -104.22 -97.85 -59.21
C LYS W 91 -104.94 -96.64 -58.62
N THR W 92 -104.19 -95.83 -57.88
CA THR W 92 -104.75 -94.64 -57.25
C THR W 92 -105.06 -93.58 -58.29
N GLU W 93 -105.84 -92.58 -57.86
CA GLU W 93 -106.21 -91.49 -58.77
C GLU W 93 -104.98 -90.70 -59.21
N ALA W 94 -104.02 -90.50 -58.31
CA ALA W 94 -102.84 -89.72 -58.65
C ALA W 94 -102.03 -90.36 -59.76
N GLU W 95 -101.78 -91.67 -59.66
CA GLU W 95 -101.00 -92.36 -60.69
C GLU W 95 -101.78 -92.45 -61.99
N ILE W 96 -103.09 -92.68 -61.91
CA ILE W 96 -103.93 -92.73 -63.10
C ILE W 96 -103.86 -91.40 -63.85
N ALA W 97 -103.97 -90.30 -63.10
CA ALA W 97 -103.82 -88.98 -63.72
C ALA W 97 -102.43 -88.79 -64.31
N HIS W 98 -101.40 -89.18 -63.55
CA HIS W 98 -100.03 -88.89 -63.93
C HIS W 98 -99.59 -89.62 -65.20
N ILE W 99 -99.98 -90.89 -65.36
CA ILE W 99 -99.56 -91.64 -66.53
C ILE W 99 -100.17 -91.06 -67.80
N ALA W 100 -101.49 -90.83 -67.77
CA ALA W 100 -102.15 -90.22 -68.92
C ALA W 100 -101.65 -88.81 -69.16
N LEU W 101 -101.24 -88.11 -68.10
CA LEU W 101 -100.66 -86.78 -68.26
C LEU W 101 -99.39 -86.83 -69.08
N GLU W 102 -98.49 -87.78 -68.76
CA GLU W 102 -97.28 -87.93 -69.53
C GLU W 102 -97.57 -88.34 -70.97
N THR W 103 -98.54 -89.23 -71.17
CA THR W 103 -98.87 -89.63 -72.53
C THR W 103 -99.39 -88.45 -73.35
N LEU W 104 -100.32 -87.68 -72.78
CA LEU W 104 -100.87 -86.54 -73.50
C LEU W 104 -99.82 -85.46 -73.71
N GLU W 105 -98.89 -85.31 -72.76
CA GLU W 105 -97.77 -84.39 -72.97
C GLU W 105 -96.91 -84.85 -74.12
N GLY W 106 -96.67 -86.14 -74.24
CA GLY W 106 -95.93 -86.66 -75.39
C GLY W 106 -96.64 -86.33 -76.69
N HIS W 107 -97.96 -86.55 -76.74
CA HIS W 107 -98.70 -86.24 -77.96
C HIS W 107 -98.65 -84.75 -78.30
N GLN W 108 -98.84 -83.89 -77.29
CA GLN W 108 -98.85 -82.45 -77.54
C GLN W 108 -97.48 -81.97 -78.00
N ARG W 109 -96.42 -82.39 -77.29
CA ARG W 109 -95.07 -81.97 -77.63
C ARG W 109 -94.64 -82.54 -78.97
N ALA W 110 -95.19 -83.69 -79.38
CA ALA W 110 -94.92 -84.21 -80.72
C ALA W 110 -95.63 -83.38 -81.78
N ILE W 111 -96.89 -83.03 -81.55
CA ILE W 111 -97.63 -82.21 -82.52
C ILE W 111 -97.17 -80.76 -82.50
N MET W 112 -96.33 -80.37 -81.54
CA MET W 112 -95.80 -79.01 -81.50
C MET W 112 -95.08 -78.66 -82.79
N ALA W 113 -94.32 -79.60 -83.34
CA ALA W 113 -93.56 -79.34 -84.55
C ALA W 113 -94.41 -79.43 -85.81
N HIS W 114 -95.67 -79.83 -85.70
CA HIS W 114 -96.52 -79.85 -86.87
C HIS W 114 -97.02 -78.45 -87.20
N MET W 115 -97.64 -77.78 -86.23
CA MET W 115 -98.20 -76.45 -86.41
C MET W 115 -97.27 -75.41 -85.80
N THR W 116 -97.01 -74.36 -86.57
CA THR W 116 -96.16 -73.27 -86.11
C THR W 116 -96.91 -72.38 -85.12
N VAL W 117 -96.15 -71.56 -84.40
CA VAL W 117 -96.74 -70.67 -83.40
C VAL W 117 -97.72 -69.71 -84.05
N GLU W 118 -97.35 -69.16 -85.21
CA GLU W 118 -98.27 -68.32 -85.97
C GLU W 118 -99.57 -69.05 -86.22
N GLU W 119 -99.50 -70.35 -86.48
CA GLU W 119 -100.70 -71.14 -86.63
C GLU W 119 -101.40 -71.36 -85.29
N ILE W 120 -100.64 -71.59 -84.22
CA ILE W 120 -101.28 -72.04 -82.98
C ILE W 120 -102.10 -70.92 -82.35
N TYR W 121 -101.60 -69.68 -82.35
CA TYR W 121 -102.43 -68.67 -81.69
C TYR W 121 -103.51 -68.13 -82.62
N LYS W 122 -103.27 -68.11 -83.92
CA LYS W 122 -104.27 -67.65 -84.87
C LYS W 122 -105.27 -68.75 -85.20
N ASP W 123 -104.79 -69.83 -85.81
CA ASP W 123 -105.65 -70.95 -86.18
C ASP W 123 -105.62 -72.02 -85.10
N ARG W 124 -106.42 -71.86 -84.07
CA ARG W 124 -106.38 -72.74 -82.91
C ARG W 124 -107.42 -73.85 -82.98
N GLN W 125 -108.51 -73.62 -83.71
CA GLN W 125 -109.58 -74.61 -83.76
C GLN W 125 -109.13 -75.88 -84.47
N LYS W 126 -108.52 -75.75 -85.65
CA LYS W 126 -108.04 -76.92 -86.36
C LYS W 126 -106.94 -77.63 -85.59
N PHE W 127 -106.04 -76.85 -84.98
CA PHE W 127 -105.02 -77.42 -84.11
C PHE W 127 -105.63 -78.27 -83.02
N SER W 128 -106.59 -77.70 -82.28
CA SER W 128 -107.21 -78.43 -81.17
C SER W 128 -107.94 -79.67 -81.67
N GLU W 129 -108.61 -79.57 -82.80
CA GLU W 129 -109.34 -80.72 -83.34
C GLU W 129 -108.39 -81.85 -83.71
N GLN W 130 -107.28 -81.53 -84.36
CA GLN W 130 -106.33 -82.57 -84.73
C GLN W 130 -105.66 -83.18 -83.50
N VAL W 131 -105.31 -82.34 -82.53
CA VAL W 131 -104.74 -82.86 -81.28
C VAL W 131 -105.72 -83.80 -80.60
N PHE W 132 -106.98 -83.38 -80.51
CA PHE W 132 -108.00 -84.23 -79.89
C PHE W 132 -108.15 -85.53 -80.65
N LYS W 133 -108.19 -85.47 -81.98
CA LYS W 133 -108.35 -86.71 -82.75
C LYS W 133 -107.22 -87.68 -82.48
N VAL W 134 -105.97 -87.24 -82.62
CA VAL W 134 -104.84 -88.15 -82.50
C VAL W 134 -104.72 -88.67 -81.07
N ALA W 135 -104.80 -87.76 -80.10
CA ALA W 135 -104.67 -88.16 -78.70
C ALA W 135 -105.81 -89.09 -78.30
N SER W 136 -107.04 -88.79 -78.73
CA SER W 136 -108.17 -89.65 -78.39
C SER W 136 -108.01 -91.02 -79.01
N SER W 137 -107.52 -91.10 -80.25
CA SER W 137 -107.30 -92.40 -80.85
C SER W 137 -106.27 -93.21 -80.04
N ASP W 138 -105.12 -92.61 -79.77
CA ASP W 138 -104.06 -93.37 -79.12
C ASP W 138 -104.37 -93.64 -77.65
N LEU W 139 -105.30 -92.88 -77.06
CA LEU W 139 -105.63 -93.08 -75.66
C LEU W 139 -106.82 -94.02 -75.48
N VAL W 140 -107.75 -94.03 -76.44
CA VAL W 140 -108.76 -95.06 -76.48
C VAL W 140 -108.10 -96.41 -76.75
N ASN W 141 -107.04 -96.41 -77.55
CA ASN W 141 -106.20 -97.60 -77.64
C ASN W 141 -105.70 -98.02 -76.27
N MET W 142 -105.33 -97.05 -75.43
CA MET W 142 -104.93 -97.38 -74.06
C MET W 142 -106.14 -97.58 -73.17
N GLY W 143 -107.23 -96.83 -73.41
CA GLY W 143 -108.47 -97.04 -72.70
C GLY W 143 -109.12 -95.81 -72.10
N ILE W 144 -108.51 -94.63 -72.21
CA ILE W 144 -109.10 -93.39 -71.70
C ILE W 144 -109.49 -92.51 -72.87
N SER W 145 -110.69 -91.94 -72.81
CA SER W 145 -111.18 -91.02 -73.82
C SER W 145 -111.14 -89.60 -73.25
N VAL W 146 -110.48 -88.70 -73.97
CA VAL W 146 -110.37 -87.31 -73.53
C VAL W 146 -111.67 -86.59 -73.87
N VAL W 147 -112.30 -86.01 -72.85
CA VAL W 147 -113.54 -85.28 -73.07
C VAL W 147 -113.29 -84.03 -73.89
N SER W 148 -112.29 -83.25 -73.51
CA SER W 148 -111.96 -82.02 -74.22
C SER W 148 -110.54 -81.60 -73.85
N TYR W 149 -109.77 -81.21 -74.86
CA TYR W 149 -108.41 -80.74 -74.67
C TYR W 149 -108.34 -79.27 -75.09
N THR W 150 -107.57 -78.48 -74.34
CA THR W 150 -107.37 -77.08 -74.64
C THR W 150 -105.93 -76.70 -74.34
N LEU W 151 -105.52 -75.54 -74.83
CA LEU W 151 -104.20 -75.00 -74.59
C LEU W 151 -104.31 -73.86 -73.59
N LYS W 152 -103.60 -73.98 -72.47
CA LYS W 152 -103.78 -73.03 -71.37
C LYS W 152 -103.10 -71.70 -71.68
N ASP W 153 -101.79 -71.72 -71.88
CA ASP W 153 -101.03 -70.48 -72.09
C ASP W 153 -99.86 -70.76 -73.01
N ILE W 154 -99.44 -69.73 -73.73
CA ILE W 154 -98.25 -69.76 -74.56
C ILE W 154 -97.31 -68.67 -74.07
N HIS W 155 -96.06 -69.05 -73.79
CA HIS W 155 -95.07 -68.12 -73.28
C HIS W 155 -93.80 -68.22 -74.11
N ASP W 156 -93.15 -67.07 -74.32
CA ASP W 156 -91.90 -67.01 -75.06
C ASP W 156 -90.87 -66.27 -74.22
N ASP W 157 -89.77 -66.97 -73.90
CA ASP W 157 -88.67 -66.38 -73.16
C ASP W 157 -87.62 -65.75 -74.08
N GLN W 158 -87.78 -65.89 -75.39
CA GLN W 158 -86.83 -65.38 -76.36
C GLN W 158 -87.23 -64.02 -76.92
N ASP W 159 -88.32 -63.43 -76.43
CA ASP W 159 -88.90 -62.18 -76.92
C ASP W 159 -89.34 -62.29 -78.37
N TYR W 160 -89.74 -63.47 -78.83
CA TYR W 160 -90.11 -63.66 -80.22
C TYR W 160 -91.43 -62.95 -80.54
N LEU W 161 -92.40 -63.05 -79.64
CA LEU W 161 -93.75 -62.58 -79.96
C LEU W 161 -93.96 -61.14 -79.49
N HIS W 162 -93.10 -60.66 -78.60
CA HIS W 162 -93.25 -59.31 -78.07
C HIS W 162 -93.11 -58.27 -79.17
N SER W 163 -92.17 -58.47 -80.10
CA SER W 163 -92.01 -57.51 -81.20
C SER W 163 -93.22 -57.54 -82.14
N LEU W 164 -93.75 -58.74 -82.40
CA LEU W 164 -94.96 -58.84 -83.22
C LEU W 164 -96.12 -58.09 -82.58
N GLY W 165 -96.22 -58.16 -81.25
CA GLY W 165 -97.21 -57.36 -80.55
C GLY W 165 -96.93 -55.87 -80.65
N LYS W 166 -95.66 -55.49 -80.52
CA LYS W 166 -95.30 -54.07 -80.45
C LYS W 166 -95.50 -53.37 -81.79
N ALA W 167 -95.46 -54.14 -82.89
CA ALA W 167 -95.69 -53.55 -84.20
C ALA W 167 -97.03 -52.82 -84.28
N ARG W 168 -98.11 -53.50 -83.88
CA ARG W 168 -99.43 -52.90 -83.94
C ARG W 168 -99.56 -51.75 -82.94
N THR W 169 -98.88 -51.85 -81.80
CA THR W 169 -98.90 -50.75 -80.83
C THR W 169 -98.29 -49.49 -81.44
N ALA W 170 -97.19 -49.63 -82.17
CA ALA W 170 -96.66 -48.48 -82.89
C ALA W 170 -97.63 -47.99 -83.94
N GLN W 171 -98.27 -48.92 -84.65
CA GLN W 171 -99.18 -48.54 -85.73
C GLN W 171 -100.40 -47.78 -85.19
N VAL W 172 -100.75 -47.99 -83.93
CA VAL W 172 -101.87 -47.26 -83.35
C VAL W 172 -101.37 -45.97 -82.69
N GLN W 173 -100.14 -45.99 -82.18
CA GLN W 173 -99.59 -44.78 -81.57
C GLN W 173 -99.37 -43.69 -82.61
N LYS W 174 -99.12 -44.07 -83.86
CA LYS W 174 -99.03 -43.05 -84.90
C LYS W 174 -100.36 -42.31 -85.06
N ASP W 175 -101.47 -43.06 -85.01
CA ASP W 175 -102.80 -42.44 -85.02
C ASP W 175 -103.02 -41.59 -83.77
N ALA W 176 -102.58 -42.09 -82.61
CA ALA W 176 -102.70 -41.32 -81.38
C ALA W 176 -101.99 -39.98 -81.50
N ARG W 177 -100.84 -39.95 -82.15
CA ARG W 177 -100.11 -38.69 -82.33
C ARG W 177 -100.75 -37.82 -83.41
N ILE W 178 -101.29 -38.43 -84.47
CA ILE W 178 -101.89 -37.65 -85.54
C ILE W 178 -103.11 -36.90 -85.02
N GLY W 179 -103.88 -37.53 -84.15
CA GLY W 179 -105.04 -36.85 -83.58
C GLY W 179 -104.63 -35.65 -82.74
N GLU W 180 -103.59 -35.81 -81.92
CA GLU W 180 -103.10 -34.71 -81.10
C GLU W 180 -102.58 -33.58 -81.97
N ALA W 181 -101.88 -33.90 -83.05
CA ALA W 181 -101.40 -32.87 -83.96
C ALA W 181 -102.55 -32.10 -84.60
N GLU W 182 -103.58 -32.82 -85.07
CA GLU W 182 -104.78 -32.14 -85.56
C GLU W 182 -105.35 -31.19 -84.52
N ALA W 183 -105.56 -31.68 -83.30
CA ALA W 183 -106.18 -30.85 -82.27
C ALA W 183 -105.34 -29.63 -81.94
N LYS W 184 -104.02 -29.81 -81.81
CA LYS W 184 -103.15 -28.69 -81.47
C LYS W 184 -103.12 -27.64 -82.56
N ARG W 185 -103.00 -28.05 -83.83
CA ARG W 185 -102.99 -27.08 -84.91
C ARG W 185 -104.32 -26.33 -84.97
N ASP W 186 -105.44 -27.05 -84.85
CA ASP W 186 -106.75 -26.40 -84.94
C ASP W 186 -106.97 -25.44 -83.78
N ALA W 187 -106.49 -25.78 -82.58
CA ALA W 187 -106.62 -24.85 -81.47
C ALA W 187 -105.75 -23.62 -81.65
N GLY W 188 -104.47 -23.83 -81.99
CA GLY W 188 -103.53 -22.73 -82.09
C GLY W 188 -103.87 -21.73 -83.16
N ILE W 189 -104.36 -22.19 -84.32
CA ILE W 189 -104.66 -21.27 -85.41
C ILE W 189 -105.66 -20.19 -84.96
N ARG W 190 -106.81 -20.59 -84.44
CA ARG W 190 -107.82 -19.62 -84.04
C ARG W 190 -107.50 -18.94 -82.72
N GLU W 191 -106.75 -19.59 -81.82
CA GLU W 191 -106.30 -18.87 -80.64
C GLU W 191 -105.43 -17.69 -81.01
N ALA W 192 -104.45 -17.91 -81.90
CA ALA W 192 -103.60 -16.82 -82.35
C ALA W 192 -104.41 -15.76 -83.09
N LYS W 193 -105.38 -16.18 -83.91
CA LYS W 193 -106.18 -15.19 -84.62
C LYS W 193 -106.98 -14.31 -83.66
N ALA W 194 -107.62 -14.91 -82.65
CA ALA W 194 -108.37 -14.12 -81.68
C ALA W 194 -107.46 -13.20 -80.89
N LYS W 195 -106.27 -13.70 -80.51
CA LYS W 195 -105.27 -12.85 -79.90
C LYS W 195 -104.98 -11.63 -80.77
N GLN W 196 -104.85 -11.86 -82.08
CA GLN W 196 -104.57 -10.79 -83.03
C GLN W 196 -105.67 -9.74 -83.02
N GLU W 197 -106.93 -10.18 -83.12
CA GLU W 197 -108.02 -9.21 -83.11
C GLU W 197 -108.06 -8.41 -81.82
N LYS W 198 -107.86 -9.06 -80.67
CA LYS W 198 -108.01 -8.30 -79.43
C LYS W 198 -106.90 -7.26 -79.31
N VAL W 199 -105.68 -7.62 -79.71
CA VAL W 199 -104.58 -6.66 -79.65
C VAL W 199 -104.83 -5.51 -80.63
N SER W 200 -105.32 -5.82 -81.82
CA SER W 200 -105.60 -4.77 -82.80
C SER W 200 -106.63 -3.78 -82.26
N ALA W 201 -107.71 -4.30 -81.65
CA ALA W 201 -108.71 -3.42 -81.07
C ALA W 201 -108.18 -2.62 -79.88
N GLN W 202 -107.34 -3.24 -79.06
CA GLN W 202 -106.76 -2.52 -77.92
C GLN W 202 -105.91 -1.36 -78.39
N TYR W 203 -105.10 -1.56 -79.43
CA TYR W 203 -104.30 -0.46 -79.95
C TYR W 203 -105.17 0.58 -80.65
N LEU W 204 -106.24 0.16 -81.30
CA LEU W 204 -107.17 1.13 -81.88
C LEU W 204 -107.75 2.04 -80.80
N SER W 205 -108.12 1.46 -79.66
CA SER W 205 -108.60 2.27 -78.53
C SER W 205 -107.50 3.17 -77.99
N GLU W 206 -106.28 2.66 -77.90
CA GLU W 206 -105.16 3.48 -77.43
C GLU W 206 -104.87 4.65 -78.37
N ILE W 207 -105.25 4.55 -79.64
CA ILE W 207 -105.15 5.71 -80.53
C ILE W 207 -106.02 6.85 -80.03
N GLU W 208 -107.29 6.56 -79.72
CA GLU W 208 -108.17 7.58 -79.16
C GLU W 208 -107.71 8.03 -77.78
N MET W 209 -107.06 7.14 -77.03
CA MET W 209 -106.42 7.56 -75.79
C MET W 209 -105.45 8.71 -76.03
N ALA W 210 -104.58 8.58 -77.03
CA ALA W 210 -103.64 9.64 -77.34
C ALA W 210 -104.33 10.87 -77.92
N LYS W 211 -105.41 10.67 -78.68
CA LYS W 211 -106.22 11.80 -79.14
C LYS W 211 -106.67 12.65 -77.95
N ALA W 212 -107.28 12.01 -76.96
CA ALA W 212 -107.74 12.75 -75.78
C ALA W 212 -106.58 13.34 -74.99
N GLN W 213 -105.47 12.61 -74.90
CA GLN W 213 -104.31 13.11 -74.18
C GLN W 213 -103.79 14.40 -74.82
N ARG W 214 -103.69 14.43 -76.14
CA ARG W 214 -103.34 15.66 -76.84
C ARG W 214 -104.36 16.76 -76.58
N ASP W 215 -105.64 16.44 -76.75
CA ASP W 215 -106.69 17.44 -76.59
C ASP W 215 -106.67 18.08 -75.21
N TYR W 216 -106.26 17.35 -74.18
CA TYR W 216 -106.15 17.89 -72.84
C TYR W 216 -104.85 18.62 -72.60
N GLU W 217 -103.72 18.00 -72.95
CA GLU W 217 -102.40 18.55 -72.64
C GLU W 217 -102.13 19.84 -73.40
N LEU W 218 -102.51 19.91 -74.67
CA LEU W 218 -102.25 21.13 -75.44
C LEU W 218 -102.97 22.32 -74.85
N LYS W 219 -104.25 22.15 -74.50
CA LYS W 219 -104.99 23.24 -73.89
C LYS W 219 -104.44 23.59 -72.51
N LYS W 220 -104.04 22.58 -71.73
CA LYS W 220 -103.47 22.88 -70.42
C LYS W 220 -102.21 23.73 -70.56
N ALA W 221 -101.34 23.36 -71.50
CA ALA W 221 -100.12 24.14 -71.71
C ALA W 221 -100.44 25.55 -72.23
N ALA W 222 -101.41 25.66 -73.13
CA ALA W 222 -101.77 26.97 -73.66
C ALA W 222 -102.29 27.89 -72.56
N TYR W 223 -103.08 27.34 -71.63
CA TYR W 223 -103.56 28.12 -70.51
C TYR W 223 -102.44 28.46 -69.53
N ASP W 224 -101.51 27.52 -69.35
CA ASP W 224 -100.37 27.76 -68.47
C ASP W 224 -99.51 28.91 -69.00
N ILE W 225 -99.39 29.04 -70.31
CA ILE W 225 -98.62 30.16 -70.87
C ILE W 225 -99.19 31.49 -70.38
N GLU W 226 -100.51 31.66 -70.50
CA GLU W 226 -101.14 32.91 -70.09
C GLU W 226 -101.00 33.13 -68.59
N VAL W 227 -101.23 32.09 -67.78
CA VAL W 227 -101.17 32.28 -66.34
C VAL W 227 -99.74 32.63 -65.91
N ASN W 228 -98.74 32.00 -66.54
CA ASN W 228 -97.36 32.33 -66.20
C ASN W 228 -97.01 33.75 -66.59
N THR W 229 -97.46 34.22 -67.76
CA THR W 229 -97.18 35.60 -68.15
C THR W 229 -97.80 36.58 -67.16
N ARG W 230 -99.07 36.37 -66.80
CA ARG W 230 -99.72 37.29 -65.87
C ARG W 230 -99.07 37.25 -64.49
N ARG W 231 -98.70 36.06 -64.01
CA ARG W 231 -98.02 35.96 -62.72
C ARG W 231 -96.67 36.65 -62.75
N ALA W 232 -95.93 36.53 -63.86
CA ALA W 232 -94.66 37.22 -63.98
C ALA W 232 -94.84 38.73 -63.92
N GLN W 233 -95.87 39.25 -64.60
CA GLN W 233 -96.14 40.68 -64.51
C GLN W 233 -96.50 41.09 -63.08
N ALA W 234 -97.33 40.29 -62.41
CA ALA W 234 -97.79 40.63 -61.08
C ALA W 234 -96.65 40.64 -60.07
N ASP W 235 -95.69 39.71 -60.21
CA ASP W 235 -94.58 39.67 -59.26
C ASP W 235 -93.76 40.95 -59.28
N LEU W 236 -93.46 41.46 -60.47
CA LEU W 236 -92.55 42.59 -60.60
C LEU W 236 -93.27 43.94 -60.62
N ALA W 237 -94.60 43.96 -60.64
CA ALA W 237 -95.31 45.22 -60.46
C ALA W 237 -94.90 45.90 -59.15
N TYR W 238 -94.70 45.12 -58.10
CA TYR W 238 -94.31 45.67 -56.80
C TYR W 238 -92.98 46.40 -56.90
N GLN W 239 -91.98 45.76 -57.50
CA GLN W 239 -90.67 46.38 -57.66
C GLN W 239 -90.75 47.62 -58.53
N LEU W 240 -91.55 47.56 -59.60
CA LEU W 240 -91.71 48.73 -60.46
C LEU W 240 -92.25 49.91 -59.67
N GLN W 241 -93.31 49.69 -58.89
CA GLN W 241 -93.90 50.80 -58.14
C GLN W 241 -92.97 51.30 -57.03
N VAL W 242 -92.26 50.38 -56.36
CA VAL W 242 -91.39 50.81 -55.28
C VAL W 242 -90.23 51.63 -55.82
N ALA W 243 -89.74 51.29 -57.02
CA ALA W 243 -88.72 52.14 -57.64
C ALA W 243 -89.31 53.49 -58.05
N LYS W 244 -90.52 53.48 -58.62
CA LYS W 244 -91.12 54.74 -59.06
C LYS W 244 -91.32 55.70 -57.91
N THR W 245 -91.65 55.18 -56.72
CA THR W 245 -91.82 56.06 -55.56
C THR W 245 -90.50 56.35 -54.85
N LYS W 246 -89.53 55.43 -54.90
CA LYS W 246 -88.19 55.73 -54.41
C LYS W 246 -87.58 56.88 -55.19
N GLN W 247 -88.01 57.10 -56.42
CA GLN W 247 -87.60 58.30 -57.14
C GLN W 247 -87.88 59.56 -56.31
N GLN W 248 -89.12 59.72 -55.85
CA GLN W 248 -89.46 60.89 -55.05
C GLN W 248 -88.82 60.84 -53.67
N ILE W 249 -88.69 59.64 -53.11
CA ILE W 249 -88.02 59.50 -51.82
C ILE W 249 -86.63 60.12 -51.88
N GLU W 250 -85.86 59.76 -52.91
CA GLU W 250 -84.53 60.32 -53.09
C GLU W 250 -84.57 61.78 -53.50
N GLU W 251 -85.56 62.17 -54.30
CA GLU W 251 -85.68 63.57 -54.70
C GLU W 251 -85.78 64.49 -53.50
N GLN W 252 -86.48 64.06 -52.45
CA GLN W 252 -86.56 64.87 -51.23
C GLN W 252 -85.40 64.63 -50.26
N ARG W 253 -84.90 63.39 -50.19
CA ARG W 253 -83.77 63.09 -49.32
C ARG W 253 -82.51 63.82 -49.78
N VAL W 254 -82.49 64.29 -51.03
CA VAL W 254 -81.40 65.15 -51.47
C VAL W 254 -81.76 66.63 -51.36
N GLN W 255 -83.04 66.97 -51.44
CA GLN W 255 -83.47 68.36 -51.22
C GLN W 255 -83.14 68.84 -49.82
N VAL W 256 -83.14 67.94 -48.84
CA VAL W 256 -82.70 68.35 -47.52
C VAL W 256 -81.25 68.83 -47.55
N GLN W 257 -80.40 68.22 -48.38
CA GLN W 257 -79.03 68.70 -48.53
C GLN W 257 -78.99 70.08 -49.16
N VAL W 258 -79.86 70.36 -50.13
CA VAL W 258 -79.91 71.69 -50.73
C VAL W 258 -80.24 72.71 -49.67
N VAL W 259 -81.21 72.40 -48.80
CA VAL W 259 -81.55 73.32 -47.71
C VAL W 259 -80.35 73.52 -46.78
N GLU W 260 -79.67 72.43 -46.43
CA GLU W 260 -78.48 72.53 -45.59
C GLU W 260 -77.46 73.50 -46.16
N ARG W 261 -77.12 73.35 -47.44
CA ARG W 261 -76.10 74.22 -48.03
C ARG W 261 -76.60 75.64 -48.20
N ALA W 262 -77.86 75.82 -48.59
CA ALA W 262 -78.43 77.14 -48.77
C ALA W 262 -78.58 77.90 -47.45
N GLN W 263 -78.45 77.22 -46.31
CA GLN W 263 -78.33 77.95 -45.05
C GLN W 263 -76.91 78.03 -44.53
N GLN W 264 -76.03 77.08 -44.87
CA GLN W 264 -74.62 77.25 -44.58
C GLN W 264 -74.05 78.48 -45.28
N VAL W 265 -74.61 78.84 -46.44
CA VAL W 265 -74.16 80.08 -47.07
C VAL W 265 -74.47 81.29 -46.20
N ALA W 266 -75.62 81.29 -45.52
CA ALA W 266 -75.92 82.39 -44.60
C ALA W 266 -75.03 82.33 -43.36
N VAL W 267 -74.71 81.12 -42.91
CA VAL W 267 -73.73 80.97 -41.83
C VAL W 267 -72.43 81.66 -42.20
N GLN W 268 -71.94 81.42 -43.41
CA GLN W 268 -70.71 82.06 -43.86
C GLN W 268 -70.91 83.56 -44.09
N GLU W 269 -72.12 83.97 -44.45
CA GLU W 269 -72.41 85.40 -44.61
C GLU W 269 -72.24 86.13 -43.28
N GLN W 270 -72.63 85.49 -42.19
CA GLN W 270 -72.34 86.07 -40.87
C GLN W 270 -70.87 85.90 -40.50
N GLU W 271 -70.25 84.80 -40.94
CA GLU W 271 -68.86 84.54 -40.60
C GLU W 271 -67.93 85.57 -41.21
N ILE W 272 -68.27 86.11 -42.38
CA ILE W 272 -67.37 87.09 -43.01
C ILE W 272 -67.27 88.34 -42.15
N ALA W 273 -68.40 88.81 -41.61
CA ALA W 273 -68.36 89.99 -40.74
C ALA W 273 -67.74 89.65 -39.39
N ARG W 274 -67.97 88.44 -38.89
CA ARG W 274 -67.31 88.04 -37.66
C ARG W 274 -65.79 88.06 -37.84
N ARG W 275 -65.30 87.55 -38.96
CA ARG W 275 -63.88 87.60 -39.26
C ARG W 275 -63.38 89.03 -39.43
N GLU W 276 -64.17 89.87 -40.11
CA GLU W 276 -63.86 91.30 -40.14
C GLU W 276 -63.53 91.83 -38.76
N LYS W 277 -64.50 91.72 -37.83
CA LYS W 277 -64.33 92.31 -36.51
C LYS W 277 -63.18 91.66 -35.75
N GLU W 278 -63.14 90.33 -35.73
CA GLU W 278 -62.12 89.63 -34.94
C GLU W 278 -60.72 89.90 -35.46
N LEU W 279 -60.55 89.86 -36.79
CA LEU W 279 -59.26 90.12 -37.39
C LEU W 279 -58.83 91.56 -37.15
N GLU W 280 -59.76 92.52 -37.25
CA GLU W 280 -59.42 93.88 -36.91
C GLU W 280 -58.89 93.97 -35.48
N ALA W 281 -59.65 93.40 -34.53
CA ALA W 281 -59.27 93.48 -33.12
C ALA W 281 -57.92 92.83 -32.86
N ARG W 282 -57.65 91.69 -33.48
CA ARG W 282 -56.43 90.93 -33.17
C ARG W 282 -55.24 91.28 -34.06
N VAL W 283 -55.41 92.14 -35.06
CA VAL W 283 -54.29 92.49 -35.92
C VAL W 283 -54.07 94.00 -35.97
N ARG W 284 -55.10 94.74 -36.36
CA ARG W 284 -54.91 96.16 -36.68
C ARG W 284 -54.60 96.96 -35.43
N LYS W 285 -55.39 96.78 -34.36
CA LYS W 285 -55.13 97.49 -33.12
C LYS W 285 -53.80 97.13 -32.49
N PRO W 286 -53.39 95.85 -32.40
CA PRO W 286 -52.04 95.56 -31.92
C PRO W 286 -50.95 96.19 -32.77
N ALA W 287 -51.15 96.25 -34.09
CA ALA W 287 -50.17 96.91 -34.95
C ALA W 287 -50.07 98.40 -34.64
N GLU W 288 -51.21 99.07 -34.45
CA GLU W 288 -51.18 100.49 -34.09
C GLU W 288 -50.49 100.69 -32.75
N ALA W 289 -50.80 99.85 -31.76
CA ALA W 289 -50.17 99.98 -30.46
C ALA W 289 -48.67 99.75 -30.53
N GLU W 290 -48.23 98.75 -31.32
CA GLU W 290 -46.81 98.51 -31.47
C GLU W 290 -46.12 99.66 -32.19
N ARG W 291 -46.77 100.25 -33.18
CA ARG W 291 -46.20 101.40 -33.85
C ARG W 291 -46.03 102.57 -32.89
N TYR W 292 -47.03 102.81 -32.05
CA TYR W 292 -46.91 103.90 -31.08
C TYR W 292 -45.79 103.62 -30.07
N LYS W 293 -45.69 102.37 -29.63
CA LYS W 293 -44.62 101.99 -28.70
C LYS W 293 -43.25 102.21 -29.32
N LEU W 294 -43.07 101.78 -30.57
CA LEU W 294 -41.81 101.98 -31.26
C LEU W 294 -41.50 103.46 -31.45
N GLU W 295 -42.51 104.25 -31.80
CA GLU W 295 -42.32 105.70 -31.94
C GLU W 295 -41.82 106.31 -30.64
N ARG W 296 -42.48 105.99 -29.53
CA ARG W 296 -42.10 106.60 -28.26
C ARG W 296 -40.73 106.13 -27.78
N LEU W 297 -40.44 104.83 -27.91
CA LEU W 297 -39.13 104.34 -27.49
C LEU W 297 -38.02 104.92 -28.35
N ALA W 298 -38.24 105.04 -29.67
CA ALA W 298 -37.25 105.66 -30.53
C ALA W 298 -37.04 107.13 -30.19
N GLU W 299 -38.12 107.85 -29.88
CA GLU W 299 -37.98 109.24 -29.47
C GLU W 299 -37.17 109.36 -28.18
N ALA W 300 -37.42 108.46 -27.23
CA ALA W 300 -36.64 108.46 -25.99
C ALA W 300 -35.17 108.15 -26.26
N GLU W 301 -34.89 107.19 -27.14
CA GLU W 301 -33.52 106.85 -27.45
C GLU W 301 -32.80 108.01 -28.12
N LYS W 302 -33.47 108.70 -29.03
CA LYS W 302 -32.87 109.89 -29.64
C LYS W 302 -32.61 110.97 -28.60
N SER W 303 -33.57 111.19 -27.70
CA SER W 303 -33.40 112.22 -26.68
C SER W 303 -32.24 111.90 -25.75
N GLN W 304 -32.03 110.61 -25.46
CA GLN W 304 -30.91 110.23 -24.62
C GLN W 304 -29.58 110.36 -25.36
N LEU W 305 -29.54 109.89 -26.62
CA LEU W 305 -28.29 109.87 -27.36
C LEU W 305 -27.81 111.28 -27.68
N ILE W 306 -28.73 112.18 -28.03
CA ILE W 306 -28.32 113.54 -28.38
C ILE W 306 -27.62 114.22 -27.21
N MET W 307 -28.16 114.08 -26.00
CA MET W 307 -27.59 114.77 -24.86
C MET W 307 -26.43 114.04 -24.24
N GLN W 308 -26.36 112.71 -24.36
CA GLN W 308 -25.12 112.01 -24.03
C GLN W 308 -23.99 112.45 -24.94
N ALA W 309 -24.27 112.61 -26.23
CA ALA W 309 -23.28 113.13 -27.16
C ALA W 309 -22.86 114.54 -26.80
N GLU W 310 -23.83 115.39 -26.42
CA GLU W 310 -23.50 116.74 -26.00
C GLU W 310 -22.59 116.72 -24.78
N ALA W 311 -22.88 115.85 -23.81
CA ALA W 311 -22.04 115.74 -22.63
C ALA W 311 -20.63 115.29 -22.98
N GLU W 312 -20.52 114.30 -23.87
CA GLU W 312 -19.19 113.84 -24.29
C GLU W 312 -18.42 114.95 -25.00
N ALA W 313 -19.10 115.70 -25.87
CA ALA W 313 -18.45 116.79 -26.58
C ALA W 313 -17.97 117.86 -25.62
N ALA W 314 -18.79 118.23 -24.64
CA ALA W 314 -18.37 119.21 -23.65
C ALA W 314 -17.19 118.70 -22.82
N SER W 315 -17.21 117.41 -22.46
CA SER W 315 -16.09 116.83 -21.74
C SER W 315 -14.80 116.94 -22.56
N VAL W 316 -14.86 116.56 -23.83
CA VAL W 316 -13.66 116.62 -24.67
C VAL W 316 -13.19 118.06 -24.80
N ARG W 317 -14.10 118.99 -25.06
CA ARG W 317 -13.73 120.40 -25.20
C ARG W 317 -13.02 120.91 -23.96
N MET W 318 -13.62 120.69 -22.78
CA MET W 318 -13.04 121.24 -21.56
C MET W 318 -11.71 120.59 -21.21
N ARG W 319 -11.61 119.26 -21.31
CA ARG W 319 -10.36 118.60 -20.99
C ARG W 319 -9.24 119.03 -21.94
N GLY W 320 -9.56 119.13 -23.24
CA GLY W 320 -8.56 119.57 -24.19
C GLY W 320 -8.12 120.99 -23.96
N GLU W 321 -9.06 121.89 -23.65
CA GLU W 321 -8.71 123.26 -23.36
C GLU W 321 -7.82 123.35 -22.13
N ALA W 322 -8.14 122.59 -21.09
CA ALA W 322 -7.32 122.60 -19.88
C ALA W 322 -5.91 122.11 -20.17
N GLU W 323 -5.78 121.01 -20.93
CA GLU W 323 -4.46 120.47 -21.17
C GLU W 323 -3.66 121.38 -22.09
N ALA W 324 -4.32 122.06 -23.04
CA ALA W 324 -3.63 123.03 -23.88
C ALA W 324 -3.13 124.22 -23.06
N PHE W 325 -3.95 124.69 -22.11
CA PHE W 325 -3.49 125.77 -21.24
C PHE W 325 -2.30 125.32 -20.40
N ALA W 326 -2.32 124.07 -19.94
CA ALA W 326 -1.19 123.53 -19.21
C ALA W 326 0.07 123.46 -20.08
N ILE W 327 -0.09 123.07 -21.35
CA ILE W 327 1.04 123.07 -22.28
C ILE W 327 1.59 124.46 -22.44
N GLY W 328 0.72 125.45 -22.61
CA GLY W 328 1.19 126.83 -22.67
C GLY W 328 1.90 127.28 -21.41
N ALA W 329 1.44 126.80 -20.25
CA ALA W 329 2.09 127.15 -19.00
C ALA W 329 3.52 126.63 -18.94
N ARG W 330 3.71 125.33 -19.22
CA ARG W 330 5.08 124.84 -19.31
C ARG W 330 5.86 125.53 -20.42
N ALA W 331 5.20 125.94 -21.49
CA ALA W 331 5.92 126.63 -22.57
C ALA W 331 6.52 127.94 -22.09
N ARG W 332 5.70 128.77 -21.43
CA ARG W 332 6.19 130.02 -20.89
C ARG W 332 7.27 129.79 -19.84
N ALA W 333 7.07 128.80 -18.96
CA ALA W 333 8.07 128.51 -17.93
C ALA W 333 9.38 128.10 -18.56
N GLU W 334 9.34 127.23 -19.57
CA GLU W 334 10.55 126.73 -20.20
C GLU W 334 11.26 127.82 -20.98
N ALA W 335 10.51 128.73 -21.60
CA ALA W 335 11.14 129.83 -22.31
C ALA W 335 11.88 130.77 -21.36
N GLU W 336 11.18 131.19 -20.28
CA GLU W 336 11.84 132.03 -19.29
C GLU W 336 12.99 131.28 -18.61
N GLN W 337 12.92 129.96 -18.60
CA GLN W 337 13.99 129.14 -18.05
C GLN W 337 15.22 129.14 -18.95
N MET W 338 15.01 128.95 -20.25
CA MET W 338 16.13 128.83 -21.18
C MET W 338 16.79 130.16 -21.46
N ALA W 339 16.04 131.26 -21.30
CA ALA W 339 16.68 132.57 -21.45
C ALA W 339 17.85 132.72 -20.50
N LYS W 340 17.67 132.33 -19.24
CA LYS W 340 18.77 132.43 -18.29
C LYS W 340 19.86 131.40 -18.56
N LYS W 341 19.51 130.23 -19.09
CA LYS W 341 20.56 129.30 -19.53
C LYS W 341 21.47 129.96 -20.55
N ALA W 342 20.88 130.62 -21.55
CA ALA W 342 21.70 131.31 -22.55
C ALA W 342 22.52 132.43 -21.91
N GLU W 343 21.91 133.20 -21.02
CA GLU W 343 22.63 134.29 -20.36
C GLU W 343 23.82 133.76 -19.58
N ALA W 344 23.64 132.66 -18.84
CA ALA W 344 24.74 132.08 -18.08
C ALA W 344 25.82 131.53 -19.00
N PHE W 345 25.41 130.82 -20.06
CA PHE W 345 26.38 130.27 -21.01
C PHE W 345 27.23 131.36 -21.65
N GLN W 346 26.69 132.57 -21.79
CA GLN W 346 27.47 133.63 -22.42
C GLN W 346 28.77 133.89 -21.69
N LEU W 347 28.80 133.73 -20.38
CA LEU W 347 29.99 133.98 -19.56
C LEU W 347 30.81 132.71 -19.34
N TYR W 348 31.17 132.02 -20.42
CA TYR W 348 31.99 130.82 -20.36
C TYR W 348 33.28 131.04 -21.13
N GLN W 349 34.41 130.81 -20.46
CA GLN W 349 35.73 130.92 -21.05
C GLN W 349 36.21 129.53 -21.47
N GLU W 350 37.49 129.43 -21.83
CA GLU W 350 38.06 128.16 -22.26
C GLU W 350 38.06 127.12 -21.15
N ALA W 351 38.22 127.55 -19.89
CA ALA W 351 38.21 126.59 -18.79
C ALA W 351 36.87 125.89 -18.68
N ALA W 352 35.78 126.64 -18.83
CA ALA W 352 34.45 126.06 -18.72
C ALA W 352 34.16 125.10 -19.87
N GLN W 353 34.54 125.47 -21.10
CA GLN W 353 34.36 124.57 -22.23
C GLN W 353 35.19 123.30 -22.07
N LEU W 354 36.42 123.44 -21.55
CA LEU W 354 37.25 122.28 -21.25
C LEU W 354 36.58 121.38 -20.22
N ASP W 355 35.98 121.98 -19.19
CA ASP W 355 35.28 121.19 -18.17
C ASP W 355 34.10 120.45 -18.78
N MET W 356 33.34 121.11 -19.65
CA MET W 356 32.21 120.45 -20.29
C MET W 356 32.67 119.30 -21.18
N LEU W 357 33.73 119.51 -21.95
CA LEU W 357 34.24 118.47 -22.83
C LEU W 357 34.73 117.27 -22.02
N LEU W 358 35.46 117.53 -20.94
CA LEU W 358 35.97 116.43 -20.12
C LEU W 358 34.92 115.80 -19.24
N GLU W 359 33.78 116.46 -19.03
CA GLU W 359 32.65 115.81 -18.38
C GLU W 359 31.84 114.96 -19.35
N LYS W 360 31.81 115.33 -20.63
CA LYS W 360 31.05 114.57 -21.62
C LYS W 360 31.83 113.42 -22.24
N LEU W 361 33.16 113.50 -22.27
CA LEU W 361 33.94 112.41 -22.85
C LEU W 361 33.70 111.06 -22.17
N PRO W 362 33.71 110.95 -20.83
CA PRO W 362 33.46 109.63 -20.23
C PRO W 362 32.11 109.04 -20.60
N GLN W 363 31.07 109.86 -20.76
CA GLN W 363 29.77 109.32 -21.11
C GLN W 363 29.76 108.74 -22.52
N VAL W 364 30.40 109.42 -23.47
CA VAL W 364 30.52 108.89 -24.82
C VAL W 364 31.35 107.60 -24.81
N ALA W 365 32.42 107.59 -24.02
CA ALA W 365 33.23 106.38 -23.90
C ALA W 365 32.41 105.22 -23.35
N GLU W 366 31.58 105.47 -22.34
CA GLU W 366 30.68 104.44 -21.83
C GLU W 366 29.73 103.96 -22.91
N GLU W 367 29.10 104.88 -23.63
CA GLU W 367 28.12 104.47 -24.63
C GLU W 367 28.76 103.74 -25.81
N ILE W 368 30.07 103.89 -26.02
CA ILE W 368 30.71 103.21 -27.14
C ILE W 368 31.37 101.90 -26.67
N SER W 369 31.70 101.82 -25.39
CA SER W 369 32.38 100.64 -24.86
C SER W 369 31.45 99.70 -24.10
N GLY W 370 30.19 100.06 -23.93
CA GLY W 370 29.23 99.19 -23.31
C GLY W 370 28.85 98.01 -24.18
N PRO W 371 28.39 98.29 -25.40
CA PRO W 371 28.13 97.19 -26.34
C PRO W 371 29.35 96.36 -26.68
N LEU W 372 30.53 96.97 -26.73
CA LEU W 372 31.72 96.23 -27.13
C LEU W 372 32.12 95.20 -26.07
N THR W 373 31.93 95.51 -24.79
CA THR W 373 32.31 94.59 -23.73
C THR W 373 31.32 93.45 -23.55
N SER W 374 30.40 93.27 -24.48
CA SER W 374 29.50 92.12 -24.46
C SER W 374 30.08 90.91 -25.19
N ALA W 375 31.26 91.04 -25.79
CA ALA W 375 31.89 89.91 -26.46
C ALA W 375 32.24 88.82 -25.46
N ASN W 376 32.02 87.57 -25.86
CA ASN W 376 32.27 86.45 -24.95
C ASN W 376 33.76 86.27 -24.69
N LYS W 377 34.56 86.24 -25.76
CA LYS W 377 36.00 86.07 -25.62
C LYS W 377 36.71 86.86 -26.70
N ILE W 378 37.93 87.31 -26.38
CA ILE W 378 38.77 88.05 -27.31
C ILE W 378 40.16 87.41 -27.29
N THR W 379 40.67 87.06 -28.46
CA THR W 379 41.96 86.39 -28.60
C THR W 379 42.94 87.35 -29.27
N LEU W 380 44.10 87.52 -28.65
CA LEU W 380 45.14 88.42 -29.12
C LEU W 380 46.37 87.62 -29.50
N VAL W 381 46.91 87.88 -30.68
CA VAL W 381 48.08 87.15 -31.18
C VAL W 381 49.04 88.14 -31.81
N SER W 382 50.32 88.01 -31.52
CA SER W 382 51.35 88.88 -32.06
C SER W 382 52.40 88.05 -32.79
N SER W 383 53.18 88.73 -33.62
CA SER W 383 54.24 88.08 -34.39
C SER W 383 55.20 89.15 -34.89
N GLY W 384 56.48 88.80 -34.93
CA GLY W 384 57.45 89.77 -35.38
C GLY W 384 57.57 90.93 -34.42
N SER W 385 57.88 92.11 -34.97
CA SER W 385 58.04 93.33 -34.18
C SER W 385 56.71 94.02 -33.91
N GLY W 386 55.59 93.32 -34.10
CA GLY W 386 54.29 93.91 -33.90
C GLY W 386 53.88 93.93 -32.44
N THR W 387 52.71 94.52 -32.22
CA THR W 387 52.12 94.65 -30.90
C THR W 387 51.25 93.43 -30.59
N MET W 388 50.89 93.29 -29.31
CA MET W 388 50.08 92.16 -28.85
C MET W 388 48.64 92.27 -29.31
N GLY W 389 48.04 93.46 -29.26
CA GLY W 389 46.68 93.67 -29.73
C GLY W 389 45.77 94.46 -28.81
N ALA W 390 46.17 94.69 -27.55
CA ALA W 390 45.33 95.49 -26.66
C ALA W 390 45.27 96.94 -27.14
N ALA W 391 46.39 97.45 -27.61
CA ALA W 391 46.41 98.76 -28.24
C ALA W 391 45.45 98.83 -29.43
N LYS W 392 45.25 97.72 -30.13
CA LYS W 392 44.29 97.72 -31.23
C LYS W 392 42.88 97.97 -30.74
N VAL W 393 42.47 97.31 -29.66
CA VAL W 393 41.12 97.50 -29.13
C VAL W 393 40.95 98.91 -28.59
N THR W 394 41.93 99.38 -27.81
CA THR W 394 41.84 100.74 -27.28
C THR W 394 41.83 101.76 -28.41
N GLY W 395 42.62 101.53 -29.45
CA GLY W 395 42.62 102.44 -30.59
C GLY W 395 41.32 102.42 -31.35
N GLU W 396 40.69 101.24 -31.46
CA GLU W 396 39.37 101.19 -32.10
C GLU W 396 38.36 102.01 -31.33
N VAL W 397 38.32 101.84 -30.01
CA VAL W 397 37.36 102.60 -29.20
C VAL W 397 37.65 104.10 -29.30
N LEU W 398 38.92 104.48 -29.17
CA LEU W 398 39.28 105.90 -29.23
C LEU W 398 39.03 106.48 -30.61
N ASP W 399 39.27 105.71 -31.67
CA ASP W 399 39.03 106.19 -33.02
C ASP W 399 37.55 106.42 -33.26
N ILE W 400 36.70 105.52 -32.78
CA ILE W 400 35.26 105.78 -32.90
C ILE W 400 34.88 107.02 -32.10
N LEU W 401 35.41 107.15 -30.88
CA LEU W 401 35.06 108.28 -30.02
C LEU W 401 35.53 109.60 -30.62
N THR W 402 36.60 109.58 -31.41
CA THR W 402 37.12 110.81 -32.01
C THR W 402 36.56 111.08 -33.39
N ARG W 403 36.07 110.05 -34.09
CA ARG W 403 35.47 110.26 -35.40
C ARG W 403 33.99 110.61 -35.29
N LEU W 404 33.34 110.23 -34.19
CA LEU W 404 31.94 110.64 -34.01
C LEU W 404 31.75 112.15 -34.00
N PRO W 405 32.56 112.95 -33.27
CA PRO W 405 32.40 114.40 -33.36
C PRO W 405 32.60 114.94 -34.76
N GLU W 406 33.49 114.34 -35.55
CA GLU W 406 33.68 114.81 -36.92
C GLU W 406 32.49 114.44 -37.82
N SER W 407 31.91 113.26 -37.59
CA SER W 407 30.72 112.90 -38.35
C SER W 407 29.57 113.85 -38.02
N VAL W 408 29.41 114.20 -36.74
CA VAL W 408 28.40 115.19 -36.37
C VAL W 408 28.76 116.56 -36.93
N GLU W 409 30.06 116.88 -36.98
CA GLU W 409 30.53 118.11 -37.61
C GLU W 409 30.05 118.21 -39.05
N ARG W 410 30.10 117.10 -39.78
CA ARG W 410 29.74 117.11 -41.19
C ARG W 410 28.31 117.61 -41.39
N LEU W 411 27.41 117.32 -40.45
CA LEU W 411 26.03 117.77 -40.60
C LEU W 411 25.81 119.13 -39.94
N THR W 412 26.15 119.25 -38.65
CA THR W 412 25.83 120.46 -37.91
C THR W 412 26.65 121.66 -38.41
N GLY W 413 27.96 121.48 -38.56
CA GLY W 413 28.82 122.57 -38.96
C GLY W 413 29.29 123.47 -37.86
N VAL W 414 29.17 123.05 -36.60
CA VAL W 414 29.60 123.83 -35.45
C VAL W 414 30.67 123.06 -34.70
N SER W 415 31.77 123.75 -34.38
CA SER W 415 32.95 123.10 -33.82
C SER W 415 32.64 122.53 -32.43
N ILE W 416 33.38 121.48 -32.08
CA ILE W 416 33.24 120.83 -30.79
C ILE W 416 34.48 120.97 -29.92
N SER W 417 35.66 121.17 -30.52
CA SER W 417 36.89 121.36 -29.78
C SER W 417 37.41 122.78 -29.99
N GLN W 418 37.83 123.42 -28.91
CA GLN W 418 38.28 124.80 -29.01
C GLN W 418 39.66 124.90 -29.64
N VAL W 419 40.48 123.86 -29.53
CA VAL W 419 41.81 123.85 -30.11
C VAL W 419 42.01 122.59 -30.95
N MET X 1 -130.72 -97.87 -45.67
CA MET X 1 -131.70 -97.82 -44.60
C MET X 1 -132.78 -96.81 -44.94
N GLY X 2 -132.38 -95.61 -45.33
CA GLY X 2 -133.31 -94.56 -45.69
C GLY X 2 -134.22 -94.94 -46.85
N ASN X 3 -135.51 -94.65 -46.71
CA ASN X 3 -136.50 -95.03 -47.70
C ASN X 3 -137.36 -93.83 -48.08
N CYS X 4 -137.78 -93.78 -49.34
CA CYS X 4 -138.76 -92.82 -49.83
C CYS X 4 -138.29 -91.37 -49.60
N HIS X 5 -137.22 -91.02 -50.31
CA HIS X 5 -136.63 -89.69 -50.24
C HIS X 5 -137.06 -88.85 -51.44
N THR X 6 -137.25 -87.56 -51.18
CA THR X 6 -137.59 -86.57 -52.20
C THR X 6 -136.67 -85.36 -52.03
N VAL X 7 -136.44 -84.65 -53.13
CA VAL X 7 -135.53 -83.51 -53.15
C VAL X 7 -136.25 -82.34 -53.78
N GLY X 8 -135.83 -81.13 -53.42
CA GLY X 8 -136.39 -79.92 -53.96
C GLY X 8 -135.95 -79.65 -55.38
N PRO X 9 -136.57 -78.67 -56.03
CA PRO X 9 -136.24 -78.38 -57.44
C PRO X 9 -134.82 -77.89 -57.65
N ASN X 10 -134.13 -77.43 -56.61
CA ASN X 10 -132.77 -76.94 -56.79
C ASN X 10 -131.77 -78.05 -57.08
N GLU X 11 -132.00 -79.25 -56.55
CA GLU X 11 -131.07 -80.35 -56.71
C GLU X 11 -131.78 -81.54 -57.34
N ALA X 12 -131.03 -82.30 -58.13
CA ALA X 12 -131.55 -83.47 -58.84
C ALA X 12 -131.16 -84.72 -58.09
N LEU X 13 -132.14 -85.55 -57.78
CA LEU X 13 -131.90 -86.83 -57.12
C LEU X 13 -131.58 -87.89 -58.17
N VAL X 14 -130.48 -88.61 -57.97
CA VAL X 14 -130.05 -89.67 -58.87
C VAL X 14 -130.05 -90.99 -58.11
N VAL X 15 -130.68 -92.00 -58.69
CA VAL X 15 -130.71 -93.34 -58.14
C VAL X 15 -130.45 -94.33 -59.27
N SER X 16 -129.74 -95.41 -58.96
CA SER X 16 -129.46 -96.45 -59.93
C SER X 16 -129.35 -97.78 -59.21
N GLY X 17 -130.02 -98.80 -59.74
CA GLY X 17 -129.99 -100.12 -59.15
C GLY X 17 -130.66 -101.17 -60.00
N GLY X 18 -130.05 -102.34 -60.12
CA GLY X 18 -130.60 -103.41 -60.92
C GLY X 18 -131.53 -104.32 -60.16
N CYS X 19 -132.84 -104.09 -60.30
CA CYS X 19 -133.82 -104.87 -59.55
C CYS X 19 -133.73 -106.35 -59.89
N CYS X 20 -133.59 -106.68 -61.18
CA CYS X 20 -133.34 -108.04 -61.62
C CYS X 20 -131.98 -108.19 -62.30
N GLY X 21 -131.06 -107.28 -62.02
CA GLY X 21 -129.76 -107.25 -62.67
C GLY X 21 -129.69 -106.39 -63.90
N SER X 22 -130.82 -105.91 -64.41
CA SER X 22 -130.83 -105.02 -65.56
C SER X 22 -130.58 -103.58 -65.13
N ASP X 23 -129.95 -102.82 -66.02
CA ASP X 23 -129.54 -101.46 -65.72
C ASP X 23 -130.76 -100.55 -65.71
N TYR X 24 -131.17 -100.12 -64.51
CA TYR X 24 -132.27 -99.17 -64.34
C TYR X 24 -131.75 -97.99 -63.54
N LYS X 25 -131.47 -96.89 -64.23
CA LYS X 25 -131.03 -95.65 -63.60
C LYS X 25 -132.12 -94.61 -63.71
N GLN X 26 -132.49 -94.01 -62.59
CA GLN X 26 -133.51 -92.98 -62.54
C GLN X 26 -132.89 -91.69 -62.02
N TYR X 27 -133.01 -90.63 -62.82
CA TYR X 27 -132.53 -89.29 -62.45
C TYR X 27 -133.72 -88.34 -62.53
N VAL X 28 -134.11 -87.80 -61.38
CA VAL X 28 -135.28 -86.93 -61.27
C VAL X 28 -134.89 -85.71 -60.44
N PHE X 29 -135.24 -84.52 -60.95
CA PHE X 29 -134.97 -83.27 -60.26
C PHE X 29 -136.26 -82.76 -59.63
N GLY X 30 -136.22 -82.49 -58.33
CA GLY X 30 -137.38 -81.94 -57.64
C GLY X 30 -138.63 -82.79 -57.72
N GLY X 31 -138.48 -84.10 -57.57
CA GLY X 31 -139.63 -84.99 -57.70
C GLY X 31 -139.75 -86.01 -56.58
N TRP X 32 -140.16 -87.22 -56.92
CA TRP X 32 -140.38 -88.28 -55.96
C TRP X 32 -139.57 -89.51 -56.33
N ALA X 33 -139.14 -90.25 -55.32
CA ALA X 33 -138.39 -91.47 -55.53
C ALA X 33 -138.42 -92.29 -54.25
N TRP X 34 -138.10 -93.58 -54.38
CA TRP X 34 -137.94 -94.46 -53.24
C TRP X 34 -136.71 -95.34 -53.44
N ALA X 35 -136.00 -95.63 -52.35
CA ALA X 35 -134.85 -96.51 -52.37
C ALA X 35 -134.79 -97.28 -51.06
N TRP X 36 -134.49 -98.58 -51.16
CA TRP X 36 -134.48 -99.46 -50.01
C TRP X 36 -133.08 -99.52 -49.41
N TRP X 37 -132.85 -100.52 -48.53
CA TRP X 37 -131.58 -100.65 -47.84
C TRP X 37 -130.42 -100.74 -48.82
N CYS X 38 -130.52 -101.64 -49.81
CA CYS X 38 -129.48 -101.75 -50.83
C CYS X 38 -130.03 -101.97 -52.23
N ILE X 39 -131.13 -101.31 -52.61
CA ILE X 39 -131.62 -101.49 -53.97
C ILE X 39 -130.92 -100.53 -54.93
N SER X 40 -130.55 -99.34 -54.48
CA SER X 40 -129.96 -98.34 -55.36
C SER X 40 -129.06 -97.43 -54.53
N ASP X 41 -128.69 -96.29 -55.10
CA ASP X 41 -127.85 -95.30 -54.44
C ASP X 41 -128.59 -93.97 -54.38
N THR X 42 -128.51 -93.31 -53.22
CA THR X 42 -129.19 -92.03 -53.00
C THR X 42 -128.16 -90.92 -53.06
N GLN X 43 -128.13 -90.18 -54.17
CA GLN X 43 -127.22 -89.05 -54.31
C GLN X 43 -127.97 -87.90 -54.95
N ARG X 44 -127.48 -86.68 -54.71
CA ARG X 44 -128.07 -85.47 -55.26
C ARG X 44 -127.01 -84.67 -55.97
N ILE X 45 -127.43 -83.91 -56.98
CA ILE X 45 -126.56 -83.04 -57.76
C ILE X 45 -127.04 -81.61 -57.56
N SER X 46 -126.16 -80.74 -57.05
CA SER X 46 -126.52 -79.35 -56.84
C SER X 46 -126.55 -78.62 -58.18
N LEU X 47 -127.75 -78.26 -58.64
CA LEU X 47 -127.92 -77.59 -59.92
C LEU X 47 -127.84 -76.07 -59.80
N GLU X 48 -127.22 -75.56 -58.76
CA GLU X 48 -127.08 -74.13 -58.57
C GLU X 48 -126.06 -73.56 -59.55
N ILE X 49 -126.18 -72.25 -59.79
CA ILE X 49 -125.22 -71.57 -60.65
C ILE X 49 -123.84 -71.57 -60.00
N MET X 50 -122.82 -71.85 -60.80
CA MET X 50 -121.43 -71.80 -60.36
C MET X 50 -120.82 -70.48 -60.81
N THR X 51 -120.16 -69.78 -59.90
CA THR X 51 -119.53 -68.51 -60.23
C THR X 51 -118.24 -68.75 -61.00
N LEU X 52 -118.00 -67.93 -62.02
CA LEU X 52 -116.79 -68.02 -62.84
C LEU X 52 -116.07 -66.68 -62.85
N GLN X 53 -114.75 -66.73 -62.68
CA GLN X 53 -113.89 -65.56 -62.79
C GLN X 53 -112.73 -65.87 -63.73
N PRO X 54 -113.01 -66.08 -65.02
CA PRO X 54 -111.91 -66.34 -65.96
C PRO X 54 -111.01 -65.12 -66.11
N ARG X 55 -109.74 -65.30 -65.78
CA ARG X 55 -108.74 -64.24 -65.83
C ARG X 55 -107.51 -64.76 -66.56
N CYS X 56 -107.32 -64.33 -67.81
CA CYS X 56 -106.20 -64.73 -68.63
C CYS X 56 -105.12 -63.65 -68.55
N GLU X 57 -103.88 -64.07 -68.30
CA GLU X 57 -102.76 -63.16 -68.13
C GLU X 57 -101.81 -63.29 -69.32
N ASP X 58 -101.44 -62.15 -69.90
CA ASP X 58 -100.48 -62.09 -71.00
C ASP X 58 -100.96 -62.91 -72.20
N VAL X 59 -102.16 -62.59 -72.68
CA VAL X 59 -102.75 -63.24 -73.84
C VAL X 59 -102.84 -62.23 -74.97
N GLU X 60 -102.64 -62.70 -76.19
CA GLU X 60 -102.50 -61.83 -77.35
C GLU X 60 -103.52 -62.19 -78.43
N THR X 61 -103.99 -61.16 -79.13
CA THR X 61 -104.99 -61.30 -80.17
C THR X 61 -104.32 -61.60 -81.51
N ALA X 62 -105.07 -61.48 -82.60
CA ALA X 62 -104.55 -61.81 -83.92
C ALA X 62 -103.38 -60.90 -84.29
N GLU X 63 -103.52 -59.60 -84.04
CA GLU X 63 -102.42 -58.67 -84.31
C GLU X 63 -101.30 -58.78 -83.29
N GLY X 64 -101.55 -59.46 -82.17
CA GLY X 64 -100.50 -59.75 -81.21
C GLY X 64 -100.41 -58.83 -80.01
N VAL X 65 -101.28 -57.82 -79.91
CA VAL X 65 -101.23 -56.93 -78.77
C VAL X 65 -101.57 -57.69 -77.49
N ALA X 66 -100.69 -57.62 -76.50
CA ALA X 66 -100.87 -58.38 -75.28
C ALA X 66 -101.90 -57.71 -74.38
N LEU X 67 -102.82 -58.52 -73.85
CA LEU X 67 -103.85 -58.03 -72.94
C LEU X 67 -103.98 -59.02 -71.78
N THR X 68 -104.47 -58.51 -70.66
CA THR X 68 -104.78 -59.32 -69.49
C THR X 68 -106.29 -59.20 -69.25
N VAL X 69 -107.05 -60.05 -69.93
CA VAL X 69 -108.50 -59.93 -69.99
C VAL X 69 -109.12 -60.83 -68.92
N THR X 70 -109.99 -60.24 -68.11
CA THR X 70 -110.75 -60.98 -67.10
C THR X 70 -112.20 -61.06 -67.55
N GLY X 71 -112.83 -62.22 -67.33
CA GLY X 71 -114.17 -62.46 -67.80
C GLY X 71 -115.11 -62.92 -66.69
N VAL X 72 -116.39 -63.01 -67.02
CA VAL X 72 -117.41 -63.61 -66.17
C VAL X 72 -118.32 -64.45 -67.05
N ALA X 73 -118.63 -65.66 -66.59
CA ALA X 73 -119.50 -66.57 -67.31
C ALA X 73 -120.49 -67.21 -66.34
N GLN X 74 -121.71 -67.43 -66.83
CA GLN X 74 -122.77 -68.05 -66.03
C GLN X 74 -122.93 -69.50 -66.47
N VAL X 75 -122.72 -70.43 -65.54
CA VAL X 75 -122.72 -71.85 -65.83
C VAL X 75 -123.61 -72.57 -64.84
N LYS X 76 -124.38 -73.53 -65.33
CA LYS X 76 -125.28 -74.33 -64.51
C LYS X 76 -125.45 -75.68 -65.17
N ILE X 77 -125.57 -76.73 -64.35
CA ILE X 77 -125.84 -78.06 -64.87
C ILE X 77 -127.24 -78.10 -65.46
N MET X 78 -127.35 -78.66 -66.66
CA MET X 78 -128.60 -78.64 -67.40
C MET X 78 -129.59 -79.66 -66.83
N THR X 79 -130.80 -79.68 -67.39
CA THR X 79 -131.87 -80.55 -66.93
C THR X 79 -132.52 -81.31 -68.08
N GLU X 80 -131.77 -81.56 -69.15
CA GLU X 80 -132.26 -82.32 -70.28
C GLU X 80 -132.45 -83.79 -69.90
N LYS X 81 -132.87 -84.60 -70.87
CA LYS X 81 -133.13 -86.02 -70.63
C LYS X 81 -131.90 -86.89 -70.86
N GLU X 82 -131.38 -86.89 -72.09
CA GLU X 82 -130.23 -87.74 -72.40
C GLU X 82 -128.92 -87.13 -71.90
N LEU X 83 -128.84 -85.80 -71.82
CA LEU X 83 -127.61 -85.17 -71.33
C LEU X 83 -127.44 -85.40 -69.83
N LEU X 84 -128.53 -85.55 -69.08
CA LEU X 84 -128.39 -85.82 -67.66
C LEU X 84 -127.93 -87.23 -67.38
N ALA X 85 -128.08 -88.16 -68.32
CA ALA X 85 -127.40 -89.44 -68.19
C ALA X 85 -125.89 -89.23 -68.13
N VAL X 86 -125.37 -88.39 -69.03
CA VAL X 86 -123.95 -88.06 -69.01
C VAL X 86 -123.59 -87.31 -67.74
N ALA X 87 -124.45 -86.39 -67.33
CA ALA X 87 -124.18 -85.60 -66.12
C ALA X 87 -124.08 -86.49 -64.89
N CYS X 88 -124.97 -87.48 -64.77
CA CYS X 88 -124.96 -88.37 -63.62
C CYS X 88 -123.81 -89.36 -63.70
N GLU X 89 -123.51 -89.87 -64.90
CA GLU X 89 -122.39 -90.79 -65.05
C GLU X 89 -121.04 -90.08 -65.07
N GLN X 90 -121.03 -88.75 -65.00
CA GLN X 90 -119.84 -87.97 -65.29
C GLN X 90 -119.07 -87.53 -64.05
N PHE X 91 -119.69 -86.77 -63.16
CA PHE X 91 -118.93 -85.95 -62.24
C PHE X 91 -119.10 -86.31 -60.77
N LEU X 92 -120.32 -86.30 -60.26
CA LEU X 92 -120.57 -86.46 -58.83
C LEU X 92 -119.96 -87.77 -58.32
N GLY X 93 -119.63 -87.82 -57.03
CA GLY X 93 -119.94 -86.78 -56.06
C GLY X 93 -118.82 -85.83 -55.66
N LYS X 94 -118.03 -85.39 -56.63
CA LYS X 94 -117.03 -84.37 -56.37
C LYS X 94 -117.72 -83.05 -56.04
N ASN X 95 -117.15 -82.29 -55.10
CA ASN X 95 -117.84 -81.18 -54.49
C ASN X 95 -117.83 -79.95 -55.40
N VAL X 96 -118.48 -78.88 -54.92
CA VAL X 96 -118.70 -77.68 -55.74
C VAL X 96 -117.38 -77.05 -56.16
N GLN X 97 -116.37 -77.07 -55.29
CA GLN X 97 -115.06 -76.56 -55.67
C GLN X 97 -114.52 -77.29 -56.88
N ASP X 98 -114.84 -78.59 -57.00
CA ASP X 98 -114.37 -79.34 -58.14
C ASP X 98 -115.08 -78.91 -59.43
N ILE X 99 -116.40 -78.69 -59.37
CA ILE X 99 -117.08 -78.15 -60.55
C ILE X 99 -116.44 -76.83 -60.96
N LYS X 100 -116.28 -75.92 -59.99
CA LYS X 100 -115.83 -74.58 -60.33
C LYS X 100 -114.41 -74.59 -60.86
N ASN X 101 -113.52 -75.40 -60.29
CA ASN X 101 -112.16 -75.47 -60.79
C ASN X 101 -112.12 -76.06 -62.20
N VAL X 102 -112.81 -77.18 -62.42
CA VAL X 102 -112.76 -77.80 -63.75
C VAL X 102 -113.31 -76.84 -64.80
N VAL X 103 -114.46 -76.24 -64.52
CA VAL X 103 -115.06 -75.34 -65.51
C VAL X 103 -114.19 -74.10 -65.67
N LEU X 104 -113.51 -73.68 -64.60
CA LEU X 104 -112.65 -72.51 -64.67
C LEU X 104 -111.51 -72.75 -65.63
N GLN X 105 -110.78 -73.86 -65.49
CA GLN X 105 -109.68 -74.13 -66.41
C GLN X 105 -110.17 -74.32 -67.84
N THR X 106 -111.26 -75.08 -68.04
CA THR X 106 -111.65 -75.35 -69.42
C THR X 106 -112.15 -74.08 -70.11
N LEU X 107 -112.96 -73.27 -69.42
CA LEU X 107 -113.40 -72.01 -70.01
C LEU X 107 -112.27 -71.00 -70.08
N GLU X 108 -111.25 -71.12 -69.23
CA GLU X 108 -110.07 -70.29 -69.39
C GLU X 108 -109.40 -70.56 -70.71
N GLY X 109 -109.15 -71.83 -71.01
CA GLY X 109 -108.57 -72.18 -72.29
C GLY X 109 -109.44 -71.74 -73.45
N HIS X 110 -110.75 -71.99 -73.37
CA HIS X 110 -111.65 -71.63 -74.46
C HIS X 110 -111.70 -70.13 -74.67
N LEU X 111 -111.75 -69.36 -73.58
CA LEU X 111 -111.82 -67.91 -73.67
C LEU X 111 -110.54 -67.33 -74.26
N ARG X 112 -109.38 -67.83 -73.82
CA ARG X 112 -108.13 -67.37 -74.41
C ARG X 112 -108.08 -67.71 -75.89
N SER X 113 -108.54 -68.91 -76.26
CA SER X 113 -108.53 -69.33 -77.65
C SER X 113 -109.37 -68.40 -78.51
N ILE X 114 -110.62 -68.15 -78.09
CA ILE X 114 -111.47 -67.28 -78.91
C ILE X 114 -110.96 -65.85 -78.88
N LEU X 115 -110.37 -65.40 -77.77
CA LEU X 115 -109.79 -64.07 -77.72
C LEU X 115 -108.68 -63.93 -78.76
N GLY X 116 -107.87 -64.97 -78.89
CA GLY X 116 -106.89 -64.98 -79.97
C GLY X 116 -107.55 -65.03 -81.34
N THR X 117 -108.74 -65.63 -81.42
CA THR X 117 -109.42 -65.76 -82.71
C THR X 117 -109.76 -64.41 -83.32
N LEU X 118 -110.28 -63.48 -82.51
CA LEU X 118 -110.65 -62.17 -83.02
C LEU X 118 -109.59 -61.14 -82.68
N THR X 119 -109.70 -59.97 -83.32
CA THR X 119 -108.73 -58.91 -83.13
C THR X 119 -109.16 -58.00 -81.98
N VAL X 120 -108.23 -57.14 -81.56
CA VAL X 120 -108.47 -56.22 -80.46
C VAL X 120 -109.46 -55.12 -80.84
N GLU X 121 -109.51 -54.73 -82.12
CA GLU X 121 -110.51 -53.76 -82.53
C GLU X 121 -111.92 -54.29 -82.34
N GLN X 122 -112.13 -55.59 -82.62
CA GLN X 122 -113.43 -56.19 -82.39
C GLN X 122 -113.77 -56.28 -80.91
N ILE X 123 -112.82 -56.67 -80.05
CA ILE X 123 -113.10 -56.71 -78.62
C ILE X 123 -113.30 -55.30 -78.09
N TYR X 124 -112.83 -54.30 -78.83
CA TYR X 124 -113.06 -52.91 -78.47
C TYR X 124 -114.48 -52.48 -78.82
N GLN X 125 -114.84 -52.57 -80.10
CA GLN X 125 -116.13 -52.04 -80.57
C GLN X 125 -117.28 -53.01 -80.29
N ASP X 126 -117.24 -54.19 -80.90
CA ASP X 126 -118.35 -55.13 -80.86
C ASP X 126 -117.93 -56.36 -80.04
N ARG X 127 -118.14 -56.27 -78.73
CA ARG X 127 -117.87 -57.39 -77.84
C ARG X 127 -119.14 -58.10 -77.38
N ASP X 128 -120.32 -57.53 -77.64
CA ASP X 128 -121.54 -58.31 -77.50
C ASP X 128 -121.57 -59.43 -78.54
N GLN X 129 -121.19 -59.12 -79.77
CA GLN X 129 -121.03 -60.16 -80.79
C GLN X 129 -119.88 -61.10 -80.42
N PHE X 130 -118.87 -60.59 -79.71
CA PHE X 130 -117.83 -61.47 -79.21
C PHE X 130 -118.39 -62.52 -78.26
N ALA X 131 -119.26 -62.11 -77.34
CA ALA X 131 -119.91 -63.07 -76.45
C ALA X 131 -120.86 -63.98 -77.21
N LYS X 132 -121.54 -63.46 -78.23
CA LYS X 132 -122.42 -64.30 -79.03
C LYS X 132 -121.64 -65.39 -79.75
N LEU X 133 -120.45 -65.07 -80.24
CA LEU X 133 -119.57 -66.08 -80.84
C LEU X 133 -118.96 -67.00 -79.79
N VAL X 134 -118.71 -66.49 -78.58
CA VAL X 134 -118.27 -67.35 -77.49
C VAL X 134 -119.30 -68.42 -77.21
N ARG X 135 -120.57 -68.04 -77.19
CA ARG X 135 -121.63 -69.03 -77.07
C ARG X 135 -121.57 -70.04 -78.21
N GLU X 136 -121.53 -69.56 -79.45
CA GLU X 136 -121.51 -70.43 -80.62
C GLU X 136 -120.37 -71.43 -80.59
N VAL X 137 -119.21 -71.06 -80.06
CA VAL X 137 -118.07 -71.97 -80.04
C VAL X 137 -117.97 -72.77 -78.75
N ALA X 138 -118.57 -72.34 -77.65
CA ALA X 138 -118.39 -73.00 -76.36
C ALA X 138 -119.54 -73.96 -76.03
N ALA X 139 -120.74 -73.68 -76.56
CA ALA X 139 -121.84 -74.63 -76.41
C ALA X 139 -121.52 -76.03 -76.91
N PRO X 140 -120.87 -76.22 -78.08
CA PRO X 140 -120.59 -77.59 -78.54
C PRO X 140 -119.69 -78.40 -77.60
N ASP X 141 -118.81 -77.76 -76.83
CA ASP X 141 -117.88 -78.51 -75.99
C ASP X 141 -118.20 -78.41 -74.51
N VAL X 142 -118.53 -77.23 -74.00
CA VAL X 142 -118.88 -77.11 -72.59
C VAL X 142 -120.17 -77.86 -72.27
N GLY X 143 -121.04 -78.05 -73.26
CA GLY X 143 -122.25 -78.83 -73.06
C GLY X 143 -122.02 -80.32 -73.05
N ARG X 144 -120.83 -80.78 -73.46
CA ARG X 144 -120.56 -82.21 -73.50
C ARG X 144 -120.54 -82.80 -72.09
N MET X 145 -119.98 -82.08 -71.12
CA MET X 145 -119.98 -82.51 -69.74
C MET X 145 -121.22 -82.04 -68.98
N GLY X 146 -122.27 -81.64 -69.68
CA GLY X 146 -123.53 -81.29 -69.06
C GLY X 146 -123.62 -79.91 -68.46
N ILE X 147 -122.64 -79.04 -68.71
CA ILE X 147 -122.62 -77.71 -68.14
C ILE X 147 -123.16 -76.73 -69.17
N GLU X 148 -124.20 -75.99 -68.80
CA GLU X 148 -124.79 -74.99 -69.68
C GLU X 148 -124.10 -73.65 -69.46
N ILE X 149 -124.24 -72.77 -70.47
CA ILE X 149 -123.67 -71.43 -70.40
C ILE X 149 -124.78 -70.41 -70.45
N LEU X 150 -125.25 -69.97 -69.28
CA LEU X 150 -126.36 -69.02 -69.23
C LEU X 150 -125.96 -67.67 -69.79
N SER X 151 -124.75 -67.21 -69.48
CA SER X 151 -124.28 -65.92 -69.96
C SER X 151 -122.77 -65.93 -70.03
N PHE X 152 -122.22 -65.01 -70.83
CA PHE X 152 -120.78 -64.91 -71.01
C PHE X 152 -120.43 -63.48 -71.39
N THR X 153 -119.37 -62.95 -70.77
CA THR X 153 -118.76 -61.69 -71.17
C THR X 153 -117.44 -61.55 -70.43
N ILE X 154 -116.77 -60.43 -70.64
CA ILE X 154 -115.46 -60.17 -70.06
C ILE X 154 -115.58 -59.06 -69.02
N LYS X 155 -114.92 -59.26 -67.88
CA LYS X 155 -115.06 -58.34 -66.75
C LYS X 155 -114.29 -57.05 -66.98
N ASP X 156 -112.98 -57.16 -67.16
CA ASP X 156 -112.14 -55.98 -67.35
C ASP X 156 -110.97 -56.35 -68.25
N VAL X 157 -110.42 -55.34 -68.92
CA VAL X 157 -109.29 -55.50 -69.82
C VAL X 157 -108.19 -54.56 -69.38
N TYR X 158 -106.97 -55.10 -69.27
CA TYR X 158 -105.81 -54.31 -68.88
C TYR X 158 -104.65 -54.59 -69.82
N ASP X 159 -103.85 -53.56 -70.08
CA ASP X 159 -102.74 -53.65 -71.01
C ASP X 159 -101.48 -53.06 -70.38
N LYS X 160 -100.34 -53.66 -70.70
CA LYS X 160 -99.04 -53.14 -70.29
C LYS X 160 -98.40 -52.26 -71.35
N VAL X 161 -98.79 -52.41 -72.61
CA VAL X 161 -98.29 -51.58 -73.70
C VAL X 161 -99.31 -50.49 -74.08
N ASP X 162 -100.17 -50.10 -73.13
CA ASP X 162 -101.11 -48.97 -73.20
C ASP X 162 -101.71 -48.80 -74.59
N TYR X 163 -102.46 -49.82 -75.02
CA TYR X 163 -103.25 -49.76 -76.24
C TYR X 163 -104.41 -48.76 -76.12
N LEU X 164 -105.31 -49.03 -75.17
CA LEU X 164 -106.55 -48.26 -75.06
C LEU X 164 -106.30 -46.82 -74.66
N SER X 165 -105.32 -46.61 -73.77
CA SER X 165 -104.97 -45.24 -73.39
C SER X 165 -104.45 -44.46 -74.59
N SER X 166 -103.67 -45.11 -75.45
CA SER X 166 -103.23 -44.48 -76.68
C SER X 166 -104.41 -44.20 -77.60
N LEU X 167 -105.37 -45.12 -77.66
CA LEU X 167 -106.53 -44.94 -78.52
C LEU X 167 -107.40 -43.78 -78.05
N GLY X 168 -107.44 -43.49 -76.76
CA GLY X 168 -108.22 -42.38 -76.24
C GLY X 168 -107.61 -41.02 -76.54
N LYS X 169 -106.32 -41.02 -76.87
CA LYS X 169 -105.61 -39.78 -77.16
C LYS X 169 -106.21 -39.04 -78.35
N THR X 170 -106.88 -39.77 -79.25
CA THR X 170 -107.37 -39.15 -80.48
C THR X 170 -108.41 -38.07 -80.19
N GLN X 171 -109.28 -38.32 -79.24
CA GLN X 171 -110.35 -37.37 -78.93
C GLN X 171 -110.19 -36.72 -77.56
N THR X 172 -109.27 -37.19 -76.71
CA THR X 172 -109.08 -36.52 -75.43
C THR X 172 -108.60 -35.08 -75.60
N ALA X 173 -108.13 -34.72 -76.79
CA ALA X 173 -107.70 -33.35 -77.08
C ALA X 173 -108.68 -32.57 -77.95
N VAL X 174 -109.58 -33.27 -78.65
CA VAL X 174 -110.54 -32.58 -79.50
C VAL X 174 -111.46 -31.69 -78.67
N VAL X 175 -111.97 -32.22 -77.55
CA VAL X 175 -112.77 -31.40 -76.66
C VAL X 175 -111.94 -30.29 -76.06
N GLN X 176 -110.67 -30.57 -75.76
CA GLN X 176 -109.78 -29.51 -75.30
C GLN X 176 -109.55 -28.48 -76.38
N ARG X 177 -109.47 -28.91 -77.64
CA ARG X 177 -109.38 -27.96 -78.76
C ARG X 177 -110.59 -27.04 -78.77
N ASP X 178 -111.79 -27.60 -78.69
CA ASP X 178 -113.00 -26.77 -78.74
C ASP X 178 -113.07 -25.84 -77.54
N ALA X 179 -112.69 -26.33 -76.36
CA ALA X 179 -112.73 -25.49 -75.16
C ALA X 179 -111.76 -24.32 -75.29
N ASP X 180 -110.56 -24.58 -75.80
CA ASP X 180 -109.58 -23.50 -75.99
C ASP X 180 -110.10 -22.49 -77.00
N ILE X 181 -110.72 -22.96 -78.09
CA ILE X 181 -111.27 -22.03 -79.07
C ILE X 181 -112.34 -21.15 -78.44
N GLY X 182 -113.24 -21.77 -77.67
CA GLY X 182 -114.32 -21.00 -77.06
C GLY X 182 -113.81 -19.97 -76.06
N VAL X 183 -112.86 -20.38 -75.21
CA VAL X 183 -112.34 -19.45 -74.20
C VAL X 183 -111.57 -18.32 -74.88
N ALA X 184 -110.86 -18.62 -75.96
CA ALA X 184 -110.14 -17.58 -76.68
C ALA X 184 -111.12 -16.57 -77.28
N GLU X 185 -112.19 -17.05 -77.90
CA GLU X 185 -113.18 -16.14 -78.48
C GLU X 185 -113.84 -15.29 -77.39
N ALA X 186 -114.18 -15.90 -76.26
CA ALA X 186 -114.82 -15.15 -75.18
C ALA X 186 -113.90 -14.07 -74.64
N GLU X 187 -112.62 -14.42 -74.41
CA GLU X 187 -111.67 -13.43 -73.93
C GLU X 187 -111.48 -12.31 -74.94
N ARG X 188 -111.48 -12.65 -76.23
CA ARG X 188 -111.35 -11.63 -77.26
C ARG X 188 -112.51 -10.64 -77.20
N ASP X 189 -113.74 -11.15 -77.09
CA ASP X 189 -114.90 -10.27 -77.04
C ASP X 189 -114.86 -9.40 -75.78
N ALA X 190 -114.54 -10.01 -74.63
CA ALA X 190 -114.45 -9.24 -73.40
C ALA X 190 -113.42 -8.13 -73.53
N GLY X 191 -112.24 -8.46 -74.04
CA GLY X 191 -111.19 -7.46 -74.16
C GLY X 191 -111.57 -6.33 -75.10
N ILE X 192 -112.14 -6.65 -76.26
CA ILE X 192 -112.49 -5.60 -77.20
C ILE X 192 -113.51 -4.65 -76.60
N ARG X 193 -114.56 -5.19 -75.96
CA ARG X 193 -115.62 -4.26 -75.57
C ARG X 193 -115.20 -3.49 -74.33
N GLU X 194 -114.39 -4.11 -73.46
CA GLU X 194 -113.84 -3.41 -72.31
C GLU X 194 -112.91 -2.28 -72.74
N ALA X 195 -112.10 -2.51 -73.78
CA ALA X 195 -111.26 -1.44 -74.30
C ALA X 195 -112.10 -0.30 -74.84
N GLU X 196 -113.20 -0.63 -75.52
CA GLU X 196 -114.10 0.41 -75.99
C GLU X 196 -114.65 1.25 -74.83
N CYS X 197 -115.09 0.57 -73.76
CA CYS X 197 -115.61 1.29 -72.58
C CYS X 197 -114.54 2.20 -71.99
N LYS X 198 -113.33 1.68 -71.83
CA LYS X 198 -112.24 2.46 -71.26
C LYS X 198 -111.96 3.69 -72.11
N LYS X 199 -111.98 3.52 -73.44
CA LYS X 199 -111.75 4.64 -74.35
C LYS X 199 -112.81 5.72 -74.16
N GLU X 200 -114.08 5.33 -74.15
CA GLU X 200 -115.14 6.34 -74.00
C GLU X 200 -115.03 7.07 -72.67
N MET X 201 -114.78 6.34 -71.58
CA MET X 201 -114.73 6.99 -70.28
C MET X 201 -113.52 7.91 -70.17
N LEU X 202 -112.39 7.53 -70.76
CA LEU X 202 -111.24 8.44 -70.78
C LEU X 202 -111.53 9.69 -71.59
N ASP X 203 -112.20 9.57 -72.74
CA ASP X 203 -112.51 10.78 -73.51
C ASP X 203 -113.36 11.74 -72.70
N VAL X 204 -114.41 11.22 -72.04
CA VAL X 204 -115.25 12.14 -71.29
C VAL X 204 -114.52 12.73 -70.09
N LYS X 205 -113.70 11.91 -69.40
CA LYS X 205 -112.95 12.41 -68.26
C LYS X 205 -111.98 13.50 -68.68
N PHE X 206 -111.33 13.33 -69.83
CA PHE X 206 -110.39 14.36 -70.29
C PHE X 206 -111.12 15.61 -70.73
N MET X 207 -112.32 15.50 -71.30
CA MET X 207 -113.10 16.70 -71.60
C MET X 207 -113.44 17.47 -70.34
N ALA X 208 -113.88 16.74 -69.30
CA ALA X 208 -114.18 17.40 -68.02
C ALA X 208 -112.94 18.06 -67.43
N ASP X 209 -111.80 17.38 -67.49
CA ASP X 209 -110.56 17.96 -66.98
C ASP X 209 -110.14 19.19 -67.79
N THR X 210 -110.40 19.19 -69.10
CA THR X 210 -110.11 20.38 -69.89
C THR X 210 -110.96 21.56 -69.43
N LYS X 211 -112.25 21.32 -69.17
CA LYS X 211 -113.08 22.40 -68.66
C LYS X 211 -112.60 22.88 -67.29
N ILE X 212 -112.17 21.96 -66.43
CA ILE X 212 -111.65 22.35 -65.12
C ILE X 212 -110.40 23.21 -65.29
N ALA X 213 -109.53 22.82 -66.22
CA ALA X 213 -108.32 23.59 -66.46
C ALA X 213 -108.65 24.99 -66.97
N ASP X 214 -109.67 25.10 -67.82
CA ASP X 214 -110.08 26.41 -68.30
C ASP X 214 -110.56 27.29 -67.15
N SER X 215 -111.39 26.72 -66.26
CA SER X 215 -111.87 27.49 -65.11
C SER X 215 -110.71 27.91 -64.22
N LYS X 216 -109.76 27.00 -63.99
CA LYS X 216 -108.59 27.32 -63.16
C LYS X 216 -107.77 28.43 -63.79
N ARG X 217 -107.61 28.40 -65.11
CA ARG X 217 -106.87 29.46 -65.80
C ARG X 217 -107.56 30.80 -65.63
N ALA X 218 -108.88 30.83 -65.80
CA ALA X 218 -109.60 32.10 -65.64
C ALA X 218 -109.45 32.63 -64.22
N PHE X 219 -109.59 31.75 -63.23
CA PHE X 219 -109.46 32.19 -61.84
C PHE X 219 -108.06 32.71 -61.55
N GLU X 220 -107.04 31.98 -61.98
CA GLU X 220 -105.66 32.42 -61.73
C GLU X 220 -105.36 33.74 -62.43
N LEU X 221 -105.84 33.91 -63.66
CA LEU X 221 -105.63 35.17 -64.36
C LEU X 221 -106.27 36.33 -63.62
N GLN X 222 -107.52 36.18 -63.21
CA GLN X 222 -108.18 37.27 -62.49
C GLN X 222 -107.49 37.56 -61.16
N LYS X 223 -107.09 36.51 -60.43
CA LYS X 223 -106.44 36.73 -59.15
C LYS X 223 -105.10 37.45 -59.30
N SER X 224 -104.30 37.05 -60.29
CA SER X 224 -103.03 37.74 -60.53
C SER X 224 -103.27 39.18 -60.95
N ALA X 225 -104.28 39.41 -61.78
CA ALA X 225 -104.59 40.77 -62.20
C ALA X 225 -104.93 41.64 -61.00
N PHE X 226 -105.73 41.11 -60.08
CA PHE X 226 -106.09 41.88 -58.88
C PHE X 226 -104.87 42.12 -58.01
N SER X 227 -104.04 41.09 -57.84
CA SER X 227 -102.83 41.22 -57.04
C SER X 227 -101.92 42.30 -57.60
N GLU X 228 -101.95 42.52 -58.91
CA GLU X 228 -101.13 43.58 -59.51
C GLU X 228 -101.40 44.92 -58.85
N GLU X 229 -102.63 45.43 -58.95
CA GLU X 229 -102.89 46.76 -58.40
C GLU X 229 -102.90 46.76 -56.89
N VAL X 230 -103.25 45.64 -56.23
CA VAL X 230 -103.18 45.69 -54.77
C VAL X 230 -101.74 45.83 -54.31
N ASN X 231 -100.80 45.17 -55.00
CA ASN X 231 -99.39 45.31 -54.65
C ASN X 231 -98.89 46.70 -55.00
N ILE X 232 -99.37 47.28 -56.11
CA ILE X 232 -98.98 48.65 -56.46
C ILE X 232 -99.39 49.62 -55.35
N LYS X 233 -100.65 49.53 -54.92
CA LYS X 233 -101.14 50.43 -53.89
C LYS X 233 -100.39 50.23 -52.57
N THR X 234 -100.12 48.97 -52.20
CA THR X 234 -99.32 48.77 -50.99
C THR X 234 -97.95 49.42 -51.13
N ALA X 235 -97.24 49.12 -52.22
CA ALA X 235 -95.89 49.65 -52.39
C ALA X 235 -95.87 51.15 -52.27
N GLU X 236 -96.92 51.82 -52.75
CA GLU X 236 -97.06 53.25 -52.45
C GLU X 236 -97.24 53.48 -50.95
N ALA X 237 -97.99 52.60 -50.28
CA ALA X 237 -98.36 52.83 -48.89
C ALA X 237 -97.15 52.84 -47.96
N GLN X 238 -96.23 51.88 -48.10
CA GLN X 238 -95.09 51.91 -47.17
C GLN X 238 -94.25 53.18 -47.33
N LEU X 239 -93.98 53.60 -48.56
CA LEU X 239 -93.01 54.66 -48.78
C LEU X 239 -93.61 56.06 -48.73
N ALA X 240 -94.94 56.19 -48.66
CA ALA X 240 -95.50 57.51 -48.37
C ALA X 240 -94.95 58.05 -47.05
N TYR X 241 -94.71 57.17 -46.08
CA TYR X 241 -94.15 57.59 -44.80
C TYR X 241 -92.79 58.24 -44.98
N GLU X 242 -91.90 57.59 -45.72
CA GLU X 242 -90.57 58.17 -45.95
C GLU X 242 -90.65 59.46 -46.75
N LEU X 243 -91.57 59.53 -47.72
CA LEU X 243 -91.71 60.75 -48.50
C LEU X 243 -92.07 61.93 -47.60
N GLN X 244 -93.11 61.76 -46.77
CA GLN X 244 -93.50 62.84 -45.87
C GLN X 244 -92.42 63.12 -44.84
N GLY X 245 -91.71 62.09 -44.40
CA GLY X 245 -90.64 62.30 -43.44
C GLY X 245 -89.54 63.17 -43.99
N ALA X 246 -89.11 62.92 -45.23
CA ALA X 246 -88.10 63.77 -45.86
C ALA X 246 -88.64 65.18 -46.07
N ARG X 247 -89.90 65.29 -46.50
CA ARG X 247 -90.49 66.61 -46.72
C ARG X 247 -90.48 67.43 -45.43
N GLU X 248 -90.77 66.79 -44.30
CA GLU X 248 -90.72 67.50 -43.03
C GLU X 248 -89.29 67.76 -42.56
N GLN X 249 -88.39 66.80 -42.76
CA GLN X 249 -86.99 66.99 -42.41
C GLN X 249 -86.39 68.18 -43.12
N GLN X 250 -86.90 68.53 -44.30
CA GLN X 250 -86.49 69.78 -44.94
C GLN X 250 -86.57 70.95 -43.95
N LYS X 251 -87.78 71.23 -43.44
CA LYS X 251 -87.95 72.35 -42.51
C LYS X 251 -87.28 72.08 -41.17
N ILE X 252 -87.26 70.83 -40.73
CA ILE X 252 -86.59 70.49 -39.47
C ILE X 252 -85.14 70.94 -39.51
N ARG X 253 -84.43 70.56 -40.57
CA ARG X 253 -83.04 70.92 -40.69
C ARG X 253 -82.87 72.40 -41.02
N GLN X 254 -83.83 72.98 -41.74
CA GLN X 254 -83.81 74.43 -41.98
C GLN X 254 -83.72 75.19 -40.66
N GLU X 255 -84.58 74.88 -39.71
CA GLU X 255 -84.51 75.56 -38.42
C GLU X 255 -83.30 75.12 -37.59
N GLU X 256 -82.94 73.83 -37.62
CA GLU X 256 -81.78 73.38 -36.88
C GLU X 256 -80.51 74.10 -37.31
N ILE X 257 -80.45 74.52 -38.58
CA ILE X 257 -79.29 75.28 -39.06
C ILE X 257 -79.48 76.78 -38.93
N GLU X 258 -80.72 77.27 -38.92
CA GLU X 258 -80.94 78.67 -38.55
C GLU X 258 -80.55 78.96 -37.11
N ILE X 259 -80.49 77.93 -36.27
CA ILE X 259 -79.99 78.10 -34.90
C ILE X 259 -78.67 78.86 -34.90
N GLU X 260 -77.64 78.28 -35.52
CA GLU X 260 -76.33 78.91 -35.49
C GLU X 260 -76.23 80.12 -36.40
N VAL X 261 -77.13 80.26 -37.37
CA VAL X 261 -77.20 81.52 -38.11
C VAL X 261 -77.55 82.65 -37.16
N VAL X 262 -78.59 82.46 -36.34
CA VAL X 262 -78.98 83.46 -35.36
C VAL X 262 -77.86 83.68 -34.35
N GLN X 263 -77.19 82.60 -33.94
CA GLN X 263 -76.10 82.75 -32.97
C GLN X 263 -74.97 83.59 -33.52
N ARG X 264 -74.50 83.27 -34.73
CA ARG X 264 -73.40 84.01 -35.34
C ARG X 264 -73.80 85.42 -35.73
N LYS X 265 -75.10 85.68 -35.91
CA LYS X 265 -75.54 87.03 -36.23
C LYS X 265 -75.19 88.02 -35.12
N LYS X 266 -75.27 87.58 -33.86
CA LYS X 266 -74.95 88.42 -32.73
C LYS X 266 -73.57 88.16 -32.14
N GLN X 267 -72.91 87.07 -32.56
CA GLN X 267 -71.47 87.04 -32.36
C GLN X 267 -70.78 88.25 -32.98
N ILE X 268 -71.43 88.91 -33.94
CA ILE X 268 -70.91 90.17 -34.48
C ILE X 268 -70.79 91.21 -33.37
N ALA X 269 -71.87 91.40 -32.61
CA ALA X 269 -71.83 92.35 -31.50
C ALA X 269 -70.86 91.90 -30.43
N VAL X 270 -70.78 90.59 -30.20
CA VAL X 270 -69.79 90.06 -29.27
C VAL X 270 -68.40 90.53 -29.67
N GLU X 271 -68.07 90.38 -30.95
CA GLU X 271 -66.74 90.74 -31.42
C GLU X 271 -66.53 92.25 -31.43
N ALA X 272 -67.58 93.04 -31.66
CA ALA X 272 -67.43 94.49 -31.58
C ALA X 272 -67.08 94.93 -30.16
N GLN X 273 -67.79 94.39 -29.18
CA GLN X 273 -67.45 94.68 -27.79
C GLN X 273 -66.03 94.20 -27.47
N GLU X 274 -65.63 93.05 -28.04
CA GLU X 274 -64.25 92.60 -27.88
C GLU X 274 -63.26 93.57 -28.50
N ILE X 275 -63.60 94.18 -29.63
CA ILE X 275 -62.73 95.17 -30.25
C ILE X 275 -62.51 96.34 -29.30
N LEU X 276 -63.61 96.85 -28.72
CA LEU X 276 -63.46 97.96 -27.78
C LEU X 276 -62.61 97.55 -26.57
N ARG X 277 -62.88 96.36 -26.03
CA ARG X 277 -62.13 95.90 -24.85
C ARG X 277 -60.66 95.75 -25.17
N THR X 278 -60.32 95.16 -26.32
CA THR X 278 -58.91 94.96 -26.64
C THR X 278 -58.23 96.27 -26.99
N ASP X 279 -58.95 97.24 -27.54
CA ASP X 279 -58.38 98.56 -27.74
C ASP X 279 -57.96 99.16 -26.40
N LYS X 280 -58.88 99.16 -25.43
CA LYS X 280 -58.54 99.73 -24.12
C LYS X 280 -57.43 98.93 -23.44
N GLU X 281 -57.46 97.60 -23.58
CA GLU X 281 -56.45 96.77 -22.96
C GLU X 281 -55.07 97.04 -23.55
N LEU X 282 -54.99 97.17 -24.87
CA LEU X 282 -53.72 97.50 -25.50
C LEU X 282 -53.23 98.87 -25.06
N ILE X 283 -54.14 99.84 -24.94
CA ILE X 283 -53.75 101.13 -24.39
C ILE X 283 -53.07 100.93 -23.04
N ALA X 284 -53.83 100.39 -22.07
CA ALA X 284 -53.32 100.27 -20.71
C ALA X 284 -52.07 99.39 -20.63
N THR X 285 -51.88 98.50 -21.60
CA THR X 285 -50.79 97.53 -21.52
C THR X 285 -49.49 98.03 -22.16
N VAL X 286 -49.56 98.73 -23.29
CA VAL X 286 -48.34 99.10 -23.97
C VAL X 286 -48.22 100.60 -24.22
N ARG X 287 -49.35 101.30 -24.32
CA ARG X 287 -49.27 102.71 -24.70
C ARG X 287 -48.73 103.58 -23.57
N ARG X 288 -49.21 103.35 -22.35
CA ARG X 288 -48.78 104.12 -21.18
C ARG X 288 -47.42 103.65 -20.66
N PRO X 289 -47.14 102.35 -20.59
CA PRO X 289 -45.77 101.93 -20.24
C PRO X 289 -44.71 102.49 -21.18
N ALA X 290 -45.02 102.67 -22.46
CA ALA X 290 -44.06 103.28 -23.37
C ALA X 290 -43.74 104.71 -22.95
N GLU X 291 -44.77 105.48 -22.60
CA GLU X 291 -44.54 106.86 -22.15
C GLU X 291 -43.76 106.89 -20.84
N ALA X 292 -44.09 105.99 -19.91
CA ALA X 292 -43.35 105.93 -18.66
C ALA X 292 -41.89 105.57 -18.91
N GLU X 293 -41.64 104.63 -19.81
CA GLU X 293 -40.26 104.28 -20.15
C GLU X 293 -39.52 105.45 -20.77
N ALA X 294 -40.20 106.19 -21.65
CA ALA X 294 -39.57 107.38 -22.24
C ALA X 294 -39.20 108.40 -21.17
N HIS X 295 -40.11 108.64 -20.23
CA HIS X 295 -39.82 109.57 -19.15
C HIS X 295 -38.65 109.09 -18.29
N ARG X 296 -38.62 107.79 -17.99
CA ARG X 296 -37.52 107.24 -17.20
C ARG X 296 -36.20 107.39 -17.92
N ILE X 297 -36.17 107.10 -19.22
CA ILE X 297 -34.93 107.20 -19.99
C ILE X 297 -34.44 108.65 -20.02
N GLN X 298 -35.35 109.60 -20.24
CA GLN X 298 -34.90 110.98 -20.33
C GLN X 298 -34.45 111.52 -18.97
N GLN X 299 -35.12 111.11 -17.89
CA GLN X 299 -34.66 111.50 -16.55
C GLN X 299 -33.27 110.95 -16.24
N ILE X 300 -33.07 109.66 -16.51
CA ILE X 300 -31.78 109.05 -16.23
C ILE X 300 -30.70 109.62 -17.14
N ALA X 301 -31.04 109.95 -18.38
CA ALA X 301 -30.09 110.60 -19.27
C ALA X 301 -29.70 111.96 -18.75
N GLU X 302 -30.66 112.72 -18.21
CA GLU X 302 -30.33 114.01 -17.61
C GLU X 302 -29.37 113.83 -16.44
N GLY X 303 -29.66 112.86 -15.57
CA GLY X 303 -28.76 112.61 -14.45
C GLY X 303 -27.35 112.24 -14.91
N GLU X 304 -27.24 111.34 -15.88
CA GLU X 304 -25.94 110.92 -16.37
C GLU X 304 -25.20 112.06 -17.04
N LYS X 305 -25.91 112.89 -17.81
CA LYS X 305 -25.26 114.03 -18.46
C LYS X 305 -24.71 115.01 -17.45
N VAL X 306 -25.48 115.31 -16.40
CA VAL X 306 -24.99 116.23 -15.38
C VAL X 306 -23.77 115.62 -14.68
N LYS X 307 -23.83 114.32 -14.38
CA LYS X 307 -22.71 113.68 -13.72
C LYS X 307 -21.45 113.74 -14.58
N GLN X 308 -21.58 113.43 -15.87
CA GLN X 308 -20.43 113.45 -16.76
C GLN X 308 -19.87 114.86 -16.92
N VAL X 309 -20.74 115.87 -17.03
CA VAL X 309 -20.27 117.24 -17.16
C VAL X 309 -19.50 117.66 -15.90
N LEU X 310 -20.04 117.33 -14.72
CA LEU X 310 -19.34 117.69 -13.49
C LEU X 310 -18.01 116.97 -13.36
N LEU X 311 -17.97 115.68 -13.71
CA LEU X 311 -16.72 114.94 -13.64
C LEU X 311 -15.69 115.51 -14.62
N ALA X 312 -16.13 115.89 -15.82
CA ALA X 312 -15.23 116.48 -16.80
C ALA X 312 -14.69 117.82 -16.31
N GLN X 313 -15.54 118.64 -15.70
CA GLN X 313 -15.07 119.91 -15.15
C GLN X 313 -14.04 119.68 -14.05
N ALA X 314 -14.30 118.71 -13.17
CA ALA X 314 -13.36 118.40 -12.11
C ALA X 314 -12.03 117.94 -12.67
N GLU X 315 -12.06 117.06 -13.68
CA GLU X 315 -10.83 116.58 -14.28
C GLU X 315 -10.08 117.70 -14.98
N ALA X 316 -10.81 118.59 -15.66
CA ALA X 316 -10.16 119.70 -16.36
C ALA X 316 -9.45 120.63 -15.38
N GLU X 317 -10.11 120.96 -14.26
CA GLU X 317 -9.46 121.86 -13.31
C GLU X 317 -8.34 121.16 -12.57
N LYS X 318 -8.47 119.85 -12.35
CA LYS X 318 -7.36 119.05 -11.85
C LYS X 318 -6.14 119.22 -12.74
N ILE X 319 -6.33 119.04 -14.06
CA ILE X 319 -5.23 119.15 -15.00
C ILE X 319 -4.66 120.57 -14.99
N ARG X 320 -5.54 121.57 -14.93
CA ARG X 320 -5.08 122.96 -14.92
C ARG X 320 -4.18 123.24 -13.71
N LYS X 321 -4.65 122.84 -12.52
CA LYS X 321 -3.87 123.11 -11.31
C LYS X 321 -2.56 122.33 -11.29
N ILE X 322 -2.60 121.07 -11.73
CA ILE X 322 -1.37 120.29 -11.79
C ILE X 322 -0.38 120.92 -12.76
N GLY X 323 -0.87 121.39 -13.91
CA GLY X 323 0.01 122.04 -14.86
C GLY X 323 0.61 123.33 -14.33
N GLU X 324 -0.19 124.10 -13.60
CA GLU X 324 0.35 125.32 -13.00
C GLU X 324 1.43 124.99 -11.97
N ALA X 325 1.19 123.95 -11.15
CA ALA X 325 2.21 123.55 -10.18
C ALA X 325 3.50 123.11 -10.88
N GLU X 326 3.37 122.33 -11.95
CA GLU X 326 4.55 121.88 -12.69
C GLU X 326 5.28 123.05 -13.32
N ALA X 327 4.54 124.04 -13.84
CA ALA X 327 5.18 125.22 -14.39
C ALA X 327 5.95 125.98 -13.32
N ALA X 328 5.36 126.11 -12.14
CA ALA X 328 6.03 126.82 -11.05
C ALA X 328 7.31 126.11 -10.64
N VAL X 329 7.25 124.78 -10.48
CA VAL X 329 8.45 124.07 -10.05
C VAL X 329 9.51 124.09 -11.14
N ILE X 330 9.11 124.01 -12.41
CA ILE X 330 10.08 124.08 -13.49
C ILE X 330 10.76 125.44 -13.53
N GLU X 331 9.99 126.50 -13.33
CA GLU X 331 10.59 127.83 -13.29
C GLU X 331 11.54 127.96 -12.11
N ALA X 332 11.20 127.35 -10.97
CA ALA X 332 12.11 127.36 -9.82
C ALA X 332 13.41 126.62 -10.14
N MET X 333 13.32 125.46 -10.78
CA MET X 333 14.53 124.76 -11.23
C MET X 333 15.35 125.63 -12.17
N GLY X 334 14.69 126.34 -13.07
CA GLY X 334 15.43 127.22 -13.96
C GLY X 334 16.16 128.31 -13.21
N LYS X 335 15.47 128.95 -12.26
CA LYS X 335 16.10 129.95 -11.41
C LYS X 335 17.35 129.39 -10.76
N ALA X 336 17.21 128.23 -10.11
CA ALA X 336 18.31 127.67 -9.32
C ALA X 336 19.47 127.22 -10.20
N GLU X 337 19.16 126.50 -11.27
CA GLU X 337 20.23 125.96 -12.11
C GLU X 337 20.96 127.06 -12.86
N ALA X 338 20.23 128.08 -13.31
CA ALA X 338 20.88 129.21 -13.96
C ALA X 338 21.76 129.97 -12.98
N GLU X 339 21.30 130.15 -11.74
CA GLU X 339 22.15 130.78 -10.74
C GLU X 339 23.40 129.94 -10.48
N ARG X 340 23.24 128.62 -10.44
CA ARG X 340 24.38 127.72 -10.27
C ARG X 340 25.40 127.92 -11.38
N MET X 341 24.94 127.88 -12.63
CA MET X 341 25.85 128.02 -13.76
C MET X 341 26.51 129.39 -13.76
N LYS X 342 25.74 130.44 -13.45
CA LYS X 342 26.31 131.78 -13.42
C LYS X 342 27.40 131.90 -12.38
N LEU X 343 27.15 131.40 -11.17
CA LEU X 343 28.16 131.48 -10.12
C LEU X 343 29.38 130.62 -10.45
N LYS X 344 29.16 129.49 -11.13
CA LYS X 344 30.26 128.63 -11.51
C LYS X 344 31.08 129.24 -12.64
N ALA X 345 30.49 130.18 -13.38
CA ALA X 345 31.20 130.85 -14.46
C ALA X 345 32.41 131.63 -13.98
N GLU X 346 32.23 132.50 -12.97
CA GLU X 346 33.38 133.24 -12.44
C GLU X 346 34.38 132.29 -11.79
N ALA X 347 33.88 131.18 -11.21
CA ALA X 347 34.79 130.21 -10.63
C ALA X 347 35.72 129.63 -11.69
N TYR X 348 35.17 129.22 -12.83
CA TYR X 348 36.01 128.72 -13.91
C TYR X 348 36.87 129.81 -14.53
N GLN X 349 36.42 131.07 -14.45
CA GLN X 349 37.16 132.14 -15.10
C GLN X 349 38.53 132.35 -14.45
N LYS X 350 38.68 131.92 -13.20
CA LYS X 350 39.92 132.18 -12.46
C LYS X 350 40.87 130.99 -12.48
N TYR X 351 40.71 130.09 -13.44
CA TYR X 351 41.52 128.90 -13.57
C TYR X 351 42.80 129.21 -14.34
N GLY X 352 43.93 128.74 -13.82
CA GLY X 352 45.21 128.87 -14.47
C GLY X 352 45.62 127.62 -15.22
N ASP X 353 46.91 127.52 -15.52
CA ASP X 353 47.42 126.32 -16.17
C ASP X 353 47.33 125.10 -15.25
N ALA X 354 47.72 125.28 -13.98
CA ALA X 354 47.74 124.16 -13.05
C ALA X 354 46.33 123.60 -12.82
N ALA X 355 45.34 124.48 -12.74
CA ALA X 355 43.97 124.02 -12.49
C ALA X 355 43.42 123.25 -13.69
N LYS X 356 43.70 123.71 -14.91
CA LYS X 356 43.30 122.95 -16.09
C LYS X 356 44.01 121.59 -16.14
N MET X 357 45.29 121.58 -15.76
CA MET X 357 46.01 120.32 -15.67
C MET X 357 45.34 119.38 -14.68
N ALA X 358 44.90 119.92 -13.55
CA ALA X 358 44.20 119.12 -12.55
C ALA X 358 42.90 118.56 -13.11
N LEU X 359 42.16 119.37 -13.86
CA LEU X 359 40.92 118.89 -14.47
C LEU X 359 41.19 117.74 -15.44
N VAL X 360 42.20 117.89 -16.29
CA VAL X 360 42.50 116.84 -17.26
C VAL X 360 42.96 115.58 -16.56
N LEU X 361 43.83 115.71 -15.55
CA LEU X 361 44.31 114.53 -14.84
C LEU X 361 43.18 113.84 -14.10
N GLU X 362 42.24 114.61 -13.55
CA GLU X 362 41.10 113.99 -12.88
C GLU X 362 40.21 113.27 -13.87
N ALA X 363 40.06 113.82 -15.08
CA ALA X 363 39.20 113.18 -16.07
C ALA X 363 39.84 111.92 -16.64
N LEU X 364 41.17 111.87 -16.69
CA LEU X 364 41.87 110.77 -17.35
C LEU X 364 41.53 109.38 -16.81
N PRO X 365 41.54 109.11 -15.50
CA PRO X 365 41.28 107.73 -15.06
C PRO X 365 39.90 107.21 -15.44
N GLN X 366 38.87 108.05 -15.43
CA GLN X 366 37.54 107.59 -15.80
C GLN X 366 37.50 107.20 -17.28
N ILE X 367 38.10 108.02 -18.14
CA ILE X 367 38.16 107.70 -19.57
C ILE X 367 38.94 106.42 -19.78
N ALA X 368 40.06 106.26 -19.07
CA ALA X 368 40.87 105.06 -19.20
C ALA X 368 40.09 103.83 -18.77
N ALA X 369 39.34 103.94 -17.68
CA ALA X 369 38.51 102.82 -17.22
C ALA X 369 37.45 102.47 -18.26
N LYS X 370 36.86 103.48 -18.88
CA LYS X 370 35.83 103.22 -19.89
C LYS X 370 36.42 102.54 -21.12
N ILE X 371 37.58 103.01 -21.59
CA ILE X 371 38.18 102.45 -22.80
C ILE X 371 38.66 101.03 -22.56
N ALA X 372 39.18 100.74 -21.38
CA ALA X 372 39.74 99.42 -21.08
C ALA X 372 38.67 98.39 -20.73
N ALA X 373 37.42 98.79 -20.57
CA ALA X 373 36.38 97.83 -20.21
C ALA X 373 36.26 96.66 -21.17
N PRO X 374 36.33 96.83 -22.51
CA PRO X 374 36.27 95.65 -23.37
C PRO X 374 37.41 94.67 -23.16
N LEU X 375 38.52 95.11 -22.57
CA LEU X 375 39.66 94.22 -22.37
C LEU X 375 39.39 93.20 -21.29
N THR X 376 38.29 93.34 -20.56
CA THR X 376 37.96 92.45 -19.46
C THR X 376 37.70 91.03 -19.93
N LYS X 377 37.17 90.89 -21.15
CA LYS X 377 36.69 89.60 -21.63
C LYS X 377 37.73 88.83 -22.44
N VAL X 378 39.00 89.23 -22.38
CA VAL X 378 40.04 88.50 -23.11
C VAL X 378 40.16 87.10 -22.53
N ASP X 379 40.27 86.11 -23.43
CA ASP X 379 40.35 84.71 -23.03
C ASP X 379 41.79 84.24 -22.93
N GLU X 380 42.57 84.37 -24.00
CA GLU X 380 43.95 83.90 -23.99
C GLU X 380 44.77 84.81 -24.87
N ILE X 381 46.06 84.89 -24.56
CA ILE X 381 46.99 85.76 -25.27
C ILE X 381 48.14 84.91 -25.78
N VAL X 382 48.45 85.05 -27.07
CA VAL X 382 49.58 84.35 -27.67
C VAL X 382 50.56 85.40 -28.20
N VAL X 383 51.80 85.32 -27.74
CA VAL X 383 52.85 86.26 -28.12
C VAL X 383 53.98 85.50 -28.76
N LEU X 384 54.42 85.96 -29.93
CA LEU X 384 55.57 85.40 -30.62
C LEU X 384 56.55 86.52 -30.94
N SER X 385 57.84 86.21 -30.92
CA SER X 385 58.86 87.21 -31.14
C SER X 385 59.97 86.63 -32.01
N GLY X 386 60.74 87.52 -32.63
CA GLY X 386 61.83 87.12 -33.50
C GLY X 386 61.37 86.78 -34.89
N ASP X 387 62.14 87.22 -35.90
CA ASP X 387 61.79 86.98 -37.30
C ASP X 387 62.35 85.63 -37.75
N ASN X 388 61.54 84.58 -37.61
CA ASN X 388 61.94 83.24 -37.99
C ASN X 388 60.77 82.53 -38.66
N SER X 389 60.96 81.25 -38.95
CA SER X 389 59.97 80.46 -39.65
C SER X 389 58.85 80.03 -38.70
N LYS X 390 57.85 79.34 -39.25
CA LYS X 390 56.69 78.90 -38.50
C LYS X 390 56.67 77.37 -38.36
N VAL X 391 57.85 76.77 -38.26
CA VAL X 391 57.98 75.32 -38.17
C VAL X 391 58.33 74.87 -36.75
N THR X 392 58.98 75.75 -35.98
CA THR X 392 59.44 75.37 -34.65
C THR X 392 58.29 75.03 -33.73
N SER X 393 57.22 75.83 -33.76
CA SER X 393 56.01 75.64 -32.94
C SER X 393 56.44 75.69 -31.48
N GLU X 394 56.06 74.74 -30.64
CA GLU X 394 56.43 74.75 -29.24
C GLU X 394 57.47 73.67 -28.94
N MET Y 1 31.11 -168.14 29.76
CA MET Y 1 30.52 -168.76 28.57
C MET Y 1 31.28 -168.34 27.31
N PHE Y 2 31.06 -169.09 26.24
CA PHE Y 2 31.74 -168.81 24.98
C PHE Y 2 31.23 -167.52 24.36
N PHE Y 3 32.15 -166.75 23.78
CA PHE Y 3 31.83 -165.46 23.17
C PHE Y 3 32.24 -165.50 21.69
N THR Y 4 31.25 -165.61 20.81
CA THR Y 4 31.51 -165.62 19.38
C THR Y 4 31.98 -164.26 18.91
N CYS Y 5 32.80 -164.26 17.86
CA CYS Y 5 33.28 -163.05 17.22
C CYS Y 5 33.30 -163.23 15.72
N GLY Y 6 33.10 -162.13 15.01
CA GLY Y 6 33.23 -162.15 13.57
C GLY Y 6 34.69 -162.11 13.15
N PRO Y 7 34.91 -162.04 11.84
CA PRO Y 7 36.25 -161.88 11.31
C PRO Y 7 36.73 -160.45 11.10
N ASN Y 8 36.11 -159.46 11.73
CA ASN Y 8 36.55 -158.08 11.70
C ASN Y 8 37.03 -157.58 13.05
N GLU Y 9 37.10 -158.46 14.05
CA GLU Y 9 37.56 -158.08 15.38
C GLU Y 9 38.40 -159.21 15.94
N ALA Y 10 39.33 -158.85 16.82
CA ALA Y 10 40.18 -159.80 17.51
C ALA Y 10 39.78 -159.87 18.97
N MET Y 11 39.34 -161.04 19.41
CA MET Y 11 38.95 -161.28 20.80
C MET Y 11 40.16 -161.82 21.55
N VAL Y 12 40.80 -160.95 22.34
CA VAL Y 12 41.90 -161.35 23.19
C VAL Y 12 41.52 -161.04 24.64
N VAL Y 13 41.61 -162.04 25.49
CA VAL Y 13 41.18 -161.92 26.89
C VAL Y 13 42.16 -162.68 27.76
N SER Y 14 42.27 -162.25 29.02
CA SER Y 14 43.06 -162.96 30.03
C SER Y 14 42.12 -163.62 31.02
N GLY Y 15 42.32 -164.91 31.27
CA GLY Y 15 41.46 -165.65 32.17
C GLY Y 15 42.17 -166.18 33.40
N PHE Y 16 42.27 -167.51 33.49
CA PHE Y 16 42.98 -168.17 34.58
C PHE Y 16 43.97 -169.15 33.98
N CYS Y 17 45.24 -168.99 34.34
CA CYS Y 17 46.33 -169.84 33.86
C CYS Y 17 46.38 -169.88 32.33
N ARG Y 18 46.47 -168.68 31.76
CA ARG Y 18 46.57 -168.48 30.31
C ARG Y 18 47.69 -167.52 29.99
N SER Y 19 48.87 -167.77 30.59
CA SER Y 19 50.00 -166.85 30.46
C SER Y 19 50.43 -166.59 29.03
N PRO Y 20 50.61 -167.60 28.16
CA PRO Y 20 50.94 -167.31 26.78
C PRO Y 20 49.82 -166.54 26.10
N PRO Y 21 50.15 -165.69 25.14
CA PRO Y 21 49.12 -164.88 24.48
C PRO Y 21 48.11 -165.75 23.74
N VAL Y 22 46.88 -165.27 23.67
CA VAL Y 22 45.78 -165.96 23.01
C VAL Y 22 45.34 -165.10 21.81
N MET Y 23 45.41 -165.67 20.62
CA MET Y 23 45.06 -164.99 19.39
C MET Y 23 43.75 -165.60 18.87
N VAL Y 24 42.63 -164.93 19.16
CA VAL Y 24 41.31 -165.39 18.73
C VAL Y 24 40.64 -164.27 17.96
N ALA Y 25 40.28 -164.55 16.71
CA ALA Y 25 39.50 -163.63 15.87
C ALA Y 25 38.62 -164.49 14.97
N GLY Y 26 37.36 -164.64 15.36
CA GLY Y 26 36.45 -165.54 14.66
C GLY Y 26 36.35 -166.90 15.31
N GLY Y 27 36.16 -166.90 16.62
CA GLY Y 27 36.04 -168.13 17.38
C GLY Y 27 35.27 -167.90 18.65
N ARG Y 28 35.49 -168.77 19.63
CA ARG Y 28 34.86 -168.64 20.93
C ARG Y 28 35.88 -168.89 22.05
N VAL Y 29 35.61 -168.29 23.21
CA VAL Y 29 36.44 -168.46 24.39
C VAL Y 29 35.51 -168.59 25.60
N PHE Y 30 35.69 -169.64 26.39
CA PHE Y 30 34.97 -169.79 27.64
C PHE Y 30 35.48 -168.76 28.64
N VAL Y 31 34.60 -167.85 29.06
CA VAL Y 31 35.00 -166.69 29.86
C VAL Y 31 34.30 -166.78 31.22
N LEU Y 32 35.10 -166.81 32.28
CA LEU Y 32 34.57 -166.69 33.63
C LEU Y 32 34.16 -165.25 33.91
N PRO Y 33 33.05 -165.01 34.61
CA PRO Y 33 32.57 -163.63 34.77
C PRO Y 33 33.41 -162.80 35.73
N CYS Y 34 33.80 -163.37 36.87
CA CYS Y 34 34.53 -162.62 37.89
C CYS Y 34 36.03 -162.84 37.85
N ILE Y 35 36.54 -163.58 36.86
CA ILE Y 35 37.96 -163.90 36.77
C ILE Y 35 38.60 -163.32 35.51
N GLN Y 36 37.92 -163.41 34.38
CA GLN Y 36 38.49 -162.99 33.11
C GLN Y 36 38.13 -161.53 32.81
N GLN Y 37 38.97 -160.90 31.99
CA GLN Y 37 38.78 -159.52 31.56
C GLN Y 37 38.70 -159.50 30.04
N ILE Y 38 37.73 -158.75 29.51
CA ILE Y 38 37.41 -158.76 28.09
C ILE Y 38 37.84 -157.44 27.46
N GLN Y 39 38.57 -157.53 26.34
CA GLN Y 39 38.96 -156.36 25.57
C GLN Y 39 38.89 -156.73 24.08
N ARG Y 40 38.67 -155.72 23.24
CA ARG Y 40 38.39 -155.93 21.83
C ARG Y 40 39.21 -154.98 20.97
N ILE Y 41 39.56 -155.45 19.77
CA ILE Y 41 40.17 -154.64 18.72
C ILE Y 41 39.39 -154.84 17.43
N SER Y 42 39.06 -153.75 16.76
CA SER Y 42 38.38 -153.81 15.47
C SER Y 42 39.39 -153.91 14.35
N LEU Y 43 39.22 -154.93 13.49
CA LEU Y 43 40.12 -155.19 12.38
C LEU Y 43 39.65 -154.59 11.07
N ASN Y 44 38.54 -153.85 11.08
CA ASN Y 44 37.97 -153.34 9.84
C ASN Y 44 38.90 -152.31 9.22
N THR Y 45 38.98 -152.32 7.89
CA THR Y 45 39.89 -151.44 7.17
C THR Y 45 39.40 -150.01 7.22
N LEU Y 46 40.30 -149.09 7.56
CA LEU Y 46 39.97 -147.67 7.63
C LEU Y 46 40.81 -146.91 6.60
N THR Y 47 40.18 -145.98 5.91
CA THR Y 47 40.85 -145.16 4.91
C THR Y 47 41.47 -143.93 5.57
N LEU Y 48 42.60 -143.50 5.01
CA LEU Y 48 43.35 -142.37 5.56
C LEU Y 48 43.54 -141.32 4.47
N ASN Y 49 43.24 -140.07 4.81
CA ASN Y 49 43.43 -138.94 3.90
C ASN Y 49 44.78 -138.30 4.24
N VAL Y 50 45.84 -138.90 3.70
CA VAL Y 50 47.21 -138.47 3.99
C VAL Y 50 47.46 -137.19 3.20
N LYS Y 51 47.40 -136.06 3.88
CA LYS Y 51 47.49 -134.75 3.24
C LYS Y 51 48.84 -134.11 3.55
N SER Y 52 49.53 -133.64 2.52
CA SER Y 52 50.78 -132.92 2.65
C SER Y 52 50.62 -131.54 2.03
N GLU Y 53 50.94 -130.50 2.79
CA GLU Y 53 50.76 -129.12 2.36
C GLU Y 53 52.10 -128.41 2.34
N LYS Y 54 52.42 -127.80 1.19
CA LYS Y 54 53.63 -126.99 1.02
C LYS Y 54 54.89 -127.80 1.37
N VAL Y 55 55.09 -128.88 0.61
CA VAL Y 55 56.23 -129.76 0.81
C VAL Y 55 57.18 -129.60 -0.37
N TYR Y 56 58.47 -129.53 -0.06
CA TYR Y 56 59.49 -129.32 -1.08
C TYR Y 56 59.92 -130.63 -1.73
N THR Y 57 60.14 -130.60 -3.03
CA THR Y 57 60.62 -131.73 -3.81
C THR Y 57 62.14 -131.67 -3.92
N ARG Y 58 62.72 -132.51 -4.78
CA ARG Y 58 64.18 -132.60 -4.79
C ARG Y 58 64.77 -131.44 -5.58
N HIS Y 59 63.94 -130.74 -6.38
CA HIS Y 59 64.28 -129.41 -6.86
C HIS Y 59 63.99 -128.32 -5.84
N GLY Y 60 63.19 -128.60 -4.81
CA GLY Y 60 62.79 -127.61 -3.85
C GLY Y 60 61.49 -126.90 -4.14
N VAL Y 61 60.87 -127.16 -5.29
CA VAL Y 61 59.59 -126.50 -5.61
C VAL Y 61 58.51 -127.01 -4.65
N PRO Y 62 57.70 -126.12 -4.06
CA PRO Y 62 56.64 -126.59 -3.15
C PRO Y 62 55.37 -126.91 -3.93
N ILE Y 63 54.84 -128.11 -3.69
CA ILE Y 63 53.60 -128.56 -4.30
C ILE Y 63 52.71 -129.17 -3.23
N SER Y 64 51.42 -128.84 -3.28
CA SER Y 64 50.45 -129.41 -2.36
C SER Y 64 50.05 -130.80 -2.85
N VAL Y 65 50.33 -131.82 -2.04
CA VAL Y 65 50.15 -133.21 -2.43
C VAL Y 65 49.20 -133.87 -1.44
N THR Y 66 48.18 -134.55 -1.95
CA THR Y 66 47.22 -135.29 -1.14
C THR Y 66 47.35 -136.78 -1.45
N GLY Y 67 47.31 -137.60 -0.41
CA GLY Y 67 47.40 -139.04 -0.57
C GLY Y 67 46.31 -139.75 0.18
N ILE Y 68 45.94 -140.93 -0.34
CA ILE Y 68 44.91 -141.77 0.26
C ILE Y 68 45.51 -143.14 0.49
N ALA Y 69 45.26 -143.71 1.67
CA ALA Y 69 45.81 -145.01 2.04
C ALA Y 69 44.70 -145.87 2.65
N GLN Y 70 44.79 -147.17 2.40
CA GLN Y 70 43.88 -148.15 3.00
C GLN Y 70 44.71 -149.08 3.89
N VAL Y 71 44.53 -148.95 5.20
CA VAL Y 71 45.34 -149.66 6.18
C VAL Y 71 44.45 -150.61 6.96
N LYS Y 72 44.97 -151.81 7.24
CA LYS Y 72 44.23 -152.83 7.95
C LYS Y 72 45.19 -153.60 8.85
N ILE Y 73 44.65 -154.19 9.91
CA ILE Y 73 45.41 -154.97 10.87
C ILE Y 73 45.37 -156.42 10.41
N GLN Y 74 46.51 -156.93 9.94
CA GLN Y 74 46.55 -158.29 9.42
C GLN Y 74 46.47 -159.32 10.53
N GLY Y 75 45.24 -159.70 10.91
CA GLY Y 75 45.06 -160.67 11.97
C GLY Y 75 45.43 -162.08 11.60
N GLN Y 76 45.70 -162.34 10.32
CA GLN Y 76 46.13 -163.68 9.92
C GLN Y 76 47.48 -164.04 10.54
N ASN Y 77 48.39 -163.09 10.62
CA ASN Y 77 49.70 -163.32 11.21
C ASN Y 77 49.58 -163.28 12.73
N LYS Y 78 49.89 -164.41 13.38
CA LYS Y 78 49.78 -164.49 14.83
C LYS Y 78 50.77 -163.55 15.51
N GLU Y 79 52.01 -163.51 15.01
CA GLU Y 79 53.03 -162.67 15.63
C GLU Y 79 52.68 -161.20 15.52
N MET Y 80 52.28 -160.76 14.32
CA MET Y 80 51.95 -159.35 14.13
C MET Y 80 50.72 -158.96 14.94
N LEU Y 81 49.70 -159.83 14.98
CA LEU Y 81 48.51 -159.52 15.77
C LEU Y 81 48.85 -159.45 17.26
N ALA Y 82 49.68 -160.37 17.73
CA ALA Y 82 50.08 -160.34 19.13
C ALA Y 82 50.86 -159.07 19.46
N ALA Y 83 51.73 -158.64 18.54
CA ALA Y 83 52.44 -157.39 18.74
C ALA Y 83 51.46 -156.22 18.78
N ALA Y 84 50.48 -156.20 17.89
CA ALA Y 84 49.55 -155.08 17.80
C ALA Y 84 48.65 -155.00 19.03
N CYS Y 85 48.27 -156.16 19.58
CA CYS Y 85 47.38 -156.17 20.74
C CYS Y 85 48.03 -155.54 21.96
N GLN Y 86 49.36 -155.46 21.98
CA GLN Y 86 50.06 -154.91 23.14
C GLN Y 86 49.84 -153.42 23.30
N MET Y 87 49.41 -152.72 22.25
CA MET Y 87 49.15 -151.29 22.36
C MET Y 87 47.81 -150.85 21.79
N PHE Y 88 47.16 -151.64 20.94
CA PHE Y 88 45.94 -151.19 20.29
C PHE Y 88 44.68 -151.51 21.07
N LEU Y 89 44.76 -152.31 22.13
CA LEU Y 89 43.62 -152.50 23.02
C LEU Y 89 43.31 -151.19 23.74
N GLY Y 90 42.03 -150.86 23.84
CA GLY Y 90 41.60 -149.67 24.53
C GLY Y 90 41.71 -148.38 23.76
N LYS Y 91 42.14 -148.43 22.51
CA LYS Y 91 42.24 -147.24 21.67
C LYS Y 91 41.08 -147.19 20.69
N THR Y 92 40.47 -146.02 20.58
CA THR Y 92 39.32 -145.82 19.71
C THR Y 92 39.76 -145.85 18.24
N GLU Y 93 38.78 -145.98 17.35
CA GLU Y 93 39.08 -146.00 15.93
C GLU Y 93 39.68 -144.69 15.45
N ALA Y 94 39.21 -143.57 16.01
CA ALA Y 94 39.70 -142.26 15.58
C ALA Y 94 41.19 -142.11 15.88
N GLU Y 95 41.60 -142.45 17.10
CA GLU Y 95 43.02 -142.31 17.46
C GLU Y 95 43.88 -143.31 16.69
N ILE Y 96 43.37 -144.53 16.50
CA ILE Y 96 44.10 -145.54 15.74
C ILE Y 96 44.35 -145.05 14.33
N ALA Y 97 43.31 -144.48 13.69
CA ALA Y 97 43.48 -143.90 12.37
C ALA Y 97 44.47 -142.74 12.40
N HIS Y 98 44.34 -141.85 13.39
CA HIS Y 98 45.11 -140.61 13.43
C HIS Y 98 46.60 -140.85 13.59
N ILE Y 99 46.99 -141.79 14.46
CA ILE Y 99 48.42 -142.02 14.70
C ILE Y 99 49.09 -142.57 13.44
N ALA Y 100 48.48 -143.59 12.84
CA ALA Y 100 49.03 -144.14 11.61
C ALA Y 100 48.98 -143.13 10.48
N LEU Y 101 48.00 -142.23 10.51
CA LEU Y 101 47.93 -141.16 9.51
C LEU Y 101 49.16 -140.26 9.59
N GLU Y 102 49.52 -139.85 10.81
CA GLU Y 102 50.71 -139.03 10.99
C GLU Y 102 51.96 -139.79 10.59
N THR Y 103 52.04 -141.07 10.94
CA THR Y 103 53.23 -141.84 10.55
C THR Y 103 53.36 -141.93 9.03
N LEU Y 104 52.26 -142.27 8.34
CA LEU Y 104 52.31 -142.39 6.89
C LEU Y 104 52.57 -141.04 6.23
N GLU Y 105 52.05 -139.96 6.83
CA GLU Y 105 52.36 -138.62 6.34
C GLU Y 105 53.85 -138.34 6.47
N GLY Y 106 54.45 -138.73 7.59
CA GLY Y 106 55.89 -138.59 7.73
C GLY Y 106 56.64 -139.33 6.64
N HIS Y 107 56.25 -140.59 6.38
CA HIS Y 107 56.93 -141.34 5.34
C HIS Y 107 56.76 -140.70 3.96
N GLN Y 108 55.54 -140.27 3.62
CA GLN Y 108 55.30 -139.68 2.32
C GLN Y 108 56.07 -138.38 2.15
N ARG Y 109 55.99 -137.50 3.15
CA ARG Y 109 56.68 -136.22 3.08
C ARG Y 109 58.19 -136.40 3.09
N ALA Y 110 58.69 -137.48 3.70
CA ALA Y 110 60.12 -137.77 3.61
C ALA Y 110 60.51 -138.25 2.23
N ILE Y 111 59.69 -139.13 1.62
CA ILE Y 111 60.00 -139.60 0.28
C ILE Y 111 59.70 -138.55 -0.79
N MET Y 112 59.07 -137.44 -0.40
CA MET Y 112 58.80 -136.37 -1.35
C MET Y 112 60.09 -135.87 -2.00
N ALA Y 113 61.15 -135.74 -1.21
CA ALA Y 113 62.42 -135.24 -1.73
C ALA Y 113 63.20 -136.29 -2.49
N HIS Y 114 62.75 -137.54 -2.50
CA HIS Y 114 63.45 -138.54 -3.30
C HIS Y 114 63.09 -138.42 -4.77
N MET Y 115 61.80 -138.44 -5.09
CA MET Y 115 61.31 -138.38 -6.46
C MET Y 115 60.83 -136.96 -6.76
N THR Y 116 61.26 -136.42 -7.90
CA THR Y 116 60.84 -135.10 -8.33
C THR Y 116 59.41 -135.13 -8.87
N VAL Y 117 58.82 -133.94 -8.98
CA VAL Y 117 57.44 -133.83 -9.47
C VAL Y 117 57.31 -134.40 -10.87
N GLU Y 118 58.29 -134.08 -11.74
CA GLU Y 118 58.33 -134.66 -13.07
C GLU Y 118 58.28 -136.18 -13.00
N GLU Y 119 58.94 -136.75 -11.99
CA GLU Y 119 58.86 -138.20 -11.79
C GLU Y 119 57.50 -138.60 -11.23
N ILE Y 120 56.94 -137.81 -10.31
CA ILE Y 120 55.77 -138.29 -9.59
C ILE Y 120 54.55 -138.35 -10.50
N TYR Y 121 54.34 -137.37 -11.39
CA TYR Y 121 53.13 -137.48 -12.19
C TYR Y 121 53.34 -138.38 -13.40
N LYS Y 122 54.56 -138.44 -13.92
CA LYS Y 122 54.85 -139.31 -15.06
C LYS Y 122 55.10 -140.75 -14.60
N ASP Y 123 56.16 -140.96 -13.82
CA ASP Y 123 56.51 -142.29 -13.34
C ASP Y 123 55.93 -142.50 -11.94
N ARG Y 124 54.66 -142.90 -11.87
CA ARG Y 124 53.95 -143.00 -10.60
C ARG Y 124 53.98 -144.42 -10.05
N GLN Y 125 54.11 -145.42 -10.92
CA GLN Y 125 54.05 -146.80 -10.46
C GLN Y 125 55.24 -147.14 -9.57
N LYS Y 126 56.45 -146.82 -10.01
CA LYS Y 126 57.63 -147.09 -9.20
C LYS Y 126 57.62 -146.27 -7.91
N PHE Y 127 57.20 -145.01 -8.00
CA PHE Y 127 57.02 -144.20 -6.80
C PHE Y 127 56.09 -144.88 -5.80
N SER Y 128 54.91 -145.29 -6.24
CA SER Y 128 53.94 -145.91 -5.35
C SER Y 128 54.48 -147.20 -4.76
N GLU Y 129 55.18 -147.99 -5.58
CA GLU Y 129 55.72 -149.26 -5.08
C GLU Y 129 56.78 -149.02 -4.01
N GLN Y 130 57.67 -148.06 -4.22
CA GLN Y 130 58.69 -147.78 -3.21
C GLN Y 130 58.07 -147.21 -1.94
N VAL Y 131 57.09 -146.32 -2.08
CA VAL Y 131 56.39 -145.78 -0.91
C VAL Y 131 55.73 -146.91 -0.13
N PHE Y 132 55.02 -147.79 -0.84
CA PHE Y 132 54.37 -148.92 -0.19
C PHE Y 132 55.38 -149.81 0.51
N LYS Y 133 56.50 -150.11 -0.15
CA LYS Y 133 57.51 -150.97 0.47
C LYS Y 133 58.01 -150.37 1.78
N VAL Y 134 58.47 -149.12 1.74
CA VAL Y 134 59.10 -148.53 2.93
C VAL Y 134 58.07 -148.33 4.04
N ALA Y 135 56.90 -147.78 3.69
CA ALA Y 135 55.87 -147.55 4.70
C ALA Y 135 55.38 -148.86 5.29
N SER Y 136 55.19 -149.88 4.45
CA SER Y 136 54.74 -151.17 4.95
C SER Y 136 55.77 -151.79 5.87
N SER Y 137 57.05 -151.69 5.53
CA SER Y 137 58.08 -152.21 6.43
C SER Y 137 58.03 -151.51 7.79
N ASP Y 138 58.04 -150.17 7.78
CA ASP Y 138 58.13 -149.45 9.05
C ASP Y 138 56.83 -149.53 9.84
N LEU Y 139 55.71 -149.87 9.16
CA LEU Y 139 54.43 -149.92 9.86
C LEU Y 139 54.11 -151.33 10.33
N VAL Y 140 54.59 -152.36 9.61
CA VAL Y 140 54.57 -153.71 10.14
C VAL Y 140 55.49 -153.81 11.35
N ASN Y 141 56.59 -153.05 11.33
CA ASN Y 141 57.38 -152.89 12.56
C ASN Y 141 56.51 -152.35 13.69
N MET Y 142 55.61 -151.40 13.37
CA MET Y 142 54.69 -150.91 14.38
C MET Y 142 53.51 -151.85 14.56
N GLY Y 143 53.07 -152.50 13.48
CA GLY Y 143 52.04 -153.52 13.57
C GLY Y 143 50.87 -153.40 12.61
N ILE Y 144 50.83 -152.37 11.77
CA ILE Y 144 49.77 -152.20 10.78
C ILE Y 144 50.35 -152.40 9.39
N SER Y 145 49.66 -153.18 8.57
CA SER Y 145 50.05 -153.40 7.19
C SER Y 145 49.12 -152.60 6.28
N VAL Y 146 49.71 -151.79 5.40
CA VAL Y 146 48.94 -150.97 4.47
C VAL Y 146 48.49 -151.84 3.31
N VAL Y 147 47.18 -151.90 3.08
CA VAL Y 147 46.65 -152.70 1.97
C VAL Y 147 47.08 -152.09 0.64
N SER Y 148 46.89 -150.79 0.49
CA SER Y 148 47.23 -150.11 -0.75
C SER Y 148 47.33 -148.61 -0.48
N TYR Y 149 48.37 -147.99 -1.01
CA TYR Y 149 48.58 -146.55 -0.89
C TYR Y 149 48.51 -145.92 -2.27
N THR Y 150 47.89 -144.75 -2.35
CA THR Y 150 47.79 -144.00 -3.60
C THR Y 150 47.96 -142.52 -3.31
N LEU Y 151 48.18 -141.75 -4.37
CA LEU Y 151 48.31 -140.31 -4.28
C LEU Y 151 47.04 -139.67 -4.83
N LYS Y 152 46.37 -138.87 -3.99
CA LYS Y 152 45.07 -138.35 -4.35
C LYS Y 152 45.16 -137.24 -5.39
N ASP Y 153 45.84 -136.15 -5.04
CA ASP Y 153 45.92 -134.99 -5.92
C ASP Y 153 47.26 -134.30 -5.73
N ILE Y 154 47.71 -133.63 -6.78
CA ILE Y 154 48.91 -132.80 -6.74
C ILE Y 154 48.50 -131.38 -7.12
N HIS Y 155 48.86 -130.41 -6.30
CA HIS Y 155 48.49 -129.02 -6.52
C HIS Y 155 49.74 -128.15 -6.40
N ASP Y 156 49.80 -127.12 -7.24
CA ASP Y 156 50.91 -126.17 -7.23
C ASP Y 156 50.35 -124.76 -7.14
N ASP Y 157 50.70 -124.06 -6.06
CA ASP Y 157 50.31 -122.67 -5.87
C ASP Y 157 51.30 -121.69 -6.47
N GLN Y 158 52.43 -122.17 -6.98
CA GLN Y 158 53.48 -121.32 -7.55
C GLN Y 158 53.37 -121.19 -9.06
N ASP Y 159 52.33 -121.77 -9.68
CA ASP Y 159 52.14 -121.81 -11.13
C ASP Y 159 53.26 -122.55 -11.83
N TYR Y 160 53.88 -123.53 -11.17
CA TYR Y 160 55.00 -124.25 -11.76
C TYR Y 160 54.56 -125.14 -12.91
N LEU Y 161 53.42 -125.83 -12.75
CA LEU Y 161 53.03 -126.84 -13.71
C LEU Y 161 52.08 -126.28 -14.78
N HIS Y 162 51.49 -125.12 -14.49
CA HIS Y 162 50.54 -124.53 -15.44
C HIS Y 162 51.22 -124.17 -16.76
N SER Y 163 52.45 -123.66 -16.70
CA SER Y 163 53.16 -123.34 -17.93
C SER Y 163 53.51 -124.60 -18.72
N LEU Y 164 53.92 -125.66 -18.02
CA LEU Y 164 54.20 -126.93 -18.69
C LEU Y 164 52.95 -127.45 -19.39
N GLY Y 165 51.79 -127.28 -18.76
CA GLY Y 165 50.55 -127.63 -19.44
C GLY Y 165 50.27 -126.74 -20.64
N LYS Y 166 50.53 -125.43 -20.49
CA LYS Y 166 50.16 -124.47 -21.53
C LYS Y 166 51.02 -124.62 -22.77
N ALA Y 167 52.22 -125.18 -22.62
CA ALA Y 167 53.09 -125.39 -23.78
C ALA Y 167 52.41 -126.25 -24.85
N ARG Y 168 51.86 -127.39 -24.44
CA ARG Y 168 51.22 -128.27 -25.40
C ARG Y 168 49.93 -127.65 -25.95
N THR Y 169 49.23 -126.86 -25.13
CA THR Y 169 48.04 -126.18 -25.62
C THR Y 169 48.40 -125.22 -26.75
N ALA Y 170 49.50 -124.49 -26.61
CA ALA Y 170 49.96 -123.66 -27.72
C ALA Y 170 50.35 -124.51 -28.92
N GLN Y 171 51.01 -125.64 -28.66
CA GLN Y 171 51.47 -126.50 -29.75
C GLN Y 171 50.30 -127.10 -30.53
N VAL Y 172 49.14 -127.22 -29.90
CA VAL Y 172 47.97 -127.72 -30.63
C VAL Y 172 47.17 -126.57 -31.23
N GLN Y 173 47.21 -125.40 -30.59
CA GLN Y 173 46.52 -124.25 -31.16
C GLN Y 173 47.15 -123.79 -32.45
N LYS Y 174 48.46 -124.02 -32.62
CA LYS Y 174 49.07 -123.70 -33.92
C LYS Y 174 48.45 -124.57 -35.03
N ASP Y 175 48.22 -125.85 -34.73
CA ASP Y 175 47.53 -126.71 -35.68
C ASP Y 175 46.09 -126.26 -35.90
N ALA Y 176 45.41 -125.84 -34.83
CA ALA Y 176 44.05 -125.33 -34.96
C ALA Y 176 44.00 -124.14 -35.90
N ARG Y 177 45.01 -123.28 -35.85
CA ARG Y 177 45.04 -122.12 -36.74
C ARG Y 177 45.45 -122.52 -38.16
N ILE Y 178 46.36 -123.48 -38.29
CA ILE Y 178 46.80 -123.88 -39.63
C ILE Y 178 45.65 -124.50 -40.41
N GLY Y 179 44.79 -125.27 -39.74
CA GLY Y 179 43.63 -125.82 -40.42
C GLY Y 179 42.68 -124.75 -40.91
N GLU Y 180 42.43 -123.74 -40.07
CA GLU Y 180 41.56 -122.64 -40.47
C GLU Y 180 42.14 -121.87 -41.64
N ALA Y 181 43.46 -121.65 -41.63
CA ALA Y 181 44.11 -120.97 -42.74
C ALA Y 181 43.97 -121.75 -44.04
N GLU Y 182 44.20 -123.07 -43.98
CA GLU Y 182 43.95 -123.92 -45.15
C GLU Y 182 42.53 -123.75 -45.66
N ALA Y 183 41.55 -123.89 -44.78
CA ALA Y 183 40.16 -123.83 -45.20
C ALA Y 183 39.81 -122.48 -45.81
N LYS Y 184 40.25 -121.38 -45.17
CA LYS Y 184 39.93 -120.05 -45.67
C LYS Y 184 40.56 -119.79 -47.03
N ARG Y 185 41.84 -120.16 -47.22
CA ARG Y 185 42.46 -119.95 -48.52
C ARG Y 185 41.77 -120.77 -49.59
N ASP Y 186 41.46 -122.04 -49.29
CA ASP Y 186 40.83 -122.90 -50.28
C ASP Y 186 39.43 -122.40 -50.64
N ALA Y 187 38.69 -121.87 -49.67
CA ALA Y 187 37.37 -121.33 -49.98
C ALA Y 187 37.49 -120.06 -50.81
N GLY Y 188 38.33 -119.12 -50.38
CA GLY Y 188 38.43 -117.84 -51.04
C GLY Y 188 38.92 -117.91 -52.48
N ILE Y 189 39.88 -118.80 -52.76
CA ILE Y 189 40.41 -118.89 -54.12
C ILE Y 189 39.29 -119.16 -55.13
N ARG Y 190 38.53 -120.23 -54.94
CA ARG Y 190 37.49 -120.57 -55.89
C ARG Y 190 36.25 -119.69 -55.76
N GLU Y 191 35.96 -119.15 -54.58
CA GLU Y 191 34.87 -118.18 -54.50
C GLU Y 191 35.17 -116.96 -55.38
N ALA Y 192 36.38 -116.42 -55.28
CA ALA Y 192 36.75 -115.29 -56.12
C ALA Y 192 36.75 -115.68 -57.58
N LYS Y 193 37.22 -116.89 -57.92
CA LYS Y 193 37.21 -117.29 -59.32
C LYS Y 193 35.79 -117.37 -59.88
N ALA Y 194 34.86 -117.97 -59.12
CA ALA Y 194 33.47 -118.06 -59.59
C ALA Y 194 32.85 -116.68 -59.71
N LYS Y 195 33.14 -115.80 -58.76
CA LYS Y 195 32.73 -114.41 -58.87
C LYS Y 195 33.21 -113.81 -60.18
N GLN Y 196 34.46 -114.07 -60.53
CA GLN Y 196 35.05 -113.55 -61.76
C GLN Y 196 34.28 -114.04 -62.98
N GLU Y 197 34.03 -115.35 -63.07
CA GLU Y 197 33.29 -115.85 -64.23
C GLU Y 197 31.89 -115.25 -64.33
N LYS Y 198 31.18 -115.11 -63.21
CA LYS Y 198 29.81 -114.63 -63.33
C LYS Y 198 29.81 -113.17 -63.79
N VAL Y 199 30.74 -112.37 -63.27
CA VAL Y 199 30.79 -110.98 -63.70
C VAL Y 199 31.19 -110.88 -65.18
N SER Y 200 32.13 -111.72 -65.61
CA SER Y 200 32.53 -111.69 -67.01
C SER Y 200 31.36 -112.02 -67.92
N ALA Y 201 30.58 -113.06 -67.56
CA ALA Y 201 29.41 -113.40 -68.36
C ALA Y 201 28.33 -112.32 -68.32
N GLN Y 202 28.14 -111.69 -67.17
CA GLN Y 202 27.15 -110.62 -67.07
C GLN Y 202 27.51 -109.46 -67.99
N TYR Y 203 28.79 -109.08 -68.01
CA TYR Y 203 29.20 -108.01 -68.91
C TYR Y 203 29.14 -108.43 -70.36
N LEU Y 204 29.42 -109.71 -70.66
CA LEU Y 204 29.26 -110.18 -72.03
C LEU Y 204 27.81 -110.05 -72.48
N SER Y 205 26.86 -110.37 -71.61
CA SER Y 205 25.45 -110.18 -71.94
C SER Y 205 25.12 -108.71 -72.09
N GLU Y 206 25.68 -107.85 -71.23
CA GLU Y 206 25.43 -106.42 -71.34
C GLU Y 206 25.99 -105.84 -72.64
N ILE Y 207 26.97 -106.51 -73.26
CA ILE Y 207 27.41 -106.09 -74.59
C ILE Y 207 26.27 -106.22 -75.60
N GLU Y 208 25.61 -107.38 -75.62
CA GLU Y 208 24.47 -107.55 -76.51
C GLU Y 208 23.30 -106.65 -76.11
N MET Y 209 23.19 -106.33 -74.83
CA MET Y 209 22.22 -105.31 -74.41
C MET Y 209 22.43 -104.01 -75.18
N ALA Y 210 23.68 -103.54 -75.23
CA ALA Y 210 23.98 -102.31 -75.95
C ALA Y 210 23.83 -102.48 -77.47
N LYS Y 211 24.14 -103.67 -77.98
CA LYS Y 211 23.85 -103.96 -79.39
C LYS Y 211 22.39 -103.71 -79.71
N ALA Y 212 21.49 -104.30 -78.93
CA ALA Y 212 20.06 -104.12 -79.16
C ALA Y 212 19.63 -102.67 -78.92
N GLN Y 213 20.22 -102.02 -77.91
CA GLN Y 213 19.89 -100.63 -77.64
C GLN Y 213 20.22 -99.75 -78.84
N ARG Y 214 21.41 -99.93 -79.43
CA ARG Y 214 21.75 -99.23 -80.65
C ARG Y 214 20.77 -99.56 -81.77
N ASP Y 215 20.53 -100.85 -82.01
CA ASP Y 215 19.67 -101.27 -83.10
C ASP Y 215 18.29 -100.66 -83.01
N TYR Y 216 17.79 -100.41 -81.80
CA TYR Y 216 16.49 -99.78 -81.62
C TYR Y 216 16.56 -98.26 -81.70
N GLU Y 217 17.49 -97.65 -80.98
CA GLU Y 217 17.55 -96.20 -80.88
C GLU Y 217 17.90 -95.54 -82.21
N LEU Y 218 18.83 -96.12 -82.97
CA LEU Y 218 19.22 -95.52 -84.23
C LEU Y 218 18.04 -95.47 -85.20
N LYS Y 219 17.31 -96.58 -85.32
CA LYS Y 219 16.14 -96.59 -86.19
C LYS Y 219 15.05 -95.66 -85.68
N LYS Y 220 14.85 -95.60 -84.36
CA LYS Y 220 13.84 -94.68 -83.84
C LYS Y 220 14.17 -93.24 -84.21
N ALA Y 221 15.44 -92.85 -84.04
CA ALA Y 221 15.84 -91.50 -84.40
C ALA Y 221 15.72 -91.25 -85.90
N ALA Y 222 16.09 -92.24 -86.72
CA ALA Y 222 16.00 -92.07 -88.17
C ALA Y 222 14.55 -91.87 -88.60
N TYR Y 223 13.62 -92.59 -87.98
CA TYR Y 223 12.20 -92.42 -88.28
C TYR Y 223 11.70 -91.07 -87.76
N ASP Y 224 12.18 -90.66 -86.60
CA ASP Y 224 11.80 -89.37 -86.04
C ASP Y 224 12.21 -88.23 -86.96
N ILE Y 225 13.37 -88.35 -87.63
CA ILE Y 225 13.78 -87.31 -88.55
C ILE Y 225 12.71 -87.09 -89.62
N GLU Y 226 12.25 -88.18 -90.24
CA GLU Y 226 11.25 -88.07 -91.30
C GLU Y 226 9.94 -87.53 -90.79
N VAL Y 227 9.49 -88.02 -89.62
CA VAL Y 227 8.20 -87.56 -89.12
C VAL Y 227 8.26 -86.08 -88.75
N ASN Y 228 9.39 -85.63 -88.19
CA ASN Y 228 9.53 -84.21 -87.87
C ASN Y 228 9.55 -83.36 -89.12
N THR Y 229 10.24 -83.80 -90.17
CA THR Y 229 10.25 -83.02 -91.41
C THR Y 229 8.84 -82.89 -92.00
N ARG Y 230 8.11 -84.00 -92.06
CA ARG Y 230 6.76 -83.94 -92.62
C ARG Y 230 5.82 -83.10 -91.76
N ARG Y 231 5.93 -83.21 -90.43
CA ARG Y 231 5.11 -82.39 -89.55
C ARG Y 231 5.43 -80.91 -89.71
N ALA Y 232 6.71 -80.57 -89.87
CA ALA Y 232 7.09 -79.18 -90.09
C ALA Y 232 6.49 -78.65 -91.38
N GLN Y 233 6.52 -79.45 -92.44
CA GLN Y 233 5.87 -79.02 -93.69
C GLN Y 233 4.37 -78.83 -93.50
N ALA Y 234 3.73 -79.77 -92.80
CA ALA Y 234 2.28 -79.72 -92.64
C ALA Y 234 1.85 -78.51 -91.83
N ASP Y 235 2.63 -78.13 -90.82
CA ASP Y 235 2.25 -76.98 -89.99
C ASP Y 235 2.17 -75.70 -90.81
N LEU Y 236 3.16 -75.46 -91.67
CA LEU Y 236 3.26 -74.20 -92.38
C LEU Y 236 2.57 -74.21 -93.74
N ALA Y 237 2.07 -75.37 -94.19
CA ALA Y 237 1.24 -75.37 -95.39
C ALA Y 237 0.05 -74.42 -95.25
N TYR Y 238 -0.53 -74.38 -94.05
CA TYR Y 238 -1.69 -73.50 -93.81
C TYR Y 238 -1.32 -72.04 -94.03
N GLN Y 239 -0.20 -71.60 -93.44
CA GLN Y 239 0.23 -70.21 -93.61
C GLN Y 239 0.57 -69.92 -95.08
N LEU Y 240 1.21 -70.87 -95.75
CA LEU Y 240 1.51 -70.68 -97.17
C LEU Y 240 0.25 -70.44 -97.96
N GLN Y 241 -0.77 -71.29 -97.79
CA GLN Y 241 -1.99 -71.12 -98.56
C GLN Y 241 -2.75 -69.86 -98.17
N VAL Y 242 -2.77 -69.51 -96.88
CA VAL Y 242 -3.52 -68.32 -96.47
C VAL Y 242 -2.85 -67.07 -97.04
N ALA Y 243 -1.52 -67.07 -97.13
CA ALA Y 243 -0.85 -65.95 -97.79
C ALA Y 243 -1.16 -65.92 -99.28
N LYS Y 244 -1.13 -67.10 -99.93
CA LYS Y 244 -1.38 -67.16 -101.36
C LYS Y 244 -2.77 -66.64 -101.71
N THR Y 245 -3.76 -66.90 -100.86
CA THR Y 245 -5.10 -66.39 -101.11
C THR Y 245 -5.31 -64.96 -100.62
N LYS Y 246 -4.59 -64.55 -99.56
CA LYS Y 246 -4.60 -63.15 -99.16
C LYS Y 246 -4.06 -62.27 -100.27
N GLN Y 247 -3.22 -62.82 -101.15
CA GLN Y 247 -2.83 -62.08 -102.34
C GLN Y 247 -4.04 -61.58 -103.11
N GLN Y 248 -4.98 -62.47 -103.43
CA GLN Y 248 -6.18 -62.06 -104.17
C GLN Y 248 -7.11 -61.24 -103.30
N ILE Y 249 -7.16 -61.54 -101.99
CA ILE Y 249 -7.97 -60.73 -101.08
C ILE Y 249 -7.58 -59.27 -101.20
N GLU Y 250 -6.28 -58.99 -101.10
CA GLU Y 250 -5.79 -57.62 -101.22
C GLU Y 250 -5.92 -57.09 -102.64
N GLU Y 251 -5.73 -57.95 -103.64
CA GLU Y 251 -5.87 -57.52 -105.03
C GLU Y 251 -7.25 -56.92 -105.28
N GLN Y 252 -8.29 -57.49 -104.69
CA GLN Y 252 -9.63 -56.91 -104.84
C GLN Y 252 -9.94 -55.82 -103.83
N ARG Y 253 -9.42 -55.92 -102.61
CA ARG Y 253 -9.65 -54.89 -101.61
C ARG Y 253 -9.00 -53.58 -102.02
N VAL Y 254 -8.05 -53.62 -102.96
CA VAL Y 254 -7.52 -52.39 -103.53
C VAL Y 254 -8.23 -52.00 -104.82
N GLN Y 255 -8.76 -52.98 -105.56
CA GLN Y 255 -9.56 -52.68 -106.75
C GLN Y 255 -10.80 -51.86 -106.42
N VAL Y 256 -11.36 -52.06 -105.23
CA VAL Y 256 -12.47 -51.20 -104.83
C VAL Y 256 -12.04 -49.74 -104.79
N GLN Y 257 -10.80 -49.46 -104.38
CA GLN Y 257 -10.29 -48.09 -104.41
C GLN Y 257 -10.16 -47.57 -105.83
N VAL Y 258 -9.75 -48.41 -106.78
CA VAL Y 258 -9.67 -47.99 -108.17
C VAL Y 258 -11.06 -47.58 -108.66
N VAL Y 259 -12.07 -48.36 -108.32
CA VAL Y 259 -13.43 -48.00 -108.71
C VAL Y 259 -13.85 -46.68 -108.08
N GLU Y 260 -13.55 -46.50 -106.78
CA GLU Y 260 -13.84 -45.24 -106.11
C GLU Y 260 -13.26 -44.04 -106.85
N ARG Y 261 -11.98 -44.11 -107.19
CA ARG Y 261 -11.36 -42.96 -107.84
C ARG Y 261 -11.85 -42.78 -109.28
N ALA Y 262 -12.05 -43.88 -110.00
CA ALA Y 262 -12.55 -43.82 -111.37
C ALA Y 262 -13.98 -43.32 -111.46
N GLN Y 263 -14.70 -43.26 -110.34
CA GLN Y 263 -15.98 -42.56 -110.33
C GLN Y 263 -15.91 -41.17 -109.72
N GLN Y 264 -14.98 -40.92 -108.80
CA GLN Y 264 -14.74 -39.55 -108.36
C GLN Y 264 -14.30 -38.66 -109.51
N VAL Y 265 -13.64 -39.23 -110.52
CA VAL Y 265 -13.30 -38.43 -111.68
C VAL Y 265 -14.56 -37.97 -112.41
N ALA Y 266 -15.59 -38.80 -112.48
CA ALA Y 266 -16.85 -38.37 -113.06
C ALA Y 266 -17.57 -37.36 -112.18
N VAL Y 267 -17.45 -37.53 -110.86
CA VAL Y 267 -17.96 -36.51 -109.94
C VAL Y 267 -17.35 -35.15 -110.27
N GLN Y 268 -16.03 -35.11 -110.44
CA GLN Y 268 -15.39 -33.85 -110.79
C GLN Y 268 -15.74 -33.40 -112.21
N GLU Y 269 -16.02 -34.34 -113.10
CA GLU Y 269 -16.45 -33.98 -114.46
C GLU Y 269 -17.77 -33.22 -114.42
N GLN Y 270 -18.66 -33.60 -113.51
CA GLN Y 270 -19.88 -32.79 -113.33
C GLN Y 270 -19.57 -31.51 -112.54
N GLU Y 271 -18.62 -31.57 -111.62
CA GLU Y 271 -18.29 -30.42 -110.80
C GLU Y 271 -17.72 -29.27 -111.64
N ILE Y 272 -17.01 -29.58 -112.73
CA ILE Y 272 -16.43 -28.51 -113.53
C ILE Y 272 -17.55 -27.67 -114.16
N ALA Y 273 -18.59 -28.31 -114.68
CA ALA Y 273 -19.69 -27.56 -115.26
C ALA Y 273 -20.53 -26.87 -114.17
N ARG Y 274 -20.66 -27.51 -113.01
CA ARG Y 274 -21.34 -26.84 -111.90
C ARG Y 274 -20.61 -25.56 -111.52
N ARG Y 275 -19.29 -25.62 -111.45
CA ARG Y 275 -18.49 -24.43 -111.15
C ARG Y 275 -18.62 -23.41 -112.26
N GLU Y 276 -18.60 -23.84 -113.53
CA GLU Y 276 -18.90 -22.94 -114.64
C GLU Y 276 -20.15 -22.12 -114.35
N LYS Y 277 -21.28 -22.80 -114.16
CA LYS Y 277 -22.55 -22.10 -114.00
C LYS Y 277 -22.56 -21.23 -112.75
N GLU Y 278 -22.14 -21.78 -111.61
CA GLU Y 278 -22.22 -21.05 -110.35
C GLU Y 278 -21.30 -19.83 -110.36
N LEU Y 279 -20.08 -20.00 -110.87
CA LEU Y 279 -19.14 -18.89 -110.94
C LEU Y 279 -19.64 -17.81 -111.89
N GLU Y 280 -20.20 -18.21 -113.03
CA GLU Y 280 -20.82 -17.23 -113.91
C GLU Y 280 -21.88 -16.42 -113.18
N ALA Y 281 -22.82 -17.12 -112.53
CA ALA Y 281 -23.91 -16.44 -111.83
C ALA Y 281 -23.41 -15.51 -110.74
N ARG Y 282 -22.40 -15.93 -109.98
CA ARG Y 282 -21.96 -15.16 -108.83
C ARG Y 282 -20.85 -14.16 -109.13
N VAL Y 283 -20.32 -14.13 -110.36
CA VAL Y 283 -19.25 -13.19 -110.67
C VAL Y 283 -19.61 -12.34 -111.88
N ARG Y 284 -19.91 -12.98 -113.01
CA ARG Y 284 -20.00 -12.25 -114.28
C ARG Y 284 -21.23 -11.34 -114.28
N LYS Y 285 -22.39 -11.88 -113.90
CA LYS Y 285 -23.60 -11.06 -113.85
C LYS Y 285 -23.51 -9.93 -112.84
N PRO Y 286 -23.02 -10.15 -111.61
CA PRO Y 286 -22.83 -8.99 -110.71
C PRO Y 286 -21.88 -7.95 -111.28
N ALA Y 287 -20.83 -8.38 -111.98
CA ALA Y 287 -19.91 -7.43 -112.60
C ALA Y 287 -20.62 -6.60 -113.67
N GLU Y 288 -21.43 -7.24 -114.51
CA GLU Y 288 -22.19 -6.51 -115.53
C GLU Y 288 -23.15 -5.51 -114.88
N ALA Y 289 -23.85 -5.96 -113.83
CA ALA Y 289 -24.78 -5.06 -113.14
C ALA Y 289 -24.07 -3.88 -112.51
N GLU Y 290 -22.90 -4.12 -111.88
CA GLU Y 290 -22.14 -3.03 -111.29
C GLU Y 290 -21.62 -2.08 -112.35
N ARG Y 291 -21.20 -2.60 -113.51
CA ARG Y 291 -20.76 -1.73 -114.58
C ARG Y 291 -21.90 -0.84 -115.07
N TYR Y 292 -23.09 -1.41 -115.22
CA TYR Y 292 -24.24 -0.60 -115.65
C TYR Y 292 -24.59 0.45 -114.61
N LYS Y 293 -24.53 0.07 -113.32
CA LYS Y 293 -24.81 1.03 -112.26
C LYS Y 293 -23.81 2.18 -112.28
N LEU Y 294 -22.53 1.86 -112.42
CA LEU Y 294 -21.51 2.90 -112.50
C LEU Y 294 -21.70 3.80 -113.71
N GLU Y 295 -22.02 3.20 -114.86
CA GLU Y 295 -22.29 3.98 -116.06
C GLU Y 295 -23.42 4.98 -115.83
N ARG Y 296 -24.53 4.51 -115.27
CA ARG Y 296 -25.68 5.40 -115.10
C ARG Y 296 -25.43 6.46 -114.05
N LEU Y 297 -24.79 6.10 -112.93
CA LEU Y 297 -24.49 7.11 -111.92
C LEU Y 297 -23.49 8.15 -112.43
N ALA Y 298 -22.49 7.71 -113.20
CA ALA Y 298 -21.55 8.67 -113.78
C ALA Y 298 -22.24 9.58 -114.79
N GLU Y 299 -23.16 9.04 -115.59
CA GLU Y 299 -23.89 9.88 -116.52
C GLU Y 299 -24.73 10.92 -115.78
N ALA Y 300 -25.37 10.51 -114.69
CA ALA Y 300 -26.13 11.45 -113.88
C ALA Y 300 -25.24 12.52 -113.27
N GLU Y 301 -24.07 12.13 -112.77
CA GLU Y 301 -23.16 13.11 -112.18
C GLU Y 301 -22.67 14.10 -113.22
N LYS Y 302 -22.36 13.63 -114.44
CA LYS Y 302 -21.98 14.56 -115.50
C LYS Y 302 -23.12 15.50 -115.84
N SER Y 303 -24.35 14.96 -115.95
CA SER Y 303 -25.49 15.79 -116.29
C SER Y 303 -25.74 16.86 -115.23
N GLN Y 304 -25.51 16.52 -113.96
CA GLN Y 304 -25.68 17.51 -112.91
C GLN Y 304 -24.57 18.55 -112.93
N LEU Y 305 -23.32 18.10 -113.08
CA LEU Y 305 -22.18 19.00 -113.00
C LEU Y 305 -22.17 19.99 -114.16
N ILE Y 306 -22.50 19.52 -115.37
CA ILE Y 306 -22.49 20.41 -116.52
C ILE Y 306 -23.45 21.58 -116.34
N MET Y 307 -24.65 21.31 -115.86
CA MET Y 307 -25.64 22.37 -115.75
C MET Y 307 -25.50 23.19 -114.48
N GLN Y 308 -24.94 22.61 -113.40
CA GLN Y 308 -24.54 23.44 -112.27
C GLN Y 308 -23.44 24.43 -112.68
N ALA Y 309 -22.48 23.97 -113.49
CA ALA Y 309 -21.47 24.86 -114.02
C ALA Y 309 -22.08 25.93 -114.90
N GLU Y 310 -23.03 25.56 -115.74
CA GLU Y 310 -23.70 26.55 -116.58
C GLU Y 310 -24.41 27.60 -115.73
N ALA Y 311 -25.08 27.16 -114.66
CA ALA Y 311 -25.75 28.11 -113.77
C ALA Y 311 -24.75 29.04 -113.11
N GLU Y 312 -23.62 28.51 -112.63
CA GLU Y 312 -22.61 29.35 -112.02
C GLU Y 312 -22.04 30.36 -113.01
N ALA Y 313 -21.80 29.92 -114.24
CA ALA Y 313 -21.27 30.82 -115.26
C ALA Y 313 -22.27 31.93 -115.59
N ALA Y 314 -23.55 31.59 -115.70
CA ALA Y 314 -24.56 32.61 -115.94
C ALA Y 314 -24.65 33.59 -114.77
N SER Y 315 -24.56 33.07 -113.55
CA SER Y 315 -24.56 33.94 -112.37
C SER Y 315 -23.41 34.92 -112.42
N VAL Y 316 -22.20 34.42 -112.69
CA VAL Y 316 -21.03 35.29 -112.74
C VAL Y 316 -21.18 36.33 -113.84
N ARG Y 317 -21.61 35.90 -115.03
CA ARG Y 317 -21.80 36.81 -116.14
C ARG Y 317 -22.76 37.94 -115.79
N MET Y 318 -23.94 37.59 -115.27
CA MET Y 318 -24.95 38.59 -114.99
C MET Y 318 -24.55 39.53 -113.86
N ARG Y 319 -24.00 38.99 -112.78
CA ARG Y 319 -23.58 39.86 -111.68
C ARG Y 319 -22.46 40.80 -112.10
N GLY Y 320 -21.49 40.29 -112.87
CA GLY Y 320 -20.42 41.15 -113.35
C GLY Y 320 -20.91 42.22 -114.30
N GLU Y 321 -21.82 41.87 -115.20
CA GLU Y 321 -22.37 42.87 -116.10
C GLU Y 321 -23.13 43.95 -115.34
N ALA Y 322 -23.90 43.56 -114.34
CA ALA Y 322 -24.64 44.54 -113.54
C ALA Y 322 -23.69 45.46 -112.81
N GLU Y 323 -22.63 44.91 -112.20
CA GLU Y 323 -21.73 45.77 -111.43
C GLU Y 323 -20.92 46.67 -112.34
N ALA Y 324 -20.59 46.19 -113.55
CA ALA Y 324 -19.89 47.04 -114.52
C ALA Y 324 -20.79 48.18 -114.98
N PHE Y 325 -22.08 47.90 -115.21
CA PHE Y 325 -22.99 48.97 -115.57
C PHE Y 325 -23.12 49.99 -114.43
N ALA Y 326 -23.12 49.51 -113.19
CA ALA Y 326 -23.15 50.41 -112.05
C ALA Y 326 -21.89 51.28 -111.98
N ILE Y 327 -20.73 50.68 -112.27
CA ILE Y 327 -19.49 51.45 -112.33
C ILE Y 327 -19.58 52.53 -113.39
N GLY Y 328 -20.09 52.19 -114.57
CA GLY Y 328 -20.29 53.19 -115.60
C GLY Y 328 -21.25 54.29 -115.17
N ALA Y 329 -22.28 53.93 -114.41
CA ALA Y 329 -23.23 54.92 -113.92
C ALA Y 329 -22.56 55.94 -113.01
N ARG Y 330 -21.83 55.46 -111.99
CA ARG Y 330 -21.07 56.40 -111.18
C ARG Y 330 -20.02 57.14 -112.00
N ALA Y 331 -19.47 56.52 -113.04
CA ALA Y 331 -18.49 57.21 -113.86
C ALA Y 331 -19.11 58.43 -114.55
N ARG Y 332 -20.24 58.24 -115.21
CA ARG Y 332 -20.93 59.35 -115.86
C ARG Y 332 -21.34 60.41 -114.85
N ALA Y 333 -21.88 59.98 -113.70
CA ALA Y 333 -22.28 60.93 -112.67
C ALA Y 333 -21.10 61.76 -112.18
N GLU Y 334 -19.96 61.10 -111.92
CA GLU Y 334 -18.80 61.80 -111.40
C GLU Y 334 -18.19 62.73 -112.44
N ALA Y 335 -18.24 62.35 -113.72
CA ALA Y 335 -17.72 63.23 -114.75
C ALA Y 335 -18.58 64.50 -114.86
N GLU Y 336 -19.89 64.33 -114.95
CA GLU Y 336 -20.78 65.49 -115.00
C GLU Y 336 -20.67 66.29 -113.71
N GLN Y 337 -20.29 65.64 -112.61
CA GLN Y 337 -20.10 66.32 -111.35
C GLN Y 337 -18.85 67.19 -111.36
N MET Y 338 -17.74 66.64 -111.85
CA MET Y 338 -16.46 67.35 -111.80
C MET Y 338 -16.39 68.46 -112.83
N ALA Y 339 -17.16 68.34 -113.92
CA ALA Y 339 -17.21 69.44 -114.88
C ALA Y 339 -17.63 70.74 -114.20
N LYS Y 340 -18.67 70.68 -113.36
CA LYS Y 340 -19.10 71.89 -112.67
C LYS Y 340 -18.11 72.31 -111.58
N LYS Y 341 -17.42 71.36 -110.95
CA LYS Y 341 -16.34 71.76 -110.05
C LYS Y 341 -15.31 72.62 -110.76
N ALA Y 342 -14.88 72.19 -111.94
CA ALA Y 342 -13.93 72.99 -112.70
C ALA Y 342 -14.51 74.34 -113.09
N GLU Y 343 -15.78 74.35 -113.53
CA GLU Y 343 -16.41 75.61 -113.91
C GLU Y 343 -16.46 76.58 -112.74
N ALA Y 344 -16.81 76.09 -111.55
CA ALA Y 344 -16.87 76.94 -110.37
C ALA Y 344 -15.48 77.43 -109.98
N PHE Y 345 -14.49 76.53 -109.99
CA PHE Y 345 -13.13 76.91 -109.65
C PHE Y 345 -12.58 77.99 -110.57
N GLN Y 346 -13.05 78.03 -111.82
CA GLN Y 346 -12.55 79.05 -112.74
C GLN Y 346 -12.77 80.46 -112.21
N LEU Y 347 -13.85 80.70 -111.48
CA LEU Y 347 -14.16 82.02 -110.93
C LEU Y 347 -13.63 82.20 -109.51
N TYR Y 348 -12.34 81.97 -109.31
CA TYR Y 348 -11.70 82.15 -108.02
C TYR Y 348 -10.60 83.20 -108.14
N GLN Y 349 -10.67 84.21 -107.29
CA GLN Y 349 -9.69 85.29 -107.21
C GLN Y 349 -8.70 84.98 -106.08
N GLU Y 350 -7.87 85.97 -105.76
CA GLU Y 350 -6.87 85.80 -104.71
C GLU Y 350 -7.50 85.57 -103.34
N ALA Y 351 -8.66 86.16 -103.08
CA ALA Y 351 -9.31 85.98 -101.79
C ALA Y 351 -9.71 84.52 -101.59
N ALA Y 352 -10.24 83.88 -102.63
CA ALA Y 352 -10.65 82.49 -102.53
C ALA Y 352 -9.46 81.56 -102.33
N GLN Y 353 -8.37 81.79 -103.07
CA GLN Y 353 -7.19 80.98 -102.88
C GLN Y 353 -6.59 81.17 -101.49
N LEU Y 354 -6.61 82.40 -100.97
CA LEU Y 354 -6.19 82.66 -99.61
C LEU Y 354 -7.05 81.90 -98.61
N ASP Y 355 -8.37 81.89 -98.84
CA ASP Y 355 -9.26 81.15 -97.95
C ASP Y 355 -8.95 79.66 -97.98
N MET Y 356 -8.71 79.10 -99.17
CA MET Y 356 -8.38 77.68 -99.27
C MET Y 356 -7.07 77.38 -98.56
N LEU Y 357 -6.05 78.22 -98.75
CA LEU Y 357 -4.77 78.00 -98.10
C LEU Y 357 -4.88 78.06 -96.58
N LEU Y 358 -5.64 79.04 -96.07
CA LEU Y 358 -5.79 79.18 -94.63
C LEU Y 358 -6.77 78.16 -94.04
N GLU Y 359 -7.58 77.51 -94.87
CA GLU Y 359 -8.38 76.39 -94.39
C GLU Y 359 -7.58 75.11 -94.37
N LYS Y 360 -6.61 74.96 -95.28
CA LYS Y 360 -5.80 73.74 -95.33
C LYS Y 360 -4.60 73.77 -94.40
N LEU Y 361 -4.09 74.94 -94.05
CA LEU Y 361 -2.93 75.01 -93.15
C LEU Y 361 -3.18 74.35 -91.80
N PRO Y 362 -4.31 74.59 -91.10
CA PRO Y 362 -4.51 73.90 -89.82
C PRO Y 362 -4.52 72.40 -89.92
N GLN Y 363 -5.03 71.83 -91.02
CA GLN Y 363 -5.06 70.38 -91.13
C GLN Y 363 -3.66 69.80 -91.28
N VAL Y 364 -2.81 70.45 -92.07
CA VAL Y 364 -1.42 70.02 -92.20
C VAL Y 364 -0.71 70.17 -90.85
N ALA Y 365 -0.98 71.26 -90.15
CA ALA Y 365 -0.38 71.45 -88.82
C ALA Y 365 -0.81 70.33 -87.87
N GLU Y 366 -2.08 69.95 -87.89
CA GLU Y 366 -2.53 68.81 -87.09
C GLU Y 366 -1.81 67.53 -87.48
N GLU Y 367 -1.73 67.25 -88.78
CA GLU Y 367 -1.10 66.01 -89.20
C GLU Y 367 0.39 65.97 -88.91
N ILE Y 368 1.04 67.12 -88.71
CA ILE Y 368 2.46 67.12 -88.44
C ILE Y 368 2.73 67.20 -86.93
N SER Y 369 1.77 67.74 -86.17
CA SER Y 369 1.95 67.90 -84.74
C SER Y 369 1.24 66.85 -83.92
N GLY Y 370 0.49 65.96 -84.54
CA GLY Y 370 -0.15 64.87 -83.84
C GLY Y 370 0.84 63.82 -83.37
N PRO Y 371 1.63 63.28 -84.30
CA PRO Y 371 2.69 62.35 -83.89
C PRO Y 371 3.72 62.96 -82.95
N LEU Y 372 4.03 64.25 -83.12
CA LEU Y 372 5.06 64.86 -82.28
C LEU Y 372 4.63 64.97 -80.82
N THR Y 373 3.35 65.22 -80.57
CA THR Y 373 2.87 65.38 -79.21
C THR Y 373 2.69 64.04 -78.49
N SER Y 374 3.20 62.95 -79.05
CA SER Y 374 3.22 61.67 -78.37
C SER Y 374 4.45 61.47 -77.50
N ALA Y 375 5.37 62.41 -77.51
CA ALA Y 375 6.56 62.30 -76.67
C ALA Y 375 6.18 62.34 -75.19
N ASN Y 376 6.84 61.50 -74.40
CA ASN Y 376 6.50 61.41 -72.98
C ASN Y 376 6.92 62.67 -72.23
N LYS Y 377 8.15 63.12 -72.43
CA LYS Y 377 8.64 64.31 -71.76
C LYS Y 377 9.60 65.06 -72.69
N ILE Y 378 9.65 66.37 -72.52
CA ILE Y 378 10.54 67.23 -73.28
C ILE Y 378 11.26 68.15 -72.29
N THR Y 379 12.59 68.17 -72.36
CA THR Y 379 13.41 68.96 -71.47
C THR Y 379 14.06 70.09 -72.25
N LEU Y 380 13.93 71.31 -71.74
CA LEU Y 380 14.45 72.52 -72.37
C LEU Y 380 15.50 73.13 -71.47
N VAL Y 381 16.65 73.46 -72.04
CA VAL Y 381 17.76 74.04 -71.29
C VAL Y 381 18.36 75.17 -72.10
N SER Y 382 18.65 76.29 -71.44
CA SER Y 382 19.24 77.45 -72.07
C SER Y 382 20.54 77.83 -71.38
N SER Y 383 21.35 78.63 -72.07
CA SER Y 383 22.62 79.08 -71.54
C SER Y 383 23.09 80.28 -72.34
N GLY Y 384 23.71 81.23 -71.67
CA GLY Y 384 24.18 82.41 -72.36
C GLY Y 384 23.02 83.24 -72.85
N SER Y 385 23.24 83.92 -73.98
CA SER Y 385 22.23 84.77 -74.60
C SER Y 385 21.27 83.99 -75.48
N GLY Y 386 21.22 82.68 -75.34
CA GLY Y 386 20.37 81.85 -76.16
C GLY Y 386 18.93 81.83 -75.65
N THR Y 387 18.10 81.13 -76.42
CA THR Y 387 16.69 80.97 -76.11
C THR Y 387 16.47 79.74 -75.24
N MET Y 388 15.27 79.64 -74.67
CA MET Y 388 14.92 78.53 -73.79
C MET Y 388 14.72 77.23 -74.54
N GLY Y 389 14.07 77.26 -75.70
CA GLY Y 389 13.89 76.08 -76.52
C GLY Y 389 12.49 75.86 -77.06
N ALA Y 390 11.49 76.57 -76.56
CA ALA Y 390 10.14 76.41 -77.10
C ALA Y 390 10.06 76.90 -78.54
N ALA Y 391 10.76 78.00 -78.82
CA ALA Y 391 10.88 78.46 -80.19
C ALA Y 391 11.51 77.41 -81.08
N LYS Y 392 12.40 76.57 -80.54
CA LYS Y 392 12.99 75.51 -81.35
C LYS Y 392 11.94 74.49 -81.78
N VAL Y 393 11.05 74.10 -80.88
CA VAL Y 393 10.01 73.12 -81.23
C VAL Y 393 9.03 73.73 -82.22
N THR Y 394 8.58 74.96 -81.95
CA THR Y 394 7.66 75.60 -82.87
C THR Y 394 8.30 75.81 -84.24
N GLY Y 395 9.59 76.17 -84.27
CA GLY Y 395 10.28 76.33 -85.52
C GLY Y 395 10.45 75.02 -86.27
N GLU Y 396 10.68 73.92 -85.55
CA GLU Y 396 10.75 72.62 -86.21
C GLU Y 396 9.42 72.28 -86.88
N VAL Y 397 8.32 72.46 -86.15
CA VAL Y 397 7.01 72.15 -86.72
C VAL Y 397 6.73 73.05 -87.93
N LEU Y 398 6.99 74.35 -87.78
CA LEU Y 398 6.72 75.29 -88.87
C LEU Y 398 7.63 75.04 -90.07
N ASP Y 399 8.89 74.66 -89.81
CA ASP Y 399 9.81 74.37 -90.90
C ASP Y 399 9.39 73.15 -91.67
N ILE Y 400 8.92 72.11 -90.98
CA ILE Y 400 8.38 70.96 -91.70
C ILE Y 400 7.16 71.36 -92.51
N LEU Y 401 6.25 72.14 -91.89
CA LEU Y 401 5.03 72.54 -92.57
C LEU Y 401 5.30 73.41 -93.79
N THR Y 402 6.41 74.15 -93.78
CA THR Y 402 6.73 75.02 -94.90
C THR Y 402 7.63 74.35 -95.94
N ARG Y 403 8.38 73.31 -95.55
CA ARG Y 403 9.21 72.60 -96.51
C ARG Y 403 8.44 71.50 -97.22
N LEU Y 404 7.35 71.01 -96.62
CA LEU Y 404 6.53 70.03 -97.32
C LEU Y 404 5.97 70.55 -98.64
N PRO Y 405 5.40 71.76 -98.72
CA PRO Y 405 4.95 72.25 -100.03
C PRO Y 405 6.06 72.38 -101.04
N GLU Y 406 7.28 72.70 -100.61
CA GLU Y 406 8.39 72.77 -101.56
C GLU Y 406 8.82 71.38 -102.04
N SER Y 407 8.79 70.40 -101.13
CA SER Y 407 9.09 69.03 -101.54
C SER Y 407 8.07 68.54 -102.56
N VAL Y 408 6.79 68.84 -102.33
CA VAL Y 408 5.76 68.50 -103.31
C VAL Y 408 5.94 69.30 -104.59
N GLU Y 409 6.39 70.56 -104.47
CA GLU Y 409 6.73 71.38 -105.63
C GLU Y 409 7.76 70.70 -106.51
N ARG Y 410 8.76 70.07 -105.89
CA ARG Y 410 9.84 69.46 -106.65
C ARG Y 410 9.31 68.40 -107.62
N LEU Y 411 8.24 67.70 -107.24
CA LEU Y 411 7.69 66.68 -108.13
C LEU Y 411 6.59 67.25 -109.03
N THR Y 412 5.58 67.88 -108.44
CA THR Y 412 4.43 68.31 -109.23
C THR Y 412 4.79 69.44 -110.19
N GLY Y 413 5.49 70.46 -109.69
CA GLY Y 413 5.82 71.61 -110.50
C GLY Y 413 4.75 72.66 -110.61
N VAL Y 414 3.75 72.64 -109.73
CA VAL Y 414 2.67 73.63 -109.73
C VAL Y 414 2.68 74.38 -108.41
N SER Y 415 2.62 75.70 -108.48
CA SER Y 415 2.78 76.55 -107.31
C SER Y 415 1.65 76.34 -106.31
N ILE Y 416 1.96 76.59 -105.04
CA ILE Y 416 1.00 76.44 -103.97
C ILE Y 416 0.68 77.77 -103.29
N SER Y 417 1.58 78.75 -103.35
CA SER Y 417 1.35 80.07 -102.79
C SER Y 417 1.29 81.10 -103.90
N GLN Y 418 0.30 81.99 -103.81
CA GLN Y 418 0.12 82.99 -104.86
C GLN Y 418 1.18 84.09 -104.78
N VAL Y 419 1.72 84.35 -103.60
CA VAL Y 419 2.75 85.37 -103.44
C VAL Y 419 3.95 84.80 -102.70
N MET Z 1 20.32 -167.22 19.27
CA MET Z 1 18.99 -167.80 19.40
C MET Z 1 18.55 -168.37 18.05
N GLY Z 2 18.66 -167.56 17.00
CA GLY Z 2 18.29 -167.97 15.67
C GLY Z 2 19.05 -169.18 15.17
N ASN Z 3 18.35 -170.14 14.58
CA ASN Z 3 18.94 -171.39 14.14
C ASN Z 3 18.56 -171.67 12.70
N CYS Z 4 19.48 -172.29 11.95
CA CYS Z 4 19.22 -172.82 10.61
C CYS Z 4 18.74 -171.71 9.67
N HIS Z 5 19.66 -170.78 9.40
CA HIS Z 5 19.40 -169.66 8.50
C HIS Z 5 20.01 -169.91 7.12
N THR Z 6 19.29 -169.43 6.10
CA THR Z 6 19.72 -169.50 4.72
C THR Z 6 19.54 -168.13 4.08
N VAL Z 7 20.37 -167.86 3.07
CA VAL Z 7 20.37 -166.56 2.40
C VAL Z 7 20.28 -166.79 0.90
N GLY Z 8 19.74 -165.80 0.20
CA GLY Z 8 19.60 -165.86 -1.24
C GLY Z 8 20.92 -165.68 -1.95
N PRO Z 9 20.93 -165.90 -3.28
CA PRO Z 9 22.18 -165.80 -4.03
C PRO Z 9 22.76 -164.40 -4.08
N ASN Z 10 21.98 -163.37 -3.78
CA ASN Z 10 22.50 -162.01 -3.84
C ASN Z 10 23.48 -161.71 -2.72
N GLU Z 11 23.33 -162.33 -1.55
CA GLU Z 11 24.17 -162.06 -0.40
C GLU Z 11 24.83 -163.35 0.06
N ALA Z 12 26.04 -163.22 0.59
CA ALA Z 12 26.83 -164.34 1.07
C ALA Z 12 26.73 -164.40 2.59
N LEU Z 13 26.35 -165.57 3.11
CA LEU Z 13 26.28 -165.77 4.54
C LEU Z 13 27.64 -166.21 5.06
N VAL Z 14 28.12 -165.54 6.11
CA VAL Z 14 29.40 -165.84 6.72
C VAL Z 14 29.16 -166.28 8.16
N VAL Z 15 29.75 -167.41 8.53
CA VAL Z 15 29.69 -167.91 9.90
C VAL Z 15 31.08 -168.38 10.30
N SER Z 16 31.43 -168.18 11.56
CA SER Z 16 32.71 -168.61 12.10
C SER Z 16 32.54 -168.95 13.56
N GLY Z 17 33.07 -170.11 13.95
CA GLY Z 17 33.00 -170.55 15.34
C GLY Z 17 33.80 -171.81 15.61
N GLY Z 18 34.52 -171.82 16.74
CA GLY Z 18 35.35 -172.95 17.09
C GLY Z 18 34.61 -174.01 17.89
N CYS Z 19 34.16 -175.07 17.22
CA CYS Z 19 33.38 -176.10 17.89
C CYS Z 19 34.18 -176.76 19.01
N CYS Z 20 35.45 -177.06 18.74
CA CYS Z 20 36.36 -177.58 19.75
C CYS Z 20 37.51 -176.61 20.01
N GLY Z 21 37.34 -175.33 19.67
CA GLY Z 21 38.39 -174.35 19.78
C GLY Z 21 39.21 -174.16 18.53
N SER Z 22 39.07 -175.04 17.54
CA SER Z 22 39.79 -174.90 16.28
C SER Z 22 39.05 -173.95 15.35
N ASP Z 23 39.82 -173.25 14.51
CA ASP Z 23 39.29 -172.21 13.65
C ASP Z 23 38.51 -172.86 12.50
N TYR Z 24 37.19 -172.75 12.55
CA TYR Z 24 36.31 -173.25 11.49
C TYR Z 24 35.43 -172.09 11.02
N LYS Z 25 35.80 -171.49 9.88
CA LYS Z 25 35.03 -170.42 9.28
C LYS Z 25 34.37 -170.92 8.00
N GLN Z 26 33.06 -170.72 7.89
CA GLN Z 26 32.30 -171.14 6.73
C GLN Z 26 31.68 -169.90 6.08
N TYR Z 27 31.99 -169.70 4.79
CA TYR Z 27 31.43 -168.61 4.01
C TYR Z 27 30.73 -169.21 2.80
N VAL Z 28 29.41 -169.06 2.74
CA VAL Z 28 28.60 -169.66 1.69
C VAL Z 28 27.64 -168.60 1.16
N PHE Z 29 27.56 -168.48 -0.17
CA PHE Z 29 26.67 -167.53 -0.81
C PHE Z 29 25.47 -168.27 -1.37
N GLY Z 30 24.28 -167.84 -1.00
CA GLY Z 30 23.06 -168.44 -1.53
C GLY Z 30 22.91 -169.92 -1.25
N GLY Z 31 23.26 -170.36 -0.04
CA GLY Z 31 23.20 -171.77 0.28
C GLY Z 31 22.51 -172.09 1.58
N TRP Z 32 23.04 -173.07 2.31
CA TRP Z 32 22.46 -173.52 3.56
C TRP Z 32 23.48 -173.45 4.67
N ALA Z 33 23.01 -173.18 5.88
CA ALA Z 33 23.87 -173.14 7.06
C ALA Z 33 23.01 -173.25 8.30
N TRP Z 34 23.66 -173.58 9.42
CA TRP Z 34 23.00 -173.58 10.72
C TRP Z 34 23.93 -172.97 11.76
N ALA Z 35 23.36 -172.25 12.71
CA ALA Z 35 24.10 -171.65 13.80
C ALA Z 35 23.23 -171.66 15.06
N TRP Z 36 23.84 -172.01 16.18
CA TRP Z 36 23.13 -172.15 17.44
C TRP Z 36 23.18 -170.82 18.22
N TRP Z 37 22.82 -170.89 19.50
CA TRP Z 37 22.75 -169.69 20.35
C TRP Z 37 24.07 -168.94 20.35
N CYS Z 38 25.18 -169.66 20.62
CA CYS Z 38 26.50 -169.02 20.59
C CYS Z 38 27.57 -169.91 19.97
N ILE Z 39 27.26 -170.64 18.90
CA ILE Z 39 28.32 -171.45 18.27
C ILE Z 39 29.11 -170.62 17.27
N SER Z 40 28.48 -169.67 16.59
CA SER Z 40 29.16 -168.90 15.56
C SER Z 40 28.49 -167.53 15.46
N ASP Z 41 28.76 -166.82 14.37
CA ASP Z 41 28.20 -165.50 14.11
C ASP Z 41 27.44 -165.53 12.79
N THR Z 42 26.27 -164.91 12.78
CA THR Z 42 25.40 -164.87 11.60
C THR Z 42 25.49 -163.49 10.98
N GLN Z 43 26.23 -163.38 9.87
CA GLN Z 43 26.34 -162.12 9.15
C GLN Z 43 26.25 -162.39 7.67
N ARG Z 44 25.84 -161.36 6.92
CA ARG Z 44 25.70 -161.45 5.48
C ARG Z 44 26.48 -160.32 4.82
N ILE Z 45 26.94 -160.58 3.60
CA ILE Z 45 27.67 -159.59 2.81
C ILE Z 45 26.86 -159.33 1.55
N SER Z 46 26.48 -158.07 1.34
CA SER Z 46 25.72 -157.69 0.15
C SER Z 46 26.63 -157.69 -1.07
N LEU Z 47 26.46 -158.67 -1.96
CA LEU Z 47 27.29 -158.78 -3.15
C LEU Z 47 26.73 -158.02 -4.34
N GLU Z 48 25.90 -157.02 -4.09
CA GLU Z 48 25.33 -156.20 -5.15
C GLU Z 48 26.39 -155.29 -5.75
N ILE Z 49 26.14 -154.84 -6.98
CA ILE Z 49 27.06 -153.90 -7.63
C ILE Z 49 27.02 -152.57 -6.90
N MET Z 50 28.19 -151.98 -6.69
CA MET Z 50 28.32 -150.66 -6.09
C MET Z 50 28.53 -149.65 -7.20
N THR Z 51 27.78 -148.55 -7.17
CA THR Z 51 27.90 -147.51 -8.17
C THR Z 51 29.14 -146.66 -7.90
N LEU Z 52 29.85 -146.30 -8.97
CA LEU Z 52 31.06 -145.49 -8.87
C LEU Z 52 30.91 -144.27 -9.76
N GLN Z 53 31.30 -143.10 -9.22
CA GLN Z 53 31.35 -141.85 -9.98
C GLN Z 53 32.72 -141.21 -9.76
N PRO Z 54 33.80 -141.82 -10.26
CA PRO Z 54 35.12 -141.19 -10.11
C PRO Z 54 35.19 -139.90 -10.91
N ARG Z 55 35.46 -138.79 -10.20
CA ARG Z 55 35.56 -137.47 -10.80
C ARG Z 55 36.82 -136.80 -10.30
N CYS Z 56 37.83 -136.72 -11.16
CA CYS Z 56 39.11 -136.10 -10.83
C CYS Z 56 39.11 -134.67 -11.35
N GLU Z 57 39.51 -133.74 -10.48
CA GLU Z 57 39.51 -132.32 -10.81
C GLU Z 57 40.94 -131.81 -10.92
N ASP Z 58 41.22 -131.11 -12.02
CA ASP Z 58 42.53 -130.50 -12.25
C ASP Z 58 43.64 -131.54 -12.26
N VAL Z 59 43.49 -132.54 -13.13
CA VAL Z 59 44.48 -133.60 -13.29
C VAL Z 59 45.09 -133.48 -14.68
N GLU Z 60 46.39 -133.77 -14.77
CA GLU Z 60 47.16 -133.52 -15.97
C GLU Z 60 47.82 -134.80 -16.48
N THR Z 61 47.91 -134.89 -17.80
CA THR Z 61 48.48 -136.05 -18.48
C THR Z 61 49.99 -135.90 -18.61
N ALA Z 62 50.61 -136.74 -19.44
CA ALA Z 62 52.06 -136.71 -19.60
C ALA Z 62 52.54 -135.38 -20.14
N GLU Z 63 51.86 -134.86 -21.16
CA GLU Z 63 52.22 -133.56 -21.71
C GLU Z 63 51.80 -132.41 -20.80
N GLY Z 64 50.94 -132.67 -19.82
CA GLY Z 64 50.61 -131.70 -18.80
C GLY Z 64 49.32 -130.94 -19.00
N VAL Z 65 48.57 -131.22 -20.07
CA VAL Z 65 47.31 -130.52 -20.29
C VAL Z 65 46.33 -130.88 -19.18
N ALA Z 66 45.79 -129.86 -18.53
CA ALA Z 66 44.90 -130.09 -17.40
C ALA Z 66 43.51 -130.49 -17.87
N LEU Z 67 42.96 -131.53 -17.26
CA LEU Z 67 41.62 -132.00 -17.59
C LEU Z 67 40.88 -132.30 -16.29
N THR Z 68 39.55 -132.25 -16.37
CA THR Z 68 38.67 -132.63 -15.26
C THR Z 68 37.85 -133.83 -15.75
N VAL Z 69 38.41 -135.02 -15.58
CA VAL Z 69 37.88 -136.24 -16.17
C VAL Z 69 37.00 -136.94 -15.15
N THR Z 70 35.77 -137.26 -15.55
CA THR Z 70 34.84 -138.02 -14.72
C THR Z 70 34.68 -139.41 -15.32
N GLY Z 71 34.63 -140.43 -14.46
CA GLY Z 71 34.59 -141.81 -14.90
C GLY Z 71 33.42 -142.58 -14.32
N VAL Z 72 33.25 -143.80 -14.81
CA VAL Z 72 32.31 -144.76 -14.25
C VAL Z 72 32.99 -146.13 -14.24
N ALA Z 73 32.85 -146.84 -13.11
CA ALA Z 73 33.42 -148.17 -12.96
C ALA Z 73 32.41 -149.09 -12.31
N GLN Z 74 32.43 -150.35 -12.72
CA GLN Z 74 31.54 -151.37 -12.20
C GLN Z 74 32.31 -152.26 -11.23
N VAL Z 75 31.88 -152.29 -9.98
CA VAL Z 75 32.59 -153.00 -8.91
C VAL Z 75 31.60 -153.87 -8.16
N LYS Z 76 32.05 -155.08 -7.82
CA LYS Z 76 31.24 -156.04 -7.08
C LYS Z 76 32.17 -156.95 -6.30
N ILE Z 77 31.75 -157.34 -5.09
CA ILE Z 77 32.53 -158.29 -4.30
C ILE Z 77 32.51 -159.65 -4.99
N MET Z 78 33.69 -160.26 -5.09
CA MET Z 78 33.85 -161.49 -5.85
C MET Z 78 33.29 -162.67 -5.06
N THR Z 79 33.32 -163.86 -5.67
CA THR Z 79 32.78 -165.08 -5.08
C THR Z 79 33.77 -166.23 -5.17
N GLU Z 80 35.06 -165.93 -5.21
CA GLU Z 80 36.09 -166.95 -5.25
C GLU Z 80 36.16 -167.69 -3.91
N LYS Z 81 37.10 -168.63 -3.79
CA LYS Z 81 37.24 -169.44 -2.59
C LYS Z 81 38.19 -168.82 -1.58
N GLU Z 82 39.46 -168.64 -1.96
CA GLU Z 82 40.44 -168.09 -1.02
C GLU Z 82 40.31 -166.58 -0.89
N LEU Z 83 39.86 -165.89 -1.94
CA LEU Z 83 39.69 -164.44 -1.85
C LEU Z 83 38.54 -164.06 -0.93
N LEU Z 84 37.52 -164.91 -0.81
CA LEU Z 84 36.43 -164.60 0.10
C LEU Z 84 36.81 -164.79 1.55
N ALA Z 85 37.87 -165.54 1.85
CA ALA Z 85 38.43 -165.49 3.19
C ALA Z 85 38.88 -164.08 3.52
N VAL Z 86 39.60 -163.44 2.59
CA VAL Z 86 40.03 -162.07 2.78
C VAL Z 86 38.82 -161.13 2.84
N ALA Z 87 37.84 -161.37 1.98
CA ALA Z 87 36.65 -160.53 1.95
C ALA Z 87 35.90 -160.57 3.29
N CYS Z 88 35.77 -161.75 3.87
CA CYS Z 88 35.07 -161.89 5.14
C CYS Z 88 35.90 -161.36 6.30
N GLU Z 89 37.21 -161.59 6.28
CA GLU Z 89 38.06 -161.07 7.35
C GLU Z 89 38.37 -159.59 7.17
N GLN Z 90 37.89 -158.96 6.10
CA GLN Z 90 38.36 -157.65 5.70
C GLN Z 90 37.44 -156.51 6.12
N PHE Z 91 36.18 -156.52 5.69
CA PHE Z 91 35.42 -155.28 5.67
C PHE Z 91 34.19 -155.27 6.57
N LEU Z 92 33.28 -156.21 6.40
CA LEU Z 92 32.00 -156.18 7.10
C LEU Z 92 32.21 -156.14 8.61
N GLY Z 93 31.23 -155.59 9.34
CA GLY Z 93 29.93 -155.17 8.81
C GLY Z 93 29.72 -153.69 8.56
N LYS Z 94 30.73 -153.02 8.01
CA LYS Z 94 30.56 -151.63 7.60
C LYS Z 94 29.59 -151.57 6.42
N ASN Z 95 28.76 -150.53 6.39
CA ASN Z 95 27.61 -150.49 5.51
C ASN Z 95 28.01 -150.13 4.08
N VAL Z 96 27.00 -150.10 3.20
CA VAL Z 96 27.24 -149.93 1.76
C VAL Z 96 27.91 -148.60 1.47
N GLN Z 97 27.56 -147.55 2.21
CA GLN Z 97 28.23 -146.26 2.02
C GLN Z 97 29.72 -146.40 2.27
N ASP Z 98 30.10 -147.28 3.19
CA ASP Z 98 31.53 -147.47 3.46
C ASP Z 98 32.23 -148.16 2.29
N ILE Z 99 31.61 -149.19 1.70
CA ILE Z 99 32.19 -149.80 0.51
C ILE Z 99 32.37 -148.74 -0.56
N LYS Z 100 31.29 -147.98 -0.84
CA LYS Z 100 31.34 -147.07 -1.98
C LYS Z 100 32.35 -145.95 -1.75
N ASN Z 101 32.46 -145.42 -0.52
CA ASN Z 101 33.45 -144.38 -0.25
C ASN Z 101 34.86 -144.92 -0.38
N VAL Z 102 35.14 -146.07 0.24
CA VAL Z 102 36.51 -146.60 0.17
C VAL Z 102 36.90 -146.87 -1.28
N VAL Z 103 36.03 -147.55 -2.03
CA VAL Z 103 36.36 -147.87 -3.41
C VAL Z 103 36.44 -146.60 -4.24
N LEU Z 104 35.64 -145.59 -3.89
CA LEU Z 104 35.67 -144.33 -4.63
C LEU Z 104 37.02 -143.64 -4.49
N GLN Z 105 37.53 -143.50 -3.26
CA GLN Z 105 38.83 -142.86 -3.11
C GLN Z 105 39.94 -143.69 -3.75
N THR Z 106 39.94 -145.02 -3.54
CA THR Z 106 41.07 -145.78 -4.07
C THR Z 106 41.07 -145.79 -5.60
N LEU Z 107 39.90 -145.98 -6.23
CA LEU Z 107 39.85 -145.93 -7.67
C LEU Z 107 40.03 -144.50 -8.19
N GLU Z 108 39.72 -143.50 -7.38
CA GLU Z 108 40.04 -142.13 -7.76
C GLU Z 108 41.53 -141.96 -7.93
N GLY Z 109 42.29 -142.38 -6.91
CA GLY Z 109 43.73 -142.32 -7.01
C GLY Z 109 44.27 -143.13 -8.18
N HIS Z 110 43.76 -144.35 -8.35
CA HIS Z 110 44.26 -145.21 -9.43
C HIS Z 110 43.93 -144.63 -10.80
N LEU Z 111 42.73 -144.09 -10.96
CA LEU Z 111 42.32 -143.51 -12.23
C LEU Z 111 43.14 -142.27 -12.57
N ARG Z 112 43.36 -141.39 -11.58
CA ARG Z 112 44.21 -140.24 -11.84
C ARG Z 112 45.63 -140.67 -12.20
N SER Z 113 46.14 -141.69 -11.51
CA SER Z 113 47.49 -142.17 -11.78
C SER Z 113 47.61 -142.67 -13.21
N ILE Z 114 46.69 -143.54 -13.64
CA ILE Z 114 46.79 -144.07 -14.99
C ILE Z 114 46.51 -142.98 -16.02
N LEU Z 115 45.63 -142.03 -15.70
CA LEU Z 115 45.40 -140.92 -16.61
C LEU Z 115 46.67 -140.12 -16.83
N GLY Z 116 47.43 -139.91 -15.77
CA GLY Z 116 48.75 -139.32 -15.92
C GLY Z 116 49.69 -140.20 -16.70
N THR Z 117 49.49 -141.52 -16.63
CA THR Z 117 50.39 -142.45 -17.31
C THR Z 117 50.35 -142.27 -18.83
N LEU Z 118 49.16 -142.12 -19.40
CA LEU Z 118 49.05 -141.98 -20.85
C LEU Z 118 48.83 -140.51 -21.21
N THR Z 119 48.97 -140.22 -22.50
CA THR Z 119 48.84 -138.87 -23.00
C THR Z 119 47.38 -138.57 -23.37
N VAL Z 120 47.12 -137.28 -23.60
CA VAL Z 120 45.77 -136.84 -23.96
C VAL Z 120 45.38 -137.27 -25.37
N GLU Z 121 46.33 -137.43 -26.28
CA GLU Z 121 46.00 -137.95 -27.60
C GLU Z 121 45.46 -139.37 -27.51
N GLN Z 122 46.04 -140.18 -26.63
CA GLN Z 122 45.53 -141.54 -26.43
C GLN Z 122 44.14 -141.55 -25.80
N ILE Z 123 43.90 -140.71 -24.80
CA ILE Z 123 42.56 -140.67 -24.20
C ILE Z 123 41.57 -140.08 -25.21
N TYR Z 124 42.08 -139.39 -26.22
CA TYR Z 124 41.23 -138.88 -27.30
C TYR Z 124 40.85 -139.99 -28.27
N GLN Z 125 41.84 -140.62 -28.89
CA GLN Z 125 41.59 -141.60 -29.94
C GLN Z 125 41.22 -142.98 -29.38
N ASP Z 126 42.13 -143.61 -28.66
CA ASP Z 126 41.97 -144.99 -28.20
C ASP Z 126 41.81 -144.99 -26.69
N ARG Z 127 40.57 -144.84 -26.24
CA ARG Z 127 40.26 -144.93 -24.82
C ARG Z 127 39.59 -146.24 -24.43
N ASP Z 128 39.19 -147.07 -25.40
CA ASP Z 128 38.84 -148.44 -25.07
C ASP Z 128 40.08 -149.21 -24.62
N GLN Z 129 41.21 -149.00 -25.31
CA GLN Z 129 42.47 -149.55 -24.84
C GLN Z 129 42.89 -148.91 -23.53
N PHE Z 130 42.50 -147.65 -23.31
CA PHE Z 130 42.75 -147.03 -22.01
C PHE Z 130 42.06 -147.78 -20.89
N ALA Z 131 40.79 -148.15 -21.10
CA ALA Z 131 40.07 -148.94 -20.11
C ALA Z 131 40.65 -150.34 -19.99
N LYS Z 132 41.12 -150.91 -21.11
CA LYS Z 132 41.74 -152.24 -21.05
C LYS Z 132 43.01 -152.21 -20.21
N LEU Z 133 43.79 -151.14 -20.32
CA LEU Z 133 44.96 -150.97 -19.47
C LEU Z 133 44.57 -150.63 -18.03
N VAL Z 134 43.47 -149.91 -17.83
CA VAL Z 134 42.98 -149.67 -16.48
C VAL Z 134 42.68 -150.99 -15.79
N ARG Z 135 42.04 -151.92 -16.51
CA ARG Z 135 41.84 -153.25 -15.97
C ARG Z 135 43.17 -153.90 -15.62
N GLU Z 136 44.12 -153.92 -16.56
CA GLU Z 136 45.41 -154.55 -16.35
C GLU Z 136 46.14 -154.02 -15.13
N VAL Z 137 46.02 -152.73 -14.84
CA VAL Z 137 46.72 -152.14 -13.71
C VAL Z 137 45.90 -152.15 -12.42
N ALA Z 138 44.57 -152.22 -12.48
CA ALA Z 138 43.74 -152.08 -11.30
C ALA Z 138 43.32 -153.43 -10.72
N ALA Z 139 43.22 -154.46 -11.57
CA ALA Z 139 42.98 -155.81 -11.07
C ALA Z 139 43.98 -156.27 -10.03
N PRO Z 140 45.30 -156.06 -10.18
CA PRO Z 140 46.24 -156.53 -9.15
C PRO Z 140 46.03 -155.91 -7.78
N ASP Z 141 45.50 -154.70 -7.67
CA ASP Z 141 45.37 -154.04 -6.38
C ASP Z 141 43.94 -153.95 -5.89
N VAL Z 142 42.99 -153.59 -6.76
CA VAL Z 142 41.59 -153.53 -6.34
C VAL Z 142 41.06 -154.91 -5.99
N GLY Z 143 41.64 -155.98 -6.55
CA GLY Z 143 41.25 -157.31 -6.19
C GLY Z 143 41.80 -157.79 -4.86
N ARG Z 144 42.77 -157.06 -4.29
CA ARG Z 144 43.35 -157.47 -3.02
C ARG Z 144 42.33 -157.42 -1.90
N MET Z 145 41.48 -156.40 -1.88
CA MET Z 145 40.41 -156.29 -0.91
C MET Z 145 39.13 -156.98 -1.35
N GLY Z 146 39.21 -157.87 -2.34
CA GLY Z 146 38.07 -158.67 -2.76
C GLY Z 146 37.08 -157.99 -3.66
N ILE Z 147 37.40 -156.80 -4.18
CA ILE Z 147 36.48 -156.06 -5.04
C ILE Z 147 36.86 -156.31 -6.49
N GLU Z 148 35.90 -156.80 -7.27
CA GLU Z 148 36.12 -157.05 -8.68
C GLU Z 148 35.78 -155.80 -9.50
N ILE Z 149 36.31 -155.75 -10.72
CA ILE Z 149 36.05 -154.64 -11.62
C ILE Z 149 35.33 -155.15 -12.86
N LEU Z 150 34.00 -155.10 -12.85
CA LEU Z 150 33.23 -155.62 -13.96
C LEU Z 150 33.43 -154.79 -15.23
N SER Z 151 33.48 -153.46 -15.09
CA SER Z 151 33.67 -152.58 -16.23
C SER Z 151 34.32 -151.29 -15.76
N PHE Z 152 34.92 -150.58 -16.70
CA PHE Z 152 35.61 -149.34 -16.42
C PHE Z 152 35.62 -148.46 -17.67
N THR Z 153 35.32 -147.18 -17.49
CA THR Z 153 35.50 -146.17 -18.52
C THR Z 153 35.32 -144.80 -17.88
N ILE Z 154 35.41 -143.76 -18.70
CA ILE Z 154 35.33 -142.38 -18.24
C ILE Z 154 34.03 -141.76 -18.74
N LYS Z 155 33.35 -141.04 -17.85
CA LYS Z 155 32.03 -140.49 -18.16
C LYS Z 155 32.12 -139.29 -19.08
N ASP Z 156 32.82 -138.24 -18.64
CA ASP Z 156 32.93 -137.02 -19.45
C ASP Z 156 34.28 -136.37 -19.17
N VAL Z 157 34.74 -135.60 -20.14
CA VAL Z 157 36.02 -134.89 -20.06
C VAL Z 157 35.76 -133.40 -20.28
N TYR Z 158 36.31 -132.58 -19.40
CA TYR Z 158 36.15 -131.13 -19.51
C TYR Z 158 37.51 -130.46 -19.32
N ASP Z 159 37.72 -129.37 -20.04
CA ASP Z 159 38.98 -128.64 -20.02
C ASP Z 159 38.73 -127.15 -19.83
N LYS Z 160 39.64 -126.50 -19.11
CA LYS Z 160 39.62 -125.06 -18.94
C LYS Z 160 40.50 -124.34 -19.95
N VAL Z 161 41.50 -125.02 -20.51
CA VAL Z 161 42.36 -124.45 -21.54
C VAL Z 161 41.95 -124.93 -22.93
N ASP Z 162 40.67 -125.29 -23.11
CA ASP Z 162 40.02 -125.60 -24.39
C ASP Z 162 40.93 -126.37 -25.35
N TYR Z 163 41.33 -127.56 -24.93
CA TYR Z 163 42.07 -128.48 -25.79
C TYR Z 163 41.20 -129.02 -26.93
N LEU Z 164 40.12 -129.70 -26.57
CA LEU Z 164 39.31 -130.41 -27.56
C LEU Z 164 38.60 -129.44 -28.50
N SER Z 165 38.13 -128.32 -27.97
CA SER Z 165 37.50 -127.31 -28.83
C SER Z 165 38.49 -126.78 -29.85
N SER Z 166 39.74 -126.58 -29.43
CA SER Z 166 40.78 -126.19 -30.38
C SER Z 166 41.03 -127.28 -31.39
N LEU Z 167 41.01 -128.54 -30.96
CA LEU Z 167 41.25 -129.66 -31.88
C LEU Z 167 40.14 -129.79 -32.92
N GLY Z 168 38.92 -129.40 -32.59
CA GLY Z 168 37.81 -129.46 -33.53
C GLY Z 168 37.87 -128.38 -34.61
N LYS Z 169 38.66 -127.34 -34.35
CA LYS Z 169 38.79 -126.24 -35.29
C LYS Z 169 39.34 -126.68 -36.62
N THR Z 170 40.10 -127.78 -36.63
CA THR Z 170 40.79 -128.20 -37.86
C THR Z 170 39.79 -128.55 -38.96
N GLN Z 171 38.70 -129.21 -38.60
CA GLN Z 171 37.73 -129.64 -39.60
C GLN Z 171 36.39 -128.90 -39.48
N THR Z 172 36.17 -128.13 -38.41
CA THR Z 172 34.92 -127.39 -38.34
C THR Z 172 34.78 -126.37 -39.46
N ALA Z 173 35.88 -126.05 -40.15
CA ALA Z 173 35.86 -125.13 -41.27
C ALA Z 173 36.00 -125.81 -42.62
N VAL Z 174 36.47 -127.06 -42.65
CA VAL Z 174 36.62 -127.78 -43.92
C VAL Z 174 35.27 -127.98 -44.58
N VAL Z 175 34.27 -128.41 -43.80
CA VAL Z 175 32.93 -128.55 -44.34
C VAL Z 175 32.37 -127.19 -44.73
N GLN Z 176 32.69 -126.15 -43.95
CA GLN Z 176 32.31 -124.80 -44.34
C GLN Z 176 33.00 -124.38 -45.62
N ARG Z 177 34.26 -124.77 -45.80
CA ARG Z 177 34.95 -124.52 -47.06
C ARG Z 177 34.21 -125.15 -48.23
N ASP Z 178 33.86 -126.43 -48.10
CA ASP Z 178 33.17 -127.11 -49.20
C ASP Z 178 31.80 -126.49 -49.46
N ALA Z 179 31.08 -126.13 -48.40
CA ALA Z 179 29.77 -125.51 -48.58
C ALA Z 179 29.88 -124.18 -49.30
N ASP Z 180 30.87 -123.36 -48.93
CA ASP Z 180 31.06 -122.09 -49.61
C ASP Z 180 31.41 -122.29 -51.07
N ILE Z 181 32.26 -123.28 -51.37
CA ILE Z 181 32.62 -123.56 -52.75
C ILE Z 181 31.38 -123.95 -53.55
N GLY Z 182 30.56 -124.83 -52.98
CA GLY Z 182 29.37 -125.28 -53.69
C GLY Z 182 28.38 -124.16 -53.93
N VAL Z 183 28.12 -123.34 -52.90
CA VAL Z 183 27.16 -122.27 -53.06
C VAL Z 183 27.68 -121.23 -54.06
N ALA Z 184 29.00 -120.98 -54.07
CA ALA Z 184 29.56 -120.05 -55.03
C ALA Z 184 29.39 -120.57 -56.46
N GLU Z 185 29.66 -121.86 -56.68
CA GLU Z 185 29.49 -122.43 -58.01
C GLU Z 185 28.03 -122.37 -58.46
N ALA Z 186 27.11 -122.70 -57.54
CA ALA Z 186 25.69 -122.68 -57.88
C ALA Z 186 25.24 -121.27 -58.24
N GLU Z 187 25.64 -120.28 -57.44
CA GLU Z 187 25.26 -118.90 -57.75
C GLU Z 187 25.87 -118.45 -59.07
N ARG Z 188 27.10 -118.89 -59.37
CA ARG Z 188 27.71 -118.54 -60.65
C ARG Z 188 26.90 -119.08 -61.81
N ASP Z 189 26.49 -120.36 -61.73
CA ASP Z 189 25.71 -120.95 -62.82
C ASP Z 189 24.36 -120.25 -62.97
N ALA Z 190 23.69 -119.99 -61.84
CA ALA Z 190 22.40 -119.30 -61.90
C ALA Z 190 22.56 -117.94 -62.56
N GLY Z 191 23.56 -117.18 -62.14
CA GLY Z 191 23.76 -115.85 -62.68
C GLY Z 191 24.07 -115.86 -64.16
N ILE Z 192 24.96 -116.77 -64.60
CA ILE Z 192 25.31 -116.80 -66.01
C ILE Z 192 24.08 -117.13 -66.86
N ARG Z 193 23.29 -118.14 -66.46
CA ARG Z 193 22.25 -118.55 -67.40
C ARG Z 193 21.09 -117.57 -67.35
N GLU Z 194 20.85 -116.96 -66.18
CA GLU Z 194 19.84 -115.91 -66.07
C GLU Z 194 20.22 -114.69 -66.92
N ALA Z 195 21.50 -114.32 -66.93
CA ALA Z 195 21.94 -113.23 -67.78
C ALA Z 195 21.72 -113.57 -69.25
N GLU Z 196 21.98 -114.81 -69.63
CA GLU Z 196 21.71 -115.23 -71.01
C GLU Z 196 20.23 -115.08 -71.35
N CYS Z 197 19.35 -115.51 -70.45
CA CYS Z 197 17.91 -115.38 -70.69
C CYS Z 197 17.51 -113.92 -70.84
N LYS Z 198 18.01 -113.07 -69.94
CA LYS Z 198 17.68 -111.65 -69.99
C LYS Z 198 18.14 -111.04 -71.31
N LYS Z 199 19.33 -111.42 -71.77
CA LYS Z 199 19.85 -110.93 -73.04
C LYS Z 199 18.94 -111.31 -74.19
N GLU Z 200 18.56 -112.59 -74.28
CA GLU Z 200 17.70 -113.01 -75.39
C GLU Z 200 16.35 -112.30 -75.37
N MET Z 201 15.74 -112.17 -74.19
CA MET Z 201 14.44 -111.55 -74.13
C MET Z 201 14.51 -110.06 -74.46
N LEU Z 202 15.58 -109.38 -74.04
CA LEU Z 202 15.75 -107.98 -74.45
C LEU Z 202 15.94 -107.84 -75.94
N ASP Z 203 16.71 -108.74 -76.57
CA ASP Z 203 16.88 -108.64 -78.01
C ASP Z 203 15.55 -108.76 -78.74
N VAL Z 204 14.73 -109.75 -78.35
CA VAL Z 204 13.47 -109.91 -79.05
C VAL Z 204 12.53 -108.74 -78.76
N LYS Z 205 12.50 -108.25 -77.51
CA LYS Z 205 11.64 -107.12 -77.17
C LYS Z 205 12.04 -105.89 -77.96
N PHE Z 206 13.33 -105.65 -78.13
CA PHE Z 206 13.77 -104.49 -78.88
C PHE Z 206 13.47 -104.64 -80.37
N MET Z 207 13.54 -105.86 -80.91
CA MET Z 207 13.12 -106.05 -82.30
C MET Z 207 11.64 -105.73 -82.48
N ALA Z 208 10.80 -106.20 -81.55
CA ALA Z 208 9.38 -105.89 -81.62
C ALA Z 208 9.13 -104.40 -81.51
N ASP Z 209 9.85 -103.73 -80.60
CA ASP Z 209 9.70 -102.29 -80.46
C ASP Z 209 10.16 -101.54 -81.71
N THR Z 210 11.19 -102.05 -82.39
CA THR Z 210 11.62 -101.45 -83.65
C THR Z 210 10.51 -101.54 -84.69
N LYS Z 211 9.87 -102.71 -84.79
CA LYS Z 211 8.76 -102.84 -85.72
C LYS Z 211 7.61 -101.89 -85.37
N ILE Z 212 7.32 -101.76 -84.07
CA ILE Z 212 6.27 -100.84 -83.63
C ILE Z 212 6.62 -99.41 -84.03
N ALA Z 213 7.89 -99.03 -83.84
CA ALA Z 213 8.32 -97.68 -84.21
C ALA Z 213 8.18 -97.46 -85.70
N ASP Z 214 8.50 -98.47 -86.50
CA ASP Z 214 8.33 -98.34 -87.96
C ASP Z 214 6.87 -98.12 -88.32
N SER Z 215 5.96 -98.89 -87.72
CA SER Z 215 4.54 -98.70 -87.99
C SER Z 215 4.07 -97.32 -87.57
N LYS Z 216 4.53 -96.86 -86.40
CA LYS Z 216 4.17 -95.53 -85.93
C LYS Z 216 4.68 -94.45 -86.87
N ARG Z 217 5.90 -94.61 -87.39
CA ARG Z 217 6.43 -93.65 -88.34
C ARG Z 217 5.59 -93.60 -89.61
N ALA Z 218 5.23 -94.78 -90.14
CA ALA Z 218 4.41 -94.79 -91.34
C ALA Z 218 3.06 -94.10 -91.10
N PHE Z 219 2.42 -94.40 -89.97
CA PHE Z 219 1.14 -93.79 -89.68
C PHE Z 219 1.26 -92.28 -89.53
N GLU Z 220 2.26 -91.81 -88.79
CA GLU Z 220 2.43 -90.38 -88.61
C GLU Z 220 2.72 -89.68 -89.92
N LEU Z 221 3.55 -90.29 -90.77
CA LEU Z 221 3.85 -89.69 -92.06
C LEU Z 221 2.60 -89.55 -92.91
N GLN Z 222 1.79 -90.62 -92.99
CA GLN Z 222 0.58 -90.54 -93.79
C GLN Z 222 -0.40 -89.51 -93.22
N LYS Z 223 -0.55 -89.48 -91.90
CA LYS Z 223 -1.48 -88.55 -91.28
C LYS Z 223 -1.06 -87.09 -91.53
N SER Z 224 0.23 -86.79 -91.38
CA SER Z 224 0.70 -85.44 -91.65
C SER Z 224 0.52 -85.09 -93.13
N ALA Z 225 0.79 -86.04 -94.01
CA ALA Z 225 0.59 -85.79 -95.44
C ALA Z 225 -0.86 -85.43 -95.74
N PHE Z 226 -1.79 -86.15 -95.13
CA PHE Z 226 -3.21 -85.86 -95.34
C PHE Z 226 -3.57 -84.49 -94.77
N SER Z 227 -3.08 -84.21 -93.56
CA SER Z 227 -3.34 -82.93 -92.92
C SER Z 227 -2.85 -81.78 -93.78
N GLU Z 228 -1.80 -82.00 -94.57
CA GLU Z 228 -1.30 -80.94 -95.46
C GLU Z 228 -2.40 -80.42 -96.37
N GLU Z 229 -2.95 -81.28 -97.23
CA GLU Z 229 -3.94 -80.79 -98.18
C GLU Z 229 -5.26 -80.46 -97.50
N VAL Z 230 -5.61 -81.13 -96.39
CA VAL Z 230 -6.86 -80.73 -95.75
C VAL Z 230 -6.75 -79.31 -95.21
N ASN Z 231 -5.59 -78.95 -94.65
CA ASN Z 231 -5.38 -77.59 -94.18
C ASN Z 231 -5.33 -76.60 -95.33
N ILE Z 232 -4.74 -77.00 -96.46
CA ILE Z 232 -4.73 -76.13 -97.63
C ILE Z 232 -6.15 -75.80 -98.07
N LYS Z 233 -6.98 -76.84 -98.21
CA LYS Z 233 -8.36 -76.63 -98.65
C LYS Z 233 -9.14 -75.79 -97.66
N THR Z 234 -8.96 -76.03 -96.35
CA THR Z 234 -9.63 -75.17 -95.38
C THR Z 234 -9.20 -73.72 -95.55
N ALA Z 235 -7.88 -73.48 -95.56
CA ALA Z 235 -7.38 -72.11 -95.65
C ALA Z 235 -7.95 -71.39 -96.85
N GLU Z 236 -8.15 -72.09 -97.96
CA GLU Z 236 -8.93 -71.51 -99.05
C GLU Z 236 -10.37 -71.23 -98.63
N ALA Z 237 -10.95 -72.13 -97.84
CA ALA Z 237 -12.38 -72.04 -97.53
C ALA Z 237 -12.72 -70.80 -96.72
N GLN Z 238 -11.93 -70.46 -95.70
CA GLN Z 238 -12.31 -69.25 -94.94
C GLN Z 238 -12.25 -67.99 -95.80
N LEU Z 239 -11.22 -67.84 -96.62
CA LEU Z 239 -11.00 -66.56 -97.28
C LEU Z 239 -11.70 -66.45 -98.63
N ALA Z 240 -12.32 -67.52 -99.14
CA ALA Z 240 -13.22 -67.34 -100.28
C ALA Z 240 -14.32 -66.34 -99.97
N TYR Z 241 -14.78 -66.31 -98.71
CA TYR Z 241 -15.82 -65.36 -98.31
C TYR Z 241 -15.35 -63.93 -98.50
N GLU Z 242 -14.14 -63.61 -98.01
CA GLU Z 242 -13.62 -62.25 -98.16
C GLU Z 242 -13.37 -61.92 -99.63
N LEU Z 243 -12.90 -62.90 -100.41
CA LEU Z 243 -12.67 -62.63 -101.83
C LEU Z 243 -13.97 -62.23 -102.52
N GLN Z 244 -15.02 -63.02 -102.34
CA GLN Z 244 -16.30 -62.68 -102.97
C GLN Z 244 -16.87 -61.39 -102.39
N GLY Z 245 -16.65 -61.14 -101.10
CA GLY Z 245 -17.14 -59.90 -100.51
C GLY Z 245 -16.51 -58.67 -101.12
N ALA Z 246 -15.19 -58.69 -101.34
CA ALA Z 246 -14.53 -57.57 -102.01
C ALA Z 246 -14.99 -57.46 -103.45
N ARG Z 247 -15.15 -58.59 -104.14
CA ARG Z 247 -15.60 -58.55 -105.53
C ARG Z 247 -16.98 -57.90 -105.63
N GLU Z 248 -17.87 -58.18 -104.68
CA GLU Z 248 -19.18 -57.54 -104.68
C GLU Z 248 -19.11 -56.08 -104.23
N GLN Z 249 -18.29 -55.78 -103.23
CA GLN Z 249 -18.10 -54.41 -102.78
C GLN Z 249 -17.64 -53.51 -103.91
N GLN Z 250 -16.94 -54.05 -104.90
CA GLN Z 250 -16.63 -53.27 -106.09
C GLN Z 250 -17.88 -52.60 -106.65
N LYS Z 251 -18.87 -53.40 -107.05
CA LYS Z 251 -20.10 -52.85 -107.61
C LYS Z 251 -20.92 -52.09 -106.57
N ILE Z 252 -20.90 -52.54 -105.32
CA ILE Z 252 -21.63 -51.84 -104.26
C ILE Z 252 -21.17 -50.40 -104.19
N ARG Z 253 -19.86 -50.18 -104.12
CA ARG Z 253 -19.34 -48.83 -104.02
C ARG Z 253 -19.46 -48.10 -105.35
N GLN Z 254 -19.39 -48.83 -106.48
CA GLN Z 254 -19.63 -48.21 -107.77
C GLN Z 254 -20.98 -47.49 -107.80
N GLU Z 255 -22.03 -48.18 -107.37
CA GLU Z 255 -23.34 -47.53 -107.34
C GLU Z 255 -23.46 -46.50 -106.22
N GLU Z 256 -22.88 -46.78 -105.05
CA GLU Z 256 -22.94 -45.81 -103.96
C GLU Z 256 -22.30 -44.49 -104.36
N ILE Z 257 -21.31 -44.51 -105.26
CA ILE Z 257 -20.68 -43.28 -105.73
C ILE Z 257 -21.35 -42.74 -106.99
N GLU Z 258 -22.00 -43.58 -107.78
CA GLU Z 258 -22.85 -43.07 -108.86
C GLU Z 258 -24.04 -42.29 -108.33
N ILE Z 259 -24.41 -42.51 -107.07
CA ILE Z 259 -25.47 -41.70 -106.44
C ILE Z 259 -25.20 -40.21 -106.64
N GLU Z 260 -24.08 -39.72 -106.12
CA GLU Z 260 -23.80 -38.29 -106.21
C GLU Z 260 -23.36 -37.86 -107.60
N VAL Z 261 -22.90 -38.78 -108.44
CA VAL Z 261 -22.69 -38.44 -109.85
C VAL Z 261 -24.01 -38.03 -110.48
N VAL Z 262 -25.05 -38.83 -110.27
CA VAL Z 262 -26.37 -38.50 -110.79
C VAL Z 262 -26.88 -37.22 -110.17
N GLN Z 263 -26.65 -37.03 -108.87
CA GLN Z 263 -27.11 -35.82 -108.20
C GLN Z 263 -26.47 -34.57 -108.80
N ARG Z 264 -25.13 -34.58 -108.93
CA ARG Z 264 -24.42 -33.42 -109.45
C ARG Z 264 -24.67 -33.23 -110.94
N LYS Z 265 -25.11 -34.27 -111.66
CA LYS Z 265 -25.43 -34.11 -113.06
C LYS Z 265 -26.57 -33.12 -113.27
N LYS Z 266 -27.55 -33.12 -112.37
CA LYS Z 266 -28.69 -32.20 -112.46
C LYS Z 266 -28.57 -31.01 -111.53
N GLN Z 267 -27.62 -31.02 -110.61
CA GLN Z 267 -27.22 -29.74 -110.02
C GLN Z 267 -26.81 -28.74 -111.10
N ILE Z 268 -26.43 -29.21 -112.28
CA ILE Z 268 -26.17 -28.31 -113.41
C ILE Z 268 -27.41 -27.49 -113.75
N ALA Z 269 -28.55 -28.17 -113.90
CA ALA Z 269 -29.80 -27.47 -114.19
C ALA Z 269 -30.21 -26.60 -113.02
N VAL Z 270 -29.96 -27.07 -111.80
CA VAL Z 270 -30.21 -26.24 -110.62
C VAL Z 270 -29.48 -24.92 -110.75
N GLU Z 271 -28.19 -24.99 -111.09
CA GLU Z 271 -27.39 -23.78 -111.19
C GLU Z 271 -27.78 -22.92 -112.38
N ALA Z 272 -28.23 -23.52 -113.47
CA ALA Z 272 -28.71 -22.72 -114.59
C ALA Z 272 -29.94 -21.90 -114.22
N GLN Z 273 -30.91 -22.55 -113.56
CA GLN Z 273 -32.06 -21.80 -113.06
C GLN Z 273 -31.64 -20.74 -112.06
N GLU Z 274 -30.64 -21.03 -111.24
CA GLU Z 274 -30.09 -20.01 -110.34
C GLU Z 274 -29.48 -18.85 -111.11
N ILE Z 275 -28.82 -19.12 -112.24
CA ILE Z 275 -28.27 -18.04 -113.07
C ILE Z 275 -29.38 -17.13 -113.54
N LEU Z 276 -30.46 -17.72 -114.06
CA LEU Z 276 -31.58 -16.88 -114.51
C LEU Z 276 -32.17 -16.06 -113.36
N ARG Z 277 -32.37 -16.71 -112.21
CA ARG Z 277 -32.94 -16.02 -111.07
C ARG Z 277 -32.06 -14.88 -110.60
N THR Z 278 -30.74 -15.10 -110.53
CA THR Z 278 -29.86 -14.05 -110.04
C THR Z 278 -29.71 -12.94 -111.07
N ASP Z 279 -29.82 -13.26 -112.36
CA ASP Z 279 -29.85 -12.20 -113.37
C ASP Z 279 -31.04 -11.29 -113.14
N LYS Z 280 -32.23 -11.85 -113.00
CA LYS Z 280 -33.42 -11.03 -112.78
C LYS Z 280 -33.33 -10.28 -111.45
N GLU Z 281 -32.80 -10.94 -110.41
CA GLU Z 281 -32.68 -10.29 -109.11
C GLU Z 281 -31.72 -9.12 -109.16
N LEU Z 282 -30.58 -9.27 -109.84
CA LEU Z 282 -29.65 -8.16 -109.99
C LEU Z 282 -30.27 -7.02 -110.78
N ILE Z 283 -31.05 -7.35 -111.82
CA ILE Z 283 -31.78 -6.30 -112.54
C ILE Z 283 -32.63 -5.52 -111.54
N ALA Z 284 -33.59 -6.20 -110.90
CA ALA Z 284 -34.53 -5.52 -110.02
C ALA Z 284 -33.84 -4.82 -108.85
N THR Z 285 -32.64 -5.27 -108.48
CA THR Z 285 -31.99 -4.74 -107.29
C THR Z 285 -31.10 -3.54 -107.59
N VAL Z 286 -30.36 -3.53 -108.69
CA VAL Z 286 -29.41 -2.45 -108.92
C VAL Z 286 -29.64 -1.73 -110.24
N ARG Z 287 -30.20 -2.40 -111.24
CA ARG Z 287 -30.29 -1.79 -112.55
C ARG Z 287 -31.34 -0.69 -112.59
N ARG Z 288 -32.51 -0.93 -112.00
CA ARG Z 288 -33.60 0.04 -111.99
C ARG Z 288 -33.38 1.12 -110.93
N PRO Z 289 -32.92 0.80 -109.72
CA PRO Z 289 -32.56 1.87 -108.78
C PRO Z 289 -31.52 2.83 -109.32
N ALA Z 290 -30.59 2.36 -110.15
CA ALA Z 290 -29.62 3.27 -110.77
C ALA Z 290 -30.32 4.28 -111.67
N GLU Z 291 -31.26 3.82 -112.48
CA GLU Z 291 -32.00 4.73 -113.35
C GLU Z 291 -32.84 5.71 -112.54
N ALA Z 292 -33.48 5.22 -111.48
CA ALA Z 292 -34.26 6.11 -110.63
C ALA Z 292 -33.38 7.16 -109.97
N GLU Z 293 -32.20 6.76 -109.52
CA GLU Z 293 -31.27 7.71 -108.93
C GLU Z 293 -30.82 8.74 -109.95
N ALA Z 294 -30.55 8.31 -111.18
CA ALA Z 294 -30.18 9.25 -112.23
C ALA Z 294 -31.28 10.27 -112.47
N HIS Z 295 -32.53 9.80 -112.55
CA HIS Z 295 -33.65 10.70 -112.76
C HIS Z 295 -33.78 11.68 -111.60
N ARG Z 296 -33.63 11.19 -110.36
CA ARG Z 296 -33.71 12.05 -109.20
C ARG Z 296 -32.62 13.12 -109.23
N ILE Z 297 -31.39 12.72 -109.56
CA ILE Z 297 -30.28 13.68 -109.59
C ILE Z 297 -30.52 14.74 -110.66
N GLN Z 298 -31.00 14.34 -111.84
CA GLN Z 298 -31.18 15.34 -112.89
C GLN Z 298 -32.35 16.26 -112.58
N GLN Z 299 -33.43 15.74 -111.96
CA GLN Z 299 -34.52 16.60 -111.55
C GLN Z 299 -34.07 17.62 -110.50
N ILE Z 300 -33.36 17.15 -109.48
CA ILE Z 300 -32.91 18.06 -108.43
C ILE Z 300 -31.89 19.06 -108.97
N ALA Z 301 -31.05 18.63 -109.91
CA ALA Z 301 -30.12 19.55 -110.55
C ALA Z 301 -30.86 20.63 -111.33
N GLU Z 302 -31.93 20.25 -112.03
CA GLU Z 302 -32.74 21.25 -112.73
C GLU Z 302 -33.32 22.25 -111.74
N GLY Z 303 -33.88 21.77 -110.63
CA GLY Z 303 -34.42 22.67 -109.64
C GLY Z 303 -33.37 23.62 -109.09
N GLU Z 304 -32.20 23.10 -108.74
CA GLU Z 304 -31.14 23.93 -108.18
C GLU Z 304 -30.63 24.94 -109.21
N LYS Z 305 -30.51 24.53 -110.47
CA LYS Z 305 -30.05 25.45 -111.50
C LYS Z 305 -31.03 26.60 -111.68
N VAL Z 306 -32.33 26.29 -111.72
CA VAL Z 306 -33.31 27.36 -111.87
C VAL Z 306 -33.26 28.29 -110.66
N LYS Z 307 -33.13 27.72 -109.46
CA LYS Z 307 -33.06 28.55 -108.25
C LYS Z 307 -31.85 29.47 -108.28
N GLN Z 308 -30.69 28.95 -108.66
CA GLN Z 308 -29.48 29.76 -108.71
C GLN Z 308 -29.58 30.84 -109.78
N VAL Z 309 -30.14 30.51 -110.95
CA VAL Z 309 -30.28 31.51 -111.99
C VAL Z 309 -31.20 32.64 -111.53
N LEU Z 310 -32.33 32.29 -110.91
CA LEU Z 310 -33.24 33.32 -110.43
C LEU Z 310 -32.62 34.17 -109.35
N LEU Z 311 -31.89 33.55 -108.41
CA LEU Z 311 -31.22 34.32 -107.36
C LEU Z 311 -30.16 35.25 -107.95
N ALA Z 312 -29.41 34.77 -108.94
CA ALA Z 312 -28.41 35.61 -109.59
C ALA Z 312 -29.04 36.78 -110.31
N GLN Z 313 -30.17 36.55 -111.00
CA GLN Z 313 -30.86 37.65 -111.66
C GLN Z 313 -31.35 38.68 -110.64
N ALA Z 314 -31.90 38.20 -109.53
CA ALA Z 314 -32.37 39.12 -108.49
C ALA Z 314 -31.22 39.95 -107.92
N GLU Z 315 -30.08 39.30 -107.66
CA GLU Z 315 -28.92 40.02 -107.13
C GLU Z 315 -28.39 41.02 -108.14
N ALA Z 316 -28.36 40.64 -109.43
CA ALA Z 316 -27.87 41.54 -110.45
C ALA Z 316 -28.74 42.78 -110.56
N GLU Z 317 -30.06 42.61 -110.54
CA GLU Z 317 -30.92 43.79 -110.66
C GLU Z 317 -30.92 44.61 -109.39
N LYS Z 318 -30.73 43.94 -108.24
CA LYS Z 318 -30.48 44.66 -106.99
C LYS Z 318 -29.29 45.59 -107.14
N ILE Z 319 -28.17 45.07 -107.64
CA ILE Z 319 -26.96 45.86 -107.81
C ILE Z 319 -27.21 47.00 -108.80
N ARG Z 320 -27.92 46.70 -109.89
CA ARG Z 320 -28.18 47.73 -110.89
C ARG Z 320 -28.98 48.88 -110.30
N LYS Z 321 -30.06 48.58 -109.58
CA LYS Z 321 -30.90 49.62 -109.01
C LYS Z 321 -30.16 50.41 -107.94
N ILE Z 322 -29.40 49.72 -107.09
CA ILE Z 322 -28.62 50.42 -106.07
C ILE Z 322 -27.59 51.35 -106.72
N GLY Z 323 -26.94 50.88 -107.78
CA GLY Z 323 -25.98 51.73 -108.47
C GLY Z 323 -26.63 52.94 -109.11
N GLU Z 324 -27.80 52.77 -109.70
CA GLU Z 324 -28.52 53.90 -110.26
C GLU Z 324 -28.88 54.91 -109.18
N ALA Z 325 -29.35 54.43 -108.02
CA ALA Z 325 -29.67 55.34 -106.93
C ALA Z 325 -28.44 56.10 -106.46
N GLU Z 326 -27.31 55.40 -106.34
CA GLU Z 326 -26.07 56.06 -105.91
C GLU Z 326 -25.62 57.08 -106.94
N ALA Z 327 -25.76 56.77 -108.23
CA ALA Z 327 -25.41 57.74 -109.25
C ALA Z 327 -26.28 58.98 -109.16
N ALA Z 328 -27.58 58.78 -108.94
CA ALA Z 328 -28.49 59.92 -108.83
C ALA Z 328 -28.13 60.81 -107.63
N VAL Z 329 -27.86 60.19 -106.47
CA VAL Z 329 -27.55 61.00 -105.30
C VAL Z 329 -26.20 61.69 -105.47
N ILE Z 330 -25.23 61.03 -106.11
CA ILE Z 330 -23.94 61.65 -106.33
C ILE Z 330 -24.08 62.85 -107.26
N GLU Z 331 -24.89 62.71 -108.31
CA GLU Z 331 -25.12 63.83 -109.21
C GLU Z 331 -25.81 64.98 -108.48
N ALA Z 332 -26.73 64.65 -107.57
CA ALA Z 332 -27.38 65.69 -106.77
C ALA Z 332 -26.38 66.43 -105.88
N MET Z 333 -25.49 65.68 -105.23
CA MET Z 333 -24.41 66.31 -104.46
C MET Z 333 -23.55 67.20 -105.34
N GLY Z 334 -23.25 66.76 -106.56
CA GLY Z 334 -22.48 67.60 -107.45
C GLY Z 334 -23.20 68.89 -107.79
N LYS Z 335 -24.48 68.79 -108.11
CA LYS Z 335 -25.30 69.97 -108.38
C LYS Z 335 -25.19 70.94 -107.21
N ALA Z 336 -25.45 70.45 -105.99
CA ALA Z 336 -25.53 71.32 -104.82
C ALA Z 336 -24.18 71.92 -104.47
N GLU Z 337 -23.13 71.10 -104.44
CA GLU Z 337 -21.82 71.59 -104.02
C GLU Z 337 -21.25 72.55 -105.05
N ALA Z 338 -21.47 72.28 -106.34
CA ALA Z 338 -21.01 73.21 -107.36
C ALA Z 338 -21.77 74.54 -107.28
N GLU Z 339 -23.07 74.48 -107.02
CA GLU Z 339 -23.82 75.73 -106.82
C GLU Z 339 -23.28 76.48 -105.60
N ARG Z 340 -22.96 75.76 -104.53
CA ARG Z 340 -22.39 76.39 -103.35
C ARG Z 340 -21.10 77.11 -103.68
N MET Z 341 -20.18 76.42 -104.36
CA MET Z 341 -18.89 77.02 -104.69
C MET Z 341 -19.07 78.21 -105.63
N LYS Z 342 -19.97 78.09 -106.60
CA LYS Z 342 -20.20 79.18 -107.53
C LYS Z 342 -20.72 80.42 -106.80
N LEU Z 343 -21.72 80.24 -105.93
CA LEU Z 343 -22.26 81.38 -105.20
C LEU Z 343 -21.22 81.97 -104.25
N LYS Z 344 -20.37 81.12 -103.68
CA LYS Z 344 -19.33 81.61 -102.77
C LYS Z 344 -18.24 82.35 -103.53
N ALA Z 345 -18.13 82.09 -104.84
CA ALA Z 345 -17.13 82.77 -105.65
C ALA Z 345 -17.33 84.29 -105.70
N GLU Z 346 -18.54 84.73 -106.03
CA GLU Z 346 -18.79 86.18 -106.04
C GLU Z 346 -18.67 86.76 -104.63
N ALA Z 347 -19.01 85.97 -103.62
CA ALA Z 347 -18.85 86.44 -102.25
C ALA Z 347 -17.40 86.75 -101.94
N TYR Z 348 -16.49 85.84 -102.29
CA TYR Z 348 -15.07 86.10 -102.08
C TYR Z 348 -14.56 87.20 -103.00
N GLN Z 349 -15.19 87.39 -104.15
CA GLN Z 349 -14.68 88.38 -105.10
C GLN Z 349 -14.79 89.79 -104.54
N LYS Z 350 -15.68 90.01 -103.57
CA LYS Z 350 -15.92 91.36 -103.07
C LYS Z 350 -15.16 91.65 -101.77
N TYR Z 351 -14.10 90.88 -101.52
CA TYR Z 351 -13.30 91.03 -100.32
C TYR Z 351 -12.24 92.10 -100.51
N GLY Z 352 -12.10 92.99 -99.52
CA GLY Z 352 -11.09 94.01 -99.52
C GLY Z 352 -9.89 93.63 -98.66
N ASP Z 353 -9.10 94.64 -98.32
CA ASP Z 353 -7.95 94.39 -97.44
C ASP Z 353 -8.40 93.98 -96.04
N ALA Z 354 -9.40 94.67 -95.50
CA ALA Z 354 -9.85 94.38 -94.13
C ALA Z 354 -10.41 92.97 -94.02
N ALA Z 355 -11.15 92.52 -95.03
CA ALA Z 355 -11.74 91.19 -94.98
C ALA Z 355 -10.67 90.10 -95.03
N LYS Z 356 -9.65 90.28 -95.89
CA LYS Z 356 -8.55 89.32 -95.91
C LYS Z 356 -7.79 89.33 -94.59
N MET Z 357 -7.62 90.51 -93.99
CA MET Z 357 -7.02 90.58 -92.67
C MET Z 357 -7.84 89.80 -91.65
N ALA Z 358 -9.17 89.91 -91.73
CA ALA Z 358 -10.04 89.16 -90.84
C ALA Z 358 -9.86 87.66 -91.04
N LEU Z 359 -9.77 87.23 -92.30
CA LEU Z 359 -9.57 85.80 -92.57
C LEU Z 359 -8.26 85.31 -91.95
N VAL Z 360 -7.18 86.07 -92.14
CA VAL Z 360 -5.88 85.64 -91.60
C VAL Z 360 -5.91 85.61 -90.09
N LEU Z 361 -6.50 86.65 -89.46
CA LEU Z 361 -6.56 86.69 -88.01
C LEU Z 361 -7.41 85.56 -87.45
N GLU Z 362 -8.49 85.21 -88.15
CA GLU Z 362 -9.31 84.10 -87.70
C GLU Z 362 -8.57 82.77 -87.83
N ALA Z 363 -7.75 82.63 -88.89
CA ALA Z 363 -7.02 81.39 -89.08
C ALA Z 363 -5.88 81.25 -88.06
N LEU Z 364 -5.32 82.37 -87.62
CA LEU Z 364 -4.12 82.33 -86.78
C LEU Z 364 -4.28 81.52 -85.49
N PRO Z 365 -5.33 81.70 -84.67
CA PRO Z 365 -5.37 80.95 -83.40
C PRO Z 365 -5.41 79.45 -83.57
N GLN Z 366 -6.08 78.93 -84.61
CA GLN Z 366 -6.12 77.49 -84.81
C GLN Z 366 -4.73 76.95 -85.17
N ILE Z 367 -4.02 77.66 -86.05
CA ILE Z 367 -2.65 77.25 -86.40
C ILE Z 367 -1.76 77.30 -85.17
N ALA Z 368 -1.90 78.36 -84.37
CA ALA Z 368 -1.09 78.49 -83.16
C ALA Z 368 -1.37 77.36 -82.19
N ALA Z 369 -2.64 76.99 -82.04
CA ALA Z 369 -3.00 75.87 -81.17
C ALA Z 369 -2.39 74.58 -81.67
N LYS Z 370 -2.41 74.37 -83.00
CA LYS Z 370 -1.85 73.15 -83.55
C LYS Z 370 -0.34 73.08 -83.35
N ILE Z 371 0.37 74.19 -83.59
CA ILE Z 371 1.82 74.19 -83.47
C ILE Z 371 2.25 74.02 -82.01
N ALA Z 372 1.52 74.61 -81.07
CA ALA Z 372 1.89 74.56 -79.67
C ALA Z 372 1.52 73.25 -78.99
N ALA Z 373 0.77 72.38 -79.66
CA ALA Z 373 0.35 71.12 -79.03
C ALA Z 373 1.52 70.28 -78.52
N PRO Z 374 2.64 70.13 -79.23
CA PRO Z 374 3.75 69.35 -78.65
C PRO Z 374 4.31 69.94 -77.38
N LEU Z 375 4.09 71.24 -77.13
CA LEU Z 375 4.65 71.87 -75.94
C LEU Z 375 3.93 71.41 -74.68
N THR Z 376 2.82 70.68 -74.82
CA THR Z 376 2.03 70.25 -73.69
C THR Z 376 2.79 69.27 -72.81
N LYS Z 377 3.68 68.48 -73.39
CA LYS Z 377 4.32 67.38 -72.70
C LYS Z 377 5.66 67.76 -72.08
N VAL Z 378 5.98 69.05 -71.99
CA VAL Z 378 7.24 69.45 -71.37
C VAL Z 378 7.24 69.05 -69.90
N ASP Z 379 8.36 68.50 -69.45
CA ASP Z 379 8.50 68.04 -68.07
C ASP Z 379 9.12 69.09 -67.17
N GLU Z 380 10.30 69.59 -67.51
CA GLU Z 380 10.97 70.57 -66.67
C GLU Z 380 11.77 71.51 -67.57
N ILE Z 381 11.97 72.73 -67.09
CA ILE Z 381 12.66 73.77 -67.83
C ILE Z 381 13.82 74.26 -66.99
N VAL Z 382 15.01 74.32 -67.57
CA VAL Z 382 16.19 74.84 -66.90
C VAL Z 382 16.69 76.04 -67.69
N VAL Z 383 16.80 77.19 -67.02
CA VAL Z 383 17.23 78.43 -67.65
C VAL Z 383 18.47 78.93 -66.93
N LEU Z 384 19.50 79.26 -67.70
CA LEU Z 384 20.72 79.85 -67.18
C LEU Z 384 21.01 81.14 -67.94
N SER Z 385 21.60 82.11 -67.26
CA SER Z 385 21.87 83.40 -67.87
C SER Z 385 23.23 83.91 -67.43
N GLY Z 386 23.77 84.84 -68.20
CA GLY Z 386 25.08 85.41 -67.90
C GLY Z 386 26.22 84.56 -68.39
N ASP Z 387 27.25 85.19 -68.95
CA ASP Z 387 28.40 84.48 -69.50
C ASP Z 387 29.44 84.26 -68.40
N ASN Z 388 29.34 83.12 -67.72
CA ASN Z 388 30.24 82.77 -66.63
C ASN Z 388 30.61 81.30 -66.73
N SER Z 389 31.34 80.82 -65.72
CA SER Z 389 31.82 79.45 -65.71
C SER Z 389 30.70 78.50 -65.28
N LYS Z 390 31.01 77.21 -65.26
CA LYS Z 390 30.05 76.16 -64.93
C LYS Z 390 30.40 75.50 -63.60
N VAL Z 391 30.96 76.26 -62.67
CA VAL Z 391 31.39 75.74 -61.38
C VAL Z 391 30.44 76.15 -60.27
N THR Z 392 29.75 77.28 -60.44
CA THR Z 392 28.90 77.81 -59.38
C THR Z 392 27.75 76.85 -59.05
N SER Z 393 27.13 76.28 -60.08
CA SER Z 393 26.01 75.33 -59.93
C SER Z 393 24.89 76.04 -59.18
N GLU Z 394 24.33 75.47 -58.13
CA GLU Z 394 23.24 76.10 -57.39
C GLU Z 394 23.72 76.58 -56.03
N MET AA 1 4.41 -173.52 0.53
CA MET AA 1 3.54 -173.83 -0.60
C MET AA 1 4.14 -173.33 -1.90
N PHE AA 2 3.63 -173.85 -3.02
CA PHE AA 2 4.14 -173.48 -4.33
C PHE AA 2 3.79 -172.04 -4.67
N PHE AA 3 4.73 -171.33 -5.30
CA PHE AA 3 4.55 -169.93 -5.66
C PHE AA 3 4.72 -169.79 -7.17
N THR AA 4 3.60 -169.60 -7.86
CA THR AA 4 3.63 -169.42 -9.31
C THR AA 4 4.26 -168.08 -9.67
N CYS AA 5 4.89 -168.04 -10.84
CA CYS AA 5 5.47 -166.82 -11.37
C CYS AA 5 5.22 -166.77 -12.87
N GLY AA 6 5.12 -165.55 -13.38
CA GLY AA 6 5.03 -165.35 -14.81
C GLY AA 6 6.38 -165.46 -15.47
N PRO AA 7 6.40 -165.22 -16.78
CA PRO AA 7 7.66 -165.18 -17.52
C PRO AA 7 8.34 -163.82 -17.62
N ASN AA 8 8.01 -162.87 -16.76
CA ASN AA 8 8.69 -161.58 -16.69
C ASN AA 8 9.46 -161.40 -15.39
N GLU AA 9 9.52 -162.43 -14.54
CA GLU AA 9 10.24 -162.35 -13.29
C GLU AA 9 10.94 -163.68 -13.04
N ALA AA 10 12.05 -163.60 -12.30
CA ALA AA 10 12.81 -164.78 -11.92
C ALA AA 10 12.63 -165.03 -10.43
N MET AA 11 12.07 -166.18 -10.08
CA MET AA 11 11.87 -166.58 -8.69
C MET AA 11 13.06 -167.42 -8.25
N VAL AA 12 13.95 -166.80 -7.48
CA VAL AA 12 15.10 -167.49 -6.91
C VAL AA 12 15.01 -167.37 -5.39
N VAL AA 13 15.03 -168.50 -4.70
CA VAL AA 13 14.86 -168.56 -3.25
C VAL AA 13 15.82 -169.59 -2.68
N SER AA 14 16.20 -169.40 -1.42
CA SER AA 14 16.98 -170.37 -0.67
C SER AA 14 16.11 -171.03 0.37
N GLY AA 15 16.11 -172.36 0.40
CA GLY AA 15 15.28 -173.09 1.34
C GLY AA 15 16.06 -173.93 2.33
N PHE AA 16 15.93 -175.25 2.23
CA PHE AA 16 16.67 -176.18 3.07
C PHE AA 16 17.37 -177.19 2.17
N CYS AA 17 18.69 -177.29 2.32
CA CYS AA 17 19.51 -178.21 1.54
C CYS AA 17 19.32 -178.00 0.03
N ARG AA 18 19.53 -176.75 -0.39
CA ARG AA 18 19.44 -176.34 -1.79
C ARG AA 18 20.66 -175.52 -2.17
N SER AA 19 21.84 -176.05 -1.84
CA SER AA 19 23.08 -175.31 -2.04
C SER AA 19 23.33 -174.88 -3.49
N PRO AA 20 23.18 -175.76 -4.49
CA PRO AA 20 23.35 -175.29 -5.86
C PRO AA 20 22.30 -174.26 -6.21
N PRO AA 21 22.62 -173.32 -7.10
CA PRO AA 21 21.65 -172.27 -7.43
C PRO AA 21 20.40 -172.83 -8.09
N VAL AA 22 19.28 -172.16 -7.87
CA VAL AA 22 17.99 -172.55 -8.41
C VAL AA 22 17.53 -171.46 -9.37
N MET AA 23 17.31 -171.83 -10.62
CA MET AA 23 16.89 -170.90 -11.68
C MET AA 23 15.44 -171.21 -12.02
N VAL AA 24 14.52 -170.44 -11.44
CA VAL AA 24 13.09 -170.61 -11.68
C VAL AA 24 12.52 -169.28 -12.17
N ALA AA 25 11.91 -169.29 -13.35
CA ALA AA 25 11.20 -168.14 -13.90
C ALA AA 25 10.05 -168.68 -14.74
N GLY AA 26 8.85 -168.70 -14.15
CA GLY AA 26 7.71 -169.32 -14.79
C GLY AA 26 7.46 -170.75 -14.32
N GLY AA 27 7.48 -170.93 -13.00
CA GLY AA 27 7.27 -172.24 -12.42
C GLY AA 27 6.75 -172.10 -11.01
N ARG AA 28 6.97 -173.15 -10.21
CA ARG AA 28 6.58 -173.14 -8.81
C ARG AA 28 7.69 -173.71 -7.94
N VAL AA 29 7.71 -173.28 -6.69
CA VAL AA 29 8.67 -173.76 -5.70
C VAL AA 29 7.94 -173.95 -4.38
N PHE AA 30 8.06 -175.14 -3.79
CA PHE AA 30 7.52 -175.37 -2.45
C PHE AA 30 8.36 -174.61 -1.43
N VAL AA 31 7.74 -173.65 -0.75
CA VAL AA 31 8.46 -172.72 0.13
C VAL AA 31 7.98 -172.92 1.56
N LEU AA 32 8.91 -173.25 2.45
CA LEU AA 32 8.63 -173.28 3.88
C LEU AA 32 8.53 -171.85 4.42
N PRO AA 33 7.61 -171.57 5.33
CA PRO AA 33 7.42 -170.16 5.76
C PRO AA 33 8.54 -169.65 6.66
N CYS AA 34 8.99 -170.45 7.62
CA CYS AA 34 9.99 -169.99 8.58
C CYS AA 34 11.40 -170.45 8.24
N ILE AA 35 11.61 -171.09 7.08
CA ILE AA 35 12.92 -171.60 6.70
C ILE AA 35 13.44 -170.92 5.43
N GLN AA 36 12.59 -170.73 4.43
CA GLN AA 36 13.02 -170.18 3.16
C GLN AA 36 12.89 -168.67 3.12
N GLN AA 37 13.70 -168.05 2.27
CA GLN AA 37 13.69 -166.61 2.06
C GLN AA 37 13.38 -166.32 0.59
N ILE AA 38 12.49 -165.35 0.36
CA ILE AA 38 11.95 -165.08 -0.97
C ILE AA 38 12.52 -163.76 -1.48
N GLN AA 39 13.04 -163.77 -2.70
CA GLN AA 39 13.50 -162.57 -3.39
C GLN AA 39 13.14 -162.68 -4.86
N ARG AA 40 12.98 -161.52 -5.50
CA ARG AA 40 12.45 -161.45 -6.86
C ARG AA 40 13.28 -160.51 -7.72
N ILE AA 41 13.35 -160.83 -9.01
CA ILE AA 41 13.93 -159.96 -10.04
C ILE AA 41 12.93 -159.81 -11.17
N SER AA 42 12.71 -158.59 -11.62
CA SER AA 42 11.83 -158.33 -12.76
C SER AA 42 12.62 -158.41 -14.06
N LEU AA 43 12.13 -159.22 -14.99
CA LEU AA 43 12.79 -159.44 -16.28
C LEU AA 43 12.22 -158.56 -17.39
N ASN AA 44 11.30 -157.67 -17.07
CA ASN AA 44 10.64 -156.88 -18.10
C ASN AA 44 11.64 -155.92 -18.74
N THR AA 45 11.50 -155.73 -20.06
CA THR AA 45 12.43 -154.90 -20.80
C THR AA 45 12.22 -153.43 -20.47
N LEU AA 46 13.31 -152.72 -20.17
CA LEU AA 46 13.27 -151.31 -19.86
C LEU AA 46 14.06 -150.53 -20.91
N THR AA 47 13.50 -149.40 -21.34
CA THR AA 47 14.14 -148.55 -22.32
C THR AA 47 15.07 -147.56 -21.63
N LEU AA 48 16.16 -147.22 -22.32
CA LEU AA 48 17.18 -146.34 -21.78
C LEU AA 48 17.38 -145.16 -22.72
N ASN AA 49 17.38 -143.95 -22.16
CA ASN AA 49 17.63 -142.73 -22.93
C ASN AA 49 19.10 -142.37 -22.77
N VAL AA 50 19.94 -143.03 -23.56
CA VAL AA 50 21.38 -142.88 -23.47
C VAL AA 50 21.75 -141.54 -24.11
N LYS AA 51 21.99 -140.53 -23.29
CA LYS AA 51 22.23 -139.17 -23.75
C LYS AA 51 23.70 -138.81 -23.60
N SER AA 52 24.29 -138.29 -24.67
CA SER AA 52 25.66 -137.80 -24.67
C SER AA 52 25.65 -136.32 -25.06
N GLU AA 53 26.27 -135.49 -24.23
CA GLU AA 53 26.27 -134.05 -24.43
C GLU AA 53 27.71 -133.56 -24.60
N LYS AA 54 27.95 -132.83 -25.70
CA LYS AA 54 29.23 -132.20 -25.97
C LYS AA 54 30.37 -133.24 -25.98
N VAL AA 55 30.25 -134.20 -26.89
CA VAL AA 55 31.22 -135.28 -27.03
C VAL AA 55 32.00 -135.07 -28.32
N TYR AA 56 33.31 -135.26 -28.26
CA TYR AA 56 34.18 -135.04 -29.41
C TYR AA 56 34.27 -136.28 -30.29
N THR AA 57 34.28 -136.05 -31.61
CA THR AA 57 34.42 -137.11 -32.60
C THR AA 57 35.89 -137.27 -32.97
N ARG AA 58 36.17 -138.04 -34.02
CA ARG AA 58 37.56 -138.35 -34.32
C ARG AA 58 38.22 -137.18 -35.03
N HIS AA 59 37.41 -136.24 -35.56
CA HIS AA 59 37.91 -134.91 -35.91
C HIS AA 59 37.99 -133.96 -34.73
N GLY AA 60 37.33 -134.30 -33.62
CA GLY AA 60 37.27 -133.42 -32.47
C GLY AA 60 36.08 -132.49 -32.42
N VAL AA 61 35.25 -132.45 -33.46
CA VAL AA 61 34.09 -131.56 -33.45
C VAL AA 61 33.09 -132.05 -32.39
N PRO AA 62 32.56 -131.15 -31.54
CA PRO AA 62 31.58 -131.58 -30.53
C PRO AA 62 30.17 -131.58 -31.10
N ILE AA 63 29.48 -132.71 -30.94
CA ILE AA 63 28.09 -132.84 -31.37
C ILE AA 63 27.28 -133.48 -30.25
N SER AA 64 26.09 -132.95 -30.01
CA SER AA 64 25.19 -133.51 -29.02
C SER AA 64 24.48 -134.72 -29.61
N VAL AA 65 24.68 -135.89 -29.01
CA VAL AA 65 24.19 -137.15 -29.54
C VAL AA 65 23.31 -137.81 -28.50
N THR AA 66 22.11 -138.22 -28.90
CA THR AA 66 21.19 -138.94 -28.04
C THR AA 66 20.98 -140.35 -28.56
N GLY AA 67 20.95 -141.32 -27.66
CA GLY AA 67 20.76 -142.70 -28.02
C GLY AA 67 19.69 -143.36 -27.19
N ILE AA 68 19.04 -144.36 -27.79
CA ILE AA 68 17.98 -145.12 -27.14
C ILE AA 68 18.35 -146.58 -27.20
N ALA AA 69 18.19 -147.29 -26.08
CA ALA AA 69 18.53 -148.70 -26.00
C ALA AA 69 17.41 -149.47 -25.32
N GLN AA 70 17.22 -150.71 -25.76
CA GLN AA 70 16.26 -151.62 -25.16
C GLN AA 70 17.02 -152.81 -24.56
N VAL AA 71 17.08 -152.87 -23.23
CA VAL AA 71 17.89 -153.85 -22.51
C VAL AA 71 16.97 -154.76 -21.72
N LYS AA 72 17.30 -156.06 -21.71
CA LYS AA 72 16.51 -157.06 -21.02
C LYS AA 72 17.46 -158.09 -20.42
N ILE AA 73 16.98 -158.75 -19.37
CA ILE AA 73 17.73 -159.80 -18.68
C ILE AA 73 17.35 -161.13 -19.31
N GLN AA 74 18.29 -161.73 -20.04
CA GLN AA 74 18.00 -162.97 -20.76
C GLN AA 74 17.91 -164.14 -19.79
N GLY AA 75 16.72 -164.37 -19.25
CA GLY AA 75 16.52 -165.47 -18.31
C GLY AA 75 16.57 -166.85 -18.93
N GLN AA 76 16.59 -166.94 -20.26
CA GLN AA 76 16.69 -168.24 -20.91
C GLN AA 76 18.03 -168.90 -20.60
N ASN AA 77 19.11 -168.12 -20.57
CA ASN AA 77 20.43 -168.65 -20.26
C ASN AA 77 20.56 -168.85 -18.75
N LYS AA 78 20.76 -170.10 -18.33
CA LYS AA 78 20.86 -170.41 -16.91
C LYS AA 78 22.10 -169.75 -16.30
N GLU AA 79 23.24 -169.82 -17.00
CA GLU AA 79 24.47 -169.27 -16.47
C GLU AA 79 24.38 -167.76 -16.32
N MET AA 80 23.88 -167.07 -17.35
CA MET AA 80 23.78 -165.62 -17.29
C MET AA 80 22.79 -165.17 -16.22
N LEU AA 81 21.66 -165.87 -16.12
CA LEU AA 81 20.68 -165.51 -15.09
C LEU AA 81 21.25 -165.74 -13.69
N ALA AA 82 21.97 -166.85 -13.50
CA ALA AA 82 22.58 -167.11 -12.20
C ALA AA 82 23.61 -166.06 -11.86
N ALA AA 83 24.39 -165.62 -12.85
CA ALA AA 83 25.34 -164.53 -12.63
C ALA AA 83 24.61 -163.25 -12.24
N ALA AA 84 23.52 -162.94 -12.93
CA ALA AA 84 22.81 -161.69 -12.69
C ALA AA 84 22.14 -161.68 -11.32
N CYS AA 85 21.65 -162.83 -10.87
CA CYS AA 85 20.96 -162.90 -9.60
C CYS AA 85 21.90 -162.58 -8.44
N GLN AA 86 23.21 -162.72 -8.65
CA GLN AA 86 24.17 -162.49 -7.57
C GLN AA 86 24.24 -161.02 -7.17
N MET AA 87 23.81 -160.10 -8.02
CA MET AA 87 23.82 -158.68 -7.66
C MET AA 87 22.51 -157.96 -7.92
N PHE AA 88 21.60 -158.48 -8.73
CA PHE AA 88 20.40 -157.74 -9.08
C PHE AA 88 19.24 -157.99 -8.14
N LEU AA 89 19.34 -158.96 -7.23
CA LEU AA 89 18.33 -159.11 -6.19
C LEU AA 89 18.39 -157.91 -5.25
N GLY AA 90 17.22 -157.40 -4.88
CA GLY AA 90 17.12 -156.29 -3.96
C GLY AA 90 17.34 -154.93 -4.56
N LYS AA 91 17.55 -154.83 -5.87
CA LYS AA 91 17.74 -153.56 -6.54
C LYS AA 91 16.46 -153.16 -7.27
N THR AA 92 16.06 -151.91 -7.10
CA THR AA 92 14.85 -151.40 -7.72
C THR AA 92 15.05 -151.25 -9.23
N GLU AA 93 13.93 -151.07 -9.93
CA GLU AA 93 13.99 -150.91 -11.39
C GLU AA 93 14.74 -149.64 -11.78
N ALA AA 94 14.57 -148.57 -11.01
CA ALA AA 94 15.22 -147.31 -11.33
C ALA AA 94 16.74 -147.44 -11.29
N GLU AA 95 17.27 -148.03 -10.22
CA GLU AA 95 18.73 -148.18 -10.11
C GLU AA 95 19.26 -149.16 -11.15
N ILE AA 96 18.52 -150.24 -11.41
CA ILE AA 96 18.93 -151.21 -12.42
C ILE AA 96 19.03 -150.54 -13.78
N ALA AA 97 18.03 -149.72 -14.12
CA ALA AA 97 18.10 -148.96 -15.37
C ALA AA 97 19.26 -147.99 -15.36
N HIS AA 98 19.45 -147.27 -14.24
CA HIS AA 98 20.43 -146.18 -14.19
C HIS AA 98 21.86 -146.69 -14.32
N ILE AA 99 22.21 -147.80 -13.69
CA ILE AA 99 23.59 -148.27 -13.74
C ILE AA 99 23.95 -148.71 -15.16
N ALA AA 100 23.08 -149.52 -15.77
CA ALA AA 100 23.32 -149.94 -17.15
C ALA AA 100 23.28 -148.76 -18.10
N LEU AA 101 22.49 -147.72 -17.77
CA LEU AA 101 22.47 -146.52 -18.59
C LEU AA 101 23.83 -145.84 -18.61
N GLU AA 102 24.45 -145.70 -17.44
CA GLU AA 102 25.77 -145.11 -17.37
C GLU AA 102 26.80 -145.98 -18.08
N THR AA 103 26.70 -147.30 -17.93
CA THR AA 103 27.65 -148.17 -18.63
C THR AA 103 27.52 -148.02 -20.15
N LEU AA 104 26.29 -148.07 -20.66
CA LEU AA 104 26.09 -147.95 -22.11
C LEU AA 104 26.48 -146.57 -22.61
N GLU AA 105 26.26 -145.55 -21.78
CA GLU AA 105 26.73 -144.21 -22.14
C GLU AA 105 28.24 -144.18 -22.25
N GLY AA 106 28.93 -144.85 -21.32
CA GLY AA 106 30.37 -144.95 -21.43
C GLY AA 106 30.81 -145.61 -22.72
N HIS AA 107 30.16 -146.73 -23.07
CA HIS AA 107 30.51 -147.41 -24.32
C HIS AA 107 30.25 -146.53 -25.54
N GLN AA 108 29.10 -145.86 -25.58
CA GLN AA 108 28.76 -145.03 -26.73
C GLN AA 108 29.72 -143.86 -26.86
N ARG AA 109 29.97 -143.15 -25.75
CA ARG AA 109 30.85 -142.00 -25.77
C ARG AA 109 32.29 -142.41 -26.06
N ALA AA 110 32.67 -143.65 -25.71
CA ALA AA 110 33.99 -144.14 -26.09
C ALA AA 110 34.06 -144.43 -27.58
N ILE AA 111 33.03 -145.07 -28.14
CA ILE AA 111 33.03 -145.35 -29.57
C ILE AA 111 32.76 -144.11 -30.40
N MET AA 112 32.40 -143.00 -29.77
CA MET AA 112 32.19 -141.75 -30.50
C MET AA 112 33.43 -141.36 -31.29
N ALA AA 113 34.61 -141.53 -30.70
CA ALA AA 113 35.85 -141.15 -31.37
C ALA AA 113 36.30 -142.17 -32.39
N HIS AA 114 35.64 -143.32 -32.50
CA HIS AA 114 36.01 -144.27 -33.54
C HIS AA 114 35.46 -143.84 -34.89
N MET AA 115 34.15 -143.62 -34.96
CA MET AA 115 33.47 -143.25 -36.20
C MET AA 115 33.20 -141.75 -36.22
N THR AA 116 33.55 -141.11 -37.32
CA THR AA 116 33.31 -139.68 -37.50
C THR AA 116 31.83 -139.40 -37.76
N VAL AA 117 31.45 -138.12 -37.60
CA VAL AA 117 30.06 -137.73 -37.81
C VAL AA 117 29.62 -138.03 -39.23
N GLU AA 118 30.49 -137.73 -40.20
CA GLU AA 118 30.21 -138.08 -41.59
C GLU AA 118 29.89 -139.56 -41.72
N GLU AA 119 30.60 -140.39 -40.94
CA GLU AA 119 30.29 -141.81 -40.93
C GLU AA 119 28.98 -142.09 -40.19
N ILE AA 120 28.72 -141.38 -39.08
CA ILE AA 120 27.61 -141.79 -38.23
C ILE AA 120 26.27 -141.52 -38.91
N TYR AA 121 26.12 -140.38 -39.59
CA TYR AA 121 24.79 -140.17 -40.18
C TYR AA 121 24.65 -140.88 -41.51
N LYS AA 122 25.75 -141.05 -42.25
CA LYS AA 122 25.68 -141.75 -43.53
C LYS AA 122 25.73 -143.26 -43.32
N ASP AA 123 26.85 -143.75 -42.79
CA ASP AA 123 27.02 -145.18 -42.55
C ASP AA 123 26.63 -145.53 -41.12
N ARG AA 124 25.34 -145.73 -40.88
CA ARG AA 124 24.84 -145.94 -39.53
C ARG AA 124 24.69 -147.41 -39.18
N GLN AA 125 24.51 -148.27 -40.19
CA GLN AA 125 24.27 -149.67 -39.91
C GLN AA 125 25.50 -150.34 -39.31
N LYS AA 126 26.66 -150.13 -39.92
CA LYS AA 126 27.89 -150.72 -39.38
C LYS AA 126 28.22 -150.13 -38.01
N PHE AA 127 28.03 -148.82 -37.85
CA PHE AA 127 28.19 -148.20 -36.54
C PHE AA 127 27.32 -148.88 -35.49
N SER AA 128 26.03 -149.03 -35.76
CA SER AA 128 25.11 -149.62 -34.80
C SER AA 128 25.50 -151.06 -34.51
N GLU AA 129 25.91 -151.81 -35.54
CA GLU AA 129 26.28 -153.21 -35.33
C GLU AA 129 27.52 -153.33 -34.43
N GLN AA 130 28.53 -152.48 -34.66
CA GLN AA 130 29.72 -152.55 -33.83
C GLN AA 130 29.43 -152.11 -32.40
N VAL AA 131 28.61 -151.05 -32.25
CA VAL AA 131 28.22 -150.62 -30.91
C VAL AA 131 27.49 -151.73 -30.18
N PHE AA 132 26.54 -152.37 -30.87
CA PHE AA 132 25.80 -153.47 -30.26
C PHE AA 132 26.73 -154.61 -29.88
N LYS AA 133 27.66 -154.98 -30.76
CA LYS AA 133 28.57 -156.07 -30.46
C LYS AA 133 29.38 -155.78 -29.20
N VAL AA 134 30.05 -154.62 -29.15
CA VAL AA 134 30.94 -154.34 -28.04
C VAL AA 134 30.16 -154.17 -26.73
N ALA AA 135 29.07 -153.40 -26.78
CA ALA AA 135 28.26 -153.17 -25.59
C ALA AA 135 27.64 -154.48 -25.10
N SER AA 136 27.14 -155.31 -26.02
CA SER AA 136 26.55 -156.57 -25.63
C SER AA 136 27.57 -157.49 -25.00
N SER AA 137 28.79 -157.52 -25.55
CA SER AA 137 29.83 -158.34 -24.93
C SER AA 137 30.12 -157.88 -23.51
N ASP AA 138 30.38 -156.58 -23.33
CA ASP AA 138 30.79 -156.10 -22.01
C ASP AA 138 29.63 -156.10 -21.02
N LEU AA 139 28.39 -156.15 -21.52
CA LEU AA 139 27.25 -156.12 -20.62
C LEU AA 139 26.75 -157.52 -20.29
N VAL AA 140 26.92 -158.47 -21.22
CA VAL AA 140 26.74 -159.89 -20.89
C VAL AA 140 27.80 -160.31 -19.88
N ASN AA 141 29.00 -159.74 -20.00
CA ASN AA 141 29.98 -159.91 -18.94
C ASN AA 141 29.42 -159.43 -17.61
N MET AA 142 28.67 -158.32 -17.62
CA MET AA 142 28.03 -157.87 -16.39
C MET AA 142 26.73 -158.63 -16.13
N GLY AA 143 26.01 -159.01 -17.19
CA GLY AA 143 24.85 -159.86 -17.06
C GLY AA 143 23.58 -159.41 -17.76
N ILE AA 144 23.60 -158.26 -18.43
CA ILE AA 144 22.44 -157.76 -19.18
C ILE AA 144 22.76 -157.81 -20.66
N SER AA 145 21.81 -158.33 -21.45
CA SER AA 145 21.94 -158.38 -22.91
C SER AA 145 21.05 -157.31 -23.51
N VAL AA 146 21.63 -156.46 -24.35
CA VAL AA 146 20.88 -155.40 -25.00
C VAL AA 146 20.11 -155.98 -26.18
N VAL AA 147 18.79 -155.80 -26.17
CA VAL AA 147 17.97 -156.32 -27.26
C VAL AA 147 18.27 -155.57 -28.56
N SER AA 148 18.30 -154.24 -28.49
CA SER AA 148 18.56 -153.43 -29.67
C SER AA 148 18.97 -152.03 -29.22
N TYR AA 149 20.01 -151.50 -29.84
CA TYR AA 149 20.49 -150.16 -29.57
C TYR AA 149 20.33 -149.30 -30.81
N THR AA 150 19.92 -148.05 -30.62
CA THR AA 150 19.77 -147.11 -31.71
C THR AA 150 20.25 -145.73 -31.27
N LEU AA 151 20.44 -144.85 -32.24
CA LEU AA 151 20.83 -143.47 -31.98
C LEU AA 151 19.63 -142.56 -32.18
N LYS AA 152 19.26 -141.82 -31.15
CA LYS AA 152 18.02 -141.05 -31.18
C LYS AA 152 18.16 -139.81 -32.06
N ASP AA 153 19.07 -138.91 -31.70
CA ASP AA 153 19.22 -137.66 -32.41
C ASP AA 153 20.68 -137.22 -32.39
N ILE AA 154 21.08 -136.46 -33.39
CA ILE AA 154 22.40 -135.84 -33.46
C ILE AA 154 22.19 -134.34 -33.58
N HIS AA 155 22.84 -133.59 -32.69
CA HIS AA 155 22.71 -132.13 -32.65
C HIS AA 155 24.10 -131.50 -32.65
N ASP AA 156 24.21 -130.37 -33.35
CA ASP AA 156 25.46 -129.62 -33.41
C ASP AA 156 25.19 -128.17 -33.02
N ASP AA 157 25.83 -127.73 -31.94
CA ASP AA 157 25.73 -126.34 -31.49
C ASP AA 157 26.78 -125.45 -32.12
N GLN AA 158 27.69 -126.00 -32.90
CA GLN AA 158 28.78 -125.25 -33.52
C GLN AA 158 28.46 -124.86 -34.96
N ASP AA 159 27.27 -125.15 -35.45
CA ASP AA 159 26.84 -124.91 -36.83
C ASP AA 159 27.68 -125.71 -37.83
N TYR AA 160 28.20 -126.87 -37.42
CA TYR AA 160 29.08 -127.64 -38.30
C TYR AA 160 28.29 -128.24 -39.47
N LEU AA 161 27.11 -128.78 -39.19
CA LEU AA 161 26.38 -129.54 -40.20
C LEU AA 161 25.40 -128.67 -40.98
N HIS AA 162 25.08 -127.49 -40.44
CA HIS AA 162 24.12 -126.62 -41.10
C HIS AA 162 24.63 -126.16 -42.47
N SER AA 163 25.93 -125.87 -42.57
CA SER AA 163 26.49 -125.45 -43.86
C SER AA 163 26.48 -126.61 -44.86
N LEU AA 164 26.79 -127.82 -44.40
CA LEU AA 164 26.73 -128.98 -45.26
C LEU AA 164 25.32 -129.19 -45.79
N GLY AA 165 24.32 -128.94 -44.95
CA GLY AA 165 22.95 -128.98 -45.43
C GLY AA 165 22.64 -127.86 -46.42
N LYS AA 166 23.15 -126.66 -46.15
CA LYS AA 166 22.81 -125.49 -46.96
C LYS AA 166 23.42 -125.58 -48.36
N ALA AA 167 24.51 -126.32 -48.50
CA ALA AA 167 25.14 -126.48 -49.81
C ALA AA 167 24.15 -127.03 -50.85
N ARG AA 168 23.47 -128.13 -50.50
CA ARG AA 168 22.53 -128.73 -51.43
C ARG AA 168 21.32 -127.84 -51.66
N THR AA 169 20.91 -127.09 -50.63
CA THR AA 169 19.81 -126.15 -50.79
C THR AA 169 20.15 -125.09 -51.83
N ALA AA 170 21.38 -124.57 -51.79
CA ALA AA 170 21.80 -123.65 -52.85
C ALA AA 170 21.83 -124.36 -54.20
N GLN AA 171 22.30 -125.60 -54.22
CA GLN AA 171 22.43 -126.33 -55.49
C GLN AA 171 21.07 -126.59 -56.12
N VAL AA 172 20.01 -126.63 -55.31
CA VAL AA 172 18.67 -126.83 -55.87
C VAL AA 172 18.01 -125.48 -56.16
N GLN AA 173 18.37 -124.45 -55.38
CA GLN AA 173 17.81 -123.13 -55.65
C GLN AA 173 18.31 -122.57 -56.97
N LYS AA 174 19.50 -122.97 -57.40
CA LYS AA 174 19.94 -122.54 -58.73
C LYS AA 174 19.03 -123.10 -59.81
N ASP AA 175 18.61 -124.36 -59.66
CA ASP AA 175 17.63 -124.95 -60.57
C ASP AA 175 16.28 -124.24 -60.47
N ALA AA 176 15.88 -123.90 -59.24
CA ALA AA 176 14.63 -123.18 -59.04
C ALA AA 176 14.64 -121.85 -59.79
N ARG AA 177 15.79 -121.18 -59.81
CA ARG AA 177 15.89 -119.91 -60.53
C ARG AA 177 15.99 -120.12 -62.04
N ILE AA 178 16.68 -121.19 -62.46
CA ILE AA 178 16.83 -121.43 -63.90
C ILE AA 178 15.47 -121.72 -64.54
N GLY AA 179 14.61 -122.44 -63.82
CA GLY AA 179 13.27 -122.69 -64.36
C GLY AA 179 12.47 -121.42 -64.51
N GLU AA 180 12.54 -120.54 -63.52
CA GLU AA 180 11.83 -119.26 -63.59
C GLU AA 180 12.36 -118.41 -64.74
N ALA AA 181 13.68 -118.41 -64.94
CA ALA AA 181 14.26 -117.66 -66.05
C ALA AA 181 13.77 -118.19 -67.40
N GLU AA 182 13.77 -119.51 -67.57
CA GLU AA 182 13.19 -120.11 -68.76
C GLU AA 182 11.76 -119.64 -68.99
N ALA AA 183 10.92 -119.76 -67.96
CA ALA AA 183 9.52 -119.42 -68.11
C ALA AA 183 9.33 -117.95 -68.45
N LYS AA 184 10.06 -117.07 -67.78
CA LYS AA 184 9.91 -115.63 -68.02
C LYS AA 184 10.36 -115.26 -69.42
N ARG AA 185 11.50 -115.78 -69.88
CA ARG AA 185 11.94 -115.45 -71.23
C ARG AA 185 10.95 -115.97 -72.27
N ASP AA 186 10.48 -117.21 -72.10
CA ASP AA 186 9.54 -117.78 -73.06
C ASP AA 186 8.23 -117.03 -73.09
N ALA AA 187 7.75 -116.55 -71.93
CA ALA AA 187 6.52 -115.77 -71.92
C ALA AA 187 6.73 -114.41 -72.58
N GLY AA 188 7.79 -113.70 -72.19
CA GLY AA 188 8.01 -112.36 -72.68
C GLY AA 188 8.24 -112.27 -74.18
N ILE AA 189 8.97 -113.24 -74.74
CA ILE AA 189 9.26 -113.19 -76.18
C ILE AA 189 7.97 -113.11 -77.00
N ARG AA 190 7.07 -114.06 -76.81
CA ARG AA 190 5.85 -114.08 -77.60
C ARG AA 190 4.82 -113.06 -77.13
N GLU AA 191 4.83 -112.67 -75.85
CA GLU AA 191 3.97 -111.57 -75.44
C GLU AA 191 4.33 -110.29 -76.19
N ALA AA 192 5.62 -109.97 -76.24
CA ALA AA 192 6.06 -108.78 -76.97
C ALA AA 192 5.75 -108.92 -78.46
N LYS AA 193 5.94 -110.11 -79.03
CA LYS AA 193 5.63 -110.27 -80.44
C LYS AA 193 4.15 -110.04 -80.74
N ALA AA 194 3.26 -110.60 -79.93
CA ALA AA 194 1.83 -110.40 -80.13
C ALA AA 194 1.45 -108.93 -79.96
N LYS AA 195 2.04 -108.28 -78.96
CA LYS AA 195 1.88 -106.85 -78.79
C LYS AA 195 2.25 -106.11 -80.07
N GLN AA 196 3.37 -106.52 -80.69
CA GLN AA 196 3.83 -105.90 -81.93
C GLN AA 196 2.81 -106.05 -83.04
N GLU AA 197 2.31 -107.27 -83.25
CA GLU AA 197 1.32 -107.46 -84.32
C GLU AA 197 0.07 -106.64 -84.08
N LYS AA 198 -0.43 -106.58 -82.84
CA LYS AA 198 -1.69 -105.88 -82.64
C LYS AA 198 -1.50 -104.38 -82.89
N VAL AA 199 -0.36 -103.82 -82.44
CA VAL AA 199 -0.12 -102.41 -82.69
C VAL AA 199 0.04 -102.13 -84.18
N SER AA 200 0.74 -103.02 -84.89
CA SER AA 200 0.91 -102.83 -86.33
C SER AA 200 -0.44 -102.82 -87.04
N ALA AA 201 -1.32 -103.77 -86.70
CA ALA AA 201 -2.64 -103.79 -87.31
C ALA AA 201 -3.48 -102.58 -86.93
N GLN AA 202 -3.38 -102.11 -85.67
CA GLN AA 202 -4.13 -100.94 -85.26
C GLN AA 202 -3.72 -99.71 -86.06
N TYR AA 203 -2.41 -99.53 -86.27
CA TYR AA 203 -1.95 -98.40 -87.06
C TYR AA 203 -2.32 -98.57 -88.53
N LEU AA 204 -2.32 -99.81 -89.04
CA LEU AA 204 -2.78 -100.03 -90.40
C LEU AA 204 -4.23 -99.60 -90.58
N SER AA 205 -5.07 -99.91 -89.58
CA SER AA 205 -6.46 -99.45 -89.62
C SER AA 205 -6.54 -97.92 -89.52
N GLU AA 206 -5.71 -97.34 -88.66
CA GLU AA 206 -5.70 -95.88 -88.54
C GLU AA 206 -5.27 -95.19 -89.82
N ILE AA 207 -4.53 -95.88 -90.69
CA ILE AA 207 -4.23 -95.33 -92.02
C ILE AA 207 -5.52 -95.11 -92.81
N GLU AA 208 -6.37 -96.13 -92.87
CA GLU AA 208 -7.65 -95.99 -93.54
C GLU AA 208 -8.55 -94.99 -92.83
N MET AA 209 -8.41 -94.87 -91.51
CA MET AA 209 -9.09 -93.80 -90.79
C MET AA 209 -8.77 -92.44 -91.40
N ALA AA 210 -7.49 -92.15 -91.61
CA ALA AA 210 -7.08 -90.89 -92.21
C ALA AA 210 -7.50 -90.79 -93.67
N LYS AA 211 -7.50 -91.91 -94.39
CA LYS AA 211 -8.05 -91.92 -95.75
C LYS AA 211 -9.47 -91.38 -95.77
N ALA AA 212 -10.33 -91.96 -94.92
CA ALA AA 212 -11.73 -91.52 -94.87
C ALA AA 212 -11.84 -90.08 -94.36
N GLN AA 213 -10.99 -89.70 -93.39
CA GLN AA 213 -11.02 -88.33 -92.89
C GLN AA 213 -10.73 -87.33 -93.99
N ARG AA 214 -9.70 -87.61 -94.80
CA ARG AA 214 -9.43 -86.76 -95.97
C ARG AA 214 -10.61 -86.75 -96.92
N ASP AA 215 -11.12 -87.94 -97.28
CA ASP AA 215 -12.20 -88.03 -98.25
C ASP AA 215 -13.42 -87.23 -97.81
N TYR AA 216 -13.67 -87.12 -96.52
CA TYR AA 216 -14.80 -86.33 -96.03
C TYR AA 216 -14.47 -84.86 -95.91
N GLU AA 217 -13.33 -84.52 -95.28
CA GLU AA 217 -12.99 -83.13 -95.01
C GLU AA 217 -12.74 -82.33 -96.28
N LEU AA 218 -12.06 -82.90 -97.26
CA LEU AA 218 -11.77 -82.17 -98.48
C LEU AA 218 -13.06 -81.79 -99.21
N LYS AA 219 -14.00 -82.73 -99.33
CA LYS AA 219 -15.27 -82.42 -99.98
C LYS AA 219 -16.07 -81.43 -99.16
N LYS AA 220 -16.05 -81.55 -97.83
CA LYS AA 220 -16.79 -80.59 -97.01
C LYS AA 220 -16.26 -79.18 -97.23
N ALA AA 221 -14.93 -79.02 -97.25
CA ALA AA 221 -14.35 -77.71 -97.49
C ALA AA 221 -14.66 -77.20 -98.89
N ALA AA 222 -14.60 -78.08 -99.90
CA ALA AA 222 -14.90 -77.67 -101.27
C ALA AA 222 -16.33 -77.18 -101.40
N TYR AA 223 -17.27 -77.84 -100.72
CA TYR AA 223 -18.66 -77.40 -100.73
C TYR AA 223 -18.82 -76.10 -99.96
N ASP AA 224 -18.09 -75.96 -98.85
CA ASP AA 224 -18.15 -74.74 -98.07
C ASP AA 224 -17.68 -73.54 -98.88
N ILE AA 225 -16.70 -73.72 -99.76
CA ILE AA 225 -16.25 -72.61 -100.59
C ILE AA 225 -17.41 -72.07 -101.41
N GLU AA 226 -18.15 -72.96 -102.08
CA GLU AA 226 -19.26 -72.52 -102.92
C GLU AA 226 -20.35 -71.87 -102.09
N VAL AA 227 -20.71 -72.47 -100.95
CA VAL AA 227 -21.80 -71.90 -100.16
C VAL AA 227 -21.41 -70.53 -99.62
N ASN AA 228 -20.15 -70.36 -99.21
CA ASN AA 228 -19.71 -69.05 -98.73
C ASN AA 228 -19.72 -68.01 -99.84
N THR AA 229 -19.29 -68.38 -101.05
CA THR AA 229 -19.34 -67.42 -102.16
C THR AA 229 -20.77 -66.99 -102.44
N ARG AA 230 -21.70 -67.94 -102.53
CA ARG AA 230 -23.08 -67.58 -102.82
C ARG AA 230 -23.71 -66.76 -101.69
N ARG AA 231 -23.42 -67.11 -100.43
CA ARG AA 231 -23.93 -66.32 -99.32
C ARG AA 231 -23.37 -64.90 -99.33
N ALA AA 232 -22.09 -64.74 -99.68
CA ALA AA 232 -21.51 -63.41 -99.77
C ALA AA 232 -22.19 -62.58 -100.85
N GLN AA 233 -22.48 -63.20 -101.99
CA GLN AA 233 -23.22 -62.48 -103.03
C GLN AA 233 -24.61 -62.09 -102.55
N ALA AA 234 -25.30 -63.02 -101.87
CA ALA AA 234 -26.68 -62.78 -101.45
C ALA AA 234 -26.75 -61.66 -100.42
N ASP AA 235 -25.76 -61.58 -99.52
CA ASP AA 235 -25.80 -60.54 -98.49
C ASP AA 235 -25.76 -59.14 -99.10
N LEU AA 236 -24.90 -58.92 -100.08
CA LEU AA 236 -24.67 -57.60 -100.63
C LEU AA 236 -25.56 -57.27 -101.83
N ALA AA 237 -26.33 -58.24 -102.33
CA ALA AA 237 -27.32 -57.92 -103.36
C ALA AA 237 -28.28 -56.84 -102.86
N TYR AA 238 -28.66 -56.90 -101.59
CA TYR AA 238 -29.58 -55.91 -101.03
C TYR AA 238 -28.99 -54.50 -101.11
N GLN AA 239 -27.73 -54.34 -100.68
CA GLN AA 239 -27.10 -53.04 -100.74
C GLN AA 239 -26.94 -52.56 -102.18
N LEU AA 240 -26.60 -53.47 -103.09
CA LEU AA 240 -26.48 -53.11 -104.50
C LEU AA 240 -27.80 -52.53 -105.02
N GLN AA 241 -28.90 -53.24 -104.77
CA GLN AA 241 -30.19 -52.77 -105.28
C GLN AA 241 -30.63 -51.47 -104.59
N VAL AA 242 -30.39 -51.34 -103.28
CA VAL AA 242 -30.83 -50.14 -102.58
C VAL AA 242 -30.06 -48.93 -103.09
N ALA AA 243 -28.78 -49.11 -103.42
CA ALA AA 243 -28.02 -48.02 -104.03
C ALA AA 243 -28.55 -47.70 -105.43
N LYS AA 244 -28.84 -48.75 -106.22
CA LYS AA 244 -29.31 -48.52 -107.58
C LYS AA 244 -30.62 -47.75 -107.60
N THR AA 245 -31.49 -47.99 -106.61
CA THR AA 245 -32.74 -47.25 -106.55
C THR AA 245 -32.61 -45.91 -105.84
N LYS AA 246 -31.68 -45.78 -104.89
CA LYS AA 246 -31.38 -44.49 -104.31
C LYS AA 246 -30.85 -43.53 -105.36
N GLN AA 247 -30.27 -44.06 -106.46
CA GLN AA 247 -29.95 -43.19 -107.59
C GLN AA 247 -31.16 -42.39 -108.04
N GLN AA 248 -32.28 -43.07 -108.31
CA GLN AA 248 -33.48 -42.36 -108.75
C GLN AA 248 -34.10 -41.55 -107.62
N ILE AA 249 -34.00 -42.06 -106.39
CA ILE AA 249 -34.50 -41.30 -105.25
C ILE AA 249 -33.87 -39.91 -105.22
N GLU AA 250 -32.54 -39.86 -105.32
CA GLU AA 250 -31.84 -38.58 -105.34
C GLU AA 250 -32.09 -37.81 -106.63
N GLU AA 251 -32.22 -38.51 -107.76
CA GLU AA 251 -32.49 -37.83 -109.03
C GLU AA 251 -33.77 -37.00 -108.95
N GLN AA 252 -34.79 -37.49 -108.25
CA GLN AA 252 -36.01 -36.70 -108.08
C GLN AA 252 -35.95 -35.74 -106.89
N ARG AA 253 -35.28 -36.13 -105.81
CA ARG AA 253 -35.15 -35.25 -104.65
C ARG AA 253 -34.34 -34.01 -104.99
N VAL AA 254 -33.58 -34.05 -106.09
CA VAL AA 254 -32.94 -32.83 -106.58
C VAL AA 254 -33.75 -32.14 -107.66
N GLN AA 255 -34.56 -32.88 -108.41
CA GLN AA 255 -35.46 -32.27 -109.38
C GLN AA 255 -36.48 -31.34 -108.73
N VAL AA 256 -36.87 -31.64 -107.49
CA VAL AA 256 -37.74 -30.70 -106.78
C VAL AA 256 -37.04 -29.34 -106.62
N GLN AA 257 -35.71 -29.33 -106.41
CA GLN AA 257 -34.98 -28.08 -106.35
C GLN AA 257 -34.99 -27.35 -107.69
N VAL AA 258 -34.88 -28.09 -108.79
CA VAL AA 258 -34.95 -27.45 -110.11
C VAL AA 258 -36.29 -26.76 -110.28
N VAL AA 259 -37.37 -27.42 -109.86
CA VAL AA 259 -38.70 -26.80 -109.95
C VAL AA 259 -38.75 -25.54 -109.07
N GLU AA 260 -38.22 -25.62 -107.85
CA GLU AA 260 -38.18 -24.46 -106.96
C GLU AA 260 -37.51 -23.27 -107.63
N ARG AA 261 -36.33 -23.47 -108.21
CA ARG AA 261 -35.62 -22.34 -108.80
C ARG AA 261 -36.29 -21.86 -110.08
N ALA AA 262 -36.80 -22.78 -110.90
CA ALA AA 262 -37.48 -22.42 -112.14
C ALA AA 262 -38.80 -21.69 -111.89
N GLN AA 263 -39.31 -21.71 -110.66
CA GLN AA 263 -40.43 -20.82 -110.33
C GLN AA 263 -40.01 -19.58 -109.55
N GLN AA 264 -38.92 -19.64 -108.79
CA GLN AA 264 -38.37 -18.41 -108.23
C GLN AA 264 -37.96 -17.43 -109.31
N VAL AA 265 -37.57 -17.92 -110.49
CA VAL AA 265 -37.28 -17.00 -111.58
C VAL AA 265 -38.54 -16.23 -111.99
N ALA AA 266 -39.70 -16.88 -111.98
CA ALA AA 266 -40.95 -16.17 -112.27
C ALA AA 266 -41.31 -15.21 -111.13
N VAL AA 267 -41.02 -15.61 -109.90
CA VAL AA 267 -41.20 -14.69 -108.77
C VAL AA 267 -40.41 -13.41 -109.01
N GLN AA 268 -39.15 -13.54 -109.42
CA GLN AA 268 -38.34 -12.36 -109.71
C GLN AA 268 -38.82 -11.63 -110.97
N GLU AA 269 -39.42 -12.35 -111.92
CA GLU AA 269 -39.98 -11.72 -113.10
C GLU AA 269 -41.11 -10.77 -112.72
N GLN AA 270 -41.90 -11.16 -111.73
CA GLN AA 270 -42.91 -10.22 -111.21
C GLN AA 270 -42.26 -9.15 -110.33
N GLU AA 271 -41.20 -9.51 -109.62
CA GLU AA 271 -40.54 -8.57 -108.72
C GLU AA 271 -39.92 -7.40 -109.49
N ILE AA 272 -39.45 -7.64 -110.72
CA ILE AA 272 -38.83 -6.55 -111.46
C ILE AA 272 -39.84 -5.45 -111.76
N ALA AA 273 -41.06 -5.83 -112.15
CA ALA AA 273 -42.09 -4.82 -112.42
C ALA AA 273 -42.60 -4.21 -111.12
N ARG AA 274 -42.66 -5.01 -110.05
CA ARG AA 274 -43.03 -4.43 -108.76
C ARG AA 274 -42.04 -3.36 -108.34
N ARG AA 275 -40.74 -3.63 -108.51
CA ARG AA 275 -39.72 -2.64 -108.22
C ARG AA 275 -39.83 -1.44 -109.14
N GLU AA 276 -40.08 -1.66 -110.43
CA GLU AA 276 -40.38 -0.55 -111.33
C GLU AA 276 -41.40 0.40 -110.72
N LYS AA 277 -42.60 -0.12 -110.41
CA LYS AA 277 -43.68 0.73 -109.94
C LYS AA 277 -43.32 1.37 -108.59
N GLU AA 278 -42.84 0.58 -107.64
CA GLU AA 278 -42.59 1.09 -106.30
C GLU AA 278 -41.48 2.14 -106.32
N LEU AA 279 -40.40 1.88 -107.06
CA LEU AA 279 -39.30 2.82 -107.14
C LEU AA 279 -39.74 4.11 -107.83
N GLU AA 280 -40.55 4.00 -108.89
CA GLU AA 280 -41.09 5.19 -109.50
C GLU AA 280 -41.87 6.02 -108.49
N ALA AA 281 -42.81 5.38 -107.78
CA ALA AA 281 -43.64 6.09 -106.82
C ALA AA 281 -42.81 6.74 -105.71
N ARG AA 282 -41.78 6.05 -105.21
CA ARG AA 282 -41.04 6.55 -104.06
C ARG AA 282 -39.83 7.40 -104.43
N VAL AA 283 -39.50 7.54 -105.71
CA VAL AA 283 -38.34 8.35 -106.08
C VAL AA 283 -38.71 9.42 -107.09
N ARG AA 284 -39.29 9.03 -108.22
CA ARG AA 284 -39.46 9.97 -109.33
C ARG AA 284 -40.48 11.04 -109.00
N LYS AA 285 -41.65 10.64 -108.49
CA LYS AA 285 -42.67 11.62 -108.11
C LYS AA 285 -42.21 12.54 -106.98
N PRO AA 286 -41.60 12.06 -105.89
CA PRO AA 286 -41.06 13.00 -104.91
C PRO AA 286 -40.03 13.96 -105.49
N ALA AA 287 -39.20 13.49 -106.42
CA ALA AA 287 -38.23 14.38 -107.07
C ALA AA 287 -38.94 15.47 -107.87
N GLU AA 288 -39.98 15.10 -108.63
CA GLU AA 288 -40.73 16.11 -109.37
C GLU AA 288 -41.39 17.12 -108.43
N ALA AA 289 -41.98 16.63 -107.34
CA ALA AA 289 -42.62 17.53 -106.39
C ALA AA 289 -41.60 18.47 -105.73
N GLU AA 290 -40.44 17.94 -105.37
CA GLU AA 290 -39.40 18.79 -104.78
C GLU AA 290 -38.89 19.81 -105.78
N ARG AA 291 -38.75 19.44 -107.06
CA ARG AA 291 -38.34 20.39 -108.07
C ARG AA 291 -39.36 21.51 -108.21
N TYR AA 292 -40.65 21.16 -108.22
CA TYR AA 292 -41.68 22.20 -108.32
C TYR AA 292 -41.67 23.10 -107.10
N LYS AA 293 -41.47 22.52 -105.92
CA LYS AA 293 -41.40 23.32 -104.70
C LYS AA 293 -40.23 24.28 -104.74
N LEU AA 294 -39.06 23.81 -105.16
CA LEU AA 294 -37.89 24.67 -105.28
C LEU AA 294 -38.11 25.76 -106.30
N GLU AA 295 -38.72 25.43 -107.44
CA GLU AA 295 -39.02 26.43 -108.46
C GLU AA 295 -39.89 27.54 -107.89
N ARG AA 296 -40.98 27.16 -107.21
CA ARG AA 296 -41.90 28.17 -106.71
C ARG AA 296 -41.29 29.01 -105.59
N LEU AA 297 -40.57 28.37 -104.66
CA LEU AA 297 -39.94 29.14 -103.59
C LEU AA 297 -38.87 30.07 -104.14
N ALA AA 298 -38.09 29.62 -105.12
CA ALA AA 298 -37.10 30.50 -105.73
C ALA AA 298 -37.75 31.67 -106.47
N GLU AA 299 -38.87 31.41 -107.16
CA GLU AA 299 -39.58 32.51 -107.82
C GLU AA 299 -40.08 33.51 -106.80
N ALA AA 300 -40.62 33.04 -105.67
CA ALA AA 300 -41.06 33.94 -104.62
C ALA AA 300 -39.90 34.74 -104.04
N GLU AA 301 -38.75 34.10 -103.83
CA GLU AA 301 -37.60 34.82 -103.29
C GLU AA 301 -37.11 35.88 -104.26
N LYS AA 302 -37.08 35.58 -105.55
CA LYS AA 302 -36.70 36.59 -106.53
C LYS AA 302 -37.71 37.74 -106.53
N SER AA 303 -39.00 37.42 -106.48
CA SER AA 303 -40.02 38.47 -106.50
C SER AA 303 -39.90 39.37 -105.28
N GLN AA 304 -39.55 38.80 -104.13
CA GLN AA 304 -39.36 39.61 -102.93
C GLN AA 304 -38.10 40.46 -103.02
N LEU AA 305 -36.99 39.85 -103.45
CA LEU AA 305 -35.71 40.55 -103.46
C LEU AA 305 -35.70 41.70 -104.46
N ILE AA 306 -36.30 41.49 -105.63
CA ILE AA 306 -36.30 42.54 -106.65
C ILE AA 306 -37.00 43.80 -106.13
N MET AA 307 -38.14 43.65 -105.48
CA MET AA 307 -38.89 44.81 -105.04
C MET AA 307 -38.40 45.38 -103.72
N GLN AA 308 -37.80 44.55 -102.86
CA GLN AA 308 -37.08 45.11 -101.72
C GLN AA 308 -35.90 45.97 -102.18
N ALA AA 309 -35.18 45.50 -103.21
CA ALA AA 309 -34.12 46.30 -103.79
C ALA AA 309 -34.65 47.59 -104.39
N GLU AA 310 -35.78 47.51 -105.09
CA GLU AA 310 -36.38 48.72 -105.65
C GLU AA 310 -36.74 49.71 -104.55
N ALA AA 311 -37.30 49.21 -103.45
CA ALA AA 311 -37.65 50.08 -102.33
C ALA AA 311 -36.40 50.73 -101.73
N GLU AA 312 -35.34 49.96 -101.56
CA GLU AA 312 -34.10 50.53 -101.02
C GLU AA 312 -33.52 51.58 -101.96
N ALA AA 313 -33.56 51.31 -103.26
CA ALA AA 313 -33.04 52.28 -104.23
C ALA AA 313 -33.85 53.57 -104.20
N ALA AA 314 -35.18 53.46 -104.13
CA ALA AA 314 -36.01 54.65 -104.04
C ALA AA 314 -35.74 55.42 -102.76
N SER AA 315 -35.56 54.70 -101.65
CA SER AA 315 -35.22 55.35 -100.39
C SER AA 315 -33.92 56.14 -100.51
N VAL AA 316 -32.88 55.51 -101.06
CA VAL AA 316 -31.60 56.19 -101.20
C VAL AA 316 -31.74 57.41 -102.11
N ARG AA 317 -32.42 57.24 -103.25
CA ARG AA 317 -32.60 58.35 -104.17
C ARG AA 317 -33.28 59.54 -103.50
N MET AA 318 -34.41 59.29 -102.84
CA MET AA 318 -35.17 60.39 -102.24
C MET AA 318 -34.42 61.04 -101.09
N ARG AA 319 -33.81 60.26 -100.20
CA ARG AA 319 -33.08 60.86 -99.09
C ARG AA 319 -31.89 61.67 -99.58
N GLY AA 320 -31.16 61.15 -100.57
CA GLY AA 320 -30.04 61.90 -101.12
C GLY AA 320 -30.47 63.18 -101.80
N GLU AA 321 -31.56 63.12 -102.57
CA GLU AA 321 -32.05 64.32 -103.22
C GLU AA 321 -32.47 65.37 -102.18
N ALA AA 322 -33.15 64.94 -101.13
CA ALA AA 322 -33.55 65.88 -100.08
C ALA AA 322 -32.35 66.51 -99.41
N GLU AA 323 -31.33 65.72 -99.08
CA GLU AA 323 -30.19 66.28 -98.37
C GLU AA 323 -29.38 67.19 -99.30
N ALA AA 324 -29.32 66.86 -100.60
CA ALA AA 324 -28.65 67.74 -101.55
C ALA AA 324 -29.38 69.07 -101.69
N PHE AA 325 -30.71 69.04 -101.72
CA PHE AA 325 -31.47 70.29 -101.76
C PHE AA 325 -31.23 71.11 -100.49
N ALA AA 326 -31.13 70.44 -99.35
CA ALA AA 326 -30.81 71.13 -98.10
C ALA AA 326 -29.43 71.76 -98.14
N ILE AA 327 -28.45 71.05 -98.73
CA ILE AA 327 -27.11 71.61 -98.89
C ILE AA 327 -27.17 72.86 -99.77
N GLY AA 328 -27.92 72.79 -100.87
CA GLY AA 328 -28.09 73.97 -101.70
C GLY AA 328 -28.76 75.12 -100.97
N ALA AA 329 -29.70 74.80 -100.07
CA ALA AA 329 -30.38 75.84 -99.30
C ALA AA 329 -29.38 76.58 -98.39
N ARG AA 330 -28.61 75.82 -97.60
CA ARG AA 330 -27.57 76.50 -96.82
C ARG AA 330 -26.55 77.20 -97.71
N ALA AA 331 -26.29 76.67 -98.91
CA ALA AA 331 -25.34 77.33 -99.80
C ALA AA 331 -25.82 78.72 -100.18
N ARG AA 332 -27.07 78.82 -100.64
CA ARG AA 332 -27.62 80.12 -101.01
C ARG AA 332 -27.68 81.05 -99.79
N ALA AA 333 -28.09 80.52 -98.63
CA ALA AA 333 -28.16 81.35 -97.44
C ALA AA 333 -26.79 81.87 -97.06
N GLU AA 334 -25.76 81.03 -97.10
CA GLU AA 334 -24.42 81.44 -96.72
C GLU AA 334 -23.83 82.42 -97.72
N ALA AA 335 -24.14 82.27 -99.00
CA ALA AA 335 -23.64 83.22 -99.99
C ALA AA 335 -24.25 84.60 -99.77
N GLU AA 336 -25.58 84.65 -99.64
CA GLU AA 336 -26.23 85.94 -99.37
C GLU AA 336 -25.79 86.49 -98.02
N GLN AA 337 -25.37 85.62 -97.11
CA GLN AA 337 -24.86 86.03 -95.81
C GLN AA 337 -23.49 86.69 -95.94
N MET AA 338 -22.59 86.07 -96.70
CA MET AA 338 -21.21 86.54 -96.79
C MET AA 338 -21.10 87.79 -97.65
N ALA AA 339 -22.04 87.97 -98.58
CA ALA AA 339 -22.03 89.22 -99.36
C ALA AA 339 -22.10 90.42 -98.44
N LYS AA 340 -23.00 90.39 -97.45
CA LYS AA 340 -23.09 91.52 -96.53
C LYS AA 340 -21.89 91.60 -95.60
N LYS AA 341 -21.28 90.47 -95.24
CA LYS AA 341 -20.02 90.53 -94.50
C LYS AA 341 -18.97 91.33 -95.27
N ALA AA 342 -18.81 91.04 -96.56
CA ALA AA 342 -17.87 91.80 -97.36
C ALA AA 342 -18.26 93.26 -97.44
N GLU AA 343 -19.55 93.55 -97.64
CA GLU AA 343 -19.99 94.93 -97.73
C GLU AA 343 -19.68 95.69 -96.44
N ALA AA 344 -19.93 95.07 -95.29
CA ALA AA 344 -19.65 95.72 -94.01
C ALA AA 344 -18.15 95.91 -93.82
N PHE AA 345 -17.35 94.88 -94.13
CA PHE AA 345 -15.90 94.99 -94.00
C PHE AA 345 -15.32 96.10 -94.85
N GLN AA 346 -15.97 96.43 -95.97
CA GLN AA 346 -15.44 97.49 -96.82
C GLN AA 346 -15.31 98.82 -96.08
N LEU AA 347 -16.20 99.08 -95.13
CA LEU AA 347 -16.18 100.34 -94.37
C LEU AA 347 -15.41 100.21 -93.05
N TYR AA 348 -14.17 99.74 -93.12
CA TYR AA 348 -13.31 99.60 -91.96
C TYR AA 348 -12.08 100.47 -92.13
N GLN AA 349 -11.83 101.34 -91.16
CA GLN AA 349 -10.67 102.21 -91.11
C GLN AA 349 -9.59 101.58 -90.23
N GLU AA 350 -8.55 102.36 -89.93
CA GLU AA 350 -7.45 101.86 -89.12
C GLU AA 350 -7.88 101.52 -87.70
N ALA AA 351 -8.86 102.24 -87.15
CA ALA AA 351 -9.33 101.93 -85.80
C ALA AA 351 -9.95 100.54 -85.74
N ALA AA 352 -10.74 100.17 -86.74
CA ALA AA 352 -11.38 98.87 -86.75
C ALA AA 352 -10.36 97.75 -86.91
N GLN AA 353 -9.38 97.92 -87.79
CA GLN AA 353 -8.33 96.92 -87.93
C GLN AA 353 -7.52 96.78 -86.66
N LEU AA 354 -7.23 97.90 -85.99
CA LEU AA 354 -6.55 97.86 -84.70
C LEU AA 354 -7.38 97.10 -83.68
N ASP AA 355 -8.70 97.32 -83.65
CA ASP AA 355 -9.56 96.59 -82.73
C ASP AA 355 -9.54 95.10 -83.02
N MET AA 356 -9.57 94.72 -84.30
CA MET AA 356 -9.53 93.30 -84.64
C MET AA 356 -8.20 92.67 -84.23
N LEU AA 357 -7.09 93.37 -84.48
CA LEU AA 357 -5.79 92.85 -84.12
C LEU AA 357 -5.66 92.68 -82.61
N LEU AA 358 -6.12 93.67 -81.84
CA LEU AA 358 -6.03 93.59 -80.40
C LEU AA 358 -7.07 92.66 -79.79
N GLU AA 359 -8.11 92.29 -80.53
CA GLU AA 359 -9.01 91.24 -80.07
C GLU AA 359 -8.47 89.86 -80.37
N LYS AA 360 -7.68 89.71 -81.45
CA LYS AA 360 -7.13 88.41 -81.81
C LYS AA 360 -5.81 88.09 -81.12
N LEU AA 361 -5.04 89.10 -80.71
CA LEU AA 361 -3.78 88.83 -80.04
C LEU AA 361 -3.93 88.00 -78.77
N PRO AA 362 -4.86 88.30 -77.86
CA PRO AA 362 -4.98 87.46 -76.65
C PRO AA 362 -5.29 86.01 -76.96
N GLN AA 363 -6.06 85.72 -78.00
CA GLN AA 363 -6.37 84.33 -78.32
C GLN AA 363 -5.13 83.58 -78.79
N VAL AA 364 -4.31 84.21 -79.63
CA VAL AA 364 -3.06 83.59 -80.06
C VAL AA 364 -2.14 83.40 -78.86
N ALA AA 365 -2.09 84.39 -77.97
CA ALA AA 365 -1.27 84.26 -76.77
C ALA AA 365 -1.74 83.08 -75.91
N GLU AA 366 -3.05 82.91 -75.76
CA GLU AA 366 -3.56 81.74 -75.05
C GLU AA 366 -3.15 80.45 -75.73
N GLU AA 367 -3.33 80.37 -77.05
CA GLU AA 367 -3.01 79.14 -77.74
C GLU AA 367 -1.52 78.82 -77.74
N ILE AA 368 -0.66 79.80 -77.51
CA ILE AA 368 0.77 79.54 -77.50
C ILE AA 368 1.28 79.34 -76.07
N SER AA 369 0.56 79.88 -75.08
CA SER AA 369 0.99 79.78 -73.69
C SER AA 369 0.24 78.72 -72.91
N GLY AA 370 -0.76 78.08 -73.51
CA GLY AA 370 -1.45 77.00 -72.84
C GLY AA 370 -0.61 75.74 -72.71
N PRO AA 371 -0.09 75.25 -73.84
CA PRO AA 371 0.84 74.11 -73.75
C PRO AA 371 2.09 74.39 -72.94
N LEU AA 372 2.61 75.63 -72.98
CA LEU AA 372 3.84 75.93 -72.29
C LEU AA 372 3.68 75.87 -70.77
N THR AA 373 2.51 76.27 -70.25
CA THR AA 373 2.29 76.26 -68.82
C THR AA 373 1.98 74.88 -68.27
N SER AA 374 2.20 73.82 -69.06
CA SER AA 374 2.08 72.46 -68.57
C SER AA 374 3.38 71.92 -67.98
N ALA AA 375 4.46 72.71 -68.02
CA ALA AA 375 5.72 72.27 -67.43
C ALA AA 375 5.57 72.13 -65.92
N ASN AA 376 6.19 71.07 -65.38
CA ASN AA 376 6.07 70.81 -63.95
C ASN AA 376 6.81 71.85 -63.13
N LYS AA 377 8.07 72.12 -63.48
CA LYS AA 377 8.87 73.11 -62.76
C LYS AA 377 9.78 73.83 -63.73
N ILE AA 378 10.10 75.08 -63.41
CA ILE AA 378 11.00 75.91 -64.19
C ILE AA 378 12.02 76.51 -63.23
N THR AA 379 13.30 76.35 -63.55
CA THR AA 379 14.38 76.84 -62.71
C THR AA 379 15.10 77.97 -63.43
N LEU AA 380 15.26 79.10 -62.74
CA LEU AA 380 15.89 80.29 -63.30
C LEU AA 380 17.17 80.59 -62.53
N VAL AA 381 18.25 80.82 -63.25
CA VAL AA 381 19.56 81.08 -62.64
C VAL AA 381 20.23 82.23 -63.39
N SER AA 382 20.80 83.16 -62.65
CA SER AA 382 21.48 84.31 -63.21
C SER AA 382 22.92 84.36 -62.72
N SER AA 383 23.74 85.12 -63.43
CA SER AA 383 25.15 85.28 -63.07
C SER AA 383 25.69 86.50 -63.79
N GLY AA 384 26.58 87.22 -63.11
CA GLY AA 384 27.14 88.42 -63.72
C GLY AA 384 26.09 89.49 -63.88
N SER AA 385 26.25 90.30 -64.92
CA SER AA 385 25.32 91.39 -65.22
C SER AA 385 24.11 90.93 -66.01
N GLY AA 386 23.85 89.63 -66.04
CA GLY AA 386 22.74 89.10 -66.79
C GLY AA 386 21.42 89.20 -66.05
N THR AA 387 20.37 88.78 -66.74
CA THR AA 387 19.02 88.79 -66.21
C THR AA 387 18.72 87.48 -65.48
N MET AA 388 17.62 87.48 -64.73
CA MET AA 388 17.23 86.31 -63.95
C MET AA 388 16.68 85.20 -64.82
N GLY AA 389 15.87 85.52 -65.84
CA GLY AA 389 15.35 84.53 -66.75
C GLY AA 389 13.87 84.62 -67.06
N ALA AA 390 13.09 85.39 -66.29
CA ALA AA 390 11.67 85.53 -66.60
C ALA AA 390 11.47 86.25 -67.91
N ALA AA 391 12.30 87.27 -68.16
CA ALA AA 391 12.28 87.92 -69.46
C ALA AA 391 12.58 86.95 -70.59
N LYS AA 392 13.37 85.91 -70.33
CA LYS AA 392 13.62 84.91 -71.37
C LYS AA 392 12.35 84.17 -71.74
N VAL AA 393 11.56 83.75 -70.76
CA VAL AA 393 10.32 83.02 -71.03
C VAL AA 393 9.32 83.94 -71.75
N THR AA 394 9.15 85.16 -71.23
CA THR AA 394 8.23 86.09 -71.86
C THR AA 394 8.67 86.41 -73.29
N GLY AA 395 9.98 86.57 -73.50
CA GLY AA 395 10.49 86.81 -74.84
C GLY AA 395 10.30 85.64 -75.77
N GLU AA 396 10.42 84.42 -75.26
CA GLU AA 396 10.16 83.25 -76.08
C GLU AA 396 8.71 83.23 -76.54
N VAL AA 397 7.78 83.45 -75.61
CA VAL AA 397 6.36 83.45 -75.98
C VAL AA 397 6.07 84.58 -76.97
N LEU AA 398 6.58 85.78 -76.70
CA LEU AA 398 6.31 86.91 -77.58
C LEU AA 398 6.97 86.72 -78.95
N ASP AA 399 8.16 86.12 -78.98
CA ASP AA 399 8.84 85.87 -80.25
C ASP AA 399 8.08 84.87 -81.09
N ILE AA 400 7.55 83.82 -80.48
CA ILE AA 400 6.70 82.90 -81.23
C ILE AA 400 5.46 83.61 -81.74
N LEU AA 401 4.82 84.41 -80.87
CA LEU AA 401 3.60 85.10 -81.25
C LEU AA 401 3.83 86.11 -82.37
N THR AA 402 5.05 86.65 -82.47
CA THR AA 402 5.34 87.63 -83.50
C THR AA 402 5.93 87.01 -84.76
N ARG AA 403 6.52 85.83 -84.65
CA ARG AA 403 7.06 85.16 -85.84
C ARG AA 403 5.99 84.33 -86.55
N LEU AA 404 4.94 83.92 -85.84
CA LEU AA 404 3.86 83.20 -86.50
C LEU AA 404 3.20 84.02 -87.60
N PRO AA 405 2.85 85.30 -87.41
CA PRO AA 405 2.31 86.06 -88.55
C PRO AA 405 3.26 86.17 -89.71
N GLU AA 406 4.57 86.23 -89.47
CA GLU AA 406 5.50 86.28 -90.59
C GLU AA 406 5.59 84.95 -91.32
N SER AA 407 5.52 83.84 -90.57
CA SER AA 407 5.50 82.53 -91.21
C SER AA 407 4.26 82.38 -92.08
N VAL AA 408 3.11 82.83 -91.58
CA VAL AA 408 1.90 82.82 -92.40
C VAL AA 408 2.02 83.79 -93.57
N GLU AA 409 2.71 84.91 -93.36
CA GLU AA 409 3.00 85.85 -94.44
C GLU AA 409 3.74 85.17 -95.58
N ARG AA 410 4.69 84.31 -95.24
CA ARG AA 410 5.51 83.67 -96.27
C ARG AA 410 4.66 82.88 -97.24
N LEU AA 411 3.55 82.31 -96.78
CA LEU AA 411 2.69 81.54 -97.68
C LEU AA 411 1.59 82.40 -98.29
N THR AA 412 0.81 83.09 -97.45
CA THR AA 412 -0.35 83.82 -97.95
C THR AA 412 0.06 85.02 -98.79
N GLY AA 413 0.99 85.82 -98.30
CA GLY AA 413 1.40 87.02 -98.99
C GLY AA 413 0.54 88.24 -98.75
N VAL AA 414 -0.30 88.23 -97.72
CA VAL AA 414 -1.16 89.35 -97.39
C VAL AA 414 -0.82 89.85 -96.00
N SER AA 415 -0.65 91.17 -95.88
CA SER AA 415 -0.16 91.78 -94.66
C SER AA 415 -1.13 91.59 -93.51
N ILE AA 416 -0.59 91.56 -92.29
CA ILE AA 416 -1.39 91.40 -91.09
C ILE AA 416 -1.35 92.64 -90.20
N SER AA 417 -0.31 93.46 -90.29
CA SER AA 417 -0.19 94.68 -89.51
C SER AA 417 -0.25 95.89 -90.45
N GLN AA 418 -1.03 96.90 -90.06
CA GLN AA 418 -1.19 98.07 -90.92
C GLN AA 418 0.04 98.96 -90.89
N VAL AA 419 0.81 98.93 -89.80
CA VAL AA 419 2.01 99.75 -89.69
C VAL AA 419 3.19 98.88 -89.26
N MET BA 1 -7.55 -169.22 -7.60
CA MET BA 1 -8.92 -169.60 -7.31
C MET BA 1 -9.66 -169.87 -8.61
N GLY BA 2 -9.57 -168.91 -9.54
CA GLY BA 2 -10.22 -169.04 -10.83
C GLY BA 2 -9.77 -170.25 -11.62
N ASN BA 3 -10.72 -170.98 -12.20
CA ASN BA 3 -10.43 -172.22 -12.90
C ASN BA 3 -11.08 -172.19 -14.28
N CYS BA 4 -10.43 -172.82 -15.26
CA CYS BA 4 -10.98 -173.07 -16.59
C CYS BA 4 -11.39 -171.76 -17.27
N HIS BA 5 -10.37 -170.96 -17.57
CA HIS BA 5 -10.56 -169.68 -18.25
C HIS BA 5 -10.23 -169.79 -19.73
N THR BA 6 -11.00 -169.05 -20.53
CA THR BA 6 -10.81 -168.95 -21.97
C THR BA 6 -10.83 -167.49 -22.38
N VAL BA 7 -10.14 -167.17 -23.47
CA VAL BA 7 -10.00 -165.80 -23.95
C VAL BA 7 -10.37 -165.76 -25.43
N GLY BA 8 -10.83 -164.60 -25.88
CA GLY BA 8 -11.20 -164.40 -27.26
C GLY BA 8 -10.00 -164.31 -28.17
N PRO BA 9 -10.24 -164.32 -29.48
CA PRO BA 9 -9.11 -164.29 -30.43
C PRO BA 9 -8.31 -163.00 -30.41
N ASN BA 10 -8.84 -161.93 -29.83
CA ASN BA 10 -8.09 -160.68 -29.78
C ASN BA 10 -6.90 -160.72 -28.84
N GLU BA 11 -6.99 -161.50 -27.75
CA GLU BA 11 -5.94 -161.55 -26.76
C GLU BA 11 -5.46 -162.99 -26.59
N ALA BA 12 -4.18 -163.13 -26.28
CA ALA BA 12 -3.54 -164.42 -26.11
C ALA BA 12 -3.41 -164.72 -24.62
N LEU BA 13 -3.92 -165.88 -24.21
CA LEU BA 13 -3.79 -166.31 -22.83
C LEU BA 13 -2.47 -167.03 -22.62
N VAL BA 14 -1.73 -166.62 -21.61
CA VAL BA 14 -0.43 -167.22 -21.29
C VAL BA 14 -0.52 -167.84 -19.89
N VAL BA 15 -0.10 -169.09 -19.79
CA VAL BA 15 -0.03 -169.80 -18.52
C VAL BA 15 1.29 -170.54 -18.45
N SER BA 16 1.87 -170.61 -17.25
CA SER BA 16 3.11 -171.32 -17.03
C SER BA 16 3.12 -171.87 -15.61
N GLY BA 17 3.48 -173.15 -15.48
CA GLY BA 17 3.54 -173.78 -14.18
C GLY BA 17 4.14 -175.17 -14.22
N GLY BA 18 5.01 -175.49 -13.27
CA GLY BA 18 5.67 -176.78 -13.23
C GLY BA 18 4.89 -177.82 -12.46
N CYS BA 19 4.15 -178.67 -13.17
CA CYS BA 19 3.31 -179.66 -12.52
C CYS BA 19 4.14 -180.61 -11.66
N CYS BA 20 5.28 -181.06 -12.19
CA CYS BA 20 6.24 -181.87 -11.44
C CYS BA 20 7.57 -181.16 -11.27
N GLY BA 21 7.58 -179.83 -11.40
CA GLY BA 21 8.80 -179.05 -11.36
C GLY BA 21 9.43 -178.78 -12.70
N SER BA 22 8.98 -179.45 -13.75
CA SER BA 22 9.50 -179.22 -15.09
C SER BA 22 8.81 -178.03 -15.73
N ASP BA 23 9.56 -177.34 -16.59
CA ASP BA 23 9.09 -176.10 -17.19
C ASP BA 23 8.04 -176.42 -18.25
N TYR BA 24 6.78 -176.12 -17.95
CA TYR BA 24 5.68 -176.29 -18.90
C TYR BA 24 4.97 -174.94 -19.04
N LYS BA 25 5.24 -174.24 -20.13
CA LYS BA 25 4.60 -172.97 -20.43
C LYS BA 25 3.67 -173.15 -21.62
N GLN BA 26 2.42 -172.73 -21.47
CA GLN BA 26 1.42 -172.82 -22.52
C GLN BA 26 0.94 -171.43 -22.88
N TYR BA 27 1.07 -171.06 -24.15
CA TYR BA 27 0.61 -169.78 -24.67
C TYR BA 27 -0.37 -170.06 -25.80
N VAL BA 28 -1.63 -169.70 -25.60
CA VAL BA 28 -2.70 -169.98 -26.56
C VAL BA 28 -3.51 -168.72 -26.75
N PHE BA 29 -3.77 -168.36 -28.01
CA PHE BA 29 -4.57 -167.20 -28.35
C PHE BA 29 -5.95 -167.64 -28.78
N GLY BA 30 -6.98 -167.09 -28.14
CA GLY BA 30 -8.35 -167.40 -28.51
C GLY BA 30 -8.72 -168.87 -28.42
N GLY BA 31 -8.27 -169.54 -27.36
CA GLY BA 31 -8.53 -170.97 -27.24
C GLY BA 31 -9.06 -171.38 -25.87
N TRP BA 32 -8.61 -172.54 -25.40
CA TRP BA 32 -9.07 -173.10 -24.14
C TRP BA 32 -7.87 -173.37 -23.24
N ALA BA 33 -8.10 -173.24 -21.93
CA ALA BA 33 -7.08 -173.52 -20.94
C ALA BA 33 -7.73 -173.70 -19.58
N TRP BA 34 -6.99 -174.31 -18.66
CA TRP BA 34 -7.43 -174.42 -17.28
C TRP BA 34 -6.25 -174.15 -16.35
N ALA BA 35 -6.53 -173.51 -15.22
CA ALA BA 35 -5.52 -173.22 -14.20
C ALA BA 35 -6.18 -173.30 -12.83
N TRP BA 36 -5.47 -173.92 -11.89
CA TRP BA 36 -6.00 -174.15 -10.56
C TRP BA 36 -5.59 -173.00 -9.63
N TRP BA 37 -5.75 -173.22 -8.32
CA TRP BA 37 -5.47 -172.18 -7.32
C TRP BA 37 -4.04 -171.65 -7.45
N CYS BA 38 -3.05 -172.56 -7.49
CA CYS BA 38 -1.67 -172.14 -7.67
C CYS BA 38 -0.89 -173.07 -8.60
N ILE BA 39 -1.48 -173.57 -9.69
CA ILE BA 39 -0.70 -174.41 -10.59
C ILE BA 39 0.07 -173.56 -11.60
N SER BA 40 -0.48 -172.43 -12.02
CA SER BA 40 0.15 -171.61 -13.04
C SER BA 40 -0.26 -170.15 -12.84
N ASP BA 41 -0.03 -169.32 -13.85
CA ASP BA 41 -0.38 -167.92 -13.82
C ASP BA 41 -1.33 -167.61 -14.97
N THR BA 42 -2.37 -166.83 -14.68
CA THR BA 42 -3.38 -166.46 -15.67
C THR BA 42 -3.14 -165.02 -16.10
N GLN BA 43 -2.58 -164.84 -17.30
CA GLN BA 43 -2.36 -163.51 -17.85
C GLN BA 43 -2.73 -163.52 -19.32
N ARG BA 44 -3.05 -162.33 -19.84
CA ARG BA 44 -3.43 -162.16 -21.23
C ARG BA 44 -2.57 -161.06 -21.86
N ILE BA 45 -2.36 -161.19 -23.16
CA ILE BA 45 -1.59 -160.22 -23.93
C ILE BA 45 -2.53 -159.62 -24.97
N SER BA 46 -2.71 -158.30 -24.94
CA SER BA 46 -3.55 -157.63 -25.91
C SER BA 46 -2.86 -157.56 -27.26
N LEU BA 47 -3.35 -158.35 -28.23
CA LEU BA 47 -2.75 -158.40 -29.56
C LEU BA 47 -3.34 -157.36 -30.51
N GLU BA 48 -3.92 -156.30 -29.98
CA GLU BA 48 -4.49 -155.25 -30.80
C GLU BA 48 -3.39 -154.42 -31.45
N ILE BA 49 -3.74 -153.75 -32.54
CA ILE BA 49 -2.79 -152.86 -33.21
C ILE BA 49 -2.47 -151.68 -32.31
N MET BA 50 -1.19 -151.32 -32.25
CA MET BA 50 -0.74 -150.15 -31.51
C MET BA 50 -0.51 -149.02 -32.50
N THR BA 51 -1.05 -147.84 -32.17
CA THR BA 51 -0.90 -146.67 -33.03
C THR BA 51 0.50 -146.09 -32.87
N LEU BA 52 1.09 -145.68 -34.00
CA LEU BA 52 2.43 -145.08 -34.01
C LEU BA 52 2.37 -143.72 -34.68
N GLN BA 53 3.04 -142.75 -34.07
CA GLN BA 53 3.20 -141.41 -34.65
C GLN BA 53 4.68 -141.02 -34.60
N PRO BA 54 5.53 -141.71 -35.36
CA PRO BA 54 6.95 -141.33 -35.37
C PRO BA 54 7.14 -139.94 -35.99
N ARG BA 55 7.71 -139.04 -35.20
CA ARG BA 55 7.95 -137.67 -35.61
C ARG BA 55 9.38 -137.28 -35.26
N CYS BA 56 10.23 -137.22 -36.28
CA CYS BA 56 11.64 -136.87 -36.10
C CYS BA 56 11.82 -135.39 -36.41
N GLU BA 57 12.51 -134.68 -35.52
CA GLU BA 57 12.71 -133.25 -35.65
C GLU BA 57 14.18 -132.96 -35.96
N ASP BA 58 14.41 -132.13 -36.98
CA ASP BA 58 15.75 -131.70 -37.36
C ASP BA 58 16.64 -132.89 -37.71
N VAL BA 59 16.18 -133.70 -38.66
CA VAL BA 59 16.92 -134.86 -39.15
C VAL BA 59 17.32 -134.61 -40.59
N GLU BA 60 18.51 -135.09 -40.96
CA GLU BA 60 19.13 -134.76 -42.23
C GLU BA 60 19.45 -136.02 -43.02
N THR BA 61 19.32 -135.92 -44.34
CA THR BA 61 19.55 -137.02 -45.25
C THR BA 61 21.03 -137.08 -45.64
N ALA BA 62 21.34 -137.86 -46.68
CA ALA BA 62 22.74 -138.04 -47.08
C ALA BA 62 23.36 -136.72 -47.52
N GLU BA 63 22.64 -135.94 -48.33
CA GLU BA 63 23.14 -134.64 -48.74
C GLU BA 63 23.08 -133.61 -47.63
N GLY BA 64 22.35 -133.89 -46.55
CA GLY BA 64 22.37 -133.06 -45.37
C GLY BA 64 21.21 -132.09 -45.23
N VAL BA 65 20.28 -132.06 -46.17
CA VAL BA 65 19.14 -131.15 -46.06
C VAL BA 65 18.30 -131.53 -44.86
N ALA BA 66 18.05 -130.56 -43.97
CA ALA BA 66 17.33 -130.84 -42.75
C ALA BA 66 15.84 -130.93 -43.01
N LEU BA 67 15.20 -131.96 -42.46
CA LEU BA 67 13.76 -132.16 -42.59
C LEU BA 67 13.19 -132.55 -41.24
N THR BA 68 11.90 -132.28 -41.07
CA THR BA 68 11.16 -132.69 -39.88
C THR BA 68 10.07 -133.65 -40.37
N VAL BA 69 10.43 -134.93 -40.46
CA VAL BA 69 9.59 -135.93 -41.11
C VAL BA 69 8.77 -136.65 -40.05
N THR BA 70 7.46 -136.70 -40.25
CA THR BA 70 6.54 -137.43 -39.39
C THR BA 70 6.04 -138.66 -40.13
N GLY BA 71 5.94 -139.79 -39.41
CA GLY BA 71 5.59 -141.05 -40.02
C GLY BA 71 4.40 -141.72 -39.34
N VAL BA 72 3.93 -142.80 -39.96
CA VAL BA 72 2.93 -143.69 -39.37
C VAL BA 72 3.34 -145.13 -39.67
N ALA BA 73 3.26 -145.98 -38.66
CA ALA BA 73 3.61 -147.39 -38.79
C ALA BA 73 2.55 -148.24 -38.09
N GLN BA 74 2.28 -149.40 -38.67
CA GLN BA 74 1.31 -150.35 -38.14
C GLN BA 74 2.05 -151.49 -37.46
N VAL BA 75 1.82 -151.65 -36.16
CA VAL BA 75 2.54 -152.63 -35.35
C VAL BA 75 1.55 -153.45 -34.55
N LYS BA 76 1.82 -154.75 -34.47
CA LYS BA 76 0.98 -155.69 -33.72
C LYS BA 76 1.84 -156.85 -33.26
N ILE BA 77 1.55 -157.36 -32.06
CA ILE BA 77 2.24 -158.53 -31.56
C ILE BA 77 1.89 -159.75 -32.40
N MET BA 78 2.90 -160.50 -32.81
CA MET BA 78 2.71 -161.60 -33.74
C MET BA 78 2.07 -162.81 -33.03
N THR BA 79 1.79 -163.86 -33.79
CA THR BA 79 1.13 -165.06 -33.29
C THR BA 79 1.88 -166.32 -33.71
N GLU BA 80 3.19 -166.22 -33.95
CA GLU BA 80 4.01 -167.37 -34.30
C GLU BA 80 4.14 -168.31 -33.11
N LYS BA 81 4.89 -169.40 -33.30
CA LYS BA 81 5.06 -170.41 -32.27
C LYS BA 81 6.27 -170.12 -31.36
N GLU BA 82 7.47 -170.08 -31.94
CA GLU BA 82 8.66 -169.85 -31.13
C GLU BA 82 8.84 -168.38 -30.77
N LEU BA 83 8.36 -167.47 -31.62
CA LEU BA 83 8.47 -166.04 -31.31
C LEU BA 83 7.56 -165.64 -30.15
N LEU BA 84 6.44 -166.34 -29.97
CA LEU BA 84 5.57 -166.01 -28.84
C LEU BA 84 6.15 -166.48 -27.52
N ALA BA 85 7.09 -167.44 -27.53
CA ALA BA 85 7.84 -167.70 -26.31
C ALA BA 85 8.59 -166.45 -25.88
N VAL BA 86 9.25 -165.79 -26.83
CA VAL BA 86 9.95 -164.53 -26.53
C VAL BA 86 8.96 -163.46 -26.13
N ALA BA 87 7.83 -163.39 -26.82
CA ALA BA 87 6.82 -162.38 -26.52
C ALA BA 87 6.31 -162.52 -25.10
N CYS BA 88 6.05 -163.76 -24.66
CA CYS BA 88 5.54 -164.00 -23.32
C CYS BA 88 6.62 -163.79 -22.27
N GLU BA 89 7.85 -164.22 -22.55
CA GLU BA 89 8.94 -164.01 -21.61
C GLU BA 89 9.48 -162.59 -21.63
N GLN BA 90 8.95 -161.73 -22.50
CA GLN BA 90 9.58 -160.46 -22.79
C GLN BA 90 8.97 -159.28 -22.06
N PHE BA 91 7.68 -159.02 -22.25
CA PHE BA 91 7.16 -157.69 -21.97
C PHE BA 91 6.11 -157.64 -20.86
N LEU BA 92 5.03 -158.39 -20.99
CA LEU BA 92 3.90 -158.27 -20.07
C LEU BA 92 4.34 -158.51 -18.63
N GLY BA 93 3.61 -157.94 -17.68
CA GLY BA 93 2.34 -157.25 -17.91
C GLY BA 93 2.37 -155.74 -17.91
N LYS BA 94 3.38 -155.15 -18.54
CA LYS BA 94 3.40 -153.71 -18.72
C LYS BA 94 2.29 -153.29 -19.67
N ASN BA 95 1.67 -152.15 -19.41
CA ASN BA 95 0.41 -151.78 -20.05
C ASN BA 95 0.65 -151.26 -21.47
N VAL BA 96 -0.46 -150.93 -22.15
CA VAL BA 96 -0.42 -150.56 -23.56
C VAL BA 96 0.43 -149.33 -23.79
N GLN BA 97 0.39 -148.37 -22.87
CA GLN BA 97 1.23 -147.20 -23.00
C GLN BA 97 2.70 -147.59 -23.04
N ASP BA 98 3.06 -148.66 -22.34
CA ASP BA 98 4.45 -149.11 -22.36
C ASP BA 98 4.82 -149.71 -23.71
N ILE BA 99 3.94 -150.51 -24.30
CA ILE BA 99 4.20 -150.99 -25.67
C ILE BA 99 4.40 -149.81 -26.60
N LYS BA 100 3.46 -148.87 -26.57
CA LYS BA 100 3.49 -147.79 -27.56
C LYS BA 100 4.72 -146.91 -27.37
N ASN BA 101 5.10 -146.61 -26.12
CA ASN BA 101 6.29 -145.80 -25.90
C ASN BA 101 7.55 -146.51 -26.36
N VAL BA 102 7.71 -147.79 -25.97
CA VAL BA 102 8.93 -148.50 -26.34
C VAL BA 102 9.04 -148.59 -27.86
N VAL BA 103 7.95 -148.99 -28.53
CA VAL BA 103 8.00 -149.12 -29.98
C VAL BA 103 8.18 -147.76 -30.63
N LEU BA 104 7.64 -146.71 -30.01
CA LEU BA 104 7.78 -145.37 -30.55
C LEU BA 104 9.23 -144.94 -30.57
N GLN BA 105 9.94 -145.07 -29.46
CA GLN BA 105 11.35 -144.69 -29.46
C GLN BA 105 12.18 -145.56 -30.39
N THR BA 106 11.97 -146.88 -30.37
CA THR BA 106 12.84 -147.71 -31.19
C THR BA 106 12.61 -147.48 -32.69
N LEU BA 107 11.34 -147.37 -33.11
CA LEU BA 107 11.07 -147.07 -34.50
C LEU BA 107 11.42 -145.63 -34.85
N GLU BA 108 11.43 -144.73 -33.87
CA GLU BA 108 11.92 -143.39 -34.11
C GLU BA 108 13.39 -143.43 -34.52
N GLY BA 109 14.21 -144.13 -33.73
CA GLY BA 109 15.60 -144.28 -34.08
C GLY BA 109 15.79 -144.95 -35.42
N HIS BA 110 15.05 -146.04 -35.67
CA HIS BA 110 15.21 -146.77 -36.91
C HIS BA 110 14.79 -145.93 -38.11
N LEU BA 111 13.69 -145.19 -37.98
CA LEU BA 111 13.20 -144.35 -39.06
C LEU BA 111 14.17 -143.22 -39.37
N ARG BA 112 14.69 -142.56 -38.34
CA ARG BA 112 15.68 -141.52 -38.58
C ARG BA 112 16.92 -142.11 -39.25
N SER BA 113 17.35 -143.29 -38.80
CA SER BA 113 18.52 -143.93 -39.38
C SER BA 113 18.33 -144.20 -40.86
N ILE BA 114 17.22 -144.84 -41.23
CA ILE BA 114 17.00 -145.15 -42.64
C ILE BA 114 16.77 -143.87 -43.44
N LEU BA 115 16.14 -142.86 -42.84
CA LEU BA 115 15.97 -141.59 -43.53
C LEU BA 115 17.31 -140.97 -43.87
N GLY BA 116 18.26 -141.06 -42.94
CA GLY BA 116 19.62 -140.66 -43.26
C GLY BA 116 20.26 -141.54 -44.31
N THR BA 117 19.84 -142.81 -44.38
CA THR BA 117 20.44 -143.74 -45.33
C THR BA 117 20.19 -143.31 -46.78
N LEU BA 118 18.98 -142.88 -47.10
CA LEU BA 118 18.67 -142.49 -48.47
C LEU BA 118 18.66 -140.97 -48.59
N THR BA 119 18.65 -140.50 -49.83
CA THR BA 119 18.68 -139.07 -50.11
C THR BA 119 17.27 -138.49 -50.17
N VAL BA 120 17.20 -137.16 -50.16
CA VAL BA 120 15.94 -136.46 -50.20
C VAL BA 120 15.24 -136.60 -51.56
N GLU BA 121 16.01 -136.75 -52.65
CA GLU BA 121 15.38 -136.98 -53.95
C GLU BA 121 14.61 -138.29 -53.95
N GLN BA 122 15.16 -139.32 -53.31
CA GLN BA 122 14.45 -140.60 -53.21
C GLN BA 122 13.20 -140.50 -52.35
N ILE BA 123 13.27 -139.81 -51.21
CA ILE BA 123 12.07 -139.65 -50.38
C ILE BA 123 11.07 -138.76 -51.10
N TYR BA 124 11.52 -138.00 -52.09
CA TYR BA 124 10.62 -137.20 -52.91
C TYR BA 124 9.89 -138.06 -53.94
N GLN BA 125 10.66 -138.74 -54.81
CA GLN BA 125 10.07 -139.47 -55.93
C GLN BA 125 9.55 -140.84 -55.50
N ASP BA 126 10.44 -141.72 -55.04
CA ASP BA 126 10.10 -143.12 -54.76
C ASP BA 126 10.18 -143.35 -53.25
N ARG BA 127 9.07 -143.08 -52.58
CA ARG BA 127 8.98 -143.35 -51.14
C ARG BA 127 8.15 -144.58 -50.82
N ASP BA 128 7.45 -145.16 -51.79
CA ASP BA 128 6.92 -146.51 -51.61
C ASP BA 128 8.06 -147.52 -51.49
N GLN BA 129 9.07 -147.38 -52.34
CA GLN BA 129 10.28 -148.19 -52.19
C GLN BA 129 11.01 -147.83 -50.90
N PHE BA 130 10.90 -146.59 -50.44
CA PHE BA 130 11.45 -146.24 -49.14
C PHE BA 130 10.81 -147.05 -48.04
N ALA BA 131 9.48 -147.17 -48.05
CA ALA BA 131 8.80 -148.00 -47.06
C ALA BA 131 9.14 -149.47 -47.24
N LYS BA 132 9.30 -149.92 -48.49
CA LYS BA 132 9.67 -151.31 -48.73
C LYS BA 132 11.04 -151.63 -48.14
N LEU BA 133 11.98 -150.68 -48.24
CA LEU BA 133 13.28 -150.85 -47.60
C LEU BA 133 13.19 -150.69 -46.09
N VAL BA 134 12.27 -149.85 -45.60
CA VAL BA 134 12.05 -149.76 -44.16
C VAL BA 134 11.63 -151.11 -43.60
N ARG BA 135 10.74 -151.79 -44.31
CA ARG BA 135 10.39 -153.15 -43.93
C ARG BA 135 11.61 -154.05 -43.92
N GLU BA 136 12.38 -154.06 -45.02
CA GLU BA 136 13.55 -154.92 -45.14
C GLU BA 136 14.56 -154.71 -44.02
N VAL BA 137 14.71 -153.48 -43.53
CA VAL BA 137 15.68 -153.21 -42.47
C VAL BA 137 15.08 -153.28 -41.07
N ALA BA 138 13.76 -153.14 -40.90
CA ALA BA 138 13.17 -153.07 -39.57
C ALA BA 138 12.60 -154.42 -39.12
N ALA BA 139 12.20 -155.27 -40.06
CA ALA BA 139 11.79 -156.63 -39.71
C ALA BA 139 12.85 -157.41 -38.95
N PRO BA 140 14.13 -157.38 -39.31
CA PRO BA 140 15.12 -158.15 -38.54
C PRO BA 140 15.25 -157.74 -37.08
N ASP BA 141 14.98 -156.49 -36.72
CA ASP BA 141 15.17 -156.05 -35.34
C ASP BA 141 13.86 -155.81 -34.60
N VAL BA 142 12.87 -155.18 -35.22
CA VAL BA 142 11.59 -154.97 -34.55
C VAL BA 142 10.88 -156.29 -34.29
N GLY BA 143 11.16 -157.32 -35.09
CA GLY BA 143 10.59 -158.63 -34.85
C GLY BA 143 11.26 -159.40 -33.73
N ARG BA 144 12.41 -158.93 -33.25
CA ARG BA 144 13.10 -159.63 -32.17
C ARG BA 144 12.30 -159.61 -30.89
N MET BA 145 11.67 -158.48 -30.57
CA MET BA 145 10.80 -158.37 -29.41
C MET BA 145 9.36 -158.77 -29.71
N GLY BA 146 9.12 -159.49 -30.81
CA GLY BA 146 7.81 -160.02 -31.12
C GLY BA 146 6.83 -159.05 -31.72
N ILE BA 147 7.27 -157.86 -32.13
CA ILE BA 147 6.38 -156.86 -32.70
C ILE BA 147 6.47 -156.91 -34.21
N GLU BA 148 5.33 -157.12 -34.87
CA GLU BA 148 5.28 -157.16 -36.31
C GLU BA 148 5.04 -155.76 -36.88
N ILE BA 149 5.37 -155.59 -38.16
CA ILE BA 149 5.18 -154.31 -38.84
C ILE BA 149 4.21 -154.50 -39.98
N LEU BA 150 2.92 -154.25 -39.72
CA LEU BA 150 1.90 -154.45 -40.74
C LEU BA 150 2.06 -153.47 -41.89
N SER BA 151 2.36 -152.21 -41.58
CA SER BA 151 2.53 -151.19 -42.61
C SER BA 151 3.47 -150.11 -42.10
N PHE BA 152 4.04 -149.36 -43.04
CA PHE BA 152 4.97 -148.29 -42.71
C PHE BA 152 4.95 -147.24 -43.81
N THR BA 153 4.92 -145.98 -43.41
CA THR BA 153 5.11 -144.85 -44.31
C THR BA 153 5.29 -143.60 -43.47
N ILE BA 154 5.42 -142.46 -44.15
CA ILE BA 154 5.68 -141.17 -43.49
C ILE BA 154 4.45 -140.29 -43.65
N LYS BA 155 4.06 -139.62 -42.57
CA LYS BA 155 2.83 -138.84 -42.55
C LYS BA 155 2.99 -137.52 -43.31
N ASP BA 156 3.93 -136.69 -42.87
CA ASP BA 156 4.13 -135.40 -43.51
C ASP BA 156 5.60 -135.01 -43.39
N VAL BA 157 6.04 -134.17 -44.32
CA VAL BA 157 7.41 -133.70 -44.37
C VAL BA 157 7.40 -132.17 -44.34
N TYR BA 158 8.22 -131.59 -43.48
CA TYR BA 158 8.32 -130.14 -43.34
C TYR BA 158 9.78 -129.73 -43.32
N ASP BA 159 10.06 -128.58 -43.92
CA ASP BA 159 11.43 -128.07 -44.02
C ASP BA 159 11.49 -126.61 -43.59
N LYS BA 160 12.60 -126.24 -42.97
CA LYS BA 160 12.87 -124.86 -42.61
C LYS BA 160 13.70 -124.12 -43.65
N VAL BA 161 14.45 -124.85 -44.48
CA VAL BA 161 15.24 -124.26 -45.56
C VAL BA 161 14.54 -124.44 -46.91
N ASP BA 162 13.20 -124.56 -46.90
CA ASP BA 162 12.31 -124.56 -48.06
C ASP BA 162 12.91 -125.28 -49.27
N TYR BA 163 13.15 -126.58 -49.09
CA TYR BA 163 13.57 -127.45 -50.19
C TYR BA 163 12.44 -127.64 -51.21
N LEU BA 164 11.32 -128.21 -50.76
CA LEU BA 164 10.26 -128.60 -51.68
C LEU BA 164 9.60 -127.40 -52.33
N SER BA 165 9.43 -126.31 -51.57
CA SER BA 165 8.86 -125.10 -52.15
C SER BA 165 9.76 -124.57 -53.26
N SER BA 166 11.08 -124.63 -53.06
CA SER BA 166 12.00 -124.25 -54.11
C SER BA 166 11.89 -125.20 -55.30
N LEU BA 167 11.71 -126.49 -55.04
CA LEU BA 167 11.60 -127.46 -56.13
C LEU BA 167 10.34 -127.24 -56.96
N GLY BA 168 9.27 -126.73 -56.35
CA GLY BA 168 8.04 -126.46 -57.09
C GLY BA 168 8.12 -125.25 -57.99
N LYS BA 169 9.12 -124.40 -57.74
CA LYS BA 169 9.30 -123.18 -58.53
C LYS BA 169 9.55 -123.49 -60.00
N THR BA 170 10.09 -124.68 -60.30
CA THR BA 170 10.49 -124.99 -61.67
C THR BA 170 9.28 -124.99 -62.61
N GLN BA 171 8.16 -125.53 -62.15
CA GLN BA 171 6.98 -125.62 -63.00
C GLN BA 171 5.83 -124.73 -62.55
N THR BA 172 5.93 -124.11 -61.36
CA THR BA 172 4.85 -123.20 -60.96
C THR BA 172 4.74 -122.01 -61.89
N ALA BA 173 5.75 -121.76 -62.72
CA ALA BA 173 5.72 -120.67 -63.68
C ALA BA 173 5.53 -121.14 -65.11
N VAL BA 174 5.76 -122.42 -65.40
CA VAL BA 174 5.57 -122.93 -66.75
C VAL BA 174 4.11 -122.81 -67.18
N VAL BA 175 3.19 -123.20 -66.30
CA VAL BA 175 1.77 -123.04 -66.60
C VAL BA 175 1.42 -121.56 -66.69
N GLN BA 176 2.05 -120.73 -65.86
CA GLN BA 176 1.85 -119.29 -65.98
C GLN BA 176 2.40 -118.78 -67.30
N ARG BA 177 3.53 -119.33 -67.75
CA ARG BA 177 4.05 -118.99 -69.07
C ARG BA 177 3.03 -119.29 -70.16
N ASP BA 178 2.49 -120.50 -70.15
CA ASP BA 178 1.52 -120.88 -71.18
C ASP BA 178 0.26 -120.02 -71.11
N ALA BA 179 -0.22 -119.73 -69.89
CA ALA BA 179 -1.40 -118.90 -69.74
C ALA BA 179 -1.17 -117.49 -70.28
N ASP BA 180 0.00 -116.91 -69.99
CA ASP BA 180 0.31 -115.59 -70.51
C ASP BA 180 0.39 -115.61 -72.03
N ILE BA 181 0.99 -116.65 -72.60
CA ILE BA 181 1.07 -116.74 -74.06
C ILE BA 181 -0.33 -116.80 -74.67
N GLY BA 182 -1.20 -117.63 -74.08
CA GLY BA 182 -2.54 -117.77 -74.61
C GLY BA 182 -3.35 -116.48 -74.52
N VAL BA 183 -3.27 -115.82 -73.36
CA VAL BA 183 -4.04 -114.59 -73.19
C VAL BA 183 -3.51 -113.50 -74.12
N ALA BA 184 -2.18 -113.47 -74.33
CA ALA BA 184 -1.62 -112.49 -75.25
C ALA BA 184 -2.11 -112.72 -76.68
N GLU BA 185 -2.11 -113.99 -77.12
CA GLU BA 185 -2.58 -114.29 -78.47
C GLU BA 185 -4.06 -113.94 -78.62
N ALA BA 186 -4.87 -114.26 -77.60
CA ALA BA 186 -6.30 -113.98 -77.68
C ALA BA 186 -6.55 -112.47 -77.76
N GLU BA 187 -5.85 -111.70 -76.92
CA GLU BA 187 -6.01 -110.25 -76.96
C GLU BA 187 -5.55 -109.68 -78.29
N ARG BA 188 -4.48 -110.25 -78.87
CA ARG BA 188 -4.02 -109.80 -80.18
C ARG BA 188 -5.09 -110.00 -81.24
N ASP BA 189 -5.71 -111.20 -81.26
CA ASP BA 189 -6.74 -111.47 -82.25
C ASP BA 189 -7.94 -110.56 -82.06
N ALA BA 190 -8.38 -110.39 -80.81
CA ALA BA 190 -9.51 -109.51 -80.54
C ALA BA 190 -9.21 -108.10 -81.02
N GLY BA 191 -8.03 -107.58 -80.69
CA GLY BA 191 -7.69 -106.22 -81.08
C GLY BA 191 -7.62 -106.04 -82.58
N ILE BA 192 -6.99 -106.99 -83.28
CA ILE BA 192 -6.89 -106.85 -84.73
C ILE BA 192 -8.27 -106.84 -85.37
N ARG BA 193 -9.15 -107.76 -84.99
CA ARG BA 193 -10.37 -107.85 -85.76
C ARG BA 193 -11.31 -106.72 -85.37
N GLU BA 194 -11.25 -106.28 -84.11
CA GLU BA 194 -12.02 -105.12 -83.68
C GLU BA 194 -11.57 -103.85 -84.40
N ALA BA 195 -10.27 -103.69 -84.60
CA ALA BA 195 -9.78 -102.55 -85.36
C ALA BA 195 -10.28 -102.60 -86.79
N GLU BA 196 -10.31 -103.80 -87.39
CA GLU BA 196 -10.86 -103.93 -88.73
C GLU BA 196 -12.32 -103.50 -88.77
N CYS BA 197 -13.12 -103.94 -87.79
CA CYS BA 197 -14.53 -103.55 -87.75
C CYS BA 197 -14.69 -102.03 -87.62
N LYS BA 198 -13.90 -101.43 -86.73
CA LYS BA 198 -13.97 -99.99 -86.52
C LYS BA 198 -13.62 -99.25 -87.80
N LYS BA 199 -12.60 -99.74 -88.52
CA LYS BA 199 -12.20 -99.13 -89.79
C LYS BA 199 -13.35 -99.17 -90.80
N GLU BA 200 -13.96 -100.34 -90.98
CA GLU BA 200 -15.03 -100.44 -91.96
C GLU BA 200 -16.21 -99.53 -91.61
N MET BA 201 -16.60 -99.51 -90.32
CA MET BA 201 -17.75 -98.71 -89.94
C MET BA 201 -17.46 -97.22 -90.09
N LEU BA 202 -16.23 -96.79 -89.77
CA LEU BA 202 -15.87 -95.39 -90.01
C LEU BA 202 -15.90 -95.04 -91.49
N ASP BA 203 -15.41 -95.93 -92.36
CA ASP BA 203 -15.45 -95.61 -93.78
C ASP BA 203 -16.88 -95.41 -94.26
N VAL BA 204 -17.79 -96.31 -93.87
CA VAL BA 204 -19.16 -96.15 -94.34
C VAL BA 204 -19.81 -94.92 -93.73
N LYS BA 205 -19.55 -94.65 -92.44
CA LYS BA 205 -20.13 -93.47 -91.81
C LYS BA 205 -19.66 -92.19 -92.47
N PHE BA 206 -18.37 -92.13 -92.85
CA PHE BA 206 -17.86 -90.94 -93.51
C PHE BA 206 -18.40 -90.80 -94.92
N MET BA 207 -18.64 -91.92 -95.62
CA MET BA 207 -19.30 -91.81 -96.92
C MET BA 207 -20.71 -91.23 -96.78
N ALA BA 208 -21.46 -91.71 -95.79
CA ALA BA 208 -22.80 -91.19 -95.56
C ALA BA 208 -22.75 -89.71 -95.20
N ASP BA 209 -21.79 -89.31 -94.35
CA ASP BA 209 -21.66 -87.91 -93.99
C ASP BA 209 -21.27 -87.05 -95.20
N THR BA 210 -20.47 -87.59 -96.11
CA THR BA 210 -20.13 -86.87 -97.34
C THR BA 210 -21.39 -86.62 -98.17
N LYS BA 211 -22.24 -87.64 -98.30
CA LYS BA 211 -23.49 -87.43 -99.03
C LYS BA 211 -24.38 -86.40 -98.34
N ILE BA 212 -24.44 -86.43 -97.01
CA ILE BA 212 -25.22 -85.44 -96.27
C ILE BA 212 -24.68 -84.04 -96.52
N ALA BA 213 -23.35 -83.89 -96.51
CA ALA BA 213 -22.74 -82.59 -96.78
C ALA BA 213 -23.07 -82.11 -98.17
N ASP BA 214 -23.08 -83.02 -99.16
CA ASP BA 214 -23.43 -82.63 -100.52
C ASP BA 214 -24.88 -82.11 -100.57
N SER BA 215 -25.80 -82.83 -99.93
CA SER BA 215 -27.19 -82.38 -99.91
C SER BA 215 -27.33 -81.03 -99.22
N LYS BA 216 -26.61 -80.84 -98.11
CA LYS BA 216 -26.65 -79.57 -97.40
C LYS BA 216 -26.12 -78.44 -98.27
N ARG BA 217 -25.04 -78.70 -99.02
CA ARG BA 217 -24.49 -77.69 -99.91
C ARG BA 217 -25.49 -77.31 -100.98
N ALA BA 218 -26.15 -78.30 -101.59
CA ALA BA 218 -27.14 -78.00 -102.62
C ALA BA 218 -28.28 -77.15 -102.05
N PHE BA 219 -28.77 -77.53 -100.86
CA PHE BA 219 -29.87 -76.79 -100.26
C PHE BA 219 -29.46 -75.36 -99.94
N GLU BA 220 -28.28 -75.18 -99.34
CA GLU BA 220 -27.83 -73.84 -98.98
C GLU BA 220 -27.62 -72.98 -100.23
N LEU BA 221 -27.06 -73.58 -101.29
CA LEU BA 221 -26.87 -72.82 -102.52
C LEU BA 221 -28.18 -72.35 -103.10
N GLN BA 222 -29.18 -73.25 -103.19
CA GLN BA 222 -30.47 -72.86 -103.73
C GLN BA 222 -31.15 -71.81 -102.86
N LYS BA 223 -31.07 -71.96 -101.53
CA LYS BA 223 -31.71 -71.00 -100.65
C LYS BA 223 -31.07 -69.63 -100.76
N SER BA 224 -29.74 -69.55 -100.81
CA SER BA 224 -29.09 -68.26 -100.98
C SER BA 224 -29.42 -67.65 -102.33
N ALA BA 225 -29.48 -68.47 -103.38
CA ALA BA 225 -29.84 -67.95 -104.69
C ALA BA 225 -31.23 -67.34 -104.67
N PHE BA 226 -32.19 -67.99 -104.01
CA PHE BA 226 -33.53 -67.45 -103.92
C PHE BA 226 -33.56 -66.16 -103.11
N SER BA 227 -32.83 -66.16 -101.99
CA SER BA 227 -32.75 -64.98 -101.15
C SER BA 227 -32.20 -63.79 -101.91
N GLU BA 228 -31.34 -64.04 -102.90
CA GLU BA 228 -30.81 -62.94 -103.71
C GLU BA 228 -31.93 -62.11 -104.34
N GLU BA 229 -32.74 -62.73 -105.19
CA GLU BA 229 -33.77 -61.94 -105.86
C GLU BA 229 -34.89 -61.53 -104.92
N VAL BA 230 -35.17 -62.29 -103.86
CA VAL BA 230 -36.21 -61.82 -102.96
C VAL BA 230 -35.77 -60.54 -102.25
N ASN BA 231 -34.49 -60.47 -101.88
CA ASN BA 231 -33.96 -59.26 -101.26
C ASN BA 231 -33.92 -58.11 -102.27
N ILE BA 232 -33.59 -58.41 -103.53
CA ILE BA 232 -33.60 -57.36 -104.55
C ILE BA 232 -34.99 -56.75 -104.68
N LYS BA 233 -36.01 -57.61 -104.80
CA LYS BA 233 -37.37 -57.12 -104.96
C LYS BA 233 -37.83 -56.34 -103.73
N THR BA 234 -37.50 -56.82 -102.53
CA THR BA 234 -37.84 -56.04 -101.34
C THR BA 234 -37.18 -54.68 -101.39
N ALA BA 235 -35.86 -54.64 -101.60
CA ALA BA 235 -35.14 -53.37 -101.59
C ALA BA 235 -35.76 -52.37 -102.56
N GLU BA 236 -36.25 -52.86 -103.70
CA GLU BA 236 -37.06 -51.98 -104.55
C GLU BA 236 -38.35 -51.55 -103.84
N ALA BA 237 -38.96 -52.46 -103.08
CA ALA BA 237 -40.28 -52.22 -102.51
C ALA BA 237 -40.25 -51.08 -101.50
N GLN BA 238 -39.27 -51.04 -100.59
CA GLN BA 238 -39.30 -49.93 -99.62
C GLN BA 238 -39.15 -48.57 -100.30
N LEU BA 239 -38.25 -48.45 -101.26
CA LEU BA 239 -37.90 -47.13 -101.79
C LEU BA 239 -38.78 -46.69 -102.95
N ALA BA 240 -39.65 -47.55 -103.47
CA ALA BA 240 -40.67 -47.05 -104.40
C ALA BA 240 -41.51 -45.95 -103.76
N TYR BA 241 -41.76 -46.06 -102.45
CA TYR BA 241 -42.52 -45.04 -101.74
C TYR BA 241 -41.84 -43.70 -101.82
N GLU BA 242 -40.54 -43.64 -101.52
CA GLU BA 242 -39.81 -42.38 -101.57
C GLU BA 242 -39.74 -41.85 -103.00
N LEU BA 243 -39.58 -42.74 -103.98
CA LEU BA 243 -39.53 -42.29 -105.36
C LEU BA 243 -40.82 -41.58 -105.75
N GLN BA 244 -41.96 -42.21 -105.49
CA GLN BA 244 -43.23 -41.58 -105.83
C GLN BA 244 -43.47 -40.34 -104.98
N GLY BA 245 -43.00 -40.34 -103.74
CA GLY BA 245 -43.16 -39.16 -102.90
C GLY BA 245 -42.43 -37.95 -103.45
N ALA BA 246 -41.19 -38.15 -103.89
CA ALA BA 246 -40.44 -37.05 -104.51
C ALA BA 246 -41.10 -36.62 -105.82
N ARG BA 247 -41.56 -37.59 -106.62
CA ARG BA 247 -42.21 -37.25 -107.88
C ARG BA 247 -43.44 -36.39 -107.64
N GLU BA 248 -44.21 -36.68 -106.60
CA GLU BA 248 -45.37 -35.84 -106.27
C GLU BA 248 -44.97 -34.52 -105.66
N GLN BA 249 -43.95 -34.51 -104.78
CA GLN BA 249 -43.46 -33.28 -104.19
C GLN BA 249 -43.02 -32.28 -105.25
N GLN BA 250 -42.59 -32.77 -106.42
CA GLN BA 250 -42.34 -31.86 -107.53
C GLN BA 250 -43.52 -30.92 -107.75
N LYS BA 251 -44.70 -31.48 -108.07
CA LYS BA 251 -45.87 -30.65 -108.32
C LYS BA 251 -46.37 -29.96 -107.06
N ILE BA 252 -46.23 -30.61 -105.90
CA ILE BA 252 -46.65 -29.99 -104.65
C ILE BA 252 -45.93 -28.66 -104.47
N ARG BA 253 -44.61 -28.68 -104.60
CA ARG BA 253 -43.84 -27.46 -104.43
C ARG BA 253 -44.03 -26.50 -105.60
N GLN BA 254 -44.27 -27.03 -106.80
CA GLN BA 254 -44.60 -26.18 -107.94
C GLN BA 254 -45.78 -25.28 -107.62
N GLU BA 255 -46.86 -25.85 -107.12
CA GLU BA 255 -48.01 -25.02 -106.76
C GLU BA 255 -47.76 -24.18 -105.50
N GLU BA 256 -47.07 -24.74 -104.50
CA GLU BA 256 -46.77 -23.96 -103.30
C GLU BA 256 -45.98 -22.70 -103.63
N ILE BA 257 -45.16 -22.74 -104.68
CA ILE BA 257 -44.41 -21.55 -105.09
C ILE BA 257 -45.16 -20.72 -106.12
N GLU BA 258 -46.06 -21.30 -106.90
CA GLU BA 258 -46.96 -20.49 -107.72
C GLU BA 258 -47.90 -19.64 -106.88
N ILE BA 259 -48.10 -20.01 -105.61
CA ILE BA 259 -48.88 -19.16 -104.70
C ILE BA 259 -48.38 -17.72 -104.74
N GLU BA 260 -47.12 -17.50 -104.37
CA GLU BA 260 -46.61 -16.13 -104.31
C GLU BA 260 -46.31 -15.55 -105.69
N VAL BA 261 -46.16 -16.39 -106.71
CA VAL BA 261 -46.12 -15.85 -108.07
C VAL BA 261 -47.43 -15.14 -108.39
N VAL BA 262 -48.55 -15.81 -108.12
CA VAL BA 262 -49.85 -15.19 -108.34
C VAL BA 262 -50.03 -13.96 -107.46
N GLN BA 263 -49.56 -14.03 -106.22
CA GLN BA 263 -49.68 -12.89 -105.32
C GLN BA 263 -48.92 -11.67 -105.85
N ARG BA 264 -47.65 -11.87 -106.22
CA ARG BA 264 -46.83 -10.76 -106.70
C ARG BA 264 -47.28 -10.28 -108.07
N LYS BA 265 -48.00 -11.12 -108.83
CA LYS BA 265 -48.50 -10.68 -110.12
C LYS BA 265 -49.47 -9.51 -109.99
N LYS BA 266 -50.27 -9.50 -108.92
CA LYS BA 266 -51.22 -8.42 -108.69
C LYS BA 266 -50.75 -7.42 -107.64
N GLN BA 267 -49.68 -7.73 -106.91
CA GLN BA 267 -48.97 -6.64 -106.25
C GLN BA 267 -48.56 -5.56 -107.23
N ILE BA 268 -48.46 -5.87 -108.52
CA ILE BA 268 -48.21 -4.86 -109.54
C ILE BA 268 -49.33 -3.82 -109.54
N ALA BA 269 -50.58 -4.27 -109.57
CA ALA BA 269 -51.71 -3.34 -109.53
C ALA BA 269 -51.77 -2.63 -108.19
N VAL BA 270 -51.43 -3.34 -107.11
CA VAL BA 270 -51.34 -2.67 -105.81
C VAL BA 270 -50.40 -1.47 -105.89
N GLU BA 271 -49.22 -1.68 -106.47
CA GLU BA 271 -48.23 -0.62 -106.54
C GLU BA 271 -48.65 0.48 -107.51
N ALA BA 272 -49.37 0.14 -108.59
CA ALA BA 272 -49.86 1.18 -109.48
C ALA BA 272 -50.85 2.10 -108.78
N GLN BA 273 -51.79 1.52 -108.04
CA GLN BA 273 -52.71 2.34 -107.25
C GLN BA 273 -51.95 3.15 -106.21
N GLU BA 274 -50.90 2.57 -105.63
CA GLU BA 274 -50.05 3.33 -104.72
C GLU BA 274 -49.36 4.49 -105.42
N ILE BA 275 -48.96 4.31 -106.68
CA ILE BA 275 -48.35 5.40 -107.44
C ILE BA 275 -49.34 6.55 -107.58
N LEU BA 276 -50.58 6.24 -107.96
CA LEU BA 276 -51.58 7.30 -108.08
C LEU BA 276 -51.82 7.99 -106.75
N ARG BA 277 -51.95 7.20 -105.68
CA ARG BA 277 -52.21 7.78 -104.36
C ARG BA 277 -51.07 8.69 -103.92
N THR BA 278 -49.82 8.24 -104.11
CA THR BA 278 -48.69 9.05 -103.67
C THR BA 278 -48.50 10.27 -104.55
N ASP BA 279 -48.87 10.19 -105.83
CA ASP BA 279 -48.86 11.40 -106.65
C ASP BA 279 -49.82 12.44 -106.09
N LYS BA 280 -51.06 12.04 -105.81
CA LYS BA 280 -52.02 12.99 -105.27
C LYS BA 280 -51.61 13.49 -103.88
N GLU BA 281 -51.04 12.60 -103.07
CA GLU BA 281 -50.61 13.00 -101.73
C GLU BA 281 -49.47 14.01 -101.80
N LEU BA 282 -48.50 13.78 -102.68
CA LEU BA 282 -47.42 14.75 -102.84
C LEU BA 282 -47.95 16.08 -103.35
N ILE BA 283 -48.90 16.06 -104.27
CA ILE BA 283 -49.55 17.30 -104.69
C ILE BA 283 -50.08 18.05 -103.46
N ALA BA 284 -51.02 17.42 -102.75
CA ALA BA 284 -51.68 18.08 -101.63
C ALA BA 284 -50.70 18.46 -100.53
N THR BA 285 -49.56 17.78 -100.45
CA THR BA 285 -48.64 18.00 -99.33
C THR BA 285 -47.61 19.07 -99.61
N VAL BA 286 -47.06 19.16 -100.83
CA VAL BA 286 -45.98 20.09 -101.07
C VAL BA 286 -46.27 21.05 -102.22
N ARG BA 287 -47.11 20.64 -103.18
CA ARG BA 287 -47.28 21.47 -104.37
C ARG BA 287 -48.11 22.72 -104.07
N ARG BA 288 -49.20 22.57 -103.31
CA ARG BA 288 -50.07 23.68 -102.96
C ARG BA 288 -49.50 24.53 -101.84
N PRO BA 289 -48.92 23.93 -100.78
CA PRO BA 289 -48.23 24.77 -99.78
C PRO BA 289 -47.14 25.63 -100.37
N ALA BA 290 -46.44 25.17 -101.42
CA ALA BA 290 -45.44 26.01 -102.05
C ALA BA 290 -46.07 27.25 -102.67
N GLU BA 291 -47.20 27.07 -103.36
CA GLU BA 291 -47.88 28.22 -103.95
C GLU BA 291 -48.40 29.16 -102.88
N ALA BA 292 -48.95 28.62 -101.79
CA ALA BA 292 -49.42 29.47 -100.70
C ALA BA 292 -48.26 30.25 -100.08
N GLU BA 293 -47.11 29.59 -99.90
CA GLU BA 293 -45.95 30.28 -99.36
C GLU BA 293 -45.49 31.38 -100.30
N ALA BA 294 -45.50 31.12 -101.61
CA ALA BA 294 -45.12 32.16 -102.57
C ALA BA 294 -46.04 33.36 -102.48
N HIS BA 295 -47.36 33.10 -102.39
CA HIS BA 295 -48.32 34.19 -102.27
C HIS BA 295 -48.09 34.97 -100.98
N ARG BA 296 -47.83 34.28 -99.88
CA ARG BA 296 -47.56 34.94 -98.61
C ARG BA 296 -46.32 35.81 -98.69
N ILE BA 297 -45.25 35.28 -99.28
CA ILE BA 297 -44.02 36.05 -99.39
C ILE BA 297 -44.22 37.30 -100.24
N GLN BA 298 -44.93 37.18 -101.36
CA GLN BA 298 -45.10 38.35 -102.21
C GLN BA 298 -46.02 39.38 -101.57
N GLN BA 299 -47.05 38.94 -100.84
CA GLN BA 299 -47.91 39.88 -100.13
C GLN BA 299 -47.12 40.63 -99.05
N ILE BA 300 -46.35 39.89 -98.25
CA ILE BA 300 -45.59 40.53 -97.19
C ILE BA 300 -44.50 41.44 -97.76
N ALA BA 301 -43.90 41.05 -98.89
CA ALA BA 301 -42.94 41.91 -99.55
C ALA BA 301 -43.58 43.19 -100.04
N GLU BA 302 -44.80 43.11 -100.57
CA GLU BA 302 -45.51 44.32 -100.97
C GLU BA 302 -45.74 45.23 -99.77
N GLY BA 303 -46.20 44.65 -98.66
CA GLY BA 303 -46.40 45.46 -97.46
C GLY BA 303 -45.13 46.14 -96.99
N GLU BA 304 -44.03 45.38 -96.94
CA GLU BA 304 -42.76 45.93 -96.48
C GLU BA 304 -42.24 47.00 -97.42
N LYS BA 305 -42.40 46.80 -98.73
CA LYS BA 305 -41.95 47.79 -99.69
C LYS BA 305 -42.72 49.10 -99.54
N VAL BA 306 -44.04 49.01 -99.39
CA VAL BA 306 -44.82 50.23 -99.19
C VAL BA 306 -44.42 50.93 -97.90
N LYS BA 307 -44.21 50.15 -96.83
CA LYS BA 307 -43.81 50.75 -95.56
C LYS BA 307 -42.47 51.47 -95.69
N GLN BA 308 -41.49 50.83 -96.35
CA GLN BA 308 -40.18 51.45 -96.50
C GLN BA 308 -40.24 52.68 -97.37
N VAL BA 309 -41.03 52.65 -98.44
CA VAL BA 309 -41.16 53.83 -99.31
C VAL BA 309 -41.77 54.98 -98.55
N LEU BA 310 -42.83 54.71 -97.78
CA LEU BA 310 -43.46 55.77 -97.00
C LEU BA 310 -42.52 56.34 -95.95
N LEU BA 311 -41.79 55.47 -95.26
CA LEU BA 311 -40.83 55.94 -94.25
C LEU BA 311 -39.73 56.78 -94.89
N ALA BA 312 -39.24 56.36 -96.06
CA ALA BA 312 -38.22 57.13 -96.75
C ALA BA 312 -38.74 58.49 -97.19
N GLN BA 313 -39.97 58.54 -97.68
CA GLN BA 313 -40.55 59.83 -98.04
C GLN BA 313 -40.68 60.74 -96.83
N ALA BA 314 -41.13 60.19 -95.71
CA ALA BA 314 -41.25 60.97 -94.48
C ALA BA 314 -39.89 61.51 -94.04
N GLU BA 315 -38.87 60.65 -94.07
CA GLU BA 315 -37.53 61.09 -93.68
C GLU BA 315 -36.99 62.16 -94.62
N ALA BA 316 -37.23 61.99 -95.92
CA ALA BA 316 -36.75 62.96 -96.89
C ALA BA 316 -37.39 64.33 -96.67
N GLU BA 317 -38.70 64.36 -96.43
CA GLU BA 317 -39.34 65.66 -96.24
C GLU BA 317 -38.99 66.24 -94.87
N LYS BA 318 -38.75 65.38 -93.88
CA LYS BA 318 -38.18 65.83 -92.62
C LYS BA 318 -36.87 66.58 -92.85
N ILE BA 319 -35.98 65.97 -93.62
CA ILE BA 319 -34.68 66.59 -93.89
C ILE BA 319 -34.86 67.89 -94.66
N ARG BA 320 -35.77 67.90 -95.64
CA ARG BA 320 -36.00 69.11 -96.42
C ARG BA 320 -36.47 70.26 -95.55
N LYS BA 321 -37.47 70.01 -94.69
CA LYS BA 321 -38.01 71.06 -93.84
C LYS BA 321 -36.99 71.54 -92.82
N ILE BA 322 -36.23 70.61 -92.23
CA ILE BA 322 -35.18 71.00 -91.28
C ILE BA 322 -34.13 71.85 -91.97
N GLY BA 323 -33.74 71.48 -93.19
CA GLY BA 323 -32.76 72.26 -93.92
C GLY BA 323 -33.27 73.65 -94.27
N GLU BA 324 -34.54 73.75 -94.65
CA GLU BA 324 -35.12 75.07 -94.91
C GLU BA 324 -35.12 75.93 -93.65
N ALA BA 325 -35.48 75.34 -92.51
CA ALA BA 325 -35.45 76.09 -91.26
C ALA BA 325 -34.05 76.56 -90.92
N GLU BA 326 -33.05 75.69 -91.10
CA GLU BA 326 -31.67 76.07 -90.82
C GLU BA 326 -31.20 77.17 -91.78
N ALA BA 327 -31.60 77.10 -93.04
CA ALA BA 327 -31.24 78.16 -93.98
C ALA BA 327 -31.85 79.49 -93.56
N ALA BA 328 -33.12 79.46 -93.13
CA ALA BA 328 -33.77 80.69 -92.70
C ALA BA 328 -33.08 81.30 -91.48
N VAL BA 329 -32.75 80.47 -90.50
CA VAL BA 329 -32.11 81.01 -89.29
C VAL BA 329 -30.71 81.50 -89.61
N ILE BA 330 -29.99 80.82 -90.49
CA ILE BA 330 -28.65 81.26 -90.86
C ILE BA 330 -28.72 82.60 -91.59
N GLU BA 331 -29.68 82.76 -92.48
CA GLU BA 331 -29.84 84.05 -93.16
C GLU BA 331 -30.21 85.14 -92.17
N ALA BA 332 -31.02 84.83 -91.15
CA ALA BA 332 -31.33 85.80 -90.12
C ALA BA 332 -30.09 86.22 -89.34
N MET BA 333 -29.25 85.25 -88.97
CA MET BA 333 -27.97 85.56 -88.33
C MET BA 333 -27.11 86.44 -89.22
N GLY BA 334 -27.09 86.16 -90.52
CA GLY BA 334 -26.32 87.02 -91.42
C GLY BA 334 -26.84 88.44 -91.44
N LYS BA 335 -28.16 88.59 -91.54
CA LYS BA 335 -28.78 89.91 -91.48
C LYS BA 335 -28.32 90.64 -90.23
N ALA BA 336 -28.48 90.00 -89.07
CA ALA BA 336 -28.21 90.67 -87.79
C ALA BA 336 -26.73 90.99 -87.62
N GLU BA 337 -25.86 90.02 -87.89
CA GLU BA 337 -24.44 90.23 -87.66
C GLU BA 337 -23.86 91.24 -88.63
N ALA BA 338 -24.32 91.24 -89.89
CA ALA BA 338 -23.87 92.24 -90.83
C ALA BA 338 -24.35 93.62 -90.43
N GLU BA 339 -25.59 93.74 -89.94
CA GLU BA 339 -26.05 95.04 -89.46
C GLU BA 339 -25.22 95.49 -88.26
N ARG BA 340 -24.86 94.55 -87.38
CA ARG BA 340 -24.00 94.88 -86.24
C ARG BA 340 -22.67 95.43 -86.70
N MET BA 341 -22.02 94.74 -87.62
CA MET BA 341 -20.71 95.18 -88.10
C MET BA 341 -20.81 96.52 -88.83
N LYS BA 342 -21.86 96.71 -89.62
CA LYS BA 342 -22.03 97.96 -90.34
C LYS BA 342 -22.20 99.11 -89.37
N LEU BA 343 -23.06 98.96 -88.36
CA LEU BA 343 -23.26 100.03 -87.40
C LEU BA 343 -22.01 100.29 -86.57
N LYS BA 344 -21.24 99.24 -86.29
CA LYS BA 344 -20.01 99.40 -85.53
C LYS BA 344 -18.93 100.08 -86.38
N ALA BA 345 -19.07 100.02 -87.69
CA ALA BA 345 -18.10 100.67 -88.58
C ALA BA 345 -18.03 102.17 -88.38
N GLU BA 346 -19.18 102.86 -88.43
CA GLU BA 346 -19.16 104.30 -88.19
C GLU BA 346 -18.73 104.62 -86.77
N ALA BA 347 -19.04 103.73 -85.82
CA ALA BA 347 -18.58 103.95 -84.45
C ALA BA 347 -17.06 103.97 -84.37
N TYR BA 348 -16.41 102.99 -85.01
CA TYR BA 348 -14.95 103.00 -85.03
C TYR BA 348 -14.39 104.14 -85.86
N GLN BA 349 -15.15 104.62 -86.84
CA GLN BA 349 -14.62 105.65 -87.73
C GLN BA 349 -14.39 106.96 -86.98
N LYS BA 350 -15.06 107.14 -85.84
CA LYS BA 350 -14.97 108.42 -85.12
C LYS BA 350 -13.98 108.36 -83.96
N TYR BA 351 -13.05 107.42 -84.01
CA TYR BA 351 -12.05 107.23 -82.96
C TYR BA 351 -10.86 108.14 -83.20
N GLY BA 352 -10.41 108.82 -82.14
CA GLY BA 352 -9.24 109.67 -82.18
C GLY BA 352 -8.02 108.97 -81.63
N ASP BA 353 -7.01 109.77 -81.28
CA ASP BA 353 -5.81 109.21 -80.67
C ASP BA 353 -6.10 108.64 -79.29
N ALA BA 354 -6.86 109.38 -78.48
CA ALA BA 354 -7.13 108.94 -77.12
C ALA BA 354 -7.91 107.63 -77.09
N ALA BA 355 -8.87 107.49 -78.00
CA ALA BA 355 -9.68 106.26 -78.02
C ALA BA 355 -8.85 105.05 -78.43
N LYS BA 356 -7.96 105.20 -79.41
CA LYS BA 356 -7.05 104.11 -79.77
C LYS BA 356 -6.12 103.78 -78.62
N MET BA 357 -5.65 104.80 -77.90
CA MET BA 357 -4.84 104.56 -76.71
C MET BA 357 -5.62 103.76 -75.69
N ALA BA 358 -6.90 104.10 -75.50
CA ALA BA 358 -7.75 103.35 -74.58
C ALA BA 358 -7.88 101.89 -75.00
N LEU BA 359 -8.06 101.66 -76.30
CA LEU BA 359 -8.17 100.28 -76.80
C LEU BA 359 -6.89 99.50 -76.50
N VAL BA 360 -5.74 100.10 -76.79
CA VAL BA 360 -4.48 99.39 -76.56
C VAL BA 360 -4.28 99.13 -75.07
N LEU BA 361 -4.56 100.12 -74.22
CA LEU BA 361 -4.38 99.94 -72.79
C LEU BA 361 -5.32 98.88 -72.25
N GLU BA 362 -6.55 98.82 -72.78
CA GLU BA 362 -7.48 97.78 -72.34
C GLU BA 362 -7.01 96.41 -72.79
N ALA BA 363 -6.42 96.31 -73.97
CA ALA BA 363 -5.95 95.02 -74.46
C ALA BA 363 -4.72 94.54 -73.70
N LEU BA 364 -3.90 95.47 -73.23
CA LEU BA 364 -2.60 95.11 -72.62
C LEU BA 364 -2.70 94.14 -71.45
N PRO BA 365 -3.56 94.34 -70.44
CA PRO BA 365 -3.54 93.41 -69.30
C PRO BA 365 -3.88 91.98 -69.66
N GLN BA 366 -4.79 91.75 -70.62
CA GLN BA 366 -5.11 90.38 -71.00
C GLN BA 366 -3.92 89.70 -71.68
N ILE BA 367 -3.23 90.42 -72.56
CA ILE BA 367 -2.04 89.87 -73.21
C ILE BA 367 -0.97 89.58 -72.17
N ALA BA 368 -0.79 90.50 -71.22
CA ALA BA 368 0.21 90.30 -70.18
C ALA BA 368 -0.12 89.08 -69.33
N ALA BA 369 -1.40 88.90 -69.00
CA ALA BA 369 -1.81 87.72 -68.24
C ALA BA 369 -1.53 86.44 -69.02
N LYS BA 370 -1.80 86.47 -70.33
CA LYS BA 370 -1.56 85.28 -71.14
C LYS BA 370 -0.07 84.95 -71.22
N ILE BA 371 0.78 85.96 -71.43
CA ILE BA 371 2.21 85.71 -71.58
C ILE BA 371 2.82 85.24 -70.27
N ALA BA 372 2.36 85.77 -69.14
CA ALA BA 372 2.93 85.43 -67.85
C ALA BA 372 2.44 84.11 -67.29
N ALA BA 373 1.44 83.49 -67.93
CA ALA BA 373 0.91 82.23 -67.41
C ALA BA 373 1.97 81.14 -67.24
N PRO BA 374 2.92 80.93 -68.15
CA PRO BA 374 3.95 79.91 -67.90
C PRO BA 374 4.81 80.18 -66.67
N LEU BA 375 4.86 81.44 -66.22
CA LEU BA 375 5.70 81.77 -65.08
C LEU BA 375 5.12 81.23 -63.78
N THR BA 376 3.88 80.72 -63.82
CA THR BA 376 3.21 80.23 -62.64
C THR BA 376 3.91 79.01 -62.04
N LYS BA 377 4.54 78.20 -62.88
CA LYS BA 377 5.08 76.92 -62.47
C LYS BA 377 6.54 76.97 -62.07
N VAL BA 378 7.10 78.17 -61.86
CA VAL BA 378 8.49 78.26 -61.43
C VAL BA 378 8.65 77.64 -60.05
N ASP BA 379 9.72 76.85 -59.90
CA ASP BA 379 9.98 76.15 -58.64
C ASP BA 379 10.91 76.93 -57.72
N GLU BA 380 12.09 77.28 -58.20
CA GLU BA 380 13.05 78.00 -57.38
C GLU BA 380 13.85 78.94 -58.27
N ILE BA 381 14.35 80.02 -57.67
CA ILE BA 381 15.09 81.03 -58.38
C ILE BA 381 16.44 81.20 -57.70
N VAL BA 382 17.52 81.17 -58.48
CA VAL BA 382 18.87 81.39 -57.97
C VAL BA 382 19.44 82.61 -58.67
N VAL BA 383 19.86 83.60 -57.89
CA VAL BA 383 20.40 84.84 -58.40
C VAL BA 383 21.81 85.02 -57.86
N LEU BA 384 22.75 85.30 -58.76
CA LEU BA 384 24.13 85.62 -58.39
C LEU BA 384 24.51 86.94 -59.01
N SER BA 385 25.38 87.69 -58.33
CA SER BA 385 25.78 89.01 -58.79
C SER BA 385 27.26 89.21 -58.53
N GLY BA 386 27.84 90.17 -59.25
CA GLY BA 386 29.24 90.47 -59.12
C GLY BA 386 30.12 89.54 -59.93
N ASP BA 387 31.15 90.09 -60.58
CA ASP BA 387 32.06 89.30 -61.42
C ASP BA 387 33.20 88.75 -60.57
N ASN BA 388 33.00 87.54 -60.04
CA ASN BA 388 33.99 86.89 -59.20
C ASN BA 388 34.05 85.41 -59.55
N SER BA 389 34.84 84.67 -58.77
CA SER BA 389 35.05 83.26 -59.02
C SER BA 389 33.85 82.44 -58.53
N LYS BA 390 33.92 81.12 -58.75
CA LYS BA 390 32.86 80.19 -58.40
C LYS BA 390 33.29 79.27 -57.25
N VAL BA 391 34.12 79.79 -56.35
CA VAL BA 391 34.64 78.99 -55.24
C VAL BA 391 33.96 79.36 -53.92
N THR BA 392 33.48 80.59 -53.82
CA THR BA 392 32.90 81.06 -52.56
C THR BA 392 31.67 80.26 -52.17
N SER BA 393 30.80 79.97 -53.12
CA SER BA 393 29.57 79.19 -52.90
C SER BA 393 28.73 79.94 -51.88
N GLU BA 394 28.24 79.29 -50.82
CA GLU BA 394 27.42 79.96 -49.83
C GLU BA 394 28.18 80.13 -48.51
N MET CA 1 -172.71 -17.09 -0.26
CA MET CA 1 -173.12 -15.92 0.50
C MET CA 1 -172.76 -14.63 -0.22
N PHE CA 2 -173.37 -13.53 0.20
CA PHE CA 2 -173.14 -12.24 -0.45
C PHE CA 2 -171.73 -11.74 -0.16
N PHE CA 3 -171.10 -11.14 -1.17
CA PHE CA 3 -169.74 -10.63 -1.07
C PHE CA 3 -169.74 -9.14 -1.37
N THR CA 4 -169.61 -8.33 -0.32
CA THR CA 4 -169.56 -6.88 -0.49
C THR CA 4 -168.27 -6.46 -1.18
N CYS CA 5 -168.36 -5.35 -1.92
CA CYS CA 5 -167.20 -4.77 -2.57
C CYS CA 5 -167.28 -3.25 -2.46
N GLY CA 6 -166.11 -2.63 -2.43
CA GLY CA 6 -166.05 -1.18 -2.47
C GLY CA 6 -166.25 -0.66 -3.88
N PRO CA 7 -166.13 0.66 -4.02
CA PRO CA 7 -166.18 1.27 -5.34
C PRO CA 7 -164.85 1.44 -6.06
N ASN CA 8 -163.81 0.70 -5.68
CA ASN CA 8 -162.54 0.69 -6.38
C ASN CA 8 -162.24 -0.65 -7.03
N GLU CA 9 -163.18 -1.59 -6.98
CA GLU CA 9 -163.00 -2.89 -7.59
C GLU CA 9 -164.31 -3.33 -8.24
N ALA CA 10 -164.19 -4.15 -9.27
CA ALA CA 10 -165.33 -4.72 -9.97
C ALA CA 10 -165.43 -6.20 -9.65
N MET CA 11 -166.53 -6.60 -9.03
CA MET CA 11 -166.78 -7.99 -8.69
C MET CA 11 -167.60 -8.62 -9.82
N VAL CA 12 -166.93 -9.40 -10.65
CA VAL CA 12 -167.58 -10.15 -11.72
C VAL CA 12 -167.31 -11.63 -11.50
N VAL CA 13 -168.38 -12.42 -11.44
CA VAL CA 13 -168.29 -13.85 -11.13
C VAL CA 13 -169.27 -14.60 -12.01
N SER CA 14 -168.97 -15.87 -12.27
CA SER CA 14 -169.88 -16.77 -12.97
C SER CA 14 -170.43 -17.79 -11.99
N GLY CA 15 -171.75 -17.94 -11.96
CA GLY CA 15 -172.38 -18.86 -11.03
C GLY CA 15 -173.13 -19.99 -11.70
N PHE CA 16 -174.45 -20.00 -11.54
CA PHE CA 16 -175.31 -20.99 -12.18
C PHE CA 16 -176.40 -20.26 -12.94
N CYS CA 17 -176.51 -20.53 -14.23
CA CYS CA 17 -177.52 -19.92 -15.10
C CYS CA 17 -177.45 -18.39 -15.05
N ARG CA 18 -176.25 -17.88 -15.33
CA ARG CA 18 -175.97 -16.45 -15.37
C ARG CA 18 -175.21 -16.11 -16.65
N SER CA 19 -175.72 -16.59 -17.78
CA SER CA 19 -175.02 -16.44 -19.05
C SER CA 19 -174.75 -14.98 -19.44
N PRO CA 20 -175.70 -14.07 -19.37
CA PRO CA 20 -175.37 -12.67 -19.66
C PRO CA 20 -174.35 -12.13 -18.67
N PRO CA 21 -173.51 -11.20 -19.10
CA PRO CA 21 -172.48 -10.68 -18.19
C PRO CA 21 -173.09 -9.96 -17.00
N VAL CA 22 -172.38 -10.02 -15.87
CA VAL CA 22 -172.81 -9.39 -14.63
C VAL CA 22 -171.80 -8.30 -14.28
N MET CA 23 -172.29 -7.07 -14.17
CA MET CA 23 -171.46 -5.90 -13.86
C MET CA 23 -171.77 -5.46 -12.45
N VAL CA 24 -170.94 -5.87 -11.50
CA VAL CA 24 -171.10 -5.52 -10.09
C VAL CA 24 -169.82 -4.87 -9.60
N ALA CA 25 -169.94 -3.63 -9.10
CA ALA CA 25 -168.84 -2.91 -8.47
C ALA CA 25 -169.44 -2.03 -7.39
N GLY CA 26 -169.39 -2.50 -6.14
CA GLY CA 26 -170.04 -1.81 -5.04
C GLY CA 26 -171.41 -2.39 -4.73
N GLY CA 27 -171.47 -3.72 -4.62
CA GLY CA 27 -172.71 -4.39 -4.32
C GLY CA 27 -172.43 -5.74 -3.69
N ARG CA 28 -173.40 -6.64 -3.81
CA ARG CA 28 -173.26 -8.00 -3.28
C ARG CA 28 -173.75 -9.01 -4.31
N VAL CA 29 -173.22 -10.22 -4.23
CA VAL CA 29 -173.62 -11.33 -5.08
C VAL CA 29 -173.66 -12.59 -4.22
N PHE CA 30 -174.79 -13.30 -4.26
CA PHE CA 30 -174.89 -14.60 -3.59
C PHE CA 30 -174.05 -15.62 -4.36
N VAL CA 31 -173.02 -16.15 -3.70
CA VAL CA 31 -172.03 -16.99 -4.35
C VAL CA 31 -172.09 -18.39 -3.75
N LEU CA 32 -172.33 -19.39 -4.59
CA LEU CA 32 -172.22 -20.78 -4.17
C LEU CA 32 -170.76 -21.16 -4.05
N PRO CA 33 -170.37 -21.97 -3.06
CA PRO CA 33 -168.93 -22.23 -2.87
C PRO CA 33 -168.35 -23.18 -3.91
N CYS CA 34 -169.06 -24.25 -4.26
CA CYS CA 34 -168.54 -25.27 -5.17
C CYS CA 34 -169.04 -25.10 -6.61
N ILE CA 35 -169.78 -24.03 -6.90
CA ILE CA 35 -170.35 -23.81 -8.22
C ILE CA 35 -169.81 -22.54 -8.88
N GLN CA 36 -169.69 -21.46 -8.12
CA GLN CA 36 -169.28 -20.18 -8.68
C GLN CA 36 -167.77 -20.00 -8.59
N GLN CA 37 -167.24 -19.16 -9.49
CA GLN CA 37 -165.83 -18.82 -9.53
C GLN CA 37 -165.68 -17.32 -9.36
N ILE CA 38 -164.73 -16.91 -8.53
CA ILE CA 38 -164.57 -15.51 -8.12
C ILE CA 38 -163.31 -14.94 -8.76
N GLN CA 39 -163.45 -13.77 -9.38
CA GLN CA 39 -162.33 -13.04 -9.93
C GLN CA 39 -162.57 -11.54 -9.72
N ARG CA 40 -161.47 -10.79 -9.63
CA ARG CA 40 -161.53 -9.38 -9.23
C ARG CA 40 -160.69 -8.52 -10.17
N ILE CA 41 -161.13 -7.28 -10.33
CA ILE CA 41 -160.36 -6.24 -11.03
C ILE CA 41 -160.32 -5.00 -10.14
N SER CA 42 -159.14 -4.43 -9.98
CA SER CA 42 -158.97 -3.19 -9.22
C SER CA 42 -159.18 -1.99 -10.12
N LEU CA 43 -160.07 -1.09 -9.70
CA LEU CA 43 -160.42 0.10 -10.47
C LEU CA 43 -159.65 1.34 -10.03
N ASN CA 44 -158.71 1.19 -9.10
CA ASN CA 44 -158.01 2.35 -8.57
C ASN CA 44 -157.14 2.98 -9.63
N THR CA 45 -157.07 4.31 -9.62
CA THR CA 45 -156.32 5.05 -10.63
C THR CA 45 -154.82 4.87 -10.43
N LEU CA 46 -154.11 4.55 -11.51
CA LEU CA 46 -152.68 4.36 -11.47
C LEU CA 46 -152.02 5.40 -12.36
N THR CA 47 -150.93 5.99 -11.87
CA THR CA 47 -150.18 6.98 -12.63
C THR CA 47 -149.15 6.31 -13.52
N LEU CA 48 -148.88 6.92 -14.66
CA LEU CA 48 -147.96 6.36 -15.65
C LEU CA 48 -146.89 7.40 -15.97
N ASN CA 49 -145.63 6.96 -15.94
CA ASN CA 49 -144.50 7.81 -16.28
C ASN CA 49 -144.14 7.54 -17.74
N VAL CA 50 -144.89 8.20 -18.64
CA VAL CA 50 -144.75 7.99 -20.08
C VAL CA 50 -143.48 8.71 -20.52
N LYS CA 51 -142.40 7.96 -20.71
CA LYS CA 51 -141.09 8.52 -21.02
C LYS CA 51 -140.74 8.27 -22.48
N SER CA 52 -140.33 9.33 -23.18
CA SER CA 52 -139.87 9.24 -24.56
C SER CA 52 -138.44 9.77 -24.62
N GLU CA 53 -137.54 8.97 -25.18
CA GLU CA 53 -136.12 9.29 -25.24
C GLU CA 53 -135.67 9.39 -26.69
N LYS CA 54 -135.06 10.51 -27.05
CA LYS CA 54 -134.47 10.72 -28.37
C LYS CA 54 -135.52 10.53 -29.47
N VAL CA 55 -136.55 11.36 -29.42
CA VAL CA 55 -137.65 11.30 -30.37
C VAL CA 55 -137.58 12.53 -31.27
N TYR CA 56 -137.78 12.33 -32.56
CA TYR CA 56 -137.69 13.41 -33.53
C TYR CA 56 -139.01 14.15 -33.67
N THR CA 57 -138.91 15.48 -33.81
CA THR CA 57 -140.06 16.35 -34.01
C THR CA 57 -140.26 16.57 -35.51
N ARG CA 58 -141.14 17.52 -35.86
CA ARG CA 58 -141.50 17.65 -37.27
C ARG CA 58 -140.41 18.41 -38.02
N HIS CA 59 -139.52 19.10 -37.28
CA HIS CA 59 -138.24 19.53 -37.85
C HIS CA 59 -137.19 18.42 -37.84
N GLY CA 60 -137.40 17.36 -37.07
CA GLY CA 60 -136.42 16.31 -36.93
C GLY CA 60 -135.47 16.46 -35.75
N VAL CA 61 -135.52 17.56 -35.03
CA VAL CA 61 -134.61 17.74 -33.89
C VAL CA 61 -134.98 16.74 -32.79
N PRO CA 62 -134.00 16.04 -32.21
CA PRO CA 62 -134.32 15.08 -31.13
C PRO CA 62 -134.35 15.77 -29.78
N ILE CA 63 -135.45 15.57 -29.05
CA ILE CA 63 -135.61 16.11 -27.71
C ILE CA 63 -136.12 15.02 -26.79
N SER CA 64 -135.56 14.96 -25.58
CA SER CA 64 -136.00 14.00 -24.58
C SER CA 64 -137.26 14.54 -23.90
N VAL CA 65 -138.37 13.82 -24.02
CA VAL CA 65 -139.67 14.27 -23.55
C VAL CA 65 -140.21 13.25 -22.57
N THR CA 66 -140.64 13.73 -21.41
CA THR CA 66 -141.26 12.89 -20.38
C THR CA 66 -142.71 13.30 -20.20
N GLY CA 67 -143.58 12.31 -20.06
CA GLY CA 67 -145.00 12.56 -19.88
C GLY CA 67 -145.55 11.78 -18.71
N ILE CA 68 -146.59 12.33 -18.10
CA ILE CA 68 -147.27 11.73 -16.97
C ILE CA 68 -148.74 11.62 -17.30
N ALA CA 69 -149.33 10.46 -17.03
CA ALA CA 69 -150.74 10.21 -17.33
C ALA CA 69 -151.42 9.58 -16.12
N GLN CA 70 -152.70 9.90 -15.95
CA GLN CA 70 -153.53 9.31 -14.91
C GLN CA 70 -154.66 8.53 -15.59
N VAL CA 71 -154.60 7.21 -15.53
CA VAL CA 71 -155.52 6.34 -16.25
C VAL CA 71 -156.34 5.55 -15.24
N LYS CA 72 -157.63 5.38 -15.54
CA LYS CA 72 -158.55 4.69 -14.67
C LYS CA 72 -159.54 3.90 -15.53
N ILE CA 73 -160.10 2.85 -14.94
CA ILE CA 73 -161.08 1.99 -15.60
C ILE CA 73 -162.46 2.53 -15.25
N GLN CA 74 -163.14 3.12 -16.24
CA GLN CA 74 -164.44 3.73 -15.99
C GLN CA 74 -165.51 2.67 -15.78
N GLY CA 75 -165.68 2.22 -14.54
CA GLY CA 75 -166.67 1.21 -14.23
C GLY CA 75 -168.11 1.70 -14.31
N GLN CA 76 -168.32 3.00 -14.44
CA GLN CA 76 -169.67 3.52 -14.58
C GLN CA 76 -170.33 3.03 -15.87
N ASN CA 77 -169.56 2.97 -16.95
CA ASN CA 77 -170.08 2.49 -18.23
C ASN CA 77 -170.14 0.96 -18.22
N LYS CA 78 -171.34 0.41 -18.34
CA LYS CA 78 -171.51 -1.03 -18.31
C LYS CA 78 -170.82 -1.70 -19.50
N GLU CA 79 -170.98 -1.11 -20.70
CA GLU CA 79 -170.40 -1.71 -21.89
C GLU CA 79 -168.87 -1.71 -21.82
N MET CA 80 -168.29 -0.57 -21.43
CA MET CA 80 -166.82 -0.48 -21.37
C MET CA 80 -166.27 -1.41 -20.29
N LEU CA 81 -166.94 -1.48 -19.14
CA LEU CA 81 -166.47 -2.37 -18.08
C LEU CA 81 -166.58 -3.83 -18.52
N ALA CA 82 -167.67 -4.19 -19.19
CA ALA CA 82 -167.82 -5.56 -19.67
C ALA CA 82 -166.75 -5.90 -20.69
N ALA CA 83 -166.42 -4.94 -21.56
CA ALA CA 83 -165.34 -5.16 -22.51
C ALA CA 83 -164.01 -5.35 -21.79
N ALA CA 84 -163.75 -4.53 -20.77
CA ALA CA 84 -162.47 -4.59 -20.06
C ALA CA 84 -162.32 -5.88 -19.27
N CYS CA 85 -163.42 -6.39 -18.72
CA CYS CA 85 -163.35 -7.60 -17.92
C CYS CA 85 -162.93 -8.81 -18.75
N GLN CA 86 -163.11 -8.73 -20.08
CA GLN CA 86 -162.79 -9.87 -20.94
C GLN CA 86 -161.30 -10.14 -21.01
N MET CA 87 -160.45 -9.16 -20.67
CA MET CA 87 -159.01 -9.38 -20.68
C MET CA 87 -158.29 -8.95 -19.42
N PHE CA 88 -158.89 -8.10 -18.58
CA PHE CA 88 -158.17 -7.58 -17.43
C PHE CA 88 -158.31 -8.42 -16.18
N LEU CA 89 -159.19 -9.43 -16.18
CA LEU CA 89 -159.22 -10.37 -15.08
C LEU CA 89 -157.94 -11.21 -15.08
N GLY CA 90 -157.38 -11.41 -13.89
CA GLY CA 90 -156.19 -12.22 -13.73
C GLY CA 90 -154.88 -11.52 -14.04
N LYS CA 91 -154.92 -10.22 -14.37
CA LYS CA 91 -153.71 -9.47 -14.64
C LYS CA 91 -153.37 -8.58 -13.45
N THR CA 92 -152.10 -8.59 -13.07
CA THR CA 92 -151.64 -7.82 -11.93
C THR CA 92 -151.64 -6.33 -12.27
N GLU CA 93 -151.51 -5.51 -11.23
CA GLU CA 93 -151.49 -4.05 -11.42
C GLU CA 93 -150.27 -3.63 -12.23
N ALA CA 94 -149.12 -4.27 -12.01
CA ALA CA 94 -147.91 -3.89 -12.72
C ALA CA 94 -148.06 -4.09 -14.23
N GLU CA 95 -148.57 -5.25 -14.65
CA GLU CA 95 -148.72 -5.50 -16.08
C GLU CA 95 -149.80 -4.62 -16.69
N ILE CA 96 -150.89 -4.40 -15.94
CA ILE CA 96 -151.95 -3.53 -16.42
C ILE CA 96 -151.41 -2.12 -16.67
N ALA CA 97 -150.62 -1.61 -15.73
CA ALA CA 97 -149.99 -0.31 -15.92
C ALA CA 97 -149.03 -0.34 -17.10
N HIS CA 98 -148.22 -1.39 -17.21
CA HIS CA 98 -147.15 -1.44 -18.20
C HIS CA 98 -147.67 -1.48 -19.63
N ILE CA 99 -148.73 -2.26 -19.89
CA ILE CA 99 -149.23 -2.37 -21.25
C ILE CA 99 -149.80 -1.04 -21.73
N ALA CA 100 -150.65 -0.43 -20.91
CA ALA CA 100 -151.20 0.87 -21.26
C ALA CA 100 -150.12 1.94 -21.34
N LEU CA 101 -149.05 1.78 -20.54
CA LEU CA 101 -147.93 2.71 -20.62
C LEU CA 101 -147.27 2.65 -22.00
N GLU CA 102 -147.03 1.44 -22.51
CA GLU CA 102 -146.45 1.31 -23.84
C GLU CA 102 -147.40 1.85 -24.91
N THR CA 103 -148.70 1.59 -24.75
CA THR CA 103 -149.65 2.11 -25.74
C THR CA 103 -149.65 3.64 -25.76
N LEU CA 104 -149.72 4.26 -24.59
CA LEU CA 104 -149.74 5.71 -24.52
C LEU CA 104 -148.41 6.30 -24.98
N GLU CA 105 -147.31 5.61 -24.71
CA GLU CA 105 -146.02 6.05 -25.24
C GLU CA 105 -146.03 6.01 -26.76
N GLY CA 106 -146.61 4.96 -27.34
CA GLY CA 106 -146.75 4.92 -28.79
C GLY CA 106 -147.53 6.11 -29.32
N HIS CA 107 -148.67 6.41 -28.69
CA HIS CA 107 -149.47 7.55 -29.13
C HIS CA 107 -148.71 8.87 -29.00
N GLN CA 108 -148.03 9.08 -27.87
CA GLN CA 108 -147.31 10.33 -27.67
C GLN CA 108 -146.16 10.47 -28.66
N ARG CA 109 -145.36 9.42 -28.82
CA ARG CA 109 -144.23 9.46 -29.72
C ARG CA 109 -144.69 9.58 -31.17
N ALA CA 110 -145.89 9.08 -31.50
CA ALA CA 110 -146.43 9.29 -32.83
C ALA CA 110 -146.87 10.73 -33.04
N ILE CA 111 -147.53 11.32 -32.04
CA ILE CA 111 -147.95 12.71 -32.15
C ILE CA 111 -146.80 13.68 -31.99
N MET CA 112 -145.62 13.18 -31.61
CA MET CA 112 -144.44 14.05 -31.50
C MET CA 112 -144.15 14.75 -32.81
N ALA CA 113 -144.28 14.04 -33.93
CA ALA CA 113 -143.98 14.62 -35.23
C ALA CA 113 -145.10 15.51 -35.76
N HIS CA 114 -146.25 15.56 -35.07
CA HIS CA 114 -147.30 16.46 -35.52
C HIS CA 114 -147.00 17.90 -35.10
N MET CA 115 -146.76 18.12 -33.81
CA MET CA 115 -146.49 19.44 -33.26
C MET CA 115 -145.00 19.61 -33.03
N THR CA 116 -144.47 20.75 -33.48
CA THR CA 116 -143.07 21.07 -33.29
C THR CA 116 -142.79 21.50 -31.86
N VAL CA 117 -141.50 21.50 -31.50
CA VAL CA 117 -141.11 21.86 -30.14
C VAL CA 117 -141.54 23.29 -29.82
N GLU CA 118 -141.34 24.20 -30.77
CA GLU CA 118 -141.82 25.57 -30.62
C GLU CA 118 -143.30 25.58 -30.28
N GLU CA 119 -144.07 24.67 -30.89
CA GLU CA 119 -145.47 24.55 -30.55
C GLU CA 119 -145.66 23.92 -29.18
N ILE CA 120 -144.85 22.91 -28.84
CA ILE CA 120 -145.16 22.13 -27.64
C ILE CA 120 -144.92 22.95 -26.37
N TYR CA 121 -143.86 23.75 -26.31
CA TYR CA 121 -143.68 24.47 -25.04
C TYR CA 121 -144.51 25.75 -25.01
N LYS CA 122 -144.77 26.37 -26.17
CA LYS CA 122 -145.60 27.56 -26.21
C LYS CA 122 -147.07 27.22 -26.21
N ASP CA 123 -147.53 26.54 -27.25
CA ASP CA 123 -148.94 26.16 -27.37
C ASP CA 123 -149.13 24.74 -26.85
N ARG CA 124 -149.30 24.60 -25.53
CA ARG CA 124 -149.36 23.29 -24.91
C ARG CA 124 -150.80 22.82 -24.69
N GLN CA 125 -151.74 23.75 -24.58
CA GLN CA 125 -153.12 23.38 -24.29
C GLN CA 125 -153.73 22.61 -25.44
N LYS CA 126 -153.60 23.12 -26.67
CA LYS CA 126 -154.15 22.42 -27.82
C LYS CA 126 -153.45 21.08 -28.04
N PHE CA 127 -152.13 21.06 -27.85
CA PHE CA 127 -151.38 19.80 -27.92
C PHE CA 127 -151.95 18.78 -26.95
N SER CA 128 -152.10 19.17 -25.68
CA SER CA 128 -152.58 18.24 -24.67
C SER CA 128 -154.00 17.77 -24.99
N GLU CA 129 -154.85 18.69 -25.46
CA GLU CA 129 -156.22 18.31 -25.79
C GLU CA 129 -156.27 17.31 -26.92
N GLN CA 130 -155.48 17.51 -27.98
CA GLN CA 130 -155.47 16.57 -29.09
C GLN CA 130 -154.89 15.22 -28.67
N VAL CA 131 -153.82 15.24 -27.88
CA VAL CA 131 -153.25 13.99 -27.38
C VAL CA 131 -154.29 13.24 -26.55
N PHE CA 132 -154.98 13.95 -25.66
CA PHE CA 132 -156.01 13.32 -24.83
C PHE CA 132 -157.11 12.75 -25.70
N LYS CA 133 -157.57 13.50 -26.71
CA LYS CA 133 -158.64 13.01 -27.56
C LYS CA 133 -158.25 11.71 -28.25
N VAL CA 134 -157.11 11.72 -28.94
CA VAL CA 134 -156.72 10.55 -29.73
C VAL CA 134 -156.43 9.35 -28.84
N ALA CA 135 -155.64 9.57 -27.78
CA ALA CA 135 -155.30 8.48 -26.87
C ALA CA 135 -156.54 7.94 -26.19
N SER CA 136 -157.44 8.81 -25.74
CA SER CA 136 -158.66 8.36 -25.08
C SER CA 136 -159.53 7.57 -26.04
N SER CA 137 -159.64 7.99 -27.30
CA SER CA 137 -160.40 7.21 -28.26
C SER CA 137 -159.81 5.81 -28.42
N ASP CA 138 -158.50 5.73 -28.69
CA ASP CA 138 -157.91 4.43 -29.00
C ASP CA 138 -157.80 3.56 -27.75
N LEU CA 139 -157.87 4.16 -26.56
CA LEU CA 139 -157.74 3.38 -25.34
C LEU CA 139 -159.10 2.96 -24.78
N VAL CA 140 -160.14 3.78 -25.01
CA VAL CA 140 -161.51 3.34 -24.76
C VAL CA 140 -161.85 2.21 -25.72
N ASN CA 141 -161.32 2.26 -26.94
CA ASN CA 141 -161.39 1.10 -27.82
C ASN CA 141 -160.78 -0.12 -27.15
N MET CA 142 -159.67 0.07 -26.44
CA MET CA 142 -159.09 -1.05 -25.68
C MET CA 142 -159.81 -1.25 -24.36
N GLY CA 143 -160.28 -0.18 -23.73
CA GLY CA 143 -161.09 -0.29 -22.54
C GLY CA 143 -160.68 0.58 -21.36
N ILE CA 144 -159.60 1.35 -21.45
CA ILE CA 144 -159.17 2.24 -20.39
C ILE CA 144 -159.36 3.69 -20.83
N SER CA 145 -159.94 4.49 -19.96
CA SER CA 145 -160.13 5.92 -20.21
C SER CA 145 -159.11 6.71 -19.40
N VAL CA 146 -158.35 7.57 -20.08
CA VAL CA 146 -157.34 8.38 -19.41
C VAL CA 146 -158.03 9.56 -18.74
N VAL CA 147 -157.82 9.69 -17.43
CA VAL CA 147 -158.43 10.80 -16.70
C VAL CA 147 -157.82 12.13 -17.14
N SER CA 148 -156.49 12.18 -17.19
CA SER CA 148 -155.79 13.41 -17.58
C SER CA 148 -154.37 13.05 -17.97
N TYR CA 149 -153.91 13.62 -19.09
CA TYR CA 149 -152.55 13.43 -19.56
C TYR CA 149 -151.82 14.76 -19.53
N THR CA 150 -150.55 14.72 -19.16
CA THR CA 150 -149.72 15.91 -19.12
C THR CA 150 -148.31 15.54 -19.59
N LEU CA 151 -147.52 16.57 -19.88
CA LEU CA 151 -146.13 16.41 -20.29
C LEU CA 151 -145.24 16.81 -19.12
N LYS CA 152 -144.39 15.88 -18.68
CA LYS CA 152 -143.61 16.11 -17.46
C LYS CA 152 -142.46 17.08 -17.72
N ASP CA 153 -141.55 16.72 -18.61
CA ASP CA 153 -140.36 17.54 -18.86
C ASP CA 153 -139.95 17.40 -20.32
N ILE CA 154 -139.29 18.44 -20.82
CA ILE CA 154 -138.71 18.44 -22.15
C ILE CA 154 -137.22 18.71 -22.00
N HIS CA 155 -136.39 17.86 -22.59
CA HIS CA 155 -134.95 17.96 -22.48
C HIS CA 155 -134.34 17.88 -23.87
N ASP CA 156 -133.27 18.67 -24.08
CA ASP CA 156 -132.56 18.69 -25.34
C ASP CA 156 -131.08 18.46 -25.07
N ASP CA 157 -130.53 17.38 -25.62
CA ASP CA 157 -129.11 17.06 -25.51
C ASP CA 157 -128.29 17.67 -26.64
N GLN CA 158 -128.93 18.32 -27.61
CA GLN CA 158 -128.25 18.90 -28.76
C GLN CA 158 -127.99 20.39 -28.59
N ASP CA 159 -128.32 20.96 -27.42
CA ASP CA 159 -128.22 22.38 -27.14
C ASP CA 159 -129.11 23.22 -28.05
N TYR CA 160 -130.23 22.67 -28.51
CA TYR CA 160 -131.10 23.38 -29.44
C TYR CA 160 -131.79 24.55 -28.75
N LEU CA 161 -132.28 24.34 -27.52
CA LEU CA 161 -133.13 25.34 -26.88
C LEU CA 161 -132.32 26.28 -26.00
N HIS CA 162 -131.09 25.89 -25.67
CA HIS CA 162 -130.27 26.72 -24.79
C HIS CA 162 -129.96 28.06 -25.42
N SER CA 163 -129.68 28.07 -26.74
CA SER CA 163 -129.41 29.33 -27.43
C SER CA 163 -130.65 30.22 -27.48
N LEU CA 164 -131.82 29.62 -27.71
CA LEU CA 164 -133.06 30.38 -27.71
C LEU CA 164 -133.29 31.01 -26.34
N GLY CA 165 -132.95 30.30 -25.28
CA GLY CA 165 -133.01 30.89 -23.95
C GLY CA 165 -132.00 32.01 -23.77
N LYS CA 166 -130.78 31.81 -24.28
CA LYS CA 166 -129.69 32.75 -24.03
C LYS CA 166 -129.91 34.07 -24.77
N ALA CA 167 -130.69 34.04 -25.85
CA ALA CA 167 -130.98 35.27 -26.59
C ALA CA 167 -131.60 36.33 -25.69
N ARG CA 168 -132.65 35.96 -24.96
CA ARG CA 168 -133.33 36.92 -24.10
C ARG CA 168 -132.44 37.33 -22.93
N THR CA 169 -131.60 36.42 -22.44
CA THR CA 169 -130.67 36.77 -21.38
C THR CA 169 -129.71 37.86 -21.84
N ALA CA 170 -129.22 37.76 -23.07
CA ALA CA 170 -128.40 38.85 -23.61
C ALA CA 170 -129.22 40.13 -23.75
N GLN CA 171 -130.47 39.99 -24.20
CA GLN CA 171 -131.32 41.16 -24.42
C GLN CA 171 -131.63 41.89 -23.11
N VAL CA 172 -131.58 41.18 -21.99
CA VAL CA 172 -131.80 41.84 -20.70
C VAL CA 172 -130.48 42.31 -20.11
N GLN CA 173 -129.39 41.60 -20.41
CA GLN CA 173 -128.08 42.04 -19.92
C GLN CA 173 -127.67 43.36 -20.53
N LYS CA 174 -128.12 43.64 -21.75
CA LYS CA 174 -127.82 44.96 -22.33
C LYS CA 174 -128.48 46.06 -21.51
N ASP CA 175 -129.71 45.84 -21.04
CA ASP CA 175 -130.36 46.78 -20.14
C ASP CA 175 -129.62 46.86 -18.80
N ALA CA 176 -129.17 45.72 -18.29
CA ALA CA 176 -128.41 45.70 -17.04
C ALA CA 176 -127.16 46.58 -17.16
N ARG CA 177 -126.50 46.54 -18.32
CA ARG CA 177 -125.32 47.36 -18.51
C ARG CA 177 -125.67 48.83 -18.75
N ILE CA 178 -126.78 49.10 -19.44
CA ILE CA 178 -127.16 50.48 -19.72
C ILE CA 178 -127.49 51.21 -18.43
N GLY CA 179 -128.13 50.52 -17.48
CA GLY CA 179 -128.41 51.14 -16.20
C GLY CA 179 -127.14 51.49 -15.44
N GLU CA 180 -126.18 50.57 -15.44
CA GLU CA 180 -124.90 50.84 -14.78
C GLU CA 180 -124.17 52.00 -15.42
N ALA CA 181 -124.21 52.08 -16.76
CA ALA CA 181 -123.57 53.20 -17.45
C ALA CA 181 -124.22 54.53 -17.08
N GLU CA 182 -125.56 54.57 -17.05
CA GLU CA 182 -126.26 55.76 -16.58
C GLU CA 182 -125.79 56.16 -15.18
N ALA CA 183 -125.81 55.21 -14.25
CA ALA CA 183 -125.45 55.52 -12.87
C ALA CA 183 -124.02 56.01 -12.75
N LYS CA 184 -123.08 55.35 -13.44
CA LYS CA 184 -121.68 55.74 -13.35
C LYS CA 184 -121.45 57.13 -13.93
N ARG CA 185 -122.03 57.43 -15.09
CA ARG CA 185 -121.84 58.76 -15.66
C ARG CA 185 -122.43 59.83 -14.76
N ASP CA 186 -123.64 59.58 -14.24
CA ASP CA 186 -124.29 60.58 -13.39
C ASP CA 186 -123.52 60.79 -12.10
N ALA CA 187 -122.93 59.74 -11.53
CA ALA CA 187 -122.13 59.92 -10.32
C ALA CA 187 -120.85 60.67 -10.63
N GLY CA 188 -120.13 60.25 -11.66
CA GLY CA 188 -118.83 60.84 -11.96
C GLY CA 188 -118.90 62.30 -12.32
N ILE CA 189 -119.92 62.72 -13.09
CA ILE CA 189 -120.01 64.12 -13.50
C ILE CA 189 -119.99 65.06 -12.29
N ARG CA 190 -120.91 64.86 -11.35
CA ARG CA 190 -120.99 65.76 -10.21
C ARG CA 190 -119.91 65.49 -9.17
N GLU CA 191 -119.40 64.25 -9.06
CA GLU CA 191 -118.25 64.03 -8.20
C GLU CA 191 -117.05 64.85 -8.65
N ALA CA 192 -116.76 64.82 -9.95
CA ALA CA 192 -115.66 65.62 -10.49
C ALA CA 192 -115.92 67.10 -10.31
N LYS CA 193 -117.17 67.54 -10.53
CA LYS CA 193 -117.46 68.96 -10.35
C LYS CA 193 -117.24 69.41 -8.90
N ALA CA 194 -117.70 68.63 -7.92
CA ALA CA 194 -117.50 68.99 -6.53
C ALA CA 194 -116.03 68.98 -6.17
N LYS CA 195 -115.28 68.00 -6.68
CA LYS CA 195 -113.83 67.99 -6.54
C LYS CA 195 -113.24 69.30 -7.04
N GLN CA 196 -113.71 69.76 -8.20
CA GLN CA 196 -113.22 70.99 -8.78
C GLN CA 196 -113.46 72.19 -7.87
N GLU CA 197 -114.69 72.32 -7.37
CA GLU CA 197 -114.96 73.45 -6.47
C GLU CA 197 -114.11 73.42 -5.22
N LYS CA 198 -113.92 72.23 -4.62
CA LYS CA 198 -113.18 72.22 -3.35
C LYS CA 198 -111.72 72.58 -3.60
N VAL CA 199 -111.15 72.09 -4.70
CA VAL CA 199 -109.76 72.44 -5.00
C VAL CA 199 -109.63 73.93 -5.31
N SER CA 200 -110.59 74.49 -6.05
CA SER CA 200 -110.53 75.93 -6.35
C SER CA 200 -110.58 76.75 -5.08
N ALA CA 201 -111.47 76.41 -4.15
CA ALA CA 201 -111.53 77.13 -2.89
C ALA CA 201 -110.27 76.94 -2.04
N GLN CA 202 -109.71 75.73 -2.03
CA GLN CA 202 -108.49 75.50 -1.27
C GLN CA 202 -107.34 76.37 -1.79
N TYR CA 203 -107.21 76.46 -3.12
CA TYR CA 203 -106.17 77.33 -3.68
C TYR CA 203 -106.46 78.81 -3.44
N LEU CA 204 -107.75 79.19 -3.45
CA LEU CA 204 -108.08 80.57 -3.11
C LEU CA 204 -107.65 80.90 -1.69
N SER CA 205 -107.86 79.97 -0.77
CA SER CA 205 -107.38 80.18 0.60
C SER CA 205 -105.86 80.23 0.67
N GLU CA 206 -105.19 79.35 -0.10
CA GLU CA 206 -103.73 79.37 -0.13
C GLU CA 206 -103.18 80.67 -0.70
N ILE CA 207 -103.96 81.40 -1.50
CA ILE CA 207 -103.54 82.74 -1.93
C ILE CA 207 -103.38 83.66 -0.73
N GLU CA 208 -104.39 83.71 0.14
CA GLU CA 208 -104.29 84.51 1.35
C GLU CA 208 -103.21 83.98 2.29
N MET CA 209 -102.97 82.66 2.27
CA MET CA 209 -101.82 82.11 2.99
C MET CA 209 -100.53 82.81 2.58
N ALA CA 210 -100.30 82.93 1.28
CA ALA CA 210 -99.09 83.60 0.80
C ALA CA 210 -99.13 85.10 1.07
N LYS CA 211 -100.31 85.71 1.03
CA LYS CA 211 -100.44 87.10 1.45
C LYS CA 211 -99.89 87.31 2.87
N ALA CA 212 -100.36 86.49 3.81
CA ALA CA 212 -99.90 86.61 5.18
C ALA CA 212 -98.42 86.25 5.31
N GLN CA 213 -97.97 85.25 4.55
CA GLN CA 213 -96.56 84.88 4.59
C GLN CA 213 -95.67 86.04 4.16
N ARG CA 214 -96.04 86.72 3.08
CA ARG CA 214 -95.32 87.92 2.69
C ARG CA 214 -95.37 88.99 3.78
N ASP CA 215 -96.57 89.28 4.28
CA ASP CA 215 -96.74 90.33 5.27
C ASP CA 215 -95.89 90.09 6.51
N TYR CA 216 -95.65 88.84 6.87
CA TYR CA 216 -94.81 88.53 8.01
C TYR CA 216 -93.33 88.52 7.67
N GLU CA 217 -92.96 87.83 6.58
CA GLU CA 217 -91.54 87.65 6.24
C GLU CA 217 -90.87 88.96 5.86
N LEU CA 218 -91.56 89.82 5.10
CA LEU CA 218 -90.94 91.07 4.69
C LEU CA 218 -90.61 91.94 5.89
N LYS CA 219 -91.55 92.06 6.83
CA LYS CA 219 -91.28 92.85 8.03
C LYS CA 219 -90.21 92.21 8.89
N LYS CA 220 -90.20 90.87 8.99
CA LYS CA 220 -89.15 90.22 9.77
C LYS CA 220 -87.78 90.53 9.20
N ALA CA 221 -87.64 90.44 7.87
CA ALA CA 221 -86.36 90.74 7.24
C ALA CA 221 -85.99 92.21 7.40
N ALA CA 222 -86.97 93.11 7.27
CA ALA CA 222 -86.68 94.53 7.43
C ALA CA 222 -86.18 94.85 8.84
N TYR CA 223 -86.76 94.20 9.85
CA TYR CA 223 -86.30 94.38 11.22
C TYR CA 223 -84.93 93.75 11.43
N ASP CA 224 -84.71 92.60 10.79
CA ASP CA 224 -83.40 91.94 10.89
C ASP CA 224 -82.30 92.81 10.33
N ILE CA 225 -82.58 93.58 9.26
CA ILE CA 225 -81.56 94.47 8.72
C ILE CA 225 -81.08 95.44 9.79
N GLU CA 226 -82.01 96.08 10.49
CA GLU CA 226 -81.65 97.05 11.51
C GLU CA 226 -80.91 96.39 12.66
N VAL CA 227 -81.39 95.24 13.12
CA VAL CA 227 -80.73 94.62 14.26
C VAL CA 227 -79.32 94.17 13.89
N ASN CA 228 -79.14 93.67 12.67
CA ASN CA 228 -77.80 93.27 12.25
C ASN CA 228 -76.86 94.47 12.14
N THR CA 229 -77.35 95.60 11.62
CA THR CA 229 -76.50 96.78 11.54
C THR CA 229 -76.07 97.25 12.93
N ARG CA 230 -77.01 97.32 13.86
CA ARG CA 230 -76.67 97.78 15.21
C ARG CA 230 -75.74 96.80 15.91
N ARG CA 231 -75.96 95.48 15.74
CA ARG CA 231 -75.07 94.50 16.34
C ARG CA 231 -73.66 94.60 15.75
N ALA CA 232 -73.56 94.84 14.44
CA ALA CA 232 -72.25 94.99 13.82
C ALA CA 232 -71.52 96.21 14.38
N GLN CA 233 -72.24 97.31 14.59
CA GLN CA 233 -71.61 98.47 15.21
C GLN CA 233 -71.15 98.16 16.63
N ALA CA 234 -72.00 97.47 17.39
CA ALA CA 234 -71.70 97.20 18.80
C ALA CA 234 -70.48 96.29 18.93
N ASP CA 235 -70.34 95.31 18.03
CA ASP CA 235 -69.21 94.40 18.13
C ASP CA 235 -67.87 95.12 18.01
N LEU CA 236 -67.76 96.04 17.06
CA LEU CA 236 -66.49 96.69 16.75
C LEU CA 236 -66.28 97.98 17.52
N ALA CA 237 -67.27 98.46 18.27
CA ALA CA 237 -67.03 99.60 19.15
C ALA CA 237 -65.90 99.30 20.13
N TYR CA 238 -65.83 98.07 20.62
CA TYR CA 238 -64.77 97.69 21.56
C TYR CA 238 -63.40 97.84 20.94
N GLN CA 239 -63.22 97.33 19.73
CA GLN CA 239 -61.93 97.45 19.05
C GLN CA 239 -61.60 98.90 18.76
N LEU CA 240 -62.60 99.68 18.34
CA LEU CA 240 -62.36 101.10 18.09
C LEU CA 240 -61.83 101.80 19.35
N GLN CA 241 -62.48 101.59 20.49
CA GLN CA 241 -62.04 102.25 21.71
C GLN CA 241 -60.68 101.73 22.19
N VAL CA 242 -60.44 100.42 22.06
CA VAL CA 242 -59.17 99.89 22.54
C VAL CA 242 -58.03 100.43 21.69
N ALA CA 243 -58.26 100.62 20.39
CA ALA CA 243 -57.23 101.25 19.56
C ALA CA 243 -57.04 102.72 19.95
N LYS CA 244 -58.15 103.43 20.18
CA LYS CA 244 -58.05 104.85 20.52
C LYS CA 244 -57.27 105.06 21.81
N THR CA 245 -57.40 104.14 22.77
CA THR CA 245 -56.64 104.27 24.01
C THR CA 245 -55.24 103.68 23.91
N LYS CA 246 -55.04 102.66 23.06
CA LYS CA 246 -53.70 102.18 22.78
C LYS CA 246 -52.85 103.26 22.14
N GLN CA 247 -53.49 104.24 21.49
CA GLN CA 247 -52.75 105.42 21.03
C GLN CA 247 -51.97 106.05 22.18
N GLN CA 248 -52.65 106.35 23.29
CA GLN CA 248 -51.97 106.97 24.43
C GLN CA 248 -51.05 105.98 25.13
N ILE CA 249 -51.44 104.70 25.16
CA ILE CA 249 -50.56 103.69 25.74
C ILE CA 249 -49.19 103.73 25.09
N GLU CA 250 -49.17 103.72 23.75
CA GLU CA 250 -47.91 103.80 23.02
C GLU CA 250 -47.26 105.17 23.14
N GLU CA 251 -48.06 106.23 23.17
CA GLU CA 251 -47.50 107.57 23.31
C GLU CA 251 -46.64 107.69 24.56
N GLN CA 252 -47.05 107.05 25.66
CA GLN CA 252 -46.24 107.06 26.87
C GLN CA 252 -45.18 105.97 26.91
N ARG CA 253 -45.47 104.80 26.34
CA ARG CA 253 -44.48 103.72 26.30
C ARG CA 253 -43.29 104.10 25.44
N VAL CA 254 -43.44 105.11 24.58
CA VAL CA 254 -42.29 105.65 23.86
C VAL CA 254 -41.69 106.86 24.56
N GLN CA 255 -42.49 107.61 25.32
CA GLN CA 255 -41.96 108.72 26.12
C GLN CA 255 -40.95 108.25 27.16
N VAL CA 256 -41.13 107.03 27.66
CA VAL CA 256 -40.11 106.50 28.58
C VAL CA 256 -38.76 106.40 27.86
N GLN CA 257 -38.75 106.07 26.56
CA GLN CA 257 -37.50 106.06 25.81
C GLN CA 257 -36.91 107.45 25.67
N VAL CA 258 -37.74 108.46 25.48
CA VAL CA 258 -37.23 109.84 25.42
C VAL CA 258 -36.54 110.19 26.72
N VAL CA 259 -37.15 109.82 27.85
CA VAL CA 259 -36.51 110.09 29.14
C VAL CA 259 -35.18 109.35 29.25
N GLU CA 260 -35.16 108.08 28.84
CA GLU CA 260 -33.92 107.30 28.85
C GLU CA 260 -32.80 108.01 28.10
N ARG CA 261 -33.08 108.46 26.88
CA ARG CA 261 -32.03 109.08 26.09
C ARG CA 261 -31.65 110.46 26.63
N ALA CA 262 -32.63 111.23 27.08
CA ALA CA 262 -32.38 112.55 27.64
C ALA CA 262 -31.62 112.50 28.95
N GLN CA 263 -31.51 111.33 29.58
CA GLN CA 263 -30.58 111.18 30.70
C GLN CA 263 -29.28 110.49 30.32
N GLN CA 264 -29.28 109.63 29.30
CA GLN CA 264 -28.01 109.13 28.79
C GLN CA 264 -27.14 110.26 28.25
N VAL CA 265 -27.75 111.35 27.78
CA VAL CA 265 -26.94 112.49 27.37
C VAL CA 265 -26.20 113.08 28.55
N ALA CA 266 -26.82 113.11 29.74
CA ALA CA 266 -26.11 113.59 30.92
C ALA CA 266 -25.06 112.59 31.37
N VAL CA 267 -25.34 111.29 31.21
CA VAL CA 267 -24.32 110.28 31.46
C VAL CA 267 -23.07 110.56 30.63
N GLN CA 268 -23.27 110.84 29.33
CA GLN CA 268 -22.13 111.16 28.48
C GLN CA 268 -21.52 112.52 28.83
N GLU CA 269 -22.32 113.44 29.34
CA GLU CA 269 -21.79 114.73 29.79
C GLU CA 269 -20.80 114.56 30.92
N GLN CA 270 -21.07 113.61 31.82
CA GLN CA 270 -20.06 113.28 32.84
C GLN CA 270 -18.92 112.45 32.25
N GLU CA 271 -19.24 111.61 31.26
CA GLU CA 271 -18.23 110.74 30.66
C GLU CA 271 -17.15 111.55 29.95
N ILE CA 272 -17.51 112.70 29.38
CA ILE CA 272 -16.50 113.49 28.66
C ILE CA 272 -15.42 113.97 29.62
N ALA CA 273 -15.81 114.45 30.81
CA ALA CA 273 -14.82 114.90 31.79
C ALA CA 273 -14.08 113.71 32.39
N ARG CA 274 -14.77 112.59 32.57
CA ARG CA 274 -14.08 111.39 33.05
C ARG CA 274 -12.98 110.98 32.07
N ARG CA 275 -13.29 111.02 30.78
CA ARG CA 275 -12.29 110.71 29.76
C ARG CA 275 -11.18 111.75 29.75
N GLU CA 276 -11.53 113.03 29.89
CA GLU CA 276 -10.50 114.06 30.09
C GLU CA 276 -9.48 113.63 31.13
N LYS CA 277 -9.96 113.40 32.35
CA LYS CA 277 -9.04 113.10 33.46
C LYS CA 277 -8.28 111.80 33.23
N GLU CA 278 -8.99 110.73 32.85
CA GLU CA 278 -8.35 109.43 32.70
C GLU CA 278 -7.33 109.43 31.57
N LEU CA 279 -7.68 110.05 30.44
CA LEU CA 279 -6.76 110.12 29.31
C LEU CA 279 -5.54 110.97 29.66
N GLU CA 280 -5.74 112.08 30.37
CA GLU CA 280 -4.59 112.85 30.83
C GLU CA 280 -3.67 111.99 31.67
N ALA CA 281 -4.22 111.31 32.69
CA ALA CA 281 -3.41 110.50 33.58
C ALA CA 281 -2.67 109.39 32.84
N ARG CA 282 -3.33 108.74 31.89
CA ARG CA 282 -2.73 107.58 31.24
C ARG CA 282 -1.94 107.90 29.98
N VAL CA 283 -1.92 109.15 29.53
CA VAL CA 283 -1.17 109.49 28.33
C VAL CA 283 -0.19 110.62 28.58
N ARG CA 284 -0.68 111.76 29.07
CA ARG CA 284 0.15 112.97 29.10
C ARG CA 284 1.27 112.83 30.13
N LYS CA 285 0.93 112.40 31.35
CA LYS CA 285 1.95 112.21 32.37
C LYS CA 285 2.97 111.14 32.00
N PRO CA 286 2.58 109.96 31.50
CA PRO CA 286 3.61 109.01 31.03
C PRO CA 286 4.49 109.58 29.93
N ALA CA 287 3.92 110.39 29.03
CA ALA CA 287 4.74 111.02 27.99
C ALA CA 287 5.75 111.98 28.59
N GLU CA 288 5.35 112.79 29.56
CA GLU CA 288 6.28 113.69 30.22
C GLU CA 288 7.38 112.92 30.93
N ALA CA 289 7.01 111.86 31.64
CA ALA CA 289 8.00 111.04 32.34
C ALA CA 289 8.97 110.40 31.37
N GLU CA 290 8.48 109.88 30.25
CA GLU CA 290 9.36 109.28 29.25
C GLU CA 290 10.28 110.32 28.63
N ARG CA 291 9.78 111.53 28.39
CA ARG CA 291 10.62 112.58 27.86
C ARG CA 291 11.74 112.93 28.84
N TYR CA 292 11.42 113.03 30.13
CA TYR CA 292 12.45 113.32 31.12
C TYR CA 292 13.47 112.18 31.19
N LYS CA 293 13.00 110.93 31.13
CA LYS CA 293 13.91 109.80 31.15
C LYS CA 293 14.85 109.82 29.95
N LEU CA 294 14.31 110.09 28.77
CA LEU CA 294 15.14 110.17 27.57
C LEU CA 294 16.14 111.31 27.66
N GLU CA 295 15.70 112.47 28.17
CA GLU CA 295 16.61 113.60 28.36
C GLU CA 295 17.78 113.21 29.26
N ARG CA 296 17.49 112.61 30.41
CA ARG CA 296 18.55 112.29 31.36
C ARG CA 296 19.48 111.20 30.82
N LEU CA 297 18.93 110.16 30.21
CA LEU CA 297 19.78 109.11 29.65
C LEU CA 297 20.65 109.64 28.52
N ALA CA 298 20.10 110.50 27.66
CA ALA CA 298 20.89 111.10 26.59
C ALA CA 298 21.99 111.99 27.16
N GLU CA 299 21.69 112.75 28.21
CA GLU CA 299 22.73 113.57 28.83
C GLU CA 299 23.84 112.70 29.40
N ALA CA 300 23.48 111.59 30.04
CA ALA CA 300 24.48 110.68 30.56
C ALA CA 300 25.33 110.07 29.44
N GLU CA 301 24.69 109.69 28.34
CA GLU CA 301 25.43 109.11 27.22
C GLU CA 301 26.39 110.13 26.62
N LYS CA 302 25.97 111.39 26.48
CA LYS CA 302 26.87 112.42 25.99
C LYS CA 302 28.04 112.61 26.96
N SER CA 303 27.74 112.66 28.26
CA SER CA 303 28.80 112.87 29.26
C SER CA 303 29.81 111.72 29.23
N GLN CA 304 29.35 110.50 28.98
CA GLN CA 304 30.26 109.38 28.90
C GLN CA 304 31.07 109.42 27.61
N LEU CA 305 30.42 109.69 26.48
CA LEU CA 305 31.09 109.64 25.19
C LEU CA 305 32.14 110.74 25.07
N ILE CA 306 31.83 111.95 25.56
CA ILE CA 306 32.79 113.05 25.45
C ILE CA 306 34.10 112.72 26.15
N MET CA 307 34.02 112.17 27.35
CA MET CA 307 35.23 111.91 28.12
C MET CA 307 35.91 110.61 27.74
N GLN CA 308 35.17 109.62 27.22
CA GLN CA 308 35.82 108.47 26.61
C GLN CA 308 36.61 108.90 25.38
N ALA CA 309 36.04 109.81 24.58
CA ALA CA 309 36.76 110.36 23.43
C ALA CA 309 38.00 111.13 23.88
N GLU CA 310 37.87 111.92 24.95
CA GLU CA 310 39.03 112.64 25.46
C GLU CA 310 40.12 111.68 25.90
N ALA CA 311 39.74 110.59 26.58
CA ALA CA 311 40.72 109.59 27.00
C ALA CA 311 41.40 108.94 25.80
N GLU CA 312 40.64 108.60 24.77
CA GLU CA 312 41.23 108.01 23.58
C GLU CA 312 42.19 108.98 22.89
N ALA CA 313 41.79 110.26 22.81
CA ALA CA 313 42.66 111.26 22.19
C ALA CA 313 43.95 111.42 22.97
N ALA CA 314 43.87 111.47 24.30
CA ALA CA 314 45.08 111.57 25.11
C ALA CA 314 45.96 110.33 24.94
N SER CA 315 45.35 109.15 24.88
CA SER CA 315 46.11 107.93 24.64
C SER CA 315 46.87 108.01 23.32
N VAL CA 316 46.17 108.40 22.24
CA VAL CA 316 46.81 108.49 20.94
C VAL CA 316 47.93 109.51 20.96
N ARG CA 317 47.68 110.68 21.53
CA ARG CA 317 48.70 111.73 21.61
C ARG CA 317 49.95 111.22 22.32
N MET CA 318 49.78 110.65 23.52
CA MET CA 318 50.94 110.23 24.30
C MET CA 318 51.70 109.09 23.64
N ARG CA 319 51.00 108.08 23.14
CA ARG CA 319 51.68 106.96 22.49
C ARG CA 319 52.43 107.42 21.24
N GLY CA 320 51.80 108.28 20.44
CA GLY CA 320 52.48 108.78 19.26
C GLY CA 320 53.69 109.62 19.59
N GLU CA 321 53.59 110.48 20.61
CA GLU CA 321 54.73 111.28 21.02
C GLU CA 321 55.87 110.40 21.50
N ALA CA 322 55.55 109.36 22.28
CA ALA CA 322 56.59 108.45 22.76
C ALA CA 322 57.28 107.74 21.60
N GLU CA 323 56.49 107.24 20.64
CA GLU CA 323 57.11 106.49 19.55
C GLU CA 323 57.90 107.42 18.64
N ALA CA 324 57.47 108.66 18.47
CA ALA CA 324 58.24 109.63 17.69
C ALA CA 324 59.56 109.95 18.38
N PHE CA 325 59.54 110.10 19.71
CA PHE CA 325 60.80 110.32 20.43
C PHE CA 325 61.72 109.13 20.29
N ALA CA 326 61.16 107.92 20.31
CA ALA CA 326 61.97 106.72 20.09
C ALA CA 326 62.57 106.70 18.68
N ILE CA 327 61.80 107.12 17.68
CA ILE CA 327 62.32 107.21 16.31
C ILE CA 327 63.48 108.19 16.27
N GLY CA 328 63.32 109.36 16.91
CA GLY CA 328 64.42 110.31 16.98
C GLY CA 328 65.64 109.74 17.69
N ALA CA 329 65.42 108.92 18.71
CA ALA CA 329 66.53 108.31 19.42
C ALA CA 329 67.33 107.39 18.51
N ARG CA 330 66.66 106.46 17.83
CA ARG CA 330 67.38 105.66 16.85
C ARG CA 330 67.98 106.50 15.74
N ALA CA 331 67.34 107.62 15.39
CA ALA CA 331 67.89 108.47 14.34
C ALA CA 331 69.25 109.02 14.75
N ARG CA 332 69.33 109.61 15.94
CA ARG CA 332 70.59 110.14 16.44
C ARG CA 332 71.64 109.04 16.58
N ALA CA 333 71.22 107.88 17.11
CA ALA CA 333 72.16 106.77 17.27
C ALA CA 333 72.71 106.32 15.92
N GLU CA 334 71.83 106.20 14.92
CA GLU CA 334 72.26 105.72 13.61
C GLU CA 334 73.13 106.74 12.90
N ALA CA 335 72.87 108.04 13.10
CA ALA CA 335 73.72 109.05 12.50
C ALA CA 335 75.12 109.02 13.09
N GLU CA 336 75.21 109.02 14.43
CA GLU CA 336 76.52 108.93 15.06
C GLU CA 336 77.19 107.61 14.74
N GLN CA 337 76.40 106.59 14.42
CA GLN CA 337 76.93 105.28 14.02
C GLN CA 337 77.56 105.34 12.63
N MET CA 338 76.85 105.96 11.67
CA MET CA 338 77.30 105.96 10.30
C MET CA 338 78.45 106.92 10.07
N ALA CA 339 78.55 107.96 10.92
CA ALA CA 339 79.71 108.84 10.81
C ALA CA 339 81.02 108.05 10.94
N LYS CA 340 81.09 107.14 11.91
CA LYS CA 340 82.30 106.34 12.07
C LYS CA 340 82.45 105.31 10.95
N LYS CA 341 81.35 104.80 10.40
CA LYS CA 341 81.47 103.96 9.22
C LYS CA 341 82.17 104.69 8.09
N ALA CA 342 81.75 105.93 7.82
CA ALA CA 342 82.42 106.71 6.79
C ALA CA 342 83.88 106.96 7.12
N GLU CA 343 84.15 107.30 8.39
CA GLU CA 343 85.53 107.56 8.79
C GLU CA 343 86.41 106.33 8.58
N ALA CA 344 85.91 105.15 8.95
CA ALA CA 344 86.67 103.92 8.76
C ALA CA 344 86.85 103.61 7.29
N PHE CA 345 85.78 103.75 6.49
CA PHE CA 345 85.89 103.49 5.06
C PHE CA 345 86.91 104.38 4.38
N GLN CA 346 87.14 105.59 4.91
CA GLN CA 346 88.10 106.49 4.28
C GLN CA 346 89.49 105.85 4.19
N LEU CA 347 89.86 105.02 5.16
CA LEU CA 347 91.19 104.38 5.18
C LEU CA 347 91.16 103.00 4.54
N TYR CA 348 90.67 102.90 3.31
CA TYR CA 348 90.63 101.66 2.56
C TYR CA 348 91.47 101.80 1.29
N GLN CA 349 92.42 100.88 1.12
CA GLN CA 349 93.27 100.81 -0.06
C GLN CA 349 92.71 99.78 -1.03
N GLU CA 350 93.50 99.47 -2.07
CA GLU CA 350 93.06 98.51 -3.07
C GLU CA 350 92.85 97.12 -2.50
N ALA CA 351 93.64 96.73 -1.49
CA ALA CA 351 93.47 95.41 -0.89
C ALA CA 351 92.10 95.27 -0.24
N ALA CA 352 91.66 96.31 0.46
CA ALA CA 352 90.37 96.24 1.13
C ALA CA 352 89.22 96.21 0.12
N GLN CA 353 89.31 97.00 -0.94
CA GLN CA 353 88.27 96.96 -1.96
C GLN CA 353 88.24 95.60 -2.67
N LEU CA 354 89.42 95.02 -2.91
CA LEU CA 354 89.48 93.68 -3.47
C LEU CA 354 88.83 92.66 -2.53
N ASP CA 355 89.08 92.78 -1.23
CA ASP CA 355 88.45 91.89 -0.27
C ASP CA 355 86.94 92.03 -0.29
N MET CA 356 86.44 93.26 -0.35
CA MET CA 356 84.99 93.47 -0.39
C MET CA 356 84.39 92.88 -1.66
N LEU CA 357 85.05 93.10 -2.81
CA LEU CA 357 84.54 92.56 -4.06
C LEU CA 357 84.52 91.04 -4.05
N LEU CA 358 85.58 90.42 -3.54
CA LEU CA 358 85.63 88.96 -3.50
C LEU CA 358 84.78 88.36 -2.39
N GLU CA 359 84.36 89.17 -1.41
CA GLU CA 359 83.37 88.69 -0.45
C GLU CA 359 81.96 88.82 -0.98
N LYS CA 360 81.70 89.79 -1.86
CA LYS CA 360 80.36 89.99 -2.40
C LYS CA 360 80.09 89.15 -3.65
N LEU CA 361 81.13 88.76 -4.40
CA LEU CA 361 80.90 87.95 -5.60
C LEU CA 361 80.21 86.64 -5.31
N PRO CA 362 80.60 85.84 -4.30
CA PRO CA 362 79.87 84.58 -4.06
C PRO CA 362 78.40 84.78 -3.75
N GLN CA 363 78.03 85.85 -3.07
CA GLN CA 363 76.62 86.07 -2.75
C GLN CA 363 75.80 86.36 -4.01
N VAL CA 364 76.35 87.17 -4.92
CA VAL CA 364 75.67 87.42 -6.19
C VAL CA 364 75.58 86.13 -7.00
N ALA CA 365 76.66 85.34 -6.98
CA ALA CA 365 76.62 84.06 -7.69
C ALA CA 365 75.55 83.14 -7.12
N GLU CA 366 75.41 83.09 -5.80
CA GLU CA 366 74.32 82.33 -5.19
C GLU CA 366 72.95 82.85 -5.63
N GLU CA 367 72.76 84.16 -5.57
CA GLU CA 367 71.46 84.70 -5.92
C GLU CA 367 71.12 84.53 -7.40
N ILE CA 368 72.11 84.31 -8.26
CA ILE CA 368 71.83 84.14 -9.68
C ILE CA 368 71.75 82.66 -10.05
N SER CA 369 72.39 81.81 -9.26
CA SER CA 369 72.42 80.37 -9.55
C SER CA 369 71.46 79.57 -8.70
N GLY CA 370 70.77 80.19 -7.76
CA GLY CA 370 69.77 79.51 -6.97
C GLY CA 370 68.53 79.18 -7.78
N PRO CA 371 67.92 80.19 -8.39
CA PRO CA 371 66.77 79.93 -9.27
C PRO CA 371 67.11 79.04 -10.45
N LEU CA 372 68.34 79.14 -11.00
CA LEU CA 372 68.68 78.35 -12.18
C LEU CA 372 68.76 76.87 -11.87
N THR CA 373 69.22 76.50 -10.68
CA THR CA 373 69.36 75.09 -10.32
C THR CA 373 68.04 74.45 -9.94
N SER CA 374 66.91 75.11 -10.20
CA SER CA 374 65.60 74.52 -10.00
C SER CA 374 65.11 73.76 -11.23
N ALA CA 375 65.88 73.78 -12.32
CA ALA CA 375 65.48 73.04 -13.51
C ALA CA 375 65.48 71.53 -13.23
N ASN CA 376 64.47 70.85 -13.76
CA ASN CA 376 64.34 69.42 -13.51
C ASN CA 376 65.44 68.63 -14.21
N LYS CA 377 65.66 68.88 -15.49
CA LYS CA 377 66.70 68.19 -16.23
C LYS CA 377 67.32 69.13 -17.26
N ILE CA 378 68.59 68.90 -17.57
CA ILE CA 378 69.32 69.67 -18.57
C ILE CA 378 70.00 68.69 -19.50
N THR CA 379 69.79 68.85 -20.80
CA THR CA 379 70.34 67.97 -21.82
C THR CA 379 71.39 68.73 -22.62
N LEU CA 380 72.57 68.14 -22.75
CA LEU CA 380 73.70 68.74 -23.45
C LEU CA 380 74.05 67.88 -24.66
N VAL CA 381 74.19 68.53 -25.81
CA VAL CA 381 74.49 67.82 -27.06
C VAL CA 381 75.55 68.60 -27.81
N SER CA 382 76.54 67.91 -28.35
CA SER CA 382 77.62 68.51 -29.10
C SER CA 382 77.70 67.89 -30.49
N SER CA 383 78.38 68.59 -31.39
CA SER CA 383 78.55 68.12 -32.76
C SER CA 383 79.70 68.88 -33.40
N GLY CA 384 80.46 68.20 -34.24
CA GLY CA 384 81.58 68.86 -34.88
C GLY CA 384 82.65 69.23 -33.86
N SER CA 385 83.35 70.32 -34.15
CA SER CA 385 84.42 70.80 -33.28
C SER CA 385 83.91 71.66 -32.13
N GLY CA 386 82.62 71.58 -31.85
CA GLY CA 386 82.03 72.38 -30.80
C GLY CA 386 82.23 71.78 -29.42
N THR CA 387 81.76 72.53 -28.42
CA THR CA 387 81.84 72.12 -27.03
C THR CA 387 80.60 71.31 -26.64
N MET CA 388 80.69 70.66 -25.47
CA MET CA 388 79.62 69.82 -24.98
C MET CA 388 78.42 70.64 -24.49
N GLY CA 389 78.67 71.74 -23.78
CA GLY CA 389 77.60 72.61 -23.33
C GLY CA 389 77.68 73.06 -21.88
N ALA CA 390 78.54 72.43 -21.07
CA ALA CA 390 78.66 72.88 -19.69
C ALA CA 390 79.26 74.28 -19.61
N ALA CA 391 80.23 74.55 -20.48
CA ALA CA 391 80.77 75.89 -20.60
C ALA CA 391 79.68 76.89 -20.96
N LYS CA 392 78.66 76.46 -21.71
CA LYS CA 392 77.57 77.38 -22.03
C LYS CA 392 76.80 77.81 -20.78
N VAL CA 393 76.50 76.85 -19.90
CA VAL CA 393 75.77 77.18 -18.67
C VAL CA 393 76.62 78.06 -17.77
N THR CA 394 77.90 77.68 -17.58
CA THR CA 394 78.77 78.48 -16.73
C THR CA 394 78.94 79.88 -17.32
N GLY CA 395 79.06 79.99 -18.64
CA GLY CA 395 79.18 81.29 -19.28
C GLY CA 395 77.93 82.12 -19.14
N GLU CA 396 76.75 81.49 -19.20
CA GLU CA 396 75.51 82.22 -18.98
C GLU CA 396 75.47 82.81 -17.58
N VAL CA 397 75.79 81.99 -16.57
CA VAL CA 397 75.79 82.48 -15.20
C VAL CA 397 76.81 83.60 -15.02
N LEU CA 398 78.03 83.40 -15.53
CA LEU CA 398 79.08 84.41 -15.37
C LEU CA 398 78.74 85.68 -16.15
N ASP CA 399 78.13 85.54 -17.32
CA ASP CA 399 77.75 86.71 -18.11
C ASP CA 399 76.68 87.53 -17.40
N ILE CA 400 75.70 86.87 -16.79
CA ILE CA 400 74.73 87.61 -16.00
C ILE CA 400 75.40 88.30 -14.82
N LEU CA 401 76.29 87.57 -14.13
CA LEU CA 401 76.96 88.13 -12.96
C LEU CA 401 77.86 89.31 -13.32
N THR CA 402 78.38 89.34 -14.54
CA THR CA 402 79.25 90.43 -14.97
C THR CA 402 78.50 91.57 -15.65
N ARG CA 403 77.32 91.30 -16.20
CA ARG CA 403 76.54 92.36 -16.82
C ARG CA 403 75.66 93.07 -15.81
N LEU CA 404 75.33 92.43 -14.70
CA LEU CA 404 74.57 93.12 -13.66
C LEU CA 404 75.29 94.36 -13.12
N PRO CA 405 76.58 94.32 -12.79
CA PRO CA 405 77.25 95.56 -12.36
C PRO CA 405 77.24 96.64 -13.41
N GLU CA 406 77.29 96.29 -14.70
CA GLU CA 406 77.23 97.31 -15.74
C GLU CA 406 75.82 97.90 -15.87
N SER CA 407 74.79 97.07 -15.70
CA SER CA 407 73.44 97.58 -15.71
C SER CA 407 73.21 98.55 -14.54
N VAL CA 408 73.74 98.19 -13.36
CA VAL CA 408 73.66 99.12 -12.23
C VAL CA 408 74.51 100.36 -12.48
N GLU CA 409 75.64 100.20 -13.17
CA GLU CA 409 76.47 101.32 -13.58
C GLU CA 409 75.68 102.32 -14.41
N ARG CA 410 74.84 101.82 -15.31
CA ARG CA 410 74.08 102.70 -16.20
C ARG CA 410 73.22 103.68 -15.42
N LEU CA 411 72.71 103.26 -14.26
CA LEU CA 411 71.87 104.16 -13.47
C LEU CA 411 72.70 104.95 -12.45
N THR CA 412 73.47 104.25 -11.61
CA THR CA 412 74.16 104.92 -10.52
C THR CA 412 75.27 105.83 -11.04
N GLY CA 413 76.11 105.32 -11.93
CA GLY CA 413 77.23 106.09 -12.43
C GLY CA 413 78.47 106.05 -11.58
N VAL CA 414 78.57 105.10 -10.65
CA VAL CA 414 79.74 104.96 -9.79
C VAL CA 414 80.37 103.60 -10.03
N SER CA 415 81.69 103.59 -10.21
CA SER CA 415 82.40 102.39 -10.60
C SER CA 415 82.32 101.32 -9.52
N ILE CA 416 82.42 100.06 -9.96
CA ILE CA 416 82.39 98.93 -9.05
C ILE CA 416 83.70 98.16 -9.02
N SER CA 417 84.49 98.22 -10.09
CA SER CA 417 85.78 97.56 -10.16
C SER CA 417 86.89 98.60 -10.22
N GLN CA 418 87.94 98.39 -9.43
CA GLN CA 418 89.02 99.36 -9.38
C GLN CA 418 89.90 99.29 -10.63
N VAL CA 419 89.97 98.14 -11.28
CA VAL CA 419 90.77 97.99 -12.50
C VAL CA 419 89.93 97.39 -13.61
N MET DA 1 -169.02 -7.51 10.79
CA MET DA 1 -169.36 -7.71 12.20
C MET DA 1 -169.74 -6.37 12.82
N GLY DA 2 -168.89 -5.37 12.62
CA GLY DA 2 -169.12 -4.05 13.16
C GLY DA 2 -170.42 -3.42 12.67
N ASN DA 3 -171.18 -2.83 13.57
CA ASN DA 3 -172.48 -2.27 13.25
C ASN DA 3 -172.57 -0.85 13.78
N CYS DA 4 -173.30 0.00 13.05
CA CYS DA 4 -173.67 1.35 13.48
C CYS DA 4 -172.42 2.19 13.80
N HIS DA 5 -171.66 2.47 12.74
CA HIS DA 5 -170.46 3.27 12.83
C HIS DA 5 -170.71 4.71 12.38
N THR DA 6 -170.03 5.64 13.05
CA THR DA 6 -170.08 7.06 12.72
C THR DA 6 -168.67 7.60 12.68
N VAL DA 7 -168.46 8.65 11.87
CA VAL DA 7 -167.15 9.23 11.67
C VAL DA 7 -167.25 10.74 11.90
N GLY DA 8 -166.12 11.33 12.28
CA GLY DA 8 -166.06 12.76 12.53
C GLY DA 8 -166.06 13.56 11.24
N PRO DA 9 -166.19 14.88 11.36
CA PRO DA 9 -166.27 15.73 10.16
C PRO DA 9 -165.00 15.74 9.32
N ASN DA 10 -163.87 15.31 9.88
CA ASN DA 10 -162.62 15.32 9.11
C ASN DA 10 -162.60 14.27 8.02
N GLU DA 11 -163.26 13.13 8.22
CA GLU DA 11 -163.24 12.03 7.27
C GLU DA 11 -164.66 11.70 6.84
N ALA DA 12 -164.80 11.26 5.59
CA ALA DA 12 -166.08 10.91 5.01
C ALA DA 12 -166.23 9.40 5.03
N LEU DA 13 -167.34 8.92 5.59
CA LEU DA 13 -167.63 7.50 5.60
C LEU DA 13 -168.35 7.11 4.32
N VAL DA 14 -167.86 6.06 3.66
CA VAL DA 14 -168.45 5.57 2.41
C VAL DA 14 -168.93 4.14 2.64
N VAL DA 15 -170.18 3.89 2.27
CA VAL DA 15 -170.76 2.55 2.33
C VAL DA 15 -171.51 2.29 1.04
N SER DA 16 -171.47 1.04 0.58
CA SER DA 16 -172.18 0.64 -0.63
C SER DA 16 -172.59 -0.81 -0.49
N GLY DA 17 -173.85 -1.09 -0.81
CA GLY DA 17 -174.36 -2.45 -0.74
C GLY DA 17 -175.77 -2.59 -1.30
N GLY DA 18 -175.99 -3.65 -2.08
CA GLY DA 18 -177.29 -3.86 -2.70
C GLY DA 18 -178.24 -4.66 -1.83
N CYS DA 19 -179.14 -3.95 -1.15
CA CYS DA 19 -180.06 -4.62 -0.22
C CYS DA 19 -180.94 -5.63 -0.94
N CYS DA 20 -181.45 -5.26 -2.11
CA CYS DA 20 -182.20 -6.16 -2.98
C CYS DA 20 -181.49 -6.39 -4.31
N GLY DA 21 -180.18 -6.14 -4.36
CA GLY DA 21 -179.41 -6.23 -5.59
C GLY DA 21 -179.29 -4.93 -6.35
N SER DA 22 -180.06 -3.90 -5.98
CA SER DA 22 -179.96 -2.61 -6.62
C SER DA 22 -178.81 -1.80 -6.02
N ASP DA 23 -178.22 -0.95 -6.86
CA ASP DA 23 -177.03 -0.19 -6.48
C ASP DA 23 -177.44 0.93 -5.53
N TYR DA 24 -177.10 0.77 -4.25
CA TYR DA 24 -177.33 1.79 -3.24
C TYR DA 24 -176.00 2.13 -2.57
N LYS DA 25 -175.41 3.25 -2.96
CA LYS DA 25 -174.17 3.73 -2.38
C LYS DA 25 -174.45 4.98 -1.56
N GLN DA 26 -173.99 4.97 -0.31
CA GLN DA 26 -174.17 6.11 0.59
C GLN DA 26 -172.80 6.64 1.00
N TYR DA 27 -172.56 7.92 0.74
CA TYR DA 27 -171.33 8.59 1.13
C TYR DA 27 -171.71 9.78 2.01
N VAL DA 28 -171.31 9.73 3.28
CA VAL DA 28 -171.66 10.76 4.25
C VAL DA 28 -170.41 11.14 5.02
N PHE DA 29 -170.17 12.44 5.16
CA PHE DA 29 -169.03 12.97 5.89
C PHE DA 29 -169.50 13.47 7.24
N GLY DA 30 -168.88 12.99 8.31
CA GLY DA 30 -169.20 13.45 9.65
C GLY DA 30 -170.64 13.26 10.06
N GLY DA 31 -171.22 12.11 9.73
CA GLY DA 31 -172.62 11.88 10.02
C GLY DA 31 -172.90 10.55 10.68
N TRP DA 32 -174.02 9.91 10.31
CA TRP DA 32 -174.44 8.66 10.89
C TRP DA 32 -174.65 7.63 9.79
N ALA DA 33 -174.38 6.36 10.13
CA ALA DA 33 -174.59 5.26 9.21
C ALA DA 33 -174.63 3.96 10.00
N TRP DA 34 -175.16 2.92 9.36
CA TRP DA 34 -175.14 1.57 9.91
C TRP DA 34 -174.78 0.58 8.82
N ALA DA 35 -174.04 -0.46 9.19
CA ALA DA 35 -173.67 -1.53 8.28
C ALA DA 35 -173.62 -2.84 9.05
N TRP DA 36 -174.15 -3.90 8.45
CA TRP DA 36 -174.24 -5.20 9.09
C TRP DA 36 -173.01 -6.05 8.75
N TRP DA 37 -173.11 -7.35 9.03
CA TRP DA 37 -171.98 -8.26 8.82
C TRP DA 37 -171.50 -8.21 7.37
N CYS DA 38 -172.41 -8.35 6.40
CA CYS DA 38 -172.05 -8.26 4.99
C CYS DA 38 -173.06 -7.51 4.15
N ILE DA 39 -173.65 -6.42 4.67
CA ILE DA 39 -174.58 -5.67 3.83
C ILE DA 39 -173.85 -4.66 2.96
N SER DA 40 -172.75 -4.10 3.43
CA SER DA 40 -172.05 -3.06 2.69
C SER DA 40 -170.57 -3.09 3.09
N ASP DA 41 -169.84 -2.03 2.74
CA ASP DA 41 -168.43 -1.89 3.06
C ASP DA 41 -168.22 -0.64 3.90
N THR DA 42 -167.40 -0.75 4.94
CA THR DA 42 -167.12 0.35 5.85
C THR DA 42 -165.72 0.89 5.54
N GLN DA 43 -165.67 2.04 4.86
CA GLN DA 43 -164.40 2.69 4.55
C GLN DA 43 -164.54 4.18 4.80
N ARG DA 44 -163.41 4.83 5.04
CA ARG DA 44 -163.36 6.26 5.29
C ARG DA 44 -162.35 6.91 4.35
N ILE DA 45 -162.60 8.17 4.02
CA ILE DA 45 -161.71 8.96 3.16
C ILE DA 45 -161.20 10.12 3.99
N SER DA 46 -159.89 10.23 4.14
CA SER DA 46 -159.29 11.34 4.88
C SER DA 46 -159.37 12.62 4.06
N LEU DA 47 -160.23 13.56 4.47
CA LEU DA 47 -160.41 14.81 3.76
C LEU DA 47 -159.47 15.91 4.24
N GLU DA 48 -158.35 15.52 4.84
CA GLU DA 48 -157.37 16.50 5.31
C GLU DA 48 -156.62 17.11 4.14
N ILE DA 49 -156.05 18.30 4.37
CA ILE DA 49 -155.25 18.96 3.34
C ILE DA 49 -154.00 18.14 3.08
N MET DA 50 -153.65 17.99 1.80
CA MET DA 50 -152.42 17.32 1.39
C MET DA 50 -151.39 18.38 1.05
N THR DA 51 -150.18 18.23 1.58
CA THR DA 51 -149.11 19.17 1.32
C THR DA 51 -148.52 18.95 -0.07
N LEU DA 52 -148.23 20.04 -0.76
CA LEU DA 52 -147.66 19.99 -2.10
C LEU DA 52 -146.37 20.78 -2.14
N GLN DA 53 -145.34 20.21 -2.77
CA GLN DA 53 -144.07 20.89 -3.02
C GLN DA 53 -143.71 20.73 -4.49
N PRO DA 54 -144.47 21.35 -5.40
CA PRO DA 54 -144.11 21.27 -6.82
C PRO DA 54 -142.80 21.98 -7.09
N ARG DA 55 -141.83 21.23 -7.61
CA ARG DA 55 -140.51 21.76 -7.92
C ARG DA 55 -140.12 21.31 -9.32
N CYS DA 56 -140.16 22.24 -10.28
CA CYS DA 56 -139.82 21.97 -11.66
C CYS DA 56 -138.38 22.40 -11.91
N GLU DA 57 -137.60 21.51 -12.52
CA GLU DA 57 -136.18 21.75 -12.77
C GLU DA 57 -135.95 21.94 -14.27
N ASP DA 58 -135.23 23.01 -14.61
CA ASP DA 58 -134.86 23.31 -15.99
C ASP DA 58 -136.09 23.46 -16.88
N VAL DA 59 -136.97 24.38 -16.49
CA VAL DA 59 -138.18 24.68 -17.24
C VAL DA 59 -138.08 26.10 -17.78
N GLU DA 60 -138.61 26.31 -18.99
CA GLU DA 60 -138.41 27.54 -19.72
C GLU DA 60 -139.75 28.18 -20.09
N THR DA 61 -139.76 29.51 -20.09
CA THR DA 61 -140.95 30.29 -20.37
C THR DA 61 -141.07 30.53 -21.88
N ALA DA 62 -141.95 31.45 -22.27
CA ALA DA 62 -142.19 31.71 -23.68
C ALA DA 62 -140.93 32.21 -24.38
N GLU DA 63 -140.21 33.15 -23.75
CA GLU DA 63 -138.96 33.63 -24.31
C GLU DA 63 -137.83 32.63 -24.18
N GLY DA 64 -138.01 31.60 -23.35
CA GLY DA 64 -137.06 30.51 -23.27
C GLY DA 64 -136.07 30.56 -22.14
N VAL DA 65 -136.12 31.59 -21.29
CA VAL DA 65 -135.18 31.67 -20.17
C VAL DA 65 -135.44 30.53 -19.21
N ALA DA 66 -134.38 29.76 -18.91
CA ALA DA 66 -134.53 28.58 -18.07
C ALA DA 66 -134.62 28.98 -16.60
N LEU DA 67 -135.58 28.40 -15.90
CA LEU DA 67 -135.77 28.65 -14.48
C LEU DA 67 -136.03 27.32 -13.77
N THR DA 68 -135.72 27.29 -12.47
CA THR DA 68 -136.02 26.14 -11.62
C THR DA 68 -136.99 26.64 -10.56
N VAL DA 69 -138.28 26.58 -10.89
CA VAL DA 69 -139.33 27.21 -10.09
C VAL DA 69 -139.94 26.16 -9.17
N THR DA 70 -139.99 26.48 -7.88
CA THR DA 70 -140.62 25.65 -6.87
C THR DA 70 -141.90 26.31 -6.41
N GLY DA 71 -142.96 25.51 -6.22
CA GLY DA 71 -144.27 26.02 -5.90
C GLY DA 71 -144.85 25.40 -4.64
N VAL DA 72 -145.98 25.95 -4.21
CA VAL DA 72 -146.79 25.39 -3.14
C VAL DA 72 -148.26 25.50 -3.54
N ALA DA 73 -149.01 24.42 -3.34
CA ALA DA 73 -150.42 24.39 -3.66
C ALA DA 73 -151.19 23.72 -2.53
N GLN DA 74 -152.40 24.22 -2.28
CA GLN DA 74 -153.28 23.69 -1.24
C GLN DA 74 -154.37 22.84 -1.90
N VAL DA 75 -154.39 21.56 -1.55
CA VAL DA 75 -155.30 20.59 -2.17
C VAL DA 75 -156.03 19.82 -1.08
N LYS DA 76 -157.32 19.58 -1.32
CA LYS DA 76 -158.16 18.85 -0.39
C LYS DA 76 -159.29 18.20 -1.18
N ILE DA 77 -159.68 16.99 -0.76
CA ILE DA 77 -160.81 16.32 -1.39
C ILE DA 77 -162.09 17.08 -1.08
N MET DA 78 -162.90 17.32 -2.11
CA MET DA 78 -164.08 18.15 -1.98
C MET DA 78 -165.20 17.39 -1.26
N THR DA 79 -166.32 18.09 -1.02
CA THR DA 79 -167.46 17.53 -0.29
C THR DA 79 -168.76 17.76 -1.03
N GLU DA 80 -168.70 17.88 -2.36
CA GLU DA 80 -169.90 18.06 -3.18
C GLU DA 80 -170.72 16.77 -3.18
N LYS DA 81 -171.83 16.80 -3.93
CA LYS DA 81 -172.75 15.65 -3.99
C LYS DA 81 -172.39 14.68 -5.11
N GLU DA 82 -172.42 15.13 -6.35
CA GLU DA 82 -172.14 14.25 -7.47
C GLU DA 82 -170.63 14.01 -7.66
N LEU DA 83 -169.79 14.98 -7.27
CA LEU DA 83 -168.36 14.79 -7.39
C LEU DA 83 -167.83 13.77 -6.39
N LEU DA 84 -168.49 13.63 -5.25
CA LEU DA 84 -168.05 12.62 -4.28
C LEU DA 84 -168.41 11.21 -4.72
N ALA DA 85 -169.37 11.04 -5.63
CA ALA DA 85 -169.52 9.75 -6.26
C ALA DA 85 -168.25 9.36 -7.01
N VAL DA 86 -167.69 10.30 -7.76
CA VAL DA 86 -166.42 10.07 -8.46
C VAL DA 86 -165.30 9.85 -7.47
N ALA DA 87 -165.29 10.65 -6.40
CA ALA DA 87 -164.23 10.54 -5.39
C ALA DA 87 -164.23 9.16 -4.75
N CYS DA 88 -165.42 8.64 -4.42
CA CYS DA 88 -165.52 7.34 -3.79
C CYS DA 88 -165.24 6.21 -4.78
N GLU DA 89 -165.71 6.34 -6.01
CA GLU DA 89 -165.43 5.32 -7.02
C GLU DA 89 -164.02 5.42 -7.58
N GLN DA 90 -163.25 6.42 -7.17
CA GLN DA 90 -162.01 6.77 -7.85
C GLN DA 90 -160.75 6.21 -7.20
N PHE DA 91 -160.50 6.55 -5.94
CA PHE DA 91 -159.14 6.43 -5.43
C PHE DA 91 -158.97 5.44 -4.29
N LEU DA 92 -159.72 5.60 -3.20
CA LEU DA 92 -159.49 4.80 -2.00
C LEU DA 92 -159.60 3.31 -2.29
N GLY DA 93 -158.93 2.48 -1.49
CA GLY DA 93 -158.24 2.88 -0.28
C GLY DA 93 -156.73 3.04 -0.34
N LYS DA 94 -156.23 3.62 -1.41
CA LYS DA 94 -154.80 3.93 -1.49
C LYS DA 94 -154.47 5.02 -0.47
N ASN DA 95 -153.29 4.92 0.15
CA ASN DA 95 -152.98 5.70 1.33
C ASN DA 95 -152.59 7.14 0.95
N VAL DA 96 -152.32 7.94 1.98
CA VAL DA 96 -152.09 9.38 1.81
C VAL DA 96 -150.89 9.65 0.92
N GLN DA 97 -149.84 8.82 1.02
CA GLN DA 97 -148.69 8.98 0.13
C GLN DA 97 -149.13 8.85 -1.32
N ASP DA 98 -150.13 8.02 -1.59
CA ASP DA 98 -150.59 7.87 -2.96
C ASP DA 98 -151.32 9.12 -3.45
N ILE DA 99 -152.18 9.73 -2.61
CA ILE DA 99 -152.79 10.99 -2.98
C ILE DA 99 -151.70 12.01 -3.29
N LYS DA 100 -150.75 12.16 -2.37
CA LYS DA 100 -149.77 13.23 -2.52
C LYS DA 100 -148.88 13.01 -3.74
N ASN DA 101 -148.47 11.78 -4.01
CA ASN DA 101 -147.66 11.52 -5.20
C ASN DA 101 -148.44 11.78 -6.48
N VAL DA 102 -149.66 11.27 -6.57
CA VAL DA 102 -150.43 11.47 -7.80
C VAL DA 102 -150.67 12.94 -8.05
N VAL DA 103 -151.12 13.67 -7.02
CA VAL DA 103 -151.39 15.10 -7.19
C VAL DA 103 -150.09 15.85 -7.46
N LEU DA 104 -148.98 15.38 -6.89
CA LEU DA 104 -147.70 16.03 -7.12
C LEU DA 104 -147.29 15.96 -8.58
N GLN DA 105 -147.33 14.77 -9.18
CA GLN DA 105 -146.96 14.68 -10.59
C GLN DA 105 -147.94 15.45 -11.48
N THR DA 106 -149.24 15.33 -11.24
CA THR DA 106 -150.17 15.98 -12.16
C THR DA 106 -150.06 17.50 -12.07
N LEU DA 107 -149.99 18.05 -10.85
CA LEU DA 107 -149.82 19.49 -10.71
C LEU DA 107 -148.42 19.93 -11.13
N GLU DA 108 -147.43 19.03 -11.06
CA GLU DA 108 -146.12 19.35 -11.62
C GLU DA 108 -146.22 19.62 -13.11
N GLY DA 109 -146.86 18.70 -13.83
CA GLY DA 109 -147.07 18.90 -15.25
C GLY DA 109 -147.86 20.16 -15.54
N HIS DA 110 -148.95 20.36 -14.80
CA HIS DA 110 -149.82 21.51 -15.06
C HIS DA 110 -149.07 22.83 -14.77
N LEU DA 111 -148.31 22.86 -13.67
CA LEU DA 111 -147.57 24.07 -13.31
C LEU DA 111 -146.49 24.38 -14.33
N ARG DA 112 -145.74 23.37 -14.76
CA ARG DA 112 -144.74 23.61 -15.80
C ARG DA 112 -145.41 24.11 -17.08
N SER DA 113 -146.55 23.51 -17.44
CA SER DA 113 -147.26 23.92 -18.65
C SER DA 113 -147.66 25.39 -18.59
N ILE DA 114 -148.32 25.79 -17.50
CA ILE DA 114 -148.75 27.18 -17.40
C ILE DA 114 -147.56 28.12 -17.29
N LEU DA 115 -146.48 27.67 -16.61
CA LEU DA 115 -145.29 28.50 -16.54
C LEU DA 115 -144.72 28.76 -17.92
N GLY DA 116 -144.74 27.74 -18.78
CA GLY DA 116 -144.39 27.96 -20.17
C GLY DA 116 -145.37 28.88 -20.88
N THR DA 117 -146.63 28.86 -20.44
CA THR DA 117 -147.66 29.66 -21.11
C THR DA 117 -147.37 31.15 -21.00
N LEU DA 118 -146.96 31.62 -19.83
CA LEU DA 118 -146.69 33.05 -19.65
C LEU DA 118 -145.18 33.31 -19.70
N THR DA 119 -144.84 34.59 -19.80
CA THR DA 119 -143.44 34.99 -19.90
C THR DA 119 -142.85 35.24 -18.52
N VAL DA 120 -141.52 35.37 -18.48
CA VAL DA 120 -140.81 35.59 -17.23
C VAL DA 120 -141.06 36.98 -16.67
N GLU DA 121 -141.33 37.98 -17.52
CA GLU DA 121 -141.67 39.30 -17.01
C GLU DA 121 -142.97 39.25 -16.21
N GLN DA 122 -143.94 38.46 -16.68
CA GLN DA 122 -145.19 38.32 -15.94
C GLN DA 122 -144.99 37.59 -14.61
N ILE DA 123 -144.20 36.51 -14.60
CA ILE DA 123 -143.95 35.82 -13.33
C ILE DA 123 -143.12 36.72 -12.41
N TYR DA 124 -142.46 37.72 -12.98
CA TYR DA 124 -141.72 38.70 -12.18
C TYR DA 124 -142.67 39.70 -11.53
N GLN DA 125 -143.43 40.43 -12.34
CA GLN DA 125 -144.27 41.52 -11.85
C GLN DA 125 -145.58 41.02 -11.26
N ASP DA 126 -146.42 40.40 -12.08
CA ASP DA 126 -147.78 40.03 -11.69
C ASP DA 126 -147.87 38.50 -11.62
N ARG DA 127 -147.52 37.96 -10.45
CA ARG DA 127 -147.65 36.53 -10.23
C ARG DA 127 -148.84 36.16 -9.34
N ASP DA 128 -149.50 37.14 -8.73
CA ASP DA 128 -150.82 36.88 -8.15
C ASP DA 128 -151.82 36.55 -9.25
N GLN DA 129 -151.79 37.33 -10.35
CA GLN DA 129 -152.59 36.99 -11.51
C GLN DA 129 -152.14 35.67 -12.13
N PHE DA 130 -150.85 35.34 -12.00
CA PHE DA 130 -150.37 34.04 -12.45
C PHE DA 130 -151.07 32.92 -11.69
N ALA DA 131 -151.17 33.06 -10.36
CA ALA DA 131 -151.89 32.07 -9.57
C ALA DA 131 -153.38 32.07 -9.88
N LYS DA 132 -153.95 33.25 -10.16
CA LYS DA 132 -155.37 33.32 -10.51
C LYS DA 132 -155.64 32.59 -11.82
N LEU DA 133 -154.72 32.68 -12.78
CA LEU DA 133 -154.84 31.91 -14.02
C LEU DA 133 -154.54 30.43 -13.80
N VAL DA 134 -153.65 30.11 -12.86
CA VAL DA 134 -153.42 28.71 -12.50
C VAL DA 134 -154.70 28.08 -12.01
N ARG DA 135 -155.44 28.80 -11.16
CA ARG DA 135 -156.76 28.33 -10.74
C ARG DA 135 -157.67 28.12 -11.94
N GLU DA 136 -157.78 29.13 -12.81
CA GLU DA 136 -158.66 29.07 -13.97
C GLU DA 136 -158.37 27.88 -14.87
N VAL DA 137 -157.09 27.49 -15.01
CA VAL DA 137 -156.74 26.38 -15.88
C VAL DA 137 -156.68 25.04 -15.15
N ALA DA 138 -156.51 25.01 -13.83
CA ALA DA 138 -156.31 23.75 -13.12
C ALA DA 138 -157.59 23.24 -12.49
N ALA DA 139 -158.52 24.13 -12.14
CA ALA DA 139 -159.83 23.69 -11.67
C ALA DA 139 -160.55 22.76 -12.64
N PRO DA 140 -160.57 23.00 -13.96
CA PRO DA 140 -161.28 22.09 -14.86
C PRO DA 140 -160.75 20.65 -14.86
N ASP DA 141 -159.46 20.44 -14.58
CA ASP DA 141 -158.89 19.09 -14.65
C ASP DA 141 -158.57 18.50 -13.29
N VAL DA 142 -157.98 19.27 -12.37
CA VAL DA 142 -157.69 18.75 -11.05
C VAL DA 142 -158.97 18.43 -10.29
N GLY DA 143 -160.07 19.11 -10.62
CA GLY DA 143 -161.34 18.80 -9.99
C GLY DA 143 -162.01 17.55 -10.54
N ARG DA 144 -161.52 17.01 -11.66
CA ARG DA 144 -162.12 15.82 -12.24
C ARG DA 144 -161.96 14.61 -11.31
N MET DA 145 -160.80 14.48 -10.67
CA MET DA 145 -160.57 13.41 -9.71
C MET DA 145 -160.98 13.80 -8.29
N GLY DA 146 -161.79 14.85 -8.15
CA GLY DA 146 -162.33 15.22 -6.85
C GLY DA 146 -161.41 16.01 -5.95
N ILE DA 147 -160.27 16.48 -6.46
CA ILE DA 147 -159.31 17.21 -5.64
C ILE DA 147 -159.52 18.71 -5.87
N GLU DA 148 -159.77 19.44 -4.79
CA GLU DA 148 -159.94 20.88 -4.87
C GLU DA 148 -158.59 21.59 -4.72
N ILE DA 149 -158.56 22.84 -5.17
CA ILE DA 149 -157.34 23.65 -5.07
C ILE DA 149 -157.63 24.86 -4.20
N LEU DA 150 -157.33 24.74 -2.91
CA LEU DA 150 -157.62 25.83 -1.98
C LEU DA 150 -156.75 27.05 -2.27
N SER DA 151 -155.47 26.84 -2.57
CA SER DA 151 -154.56 27.93 -2.85
C SER DA 151 -153.45 27.44 -3.76
N PHE DA 152 -152.80 28.38 -4.43
CA PHE DA 152 -151.71 28.07 -5.36
C PHE DA 152 -150.77 29.26 -5.46
N THR DA 153 -149.47 28.98 -5.42
CA THR DA 153 -148.45 29.97 -5.73
C THR DA 153 -147.12 29.24 -5.86
N ILE DA 154 -146.05 30.00 -6.09
CA ILE DA 154 -144.72 29.44 -6.30
C ILE DA 154 -143.83 29.80 -5.11
N LYS DA 155 -143.06 28.82 -4.64
CA LYS DA 155 -142.27 29.00 -3.44
C LYS DA 155 -141.03 29.85 -3.70
N ASP DA 156 -140.17 29.41 -4.60
CA ASP DA 156 -138.94 30.15 -4.90
C ASP DA 156 -138.57 29.93 -6.36
N VAL DA 157 -137.83 30.88 -6.89
CA VAL DA 157 -137.38 30.85 -8.29
C VAL DA 157 -135.87 30.97 -8.31
N TYR DA 158 -135.21 30.08 -9.05
CA TYR DA 158 -133.76 30.08 -9.17
C TYR DA 158 -133.37 29.96 -10.63
N ASP DA 159 -132.28 30.63 -11.01
CA ASP DA 159 -131.81 30.65 -12.37
C ASP DA 159 -130.32 30.36 -12.43
N LYS DA 160 -129.90 29.68 -13.50
CA LYS DA 160 -128.50 29.42 -13.76
C LYS DA 160 -127.88 30.45 -14.70
N VAL DA 161 -128.69 31.12 -15.50
CA VAL DA 161 -128.22 32.18 -16.40
C VAL DA 161 -128.51 33.56 -15.82
N ASP DA 162 -128.61 33.65 -14.49
CA ASP DA 162 -128.70 34.90 -13.70
C ASP DA 162 -129.55 35.98 -14.39
N TYR DA 163 -130.83 35.65 -14.59
CA TYR DA 163 -131.81 36.62 -15.08
C TYR DA 163 -132.08 37.72 -14.05
N LEU DA 164 -132.58 37.33 -12.89
CA LEU DA 164 -133.05 38.30 -11.90
C LEU DA 164 -131.90 39.12 -11.33
N SER DA 165 -130.74 38.49 -11.11
CA SER DA 165 -129.58 39.24 -10.63
C SER DA 165 -129.17 40.29 -11.64
N SER DA 166 -129.23 39.96 -12.93
CA SER DA 166 -128.97 40.96 -13.97
C SER DA 166 -130.02 42.06 -13.93
N LEU DA 167 -131.28 41.69 -13.70
CA LEU DA 167 -132.35 42.69 -13.66
C LEU DA 167 -132.19 43.65 -12.49
N GLY DA 168 -131.61 43.20 -11.39
CA GLY DA 168 -131.39 44.06 -10.24
C GLY DA 168 -130.27 45.07 -10.43
N LYS DA 169 -129.41 44.81 -11.42
CA LYS DA 169 -128.28 45.69 -11.69
C LYS DA 169 -128.74 47.09 -12.08
N THR DA 170 -129.96 47.23 -12.61
CA THR DA 170 -130.40 48.52 -13.11
C THR DA 170 -130.47 49.56 -12.01
N GLN DA 171 -130.94 49.17 -10.84
CA GLN DA 171 -131.10 50.11 -9.74
C GLN DA 171 -130.15 49.85 -8.58
N THR DA 172 -129.43 48.73 -8.57
CA THR DA 172 -128.48 48.50 -7.49
C THR DA 172 -127.37 49.56 -7.49
N ALA DA 173 -127.22 50.30 -8.58
CA ALA DA 173 -126.22 51.36 -8.67
C ALA DA 173 -126.82 52.76 -8.59
N VAL DA 174 -128.13 52.89 -8.81
CA VAL DA 174 -128.76 54.21 -8.74
C VAL DA 174 -128.66 54.78 -7.33
N VAL DA 175 -128.96 53.95 -6.32
CA VAL DA 175 -128.80 54.40 -4.94
C VAL DA 175 -127.33 54.66 -4.63
N GLN DA 176 -126.44 53.85 -5.20
CA GLN DA 176 -125.02 54.13 -5.05
C GLN DA 176 -124.63 55.44 -5.73
N ARG DA 177 -125.24 55.72 -6.89
CA ARG DA 177 -125.03 57.02 -7.53
C ARG DA 177 -125.42 58.16 -6.61
N ASP DA 178 -126.62 58.09 -6.03
CA ASP DA 178 -127.08 59.17 -5.16
C ASP DA 178 -126.20 59.29 -3.91
N ALA DA 179 -125.78 58.16 -3.34
CA ALA DA 179 -124.93 58.19 -2.17
C ALA DA 179 -123.58 58.84 -2.48
N ASP DA 180 -123.00 58.50 -3.63
CA ASP DA 180 -121.74 59.11 -4.02
C ASP DA 180 -121.89 60.60 -4.24
N ILE DA 181 -123.00 61.02 -4.87
CA ILE DA 181 -123.23 62.45 -5.07
C ILE DA 181 -123.32 63.17 -3.73
N GLY DA 182 -124.08 62.60 -2.79
CA GLY DA 182 -124.25 63.24 -1.50
C GLY DA 182 -122.95 63.34 -0.72
N VAL DA 183 -122.18 62.25 -0.70
CA VAL DA 183 -120.93 62.27 0.05
C VAL DA 183 -119.94 63.24 -0.60
N ALA DA 184 -119.95 63.33 -1.93
CA ALA DA 184 -119.06 64.29 -2.60
C ALA DA 184 -119.43 65.71 -2.23
N GLU DA 185 -120.73 66.03 -2.25
CA GLU DA 185 -121.15 67.38 -1.89
C GLU DA 185 -120.79 67.71 -0.44
N ALA DA 186 -121.01 66.75 0.47
CA ALA DA 186 -120.70 66.98 1.87
C ALA DA 186 -119.21 67.22 2.08
N GLU DA 187 -118.37 66.40 1.44
CA GLU DA 187 -116.93 66.59 1.56
C GLU DA 187 -116.50 67.91 0.96
N ARG DA 188 -117.14 68.34 -0.13
CA ARG DA 188 -116.82 69.63 -0.72
C ARG DA 188 -117.12 70.76 0.26
N ASP DA 189 -118.29 70.73 0.89
CA ASP DA 189 -118.65 71.79 1.83
C ASP DA 189 -117.70 71.79 3.04
N ALA DA 190 -117.41 70.61 3.57
CA ALA DA 190 -116.49 70.52 4.71
C ALA DA 190 -115.13 71.10 4.34
N GLY DA 191 -114.60 70.72 3.17
CA GLY DA 191 -113.30 71.19 2.77
C GLY DA 191 -113.26 72.69 2.56
N ILE DA 192 -114.28 73.24 1.89
CA ILE DA 192 -114.28 74.68 1.64
C ILE DA 192 -114.30 75.45 2.96
N ARG DA 193 -115.18 75.06 3.90
CA ARG DA 193 -115.32 75.94 5.04
C ARG DA 193 -114.15 75.74 6.00
N GLU DA 194 -113.59 74.53 6.04
CA GLU DA 194 -112.37 74.28 6.82
C GLU DA 194 -111.19 75.08 6.28
N ALA DA 195 -111.07 75.16 4.95
CA ALA DA 195 -110.00 75.98 4.37
C ALA DA 195 -110.19 77.44 4.74
N GLU DA 196 -111.44 77.92 4.74
CA GLU DA 196 -111.69 79.29 5.17
C GLU DA 196 -111.24 79.51 6.62
N CYS DA 197 -111.58 78.57 7.51
CA CYS DA 197 -111.16 78.69 8.91
C CYS DA 197 -109.65 78.72 9.03
N LYS DA 198 -108.98 77.82 8.32
CA LYS DA 198 -107.51 77.76 8.38
C LYS DA 198 -106.91 79.07 7.89
N LYS DA 199 -107.48 79.64 6.83
CA LYS DA 199 -106.99 80.90 6.30
C LYS DA 199 -107.11 82.01 7.34
N GLU DA 200 -108.28 82.14 7.97
CA GLU DA 200 -108.45 83.21 8.95
C GLU DA 200 -107.50 83.05 10.14
N MET DA 201 -107.36 81.81 10.63
CA MET DA 201 -106.50 81.62 11.80
C MET DA 201 -105.04 81.87 11.46
N LEU DA 202 -104.60 81.49 10.25
CA LEU DA 202 -103.23 81.82 9.85
C LEU DA 202 -103.03 83.32 9.73
N ASP DA 203 -103.99 84.06 9.18
CA ASP DA 203 -103.82 85.50 9.08
C ASP DA 203 -103.64 86.12 10.46
N VAL DA 204 -104.49 85.73 11.43
CA VAL DA 204 -104.36 86.34 12.74
C VAL DA 204 -103.06 85.91 13.42
N LYS DA 205 -102.68 84.65 13.28
CA LYS DA 205 -101.43 84.18 13.88
C LYS DA 205 -100.23 84.92 13.31
N PHE DA 206 -100.23 85.17 12.00
CA PHE DA 206 -99.11 85.89 11.40
C PHE DA 206 -99.09 87.35 11.81
N MET DA 207 -100.26 87.96 12.02
CA MET DA 207 -100.27 89.32 12.54
C MET DA 207 -99.67 89.37 13.94
N ALA DA 208 -100.05 88.42 14.79
CA ALA DA 208 -99.48 88.35 16.14
C ALA DA 208 -97.97 88.14 16.09
N ASP DA 209 -97.51 87.25 15.21
CA ASP DA 209 -96.08 87.01 15.07
C ASP DA 209 -95.35 88.24 14.55
N THR DA 210 -95.98 89.02 13.68
CA THR DA 210 -95.39 90.27 13.22
C THR DA 210 -95.20 91.24 14.39
N LYS DA 211 -96.21 91.35 15.25
CA LYS DA 211 -96.06 92.21 16.42
C LYS DA 211 -94.95 91.71 17.34
N ILE DA 212 -94.86 90.39 17.52
CA ILE DA 212 -93.79 89.82 18.35
C ILE DA 212 -92.43 90.15 17.76
N ALA DA 213 -92.30 90.03 16.43
CA ALA DA 213 -91.04 90.36 15.78
C ALA DA 213 -90.69 91.82 15.96
N ASP DA 214 -91.68 92.71 15.90
CA ASP DA 214 -91.41 94.12 16.12
C ASP DA 214 -90.89 94.36 17.54
N SER DA 215 -91.52 93.74 18.53
CA SER DA 215 -91.06 93.90 19.91
C SER DA 215 -89.64 93.35 20.08
N LYS DA 216 -89.36 92.21 19.46
CA LYS DA 216 -88.03 91.62 19.53
C LYS DA 216 -86.99 92.53 18.89
N ARG DA 217 -87.34 93.15 17.76
CA ARG DA 217 -86.43 94.08 17.11
C ARG DA 217 -86.14 95.28 18.00
N ALA DA 218 -87.17 95.84 18.62
CA ALA DA 218 -86.95 96.98 19.51
C ALA DA 218 -86.04 96.60 20.67
N PHE DA 219 -86.30 95.44 21.28
CA PHE DA 219 -85.49 95.01 22.41
C PHE DA 219 -84.03 94.79 21.99
N GLU DA 220 -83.82 94.10 20.87
CA GLU DA 220 -82.46 93.84 20.43
C GLU DA 220 -81.74 95.13 20.09
N LEU DA 221 -82.42 96.07 19.45
CA LEU DA 221 -81.79 97.35 19.11
C LEU DA 221 -81.36 98.09 20.37
N GLN DA 222 -82.26 98.18 21.37
CA GLN DA 222 -81.90 98.87 22.60
C GLN DA 222 -80.75 98.17 23.33
N LYS DA 223 -80.78 96.84 23.38
CA LYS DA 223 -79.74 96.10 24.08
C LYS DA 223 -78.39 96.28 23.40
N SER DA 224 -78.34 96.23 22.07
CA SER DA 224 -77.08 96.45 21.36
C SER DA 224 -76.59 97.88 21.57
N ALA DA 225 -77.51 98.84 21.55
CA ALA DA 225 -77.11 100.23 21.78
C ALA DA 225 -76.48 100.39 23.15
N PHE DA 226 -77.06 99.76 24.17
CA PHE DA 226 -76.49 99.86 25.51
C PHE DA 226 -75.13 99.17 25.57
N SER DA 227 -75.03 97.99 24.96
CA SER DA 227 -73.77 97.26 24.92
C SER DA 227 -72.67 98.08 24.28
N GLU DA 228 -73.02 98.95 23.34
CA GLU DA 228 -72.02 99.80 22.71
C GLU DA 228 -71.24 100.61 23.75
N GLU DA 229 -71.92 101.48 24.50
CA GLU DA 229 -71.18 102.31 25.44
C GLU DA 229 -70.66 101.51 26.64
N VAL DA 230 -71.33 100.42 27.02
CA VAL DA 230 -70.75 99.67 28.13
C VAL DA 230 -69.43 99.05 27.72
N ASN DA 231 -69.33 98.56 26.48
CA ASN DA 231 -68.07 98.02 25.99
C ASN DA 231 -67.03 99.12 25.83
N ILE DA 232 -67.45 100.31 25.40
CA ILE DA 232 -66.50 101.42 25.28
C ILE DA 232 -65.89 101.74 26.64
N LYS DA 233 -66.74 101.87 27.66
CA LYS DA 233 -66.24 102.20 28.99
C LYS DA 233 -65.35 101.10 29.54
N THR DA 234 -65.71 99.83 29.34
CA THR DA 234 -64.82 98.76 29.77
C THR DA 234 -63.47 98.87 29.07
N ALA DA 235 -63.48 98.96 27.74
CA ALA DA 235 -62.22 99.00 26.99
C ALA DA 235 -61.32 100.11 27.49
N GLU DA 236 -61.89 101.24 27.89
CA GLU DA 236 -61.09 102.24 28.61
C GLU DA 236 -60.59 101.70 29.94
N ALA DA 237 -61.41 100.92 30.63
CA ALA DA 237 -61.08 100.50 32.00
C ALA DA 237 -59.85 99.60 32.04
N GLN DA 238 -59.75 98.61 31.14
CA GLN DA 238 -58.56 97.75 31.23
C GLN DA 238 -57.27 98.54 30.99
N LEU DA 239 -57.25 99.42 30.00
CA LEU DA 239 -55.99 100.03 29.58
C LEU DA 239 -55.64 101.31 30.34
N ALA DA 240 -56.55 101.82 31.17
CA ALA DA 240 -56.12 102.89 32.09
C ALA DA 240 -54.96 102.44 32.97
N TYR DA 241 -54.94 101.15 33.33
CA TYR DA 241 -53.84 100.61 34.13
C TYR DA 241 -52.52 100.75 33.41
N GLU DA 242 -52.46 100.33 32.14
CA GLU DA 242 -51.22 100.44 31.38
C GLU DA 242 -50.83 101.89 31.17
N LEU DA 243 -51.81 102.76 30.95
CA LEU DA 243 -51.50 104.18 30.75
C LEU DA 243 -50.80 104.75 31.98
N GLN DA 244 -51.40 104.55 33.17
CA GLN DA 244 -50.77 105.05 34.38
C GLN DA 244 -49.45 104.35 34.67
N GLY DA 245 -49.34 103.07 34.31
CA GLY DA 245 -48.08 102.36 34.53
C GLY DA 245 -46.95 102.95 33.72
N ALA DA 246 -47.20 103.27 32.44
CA ALA DA 246 -46.18 103.92 31.62
C ALA DA 246 -45.86 105.31 32.15
N ARG DA 247 -46.90 106.05 32.56
CA ARG DA 247 -46.67 107.39 33.08
C ARG DA 247 -45.77 107.36 34.30
N GLU DA 248 -45.95 106.36 35.18
CA GLU DA 248 -45.08 106.23 36.34
C GLU DA 248 -43.71 105.70 35.96
N GLN DA 249 -43.63 104.74 35.03
CA GLN DA 249 -42.35 104.22 34.57
C GLN DA 249 -41.47 105.32 34.01
N GLN DA 250 -42.06 106.39 33.49
CA GLN DA 250 -41.27 107.56 33.11
C GLN DA 250 -40.34 107.98 34.24
N LYS DA 251 -40.91 108.35 35.39
CA LYS DA 251 -40.10 108.78 36.53
C LYS DA 251 -39.28 107.64 37.12
N ILE DA 252 -39.82 106.42 37.10
CA ILE DA 252 -39.08 105.28 37.62
C ILE DA 252 -37.74 105.15 36.89
N ARG DA 253 -37.79 105.16 35.56
CA ARG DA 253 -36.57 105.03 34.79
C ARG DA 253 -35.73 106.30 34.84
N GLN DA 254 -36.37 107.46 34.99
CA GLN DA 254 -35.63 108.70 35.19
C GLN DA 254 -34.67 108.58 36.37
N GLU DA 255 -35.18 108.12 37.51
CA GLU DA 255 -34.30 107.95 38.66
C GLU DA 255 -33.35 106.77 38.52
N GLU DA 256 -33.82 105.66 37.93
CA GLU DA 256 -32.94 104.51 37.73
C GLU DA 256 -31.73 104.88 36.88
N ILE DA 257 -31.88 105.84 35.97
CA ILE DA 257 -30.76 106.30 35.16
C ILE DA 257 -30.00 107.46 35.79
N GLU DA 258 -30.65 108.26 36.63
CA GLU DA 258 -29.91 109.23 37.43
C GLU DA 258 -28.96 108.57 38.42
N ILE DA 259 -29.21 107.30 38.74
CA ILE DA 259 -28.26 106.54 39.58
C ILE DA 259 -26.84 106.67 39.04
N GLU DA 260 -26.61 106.21 37.82
CA GLU DA 260 -25.25 106.23 37.29
C GLU DA 260 -24.81 107.62 36.86
N VAL DA 261 -25.73 108.55 36.63
CA VAL DA 261 -25.34 109.94 36.45
C VAL DA 261 -24.63 110.44 37.70
N VAL DA 262 -25.25 110.21 38.86
CA VAL DA 262 -24.65 110.61 40.13
C VAL DA 262 -23.34 109.88 40.36
N GLN DA 263 -23.29 108.58 40.01
CA GLN DA 263 -22.06 107.81 40.18
C GLN DA 263 -20.91 108.38 39.34
N ARG DA 264 -21.16 108.62 38.06
CA ARG DA 264 -20.13 109.12 37.17
C ARG DA 264 -19.77 110.57 37.47
N LYS DA 265 -20.66 111.31 38.14
CA LYS DA 265 -20.34 112.68 38.51
C LYS DA 265 -19.15 112.74 39.46
N LYS DA 266 -19.02 111.77 40.36
CA LYS DA 266 -17.91 111.72 41.30
C LYS DA 266 -16.82 110.73 40.90
N GLN DA 267 -17.09 109.87 39.91
CA GLN DA 267 -15.96 109.25 39.24
C GLN DA 267 -14.97 110.28 38.71
N ILE DA 268 -15.41 111.52 38.52
CA ILE DA 268 -14.50 112.61 38.15
C ILE DA 268 -13.45 112.80 39.24
N ALA DA 269 -13.89 112.91 40.49
CA ALA DA 269 -12.94 113.07 41.59
C ALA DA 269 -12.10 111.81 41.76
N VAL DA 270 -12.70 110.65 41.53
CA VAL DA 270 -11.93 109.41 41.55
C VAL DA 270 -10.76 109.51 40.58
N GLU DA 271 -11.04 109.95 39.35
CA GLU DA 271 -9.99 110.03 38.34
C GLU DA 271 -8.99 111.14 38.64
N ALA DA 272 -9.41 112.23 39.27
CA ALA DA 272 -8.46 113.27 39.64
C ALA DA 272 -7.46 112.75 40.68
N GLN DA 273 -7.96 112.05 41.71
CA GLN DA 273 -7.05 111.43 42.66
C GLN DA 273 -6.16 110.41 41.98
N GLU DA 274 -6.70 109.67 41.00
CA GLU DA 274 -5.87 108.76 40.22
C GLU DA 274 -4.78 109.51 39.45
N ILE DA 275 -5.09 110.70 38.92
CA ILE DA 275 -4.08 111.49 38.23
C ILE DA 275 -2.93 111.83 39.17
N LEU DA 276 -3.27 112.30 40.38
CA LEU DA 276 -2.20 112.61 41.34
C LEU DA 276 -1.39 111.37 41.68
N ARG DA 277 -2.07 110.25 41.94
CA ARG DA 277 -1.36 109.02 42.30
C ARG DA 277 -0.44 108.56 41.18
N THR DA 278 -0.92 108.60 39.93
CA THR DA 278 -0.09 108.12 38.83
C THR DA 278 1.05 109.09 38.54
N ASP DA 279 0.85 110.39 38.78
CA ASP DA 279 1.96 111.32 38.68
C ASP DA 279 3.07 110.94 39.66
N LYS DA 280 2.71 110.75 40.92
CA LYS DA 280 3.73 110.39 41.91
C LYS DA 280 4.35 109.03 41.60
N GLU DA 281 3.54 108.07 41.14
CA GLU DA 281 4.04 106.75 40.82
C GLU DA 281 5.03 106.80 39.66
N LEU DA 282 4.71 107.58 38.62
CA LEU DA 282 5.64 107.73 37.50
C LEU DA 282 6.93 108.40 37.95
N ILE DA 283 6.83 109.40 38.83
CA ILE DA 283 8.04 109.98 39.40
C ILE DA 283 8.90 108.88 40.02
N ALA DA 284 8.36 108.21 41.04
CA ALA DA 284 9.14 107.23 41.79
C ALA DA 284 9.61 106.08 40.90
N THR DA 285 8.92 105.83 39.79
CA THR DA 285 9.23 104.66 38.97
C THR DA 285 10.26 104.94 37.88
N VAL DA 286 10.21 106.11 37.24
CA VAL DA 286 11.12 106.33 36.11
C VAL DA 286 11.95 107.59 36.27
N ARG DA 287 11.47 108.58 37.02
CA ARG DA 287 12.19 109.85 37.08
C ARG DA 287 13.47 109.74 37.90
N ARG DA 288 13.40 109.08 39.05
CA ARG DA 288 14.56 108.92 39.93
C ARG DA 288 15.50 107.82 39.45
N PRO DA 289 15.00 106.67 38.97
CA PRO DA 289 15.92 105.70 38.35
C PRO DA 289 16.70 106.25 37.19
N ALA DA 290 16.13 107.18 36.42
CA ALA DA 290 16.88 107.81 35.34
C ALA DA 290 18.07 108.59 35.88
N GLU DA 291 17.86 109.36 36.96
CA GLU DA 291 18.95 110.12 37.55
C GLU DA 291 20.01 109.20 38.14
N ALA DA 292 19.57 108.12 38.80
CA ALA DA 292 20.52 107.15 39.35
C ALA DA 292 21.34 106.50 38.24
N GLU DA 293 20.69 106.15 37.12
CA GLU DA 293 21.41 105.58 35.99
C GLU DA 293 22.41 106.58 35.42
N ALA DA 294 22.03 107.85 35.32
CA ALA DA 294 22.96 108.86 34.83
C ALA DA 294 24.18 108.97 35.74
N HIS DA 295 23.95 108.98 37.05
CA HIS DA 295 25.07 109.05 38.00
C HIS DA 295 25.97 107.82 37.86
N ARG DA 296 25.36 106.63 37.73
CA ARG DA 296 26.15 105.41 37.57
C ARG DA 296 26.99 105.46 36.30
N ILE DA 297 26.39 105.91 35.20
CA ILE DA 297 27.12 105.97 33.93
C ILE DA 297 28.29 106.93 34.03
N GLN DA 298 28.07 108.11 34.64
CA GLN DA 298 29.16 109.08 34.70
C GLN DA 298 30.26 108.63 35.66
N GLN DA 299 29.90 107.96 36.76
CA GLN DA 299 30.93 107.41 37.66
C GLN DA 299 31.75 106.35 36.96
N ILE DA 300 31.09 105.41 36.27
CA ILE DA 300 31.82 104.34 35.59
C ILE DA 300 32.65 104.89 34.44
N ALA DA 301 32.14 105.93 33.76
CA ALA DA 301 32.92 106.57 32.71
C ALA DA 301 34.16 107.23 33.27
N GLU DA 302 34.05 107.87 34.44
CA GLU DA 302 35.23 108.44 35.09
C GLU DA 302 36.25 107.36 35.40
N GLY DA 303 35.79 106.25 35.97
CA GLY DA 303 36.70 105.15 36.27
C GLY DA 303 37.41 104.63 35.02
N GLU DA 304 36.64 104.40 33.96
CA GLU DA 304 37.22 103.88 32.72
C GLU DA 304 38.19 104.87 32.09
N LYS DA 305 37.85 106.16 32.13
CA LYS DA 305 38.76 107.16 31.57
C LYS DA 305 40.07 107.20 32.32
N VAL DA 306 40.02 107.16 33.67
CA VAL DA 306 41.26 107.16 34.43
C VAL DA 306 42.07 105.91 34.13
N LYS DA 307 41.40 104.76 34.04
CA LYS DA 307 42.11 103.52 33.73
C LYS DA 307 42.80 103.59 32.37
N GLN DA 308 42.08 104.09 31.36
CA GLN DA 308 42.66 104.18 30.03
C GLN DA 308 43.82 105.16 29.97
N VAL DA 309 43.69 106.30 30.66
CA VAL DA 309 44.78 107.27 30.68
C VAL DA 309 46.01 106.68 31.33
N LEU DA 310 45.84 105.99 32.47
CA LEU DA 310 46.98 105.39 33.14
C LEU DA 310 47.63 104.31 32.28
N LEU DA 311 46.81 103.47 31.64
CA LEU DA 311 47.35 102.43 30.78
C LEU DA 311 48.11 103.03 29.60
N ALA DA 312 47.58 104.11 29.02
CA ALA DA 312 48.26 104.78 27.91
C ALA DA 312 49.58 105.38 28.36
N GLN DA 313 49.61 105.98 29.54
CA GLN DA 313 50.87 106.53 30.06
C GLN DA 313 51.90 105.42 30.27
N ALA DA 314 51.45 104.29 30.83
CA ALA DA 314 52.35 103.16 31.04
C ALA DA 314 52.90 102.64 29.72
N GLU DA 315 52.04 102.50 28.72
CA GLU DA 315 52.49 102.03 27.42
C GLU DA 315 53.46 103.01 26.77
N ALA DA 316 53.17 104.30 26.89
CA ALA DA 316 54.03 105.32 26.30
C ALA DA 316 55.42 105.29 26.92
N GLU DA 317 55.50 105.17 28.25
CA GLU DA 317 56.83 105.16 28.87
C GLU DA 317 57.53 103.84 28.64
N LYS DA 318 56.76 102.74 28.51
CA LYS DA 318 57.32 101.48 28.04
C LYS DA 318 58.03 101.66 26.71
N ILE DA 319 57.34 102.28 25.75
CA ILE DA 319 57.91 102.49 24.43
C ILE DA 319 59.13 103.39 24.51
N ARG DA 320 59.06 104.43 25.33
CA ARG DA 320 60.19 105.36 25.46
C ARG DA 320 61.43 104.64 25.98
N LYS DA 321 61.27 103.86 27.05
CA LYS DA 321 62.41 103.17 27.64
C LYS DA 321 62.97 102.10 26.70
N ILE DA 322 62.08 101.36 26.02
CA ILE DA 322 62.55 100.36 25.07
C ILE DA 322 63.32 101.02 23.93
N GLY DA 323 62.82 102.16 23.45
CA GLY DA 323 63.52 102.87 22.39
C GLY DA 323 64.87 103.38 22.82
N GLU DA 324 64.96 103.89 24.06
CA GLU DA 324 66.26 104.33 24.57
C GLU DA 324 67.23 103.16 24.67
N ALA DA 325 66.76 102.01 25.14
CA ALA DA 325 67.63 100.84 25.22
C ALA DA 325 68.10 100.41 23.82
N GLU DA 326 67.20 100.42 22.85
CA GLU DA 326 67.60 100.05 21.49
C GLU DA 326 68.59 101.05 20.91
N ALA DA 327 68.40 102.34 21.19
CA ALA DA 327 69.36 103.33 20.72
C ALA DA 327 70.73 103.10 21.34
N ALA DA 328 70.76 102.78 22.64
CA ALA DA 328 72.04 102.54 23.30
C ALA DA 328 72.75 101.32 22.70
N VAL DA 329 72.01 100.24 22.49
CA VAL DA 329 72.66 99.04 21.95
C VAL DA 329 73.10 99.26 20.51
N ILE DA 330 72.32 100.01 19.73
CA ILE DA 330 72.70 100.30 18.35
C ILE DA 330 73.97 101.14 18.32
N GLU DA 331 74.07 102.13 19.21
CA GLU DA 331 75.28 102.94 19.27
C GLU DA 331 76.48 102.09 19.69
N ALA DA 332 76.26 101.14 20.60
CA ALA DA 332 77.34 100.23 20.98
C ALA DA 332 77.81 99.38 19.81
N MET DA 333 76.86 98.84 19.03
CA MET DA 333 77.22 98.12 17.81
C MET DA 333 78.00 98.99 16.85
N GLY DA 334 77.60 100.26 16.72
CA GLY DA 334 78.35 101.15 15.85
C GLY DA 334 79.76 101.36 16.33
N LYS DA 335 79.93 101.60 17.64
CA LYS DA 335 81.25 101.72 18.23
C LYS DA 335 82.10 100.51 17.87
N ALA DA 336 81.58 99.31 18.13
CA ALA DA 336 82.36 98.09 17.98
C ALA DA 336 82.67 97.80 16.52
N GLU DA 337 81.67 97.90 15.64
CA GLU DA 337 81.88 97.56 14.24
C GLU DA 337 82.78 98.56 13.56
N ALA DA 338 82.66 99.84 13.90
CA ALA DA 338 83.57 100.84 13.35
C ALA DA 338 84.99 100.62 13.82
N GLU DA 339 85.17 100.26 15.10
CA GLU DA 339 86.51 99.93 15.57
C GLU DA 339 87.06 98.72 14.83
N ARG DA 340 86.21 97.72 14.58
CA ARG DA 340 86.63 96.54 13.84
C ARG DA 340 87.12 96.92 12.45
N MET DA 341 86.33 97.73 11.73
CA MET DA 341 86.70 98.11 10.38
C MET DA 341 87.98 98.96 10.38
N LYS DA 342 88.09 99.87 11.34
CA LYS DA 342 89.28 100.71 11.42
C LYS DA 342 90.53 99.87 11.65
N LEU DA 343 90.47 98.94 12.60
CA LEU DA 343 91.64 98.10 12.87
C LEU DA 343 91.96 97.19 11.68
N LYS DA 344 90.93 96.75 10.97
CA LYS DA 344 91.14 95.89 9.81
C LYS DA 344 91.72 96.69 8.65
N ALA DA 345 91.54 98.01 8.67
CA ALA DA 345 92.08 98.85 7.61
C ALA DA 345 93.60 98.79 7.52
N GLU DA 346 94.30 99.00 8.65
CA GLU DA 346 95.75 98.90 8.62
C GLU DA 346 96.19 97.48 8.30
N ALA DA 347 95.41 96.49 8.72
CA ALA DA 347 95.74 95.11 8.38
C ALA DA 347 95.75 94.89 6.89
N TYR DA 348 94.72 95.37 6.19
CA TYR DA 348 94.69 95.25 4.73
C TYR DA 348 95.74 96.13 4.07
N GLN DA 349 96.14 97.22 4.74
CA GLN DA 349 97.08 98.15 4.11
C GLN DA 349 98.44 97.51 3.92
N LYS DA 350 98.75 96.46 4.67
CA LYS DA 350 100.08 95.85 4.63
C LYS DA 350 100.12 94.61 3.75
N TYR DA 351 99.16 94.48 2.84
CA TYR DA 351 99.06 93.33 1.95
C TYR DA 351 99.94 93.54 0.71
N GLY DA 352 100.70 92.51 0.35
CA GLY DA 352 101.52 92.52 -0.84
C GLY DA 352 100.86 91.79 -1.99
N ASP DA 353 101.67 91.44 -2.98
CA ASP DA 353 101.15 90.67 -4.11
C ASP DA 353 100.73 89.27 -3.68
N ALA DA 354 101.55 88.60 -2.87
CA ALA DA 354 101.25 87.24 -2.46
C ALA DA 354 99.97 87.16 -1.65
N ALA DA 355 99.73 88.14 -0.78
CA ALA DA 355 98.54 88.13 0.05
C ALA DA 355 97.27 88.33 -0.79
N LYS DA 356 97.32 89.25 -1.76
CA LYS DA 356 96.19 89.41 -2.66
C LYS DA 356 95.95 88.15 -3.48
N MET DA 357 97.03 87.50 -3.91
CA MET DA 357 96.89 86.22 -4.60
C MET DA 357 96.20 85.20 -3.71
N ALA DA 358 96.57 85.17 -2.43
CA ALA DA 358 95.93 84.26 -1.49
C ALA DA 358 94.45 84.57 -1.35
N LEU DA 359 94.08 85.85 -1.28
CA LEU DA 359 92.68 86.23 -1.20
C LEU DA 359 91.91 85.73 -2.42
N VAL DA 360 92.45 85.96 -3.61
CA VAL DA 360 91.75 85.55 -4.83
C VAL DA 360 91.63 84.04 -4.89
N LEU DA 361 92.70 83.31 -4.55
CA LEU DA 361 92.65 81.86 -4.60
C LEU DA 361 91.67 81.31 -3.58
N GLU DA 362 91.57 81.95 -2.41
CA GLU DA 362 90.60 81.50 -1.42
C GLU DA 362 89.18 81.77 -1.89
N ALA DA 363 88.96 82.88 -2.60
CA ALA DA 363 87.62 83.20 -3.07
C ALA DA 363 87.20 82.29 -4.22
N LEU DA 364 88.15 81.82 -5.02
CA LEU DA 364 87.84 81.08 -6.23
C LEU DA 364 86.98 79.83 -6.00
N PRO DA 365 87.28 78.93 -5.07
CA PRO DA 365 86.47 77.72 -4.95
C PRO DA 365 85.01 77.97 -4.62
N GLN DA 366 84.71 78.98 -3.80
CA GLN DA 366 83.32 79.26 -3.48
C GLN DA 366 82.56 79.76 -4.71
N ILE DA 367 83.18 80.64 -5.49
CA ILE DA 367 82.56 81.12 -6.72
C ILE DA 367 82.35 79.96 -7.69
N ALA DA 368 83.36 79.09 -7.80
CA ALA DA 368 83.24 77.95 -8.70
C ALA DA 368 82.12 77.02 -8.27
N ALA DA 369 81.98 76.80 -6.96
CA ALA DA 369 80.89 75.97 -6.45
C ALA DA 369 79.54 76.60 -6.77
N LYS DA 370 79.44 77.93 -6.63
CA LYS DA 370 78.18 78.60 -6.91
C LYS DA 370 77.82 78.51 -8.39
N ILE DA 371 78.79 78.73 -9.27
CA ILE DA 371 78.51 78.72 -10.70
C ILE DA 371 78.16 77.32 -11.19
N ALA DA 372 78.80 76.30 -10.64
CA ALA DA 372 78.58 74.93 -11.09
C ALA DA 372 77.32 74.30 -10.51
N ALA DA 373 76.65 74.96 -9.57
CA ALA DA 373 75.45 74.38 -8.96
C ALA DA 373 74.37 74.01 -9.98
N PRO DA 374 74.06 74.82 -11.00
CA PRO DA 374 73.06 74.37 -11.97
C PRO DA 374 73.44 73.11 -12.72
N LEU DA 375 74.72 72.77 -12.77
CA LEU DA 375 75.16 71.58 -13.50
C LEU DA 375 74.75 70.30 -12.79
N THR DA 376 74.25 70.41 -11.56
CA THR DA 376 73.89 69.25 -10.76
C THR DA 376 72.72 68.49 -11.38
N LYS DA 377 71.83 69.19 -12.06
CA LYS DA 377 70.57 68.61 -12.53
C LYS DA 377 70.65 68.07 -13.96
N VAL DA 378 71.85 67.92 -14.52
CA VAL DA 378 71.97 67.38 -15.87
C VAL DA 378 71.47 65.94 -15.88
N ASP DA 379 70.69 65.61 -16.92
CA ASP DA 379 70.11 64.29 -17.05
C ASP DA 379 70.95 63.37 -17.90
N GLU DA 380 71.25 63.76 -19.14
CA GLU DA 380 72.03 62.92 -20.03
C GLU DA 380 72.86 63.82 -20.94
N ILE DA 381 73.98 63.28 -21.40
CA ILE DA 381 74.92 64.01 -22.22
C ILE DA 381 75.13 63.22 -23.51
N VAL DA 382 75.01 63.89 -24.65
CA VAL DA 382 75.25 63.29 -25.96
C VAL DA 382 76.39 64.03 -26.62
N VAL DA 383 77.45 63.32 -26.99
CA VAL DA 383 78.63 63.89 -27.60
C VAL DA 383 78.84 63.24 -28.96
N LEU DA 384 79.02 64.07 -29.98
CA LEU DA 384 79.34 63.59 -31.33
C LEU DA 384 80.60 64.31 -31.80
N SER DA 385 81.39 63.61 -32.61
CA SER DA 385 82.66 64.15 -33.08
C SER DA 385 82.86 63.78 -34.54
N GLY DA 386 83.74 64.54 -35.21
CA GLY DA 386 84.03 64.30 -36.61
C GLY DA 386 83.02 64.94 -37.53
N ASP DA 387 83.49 65.54 -38.63
CA ASP DA 387 82.61 66.21 -39.59
C ASP DA 387 82.12 65.20 -40.63
N ASN DA 388 80.98 64.59 -40.36
CA ASN DA 388 80.39 63.61 -41.25
C ASN DA 388 78.88 63.82 -41.31
N SER DA 389 78.21 62.90 -42.00
CA SER DA 389 76.77 62.99 -42.20
C SER DA 389 76.02 62.54 -40.96
N LYS DA 390 74.69 62.62 -41.02
CA LYS DA 390 73.81 62.28 -39.90
C LYS DA 390 73.00 61.04 -40.20
N VAL DA 391 73.59 60.11 -40.96
CA VAL DA 391 72.89 58.88 -41.35
C VAL DA 391 73.39 57.68 -40.57
N THR DA 392 74.65 57.74 -40.10
CA THR DA 392 75.24 56.58 -39.43
C THR DA 392 74.49 56.23 -38.16
N SER DA 393 74.12 57.24 -37.36
CA SER DA 393 73.39 57.06 -36.10
C SER DA 393 74.25 56.19 -35.18
N GLU DA 394 73.70 55.14 -34.59
CA GLU DA 394 74.48 54.28 -33.70
C GLU DA 394 74.76 52.93 -34.34
N MET EA 1 -170.85 10.30 28.76
CA MET EA 1 -170.92 11.38 29.73
C MET EA 1 -170.44 12.70 29.13
N PHE EA 2 -170.77 13.80 29.81
CA PHE EA 2 -170.41 15.12 29.31
C PHE EA 2 -168.90 15.34 29.40
N PHE EA 3 -168.36 16.00 28.40
CA PHE EA 3 -166.92 16.26 28.32
C PHE EA 3 -166.69 17.77 28.22
N THR EA 4 -166.25 18.36 29.32
CA THR EA 4 -165.97 19.79 29.35
C THR EA 4 -164.75 20.12 28.51
N CYS EA 5 -164.74 21.33 27.95
CA CYS EA 5 -163.62 21.83 27.18
C CYS EA 5 -163.41 23.30 27.50
N GLY EA 6 -162.15 23.73 27.41
CA GLY EA 6 -161.84 25.13 27.55
C GLY EA 6 -162.16 25.90 26.29
N PRO EA 7 -161.81 27.18 26.31
CA PRO EA 7 -161.97 28.01 25.12
C PRO EA 7 -160.75 28.08 24.19
N ASN EA 8 -159.82 27.14 24.28
CA ASN EA 8 -158.69 27.05 23.36
C ASN EA 8 -158.75 25.79 22.50
N GLU EA 9 -159.83 25.02 22.58
CA GLU EA 9 -159.98 23.83 21.78
C GLU EA 9 -161.43 23.71 21.33
N ALA EA 10 -161.62 23.06 20.19
CA ALA EA 10 -162.94 22.80 19.64
C ALA EA 10 -163.26 21.32 19.77
N MET EA 11 -164.31 21.00 20.52
CA MET EA 11 -164.76 19.62 20.71
C MET EA 11 -165.84 19.32 19.67
N VAL EA 12 -165.46 18.59 18.63
CA VAL EA 12 -166.39 18.15 17.60
C VAL EA 12 -166.36 16.63 17.57
N VAL EA 13 -167.53 16.01 17.72
CA VAL EA 13 -167.66 14.56 17.81
C VAL EA 13 -168.89 14.12 17.03
N SER EA 14 -168.86 12.88 16.54
CA SER EA 14 -170.01 12.27 15.91
C SER EA 14 -170.58 11.19 16.83
N GLY EA 15 -171.90 11.25 17.08
CA GLY EA 15 -172.52 10.30 17.97
C GLY EA 15 -173.56 9.43 17.30
N PHE EA 16 -174.82 9.59 17.69
CA PHE EA 16 -175.94 8.87 17.09
C PHE EA 16 -176.99 9.88 16.66
N CYS EA 17 -177.34 9.84 15.37
CA CYS EA 17 -178.34 10.74 14.79
C CYS EA 17 -177.98 12.20 15.03
N ARG EA 18 -176.78 12.56 14.62
CA ARG EA 18 -176.25 13.92 14.73
C ARG EA 18 -175.64 14.35 13.39
N SER EA 19 -176.40 14.14 12.31
CA SER EA 19 -175.89 14.38 10.96
C SER EA 19 -175.43 15.81 10.73
N PRO EA 20 -176.18 16.86 11.10
CA PRO EA 20 -175.66 18.21 10.95
C PRO EA 20 -174.42 18.41 11.80
N PRO EA 21 -173.49 19.27 11.37
CA PRO EA 21 -172.25 19.46 12.13
C PRO EA 21 -172.53 20.06 13.50
N VAL EA 22 -171.68 19.70 14.45
CA VAL EA 22 -171.78 20.18 15.83
C VAL EA 22 -170.55 21.03 16.14
N MET EA 23 -170.78 22.29 16.49
CA MET EA 23 -169.73 23.24 16.80
C MET EA 23 -169.72 23.49 18.31
N VAL EA 24 -168.84 22.81 19.02
CA VAL EA 24 -168.72 22.94 20.46
C VAL EA 24 -167.28 23.29 20.80
N ALA EA 25 -167.10 24.44 21.47
CA ALA EA 25 -165.80 24.86 21.98
C ALA EA 25 -166.04 25.63 23.27
N GLY EA 26 -165.88 24.96 24.41
CA GLY EA 26 -166.23 25.56 25.68
C GLY EA 26 -167.61 25.15 26.16
N GLY EA 27 -167.90 23.86 26.11
CA GLY EA 27 -169.17 23.34 26.53
C GLY EA 27 -169.05 21.88 26.91
N ARG EA 28 -170.17 21.17 26.86
CA ARG EA 28 -170.19 19.74 27.15
C ARG EA 28 -171.03 19.00 26.11
N VAL EA 29 -170.71 17.72 25.92
CA VAL EA 29 -171.44 16.85 25.01
C VAL EA 29 -171.58 15.49 25.68
N PHE EA 30 -172.80 14.97 25.76
CA PHE EA 30 -173.03 13.62 26.25
C PHE EA 30 -172.52 12.63 25.22
N VAL EA 31 -171.51 11.83 25.59
CA VAL EA 31 -170.80 10.96 24.67
C VAL EA 31 -171.02 9.52 25.08
N LEU EA 32 -171.57 8.71 24.17
CA LEU EA 32 -171.65 7.28 24.36
C LEU EA 32 -170.27 6.65 24.16
N PRO EA 33 -169.89 5.64 24.94
CA PRO EA 33 -168.52 5.13 24.83
C PRO EA 33 -168.29 4.29 23.59
N CYS EA 34 -169.23 3.42 23.24
CA CYS EA 34 -169.05 2.50 22.12
C CYS EA 34 -169.72 2.98 20.83
N ILE EA 35 -170.30 4.18 20.82
CA ILE EA 35 -171.01 4.70 19.67
C ILE EA 35 -170.36 5.95 19.11
N GLN EA 36 -169.94 6.87 19.97
CA GLN EA 36 -169.39 8.14 19.51
C GLN EA 36 -167.88 8.07 19.36
N GLN EA 37 -167.35 8.95 18.50
CA GLN EA 37 -165.92 9.07 18.25
C GLN EA 37 -165.48 10.48 18.59
N ILE EA 38 -164.35 10.60 19.29
CA ILE EA 38 -163.88 11.87 19.84
C ILE EA 38 -162.66 12.33 19.07
N GLN EA 39 -162.68 13.59 18.64
CA GLN EA 39 -161.53 14.23 18.01
C GLN EA 39 -161.47 15.68 18.47
N ARG EA 40 -160.25 16.23 18.45
CA ARG EA 40 -159.99 17.54 19.04
C ARG EA 40 -159.17 18.40 18.10
N ILE EA 41 -159.38 19.72 18.18
CA ILE EA 41 -158.57 20.72 17.51
C ILE EA 41 -158.16 21.78 18.52
N SER EA 42 -156.88 22.12 18.54
CA SER EA 42 -156.37 23.17 19.42
C SER EA 42 -156.51 24.53 18.74
N LEU EA 43 -157.15 25.48 19.44
CA LEU EA 43 -157.39 26.82 18.92
C LEU EA 43 -156.34 27.82 19.37
N ASN EA 44 -155.32 27.38 20.09
CA ASN EA 44 -154.34 28.31 20.64
C ASN EA 44 -153.54 28.97 19.53
N THR EA 45 -153.23 30.26 19.70
CA THR EA 45 -152.54 31.02 18.68
C THR EA 45 -151.08 30.59 18.59
N LEU EA 46 -150.62 30.32 17.37
CA LEU EA 46 -149.24 29.93 17.12
C LEU EA 46 -148.55 30.98 16.27
N THR EA 47 -147.32 31.31 16.62
CA THR EA 47 -146.52 32.28 15.89
C THR EA 47 -145.79 31.60 14.75
N LEU EA 48 -145.60 32.35 13.66
CA LEU EA 48 -144.95 31.83 12.46
C LEU EA 48 -143.77 32.72 12.09
N ASN EA 49 -142.63 32.09 11.83
CA ASN EA 49 -141.42 32.80 11.41
C ASN EA 49 -141.35 32.72 9.89
N VAL EA 50 -142.10 33.61 9.24
CA VAL EA 50 -142.24 33.63 7.79
C VAL EA 50 -140.94 34.21 7.21
N LYS EA 51 -140.06 33.35 6.73
CA LYS EA 51 -138.73 33.74 6.27
C LYS EA 51 -138.67 33.68 4.75
N SER EA 52 -138.18 34.77 4.13
CA SER EA 52 -137.95 34.83 2.70
C SER EA 52 -136.49 35.13 2.46
N GLU EA 53 -135.85 34.30 1.64
CA GLU EA 53 -134.42 34.42 1.37
C GLU EA 53 -134.19 34.66 -0.11
N LYS EA 54 -133.45 35.73 -0.42
CA LYS EA 54 -133.05 36.06 -1.78
C LYS EA 54 -134.26 36.22 -2.69
N VAL EA 55 -135.12 37.18 -2.34
CA VAL EA 55 -136.34 37.45 -3.08
C VAL EA 55 -136.19 38.78 -3.80
N TYR EA 56 -136.62 38.83 -5.05
CA TYR EA 56 -136.49 40.02 -5.87
C TYR EA 56 -137.66 40.99 -5.66
N THR EA 57 -137.35 42.28 -5.64
CA THR EA 57 -138.33 43.34 -5.51
C THR EA 57 -138.72 43.84 -6.90
N ARG EA 58 -139.45 44.95 -6.95
CA ARG EA 58 -140.00 45.37 -8.24
C ARG EA 58 -138.92 46.07 -9.07
N HIS EA 59 -137.82 46.47 -8.42
CA HIS EA 59 -136.58 46.78 -9.14
C HIS EA 59 -135.76 45.54 -9.48
N GLY EA 60 -136.03 44.41 -8.83
CA GLY EA 60 -135.26 43.21 -9.01
C GLY EA 60 -134.13 43.02 -8.03
N VAL EA 61 -133.86 43.99 -7.16
CA VAL EA 61 -132.77 43.83 -6.19
C VAL EA 61 -133.13 42.74 -5.19
N PRO EA 62 -132.23 41.79 -4.89
CA PRO EA 62 -132.54 40.74 -3.92
C PRO EA 62 -132.24 41.19 -2.49
N ILE EA 63 -133.21 41.05 -1.62
CA ILE EA 63 -133.07 41.39 -0.21
C ILE EA 63 -133.62 40.25 0.64
N SER EA 64 -132.90 39.90 1.69
CA SER EA 64 -133.35 38.87 2.62
C SER EA 64 -134.36 39.48 3.59
N VAL EA 65 -135.58 38.97 3.57
CA VAL EA 65 -136.69 39.54 4.32
C VAL EA 65 -137.26 38.47 5.25
N THR EA 66 -137.40 38.81 6.52
CA THR EA 66 -138.00 37.92 7.51
C THR EA 66 -139.30 38.51 8.02
N GLY EA 67 -140.31 37.66 8.17
CA GLY EA 67 -141.60 38.10 8.64
C GLY EA 67 -142.11 37.22 9.78
N ILE EA 68 -142.92 37.83 10.63
CA ILE EA 68 -143.51 37.15 11.78
C ILE EA 68 -145.03 37.34 11.71
N ALA EA 69 -145.77 36.25 11.92
CA ALA EA 69 -147.21 36.28 11.85
C ALA EA 69 -147.81 35.57 13.07
N GLN EA 70 -148.96 36.06 13.51
CA GLN EA 70 -149.72 35.44 14.59
C GLN EA 70 -151.06 34.97 14.02
N VAL EA 71 -151.23 33.66 13.89
CA VAL EA 71 -152.39 33.08 13.25
C VAL EA 71 -153.18 32.27 14.26
N LYS EA 72 -154.51 32.36 14.19
CA LYS EA 72 -155.39 31.67 15.11
C LYS EA 72 -156.63 31.21 14.35
N ILE EA 73 -157.27 30.17 14.88
CA ILE EA 73 -158.47 29.60 14.30
C ILE EA 73 -159.67 30.28 14.96
N GLN EA 74 -160.37 31.12 14.20
CA GLN EA 74 -161.48 31.88 14.76
C GLN EA 74 -162.69 30.99 15.01
N GLY EA 75 -162.73 30.37 16.19
CA GLY EA 75 -163.84 29.49 16.54
C GLY EA 75 -165.15 30.19 16.79
N GLN EA 76 -165.14 31.53 16.87
CA GLN EA 76 -166.39 32.26 17.06
C GLN EA 76 -167.31 32.09 15.86
N ASN EA 77 -166.75 32.09 14.65
CA ASN EA 77 -167.54 31.91 13.43
C ASN EA 77 -167.86 30.44 13.26
N LYS EA 78 -169.16 30.11 13.28
CA LYS EA 78 -169.58 28.72 13.14
C LYS EA 78 -169.22 28.17 11.76
N GLU EA 79 -169.45 28.96 10.71
CA GLU EA 79 -169.18 28.48 9.36
C GLU EA 79 -167.69 28.24 9.16
N MET EA 80 -166.85 29.18 9.58
CA MET EA 80 -165.41 29.04 9.38
C MET EA 80 -164.87 27.86 10.21
N LEU EA 81 -165.35 27.72 11.44
CA LEU EA 81 -164.90 26.60 12.27
C LEU EA 81 -165.33 25.26 11.67
N ALA EA 82 -166.55 25.20 11.16
CA ALA EA 82 -167.04 23.97 10.53
C ALA EA 82 -166.21 23.64 9.29
N ALA EA 83 -165.86 24.66 8.51
CA ALA EA 83 -164.98 24.43 7.36
C ALA EA 83 -163.62 23.92 7.81
N ALA EA 84 -163.06 24.51 8.87
CA ALA EA 84 -161.71 24.14 9.31
C ALA EA 84 -161.68 22.73 9.88
N CYS EA 85 -162.76 22.32 10.55
CA CYS EA 85 -162.79 20.99 11.15
C CYS EA 85 -162.73 19.90 10.10
N GLN EA 86 -163.10 20.21 8.85
CA GLN EA 86 -163.12 19.20 7.80
C GLN EA 86 -161.74 18.71 7.42
N MET EA 87 -160.68 19.47 7.73
CA MET EA 87 -159.33 19.03 7.43
C MET EA 87 -158.35 19.14 8.59
N PHE EA 88 -158.65 19.92 9.63
CA PHE EA 88 -157.68 20.13 10.68
C PHE EA 88 -157.76 19.12 11.82
N LEU EA 89 -158.80 18.28 11.84
CA LEU EA 89 -158.84 17.17 12.79
C LEU EA 89 -157.74 16.17 12.45
N GLY EA 90 -157.06 15.69 13.48
CA GLY EA 90 -156.01 14.69 13.30
C GLY EA 90 -154.68 15.22 12.86
N LYS EA 91 -154.52 16.54 12.72
CA LYS EA 91 -153.26 17.14 12.33
C LYS EA 91 -152.58 17.75 13.55
N THR EA 92 -151.29 17.48 13.70
CA THR EA 92 -150.52 17.97 14.82
C THR EA 92 -150.30 19.48 14.69
N GLU EA 93 -149.87 20.09 15.80
CA GLU EA 93 -149.61 21.52 15.81
C GLU EA 93 -148.49 21.90 14.85
N ALA EA 94 -147.46 21.05 14.77
CA ALA EA 94 -146.32 21.35 13.91
C ALA EA 94 -146.73 21.42 12.44
N GLU EA 95 -147.49 20.44 11.96
CA GLU EA 95 -147.91 20.45 10.57
C GLU EA 95 -148.89 21.58 10.29
N ILE EA 96 -149.80 21.85 11.24
CA ILE EA 96 -150.75 22.94 11.09
C ILE EA 96 -150.01 24.27 10.95
N ALA EA 97 -148.99 24.48 11.78
CA ALA EA 97 -148.18 25.68 11.65
C ALA EA 97 -147.43 25.70 10.33
N HIS EA 98 -146.85 24.56 9.94
CA HIS EA 98 -145.98 24.51 8.77
C HIS EA 98 -146.72 24.79 7.48
N ILE EA 99 -147.92 24.25 7.31
CA ILE EA 99 -148.65 24.44 6.04
C ILE EA 99 -149.03 25.90 5.88
N ALA EA 100 -149.62 26.50 6.91
CA ALA EA 100 -149.97 27.91 6.84
C ALA EA 100 -148.73 28.78 6.72
N LEU EA 101 -147.61 28.34 7.27
CA LEU EA 101 -146.35 29.07 7.11
C LEU EA 101 -145.95 29.15 5.65
N GLU EA 102 -146.01 28.01 4.95
CA GLU EA 102 -145.69 28.02 3.52
C GLU EA 102 -146.68 28.86 2.73
N THR EA 103 -147.96 28.79 3.08
CA THR EA 103 -148.93 29.61 2.36
C THR EA 103 -148.67 31.09 2.55
N LEU EA 104 -148.44 31.52 3.80
CA LEU EA 104 -148.19 32.93 4.06
C LEU EA 104 -146.86 33.37 3.45
N GLU EA 105 -145.87 32.48 3.41
CA GLU EA 105 -144.63 32.79 2.72
C GLU EA 105 -144.87 33.00 1.24
N GLY EA 106 -145.72 32.17 0.63
CA GLY EA 106 -146.08 32.39 -0.75
C GLY EA 106 -146.71 33.75 -0.97
N HIS EA 107 -147.67 34.12 -0.10
CA HIS EA 107 -148.31 35.43 -0.24
C HIS EA 107 -147.30 36.57 -0.08
N GLN EA 108 -146.44 36.49 0.93
CA GLN EA 108 -145.47 37.56 1.17
C GLN EA 108 -144.49 37.69 0.02
N ARG EA 109 -143.93 36.57 -0.42
CA ARG EA 109 -142.97 36.58 -1.51
C ARG EA 109 -143.61 37.00 -2.82
N ALA EA 110 -144.92 36.76 -2.98
CA ALA EA 110 -145.62 37.26 -4.16
C ALA EA 110 -145.81 38.77 -4.08
N ILE EA 111 -146.19 39.28 -2.92
CA ILE EA 111 -146.37 40.73 -2.76
C ILE EA 111 -145.04 41.46 -2.68
N MET EA 112 -143.92 40.73 -2.59
CA MET EA 112 -142.61 41.36 -2.57
C MET EA 112 -142.40 42.22 -3.81
N ALA EA 113 -142.84 41.74 -4.98
CA ALA EA 113 -142.64 42.48 -6.21
C ALA EA 113 -143.65 43.60 -6.41
N HIS EA 114 -144.64 43.71 -5.52
CA HIS EA 114 -145.57 44.83 -5.64
C HIS EA 114 -144.95 46.11 -5.09
N MET EA 115 -144.49 46.07 -3.85
CA MET EA 115 -143.90 47.23 -3.18
C MET EA 115 -142.39 47.14 -3.21
N THR EA 116 -141.73 48.23 -3.59
CA THR EA 116 -140.28 48.29 -3.62
C THR EA 116 -139.72 48.43 -2.21
N VAL EA 117 -138.41 48.17 -2.09
CA VAL EA 117 -137.74 48.24 -0.80
C VAL EA 117 -137.85 49.64 -0.21
N GLU EA 118 -137.64 50.66 -1.06
CA GLU EA 118 -137.84 52.04 -0.64
C GLU EA 118 -139.22 52.22 -0.04
N GLU EA 119 -140.22 51.56 -0.61
CA GLU EA 119 -141.56 51.60 -0.04
C GLU EA 119 -141.64 50.79 1.25
N ILE EA 120 -140.98 49.63 1.29
CA ILE EA 120 -141.24 48.72 2.41
C ILE EA 120 -140.67 49.27 3.70
N TYR EA 121 -139.47 49.88 3.69
CA TYR EA 121 -138.97 50.34 4.98
C TYR EA 121 -139.54 51.71 5.34
N LYS EA 122 -139.86 52.54 4.35
CA LYS EA 122 -140.45 53.85 4.62
C LYS EA 122 -141.95 53.73 4.84
N ASP EA 123 -142.68 53.32 3.81
CA ASP EA 123 -144.13 53.19 3.91
C ASP EA 123 -144.51 51.74 4.25
N ARG EA 124 -144.48 51.42 5.55
CA ARG EA 124 -144.69 50.05 6.00
C ARG EA 124 -146.12 49.78 6.40
N GLN EA 125 -146.86 50.82 6.80
CA GLN EA 125 -148.22 50.62 7.29
C GLN EA 125 -149.14 50.15 6.17
N LYS EA 126 -149.10 50.84 5.02
CA LYS EA 126 -149.95 50.42 3.91
C LYS EA 126 -149.54 49.05 3.38
N PHE EA 127 -148.23 48.80 3.32
CA PHE EA 127 -147.75 47.47 2.95
C PHE EA 127 -148.33 46.39 3.86
N SER EA 128 -148.21 46.58 5.18
CA SER EA 128 -148.70 45.59 6.13
C SER EA 128 -150.20 45.42 6.01
N GLU EA 129 -150.93 46.51 5.82
CA GLU EA 129 -152.38 46.42 5.71
C GLU EA 129 -152.80 45.64 4.47
N GLN EA 130 -152.15 45.88 3.32
CA GLN EA 130 -152.49 45.15 2.12
C GLN EA 130 -152.11 43.67 2.23
N VAL EA 131 -150.93 43.40 2.81
CA VAL EA 131 -150.53 42.01 3.03
C VAL EA 131 -151.55 41.30 3.91
N PHE EA 132 -151.95 41.95 5.01
CA PHE EA 132 -152.93 41.35 5.91
C PHE EA 132 -154.24 41.12 5.20
N LYS EA 133 -154.71 42.10 4.40
CA LYS EA 133 -155.98 41.92 3.70
C LYS EA 133 -155.94 40.71 2.78
N VAL EA 134 -154.93 40.64 1.90
CA VAL EA 134 -154.90 39.58 0.89
C VAL EA 134 -154.69 38.22 1.56
N ALA EA 135 -153.72 38.15 2.48
CA ALA EA 135 -153.45 36.88 3.14
C ALA EA 135 -154.64 36.43 3.97
N SER EA 136 -155.29 37.35 4.68
CA SER EA 136 -156.45 36.99 5.48
C SER EA 136 -157.58 36.50 4.60
N SER EA 137 -157.80 37.14 3.45
CA SER EA 137 -158.84 36.66 2.55
C SER EA 137 -158.54 35.24 2.09
N ASP EA 138 -157.34 35.00 1.58
CA ASP EA 138 -157.05 33.69 1.00
C ASP EA 138 -156.89 32.62 2.08
N LEU EA 139 -156.68 33.01 3.33
CA LEU EA 139 -156.50 32.03 4.39
C LEU EA 139 -157.81 31.75 5.12
N VAL EA 140 -158.70 32.74 5.20
CA VAL EA 140 -160.07 32.49 5.62
C VAL EA 140 -160.77 31.60 4.61
N ASN EA 141 -160.42 31.76 3.33
CA ASN EA 141 -160.84 30.79 2.33
C ASN EA 141 -160.37 29.39 2.71
N MET EA 142 -159.15 29.29 3.22
CA MET EA 142 -158.66 27.99 3.70
C MET EA 142 -159.20 27.68 5.09
N GLY EA 143 -159.36 28.70 5.93
CA GLY EA 143 -159.98 28.53 7.24
C GLY EA 143 -159.25 29.11 8.42
N ILE EA 144 -158.08 29.71 8.23
CA ILE EA 144 -157.32 30.33 9.32
C ILE EA 144 -157.32 31.84 9.11
N SER EA 145 -157.60 32.58 10.19
CA SER EA 145 -157.56 34.04 10.16
C SER EA 145 -156.30 34.50 10.88
N VAL EA 146 -155.52 35.34 10.19
CA VAL EA 146 -154.28 35.87 10.77
C VAL EA 146 -154.63 37.02 11.71
N VAL EA 147 -154.21 36.90 12.97
CA VAL EA 147 -154.47 37.95 13.94
C VAL EA 147 -153.71 39.22 13.57
N SER EA 148 -152.42 39.08 13.29
CA SER EA 148 -151.59 40.22 12.96
C SER EA 148 -150.32 39.72 12.26
N TYR EA 149 -149.95 40.38 11.18
CA TYR EA 149 -148.75 40.07 10.43
C TYR EA 149 -147.79 41.25 10.51
N THR EA 150 -146.50 40.94 10.65
CA THR EA 150 -145.46 41.97 10.69
C THR EA 150 -144.25 41.46 9.94
N LEU EA 151 -143.33 42.40 9.64
CA LEU EA 151 -142.08 42.08 8.97
C LEU EA 151 -140.95 42.15 9.99
N LYS EA 152 -140.24 41.04 10.15
CA LYS EA 152 -139.24 40.94 11.22
C LYS EA 152 -138.00 41.75 10.90
N ASP EA 153 -137.31 41.40 9.81
CA ASP EA 153 -136.05 42.05 9.47
C ASP EA 153 -135.90 42.09 7.96
N ILE EA 154 -135.15 43.09 7.48
CA ILE EA 154 -134.79 43.22 6.08
C ILE EA 154 -133.27 43.22 6.00
N HIS EA 155 -132.72 42.35 5.16
CA HIS EA 155 -131.28 42.22 5.01
C HIS EA 155 -130.91 42.28 3.53
N ASP EA 156 -129.78 42.91 3.25
CA ASP EA 156 -129.27 43.03 1.89
C ASP EA 156 -127.84 42.52 1.85
N ASP EA 157 -127.58 41.47 1.07
CA ASP EA 157 -126.24 40.94 0.88
C ASP EA 157 -125.51 41.58 -0.28
N GLN EA 158 -126.17 42.46 -1.02
CA GLN EA 158 -125.59 43.12 -2.19
C GLN EA 158 -125.04 44.50 -1.87
N ASP EA 159 -125.07 44.91 -0.60
CA ASP EA 159 -124.67 46.25 -0.14
C ASP EA 159 -125.51 47.35 -0.76
N TYR EA 160 -126.78 47.06 -1.08
CA TYR EA 160 -127.64 48.04 -1.72
C TYR EA 160 -128.00 49.18 -0.77
N LEU EA 161 -128.32 48.84 0.48
CA LEU EA 161 -128.87 49.84 1.40
C LEU EA 161 -127.76 50.50 2.24
N HIS EA 162 -126.59 49.87 2.30
CA HIS EA 162 -125.50 50.40 3.11
C HIS EA 162 -125.06 51.77 2.60
N SER EA 163 -125.00 51.95 1.29
CA SER EA 163 -124.61 53.25 0.74
C SER EA 163 -125.65 54.31 1.03
N LEU EA 164 -126.93 53.95 0.93
CA LEU EA 164 -128.00 54.88 1.27
C LEU EA 164 -127.90 55.31 2.72
N GLY EA 165 -127.54 54.38 3.60
CA GLY EA 165 -127.28 54.76 4.98
C GLY EA 165 -126.06 55.65 5.13
N LYS EA 166 -124.99 55.35 4.38
CA LYS EA 166 -123.73 56.06 4.54
C LYS EA 166 -123.82 57.50 4.05
N ALA EA 167 -124.74 57.78 3.13
CA ALA EA 167 -124.91 59.13 2.63
C ALA EA 167 -125.19 60.12 3.77
N ARG EA 168 -126.17 59.80 4.62
CA ARG EA 168 -126.52 60.70 5.72
C ARG EA 168 -125.40 60.77 6.75
N THR EA 169 -124.68 59.66 6.94
CA THR EA 169 -123.53 59.69 7.85
C THR EA 169 -122.48 60.68 7.39
N ALA EA 170 -122.21 60.71 6.08
CA ALA EA 170 -121.31 61.74 5.56
C ALA EA 170 -121.90 63.13 5.75
N GLN EA 171 -123.20 63.26 5.52
CA GLN EA 171 -123.84 64.57 5.61
C GLN EA 171 -123.80 65.11 7.04
N VAL EA 172 -123.71 64.22 8.03
CA VAL EA 172 -123.61 64.69 9.41
C VAL EA 172 -122.15 64.85 9.82
N GLN EA 173 -121.26 64.04 9.23
CA GLN EA 173 -119.84 64.18 9.53
C GLN EA 173 -119.30 65.50 9.03
N LYS EA 174 -119.87 66.04 7.96
CA LYS EA 174 -119.43 67.37 7.52
C LYS EA 174 -119.74 68.42 8.60
N ASP EA 175 -120.90 68.32 9.24
CA ASP EA 175 -121.23 69.19 10.37
C ASP EA 175 -120.29 68.93 11.55
N ALA EA 176 -119.98 67.66 11.81
CA ALA EA 176 -119.05 67.33 12.87
C ALA EA 176 -117.69 68.00 12.66
N ARG EA 177 -117.25 68.06 11.41
CA ARG EA 177 -115.97 68.70 11.12
C ARG EA 177 -116.09 70.23 11.15
N ILE EA 178 -117.23 70.77 10.71
CA ILE EA 178 -117.39 72.23 10.70
C ILE EA 178 -117.37 72.77 12.11
N GLY EA 179 -117.97 72.04 13.06
CA GLY EA 179 -117.92 72.48 14.44
C GLY EA 179 -116.51 72.51 15.00
N GLU EA 180 -115.74 71.46 14.71
CA GLU EA 180 -114.36 71.41 15.16
C GLU EA 180 -113.54 72.53 14.55
N ALA EA 181 -113.76 72.84 13.27
CA ALA EA 181 -113.05 73.93 12.64
C ALA EA 181 -113.38 75.28 13.29
N GLU EA 182 -114.67 75.52 13.56
CA GLU EA 182 -115.06 76.71 14.30
C GLU EA 182 -114.31 76.79 15.63
N ALA EA 183 -114.36 75.71 16.42
CA ALA EA 183 -113.74 75.74 17.74
C ALA EA 183 -112.24 75.98 17.66
N LYS EA 184 -111.57 75.31 16.74
CA LYS EA 184 -110.12 75.44 16.62
C LYS EA 184 -109.72 76.86 16.20
N ARG EA 185 -110.41 77.43 15.21
CA ARG EA 185 -110.08 78.79 14.81
C ARG EA 185 -110.32 79.78 15.93
N ASP EA 186 -111.47 79.64 16.62
CA ASP EA 186 -111.78 80.56 17.70
C ASP EA 186 -110.79 80.45 18.86
N ALA EA 187 -110.33 79.23 19.17
CA ALA EA 187 -109.33 79.09 20.21
C ALA EA 187 -107.99 79.67 19.79
N GLY EA 188 -107.53 79.32 18.59
CA GLY EA 188 -106.21 79.75 18.15
C GLY EA 188 -106.06 81.24 18.00
N ILE EA 189 -107.10 81.93 17.51
CA ILE EA 189 -106.99 83.38 17.30
C ILE EA 189 -106.61 84.08 18.60
N ARG EA 190 -107.40 83.89 19.67
CA ARG EA 190 -107.13 84.58 20.92
C ARG EA 190 -105.98 83.98 21.69
N GLU EA 191 -105.68 82.68 21.53
CA GLU EA 191 -104.47 82.14 22.14
C GLU EA 191 -103.24 82.83 21.58
N ALA EA 192 -103.16 82.96 20.27
CA ALA EA 192 -102.03 83.65 19.66
C ALA EA 192 -102.00 85.12 20.07
N LYS EA 193 -103.16 85.76 20.15
CA LYS EA 193 -103.15 87.17 20.57
C LYS EA 193 -102.63 87.33 21.99
N ALA EA 194 -103.08 86.49 22.92
CA ALA EA 194 -102.60 86.58 24.31
C ALA EA 194 -101.10 86.29 24.38
N LYS EA 195 -100.64 85.29 23.62
CA LYS EA 195 -99.22 85.04 23.50
C LYS EA 195 -98.47 86.29 23.07
N GLN EA 196 -99.03 87.01 22.10
CA GLN EA 196 -98.43 88.24 21.59
C GLN EA 196 -98.30 89.28 22.69
N GLU EA 197 -99.39 89.53 23.43
CA GLU EA 197 -99.30 90.52 24.50
C GLU EA 197 -98.28 90.14 25.56
N LYS EA 198 -98.22 88.86 25.95
CA LYS EA 198 -97.32 88.53 27.05
C LYS EA 198 -95.87 88.70 26.58
N VAL EA 199 -95.57 88.32 25.35
CA VAL EA 199 -94.21 88.49 24.86
C VAL EA 199 -93.85 89.97 24.73
N SER EA 200 -94.80 90.78 24.26
CA SER EA 200 -94.54 92.21 24.15
C SER EA 200 -94.24 92.82 25.51
N ALA EA 201 -95.02 92.47 26.53
CA ALA EA 201 -94.75 92.98 27.87
C ALA EA 201 -93.44 92.46 28.43
N GLN EA 202 -93.10 91.20 28.17
CA GLN EA 202 -91.83 90.66 28.66
C GLN EA 202 -90.66 91.41 28.07
N TYR EA 203 -90.70 91.70 26.76
CA TYR EA 203 -89.63 92.47 26.15
C TYR EA 203 -89.61 93.92 26.64
N LEU EA 204 -90.78 94.49 26.91
CA LEU EA 204 -90.82 95.83 27.49
C LEU EA 204 -90.11 95.86 28.83
N SER EA 205 -90.33 94.83 29.66
CA SER EA 205 -89.62 94.73 30.93
C SER EA 205 -88.13 94.53 30.72
N GLU EA 206 -87.76 93.71 29.74
CA GLU EA 206 -86.34 93.49 29.44
C GLU EA 206 -85.66 94.77 28.96
N ILE EA 207 -86.40 95.73 28.42
CA ILE EA 207 -85.82 97.04 28.11
C ILE EA 207 -85.31 97.71 29.37
N GLU EA 208 -86.15 97.77 30.41
CA GLU EA 208 -85.71 98.34 31.68
C GLU EA 208 -84.62 97.50 32.33
N MET EA 209 -84.63 96.19 32.08
CA MET EA 209 -83.50 95.36 32.50
C MET EA 209 -82.19 95.90 31.97
N ALA EA 210 -82.14 96.19 30.67
CA ALA EA 210 -80.92 96.74 30.08
C ALA EA 210 -80.64 98.16 30.55
N LYS EA 211 -81.69 98.95 30.81
CA LYS EA 211 -81.49 100.26 31.44
C LYS EA 211 -80.71 100.13 32.73
N ALA EA 212 -81.17 99.26 33.63
CA ALA EA 212 -80.48 99.07 34.90
C ALA EA 212 -79.09 98.47 34.71
N GLN EA 213 -78.94 97.56 33.75
CA GLN EA 213 -77.64 96.96 33.48
C GLN EA 213 -76.63 98.02 33.07
N ARG EA 214 -77.03 98.93 32.17
CA ARG EA 214 -76.18 100.05 31.82
C ARG EA 214 -75.87 100.91 33.04
N ASP EA 215 -76.91 101.30 33.77
CA ASP EA 215 -76.73 102.20 34.91
C ASP EA 215 -75.75 101.62 35.93
N TYR EA 216 -75.69 100.31 36.08
CA TYR EA 216 -74.74 99.68 36.99
C TYR EA 216 -73.36 99.51 36.38
N GLU EA 217 -73.29 98.96 35.17
CA GLU EA 217 -72.02 98.61 34.56
C GLU EA 217 -71.18 99.84 34.24
N LEU EA 218 -71.81 100.91 33.74
CA LEU EA 218 -71.05 102.11 33.39
C LEU EA 218 -70.38 102.70 34.63
N LYS EA 219 -71.12 102.82 35.72
CA LYS EA 219 -70.53 103.34 36.96
C LYS EA 219 -69.47 102.40 37.51
N LYS EA 220 -69.70 101.09 37.42
CA LYS EA 220 -68.67 100.17 37.91
C LYS EA 220 -67.38 100.34 37.14
N ALA EA 221 -67.47 100.45 35.81
CA ALA EA 221 -66.27 100.65 35.00
C ALA EA 221 -65.61 102.00 35.29
N ALA EA 222 -66.42 103.05 35.48
CA ALA EA 222 -65.85 104.36 35.77
C ALA EA 222 -65.09 104.36 37.09
N TYR EA 223 -65.63 103.66 38.09
CA TYR EA 223 -64.92 103.54 39.37
C TYR EA 223 -63.68 102.67 39.23
N ASP EA 224 -63.76 101.62 38.42
CA ASP EA 224 -62.61 100.76 38.19
C ASP EA 224 -61.46 101.53 37.56
N ILE EA 225 -61.76 102.49 36.68
CA ILE EA 225 -60.70 103.29 36.09
C ILE EA 225 -59.88 103.99 37.16
N GLU EA 226 -60.57 104.64 38.11
CA GLU EA 226 -59.87 105.37 39.16
C GLU EA 226 -59.09 104.43 40.07
N VAL EA 227 -59.70 103.30 40.45
CA VAL EA 227 -59.00 102.40 41.36
C VAL EA 227 -57.77 101.80 40.68
N ASN EA 228 -57.87 101.48 39.39
CA ASN EA 228 -56.71 100.96 38.67
C ASN EA 228 -55.61 102.00 38.56
N THR EA 229 -55.95 103.26 38.30
CA THR EA 229 -54.92 104.29 38.22
C THR EA 229 -54.20 104.45 39.56
N ARG EA 230 -54.96 104.52 40.66
CA ARG EA 230 -54.33 104.68 41.96
C ARG EA 230 -53.50 103.47 42.34
N ARG EA 231 -53.98 102.25 42.04
CA ARG EA 231 -53.20 101.05 42.33
C ARG EA 231 -51.91 101.03 41.51
N ALA EA 232 -51.97 101.46 40.25
CA ALA EA 232 -50.77 101.51 39.43
C ALA EA 232 -49.74 102.48 40.01
N GLN EA 233 -50.20 103.65 40.48
CA GLN EA 233 -49.29 104.58 41.14
C GLN EA 233 -48.68 103.97 42.40
N ALA EA 234 -49.51 103.30 43.20
CA ALA EA 234 -49.05 102.75 44.47
C ALA EA 234 -48.02 101.65 44.27
N ASP EA 235 -48.19 100.83 43.23
CA ASP EA 235 -47.25 99.75 43.00
C ASP EA 235 -45.84 100.27 42.74
N LEU EA 236 -45.71 101.30 41.91
CA LEU EA 236 -44.41 101.78 41.48
C LEU EA 236 -43.84 102.89 42.36
N ALA EA 237 -44.62 103.39 43.33
CA ALA EA 237 -44.03 104.32 44.30
C ALA EA 237 -42.83 103.69 45.01
N TYR EA 238 -42.91 102.38 45.31
CA TYR EA 238 -41.81 101.71 45.99
C TYR EA 238 -40.54 101.74 45.15
N GLN EA 239 -40.65 101.41 43.86
CA GLN EA 239 -39.49 101.44 42.99
C GLN EA 239 -38.94 102.86 42.83
N LEU EA 240 -39.83 103.84 42.73
CA LEU EA 240 -39.39 105.22 42.63
C LEU EA 240 -38.54 105.60 43.84
N GLN EA 241 -39.04 105.31 45.04
CA GLN EA 241 -38.30 105.69 46.24
C GLN EA 241 -37.01 104.90 46.40
N VAL EA 242 -37.02 103.61 46.05
CA VAL EA 242 -35.82 102.81 46.21
C VAL EA 242 -34.74 103.30 45.25
N ALA EA 243 -35.13 103.73 44.05
CA ALA EA 243 -34.15 104.33 43.15
C ALA EA 243 -33.65 105.67 43.69
N LYS EA 244 -34.56 106.49 44.21
CA LYS EA 244 -34.14 107.80 44.72
C LYS EA 244 -33.15 107.67 45.86
N THR EA 245 -33.30 106.64 46.70
CA THR EA 245 -32.33 106.44 47.78
C THR EA 245 -31.10 105.66 47.35
N LYS EA 246 -31.23 104.77 46.35
CA LYS EA 246 -30.05 104.15 45.77
C LYS EA 246 -29.13 105.18 45.15
N GLN EA 247 -29.67 106.33 44.75
CA GLN EA 247 -28.81 107.43 44.33
C GLN EA 247 -27.76 107.75 45.40
N GLN EA 248 -28.20 107.97 46.63
CA GLN EA 248 -27.25 108.27 47.71
C GLN EA 248 -26.43 107.05 48.09
N ILE EA 249 -27.02 105.87 48.01
CA ILE EA 249 -26.27 104.64 48.29
C ILE EA 249 -25.04 104.58 47.40
N GLU EA 250 -25.23 104.79 46.09
CA GLU EA 250 -24.10 104.78 45.17
C GLU EA 250 -23.20 106.00 45.34
N GLU EA 251 -23.78 107.16 45.67
CA GLU EA 251 -22.97 108.35 45.90
C GLU EA 251 -21.93 108.13 46.97
N GLN EA 252 -22.27 107.39 48.03
CA GLN EA 252 -21.28 107.07 49.06
C GLN EA 252 -20.44 105.83 48.75
N ARG EA 253 -21.03 104.84 48.10
CA ARG EA 253 -20.28 103.64 47.73
C ARG EA 253 -19.18 103.96 46.73
N VAL EA 254 -19.28 105.12 46.06
CA VAL EA 254 -18.17 105.57 45.22
C VAL EA 254 -17.26 106.54 45.95
N GLN EA 255 -17.79 107.27 46.94
CA GLN EA 255 -16.94 108.14 47.77
C GLN EA 255 -15.90 107.35 48.53
N VAL EA 256 -16.20 106.11 48.90
CA VAL EA 256 -15.17 105.29 49.52
C VAL EA 256 -13.98 105.10 48.58
N GLN EA 257 -14.24 104.98 47.26
CA GLN EA 257 -13.15 104.91 46.30
C GLN EA 257 -12.34 106.19 46.25
N VAL EA 258 -13.00 107.35 46.35
CA VAL EA 258 -12.27 108.62 46.39
C VAL EA 258 -11.33 108.64 47.58
N VAL EA 259 -11.80 108.18 48.74
CA VAL EA 259 -10.94 108.13 49.92
C VAL EA 259 -9.77 107.18 49.68
N GLU EA 260 -10.03 106.01 49.10
CA GLU EA 260 -8.98 105.06 48.78
C GLU EA 260 -7.88 105.70 47.94
N ARG EA 261 -8.25 106.38 46.86
CA ARG EA 261 -7.24 106.95 45.98
C ARG EA 261 -6.54 108.15 46.63
N ALA EA 262 -7.29 108.99 47.36
CA ALA EA 262 -6.71 110.13 48.03
C ALA EA 262 -5.77 109.75 49.17
N GLN EA 263 -5.79 108.49 49.60
CA GLN EA 263 -4.74 108.02 50.50
C GLN EA 263 -3.65 107.20 49.81
N GLN EA 264 -3.97 106.53 48.70
CA GLN EA 264 -2.91 105.93 47.89
C GLN EA 264 -1.94 106.98 47.37
N VAL EA 265 -2.41 108.22 47.16
CA VAL EA 265 -1.48 109.27 46.77
C VAL EA 265 -0.47 109.54 47.88
N ALA EA 266 -0.88 109.47 49.15
CA ALA EA 266 0.07 109.63 50.25
C ALA EA 266 0.98 108.42 50.35
N VAL EA 267 0.45 107.23 50.06
CA VAL EA 267 1.29 106.04 49.98
C VAL EA 267 2.43 106.26 48.99
N GLN EA 268 2.09 106.77 47.80
CA GLN EA 268 3.12 107.05 46.80
C GLN EA 268 4.02 108.21 47.21
N GLU EA 269 3.48 109.15 47.99
CA GLU EA 269 4.31 110.25 48.49
C GLU EA 269 5.41 109.74 49.40
N GLN EA 270 5.11 108.71 50.19
CA GLN EA 270 6.18 108.07 50.96
C GLN EA 270 7.04 107.18 50.07
N GLU EA 271 6.44 106.57 49.05
CA GLU EA 271 7.17 105.67 48.17
C GLU EA 271 8.25 106.40 47.38
N ILE EA 272 8.03 107.68 47.05
CA ILE EA 272 9.04 108.40 46.28
C ILE EA 272 10.32 108.55 47.09
N ALA EA 273 10.20 108.88 48.37
CA ALA EA 273 11.40 109.00 49.20
C ALA EA 273 12.00 107.63 49.50
N ARG EA 274 11.16 106.61 49.65
CA ARG EA 274 11.69 105.27 49.83
C ARG EA 274 12.52 104.86 48.62
N ARG EA 275 12.03 105.14 47.42
CA ARG EA 275 12.79 104.88 46.20
C ARG EA 275 14.05 105.71 46.14
N GLU EA 276 13.97 106.98 46.51
CA GLU EA 276 15.19 107.79 46.64
C GLU EA 276 16.26 107.04 47.43
N LYS EA 277 15.95 106.69 48.67
CA LYS EA 277 16.95 106.07 49.54
C LYS EA 277 17.42 104.73 49.00
N GLU EA 278 16.48 103.86 48.62
CA GLU EA 278 16.84 102.52 48.18
C GLU EA 278 17.66 102.56 46.90
N LEU EA 279 17.26 103.38 45.94
CA LEU EA 279 17.99 103.50 44.69
C LEU EA 279 19.37 104.08 44.92
N GLU EA 280 19.49 105.08 45.80
CA GLU EA 280 20.82 105.57 46.14
C GLU EA 280 21.69 104.45 46.67
N ALA EA 281 21.19 103.71 47.67
CA ALA EA 281 21.97 102.64 48.28
C ALA EA 281 22.37 101.57 47.28
N ARG EA 282 21.48 101.19 46.38
CA ARG EA 282 21.73 100.08 45.48
C ARG EA 282 22.36 100.48 44.16
N VAL EA 283 22.53 101.77 43.88
CA VAL EA 283 23.14 102.18 42.62
C VAL EA 283 24.34 103.09 42.84
N ARG EA 284 24.14 104.19 43.56
CA ARG EA 284 25.18 105.23 43.61
C ARG EA 284 26.40 104.75 44.39
N LYS EA 285 26.18 104.19 45.58
CA LYS EA 285 27.30 103.67 46.36
C LYS EA 285 28.03 102.53 45.68
N PRO EA 286 27.36 101.52 45.09
CA PRO EA 286 28.12 100.53 44.32
C PRO EA 286 28.90 101.12 43.16
N ALA EA 287 28.37 102.15 42.49
CA ALA EA 287 29.12 102.81 41.43
C ALA EA 287 30.36 103.49 41.95
N GLU EA 288 30.26 104.19 43.10
CA GLU EA 288 31.43 104.80 43.69
C GLU EA 288 32.47 103.76 44.07
N ALA EA 289 32.03 102.66 44.68
CA ALA EA 289 32.95 101.60 45.08
C ALA EA 289 33.63 100.98 43.87
N GLU EA 290 32.89 100.74 42.80
CA GLU EA 290 33.47 100.18 41.58
C GLU EA 290 34.46 101.15 40.95
N ARG EA 291 34.15 102.45 40.97
CA ARG EA 291 35.09 103.43 40.45
C ARG EA 291 36.38 103.43 41.25
N TYR EA 292 36.29 103.37 42.57
CA TYR EA 292 37.50 103.32 43.38
C TYR EA 292 38.30 102.05 43.12
N LYS EA 293 37.61 100.92 42.98
CA LYS EA 293 38.29 99.66 42.68
C LYS EA 293 39.02 99.74 41.34
N LEU EA 294 38.35 100.27 40.32
CA LEU EA 294 38.99 100.42 39.02
C LEU EA 294 40.18 101.37 39.09
N GLU EA 295 40.05 102.48 39.81
CA GLU EA 295 41.16 103.40 39.98
C GLU EA 295 42.37 102.71 40.59
N ARG EA 296 42.15 101.97 41.69
CA ARG EA 296 43.27 101.33 42.37
C ARG EA 296 43.90 100.22 41.54
N LEU EA 297 43.07 99.40 40.90
CA LEU EA 297 43.63 98.32 40.07
C LEU EA 297 44.39 98.89 38.87
N ALA EA 298 43.87 99.96 38.25
CA ALA EA 298 44.59 100.60 37.15
C ALA EA 298 45.91 101.19 37.61
N GLU EA 299 45.92 101.82 38.80
CA GLU EA 299 47.16 102.36 39.33
C GLU EA 299 48.18 101.24 39.57
N ALA EA 300 47.72 100.11 40.11
CA ALA EA 300 48.62 98.97 40.31
C ALA EA 300 49.15 98.43 38.98
N GLU EA 301 48.29 98.35 37.97
CA GLU EA 301 48.73 97.86 36.67
C GLU EA 301 49.77 98.79 36.05
N LYS EA 302 49.54 100.10 36.16
CA LYS EA 302 50.54 101.05 35.66
C LYS EA 302 51.85 100.90 36.42
N SER EA 303 51.78 100.77 37.75
CA SER EA 303 53.00 100.65 38.54
C SER EA 303 53.77 99.38 38.18
N GLN EA 304 53.05 98.31 37.87
CA GLN EA 304 53.73 97.08 37.46
C GLN EA 304 54.33 97.21 36.06
N LEU EA 305 53.56 97.75 35.12
CA LEU EA 305 54.01 97.82 33.73
C LEU EA 305 55.21 98.74 33.57
N ILE EA 306 55.20 99.88 34.27
CA ILE EA 306 56.31 100.83 34.13
C ILE EA 306 57.63 100.19 34.54
N MET EA 307 57.64 99.46 35.65
CA MET EA 307 58.89 98.90 36.13
C MET EA 307 59.26 97.59 35.47
N GLN EA 308 58.28 96.82 34.98
CA GLN EA 308 58.60 95.71 34.10
C GLN EA 308 59.26 96.21 32.81
N ALA EA 309 58.75 97.31 32.25
CA ALA EA 309 59.36 97.93 31.10
C ALA EA 309 60.78 98.40 31.41
N GLU EA 310 60.96 99.02 32.58
CA GLU EA 310 62.30 99.46 32.97
C GLU EA 310 63.26 98.27 33.07
N ALA EA 311 62.79 97.16 33.65
CA ALA EA 311 63.63 95.98 33.74
C ALA EA 311 63.99 95.44 32.37
N GLU EA 312 63.02 95.39 31.45
CA GLU EA 312 63.30 94.92 30.10
C GLU EA 312 64.30 95.83 29.39
N ALA EA 313 64.14 97.14 29.56
CA ALA EA 313 65.07 98.08 28.93
C ALA EA 313 66.48 97.92 29.47
N ALA EA 314 66.61 97.75 30.79
CA ALA EA 314 67.93 97.53 31.38
C ALA EA 314 68.54 96.23 30.88
N SER EA 315 67.71 95.18 30.77
CA SER EA 315 68.20 93.91 30.24
C SER EA 315 68.74 94.08 28.83
N VAL EA 316 67.97 94.75 27.96
CA VAL EA 316 68.40 94.94 26.58
C VAL EA 316 69.68 95.76 26.53
N ARG EA 317 69.73 96.85 27.30
CA ARG EA 317 70.93 97.69 27.33
C ARG EA 317 72.16 96.90 27.74
N MET EA 318 72.08 96.17 28.84
CA MET EA 318 73.25 95.45 29.35
C MET EA 318 73.68 94.32 28.41
N ARG EA 319 72.73 93.53 27.91
CA ARG EA 319 73.09 92.44 27.01
C ARG EA 319 73.71 92.97 25.72
N GLY EA 320 73.13 94.05 25.16
CA GLY EA 320 73.69 94.62 23.96
C GLY EA 320 75.08 95.20 24.18
N GLU EA 321 75.28 95.88 25.30
CA GLU EA 321 76.61 96.42 25.60
C GLU EA 321 77.63 95.30 25.74
N ALA EA 322 77.26 94.21 26.42
CA ALA EA 322 78.18 93.09 26.57
C ALA EA 322 78.53 92.47 25.23
N GLU EA 323 77.53 92.27 24.37
CA GLU EA 323 77.81 91.63 23.09
C GLU EA 323 78.62 92.55 22.18
N ALA EA 324 78.39 93.87 22.27
CA ALA EA 324 79.19 94.81 21.51
C ALA EA 324 80.65 94.81 21.98
N PHE EA 325 80.86 94.74 23.29
CA PHE EA 325 82.22 94.64 23.80
C PHE EA 325 82.89 93.36 23.33
N ALA EA 326 82.13 92.26 23.29
CA ALA EA 326 82.66 91.01 22.76
C ALA EA 326 83.03 91.12 21.28
N ILE EA 327 82.19 91.81 20.50
CA ILE EA 327 82.51 92.05 19.10
C ILE EA 327 83.80 92.84 18.97
N GLY EA 328 83.96 93.88 19.78
CA GLY EA 328 85.20 94.63 19.78
C GLY EA 328 86.40 93.77 20.17
N ALA EA 329 86.20 92.84 21.10
CA ALA EA 329 87.29 91.95 21.50
C ALA EA 329 87.75 91.08 20.35
N ARG EA 330 86.82 90.40 19.68
CA ARG EA 330 87.23 89.66 18.49
C ARG EA 330 87.78 90.58 17.41
N ALA EA 331 87.31 91.82 17.34
CA ALA EA 331 87.84 92.74 16.33
C ALA EA 331 89.33 93.00 16.55
N ARG EA 332 89.69 93.36 17.78
CA ARG EA 332 91.09 93.60 18.11
C ARG EA 332 91.92 92.34 17.91
N ALA EA 333 91.40 91.18 18.35
CA ALA EA 333 92.13 89.93 18.18
C ALA EA 333 92.37 89.63 16.70
N GLU EA 334 91.35 89.80 15.86
CA GLU EA 334 91.47 89.49 14.45
C GLU EA 334 92.39 90.47 13.75
N ALA EA 335 92.40 91.73 14.15
CA ALA EA 335 93.32 92.69 13.55
C ALA EA 335 94.76 92.34 13.87
N GLU EA 336 95.06 92.12 15.16
CA GLU EA 336 96.41 91.72 15.53
C GLU EA 336 96.77 90.38 14.91
N GLN EA 337 95.77 89.55 14.61
CA GLN EA 337 95.99 88.28 13.95
C GLN EA 337 96.38 88.47 12.49
N MET EA 338 95.66 89.33 11.77
CA MET EA 338 95.88 89.49 10.33
C MET EA 338 97.14 90.28 10.05
N ALA EA 339 97.57 91.13 10.99
CA ALA EA 339 98.84 91.82 10.79
C ALA EA 339 99.98 90.84 10.57
N LYS EA 340 100.03 89.78 11.38
CA LYS EA 340 101.09 88.80 11.20
C LYS EA 340 100.87 87.95 9.95
N LYS EA 341 99.62 87.71 9.55
CA LYS EA 341 99.41 87.07 8.27
C LYS EA 341 100.04 87.86 7.14
N ALA EA 342 99.82 89.17 7.12
CA ALA EA 342 100.44 89.99 6.09
C ALA EA 342 101.97 89.96 6.19
N GLU EA 343 102.49 90.04 7.42
CA GLU EA 343 103.94 90.02 7.60
C GLU EA 343 104.53 88.71 7.07
N ALA EA 344 103.89 87.59 7.36
CA ALA EA 344 104.37 86.30 6.87
C ALA EA 344 104.27 86.21 5.36
N PHE EA 345 103.14 86.63 4.79
CA PHE EA 345 102.96 86.61 3.35
C PHE EA 345 104.00 87.43 2.62
N GLN EA 346 104.53 88.48 3.26
CA GLN EA 346 105.54 89.31 2.59
C GLN EA 346 106.76 88.48 2.16
N LEU EA 347 107.12 87.46 2.93
CA LEU EA 347 108.28 86.64 2.63
C LEU EA 347 107.91 85.39 1.82
N TYR EA 348 107.23 85.58 0.70
CA TYR EA 348 106.85 84.49 -0.20
C TYR EA 348 107.49 84.70 -1.57
N GLN EA 349 108.21 83.70 -2.03
CA GLN EA 349 108.85 83.69 -3.34
C GLN EA 349 107.97 82.94 -4.33
N GLU EA 350 108.51 82.68 -5.52
CA GLU EA 350 107.76 81.97 -6.55
C GLU EA 350 107.40 80.55 -6.14
N ALA EA 351 108.24 79.89 -5.36
CA ALA EA 351 107.94 78.53 -4.92
C ALA EA 351 106.68 78.50 -4.06
N ALA EA 352 106.55 79.46 -3.16
CA ALA EA 352 105.38 79.50 -2.28
C ALA EA 352 104.11 79.81 -3.05
N GLN EA 353 104.17 80.75 -4.00
CA GLN EA 353 103.00 81.03 -4.81
C GLN EA 353 102.62 79.83 -5.67
N LEU EA 354 103.61 79.12 -6.21
CA LEU EA 354 103.35 77.89 -6.94
C LEU EA 354 102.67 76.85 -6.05
N ASP EA 355 103.14 76.72 -4.81
CA ASP EA 355 102.52 75.78 -3.88
C ASP EA 355 101.07 76.16 -3.60
N MET EA 356 100.80 77.45 -3.41
CA MET EA 356 99.42 77.88 -3.16
C MET EA 356 98.54 77.61 -4.37
N LEU EA 357 99.04 77.91 -5.57
CA LEU EA 357 98.25 77.67 -6.78
C LEU EA 357 97.95 76.19 -6.96
N LEU EA 358 98.95 75.33 -6.74
CA LEU EA 358 98.75 73.90 -6.91
C LEU EA 358 97.98 73.27 -5.75
N GLU EA 359 97.88 73.95 -4.62
CA GLU EA 359 96.97 73.49 -3.57
C GLU EA 359 95.54 73.92 -3.81
N LYS EA 360 95.34 75.05 -4.48
CA LYS EA 360 93.99 75.54 -4.75
C LYS EA 360 93.38 74.98 -6.03
N LEU EA 361 94.20 74.57 -7.00
CA LEU EA 361 93.65 74.01 -8.23
C LEU EA 361 92.77 72.78 -8.00
N PRO EA 362 93.16 71.78 -7.20
CA PRO EA 362 92.28 70.63 -7.00
C PRO EA 362 90.93 71.00 -6.41
N GLN EA 363 90.87 72.00 -5.54
CA GLN EA 363 89.59 72.37 -4.95
C GLN EA 363 88.65 72.98 -5.98
N VAL EA 364 89.18 73.84 -6.86
CA VAL EA 364 88.37 74.39 -7.93
C VAL EA 364 87.93 73.29 -8.88
N ALA EA 365 88.82 72.34 -9.16
CA ALA EA 365 88.46 71.22 -10.01
C ALA EA 365 87.33 70.40 -9.40
N GLU EA 366 87.40 70.16 -8.09
CA GLU EA 366 86.29 69.48 -7.41
C GLU EA 366 85.00 70.27 -7.52
N GLU EA 367 85.06 71.57 -7.25
CA GLU EA 367 83.82 72.36 -7.27
C GLU EA 367 83.23 72.48 -8.68
N ILE EA 368 84.04 72.26 -9.72
CA ILE EA 368 83.51 72.38 -11.08
C ILE EA 368 83.10 71.01 -11.63
N SER EA 369 83.70 69.94 -11.10
CA SER EA 369 83.42 68.60 -11.57
C SER EA 369 82.46 67.82 -10.68
N GLY EA 370 82.05 68.38 -9.54
CA GLY EA 370 81.09 67.74 -8.70
C GLY EA 370 79.70 67.75 -9.30
N PRO EA 371 79.19 68.93 -9.64
CA PRO EA 371 77.90 68.99 -10.34
C PRO EA 371 77.88 68.26 -11.67
N LEU EA 372 79.00 68.26 -12.41
CA LEU EA 372 79.01 67.65 -13.72
C LEU EA 372 78.87 66.12 -13.65
N THR EA 373 79.44 65.50 -12.61
CA THR EA 373 79.37 64.05 -12.48
C THR EA 373 78.03 63.57 -11.95
N SER EA 374 77.02 64.43 -11.91
CA SER EA 374 75.67 64.02 -11.57
C SER EA 374 74.85 63.57 -12.77
N ALA EA 375 75.43 63.64 -13.98
CA ALA EA 375 74.73 63.18 -15.17
C ALA EA 375 74.50 61.67 -15.09
N ASN EA 376 73.31 61.24 -15.53
CA ASN EA 376 72.96 59.83 -15.45
C ASN EA 376 73.78 59.00 -16.43
N LYS EA 377 73.84 59.43 -17.69
CA LYS EA 377 74.61 58.72 -18.70
C LYS EA 377 75.22 59.71 -19.67
N ILE EA 378 76.36 59.33 -20.24
CA ILE EA 378 77.06 60.13 -21.24
C ILE EA 378 77.40 59.22 -22.41
N THR EA 379 77.02 59.63 -23.62
CA THR EA 379 77.24 58.85 -24.83
C THR EA 379 78.27 59.56 -25.69
N LEU EA 380 79.29 58.82 -26.11
CA LEU EA 380 80.38 59.35 -26.92
C LEU EA 380 80.38 58.66 -28.28
N VAL EA 381 80.45 59.45 -29.35
CA VAL EA 381 80.42 58.92 -30.70
C VAL EA 381 81.48 59.65 -31.53
N SER EA 382 82.23 58.89 -32.31
CA SER EA 382 83.27 59.44 -33.17
C SER EA 382 83.02 59.05 -34.62
N SER EA 383 83.66 59.78 -35.52
CA SER EA 383 83.53 59.52 -36.95
C SER EA 383 84.69 60.19 -37.68
N GLY EA 384 85.18 59.55 -38.73
CA GLY EA 384 86.28 60.13 -39.47
C GLY EA 384 87.55 60.14 -38.63
N SER EA 385 88.38 61.14 -38.87
CA SER EA 385 89.64 61.30 -38.15
C SER EA 385 89.47 62.02 -36.83
N GLY EA 386 88.24 62.11 -36.33
CA GLY EA 386 87.99 62.81 -35.09
C GLY EA 386 88.28 61.97 -33.87
N THR EA 387 88.12 62.60 -32.71
CA THR EA 387 88.34 61.96 -31.42
C THR EA 387 87.06 61.30 -30.93
N MET EA 388 87.20 60.46 -29.90
CA MET EA 388 86.08 59.73 -29.34
C MET EA 388 85.15 60.63 -28.53
N GLY EA 389 85.70 61.55 -27.74
CA GLY EA 389 84.89 62.49 -26.98
C GLY EA 389 85.28 62.68 -25.53
N ALA EA 390 86.12 61.80 -24.97
CA ALA EA 390 86.54 61.99 -23.59
C ALA EA 390 87.39 63.24 -23.44
N ALA EA 391 88.24 63.50 -24.42
CA ALA EA 391 88.99 64.75 -24.45
C ALA EA 391 88.05 65.95 -24.48
N LYS EA 392 86.87 65.82 -25.08
CA LYS EA 392 85.93 66.93 -25.07
C LYS EA 392 85.46 67.25 -23.66
N VAL EA 393 85.13 66.23 -22.87
CA VAL EA 393 84.67 66.46 -21.50
C VAL EA 393 85.79 67.03 -20.65
N THR EA 394 86.99 66.43 -20.75
CA THR EA 394 88.12 66.95 -19.98
C THR EA 394 88.46 68.37 -20.39
N GLY EA 395 88.38 68.67 -21.68
CA GLY EA 395 88.62 70.02 -22.15
C GLY EA 395 87.58 71.01 -21.68
N GLU EA 396 86.32 70.58 -21.61
CA GLU EA 396 85.28 71.46 -21.07
C GLU EA 396 85.57 71.81 -19.61
N VAL EA 397 85.89 70.80 -18.80
CA VAL EA 397 86.19 71.06 -17.39
C VAL EA 397 87.41 71.95 -17.25
N LEU EA 398 88.48 71.65 -18.00
CA LEU EA 398 89.70 72.44 -17.91
C LEU EA 398 89.49 73.86 -18.42
N ASP EA 399 88.69 74.02 -19.47
CA ASP EA 399 88.41 75.34 -20.01
C ASP EA 399 87.63 76.19 -19.02
N ILE EA 400 86.66 75.60 -18.34
CA ILE EA 400 85.96 76.35 -17.29
C ILE EA 400 86.93 76.71 -16.18
N LEU EA 401 87.76 75.76 -15.76
CA LEU EA 401 88.70 76.00 -14.67
C LEU EA 401 89.73 77.07 -15.02
N THR EA 402 90.05 77.23 -16.31
CA THR EA 402 91.03 78.21 -16.72
C THR EA 402 90.41 79.55 -17.10
N ARG EA 403 89.12 79.56 -17.46
CA ARG EA 403 88.46 80.82 -17.78
C ARG EA 403 87.89 81.49 -16.54
N LEU EA 404 87.64 80.73 -15.48
CA LEU EA 404 87.18 81.35 -14.24
C LEU EA 404 88.19 82.35 -13.68
N PRO EA 405 89.49 82.07 -13.59
CA PRO EA 405 90.43 83.10 -13.12
C PRO EA 405 90.44 84.33 -14.01
N GLU EA 406 90.23 84.19 -15.32
CA GLU EA 406 90.19 85.37 -16.18
C GLU EA 406 88.92 86.16 -15.96
N SER EA 407 87.79 85.49 -15.73
CA SER EA 407 86.56 86.21 -15.42
C SER EA 407 86.71 86.99 -14.12
N VAL EA 408 87.34 86.38 -13.11
CA VAL EA 408 87.60 87.10 -11.87
C VAL EA 408 88.62 88.22 -12.10
N GLU EA 409 89.58 88.00 -13.00
CA GLU EA 409 90.52 89.03 -13.40
C GLU EA 409 89.81 90.26 -13.92
N ARG EA 410 88.75 90.05 -14.72
CA ARG EA 410 88.05 91.17 -15.33
C ARG EA 410 87.51 92.13 -14.28
N LEU EA 411 87.12 91.62 -13.12
CA LEU EA 411 86.60 92.50 -12.07
C LEU EA 411 87.69 92.96 -11.12
N THR EA 412 88.45 92.03 -10.54
CA THR EA 412 89.41 92.39 -9.50
C THR EA 412 90.57 93.20 -10.09
N GLY EA 413 91.16 92.71 -11.19
CA GLY EA 413 92.30 93.37 -11.77
C GLY EA 413 93.64 92.99 -11.17
N VAL EA 414 93.71 91.90 -10.41
CA VAL EA 414 94.94 91.44 -9.79
C VAL EA 414 95.27 90.05 -10.32
N SER EA 415 96.52 89.87 -10.75
CA SER EA 415 96.94 88.65 -11.42
C SER EA 415 96.84 87.44 -10.50
N ILE EA 416 96.63 86.28 -11.11
CA ILE EA 416 96.53 85.03 -10.37
C ILE EA 416 97.67 84.07 -10.70
N SER EA 417 98.29 84.18 -11.87
CA SER EA 417 99.41 83.35 -12.26
C SER EA 417 100.67 84.20 -12.39
N GLN EA 418 101.77 83.70 -11.83
CA GLN EA 418 103.02 84.47 -11.85
C GLN EA 418 103.65 84.48 -13.24
N VAL EA 419 103.40 83.45 -14.04
CA VAL EA 419 103.97 83.39 -15.37
C VAL EA 419 102.86 83.11 -16.40
N MET FA 1 -163.82 17.23 40.16
CA MET FA 1 -163.96 16.86 41.57
C MET FA 1 -163.99 18.12 42.42
N GLY FA 2 -163.00 19.00 42.20
CA GLY FA 2 -162.91 20.24 42.95
C GLY FA 2 -164.12 21.13 42.78
N ASN FA 3 -164.62 21.68 43.90
CA ASN FA 3 -165.83 22.48 43.89
C ASN FA 3 -165.58 23.80 44.61
N CYS FA 4 -166.25 24.85 44.14
CA CYS FA 4 -166.29 26.15 44.82
C CYS FA 4 -164.88 26.72 45.01
N HIS FA 5 -164.26 27.05 43.88
CA HIS FA 5 -162.93 27.64 43.87
C HIS FA 5 -162.98 29.14 43.67
N THR FA 6 -162.05 29.83 44.32
CA THR FA 6 -161.89 31.28 44.20
C THR FA 6 -160.42 31.59 43.97
N VAL FA 7 -160.17 32.71 43.30
CA VAL FA 7 -158.81 33.11 42.93
C VAL FA 7 -158.60 34.55 43.39
N GLY FA 8 -157.33 34.90 43.64
CA GLY FA 8 -156.97 36.23 44.05
C GLY FA 8 -157.04 37.22 42.91
N PRO FA 9 -156.91 38.51 43.23
CA PRO FA 9 -157.01 39.55 42.19
C PRO FA 9 -155.91 39.50 41.15
N ASN FA 10 -154.80 38.82 41.42
CA ASN FA 10 -153.71 38.76 40.45
C ASN FA 10 -154.05 37.91 39.24
N GLU FA 11 -154.87 36.87 39.40
CA GLU FA 11 -155.19 35.96 38.32
C GLU FA 11 -156.70 35.92 38.12
N ALA FA 12 -157.10 35.73 36.87
CA ALA FA 12 -158.51 35.67 36.49
C ALA FA 12 -158.92 34.22 36.32
N LEU FA 13 -160.00 33.84 37.01
CA LEU FA 13 -160.55 32.49 36.89
C LEU FA 13 -161.52 32.44 35.72
N VAL FA 14 -161.33 31.46 34.83
CA VAL FA 14 -162.18 31.27 33.66
C VAL FA 14 -162.87 29.92 33.78
N VAL FA 15 -164.18 29.92 33.60
CA VAL FA 15 -164.98 28.70 33.60
C VAL FA 15 -165.96 28.78 32.43
N SER FA 16 -166.21 27.63 31.81
CA SER FA 16 -167.17 27.55 30.71
C SER FA 16 -167.81 26.18 30.72
N GLY FA 17 -169.13 26.15 30.60
CA GLY FA 17 -169.87 24.90 30.58
C GLY FA 17 -171.34 25.07 30.26
N GLY FA 18 -171.87 24.21 29.41
CA GLY FA 18 -173.27 24.30 29.01
C GLY FA 18 -174.20 23.53 29.92
N CYS FA 19 -174.85 24.24 30.86
CA CYS FA 19 -175.71 23.58 31.83
C CYS FA 19 -176.86 22.86 31.14
N CYS FA 20 -177.48 23.49 30.14
CA CYS FA 20 -178.49 22.87 29.32
C CYS FA 20 -178.05 22.76 27.86
N GLY FA 21 -176.75 22.80 27.61
CA GLY FA 21 -176.22 22.80 26.26
C GLY FA 21 -175.98 24.17 25.67
N SER FA 22 -176.47 25.23 26.31
CA SER FA 22 -176.25 26.58 25.84
C SER FA 22 -174.89 27.10 26.33
N ASP FA 23 -174.30 27.97 25.52
CA ASP FA 23 -172.95 28.46 25.77
C ASP FA 23 -172.99 29.46 26.93
N TYR FA 24 -172.48 29.04 28.09
CA TYR FA 24 -172.37 29.91 29.27
C TYR FA 24 -170.91 29.91 29.71
N LYS FA 25 -170.20 30.98 29.38
CA LYS FA 25 -168.81 31.15 29.78
C LYS FA 25 -168.73 32.28 30.80
N GLN FA 26 -168.10 32.00 31.94
CA GLN FA 26 -167.92 32.99 33.00
C GLN FA 26 -166.43 33.22 33.22
N TYR FA 27 -166.01 34.47 33.10
CA TYR FA 27 -164.63 34.87 33.35
C TYR FA 27 -164.64 35.95 34.43
N VAL FA 28 -164.08 35.62 35.59
CA VAL FA 28 -164.08 36.52 36.75
C VAL FA 28 -162.67 36.57 37.31
N PHE FA 29 -162.17 37.78 37.58
CA PHE FA 29 -160.86 37.99 38.16
C PHE FA 29 -161.01 38.34 39.63
N GLY FA 30 -160.33 37.59 40.49
CA GLY FA 30 -160.35 37.88 41.91
C GLY FA 30 -161.72 37.85 42.55
N GLY FA 31 -162.55 36.87 42.17
CA GLY FA 31 -163.90 36.81 42.69
C GLY FA 31 -164.31 35.45 43.20
N TRP FA 32 -165.56 35.07 42.95
CA TRP FA 32 -166.12 33.81 43.42
C TRP FA 32 -166.67 33.02 42.26
N ALA FA 33 -166.60 31.70 42.37
CA ALA FA 33 -167.14 30.80 41.35
C ALA FA 33 -167.29 29.42 41.96
N TRP FA 34 -168.09 28.59 41.29
CA TRP FA 34 -168.23 27.19 41.64
C TRP FA 34 -168.25 26.34 40.37
N ALA FA 35 -167.64 25.16 40.46
CA ALA FA 35 -167.63 24.21 39.35
C ALA FA 35 -167.69 22.80 39.93
N TRP FA 36 -168.50 21.95 39.29
CA TRP FA 36 -168.72 20.59 39.76
C TRP FA 36 -167.73 19.63 39.09
N TRP FA 37 -168.02 18.33 39.20
CA TRP FA 37 -167.12 17.30 38.67
C TRP FA 37 -166.87 17.51 37.18
N CYS FA 38 -167.94 17.67 36.39
CA CYS FA 38 -167.78 17.93 34.96
C CYS FA 38 -168.76 18.96 34.43
N ILE FA 39 -169.06 20.03 35.17
CA ILE FA 39 -169.96 21.05 34.63
C ILE FA 39 -169.19 22.05 33.78
N SER FA 40 -167.95 22.36 34.12
CA SER FA 40 -167.19 23.38 33.42
C SER FA 40 -165.71 23.05 33.53
N ASP FA 41 -164.87 24.03 33.21
CA ASP FA 41 -163.42 23.89 33.28
C ASP FA 41 -162.86 24.95 34.22
N THR FA 42 -161.92 24.53 35.08
CA THR FA 42 -161.29 25.41 36.05
C THR FA 42 -159.90 25.78 35.57
N GLN FA 43 -159.74 27.00 35.08
CA GLN FA 43 -158.45 27.48 34.62
C GLN FA 43 -158.27 28.92 35.09
N ARG FA 44 -157.01 29.34 35.20
CA ARG FA 44 -156.66 30.68 35.64
C ARG FA 44 -155.71 31.30 34.63
N ILE FA 45 -155.78 32.63 34.51
CA ILE FA 45 -154.90 33.40 33.64
C ILE FA 45 -154.08 34.32 34.51
N SER FA 46 -152.75 34.19 34.42
CA SER FA 46 -151.86 35.06 35.19
C SER FA 46 -151.83 36.45 34.59
N LEU FA 47 -152.43 37.43 35.26
CA LEU FA 47 -152.49 38.80 34.77
C LEU FA 47 -151.30 39.63 35.21
N GLU FA 48 -150.18 39.00 35.54
CA GLU FA 48 -148.99 39.72 35.95
C GLU FA 48 -148.32 40.39 34.76
N ILE FA 49 -147.52 41.41 35.04
CA ILE FA 49 -146.79 42.10 33.99
C ILE FA 49 -145.76 41.15 33.39
N MET FA 50 -145.65 41.16 32.06
CA MET FA 50 -144.65 40.40 31.35
C MET FA 50 -143.50 41.32 30.97
N THR FA 51 -142.27 40.88 31.26
CA THR FA 51 -141.10 41.68 30.93
C THR FA 51 -140.79 41.60 29.44
N LEU FA 52 -140.42 42.74 28.86
CA LEU FA 52 -140.09 42.81 27.44
C LEU FA 52 -138.69 43.40 27.28
N GLN FA 53 -137.90 42.78 26.40
CA GLN FA 53 -136.58 43.29 26.02
C GLN FA 53 -136.48 43.33 24.50
N PRO FA 54 -137.25 44.20 23.84
CA PRO FA 54 -137.15 44.29 22.38
C PRO FA 54 -135.79 44.83 21.97
N ARG FA 55 -135.05 44.03 21.19
CA ARG FA 55 -133.72 44.38 20.72
C ARG FA 55 -133.64 44.12 19.22
N CYS FA 56 -133.67 45.19 18.43
CA CYS FA 56 -133.60 45.09 16.98
C CYS FA 56 -132.16 45.34 16.54
N GLU FA 57 -131.66 44.45 15.68
CA GLU FA 57 -130.28 44.51 15.20
C GLU FA 57 -130.25 44.91 13.75
N ASP FA 58 -129.41 45.88 13.42
CA ASP FA 58 -129.21 46.35 12.04
C ASP FA 58 -130.52 46.83 11.42
N VAL FA 59 -131.15 47.80 12.08
CA VAL FA 59 -132.38 48.41 11.61
C VAL FA 59 -132.11 49.86 11.25
N GLU FA 60 -132.77 50.34 10.21
CA GLU FA 60 -132.47 51.64 9.62
C GLU FA 60 -133.71 52.52 9.60
N THR FA 61 -133.48 53.82 9.79
CA THR FA 61 -134.55 54.82 9.82
C THR FA 61 -134.85 55.32 8.42
N ALA FA 62 -135.59 56.42 8.32
CA ALA FA 62 -136.00 56.94 7.02
C ALA FA 62 -134.79 57.34 6.18
N GLU FA 63 -133.83 58.03 6.80
CA GLU FA 63 -132.62 58.41 6.08
C GLU FA 63 -131.68 57.23 5.88
N GLY FA 64 -131.91 56.12 6.58
CA GLY FA 64 -131.17 54.90 6.32
C GLY FA 64 -130.02 54.61 7.26
N VAL FA 65 -129.75 55.47 8.24
CA VAL FA 65 -128.66 55.23 9.16
C VAL FA 65 -128.96 53.98 9.99
N ALA FA 66 -128.04 53.04 9.99
CA ALA FA 66 -128.25 51.78 10.67
C ALA FA 66 -128.04 51.93 12.17
N LEU FA 67 -128.98 51.40 12.96
CA LEU FA 67 -128.89 51.43 14.41
C LEU FA 67 -129.27 50.07 14.96
N THR FA 68 -128.78 49.78 16.16
CA THR FA 68 -129.14 48.56 16.90
C THR FA 68 -129.83 49.03 18.18
N VAL FA 69 -131.15 49.23 18.08
CA VAL FA 69 -131.93 49.86 19.13
C VAL FA 69 -132.56 48.79 20.00
N THR FA 70 -132.35 48.89 21.31
CA THR FA 70 -132.96 48.01 22.29
C THR FA 70 -134.02 48.79 23.06
N GLY FA 71 -135.16 48.15 23.32
CA GLY FA 71 -136.28 48.80 23.95
C GLY FA 71 -136.76 48.07 25.20
N VAL FA 72 -137.70 48.72 25.90
CA VAL FA 72 -138.42 48.12 27.02
C VAL FA 72 -139.88 48.52 26.90
N ALA FA 73 -140.78 47.56 27.09
CA ALA FA 73 -142.20 47.79 27.02
C ALA FA 73 -142.90 47.08 28.18
N GLN FA 74 -143.94 47.71 28.70
CA GLN FA 74 -144.73 47.15 29.80
C GLN FA 74 -146.03 46.61 29.25
N VAL FA 75 -146.25 45.30 29.42
CA VAL FA 75 -147.40 44.61 28.85
C VAL FA 75 -148.08 43.80 29.93
N LYS FA 76 -149.41 43.82 29.91
CA LYS FA 76 -150.22 43.07 30.87
C LYS FA 76 -151.55 42.73 30.21
N ILE FA 77 -152.08 41.56 30.53
CA ILE FA 77 -153.40 41.18 30.03
C ILE FA 77 -154.47 42.07 30.67
N MET FA 78 -155.37 42.60 29.85
CA MET FA 78 -156.33 43.57 30.30
C MET FA 78 -157.45 42.88 31.11
N THR FA 79 -158.37 43.69 31.64
CA THR FA 79 -159.46 43.21 32.47
C THR FA 79 -160.81 43.76 32.01
N GLU FA 80 -160.94 44.09 30.72
CA GLU FA 80 -162.19 44.58 30.16
C GLU FA 80 -163.23 43.46 30.14
N LYS FA 81 -164.42 43.77 29.63
CA LYS FA 81 -165.52 42.81 29.58
C LYS FA 81 -165.52 41.99 28.29
N GLU FA 82 -165.67 42.65 27.14
CA GLU FA 82 -165.72 41.92 25.88
C GLU FA 82 -164.34 41.49 25.40
N LEU FA 83 -163.30 42.24 25.75
CA LEU FA 83 -161.94 41.85 25.34
C LEU FA 83 -161.48 40.60 26.08
N LEU FA 84 -161.95 40.38 27.31
CA LEU FA 84 -161.55 39.17 28.02
C LEU FA 84 -162.22 37.93 27.47
N ALA FA 85 -163.33 38.07 26.74
CA ALA FA 85 -163.81 36.93 25.97
C ALA FA 85 -162.77 36.48 24.97
N VAL FA 86 -162.16 37.44 24.25
CA VAL FA 86 -161.10 37.12 23.31
C VAL FA 86 -159.88 36.58 24.05
N ALA FA 87 -159.56 37.18 25.19
CA ALA FA 87 -158.40 36.74 25.96
C ALA FA 87 -158.55 35.29 26.41
N CYS FA 88 -159.74 34.91 26.87
CA CYS FA 88 -159.98 33.55 27.34
C CYS FA 88 -160.06 32.58 26.17
N GLU FA 89 -160.69 32.98 25.06
CA GLU FA 89 -160.75 32.11 23.90
C GLU FA 89 -159.46 32.09 23.10
N GLN FA 90 -158.46 32.87 23.50
CA GLN FA 90 -157.31 33.12 22.66
C GLN FA 90 -156.09 32.27 22.99
N PHE FA 91 -155.58 32.36 24.22
CA PHE FA 91 -154.20 31.95 24.45
C PHE FA 91 -154.04 30.77 25.40
N LEU FA 92 -154.57 30.85 26.62
CA LEU FA 92 -154.30 29.85 27.64
C LEU FA 92 -154.73 28.46 27.16
N GLY FA 93 -154.10 27.42 27.71
CA GLY FA 93 -153.17 27.52 28.83
C GLY FA 93 -151.69 27.43 28.52
N LYS FA 94 -151.26 28.10 27.46
CA LYS FA 94 -149.83 28.19 27.17
C LYS FA 94 -149.16 29.03 28.25
N ASN FA 95 -147.94 28.65 28.61
CA ASN FA 95 -147.30 29.18 29.81
C ASN FA 95 -146.73 30.56 29.57
N VAL FA 96 -146.15 31.14 30.63
CA VAL FA 96 -145.70 32.53 30.62
C VAL FA 96 -144.62 32.75 29.57
N GLN FA 97 -143.74 31.76 29.37
CA GLN FA 97 -142.74 31.89 28.32
C GLN FA 97 -143.40 32.07 26.96
N ASP FA 98 -144.57 31.47 26.77
CA ASP FA 98 -145.27 31.61 25.50
C ASP FA 98 -145.82 33.03 25.33
N ILE FA 99 -146.40 33.60 26.39
CA ILE FA 99 -146.82 35.00 26.31
C ILE FA 99 -145.63 35.87 25.94
N LYS FA 100 -144.53 35.73 26.68
CA LYS FA 100 -143.41 36.64 26.50
C LYS FA 100 -142.78 36.49 25.13
N ASN FA 101 -142.66 35.26 24.62
CA ASN FA 101 -142.10 35.08 23.29
C ASN FA 101 -143.01 35.67 22.22
N VAL FA 102 -144.31 35.37 22.27
CA VAL FA 102 -145.20 35.88 21.25
C VAL FA 102 -145.20 37.41 21.24
N VAL FA 103 -145.34 38.02 22.43
CA VAL FA 103 -145.39 39.47 22.50
C VAL FA 103 -144.03 40.05 22.10
N LEU FA 104 -142.94 39.32 22.40
CA LEU FA 104 -141.62 39.79 22.03
C LEU FA 104 -141.46 39.90 20.53
N GLN FA 105 -141.81 38.85 19.78
CA GLN FA 105 -141.69 38.93 18.34
C GLN FA 105 -142.63 39.98 17.75
N THR FA 106 -143.89 40.02 18.21
CA THR FA 106 -144.81 40.96 17.55
C THR FA 106 -144.42 42.41 17.85
N LEU FA 107 -144.05 42.73 19.09
CA LEU FA 107 -143.60 44.08 19.38
C LEU FA 107 -142.23 44.36 18.79
N GLU FA 108 -141.42 43.33 18.54
CA GLU FA 108 -140.18 43.53 17.82
C GLU FA 108 -140.47 44.05 16.42
N GLY FA 109 -141.36 43.36 15.71
CA GLY FA 109 -141.74 43.84 14.39
C GLY FA 109 -142.34 45.23 14.41
N HIS FA 110 -143.25 45.47 15.35
CA HIS FA 110 -143.91 46.77 15.42
C HIS FA 110 -142.91 47.88 15.75
N LEU FA 111 -141.99 47.62 16.68
CA LEU FA 111 -141.00 48.62 17.07
C LEU FA 111 -140.05 48.93 15.91
N ARG FA 112 -139.58 47.90 15.22
CA ARG FA 112 -138.72 48.15 14.06
C ARG FA 112 -139.48 48.95 13.00
N SER FA 113 -140.75 48.61 12.78
CA SER FA 113 -141.55 49.31 11.79
C SER FA 113 -141.68 50.79 12.12
N ILE FA 114 -142.07 51.11 13.36
CA ILE FA 114 -142.22 52.52 13.72
C ILE FA 114 -140.87 53.21 13.74
N LEU FA 115 -139.81 52.51 14.14
CA LEU FA 115 -138.48 53.10 14.10
C LEU FA 115 -138.10 53.51 12.69
N GLY FA 116 -138.43 52.66 11.71
CA GLY FA 116 -138.27 53.05 10.33
C GLY FA 116 -139.17 54.21 9.95
N THR FA 117 -140.33 54.32 10.60
CA THR FA 117 -141.28 55.37 10.25
C THR FA 117 -140.71 56.76 10.50
N LEU FA 118 -140.04 56.96 11.63
CA LEU FA 118 -139.49 58.27 11.95
C LEU FA 118 -138.00 58.31 11.67
N THR FA 119 -137.45 59.51 11.67
CA THR FA 119 -136.03 59.70 11.38
C THR FA 119 -135.20 59.62 12.66
N VAL FA 120 -133.88 59.53 12.46
CA VAL FA 120 -132.96 59.44 13.58
C VAL FA 120 -132.86 60.74 14.36
N GLU FA 121 -133.06 61.89 13.72
CA GLU FA 121 -133.08 63.14 14.45
C GLU FA 121 -134.23 63.18 15.46
N GLN FA 122 -135.39 62.64 15.08
CA GLN FA 122 -136.51 62.56 16.00
C GLN FA 122 -136.24 61.61 17.16
N ILE FA 123 -135.67 60.43 16.89
CA ILE FA 123 -135.35 59.52 17.99
C ILE FA 123 -134.24 60.10 18.84
N TYR FA 124 -133.50 61.07 18.31
CA TYR FA 124 -132.49 61.77 19.09
C TYR FA 124 -133.13 62.79 20.03
N GLN FA 125 -133.86 63.75 19.47
CA GLN FA 125 -134.40 64.86 20.26
C GLN FA 125 -135.67 64.49 21.01
N ASP FA 126 -136.73 64.15 20.27
CA ASP FA 126 -138.05 63.93 20.85
C ASP FA 126 -138.40 62.45 20.73
N ARG FA 127 -137.98 61.67 21.72
CA ARG FA 127 -138.34 60.26 21.77
C ARG FA 127 -139.42 59.94 22.79
N ASP FA 128 -139.79 60.90 23.65
CA ASP FA 128 -141.01 60.75 24.41
C ASP FA 128 -142.23 60.79 23.49
N GLN FA 129 -142.23 61.70 22.51
CA GLN FA 129 -143.25 61.70 21.48
C GLN FA 129 -143.14 60.45 20.61
N PHE FA 130 -141.93 59.91 20.46
CA PHE FA 130 -141.78 58.63 19.77
C PHE FA 130 -142.53 57.53 20.48
N ALA FA 131 -142.40 57.45 21.81
CA ALA FA 131 -143.16 56.47 22.57
C ALA FA 131 -144.65 56.76 22.54
N LYS FA 132 -145.04 58.03 22.54
CA LYS FA 132 -146.45 58.39 22.46
C LYS FA 132 -147.06 57.92 21.14
N LEU FA 133 -146.30 58.03 20.05
CA LEU FA 133 -146.74 57.51 18.76
C LEU FA 133 -146.69 55.99 18.72
N VAL FA 134 -145.73 55.38 19.43
CA VAL FA 134 -145.71 53.92 19.54
C VAL FA 134 -147.00 53.43 20.18
N ARG FA 135 -147.45 54.11 21.23
CA ARG FA 135 -148.75 53.79 21.81
C ARG FA 135 -149.85 53.92 20.77
N GLU FA 136 -149.91 55.06 20.09
CA GLU FA 136 -150.97 55.33 19.11
C GLU FA 136 -151.03 54.27 18.02
N VAL FA 137 -149.89 53.72 17.61
CA VAL FA 137 -149.88 52.73 16.54
C VAL FA 137 -149.95 51.30 17.05
N ALA FA 138 -149.58 51.02 18.31
CA ALA FA 138 -149.50 49.65 18.79
C ALA FA 138 -150.75 49.24 19.58
N ALA FA 139 -151.43 50.19 20.20
CA ALA FA 139 -152.71 49.90 20.84
C ALA FA 139 -153.73 49.26 19.89
N PRO FA 140 -153.92 49.72 18.65
CA PRO FA 140 -154.91 49.07 17.78
C PRO FA 140 -154.65 47.60 17.48
N ASP FA 141 -153.39 47.15 17.49
CA ASP FA 141 -153.10 45.76 17.14
C ASP FA 141 -152.68 44.92 18.33
N VAL FA 142 -151.83 45.42 19.21
CA VAL FA 142 -151.43 44.64 20.38
C VAL FA 142 -152.62 44.42 21.31
N GLY FA 143 -153.61 45.30 21.27
CA GLY FA 143 -154.81 45.09 22.08
C GLY FA 143 -155.77 44.07 21.50
N ARG FA 144 -155.56 43.65 20.25
CA ARG FA 144 -156.46 42.68 19.64
C ARG FA 144 -156.38 41.33 20.34
N MET FA 145 -155.18 40.91 20.74
CA MET FA 145 -154.99 39.68 21.49
C MET FA 145 -155.10 39.89 23.00
N GLY FA 146 -155.68 41.00 23.43
CA GLY FA 146 -155.93 41.25 24.84
C GLY FA 146 -154.76 41.72 25.65
N ILE FA 147 -153.64 42.08 25.02
CA ILE FA 147 -152.45 42.51 25.73
C ILE FA 147 -152.42 44.04 25.74
N GLU FA 148 -152.35 44.62 26.95
CA GLU FA 148 -152.28 46.05 27.10
C GLU FA 148 -150.82 46.50 27.09
N ILE FA 149 -150.62 47.79 26.82
CA ILE FA 149 -149.29 48.39 26.80
C ILE FA 149 -149.20 49.47 27.87
N LEU FA 150 -148.73 49.08 29.06
CA LEU FA 150 -148.67 50.04 30.16
C LEU FA 150 -147.65 51.13 29.89
N SER FA 151 -146.49 50.78 29.34
CA SER FA 151 -145.45 51.75 29.05
C SER FA 151 -144.61 51.25 27.89
N PHE FA 152 -143.90 52.18 27.25
CA PHE FA 152 -143.06 51.86 26.10
C PHE FA 152 -141.95 52.89 26.00
N THR FA 153 -140.73 52.41 25.76
CA THR FA 153 -139.60 53.25 25.41
C THR FA 153 -138.46 52.36 24.94
N ILE FA 154 -137.32 52.97 24.63
CA ILE FA 154 -136.16 52.26 24.11
C ILE FA 154 -135.05 52.27 25.15
N LYS FA 155 -134.41 51.12 25.34
CA LYS FA 155 -133.41 50.97 26.39
C LYS FA 155 -132.11 51.65 26.03
N ASP FA 156 -131.49 51.24 24.93
CA ASP FA 156 -130.21 51.81 24.52
C ASP FA 156 -130.11 51.79 23.00
N VAL FA 157 -129.30 52.69 22.46
CA VAL FA 157 -129.09 52.81 21.03
C VAL FA 157 -127.60 52.70 20.75
N TYR FA 158 -127.24 51.85 19.79
CA TYR FA 158 -125.86 51.65 19.41
C TYR FA 158 -125.72 51.72 17.89
N ASP FA 159 -124.60 52.26 17.42
CA ASP FA 159 -124.35 52.43 16.00
C ASP FA 159 -122.97 51.93 15.64
N LYS FA 160 -122.86 51.36 14.43
CA LYS FA 160 -121.59 50.93 13.88
C LYS FA 160 -120.94 52.00 13.00
N VAL FA 161 -121.73 52.92 12.46
CA VAL FA 161 -121.22 54.02 11.65
C VAL FA 161 -121.16 55.31 12.45
N ASP FA 162 -121.03 55.21 13.78
CA ASP FA 162 -120.77 56.30 14.72
C ASP FA 162 -121.51 57.59 14.36
N TYR FA 163 -122.84 57.52 14.35
CA TYR FA 163 -123.68 58.68 14.18
C TYR FA 163 -123.60 59.63 15.38
N LEU FA 164 -123.97 59.14 16.55
CA LEU FA 164 -124.09 59.99 17.74
C LEU FA 164 -122.74 60.51 18.19
N SER FA 165 -121.69 59.68 18.11
CA SER FA 165 -120.36 60.16 18.46
C SER FA 165 -119.93 61.28 17.55
N SER FA 166 -120.26 61.18 16.26
CA SER FA 166 -119.98 62.29 15.33
C SER FA 166 -120.79 63.51 15.71
N LEU FA 167 -122.04 63.32 16.12
CA LEU FA 167 -122.89 64.45 16.49
C LEU FA 167 -122.38 65.17 17.73
N GLY FA 168 -121.72 64.46 18.63
CA GLY FA 168 -121.18 65.08 19.84
C GLY FA 168 -119.95 65.91 19.58
N LYS FA 169 -119.31 65.69 18.42
CA LYS FA 169 -118.10 66.41 18.06
C LYS FA 169 -118.34 67.91 17.97
N THR FA 170 -119.58 68.32 17.69
CA THR FA 170 -119.86 69.74 17.45
C THR FA 170 -119.57 70.58 18.68
N GLN FA 171 -119.91 70.08 19.86
CA GLN FA 171 -119.72 70.84 21.09
C GLN FA 171 -118.67 70.24 22.01
N THR FA 172 -118.17 69.03 21.73
CA THR FA 172 -117.12 68.49 22.58
C THR FA 172 -115.86 69.34 22.52
N ALA FA 173 -115.74 70.23 21.53
CA ALA FA 173 -114.59 71.12 21.41
C ALA FA 173 -114.90 72.56 21.79
N VAL FA 174 -116.19 72.94 21.83
CA VAL FA 174 -116.55 74.30 22.18
C VAL FA 174 -116.14 74.61 23.62
N VAL FA 175 -116.41 73.69 24.55
CA VAL FA 175 -115.96 73.87 25.92
C VAL FA 175 -114.44 73.84 25.99
N GLN FA 176 -113.80 73.00 25.16
CA GLN FA 176 -112.35 73.03 25.09
C GLN FA 176 -111.86 74.36 24.54
N ARG FA 177 -112.57 74.92 23.56
CA ARG FA 177 -112.23 76.26 23.07
C ARG FA 177 -112.26 77.28 24.20
N ASP FA 178 -113.35 77.31 24.97
CA ASP FA 178 -113.46 78.28 26.04
C ASP FA 178 -112.39 78.06 27.11
N ALA FA 179 -112.10 76.80 27.44
CA ALA FA 179 -111.08 76.50 28.44
C ALA FA 179 -109.71 76.97 27.97
N ASP FA 180 -109.38 76.74 26.70
CA ASP FA 180 -108.11 77.20 26.18
C ASP FA 180 -108.02 78.72 26.19
N ILE FA 181 -109.12 79.40 25.85
CA ILE FA 181 -109.11 80.86 25.88
C ILE FA 181 -108.86 81.36 27.30
N GLY FA 182 -109.56 80.76 28.27
CA GLY FA 182 -109.41 81.20 29.64
C GLY FA 182 -108.00 80.96 30.18
N VAL FA 183 -107.45 79.78 29.91
CA VAL FA 183 -106.12 79.48 30.42
C VAL FA 183 -105.08 80.38 29.74
N ALA FA 184 -105.27 80.69 28.45
CA ALA FA 184 -104.35 81.59 27.78
C ALA FA 184 -104.39 82.98 28.38
N GLU FA 185 -105.59 83.50 28.65
CA GLU FA 185 -105.71 84.83 29.27
C GLU FA 185 -105.07 84.83 30.66
N ALA FA 186 -105.32 83.79 31.45
CA ALA FA 186 -104.76 83.74 32.80
C ALA FA 186 -103.24 83.70 32.75
N GLU FA 187 -102.67 82.88 31.87
CA GLU FA 187 -101.22 82.81 31.75
C GLU FA 187 -100.66 84.15 31.27
N ARG FA 188 -101.36 84.83 30.38
CA ARG FA 188 -100.91 86.14 29.92
C ARG FA 188 -100.84 87.14 31.08
N ASP FA 189 -101.89 87.17 31.90
CA ASP FA 189 -101.90 88.11 33.04
C ASP FA 189 -100.79 87.77 34.03
N ALA FA 190 -100.63 86.48 34.34
CA ALA FA 190 -99.58 86.07 35.26
C ALA FA 190 -98.21 86.49 34.74
N GLY FA 191 -97.95 86.22 33.46
CA GLY FA 191 -96.67 86.54 32.89
C GLY FA 191 -96.39 88.03 32.89
N ILE FA 192 -97.38 88.84 32.49
CA ILE FA 192 -97.15 90.28 32.45
C ILE FA 192 -96.84 90.82 33.84
N ARG FA 193 -97.61 90.42 34.85
CA ARG FA 193 -97.41 91.11 36.12
C ARG FA 193 -96.16 90.57 36.81
N GLU FA 194 -95.82 89.29 36.58
CA GLU FA 194 -94.58 88.74 37.08
C GLU FA 194 -93.37 89.42 36.45
N ALA FA 195 -93.44 89.70 35.15
CA ALA FA 195 -92.35 90.43 34.50
C ALA FA 195 -92.21 91.82 35.09
N GLU FA 196 -93.33 92.48 35.39
CA GLU FA 196 -93.26 93.78 36.04
C GLU FA 196 -92.56 93.69 37.39
N CYS FA 197 -92.91 92.68 38.20
CA CYS FA 197 -92.27 92.50 39.50
C CYS FA 197 -90.77 92.28 39.35
N LYS FA 198 -90.40 91.41 38.41
CA LYS FA 198 -88.98 91.12 38.19
C LYS FA 198 -88.23 92.37 37.79
N LYS FA 199 -88.85 93.20 36.93
CA LYS FA 199 -88.22 94.43 36.51
C LYS FA 199 -87.97 95.36 37.69
N GLU FA 200 -88.99 95.57 38.53
CA GLU FA 200 -88.81 96.47 39.66
C GLU FA 200 -87.74 95.98 40.62
N MET FA 201 -87.74 94.67 40.91
CA MET FA 201 -86.77 94.16 41.87
C MET FA 201 -85.36 94.23 41.30
N LEU FA 202 -85.18 93.99 40.00
CA LEU FA 202 -83.86 94.16 39.40
C LEU FA 202 -83.41 95.61 39.45
N ASP FA 203 -84.30 96.57 39.19
CA ASP FA 203 -83.87 97.96 39.26
C ASP FA 203 -83.38 98.31 40.66
N VAL FA 204 -84.13 97.91 41.69
CA VAL FA 204 -83.68 98.27 43.04
C VAL FA 204 -82.38 97.54 43.40
N LYS FA 205 -82.26 96.26 43.02
CA LYS FA 205 -81.06 95.51 43.32
C LYS FA 205 -79.84 96.14 42.65
N PHE FA 206 -79.99 96.59 41.41
CA PHE FA 206 -78.88 97.21 40.72
C PHE FA 206 -78.53 98.58 41.32
N MET FA 207 -79.53 99.32 41.80
CA MET FA 207 -79.20 100.56 42.51
C MET FA 207 -78.38 100.28 43.76
N ALA FA 208 -78.80 99.27 44.54
CA ALA FA 208 -78.04 98.90 45.73
C ALA FA 208 -76.63 98.47 45.38
N ASP FA 209 -76.48 97.67 44.31
CA ASP FA 209 -75.16 97.24 43.89
C ASP FA 209 -74.31 98.41 43.42
N THR FA 210 -74.92 99.41 42.80
CA THR FA 210 -74.18 100.61 42.41
C THR FA 210 -73.64 101.34 43.63
N LYS FA 211 -74.47 101.46 44.68
CA LYS FA 211 -73.98 102.08 45.91
C LYS FA 211 -72.86 101.27 46.54
N ILE FA 212 -72.97 99.94 46.52
CA ILE FA 212 -71.91 99.08 47.04
C ILE FA 212 -70.62 99.29 46.27
N ALA FA 213 -70.73 99.38 44.94
CA ALA FA 213 -69.54 99.60 44.11
C ALA FA 213 -68.91 100.95 44.43
N ASP FA 214 -69.72 101.97 44.67
CA ASP FA 214 -69.17 103.27 45.04
C ASP FA 214 -68.40 103.20 46.35
N SER FA 215 -68.97 102.51 47.35
CA SER FA 215 -68.28 102.37 48.62
C SER FA 215 -66.98 101.60 48.46
N LYS FA 216 -67.01 100.53 47.65
CA LYS FA 216 -65.80 99.74 47.41
C LYS FA 216 -64.74 100.58 46.72
N ARG FA 217 -65.14 101.42 45.76
CA ARG FA 217 -64.19 102.29 45.09
C ARG FA 217 -63.55 103.26 46.07
N ALA FA 218 -64.35 103.87 46.93
CA ALA FA 218 -63.79 104.81 47.90
C ALA FA 218 -62.81 104.10 48.82
N PHE FA 219 -63.16 102.91 49.32
CA PHE FA 219 -62.28 102.18 50.21
C PHE FA 219 -60.97 101.81 49.51
N GLU FA 220 -61.06 101.29 48.29
CA GLU FA 220 -59.86 100.89 47.57
C GLU FA 220 -58.97 102.09 47.28
N LEU FA 221 -59.58 103.23 46.91
CA LEU FA 221 -58.78 104.42 46.64
C LEU FA 221 -58.03 104.87 47.89
N GLN FA 222 -58.73 104.93 49.04
CA GLN FA 222 -58.06 105.36 50.26
C GLN FA 222 -56.97 104.36 50.67
N LYS FA 223 -57.23 103.07 50.54
CA LYS FA 223 -56.24 102.07 50.92
C LYS FA 223 -55.00 102.15 50.05
N SER FA 224 -55.17 102.30 48.73
CA SER FA 224 -54.01 102.44 47.85
C SER FA 224 -53.25 103.72 48.15
N ALA FA 225 -53.97 104.81 48.43
CA ALA FA 225 -53.30 106.06 48.77
C ALA FA 225 -52.44 105.90 50.01
N PHE FA 226 -52.96 105.21 51.03
CA PHE FA 226 -52.18 104.98 52.24
C PHE FA 226 -50.97 104.09 51.97
N SER FA 227 -51.19 103.03 51.19
CA SER FA 227 -50.11 102.13 50.83
C SER FA 227 -48.98 102.86 50.12
N GLU FA 228 -49.32 103.93 49.38
CA GLU FA 228 -48.29 104.71 48.70
C GLU FA 228 -47.21 105.18 49.68
N GLU FA 229 -47.60 106.01 50.65
CA GLU FA 229 -46.59 106.56 51.55
C GLU FA 229 -46.05 105.51 52.50
N VAL FA 230 -46.83 104.49 52.86
CA VAL FA 230 -46.23 103.48 53.74
C VAL FA 230 -45.11 102.74 53.01
N ASN FA 231 -45.31 102.46 51.72
CA ASN FA 231 -44.26 101.81 50.94
C ASN FA 231 -43.07 102.74 50.74
N ILE FA 232 -43.33 104.04 50.55
CA ILE FA 232 -42.23 104.99 50.43
C ILE FA 232 -41.37 104.98 51.68
N LYS FA 233 -42.01 105.07 52.84
CA LYS FA 233 -41.27 105.10 54.10
C LYS FA 233 -40.50 103.79 54.32
N THR FA 234 -41.13 102.65 54.01
CA THR FA 234 -40.39 101.40 54.12
C THR FA 234 -39.16 101.41 53.22
N ALA FA 235 -39.36 101.72 51.93
CA ALA FA 235 -38.25 101.69 50.98
C ALA FA 235 -37.09 102.55 51.45
N GLU FA 236 -37.39 103.68 52.10
CA GLU FA 236 -36.32 104.40 52.79
C GLU FA 236 -35.71 103.57 53.92
N ALA FA 237 -36.55 102.82 54.64
CA ALA FA 237 -36.10 102.14 55.85
C ALA FA 237 -35.05 101.06 55.55
N GLN FA 238 -35.28 100.24 54.52
CA GLN FA 238 -34.26 99.20 54.28
C GLN FA 238 -32.90 99.81 53.92
N LEU FA 239 -32.87 100.83 53.06
CA LEU FA 239 -31.61 101.30 52.51
C LEU FA 239 -30.92 102.36 53.36
N ALA FA 240 -31.58 102.87 54.41
CA ALA FA 240 -30.83 103.68 55.36
C ALA FA 240 -29.64 102.91 55.95
N TYR FA 241 -29.80 101.60 56.13
CA TYR FA 241 -28.71 100.77 56.64
C TYR FA 241 -27.50 100.82 55.71
N GLU FA 242 -27.73 100.61 54.41
CA GLU FA 242 -26.63 100.65 53.46
C GLU FA 242 -26.01 102.05 53.38
N LEU FA 243 -26.84 103.09 53.45
CA LEU FA 243 -26.31 104.45 53.41
C LEU FA 243 -25.34 104.69 54.55
N GLN FA 244 -25.77 104.39 55.78
CA GLN FA 244 -24.88 104.58 56.92
C GLN FA 244 -23.68 103.65 56.87
N GLY FA 245 -23.86 102.44 56.33
CA GLY FA 245 -22.74 101.52 56.21
C GLY FA 245 -21.65 102.06 55.30
N ALA FA 246 -22.04 102.60 54.14
CA ALA FA 246 -21.06 103.21 53.25
C ALA FA 246 -20.42 104.44 53.89
N ARG FA 247 -21.23 105.25 54.58
CA ARG FA 247 -20.68 106.44 55.23
C ARG FA 247 -19.62 106.05 56.25
N GLU FA 248 -19.85 104.98 57.00
CA GLU FA 248 -18.84 104.52 57.96
C GLU FA 248 -17.65 103.85 57.27
N GLN FA 249 -17.90 103.06 56.22
CA GLN FA 249 -16.83 102.44 55.47
C GLN FA 249 -15.86 103.46 54.91
N GLN FA 250 -16.33 104.68 54.65
CA GLN FA 250 -15.40 105.76 54.30
C GLN FA 250 -14.24 105.83 55.29
N LYS FA 251 -14.55 106.09 56.57
CA LYS FA 251 -13.51 106.21 57.58
C LYS FA 251 -12.82 104.87 57.85
N ILE FA 252 -13.57 103.77 57.77
CA ILE FA 252 -12.98 102.45 57.98
C ILE FA 252 -11.82 102.24 57.02
N ARG FA 253 -12.07 102.48 55.73
CA ARG FA 253 -11.04 102.29 54.73
C ARG FA 253 -9.98 103.38 54.81
N GLN FA 254 -10.37 104.60 55.23
CA GLN FA 254 -9.39 105.65 55.45
C GLN FA 254 -8.31 105.19 56.42
N GLU FA 255 -8.70 104.64 57.56
CA GLU FA 255 -7.70 104.15 58.50
C GLU FA 255 -7.01 102.87 58.02
N GLU FA 256 -7.77 101.95 57.39
CA GLU FA 256 -7.15 100.73 56.88
C GLU FA 256 -6.04 101.03 55.88
N ILE FA 257 -6.14 102.15 55.15
CA ILE FA 257 -5.10 102.55 54.21
C ILE FA 257 -4.06 103.46 54.84
N GLU FA 258 -4.41 104.21 55.90
CA GLU FA 258 -3.39 104.90 56.67
C GLU FA 258 -2.44 103.94 57.37
N ILE FA 259 -2.86 102.69 57.57
CA ILE FA 259 -1.95 101.67 58.10
C ILE FA 259 -0.62 101.67 57.34
N GLU FA 260 -0.68 101.38 56.04
CA GLU FA 260 0.56 101.28 55.28
C GLU FA 260 1.17 102.63 54.97
N VAL FA 261 0.41 103.72 55.04
CA VAL FA 261 1.02 105.05 54.98
C VAL FA 261 1.99 105.21 56.15
N VAL FA 262 1.53 104.90 57.36
CA VAL FA 262 2.39 104.99 58.53
C VAL FA 262 3.57 104.02 58.41
N GLN FA 263 3.32 102.83 57.89
CA GLN FA 263 4.40 101.85 57.74
C GLN FA 263 5.48 102.36 56.79
N ARG FA 264 5.08 102.84 55.61
CA ARG FA 264 6.04 103.32 54.63
C ARG FA 264 6.69 104.62 55.05
N LYS FA 265 6.07 105.37 55.97
CA LYS FA 265 6.70 106.59 56.46
C LYS FA 265 8.01 106.32 57.17
N LYS FA 266 8.10 105.19 57.90
CA LYS FA 266 9.31 104.83 58.61
C LYS FA 266 10.12 103.75 57.89
N GLN FA 267 9.56 103.13 56.85
CA GLN FA 267 10.44 102.45 55.91
C GLN FA 267 11.50 103.39 55.35
N ILE FA 268 11.27 104.71 55.40
CA ILE FA 268 12.30 105.68 55.03
C ILE FA 268 13.52 105.53 55.93
N ALA FA 269 13.31 105.49 57.24
CA ALA FA 269 14.42 105.32 58.16
C ALA FA 269 15.05 103.93 58.01
N VAL FA 270 14.21 102.93 57.73
CA VAL FA 270 14.75 101.59 57.44
C VAL FA 270 15.74 101.67 56.30
N GLU FA 271 15.36 102.35 55.22
CA GLU FA 271 16.23 102.43 54.05
C GLU FA 271 17.45 103.31 54.30
N ALA FA 272 17.34 104.33 55.15
CA ALA FA 272 18.52 105.13 55.48
C ALA FA 272 19.55 104.30 56.24
N GLN FA 273 19.10 103.53 57.24
CA GLN FA 273 20.02 102.63 57.92
C GLN FA 273 20.59 101.60 56.95
N GLU FA 274 19.79 101.13 56.00
CA GLU FA 274 20.30 100.24 54.97
C GLU FA 274 21.37 100.92 54.11
N ILE FA 275 21.21 102.22 53.83
CA ILE FA 275 22.23 102.95 53.07
C ILE FA 275 23.54 102.95 53.83
N LEU FA 276 23.50 103.25 55.12
CA LEU FA 276 24.72 103.24 55.91
C LEU FA 276 25.35 101.85 55.93
N ARG FA 277 24.52 100.82 56.15
CA ARG FA 277 25.04 99.45 56.20
C ARG FA 277 25.67 99.05 54.89
N THR FA 278 25.03 99.37 53.76
CA THR FA 278 25.58 98.94 52.47
C THR FA 278 26.81 99.76 52.11
N ASP FA 279 26.90 101.02 52.56
CA ASP FA 279 28.13 101.77 52.39
C ASP FA 279 29.29 101.07 53.09
N LYS FA 280 29.11 100.73 54.36
CA LYS FA 280 30.18 100.05 55.09
C LYS FA 280 30.49 98.69 54.49
N GLU FA 281 29.45 97.96 54.06
CA GLU FA 281 29.66 96.64 53.47
C GLU FA 281 30.44 96.73 52.17
N LEU FA 282 30.11 97.71 51.32
CA LEU FA 282 30.87 97.90 50.09
C LEU FA 282 32.31 98.28 50.38
N ILE FA 283 32.53 99.12 51.39
CA ILE FA 283 33.90 99.40 51.81
C ILE FA 283 34.63 98.10 52.10
N ALA FA 284 34.14 97.36 53.10
CA ALA FA 284 34.84 96.16 53.55
C ALA FA 284 34.95 95.11 52.45
N THR FA 285 34.06 95.16 51.46
CA THR FA 285 34.02 94.11 50.45
C THR FA 285 34.91 94.40 49.24
N VAL FA 286 34.97 95.64 48.78
CA VAL FA 286 35.71 95.91 47.54
C VAL FA 286 36.78 96.98 47.72
N ARG FA 287 36.61 97.89 48.68
CA ARG FA 287 37.53 99.00 48.77
C ARG FA 287 38.90 98.56 49.32
N ARG FA 288 38.89 97.74 50.37
CA ARG FA 288 40.12 97.26 50.99
C ARG FA 288 40.76 96.13 50.20
N PRO FA 289 39.99 95.16 49.68
CA PRO FA 289 40.61 94.17 48.78
C PRO FA 289 41.29 94.79 47.57
N ALA FA 290 40.79 95.90 47.05
CA ALA FA 290 41.47 96.57 45.95
C ALA FA 290 42.85 97.06 46.37
N GLU FA 291 42.93 97.67 47.55
CA GLU FA 291 44.23 98.13 48.04
C GLU FA 291 45.18 96.97 48.30
N ALA FA 292 44.66 95.88 48.87
CA ALA FA 292 45.50 94.72 49.10
C ALA FA 292 46.01 94.13 47.78
N GLU FA 293 45.14 94.08 46.77
CA GLU FA 293 45.55 93.60 45.47
C GLU FA 293 46.62 94.50 44.86
N ALA FA 294 46.45 95.82 45.00
CA ALA FA 294 47.47 96.74 44.49
C ALA FA 294 48.81 96.50 45.18
N HIS FA 295 48.80 96.33 46.50
CA HIS FA 295 50.04 96.06 47.22
C HIS FA 295 50.67 94.76 46.77
N ARG FA 296 49.85 93.72 46.57
CA ARG FA 296 50.36 92.43 46.12
C ARG FA 296 50.99 92.56 44.74
N ILE FA 297 50.32 93.26 43.83
CA ILE FA 297 50.84 93.41 42.47
C ILE FA 297 52.17 94.17 42.48
N GLN FA 298 52.26 95.24 43.28
CA GLN FA 298 53.51 96.00 43.27
C GLN FA 298 54.64 95.23 43.94
N GLN FA 299 54.35 94.46 44.99
CA GLN FA 299 55.38 93.63 45.60
C GLN FA 299 55.88 92.57 44.62
N ILE FA 300 54.97 91.87 43.96
CA ILE FA 300 55.36 90.83 43.01
C ILE FA 300 56.09 91.44 41.81
N ALA FA 301 55.68 92.62 41.38
CA ALA FA 301 56.40 93.30 40.30
C ALA FA 301 57.81 93.66 40.73
N GLU FA 302 58.00 94.10 41.97
CA GLU FA 302 59.35 94.38 42.45
C GLU FA 302 60.19 93.11 42.44
N GLY FA 303 59.63 92.00 42.92
CA GLY FA 303 60.37 90.75 42.89
C GLY FA 303 60.76 90.34 41.49
N GLU FA 304 59.81 90.41 40.55
CA GLU FA 304 60.08 90.00 39.18
C GLU FA 304 61.11 90.93 38.52
N LYS FA 305 61.03 92.23 38.79
CA LYS FA 305 62.00 93.16 38.23
C LYS FA 305 63.40 92.88 38.72
N VAL FA 306 63.55 92.63 40.03
CA VAL FA 306 64.88 92.30 40.55
C VAL FA 306 65.39 91.00 39.95
N LYS FA 307 64.51 90.00 39.82
CA LYS FA 307 64.92 88.74 39.22
C LYS FA 307 65.39 88.92 37.79
N GLN FA 308 64.63 89.68 36.99
CA GLN FA 308 65.01 89.90 35.59
C GLN FA 308 66.29 90.69 35.48
N VAL FA 309 66.48 91.70 36.33
CA VAL FA 309 67.72 92.48 36.27
C VAL FA 309 68.92 91.60 36.61
N LEU FA 310 68.79 90.77 37.65
CA LEU FA 310 69.90 89.89 38.01
C LEU FA 310 70.19 88.88 36.91
N LEU FA 311 69.15 88.29 36.32
CA LEU FA 311 69.36 87.34 35.24
C LEU FA 311 70.02 88.00 34.04
N ALA FA 312 69.61 89.23 33.72
CA ALA FA 312 70.22 89.95 32.61
C ALA FA 312 71.68 90.26 32.88
N GLN FA 313 72.01 90.66 34.11
CA GLN FA 313 73.40 90.90 34.46
C GLN FA 313 74.23 89.62 34.33
N ALA FA 314 73.68 88.51 34.81
CA ALA FA 314 74.39 87.23 34.70
C ALA FA 314 74.63 86.86 33.25
N GLU FA 315 73.60 87.02 32.40
CA GLU FA 315 73.75 86.70 30.99
C GLU FA 315 74.77 87.62 30.31
N ALA FA 316 74.74 88.91 30.66
CA ALA FA 316 75.67 89.85 30.06
C ALA FA 316 77.12 89.50 30.42
N GLU FA 317 77.38 89.16 31.68
CA GLU FA 317 78.75 88.85 32.04
C GLU FA 317 79.17 87.48 31.50
N LYS FA 318 78.20 86.56 31.37
CA LYS FA 318 78.44 85.32 30.65
C LYS FA 318 78.96 85.61 29.24
N ILE FA 319 78.24 86.47 28.52
CA ILE FA 319 78.63 86.80 27.15
C ILE FA 319 79.99 87.47 27.13
N ARG FA 320 80.24 88.37 28.09
CA ARG FA 320 81.53 89.06 28.12
C ARG FA 320 82.68 88.09 28.32
N LYS FA 321 82.55 87.18 29.28
CA LYS FA 321 83.62 86.23 29.55
C LYS FA 321 83.82 85.27 28.40
N ILE FA 322 82.73 84.79 27.80
CA ILE FA 322 82.85 83.90 26.65
C ILE FA 322 83.54 84.62 25.49
N GLY FA 323 83.18 85.88 25.26
CA GLY FA 323 83.82 86.63 24.20
C GLY FA 323 85.30 86.85 24.45
N GLU FA 324 85.68 87.13 25.70
CA GLU FA 324 87.09 87.27 26.02
C GLU FA 324 87.84 85.97 25.78
N ALA FA 325 87.24 84.84 26.17
CA ALA FA 325 87.89 83.55 25.93
C ALA FA 325 88.06 83.29 24.44
N GLU FA 326 87.03 83.60 23.65
CA GLU FA 326 87.13 83.41 22.20
C GLU FA 326 88.18 84.31 21.59
N ALA FA 327 88.28 85.56 22.07
CA ALA FA 327 89.33 86.44 21.58
C ALA FA 327 90.70 85.91 21.90
N ALA FA 328 90.89 85.38 23.12
CA ALA FA 328 92.18 84.83 23.49
C ALA FA 328 92.56 83.65 22.62
N VAL FA 329 91.61 82.73 22.40
CA VAL FA 329 91.93 81.55 21.60
C VAL FA 329 92.18 81.94 20.15
N ILE FA 330 91.44 82.92 19.62
CA ILE FA 330 91.65 83.36 18.26
C ILE FA 330 93.03 84.00 18.11
N GLU FA 331 93.44 84.79 19.09
CA GLU FA 331 94.78 85.38 19.04
C GLU FA 331 95.84 84.30 19.12
N ALA FA 332 95.61 83.26 19.91
CA ALA FA 332 96.54 82.13 19.97
C ALA FA 332 96.66 81.43 18.62
N MET FA 333 95.53 81.18 17.96
CA MET FA 333 95.56 80.63 16.61
C MET FA 333 96.32 81.52 15.66
N GLY FA 334 96.14 82.84 15.77
CA GLY FA 334 96.89 83.74 14.92
C GLY FA 334 98.39 83.63 15.16
N LYS FA 335 98.79 83.63 16.43
CA LYS FA 335 100.19 83.43 16.77
C LYS FA 335 100.74 82.18 16.11
N ALA FA 336 100.05 81.05 16.30
CA ALA FA 336 100.56 79.76 15.84
C ALA FA 336 100.59 79.68 14.32
N GLU FA 337 99.50 80.08 13.66
CA GLU FA 337 99.42 79.94 12.21
C GLU FA 337 100.38 80.89 11.52
N ALA FA 338 100.55 82.10 12.05
CA ALA FA 338 101.52 83.02 11.47
C ALA FA 338 102.94 82.51 11.65
N GLU FA 339 103.25 81.93 12.82
CA GLU FA 339 104.56 81.31 12.99
C GLU FA 339 104.77 80.17 12.01
N ARG FA 340 103.72 79.37 11.78
CA ARG FA 340 103.79 78.28 10.82
C ARG FA 340 104.12 78.81 9.43
N MET FA 341 103.39 79.82 8.98
CA MET FA 341 103.61 80.36 7.65
C MET FA 341 104.99 81.00 7.54
N LYS FA 342 105.42 81.70 8.58
CA LYS FA 342 106.74 82.32 8.55
C LYS FA 342 107.84 81.28 8.43
N LEU FA 343 107.77 80.22 9.24
CA LEU FA 343 108.79 79.18 9.17
C LEU FA 343 108.74 78.44 7.86
N LYS FA 344 107.55 78.27 7.28
CA LYS FA 344 107.43 77.59 5.99
C LYS FA 344 107.95 78.48 4.86
N ALA FA 345 108.02 79.79 5.09
CA ALA FA 345 108.53 80.71 4.08
C ALA FA 345 109.98 80.42 3.71
N GLU FA 346 110.87 80.34 4.70
CA GLU FA 346 112.26 80.02 4.40
C GLU FA 346 112.39 78.61 3.82
N ALA FA 347 111.51 77.70 4.23
CA ALA FA 347 111.53 76.36 3.66
C ALA FA 347 111.26 76.39 2.16
N TYR FA 348 110.24 77.14 1.75
CA TYR FA 348 109.97 77.27 0.32
C TYR FA 348 111.04 78.07 -0.39
N GLN FA 349 111.73 78.96 0.32
CA GLN FA 349 112.71 79.82 -0.34
C GLN FA 349 113.89 79.01 -0.86
N LYS FA 350 114.12 77.82 -0.32
CA LYS FA 350 115.28 77.03 -0.69
C LYS FA 350 114.96 75.95 -1.72
N TYR FA 351 113.87 76.13 -2.45
CA TYR FA 351 113.42 75.17 -3.46
C TYR FA 351 114.12 75.45 -4.78
N GLY FA 352 114.62 74.39 -5.42
CA GLY FA 352 115.23 74.46 -6.72
C GLY FA 352 114.27 74.04 -7.82
N ASP FA 353 114.85 73.73 -8.98
CA ASP FA 353 114.03 73.25 -10.09
C ASP FA 353 113.44 71.88 -9.79
N ALA FA 354 114.24 70.98 -9.23
CA ALA FA 354 113.76 69.62 -8.97
C ALA FA 354 112.62 69.62 -7.95
N ALA FA 355 112.72 70.47 -6.93
CA ALA FA 355 111.68 70.50 -5.91
C ALA FA 355 110.36 71.03 -6.46
N LYS FA 356 110.42 72.07 -7.30
CA LYS FA 356 109.21 72.56 -7.95
C LYS FA 356 108.62 71.50 -8.88
N MET FA 357 109.48 70.77 -9.58
CA MET FA 357 109.01 69.66 -10.40
C MET FA 357 108.29 68.63 -9.55
N ALA FA 358 108.84 68.33 -8.37
CA ALA FA 358 108.20 67.39 -7.46
C ALA FA 358 106.84 67.90 -7.02
N LEU FA 359 106.74 69.19 -6.72
CA LEU FA 359 105.45 69.76 -6.33
C LEU FA 359 104.41 69.60 -7.44
N VAL FA 360 104.81 69.94 -8.67
CA VAL FA 360 103.87 69.85 -9.78
C VAL FA 360 103.46 68.40 -10.03
N LEU FA 361 104.43 67.47 -9.99
CA LEU FA 361 104.10 66.06 -10.22
C LEU FA 361 103.20 65.52 -9.12
N GLU FA 362 103.40 65.97 -7.89
CA GLU FA 362 102.53 65.52 -6.80
C GLU FA 362 101.13 66.08 -6.97
N ALA FA 363 101.02 67.31 -7.46
CA ALA FA 363 99.70 67.92 -7.63
C ALA FA 363 98.94 67.28 -8.80
N LEU FA 364 99.67 66.81 -9.82
CA LEU FA 364 99.03 66.33 -11.04
C LEU FA 364 98.01 65.22 -10.84
N PRO FA 365 98.29 64.14 -10.10
CA PRO FA 365 97.29 63.05 -10.00
C PRO FA 365 95.98 63.48 -9.39
N GLN FA 366 95.99 64.37 -8.39
CA GLN FA 366 94.74 64.82 -7.79
C GLN FA 366 93.91 65.61 -8.79
N ILE FA 367 94.54 66.51 -9.53
CA ILE FA 367 93.83 67.27 -10.55
C ILE FA 367 93.28 66.34 -11.62
N ALA FA 368 94.07 65.35 -12.03
CA ALA FA 368 93.61 64.40 -13.03
C ALA FA 368 92.42 63.60 -12.53
N ALA FA 369 92.45 63.19 -11.26
CA ALA FA 369 91.32 62.48 -10.69
C ALA FA 369 90.08 63.35 -10.67
N LYS FA 370 90.25 64.63 -10.32
CA LYS FA 370 89.10 65.53 -10.28
C LYS FA 370 88.50 65.74 -11.67
N ILE FA 371 89.35 65.96 -12.68
CA ILE FA 371 88.85 66.23 -14.03
C ILE FA 371 88.18 65.00 -14.62
N ALA FA 372 88.69 63.80 -14.34
CA ALA FA 372 88.16 62.59 -14.93
C ALA FA 372 86.92 62.08 -14.22
N ALA FA 373 86.53 62.67 -13.09
CA ALA FA 373 85.36 62.20 -12.36
C ALA FA 373 84.09 62.16 -13.21
N PRO FA 374 83.78 63.16 -14.04
CA PRO FA 374 82.57 63.05 -14.86
C PRO FA 374 82.59 61.88 -15.84
N LEU FA 375 83.78 61.35 -16.15
CA LEU FA 375 83.86 60.26 -17.11
C LEU FA 375 83.34 58.95 -16.51
N THR FA 376 83.07 58.93 -15.21
CA THR FA 376 82.62 57.73 -14.53
C THR FA 376 81.26 57.26 -15.02
N LYS FA 377 80.41 58.20 -15.43
CA LYS FA 377 79.02 57.91 -15.74
C LYS FA 377 78.77 57.61 -17.21
N VAL FA 378 79.83 57.37 -18.00
CA VAL FA 378 79.63 57.05 -19.40
C VAL FA 378 78.88 55.73 -19.52
N ASP FA 379 77.91 55.70 -20.43
CA ASP FA 379 77.08 54.52 -20.63
C ASP FA 379 77.60 53.63 -21.75
N GLU FA 380 77.77 54.17 -22.95
CA GLU FA 380 78.23 53.38 -24.08
C GLU FA 380 79.06 54.27 -24.98
N ILE FA 381 79.98 53.65 -25.71
CA ILE FA 381 80.90 54.35 -26.58
C ILE FA 381 80.76 53.76 -27.98
N VAL FA 382 80.58 54.62 -28.99
CA VAL FA 382 80.51 54.21 -30.38
C VAL FA 382 81.65 54.87 -31.13
N VAL FA 383 82.48 54.06 -31.78
CA VAL FA 383 83.64 54.54 -32.51
C VAL FA 383 83.51 54.10 -33.96
N LEU FA 384 83.68 55.04 -34.89
CA LEU FA 384 83.71 54.76 -36.31
C LEU FA 384 84.98 55.33 -36.91
N SER FA 385 85.50 54.67 -37.94
CA SER FA 385 86.75 55.08 -38.55
C SER FA 385 86.66 54.92 -40.05
N GLY FA 386 87.53 55.63 -40.76
CA GLY FA 386 87.56 55.58 -42.21
C GLY FA 386 86.55 56.52 -42.85
N ASP FA 387 86.94 57.21 -43.91
CA ASP FA 387 86.06 58.15 -44.60
C ASP FA 387 85.24 57.43 -45.67
N ASN FA 388 84.06 56.95 -45.27
CA ASN FA 388 83.17 56.23 -46.17
C ASN FA 388 81.74 56.69 -45.93
N SER FA 389 80.81 56.01 -46.60
CA SER FA 389 79.41 56.37 -46.52
C SER FA 389 78.78 55.83 -45.23
N LYS FA 390 77.51 56.13 -45.03
CA LYS FA 390 76.76 55.75 -43.84
C LYS FA 390 75.70 54.71 -44.16
N VAL FA 391 75.98 53.84 -45.12
CA VAL FA 391 75.02 52.82 -45.55
C VAL FA 391 75.41 51.45 -45.04
N THR FA 392 76.71 51.22 -44.80
CA THR FA 392 77.19 49.89 -44.42
C THR FA 392 76.59 49.46 -43.08
N SER FA 393 76.54 50.37 -42.11
CA SER FA 393 75.99 50.11 -40.77
C SER FA 393 76.80 48.97 -40.15
N GLU FA 394 76.18 47.92 -39.61
CA GLU FA 394 76.92 46.83 -39.00
C GLU FA 394 76.84 45.58 -39.87
N MET GA 1 -112.90 51.28 121.45
CA MET GA 1 -112.00 51.63 122.55
C MET GA 1 -111.11 52.82 122.19
N PHE GA 2 -110.52 53.43 123.20
CA PHE GA 2 -109.67 54.59 122.98
C PHE GA 2 -108.38 54.20 122.26
N PHE GA 3 -107.94 55.06 121.34
CA PHE GA 3 -106.74 54.81 120.54
C PHE GA 3 -105.76 55.96 120.77
N THR GA 4 -104.71 55.69 121.55
CA THR GA 4 -103.69 56.69 121.81
C THR GA 4 -102.87 56.98 120.55
N CYS GA 5 -102.39 58.21 120.46
CA CYS GA 5 -101.52 58.62 119.36
C CYS GA 5 -100.42 59.51 119.91
N GLY GA 6 -99.27 59.47 119.24
CA GLY GA 6 -98.20 60.38 119.57
C GLY GA 6 -98.44 61.75 118.97
N PRO GA 7 -97.46 62.63 119.16
CA PRO GA 7 -97.51 63.95 118.54
C PRO GA 7 -96.88 64.08 117.17
N ASN GA 8 -96.67 62.99 116.44
CA ASN GA 8 -96.19 63.01 115.07
C ASN GA 8 -97.24 62.51 114.08
N GLU GA 9 -98.45 62.23 114.54
CA GLU GA 9 -99.52 61.77 113.67
C GLU GA 9 -100.83 62.42 114.10
N ALA GA 10 -101.73 62.57 113.14
CA ALA GA 10 -103.05 63.11 113.39
C ALA GA 10 -104.08 62.00 113.25
N MET GA 11 -104.79 61.71 114.34
CA MET GA 11 -105.84 60.70 114.35
C MET GA 11 -107.17 61.38 114.07
N VAL GA 12 -107.66 61.23 112.84
CA VAL GA 12 -108.96 61.74 112.45
C VAL GA 12 -109.80 60.56 111.99
N VAL GA 13 -110.99 60.41 112.59
CA VAL GA 13 -111.86 59.28 112.31
C VAL GA 13 -113.30 59.76 112.29
N SER GA 14 -114.15 59.05 111.54
CA SER GA 14 -115.58 59.29 111.53
C SER GA 14 -116.29 58.16 112.27
N GLY GA 15 -117.15 58.52 113.20
CA GLY GA 15 -117.86 57.54 114.00
C GLY GA 15 -119.36 57.55 113.81
N PHE GA 16 -120.09 57.91 114.88
CA PHE GA 16 -121.53 58.04 114.83
C PHE GA 16 -121.91 59.41 115.36
N CYS GA 17 -122.64 60.18 114.56
CA CYS GA 17 -123.09 61.53 114.92
C CYS GA 17 -121.91 62.42 115.32
N ARG GA 18 -120.94 62.51 114.41
CA ARG GA 18 -119.75 63.33 114.58
C ARG GA 18 -119.51 64.16 113.31
N SER GA 19 -120.57 64.82 112.85
CA SER GA 19 -120.51 65.55 111.57
C SER GA 19 -119.43 66.62 111.54
N PRO GA 20 -119.28 67.50 112.53
CA PRO GA 20 -118.18 68.46 112.49
C PRO GA 20 -116.85 67.74 112.51
N PRO GA 21 -115.82 68.32 111.90
CA PRO GA 21 -114.52 67.64 111.85
C PRO GA 21 -113.91 67.49 113.24
N VAL GA 22 -113.15 66.41 113.40
CA VAL GA 22 -112.49 66.09 114.66
C VAL GA 22 -110.97 66.17 114.44
N MET GA 23 -110.32 67.05 115.21
CA MET GA 23 -108.88 67.27 115.12
C MET GA 23 -108.22 66.66 116.35
N VAL GA 24 -107.70 65.45 116.22
CA VAL GA 24 -107.03 64.76 117.32
C VAL GA 24 -105.64 64.37 116.87
N ALA GA 25 -104.63 64.84 117.60
CA ALA GA 25 -103.24 64.46 117.39
C ALA GA 25 -102.55 64.47 118.74
N GLY GA 26 -102.41 63.29 119.35
CA GLY GA 26 -101.90 63.20 120.70
C GLY GA 26 -103.01 63.11 121.74
N GLY GA 27 -103.97 62.23 121.49
CA GLY GA 27 -105.07 62.03 122.40
C GLY GA 27 -105.67 60.65 122.23
N ARG GA 28 -106.93 60.52 122.61
CA ARG GA 28 -107.66 59.26 122.46
C ARG GA 28 -109.05 59.51 121.91
N VAL GA 29 -109.59 58.51 121.23
CA VAL GA 29 -110.94 58.55 120.69
C VAL GA 29 -111.59 57.19 120.91
N PHE GA 30 -112.77 57.17 121.52
CA PHE GA 30 -113.53 55.93 121.64
C PHE GA 30 -114.07 55.52 120.28
N VAL GA 31 -113.62 54.37 119.79
CA VAL GA 31 -113.90 53.93 118.42
C VAL GA 31 -114.73 52.66 118.47
N LEU GA 32 -115.90 52.71 117.84
CA LEU GA 32 -116.71 51.51 117.64
C LEU GA 32 -116.09 50.67 116.53
N PRO GA 33 -116.10 49.34 116.65
CA PRO GA 33 -115.40 48.52 115.64
C PRO GA 33 -116.12 48.45 114.31
N CYS GA 34 -117.44 48.27 114.31
CA CYS GA 34 -118.20 48.09 113.08
C CYS GA 34 -118.89 49.36 112.61
N ILE GA 35 -118.64 50.51 113.26
CA ILE GA 35 -119.30 51.76 112.91
C ILE GA 35 -118.29 52.80 112.45
N GLN GA 36 -117.16 52.92 113.14
CA GLN GA 36 -116.19 53.96 112.84
C GLN GA 36 -115.14 53.47 111.84
N GLN GA 37 -114.55 54.43 111.12
CA GLN GA 37 -113.49 54.16 110.16
C GLN GA 37 -112.24 54.94 110.56
N ILE GA 38 -111.09 54.27 110.50
CA ILE GA 38 -109.84 54.81 111.03
C ILE GA 38 -108.92 55.16 109.87
N GLN GA 39 -108.36 56.37 109.90
CA GLN GA 39 -107.37 56.82 108.93
C GLN GA 39 -106.35 57.68 109.65
N ARG GA 40 -105.12 57.70 109.12
CA ARG GA 40 -103.99 58.32 109.78
C ARG GA 40 -103.21 59.21 108.82
N ILE GA 41 -102.61 60.26 109.38
CA ILE GA 41 -101.66 61.12 108.68
C ILE GA 41 -100.41 61.26 109.53
N SER GA 42 -99.24 61.08 108.93
CA SER GA 42 -97.98 61.27 109.62
C SER GA 42 -97.54 62.74 109.54
N LEU GA 43 -97.26 63.32 110.71
CA LEU GA 43 -96.86 64.72 110.81
C LEU GA 43 -95.35 64.91 110.86
N ASN GA 44 -94.57 63.84 110.71
CA ASN GA 44 -93.14 63.94 110.86
C ASN GA 44 -92.54 64.77 109.72
N THR GA 45 -91.53 65.56 110.04
CA THR GA 45 -90.93 66.45 109.07
C THR GA 45 -90.11 65.67 108.05
N LEU GA 46 -90.32 65.96 106.77
CA LEU GA 46 -89.61 65.30 105.69
C LEU GA 46 -88.78 66.33 104.94
N THR GA 47 -87.55 65.98 104.61
CA THR GA 47 -86.66 66.85 103.86
C THR GA 47 -86.87 66.67 102.36
N LEU GA 48 -86.69 67.76 101.63
CA LEU GA 48 -86.90 67.77 100.18
C LEU GA 48 -85.64 68.25 99.49
N ASN GA 49 -85.22 67.50 98.46
CA ASN GA 49 -84.07 67.87 97.65
C ASN GA 49 -84.57 68.59 96.41
N VAL GA 50 -84.86 69.88 96.57
CA VAL GA 50 -85.45 70.70 95.51
C VAL GA 50 -84.35 71.01 94.51
N LYS GA 51 -84.33 70.29 93.39
CA LYS GA 51 -83.28 70.39 92.40
C LYS GA 51 -83.78 71.12 91.17
N SER GA 52 -83.01 72.12 90.72
CA SER GA 52 -83.31 72.86 89.49
C SER GA 52 -82.11 72.71 88.56
N GLU GA 53 -82.37 72.28 87.32
CA GLU GA 53 -81.33 72.03 86.35
C GLU GA 53 -81.52 72.91 85.14
N LYS GA 54 -80.47 73.65 84.77
CA LYS GA 54 -80.46 74.49 83.57
C LYS GA 54 -81.60 75.50 83.60
N VAL GA 55 -81.57 76.36 84.61
CA VAL GA 55 -82.60 77.38 84.81
C VAL GA 55 -81.98 78.75 84.54
N TYR GA 56 -82.71 79.59 83.81
CA TYR GA 56 -82.22 80.90 83.44
C TYR GA 56 -82.49 81.94 84.52
N THR GA 57 -81.52 82.83 84.72
CA THR GA 57 -81.62 83.92 85.68
C THR GA 57 -82.11 85.17 84.96
N ARG GA 58 -82.05 86.32 85.64
CA ARG GA 58 -82.67 87.50 85.05
C ARG GA 58 -81.76 88.12 84.00
N HIS GA 59 -80.47 87.72 83.99
CA HIS GA 59 -79.61 87.91 82.82
C HIS GA 59 -79.81 86.85 81.76
N GLY GA 60 -80.43 85.72 82.11
CA GLY GA 60 -80.58 84.62 81.19
C GLY GA 60 -79.50 83.55 81.26
N VAL GA 61 -78.46 83.77 82.06
CA VAL GA 61 -77.39 82.76 82.16
C VAL GA 61 -77.94 81.50 82.83
N PRO GA 62 -77.68 80.31 82.29
CA PRO GA 62 -78.18 79.09 82.93
C PRO GA 62 -77.20 78.58 83.99
N ILE GA 63 -77.72 78.34 85.19
CA ILE GA 63 -76.93 77.81 86.30
C ILE GA 63 -77.70 76.67 86.95
N SER GA 64 -77.00 75.59 87.27
CA SER GA 64 -77.60 74.46 87.96
C SER GA 64 -77.68 74.78 89.45
N VAL GA 65 -78.90 74.81 89.97
CA VAL GA 65 -79.15 75.23 91.35
C VAL GA 65 -79.86 74.10 92.08
N THR GA 66 -79.34 73.74 93.25
CA THR GA 66 -79.94 72.73 94.12
C THR GA 66 -80.42 73.38 95.41
N GLY GA 67 -81.61 72.99 95.85
CA GLY GA 67 -82.17 73.52 97.08
C GLY GA 67 -82.65 72.41 97.99
N ILE GA 68 -82.63 72.71 99.29
CA ILE GA 68 -83.06 71.79 100.33
C ILE GA 68 -84.12 72.48 101.17
N ALA GA 69 -85.22 71.78 101.44
CA ALA GA 69 -86.32 72.33 102.22
C ALA GA 69 -86.74 71.34 103.30
N GLN GA 70 -87.18 71.89 104.44
CA GLN GA 70 -87.73 71.09 105.52
C GLN GA 70 -89.20 71.49 105.71
N VAL GA 71 -90.11 70.59 105.35
CA VAL GA 71 -91.53 70.88 105.33
C VAL GA 71 -92.23 69.97 106.34
N LYS GA 72 -93.20 70.54 107.05
CA LYS GA 72 -93.94 69.83 108.08
C LYS GA 72 -95.38 70.28 108.06
N ILE GA 73 -96.27 69.42 108.54
CA ILE GA 73 -97.70 69.68 108.60
C ILE GA 73 -97.99 70.28 109.98
N GLN GA 74 -98.31 71.58 110.03
CA GLN GA 74 -98.52 72.25 111.30
C GLN GA 74 -99.85 71.84 111.93
N GLY GA 75 -99.83 70.75 112.70
CA GLY GA 75 -101.03 70.25 113.34
C GLY GA 75 -101.53 71.12 114.48
N GLN GA 76 -100.75 72.12 114.90
CA GLN GA 76 -101.21 73.02 115.94
C GLN GA 76 -102.42 73.83 115.49
N ASN GA 77 -102.41 74.27 114.23
CA ASN GA 77 -103.52 75.04 113.68
C ASN GA 77 -104.66 74.10 113.31
N LYS GA 78 -105.80 74.27 113.97
CA LYS GA 78 -106.95 73.41 113.71
C LYS GA 78 -107.46 73.58 112.29
N GLU GA 79 -107.55 74.83 111.82
CA GLU GA 79 -108.07 75.08 110.47
C GLU GA 79 -107.17 74.48 109.41
N MET GA 80 -105.86 74.71 109.53
CA MET GA 80 -104.92 74.20 108.53
C MET GA 80 -104.90 72.68 108.55
N LEU GA 81 -104.92 72.07 109.73
CA LEU GA 81 -104.92 70.62 109.81
C LEU GA 81 -106.20 70.04 109.21
N ALA GA 82 -107.34 70.68 109.49
CA ALA GA 82 -108.60 70.21 108.92
C ALA GA 82 -108.59 70.33 107.41
N ALA GA 83 -108.02 71.41 106.88
CA ALA GA 83 -107.88 71.54 105.44
C ALA GA 83 -106.99 70.43 104.87
N ALA GA 84 -105.88 70.15 105.55
CA ALA GA 84 -104.92 69.17 105.03
C ALA GA 84 -105.49 67.76 105.06
N CYS GA 85 -106.31 67.46 106.07
CA CYS GA 85 -106.87 66.11 106.19
C CYS GA 85 -107.81 65.79 105.03
N GLN GA 86 -108.33 66.82 104.35
CA GLN GA 86 -109.28 66.60 103.27
C GLN GA 86 -108.64 65.94 102.05
N MET GA 87 -107.31 66.00 101.92
CA MET GA 87 -106.64 65.37 100.80
C MET GA 87 -105.44 64.50 101.18
N PHE GA 88 -104.88 64.67 102.38
CA PHE GA 88 -103.66 63.94 102.70
C PHE GA 88 -103.92 62.59 103.35
N LEU GA 89 -105.15 62.28 103.72
CA LEU GA 89 -105.47 60.93 104.17
C LEU GA 89 -105.33 59.95 103.01
N GLY GA 90 -104.73 58.80 103.29
CA GLY GA 90 -104.57 57.77 102.29
C GLY GA 90 -103.41 57.95 101.34
N LYS GA 91 -102.61 58.99 101.51
CA LYS GA 91 -101.45 59.24 100.67
C LYS GA 91 -100.19 58.83 101.41
N THR GA 92 -99.31 58.11 100.71
CA THR GA 92 -98.07 57.64 101.29
C THR GA 92 -97.11 58.80 101.49
N GLU GA 93 -96.05 58.56 102.28
CA GLU GA 93 -95.05 59.58 102.54
C GLU GA 93 -94.33 59.98 101.26
N ALA GA 94 -94.06 59.01 100.38
CA ALA GA 94 -93.32 59.30 99.16
C ALA GA 94 -94.09 60.29 98.27
N GLU GA 95 -95.38 60.04 98.06
CA GLU GA 95 -96.17 60.92 97.20
C GLU GA 95 -96.38 62.28 97.87
N ILE GA 96 -96.57 62.29 99.18
CA ILE GA 96 -96.72 63.55 99.90
C ILE GA 96 -95.48 64.40 99.74
N ALA GA 97 -94.31 63.79 99.89
CA ALA GA 97 -93.06 64.51 99.67
C ALA GA 97 -92.95 64.97 98.21
N HIS GA 98 -93.29 64.09 97.26
CA HIS GA 98 -93.05 64.36 95.86
C HIS GA 98 -93.90 65.51 95.33
N ILE GA 99 -95.17 65.59 95.72
CA ILE GA 99 -96.04 66.65 95.22
C ILE GA 99 -95.57 68.01 95.70
N ALA GA 100 -95.32 68.13 97.01
CA ALA GA 100 -94.82 69.39 97.54
C ALA GA 100 -93.43 69.71 96.99
N LEU GA 101 -92.65 68.69 96.67
CA LEU GA 101 -91.35 68.92 96.05
C LEU GA 101 -91.50 69.61 94.69
N GLU GA 102 -92.42 69.11 93.87
CA GLU GA 102 -92.66 69.75 92.57
C GLU GA 102 -93.21 71.17 92.76
N THR GA 103 -94.09 71.37 93.72
CA THR GA 103 -94.61 72.71 93.94
C THR GA 103 -93.51 73.68 94.35
N LEU GA 104 -92.68 73.28 95.31
CA LEU GA 104 -91.60 74.15 95.77
C LEU GA 104 -90.56 74.36 94.68
N GLU GA 105 -90.33 73.35 93.83
CA GLU GA 105 -89.46 73.53 92.68
C GLU GA 105 -90.03 74.56 91.73
N GLY GA 106 -91.34 74.52 91.51
CA GLY GA 106 -91.97 75.55 90.69
C GLY GA 106 -91.76 76.93 91.26
N HIS GA 107 -91.97 77.09 92.57
CA HIS GA 107 -91.76 78.40 93.19
C HIS GA 107 -90.31 78.86 93.08
N GLN GA 108 -89.36 77.97 93.35
CA GLN GA 108 -87.94 78.36 93.29
C GLN GA 108 -87.54 78.72 91.88
N ARG GA 109 -87.89 77.88 90.90
CA ARG GA 109 -87.53 78.13 89.52
C ARG GA 109 -88.24 79.38 88.98
N ALA GA 110 -89.41 79.71 89.51
CA ALA GA 110 -90.06 80.96 89.14
C ALA GA 110 -89.33 82.16 89.72
N ILE GA 111 -88.93 82.08 90.99
CA ILE GA 111 -88.19 83.18 91.61
C ILE GA 111 -86.75 83.26 91.14
N MET GA 112 -86.29 82.27 90.37
CA MET GA 112 -84.95 82.31 89.82
C MET GA 112 -84.73 83.56 88.98
N ALA GA 113 -85.73 83.94 88.18
CA ALA GA 113 -85.60 85.09 87.32
C ALA GA 113 -85.79 86.41 88.05
N HIS GA 114 -86.16 86.38 89.32
CA HIS GA 114 -86.28 87.63 90.06
C HIS GA 114 -84.90 88.13 90.50
N MET GA 115 -84.14 87.28 91.19
CA MET GA 115 -82.83 87.63 91.70
C MET GA 115 -81.75 87.05 90.81
N THR GA 116 -80.77 87.88 90.45
CA THR GA 116 -79.66 87.45 89.62
C THR GA 116 -78.67 86.63 90.43
N VAL GA 117 -77.79 85.92 89.72
CA VAL GA 117 -76.80 85.06 90.38
C VAL GA 117 -75.90 85.89 91.28
N GLU GA 118 -75.46 87.04 90.79
CA GLU GA 118 -74.69 87.97 91.62
C GLU GA 118 -75.42 88.27 92.91
N GLU GA 119 -76.74 88.39 92.84
CA GLU GA 119 -77.53 88.59 94.05
C GLU GA 119 -77.60 87.30 94.86
N ILE GA 120 -77.75 86.15 94.22
CA ILE GA 120 -78.07 84.94 94.97
C ILE GA 120 -76.88 84.49 95.82
N TYR GA 121 -75.65 84.57 95.30
CA TYR GA 121 -74.56 84.07 96.15
C TYR GA 121 -74.10 85.15 97.14
N LYS GA 122 -74.21 86.43 96.77
CA LYS GA 122 -73.83 87.50 97.68
C LYS GA 122 -74.94 87.82 98.67
N ASP GA 123 -76.09 88.28 98.16
CA ASP GA 123 -77.22 88.62 99.01
C ASP GA 123 -78.19 87.45 99.09
N ARG GA 124 -77.91 86.50 100.00
CA ARG GA 124 -78.67 85.28 100.08
C ARG GA 124 -79.78 85.34 101.13
N GLN GA 125 -79.60 86.19 102.14
CA GLN GA 125 -80.57 86.24 103.23
C GLN GA 125 -81.91 86.78 102.75
N LYS GA 126 -81.90 87.90 102.02
CA LYS GA 126 -83.15 88.46 101.51
C LYS GA 126 -83.79 87.53 100.50
N PHE GA 127 -82.98 86.91 99.64
CA PHE GA 127 -83.48 85.90 98.71
C PHE GA 127 -84.21 84.79 99.45
N SER GA 128 -83.56 84.21 100.46
CA SER GA 128 -84.16 83.10 101.19
C SER GA 128 -85.44 83.54 101.90
N GLU GA 129 -85.43 84.75 102.48
CA GLU GA 129 -86.61 85.22 103.17
C GLU GA 129 -87.79 85.41 102.23
N GLN GA 130 -87.55 85.98 101.05
CA GLN GA 130 -88.63 86.17 100.08
C GLN GA 130 -89.14 84.82 99.55
N VAL GA 131 -88.22 83.90 99.26
CA VAL GA 131 -88.62 82.57 98.83
C VAL GA 131 -89.47 81.90 99.89
N PHE GA 132 -89.03 81.96 101.15
CA PHE GA 132 -89.80 81.36 102.24
C PHE GA 132 -91.17 82.00 102.35
N LYS GA 133 -91.24 83.33 102.27
CA LYS GA 133 -92.53 84.01 102.38
C LYS GA 133 -93.50 83.53 101.31
N VAL GA 134 -93.08 83.60 100.04
CA VAL GA 134 -94.00 83.29 98.94
C VAL GA 134 -94.38 81.81 98.96
N ALA GA 135 -93.39 80.94 99.11
CA ALA GA 135 -93.65 79.51 99.13
C ALA GA 135 -94.53 79.13 100.31
N SER GA 136 -94.25 79.69 101.49
CA SER GA 136 -95.05 79.39 102.67
C SER GA 136 -96.48 79.86 102.48
N SER GA 137 -96.68 81.04 101.89
CA SER GA 137 -98.04 81.49 101.64
C SER GA 137 -98.78 80.52 100.72
N ASP GA 138 -98.18 80.19 99.57
CA ASP GA 138 -98.89 79.38 98.59
C ASP GA 138 -99.01 77.93 99.05
N LEU GA 139 -98.19 77.51 100.01
CA LEU GA 139 -98.24 76.12 100.46
C LEU GA 139 -99.15 75.96 101.69
N VAL GA 140 -99.23 77.00 102.52
CA VAL GA 140 -100.25 77.04 103.56
C VAL GA 140 -101.62 77.13 102.91
N ASN GA 141 -101.72 77.81 101.77
CA ASN GA 141 -102.92 77.72 100.96
C ASN GA 141 -103.22 76.27 100.60
N MET GA 142 -102.18 75.50 100.28
CA MET GA 142 -102.39 74.08 100.01
C MET GA 142 -102.47 73.29 101.31
N GLY GA 143 -101.75 73.69 102.35
CA GLY GA 143 -101.87 73.08 103.66
C GLY GA 143 -100.58 72.66 104.33
N ILE GA 144 -99.42 72.83 103.69
CA ILE GA 144 -98.13 72.48 104.29
C ILE GA 144 -97.36 73.77 104.54
N SER GA 145 -96.78 73.88 105.74
CA SER GA 145 -95.94 75.01 106.11
C SER GA 145 -94.48 74.57 106.08
N VAL GA 146 -93.65 75.31 105.35
CA VAL GA 146 -92.24 74.99 105.24
C VAL GA 146 -91.53 75.51 106.49
N VAL GA 147 -90.84 74.61 107.20
CA VAL GA 147 -90.12 75.01 108.40
C VAL GA 147 -88.96 75.93 108.04
N SER GA 148 -88.16 75.52 107.06
CA SER GA 148 -87.00 76.31 106.63
C SER GA 148 -86.58 75.85 105.25
N TYR GA 149 -86.30 76.82 104.38
CA TYR GA 149 -85.83 76.54 103.03
C TYR GA 149 -84.41 77.09 102.89
N THR GA 150 -83.56 76.35 102.18
CA THR GA 150 -82.20 76.77 101.92
C THR GA 150 -81.82 76.36 100.50
N LEU GA 151 -80.71 76.92 100.02
CA LEU GA 151 -80.17 76.61 98.70
C LEU GA 151 -78.94 75.74 98.89
N LYS GA 152 -78.96 74.55 98.29
CA LYS GA 152 -77.91 73.57 98.54
C LYS GA 152 -76.63 73.94 97.81
N ASP GA 153 -76.68 74.00 96.49
CA ASP GA 153 -75.49 74.27 95.69
C ASP GA 153 -75.87 75.04 94.44
N ILE GA 154 -74.91 75.81 93.94
CA ILE GA 154 -75.04 76.52 92.67
C ILE GA 154 -73.92 76.05 91.75
N HIS GA 155 -74.28 75.62 90.54
CA HIS GA 155 -73.33 75.10 89.58
C HIS GA 155 -73.52 75.80 88.24
N ASP GA 156 -72.42 76.06 87.56
CA ASP GA 156 -72.44 76.68 86.24
C ASP GA 156 -71.65 75.83 85.27
N ASP GA 157 -72.33 75.34 84.23
CA ASP GA 157 -71.68 74.56 83.18
C ASP GA 157 -71.16 75.42 82.04
N GLN GA 158 -71.42 76.73 82.08
CA GLN GA 158 -71.01 77.65 81.03
C GLN GA 158 -69.71 78.37 81.35
N ASP GA 159 -69.07 78.04 82.48
CA ASP GA 159 -67.86 78.70 82.97
C ASP GA 159 -68.10 80.17 83.28
N TYR GA 160 -69.32 80.55 83.66
CA TYR GA 160 -69.63 81.94 83.92
C TYR GA 160 -68.93 82.45 85.18
N LEU GA 161 -68.93 81.64 86.24
CA LEU GA 161 -68.47 82.12 87.53
C LEU GA 161 -66.99 81.81 87.75
N HIS GA 162 -66.43 80.89 86.96
CA HIS GA 162 -65.03 80.51 87.13
C HIS GA 162 -64.11 81.68 86.87
N SER GA 163 -64.41 82.49 85.85
CA SER GA 163 -63.58 83.67 85.57
C SER GA 163 -63.67 84.69 86.69
N LEU GA 164 -64.87 84.90 87.23
CA LEU GA 164 -65.04 85.82 88.35
C LEU GA 164 -64.22 85.35 89.55
N GLY GA 165 -64.17 84.04 89.77
CA GLY GA 165 -63.28 83.51 90.80
C GLY GA 165 -61.81 83.73 90.48
N LYS GA 166 -61.44 83.52 89.22
CA LYS GA 166 -60.03 83.55 88.83
C LYS GA 166 -59.46 84.95 88.89
N ALA GA 167 -60.32 85.97 88.77
CA ALA GA 167 -59.85 87.35 88.86
C ALA GA 167 -59.12 87.62 90.17
N ARG GA 168 -59.74 87.25 91.29
CA ARG GA 168 -59.12 87.49 92.60
C ARG GA 168 -57.88 86.63 92.79
N THR GA 169 -57.89 85.42 92.22
CA THR GA 169 -56.71 84.57 92.30
C THR GA 169 -55.52 85.23 91.61
N ALA GA 170 -55.74 85.84 90.46
CA ALA GA 170 -54.67 86.61 89.83
C ALA GA 170 -54.27 87.79 90.70
N GLN GA 171 -55.26 88.47 91.29
CA GLN GA 171 -54.97 89.65 92.09
C GLN GA 171 -54.14 89.31 93.33
N VAL GA 172 -54.23 88.07 93.80
CA VAL GA 172 -53.41 87.67 94.95
C VAL GA 172 -52.09 87.08 94.49
N GLN GA 173 -52.08 86.46 93.30
CA GLN GA 173 -50.83 85.92 92.78
C GLN GA 173 -49.84 87.03 92.45
N LYS GA 174 -50.34 88.22 92.09
CA LYS GA 174 -49.42 89.33 91.88
C LYS GA 174 -48.69 89.68 93.17
N ASP GA 175 -49.41 89.66 94.30
CA ASP GA 175 -48.76 89.86 95.61
C ASP GA 175 -47.81 88.71 95.93
N ALA GA 176 -48.19 87.48 95.60
CA ALA GA 176 -47.31 86.34 95.82
C ALA GA 176 -46.00 86.51 95.07
N ARG GA 177 -46.05 87.07 93.86
CA ARG GA 177 -44.82 87.29 93.09
C ARG GA 177 -44.05 88.50 93.61
N ILE GA 178 -44.75 89.54 94.05
CA ILE GA 178 -44.05 90.74 94.54
C ILE GA 178 -43.24 90.41 95.79
N GLY GA 179 -43.79 89.55 96.66
CA GLY GA 179 -43.04 89.15 97.84
C GLY GA 179 -41.77 88.39 97.48
N GLU GA 180 -41.87 87.47 96.52
CA GLU GA 180 -40.71 86.72 96.08
C GLU GA 180 -39.66 87.64 95.46
N ALA GA 181 -40.10 88.62 94.68
CA ALA GA 181 -39.17 89.57 94.09
C ALA GA 181 -38.45 90.38 95.16
N GLU GA 182 -39.18 90.87 96.15
CA GLU GA 182 -38.55 91.53 97.30
C GLU GA 182 -37.49 90.65 97.93
N ALA GA 183 -37.85 89.41 98.27
CA ALA GA 183 -36.93 88.53 98.96
C ALA GA 183 -35.70 88.24 98.12
N LYS GA 184 -35.88 87.96 96.82
CA LYS GA 184 -34.75 87.65 95.96
C LYS GA 184 -33.80 88.82 95.81
N ARG GA 185 -34.34 90.03 95.59
CA ARG GA 185 -33.46 91.19 95.45
C ARG GA 185 -32.70 91.45 96.75
N ASP GA 186 -33.40 91.37 97.89
CA ASP GA 186 -32.75 91.62 99.17
C ASP GA 186 -31.67 90.59 99.48
N ALA GA 187 -31.90 89.33 99.11
CA ALA GA 187 -30.88 88.32 99.33
C ALA GA 187 -29.68 88.54 98.41
N GLY GA 188 -29.94 88.74 97.11
CA GLY GA 188 -28.86 88.85 96.15
C GLY GA 188 -27.96 90.05 96.36
N ILE GA 189 -28.53 91.19 96.76
CA ILE GA 189 -27.71 92.38 96.94
C ILE GA 189 -26.58 92.13 97.94
N ARG GA 190 -26.91 91.69 99.15
CA ARG GA 190 -25.89 91.48 100.16
C ARG GA 190 -25.09 90.21 99.95
N GLU GA 191 -25.66 89.17 99.31
CA GLU GA 191 -24.85 88.03 98.95
C GLU GA 191 -23.71 88.44 98.01
N ALA GA 192 -24.04 89.20 96.97
CA ALA GA 192 -23.01 89.68 96.05
C ALA GA 192 -22.01 90.57 96.76
N LYS GA 193 -22.49 91.44 97.67
CA LYS GA 193 -21.56 92.31 98.38
C LYS GA 193 -20.58 91.52 99.24
N ALA GA 194 -21.08 90.51 99.97
CA ALA GA 194 -20.19 89.70 100.80
C ALA GA 194 -19.20 88.92 99.95
N LYS GA 195 -19.68 88.39 98.81
CA LYS GA 195 -18.79 87.77 97.84
C LYS GA 195 -17.67 88.72 97.45
N GLN GA 196 -18.02 89.98 97.20
CA GLN GA 196 -17.04 90.99 96.81
C GLN GA 196 -15.99 91.18 97.88
N GLU GA 197 -16.42 91.36 99.14
CA GLU GA 197 -15.43 91.54 100.20
C GLU GA 197 -14.51 90.34 100.34
N LYS GA 198 -15.05 89.12 100.26
CA LYS GA 198 -14.18 87.98 100.52
C LYS GA 198 -13.16 87.85 99.39
N VAL GA 199 -13.57 88.10 98.14
CA VAL GA 199 -12.62 88.03 97.04
C VAL GA 199 -11.57 89.12 97.17
N SER GA 200 -11.98 90.33 97.56
CA SER GA 200 -11.01 91.42 97.71
C SER GA 200 -9.98 91.08 98.78
N ALA GA 201 -10.41 90.52 99.91
CA ALA GA 201 -9.47 90.13 100.94
C ALA GA 201 -8.57 88.97 100.50
N GLN GA 202 -9.12 88.01 99.76
CA GLN GA 202 -8.30 86.91 99.27
C GLN GA 202 -7.20 87.40 98.35
N TYR GA 203 -7.53 88.33 97.45
CA TYR GA 203 -6.50 88.88 96.58
C TYR GA 203 -5.50 89.75 97.35
N LEU GA 204 -5.97 90.46 98.38
CA LEU GA 204 -5.04 91.20 99.22
C LEU GA 204 -4.03 90.27 99.88
N SER GA 205 -4.49 89.12 100.36
CA SER GA 205 -3.57 88.13 100.93
C SER GA 205 -2.64 87.58 99.86
N GLU GA 206 -3.15 87.32 98.66
CA GLU GA 206 -2.31 86.83 97.58
C GLU GA 206 -1.25 87.84 97.17
N ILE GA 207 -1.45 89.13 97.44
CA ILE GA 207 -0.39 90.12 97.24
C ILE GA 207 0.82 89.80 98.12
N GLU GA 208 0.58 89.58 99.42
CA GLU GA 208 1.66 89.21 100.32
C GLU GA 208 2.22 87.83 99.98
N MET GA 209 1.40 86.95 99.42
CA MET GA 209 1.92 85.70 98.88
C MET GA 209 3.03 85.95 97.88
N ALA GA 210 2.79 86.85 96.92
CA ALA GA 210 3.81 87.17 95.93
C ALA GA 210 4.99 87.93 96.53
N LYS GA 211 4.73 88.77 97.54
CA LYS GA 211 5.82 89.39 98.29
C LYS GA 211 6.79 88.34 98.81
N ALA GA 212 6.27 87.35 99.53
CA ALA GA 212 7.11 86.29 100.08
C ALA GA 212 7.75 85.46 98.98
N GLN GA 213 7.01 85.19 97.90
CA GLN GA 213 7.58 84.43 96.79
C GLN GA 213 8.79 85.13 96.19
N ARG GA 214 8.69 86.44 95.97
CA ARG GA 214 9.84 87.21 95.53
C ARG GA 214 10.97 87.14 96.55
N ASP GA 215 10.67 87.40 97.81
CA ASP GA 215 11.69 87.44 98.85
C ASP GA 215 12.46 86.13 98.93
N TYR GA 216 11.81 85.01 98.64
CA TYR GA 216 12.49 83.71 98.65
C TYR GA 216 13.21 83.42 97.34
N GLU GA 217 12.54 83.60 96.20
CA GLU GA 217 13.10 83.23 94.92
C GLU GA 217 14.31 84.07 94.54
N LEU GA 218 14.27 85.37 94.81
CA LEU GA 218 15.40 86.23 94.44
C LEU GA 218 16.66 85.82 95.19
N LYS GA 219 16.54 85.58 96.50
CA LYS GA 219 17.70 85.15 97.27
C LYS GA 219 18.17 83.76 96.84
N LYS GA 220 17.23 82.85 96.53
CA LYS GA 220 17.65 81.53 96.08
C LYS GA 220 18.46 81.63 94.80
N ALA GA 221 17.99 82.45 93.85
CA ALA GA 221 18.73 82.62 92.60
C ALA GA 221 20.08 83.29 92.83
N ALA GA 222 20.13 84.28 93.72
CA ALA GA 222 21.39 84.96 94.00
C ALA GA 222 22.41 84.00 94.59
N TYR GA 223 21.96 83.11 95.48
CA TYR GA 223 22.86 82.11 96.04
C TYR GA 223 23.26 81.08 95.00
N ASP GA 224 22.33 80.71 94.11
CA ASP GA 224 22.64 79.77 93.06
C ASP GA 224 23.72 80.31 92.12
N ILE GA 225 23.72 81.62 91.88
CA ILE GA 225 24.78 82.20 91.04
C ILE GA 225 26.15 81.89 91.62
N GLU GA 226 26.33 82.14 92.92
CA GLU GA 226 27.61 81.92 93.55
C GLU GA 226 27.98 80.44 93.55
N VAL GA 227 27.02 79.57 93.88
CA VAL GA 227 27.36 78.15 93.94
C VAL GA 227 27.72 77.62 92.55
N ASN GA 228 27.03 78.09 91.51
CA ASN GA 228 27.35 77.66 90.15
C ASN GA 228 28.73 78.14 89.74
N THR GA 229 29.09 79.39 90.07
CA THR GA 229 30.43 79.88 89.73
C THR GA 229 31.51 79.05 90.41
N ARG GA 230 31.35 78.79 91.71
CA ARG GA 230 32.36 78.01 92.42
C ARG GA 230 32.44 76.58 91.90
N ARG GA 231 31.30 75.96 91.61
CA ARG GA 231 31.31 74.61 91.05
C ARG GA 231 31.98 74.57 89.68
N ALA GA 232 31.74 75.60 88.85
CA ALA GA 232 32.40 75.66 87.56
C ALA GA 232 33.91 75.76 87.71
N GLN GA 233 34.37 76.57 88.66
CA GLN GA 233 35.81 76.64 88.90
C GLN GA 233 36.35 75.30 89.37
N ALA GA 234 35.64 74.64 90.28
CA ALA GA 234 36.11 73.39 90.86
C ALA GA 234 36.20 72.28 89.81
N ASP GA 235 35.26 72.25 88.87
CA ASP GA 235 35.28 71.20 87.86
C ASP GA 235 36.54 71.27 87.01
N LEU GA 236 36.93 72.47 86.58
CA LEU GA 236 38.03 72.62 85.64
C LEU GA 236 39.39 72.83 86.32
N ALA GA 237 39.42 72.97 87.64
CA ALA GA 237 40.70 72.97 88.34
C ALA GA 237 41.50 71.71 88.03
N TYR GA 238 40.82 70.57 87.95
CA TYR GA 238 41.49 69.31 87.67
C TYR GA 238 42.18 69.34 86.31
N GLN GA 239 41.47 69.79 85.27
CA GLN GA 239 42.07 69.87 83.95
C GLN GA 239 43.20 70.87 83.92
N LEU GA 240 43.06 71.99 84.61
CA LEU GA 240 44.14 72.97 84.68
C LEU GA 240 45.41 72.35 85.25
N GLN GA 241 45.28 71.66 86.39
CA GLN GA 241 46.45 71.07 87.01
C GLN GA 241 47.04 69.93 86.18
N VAL GA 242 46.19 69.11 85.56
CA VAL GA 242 46.70 67.99 84.77
C VAL GA 242 47.45 68.50 83.56
N ALA GA 243 47.00 69.61 82.96
CA ALA GA 243 47.76 70.22 81.87
C ALA GA 243 49.08 70.80 82.39
N LYS GA 244 49.04 71.48 83.54
CA LYS GA 244 50.24 72.09 84.07
C LYS GA 244 51.33 71.05 84.36
N THR GA 245 50.92 69.86 84.80
CA THR GA 245 51.90 68.81 85.05
C THR GA 245 52.24 68.00 83.80
N LYS GA 246 51.31 67.88 82.85
CA LYS GA 246 51.63 67.30 81.56
C LYS GA 246 52.69 68.11 80.84
N GLN GA 247 52.80 69.41 81.16
CA GLN GA 247 53.93 70.19 80.66
C GLN GA 247 55.26 69.51 80.98
N GLN GA 248 55.48 69.18 82.25
CA GLN GA 248 56.73 68.53 82.64
C GLN GA 248 56.80 67.09 82.13
N ILE GA 249 55.65 66.42 82.08
CA ILE GA 249 55.62 65.07 81.53
C ILE GA 249 56.22 65.06 80.13
N GLU GA 250 55.75 65.97 79.27
CA GLU GA 250 56.27 66.08 77.92
C GLU GA 250 57.69 66.62 77.89
N GLU GA 251 58.02 67.55 78.79
CA GLU GA 251 59.37 68.08 78.84
C GLU GA 251 60.41 66.98 79.03
N GLN GA 252 60.09 65.97 79.84
CA GLN GA 252 61.02 64.84 80.00
C GLN GA 252 60.85 63.76 78.93
N ARG GA 253 59.61 63.52 78.48
CA ARG GA 253 59.39 62.53 77.44
C ARG GA 253 60.04 62.94 76.14
N VAL GA 254 60.39 64.22 75.99
CA VAL GA 254 61.20 64.64 74.84
C VAL GA 254 62.67 64.69 75.18
N GLN GA 255 63.03 64.92 76.44
CA GLN GA 255 64.43 64.88 76.85
C GLN GA 255 65.05 63.50 76.64
N VAL GA 256 64.23 62.45 76.75
CA VAL GA 256 64.78 61.12 76.43
C VAL GA 256 65.23 61.07 74.97
N GLN GA 257 64.52 61.76 74.06
CA GLN GA 257 64.97 61.83 72.67
C GLN GA 257 66.29 62.58 72.52
N VAL GA 258 66.48 63.66 73.30
CA VAL GA 258 67.75 64.37 73.27
C VAL GA 258 68.88 63.45 73.67
N VAL GA 259 68.66 62.64 74.72
CA VAL GA 259 69.69 61.68 75.14
C VAL GA 259 69.96 60.67 74.02
N GLU GA 260 68.89 60.15 73.41
CA GLU GA 260 69.05 59.21 72.29
C GLU GA 260 69.95 59.78 71.20
N ARG GA 261 69.67 61.00 70.76
CA ARG GA 261 70.46 61.56 69.67
C ARG GA 261 71.87 61.92 70.11
N ALA GA 262 72.03 62.44 71.33
CA ALA GA 262 73.34 62.79 71.85
C ALA GA 262 74.22 61.57 72.10
N GLN GA 263 73.65 60.37 72.09
CA GLN GA 263 74.49 59.17 72.07
C GLN GA 263 74.61 58.52 70.70
N GLN GA 264 73.61 58.70 69.82
CA GLN GA 264 73.80 58.29 68.44
C GLN GA 264 74.93 59.05 67.77
N VAL GA 265 75.20 60.28 68.22
CA VAL GA 265 76.35 60.99 67.68
C VAL GA 265 77.65 60.27 68.05
N ALA GA 266 77.74 59.70 69.25
CA ALA GA 266 78.92 58.92 69.61
C ALA GA 266 78.97 57.60 68.83
N VAL GA 267 77.79 57.01 68.59
CA VAL GA 267 77.74 55.84 67.72
C VAL GA 267 78.37 56.15 66.37
N GLN GA 268 78.00 57.28 65.78
CA GLN GA 268 78.58 57.67 64.50
C GLN GA 268 80.06 58.06 64.64
N GLU GA 269 80.45 58.57 65.81
CA GLU GA 269 81.86 58.87 66.04
C GLU GA 269 82.72 57.62 65.98
N GLN GA 270 82.18 56.51 66.48
CA GLN GA 270 82.89 55.24 66.29
C GLN GA 270 82.74 54.71 64.86
N GLU GA 271 81.59 54.98 64.24
CA GLU GA 271 81.33 54.49 62.89
C GLU GA 271 82.29 55.11 61.89
N ILE GA 272 82.72 56.36 62.10
CA ILE GA 272 83.62 56.98 61.14
C ILE GA 272 84.95 56.23 61.08
N ALA GA 273 85.49 55.85 62.24
CA ALA GA 273 86.75 55.10 62.25
C ALA GA 273 86.53 53.67 61.76
N ARG GA 274 85.37 53.09 62.07
CA ARG GA 274 85.07 51.76 61.53
C ARG GA 274 85.06 51.79 60.01
N ARG GA 275 84.43 52.82 59.43
CA ARG GA 275 84.43 52.99 57.99
C ARG GA 275 85.83 53.24 57.45
N GLU GA 276 86.62 54.06 58.14
CA GLU GA 276 88.03 54.20 57.79
C GLU GA 276 88.69 52.85 57.59
N LYS GA 277 88.69 52.02 58.63
CA LYS GA 277 89.39 50.74 58.58
C LYS GA 277 88.80 49.82 57.51
N GLU GA 278 87.47 49.67 57.50
CA GLU GA 278 86.84 48.73 56.58
C GLU GA 278 87.03 49.15 55.14
N LEU GA 279 86.87 50.44 54.85
CA LEU GA 279 87.06 50.95 53.49
C LEU GA 279 88.50 50.79 53.05
N GLU GA 280 89.46 51.07 53.95
CA GLU GA 280 90.85 50.83 53.60
C GLU GA 280 91.06 49.37 53.22
N ALA GA 281 90.61 48.45 54.07
CA ALA GA 281 90.81 47.03 53.81
C ALA GA 281 90.16 46.57 52.51
N ARG GA 282 88.96 47.07 52.20
CA ARG GA 282 88.22 46.58 51.05
C ARG GA 282 88.47 47.37 49.78
N VAL GA 283 89.23 48.46 49.83
CA VAL GA 283 89.48 49.24 48.61
C VAL GA 283 90.98 49.43 48.37
N ARG GA 284 91.70 49.97 49.34
CA ARG GA 284 93.07 50.40 49.10
C ARG GA 284 93.99 49.20 48.88
N LYS GA 285 93.91 48.21 49.77
CA LYS GA 285 94.74 47.01 49.61
C LYS GA 285 94.41 46.24 48.33
N PRO GA 286 93.14 45.98 47.98
CA PRO GA 286 92.88 45.36 46.68
C PRO GA 286 93.41 46.16 45.50
N ALA GA 287 93.35 47.49 45.57
CA ALA GA 287 93.92 48.31 44.51
C ALA GA 287 95.42 48.14 44.40
N GLU GA 288 96.13 48.12 45.54
CA GLU GA 288 97.57 47.88 45.51
C GLU GA 288 97.90 46.51 44.94
N ALA GA 289 97.15 45.49 45.35
CA ALA GA 289 97.39 44.14 44.85
C ALA GA 289 97.14 44.07 43.35
N GLU GA 290 96.06 44.70 42.87
CA GLU GA 290 95.78 44.70 41.44
C GLU GA 290 96.85 45.45 40.66
N ARG GA 291 97.35 46.55 41.21
CA ARG GA 291 98.43 47.27 40.55
C ARG GA 291 99.68 46.42 40.44
N TYR GA 292 100.03 45.69 41.51
CA TYR GA 292 101.19 44.81 41.45
C TYR GA 292 100.98 43.69 40.44
N LYS GA 293 99.77 43.13 40.41
CA LYS GA 293 99.48 42.08 39.44
C LYS GA 293 99.62 42.58 38.01
N LEU GA 294 99.07 43.77 37.73
CA LEU GA 294 99.19 44.35 36.41
C LEU GA 294 100.63 44.65 36.05
N GLU GA 295 101.40 45.17 37.00
CA GLU GA 295 102.82 45.42 36.77
C GLU GA 295 103.55 44.14 36.37
N ARG GA 296 103.34 43.07 37.13
CA ARG GA 296 104.07 41.83 36.85
C ARG GA 296 103.62 41.19 35.55
N LEU GA 297 102.32 41.16 35.28
CA LEU GA 297 101.85 40.58 34.02
C LEU GA 297 102.33 41.40 32.82
N ALA GA 298 102.33 42.72 32.93
CA ALA GA 298 102.86 43.55 31.85
C ALA GA 298 104.34 43.32 31.64
N GLU GA 299 105.11 43.18 32.73
CA GLU GA 299 106.53 42.89 32.58
C GLU GA 299 106.75 41.55 31.89
N ALA GA 300 105.96 40.54 32.25
CA ALA GA 300 106.06 39.26 31.58
C ALA GA 300 105.70 39.35 30.11
N GLU GA 301 104.66 40.10 29.78
CA GLU GA 301 104.26 40.25 28.38
C GLU GA 301 105.35 40.96 27.58
N LYS GA 302 105.97 41.99 28.14
CA LYS GA 302 107.07 42.65 27.47
C LYS GA 302 108.24 41.69 27.27
N SER GA 303 108.57 40.92 28.31
CA SER GA 303 109.69 39.98 28.21
C SER GA 303 109.44 38.93 27.14
N GLN GA 304 108.18 38.50 27.00
CA GLN GA 304 107.86 37.53 25.96
C GLN GA 304 107.90 38.15 24.58
N LEU GA 305 107.31 39.34 24.43
CA LEU GA 305 107.20 39.97 23.11
C LEU GA 305 108.57 40.36 22.57
N ILE GA 306 109.45 40.89 23.43
CA ILE GA 306 110.76 41.32 22.97
C ILE GA 306 111.54 40.15 22.36
N MET GA 307 111.53 39.00 23.02
CA MET GA 307 112.31 37.87 22.54
C MET GA 307 111.62 37.08 21.44
N GLN GA 308 110.29 37.08 21.40
CA GLN GA 308 109.60 36.56 20.22
C GLN GA 308 109.94 37.40 18.98
N ALA GA 309 109.98 38.72 19.16
CA ALA GA 309 110.40 39.61 18.07
C ALA GA 309 111.83 39.33 17.65
N GLU GA 310 112.72 39.14 18.63
CA GLU GA 310 114.10 38.82 18.30
C GLU GA 310 114.19 37.51 17.51
N ALA GA 311 113.41 36.50 17.91
CA ALA GA 311 113.41 35.24 17.18
C ALA GA 311 112.91 35.42 15.76
N GLU GA 312 111.84 36.20 15.58
CA GLU GA 312 111.32 36.44 14.24
C GLU GA 312 112.35 37.19 13.39
N ALA GA 313 113.02 38.17 13.97
CA ALA GA 313 114.03 38.92 13.22
C ALA GA 313 115.19 38.03 12.81
N ALA GA 314 115.64 37.16 13.71
CA ALA GA 314 116.71 36.22 13.36
C ALA GA 314 116.27 35.27 12.27
N SER GA 315 115.03 34.78 12.35
CA SER GA 315 114.49 33.92 11.31
C SER GA 315 114.50 34.60 9.95
N VAL GA 316 114.01 35.84 9.91
CA VAL GA 316 113.97 36.57 8.64
C VAL GA 316 115.38 36.79 8.11
N ARG GA 317 116.29 37.22 8.98
CA ARG GA 317 117.67 37.45 8.57
C ARG GA 317 118.29 36.20 7.97
N MET GA 318 118.20 35.08 8.67
CA MET GA 318 118.85 33.85 8.20
C MET GA 318 118.21 33.32 6.92
N ARG GA 319 116.89 33.29 6.84
CA ARG GA 319 116.24 32.80 5.63
C ARG GA 319 116.56 33.68 4.43
N GLY GA 320 116.54 35.00 4.62
CA GLY GA 320 116.87 35.89 3.53
C GLY GA 320 118.31 35.76 3.08
N GLU GA 321 119.24 35.62 4.04
CA GLU GA 321 120.64 35.43 3.67
C GLU GA 321 120.83 34.14 2.89
N ALA GA 322 120.17 33.06 3.33
CA ALA GA 322 120.28 31.79 2.61
C ALA GA 322 119.73 31.90 1.20
N GLU GA 323 118.58 32.54 1.04
CA GLU GA 323 117.99 32.61 -0.29
C GLU GA 323 118.81 33.53 -1.20
N ALA GA 324 119.40 34.59 -0.64
CA ALA GA 324 120.28 35.45 -1.42
C ALA GA 324 121.53 34.71 -1.87
N PHE GA 325 122.10 33.88 -0.99
CA PHE GA 325 123.25 33.07 -1.39
C PHE GA 325 122.87 32.10 -2.49
N ALA GA 326 121.67 31.52 -2.39
CA ALA GA 326 121.18 30.65 -3.45
C ALA GA 326 121.00 31.38 -4.78
N ILE GA 327 120.50 32.61 -4.72
CA ILE GA 327 120.38 33.43 -5.93
C ILE GA 327 121.76 33.67 -6.54
N GLY GA 328 122.74 34.00 -5.70
CA GLY GA 328 124.10 34.15 -6.20
C GLY GA 328 124.66 32.89 -6.80
N ALA GA 329 124.30 31.73 -6.23
CA ALA GA 329 124.75 30.45 -6.77
C ALA GA 329 124.21 30.23 -8.18
N ARG GA 330 122.90 30.36 -8.36
CA ARG GA 330 122.38 30.28 -9.73
C ARG GA 330 122.95 31.37 -10.63
N ALA GA 331 123.27 32.54 -10.08
CA ALA GA 331 123.84 33.60 -10.89
C ALA GA 331 125.18 33.18 -11.48
N ARG GA 332 126.08 32.69 -10.62
CA ARG GA 332 127.37 32.22 -11.10
C ARG GA 332 127.23 31.06 -12.07
N ALA GA 333 126.34 30.11 -11.76
CA ALA GA 333 126.13 28.98 -12.66
C ALA GA 333 125.62 29.44 -14.02
N GLU GA 334 124.67 30.36 -14.04
CA GLU GA 334 124.10 30.82 -15.30
C GLU GA 334 125.10 31.64 -16.10
N ALA GA 335 125.96 32.40 -15.43
CA ALA GA 335 126.98 33.16 -16.15
C ALA GA 335 127.99 32.22 -16.81
N GLU GA 336 128.52 31.27 -16.04
CA GLU GA 336 129.44 30.30 -16.63
C GLU GA 336 128.75 29.46 -17.69
N GLN GA 337 127.43 29.32 -17.58
CA GLN GA 337 126.65 28.60 -18.58
C GLN GA 337 126.55 29.37 -19.88
N MET GA 338 126.24 30.67 -19.80
CA MET GA 338 126.01 31.48 -20.99
C MET GA 338 127.31 31.82 -21.70
N ALA GA 339 128.43 31.84 -20.97
CA ALA GA 339 129.71 32.05 -21.65
C ALA GA 339 129.93 31.00 -22.73
N LYS GA 340 129.66 29.73 -22.43
CA LYS GA 340 129.83 28.70 -23.44
C LYS GA 340 128.77 28.77 -24.53
N LYS GA 341 127.55 29.22 -24.20
CA LYS GA 341 126.58 29.47 -25.26
C LYS GA 341 127.12 30.47 -26.28
N ALA GA 342 127.69 31.57 -25.80
CA ALA GA 342 128.27 32.54 -26.72
C ALA GA 342 129.43 31.94 -27.50
N GLU GA 343 130.29 31.18 -26.82
CA GLU GA 343 131.42 30.57 -27.51
C GLU GA 343 130.96 29.64 -28.62
N ALA GA 344 129.94 28.81 -28.34
CA ALA GA 344 129.41 27.91 -29.35
C ALA GA 344 128.76 28.67 -30.50
N PHE GA 345 127.96 29.69 -30.18
CA PHE GA 345 127.32 30.49 -31.22
C PHE GA 345 128.31 31.15 -32.14
N GLN GA 346 129.52 31.46 -31.65
CA GLN GA 346 130.51 32.10 -32.50
C GLN GA 346 130.82 31.28 -33.75
N LEU GA 347 130.77 29.96 -33.64
CA LEU GA 347 131.08 29.07 -34.77
C LEU GA 347 129.83 28.66 -35.53
N TYR GA 348 129.03 29.63 -35.97
CA TYR GA 348 127.83 29.38 -36.75
C TYR GA 348 127.97 30.04 -38.12
N GLN GA 349 127.79 29.26 -39.17
CA GLN GA 349 127.81 29.73 -40.54
C GLN GA 349 126.38 29.96 -41.02
N GLU GA 350 126.24 30.20 -42.34
CA GLU GA 350 124.92 30.45 -42.90
C GLU GA 350 123.99 29.26 -42.79
N ALA GA 351 124.52 28.03 -42.84
CA ALA GA 351 123.69 26.85 -42.70
C ALA GA 351 123.02 26.80 -41.34
N ALA GA 352 123.76 27.12 -40.28
CA ALA GA 352 123.21 27.08 -38.94
C ALA GA 352 122.16 28.17 -38.73
N GLN GA 353 122.40 29.37 -39.24
CA GLN GA 353 121.40 30.43 -39.14
C GLN GA 353 120.15 30.08 -39.93
N LEU GA 354 120.32 29.46 -41.10
CA LEU GA 354 119.17 28.98 -41.86
C LEU GA 354 118.39 27.93 -41.09
N ASP GA 355 119.09 27.02 -40.41
CA ASP GA 355 118.42 26.02 -39.61
C ASP GA 355 117.64 26.66 -38.47
N MET GA 356 118.22 27.65 -37.81
CA MET GA 356 117.52 28.33 -36.72
C MET GA 356 116.28 29.06 -37.24
N LEU GA 357 116.42 29.75 -38.37
CA LEU GA 357 115.28 30.46 -38.93
C LEU GA 357 114.15 29.51 -39.32
N LEU GA 358 114.50 28.39 -39.95
CA LEU GA 358 113.49 27.44 -40.36
C LEU GA 358 112.95 26.59 -39.21
N GLU GA 359 113.64 26.57 -38.07
CA GLU GA 359 113.07 25.96 -36.88
C GLU GA 359 112.15 26.91 -36.14
N LYS GA 360 112.39 28.22 -36.24
CA LYS GA 360 111.56 29.20 -35.55
C LYS GA 360 110.34 29.63 -36.36
N LEU GA 361 110.39 29.55 -37.69
CA LEU GA 361 109.25 29.96 -38.50
C LEU GA 361 107.98 29.18 -38.16
N PRO GA 362 107.99 27.84 -38.04
CA PRO GA 362 106.74 27.14 -37.70
C PRO GA 362 106.14 27.57 -36.38
N GLN GA 363 106.96 27.92 -35.39
CA GLN GA 363 106.40 28.33 -34.10
C GLN GA 363 105.68 29.67 -34.21
N VAL GA 364 106.26 30.62 -34.95
CA VAL GA 364 105.60 31.90 -35.18
C VAL GA 364 104.32 31.69 -35.97
N ALA GA 365 104.37 30.80 -36.97
CA ALA GA 365 103.16 30.49 -37.74
C ALA GA 365 102.07 29.92 -36.85
N GLU GA 366 102.43 29.01 -35.93
CA GLU GA 366 101.45 28.50 -34.97
C GLU GA 366 100.88 29.62 -34.10
N GLU GA 367 101.75 30.47 -33.56
CA GLU GA 367 101.26 31.52 -32.68
C GLU GA 367 100.41 32.55 -33.41
N ILE GA 368 100.52 32.66 -34.72
CA ILE GA 368 99.72 33.65 -35.45
C ILE GA 368 98.47 33.01 -36.03
N SER GA 369 98.50 31.69 -36.24
CA SER GA 369 97.36 31.00 -36.84
C SER GA 369 96.52 30.24 -35.83
N GLY GA 370 96.92 30.22 -34.56
CA GLY GA 370 96.11 29.61 -33.53
C GLY GA 370 94.86 30.40 -33.21
N PRO GA 371 95.04 31.68 -32.87
CA PRO GA 371 93.85 32.53 -32.66
C PRO GA 371 92.98 32.68 -33.89
N LEU GA 372 93.56 32.68 -35.09
CA LEU GA 372 92.77 32.88 -36.30
C LEU GA 372 91.84 31.71 -36.57
N THR GA 373 92.27 30.48 -36.27
CA THR GA 373 91.45 29.31 -36.53
C THR GA 373 90.35 29.12 -35.50
N SER GA 374 90.09 30.12 -34.66
CA SER GA 374 88.96 30.07 -33.74
C SER GA 374 87.68 30.63 -34.35
N ALA GA 375 87.74 31.13 -35.59
CA ALA GA 375 86.55 31.63 -36.25
C ALA GA 375 85.55 30.49 -36.49
N ASN GA 376 84.26 30.79 -36.28
CA ASN GA 376 83.24 29.77 -36.41
C ASN GA 376 83.05 29.36 -37.87
N LYS GA 377 82.91 30.34 -38.77
CA LYS GA 377 82.74 30.06 -40.18
C LYS GA 377 83.42 31.13 -41.00
N ILE GA 378 83.87 30.75 -42.19
CA ILE GA 378 84.51 31.65 -43.14
C ILE GA 378 83.85 31.45 -44.50
N THR GA 379 83.38 32.53 -45.11
CA THR GA 379 82.69 32.49 -46.38
C THR GA 379 83.56 33.14 -47.44
N LEU GA 380 83.77 32.44 -48.55
CA LEU GA 380 84.61 32.89 -49.65
C LEU GA 380 83.76 33.07 -50.89
N VAL GA 381 83.89 34.22 -51.55
CA VAL GA 381 83.11 34.55 -52.73
C VAL GA 381 84.02 35.18 -53.76
N SER GA 382 83.89 34.75 -55.01
CA SER GA 382 84.69 35.28 -56.11
C SER GA 382 83.78 35.82 -57.20
N SER GA 383 84.37 36.64 -58.07
CA SER GA 383 83.64 37.24 -59.18
C SER GA 383 84.63 37.75 -60.21
N GLY GA 384 84.28 37.63 -61.48
CA GLY GA 384 85.18 38.09 -62.51
C GLY GA 384 86.43 37.22 -62.56
N SER GA 385 87.54 37.85 -62.95
CA SER GA 385 88.82 37.17 -63.07
C SER GA 385 89.56 37.09 -61.74
N GLY GA 386 88.86 37.31 -60.63
CA GLY GA 386 89.48 37.30 -59.33
C GLY GA 386 89.65 35.89 -58.78
N THR GA 387 90.28 35.83 -57.61
CA THR GA 387 90.53 34.59 -56.90
C THR GA 387 89.36 34.24 -55.99
N MET GA 388 89.35 33.00 -55.50
CA MET GA 388 88.28 32.52 -54.63
C MET GA 388 88.37 33.11 -53.23
N GLY GA 389 89.58 33.23 -52.66
CA GLY GA 389 89.75 33.84 -51.36
C GLY GA 389 90.64 33.08 -50.39
N ALA GA 390 90.98 31.83 -50.68
CA ALA GA 390 91.88 31.09 -49.78
C ALA GA 390 93.27 31.71 -49.80
N ALA GA 391 93.72 32.14 -50.98
CA ALA GA 391 94.97 32.87 -51.07
C ALA GA 391 94.93 34.14 -50.23
N LYS GA 392 93.77 34.76 -50.07
CA LYS GA 392 93.68 35.94 -49.22
C LYS GA 392 94.00 35.60 -47.76
N VAL GA 393 93.44 34.50 -47.25
CA VAL GA 393 93.70 34.13 -45.86
C VAL GA 393 95.16 33.73 -45.68
N THR GA 394 95.69 32.91 -46.59
CA THR GA 394 97.09 32.53 -46.49
C THR GA 394 98.01 33.74 -46.59
N GLY GA 395 97.67 34.68 -47.48
CA GLY GA 395 98.46 35.89 -47.60
C GLY GA 395 98.38 36.77 -46.37
N GLU GA 396 97.22 36.82 -45.73
CA GLU GA 396 97.12 37.58 -44.47
C GLU GA 396 98.03 36.98 -43.41
N VAL GA 397 97.98 35.67 -43.25
CA VAL GA 397 98.83 35.02 -42.25
C VAL GA 397 100.31 35.23 -42.57
N LEU GA 398 100.68 35.02 -43.84
CA LEU GA 398 102.08 35.17 -44.23
C LEU GA 398 102.54 36.62 -44.12
N ASP GA 399 101.67 37.57 -44.45
CA ASP GA 399 102.02 38.98 -44.35
C ASP GA 399 102.24 39.38 -42.89
N ILE GA 400 101.41 38.90 -41.97
CA ILE GA 400 101.68 39.17 -40.57
C ILE GA 400 102.99 38.53 -40.14
N LEU GA 401 103.23 37.28 -40.55
CA LEU GA 401 104.44 36.58 -40.16
C LEU GA 401 105.69 37.24 -40.72
N THR GA 402 105.57 37.94 -41.85
CA THR GA 402 106.73 38.59 -42.45
C THR GA 402 106.88 40.04 -42.02
N ARG GA 403 105.80 40.67 -41.58
CA ARG GA 403 105.89 42.05 -41.10
C ARG GA 403 106.27 42.11 -39.63
N LEU GA 404 106.02 41.05 -38.87
CA LEU GA 404 106.45 41.03 -37.48
C LEU GA 404 107.96 41.18 -37.32
N PRO GA 405 108.81 40.46 -38.08
CA PRO GA 405 110.25 40.70 -37.95
C PRO GA 405 110.65 42.12 -38.30
N GLU GA 406 109.97 42.77 -39.24
CA GLU GA 406 110.32 44.16 -39.57
C GLU GA 406 109.88 45.11 -38.45
N SER GA 407 108.73 44.83 -37.83
CA SER GA 407 108.31 45.66 -36.71
C SER GA 407 109.30 45.53 -35.55
N VAL GA 408 109.78 44.31 -35.29
CA VAL GA 408 110.82 44.13 -34.27
C VAL GA 408 112.12 44.77 -34.71
N GLU GA 409 112.41 44.74 -36.01
CA GLU GA 409 113.56 45.43 -36.57
C GLU GA 409 113.55 46.91 -36.23
N ARG GA 410 112.36 47.53 -36.31
CA ARG GA 410 112.25 48.96 -36.08
C ARG GA 410 112.74 49.34 -34.69
N LEU GA 411 112.56 48.47 -33.71
CA LEU GA 411 113.02 48.78 -32.35
C LEU GA 411 114.44 48.26 -32.11
N THR GA 412 114.67 46.97 -32.34
CA THR GA 412 115.96 46.38 -31.99
C THR GA 412 117.08 46.92 -32.86
N GLY GA 413 116.87 46.92 -34.17
CA GLY GA 413 117.90 47.35 -35.09
C GLY GA 413 118.90 46.28 -35.49
N VAL GA 414 118.60 45.01 -35.24
CA VAL GA 414 119.49 43.91 -35.59
C VAL GA 414 118.78 43.00 -36.57
N SER GA 415 119.47 42.64 -37.65
CA SER GA 415 118.86 41.91 -38.75
C SER GA 415 118.43 40.52 -38.31
N ILE GA 416 117.40 40.00 -39.00
CA ILE GA 416 116.89 38.68 -38.72
C ILE GA 416 117.09 37.71 -39.87
N SER GA 417 117.22 38.21 -41.10
CA SER GA 417 117.46 37.38 -42.27
C SER GA 417 118.84 37.68 -42.83
N GLN GA 418 119.58 36.62 -43.17
CA GLN GA 418 120.93 36.80 -43.66
C GLN GA 418 120.95 37.31 -45.09
N VAL GA 419 119.91 37.03 -45.87
CA VAL GA 419 119.83 37.49 -47.25
C VAL GA 419 118.50 38.17 -47.50
N MET HA 1 -99.79 48.29 128.29
CA MET HA 1 -99.63 47.31 129.36
C MET HA 1 -98.65 47.84 130.38
N GLY HA 2 -97.49 48.30 129.92
CA GLY HA 2 -96.47 48.85 130.79
C GLY HA 2 -96.94 50.04 131.59
N ASN HA 3 -96.61 50.05 132.88
CA ASN HA 3 -97.08 51.09 133.79
C ASN HA 3 -95.91 51.65 134.58
N CYS HA 4 -95.97 52.95 134.89
CA CYS HA 4 -95.04 53.62 135.80
C CYS HA 4 -93.60 53.48 135.31
N HIS HA 5 -93.33 54.11 134.17
CA HIS HA 5 -92.01 54.12 133.57
C HIS HA 5 -91.27 55.43 133.86
N THR HA 6 -89.95 55.31 134.04
CA THR HA 6 -89.07 56.44 134.26
C THR HA 6 -87.86 56.30 133.35
N VAL HA 7 -87.27 57.43 132.99
CA VAL HA 7 -86.15 57.47 132.06
C VAL HA 7 -85.03 58.29 132.69
N GLY HA 8 -83.80 57.99 132.27
CA GLY HA 8 -82.63 58.69 132.76
C GLY HA 8 -82.52 60.08 132.18
N PRO HA 9 -81.58 60.87 132.72
CA PRO HA 9 -81.44 62.27 132.25
C PRO HA 9 -80.99 62.40 130.81
N ASN HA 10 -80.44 61.34 130.21
CA ASN HA 10 -79.99 61.44 128.82
C ASN HA 10 -81.14 61.53 127.83
N GLU HA 11 -82.28 60.91 128.14
CA GLU HA 11 -83.41 60.89 127.23
C GLU HA 11 -84.64 61.48 127.90
N ALA HA 12 -85.48 62.11 127.10
CA ALA HA 12 -86.70 62.76 127.57
C ALA HA 12 -87.88 61.86 127.29
N LEU HA 13 -88.67 61.57 128.31
CA LEU HA 13 -89.88 60.78 128.15
C LEU HA 13 -91.04 61.67 127.77
N VAL HA 14 -91.76 61.30 126.71
CA VAL HA 14 -92.90 62.07 126.23
C VAL HA 14 -94.14 61.19 126.33
N VAL HA 15 -95.20 61.74 126.93
CA VAL HA 15 -96.48 61.06 127.03
C VAL HA 15 -97.57 62.07 126.70
N SER HA 16 -98.62 61.59 126.04
CA SER HA 16 -99.76 62.43 125.70
C SER HA 16 -101.02 61.58 125.68
N GLY HA 17 -102.07 62.07 126.33
CA GLY HA 17 -103.33 61.36 126.38
C GLY HA 17 -104.44 62.17 127.01
N GLY HA 18 -105.63 62.12 126.41
CA GLY HA 18 -106.77 62.88 126.91
C GLY HA 18 -107.59 62.13 127.93
N CYS HA 19 -107.35 62.40 129.21
CA CYS HA 19 -108.04 61.67 130.27
C CYS HA 19 -109.56 61.86 130.18
N CYS HA 20 -110.00 63.09 129.93
CA CYS HA 20 -111.40 63.39 129.68
C CYS HA 20 -111.63 63.92 128.27
N GLY HA 21 -110.70 63.63 127.36
CA GLY HA 21 -110.76 64.16 126.01
C GLY HA 21 -110.02 65.46 125.80
N SER HA 22 -109.58 66.12 126.86
CA SER HA 22 -108.81 67.34 126.75
C SER HA 22 -107.34 67.03 126.51
N ASP HA 23 -106.67 67.92 125.79
CA ASP HA 23 -105.29 67.71 125.37
C ASP HA 23 -104.37 67.90 126.56
N TYR HA 24 -103.82 66.79 127.07
CA TYR HA 24 -102.85 66.81 128.16
C TYR HA 24 -101.59 66.07 127.69
N LYS HA 25 -100.58 66.83 127.32
CA LYS HA 25 -99.29 66.28 126.91
C LYS HA 25 -98.25 66.59 127.96
N GLN HA 26 -97.54 65.57 128.42
CA GLN HA 26 -96.49 65.72 129.41
C GLN HA 26 -95.16 65.28 128.82
N TYR HA 27 -94.18 66.17 128.83
CA TYR HA 27 -92.83 65.88 128.37
C TYR HA 27 -91.86 66.15 129.52
N VAL HA 28 -91.22 65.09 130.00
CA VAL HA 28 -90.32 65.19 131.14
C VAL HA 28 -89.04 64.44 130.82
N PHE HA 29 -87.90 65.08 131.09
CA PHE HA 29 -86.60 64.49 130.85
C PHE HA 29 -86.00 64.04 132.18
N GLY HA 30 -85.61 62.76 132.25
CA GLY HA 30 -84.98 62.25 133.45
C GLY HA 30 -85.82 62.36 134.71
N GLY HA 31 -87.11 62.09 134.62
CA GLY HA 31 -87.99 62.22 135.77
C GLY HA 31 -88.89 61.03 136.01
N TRP HA 32 -90.13 61.30 136.42
CA TRP HA 32 -91.08 60.26 136.75
C TRP HA 32 -92.36 60.46 135.93
N ALA HA 33 -93.00 59.33 135.60
CA ALA HA 33 -94.26 59.36 134.88
C ALA HA 33 -94.94 58.01 135.04
N TRP HA 34 -96.25 58.00 134.74
CA TRP HA 34 -97.01 56.76 134.70
C TRP HA 34 -97.94 56.77 133.49
N ALA HA 35 -98.12 55.60 132.89
CA ALA HA 35 -99.01 55.43 131.76
C ALA HA 35 -99.67 54.06 131.84
N TRP HA 36 -100.97 54.00 131.56
CA TRP HA 36 -101.73 52.78 131.68
C TRP HA 36 -101.77 52.05 130.34
N TRP HA 37 -102.68 51.07 130.22
CA TRP HA 37 -102.76 50.25 129.02
C TRP HA 37 -102.96 51.11 127.77
N CYS HA 38 -103.95 52.02 127.79
CA CYS HA 38 -104.17 52.91 126.67
C CYS HA 38 -104.51 54.34 127.09
N ILE HA 39 -103.88 54.87 128.14
CA ILE HA 39 -104.17 56.26 128.51
C ILE HA 39 -103.33 57.23 127.70
N SER HA 40 -102.10 56.86 127.35
CA SER HA 40 -101.20 57.77 126.66
C SER HA 40 -100.22 56.95 125.82
N ASP HA 41 -99.15 57.59 125.36
CA ASP HA 41 -98.11 56.94 124.57
C ASP HA 41 -96.78 57.08 125.28
N THR HA 42 -96.01 55.99 125.29
CA THR HA 42 -94.71 55.95 125.96
C THR HA 42 -93.61 56.00 124.89
N GLN HA 43 -92.99 57.17 124.75
CA GLN HA 43 -91.89 57.33 123.82
C GLN HA 43 -90.80 58.16 124.48
N ARG HA 44 -89.57 57.98 123.97
CA ARG HA 44 -88.41 58.69 124.49
C ARG HA 44 -87.68 59.38 123.34
N ILE HA 45 -87.03 60.49 123.66
CA ILE HA 45 -86.25 61.25 122.70
C ILE HA 45 -84.80 61.23 123.16
N SER HA 46 -83.90 60.73 122.32
CA SER HA 46 -82.48 60.69 122.66
C SER HA 46 -81.88 62.08 122.55
N LEU HA 47 -81.56 62.69 123.69
CA LEU HA 47 -81.01 64.03 123.73
C LEU HA 47 -79.48 64.05 123.63
N GLU HA 48 -78.89 63.00 123.09
CA GLU HA 48 -77.45 62.93 122.93
C GLU HA 48 -76.98 63.86 121.82
N ILE HA 49 -75.70 64.23 121.87
CA ILE HA 49 -75.13 65.06 120.83
C ILE HA 49 -75.09 64.29 119.52
N MET HA 50 -75.45 64.96 118.43
CA MET HA 50 -75.38 64.40 117.10
C MET HA 50 -74.12 64.93 116.42
N THR HA 51 -73.34 64.02 115.83
CA THR HA 51 -72.12 64.41 115.14
C THR HA 51 -72.46 65.03 113.79
N LEU HA 52 -71.74 66.09 113.43
CA LEU HA 52 -71.92 66.78 112.16
C LEU HA 52 -70.60 66.85 111.41
N GLN HA 53 -70.65 66.56 110.11
CA GLN HA 53 -69.51 66.70 109.21
C GLN HA 53 -69.94 67.50 107.99
N PRO HA 54 -70.26 68.78 108.15
CA PRO HA 54 -70.62 69.59 106.97
C PRO HA 54 -69.43 69.76 106.04
N ARG HA 55 -69.60 69.29 104.81
CA ARG HA 55 -68.56 69.36 103.78
C ARG HA 55 -69.17 69.92 102.50
N CYS HA 56 -68.86 71.17 102.20
CA CYS HA 56 -69.35 71.85 101.00
C CYS HA 56 -68.29 71.77 99.92
N GLU HA 57 -68.70 71.37 98.72
CA GLU HA 57 -67.80 71.18 97.59
C GLU HA 57 -68.05 72.25 96.54
N ASP HA 58 -66.98 72.91 96.10
CA ASP HA 58 -67.04 73.92 95.04
C ASP HA 58 -67.96 75.07 95.43
N VAL HA 59 -67.67 75.68 96.57
CA VAL HA 59 -68.42 76.83 97.07
C VAL HA 59 -67.52 78.05 97.04
N GLU HA 60 -68.11 79.20 96.73
CA GLU HA 60 -67.35 80.42 96.47
C GLU HA 60 -67.79 81.55 97.39
N THR HA 61 -66.82 82.38 97.76
CA THR HA 61 -67.06 83.50 98.68
C THR HA 61 -67.49 84.73 97.89
N ALA HA 62 -67.47 85.89 98.54
CA ALA HA 62 -67.92 87.12 97.90
C ALA HA 62 -67.07 87.46 96.68
N GLU HA 63 -65.75 87.35 96.82
CA GLU HA 63 -64.87 87.61 95.68
C GLU HA 63 -64.89 86.48 94.66
N GLY HA 64 -65.45 85.33 95.02
CA GLY HA 64 -65.67 84.25 94.08
C GLY HA 64 -64.65 83.14 94.08
N VAL HA 65 -63.62 83.22 94.93
CA VAL HA 65 -62.62 82.16 94.96
C VAL HA 65 -63.26 80.86 95.43
N ALA HA 66 -63.10 79.81 94.64
CA ALA HA 66 -63.75 78.53 94.94
C ALA HA 66 -62.98 77.80 96.04
N LEU HA 67 -63.71 77.29 97.02
CA LEU HA 67 -63.14 76.52 98.12
C LEU HA 67 -64.00 75.30 98.38
N THR HA 68 -63.38 74.27 98.96
CA THR HA 68 -64.07 73.07 99.39
C THR HA 68 -63.90 72.99 100.90
N VAL HA 69 -64.80 73.65 101.63
CA VAL HA 69 -64.67 73.86 103.06
C VAL HA 69 -65.45 72.78 103.80
N THR HA 70 -64.78 72.10 104.73
CA THR HA 70 -65.41 71.10 105.58
C THR HA 70 -65.50 71.67 107.00
N GLY HA 71 -66.63 71.42 107.67
CA GLY HA 71 -66.90 71.98 108.97
C GLY HA 71 -67.24 70.91 110.01
N VAL HA 72 -67.34 71.37 111.25
CA VAL HA 72 -67.84 70.56 112.37
C VAL HA 72 -68.75 71.43 113.22
N ALA HA 73 -69.91 70.90 113.59
CA ALA HA 73 -70.86 71.60 114.42
C ALA HA 73 -71.39 70.67 115.51
N GLN HA 74 -71.64 71.24 116.68
CA GLN HA 74 -72.16 70.51 117.81
C GLN HA 74 -73.65 70.82 117.98
N VAL HA 75 -74.49 69.78 117.87
CA VAL HA 75 -75.93 69.94 117.88
C VAL HA 75 -76.54 68.97 118.87
N LYS HA 76 -77.54 69.44 119.61
CA LYS HA 76 -78.23 68.65 120.60
C LYS HA 76 -79.64 69.18 120.75
N ILE HA 77 -80.60 68.28 120.97
CA ILE HA 77 -81.98 68.70 121.22
C ILE HA 77 -82.05 69.42 122.56
N MET HA 78 -82.73 70.56 122.57
CA MET HA 78 -82.75 71.42 123.75
C MET HA 78 -83.70 70.85 124.80
N THR HA 79 -83.76 71.51 125.97
CA THR HA 79 -84.56 71.07 127.10
C THR HA 79 -85.42 72.20 127.65
N GLU HA 80 -85.77 73.17 126.81
CA GLU HA 80 -86.63 74.28 127.22
C GLU HA 80 -88.05 73.77 127.47
N LYS HA 81 -88.95 74.70 127.81
CA LYS HA 81 -90.33 74.34 128.14
C LYS HA 81 -91.23 74.38 126.91
N GLU HA 82 -91.37 75.55 126.28
CA GLU HA 82 -92.25 75.67 125.13
C GLU HA 82 -91.62 75.12 123.86
N LEU HA 83 -90.28 75.16 123.75
CA LEU HA 83 -89.64 74.61 122.57
C LEU HA 83 -89.72 73.09 122.52
N LEU HA 84 -89.80 72.43 123.69
CA LEU HA 84 -89.93 70.98 123.69
C LEU HA 84 -91.32 70.53 123.29
N ALA HA 85 -92.32 71.40 123.38
CA ALA HA 85 -93.60 71.08 122.73
C ALA HA 85 -93.40 70.90 121.24
N VAL HA 86 -92.66 71.82 120.61
CA VAL HA 86 -92.35 71.70 119.19
C VAL HA 86 -91.49 70.47 118.93
N ALA HA 87 -90.52 70.23 119.81
CA ALA HA 87 -89.63 69.09 119.63
C ALA HA 87 -90.39 67.77 119.66
N CYS HA 88 -91.35 67.64 120.58
CA CYS HA 88 -92.13 66.42 120.69
C CYS HA 88 -93.15 66.30 119.56
N GLU HA 89 -93.77 67.42 119.17
CA GLU HA 89 -94.72 67.37 118.05
C GLU HA 89 -94.02 67.33 116.70
N GLN HA 90 -92.70 67.38 116.67
CA GLN HA 90 -91.97 67.64 115.43
C GLN HA 90 -91.41 66.38 114.77
N PHE HA 91 -90.57 65.63 115.47
CA PHE HA 91 -89.68 64.72 114.75
C PHE HA 91 -89.90 63.25 115.07
N LEU HA 92 -89.82 62.86 116.35
CA LEU HA 92 -89.84 61.45 116.72
C LEU HA 92 -91.11 60.76 116.19
N GLY HA 93 -91.03 59.44 115.98
CA GLY HA 93 -89.90 58.61 116.35
C GLY HA 93 -88.93 58.20 115.24
N LYS HA 94 -88.61 59.13 114.36
CA LYS HA 94 -87.58 58.87 113.37
C LYS HA 94 -86.22 58.73 114.06
N ASN HA 95 -85.39 57.81 113.55
CA ASN HA 95 -84.21 57.37 114.27
C ASN HA 95 -83.07 58.40 114.15
N VAL HA 96 -81.96 58.08 114.81
CA VAL HA 96 -80.84 59.02 114.93
C VAL HA 96 -80.26 59.37 113.56
N GLN HA 97 -80.23 58.41 112.64
CA GLN HA 97 -79.76 58.72 111.29
C GLN HA 97 -80.63 59.80 110.66
N ASP HA 98 -81.91 59.82 111.00
CA ASP HA 98 -82.79 60.85 110.44
C ASP HA 98 -82.47 62.23 111.01
N ILE HA 99 -82.22 62.33 112.33
CA ILE HA 99 -81.78 63.60 112.89
C ILE HA 99 -80.52 64.06 112.18
N LYS HA 100 -79.52 63.17 112.10
CA LYS HA 100 -78.22 63.59 111.59
C LYS HA 100 -78.30 63.99 110.13
N ASN HA 101 -79.08 63.27 109.31
CA ASN HA 101 -79.22 63.63 107.91
C ASN HA 101 -79.93 64.96 107.74
N VAL HA 102 -81.06 65.15 108.45
CA VAL HA 102 -81.80 66.40 108.29
C VAL HA 102 -80.94 67.58 108.71
N VAL HA 103 -80.30 67.47 109.88
CA VAL HA 103 -79.48 68.58 110.36
C VAL HA 103 -78.28 68.78 109.46
N LEU HA 104 -77.77 67.69 108.87
CA LEU HA 104 -76.63 67.80 107.97
C LEU HA 104 -76.97 68.63 106.74
N GLN HA 105 -78.08 68.31 106.07
CA GLN HA 105 -78.43 69.10 104.90
C GLN HA 105 -78.76 70.55 105.26
N THR HA 106 -79.53 70.77 106.33
CA THR HA 106 -79.91 72.15 106.62
C THR HA 106 -78.71 73.00 107.02
N LEU HA 107 -77.83 72.46 107.87
CA LEU HA 107 -76.63 73.21 108.23
C LEU HA 107 -75.64 73.27 107.06
N GLU HA 108 -75.70 72.32 106.13
CA GLU HA 108 -74.90 72.44 104.93
C GLU HA 108 -75.30 73.67 104.14
N GLY HA 109 -76.60 73.82 103.89
CA GLY HA 109 -77.09 75.01 103.22
C GLY HA 109 -76.73 76.28 103.97
N HIS HA 110 -76.96 76.29 105.28
CA HIS HA 110 -76.70 77.49 106.07
C HIS HA 110 -75.22 77.84 106.06
N LEU HA 111 -74.35 76.83 106.20
CA LEU HA 111 -72.91 77.08 106.22
C LEU HA 111 -72.42 77.59 104.88
N ARG HA 112 -72.88 76.99 103.78
CA ARG HA 112 -72.50 77.51 102.47
C ARG HA 112 -72.98 78.94 102.29
N SER HA 113 -74.20 79.23 102.74
CA SER HA 113 -74.75 80.57 102.61
C SER HA 113 -73.89 81.60 103.35
N ILE HA 114 -73.58 81.32 104.62
CA ILE HA 114 -72.79 82.28 105.38
C ILE HA 114 -71.37 82.35 104.84
N LEU HA 115 -70.83 81.24 104.36
CA LEU HA 115 -69.50 81.26 103.74
C LEU HA 115 -69.49 82.19 102.54
N GLY HA 116 -70.54 82.16 101.74
CA GLY HA 116 -70.67 83.13 100.68
C GLY HA 116 -70.84 84.54 101.21
N THR HA 117 -71.42 84.67 102.39
CA THR HA 117 -71.67 86.00 102.96
C THR HA 117 -70.38 86.77 103.21
N LEU HA 118 -69.36 86.10 103.78
CA LEU HA 118 -68.11 86.77 104.08
C LEU HA 118 -67.06 86.43 103.02
N THR HA 119 -65.96 87.18 103.06
CA THR HA 119 -64.90 87.00 102.08
C THR HA 119 -63.88 85.98 102.59
N VAL HA 120 -63.00 85.56 101.67
CA VAL HA 120 -61.97 84.58 101.99
C VAL HA 120 -60.91 85.15 102.92
N GLU HA 121 -60.63 86.45 102.84
CA GLU HA 121 -59.69 87.05 103.78
C GLU HA 121 -60.18 86.94 105.22
N GLN HA 122 -61.49 87.11 105.41
CA GLN HA 122 -62.06 86.95 106.75
C GLN HA 122 -62.00 85.51 107.23
N ILE HA 123 -62.32 84.53 106.37
CA ILE HA 123 -62.22 83.14 106.79
C ILE HA 123 -60.76 82.77 107.00
N TYR HA 124 -59.84 83.56 106.44
CA TYR HA 124 -58.42 83.34 106.67
C TYR HA 124 -58.01 83.85 108.04
N GLN HA 125 -58.21 85.15 108.29
CA GLN HA 125 -57.72 85.79 109.50
C GLN HA 125 -58.63 85.53 110.70
N ASP HA 126 -59.87 86.01 110.63
CA ASP HA 126 -60.79 85.99 111.77
C ASP HA 126 -61.93 85.03 111.46
N ARG HA 127 -61.71 83.76 111.77
CA ARG HA 127 -62.75 82.75 111.63
C ARG HA 127 -63.39 82.34 112.94
N ASP HA 128 -62.83 82.76 114.08
CA ASP HA 128 -63.59 82.66 115.32
C ASP HA 128 -64.79 83.58 115.29
N GLN HA 129 -64.61 84.81 114.79
CA GLN HA 129 -65.74 85.69 114.56
C GLN HA 129 -66.65 85.15 113.48
N PHE HA 130 -66.10 84.39 112.52
CA PHE HA 130 -66.94 83.72 111.54
C PHE HA 130 -67.89 82.74 112.22
N ALA HA 131 -67.37 81.94 113.17
CA ALA HA 131 -68.23 81.03 113.91
C ALA HA 131 -69.21 81.78 114.81
N LYS HA 132 -68.78 82.91 115.37
CA LYS HA 132 -69.68 83.71 116.20
C LYS HA 132 -70.84 84.25 115.39
N LEU HA 133 -70.58 84.66 114.14
CA LEU HA 133 -71.65 85.07 113.25
C LEU HA 133 -72.49 83.88 112.76
N VAL HA 134 -71.86 82.71 112.61
CA VAL HA 134 -72.62 81.51 112.27
C VAL HA 134 -73.65 81.22 113.35
N ARG HA 135 -73.24 81.36 114.62
CA ARG HA 135 -74.21 81.25 115.71
C ARG HA 135 -75.32 82.28 115.57
N GLU HA 136 -74.96 83.55 115.39
CA GLU HA 136 -75.93 84.62 115.30
C GLU HA 136 -76.95 84.40 114.18
N VAL HA 137 -76.54 83.80 113.06
CA VAL HA 137 -77.47 83.58 111.95
C VAL HA 137 -78.15 82.23 112.00
N ALA HA 138 -77.60 81.22 112.69
CA ALA HA 138 -78.14 79.87 112.64
C ALA HA 138 -79.04 79.57 113.83
N ALA HA 139 -78.80 80.22 114.97
CA ALA HA 139 -79.71 80.09 116.11
C ALA HA 139 -81.16 80.44 115.76
N PRO HA 140 -81.47 81.51 115.03
CA PRO HA 140 -82.88 81.81 114.73
C PRO HA 140 -83.61 80.73 113.95
N ASP HA 141 -82.92 79.94 113.12
CA ASP HA 141 -83.59 78.95 112.29
C ASP HA 141 -83.36 77.51 112.74
N VAL HA 142 -82.12 77.15 113.09
CA VAL HA 142 -81.86 75.79 113.57
C VAL HA 142 -82.56 75.54 114.90
N GLY HA 143 -82.83 76.58 115.67
CA GLY HA 143 -83.57 76.41 116.91
C GLY HA 143 -85.06 76.24 116.72
N ARG HA 144 -85.57 76.50 115.51
CA ARG HA 144 -87.00 76.38 115.26
C ARG HA 144 -87.45 74.93 115.40
N MET HA 145 -86.66 73.98 114.91
CA MET HA 145 -86.96 72.57 115.05
C MET HA 145 -86.39 71.97 116.34
N GLY HA 146 -86.05 72.81 117.31
CA GLY HA 146 -85.63 72.35 118.61
C GLY HA 146 -84.19 71.88 118.73
N ILE HA 147 -83.37 72.12 117.70
CA ILE HA 147 -81.98 71.67 117.71
C ILE HA 147 -81.09 72.84 118.13
N GLU HA 148 -80.31 72.63 119.18
CA GLU HA 148 -79.39 73.65 119.67
C GLU HA 148 -78.04 73.51 118.96
N ILE HA 149 -77.27 74.59 118.99
CA ILE HA 149 -75.94 74.60 118.39
C ILE HA 149 -74.90 74.85 119.48
N LEU HA 150 -74.34 73.77 120.03
CA LEU HA 150 -73.39 73.91 121.13
C LEU HA 150 -72.10 74.56 120.65
N SER HA 151 -71.62 74.18 119.47
CA SER HA 151 -70.39 74.73 118.93
C SER HA 151 -70.44 74.66 117.40
N PHE HA 152 -69.61 75.48 116.77
CA PHE HA 152 -69.54 75.54 115.31
C PHE HA 152 -68.15 76.03 114.89
N THR HA 153 -67.59 75.36 113.88
CA THR HA 153 -66.38 75.81 113.21
C THR HA 153 -66.19 74.96 111.96
N ILE HA 154 -65.10 75.22 111.25
CA ILE HA 154 -64.81 74.55 109.99
C ILE HA 154 -63.61 73.63 110.18
N LYS HA 155 -63.70 72.42 109.63
CA LYS HA 155 -62.68 71.40 109.87
C LYS HA 155 -61.43 71.68 109.03
N ASP HA 156 -61.58 71.72 107.70
CA ASP HA 156 -60.44 71.94 106.83
C ASP HA 156 -60.90 72.70 105.59
N VAL HA 157 -59.97 73.40 104.96
CA VAL HA 157 -60.23 74.19 103.76
C VAL HA 157 -59.28 73.73 102.68
N TYR HA 158 -59.81 73.46 101.49
CA TYR HA 158 -59.00 73.02 100.36
C TYR HA 158 -59.39 73.82 99.12
N ASP HA 159 -58.41 74.11 98.28
CA ASP HA 159 -58.61 74.91 97.09
C ASP HA 159 -57.98 74.23 95.88
N LYS HA 160 -58.61 74.39 94.72
CA LYS HA 160 -58.08 73.91 93.46
C LYS HA 160 -57.31 74.99 92.70
N VAL HA 161 -57.57 76.25 92.98
CA VAL HA 161 -56.85 77.37 92.37
C VAL HA 161 -55.80 77.93 93.32
N ASP HA 162 -55.31 77.11 94.25
CA ASP HA 162 -54.17 77.37 95.15
C ASP HA 162 -54.13 78.83 95.63
N TYR HA 163 -55.18 79.22 96.37
CA TYR HA 163 -55.21 80.51 97.03
C TYR HA 163 -54.20 80.59 98.17
N LEU HA 164 -54.36 79.71 99.16
CA LEU HA 164 -53.57 79.80 100.38
C LEU HA 164 -52.09 79.51 100.13
N SER HA 165 -51.81 78.55 99.25
CA SER HA 165 -50.42 78.27 98.90
C SER HA 165 -49.77 79.47 98.26
N SER HA 166 -50.51 80.19 97.41
CA SER HA 166 -50.01 81.43 96.84
C SER HA 166 -49.80 82.48 97.93
N LEU HA 167 -50.71 82.54 98.90
CA LEU HA 167 -50.58 83.52 99.98
C LEU HA 167 -49.37 83.26 100.86
N GLY HA 168 -48.97 82.00 101.01
CA GLY HA 168 -47.80 81.66 101.80
C GLY HA 168 -46.49 82.03 101.14
N LYS HA 169 -46.54 82.24 99.82
CA LYS HA 169 -45.33 82.58 99.06
C LYS HA 169 -44.70 83.88 99.53
N THR HA 170 -45.50 84.77 100.13
CA THR HA 170 -45.00 86.09 100.50
C THR HA 170 -43.89 86.00 101.53
N GLN HA 171 -44.02 85.10 102.50
CA GLN HA 171 -43.03 84.99 103.56
C GLN HA 171 -42.26 83.68 103.51
N THR HA 172 -42.65 82.71 102.68
CA THR HA 172 -41.87 81.49 102.59
C THR HA 172 -40.46 81.74 102.08
N ALA HA 173 -40.22 82.92 101.48
CA ALA HA 173 -38.90 83.28 101.00
C ALA HA 173 -38.20 84.31 101.87
N VAL HA 174 -38.93 85.03 102.72
CA VAL HA 174 -38.32 86.02 103.60
C VAL HA 174 -37.34 85.37 104.56
N VAL HA 175 -37.75 84.26 105.18
CA VAL HA 175 -36.85 83.52 106.05
C VAL HA 175 -35.69 82.95 105.24
N GLN HA 176 -35.96 82.50 104.01
CA GLN HA 176 -34.88 82.07 103.13
C GLN HA 176 -33.95 83.22 102.79
N ARG HA 177 -34.50 84.42 102.60
CA ARG HA 177 -33.68 85.60 102.39
C ARG HA 177 -32.73 85.81 103.56
N ASP HA 178 -33.27 85.80 104.79
CA ASP HA 178 -32.43 86.03 105.97
C ASP HA 178 -31.38 84.94 106.12
N ALA HA 179 -31.77 83.68 105.88
CA ALA HA 179 -30.82 82.58 105.99
C ALA HA 179 -29.68 82.73 104.99
N ASP HA 180 -30.01 83.10 103.75
CA ASP HA 180 -28.96 83.30 102.75
C ASP HA 180 -28.04 84.44 103.14
N ILE HA 181 -28.61 85.53 103.67
CA ILE HA 181 -27.77 86.65 104.11
C ILE HA 181 -26.82 86.20 105.21
N GLY HA 182 -27.34 85.47 106.19
CA GLY HA 182 -26.50 85.03 107.30
C GLY HA 182 -25.40 84.09 106.85
N VAL HA 183 -25.74 83.11 106.01
CA VAL HA 183 -24.72 82.16 105.57
C VAL HA 183 -23.68 82.86 104.71
N ALA HA 184 -24.09 83.84 103.90
CA ALA HA 184 -23.12 84.59 103.11
C ALA HA 184 -22.16 85.37 103.99
N GLU HA 185 -22.68 86.04 105.01
CA GLU HA 185 -21.82 86.78 105.93
C GLU HA 185 -20.86 85.85 106.65
N ALA HA 186 -21.36 84.70 107.12
CA ALA HA 186 -20.50 83.76 107.83
C ALA HA 186 -19.39 83.23 106.94
N GLU HA 187 -19.73 82.86 105.70
CA GLU HA 187 -18.71 82.38 104.77
C GLU HA 187 -17.70 83.48 104.46
N ARG HA 188 -18.16 84.73 104.35
CA ARG HA 188 -17.24 85.83 104.10
C ARG HA 188 -16.24 85.97 105.24
N ASP HA 189 -16.72 85.93 106.49
CA ASP HA 189 -15.80 86.06 107.63
C ASP HA 189 -14.83 84.89 107.69
N ALA HA 190 -15.33 83.67 107.48
CA ALA HA 190 -14.45 82.50 107.49
C ALA HA 190 -13.37 82.64 106.44
N GLY HA 191 -13.76 83.02 105.21
CA GLY HA 191 -12.80 83.13 104.14
C GLY HA 191 -11.75 84.19 104.40
N ILE HA 192 -12.19 85.37 104.87
CA ILE HA 192 -11.22 86.43 105.11
C ILE HA 192 -10.20 86.01 106.16
N ARG HA 193 -10.66 85.43 107.28
CA ARG HA 193 -9.69 85.24 108.34
C ARG HA 193 -8.81 84.03 108.02
N GLU HA 194 -9.36 83.03 107.30
CA GLU HA 194 -8.55 81.92 106.84
C GLU HA 194 -7.48 82.37 105.85
N ALA HA 195 -7.82 83.29 104.95
CA ALA HA 195 -6.82 83.83 104.04
C ALA HA 195 -5.72 84.55 104.81
N GLU HA 196 -6.10 85.30 105.85
CA GLU HA 196 -5.09 85.95 106.68
C GLU HA 196 -4.15 84.92 107.32
N CYS HA 197 -4.71 83.84 107.86
CA CYS HA 197 -3.88 82.79 108.46
C CYS HA 197 -2.93 82.19 107.44
N LYS HA 198 -3.45 81.86 106.26
CA LYS HA 198 -2.63 81.27 105.21
C LYS HA 198 -1.50 82.21 104.82
N LYS HA 199 -1.79 83.51 104.73
CA LYS HA 199 -0.77 84.49 104.40
C LYS HA 199 0.34 84.50 105.43
N GLU HA 200 -0.02 84.57 106.72
CA GLU HA 200 1.01 84.62 107.75
C GLU HA 200 1.87 83.35 107.75
N MET HA 201 1.24 82.18 107.62
CA MET HA 201 2.00 80.95 107.67
C MET HA 201 2.91 80.82 106.46
N LEU HA 202 2.46 81.26 105.28
CA LEU HA 202 3.36 81.26 104.12
C LEU HA 202 4.53 82.21 104.30
N ASP HA 203 4.30 83.40 104.87
CA ASP HA 203 5.43 84.30 105.08
C ASP HA 203 6.48 83.67 105.98
N VAL HA 204 6.04 83.07 107.10
CA VAL HA 204 7.05 82.48 107.98
C VAL HA 204 7.73 81.28 107.34
N LYS HA 205 6.97 80.45 106.62
CA LYS HA 205 7.57 79.29 105.97
C LYS HA 205 8.61 79.72 104.93
N PHE HA 206 8.32 80.78 104.18
CA PHE HA 206 9.27 81.24 103.19
C PHE HA 206 10.50 81.87 103.84
N MET HA 207 10.34 82.54 104.98
CA MET HA 207 11.52 83.02 105.70
C MET HA 207 12.40 81.86 106.14
N ALA HA 208 11.80 80.81 106.69
CA ALA HA 208 12.56 79.64 107.08
C ALA HA 208 13.27 79.00 105.90
N ASP HA 209 12.56 78.89 104.76
CA ASP HA 209 13.17 78.32 103.56
C ASP HA 209 14.32 79.19 103.04
N THR HA 210 14.19 80.51 103.19
CA THR HA 210 15.29 81.39 102.80
C THR HA 210 16.53 81.12 103.66
N LYS HA 211 16.33 80.96 104.97
CA LYS HA 211 17.47 80.63 105.82
C LYS HA 211 18.08 79.28 105.46
N ILE HA 212 17.23 78.30 105.13
CA ILE HA 212 17.74 76.99 104.72
C ILE HA 212 18.56 77.12 103.44
N ALA HA 213 18.07 77.92 102.48
CA ALA HA 213 18.80 78.12 101.25
C ALA HA 213 20.14 78.79 101.50
N ASP HA 214 20.19 79.74 102.43
CA ASP HA 214 21.46 80.37 102.77
C ASP HA 214 22.44 79.36 103.34
N SER HA 215 21.98 78.50 104.25
CA SER HA 215 22.86 77.48 104.82
C SER HA 215 23.34 76.51 103.73
N LYS HA 216 22.44 76.11 102.83
CA LYS HA 216 22.82 75.23 101.74
C LYS HA 216 23.86 75.87 100.84
N ARG HA 217 23.70 77.17 100.56
CA ARG HA 217 24.68 77.88 99.73
C ARG HA 217 26.04 77.90 100.41
N ALA HA 218 26.07 78.20 101.71
CA ALA HA 218 27.36 78.22 102.40
C ALA HA 218 28.02 76.84 102.37
N PHE HA 219 27.25 75.79 102.61
CA PHE HA 219 27.81 74.44 102.60
C PHE HA 219 28.34 74.07 101.22
N GLU HA 220 27.56 74.34 100.18
CA GLU HA 220 28.00 74.00 98.83
C GLU HA 220 29.24 74.79 98.44
N LEU HA 221 29.30 76.07 98.80
CA LEU HA 221 30.48 76.86 98.49
C LEU HA 221 31.72 76.30 99.16
N GLN HA 222 31.63 75.99 100.46
CA GLN HA 222 32.79 75.44 101.16
C GLN HA 222 33.20 74.09 100.58
N LYS HA 223 32.22 73.23 100.27
CA LYS HA 223 32.54 71.92 99.74
C LYS HA 223 33.22 72.02 98.38
N SER HA 224 32.72 72.88 97.50
CA SER HA 224 33.36 73.07 96.20
C SER HA 224 34.76 73.64 96.36
N ALA HA 225 34.92 74.58 97.28
CA ALA HA 225 36.25 75.15 97.52
C ALA HA 225 37.24 74.08 97.96
N PHE HA 226 36.80 73.19 98.84
CA PHE HA 226 37.68 72.11 99.29
C PHE HA 226 38.00 71.15 98.15
N SER HA 227 36.97 70.80 97.37
CA SER HA 227 37.15 69.91 96.22
C SER HA 227 38.16 70.48 95.25
N GLU HA 228 38.26 71.80 95.16
CA GLU HA 228 39.24 72.42 94.26
C GLU HA 228 40.65 71.92 94.56
N GLU HA 229 41.16 72.18 95.76
CA GLU HA 229 42.54 71.79 96.04
C GLU HA 229 42.68 70.28 96.18
N VAL HA 230 41.64 69.56 96.62
CA VAL HA 230 41.82 68.11 96.68
C VAL HA 230 42.00 67.54 95.28
N ASN HA 231 41.25 68.07 94.31
CA ASN HA 231 41.41 67.62 92.93
C ASN HA 231 42.76 68.04 92.36
N ILE HA 232 43.23 69.24 92.73
CA ILE HA 232 44.55 69.67 92.28
C ILE HA 232 45.62 68.70 92.76
N LYS HA 233 45.59 68.39 94.06
CA LYS HA 233 46.60 67.49 94.62
C LYS HA 233 46.51 66.10 94.00
N THR HA 234 45.30 65.58 93.79
CA THR HA 234 45.19 64.30 93.12
C THR HA 234 45.81 64.36 91.72
N ALA HA 235 45.39 65.35 90.92
CA ALA HA 235 45.88 65.45 89.55
C ALA HA 235 47.40 65.47 89.50
N GLU HA 236 48.03 66.11 90.48
CA GLU HA 236 49.48 65.94 90.62
C GLU HA 236 49.86 64.50 90.93
N ALA HA 237 49.05 63.82 91.76
CA ALA HA 237 49.43 62.50 92.26
C ALA HA 237 49.50 61.46 91.13
N GLN HA 238 48.51 61.44 90.23
CA GLN HA 238 48.62 60.41 89.17
C GLN HA 238 49.85 60.60 88.30
N LEU HA 239 50.16 61.84 87.90
CA LEU HA 239 51.18 62.07 86.89
C LEU HA 239 52.59 62.22 87.46
N ALA HA 240 52.74 62.27 88.79
CA ALA HA 240 54.09 62.15 89.34
C ALA HA 240 54.75 60.84 88.91
N TYR HA 241 53.95 59.77 88.77
CA TYR HA 241 54.48 58.49 88.32
C TYR HA 241 55.10 58.61 86.93
N GLU HA 242 54.37 59.20 86.00
CA GLU HA 242 54.89 59.36 84.64
C GLU HA 242 56.11 60.27 84.62
N LEU HA 243 56.10 61.33 85.44
CA LEU HA 243 57.25 62.23 85.48
C LEU HA 243 58.51 61.49 85.90
N GLN HA 244 58.43 60.75 87.01
CA GLN HA 244 59.60 60.00 87.45
C GLN HA 244 59.96 58.89 86.47
N GLY HA 245 58.96 58.29 85.82
CA GLY HA 245 59.25 57.26 84.84
C GLY HA 245 60.06 57.79 83.67
N ALA HA 246 59.68 58.95 83.14
CA ALA HA 246 60.44 59.56 82.06
C ALA HA 246 61.84 59.95 82.54
N ARG HA 247 61.92 60.51 83.76
CA ARG HA 247 63.22 60.90 84.28
C ARG HA 247 64.17 59.71 84.38
N GLU HA 248 63.64 58.54 84.78
CA GLU HA 248 64.47 57.34 84.83
C GLU HA 248 64.75 56.78 83.45
N GLN HA 249 63.76 56.80 82.55
CA GLN HA 249 63.96 56.34 81.18
C GLN HA 249 65.07 57.10 80.49
N GLN HA 250 65.32 58.35 80.90
CA GLN HA 250 66.49 59.05 80.39
C GLN HA 250 67.76 58.20 80.54
N LYS HA 251 68.11 57.83 81.78
CA LYS HA 251 69.30 57.03 82.01
C LYS HA 251 69.16 55.61 81.47
N ILE HA 252 67.95 55.05 81.52
CA ILE HA 252 67.72 53.71 80.98
C ILE HA 252 68.14 53.66 79.52
N ARG HA 253 67.65 54.61 78.72
CA ARG HA 253 67.98 54.63 77.32
C ARG HA 253 69.42 55.08 77.09
N GLN HA 254 69.95 55.93 77.96
CA GLN HA 254 71.36 56.30 77.89
C GLN HA 254 72.25 55.07 77.90
N GLU HA 255 72.03 54.17 78.85
CA GLU HA 255 72.83 52.95 78.88
C GLU HA 255 72.46 51.97 77.77
N GLU HA 256 71.17 51.86 77.44
CA GLU HA 256 70.77 50.96 76.36
C GLU HA 256 71.43 51.35 75.04
N ILE HA 257 71.72 52.63 74.85
CA ILE HA 257 72.42 53.08 73.64
C ILE HA 257 73.93 53.11 73.79
N GLU HA 258 74.44 53.25 75.02
CA GLU HA 258 75.87 53.04 75.25
C GLU HA 258 76.29 51.60 74.98
N ILE HA 259 75.34 50.66 75.02
CA ILE HA 259 75.63 49.28 74.64
C ILE HA 259 76.37 49.22 73.31
N GLU HA 260 75.71 49.70 72.25
CA GLU HA 260 76.33 49.59 70.93
C GLU HA 260 77.45 50.60 70.72
N VAL HA 261 77.51 51.67 71.51
CA VAL HA 261 78.69 52.52 71.49
C VAL HA 261 79.91 51.72 71.89
N VAL HA 262 79.81 50.99 73.01
CA VAL HA 262 80.91 50.15 73.46
C VAL HA 262 81.20 49.06 72.44
N GLN HA 263 80.17 48.48 71.85
CA GLN HA 263 80.38 47.44 70.84
C GLN HA 263 81.16 47.96 69.63
N ARG HA 264 80.72 49.10 69.08
CA ARG HA 264 81.37 49.65 67.90
C ARG HA 264 82.75 50.22 68.23
N LYS HA 265 83.01 50.53 69.50
CA LYS HA 265 84.33 51.02 69.87
C LYS HA 265 85.41 49.97 69.61
N LYS HA 266 85.09 48.70 69.81
CA LYS HA 266 86.04 47.62 69.58
C LYS HA 266 85.81 46.89 68.26
N GLN HA 267 84.68 47.14 67.59
CA GLN HA 267 84.64 46.80 66.18
C GLN HA 267 85.78 47.46 65.42
N ILE HA 268 86.36 48.54 65.95
CA ILE HA 268 87.55 49.15 65.36
C ILE HA 268 88.69 48.14 65.32
N ALA HA 269 88.96 47.48 66.45
CA ALA HA 269 90.02 46.48 66.49
C ALA HA 269 89.65 45.28 65.64
N VAL HA 270 88.37 44.92 65.61
CA VAL HA 270 87.92 43.86 64.72
C VAL HA 270 88.33 44.17 63.28
N GLU HA 271 88.05 45.40 62.85
CA GLU HA 271 88.35 45.78 61.47
C GLU HA 271 89.84 45.91 61.23
N ALA HA 272 90.63 46.31 62.24
CA ALA HA 272 92.08 46.35 62.05
C ALA HA 272 92.64 44.96 61.83
N GLN HA 273 92.21 43.99 62.64
CA GLN HA 273 92.63 42.61 62.40
C GLN HA 273 92.16 42.12 61.04
N GLU HA 274 90.96 42.53 60.62
CA GLU HA 274 90.49 42.21 59.28
C GLU HA 274 91.39 42.83 58.21
N ILE HA 275 91.90 44.03 58.43
CA ILE HA 275 92.81 44.66 57.48
C ILE HA 275 94.06 43.81 57.32
N LEU HA 276 94.64 43.38 58.45
CA LEU HA 276 95.84 42.53 58.36
C LEU HA 276 95.53 41.22 57.64
N ARG HA 277 94.40 40.60 57.98
CA ARG HA 277 94.05 39.32 57.36
C ARG HA 277 93.84 39.48 55.86
N THR HA 278 93.15 40.54 55.44
CA THR HA 278 92.89 40.70 54.02
C THR HA 278 94.14 41.11 53.27
N ASP HA 279 95.07 41.82 53.92
CA ASP HA 279 96.36 42.08 53.30
C ASP HA 279 97.07 40.77 52.99
N LYS HA 280 97.19 39.89 53.99
CA LYS HA 280 97.86 38.62 53.77
C LYS HA 280 97.11 37.76 52.74
N GLU HA 281 95.78 37.78 52.80
CA GLU HA 281 95.00 36.99 51.86
C GLU HA 281 95.19 37.47 50.42
N LEU HA 282 95.20 38.80 50.21
CA LEU HA 282 95.45 39.33 48.88
C LEU HA 282 96.84 38.98 48.40
N ILE HA 283 97.83 39.03 49.30
CA ILE HA 283 99.17 38.57 48.94
C ILE HA 283 99.09 37.14 48.39
N ALA HA 284 98.65 36.21 49.24
CA ALA HA 284 98.65 34.80 48.86
C ALA HA 284 97.76 34.53 47.65
N THR HA 285 96.78 35.39 47.39
CA THR HA 285 95.81 35.11 46.34
C THR HA 285 96.23 35.67 44.98
N VAL HA 286 96.82 36.87 44.93
CA VAL HA 286 97.10 37.47 43.63
C VAL HA 286 98.57 37.84 43.45
N ARG HA 287 99.28 38.11 44.56
CA ARG HA 287 100.64 38.61 44.41
C ARG HA 287 101.60 37.52 43.96
N ARG HA 288 101.50 36.32 44.54
CA ARG HA 288 102.37 35.21 44.21
C ARG HA 288 101.94 34.52 42.92
N PRO HA 289 100.64 34.30 42.67
CA PRO HA 289 100.24 33.79 41.34
C PRO HA 289 100.69 34.67 40.20
N ALA HA 290 100.75 35.99 40.39
CA ALA HA 290 101.27 36.86 39.33
C ALA HA 290 102.72 36.54 39.02
N GLU HA 291 103.54 36.36 40.05
CA GLU HA 291 104.94 36.04 39.84
C GLU HA 291 105.09 34.67 39.18
N ALA HA 292 104.29 33.69 39.61
CA ALA HA 292 104.34 32.37 38.99
C ALA HA 292 103.93 32.44 37.53
N GLU HA 293 102.91 33.24 37.21
CA GLU HA 293 102.50 33.39 35.82
C GLU HA 293 103.60 34.06 35.00
N ALA HA 294 104.27 35.06 35.57
CA ALA HA 294 105.38 35.70 34.87
C ALA HA 294 106.48 34.70 34.57
N HIS HA 295 106.84 33.87 35.56
CA HIS HA 295 107.87 32.87 35.35
C HIS HA 295 107.45 31.86 34.27
N ARG HA 296 106.19 31.43 34.31
CA ARG HA 296 105.68 30.51 33.30
C ARG HA 296 105.76 31.12 31.91
N ILE HA 297 105.34 32.37 31.77
CA ILE HA 297 105.36 33.03 30.47
C ILE HA 297 106.77 33.15 29.94
N GLN HA 298 107.72 33.53 30.80
CA GLN HA 298 109.09 33.71 30.30
C GLN HA 298 109.74 32.37 29.97
N GLN HA 299 109.44 31.32 30.75
CA GLN HA 299 109.95 29.99 30.41
C GLN HA 299 109.40 29.51 29.07
N ILE HA 300 108.10 29.63 28.87
CA ILE HA 300 107.49 29.18 27.63
C ILE HA 300 107.96 30.03 26.45
N ALA HA 301 108.18 31.33 26.67
CA ALA HA 301 108.72 32.18 25.62
C ALA HA 301 110.13 31.76 25.25
N GLU HA 302 110.95 31.38 26.24
CA GLU HA 302 112.28 30.87 25.94
C GLU HA 302 112.20 29.61 25.09
N GLY HA 303 111.33 28.69 25.47
CA GLY HA 303 111.17 27.47 24.69
C GLY HA 303 110.75 27.75 23.26
N GLU HA 304 109.74 28.62 23.09
CA GLU HA 304 109.26 28.95 21.76
C GLU HA 304 110.32 29.66 20.92
N LYS HA 305 111.09 30.56 21.54
CA LYS HA 305 112.14 31.25 20.81
C LYS HA 305 113.21 30.28 20.33
N VAL HA 306 113.63 29.36 21.19
CA VAL HA 306 114.63 28.38 20.77
C VAL HA 306 114.07 27.50 19.64
N LYS HA 307 112.80 27.10 19.75
CA LYS HA 307 112.21 26.27 18.71
C LYS HA 307 112.17 27.02 17.38
N GLN HA 308 111.75 28.29 17.40
CA GLN HA 308 111.67 29.06 16.16
C GLN HA 308 113.04 29.30 15.56
N VAL HA 309 114.05 29.58 16.40
CA VAL HA 309 115.40 29.78 15.88
C VAL HA 309 115.92 28.52 15.23
N LEU HA 310 115.71 27.37 15.87
CA LEU HA 310 116.18 26.11 15.29
C LEU HA 310 115.45 25.80 13.98
N LEU HA 311 114.14 26.01 13.95
CA LEU HA 311 113.39 25.77 12.72
C LEU HA 311 113.85 26.69 11.60
N ALA HA 312 114.11 27.96 11.92
CA ALA HA 312 114.60 28.89 10.92
C ALA HA 312 115.97 28.48 10.40
N GLN HA 313 116.86 28.04 11.28
CA GLN HA 313 118.16 27.57 10.83
C GLN HA 313 118.02 26.36 9.91
N ALA HA 314 117.15 25.42 10.28
CA ALA HA 314 116.92 24.25 9.44
C ALA HA 314 116.40 24.65 8.07
N GLU HA 315 115.42 25.56 8.04
CA GLU HA 315 114.88 26.01 6.76
C GLU HA 315 115.92 26.73 5.92
N ALA HA 316 116.75 27.56 6.57
CA ALA HA 316 117.78 28.29 5.84
C ALA HA 316 118.78 27.33 5.20
N GLU HA 317 119.22 26.33 5.94
CA GLU HA 317 120.21 25.42 5.37
C GLU HA 317 119.56 24.49 4.34
N LYS HA 318 118.27 24.18 4.52
CA LYS HA 318 117.50 23.50 3.47
C LYS HA 318 117.57 24.30 2.18
N ILE HA 319 117.28 25.58 2.25
CA ILE HA 319 117.28 26.44 1.07
C ILE HA 319 118.68 26.50 0.47
N ARG HA 320 119.70 26.61 1.32
CA ARG HA 320 121.07 26.70 0.82
C ARG HA 320 121.45 25.44 0.05
N LYS HA 321 121.18 24.26 0.61
CA LYS HA 321 121.54 23.02 -0.04
C LYS HA 321 120.76 22.80 -1.32
N ILE HA 322 119.46 23.12 -1.30
CA ILE HA 322 118.65 23.00 -2.52
C ILE HA 322 119.18 23.93 -3.60
N GLY HA 323 119.55 25.16 -3.23
CA GLY HA 323 120.09 26.09 -4.21
C GLY HA 323 121.41 25.61 -4.78
N GLU HA 324 122.27 25.05 -3.94
CA GLU HA 324 123.53 24.49 -4.45
C GLU HA 324 123.28 23.35 -5.42
N ALA HA 325 122.33 22.47 -5.10
CA ALA HA 325 122.00 21.38 -6.01
C ALA HA 325 121.48 21.90 -7.34
N GLU HA 326 120.60 22.91 -7.29
CA GLU HA 326 120.07 23.49 -8.52
C GLU HA 326 121.18 24.16 -9.34
N ALA HA 327 122.11 24.84 -8.67
CA ALA HA 327 123.23 25.43 -9.39
C ALA HA 327 124.06 24.37 -10.07
N ALA HA 328 124.33 23.26 -9.37
CA ALA HA 328 125.12 22.19 -9.96
C ALA HA 328 124.43 21.60 -11.18
N VAL HA 329 123.13 21.32 -11.08
CA VAL HA 329 122.44 20.71 -12.22
C VAL HA 329 122.35 21.69 -13.37
N ILE HA 330 122.15 22.99 -13.08
CA ILE HA 330 122.09 23.98 -14.15
C ILE HA 330 123.44 24.08 -14.87
N GLU HA 331 124.54 24.05 -14.11
CA GLU HA 331 125.85 24.07 -14.73
C GLU HA 331 126.07 22.83 -15.58
N ALA HA 332 125.58 21.67 -15.11
CA ALA HA 332 125.68 20.45 -15.91
C ALA HA 332 124.91 20.58 -17.23
N MET HA 333 123.69 21.12 -17.16
CA MET HA 333 122.93 21.38 -18.39
C MET HA 333 123.69 22.32 -19.32
N GLY HA 334 124.32 23.35 -18.76
CA GLY HA 334 125.10 24.24 -19.59
C GLY HA 334 126.25 23.53 -20.28
N LYS HA 335 126.99 22.71 -19.52
CA LYS HA 335 128.06 21.90 -20.10
C LYS HA 335 127.53 21.09 -21.27
N ALA HA 336 126.45 20.34 -21.04
CA ALA HA 336 125.95 19.41 -22.05
C ALA HA 336 125.40 20.13 -23.27
N GLU HA 337 124.58 21.16 -23.05
CA GLU HA 337 123.95 21.84 -24.18
C GLU HA 337 124.96 22.62 -25.00
N ALA HA 338 125.96 23.23 -24.34
CA ALA HA 338 127.01 23.92 -25.07
C ALA HA 338 127.84 22.94 -25.88
N GLU HA 339 128.15 21.76 -25.31
CA GLU HA 339 128.86 20.75 -26.09
C GLU HA 339 128.03 20.30 -27.28
N ARG HA 340 126.71 20.15 -27.09
CA ARG HA 340 125.82 19.79 -28.18
C ARG HA 340 125.89 20.82 -29.31
N MET HA 341 125.75 22.09 -28.95
CA MET HA 341 125.77 23.14 -29.98
C MET HA 341 127.13 23.22 -30.66
N LYS HA 342 128.21 23.08 -29.90
CA LYS HA 342 129.54 23.13 -30.48
C LYS HA 342 129.73 21.99 -31.49
N LEU HA 343 129.37 20.77 -31.11
CA LEU HA 343 129.53 19.65 -32.02
C LEU HA 343 128.62 19.78 -33.24
N LYS HA 344 127.43 20.37 -33.05
CA LYS HA 344 126.52 20.55 -34.18
C LYS HA 344 127.02 21.66 -35.11
N ALA HA 345 127.89 22.54 -34.60
CA ALA HA 345 128.44 23.61 -35.42
C ALA HA 345 129.25 23.08 -36.61
N GLU HA 346 130.21 22.19 -36.36
CA GLU HA 346 130.97 21.63 -37.47
C GLU HA 346 130.08 20.79 -38.38
N ALA HA 347 129.05 20.17 -37.82
CA ALA HA 347 128.11 19.42 -38.65
C ALA HA 347 127.42 20.32 -39.65
N TYR HA 348 126.92 21.47 -39.20
CA TYR HA 348 126.30 22.42 -40.11
C TYR HA 348 127.31 23.05 -41.05
N GLN HA 349 128.58 23.13 -40.63
CA GLN HA 349 129.58 23.81 -41.45
C GLN HA 349 129.83 23.05 -42.76
N LYS HA 350 129.51 21.76 -42.80
CA LYS HA 350 129.83 20.94 -43.96
C LYS HA 350 128.62 20.76 -44.88
N TYR HA 351 127.65 21.65 -44.78
CA TYR HA 351 126.43 21.58 -45.58
C TYR HA 351 126.64 22.26 -46.93
N GLY HA 352 126.21 21.60 -48.00
CA GLY HA 352 126.26 22.14 -49.34
C GLY HA 352 124.94 22.71 -49.78
N ASP HA 353 124.79 22.89 -51.08
CA ASP HA 353 123.53 23.37 -51.62
C ASP HA 353 122.41 22.36 -51.44
N ALA HA 354 122.70 21.08 -51.70
CA ALA HA 354 121.67 20.05 -51.61
C ALA HA 354 121.15 19.90 -50.19
N ALA HA 355 122.05 19.99 -49.20
CA ALA HA 355 121.64 19.84 -47.82
C ALA HA 355 120.76 20.99 -47.35
N LYS HA 356 121.10 22.22 -47.74
CA LYS HA 356 120.24 23.36 -47.44
C LYS HA 356 118.88 23.23 -48.12
N MET HA 357 118.88 22.73 -49.35
CA MET HA 357 117.62 22.45 -50.04
C MET HA 357 116.79 21.45 -49.26
N ALA HA 358 117.45 20.41 -48.73
CA ALA HA 358 116.75 19.41 -47.92
C ALA HA 358 116.15 20.04 -46.67
N LEU HA 359 116.91 20.93 -46.02
CA LEU HA 359 116.39 21.61 -44.84
C LEU HA 359 115.15 22.42 -45.16
N VAL HA 360 115.21 23.20 -46.25
CA VAL HA 360 114.07 24.03 -46.61
C VAL HA 360 112.87 23.17 -46.98
N LEU HA 361 113.08 22.10 -47.74
CA LEU HA 361 111.97 21.24 -48.13
C LEU HA 361 111.37 20.55 -46.92
N GLU HA 362 112.19 20.17 -45.95
CA GLU HA 362 111.66 19.55 -44.74
C GLU HA 362 110.86 20.55 -43.93
N ALA HA 363 111.30 21.81 -43.91
CA ALA HA 363 110.58 22.82 -43.14
C ALA HA 363 109.26 23.20 -43.78
N LEU HA 364 109.19 23.12 -45.12
CA LEU HA 364 108.02 23.62 -45.84
C LEU HA 364 106.69 22.98 -45.42
N PRO HA 365 106.55 21.65 -45.31
CA PRO HA 365 105.23 21.10 -44.97
C PRO HA 365 104.68 21.56 -43.63
N GLN HA 366 105.54 21.72 -42.62
CA GLN HA 366 105.05 22.18 -41.32
C GLN HA 366 104.53 23.62 -41.40
N ILE HA 367 105.26 24.49 -42.10
CA ILE HA 367 104.81 25.87 -42.28
C ILE HA 367 103.49 25.88 -43.05
N ALA HA 368 103.40 25.07 -44.10
CA ALA HA 368 102.17 25.00 -44.89
C ALA HA 368 101.00 24.53 -44.04
N ALA HA 369 101.23 23.53 -43.19
CA ALA HA 369 100.17 23.06 -42.30
C ALA HA 369 99.73 24.15 -41.34
N LYS HA 370 100.70 24.92 -40.82
CA LYS HA 370 100.36 25.99 -39.89
C LYS HA 370 99.55 27.09 -40.57
N ILE HA 371 99.96 27.49 -41.77
CA ILE HA 371 99.28 28.57 -42.47
C ILE HA 371 97.88 28.17 -42.90
N ALA HA 372 97.69 26.92 -43.30
CA ALA HA 372 96.41 26.45 -43.80
C ALA HA 372 95.42 26.10 -42.69
N ALA HA 373 95.86 26.10 -41.43
CA ALA HA 373 94.96 25.75 -40.33
C ALA HA 373 93.69 26.60 -40.28
N PRO HA 374 93.74 27.94 -40.47
CA PRO HA 374 92.48 28.70 -40.46
C PRO HA 374 91.51 28.28 -41.56
N LEU HA 375 91.98 27.64 -42.62
CA LEU HA 375 91.11 27.25 -43.72
C LEU HA 375 90.19 26.10 -43.33
N THR HA 376 90.43 25.50 -42.17
CA THR HA 376 89.65 24.35 -41.72
C THR HA 376 88.19 24.72 -41.47
N LYS HA 377 87.94 25.96 -41.04
CA LYS HA 377 86.62 26.36 -40.58
C LYS HA 377 85.76 26.99 -41.68
N VAL HA 378 86.15 26.85 -42.94
CA VAL HA 378 85.34 27.41 -44.02
C VAL HA 378 83.99 26.71 -44.06
N ASP HA 379 82.92 27.49 -44.22
CA ASP HA 379 81.57 26.96 -44.24
C ASP HA 379 81.09 26.67 -45.65
N GLU HA 380 81.10 27.68 -46.53
CA GLU HA 380 80.62 27.50 -47.89
C GLU HA 380 81.43 28.37 -48.81
N ILE HA 381 81.52 27.96 -50.07
CA ILE HA 381 82.31 28.66 -51.07
C ILE HA 381 81.39 28.98 -52.25
N VAL HA 382 81.40 30.24 -52.68
CA VAL HA 382 80.63 30.67 -53.84
C VAL HA 382 81.61 31.19 -54.89
N VAL HA 383 81.55 30.62 -56.08
CA VAL HA 383 82.44 30.99 -57.17
C VAL HA 383 81.60 31.45 -58.36
N LEU HA 384 81.94 32.61 -58.91
CA LEU HA 384 81.31 33.13 -60.10
C LEU HA 384 82.39 33.46 -61.13
N SER HA 385 82.05 33.29 -62.41
CA SER HA 385 83.01 33.51 -63.47
C SER HA 385 82.34 34.22 -64.63
N GLY HA 386 83.15 34.84 -65.48
CA GLY HA 386 82.66 35.56 -66.63
C GLY HA 386 82.19 36.96 -66.30
N ASP HA 387 82.51 37.92 -67.16
CA ASP HA 387 82.15 39.32 -66.94
C ASP HA 387 80.76 39.60 -67.51
N ASN HA 388 79.74 39.43 -66.67
CA ASN HA 388 78.36 39.64 -67.06
C ASN HA 388 77.62 40.36 -65.94
N SER HA 389 76.31 40.50 -66.13
CA SER HA 389 75.47 41.22 -65.18
C SER HA 389 75.16 40.34 -63.97
N LYS HA 390 74.42 40.91 -63.02
CA LYS HA 390 74.06 40.23 -61.78
C LYS HA 390 72.56 39.95 -61.72
N VAL HA 391 71.96 39.69 -62.87
CA VAL HA 391 70.52 39.45 -62.94
C VAL HA 391 70.22 37.97 -63.15
N THR HA 392 71.14 37.23 -63.76
CA THR HA 392 70.89 35.83 -64.09
C THR HA 392 70.66 34.99 -62.84
N SER HA 393 71.46 35.20 -61.80
CA SER HA 393 71.36 34.48 -60.52
C SER HA 393 71.55 33.00 -60.82
N GLU HA 394 70.68 32.12 -60.34
CA GLU HA 394 70.82 30.69 -60.58
C GLU HA 394 69.77 30.19 -61.56
N MET IA 1 -81.38 47.62 145.73
CA MET IA 1 -80.28 47.63 146.69
C MET IA 1 -79.26 48.70 146.33
N PHE IA 2 -78.41 49.04 147.30
CA PHE IA 2 -77.41 50.08 147.08
C PHE IA 2 -76.34 49.61 146.10
N PHE IA 3 -75.90 50.54 145.24
CA PHE IA 3 -74.91 50.24 144.21
C PHE IA 3 -73.71 51.16 144.41
N THR IA 4 -72.62 50.61 144.94
CA THR IA 4 -71.41 51.39 145.14
C THR IA 4 -70.76 51.74 143.81
N CYS IA 5 -70.07 52.88 143.79
CA CYS IA 5 -69.33 53.32 142.62
C CYS IA 5 -68.02 53.94 143.07
N GLY IA 6 -67.01 53.83 142.22
CA GLY IA 6 -65.75 54.49 142.46
C GLY IA 6 -65.83 55.96 142.11
N PRO IA 7 -64.69 56.64 142.23
CA PRO IA 7 -64.59 58.03 141.82
C PRO IA 7 -64.17 58.28 140.38
N ASN IA 8 -64.29 57.30 139.49
CA ASN IA 8 -64.03 57.48 138.06
C ASN IA 8 -65.28 57.31 137.23
N GLU IA 9 -66.44 57.15 137.86
CA GLU IA 9 -67.70 57.02 137.14
C GLU IA 9 -68.79 57.78 137.89
N ALA IA 10 -69.78 58.22 137.13
CA ALA IA 10 -70.94 58.92 137.69
C ALA IA 10 -72.16 58.02 137.59
N MET IA 11 -72.73 57.67 138.74
CA MET IA 11 -73.92 56.85 138.81
C MET IA 11 -75.14 57.76 138.87
N VAL IA 12 -75.84 57.89 137.74
CA VAL IA 12 -77.07 58.66 137.66
C VAL IA 12 -78.18 57.72 137.20
N VAL IA 13 -79.25 57.66 137.98
CA VAL IA 13 -80.35 56.74 137.73
C VAL IA 13 -81.67 57.43 138.02
N SER IA 14 -82.73 56.99 137.36
CA SER IA 14 -84.09 57.46 137.64
C SER IA 14 -84.85 56.35 138.33
N GLY IA 15 -85.49 56.68 139.46
CA GLY IA 15 -86.22 55.69 140.21
C GLY IA 15 -87.71 55.97 140.32
N PHE IA 16 -88.18 56.26 141.53
CA PHE IA 16 -89.57 56.62 141.77
C PHE IA 16 -89.60 57.93 142.54
N CYS IA 17 -90.29 58.93 142.00
CA CYS IA 17 -90.44 60.25 142.61
C CYS IA 17 -89.07 60.87 142.90
N ARG IA 18 -88.25 60.94 141.86
CA ARG IA 18 -86.92 61.54 141.90
C ARG IA 18 -86.73 62.51 140.75
N SER IA 19 -87.71 63.41 140.58
CA SER IA 19 -87.72 64.31 139.43
C SER IA 19 -86.48 65.20 139.34
N PRO IA 20 -86.02 65.86 140.40
CA PRO IA 20 -84.79 66.63 140.29
C PRO IA 20 -83.62 65.72 139.97
N PRO IA 21 -82.61 66.23 139.26
CA PRO IA 21 -81.48 65.39 138.89
C PRO IA 21 -80.70 64.90 140.11
N VAL IA 22 -80.13 63.71 139.98
CA VAL IA 22 -79.34 63.09 141.05
C VAL IA 22 -77.90 62.97 140.57
N MET IA 23 -76.99 63.59 141.31
CA MET IA 23 -75.57 63.60 140.99
C MET IA 23 -74.85 62.70 142.00
N VAL IA 24 -74.58 61.47 141.61
CA VAL IA 24 -73.88 60.51 142.46
C VAL IA 24 -72.67 59.99 141.72
N ALA IA 25 -71.49 60.16 142.31
CA ALA IA 25 -70.25 59.61 141.80
C ALA IA 25 -69.36 59.29 143.01
N GLY IA 26 -69.35 58.02 143.42
CA GLY IA 26 -68.66 57.63 144.62
C GLY IA 26 -69.59 57.53 145.81
N GLY IA 27 -70.72 56.88 145.63
CA GLY IA 27 -71.70 56.71 146.69
C GLY IA 27 -72.55 55.48 146.44
N ARG IA 28 -73.74 55.49 147.03
CA ARG IA 28 -74.69 54.39 146.84
C ARG IA 28 -76.08 54.95 146.59
N VAL IA 29 -76.89 54.17 145.89
CA VAL IA 29 -78.29 54.51 145.62
C VAL IA 29 -79.13 53.24 145.77
N PHE IA 30 -80.18 53.31 146.57
CA PHE IA 30 -81.13 52.21 146.67
C PHE IA 30 -81.92 52.11 145.38
N VAL IA 31 -81.79 51.00 144.67
CA VAL IA 31 -82.34 50.85 143.32
C VAL IA 31 -83.38 49.73 143.34
N LEU IA 32 -84.60 50.06 142.96
CA LEU IA 32 -85.64 49.05 142.74
C LEU IA 32 -85.37 48.32 141.43
N PRO IA 33 -85.60 47.00 141.38
CA PRO IA 33 -85.22 46.26 140.16
C PRO IA 33 -86.15 46.52 138.98
N CYS IA 34 -87.45 46.55 139.20
CA CYS IA 34 -88.42 46.70 138.12
C CYS IA 34 -88.93 48.12 137.95
N ILE IA 35 -88.38 49.09 138.69
CA ILE IA 35 -88.84 50.48 138.64
C ILE IA 35 -87.75 51.42 138.14
N GLN IA 36 -86.52 51.25 138.63
CA GLN IA 36 -85.43 52.15 138.30
C GLN IA 36 -84.66 51.68 137.07
N GLN IA 37 -84.02 52.63 136.40
CA GLN IA 37 -83.19 52.37 135.23
C GLN IA 37 -81.78 52.87 135.51
N ILE IA 38 -80.79 52.04 135.15
CA ILE IA 38 -79.40 52.28 135.50
C ILE IA 38 -78.62 52.67 134.24
N GLN IA 39 -77.86 53.76 134.34
CA GLN IA 39 -76.96 54.20 133.28
C GLN IA 39 -75.70 54.76 133.91
N ARG IA 40 -74.59 54.67 133.18
CA ARG IA 40 -73.27 54.99 133.70
C ARG IA 40 -72.51 55.89 132.75
N ILE IA 41 -71.64 56.74 133.32
CA ILE IA 41 -70.68 57.54 132.58
C ILE IA 41 -69.31 57.34 133.21
N SER IA 42 -68.30 57.09 132.38
CA SER IA 42 -66.92 56.96 132.85
C SER IA 42 -66.26 58.33 132.90
N LEU IA 43 -65.69 58.66 134.06
CA LEU IA 43 -65.04 59.95 134.28
C LEU IA 43 -63.52 59.89 134.07
N ASN IA 44 -62.99 58.75 133.64
CA ASN IA 44 -61.55 58.60 133.54
C ASN IA 44 -61.01 59.50 132.43
N THR IA 45 -59.83 60.07 132.67
CA THR IA 45 -59.23 61.00 131.73
C THR IA 45 -58.74 60.28 130.49
N LEU IA 46 -59.09 60.80 129.32
CA LEU IA 46 -58.68 60.23 128.05
C LEU IA 46 -57.81 61.23 127.30
N THR IA 47 -56.72 60.74 126.71
CA THR IA 47 -55.82 61.58 125.94
C THR IA 47 -56.29 61.68 124.50
N LEU IA 48 -56.03 62.83 123.89
CA LEU IA 48 -56.46 63.12 122.52
C LEU IA 48 -55.27 63.50 121.68
N ASN IA 49 -55.15 62.87 120.50
CA ASN IA 49 -54.08 63.19 119.56
C ASN IA 49 -54.64 64.16 118.53
N VAL IA 50 -54.66 65.45 118.92
CA VAL IA 50 -55.24 66.51 118.11
C VAL IA 50 -54.28 66.80 116.98
N LYS IA 51 -54.57 66.28 115.79
CA LYS IA 51 -53.68 66.38 114.64
C LYS IA 51 -54.23 67.38 113.63
N SER IA 52 -53.37 68.29 113.19
CA SER IA 52 -53.71 69.26 112.14
C SER IA 52 -52.73 69.09 111.00
N GLU IA 53 -53.25 68.91 109.78
CA GLU IA 53 -52.44 68.65 108.61
C GLU IA 53 -52.65 69.76 107.59
N LYS IA 54 -51.55 70.37 107.14
CA LYS IA 54 -51.57 71.38 106.09
C LYS IA 54 -52.50 72.55 106.46
N VAL IA 55 -52.16 73.21 107.56
CA VAL IA 55 -52.94 74.33 108.07
C VAL IA 55 -52.13 75.60 107.88
N TYR IA 56 -52.80 76.66 107.42
CA TYR IA 56 -52.14 77.92 107.14
C TYR IA 56 -52.05 78.80 108.39
N THR IA 57 -50.91 79.49 108.53
CA THR IA 57 -50.66 80.40 109.62
C THR IA 57 -51.03 81.82 109.19
N ARG IA 58 -50.66 82.82 109.99
CA ARG IA 58 -51.13 84.17 109.69
C ARG IA 58 -50.29 84.78 108.58
N HIS IA 59 -49.12 84.20 108.29
CA HIS IA 59 -48.44 84.45 107.02
C HIS IA 59 -48.98 83.61 105.87
N GLY IA 60 -49.74 82.56 106.17
CA GLY IA 60 -50.23 81.66 105.15
C GLY IA 60 -49.36 80.45 104.88
N VAL IA 61 -48.19 80.35 105.50
CA VAL IA 61 -47.32 79.19 105.26
C VAL IA 61 -47.97 77.94 105.86
N PRO IA 62 -48.01 76.83 105.13
CA PRO IA 62 -48.62 75.61 105.67
C PRO IA 62 -47.61 74.79 106.46
N ILE IA 63 -47.97 74.44 107.69
CA ILE IA 63 -47.13 73.62 108.55
C ILE IA 63 -47.98 72.52 109.16
N SER IA 64 -47.44 71.31 109.20
CA SER IA 64 -48.12 70.19 109.83
C SER IA 64 -47.91 70.26 111.34
N VAL IA 65 -49.01 70.39 112.08
CA VAL IA 65 -48.96 70.62 113.52
C VAL IA 65 -49.74 69.52 114.22
N THR IA 66 -49.12 68.90 115.22
CA THR IA 66 -49.75 67.86 116.02
C THR IA 66 -49.90 68.35 117.45
N GLY IA 67 -51.04 68.08 118.05
CA GLY IA 67 -51.31 68.48 119.42
C GLY IA 67 -51.83 67.33 120.25
N ILE IA 68 -51.56 67.40 121.55
CA ILE IA 68 -51.98 66.40 122.51
C ILE IA 68 -52.75 67.11 123.62
N ALA IA 69 -53.90 66.54 123.99
CA ALA IA 69 -54.75 67.13 125.02
C ALA IA 69 -55.17 66.06 126.02
N GLN IA 70 -55.32 66.46 127.27
CA GLN IA 70 -55.83 65.60 128.33
C GLN IA 70 -57.15 66.18 128.82
N VAL IA 71 -58.26 65.51 128.52
CA VAL IA 71 -59.59 66.01 128.79
C VAL IA 71 -60.28 65.07 129.78
N LYS IA 72 -61.00 65.67 130.73
CA LYS IA 72 -61.69 64.91 131.77
C LYS IA 72 -63.02 65.59 132.07
N ILE IA 73 -63.96 64.80 132.59
CA ILE IA 73 -65.29 65.28 132.95
C ILE IA 73 -65.25 65.67 134.42
N GLN IA 74 -65.32 66.98 134.69
CA GLN IA 74 -65.21 67.46 136.07
C GLN IA 74 -66.47 67.16 136.86
N GLY IA 75 -66.52 65.97 137.46
CA GLY IA 75 -67.69 65.58 138.24
C GLY IA 75 -67.83 66.31 139.55
N GLN IA 76 -66.82 67.08 139.97
CA GLN IA 76 -66.95 67.87 141.19
C GLN IA 76 -68.04 68.93 141.06
N ASN IA 77 -68.15 69.56 139.90
CA ASN IA 77 -69.17 70.56 139.67
C ASN IA 77 -70.51 69.88 139.39
N LYS IA 78 -71.49 70.13 140.26
CA LYS IA 78 -72.80 69.51 140.11
C LYS IA 78 -73.48 69.99 138.83
N GLU IA 79 -73.43 71.29 138.56
CA GLU IA 79 -74.09 71.84 137.39
C GLU IA 79 -73.48 71.30 136.09
N MET IA 80 -72.15 71.29 136.01
CA MET IA 80 -71.50 70.81 134.80
C MET IA 80 -71.74 69.33 134.60
N LEU IA 81 -71.68 68.54 135.67
CA LEU IA 81 -71.94 67.11 135.56
C LEU IA 81 -73.38 66.84 135.13
N ALA IA 82 -74.33 67.59 135.69
CA ALA IA 82 -75.73 67.43 135.31
C ALA IA 82 -75.93 67.79 133.85
N ALA IA 83 -75.26 68.85 133.38
CA ALA IA 83 -75.34 69.19 131.96
C ALA IA 83 -74.76 68.07 131.10
N ALA IA 84 -73.61 67.51 131.51
CA ALA IA 84 -72.95 66.50 130.71
C ALA IA 84 -73.76 65.20 130.65
N CYS IA 85 -74.44 64.86 131.74
CA CYS IA 85 -75.22 63.63 131.77
C CYS IA 85 -76.36 63.65 130.78
N GLN IA 86 -76.80 64.84 130.36
CA GLN IA 86 -77.93 64.94 129.44
C GLN IA 86 -77.61 64.41 128.05
N MET IA 87 -76.33 64.29 127.69
CA MET IA 87 -75.97 63.75 126.38
C MET IA 87 -74.91 62.66 126.43
N PHE IA 88 -74.14 62.53 127.50
CA PHE IA 88 -73.04 61.58 127.51
C PHE IA 88 -73.43 60.19 128.01
N LEU IA 89 -74.63 60.03 128.55
CA LEU IA 89 -75.12 58.69 128.86
C LEU IA 89 -75.34 57.91 127.58
N GLY IA 90 -74.92 56.65 127.58
CA GLY IA 90 -75.11 55.78 126.43
C GLY IA 90 -74.10 55.93 125.33
N LYS IA 91 -73.11 56.79 125.49
CA LYS IA 91 -72.06 56.99 124.49
C LYS IA 91 -70.79 56.28 124.93
N THR IA 92 -70.19 55.54 123.99
CA THR IA 92 -68.97 54.81 124.27
C THR IA 92 -67.79 55.75 124.44
N GLU IA 93 -66.70 55.21 124.99
CA GLU IA 93 -65.50 56.02 125.20
C GLU IA 93 -64.92 56.51 123.88
N ALA IA 94 -64.97 55.66 122.84
CA ALA IA 94 -64.39 56.04 121.55
C ALA IA 94 -65.10 57.25 120.96
N GLU IA 95 -66.43 57.24 120.94
CA GLU IA 95 -67.18 58.38 120.38
C GLU IA 95 -67.02 59.62 121.24
N ILE IA 96 -67.00 59.45 122.57
CA ILE IA 96 -66.82 60.57 123.47
C ILE IA 96 -65.48 61.24 123.19
N ALA IA 97 -64.43 60.44 123.05
CA ALA IA 97 -63.12 60.98 122.69
C ALA IA 97 -63.16 61.64 121.33
N HIS IA 98 -63.78 61.00 120.34
CA HIS IA 98 -63.73 61.46 118.96
C HIS IA 98 -64.43 62.80 118.76
N ILE IA 99 -65.59 63.01 119.40
CA ILE IA 99 -66.31 64.26 119.20
C ILE IA 99 -65.54 65.44 119.77
N ALA IA 100 -65.07 65.29 121.01
CA ALA IA 100 -64.27 66.35 121.61
C ALA IA 100 -62.95 66.54 120.87
N LEU IA 101 -62.43 65.48 120.27
CA LEU IA 101 -61.21 65.60 119.46
C LEU IA 101 -61.45 66.52 118.27
N GLU IA 102 -62.57 66.32 117.56
CA GLU IA 102 -62.88 67.19 116.44
C GLU IA 102 -63.13 68.62 116.89
N THR IA 103 -63.80 68.80 118.02
CA THR IA 103 -64.03 70.16 118.52
C THR IA 103 -62.72 70.85 118.85
N LEU IA 104 -61.83 70.18 119.58
CA LEU IA 104 -60.55 70.78 119.94
C LEU IA 104 -59.68 71.01 118.72
N GLU IA 105 -59.77 70.13 117.72
CA GLU IA 105 -59.07 70.36 116.47
C GLU IA 105 -59.59 71.60 115.78
N GLY IA 106 -60.90 71.81 115.80
CA GLY IA 106 -61.45 73.04 115.25
C GLY IA 106 -60.91 74.26 115.96
N HIS IA 107 -60.88 74.23 117.29
CA HIS IA 107 -60.35 75.37 118.04
C HIS IA 107 -58.87 75.62 117.72
N GLN IA 108 -58.06 74.55 117.69
CA GLN IA 108 -56.63 74.71 117.43
C GLN IA 108 -56.39 75.24 116.03
N ARG IA 109 -57.03 74.64 115.03
CA ARG IA 109 -56.85 75.06 113.65
C ARG IA 109 -57.40 76.46 113.43
N ALA IA 110 -58.39 76.89 114.21
CA ALA IA 110 -58.85 78.27 114.13
C ALA IA 110 -57.84 79.23 114.73
N ILE IA 111 -57.26 78.88 115.88
CA ILE IA 111 -56.26 79.74 116.50
C ILE IA 111 -54.92 79.67 115.79
N MET IA 112 -54.76 78.75 114.82
CA MET IA 112 -53.53 78.67 114.04
C MET IA 112 -53.23 80.00 113.35
N ALA IA 113 -54.26 80.65 112.81
CA ALA IA 113 -54.05 81.90 112.09
C ALA IA 113 -53.89 83.09 113.03
N HIS IA 114 -54.06 82.91 114.33
CA HIS IA 114 -53.82 84.02 115.24
C HIS IA 114 -52.33 84.22 115.49
N MET IA 115 -51.64 83.17 115.91
CA MET IA 115 -50.22 83.22 116.21
C MET IA 115 -49.42 82.63 115.07
N THR IA 116 -48.38 83.35 114.65
CA THR IA 116 -47.51 82.89 113.59
C THR IA 116 -46.56 81.80 114.09
N VAL IA 117 -45.95 81.09 113.13
CA VAL IA 117 -45.05 79.98 113.48
C VAL IA 117 -43.88 80.51 114.31
N GLU IA 118 -43.32 81.65 113.91
CA GLU IA 118 -42.27 82.29 114.70
C GLU IA 118 -42.72 82.48 116.13
N GLU IA 119 -44.00 82.83 116.33
CA GLU IA 119 -44.53 82.94 117.67
C GLU IA 119 -44.72 81.57 118.30
N ILE IA 120 -45.17 80.57 117.54
CA ILE IA 120 -45.58 79.31 118.17
C ILE IA 120 -44.38 78.56 118.72
N TYR IA 121 -43.25 78.53 118.00
CA TYR IA 121 -42.16 77.74 118.57
C TYR IA 121 -41.36 78.54 119.58
N LYS IA 122 -41.29 79.87 119.42
CA LYS IA 122 -40.58 80.71 120.38
C LYS IA 122 -41.45 81.03 121.59
N ASP IA 123 -42.55 81.73 121.36
CA ASP IA 123 -43.46 82.11 122.45
C ASP IA 123 -44.59 81.10 122.54
N ARG IA 124 -44.36 79.99 123.24
CA ARG IA 124 -45.31 78.90 123.30
C ARG IA 124 -46.20 78.97 124.53
N GLN IA 125 -45.72 79.60 125.60
CA GLN IA 125 -46.49 79.62 126.84
C GLN IA 125 -47.77 80.43 126.69
N LYS IA 126 -47.66 81.64 126.14
CA LYS IA 126 -48.85 82.46 125.94
C LYS IA 126 -49.80 81.82 124.95
N PHE IA 127 -49.26 81.23 123.88
CA PHE IA 127 -50.08 80.49 122.93
C PHE IA 127 -50.87 79.39 123.62
N SER IA 128 -50.19 78.56 124.41
CA SER IA 128 -50.86 77.45 125.08
C SER IA 128 -51.91 77.96 126.06
N GLU IA 129 -51.59 79.04 126.79
CA GLU IA 129 -52.55 79.58 127.75
C GLU IA 129 -53.80 80.10 127.06
N GLN IA 130 -53.65 80.81 125.94
CA GLN IA 130 -54.82 81.32 125.23
C GLN IA 130 -55.64 80.18 124.63
N VAL IA 131 -54.95 79.18 124.06
CA VAL IA 131 -55.65 78.01 123.52
C VAL IA 131 -56.44 77.32 124.62
N PHE IA 132 -55.81 77.11 125.77
CA PHE IA 132 -56.48 76.47 126.89
C PHE IA 132 -57.68 77.28 127.34
N LYS IA 133 -57.53 78.60 127.44
CA LYS IA 133 -58.64 79.44 127.89
C LYS IA 133 -59.83 79.32 126.94
N VAL IA 134 -59.61 79.51 125.65
CA VAL IA 134 -60.73 79.54 124.71
C VAL IA 134 -61.37 78.16 124.59
N ALA IA 135 -60.54 77.12 124.44
CA ALA IA 135 -61.06 75.77 124.31
C ALA IA 135 -61.79 75.34 125.57
N SER IA 136 -61.23 75.65 126.75
CA SER IA 136 -61.88 75.29 128.00
C SER IA 136 -63.21 76.00 128.14
N SER IA 137 -63.28 77.28 127.76
CA SER IA 137 -64.57 77.97 127.82
C SER IA 137 -65.60 77.30 126.93
N ASP IA 138 -65.26 77.08 125.66
CA ASP IA 138 -66.25 76.55 124.73
C ASP IA 138 -66.56 75.08 124.99
N LEU IA 139 -65.69 74.38 125.72
CA LEU IA 139 -65.92 72.97 125.98
C LEU IA 139 -66.62 72.75 127.32
N VAL IA 140 -66.39 73.64 128.30
CA VAL IA 140 -67.22 73.67 129.50
C VAL IA 140 -68.64 74.07 129.12
N ASN IA 141 -68.78 74.95 128.12
CA ASN IA 141 -70.09 75.18 127.54
C ASN IA 141 -70.70 73.87 127.04
N MET IA 142 -69.89 73.01 126.44
CA MET IA 142 -70.38 71.70 126.03
C MET IA 142 -70.42 70.73 127.20
N GLY IA 143 -69.46 70.84 128.13
CA GLY IA 143 -69.49 70.05 129.35
C GLY IA 143 -68.21 69.32 129.71
N ILE IA 144 -67.15 69.41 128.90
CA ILE IA 144 -65.88 68.78 129.20
C ILE IA 144 -64.85 69.87 129.48
N SER IA 145 -64.08 69.68 130.55
CA SER IA 145 -63.00 70.60 130.92
C SER IA 145 -61.67 69.95 130.58
N VAL IA 146 -60.85 70.66 129.80
CA VAL IA 146 -59.55 70.15 129.40
C VAL IA 146 -58.57 70.34 130.56
N VAL IA 147 -57.95 69.24 131.00
CA VAL IA 147 -56.99 69.32 132.10
C VAL IA 147 -55.76 70.09 131.66
N SER IA 148 -55.21 69.74 130.50
CA SER IA 148 -54.01 70.39 129.99
C SER IA 148 -53.90 70.10 128.49
N TYR IA 149 -53.58 71.15 127.73
CA TYR IA 149 -53.38 71.03 126.29
C TYR IA 149 -51.93 71.36 125.97
N THR IA 150 -51.35 70.62 125.02
CA THR IA 150 -50.00 70.86 124.58
C THR IA 150 -49.92 70.65 123.08
N LEU IA 151 -48.82 71.10 122.49
CA LEU IA 151 -48.55 70.92 121.06
C LEU IA 151 -47.49 69.84 120.89
N LYS IA 152 -47.82 68.79 120.16
CA LYS IA 152 -46.95 67.63 120.08
C LYS IA 152 -45.74 67.91 119.19
N ASP IA 153 -45.98 68.20 117.91
CA ASP IA 153 -44.90 68.40 116.96
C ASP IA 153 -45.32 69.42 115.91
N ILE IA 154 -44.33 70.10 115.35
CA ILE IA 154 -44.53 71.02 114.24
C ILE IA 154 -43.67 70.54 113.08
N HIS IA 155 -44.29 70.38 111.91
CA HIS IA 155 -43.61 69.89 110.73
C HIS IA 155 -43.88 70.82 109.56
N ASP IA 156 -42.86 71.00 108.71
CA ASP IA 156 -42.98 71.84 107.53
C ASP IA 156 -42.52 71.04 106.32
N ASP IA 157 -43.42 70.84 105.36
CA ASP IA 157 -43.10 70.15 104.12
C ASP IA 157 -42.62 71.10 103.03
N GLN IA 158 -42.63 72.41 103.29
CA GLN IA 158 -42.23 73.41 102.32
C GLN IA 158 -40.78 73.86 102.50
N ASP IA 159 -40.05 73.25 103.43
CA ASP IA 159 -38.67 73.61 103.78
C ASP IA 159 -38.58 75.03 104.32
N TYR IA 160 -39.64 75.53 104.96
CA TYR IA 160 -39.65 76.90 105.46
C TYR IA 160 -38.69 77.08 106.63
N LEU IA 161 -38.67 76.11 107.55
CA LEU IA 161 -37.92 76.29 108.80
C LEU IA 161 -36.51 75.73 108.70
N HIS IA 162 -36.27 74.87 107.71
CA HIS IA 162 -34.96 74.26 107.57
C HIS IA 162 -33.88 75.30 107.30
N SER IA 163 -34.19 76.31 106.48
CA SER IA 163 -33.20 77.36 106.21
C SER IA 163 -32.93 78.20 107.45
N LEU IA 164 -33.99 78.50 108.22
CA LEU IA 164 -33.80 79.23 109.47
C LEU IA 164 -32.91 78.46 110.43
N GLY IA 165 -33.05 77.13 110.46
CA GLY IA 165 -32.13 76.31 111.23
C GLY IA 165 -30.73 76.34 110.68
N LYS IA 166 -30.59 76.29 109.35
CA LYS IA 166 -29.28 76.16 108.72
C LYS IA 166 -28.45 77.43 108.87
N ALA IA 167 -29.12 78.57 109.04
CA ALA IA 167 -28.41 79.83 109.24
C ALA IA 167 -27.44 79.76 110.41
N ARG IA 168 -27.94 79.32 111.58
CA ARG IA 168 -27.09 79.24 112.76
C ARG IA 168 -26.02 78.17 112.61
N THR IA 169 -26.33 77.09 111.89
CA THR IA 169 -25.32 76.07 111.64
C THR IA 169 -24.16 76.64 110.84
N ALA IA 170 -24.45 77.46 109.83
CA ALA IA 170 -23.36 78.14 109.14
C ALA IA 170 -22.62 79.09 110.07
N GLN IA 171 -23.36 79.80 110.92
CA GLN IA 171 -22.75 80.79 111.80
C GLN IA 171 -21.82 80.12 112.81
N VAL IA 172 -22.05 78.84 113.13
CA VAL IA 172 -21.15 78.13 114.04
C VAL IA 172 -20.04 77.43 113.27
N GLN IA 173 -20.33 77.02 112.03
CA GLN IA 173 -19.29 76.39 111.22
C GLN IA 173 -18.19 77.36 110.87
N LYS IA 174 -18.51 78.66 110.77
CA LYS IA 174 -17.45 79.63 110.54
C LYS IA 174 -16.47 79.65 111.73
N ASP IA 175 -17.00 79.55 112.95
CA ASP IA 175 -16.15 79.43 114.13
C ASP IA 175 -15.36 78.12 114.11
N ALA IA 176 -16.02 77.04 113.70
CA ALA IA 176 -15.34 75.75 113.60
C ALA IA 176 -14.14 75.84 112.65
N ARG IA 177 -14.28 76.59 111.56
CA ARG IA 177 -13.17 76.73 110.62
C ARG IA 177 -12.12 77.71 111.14
N ILE IA 178 -12.54 78.76 111.84
CA ILE IA 178 -11.57 79.73 112.36
C ILE IA 178 -10.66 79.09 113.38
N GLY IA 179 -11.19 78.19 114.21
CA GLY IA 179 -10.36 77.48 115.17
C GLY IA 179 -9.33 76.61 114.48
N GLU IA 180 -9.74 75.89 113.45
CA GLU IA 180 -8.82 75.04 112.70
C GLU IA 180 -7.73 75.87 112.03
N ALA IA 181 -8.10 77.03 111.49
CA ALA IA 181 -7.11 77.91 110.87
C ALA IA 181 -6.09 78.41 111.89
N GLU IA 182 -6.57 78.84 113.06
CA GLU IA 182 -5.65 79.21 114.14
C GLU IA 182 -4.68 78.06 114.45
N ALA IA 183 -5.21 76.86 114.68
CA ALA IA 183 -4.37 75.75 115.06
C ALA IA 183 -3.35 75.41 113.99
N LYS IA 184 -3.78 75.39 112.72
CA LYS IA 184 -2.87 75.04 111.64
C LYS IA 184 -1.76 76.07 111.46
N ARG IA 185 -2.10 77.36 111.51
CA ARG IA 185 -1.06 78.38 111.38
C ARG IA 185 -0.08 78.30 112.54
N ASP IA 186 -0.59 78.14 113.76
CA ASP IA 186 0.29 78.08 114.93
C ASP IA 186 1.20 76.85 114.89
N ALA IA 187 0.69 75.72 114.41
CA ALA IA 187 1.53 74.54 114.29
C ALA IA 187 2.59 74.72 113.21
N GLY IA 188 2.17 75.16 112.03
CA GLY IA 188 3.09 75.27 110.91
C GLY IA 188 4.21 76.26 111.12
N ILE IA 189 3.93 77.39 111.75
CA ILE IA 189 4.98 78.40 111.95
C ILE IA 189 6.18 77.81 112.68
N ARG IA 190 5.96 77.24 113.85
CA ARG IA 190 7.08 76.70 114.63
C ARG IA 190 7.58 75.38 114.10
N GLU IA 191 6.75 74.56 113.44
CA GLU IA 191 7.27 73.38 112.79
C GLU IA 191 8.31 73.75 111.72
N ALA IA 192 7.96 74.73 110.88
CA ALA IA 192 8.91 75.18 109.86
C ALA IA 192 10.15 75.78 110.50
N LYS IA 193 9.98 76.55 111.57
CA LYS IA 193 11.15 77.13 112.21
C LYS IA 193 12.09 76.07 112.78
N ALA IA 194 11.55 75.04 113.45
CA ALA IA 194 12.39 73.97 113.98
C ALA IA 194 13.06 73.20 112.85
N LYS IA 195 12.34 72.95 111.77
CA LYS IA 195 12.93 72.37 110.57
C LYS IA 195 14.14 73.18 110.12
N GLN IA 196 13.99 74.51 110.11
CA GLN IA 196 15.05 75.40 109.70
C GLN IA 196 16.28 75.25 110.57
N GLU IA 197 16.09 75.28 111.89
CA GLU IA 197 17.25 75.14 112.78
C GLU IA 197 17.94 73.79 112.59
N LYS IA 198 17.19 72.70 112.44
CA LYS IA 198 17.87 71.41 112.37
C LYS IA 198 18.67 71.31 111.07
N VAL IA 199 18.11 71.83 109.98
CA VAL IA 199 18.85 71.79 108.71
C VAL IA 199 20.10 72.67 108.79
N SER IA 200 19.98 73.85 109.42
CA SER IA 200 21.12 74.73 109.55
C SER IA 200 22.24 74.06 110.34
N ALA IA 201 21.89 73.40 111.44
CA ALA IA 201 22.90 72.70 112.23
C ALA IA 201 23.50 71.51 111.47
N GLN IA 202 22.67 70.78 110.72
CA GLN IA 202 23.19 69.65 109.95
C GLN IA 202 24.20 70.12 108.92
N TYR IA 203 23.92 71.22 108.23
CA TYR IA 203 24.89 71.74 107.27
C TYR IA 203 26.12 72.30 107.96
N LEU IA 204 25.96 72.90 109.14
CA LEU IA 204 27.13 73.34 109.89
C LEU IA 204 28.04 72.17 110.23
N SER IA 205 27.46 71.03 110.62
CA SER IA 205 28.26 69.85 110.87
C SER IA 205 28.91 69.33 109.58
N GLU IA 206 28.17 69.36 108.47
CA GLU IA 206 28.73 68.93 107.20
C GLU IA 206 29.89 69.81 106.74
N ILE IA 207 29.95 71.06 107.23
CA ILE IA 207 31.14 71.88 106.97
C ILE IA 207 32.39 71.23 107.57
N GLU IA 208 32.32 70.85 108.85
CA GLU IA 208 33.43 70.17 109.47
C GLU IA 208 33.68 68.81 108.85
N MET IA 209 32.63 68.16 108.34
CA MET IA 209 32.84 66.95 107.55
C MET IA 209 33.81 67.19 106.40
N ALA IA 210 33.59 68.25 105.63
CA ALA IA 210 34.47 68.58 104.53
C ALA IA 210 35.85 69.03 105.01
N LYS IA 211 35.90 69.72 106.15
CA LYS IA 211 37.20 70.04 106.76
C LYS IA 211 38.02 68.78 106.96
N ALA IA 212 37.45 67.77 107.62
CA ALA IA 212 38.16 66.53 107.86
C ALA IA 212 38.46 65.79 106.55
N GLN IA 213 37.53 65.83 105.60
CA GLN IA 213 37.77 65.18 104.32
C GLN IA 213 38.98 65.77 103.61
N ARG IA 214 39.09 67.10 103.60
CA ARG IA 214 40.28 67.74 103.06
C ARG IA 214 41.52 67.33 103.82
N ASP IA 215 41.46 67.43 105.16
CA ASP IA 215 42.63 67.13 105.98
C ASP IA 215 43.15 65.72 105.75
N TYR IA 216 42.28 64.77 105.43
CA TYR IA 216 42.70 63.41 105.13
C TYR IA 216 43.15 63.22 103.70
N GLU IA 217 42.35 63.70 102.74
CA GLU IA 217 42.62 63.46 101.32
C GLU IA 217 43.89 64.15 100.85
N LEU IA 218 44.13 65.38 101.30
CA LEU IA 218 45.33 66.10 100.86
C LEU IA 218 46.59 65.38 101.30
N LYS IA 219 46.64 64.95 102.56
CA LYS IA 219 47.80 64.22 103.04
C LYS IA 219 47.94 62.87 102.35
N LYS IA 220 46.81 62.18 102.10
CA LYS IA 220 46.91 60.90 101.41
C LYS IA 220 47.51 61.08 100.01
N ALA IA 221 47.06 62.11 99.29
CA ALA IA 221 47.61 62.36 97.96
C ALA IA 221 49.08 62.76 98.03
N ALA IA 222 49.44 63.59 99.03
CA ALA IA 222 50.83 64.00 99.16
C ALA IA 222 51.74 62.81 99.42
N TYR IA 223 51.29 61.87 100.25
CA TYR IA 223 52.07 60.66 100.50
C TYR IA 223 52.11 59.76 99.27
N ASP IA 224 51.00 59.70 98.53
CA ASP IA 224 50.96 58.91 97.31
C ASP IA 224 51.96 59.42 96.28
N ILE IA 225 52.17 60.74 96.22
CA ILE IA 225 53.17 61.27 95.29
C ILE IA 225 54.53 60.66 95.56
N GLU IA 226 54.95 60.67 96.82
CA GLU IA 226 56.26 60.14 97.18
C GLU IA 226 56.35 58.64 96.91
N VAL IA 227 55.31 57.89 97.28
CA VAL IA 227 55.39 56.45 97.10
C VAL IA 227 55.43 56.11 95.61
N ASN IA 228 54.67 56.83 94.78
CA ASN IA 228 54.71 56.59 93.34
C ASN IA 228 56.07 56.92 92.76
N THR IA 229 56.69 58.02 93.19
CA THR IA 229 58.02 58.34 92.67
C THR IA 229 59.03 57.26 93.02
N ARG IA 230 59.03 56.82 94.29
CA ARG IA 230 59.98 55.78 94.68
C ARG IA 230 59.72 54.46 93.98
N ARG IA 231 58.45 54.08 93.82
CA ARG IA 231 58.14 52.86 93.08
C ARG IA 231 58.56 52.95 91.63
N ALA IA 232 58.39 54.11 91.01
CA ALA IA 232 58.83 54.28 89.63
C ALA IA 232 60.34 54.12 89.51
N GLN IA 233 61.09 54.69 90.46
CA GLN IA 233 62.54 54.49 90.46
C GLN IA 233 62.90 53.02 90.63
N ALA IA 234 62.22 52.34 91.56
CA ALA IA 234 62.54 50.95 91.87
C ALA IA 234 62.27 50.04 90.68
N ASP IA 235 61.19 50.31 89.94
CA ASP IA 235 60.87 49.45 88.80
C ASP IA 235 61.98 49.45 87.75
N LEU IA 236 62.51 50.62 87.42
CA LEU IA 236 63.46 50.76 86.33
C LEU IA 236 64.91 50.64 86.77
N ALA IA 237 65.18 50.56 88.08
CA ALA IA 237 66.53 50.25 88.51
C ALA IA 237 67.04 48.94 87.91
N TYR IA 238 66.14 47.95 87.79
CA TYR IA 238 66.53 46.65 87.23
C TYR IA 238 66.99 46.80 85.78
N GLN IA 239 66.22 47.53 84.97
CA GLN IA 239 66.60 47.74 83.58
C GLN IA 239 67.90 48.53 83.47
N LEU IA 240 68.06 49.54 84.33
CA LEU IA 240 69.29 50.31 84.32
C LEU IA 240 70.51 49.41 84.57
N GLN IA 241 70.44 48.57 85.60
CA GLN IA 241 71.57 47.71 85.92
C GLN IA 241 71.79 46.65 84.85
N VAL IA 242 70.73 46.09 84.29
CA VAL IA 242 70.90 45.04 83.29
C VAL IA 242 71.53 45.63 82.03
N ALA IA 243 71.19 46.88 81.69
CA ALA IA 243 71.88 47.53 80.57
C ALA IA 243 73.34 47.80 80.91
N LYS IA 244 73.60 48.28 82.12
CA LYS IA 244 74.97 48.60 82.51
C LYS IA 244 75.87 47.38 82.45
N THR IA 245 75.34 46.21 82.79
CA THR IA 245 76.14 44.99 82.72
C THR IA 245 76.13 44.35 81.33
N LYS IA 246 75.05 44.53 80.56
CA LYS IA 246 75.06 44.13 79.16
C LYS IA 246 76.12 44.88 78.38
N GLN IA 247 76.52 46.06 78.85
CA GLN IA 247 77.67 46.74 78.26
C GLN IA 247 78.89 45.82 78.24
N GLN IA 248 79.25 45.25 79.40
CA GLN IA 248 80.40 44.35 79.46
C GLN IA 248 80.12 43.03 78.76
N ILE IA 249 78.88 42.56 78.82
CA ILE IA 249 78.52 41.34 78.11
C ILE IA 249 78.88 41.47 76.63
N GLU IA 250 78.46 42.57 76.01
CA GLU IA 250 78.77 42.81 74.61
C GLU IA 250 80.24 43.13 74.40
N GLU IA 251 80.87 43.83 75.34
CA GLU IA 251 82.29 44.13 75.22
C GLU IA 251 83.12 42.87 75.06
N GLN IA 252 82.76 41.80 75.77
CA GLN IA 252 83.48 40.53 75.61
C GLN IA 252 82.96 39.68 74.45
N ARG IA 253 81.64 39.72 74.21
CA ARG IA 253 81.08 38.95 73.10
C ARG IA 253 81.58 39.46 71.76
N VAL IA 254 82.13 40.69 71.74
CA VAL IA 254 82.81 41.15 70.53
C VAL IA 254 84.31 40.92 70.58
N GLN IA 255 84.90 40.88 71.79
CA GLN IA 255 86.31 40.55 71.93
C GLN IA 255 86.62 39.15 71.41
N VAL IA 256 85.67 38.23 71.53
CA VAL IA 256 85.89 36.91 70.95
C VAL IA 256 86.10 37.03 69.43
N GLN IA 257 85.39 37.96 68.76
CA GLN IA 257 85.62 38.19 67.34
C GLN IA 257 87.02 38.73 67.07
N VAL IA 258 87.52 39.62 67.93
CA VAL IA 258 88.88 40.13 67.77
C VAL IA 258 89.87 38.98 67.83
N VAL IA 259 89.68 38.06 68.78
CA VAL IA 259 90.57 36.90 68.87
C VAL IA 259 90.47 36.05 67.61
N GLU IA 260 89.25 35.82 67.12
CA GLU IA 260 89.05 35.07 65.88
C GLU IA 260 89.87 35.66 64.73
N ARG IA 261 89.74 36.97 64.52
CA ARG IA 261 90.44 37.57 63.38
C ARG IA 261 91.95 37.62 63.61
N ALA IA 262 92.39 37.91 64.83
CA ALA IA 262 93.81 37.95 65.16
C ALA IA 262 94.47 36.59 65.06
N GLN IA 263 93.71 35.50 65.00
CA GLN IA 263 94.30 34.21 64.67
C GLN IA 263 94.08 33.79 63.22
N GLN IA 264 93.00 34.26 62.57
CA GLN IA 264 92.89 34.06 61.13
C GLN IA 264 94.03 34.73 60.39
N VAL IA 265 94.59 35.82 60.94
CA VAL IA 265 95.76 36.42 60.30
C VAL IA 265 96.94 35.45 60.32
N ALA IA 266 97.11 34.68 61.40
CA ALA IA 266 98.17 33.67 61.44
C ALA IA 266 97.85 32.52 60.49
N VAL IA 267 96.57 32.17 60.38
CA VAL IA 267 96.17 31.17 59.39
C VAL IA 267 96.63 31.60 58.01
N GLN IA 268 96.38 32.86 57.64
CA GLN IA 268 96.82 33.36 56.34
C GLN IA 268 98.34 33.47 56.27
N GLU IA 269 99.00 33.71 57.40
CA GLU IA 269 100.46 33.77 57.42
C GLU IA 269 101.05 32.42 57.04
N GLN IA 270 100.41 31.34 57.46
CA GLN IA 270 100.84 30.02 56.99
C GLN IA 270 100.37 29.77 55.55
N GLU IA 271 99.21 30.30 55.19
CA GLU IA 271 98.66 30.09 53.86
C GLU IA 271 99.55 30.72 52.78
N ILE IA 272 100.22 31.83 53.09
CA ILE IA 272 101.06 32.45 52.07
C ILE IA 272 102.21 31.52 51.67
N ALA IA 273 102.84 30.88 52.65
CA ALA IA 273 103.92 29.95 52.33
C ALA IA 273 103.38 28.67 51.70
N ARG IA 274 102.20 28.23 52.13
CA ARG IA 274 101.59 27.08 51.48
C ARG IA 274 101.34 27.37 50.00
N ARG IA 275 100.83 28.56 49.69
CA ARG IA 275 100.63 28.96 48.30
C ARG IA 275 101.95 29.07 47.57
N GLU IA 276 102.98 29.64 48.21
CA GLU IA 276 104.33 29.61 47.63
C GLU IA 276 104.67 28.22 47.13
N LYS IA 277 104.68 27.25 48.03
CA LYS IA 277 105.13 25.90 47.68
C LYS IA 277 104.22 25.27 46.63
N GLU IA 278 102.91 25.33 46.84
CA GLU IA 278 101.98 24.67 45.94
C GLU IA 278 102.01 25.28 44.54
N LEU IA 279 102.05 26.61 44.47
CA LEU IA 279 102.11 27.29 43.18
C LEU IA 279 103.42 26.99 42.47
N GLU IA 280 104.53 26.97 43.20
CA GLU IA 280 105.79 26.57 42.59
C GLU IA 280 105.66 25.18 41.97
N ALA IA 281 105.20 24.21 42.76
CA ALA IA 281 105.09 22.84 42.27
C ALA IA 281 104.18 22.71 41.07
N ARG IA 282 103.05 23.43 41.06
CA ARG IA 282 102.06 23.26 40.00
C ARG IA 282 102.26 24.20 38.81
N VAL IA 283 103.20 25.14 38.87
CA VAL IA 283 103.40 26.05 37.76
C VAL IA 283 104.84 26.04 37.27
N ARG IA 284 105.80 26.30 38.17
CA ARG IA 284 107.16 26.54 37.73
C ARG IA 284 107.81 25.27 37.20
N LYS IA 285 107.69 24.17 37.94
CA LYS IA 285 108.25 22.90 37.47
C LYS IA 285 107.59 22.41 36.18
N PRO IA 286 106.26 22.42 36.04
CA PRO IA 286 105.69 22.06 34.72
C PRO IA 286 106.16 22.96 33.60
N ALA IA 287 106.37 24.25 33.86
CA ALA IA 287 106.89 25.14 32.82
C ALA IA 287 108.31 24.75 32.43
N GLU IA 288 109.16 24.44 33.40
CA GLU IA 288 110.51 23.99 33.08
C GLU IA 288 110.50 22.69 32.28
N ALA IA 289 109.65 21.74 32.68
CA ALA IA 289 109.56 20.48 31.96
C ALA IA 289 109.06 20.69 30.53
N GLU IA 290 108.07 21.55 30.36
CA GLU IA 290 107.57 21.83 29.01
C GLU IA 290 108.62 22.52 28.16
N ARG IA 291 109.40 23.42 28.75
CA ARG IA 291 110.47 24.07 28.01
C ARG IA 291 111.51 23.06 27.56
N TYR IA 292 111.87 22.13 28.44
CA TYR IA 292 112.84 21.11 28.06
C TYR IA 292 112.28 20.21 26.96
N LYS IA 293 111.00 19.85 27.06
CA LYS IA 293 110.37 19.03 26.03
C LYS IA 293 110.38 19.74 24.69
N LEU IA 294 110.02 21.03 24.68
CA LEU IA 294 110.02 21.79 23.44
C LEU IA 294 111.43 21.90 22.87
N GLU IA 295 112.43 22.14 23.73
CA GLU IA 295 113.80 22.20 23.27
C GLU IA 295 114.22 20.91 22.58
N ARG IA 296 113.95 19.77 23.22
CA ARG IA 296 114.38 18.50 22.65
C ARG IA 296 113.63 18.15 21.37
N LEU IA 297 112.31 18.38 21.34
CA LEU IA 297 111.57 18.10 20.13
C LEU IA 297 111.99 19.01 18.98
N ALA IA 298 112.24 20.29 19.26
CA ALA IA 298 112.73 21.19 18.23
C ALA IA 298 114.11 20.76 17.72
N GLU IA 299 114.99 20.33 18.62
CA GLU IA 299 116.29 19.85 18.18
C GLU IA 299 116.15 18.63 17.29
N ALA IA 300 115.26 17.71 17.65
CA ALA IA 300 115.02 16.54 16.81
C ALA IA 300 114.47 16.94 15.45
N GLU IA 301 113.53 17.89 15.41
CA GLU IA 301 112.96 18.33 14.15
C GLU IA 301 114.02 18.98 13.26
N LYS IA 302 114.90 19.80 13.85
CA LYS IA 302 115.98 20.37 13.06
C LYS IA 302 116.91 19.29 12.54
N SER IA 303 117.25 18.31 13.38
CA SER IA 303 118.15 17.25 12.96
C SER IA 303 117.55 16.43 11.83
N GLN IA 304 116.24 16.23 11.85
CA GLN IA 304 115.59 15.50 10.77
C GLN IA 304 115.53 16.34 9.50
N LEU IA 305 115.14 17.61 9.62
CA LEU IA 305 114.95 18.45 8.45
C LEU IA 305 116.26 18.72 7.72
N ILE IA 306 117.34 18.95 8.47
CA ILE IA 306 118.63 19.24 7.84
C ILE IA 306 119.07 18.08 6.94
N MET IA 307 118.95 16.85 7.43
CA MET IA 307 119.44 15.72 6.68
C MET IA 307 118.45 15.23 5.63
N GLN IA 308 117.15 15.45 5.82
CA GLN IA 308 116.21 15.24 4.73
C GLN IA 308 116.49 16.21 3.58
N ALA IA 309 116.80 17.46 3.92
CA ALA IA 309 117.19 18.44 2.91
C ALA IA 309 118.47 18.02 2.20
N GLU IA 310 119.45 17.51 2.96
CA GLU IA 310 120.68 17.04 2.35
C GLU IA 310 120.41 15.89 1.39
N ALA IA 311 119.54 14.96 1.78
CA ALA IA 311 119.19 13.85 0.90
C ALA IA 311 118.51 14.34 -0.36
N GLU IA 312 117.59 15.30 -0.24
CA GLU IA 312 116.92 15.83 -1.42
C GLU IA 312 117.92 16.54 -2.34
N ALA IA 313 118.84 17.30 -1.77
CA ALA IA 313 119.83 17.99 -2.57
C ALA IA 313 120.74 17.01 -3.30
N ALA IA 314 121.16 15.95 -2.63
CA ALA IA 314 121.98 14.93 -3.28
C ALA IA 314 121.19 14.24 -4.40
N SER IA 315 119.91 13.95 -4.15
CA SER IA 315 119.08 13.36 -5.19
C SER IA 315 119.01 14.26 -6.42
N VAL IA 316 118.74 15.54 -6.21
CA VAL IA 316 118.64 16.47 -7.34
C VAL IA 316 119.96 16.55 -8.08
N ARG IA 317 121.07 16.68 -7.34
CA ARG IA 317 122.39 16.76 -7.96
C ARG IA 317 122.66 15.55 -8.83
N MET IA 318 122.48 14.34 -8.28
CA MET IA 318 122.82 13.14 -9.02
C MET IA 318 121.90 12.92 -10.22
N ARG IA 319 120.60 13.12 -10.06
CA ARG IA 319 119.70 12.93 -11.19
C ARG IA 319 119.98 13.95 -12.29
N GLY IA 320 120.23 15.19 -11.93
CA GLY IA 320 120.54 16.20 -12.93
C GLY IA 320 121.85 15.91 -13.65
N GLU IA 321 122.87 15.48 -12.92
CA GLU IA 321 124.13 15.13 -13.55
C GLU IA 321 123.96 13.97 -14.51
N ALA IA 322 123.20 12.96 -14.11
CA ALA IA 322 122.96 11.82 -15.00
C ALA IA 322 122.23 12.24 -16.26
N GLU IA 323 121.20 13.07 -16.13
CA GLU IA 323 120.43 13.45 -17.32
C GLU IA 323 121.25 14.37 -18.21
N ALA IA 324 122.11 15.21 -17.63
CA ALA IA 324 122.99 16.05 -18.44
C ALA IA 324 124.00 15.21 -19.20
N PHE IA 325 124.55 14.16 -18.56
CA PHE IA 325 125.46 13.27 -19.27
C PHE IA 325 124.73 12.55 -20.40
N ALA IA 326 123.48 12.17 -20.17
CA ALA IA 326 122.68 11.56 -21.23
C ALA IA 326 122.44 12.53 -22.39
N ILE IA 327 122.19 13.80 -22.08
CA ILE IA 327 122.04 14.81 -23.12
C ILE IA 327 123.31 14.93 -23.93
N GLY IA 328 124.47 14.96 -23.25
CA GLY IA 328 125.73 14.98 -23.96
C GLY IA 328 125.95 13.75 -24.82
N ALA IA 329 125.47 12.59 -24.36
CA ALA IA 329 125.60 11.37 -25.14
C ALA IA 329 124.82 11.46 -26.45
N ARG IA 330 123.53 11.82 -26.36
CA ARG IA 330 122.80 12.05 -27.62
C ARG IA 330 123.41 13.17 -28.44
N ALA IA 331 124.02 14.17 -27.80
CA ALA IA 331 124.64 15.25 -28.56
C ALA IA 331 125.78 14.72 -29.43
N ARG IA 332 126.69 13.97 -28.83
CA ARG IA 332 127.79 13.39 -29.60
C ARG IA 332 127.28 12.44 -30.66
N ALA IA 333 126.30 11.61 -30.33
CA ALA IA 333 125.75 10.68 -31.32
C ALA IA 333 125.13 11.43 -32.49
N GLU IA 334 124.36 12.48 -32.22
CA GLU IA 334 123.70 13.23 -33.28
C GLU IA 334 124.69 14.00 -34.13
N ALA IA 335 125.77 14.50 -33.53
CA ALA IA 335 126.79 15.20 -34.31
C ALA IA 335 127.49 14.23 -35.26
N GLU IA 336 127.96 13.09 -34.74
CA GLU IA 336 128.59 12.10 -35.60
C GLU IA 336 127.59 11.57 -36.63
N GLN IA 337 126.30 11.61 -36.31
CA GLN IA 337 125.26 11.20 -37.23
C GLN IA 337 125.10 12.19 -38.38
N MET IA 338 125.06 13.48 -38.06
CA MET IA 338 124.79 14.50 -39.07
C MET IA 338 126.00 14.75 -39.95
N ALA IA 339 127.20 14.47 -39.45
CA ALA IA 339 128.37 14.59 -40.31
C ALA IA 339 128.23 13.72 -41.54
N LYS IA 340 127.79 12.47 -41.38
CA LYS IA 340 127.61 11.60 -42.53
C LYS IA 340 126.42 12.02 -43.39
N LYS IA 341 125.37 12.59 -42.79
CA LYS IA 341 124.32 13.16 -43.61
C LYS IA 341 124.86 14.21 -44.56
N ALA IA 342 125.69 15.13 -44.05
CA ALA IA 342 126.28 16.13 -44.92
C ALA IA 342 127.18 15.50 -45.98
N GLU IA 343 127.98 14.50 -45.58
CA GLU IA 343 128.87 13.85 -46.53
C GLU IA 343 128.07 13.19 -47.65
N ALA IA 344 126.98 12.51 -47.31
CA ALA IA 344 126.15 11.87 -48.33
C ALA IA 344 125.47 12.90 -49.22
N PHE IA 345 124.92 13.97 -48.62
CA PHE IA 345 124.28 15.01 -49.41
C PHE IA 345 125.23 15.66 -50.40
N GLN IA 346 126.53 15.69 -50.09
CA GLN IA 346 127.48 16.31 -51.02
C GLN IA 346 127.43 15.66 -52.40
N LEU IA 347 127.17 14.35 -52.47
CA LEU IA 347 127.13 13.63 -53.75
C LEU IA 347 125.72 13.55 -54.31
N TYR IA 348 125.06 14.68 -54.47
CA TYR IA 348 123.73 14.77 -55.05
C TYR IA 348 123.76 15.61 -56.31
N GLN IA 349 123.28 15.05 -57.41
CA GLN IA 349 123.18 15.73 -58.69
C GLN IA 349 121.76 16.26 -58.87
N GLU IA 350 121.45 16.72 -60.08
CA GLU IA 350 120.14 17.27 -60.36
C GLU IA 350 119.02 16.23 -60.24
N ALA IA 351 119.32 14.96 -60.55
CA ALA IA 351 118.30 13.93 -60.43
C ALA IA 351 117.87 13.75 -58.99
N ALA IA 352 118.82 13.78 -58.05
CA ALA IA 352 118.48 13.61 -56.65
C ALA IA 352 117.68 14.79 -56.11
N GLN IA 353 118.06 16.01 -56.48
CA GLN IA 353 117.30 17.18 -56.06
C GLN IA 353 115.89 17.16 -56.64
N LEU IA 354 115.76 16.72 -57.90
CA LEU IA 354 114.44 16.56 -58.50
C LEU IA 354 113.62 15.54 -57.75
N ASP IA 355 114.24 14.43 -57.35
CA ASP IA 355 113.52 13.42 -56.56
C ASP IA 355 113.06 13.98 -55.23
N MET IA 356 113.91 14.75 -54.55
CA MET IA 356 113.52 15.34 -53.28
C MET IA 356 112.37 16.32 -53.46
N LEU IA 357 112.44 17.16 -54.49
CA LEU IA 357 111.39 18.13 -54.73
C LEU IA 357 110.06 17.45 -55.04
N LEU IA 358 110.10 16.40 -55.87
CA LEU IA 358 108.87 15.69 -56.22
C LEU IA 358 108.39 14.77 -55.12
N GLU IA 359 109.23 14.45 -54.14
CA GLU IA 359 108.75 13.76 -52.95
C GLU IA 359 108.14 14.71 -51.94
N LYS IA 360 108.60 15.95 -51.89
CA LYS IA 360 108.08 16.92 -50.94
C LYS IA 360 106.85 17.67 -51.45
N LEU IA 361 106.68 17.80 -52.76
CA LEU IA 361 105.51 18.50 -53.29
C LEU IA 361 104.19 17.88 -52.84
N PRO IA 362 103.97 16.57 -52.91
CA PRO IA 362 102.68 16.03 -52.44
C PRO IA 362 102.38 16.33 -50.99
N GLN IA 363 103.40 16.37 -50.11
CA GLN IA 363 103.13 16.65 -48.71
C GLN IA 363 102.67 18.08 -48.51
N VAL IA 364 103.29 19.04 -49.21
CA VAL IA 364 102.84 20.42 -49.13
C VAL IA 364 101.43 20.55 -49.70
N ALA IA 365 101.16 19.83 -50.80
CA ALA IA 365 99.82 19.85 -51.37
C ALA IA 365 98.79 19.32 -50.38
N GLU IA 366 99.12 18.23 -49.68
CA GLU IA 366 98.23 17.73 -48.63
C GLU IA 366 98.02 18.76 -47.53
N GLU IA 367 99.09 19.37 -47.06
CA GLU IA 367 98.95 20.32 -45.96
C GLU IA 367 98.20 21.58 -46.37
N ILE IA 368 98.12 21.88 -47.66
CA ILE IA 368 97.41 23.08 -48.09
C ILE IA 368 95.98 22.75 -48.52
N SER IA 369 95.74 21.50 -48.91
CA SER IA 369 94.42 21.10 -49.38
C SER IA 369 93.62 20.33 -48.33
N GLY IA 370 94.20 20.04 -47.18
CA GLY IA 370 93.46 19.40 -46.11
C GLY IA 370 92.45 20.31 -45.47
N PRO IA 371 92.90 21.49 -44.99
CA PRO IA 371 91.94 22.45 -44.46
C PRO IA 371 90.93 22.93 -45.49
N LEU IA 372 91.31 23.04 -46.76
CA LEU IA 372 90.38 23.56 -47.76
C LEU IA 372 89.23 22.61 -48.02
N THR IA 373 89.48 21.31 -47.96
CA THR IA 373 88.42 20.33 -48.23
C THR IA 373 87.47 20.14 -47.05
N SER IA 374 87.54 21.02 -46.05
CA SER IA 374 86.58 21.01 -44.96
C SER IA 374 85.34 21.84 -45.26
N ALA IA 375 85.29 22.52 -46.39
CA ALA IA 375 84.12 23.30 -46.75
C ALA IA 375 82.92 22.40 -46.95
N ASN IA 376 81.75 22.85 -46.47
CA ASN IA 376 80.55 22.04 -46.56
C ASN IA 376 80.08 21.91 -48.00
N LYS IA 377 79.97 23.03 -48.71
CA LYS IA 377 79.52 23.01 -50.09
C LYS IA 377 80.26 24.09 -50.88
N ILE IA 378 80.44 23.84 -52.17
CA ILE IA 378 81.07 24.78 -53.08
C ILE IA 378 80.18 24.90 -54.32
N THR IA 379 79.82 26.13 -54.68
CA THR IA 379 78.96 26.41 -55.81
C THR IA 379 79.76 27.08 -56.90
N LEU IA 380 79.65 26.55 -58.12
CA LEU IA 380 80.39 27.04 -59.28
C LEU IA 380 79.40 27.55 -60.31
N VAL IA 381 79.63 28.76 -60.82
CA VAL IA 381 78.74 29.39 -61.79
C VAL IA 381 79.59 30.04 -62.88
N SER IA 382 79.20 29.84 -64.12
CA SER IA 382 79.89 30.41 -65.27
C SER IA 382 78.94 31.26 -66.09
N SER IA 383 79.52 32.11 -66.93
CA SER IA 383 78.74 32.99 -67.79
C SER IA 383 79.64 33.49 -68.91
N GLY IA 384 79.07 33.65 -70.10
CA GLY IA 384 79.88 34.13 -71.21
C GLY IA 384 80.92 33.10 -71.61
N SER IA 385 82.05 33.60 -72.10
CA SER IA 385 83.16 32.75 -72.53
C SER IA 385 84.06 32.34 -71.38
N GLY IA 386 83.60 32.48 -70.15
CA GLY IA 386 84.40 32.16 -68.99
C GLY IA 386 84.40 30.67 -68.68
N THR IA 387 85.18 30.33 -67.66
CA THR IA 387 85.31 28.96 -67.20
C THR IA 387 84.25 28.66 -66.13
N MET IA 388 84.10 27.37 -65.82
CA MET IA 388 83.10 26.92 -64.85
C MET IA 388 83.51 27.26 -63.42
N GLY IA 389 84.80 27.09 -63.07
CA GLY IA 389 85.28 27.44 -61.75
C GLY IA 389 86.16 26.41 -61.08
N ALA IA 390 86.22 25.18 -61.58
CA ALA IA 390 87.09 24.18 -60.97
C ALA IA 390 88.55 24.56 -61.16
N ALA IA 391 88.89 25.10 -62.33
CA ALA IA 391 90.21 25.63 -62.55
C ALA IA 391 90.55 26.73 -61.56
N LYS IA 392 89.55 27.49 -61.10
CA LYS IA 392 89.81 28.52 -60.09
C LYS IA 392 90.28 27.90 -58.78
N VAL IA 393 89.62 26.84 -58.33
CA VAL IA 393 90.02 26.20 -57.07
C VAL IA 393 91.39 25.56 -57.22
N THR IA 394 91.62 24.83 -58.31
CA THR IA 394 92.92 24.22 -58.52
C THR IA 394 94.02 25.27 -58.63
N GLY IA 395 93.73 26.38 -59.29
CA GLY IA 395 94.69 27.46 -59.40
C GLY IA 395 94.97 28.13 -58.06
N GLU IA 396 93.95 28.26 -57.22
CA GLU IA 396 94.19 28.81 -55.89
C GLU IA 396 95.12 27.91 -55.09
N VAL IA 397 94.87 26.60 -55.10
CA VAL IA 397 95.73 25.67 -54.36
C VAL IA 397 97.15 25.70 -54.92
N LEU IA 398 97.28 25.65 -56.25
CA LEU IA 398 98.60 25.65 -56.87
C LEU IA 398 99.33 26.96 -56.65
N ASP IA 399 98.61 28.08 -56.68
CA ASP IA 399 99.22 29.39 -56.45
C ASP IA 399 99.74 29.51 -55.03
N ILE IA 400 98.98 29.01 -54.05
CA ILE IA 400 99.51 29.00 -52.69
C ILE IA 400 100.73 28.10 -52.59
N LEU IA 401 100.67 26.92 -53.21
CA LEU IA 401 101.78 25.98 -53.14
C LEU IA 401 103.03 26.52 -53.82
N THR IA 402 102.87 27.40 -54.81
CA THR IA 402 104.02 27.96 -55.52
C THR IA 402 104.49 29.27 -54.93
N ARG IA 403 103.63 29.99 -54.21
CA ARG IA 403 104.04 31.24 -53.58
C ARG IA 403 104.65 31.00 -52.21
N LEU IA 404 104.33 29.87 -51.57
CA LEU IA 404 104.97 29.56 -50.29
C LEU IA 404 106.48 29.45 -50.40
N PRO IA 405 107.06 28.74 -51.38
CA PRO IA 405 108.52 28.73 -51.49
C PRO IA 405 109.12 30.10 -51.71
N GLU IA 406 108.43 31.00 -52.41
CA GLU IA 406 108.95 32.35 -52.60
C GLU IA 406 108.88 33.16 -51.32
N SER IA 407 107.81 32.97 -50.54
CA SER IA 407 107.73 33.65 -49.25
C SER IA 407 108.85 33.18 -48.32
N VAL IA 408 109.13 31.88 -48.32
CA VAL IA 408 110.26 31.37 -47.55
C VAL IA 408 111.58 31.87 -48.12
N GLU IA 409 111.66 32.01 -49.45
CA GLU IA 409 112.82 32.59 -50.10
C GLU IA 409 113.11 33.98 -49.57
N ARG IA 410 112.06 34.77 -49.36
CA ARG IA 410 112.25 36.15 -48.91
C ARG IA 410 113.02 36.22 -47.59
N LEU IA 411 112.84 35.23 -46.73
CA LEU IA 411 113.54 35.24 -45.45
C LEU IA 411 114.87 34.48 -45.53
N THR IA 412 114.83 33.23 -45.97
CA THR IA 412 116.02 32.39 -45.93
C THR IA 412 117.08 32.88 -46.93
N GLY IA 413 116.67 33.14 -48.17
CA GLY IA 413 117.61 33.54 -49.19
C GLY IA 413 118.32 32.41 -49.90
N VAL IA 414 117.84 31.18 -49.78
CA VAL IA 414 118.44 30.02 -50.42
C VAL IA 414 117.43 29.40 -51.37
N SER IA 415 117.87 29.14 -52.60
CA SER IA 415 116.98 28.69 -53.66
C SER IA 415 116.37 27.33 -53.35
N ILE IA 416 115.17 27.10 -53.89
CA ILE IA 416 114.47 25.84 -53.70
C ILE IA 416 114.32 25.06 -55.01
N SER IA 417 114.34 25.73 -56.16
CA SER IA 417 114.24 25.08 -57.46
C SER IA 417 115.55 25.25 -58.21
N GLN IA 418 116.02 24.16 -58.81
CA GLN IA 418 117.30 24.20 -59.52
C GLN IA 418 117.18 24.93 -60.85
N VAL IA 419 116.00 24.95 -61.45
CA VAL IA 419 115.79 25.63 -62.73
C VAL IA 419 114.58 26.55 -62.63
N MET JA 1 -68.15 41.52 149.61
CA MET JA 1 -68.00 40.36 150.49
C MET JA 1 -66.78 40.58 151.39
N GLY JA 2 -65.64 40.91 150.77
CA GLY JA 2 -64.42 41.15 151.51
C GLY JA 2 -64.53 42.24 152.55
N ASN JA 3 -64.02 42.00 153.75
CA ASN JA 3 -64.14 42.93 154.85
C ASN JA 3 -62.78 43.17 155.49
N CYS JA 4 -62.56 44.39 155.97
CA CYS JA 4 -61.39 44.75 156.78
C CYS JA 4 -60.09 44.47 156.02
N HIS JA 5 -59.89 45.23 154.95
CA HIS JA 5 -58.70 45.13 154.12
C HIS JA 5 -57.70 46.23 154.46
N THR JA 6 -56.42 45.88 154.37
CA THR JA 6 -55.32 46.81 154.58
C THR JA 6 -54.31 46.64 153.45
N VAL JA 7 -53.59 47.71 153.14
CA VAL JA 7 -52.64 47.73 152.04
C VAL JA 7 -51.30 48.24 152.57
N GLY JA 8 -50.23 47.83 151.89
CA GLY JA 8 -48.90 48.25 152.26
C GLY JA 8 -48.61 49.69 151.86
N PRO JA 9 -47.48 50.22 152.32
CA PRO JA 9 -47.16 51.64 152.03
C PRO JA 9 -46.93 51.93 150.56
N ASN JA 10 -46.68 50.92 149.73
CA ASN JA 10 -46.44 51.16 148.31
C ASN JA 10 -47.70 51.59 147.56
N GLU JA 11 -48.87 51.12 147.99
CA GLU JA 11 -50.11 51.42 147.30
C GLU JA 11 -51.10 52.07 148.26
N ALA JA 12 -51.92 52.96 147.72
CA ALA JA 12 -52.90 53.70 148.50
C ALA JA 12 -54.27 53.05 148.30
N LEU JA 13 -54.93 52.72 149.41
CA LEU JA 13 -56.26 52.16 149.36
C LEU JA 13 -57.29 53.28 149.33
N VAL JA 14 -58.21 53.21 148.37
CA VAL JA 14 -59.26 54.21 148.21
C VAL JA 14 -60.61 53.53 148.42
N VAL JA 15 -61.44 54.13 149.27
CA VAL JA 15 -62.80 53.66 149.51
C VAL JA 15 -63.73 54.87 149.52
N SER JA 16 -64.94 54.67 149.00
CA SER JA 16 -65.95 55.72 148.99
C SER JA 16 -67.32 55.08 149.09
N GLY JA 17 -68.15 55.63 149.98
CA GLY JA 17 -69.50 55.13 150.16
C GLY JA 17 -70.34 55.99 151.09
N GLY JA 18 -71.59 56.22 150.70
CA GLY JA 18 -72.47 57.05 151.51
C GLY JA 18 -73.25 56.27 152.55
N CYS JA 19 -72.77 56.31 153.79
CA CYS JA 19 -73.41 55.52 154.85
C CYS JA 19 -74.86 55.96 155.06
N CYS JA 20 -75.10 57.27 155.06
CA CYS JA 20 -76.45 57.81 155.12
C CYS JA 20 -76.80 58.60 153.86
N GLY JA 21 -76.09 58.34 152.76
CA GLY JA 21 -76.27 59.08 151.53
C GLY JA 21 -75.33 60.26 151.36
N SER JA 22 -74.63 60.65 152.41
CA SER JA 22 -73.67 61.74 152.32
C SER JA 22 -72.34 61.25 151.78
N ASP JA 23 -71.64 62.13 151.07
CA ASP JA 23 -70.40 61.79 150.39
C ASP JA 23 -69.29 61.62 151.41
N TYR JA 24 -68.88 60.37 151.66
CA TYR JA 24 -67.77 60.07 152.55
C TYR JA 24 -66.75 59.23 151.76
N LYS JA 25 -65.68 59.87 151.31
CA LYS JA 25 -64.60 59.21 150.61
C LYS JA 25 -63.36 59.17 151.49
N GLN JA 26 -62.79 57.98 151.66
CA GLN JA 26 -61.59 57.81 152.46
C GLN JA 26 -60.48 57.26 151.57
N TYR JA 27 -59.36 57.98 151.54
CA TYR JA 27 -58.17 57.56 150.79
C TYR JA 27 -57.01 57.49 151.77
N VAL JA 28 -56.49 56.28 152.00
CA VAL JA 28 -55.43 56.04 152.97
C VAL JA 28 -54.37 55.17 152.30
N PHE JA 29 -53.11 55.57 152.44
CA PHE JA 29 -51.98 54.83 151.90
C PHE JA 29 -51.28 54.08 153.02
N GLY JA 30 -51.13 52.78 152.85
CA GLY JA 30 -50.42 51.96 153.84
C GLY JA 30 -51.01 52.00 155.22
N GLY JA 31 -52.34 51.95 155.33
CA GLY JA 31 -52.98 52.03 156.63
C GLY JA 31 -54.04 50.98 156.87
N TRP JA 32 -55.12 51.36 157.53
CA TRP JA 32 -56.19 50.45 157.89
C TRP JA 32 -57.52 50.96 157.35
N ALA JA 33 -58.40 50.02 157.00
CA ALA JA 33 -59.72 50.37 156.52
C ALA JA 33 -60.62 49.14 156.61
N TRP JA 34 -61.92 49.37 156.55
CA TRP JA 34 -62.90 48.29 156.49
C TRP JA 34 -63.99 48.65 155.48
N ALA JA 35 -64.47 47.64 154.77
CA ALA JA 35 -65.55 47.80 153.81
C ALA JA 35 -66.42 46.55 153.83
N TRP JA 36 -67.73 46.74 153.79
CA TRP JA 36 -68.68 45.64 153.87
C TRP JA 36 -69.06 45.17 152.47
N TRP JA 37 -70.13 44.37 152.38
CA TRP JA 37 -70.55 43.78 151.12
C TRP JA 37 -70.79 44.85 150.06
N CYS JA 38 -71.58 45.88 150.39
CA CYS JA 38 -71.80 46.98 149.46
C CYS JA 38 -71.81 48.35 150.12
N ILE JA 39 -70.93 48.60 151.10
CA ILE JA 39 -70.91 49.93 151.70
C ILE JA 39 -70.04 50.88 150.88
N SER JA 40 -68.97 50.39 150.28
CA SER JA 40 -68.03 51.25 149.56
C SER JA 40 -67.37 50.44 148.45
N ASP JA 41 -66.28 50.97 147.90
CA ASP JA 41 -65.52 50.30 146.85
C ASP JA 41 -64.08 50.11 147.32
N THR JA 42 -63.53 48.93 147.05
CA THR JA 42 -62.17 48.58 147.45
C THR JA 42 -61.27 48.64 146.23
N GLN JA 43 -60.47 49.69 146.13
CA GLN JA 43 -59.52 49.85 145.04
C GLN JA 43 -58.20 50.36 145.59
N ARG JA 44 -57.12 50.09 144.86
CA ARG JA 44 -55.79 50.51 145.24
C ARG JA 44 -55.14 51.26 144.09
N ILE JA 45 -54.25 52.18 144.43
CA ILE JA 45 -53.50 52.97 143.46
C ILE JA 45 -52.03 52.64 143.65
N SER JA 46 -51.38 52.15 142.59
CA SER JA 46 -49.96 51.84 142.65
C SER JA 46 -49.13 53.12 142.63
N LEU JA 47 -48.53 53.47 143.77
CA LEU JA 47 -47.75 54.69 143.88
C LEU JA 47 -46.28 54.49 143.51
N GLU JA 48 -45.98 53.45 142.73
CA GLU JA 48 -44.61 53.19 142.31
C GLU JA 48 -44.17 54.21 141.26
N ILE JA 49 -42.85 54.36 141.14
CA ILE JA 49 -42.31 55.26 140.13
C ILE JA 49 -42.61 54.71 138.74
N MET JA 50 -43.01 55.61 137.84
CA MET JA 50 -43.25 55.26 136.45
C MET JA 50 -42.04 55.69 135.63
N THR JA 51 -41.55 54.78 134.79
CA THR JA 51 -40.40 55.08 133.95
C THR JA 51 -40.81 55.96 132.78
N LEU JA 52 -39.97 56.93 132.45
CA LEU JA 52 -40.23 57.85 131.34
C LEU JA 52 -39.06 57.83 130.38
N GLN JA 53 -39.36 57.77 129.08
CA GLN JA 53 -38.37 57.87 128.01
C GLN JA 53 -38.82 58.93 127.01
N PRO JA 54 -38.88 60.20 127.40
CA PRO JA 54 -39.27 61.23 126.43
C PRO JA 54 -38.23 61.37 125.32
N ARG JA 55 -38.67 61.15 124.09
CA ARG JA 55 -37.81 61.22 122.92
C ARG JA 55 -38.49 62.07 121.85
N CYS JA 56 -38.01 63.29 121.67
CA CYS JA 56 -38.55 64.21 120.69
C CYS JA 56 -37.71 64.16 119.43
N GLU JA 57 -38.37 64.01 118.28
CA GLU JA 57 -37.70 63.89 117.00
C GLU JA 57 -37.91 65.14 116.17
N ASP JA 58 -36.83 65.68 115.62
CA ASP JA 58 -36.86 66.85 114.74
C ASP JA 58 -37.49 68.05 115.44
N VAL JA 59 -36.91 68.42 116.59
CA VAL JA 59 -37.36 69.57 117.35
C VAL JA 59 -36.27 70.63 117.33
N GLU JA 60 -36.67 71.89 117.30
CA GLU JA 60 -35.77 73.00 117.06
C GLU JA 60 -35.84 74.01 118.19
N THR JA 61 -34.70 74.62 118.51
CA THR JA 61 -34.57 75.59 119.58
C THR JA 61 -34.89 76.98 119.06
N ALA JA 62 -34.55 78.01 119.85
CA ALA JA 62 -34.88 79.39 119.47
C ALA JA 62 -34.18 79.78 118.18
N GLU JA 63 -32.89 79.45 118.05
CA GLU JA 63 -32.17 79.74 116.82
C GLU JA 63 -32.55 78.82 115.68
N GLY JA 64 -33.25 77.72 115.98
CA GLY JA 64 -33.81 76.87 114.95
C GLY JA 64 -33.01 75.63 114.62
N VAL JA 65 -31.88 75.39 115.27
CA VAL JA 65 -31.09 74.21 114.98
C VAL JA 65 -31.87 72.97 115.37
N ALA JA 66 -32.04 72.04 114.43
CA ALA JA 66 -32.84 70.85 114.67
C ALA JA 66 -32.06 69.83 115.50
N LEU JA 67 -32.71 69.29 116.53
CA LEU JA 67 -32.11 68.28 117.39
C LEU JA 67 -33.14 67.17 117.62
N THR JA 68 -32.63 65.98 117.94
CA THR JA 68 -33.46 64.84 118.33
C THR JA 68 -33.08 64.50 119.76
N VAL JA 69 -33.72 65.16 120.71
CA VAL JA 69 -33.32 65.11 122.12
C VAL JA 69 -34.17 64.05 122.83
N THR JA 70 -33.50 63.14 123.53
CA THR JA 70 -34.14 62.12 124.34
C THR JA 70 -33.92 62.45 125.81
N GLY JA 71 -34.95 62.27 126.63
CA GLY JA 71 -34.91 62.65 128.02
C GLY JA 71 -35.27 61.50 128.95
N VAL JA 72 -35.09 61.75 130.25
CA VAL JA 72 -35.56 60.86 131.30
C VAL JA 72 -36.15 61.71 132.42
N ALA JA 73 -37.30 61.31 132.92
CA ALA JA 73 -37.97 62.01 134.00
C ALA JA 73 -38.49 61.00 135.02
N GLN JA 74 -38.44 61.41 136.29
CA GLN JA 74 -38.92 60.58 137.40
C GLN JA 74 -40.27 61.10 137.86
N VAL JA 75 -41.28 60.24 137.77
CA VAL JA 75 -42.66 60.61 138.06
C VAL JA 75 -43.26 59.60 139.01
N LYS JA 76 -44.04 60.09 139.97
CA LYS JA 76 -44.71 59.25 140.96
C LYS JA 76 -45.96 59.99 141.43
N ILE JA 77 -47.02 59.22 141.69
CA ILE JA 77 -48.24 59.80 142.24
C ILE JA 77 -47.98 60.29 143.67
N MET JA 78 -48.42 61.51 143.95
CA MET JA 78 -48.10 62.15 145.21
C MET JA 78 -48.96 61.57 146.34
N THR JA 79 -48.72 62.03 147.57
CA THR JA 79 -49.39 61.53 148.76
C THR JA 79 -49.94 62.69 149.61
N GLU JA 80 -50.25 63.82 148.99
CA GLU JA 80 -50.81 64.97 149.69
C GLU JA 80 -52.24 64.66 150.12
N LYS JA 81 -52.89 65.63 150.75
CA LYS JA 81 -54.24 65.46 151.27
C LYS JA 81 -55.30 65.84 150.24
N GLU JA 82 -55.32 67.10 149.82
CA GLU JA 82 -56.34 67.54 148.87
C GLU JA 82 -56.02 67.12 147.43
N LEU JA 83 -54.74 66.97 147.09
CA LEU JA 83 -54.39 66.52 145.75
C LEU JA 83 -54.75 65.06 145.52
N LEU JA 84 -54.76 64.24 146.58
CA LEU JA 84 -55.16 62.85 146.40
C LEU JA 84 -56.65 62.69 146.21
N ALA JA 85 -57.46 63.68 146.59
CA ALA JA 85 -58.85 63.67 146.15
C ALA JA 85 -58.92 63.72 144.64
N VAL JA 86 -58.13 64.59 144.02
CA VAL JA 86 -58.08 64.67 142.56
C VAL JA 86 -57.50 63.38 141.98
N ALA JA 87 -56.47 62.85 142.63
CA ALA JA 87 -55.84 61.63 142.15
C ALA JA 87 -56.82 60.47 142.13
N CYS JA 88 -57.63 60.33 143.19
CA CYS JA 88 -58.60 59.25 143.28
C CYS JA 88 -59.78 59.48 142.34
N GLU JA 89 -60.24 60.72 142.22
CA GLU JA 89 -61.34 61.01 141.30
C GLU JA 89 -60.89 61.08 139.85
N GLN JA 90 -59.60 60.94 139.58
CA GLN JA 90 -59.03 61.27 138.28
C GLN JA 90 -58.84 60.07 137.37
N PHE JA 91 -58.03 59.09 137.79
CA PHE JA 91 -57.45 58.18 136.81
C PHE JA 91 -57.88 56.73 136.96
N LEU JA 92 -57.67 56.13 138.13
CA LEU JA 92 -57.90 54.69 138.30
C LEU JA 92 -59.32 54.31 137.94
N GLY JA 93 -59.52 53.05 137.53
CA GLY JA 93 -58.52 52.00 137.57
C GLY JA 93 -57.83 51.63 136.28
N LYS JA 94 -57.47 52.63 135.48
CA LYS JA 94 -56.69 52.38 134.29
C LYS JA 94 -55.29 51.92 134.69
N ASN JA 95 -54.73 50.98 133.93
CA ASN JA 95 -53.54 50.26 134.36
C ASN JA 95 -52.27 51.09 134.16
N VAL JA 96 -51.14 50.51 134.56
CA VAL JA 96 -49.87 51.22 134.61
C VAL JA 96 -49.46 51.70 133.22
N GLN JA 97 -49.74 50.92 132.18
CA GLN JA 97 -49.45 51.36 130.83
C GLN JA 97 -50.18 52.65 130.51
N ASP JA 98 -51.38 52.83 131.08
CA ASP JA 98 -52.13 54.04 130.85
C ASP JA 98 -51.47 55.24 131.52
N ILE JA 99 -51.02 55.08 132.77
CA ILE JA 99 -50.27 56.16 133.41
C ILE JA 99 -49.07 56.54 132.55
N LYS JA 100 -48.27 55.53 132.17
CA LYS JA 100 -47.02 55.82 131.49
C LYS JA 100 -47.25 56.46 130.13
N ASN JA 101 -48.26 56.00 129.38
CA ASN JA 101 -48.55 56.61 128.09
C ASN JA 101 -49.03 58.05 128.24
N VAL JA 102 -49.98 58.29 129.15
CA VAL JA 102 -50.50 59.65 129.30
C VAL JA 102 -49.38 60.60 129.73
N VAL JA 103 -48.59 60.21 130.74
CA VAL JA 103 -47.53 61.08 131.20
C VAL JA 103 -46.46 61.23 130.13
N LEU JA 104 -46.26 60.19 129.32
CA LEU JA 104 -45.27 60.27 128.25
C LEU JA 104 -45.65 61.32 127.23
N GLN JA 105 -46.88 61.30 126.73
CA GLN JA 105 -47.27 62.32 125.75
C GLN JA 105 -47.27 63.72 126.37
N THR JA 106 -47.80 63.87 127.59
CA THR JA 106 -47.88 65.23 128.11
C THR JA 106 -46.49 65.81 128.40
N LEU JA 107 -45.60 65.01 129.00
CA LEU JA 107 -44.24 65.48 129.23
C LEU JA 107 -43.46 65.59 127.93
N GLU JA 108 -43.84 64.83 126.91
CA GLU JA 108 -43.22 65.00 125.59
C GLU JA 108 -43.51 66.40 125.08
N GLY JA 109 -44.78 66.79 125.09
CA GLY JA 109 -45.15 68.14 124.67
C GLY JA 109 -44.46 69.19 125.51
N HIS JA 110 -44.47 69.03 126.84
CA HIS JA 110 -43.88 70.03 127.71
C HIS JA 110 -42.37 70.14 127.50
N LEU JA 111 -41.69 69.00 127.33
CA LEU JA 111 -40.25 69.00 127.12
C LEU JA 111 -39.88 69.65 125.79
N ARG JA 112 -40.62 69.32 124.73
CA ARG JA 112 -40.35 69.99 123.45
C ARG JA 112 -40.59 71.49 123.56
N SER JA 113 -41.65 71.88 124.26
CA SER JA 113 -41.96 73.29 124.42
C SER JA 113 -40.82 74.03 125.12
N ILE JA 114 -40.39 73.51 126.27
CA ILE JA 114 -39.32 74.20 126.99
C ILE JA 114 -38.01 74.14 126.22
N LEU JA 115 -37.76 73.04 125.49
CA LEU JA 115 -36.57 72.96 124.66
C LEU JA 115 -36.57 74.05 123.61
N GLY JA 116 -37.72 74.32 123.02
CA GLY JA 116 -37.84 75.46 122.13
C GLY JA 116 -37.67 76.78 122.87
N THR JA 117 -38.01 76.81 124.16
CA THR JA 117 -37.93 78.05 124.93
C THR JA 117 -36.49 78.54 125.05
N LEU JA 118 -35.54 77.64 125.32
CA LEU JA 118 -34.16 78.05 125.48
C LEU JA 118 -33.37 77.73 124.21
N THR JA 119 -32.16 78.28 124.14
CA THR JA 119 -31.31 78.10 122.98
C THR JA 119 -30.42 76.86 123.15
N VAL JA 120 -29.80 76.47 122.04
CA VAL JA 120 -28.92 75.31 122.04
C VAL JA 120 -27.63 75.55 122.82
N GLU JA 121 -27.14 76.79 122.88
CA GLU JA 121 -25.98 77.07 123.69
C GLU JA 121 -26.26 76.80 125.17
N GLN JA 122 -27.47 77.13 125.63
CA GLN JA 122 -27.84 76.85 127.00
C GLN JA 122 -27.96 75.36 127.27
N ILE JA 123 -28.59 74.60 126.36
CA ILE JA 123 -28.68 73.16 126.55
C ILE JA 123 -27.30 72.52 126.44
N TYR JA 124 -26.35 73.24 125.83
CA TYR JA 124 -24.97 72.78 125.77
C TYR JA 124 -24.26 72.99 127.11
N GLN JA 125 -24.18 74.24 127.56
CA GLN JA 125 -23.40 74.58 128.74
C GLN JA 125 -24.15 74.29 130.04
N ASP JA 126 -25.28 74.96 130.26
CA ASP JA 126 -25.99 74.90 131.54
C ASP JA 126 -27.33 74.18 131.30
N ARG JA 127 -27.29 72.85 131.41
CA ARG JA 127 -28.51 72.06 131.31
C ARG JA 127 -29.00 71.54 132.65
N ASP JA 128 -28.21 71.69 133.72
CA ASP JA 128 -28.76 71.50 135.05
C ASP JA 128 -29.76 72.59 135.37
N GLN JA 129 -29.45 73.84 135.01
CA GLN JA 129 -30.42 74.92 135.11
C GLN JA 129 -31.58 74.70 134.15
N PHE JA 130 -31.32 74.03 133.02
CA PHE JA 130 -32.41 73.67 132.13
C PHE JA 130 -33.41 72.75 132.82
N ALA JA 131 -32.91 71.74 133.54
CA ALA JA 131 -33.79 70.86 134.30
C ALA JA 131 -34.46 71.60 135.45
N LYS JA 132 -33.75 72.54 136.08
CA LYS JA 132 -34.34 73.32 137.16
C LYS JA 132 -35.51 74.16 136.65
N LEU JA 133 -35.38 74.72 135.44
CA LEU JA 133 -36.48 75.44 134.82
C LEU JA 133 -37.57 74.49 134.34
N VAL JA 134 -37.21 73.28 133.92
CA VAL JA 134 -38.22 72.28 133.56
C VAL JA 134 -39.10 71.99 134.77
N ARG JA 135 -38.49 71.85 135.94
CA ARG JA 135 -39.27 71.71 137.16
C ARG JA 135 -40.19 72.91 137.36
N GLU JA 136 -39.63 74.12 137.30
CA GLU JA 136 -40.40 75.34 137.54
C GLU JA 136 -41.61 75.46 136.60
N VAL JA 137 -41.49 75.00 135.36
CA VAL JA 137 -42.60 75.11 134.41
C VAL JA 137 -43.50 73.88 134.39
N ALA JA 138 -43.04 72.72 134.84
CA ALA JA 138 -43.82 71.49 134.70
C ALA JA 138 -44.57 71.14 135.99
N ALA JA 139 -44.04 71.55 137.14
CA ALA JA 139 -44.76 71.37 138.39
C ALA JA 139 -46.16 72.00 138.38
N PRO JA 140 -46.38 73.21 137.86
CA PRO JA 140 -47.75 73.77 137.87
C PRO JA 140 -48.77 72.96 137.09
N ASP JA 141 -48.37 72.22 136.05
CA ASP JA 141 -49.34 71.50 135.23
C ASP JA 141 -49.29 69.99 135.43
N VAL JA 142 -48.11 69.38 135.50
CA VAL JA 142 -48.03 67.94 135.73
C VAL JA 142 -48.55 67.59 137.12
N GLY JA 143 -48.50 68.52 138.06
CA GLY JA 143 -49.05 68.25 139.38
C GLY JA 143 -50.56 68.36 139.45
N ARG JA 144 -51.20 68.90 138.40
CA ARG JA 144 -52.64 69.03 138.40
C ARG JA 144 -53.34 67.68 138.41
N MET JA 145 -52.80 66.71 137.67
CA MET JA 145 -53.33 65.35 137.67
C MET JA 145 -52.69 64.47 138.74
N GLY JA 146 -52.05 65.08 139.74
CA GLY JA 146 -51.53 64.34 140.87
C GLY JA 146 -50.20 63.65 140.65
N ILE JA 147 -49.52 63.92 139.54
CA ILE JA 147 -48.24 63.27 139.23
C ILE JA 147 -47.11 64.20 139.63
N GLU JA 148 -46.22 63.70 140.50
CA GLU JA 148 -45.07 64.47 140.93
C GLU JA 148 -43.89 64.24 139.98
N ILE JA 149 -42.94 65.16 140.03
CA ILE JA 149 -41.74 65.07 139.19
C ILE JA 149 -40.52 64.97 140.10
N LEU JA 150 -40.09 63.73 140.39
CA LEU JA 150 -38.97 63.56 141.30
C LEU JA 150 -37.66 64.06 140.69
N SER JA 151 -37.46 63.81 139.40
CA SER JA 151 -36.25 64.24 138.72
C SER JA 151 -36.54 64.43 137.24
N PHE JA 152 -35.68 65.21 136.58
CA PHE JA 152 -35.83 65.49 135.16
C PHE JA 152 -34.47 65.81 134.57
N THR JA 153 -34.20 65.25 133.39
CA THR JA 153 -33.05 65.61 132.59
C THR JA 153 -33.22 64.96 131.21
N ILE JA 154 -32.22 65.16 130.35
CA ILE JA 154 -32.26 64.66 128.98
C ILE JA 154 -31.22 63.55 128.82
N LYS JA 155 -31.62 62.48 128.14
CA LYS JA 155 -30.77 61.29 128.05
C LYS JA 155 -29.65 61.50 127.04
N ASP JA 156 -29.98 61.78 125.79
CA ASP JA 156 -28.97 61.97 124.76
C ASP JA 156 -29.48 62.97 123.73
N VAL JA 157 -28.54 63.62 123.05
CA VAL JA 157 -28.85 64.62 122.04
C VAL JA 157 -28.16 64.20 120.74
N TYR JA 158 -28.92 64.22 119.65
CA TYR JA 158 -28.40 63.86 118.34
C TYR JA 158 -28.82 64.90 117.32
N ASP JA 159 -27.94 65.16 116.35
CA ASP JA 159 -28.18 66.17 115.33
C ASP JA 159 -27.87 65.61 113.95
N LYS JA 160 -28.65 66.05 112.97
CA LYS JA 160 -28.41 65.71 111.57
C LYS JA 160 -27.59 66.76 110.84
N VAL JA 161 -27.57 67.99 111.33
CA VAL JA 161 -26.77 69.07 110.76
C VAL JA 161 -25.49 69.29 111.57
N ASP JA 162 -25.02 68.26 112.28
CA ASP JA 162 -23.73 68.20 112.98
C ASP JA 162 -23.35 69.53 113.64
N TYR JA 163 -24.17 69.95 114.59
CA TYR JA 163 -23.87 71.10 115.42
C TYR JA 163 -22.70 70.84 116.37
N LEU JA 164 -22.86 69.84 117.24
CA LEU JA 164 -21.88 69.60 118.30
C LEU JA 164 -20.55 69.12 117.74
N SER JA 165 -20.58 68.30 116.69
CA SER JA 165 -19.34 67.86 116.07
C SER JA 165 -18.59 69.04 115.49
N SER JA 166 -19.31 70.00 114.89
CA SER JA 166 -18.68 71.23 114.42
C SER JA 166 -18.12 72.03 115.59
N LEU JA 167 -18.84 72.07 116.71
CA LEU JA 167 -18.38 72.83 117.86
C LEU JA 167 -17.11 72.24 118.46
N GLY JA 168 -16.92 70.93 118.36
CA GLY JA 168 -15.72 70.29 118.88
C GLY JA 168 -14.48 70.54 118.05
N LYS JA 169 -14.70 70.97 116.80
CA LYS JA 169 -13.58 71.24 115.89
C LYS JA 169 -12.67 72.34 116.41
N THR JA 170 -13.19 73.22 117.26
CA THR JA 170 -12.40 74.37 117.70
C THR JA 170 -11.18 73.95 118.48
N GLN JA 171 -11.32 72.93 119.34
CA GLN JA 171 -10.22 72.50 120.17
C GLN JA 171 -9.71 71.11 119.82
N THR JA 172 -10.41 70.36 118.94
CA THR JA 172 -9.88 69.06 118.56
C THR JA 172 -8.55 69.18 117.83
N ALA JA 173 -8.18 70.37 117.36
CA ALA JA 173 -6.92 70.61 116.70
C ALA JA 173 -5.91 71.36 117.57
N VAL JA 174 -6.36 72.03 118.62
CA VAL JA 174 -5.45 72.76 119.50
C VAL JA 174 -4.46 71.81 120.17
N VAL JA 175 -4.97 70.69 120.69
CA VAL JA 175 -4.09 69.69 121.28
C VAL JA 175 -3.20 69.09 120.20
N GLN JA 176 -3.73 68.90 118.99
CA GLN JA 176 -2.89 68.45 117.89
C GLN JA 176 -1.83 69.49 117.54
N ARG JA 177 -2.19 70.77 117.61
CA ARG JA 177 -1.20 71.83 117.43
C ARG JA 177 -0.06 71.69 118.42
N ASP JA 178 -0.39 71.57 119.71
CA ASP JA 178 0.64 71.46 120.74
C ASP JA 178 1.49 70.21 120.56
N ALA JA 179 0.84 69.09 120.21
CA ALA JA 179 1.59 67.85 120.00
C ALA JA 179 2.56 67.98 118.83
N ASP JA 180 2.12 68.60 117.74
CA ASP JA 180 3.01 68.79 116.60
C ASP JA 180 4.17 69.69 116.98
N ILE JA 181 3.91 70.76 117.74
CA ILE JA 181 4.99 71.64 118.16
C ILE JA 181 6.00 70.88 119.01
N GLY JA 182 5.52 70.08 119.95
CA GLY JA 182 6.42 69.35 120.82
C GLY JA 182 7.25 68.33 120.07
N VAL JA 183 6.62 67.57 119.17
CA VAL JA 183 7.36 66.56 118.42
C VAL JA 183 8.37 67.22 117.49
N ALA JA 184 8.02 68.37 116.91
CA ALA JA 184 8.97 69.08 116.06
C ALA JA 184 10.18 69.53 116.86
N GLU JA 185 9.95 70.10 118.04
CA GLU JA 185 11.08 70.54 118.87
C GLU JA 185 11.96 69.37 119.28
N ALA JA 186 11.33 68.26 119.66
CA ALA JA 186 12.11 67.09 120.08
C ALA JA 186 12.94 66.55 118.93
N GLU JA 187 12.36 66.44 117.74
CA GLU JA 187 13.12 65.97 116.59
C GLU JA 187 14.24 66.93 116.24
N ARG JA 188 14.00 68.23 116.39
CA ARG JA 188 15.06 69.21 116.14
C ARG JA 188 16.24 68.99 117.08
N ASP JA 189 15.96 68.83 118.37
CA ASP JA 189 17.05 68.62 119.34
C ASP JA 189 17.79 67.33 119.06
N ALA JA 190 17.05 66.25 118.79
CA ALA JA 190 17.70 64.98 118.48
C ALA JA 190 18.61 65.12 117.27
N GLY JA 191 18.10 65.73 116.20
CA GLY JA 191 18.89 65.87 114.99
C GLY JA 191 20.14 66.71 115.20
N ILE JA 192 20.01 67.85 115.90
CA ILE JA 192 21.18 68.69 116.10
C ILE JA 192 22.25 67.95 116.88
N ARG JA 193 21.88 67.28 117.98
CA ARG JA 193 22.95 66.76 118.81
C ARG JA 193 23.54 65.50 118.17
N GLU JA 194 22.71 64.74 117.45
CA GLU JA 194 23.21 63.59 116.69
C GLU JA 194 24.18 64.02 115.60
N ALA JA 195 23.88 65.12 114.91
CA ALA JA 195 24.81 65.65 113.92
C ALA JA 195 26.12 66.05 114.56
N GLU JA 196 26.05 66.66 115.74
CA GLU JA 196 27.28 67.01 116.47
C GLU JA 196 28.11 65.76 116.76
N CYS JA 197 27.45 64.70 117.25
CA CYS JA 197 28.17 63.45 117.55
C CYS JA 197 28.82 62.87 116.30
N LYS JA 198 28.07 62.85 115.19
CA LYS JA 198 28.59 62.31 113.94
C LYS JA 198 29.81 63.10 113.49
N LYS JA 199 29.74 64.43 113.63
CA LYS JA 199 30.87 65.29 113.25
C LYS JA 199 32.10 64.95 114.06
N GLU JA 200 31.96 64.87 115.39
CA GLU JA 200 33.13 64.59 116.22
C GLU JA 200 33.73 63.22 115.89
N MET JA 201 32.89 62.20 115.72
CA MET JA 201 33.42 60.87 115.46
C MET JA 201 34.09 60.80 114.09
N LEU JA 202 33.55 61.50 113.09
CA LEU JA 202 34.23 61.55 111.79
C LEU JA 202 35.57 62.25 111.88
N ASP JA 203 35.66 63.35 112.65
CA ASP JA 203 36.95 64.02 112.76
C ASP JA 203 38.00 63.10 113.37
N VAL JA 204 37.63 62.39 114.44
CA VAL JA 204 38.65 61.52 115.06
C VAL JA 204 38.99 60.35 114.14
N LYS JA 205 37.99 59.78 113.46
CA LYS JA 205 38.25 58.67 112.55
C LYS JA 205 39.18 59.09 111.42
N PHE JA 206 38.97 60.29 110.89
CA PHE JA 206 39.83 60.76 109.80
C PHE JA 206 41.24 61.07 110.31
N MET JA 207 41.38 61.56 111.54
CA MET JA 207 42.72 61.73 112.09
C MET JA 207 43.45 60.39 112.20
N ALA JA 208 42.74 59.37 112.70
CA ALA JA 208 43.34 58.04 112.79
C ALA JA 208 43.72 57.50 111.41
N ASP JA 209 42.84 57.70 110.43
CA ASP JA 209 43.14 57.25 109.07
C ASP JA 209 44.32 58.00 108.48
N THR JA 210 44.48 59.28 108.82
CA THR JA 210 45.65 60.02 108.37
C THR JA 210 46.93 59.44 108.93
N LYS JA 211 46.91 59.09 110.22
CA LYS JA 211 48.09 58.45 110.80
C LYS JA 211 48.37 57.10 110.15
N ILE JA 212 47.33 56.33 109.86
CA ILE JA 212 47.51 55.05 109.18
C ILE JA 212 48.14 55.26 107.81
N ALA JA 213 47.66 56.27 107.08
CA ALA JA 213 48.21 56.56 105.76
C ALA JA 213 49.68 56.95 105.85
N ASP JA 214 50.04 57.72 106.89
CA ASP JA 214 51.44 58.07 107.07
C ASP JA 214 52.30 56.84 107.30
N SER JA 215 51.83 55.93 108.16
CA SER JA 215 52.59 54.71 108.41
C SER JA 215 52.72 53.87 107.14
N LYS JA 216 51.63 53.78 106.37
CA LYS JA 216 51.67 53.03 105.12
C LYS JA 216 52.66 53.64 104.14
N ARG JA 217 52.69 54.97 104.07
CA ARG JA 217 53.64 55.65 103.19
C ARG JA 217 55.07 55.34 103.60
N ALA JA 218 55.36 55.42 104.90
CA ALA JA 218 56.72 55.12 105.36
C ALA JA 218 57.11 53.69 105.00
N PHE JA 219 56.20 52.74 105.25
CA PHE JA 219 56.51 51.35 104.95
C PHE JA 219 56.74 51.13 103.46
N GLU JA 220 55.86 51.69 102.63
CA GLU JA 220 56.02 51.50 101.18
C GLU JA 220 57.31 52.14 100.68
N LEU JA 221 57.65 53.31 101.20
CA LEU JA 221 58.90 53.97 100.79
C LEU JA 221 60.10 53.12 101.14
N GLN JA 222 60.15 52.61 102.39
CA GLN JA 222 61.29 51.77 102.77
C GLN JA 222 61.35 50.49 101.96
N LYS JA 223 60.20 49.86 101.72
CA LYS JA 223 60.20 48.61 100.96
C LYS JA 223 60.65 48.83 99.53
N SER JA 224 60.19 49.90 98.87
CA SER JA 224 60.65 50.18 97.52
C SER JA 224 62.13 50.50 97.49
N ALA JA 225 62.61 51.25 98.50
CA ALA JA 225 64.04 51.55 98.56
C ALA JA 225 64.87 50.28 98.66
N PHE JA 226 64.42 49.33 99.48
CA PHE JA 226 65.15 48.08 99.61
C PHE JA 226 65.10 47.28 98.31
N SER JA 227 63.92 47.23 97.69
CA SER JA 227 63.75 46.52 96.43
C SER JA 227 64.69 47.08 95.36
N GLU JA 228 65.01 48.37 95.43
CA GLU JA 228 65.93 48.96 94.48
C GLU JA 228 67.27 48.20 94.43
N GLU JA 229 67.99 48.18 95.56
CA GLU JA 229 69.30 47.54 95.53
C GLU JA 229 69.19 46.02 95.44
N VAL JA 230 68.12 45.42 95.95
CA VAL JA 230 68.04 43.97 95.79
C VAL JA 230 67.88 43.61 94.31
N ASN JA 231 67.10 44.40 93.57
CA ASN JA 231 66.96 44.17 92.14
C ASN JA 231 68.25 44.46 91.40
N ILE JA 232 68.99 45.49 91.83
CA ILE JA 232 70.28 45.78 91.21
C ILE JA 232 71.22 44.59 91.35
N LYS JA 233 71.34 44.07 92.58
CA LYS JA 233 72.24 42.95 92.83
C LYS JA 233 71.80 41.71 92.05
N THR JA 234 70.50 41.43 91.99
CA THR JA 234 70.06 40.31 91.18
C THR JA 234 70.45 40.51 89.73
N ALA JA 235 70.10 41.66 89.15
CA ALA JA 235 70.38 41.91 87.74
C ALA JA 235 71.86 41.70 87.42
N GLU JA 236 72.74 42.06 88.34
CA GLU JA 236 74.13 41.65 88.20
C GLU JA 236 74.29 40.14 88.23
N ALA JA 237 73.51 39.47 89.10
CA ALA JA 237 73.71 38.04 89.33
C ALA JA 237 73.42 37.20 88.08
N GLN JA 238 72.32 37.48 87.38
CA GLN JA 238 72.07 36.64 86.20
C GLN JA 238 73.16 36.78 85.14
N LEU JA 239 73.62 38.01 84.87
CA LEU JA 239 74.50 38.22 83.73
C LEU JA 239 75.98 38.06 84.05
N ALA JA 240 76.35 37.88 85.33
CA ALA JA 240 77.72 37.46 85.59
C ALA JA 240 78.06 36.15 84.88
N TYR JA 241 77.07 35.26 84.75
CA TYR JA 241 77.28 34.00 84.04
C TYR JA 241 77.69 34.25 82.60
N GLU JA 242 76.94 35.09 81.89
CA GLU JA 242 77.27 35.38 80.50
C GLU JA 242 78.61 36.09 80.38
N LEU JA 243 78.92 36.98 81.32
CA LEU JA 243 80.20 37.67 81.28
C LEU JA 243 81.35 36.69 81.35
N GLN JA 244 81.32 35.80 82.35
CA GLN JA 244 82.39 34.81 82.47
C GLN JA 244 82.38 33.83 81.30
N GLY JA 245 81.21 33.51 80.77
CA GLY JA 245 81.14 32.62 79.61
C GLY JA 245 81.84 33.20 78.40
N ALA JA 246 81.60 34.48 78.11
CA ALA JA 246 82.29 35.14 77.00
C ALA JA 246 83.78 35.23 77.27
N ARG JA 247 84.16 35.55 78.51
CA ARG JA 247 85.58 35.64 78.85
C ARG JA 247 86.29 34.31 78.61
N GLU JA 248 85.63 33.21 78.94
CA GLU JA 248 86.23 31.90 78.67
C GLU JA 248 86.18 31.53 77.20
N GLN JA 249 85.08 31.85 76.51
CA GLN JA 249 84.98 31.60 75.08
C GLN JA 249 86.09 32.27 74.30
N GLN JA 250 86.62 33.39 74.82
CA GLN JA 250 87.82 33.98 74.22
C GLN JA 250 88.90 32.92 74.00
N LYS JA 251 89.36 32.30 75.10
CA LYS JA 251 90.43 31.30 75.01
C LYS JA 251 89.93 30.03 74.31
N ILE JA 252 88.67 29.67 74.50
CA ILE JA 252 88.13 28.48 73.84
C ILE JA 252 88.30 28.61 72.33
N ARG JA 253 87.86 29.74 71.78
CA ARG JA 253 87.97 29.94 70.34
C ARG JA 253 89.41 30.19 69.92
N GLN JA 254 90.22 30.80 70.80
CA GLN JA 254 91.65 30.95 70.51
C GLN JA 254 92.28 29.61 70.20
N GLU JA 255 92.06 28.62 71.05
CA GLU JA 255 92.62 27.30 70.76
C GLU JA 255 91.91 26.59 69.61
N GLU JA 256 90.58 26.72 69.52
CA GLU JA 256 89.86 26.10 68.41
C GLU JA 256 90.37 26.57 67.06
N ILE JA 257 90.86 27.82 66.99
CA ILE JA 257 91.42 28.34 65.75
C ILE JA 257 92.92 28.11 65.64
N GLU JA 258 93.64 27.97 66.75
CA GLU JA 258 95.01 27.50 66.69
C GLU JA 258 95.12 26.08 66.16
N ILE JA 259 94.03 25.30 66.24
CA ILE JA 259 94.01 23.97 65.64
C ILE JA 259 94.50 24.03 64.19
N GLU JA 260 93.79 24.75 63.34
CA GLU JA 260 94.17 24.79 61.93
C GLU JA 260 95.40 25.62 61.66
N VAL JA 261 95.78 26.53 62.56
CA VAL JA 261 97.08 27.18 62.44
C VAL JA 261 98.19 26.13 62.51
N VAL JA 262 98.12 25.25 63.51
CA VAL JA 262 99.11 24.19 63.64
C VAL JA 262 99.04 23.25 62.44
N GLN JA 263 97.83 22.96 61.97
CA GLN JA 263 97.69 22.06 60.81
C GLN JA 263 98.35 22.65 59.57
N ARG JA 264 98.05 23.91 59.26
CA ARG JA 264 98.61 24.56 58.07
C ARG JA 264 100.09 24.84 58.22
N LYS JA 265 100.60 24.89 59.45
CA LYS JA 265 102.03 25.09 59.64
C LYS JA 265 102.85 23.96 59.04
N LYS JA 266 102.34 22.72 59.13
CA LYS JA 266 103.03 21.57 58.58
C LYS JA 266 102.46 21.11 57.25
N GLN JA 267 101.31 21.63 56.83
CA GLN JA 267 100.99 21.55 55.41
C GLN JA 267 102.09 22.14 54.54
N ILE JA 268 102.94 23.02 55.12
CA ILE JA 268 104.11 23.52 54.41
C ILE JA 268 105.03 22.36 54.02
N ALA JA 269 105.35 21.50 54.99
CA ALA JA 269 106.20 20.35 54.70
C ALA JA 269 105.50 19.37 53.77
N VAL JA 270 104.18 19.23 53.93
CA VAL JA 270 103.41 18.41 52.99
C VAL JA 270 103.64 18.90 51.57
N GLU JA 271 103.52 20.20 51.36
CA GLU JA 271 103.67 20.75 50.02
C GLU JA 271 105.11 20.68 49.53
N ALA JA 272 106.10 20.78 50.42
CA ALA JA 272 107.48 20.63 49.98
C ALA JA 272 107.75 19.22 49.47
N GLN JA 273 107.28 18.21 50.21
CA GLN JA 273 107.40 16.84 49.72
C GLN JA 273 106.64 16.66 48.41
N GLU JA 274 105.48 17.32 48.28
CA GLU JA 274 104.76 17.30 47.01
C GLU JA 274 105.57 17.93 45.88
N ILE JA 275 106.32 19.00 46.18
CA ILE JA 275 107.18 19.62 45.17
C ILE JA 275 108.22 18.62 44.67
N LEU JA 276 108.88 17.93 45.61
CA LEU JA 276 109.86 16.93 45.20
C LEU JA 276 109.21 15.82 44.36
N ARG JA 277 108.05 15.33 44.82
CA ARG JA 277 107.39 14.25 44.10
C ARG JA 277 106.99 14.68 42.71
N THR JA 278 106.43 15.89 42.56
CA THR JA 278 105.99 16.33 41.24
C THR JA 278 107.17 16.64 40.34
N ASP JA 279 108.30 17.09 40.91
CA ASP JA 279 109.50 17.24 40.10
C ASP JA 279 109.91 15.90 39.50
N LYS JA 280 110.02 14.87 40.33
CA LYS JA 280 110.41 13.56 39.81
C LYS JA 280 109.37 13.00 38.84
N GLU JA 281 108.09 13.22 39.13
CA GLU JA 281 107.03 12.73 38.25
C GLU JA 281 107.09 13.41 36.90
N LEU JA 282 107.30 14.73 36.87
CA LEU JA 282 107.43 15.43 35.59
C LEU JA 282 108.65 14.95 34.83
N ILE JA 283 109.75 14.70 35.53
CA ILE JA 283 110.91 14.10 34.86
C ILE JA 283 110.49 12.82 34.16
N ALA JA 284 110.03 11.83 34.94
CA ALA JA 284 109.71 10.53 34.38
C ALA JA 284 108.62 10.60 33.33
N THR JA 285 107.78 11.62 33.36
CA THR JA 285 106.63 11.68 32.48
C THR JA 285 106.92 12.38 31.15
N VAL JA 286 107.70 13.47 31.16
CA VAL JA 286 107.89 14.22 29.93
C VAL JA 286 109.34 14.38 29.54
N ARG JA 287 110.26 14.35 30.52
CA ARG JA 287 111.65 14.65 30.19
C ARG JA 287 112.31 13.51 29.43
N ARG JA 288 112.08 12.27 29.87
CA ARG JA 288 112.66 11.10 29.23
C ARG JA 288 111.93 10.71 27.95
N PRO JA 289 110.59 10.74 27.92
CA PRO JA 289 109.91 10.53 26.63
C PRO JA 289 110.32 11.51 25.55
N ALA JA 290 110.65 12.74 25.90
CA ALA JA 290 111.14 13.68 24.90
C ALA JA 290 112.44 13.21 24.29
N GLU JA 291 113.36 12.73 25.13
CA GLU JA 291 114.64 12.22 24.62
C GLU JA 291 114.43 10.98 23.76
N ALA JA 292 113.54 10.08 24.20
CA ALA JA 292 113.25 8.89 23.41
C ALA JA 292 112.65 9.27 22.06
N GLU JA 293 111.74 10.24 22.05
CA GLU JA 293 111.16 10.70 20.79
C GLU JA 293 112.23 11.31 19.88
N ALA JA 294 113.14 12.08 20.45
CA ALA JA 294 114.22 12.65 19.64
C ALA JA 294 115.08 11.55 19.02
N HIS JA 295 115.42 10.53 19.81
CA HIS JA 295 116.20 9.42 19.28
C HIS JA 295 115.44 8.69 18.18
N ARG JA 296 114.15 8.46 18.38
CA ARG JA 296 113.34 7.80 17.36
C ARG JA 296 113.30 8.61 16.08
N ILE JA 297 113.11 9.92 16.18
CA ILE JA 297 113.04 10.77 15.00
C ILE JA 297 114.36 10.76 14.25
N GLN JA 298 115.47 10.85 14.97
CA GLN JA 298 116.75 10.88 14.27
C GLN JA 298 117.09 9.54 13.64
N GLN JA 299 116.74 8.43 14.30
CA GLN JA 299 116.94 7.11 13.70
C GLN JA 299 116.11 6.94 12.43
N ILE JA 300 114.83 7.31 12.49
CA ILE JA 300 113.97 7.16 11.33
C ILE JA 300 114.40 8.10 10.21
N ALA JA 301 114.88 9.30 10.57
CA ALA JA 301 115.40 10.22 9.56
C ALA JA 301 116.63 9.64 8.88
N GLU JA 302 117.51 8.99 9.65
CA GLU JA 302 118.66 8.34 9.04
C GLU JA 302 118.22 7.26 8.06
N GLY JA 303 117.26 6.43 8.47
CA GLY JA 303 116.77 5.40 7.57
C GLY JA 303 116.19 5.98 6.29
N GLU JA 304 115.35 7.01 6.42
CA GLU JA 304 114.73 7.62 5.25
C GLU JA 304 115.76 8.28 4.36
N LYS JA 305 116.76 8.94 4.94
CA LYS JA 305 117.80 9.57 4.13
C LYS JA 305 118.58 8.54 3.33
N VAL JA 306 118.95 7.43 3.97
CA VAL JA 306 119.68 6.39 3.24
C VAL JA 306 118.81 5.82 2.13
N LYS JA 307 117.52 5.59 2.41
CA LYS JA 307 116.62 5.06 1.40
C LYS JA 307 116.52 6.01 0.21
N GLN JA 308 116.35 7.31 0.48
CA GLN JA 308 116.21 8.28 -0.61
C GLN JA 308 117.50 8.38 -1.41
N VAL JA 309 118.66 8.37 -0.75
CA VAL JA 309 119.92 8.45 -1.46
C VAL JA 309 120.10 7.24 -2.37
N LEU JA 310 119.79 6.04 -1.86
CA LEU JA 310 119.92 4.84 -2.69
C LEU JA 310 118.96 4.86 -3.86
N LEU JA 311 117.71 5.28 -3.63
CA LEU JA 311 116.75 5.37 -4.72
C LEU JA 311 117.19 6.37 -5.77
N ALA JA 312 117.73 7.52 -5.33
CA ALA JA 312 118.22 8.52 -6.27
C ALA JA 312 119.39 8.00 -7.09
N GLN JA 313 120.31 7.27 -6.45
CA GLN JA 313 121.42 6.69 -7.18
C GLN JA 313 120.92 5.68 -8.22
N ALA JA 314 119.96 4.85 -7.83
CA ALA JA 314 119.40 3.87 -8.76
C ALA JA 314 118.74 4.56 -9.95
N GLU JA 315 117.96 5.62 -9.68
CA GLU JA 315 117.30 6.35 -10.76
C GLU JA 315 118.32 7.03 -11.67
N ALA JA 316 119.38 7.60 -11.08
CA ALA JA 316 120.39 8.27 -11.88
C ALA JA 316 121.10 7.29 -12.81
N GLU JA 317 121.46 6.11 -12.30
CA GLU JA 317 122.16 5.17 -13.17
C GLU JA 317 121.20 4.54 -14.18
N LYS JA 318 119.93 4.40 -13.81
CA LYS JA 318 118.91 4.03 -14.79
C LYS JA 318 118.90 5.01 -15.95
N ILE JA 319 118.86 6.31 -15.65
CA ILE JA 319 118.84 7.33 -16.70
C ILE JA 319 120.12 7.27 -17.52
N ARG JA 320 121.26 7.08 -16.86
CA ARG JA 320 122.52 7.03 -17.58
C ARG JA 320 122.55 5.88 -18.58
N LYS JA 321 122.15 4.68 -18.13
CA LYS JA 321 122.18 3.51 -19.00
C LYS JA 321 121.17 3.64 -20.13
N ILE JA 322 119.98 4.15 -19.85
CA ILE JA 322 118.99 4.35 -20.90
C ILE JA 322 119.49 5.35 -21.92
N GLY JA 323 120.13 6.43 -21.46
CA GLY JA 323 120.68 7.41 -22.39
C GLY JA 323 121.79 6.85 -23.25
N GLU JA 324 122.65 6.01 -22.67
CA GLU JA 324 123.69 5.37 -23.45
C GLU JA 324 123.09 4.46 -24.51
N ALA JA 325 122.06 3.69 -24.15
CA ALA JA 325 121.40 2.82 -25.11
C ALA JA 325 120.78 3.63 -26.25
N GLU JA 326 120.11 4.74 -25.91
CA GLU JA 326 119.52 5.59 -26.94
C GLU JA 326 120.58 6.21 -27.84
N ALA JA 327 121.71 6.61 -27.27
CA ALA JA 327 122.79 7.14 -28.09
C ALA JA 327 123.32 6.09 -29.05
N ALA JA 328 123.47 4.85 -28.57
CA ALA JA 328 123.96 3.78 -29.43
C ALA JA 328 122.99 3.50 -30.57
N VAL JA 329 121.69 3.43 -30.28
CA VAL JA 329 120.74 3.13 -31.33
C VAL JA 329 120.65 4.30 -32.32
N ILE JA 330 120.74 5.53 -31.82
CA ILE JA 330 120.69 6.69 -32.72
C ILE JA 330 121.91 6.69 -33.64
N GLU JA 331 123.08 6.36 -33.11
CA GLU JA 331 124.27 6.29 -33.96
C GLU JA 331 124.13 5.17 -34.98
N ALA JA 332 123.50 4.05 -34.60
CA ALA JA 332 123.26 2.98 -35.56
C ALA JA 332 122.32 3.44 -36.69
N MET JA 333 121.25 4.15 -36.33
CA MET JA 333 120.37 4.72 -37.35
C MET JA 333 121.13 5.66 -38.26
N GLY JA 334 122.03 6.48 -37.70
CA GLY JA 334 122.81 7.36 -38.54
C GLY JA 334 123.69 6.60 -39.51
N LYS JA 335 124.38 5.57 -39.01
CA LYS JA 335 125.18 4.70 -39.87
C LYS JA 335 124.34 4.19 -41.03
N ALA JA 336 123.19 3.60 -40.72
CA ALA JA 336 122.38 2.92 -41.73
C ALA JA 336 121.78 3.91 -42.73
N GLU JA 337 121.21 5.01 -42.23
CA GLU JA 337 120.54 5.97 -43.11
C GLU JA 337 121.54 6.70 -43.98
N ALA JA 338 122.72 7.03 -43.44
CA ALA JA 338 123.75 7.65 -44.26
C ALA JA 338 124.26 6.70 -45.33
N GLU JA 339 124.43 5.41 -44.98
CA GLU JA 339 124.81 4.44 -46.01
C GLU JA 339 123.74 4.33 -47.08
N ARG JA 340 122.47 4.37 -46.68
CA ARG JA 340 121.37 4.32 -47.63
C ARG JA 340 121.44 5.50 -48.60
N MET JA 341 121.60 6.71 -48.06
CA MET JA 341 121.65 7.89 -48.91
C MET JA 341 122.87 7.87 -49.82
N LYS JA 342 124.01 7.44 -49.29
CA LYS JA 342 125.22 7.37 -50.10
C LYS JA 342 125.05 6.41 -51.26
N LEU JA 343 124.53 5.21 -50.99
CA LEU JA 343 124.34 4.24 -52.06
C LEU JA 343 123.29 4.72 -53.07
N LYS JA 344 122.28 5.44 -52.59
CA LYS JA 344 121.25 5.96 -53.49
C LYS JA 344 121.79 7.10 -54.34
N ALA JA 345 122.87 7.73 -53.88
CA ALA JA 345 123.47 8.83 -54.64
C ALA JA 345 123.97 8.38 -56.01
N GLU JA 346 124.79 7.32 -56.06
CA GLU JA 346 125.25 6.84 -57.36
C GLU JA 346 124.09 6.31 -58.20
N ALA JA 347 123.06 5.78 -57.55
CA ALA JA 347 121.89 5.33 -58.29
C ALA JA 347 121.23 6.48 -59.02
N TYR JA 348 121.02 7.60 -58.32
CA TYR JA 348 120.44 8.77 -58.98
C TYR JA 348 121.39 9.38 -60.00
N GLN JA 349 122.70 9.19 -59.80
CA GLN JA 349 123.67 9.84 -60.69
C GLN JA 349 123.57 9.27 -62.11
N LYS JA 350 123.03 8.07 -62.27
CA LYS JA 350 123.00 7.41 -63.57
C LYS JA 350 121.66 7.58 -64.27
N TYR JA 351 120.89 8.58 -63.88
CA TYR JA 351 119.56 8.84 -64.44
C TYR JA 351 119.69 9.69 -65.71
N GLY JA 352 118.98 9.28 -66.75
CA GLY JA 352 118.92 10.02 -67.99
C GLY JA 352 117.66 10.86 -68.10
N ASP JA 353 117.35 11.27 -69.34
CA ASP JA 353 116.14 12.03 -69.56
C ASP JA 353 114.90 11.18 -69.31
N ALA JA 354 114.89 9.93 -69.79
CA ALA JA 354 113.73 9.07 -69.65
C ALA JA 354 113.42 8.78 -68.20
N ALA JA 355 114.47 8.56 -67.39
CA ALA JA 355 114.26 8.25 -65.98
C ALA JA 355 113.68 9.44 -65.21
N LYS JA 356 114.18 10.65 -65.50
CA LYS JA 356 113.59 11.83 -64.88
C LYS JA 356 112.15 12.03 -65.32
N MET JA 357 111.86 11.75 -66.59
CA MET JA 357 110.48 11.79 -67.07
C MET JA 357 109.61 10.81 -66.29
N ALA JA 358 110.15 9.60 -66.04
CA ALA JA 358 109.41 8.62 -65.26
C ALA JA 358 109.15 9.12 -63.85
N LEU JA 359 110.14 9.75 -63.23
CA LEU JA 359 109.95 10.30 -61.88
C LEU JA 359 108.84 11.35 -61.87
N VAL JA 360 108.86 12.27 -62.84
CA VAL JA 360 107.85 13.32 -62.86
C VAL JA 360 106.46 12.73 -63.12
N LEU JA 361 106.36 11.78 -64.06
CA LEU JA 361 105.07 11.18 -64.35
C LEU JA 361 104.54 10.40 -63.16
N GLU JA 362 105.42 9.74 -62.41
CA GLU JA 362 104.99 9.02 -61.22
C GLU JA 362 104.53 9.99 -60.14
N ALA JA 363 105.18 11.14 -60.03
CA ALA JA 363 104.79 12.11 -59.01
C ALA JA 363 103.47 12.80 -59.36
N LEU JA 364 103.18 12.94 -60.65
CA LEU JA 364 102.02 13.73 -61.08
C LEU JA 364 100.69 13.25 -60.51
N PRO JA 365 100.32 11.96 -60.55
CA PRO JA 365 98.99 11.57 -60.06
C PRO JA 365 98.76 11.89 -58.59
N GLN JA 366 99.78 11.75 -57.75
CA GLN JA 366 99.59 12.05 -56.33
C GLN JA 366 99.33 13.54 -56.13
N ILE JA 367 100.10 14.39 -56.81
CA ILE JA 367 99.87 15.84 -56.72
C ILE JA 367 98.47 16.18 -57.23
N ALA JA 368 98.07 15.57 -58.34
CA ALA JA 368 96.75 15.84 -58.90
C ALA JA 368 95.65 15.42 -57.93
N ALA JA 369 95.83 14.27 -57.28
CA ALA JA 369 94.85 13.83 -56.29
C ALA JA 369 94.78 14.81 -55.12
N LYS JA 370 95.93 15.32 -54.68
CA LYS JA 370 95.94 16.25 -53.57
C LYS JA 370 95.25 17.56 -53.94
N ILE JA 371 95.54 18.09 -55.13
CA ILE JA 371 94.96 19.37 -55.53
C ILE JA 371 93.46 19.26 -55.76
N ALA JA 372 92.99 18.13 -56.28
CA ALA JA 372 91.57 17.96 -56.59
C ALA JA 372 90.73 17.59 -55.38
N ALA JA 373 91.35 17.32 -54.24
CA ALA JA 373 90.58 16.94 -53.05
C ALA JA 373 89.52 17.96 -52.65
N PRO JA 374 89.78 19.28 -52.67
CA PRO JA 374 88.69 20.22 -52.33
C PRO JA 374 87.50 20.14 -53.28
N LEU JA 375 87.69 19.61 -54.48
CA LEU JA 375 86.59 19.56 -55.45
C LEU JA 375 85.55 18.52 -55.05
N THR JA 376 85.85 17.70 -54.05
CA THR JA 376 84.96 16.63 -53.63
C THR JA 376 83.65 17.17 -53.06
N LYS JA 377 83.70 18.35 -52.44
CA LYS JA 377 82.57 18.87 -51.70
C LYS JA 377 81.68 19.80 -52.52
N VAL JA 378 81.83 19.82 -53.85
CA VAL JA 378 80.98 20.66 -54.67
C VAL JA 378 79.53 20.19 -54.56
N ASP JA 379 78.61 21.14 -54.42
CA ASP JA 379 77.19 20.84 -54.26
C ASP JA 379 76.45 20.87 -55.59
N GLU JA 380 76.51 21.99 -56.31
CA GLU JA 380 75.80 22.11 -57.57
C GLU JA 380 76.61 23.00 -58.50
N ILE JA 381 76.42 22.79 -59.80
CA ILE JA 381 77.15 23.50 -60.82
C ILE JA 381 76.14 24.16 -61.75
N VAL JA 382 76.32 25.45 -62.01
CA VAL JA 382 75.47 26.18 -62.94
C VAL JA 382 76.34 26.71 -64.07
N VAL JA 383 76.01 26.36 -65.30
CA VAL JA 383 76.76 26.75 -66.48
C VAL JA 383 75.85 27.52 -67.41
N LEU JA 384 76.30 28.69 -67.85
CA LEU JA 384 75.59 29.51 -68.83
C LEU JA 384 76.53 29.82 -69.97
N SER JA 385 75.99 29.93 -71.19
CA SER JA 385 76.79 30.16 -72.38
C SER JA 385 76.08 31.14 -73.28
N GLY JA 386 76.86 31.76 -74.18
CA GLY JA 386 76.32 32.73 -75.10
C GLY JA 386 76.18 34.11 -74.51
N ASP JA 387 76.53 35.14 -75.28
CA ASP JA 387 76.47 36.53 -74.80
C ASP JA 387 75.08 37.11 -75.07
N ASN JA 388 74.19 36.96 -74.08
CA ASN JA 388 72.82 37.44 -74.20
C ASN JA 388 72.41 38.08 -72.88
N SER JA 389 71.14 38.45 -72.80
CA SER JA 389 70.60 39.13 -71.62
C SER JA 389 70.32 38.11 -70.52
N LYS JA 390 69.86 38.63 -69.38
CA LYS JA 390 69.59 37.82 -68.18
C LYS JA 390 68.09 37.78 -67.89
N VAL JA 391 67.28 37.79 -68.93
CA VAL JA 391 65.82 37.80 -68.78
C VAL JA 391 65.22 36.44 -69.13
N THR JA 392 65.90 35.68 -69.99
CA THR JA 392 65.35 34.41 -70.46
C THR JA 392 65.15 33.43 -69.31
N SER JA 393 66.15 33.34 -68.42
CA SER JA 393 66.11 32.44 -67.25
C SER JA 393 65.98 31.01 -67.77
N GLU JA 394 65.05 30.21 -67.26
CA GLU JA 394 64.89 28.83 -67.73
C GLU JA 394 63.62 28.68 -68.56
N MET KA 1 -159.51 31.83 60.52
CA MET KA 1 -159.23 32.72 61.63
C MET KA 1 -158.62 34.04 61.13
N PHE KA 2 -158.64 35.05 62.00
CA PHE KA 2 -158.12 36.36 61.63
C PHE KA 2 -156.61 36.32 61.47
N PHE KA 3 -156.11 37.04 60.48
CA PHE KA 3 -154.68 37.09 60.17
C PHE KA 3 -154.21 38.53 60.25
N THR KA 4 -153.50 38.87 61.32
CA THR KA 4 -152.96 40.21 61.49
C THR KA 4 -151.85 40.48 60.48
N CYS KA 5 -151.72 41.74 60.11
CA CYS KA 5 -150.65 42.18 59.23
C CYS KA 5 -150.12 43.52 59.70
N GLY KA 6 -148.85 43.77 59.43
CA GLY KA 6 -148.27 45.06 59.70
C GLY KA 6 -148.63 46.06 58.64
N PRO KA 7 -148.07 47.26 58.77
CA PRO KA 7 -148.25 48.29 57.74
C PRO KA 7 -147.21 48.32 56.64
N ASN KA 8 -146.44 47.25 56.42
CA ASN KA 8 -145.52 47.13 55.31
C ASN KA 8 -145.93 46.07 54.31
N GLU KA 9 -147.11 45.47 54.49
CA GLU KA 9 -147.61 44.45 53.57
C GLU KA 9 -149.10 44.64 53.39
N ALA KA 10 -149.58 44.22 52.22
CA ALA KA 10 -151.00 44.27 51.89
C ALA KA 10 -151.55 42.85 51.87
N MET KA 11 -152.51 42.58 52.76
CA MET KA 11 -153.17 41.28 52.83
C MET KA 11 -154.43 41.33 51.97
N VAL KA 12 -154.36 40.73 50.79
CA VAL KA 12 -155.51 40.61 49.91
C VAL KA 12 -155.76 39.13 49.66
N VAL KA 13 -156.99 38.69 49.93
CA VAL KA 13 -157.36 37.28 49.84
C VAL KA 13 -158.76 37.17 49.25
N SER KA 14 -159.02 36.05 48.61
CA SER KA 14 -160.36 35.72 48.11
C SER KA 14 -160.95 34.62 48.97
N GLY KA 15 -162.18 34.83 49.45
CA GLY KA 15 -162.82 33.86 50.31
C GLY KA 15 -164.09 33.27 49.73
N PHE KA 16 -165.23 33.56 50.36
CA PHE KA 16 -166.52 33.14 49.89
C PHE KA 16 -167.44 34.35 49.79
N CYS KA 17 -167.99 34.58 48.59
CA CYS KA 17 -168.89 35.71 48.33
C CYS KA 17 -168.24 37.04 48.71
N ARG KA 18 -167.06 37.27 48.13
CA ARG KA 18 -166.29 38.49 48.32
C ARG KA 18 -165.83 39.04 46.97
N SER KA 19 -166.78 39.13 46.03
CA SER KA 19 -166.45 39.51 44.65
C SER KA 19 -165.78 40.87 44.55
N PRO KA 20 -166.25 41.94 45.18
CA PRO KA 20 -165.52 43.20 45.11
C PRO KA 20 -164.16 43.07 45.74
N PRO KA 21 -163.18 43.82 45.26
CA PRO KA 21 -161.82 43.70 45.81
C PRO KA 21 -161.76 44.10 47.27
N VAL KA 22 -160.84 43.47 48.00
CA VAL KA 22 -160.64 43.71 49.43
C VAL KA 22 -159.25 44.30 49.62
N MET KA 23 -159.19 45.51 50.18
CA MET KA 23 -157.94 46.23 50.41
C MET KA 23 -157.67 46.21 51.91
N VAL KA 24 -156.82 45.29 52.36
CA VAL KA 24 -156.45 45.17 53.76
C VAL KA 24 -154.93 45.24 53.87
N ALA KA 25 -154.44 46.21 54.64
CA ALA KA 25 -153.02 46.33 54.97
C ALA KA 25 -152.93 46.91 56.37
N GLY KA 26 -152.71 46.05 57.36
CA GLY KA 26 -152.74 46.46 58.75
C GLY KA 26 -154.08 46.21 59.41
N GLY KA 27 -154.60 45.00 59.22
CA GLY KA 27 -155.88 44.63 59.80
C GLY KA 27 -155.96 43.12 59.96
N ARG KA 28 -157.19 42.62 60.00
CA ARG KA 28 -157.42 41.18 60.10
C ARG KA 28 -158.52 40.76 59.15
N VAL KA 29 -158.47 39.50 58.73
CA VAL KA 29 -159.48 38.90 57.87
C VAL KA 29 -159.76 37.49 58.36
N PHE KA 30 -161.03 37.17 58.58
CA PHE KA 30 -161.42 35.81 58.91
C PHE KA 30 -161.26 34.93 57.68
N VAL KA 31 -160.37 33.93 57.76
CA VAL KA 31 -159.99 33.14 56.61
C VAL KA 31 -160.39 31.69 56.85
N LEU KA 32 -161.21 31.14 55.96
CA LEU KA 32 -161.53 29.72 55.97
C LEU KA 32 -160.33 28.94 55.43
N PRO KA 33 -160.03 27.77 56.00
CA PRO KA 33 -158.81 27.07 55.57
C PRO KA 33 -158.92 26.42 54.20
N CYS KA 34 -160.04 25.77 53.90
CA CYS KA 34 -160.21 25.03 52.65
C CYS KA 34 -160.99 25.81 51.60
N ILE KA 35 -161.32 27.08 51.85
CA ILE KA 35 -162.11 27.89 50.93
C ILE KA 35 -161.33 29.10 50.43
N GLN KA 36 -160.62 29.79 51.31
CA GLN KA 36 -159.93 31.01 50.95
C GLN KA 36 -158.50 30.74 50.51
N GLN KA 37 -157.96 31.65 49.71
CA GLN KA 37 -156.59 31.59 49.22
C GLN KA 37 -155.85 32.84 49.66
N ILE KA 38 -154.63 32.66 50.14
CA ILE KA 38 -153.85 33.72 50.78
C ILE KA 38 -152.70 34.12 49.86
N GLN KA 39 -152.56 35.43 49.62
CA GLN KA 39 -151.44 35.97 48.87
C GLN KA 39 -151.03 37.30 49.51
N ARG KA 40 -149.76 37.65 49.36
CA ARG KA 40 -149.17 38.79 50.06
C ARG KA 40 -148.36 39.66 49.10
N ILE KA 41 -148.32 40.95 49.40
CA ILE KA 41 -147.45 41.91 48.73
C ILE KA 41 -146.72 42.71 49.79
N SER KA 42 -145.40 42.85 49.62
CA SER KA 42 -144.58 43.65 50.53
C SER KA 42 -144.57 45.10 50.07
N LEU KA 43 -144.92 46.01 50.99
CA LEU KA 43 -144.99 47.43 50.71
C LEU KA 43 -143.72 48.18 51.10
N ASN KA 44 -142.68 47.47 51.55
CA ASN KA 44 -141.49 48.15 52.05
C ASN KA 44 -140.76 48.84 50.90
N THR KA 45 -140.21 50.01 51.20
CA THR KA 45 -139.55 50.81 50.17
C THR KA 45 -138.23 50.18 49.75
N LEU KA 46 -138.02 50.06 48.45
CA LEU KA 46 -136.80 49.50 47.90
C LEU KA 46 -136.06 50.56 47.09
N THR KA 47 -134.75 50.62 47.26
CA THR KA 47 -133.93 51.57 46.52
C THR KA 47 -133.50 50.98 45.19
N LEU KA 48 -133.35 51.86 44.20
CA LEU KA 48 -133.01 51.45 42.84
C LEU KA 48 -131.77 52.20 42.39
N ASN KA 49 -130.81 51.45 41.84
CA ASN KA 49 -129.57 52.02 41.31
C ASN KA 49 -129.76 52.18 39.80
N VAL KA 50 -130.42 53.28 39.43
CA VAL KA 50 -130.78 53.55 38.04
C VAL KA 50 -129.50 54.02 37.33
N LYS KA 51 -128.87 53.11 36.58
CA LYS KA 51 -127.59 53.37 35.94
C LYS KA 51 -127.78 53.55 34.45
N SER KA 52 -127.21 54.63 33.90
CA SER KA 52 -127.20 54.90 32.47
C SER KA 52 -125.76 54.99 32.01
N GLU KA 53 -125.41 54.22 30.98
CA GLU KA 53 -124.05 54.16 30.48
C GLU KA 53 -124.02 54.62 29.02
N LYS KA 54 -123.15 55.58 28.74
CA LYS KA 54 -122.91 56.07 27.38
C LYS KA 54 -124.21 56.56 26.73
N VAL KA 55 -124.81 57.57 27.36
CA VAL KA 55 -126.06 58.14 26.90
C VAL KA 55 -125.79 59.54 26.36
N TYR KA 56 -126.39 59.86 25.22
CA TYR KA 56 -126.18 61.14 24.56
C TYR KA 56 -127.10 62.22 25.10
N THR KA 57 -126.57 63.43 25.24
CA THR KA 57 -127.30 64.59 25.69
C THR KA 57 -127.81 65.36 24.49
N ARG KA 58 -128.33 66.58 24.71
CA ARG KA 58 -128.99 67.28 23.61
C ARG KA 58 -127.94 67.92 22.71
N HIS KA 59 -126.69 68.04 23.19
CA HIS KA 59 -125.55 68.27 22.31
C HIS KA 59 -125.04 66.99 21.67
N GLY KA 60 -125.41 65.82 22.19
CA GLY KA 60 -124.89 64.57 21.71
C GLY KA 60 -123.67 64.04 22.43
N VAL KA 61 -123.11 64.79 23.36
CA VAL KA 61 -121.93 64.31 24.09
C VAL KA 61 -122.32 63.14 24.98
N PRO KA 62 -121.56 62.04 24.98
CA PRO KA 62 -121.90 60.90 25.84
C PRO KA 62 -121.31 61.05 27.23
N ILE KA 63 -122.15 60.93 28.25
CA ILE KA 63 -121.72 61.00 29.63
C ILE KA 63 -122.33 59.83 30.40
N SER KA 64 -121.53 59.21 31.26
CA SER KA 64 -122.01 58.13 32.10
C SER KA 64 -122.73 58.72 33.31
N VAL KA 65 -124.02 58.41 33.44
CA VAL KA 65 -124.86 59.01 34.46
C VAL KA 65 -125.47 57.91 35.32
N THR KA 66 -125.35 58.05 36.63
CA THR KA 66 -125.93 57.12 37.59
C THR KA 66 -127.01 57.81 38.39
N GLY KA 67 -128.12 57.12 38.61
CA GLY KA 67 -129.22 57.67 39.37
C GLY KA 67 -129.69 56.70 40.44
N ILE KA 68 -130.24 57.28 41.50
CA ILE KA 68 -130.76 56.53 42.64
C ILE KA 68 -132.20 56.95 42.87
N ALA KA 69 -133.08 55.97 43.07
CA ALA KA 69 -134.50 56.23 43.26
C ALA KA 69 -135.02 55.44 44.45
N GLN KA 70 -135.97 56.02 45.17
CA GLN KA 70 -136.66 55.35 46.27
C GLN KA 70 -138.13 55.21 45.90
N VAL KA 71 -138.55 53.98 45.63
CA VAL KA 71 -139.89 53.69 45.12
C VAL KA 71 -140.64 52.85 46.16
N LYS KA 72 -141.92 53.17 46.33
CA LYS KA 72 -142.77 52.48 47.30
C LYS KA 72 -144.17 52.35 46.72
N ILE KA 73 -144.89 51.35 47.22
CA ILE KA 73 -146.26 51.08 46.79
C ILE KA 73 -147.20 51.82 47.74
N GLN KA 74 -147.85 52.87 47.25
CA GLN KA 74 -148.69 53.69 48.10
C GLN KA 74 -149.99 52.97 48.45
N GLY KA 75 -149.97 52.18 49.52
CA GLY KA 75 -151.14 51.44 49.94
C GLY KA 75 -152.24 52.29 50.51
N GLN KA 76 -151.98 53.57 50.78
CA GLN KA 76 -153.03 54.45 51.28
C GLN KA 76 -154.15 54.62 50.25
N ASN KA 77 -153.79 54.73 48.98
CA ASN KA 77 -154.78 54.88 47.92
C ASN KA 77 -155.39 53.52 47.60
N LYS KA 78 -156.71 53.40 47.81
CA LYS KA 78 -157.38 52.14 47.56
C LYS KA 78 -157.35 51.77 46.09
N GLU KA 79 -157.60 52.75 45.21
CA GLU KA 79 -157.62 52.46 43.78
C GLU KA 79 -156.26 52.03 43.27
N MET KA 80 -155.20 52.76 43.65
CA MET KA 80 -153.86 52.41 43.19
C MET KA 80 -153.42 51.06 43.73
N LEU KA 81 -153.72 50.78 45.01
CA LEU KA 81 -153.36 49.49 45.58
C LEU KA 81 -154.11 48.35 44.89
N ALA KA 82 -155.40 48.56 44.61
CA ALA KA 82 -156.17 47.54 43.92
C ALA KA 82 -155.63 47.29 42.52
N ALA KA 83 -155.22 48.37 41.83
CA ALA KA 83 -154.60 48.20 40.53
C ALA KA 83 -153.29 47.41 40.64
N ALA KA 84 -152.48 47.73 41.64
CA ALA KA 84 -151.18 47.09 41.78
C ALA KA 84 -151.31 45.61 42.14
N CYS KA 85 -152.32 45.26 42.93
CA CYS KA 85 -152.50 43.88 43.34
C CYS KA 85 -152.81 42.97 42.16
N GLN KA 86 -153.31 43.54 41.06
CA GLN KA 86 -153.68 42.73 39.90
C GLN KA 86 -152.47 42.11 39.21
N MET KA 87 -151.27 42.63 39.43
CA MET KA 87 -150.07 42.05 38.82
C MET KA 87 -148.93 41.81 39.79
N PHE KA 88 -148.92 42.44 40.96
CA PHE KA 88 -147.76 42.32 41.84
C PHE KA 88 -147.86 41.16 42.83
N LEU KA 89 -149.01 40.51 42.93
CA LEU KA 89 -149.10 39.28 43.71
C LEU KA 89 -148.27 38.18 43.04
N GLY KA 90 -147.53 37.44 43.85
CA GLY KA 90 -146.73 36.34 43.35
C GLY KA 90 -145.40 36.72 42.75
N LYS KA 91 -145.04 38.00 42.77
CA LYS KA 91 -143.76 38.45 42.24
C LYS KA 91 -142.80 38.74 43.39
N THR KA 92 -141.57 38.25 43.25
CA THR KA 92 -140.56 38.43 44.28
C THR KA 92 -140.09 39.89 44.32
N GLU KA 93 -139.39 40.23 45.40
CA GLU KA 93 -138.89 41.59 45.55
C GLU KA 93 -137.87 41.93 44.47
N ALA KA 94 -137.04 40.95 44.08
CA ALA KA 94 -136.01 41.22 43.08
C ALA KA 94 -136.62 41.60 41.74
N GLU KA 95 -137.62 40.83 41.28
CA GLU KA 95 -138.24 41.14 40.00
C GLU KA 95 -139.04 42.44 40.06
N ILE KA 96 -139.71 42.68 41.19
CA ILE KA 96 -140.46 43.92 41.36
C ILE KA 96 -139.53 45.12 41.26
N ALA KA 97 -138.38 45.03 41.92
CA ALA KA 97 -137.39 46.10 41.81
C ALA KA 97 -136.87 46.21 40.39
N HIS KA 98 -136.57 45.08 39.74
CA HIS KA 98 -135.91 45.08 38.45
C HIS KA 98 -136.79 45.68 37.35
N ILE KA 99 -138.08 45.38 37.33
CA ILE KA 99 -138.94 45.88 36.26
C ILE KA 99 -139.08 47.39 36.37
N ALA KA 100 -139.38 47.89 37.56
CA ALA KA 100 -139.48 49.33 37.75
C ALA KA 100 -138.14 50.01 37.52
N LEU KA 101 -137.03 49.31 37.79
CA LEU KA 101 -135.71 49.86 37.51
C LEU KA 101 -135.53 50.11 36.03
N GLU KA 102 -135.91 49.13 35.20
CA GLU KA 102 -135.80 49.32 33.76
C GLU KA 102 -136.74 50.43 33.28
N THR KA 103 -137.95 50.50 33.84
CA THR KA 103 -138.85 51.57 33.43
C THR KA 103 -138.30 52.94 33.76
N LEU KA 104 -137.81 53.11 34.99
CA LEU KA 104 -137.26 54.41 35.40
C LEU KA 104 -135.99 54.73 34.62
N GLU KA 105 -135.21 53.71 34.28
CA GLU KA 105 -134.05 53.94 33.43
C GLU KA 105 -134.47 54.43 32.06
N GLY KA 106 -135.54 53.85 31.51
CA GLY KA 106 -136.07 54.35 30.25
C GLY KA 106 -136.47 55.81 30.35
N HIS KA 107 -137.19 56.17 31.41
CA HIS KA 107 -137.60 57.57 31.58
C HIS KA 107 -136.40 58.49 31.71
N GLN KA 108 -135.41 58.12 32.51
CA GLN KA 108 -134.24 58.98 32.72
C GLN KA 108 -133.45 59.14 31.43
N ARG KA 109 -133.17 58.03 30.75
CA ARG KA 109 -132.40 58.07 29.52
C ARG KA 109 -133.17 58.79 28.41
N ALA KA 110 -134.50 58.78 28.46
CA ALA KA 110 -135.27 59.57 27.52
C ALA KA 110 -135.18 61.06 27.83
N ILE KA 111 -135.27 61.43 29.11
CA ILE KA 111 -135.16 62.84 29.49
C ILE KA 111 -133.72 63.33 29.42
N MET KA 112 -132.76 62.44 29.20
CA MET KA 112 -131.36 62.85 29.06
C MET KA 112 -131.19 63.86 27.94
N ALA KA 113 -131.89 63.64 26.82
CA ALA KA 113 -131.76 64.54 25.67
C ALA KA 113 -132.57 65.81 25.83
N HIS KA 114 -133.37 65.94 26.88
CA HIS KA 114 -134.09 67.19 27.08
C HIS KA 114 -133.17 68.25 27.68
N MET KA 115 -132.52 67.93 28.80
CA MET KA 115 -131.65 68.86 29.50
C MET KA 115 -130.20 68.54 29.18
N THR KA 116 -129.42 69.56 28.84
CA THR KA 116 -128.01 69.40 28.56
C THR KA 116 -127.21 69.22 29.84
N VAL KA 117 -125.97 68.74 29.68
CA VAL KA 117 -125.11 68.49 30.85
C VAL KA 117 -124.87 69.78 31.62
N GLU KA 118 -124.61 70.88 30.89
CA GLU KA 118 -124.49 72.19 31.53
C GLU KA 118 -125.70 72.49 32.39
N GLU KA 119 -126.89 72.09 31.92
CA GLU KA 119 -128.09 72.25 32.73
C GLU KA 119 -128.12 71.25 33.88
N ILE KA 120 -127.68 70.00 33.65
CA ILE KA 120 -127.91 68.98 34.66
C ILE KA 120 -127.06 69.21 35.91
N TYR KA 121 -125.80 69.62 35.75
CA TYR KA 121 -125.03 69.79 36.99
C TYR KA 121 -125.27 71.15 37.62
N LYS KA 122 -125.59 72.17 36.82
CA LYS KA 122 -125.87 73.49 37.37
C LYS KA 122 -127.32 73.58 37.85
N ASP KA 123 -128.27 73.45 36.92
CA ASP KA 123 -129.69 73.53 37.26
C ASP KA 123 -130.25 72.13 37.47
N ARG KA 124 -130.09 71.61 38.67
CA ARG KA 124 -130.46 70.23 38.96
C ARG KA 124 -131.85 70.12 39.58
N GLN KA 125 -132.30 71.18 40.25
CA GLN KA 125 -133.59 71.11 40.95
C GLN KA 125 -134.74 70.98 39.96
N LYS KA 126 -134.76 71.83 38.93
CA LYS KA 126 -135.83 71.75 37.94
C LYS KA 126 -135.76 70.44 37.17
N PHE KA 127 -134.55 69.99 36.83
CA PHE KA 127 -134.38 68.68 36.22
C PHE KA 127 -134.99 67.58 37.06
N SER KA 128 -134.64 67.53 38.34
CA SER KA 128 -135.14 66.48 39.22
C SER KA 128 -136.66 66.56 39.35
N GLU KA 129 -137.20 67.78 39.46
CA GLU KA 129 -138.64 67.92 39.59
C GLU KA 129 -139.38 67.43 38.35
N GLN KA 130 -138.87 67.76 37.15
CA GLN KA 130 -139.53 67.30 35.93
C GLN KA 130 -139.41 65.78 35.79
N VAL KA 131 -138.24 65.24 36.11
CA VAL KA 131 -138.06 63.79 36.06
C VAL KA 131 -139.04 63.11 37.01
N PHE KA 132 -139.14 63.62 38.23
CA PHE KA 132 -140.05 63.05 39.21
C PHE KA 132 -141.49 63.14 38.72
N LYS KA 133 -141.88 64.29 38.17
CA LYS KA 133 -143.25 64.43 37.68
C LYS KA 133 -143.59 63.40 36.61
N VAL KA 134 -142.76 63.32 35.57
CA VAL KA 134 -143.08 62.45 34.44
C VAL KA 134 -143.01 60.99 34.86
N ALA KA 135 -141.95 60.60 35.57
CA ALA KA 135 -141.80 59.22 36.00
C ALA KA 135 -142.91 58.83 36.96
N SER KA 136 -143.27 59.70 37.90
CA SER KA 136 -144.33 59.41 38.84
C SER KA 136 -145.66 59.26 38.13
N SER KA 137 -145.94 60.10 37.13
CA SER KA 137 -147.18 59.94 36.37
C SER KA 137 -147.22 58.58 35.68
N ASP KA 138 -146.17 58.25 34.93
CA ASP KA 138 -146.20 57.02 34.13
C ASP KA 138 -146.09 55.78 35.01
N LEU KA 139 -145.61 55.94 36.25
CA LEU KA 139 -145.45 54.78 37.11
C LEU KA 139 -146.66 54.58 38.02
N VAL KA 140 -147.34 55.67 38.39
CA VAL KA 140 -148.64 55.56 39.02
C VAL KA 140 -149.63 54.97 38.04
N ASN KA 141 -149.47 55.30 36.75
CA ASN KA 141 -150.22 54.57 35.73
C ASN KA 141 -149.96 53.08 35.82
N MET KA 142 -148.70 52.70 36.09
CA MET KA 142 -148.39 51.29 36.28
C MET KA 142 -148.74 50.84 37.70
N GLY KA 143 -148.59 51.72 38.69
CA GLY KA 143 -149.02 51.42 40.04
C GLY KA 143 -148.02 51.69 41.15
N ILE KA 144 -146.80 52.12 40.83
CA ILE KA 144 -145.78 52.43 41.84
C ILE KA 144 -145.55 53.93 41.83
N SER KA 145 -145.51 54.52 43.02
CA SER KA 145 -145.21 55.94 43.20
C SER KA 145 -143.80 56.09 43.73
N VAL KA 146 -142.99 56.89 43.04
CA VAL KA 146 -141.61 57.11 43.44
C VAL KA 146 -141.59 58.13 44.58
N VAL KA 147 -141.00 57.74 45.71
CA VAL KA 147 -140.92 58.65 46.85
C VAL KA 147 -140.00 59.82 46.53
N SER KA 148 -138.82 59.53 45.99
CA SER KA 148 -137.86 60.58 45.67
C SER KA 148 -136.83 60.00 44.70
N TYR KA 149 -136.52 60.77 43.66
CA TYR KA 149 -135.52 60.40 42.67
C TYR KA 149 -134.36 61.38 42.74
N THR KA 150 -133.15 60.86 42.59
CA THR KA 150 -131.95 61.69 42.59
C THR KA 150 -130.98 61.14 41.56
N LEU KA 151 -129.98 61.95 41.24
CA LEU KA 151 -128.91 61.58 40.32
C LEU KA 151 -127.64 61.29 41.11
N LYS KA 152 -127.13 60.07 40.98
CA LYS KA 152 -126.01 59.64 41.83
C LYS KA 152 -124.71 60.29 41.39
N ASP KA 153 -124.27 60.02 40.17
CA ASP KA 153 -122.99 60.52 39.69
C ASP KA 153 -123.07 60.78 38.20
N ILE KA 154 -122.23 61.72 37.74
CA ILE KA 154 -122.08 62.02 36.32
C ILE KA 154 -120.61 61.80 35.97
N HIS KA 155 -120.37 61.00 34.94
CA HIS KA 155 -119.02 60.68 34.51
C HIS KA 155 -118.88 60.92 33.01
N ASP KA 156 -117.71 61.41 32.61
CA ASP KA 156 -117.41 61.66 31.20
C ASP KA 156 -116.11 60.95 30.84
N ASP KA 157 -116.19 60.02 29.90
CA ASP KA 157 -115.01 59.32 29.40
C ASP KA 157 -114.36 60.03 28.22
N GLN KA 158 -114.96 61.11 27.74
CA GLN KA 158 -114.46 61.85 26.58
C GLN KA 158 -113.62 63.06 26.98
N ASP KA 159 -113.38 63.26 28.28
CA ASP KA 159 -112.68 64.42 28.83
C ASP KA 159 -113.39 65.72 28.53
N TYR KA 160 -114.72 65.69 28.42
CA TYR KA 160 -115.49 66.90 28.08
C TYR KA 160 -115.48 67.89 29.22
N LEU KA 161 -115.66 67.41 30.45
CA LEU KA 161 -115.86 68.32 31.58
C LEU KA 161 -114.54 68.65 32.28
N HIS KA 162 -113.50 67.84 32.04
CA HIS KA 162 -112.23 68.06 32.72
C HIS KA 162 -111.63 69.40 32.32
N SER KA 163 -111.74 69.79 31.05
CA SER KA 163 -111.20 71.08 30.62
C SER KA 163 -111.99 72.24 31.24
N LEU KA 164 -113.31 72.10 31.33
CA LEU KA 164 -114.13 73.12 31.98
C LEU KA 164 -113.72 73.28 33.43
N GLY KA 165 -113.40 72.17 34.10
CA GLY KA 165 -112.87 72.27 35.44
C GLY KA 165 -111.50 72.93 35.49
N LYS KA 166 -110.64 72.60 34.53
CA LYS KA 166 -109.25 73.06 34.55
C LYS KA 166 -109.15 74.55 34.28
N ALA KA 167 -110.15 75.11 33.59
CA ALA KA 167 -110.15 76.55 33.32
C ALA KA 167 -110.07 77.37 34.62
N ARG KA 168 -110.94 77.06 35.58
CA ARG KA 168 -110.94 77.81 36.83
C ARG KA 168 -109.68 77.54 37.64
N THR KA 169 -109.14 76.32 37.55
CA THR KA 169 -107.89 76.02 38.23
C THR KA 169 -106.77 76.90 37.72
N ALA KA 170 -106.69 77.10 36.40
CA ALA KA 170 -105.72 78.04 35.86
C ALA KA 170 -106.00 79.46 36.35
N GLN KA 171 -107.29 79.83 36.38
CA GLN KA 171 -107.66 81.19 36.77
C GLN KA 171 -107.29 81.47 38.22
N VAL KA 172 -107.21 80.43 39.06
CA VAL KA 172 -106.81 80.65 40.44
C VAL KA 172 -105.30 80.51 40.59
N GLN KA 173 -104.68 79.68 39.75
CA GLN KA 173 -103.23 79.54 39.80
C GLN KA 173 -102.53 80.84 39.39
N LYS KA 174 -103.17 81.63 38.52
CA LYS KA 174 -102.57 82.92 38.21
C LYS KA 174 -102.50 83.82 39.45
N ASP KA 175 -103.56 83.79 40.27
CA ASP KA 175 -103.53 84.49 41.55
C ASP KA 175 -102.49 83.91 42.49
N ALA KA 176 -102.37 82.58 42.52
CA ALA KA 176 -101.36 81.94 43.35
C ALA KA 176 -99.97 82.41 42.97
N ARG KA 177 -99.71 82.61 41.68
CA ARG KA 177 -98.40 83.09 41.25
C ARG KA 177 -98.23 84.58 41.51
N ILE KA 178 -99.31 85.37 41.37
CA ILE KA 178 -99.20 86.80 41.58
C ILE KA 178 -98.86 87.10 43.04
N GLY KA 179 -99.43 86.33 43.96
CA GLY KA 179 -99.09 86.52 45.36
C GLY KA 179 -97.64 86.24 45.65
N GLU KA 180 -97.12 85.15 45.08
CA GLU KA 180 -95.71 84.81 45.26
C GLU KA 180 -94.81 85.88 44.67
N ALA KA 181 -95.17 86.42 43.51
CA ALA KA 181 -94.38 87.49 42.91
C ALA KA 181 -94.36 88.73 43.79
N GLU KA 182 -95.53 89.12 44.32
CA GLU KA 182 -95.57 90.22 45.28
C GLU KA 182 -94.62 89.96 46.45
N ALA KA 183 -94.74 88.80 47.07
CA ALA KA 183 -93.94 88.51 48.25
C ALA KA 183 -92.44 88.52 47.94
N LYS KA 184 -92.05 87.91 46.82
CA LYS KA 184 -90.64 87.84 46.46
C LYS KA 184 -90.07 89.22 46.18
N ARG KA 185 -90.79 90.05 45.41
CA ARG KA 185 -90.28 91.39 45.14
C ARG KA 185 -90.16 92.20 46.42
N ASP KA 186 -91.19 92.14 47.28
CA ASP KA 186 -91.16 92.91 48.52
C ASP KA 186 -90.04 92.45 49.44
N ALA KA 187 -89.76 91.15 49.49
CA ALA KA 187 -88.65 90.67 50.32
C ALA KA 187 -87.31 91.11 49.74
N GLY KA 188 -87.11 90.89 48.44
CA GLY KA 188 -85.83 91.18 47.83
C GLY KA 188 -85.43 92.64 47.86
N ILE KA 189 -86.39 93.54 47.66
CA ILE KA 189 -86.06 94.96 47.63
C ILE KA 189 -85.36 95.39 48.93
N ARG KA 190 -85.99 95.15 50.07
CA ARG KA 190 -85.41 95.57 51.33
C ARG KA 190 -84.27 94.68 51.80
N GLU KA 191 -84.26 93.39 51.42
CA GLU KA 191 -83.08 92.58 51.72
C GLU KA 191 -81.84 93.15 51.04
N ALA KA 192 -81.95 93.49 49.76
CA ALA KA 192 -80.82 94.08 49.06
C ALA KA 192 -80.46 95.43 49.66
N LYS KA 193 -81.45 96.24 50.03
CA LYS KA 193 -81.13 97.53 50.63
C LYS KA 193 -80.38 97.37 51.95
N ALA KA 194 -80.81 96.46 52.82
CA ALA KA 194 -80.11 96.25 54.08
C ALA KA 194 -78.70 95.72 53.85
N LYS KA 195 -78.56 94.81 52.88
CA LYS KA 195 -77.24 94.35 52.47
C LYS KA 195 -76.36 95.54 52.10
N GLN KA 196 -76.92 96.49 51.34
CA GLN KA 196 -76.19 97.67 50.91
C GLN KA 196 -75.70 98.48 52.10
N GLU KA 197 -76.60 98.77 53.05
CA GLU KA 197 -76.17 99.55 54.21
C GLU KA 197 -75.09 98.86 55.01
N LYS KA 198 -75.20 97.54 55.21
CA LYS KA 198 -74.21 96.89 56.06
C LYS KA 198 -72.84 96.90 55.37
N VAL KA 199 -72.82 96.69 54.05
CA VAL KA 199 -71.54 96.72 53.35
C VAL KA 199 -70.95 98.12 53.37
N SER KA 200 -71.80 99.15 53.20
CA SER KA 200 -71.30 100.52 53.22
C SER KA 200 -70.68 100.84 54.58
N ALA KA 201 -71.35 100.45 55.67
CA ALA KA 201 -70.78 100.68 57.00
C ALA KA 201 -69.51 99.88 57.24
N GLN KA 202 -69.45 98.64 56.75
CA GLN KA 202 -68.25 97.84 56.92
C GLN KA 202 -67.06 98.49 56.23
N TYR KA 203 -67.26 98.99 55.01
CA TYR KA 203 -66.17 99.68 54.32
C TYR KA 203 -65.82 101.00 54.98
N LEU KA 204 -66.81 101.70 55.54
CA LEU KA 204 -66.50 102.91 56.29
C LEU KA 204 -65.60 102.61 57.48
N SER KA 205 -65.88 101.50 58.18
CA SER KA 205 -65.01 101.09 59.28
C SER KA 205 -63.63 100.70 58.77
N GLU KA 206 -63.57 100.00 57.64
CA GLU KA 206 -62.28 99.62 57.06
C GLU KA 206 -61.46 100.83 56.64
N ILE KA 207 -62.09 101.98 56.39
CA ILE KA 207 -61.34 103.21 56.15
C ILE KA 207 -60.52 103.58 57.39
N GLU KA 208 -61.16 103.60 58.56
CA GLU KA 208 -60.44 103.87 59.79
C GLU KA 208 -59.43 102.78 60.11
N MET KA 209 -59.71 101.54 59.69
CA MET KA 209 -58.70 100.49 59.78
C MET KA 209 -57.41 100.91 59.09
N ALA KA 210 -57.51 101.40 57.86
CA ALA KA 210 -56.34 101.84 57.14
C ALA KA 210 -55.72 103.09 57.74
N LYS KA 211 -56.56 103.98 58.29
CA LYS KA 211 -56.03 105.13 59.03
C LYS KA 211 -55.09 104.67 60.15
N ALA KA 212 -55.55 103.74 60.98
CA ALA KA 212 -54.72 103.24 62.07
C ALA KA 212 -53.51 102.48 61.55
N GLN KA 213 -53.68 101.72 60.47
CA GLN KA 213 -52.57 100.98 59.89
C GLN KA 213 -51.46 101.93 59.45
N ARG KA 214 -51.83 103.02 58.77
CA ARG KA 214 -50.85 104.04 58.41
C ARG KA 214 -50.21 104.63 59.66
N ASP KA 215 -51.03 105.05 60.63
CA ASP KA 215 -50.51 105.70 61.83
C ASP KA 215 -49.51 104.83 62.56
N TYR KA 216 -49.66 103.51 62.51
CA TYR KA 216 -48.72 102.61 63.15
C TYR KA 216 -47.51 102.31 62.27
N GLU KA 217 -47.72 101.96 61.01
CA GLU KA 217 -46.65 101.54 60.13
C GLU KA 217 -45.66 102.66 59.84
N LEU KA 218 -46.15 103.89 59.61
CA LEU KA 218 -45.25 104.98 59.30
C LEU KA 218 -44.30 105.26 60.46
N LYS KA 219 -44.83 105.30 61.68
CA LYS KA 219 -43.97 105.53 62.84
C LYS KA 219 -43.02 104.35 63.06
N LYS KA 220 -43.49 103.12 62.84
CA LYS KA 220 -42.59 101.99 63.01
C LYS KA 220 -41.42 102.07 62.04
N ALA KA 221 -41.70 102.42 60.78
CA ALA KA 221 -40.62 102.56 59.79
C ALA KA 221 -39.69 103.73 60.14
N ALA KA 222 -40.26 104.84 60.61
CA ALA KA 222 -39.43 105.98 60.97
C ALA KA 222 -38.48 105.65 62.12
N TYR KA 223 -38.97 104.88 63.09
CA TYR KA 223 -38.12 104.44 64.20
C TYR KA 223 -37.08 103.43 63.72
N ASP KA 224 -37.48 102.55 62.80
CA ASP KA 224 -36.55 101.58 62.26
C ASP KA 224 -35.40 102.25 61.53
N ILE KA 225 -35.65 103.38 60.86
CA ILE KA 225 -34.57 104.08 60.20
C ILE KA 225 -33.48 104.46 61.19
N GLU KA 226 -33.88 105.06 62.32
CA GLU KA 226 -32.91 105.48 63.33
C GLU KA 226 -32.18 104.29 63.93
N VAL KA 227 -32.92 103.23 64.26
CA VAL KA 227 -32.25 102.09 64.90
C VAL KA 227 -31.27 101.43 63.93
N ASN KA 228 -31.62 101.35 62.65
CA ASN KA 228 -30.71 100.77 61.68
C ASN KA 228 -29.47 101.63 61.50
N THR KA 229 -29.62 102.95 61.48
CA THR KA 229 -28.44 103.81 61.36
C THR KA 229 -27.51 103.64 62.55
N ARG KA 230 -28.06 103.64 63.77
CA ARG KA 230 -27.22 103.49 64.95
C ARG KA 230 -26.57 102.11 65.00
N ARG KA 231 -27.30 101.06 64.64
CA ARG KA 231 -26.70 99.72 64.60
C ARG KA 231 -25.59 99.63 63.58
N ALA KA 232 -25.77 100.26 62.42
CA ALA KA 232 -24.72 100.27 61.41
C ALA KA 232 -23.46 100.95 61.92
N GLN KA 233 -23.63 102.08 62.62
CA GLN KA 233 -22.47 102.74 63.21
C GLN KA 233 -21.79 101.84 64.25
N ALA KA 234 -22.59 101.19 65.09
CA ALA KA 234 -22.04 100.38 66.17
C ALA KA 234 -21.28 99.18 65.64
N ASP KA 235 -21.75 98.58 64.54
CA ASP KA 235 -21.06 97.41 64.00
C ASP KA 235 -19.65 97.75 63.56
N LEU KA 236 -19.46 98.86 62.87
CA LEU KA 236 -18.18 99.20 62.27
C LEU KA 236 -17.29 100.05 63.18
N ALA KA 237 -17.80 100.50 64.33
CA ALA KA 237 -16.92 101.14 65.30
C ALA KA 237 -15.75 100.24 65.69
N TYR KA 238 -16.02 98.93 65.81
CA TYR KA 238 -14.97 97.98 66.18
C TYR KA 238 -13.86 97.96 65.14
N GLN KA 239 -14.23 97.86 63.86
CA GLN KA 239 -13.23 97.85 62.80
C GLN KA 239 -12.47 99.17 62.74
N LEU KA 240 -13.17 100.29 62.94
CA LEU KA 240 -12.50 101.58 62.95
C LEU KA 240 -11.43 101.62 64.03
N GLN KA 241 -11.77 101.23 65.25
CA GLN KA 241 -10.80 101.28 66.34
C GLN KA 241 -9.67 100.28 66.15
N VAL KA 242 -9.97 99.08 65.63
CA VAL KA 242 -8.91 98.09 65.46
C VAL KA 242 -7.93 98.55 64.39
N ALA KA 243 -8.41 99.24 63.35
CA ALA KA 243 -7.50 99.82 62.38
C ALA KA 243 -6.68 100.94 63.00
N LYS KA 244 -7.32 101.81 63.79
CA LYS KA 244 -6.62 102.94 64.38
C LYS KA 244 -5.50 102.47 65.29
N THR KA 245 -5.69 101.36 66.00
CA THR KA 245 -4.63 100.84 66.85
C THR KA 245 -3.65 99.95 66.10
N LYS KA 246 -4.08 99.27 65.03
CA LYS KA 246 -3.15 98.57 64.16
C LYS KA 246 -2.16 99.53 63.53
N GLN KA 247 -2.54 100.80 63.40
CA GLN KA 247 -1.57 101.81 62.98
C GLN KA 247 -0.33 101.78 63.87
N GLN KA 248 -0.51 101.86 65.19
CA GLN KA 248 0.63 101.84 66.10
C GLN KA 248 1.27 100.46 66.15
N ILE KA 249 0.46 99.40 66.03
CA ILE KA 249 1.01 98.04 65.99
C ILE KA 249 2.07 97.94 64.89
N GLU KA 250 1.71 98.39 63.69
CA GLU KA 250 2.65 98.36 62.57
C GLU KA 250 3.77 99.38 62.75
N GLU KA 251 3.48 100.54 63.34
CA GLU KA 251 4.51 101.54 63.57
C GLU KA 251 5.66 100.98 64.40
N GLN KA 252 5.35 100.15 65.38
CA GLN KA 252 6.42 99.52 66.17
C GLN KA 252 6.97 98.23 65.55
N ARG KA 253 6.11 97.46 64.87
CA ARG KA 253 6.56 96.24 64.22
C ARG KA 253 7.53 96.55 63.09
N VAL KA 254 7.54 97.80 62.61
CA VAL KA 254 8.56 98.21 61.66
C VAL KA 254 9.74 98.89 62.34
N GLN KA 255 9.52 99.52 63.49
CA GLN KA 255 10.62 100.10 64.26
C GLN KA 255 11.61 99.03 64.72
N VAL KA 256 11.14 97.82 64.95
CA VAL KA 256 12.10 96.76 65.27
C VAL KA 256 13.07 96.54 64.10
N GLN KA 257 12.59 96.68 62.86
CA GLN KA 257 13.49 96.60 61.70
C GLN KA 257 14.51 97.73 61.69
N VAL KA 258 14.09 98.94 62.06
CA VAL KA 258 15.03 100.05 62.13
C VAL KA 258 16.14 99.74 63.13
N VAL KA 259 15.78 99.18 64.28
CA VAL KA 259 16.79 98.80 65.27
C VAL KA 259 17.72 97.73 64.70
N GLU KA 260 17.15 96.73 64.02
CA GLU KA 260 17.96 95.68 63.39
C GLU KA 260 19.00 96.28 62.46
N ARG KA 261 18.60 97.18 61.56
CA ARG KA 261 19.56 97.72 60.60
C ARG KA 261 20.55 98.67 61.27
N ALA KA 262 20.09 99.48 62.22
CA ALA KA 262 20.95 100.40 62.93
C ALA KA 262 21.98 99.70 63.81
N GLN KA 263 21.81 98.40 64.07
CA GLN KA 263 22.88 97.63 64.68
C GLN KA 263 23.67 96.78 63.71
N GLN KA 264 23.08 96.36 62.59
CA GLN KA 264 23.87 95.74 61.54
C GLN KA 264 24.92 96.70 60.99
N VAL KA 265 24.65 98.01 61.04
CA VAL KA 265 25.68 98.95 60.63
C VAL KA 265 26.89 98.87 61.56
N ALA KA 266 26.67 98.67 62.87
CA ALA KA 266 27.79 98.49 63.77
C ALA KA 266 28.49 97.15 63.54
N VAL KA 267 27.71 96.12 63.21
CA VAL KA 267 28.30 94.84 62.82
C VAL KA 267 29.27 95.05 61.67
N GLN KA 268 28.86 95.80 60.64
CA GLN KA 268 29.76 96.07 59.52
C GLN KA 268 30.90 97.00 59.92
N GLU KA 269 30.68 97.87 60.90
CA GLU KA 269 31.74 98.74 61.39
C GLU KA 269 32.87 97.91 62.00
N GLN KA 270 32.52 96.82 62.69
CA GLN KA 270 33.56 95.91 63.15
C GLN KA 270 34.10 95.06 62.01
N GLU KA 271 33.24 94.72 61.04
CA GLU KA 271 33.65 93.87 59.92
C GLU KA 271 34.71 94.55 59.07
N ILE KA 272 34.67 95.88 58.96
CA ILE KA 272 35.66 96.56 58.12
C ILE KA 272 37.07 96.37 58.69
N ALA KA 273 37.22 96.50 60.01
CA ALA KA 273 38.52 96.30 60.62
C ALA KA 273 38.91 94.83 60.62
N ARG KA 274 37.93 93.93 60.78
CA ARG KA 274 38.23 92.50 60.66
C ARG KA 274 38.77 92.18 59.28
N ARG KA 275 38.16 92.73 58.24
CA ARG KA 275 38.65 92.55 56.89
C ARG KA 275 40.02 93.18 56.70
N GLU KA 276 40.24 94.37 57.25
CA GLU KA 276 41.58 94.95 57.28
C GLU KA 276 42.61 93.93 57.74
N LYS KA 277 42.44 93.42 58.96
CA LYS KA 277 43.44 92.52 59.54
C LYS KA 277 43.56 91.23 58.75
N GLU KA 278 42.43 90.59 58.42
CA GLU KA 278 42.47 89.30 57.76
C GLU KA 278 43.07 89.42 56.37
N LEU KA 279 42.68 90.45 55.61
CA LEU KA 279 43.22 90.66 54.28
C LEU KA 279 44.70 90.96 54.33
N GLU KA 280 45.14 91.78 55.30
CA GLU KA 280 46.57 92.00 55.46
C GLU KA 280 47.30 90.68 55.67
N ALA KA 281 46.83 89.88 56.63
CA ALA KA 281 47.49 88.62 56.93
C ALA KA 281 47.53 87.67 55.75
N ARG KA 282 46.44 87.60 54.98
CA ARG KA 282 46.35 86.61 53.91
C ARG KA 282 46.83 87.12 52.56
N VAL KA 283 47.19 88.40 52.44
CA VAL KA 283 47.66 88.91 51.14
C VAL KA 283 49.02 89.57 51.26
N ARG KA 284 49.15 90.56 52.15
CA ARG KA 284 50.34 91.40 52.16
C ARG KA 284 51.56 90.62 52.63
N LYS KA 285 51.44 89.91 53.75
CA LYS KA 285 52.55 89.10 54.24
C LYS KA 285 52.95 87.99 53.27
N PRO KA 286 52.03 87.22 52.69
CA PRO KA 286 52.46 86.25 51.67
C PRO KA 286 53.14 86.89 50.49
N ALA KA 287 52.70 88.09 50.07
CA ALA KA 287 53.38 88.79 48.99
C ALA KA 287 54.81 89.17 49.37
N GLU KA 288 55.00 89.68 50.58
CA GLU KA 288 56.36 90.00 51.04
C GLU KA 288 57.24 88.76 51.08
N ALA KA 289 56.70 87.66 51.60
CA ALA KA 289 57.46 86.42 51.68
C ALA KA 289 57.83 85.91 50.29
N GLU KA 290 56.88 85.97 49.35
CA GLU KA 290 57.17 85.53 47.99
C GLU KA 290 58.20 86.42 47.32
N ARG KA 291 58.13 87.74 47.58
CA ARG KA 291 59.15 88.64 47.02
C ARG KA 291 60.53 88.30 47.56
N TYR KA 292 60.63 88.03 48.87
CA TYR KA 292 61.92 87.67 49.44
C TYR KA 292 62.42 86.35 48.87
N LYS KA 293 61.52 85.37 48.69
CA LYS KA 293 61.91 84.10 48.11
C LYS KA 293 62.42 84.27 46.68
N LEU KA 294 61.72 85.08 45.88
CA LEU KA 294 62.17 85.33 44.51
C LEU KA 294 63.50 86.06 44.50
N GLU KA 295 63.68 87.03 45.37
CA GLU KA 295 64.96 87.74 45.46
C GLU KA 295 66.10 86.77 45.75
N ARG KA 296 65.93 85.91 46.75
CA ARG KA 296 67.01 85.01 47.13
C ARG KA 296 67.28 83.96 46.05
N LEU KA 297 66.24 83.38 45.46
CA LEU KA 297 66.45 82.39 44.41
C LEU KA 297 67.10 83.02 43.18
N ALA KA 298 66.70 84.25 42.82
CA ALA KA 298 67.34 84.93 41.71
C ALA KA 298 68.80 85.25 42.00
N GLU KA 299 69.11 85.65 43.23
CA GLU KA 299 70.51 85.89 43.59
C GLU KA 299 71.32 84.61 43.49
N ALA KA 300 70.76 83.49 43.95
CA ALA KA 300 71.45 82.21 43.82
C ALA KA 300 71.66 81.82 42.36
N GLU KA 301 70.65 82.04 41.52
CA GLU KA 301 70.79 81.71 40.10
C GLU KA 301 71.86 82.56 39.44
N LYS KA 302 71.91 83.85 39.77
CA LYS KA 302 72.97 84.70 39.22
C LYS KA 302 74.34 84.23 39.70
N SER KA 303 74.45 83.89 41.00
CA SER KA 303 75.73 83.46 41.54
C SER KA 303 76.20 82.16 40.87
N GLN KA 304 75.25 81.27 40.54
CA GLN KA 304 75.63 80.04 39.86
C GLN KA 304 76.01 80.30 38.41
N LEU KA 305 75.22 81.11 37.71
CA LEU KA 305 75.45 81.33 36.29
C LEU KA 305 76.76 82.08 36.04
N ILE KA 306 77.06 83.08 36.86
CA ILE KA 306 78.29 83.85 36.66
C ILE KA 306 79.52 82.95 36.72
N MET KA 307 79.58 82.06 37.71
CA MET KA 307 80.76 81.23 37.88
C MET KA 307 80.78 80.00 36.98
N GLN KA 308 79.60 79.49 36.58
CA GLN KA 308 79.59 78.51 35.51
C GLN KA 308 80.10 79.10 34.21
N ALA KA 309 79.73 80.34 33.92
CA ALA KA 309 80.26 81.04 32.75
C ALA KA 309 81.76 81.24 32.86
N GLU KA 310 82.24 81.60 34.05
CA GLU KA 310 83.67 81.76 34.25
C GLU KA 310 84.40 80.45 34.01
N ALA KA 311 83.85 79.34 34.50
CA ALA KA 311 84.45 78.04 34.28
C ALA KA 311 84.50 77.68 32.81
N GLU KA 312 83.40 77.94 32.09
CA GLU KA 312 83.38 77.66 30.66
C GLU KA 312 84.40 78.50 29.91
N ALA KA 313 84.52 79.79 30.28
CA ALA KA 313 85.49 80.66 29.63
C ALA KA 313 86.91 80.19 29.88
N ALA KA 314 87.21 79.80 31.12
CA ALA KA 314 88.54 79.28 31.41
C ALA KA 314 88.82 77.99 30.65
N SER KA 315 87.81 77.12 30.55
CA SER KA 315 87.97 75.89 29.76
C SER KA 315 88.31 76.21 28.31
N VAL KA 316 87.54 77.12 27.70
CA VAL KA 316 87.79 77.47 26.30
C VAL KA 316 89.17 78.08 26.14
N ARG KA 317 89.54 79.01 27.03
CA ARG KA 317 90.85 79.63 26.95
C ARG KA 317 91.97 78.61 27.01
N MET KA 318 91.93 77.72 28.01
CA MET KA 318 93.02 76.76 28.19
C MET KA 318 93.08 75.74 27.04
N ARG KA 319 91.93 75.20 26.62
CA ARG KA 319 91.96 74.23 25.53
C ARG KA 319 92.45 74.88 24.24
N GLY KA 320 92.00 76.10 23.94
CA GLY KA 320 92.46 76.77 22.75
C GLY KA 320 93.94 77.09 22.78
N GLU KA 321 94.44 77.53 23.94
CA GLU KA 321 95.87 77.80 24.06
C GLU KA 321 96.68 76.53 23.86
N ALA KA 322 96.22 75.41 24.44
CA ALA KA 322 96.94 74.16 24.27
C ALA KA 322 96.96 73.72 22.81
N GLU KA 323 95.82 73.82 22.13
CA GLU KA 323 95.78 73.35 20.75
C GLU KA 323 96.59 74.28 19.84
N ALA KA 324 96.62 75.58 20.14
CA ALA KA 324 97.45 76.50 19.39
C ALA KA 324 98.93 76.20 19.58
N PHE KA 325 99.34 75.87 20.81
CA PHE KA 325 100.72 75.49 21.04
C PHE KA 325 101.06 74.21 20.29
N ALA KA 326 100.12 73.28 20.24
CA ALA KA 326 100.32 72.05 19.46
C ALA KA 326 100.46 72.35 17.97
N ILE KA 327 99.67 73.28 17.45
CA ILE KA 327 99.79 73.70 16.06
C ILE KA 327 101.17 74.28 15.80
N GLY KA 328 101.63 75.15 16.71
CA GLY KA 328 102.98 75.67 16.58
C GLY KA 328 104.05 74.59 16.63
N ALA KA 329 103.83 73.56 17.45
CA ALA KA 329 104.79 72.46 17.52
C ALA KA 329 104.90 71.73 16.19
N ARG KA 330 103.77 71.31 15.62
CA ARG KA 330 103.84 70.73 14.28
C ARG KA 330 104.37 71.72 13.26
N ALA KA 331 104.14 73.01 13.43
CA ALA KA 331 104.66 74.00 12.48
C ALA KA 331 106.18 73.98 12.47
N ARG KA 332 106.79 74.07 13.65
CA ARG KA 332 108.24 74.03 13.74
C ARG KA 332 108.79 72.70 13.23
N ALA KA 333 108.15 71.59 13.59
CA ALA KA 333 108.61 70.29 13.13
C ALA KA 333 108.55 70.20 11.60
N GLU KA 334 107.45 70.67 11.00
CA GLU KA 334 107.29 70.57 9.55
C GLU KA 334 108.26 71.49 8.83
N ALA KA 335 108.56 72.67 9.40
CA ALA KA 335 109.53 73.55 8.78
C ALA KA 335 110.93 72.94 8.78
N GLU KA 336 111.37 72.46 9.94
CA GLU KA 336 112.67 71.80 10.01
C GLU KA 336 112.68 70.54 9.15
N GLN KA 337 111.51 69.95 8.93
CA GLN KA 337 111.39 68.78 8.08
C GLN KA 337 111.58 69.14 6.61
N MET KA 338 110.92 70.21 6.16
CA MET KA 338 110.94 70.57 4.75
C MET KA 338 112.27 71.20 4.34
N ALA KA 339 112.98 71.80 5.29
CA ALA KA 339 114.31 72.31 4.96
C ALA KA 339 115.19 71.21 4.41
N LYS KA 340 115.19 70.03 5.05
CA LYS KA 340 116.01 68.93 4.55
C LYS KA 340 115.45 68.36 3.25
N LYS KA 341 114.13 68.38 3.06
CA LYS KA 341 113.59 67.99 1.76
C LYS KA 341 114.18 68.86 0.64
N ALA KA 342 114.21 70.18 0.85
CA ALA KA 342 114.80 71.05 -0.16
C ALA KA 342 116.29 70.76 -0.33
N GLU KA 343 117.00 70.56 0.77
CA GLU KA 343 118.44 70.28 0.68
C GLU KA 343 118.69 69.01 -0.12
N ALA KA 344 117.90 67.96 0.12
CA ALA KA 344 118.07 66.71 -0.61
C ALA KA 344 117.71 66.89 -2.07
N PHE KA 345 116.60 67.57 -2.36
CA PHE KA 345 116.20 67.81 -3.75
C PHE KA 345 117.25 68.57 -4.53
N GLN KA 346 118.05 69.41 -3.87
CA GLN KA 346 119.07 70.16 -4.57
C GLN KA 346 120.04 69.25 -5.33
N LEU KA 347 120.32 68.07 -4.79
CA LEU KA 347 121.26 67.13 -5.41
C LEU KA 347 120.55 66.11 -6.30
N TYR KA 348 119.74 66.58 -7.25
CA TYR KA 348 119.04 65.73 -8.19
C TYR KA 348 119.48 66.06 -9.60
N GLN KA 349 119.94 65.05 -10.33
CA GLN KA 349 120.34 65.16 -11.72
C GLN KA 349 119.19 64.72 -12.63
N GLU KA 350 119.50 64.58 -13.92
CA GLU KA 350 118.47 64.18 -14.88
C GLU KA 350 117.92 62.79 -14.62
N ALA KA 351 118.75 61.88 -14.09
CA ALA KA 351 118.28 60.53 -13.80
C ALA KA 351 117.19 60.55 -12.74
N ALA KA 352 117.38 61.37 -11.70
CA ALA KA 352 116.38 61.43 -10.63
C ALA KA 352 115.09 62.06 -11.10
N GLN KA 353 115.15 63.12 -11.91
CA GLN KA 353 113.95 63.71 -12.45
C GLN KA 353 113.23 62.75 -13.38
N LEU KA 354 113.98 61.99 -14.18
CA LEU KA 354 113.38 60.95 -15.02
C LEU KA 354 112.69 59.90 -14.16
N ASP KA 355 113.30 59.49 -13.05
CA ASP KA 355 112.68 58.52 -12.17
C ASP KA 355 111.39 59.07 -11.59
N MET KA 356 111.39 60.34 -11.17
CA MET KA 356 110.17 60.93 -10.62
C MET KA 356 109.07 61.00 -11.67
N LEU KA 357 109.42 61.41 -12.88
CA LEU KA 357 108.43 61.50 -13.95
C LEU KA 357 107.84 60.13 -14.28
N LEU KA 358 108.69 59.11 -14.37
CA LEU KA 358 108.20 57.77 -14.69
C LEU KA 358 107.53 57.09 -13.51
N GLU KA 359 107.72 57.59 -12.29
CA GLU KA 359 106.93 57.11 -11.16
C GLU KA 359 105.58 57.78 -11.09
N LYS KA 360 105.48 59.03 -11.55
CA LYS KA 360 104.22 59.75 -11.49
C LYS KA 360 103.33 59.50 -12.71
N LEU KA 361 103.89 59.14 -13.85
CA LEU KA 361 103.06 58.89 -15.03
C LEU KA 361 102.02 57.79 -14.82
N PRO KA 362 102.36 56.62 -14.24
CA PRO KA 362 101.31 55.60 -14.04
C PRO KA 362 100.16 56.08 -13.17
N GLN KA 363 100.42 56.92 -12.16
CA GLN KA 363 99.34 57.37 -11.31
C GLN KA 363 98.38 58.29 -12.07
N VAL KA 364 98.91 59.19 -12.90
CA VAL KA 364 98.05 60.03 -13.72
C VAL KA 364 97.28 59.18 -14.72
N ALA KA 365 97.93 58.16 -15.29
CA ALA KA 365 97.23 57.27 -16.20
C ALA KA 365 96.09 56.55 -15.50
N GLU KA 366 96.32 56.08 -14.28
CA GLU KA 366 95.23 55.48 -13.50
C GLU KA 366 94.10 56.48 -13.26
N GLU KA 367 94.43 57.69 -12.84
CA GLU KA 367 93.37 58.64 -12.54
C GLU KA 367 92.61 59.10 -13.78
N ILE KA 368 93.18 58.93 -14.96
CA ILE KA 368 92.48 59.35 -16.17
C ILE KA 368 91.75 58.16 -16.82
N SER KA 369 92.22 56.94 -16.55
CA SER KA 369 91.63 55.75 -17.16
C SER KA 369 90.70 55.00 -16.21
N GLY KA 370 90.58 55.41 -14.96
CA GLY KA 370 89.66 54.80 -14.04
C GLY KA 370 88.21 55.13 -14.38
N PRO KA 371 87.89 56.42 -14.46
CA PRO KA 371 86.53 56.79 -14.90
C PRO KA 371 86.18 56.30 -16.28
N LEU KA 372 87.15 56.26 -17.21
CA LEU KA 372 86.84 55.87 -18.58
C LEU KA 372 86.44 54.40 -18.68
N THR KA 373 87.04 53.53 -17.86
CA THR KA 373 86.73 52.11 -17.92
C THR KA 373 85.43 51.76 -17.23
N SER KA 374 84.60 52.74 -16.89
CA SER KA 374 83.27 52.50 -16.36
C SER KA 374 82.22 52.38 -17.45
N ALA KA 375 82.59 52.56 -18.71
CA ALA KA 375 81.65 52.41 -19.80
C ALA KA 375 81.16 50.98 -19.90
N ASN KA 376 79.86 50.82 -20.16
CA ASN KA 376 79.28 49.48 -20.22
C ASN KA 376 79.78 48.70 -21.43
N LYS KA 377 79.72 49.32 -22.61
CA LYS KA 377 80.17 48.67 -23.83
C LYS KA 377 80.80 49.71 -24.76
N ILE KA 378 81.74 49.25 -25.57
CA ILE KA 378 82.41 50.08 -26.56
C ILE KA 378 82.39 49.34 -27.88
N THR KA 379 81.91 50.01 -28.93
CA THR KA 379 81.79 49.41 -30.26
C THR KA 379 82.78 50.07 -31.20
N LEU KA 380 83.57 49.27 -31.89
CA LEU KA 380 84.61 49.74 -32.80
C LEU KA 380 84.27 49.30 -34.22
N VAL KA 381 84.32 50.22 -35.16
CA VAL KA 381 83.98 49.94 -36.55
C VAL KA 381 85.01 50.62 -37.45
N SER KA 382 85.48 49.90 -38.45
CA SER KA 382 86.45 50.41 -39.40
C SER KA 382 85.90 50.32 -40.82
N SER KA 383 86.52 51.07 -41.72
CA SER KA 383 86.13 51.07 -43.12
C SER KA 383 87.25 51.67 -43.95
N GLY KA 384 87.45 51.14 -45.15
CA GLY KA 384 88.51 51.65 -45.99
C GLY KA 384 89.88 51.33 -45.40
N SER KA 385 90.83 52.21 -45.65
CA SER KA 385 92.19 52.05 -45.17
C SER KA 385 92.37 52.57 -43.75
N GLY KA 386 91.28 52.76 -43.02
CA GLY KA 386 91.34 53.28 -41.67
C GLY KA 386 91.68 52.21 -40.65
N THR KA 387 91.80 52.66 -39.41
CA THR KA 387 92.11 51.80 -38.28
C THR KA 387 90.81 51.27 -37.65
N MET KA 388 90.97 50.26 -36.79
CA MET KA 388 89.84 49.63 -36.14
C MET KA 388 89.22 50.51 -35.06
N GLY KA 389 90.04 51.20 -34.27
CA GLY KA 389 89.54 52.11 -33.26
C GLY KA 389 90.18 52.00 -31.89
N ALA KA 390 90.93 50.92 -31.62
CA ALA KA 390 91.58 50.81 -30.32
C ALA KA 390 92.66 51.88 -30.15
N ALA KA 391 93.38 52.15 -31.24
CA ALA KA 391 94.32 53.26 -31.24
C ALA KA 391 93.63 54.58 -30.93
N LYS KA 392 92.36 54.74 -31.31
CA LYS KA 392 91.65 55.97 -30.98
C LYS KA 392 91.48 56.12 -29.48
N VAL KA 393 91.09 55.04 -28.79
CA VAL KA 393 90.91 55.11 -27.33
C VAL KA 393 92.24 55.36 -26.64
N THR KA 394 93.27 54.61 -27.03
CA THR KA 394 94.58 54.80 -26.42
C THR KA 394 95.10 56.21 -26.69
N GLY KA 395 94.88 56.73 -27.89
CA GLY KA 395 95.30 58.08 -28.21
C GLY KA 395 94.53 59.13 -27.43
N GLU KA 396 93.24 58.89 -27.19
CA GLU KA 396 92.48 59.82 -26.36
C GLU KA 396 93.04 59.88 -24.94
N VAL KA 397 93.31 58.70 -24.35
CA VAL KA 397 93.85 58.68 -23.00
C VAL KA 397 95.23 59.34 -22.97
N LEU KA 398 96.09 59.00 -23.92
CA LEU KA 398 97.44 59.57 -23.95
C LEU KA 398 97.41 61.07 -24.22
N ASP KA 399 96.49 61.52 -25.08
CA ASP KA 399 96.38 62.94 -25.37
C ASP KA 399 95.94 63.72 -24.15
N ILE KA 400 94.98 63.19 -23.38
CA ILE KA 400 94.61 63.85 -22.14
C ILE KA 400 95.80 63.87 -21.18
N LEU KA 401 96.50 62.74 -21.05
CA LEU KA 401 97.62 62.66 -20.12
C LEU KA 401 98.76 63.59 -20.51
N THR KA 402 98.89 63.91 -21.80
CA THR KA 402 99.96 64.78 -22.25
C THR KA 402 99.53 66.25 -22.33
N ARG KA 403 98.23 66.52 -22.44
CA ARG KA 403 97.77 67.90 -22.46
C ARG KA 403 97.54 68.43 -21.06
N LEU KA 404 97.32 67.56 -20.08
CA LEU KA 404 97.18 68.04 -18.70
C LEU KA 404 98.42 68.76 -18.21
N PRO KA 405 99.65 68.26 -18.40
CA PRO KA 405 100.82 69.05 -17.98
C PRO KA 405 100.92 70.39 -18.67
N GLU KA 406 100.49 70.50 -19.93
CA GLU KA 406 100.53 71.79 -20.60
C GLU KA 406 99.47 72.74 -20.04
N SER KA 407 98.29 72.21 -19.71
CA SER KA 407 97.28 73.05 -19.09
C SER KA 407 97.75 73.57 -17.74
N VAL KA 408 98.41 72.72 -16.96
CA VAL KA 408 99.01 73.17 -15.69
C VAL KA 408 100.15 74.15 -15.95
N GLU KA 409 100.91 73.93 -17.03
CA GLU KA 409 101.95 74.85 -17.46
C GLU KA 409 101.39 76.25 -17.68
N ARG KA 410 100.21 76.34 -18.29
CA ARG KA 410 99.63 77.64 -18.60
C ARG KA 410 99.44 78.49 -17.35
N LEU KA 411 99.16 77.85 -16.20
CA LEU KA 411 98.96 78.62 -14.98
C LEU KA 411 100.26 78.75 -14.18
N THR KA 412 100.92 77.62 -13.88
CA THR KA 412 102.09 77.66 -13.01
C THR KA 412 103.27 78.35 -13.68
N GLY KA 413 103.57 77.98 -14.92
CA GLY KA 413 104.71 78.54 -15.61
C GLY KA 413 106.03 77.86 -15.32
N VAL KA 414 106.03 76.66 -14.74
CA VAL KA 414 107.24 75.92 -14.42
C VAL KA 414 107.22 74.61 -15.19
N SER KA 415 108.34 74.31 -15.85
CA SER KA 415 108.41 73.17 -16.75
C SER KA 415 108.24 71.85 -16.00
N ILE KA 416 107.73 70.84 -16.71
CA ILE KA 416 107.53 69.53 -16.14
C ILE KA 416 108.41 68.47 -16.80
N SER KA 417 108.84 68.68 -18.04
CA SER KA 417 109.73 67.76 -18.74
C SER KA 417 111.08 68.42 -18.97
N GLN KA 418 112.14 67.66 -18.71
CA GLN KA 418 113.49 68.22 -18.84
C GLN KA 418 113.89 68.35 -20.30
N VAL KA 419 113.35 67.53 -21.18
CA VAL KA 419 113.66 67.60 -22.60
C VAL KA 419 112.39 67.66 -23.43
N MET LA 1 -149.64 35.61 71.28
CA MET LA 1 -149.63 35.04 72.62
C MET LA 1 -149.30 36.13 73.62
N GLY LA 2 -148.22 36.86 73.36
CA GLY LA 2 -147.79 37.93 74.23
C GLY LA 2 -148.82 39.02 74.42
N ASN LA 3 -149.03 39.44 75.66
CA ASN LA 3 -150.06 40.41 75.99
C ASN LA 3 -149.48 41.53 76.83
N CYS LA 4 -150.00 42.74 76.63
CA CYS LA 4 -149.70 43.92 77.47
C CYS LA 4 -148.20 44.22 77.48
N HIS LA 5 -147.71 44.63 76.31
CA HIS LA 5 -146.32 44.99 76.13
C HIS LA 5 -146.13 46.50 76.15
N THR LA 6 -145.00 46.92 76.71
CA THR LA 6 -144.61 48.32 76.76
C THR LA 6 -143.15 48.43 76.32
N VAL LA 7 -142.80 49.60 75.77
CA VAL LA 7 -141.47 49.84 75.22
C VAL LA 7 -140.94 51.13 75.81
N GLY LA 8 -139.61 51.24 75.88
CA GLY LA 8 -138.95 52.40 76.40
C GLY LA 8 -139.01 53.57 75.43
N PRO LA 9 -138.60 54.76 75.89
CA PRO LA 9 -138.68 55.95 75.04
C PRO LA 9 -137.78 55.91 73.81
N ASN LA 10 -136.77 55.02 73.79
CA ASN LA 10 -135.89 54.96 72.64
C ASN LA 10 -136.55 54.38 71.40
N GLU LA 11 -137.51 53.47 71.58
CA GLU LA 11 -138.17 52.81 70.45
C GLU LA 11 -139.67 53.04 70.53
N ALA LA 12 -140.29 53.12 69.35
CA ALA LA 12 -141.72 53.34 69.23
C ALA LA 12 -142.42 52.02 68.95
N LEU LA 13 -143.42 51.70 69.77
CA LEU LA 13 -144.21 50.50 69.56
C LEU LA 13 -145.35 50.79 68.59
N VAL LA 14 -145.49 49.94 67.57
CA VAL LA 14 -146.53 50.09 66.55
C VAL LA 14 -147.42 48.87 66.61
N VAL LA 15 -148.73 49.10 66.68
CA VAL LA 15 -149.73 48.03 66.65
C VAL LA 15 -150.84 48.45 65.70
N SER LA 16 -151.40 47.48 64.99
CA SER LA 16 -152.50 47.73 64.08
C SER LA 16 -153.39 46.49 64.02
N GLY LA 17 -154.69 46.69 64.15
CA GLY LA 17 -155.63 45.60 64.09
C GLY LA 17 -157.08 46.04 64.07
N GLY LA 18 -157.89 45.41 63.22
CA GLY LA 18 -159.29 45.78 63.10
C GLY LA 18 -160.19 45.04 64.05
N CYS LA 19 -160.54 45.68 65.17
CA CYS LA 19 -161.35 45.01 66.19
C CYS LA 19 -162.71 44.58 65.62
N CYS LA 20 -163.34 45.48 64.85
CA CYS LA 20 -164.57 45.15 64.15
C CYS LA 20 -164.39 45.22 62.64
N GLY LA 21 -163.15 45.11 62.16
CA GLY LA 21 -162.85 45.24 60.75
C GLY LA 21 -162.46 46.63 60.32
N SER LA 22 -162.65 47.64 61.17
CA SER LA 22 -162.26 49.00 60.86
C SER LA 22 -160.78 49.21 61.15
N ASP LA 23 -160.17 50.09 60.38
CA ASP LA 23 -158.72 50.33 60.45
C ASP LA 23 -158.40 51.12 61.72
N TYR LA 24 -157.81 50.44 62.70
CA TYR LA 24 -157.36 51.07 63.94
C TYR LA 24 -155.87 50.78 64.12
N LYS LA 25 -155.03 51.75 63.80
CA LYS LA 25 -153.59 51.64 63.96
C LYS LA 25 -153.15 52.56 65.09
N GLN LA 26 -152.40 52.01 66.04
CA GLN LA 26 -151.90 52.76 67.18
C GLN LA 26 -150.37 52.72 67.16
N TYR LA 27 -149.76 53.90 67.13
CA TYR LA 27 -148.30 54.04 67.18
C TYR LA 27 -147.96 54.90 68.39
N VAL LA 28 -147.28 54.31 69.36
CA VAL LA 28 -146.94 54.99 70.60
C VAL LA 28 -145.47 54.73 70.92
N PHE LA 29 -144.74 55.79 71.25
CA PHE LA 29 -143.33 55.70 71.60
C PHE LA 29 -143.18 55.81 73.11
N GLY LA 30 -142.52 54.84 73.72
CA GLY LA 30 -142.26 54.88 75.15
C GLY LA 30 -143.50 54.96 76.01
N GLY LA 31 -144.55 54.21 75.67
CA GLY LA 31 -145.79 54.27 76.40
C GLY LA 31 -146.35 52.93 76.79
N TRP LA 32 -147.67 52.80 76.73
CA TRP LA 32 -148.36 51.58 77.13
C TRP LA 32 -149.23 51.08 75.98
N ALA LA 33 -149.38 49.76 75.89
CA ALA LA 33 -150.23 49.14 74.88
C ALA LA 33 -150.53 47.72 75.31
N TRP LA 34 -151.57 47.15 74.69
CA TRP LA 34 -151.89 45.74 74.87
C TRP LA 34 -152.26 45.13 73.53
N ALA LA 35 -151.88 43.86 73.34
CA ALA LA 35 -152.21 43.12 72.14
C ALA LA 35 -152.44 41.67 72.51
N TRP LA 36 -153.47 41.07 71.92
CA TRP LA 36 -153.86 39.70 72.23
C TRP LA 36 -153.19 38.72 71.27
N TRP LA 37 -153.67 37.48 71.25
CA TRP LA 37 -153.08 36.43 70.43
C TRP LA 37 -153.03 36.84 68.96
N CYS LA 38 -154.16 37.29 68.41
CA CYS LA 38 -154.18 37.76 67.03
C CYS LA 38 -155.03 39.00 66.83
N ILE LA 39 -155.00 39.96 67.76
CA ILE LA 39 -155.78 41.18 67.53
C ILE LA 39 -154.99 42.19 66.69
N SER LA 40 -153.67 42.23 66.85
CA SER LA 40 -152.87 43.23 66.15
C SER LA 40 -151.46 42.66 65.95
N ASP LA 41 -150.51 43.53 65.61
CA ASP LA 41 -149.13 43.16 65.41
C ASP LA 41 -148.24 43.94 66.36
N THR LA 42 -147.27 43.25 66.96
CA THR LA 42 -146.36 43.85 67.93
C THR LA 42 -145.01 44.07 67.26
N GLN LA 43 -144.71 45.32 66.90
CA GLN LA 43 -143.44 45.67 66.30
C GLN LA 43 -142.93 46.97 66.91
N ARG LA 44 -141.61 47.15 66.86
CA ARG LA 44 -140.97 48.34 67.39
C ARG LA 44 -140.09 48.96 66.32
N ILE LA 45 -139.93 50.28 66.40
CA ILE LA 45 -139.08 51.04 65.48
C ILE LA 45 -137.97 51.67 66.32
N SER LA 46 -136.72 51.35 65.97
CA SER LA 46 -135.58 51.93 66.67
C SER LA 46 -135.39 53.38 66.27
N LEU LA 47 -135.70 54.31 67.16
CA LEU LA 47 -135.59 55.74 66.88
C LEU LA 47 -134.21 56.30 67.21
N GLU LA 48 -133.19 55.45 67.24
CA GLU LA 48 -131.83 55.90 67.53
C GLU LA 48 -131.26 56.65 66.33
N ILE LA 49 -130.25 57.47 66.60
CA ILE LA 49 -129.57 58.20 65.54
C ILE LA 49 -128.83 57.21 64.64
N MET LA 50 -128.94 57.43 63.33
CA MET LA 50 -128.21 56.64 62.34
C MET LA 50 -126.99 57.43 61.89
N THR LA 51 -125.83 56.76 61.89
CA THR LA 51 -124.60 57.41 61.47
C THR LA 51 -124.55 57.53 59.95
N LEU LA 52 -124.07 58.67 59.47
CA LEU LA 52 -123.96 58.93 58.04
C LEU LA 52 -122.52 59.31 57.71
N GLN LA 53 -122.00 58.73 56.62
CA GLN LA 53 -120.69 59.08 56.08
C GLN LA 53 -120.82 59.35 54.58
N PRO LA 54 -121.52 60.42 54.20
CA PRO LA 54 -121.62 60.74 52.77
C PRO LA 54 -120.27 61.13 52.19
N ARG LA 55 -119.83 60.36 51.19
CA ARG LA 55 -118.54 60.57 50.54
C ARG LA 55 -118.75 60.55 49.03
N CYS LA 56 -118.70 61.73 48.41
CA CYS LA 56 -118.88 61.87 46.98
C CYS LA 56 -117.51 61.95 46.31
N GLU LA 57 -117.31 61.15 45.26
CA GLU LA 57 -116.04 61.07 44.57
C GLU LA 57 -116.17 61.70 43.18
N ASP LA 58 -115.23 62.57 42.85
CA ASP LA 58 -115.16 63.22 41.54
C ASP LA 58 -116.44 63.99 41.24
N VAL LA 59 -116.78 64.92 42.13
CA VAL LA 59 -117.94 65.78 41.97
C VAL LA 59 -117.46 67.21 41.77
N GLU LA 60 -118.19 67.96 40.94
CA GLU LA 60 -117.74 69.27 40.49
C GLU LA 60 -118.79 70.32 40.81
N THR LA 61 -118.31 71.53 41.13
CA THR LA 61 -119.15 72.65 41.50
C THR LA 61 -119.58 73.42 40.24
N ALA LA 62 -120.12 74.62 40.44
CA ALA LA 62 -120.62 75.41 39.32
C ALA LA 62 -119.50 75.75 38.33
N GLU LA 63 -118.35 76.19 38.85
CA GLU LA 63 -117.22 76.47 37.99
C GLU LA 63 -116.55 75.21 37.45
N GLY LA 64 -116.86 74.05 38.02
CA GLY LA 64 -116.41 72.79 37.48
C GLY LA 64 -115.20 72.18 38.15
N VAL LA 65 -114.64 72.82 39.17
CA VAL LA 65 -113.47 72.26 39.84
C VAL LA 65 -113.86 70.95 40.54
N ALA LA 66 -113.13 69.88 40.22
CA ALA LA 66 -113.46 68.58 40.76
C ALA LA 66 -113.00 68.45 42.20
N LEU LA 67 -113.88 67.95 43.07
CA LEU LA 67 -113.57 67.73 44.47
C LEU LA 67 -114.09 66.37 44.89
N THR LA 68 -113.48 65.82 45.94
CA THR LA 68 -113.94 64.57 46.55
C THR LA 68 -114.33 64.91 47.99
N VAL LA 69 -115.57 65.33 48.15
CA VAL LA 69 -116.06 65.90 49.41
C VAL LA 69 -116.73 64.80 50.22
N THR LA 70 -116.30 64.67 51.48
CA THR LA 70 -116.90 63.73 52.43
C THR LA 70 -117.66 64.53 53.47
N GLY LA 71 -118.85 64.03 53.85
CA GLY LA 71 -119.73 64.74 54.75
C GLY LA 71 -120.13 63.90 55.96
N VAL LA 72 -120.81 64.55 56.90
CA VAL LA 72 -121.45 63.90 58.03
C VAL LA 72 -122.81 64.54 58.25
N ALA LA 73 -123.82 63.72 58.46
CA ALA LA 73 -125.18 64.17 58.69
C ALA LA 73 -125.80 63.39 59.84
N GLN LA 74 -126.61 64.09 60.63
CA GLN LA 74 -127.31 63.49 61.76
C GLN LA 74 -128.76 63.25 61.39
N VAL LA 75 -129.18 61.99 61.42
CA VAL LA 75 -130.51 61.59 60.98
C VAL LA 75 -131.15 60.72 62.05
N LYS LA 76 -132.45 60.93 62.28
CA LYS LA 76 -133.22 60.18 63.25
C LYS LA 76 -134.67 60.18 62.82
N ILE LA 77 -135.36 59.06 63.05
CA ILE LA 77 -136.79 58.98 62.76
C ILE LA 77 -137.55 59.91 63.69
N MET LA 78 -138.46 60.69 63.12
CA MET LA 78 -139.15 61.72 63.89
C MET LA 78 -140.23 61.09 64.77
N THR LA 79 -140.90 61.94 65.56
CA THR LA 79 -141.91 61.50 66.52
C THR LA 79 -143.20 62.32 66.39
N GLU LA 80 -143.46 62.87 65.20
CA GLU LA 80 -144.67 63.63 64.95
C GLU LA 80 -145.89 62.70 64.96
N LYS LA 81 -147.07 63.28 64.71
CA LYS LA 81 -148.32 62.53 64.74
C LYS LA 81 -148.67 61.94 63.38
N GLU LA 82 -148.87 62.79 62.37
CA GLU LA 82 -149.25 62.29 61.06
C GLU LA 82 -148.06 61.74 60.28
N LEU LA 83 -146.86 62.26 60.53
CA LEU LA 83 -145.68 61.73 59.84
C LEU LA 83 -145.33 60.33 60.31
N LEU LA 84 -145.65 59.99 61.56
CA LEU LA 84 -145.37 58.63 62.01
C LEU LA 84 -146.33 57.60 61.43
N ALA LA 85 -147.49 58.04 60.94
CA ALA LA 85 -148.29 57.12 60.13
C ALA LA 85 -147.51 56.69 58.89
N VAL LA 86 -146.87 57.64 58.22
CA VAL LA 86 -146.03 57.34 57.07
C VAL LA 86 -144.84 56.49 57.50
N ALA LA 87 -144.24 56.84 58.64
CA ALA LA 87 -143.07 56.10 59.10
C ALA LA 87 -143.40 54.64 59.38
N CYS LA 88 -144.56 54.38 59.98
CA CYS LA 88 -144.96 53.02 60.30
C CYS LA 88 -145.40 52.27 59.04
N GLU LA 89 -146.11 52.94 58.13
CA GLU LA 89 -146.52 52.29 56.89
C GLU LA 89 -145.39 52.19 55.88
N GLN LA 90 -144.22 52.74 56.20
CA GLN LA 90 -143.18 52.95 55.20
C GLN LA 90 -142.10 51.88 55.19
N PHE LA 91 -141.39 51.68 56.30
CA PHE LA 91 -140.09 51.03 56.22
C PHE LA 91 -140.01 49.70 56.95
N LEU LA 92 -140.31 49.67 58.25
CA LEU LA 92 -140.09 48.48 59.07
C LEU LA 92 -140.82 47.28 58.48
N GLY LA 93 -140.31 46.07 58.76
CA GLY LA 93 -139.22 45.83 59.69
C GLY LA 93 -137.85 45.57 59.11
N LYS LA 94 -137.47 46.33 58.09
CA LYS LA 94 -136.12 46.24 57.57
C LYS LA 94 -135.14 46.78 58.60
N ASN LA 95 -133.97 46.16 58.69
CA ASN LA 95 -133.07 46.38 59.81
C ASN LA 95 -132.29 47.68 59.67
N VAL LA 96 -131.46 47.98 60.67
CA VAL LA 96 -130.78 49.26 60.76
C VAL LA 96 -129.85 49.48 59.56
N GLN LA 97 -129.20 48.42 59.08
CA GLN LA 97 -128.38 48.55 57.89
C GLN LA 97 -129.20 49.06 56.71
N ASP LA 98 -130.47 48.68 56.65
CA ASP LA 98 -131.32 49.14 55.57
C ASP LA 98 -131.63 50.63 55.69
N ILE LA 99 -131.93 51.12 56.91
CA ILE LA 99 -132.09 52.55 57.09
C ILE LA 99 -130.83 53.28 56.64
N LYS LA 100 -129.67 52.84 57.15
CA LYS LA 100 -128.45 53.59 56.89
C LYS LA 100 -128.08 53.57 55.42
N ASN LA 101 -128.27 52.44 54.73
CA ASN LA 101 -127.96 52.39 53.31
C ASN LA 101 -128.91 53.29 52.51
N VAL LA 102 -130.21 53.19 52.76
CA VAL LA 102 -131.15 54.00 52.00
C VAL LA 102 -130.87 55.48 52.19
N VAL LA 103 -130.71 55.90 53.46
CA VAL LA 103 -130.47 57.30 53.74
C VAL LA 103 -129.12 57.73 53.18
N LEU LA 104 -128.15 56.81 53.16
CA LEU LA 104 -126.84 57.12 52.64
C LEU LA 104 -126.90 57.44 51.16
N GLN LA 105 -127.54 56.59 50.35
CA GLN LA 105 -127.64 56.90 48.93
C GLN LA 105 -128.45 58.16 48.67
N THR LA 106 -129.60 58.32 49.36
CA THR LA 106 -130.42 59.49 49.02
C THR LA 106 -129.74 60.79 49.42
N LEU LA 107 -129.12 60.84 50.61
CA LEU LA 107 -128.40 62.04 51.00
C LEU LA 107 -127.11 62.19 50.21
N GLU LA 108 -126.56 61.10 49.69
CA GLU LA 108 -125.43 61.23 48.77
C GLU LA 108 -125.82 62.00 47.54
N GLY LA 109 -126.93 61.60 46.92
CA GLY LA 109 -127.42 62.33 45.76
C GLY LA 109 -127.75 63.77 46.08
N HIS LA 110 -128.44 63.99 47.20
CA HIS LA 110 -128.82 65.36 47.56
C HIS LA 110 -127.61 66.23 47.84
N LEU LA 111 -126.61 65.68 48.55
CA LEU LA 111 -125.41 66.43 48.88
C LEU LA 111 -124.61 66.77 47.63
N ARG LA 112 -124.45 65.81 46.72
CA ARG LA 112 -123.76 66.12 45.47
C ARG LA 112 -124.51 67.18 44.69
N SER LA 113 -125.84 67.09 44.67
CA SER LA 113 -126.65 68.06 43.93
C SER LA 113 -126.45 69.47 44.49
N ILE LA 114 -126.57 69.63 45.80
CA ILE LA 114 -126.42 70.97 46.37
C ILE LA 114 -124.97 71.44 46.25
N LEU LA 115 -124.00 70.52 46.34
CA LEU LA 115 -122.61 70.90 46.15
C LEU LA 115 -122.40 71.47 44.75
N GLY LA 116 -123.02 70.85 43.76
CA GLY LA 116 -123.01 71.44 42.43
C GLY LA 116 -123.74 72.77 42.37
N THR LA 117 -124.73 72.94 43.23
CA THR LA 117 -125.53 74.17 43.21
C THR LA 117 -124.68 75.40 43.54
N LEU LA 118 -123.81 75.31 44.55
CA LEU LA 118 -123.00 76.45 44.93
C LEU LA 118 -121.59 76.29 44.39
N THR LA 119 -120.83 77.39 44.45
CA THR LA 119 -119.47 77.39 43.95
C THR LA 119 -118.48 76.98 45.02
N VAL LA 120 -117.24 76.71 44.58
CA VAL LA 120 -116.18 76.30 45.49
C VAL LA 120 -115.74 77.42 46.41
N GLU LA 121 -115.83 78.68 45.97
CA GLU LA 121 -115.51 79.78 46.86
C GLU LA 121 -116.46 79.82 48.06
N GLN LA 122 -117.74 79.54 47.83
CA GLN LA 122 -118.69 79.50 48.92
C GLN LA 122 -118.43 78.33 49.87
N ILE LA 123 -118.13 77.14 49.34
CA ILE LA 123 -117.81 76.02 50.22
C ILE LA 123 -116.49 76.27 50.94
N TYR LA 124 -115.68 77.19 50.41
CA TYR LA 124 -114.45 77.59 51.09
C TYR LA 124 -114.74 78.53 52.25
N GLN LA 125 -115.36 79.67 51.98
CA GLN LA 125 -115.56 80.70 52.99
C GLN LA 125 -116.75 80.42 53.90
N ASP LA 126 -117.95 80.37 53.34
CA ASP LA 126 -119.18 80.27 54.11
C ASP LA 126 -119.81 78.90 53.85
N ARG LA 127 -119.40 77.91 54.63
CA ARG LA 127 -119.98 76.58 54.55
C ARG LA 127 -120.94 76.28 55.71
N ASP LA 128 -120.98 77.13 56.73
CA ASP LA 128 -122.08 77.05 57.69
C ASP LA 128 -123.39 77.42 57.00
N GLN LA 129 -123.38 78.47 56.18
CA GLN LA 129 -124.53 78.80 55.36
C GLN LA 129 -124.80 77.70 54.33
N PHE LA 130 -123.74 77.01 53.89
CA PHE LA 130 -123.93 75.86 53.01
C PHE LA 130 -124.76 74.78 53.70
N ALA LA 131 -124.44 74.48 54.95
CA ALA LA 131 -125.23 73.51 55.70
C ALA LA 131 -126.64 74.03 55.99
N LYS LA 132 -126.78 75.33 56.22
CA LYS LA 132 -128.10 75.91 56.45
C LYS LA 132 -128.97 75.77 55.21
N LEU LA 133 -128.39 75.95 54.03
CA LEU LA 133 -129.12 75.71 52.78
C LEU LA 133 -129.34 74.23 52.52
N VAL LA 134 -128.41 73.36 52.97
CA VAL LA 134 -128.64 71.93 52.87
C VAL LA 134 -129.87 71.53 53.65
N ARG LA 135 -130.03 72.10 54.85
CA ARG LA 135 -131.26 71.89 55.61
C ARG LA 135 -132.47 72.36 54.83
N GLU LA 136 -132.43 73.60 54.33
CA GLU LA 136 -133.55 74.18 53.60
C GLU LA 136 -133.98 73.34 52.41
N VAL LA 137 -133.04 72.70 51.72
CA VAL LA 137 -133.37 71.90 50.55
C VAL LA 137 -133.63 70.43 50.86
N ALA LA 138 -133.13 69.90 51.98
CA ALA LA 138 -133.22 68.47 52.25
C ALA LA 138 -134.38 68.13 53.18
N ALA LA 139 -134.77 69.08 54.04
CA ALA LA 139 -135.97 68.87 54.86
C ALA LA 139 -137.22 68.56 54.04
N PRO LA 140 -137.51 69.25 52.93
CA PRO LA 140 -138.73 68.92 52.17
C PRO LA 140 -138.78 67.50 51.64
N ASP LA 141 -137.65 66.85 51.36
CA ASP LA 141 -137.67 65.52 50.77
C ASP LA 141 -137.24 64.43 51.73
N VAL LA 142 -136.16 64.65 52.51
CA VAL LA 142 -135.75 63.63 53.47
C VAL LA 142 -136.80 63.44 54.57
N GLY LA 143 -137.61 64.47 54.84
CA GLY LA 143 -138.68 64.31 55.80
C GLY LA 143 -139.89 63.56 55.28
N ARG LA 144 -139.96 63.33 53.96
CA ARG LA 144 -141.10 62.62 53.40
C ARG LA 144 -141.16 61.18 53.89
N MET LA 145 -140.01 60.53 53.99
CA MET LA 145 -139.94 59.17 54.52
C MET LA 145 -139.75 59.14 56.04
N GLY LA 146 -140.04 60.25 56.72
CA GLY LA 146 -140.04 60.29 58.17
C GLY LA 146 -138.68 60.44 58.81
N ILE LA 147 -137.63 60.72 58.05
CA ILE LA 147 -136.28 60.84 58.58
C ILE LA 147 -135.97 62.31 58.80
N GLU LA 148 -135.62 62.67 60.03
CA GLU LA 148 -135.26 64.04 60.36
C GLU LA 148 -133.76 64.25 60.15
N ILE LA 149 -133.39 65.52 60.02
CA ILE LA 149 -131.98 65.89 59.85
C ILE LA 149 -131.54 66.75 61.02
N LEU LA 150 -130.96 66.12 62.04
CA LEU LA 150 -130.56 66.85 63.23
C LEU LA 150 -129.41 67.81 62.92
N SER LA 151 -128.44 67.38 62.13
CA SER LA 151 -127.30 68.20 61.79
C SER LA 151 -126.75 67.77 60.43
N PHE LA 152 -126.00 68.68 59.81
CA PHE LA 152 -125.41 68.43 58.50
C PHE LA 152 -124.17 69.27 58.33
N THR LA 153 -123.11 68.65 57.81
CA THR LA 153 -121.90 69.36 57.39
C THR LA 153 -121.04 68.38 56.60
N ILE LA 154 -119.87 68.86 56.17
CA ILE LA 154 -118.96 68.06 55.35
C ILE LA 154 -117.72 67.74 56.17
N LYS LA 155 -117.26 66.49 56.07
CA LYS LA 155 -116.17 66.01 56.90
C LYS LA 155 -114.82 66.53 56.41
N ASP LA 156 -114.48 66.22 55.17
CA ASP LA 156 -113.20 66.64 54.61
C ASP LA 156 -113.34 66.85 53.11
N VAL LA 157 -112.47 67.70 52.56
CA VAL LA 157 -112.48 68.02 51.14
C VAL LA 157 -111.09 67.71 50.59
N TYR LA 158 -111.05 67.00 49.46
CA TYR LA 158 -109.79 66.65 48.81
C TYR LA 158 -109.89 66.94 47.33
N ASP LA 159 -108.78 67.37 46.74
CA ASP LA 159 -108.73 67.74 45.34
C ASP LA 159 -107.53 67.08 44.66
N LYS LA 160 -107.72 66.72 43.39
CA LYS LA 160 -106.63 66.20 42.57
C LYS LA 160 -105.96 67.27 41.73
N VAL LA 161 -106.64 68.38 41.47
CA VAL LA 161 -106.09 69.51 40.73
C VAL LA 161 -105.65 70.64 41.68
N ASP LA 162 -105.34 70.29 42.93
CA ASP LA 162 -104.74 71.16 43.96
C ASP LA 162 -105.29 72.60 43.91
N TYR LA 163 -106.59 72.73 44.14
CA TYR LA 163 -107.23 74.03 44.29
C TYR LA 163 -106.78 74.74 45.57
N LEU LA 164 -107.05 74.12 46.71
CA LEU LA 164 -106.83 74.77 48.00
C LEU LA 164 -105.35 75.01 48.27
N SER LA 165 -104.50 74.04 47.88
CA SER LA 165 -103.07 74.23 48.04
C SER LA 165 -102.58 75.42 47.23
N SER LA 166 -103.12 75.59 46.02
CA SER LA 166 -102.80 76.77 45.23
C SER LA 166 -103.30 78.03 45.89
N LEU LA 167 -104.49 77.97 46.50
CA LEU LA 167 -105.05 79.13 47.17
C LEU LA 167 -104.24 79.56 48.38
N GLY LA 168 -103.59 78.61 49.05
CA GLY LA 168 -102.76 78.93 50.20
C GLY LA 168 -101.44 79.60 49.85
N LYS LA 169 -101.05 79.47 48.57
CA LYS LA 169 -99.80 80.05 48.10
C LYS LA 169 -99.77 81.55 48.25
N THR LA 170 -100.94 82.20 48.26
CA THR LA 170 -101.00 83.66 48.27
C THR LA 170 -100.38 84.23 49.53
N GLN LA 171 -100.61 83.60 50.68
CA GLN LA 171 -100.10 84.11 51.93
C GLN LA 171 -99.04 83.22 52.56
N THR LA 172 -98.82 82.01 52.03
CA THR LA 172 -97.76 81.17 52.60
C THR LA 172 -96.38 81.82 52.43
N ALA LA 173 -96.27 82.82 51.57
CA ALA LA 173 -95.01 83.53 51.35
C ALA LA 173 -95.01 84.92 51.97
N VAL LA 174 -96.17 85.49 52.30
CA VAL LA 174 -96.22 86.82 52.90
C VAL LA 174 -95.53 86.81 54.26
N VAL LA 175 -95.83 85.80 55.09
CA VAL LA 175 -95.15 85.69 56.37
C VAL LA 175 -93.67 85.41 56.16
N GLN LA 176 -93.33 84.63 55.13
CA GLN LA 176 -91.92 84.44 54.79
C GLN LA 176 -91.28 85.75 54.34
N ARG LA 177 -92.03 86.58 53.60
CA ARG LA 177 -91.54 87.90 53.24
C ARG LA 177 -91.20 88.72 54.48
N ASP LA 178 -92.13 88.78 55.43
CA ASP LA 178 -91.90 89.57 56.63
C ASP LA 178 -90.73 89.01 57.45
N ALA LA 179 -90.63 87.68 57.54
CA ALA LA 179 -89.53 87.08 58.29
C ALA LA 179 -88.19 87.40 57.65
N ASP LA 180 -88.11 87.33 56.32
CA ASP LA 180 -86.87 87.67 55.64
C ASP LA 180 -86.51 89.13 55.85
N ILE LA 181 -87.50 90.02 55.79
CA ILE LA 181 -87.24 91.43 56.03
C ILE LA 181 -86.69 91.65 57.44
N GLY LA 182 -87.30 91.02 58.43
CA GLY LA 182 -86.86 91.19 59.80
C GLY LA 182 -85.47 90.66 60.04
N VAL LA 183 -85.18 89.46 59.51
CA VAL LA 183 -83.86 88.88 59.72
C VAL LA 183 -82.80 89.70 59.00
N ALA LA 184 -83.14 90.25 57.82
CA ALA LA 184 -82.18 91.09 57.11
C ALA LA 184 -81.87 92.36 57.90
N GLU LA 185 -82.91 93.00 58.45
CA GLU LA 185 -82.68 94.21 59.24
C GLU LA 185 -81.85 93.90 60.48
N ALA LA 186 -82.15 92.79 61.16
CA ALA LA 186 -81.40 92.42 62.36
C ALA LA 186 -79.94 92.16 62.04
N GLU LA 187 -79.68 91.42 60.96
CA GLU LA 187 -78.30 91.16 60.58
C GLU LA 187 -77.58 92.44 60.19
N ARG LA 188 -78.29 93.37 59.54
CA ARG LA 188 -77.68 94.64 59.19
C ARG LA 188 -77.25 95.40 60.44
N ASP LA 189 -78.14 95.48 61.44
CA ASP LA 189 -77.79 96.20 62.67
C ASP LA 189 -76.63 95.53 63.40
N ALA LA 190 -76.66 94.20 63.49
CA ALA LA 190 -75.58 93.48 64.14
C ALA LA 190 -74.25 93.77 63.43
N GLY LA 191 -74.24 93.67 62.10
CA GLY LA 191 -73.02 93.89 61.35
C GLY LA 191 -72.49 95.29 61.51
N ILE LA 192 -73.36 96.30 61.42
CA ILE LA 192 -72.89 97.67 61.53
C ILE LA 192 -72.26 97.91 62.90
N ARG LA 193 -72.93 97.48 63.98
CA ARG LA 193 -72.41 97.91 65.26
C ARG LA 193 -71.18 97.09 65.63
N GLU LA 194 -71.14 95.83 65.17
CA GLU LA 194 -69.94 95.01 65.37
C GLU LA 194 -68.74 95.59 64.62
N ALA LA 195 -68.96 96.09 63.40
CA ALA LA 195 -67.88 96.73 62.67
C ALA LA 195 -67.39 97.97 63.41
N GLU LA 196 -68.31 98.74 63.99
CA GLU LA 196 -67.92 99.90 64.79
C GLU LA 196 -67.04 99.47 65.96
N CYS LA 197 -67.44 98.41 66.68
CA CYS LA 197 -66.65 97.92 67.81
C CYS LA 197 -65.25 97.49 67.36
N LYS LA 198 -65.18 96.75 66.25
CA LYS LA 198 -63.91 96.27 65.75
C LYS LA 198 -63.02 97.44 65.39
N LYS LA 199 -63.60 98.48 64.77
CA LYS LA 199 -62.83 99.68 64.41
C LYS LA 199 -62.24 100.33 65.65
N GLU LA 200 -63.06 100.56 66.68
CA GLU LA 200 -62.54 101.22 67.87
C GLU LA 200 -61.44 100.41 68.54
N MET LA 201 -61.63 99.09 68.66
CA MET LA 201 -60.64 98.28 69.33
C MET LA 201 -59.33 98.23 68.54
N LEU LA 202 -59.41 98.18 67.21
CA LEU LA 202 -58.19 98.25 66.41
C LEU LA 202 -57.48 99.58 66.56
N ASP LA 203 -58.21 100.69 66.61
CA ASP LA 203 -57.54 101.98 66.79
C ASP LA 203 -56.77 102.01 68.11
N VAL LA 204 -57.41 101.57 69.19
CA VAL LA 204 -56.70 101.62 70.47
C VAL LA 204 -55.52 100.65 70.48
N LYS LA 205 -55.70 99.44 69.92
CA LYS LA 205 -54.61 98.48 69.89
C LYS LA 205 -53.42 99.01 69.10
N PHE LA 206 -53.68 99.69 67.98
CA PHE LA 206 -52.60 100.23 67.19
C PHE LA 206 -51.92 101.41 67.90
N MET LA 207 -52.68 102.21 68.66
CA MET LA 207 -52.02 103.25 69.44
C MET LA 207 -51.09 102.64 70.49
N ALA LA 208 -51.54 101.59 71.17
CA ALA LA 208 -50.70 100.92 72.16
C ALA LA 208 -49.45 100.34 71.49
N ASP LA 209 -49.62 99.71 70.33
CA ASP LA 209 -48.48 99.16 69.61
C ASP LA 209 -47.52 100.24 69.15
N THR LA 210 -48.03 101.42 68.79
CA THR LA 210 -47.15 102.53 68.45
C THR LA 210 -46.31 102.95 69.65
N LYS LA 211 -46.93 103.03 70.82
CA LYS LA 211 -46.15 103.35 72.02
C LYS LA 211 -45.10 102.29 72.32
N ILE LA 212 -45.46 101.02 72.14
CA ILE LA 212 -44.51 99.93 72.34
C ILE LA 212 -43.33 100.05 71.38
N ALA LA 213 -43.63 100.37 70.12
CA ALA LA 213 -42.57 100.55 69.13
C ALA LA 213 -41.66 101.71 69.49
N ASP LA 214 -42.23 102.79 70.01
CA ASP LA 214 -41.40 103.91 70.45
C ASP LA 214 -40.46 103.50 71.58
N SER LA 215 -40.99 102.77 72.56
CA SER LA 215 -40.13 102.31 73.67
C SER LA 215 -39.04 101.37 73.16
N LYS LA 216 -39.39 100.48 72.24
CA LYS LA 216 -38.40 99.57 71.67
C LYS LA 216 -37.32 100.33 70.92
N ARG LA 217 -37.71 101.36 70.18
CA ARG LA 217 -36.73 102.17 69.47
C ARG LA 217 -35.78 102.86 70.43
N ALA LA 218 -36.31 103.44 71.50
CA ALA LA 218 -35.45 104.09 72.48
C ALA LA 218 -34.47 103.11 73.10
N PHE LA 219 -34.96 101.93 73.47
CA PHE LA 219 -34.09 100.93 74.08
C PHE LA 219 -33.00 100.47 73.11
N GLU LA 220 -33.38 100.18 71.87
CA GLU LA 220 -32.39 99.73 70.89
C GLU LA 220 -31.36 100.81 70.62
N LEU LA 221 -31.80 102.06 70.52
CA LEU LA 221 -30.85 103.15 70.28
C LEU LA 221 -29.85 103.27 71.42
N GLN LA 222 -30.33 103.25 72.66
CA GLN LA 222 -29.42 103.35 73.79
C GLN LA 222 -28.47 102.16 73.86
N LYS LA 223 -28.98 100.95 73.61
CA LYS LA 223 -28.13 99.76 73.68
C LYS LA 223 -27.05 99.79 72.60
N SER LA 224 -27.40 100.18 71.37
CA SER LA 224 -26.39 100.29 70.32
C SER LA 224 -25.37 101.37 70.65
N ALA LA 225 -25.83 102.49 71.20
CA ALA LA 225 -24.91 103.55 71.58
C ALA LA 225 -23.90 103.05 72.61
N PHE LA 226 -24.36 102.29 73.59
CA PHE LA 226 -23.46 101.76 74.61
C PHE LA 226 -22.50 100.74 74.01
N SER LA 227 -23.02 99.88 73.14
CA SER LA 227 -22.19 98.88 72.47
C SER LA 227 -21.08 99.54 71.67
N GLU LA 228 -21.32 100.75 71.16
CA GLU LA 228 -20.28 101.46 70.41
C GLU LA 228 -19.00 101.61 71.24
N GLU LA 229 -19.08 102.31 72.37
CA GLU LA 229 -17.85 102.54 73.13
C GLU LA 229 -17.37 101.28 73.82
N VAL LA 230 -18.26 100.34 74.17
CA VAL LA 230 -17.73 99.12 74.78
C VAL LA 230 -16.89 98.34 73.76
N ASN LA 231 -17.34 98.31 72.50
CA ASN LA 231 -16.55 97.65 71.47
C ASN LA 231 -15.27 98.41 71.17
N ILE LA 232 -15.31 99.74 71.22
CA ILE LA 232 -14.08 100.52 71.03
C ILE LA 232 -13.05 100.16 72.10
N LYS LA 233 -13.48 100.17 73.36
CA LYS LA 233 -12.56 99.87 74.45
C LYS LA 233 -12.02 98.44 74.34
N THR LA 234 -12.88 97.48 74.01
CA THR LA 234 -12.36 96.12 73.81
C THR LA 234 -11.31 96.10 72.71
N ALA LA 235 -11.66 96.64 71.53
CA ALA LA 235 -10.74 96.60 70.40
C ALA LA 235 -9.38 97.17 70.76
N GLU LA 236 -9.35 98.21 71.61
CA GLU LA 236 -8.08 98.63 72.17
C GLU LA 236 -7.47 97.55 73.05
N ALA LA 237 -8.31 96.84 73.81
CA ALA LA 237 -7.79 95.91 74.81
C ALA LA 237 -7.04 94.74 74.18
N GLN LA 238 -7.55 94.14 73.11
CA GLN LA 238 -6.79 93.01 72.54
C GLN LA 238 -5.42 93.45 72.02
N LEU LA 239 -5.34 94.58 71.33
CA LEU LA 239 -4.12 94.93 70.63
C LEU LA 239 -3.13 95.72 71.47
N ALA LA 240 -3.50 96.14 72.68
CA ALA LA 240 -2.48 96.65 73.59
C ALA LA 240 -1.38 95.63 73.84
N TYR LA 241 -1.74 94.34 73.85
CA TYR LA 241 -0.75 93.29 74.05
C TYR LA 241 0.28 93.30 72.93
N GLU LA 242 -0.18 93.35 71.68
CA GLU LA 242 0.76 93.37 70.55
C GLU LA 242 1.59 94.65 70.55
N LEU LA 243 0.98 95.78 70.92
CA LEU LA 243 1.74 97.02 70.96
C LEU LA 243 2.91 96.92 71.94
N GLN LA 244 2.62 96.48 73.17
CA GLN LA 244 3.69 96.35 74.14
C GLN LA 244 4.68 95.27 73.75
N GLY LA 245 4.21 94.20 73.09
CA GLY LA 245 5.12 93.16 72.64
C GLY LA 245 6.12 93.66 71.64
N ALA LA 246 5.67 94.44 70.66
CA ALA LA 246 6.58 95.03 69.69
C ALA LA 246 7.53 96.02 70.36
N ARG LA 247 7.00 96.83 71.28
CA ARG LA 247 7.84 97.79 71.98
C ARG LA 247 8.97 97.08 72.73
N GLU LA 248 8.68 95.94 73.35
CA GLU LA 248 9.72 95.19 74.04
C GLU LA 248 10.64 94.47 73.07
N GLN LA 249 10.09 93.90 71.98
CA GLN LA 249 10.91 93.25 70.97
C GLN LA 249 11.94 94.19 70.39
N GLN LA 250 11.67 95.50 70.39
CA GLN LA 250 12.70 96.46 70.02
C GLN LA 250 14.00 96.18 70.79
N LYS LA 251 13.95 96.28 72.13
CA LYS LA 251 15.15 96.06 72.94
C LYS LA 251 15.61 94.61 72.90
N ILE LA 252 14.66 93.67 72.80
CA ILE LA 252 15.03 92.26 72.72
C ILE LA 252 15.97 92.03 71.54
N ARG LA 253 15.57 92.51 70.37
CA ARG LA 253 16.38 92.33 69.18
C ARG LA 253 17.62 93.22 69.22
N GLN LA 254 17.54 94.39 69.86
CA GLN LA 254 18.71 95.23 70.04
C GLN LA 254 19.83 94.45 70.73
N GLU LA 255 19.52 93.79 71.82
CA GLU LA 255 20.56 93.00 72.49
C GLU LA 255 20.91 91.72 71.73
N GLU LA 256 19.93 91.06 71.12
CA GLU LA 256 20.21 89.86 70.35
C GLU LA 256 21.19 90.15 69.21
N ILE LA 257 21.17 91.36 68.67
CA ILE LA 257 22.11 91.75 67.62
C ILE LA 257 23.38 92.37 68.18
N GLU LA 258 23.35 92.98 69.37
CA GLU LA 258 24.59 93.37 70.03
C GLU LA 258 25.45 92.18 70.40
N ILE LA 259 24.85 90.98 70.50
CA ILE LA 259 25.63 89.77 70.72
C ILE LA 259 26.80 89.68 69.74
N GLU LA 260 26.49 89.62 68.44
CA GLU LA 260 27.55 89.45 67.46
C GLU LA 260 28.35 90.73 67.23
N VAL LA 261 27.81 91.90 67.59
CA VAL LA 261 28.63 93.10 67.61
C VAL LA 261 29.79 92.93 68.58
N VAL LA 262 29.48 92.49 69.81
CA VAL LA 262 30.50 92.25 70.80
C VAL LA 262 31.45 91.15 70.35
N GLN LA 263 30.91 90.10 69.72
CA GLN LA 263 31.75 89.01 69.23
C GLN LA 263 32.76 89.50 68.19
N ARG LA 264 32.28 90.22 67.18
CA ARG LA 264 33.14 90.70 66.11
C ARG LA 264 34.08 91.79 66.58
N LYS LA 265 33.75 92.47 67.68
CA LYS LA 265 34.65 93.49 68.21
C LYS LA 265 35.99 92.89 68.64
N LYS LA 266 35.98 91.67 69.16
CA LYS LA 266 37.21 91.00 69.59
C LYS LA 266 37.69 89.95 68.59
N GLN LA 267 36.87 89.61 67.60
CA GLN LA 267 37.45 88.96 66.43
C GLN LA 267 38.58 89.81 65.83
N ILE LA 268 38.59 91.11 66.10
CA ILE LA 268 39.70 91.96 65.69
C ILE LA 268 41.00 91.47 66.31
N ALA LA 269 41.00 91.25 67.63
CA ALA LA 269 42.20 90.76 68.29
C ALA LA 269 42.51 89.34 67.85
N VAL LA 270 41.49 88.53 67.59
CA VAL LA 270 41.71 87.21 67.03
C VAL LA 270 42.53 87.31 65.74
N GLU LA 271 42.10 88.21 64.85
CA GLU LA 271 42.79 88.35 63.57
C GLU LA 271 44.16 88.97 63.72
N ALA LA 272 44.37 89.85 64.70
CA ALA LA 272 45.71 90.39 64.92
C ALA LA 272 46.69 89.29 65.35
N GLN LA 273 46.25 88.45 66.30
CA GLN LA 273 47.09 87.31 66.67
C GLN LA 273 47.32 86.38 65.49
N GLU LA 274 46.30 86.21 64.65
CA GLU LA 274 46.48 85.43 63.43
C GLU LA 274 47.51 86.07 62.49
N ILE LA 275 47.54 87.40 62.41
CA ILE LA 275 48.54 88.09 61.60
C ILE LA 275 49.94 87.76 62.09
N LEU LA 276 50.15 87.85 63.40
CA LEU LA 276 51.47 87.51 63.94
C LEU LA 276 51.82 86.05 63.67
N ARG LA 277 50.87 85.15 63.88
CA ARG LA 277 51.13 83.73 63.66
C ARG LA 277 51.47 83.45 62.21
N THR LA 278 50.73 84.04 61.27
CA THR LA 278 50.97 83.76 59.87
C THR LA 278 52.27 84.43 59.39
N ASP LA 279 52.65 85.56 60.00
CA ASP LA 279 53.95 86.13 59.70
C ASP LA 279 55.06 85.16 60.07
N LYS LA 280 55.03 84.64 61.30
CA LYS LA 280 56.06 83.70 61.72
C LYS LA 280 56.01 82.41 60.90
N GLU LA 281 54.81 81.94 60.56
CA GLU LA 281 54.67 80.72 59.79
C GLU LA 281 55.25 80.89 58.39
N LEU LA 282 54.97 82.03 57.75
CA LEU LA 282 55.54 82.31 56.43
C LEU LA 282 57.06 82.40 56.51
N ILE LA 283 57.59 83.03 57.56
CA ILE LA 283 59.04 83.02 57.76
C ILE LA 283 59.55 81.58 57.74
N ALA LA 284 59.11 80.78 58.70
CA ALA LA 284 59.63 79.43 58.85
C ALA LA 284 59.37 78.57 57.62
N THR LA 285 58.37 78.92 56.81
CA THR LA 285 57.98 78.07 55.69
C THR LA 285 58.70 78.41 54.41
N VAL LA 286 58.93 79.70 54.11
CA VAL LA 286 59.49 80.04 52.81
C VAL LA 286 60.75 80.89 52.93
N ARG LA 287 60.90 81.64 54.01
CA ARG LA 287 62.02 82.57 54.09
C ARG LA 287 63.35 81.84 54.32
N ARG LA 288 63.36 80.87 55.22
CA ARG LA 288 64.56 80.11 55.55
C ARG LA 288 64.86 79.04 54.50
N PRO LA 289 63.85 78.29 54.00
CA PRO LA 289 64.13 77.38 52.88
C PRO LA 289 64.71 78.07 51.67
N ALA LA 290 64.35 79.33 51.40
CA ALA LA 290 64.96 80.05 50.30
C ALA LA 290 66.45 80.24 50.52
N GLU LA 291 66.83 80.63 51.74
CA GLU LA 291 68.25 80.81 52.04
C GLU LA 291 69.00 79.48 51.96
N ALA LA 292 68.39 78.40 52.47
CA ALA LA 292 69.03 77.10 52.38
C ALA LA 292 69.21 76.68 50.93
N GLU LA 293 68.19 76.93 50.09
CA GLU LA 293 68.31 76.60 48.67
C GLU LA 293 69.41 77.42 48.01
N ALA LA 294 69.51 78.70 48.37
CA ALA LA 294 70.59 79.53 47.81
C ALA LA 294 71.95 78.98 48.19
N HIS LA 295 72.12 78.60 49.46
CA HIS LA 295 73.38 78.02 49.91
C HIS LA 295 73.69 76.72 49.17
N ARG LA 296 72.68 75.87 49.00
CA ARG LA 296 72.86 74.62 48.27
C ARG LA 296 73.29 74.86 46.83
N ILE LA 297 72.63 75.81 46.17
CA ILE LA 297 72.95 76.10 44.76
C ILE LA 297 74.37 76.62 44.65
N GLN LA 298 74.78 77.52 45.54
CA GLN LA 298 76.12 78.07 45.42
C GLN LA 298 77.20 77.03 45.75
N GLN LA 299 76.93 76.16 46.73
CA GLN LA 299 77.88 75.08 47.03
C GLN LA 299 78.02 74.13 45.84
N ILE LA 300 76.90 73.71 45.25
CA ILE LA 300 76.96 72.79 44.13
C ILE LA 300 77.58 73.45 42.91
N ALA LA 301 77.34 74.75 42.72
CA ALA LA 301 77.98 75.48 41.63
C ALA LA 301 79.49 75.54 41.83
N GLU LA 302 79.93 75.74 43.08
CA GLU LA 302 81.37 75.72 43.34
C GLU LA 302 81.96 74.36 42.99
N GLY LA 303 81.29 73.28 43.42
CA GLY LA 303 81.78 71.95 43.09
C GLY LA 303 81.86 71.72 41.59
N GLU LA 304 80.81 72.09 40.87
CA GLU LA 304 80.78 71.89 39.42
C GLU LA 304 81.85 72.73 38.72
N LYS LA 305 82.04 73.96 39.18
CA LYS LA 305 83.06 74.82 38.57
C LYS LA 305 84.45 74.23 38.77
N VAL LA 306 84.75 73.76 39.98
CA VAL LA 306 86.06 73.15 40.20
C VAL LA 306 86.23 71.91 39.34
N LYS LA 307 85.18 71.09 39.24
CA LYS LA 307 85.26 69.89 38.41
C LYS LA 307 85.53 70.23 36.95
N GLN LA 308 84.80 71.22 36.42
CA GLN LA 308 84.98 71.60 35.03
C GLN LA 308 86.36 72.19 34.77
N VAL LA 309 86.86 73.01 35.71
CA VAL LA 309 88.19 73.58 35.54
C VAL LA 309 89.25 72.48 35.53
N LEU LA 310 89.14 71.52 36.45
CA LEU LA 310 90.11 70.44 36.49
C LEU LA 310 90.04 69.59 35.22
N LEU LA 311 88.83 69.28 34.76
CA LEU LA 311 88.69 68.50 33.53
C LEU LA 311 89.27 69.24 32.34
N ALA LA 312 89.04 70.54 32.26
CA ALA LA 312 89.58 71.34 31.17
C ALA LA 312 91.11 71.36 31.21
N GLN LA 313 91.69 71.49 32.41
CA GLN LA 313 93.14 71.46 32.52
C GLN LA 313 93.69 70.11 32.08
N ALA LA 314 93.03 69.02 32.49
CA ALA LA 314 93.47 67.70 32.08
C ALA LA 314 93.40 67.53 30.57
N GLU LA 315 92.31 67.99 29.96
CA GLU LA 315 92.18 67.88 28.51
C GLU LA 315 93.21 68.73 27.79
N ALA LA 316 93.49 69.94 28.31
CA ALA LA 316 94.47 70.81 27.68
C ALA LA 316 95.86 70.19 27.72
N GLU LA 317 96.24 69.61 28.85
CA GLU LA 317 97.58 69.03 28.91
C GLU LA 317 97.65 67.73 28.13
N LYS LA 318 96.52 66.99 28.06
CA LYS LA 318 96.43 65.86 27.14
C LYS LA 318 96.75 66.30 25.71
N ILE LA 319 96.11 67.37 25.26
CA ILE LA 319 96.33 67.86 23.90
C ILE LA 319 97.77 68.31 23.73
N ARG LA 320 98.32 68.99 24.73
CA ARG LA 320 99.70 69.46 24.63
C ARG LA 320 100.68 68.29 24.48
N LYS LA 321 100.54 67.27 25.32
CA LYS LA 321 101.45 66.13 25.25
C LYS LA 321 101.29 65.35 23.96
N ILE LA 322 100.05 65.15 23.51
CA ILE LA 322 99.82 64.46 22.25
C ILE LA 322 100.44 65.24 21.09
N GLY LA 323 100.29 66.57 21.10
CA GLY LA 323 100.88 67.37 20.06
C GLY LA 323 102.40 67.32 20.06
N GLU LA 324 103.01 67.32 21.25
CA GLU LA 324 104.45 67.19 21.32
C GLU LA 324 104.90 65.84 20.78
N ALA LA 325 104.18 64.77 21.12
CA ALA LA 325 104.54 63.45 20.58
C ALA LA 325 104.43 63.42 19.06
N GLU LA 326 103.35 64.01 18.52
CA GLU LA 326 103.19 64.04 17.07
C GLU LA 326 104.29 64.87 16.41
N ALA LA 327 104.69 65.98 17.03
CA ALA LA 327 105.78 66.78 16.48
C ALA LA 327 107.07 65.97 16.47
N ALA LA 328 107.35 65.23 17.54
CA ALA LA 328 108.56 64.44 17.61
C ALA LA 328 108.57 63.36 16.53
N VAL LA 329 107.45 62.66 16.35
CA VAL LA 329 107.44 61.59 15.36
C VAL LA 329 107.51 62.17 13.95
N ILE LA 330 106.89 63.32 13.71
CA ILE LA 330 106.96 63.94 12.40
C ILE LA 330 108.39 64.37 12.09
N GLU LA 331 109.09 64.93 13.08
CA GLU LA 331 110.48 65.30 12.88
C GLU LA 331 111.33 64.07 12.61
N ALA LA 332 111.03 62.96 13.28
CA ALA LA 332 111.76 61.72 13.01
C ALA LA 332 111.54 61.23 11.58
N MET LA 333 110.28 61.28 11.11
CA MET LA 333 110.00 60.95 9.72
C MET LA 333 110.75 61.86 8.76
N GLY LA 334 110.84 63.15 9.08
CA GLY LA 334 111.60 64.05 8.24
C GLY LA 334 113.06 63.68 8.18
N LYS LA 335 113.65 63.40 9.35
CA LYS LA 335 115.03 62.94 9.41
C LYS LA 335 115.24 61.74 8.49
N ALA LA 336 114.39 60.72 8.66
CA ALA LA 336 114.59 59.46 7.93
C ALA LA 336 114.36 59.63 6.44
N GLU LA 337 113.27 60.29 6.05
CA GLU LA 337 112.94 60.40 4.64
C GLU LA 337 113.94 61.30 3.92
N ALA LA 338 114.40 62.37 4.57
CA ALA LA 338 115.42 63.20 3.95
C ALA LA 338 116.73 62.45 3.80
N GLU LA 339 117.11 61.64 4.80
CA GLU LA 339 118.31 60.82 4.65
C GLU LA 339 118.14 59.83 3.49
N ARG LA 340 116.94 59.26 3.36
CA ARG LA 340 116.67 58.34 2.26
C ARG LA 340 116.86 59.03 0.92
N MET LA 341 116.26 60.21 0.75
CA MET LA 341 116.37 60.92 -0.51
C MET LA 341 117.81 61.33 -0.80
N LYS LA 342 118.52 61.78 0.24
CA LYS LA 342 119.90 62.20 0.06
C LYS LA 342 120.77 61.03 -0.39
N LEU LA 343 120.63 59.87 0.26
CA LEU LA 343 121.42 58.71 -0.13
C LEU LA 343 121.04 58.21 -1.52
N LYS LA 344 119.76 58.34 -1.88
CA LYS LA 344 119.32 57.91 -3.20
C LYS LA 344 119.81 58.87 -4.28
N ALA LA 345 120.15 60.10 -3.88
CA ALA LA 345 120.66 61.08 -4.84
C ALA LA 345 121.96 60.63 -5.50
N GLU LA 346 122.96 60.25 -4.71
CA GLU LA 346 124.20 59.77 -5.30
C GLU LA 346 123.98 58.48 -6.07
N ALA LA 347 123.02 57.66 -5.64
CA ALA LA 347 122.72 56.44 -6.38
C ALA LA 347 122.22 56.77 -7.78
N TYR LA 348 121.30 57.72 -7.91
CA TYR LA 348 120.83 58.12 -9.23
C TYR LA 348 121.92 58.85 -10.01
N GLN LA 349 122.86 59.50 -9.32
CA GLN LA 349 123.86 60.29 -10.02
C GLN LA 349 124.78 59.40 -10.86
N LYS LA 350 124.86 58.12 -10.54
CA LYS LA 350 125.80 57.23 -11.21
C LYS LA 350 125.14 56.41 -12.31
N TYR LA 351 123.99 56.86 -12.79
CA TYR LA 351 123.22 56.16 -13.82
C TYR LA 351 123.74 56.54 -15.21
N GLY LA 352 123.94 55.53 -16.05
CA GLY LA 352 124.34 55.73 -17.43
C GLY LA 352 123.17 55.65 -18.37
N ASP LA 353 123.48 55.45 -19.66
CA ASP LA 353 122.44 55.30 -20.65
C ASP LA 353 121.65 54.00 -20.44
N ALA LA 354 122.34 52.90 -20.16
CA ALA LA 354 121.68 51.61 -20.00
C ALA LA 354 120.74 51.62 -18.81
N ALA LA 355 121.14 52.26 -17.71
CA ALA LA 355 120.29 52.29 -16.53
C ALA LA 355 119.02 53.10 -16.76
N LYS LA 356 119.14 54.24 -17.43
CA LYS LA 356 117.96 55.01 -17.78
C LYS LA 356 117.04 54.23 -18.73
N MET LA 357 117.64 53.50 -19.67
CA MET LA 357 116.85 52.62 -20.53
C MET LA 357 116.11 51.58 -19.70
N ALA LA 358 116.77 51.02 -18.69
CA ALA LA 358 116.12 50.05 -17.82
C ALA LA 358 114.95 50.69 -17.08
N LEU LA 359 115.14 51.92 -16.59
CA LEU LA 359 114.05 52.61 -15.89
C LEU LA 359 112.84 52.80 -16.81
N VAL LA 360 113.10 53.26 -18.04
CA VAL LA 360 111.99 53.50 -18.97
C VAL LA 360 111.30 52.20 -19.32
N LEU LA 361 112.07 51.14 -19.59
CA LEU LA 361 111.46 49.86 -19.94
C LEU LA 361 110.66 49.29 -18.79
N GLU LA 362 111.14 49.48 -17.56
CA GLU LA 362 110.37 49.00 -16.40
C GLU LA 362 109.09 49.80 -16.23
N ALA LA 363 109.13 51.10 -16.53
CA ALA LA 363 107.92 51.91 -16.38
C ALA LA 363 106.90 51.60 -17.46
N LEU LA 364 107.36 51.20 -18.64
CA LEU LA 364 106.46 51.04 -19.79
C LEU LA 364 105.29 50.08 -19.55
N PRO LA 365 105.49 48.85 -19.03
CA PRO LA 365 104.34 47.94 -18.91
C PRO LA 365 103.23 48.46 -18.00
N GLN LA 366 103.57 49.16 -16.92
CA GLN LA 366 102.53 49.69 -16.04
C GLN LA 366 101.71 50.76 -16.75
N ILE LA 367 102.37 51.66 -17.48
CA ILE LA 367 101.67 52.68 -18.24
C ILE LA 367 100.78 52.03 -19.30
N ALA LA 368 101.32 51.01 -19.98
CA ALA LA 368 100.54 50.33 -21.00
C ALA LA 368 99.32 49.65 -20.41
N ALA LA 369 99.46 49.04 -19.24
CA ALA LA 369 98.32 48.42 -18.57
C ALA LA 369 97.28 49.46 -18.19
N LYS LA 370 97.73 50.63 -17.73
CA LYS LA 370 96.79 51.67 -17.35
C LYS LA 370 96.03 52.21 -18.57
N ILE LA 371 96.73 52.45 -19.67
CA ILE LA 371 96.08 53.01 -20.86
C ILE LA 371 95.12 52.01 -21.48
N ALA LA 372 95.45 50.73 -21.47
CA ALA LA 372 94.62 49.71 -22.10
C ALA LA 372 93.43 49.29 -21.26
N ALA LA 373 93.35 49.74 -20.01
CA ALA LA 373 92.23 49.34 -19.15
C ALA LA 373 90.86 49.65 -19.74
N PRO LA 374 90.61 50.81 -20.35
CA PRO LA 374 89.28 51.03 -20.95
C PRO LA 374 88.94 50.04 -22.06
N LEU LA 375 89.94 49.40 -22.66
CA LEU LA 375 89.69 48.47 -23.75
C LEU LA 375 89.03 47.18 -23.25
N THR LA 376 88.98 47.00 -21.95
CA THR LA 376 88.44 45.78 -21.36
C THR LA 376 86.95 45.63 -21.65
N LYS LA 377 86.23 46.73 -21.77
CA LYS LA 377 84.77 46.72 -21.86
C LYS LA 377 84.25 46.70 -23.29
N VAL LA 378 85.11 46.44 -24.28
CA VAL LA 378 84.64 46.38 -25.66
C VAL LA 378 83.65 45.23 -25.82
N ASP LA 379 82.56 45.50 -26.52
CA ASP LA 379 81.51 44.51 -26.73
C ASP LA 379 81.68 43.75 -28.03
N GLU LA 380 81.75 44.46 -29.15
CA GLU LA 380 81.88 43.80 -30.45
C GLU LA 380 82.71 44.69 -31.36
N ILE LA 381 83.37 44.05 -32.33
CA ILE LA 381 84.25 44.74 -33.25
C ILE LA 381 83.80 44.41 -34.67
N VAL LA 382 83.63 45.44 -35.49
CA VAL LA 382 83.26 45.28 -36.89
C VAL LA 382 84.37 45.88 -37.74
N VAL LA 383 84.93 45.07 -38.63
CA VAL LA 383 86.02 45.48 -39.49
C VAL LA 383 85.60 45.30 -40.95
N LEU LA 384 85.79 46.34 -41.74
CA LEU LA 384 85.53 46.30 -43.17
C LEU LA 384 86.78 46.75 -43.91
N SER LA 385 87.00 46.19 -45.09
CA SER LA 385 88.20 46.51 -45.87
C SER LA 385 87.84 46.62 -47.34
N GLY LA 386 88.72 47.29 -48.09
CA GLY LA 386 88.50 47.48 -49.51
C GLY LA 386 87.59 48.64 -49.81
N ASP LA 387 87.93 49.43 -50.83
CA ASP LA 387 87.14 50.60 -51.22
C ASP LA 387 86.06 50.19 -52.21
N ASN LA 388 84.88 49.86 -51.67
CA ASN LA 388 83.74 49.44 -52.48
C ASN LA 388 82.47 50.06 -51.92
N SER LA 389 81.34 49.66 -52.49
CA SER LA 389 80.05 50.21 -52.12
C SER LA 389 79.56 49.58 -50.82
N LYS LA 390 78.40 50.03 -50.35
CA LYS LA 390 77.80 49.59 -49.11
C LYS LA 390 76.52 48.78 -49.36
N VAL LA 391 76.49 48.06 -50.47
CA VAL LA 391 75.32 47.29 -50.85
C VAL LA 391 75.52 45.79 -50.61
N THR LA 392 76.78 45.34 -50.65
CA THR LA 392 77.06 43.91 -50.54
C THR LA 392 76.61 43.36 -49.18
N SER LA 393 76.87 44.08 -48.11
CA SER LA 393 76.51 43.69 -46.73
C SER LA 393 77.19 42.37 -46.44
N GLU LA 394 76.47 41.36 -45.94
CA GLU LA 394 77.09 40.07 -45.63
C GLU LA 394 76.65 39.00 -46.63
N MET MA 1 -139.68 45.92 92.20
CA MET MA 1 -139.07 46.57 93.35
C MET MA 1 -138.32 47.83 92.94
N PHE MA 2 -138.02 48.67 93.92
CA PHE MA 2 -137.34 49.93 93.65
C PHE MA 2 -135.89 49.69 93.22
N PHE MA 3 -135.44 50.48 92.25
CA PHE MA 3 -134.09 50.36 91.70
C PHE MA 3 -133.35 51.68 91.89
N THR MA 4 -132.43 51.70 92.85
CA THR MA 4 -131.65 52.91 93.10
C THR MA 4 -130.67 53.16 91.96
N CYS MA 5 -130.37 54.44 91.74
CA CYS MA 5 -129.39 54.85 90.74
C CYS MA 5 -128.56 55.99 91.29
N GLY MA 6 -127.32 56.06 90.83
CA GLY MA 6 -126.48 57.19 91.17
C GLY MA 6 -126.82 58.40 90.33
N PRO MA 7 -126.04 59.47 90.51
CA PRO MA 7 -126.18 60.66 89.69
C PRO MA 7 -125.33 60.71 88.43
N ASN MA 8 -124.84 59.58 87.94
CA ASN MA 8 -124.12 59.50 86.67
C ASN MA 8 -124.87 58.69 85.63
N GLU MA 9 -126.10 58.27 85.93
CA GLU MA 9 -126.91 57.51 84.99
C GLU MA 9 -128.35 57.95 85.10
N ALA MA 10 -129.08 57.81 84.00
CA ALA MA 10 -130.50 58.13 83.94
C ALA MA 10 -131.29 56.84 83.83
N MET MA 11 -132.14 56.58 84.82
CA MET MA 11 -133.00 55.41 84.85
C MET MA 11 -134.34 55.80 84.25
N VAL MA 12 -134.57 55.39 83.00
CA VAL MA 12 -135.85 55.60 82.33
C VAL MA 12 -136.40 54.23 81.94
N VAL MA 13 -137.63 53.95 82.37
CA VAL MA 13 -138.25 52.65 82.15
C VAL MA 13 -139.72 52.86 81.82
N SER MA 14 -140.30 51.91 81.09
CA SER MA 14 -141.73 51.89 80.80
C SER MA 14 -142.37 50.76 81.60
N GLY MA 15 -143.45 51.08 82.32
CA GLY MA 15 -144.11 50.09 83.15
C GLY MA 15 -145.54 49.82 82.72
N PHE MA 16 -146.49 50.18 83.59
CA PHE MA 16 -147.91 50.03 83.31
C PHE MA 16 -148.59 51.38 83.54
N CYS MA 17 -149.27 51.89 82.51
CA CYS MA 17 -149.98 53.17 82.57
C CYS MA 17 -149.05 54.30 82.99
N ARG MA 18 -147.95 54.43 82.25
CA ARG MA 18 -146.95 55.47 82.46
C ARG MA 18 -146.62 56.16 81.12
N SER MA 19 -147.67 56.55 80.40
CA SER MA 19 -147.49 57.09 79.05
C SER MA 19 -146.61 58.33 79.00
N PRO MA 20 -146.78 59.34 79.86
CA PRO MA 20 -145.85 60.47 79.83
C PRO MA 20 -144.45 60.03 80.18
N PRO MA 21 -143.43 60.68 79.64
CA PRO MA 21 -142.05 60.26 79.90
C PRO MA 21 -141.69 60.40 81.39
N VAL MA 22 -140.81 59.52 81.84
CA VAL MA 22 -140.35 59.50 83.22
C VAL MA 22 -138.86 59.82 83.23
N MET MA 23 -138.49 60.89 83.93
CA MET MA 23 -137.12 61.36 84.03
C MET MA 23 -136.61 61.06 85.43
N VAL MA 24 -135.89 59.96 85.58
CA VAL MA 24 -135.34 59.55 86.88
C VAL MA 24 -133.84 59.37 86.72
N ALA MA 25 -133.06 60.10 87.51
CA ALA MA 25 -131.61 59.95 87.59
C ALA MA 25 -131.20 60.27 89.02
N GLY MA 26 -130.99 59.23 89.82
CA GLY MA 26 -130.72 59.42 91.23
C GLY MA 26 -131.96 59.27 92.09
N GLY MA 27 -132.73 58.20 91.84
CA GLY MA 27 -133.94 57.93 92.58
C GLY MA 27 -134.26 56.46 92.54
N ARG MA 28 -135.54 56.15 92.75
CA ARG MA 28 -136.01 54.78 92.69
C ARG MA 28 -137.31 54.70 91.90
N VAL MA 29 -137.55 53.52 91.32
CA VAL MA 29 -138.78 53.25 90.58
C VAL MA 29 -139.23 51.83 90.91
N PHE MA 30 -140.48 51.68 91.32
CA PHE MA 30 -141.06 50.36 91.53
C PHE MA 30 -141.26 49.67 90.19
N VAL MA 31 -140.56 48.57 89.96
CA VAL MA 31 -140.51 47.91 88.67
C VAL MA 31 -141.13 46.52 88.78
N LEU MA 32 -142.17 46.27 87.99
CA LEU MA 32 -142.73 44.93 87.86
C LEU MA 32 -141.79 44.07 87.01
N PRO MA 33 -141.62 42.79 87.34
CA PRO MA 33 -140.62 41.99 86.61
C PRO MA 33 -141.08 41.60 85.21
N CYS MA 34 -142.33 41.18 85.04
CA CYS MA 34 -142.81 40.71 83.75
C CYS MA 34 -143.59 41.76 82.97
N ILE MA 35 -143.65 43.00 83.46
CA ILE MA 35 -144.41 44.06 82.81
C ILE MA 35 -143.51 45.20 82.35
N GLN MA 36 -142.56 45.62 83.17
CA GLN MA 36 -141.72 46.76 82.86
C GLN MA 36 -140.45 46.35 82.13
N GLN MA 37 -139.89 47.28 81.37
CA GLN MA 37 -138.65 47.09 80.64
C GLN MA 37 -137.63 48.12 81.10
N ILE MA 38 -136.40 47.68 81.32
CA ILE MA 38 -135.36 48.49 81.94
C ILE MA 38 -134.31 48.84 80.90
N GLN MA 39 -133.97 50.12 80.82
CA GLN MA 39 -132.89 50.62 79.96
C GLN MA 39 -132.17 51.74 80.68
N ARG MA 40 -130.88 51.91 80.35
CA ARG MA 40 -130.01 52.81 81.08
C ARG MA 40 -129.21 53.69 80.12
N ILE MA 41 -128.89 54.89 80.57
CA ILE MA 41 -127.97 55.81 79.90
C ILE MA 41 -126.94 56.29 80.91
N SER MA 42 -125.67 56.25 80.53
CA SER MA 42 -124.60 56.76 81.37
C SER MA 42 -124.39 58.24 81.12
N LEU MA 43 -124.42 59.02 82.20
CA LEU MA 43 -124.26 60.47 82.13
C LEU MA 43 -122.83 60.93 82.38
N ASN MA 44 -121.90 60.02 82.54
CA ASN MA 44 -120.54 60.39 82.90
C ASN MA 44 -119.89 61.15 81.74
N THR MA 45 -119.08 62.16 82.08
CA THR MA 45 -118.46 63.01 81.08
C THR MA 45 -117.36 62.25 80.34
N LEU MA 46 -117.38 62.31 79.02
CA LEU MA 46 -116.38 61.66 78.18
C LEU MA 46 -115.61 62.72 77.41
N THR MA 47 -114.28 62.55 77.34
CA THR MA 47 -113.43 63.46 76.61
C THR MA 47 -113.33 63.05 75.15
N LEU MA 48 -113.18 64.03 74.27
CA LEU MA 48 -113.14 63.81 72.84
C LEU MA 48 -111.86 64.41 72.27
N ASN MA 49 -111.15 63.63 71.46
CA ASN MA 49 -109.94 64.09 70.79
C ASN MA 49 -110.32 64.52 69.39
N VAL MA 50 -110.83 65.75 69.29
CA VAL MA 50 -111.33 66.30 68.03
C VAL MA 50 -110.12 66.66 67.17
N LYS MA 51 -109.80 65.82 66.21
CA LYS MA 51 -108.61 65.97 65.39
C LYS MA 51 -108.98 66.43 63.99
N SER MA 52 -108.32 67.47 63.50
CA SER MA 52 -108.49 67.97 62.15
C SER MA 52 -107.14 67.92 61.44
N GLU MA 53 -107.10 67.29 60.27
CA GLU MA 53 -105.87 67.09 59.53
C GLU MA 53 -105.98 67.76 58.17
N LYS MA 54 -105.00 68.62 57.86
CA LYS MA 54 -104.90 69.28 56.55
C LYS MA 54 -106.17 70.06 56.24
N VAL MA 55 -106.47 71.04 57.09
CA VAL MA 55 -107.66 71.88 56.95
C VAL MA 55 -107.22 73.28 56.56
N TYR MA 56 -107.93 73.86 55.61
CA TYR MA 56 -107.59 75.18 55.09
C TYR MA 56 -108.21 76.29 55.94
N THR MA 57 -107.45 77.36 56.14
CA THR MA 57 -107.88 78.54 56.88
C THR MA 57 -108.42 79.57 55.89
N ARG MA 58 -108.67 80.79 56.38
CA ARG MA 58 -109.35 81.76 55.52
C ARG MA 58 -108.36 82.38 54.53
N HIS MA 59 -107.05 82.22 54.80
CA HIS MA 59 -106.04 82.41 53.75
C HIS MA 59 -105.86 81.18 52.86
N GLY MA 60 -106.36 80.03 53.28
CA GLY MA 60 -106.16 78.80 52.55
C GLY MA 60 -104.97 77.97 52.96
N VAL MA 61 -104.13 78.47 53.87
CA VAL MA 61 -102.96 77.70 54.29
C VAL MA 61 -103.41 76.47 55.08
N PRO MA 62 -102.89 75.28 54.79
CA PRO MA 62 -103.29 74.08 55.54
C PRO MA 62 -102.45 73.91 56.80
N ILE MA 63 -103.14 73.75 57.93
CA ILE MA 63 -102.49 73.52 59.22
C ILE MA 63 -103.18 72.36 59.92
N SER MA 64 -102.39 71.48 60.51
CA SER MA 64 -102.91 70.37 61.28
C SER MA 64 -103.32 70.86 62.67
N VAL MA 65 -104.61 70.74 62.99
CA VAL MA 65 -105.16 71.29 64.22
C VAL MA 65 -105.81 70.16 65.01
N THR MA 66 -105.47 70.07 66.28
CA THR MA 66 -106.05 69.09 67.19
C THR MA 66 -106.85 69.81 68.27
N GLY MA 67 -108.02 69.27 68.60
CA GLY MA 67 -108.87 69.85 69.61
C GLY MA 67 -109.33 68.81 70.60
N ILE MA 68 -109.59 69.28 71.82
CA ILE MA 68 -110.07 68.44 72.92
C ILE MA 68 -111.35 69.03 73.45
N ALA MA 69 -112.36 68.19 73.67
CA ALA MA 69 -113.65 68.64 74.16
C ALA MA 69 -114.11 67.74 75.31
N GLN MA 70 -114.82 68.34 76.25
CA GLN MA 70 -115.44 67.62 77.36
C GLN MA 70 -116.95 67.76 77.25
N VAL MA 71 -117.63 66.67 76.90
CA VAL MA 71 -119.05 66.69 76.61
C VAL MA 71 -119.77 65.83 77.63
N LYS MA 72 -120.93 66.29 78.09
CA LYS MA 72 -121.72 65.61 79.09
C LYS MA 72 -123.20 65.79 78.76
N ILE MA 73 -124.01 64.84 79.24
CA ILE MA 73 -125.46 64.87 79.04
C ILE MA 73 -126.08 65.57 80.23
N GLN MA 74 -126.59 66.78 80.01
CA GLN MA 74 -127.14 67.57 81.10
C GLN MA 74 -128.47 67.01 81.58
N GLY MA 75 -128.42 66.07 82.52
CA GLY MA 75 -129.64 65.46 83.03
C GLY MA 75 -130.47 66.35 83.91
N GLN MA 76 -129.94 67.52 84.29
CA GLN MA 76 -130.72 68.46 85.09
C GLN MA 76 -131.93 68.98 84.32
N ASN MA 77 -131.75 69.23 83.03
CA ASN MA 77 -132.86 69.71 82.19
C ASN MA 77 -133.75 68.53 81.81
N LYS MA 78 -135.01 68.59 82.24
CA LYS MA 78 -135.94 67.50 81.95
C LYS MA 78 -136.20 67.38 80.45
N GLU MA 79 -136.40 68.52 79.78
CA GLU MA 79 -136.70 68.48 78.36
C GLU MA 79 -135.54 67.92 77.55
N MET MA 80 -134.32 68.40 77.84
CA MET MA 80 -133.15 67.93 77.09
C MET MA 80 -132.89 66.46 77.36
N LEU MA 81 -133.03 66.03 78.62
CA LEU MA 81 -132.82 64.62 78.93
C LEU MA 81 -133.87 63.75 78.24
N ALA MA 82 -135.13 64.19 78.24
CA ALA MA 82 -136.17 63.43 77.55
C ALA MA 82 -135.90 63.34 76.06
N ALA MA 83 -135.43 64.43 75.47
CA ALA MA 83 -135.05 64.38 74.05
C ALA MA 83 -133.91 63.40 73.83
N ALA MA 84 -132.90 63.41 74.70
CA ALA MA 84 -131.74 62.57 74.51
C ALA MA 84 -132.08 61.09 74.68
N CYS MA 85 -133.00 60.78 75.59
CA CYS MA 85 -133.36 59.39 75.84
C CYS MA 85 -134.01 58.75 74.61
N GLN MA 86 -134.55 59.56 73.71
CA GLN MA 86 -135.24 59.02 72.54
C GLN MA 86 -134.30 58.34 71.57
N MET MA 87 -133.00 58.63 71.63
CA MET MA 87 -132.05 57.97 70.75
C MET MA 87 -130.82 57.40 71.45
N PHE MA 88 -130.51 57.83 72.67
CA PHE MA 88 -129.27 57.38 73.31
C PHE MA 88 -129.43 56.11 74.12
N LEU MA 89 -130.65 55.63 74.34
CA LEU MA 89 -130.83 54.33 74.95
C LEU MA 89 -130.33 53.24 74.00
N GLY MA 90 -129.63 52.26 74.55
CA GLY MA 90 -129.12 51.14 73.78
C GLY MA 90 -127.85 51.41 73.00
N LYS MA 91 -127.26 52.60 73.13
CA LYS MA 91 -126.03 52.92 72.45
C LYS MA 91 -124.87 52.87 73.43
N THR MA 92 -123.78 52.22 73.01
CA THR MA 92 -122.61 52.07 73.85
C THR MA 92 -121.88 53.41 73.99
N GLU MA 93 -120.97 53.45 74.97
CA GLU MA 93 -120.21 54.68 75.21
C GLU MA 93 -119.33 55.03 74.01
N ALA MA 94 -118.75 54.02 73.36
CA ALA MA 94 -117.87 54.27 72.23
C ALA MA 94 -118.61 54.96 71.09
N GLU MA 95 -119.78 54.45 70.71
CA GLU MA 95 -120.53 55.05 69.61
C GLU MA 95 -121.05 56.43 70.00
N ILE MA 96 -121.49 56.58 71.25
CA ILE MA 96 -121.98 57.88 71.73
C ILE MA 96 -120.86 58.92 71.62
N ALA MA 97 -119.66 58.55 72.05
CA ALA MA 97 -118.52 59.44 71.90
C ALA MA 97 -118.21 59.72 70.44
N HIS MA 98 -118.23 58.67 69.60
CA HIS MA 98 -117.79 58.79 68.22
C HIS MA 98 -118.70 59.69 67.39
N ILE MA 99 -120.02 59.58 67.56
CA ILE MA 99 -120.93 60.39 66.75
C ILE MA 99 -120.78 61.87 67.08
N ALA MA 100 -120.79 62.20 68.37
CA ALA MA 100 -120.60 63.59 68.76
C ALA MA 100 -119.21 64.08 68.39
N LEU MA 101 -118.22 63.18 68.36
CA LEU MA 101 -116.88 63.57 67.93
C LEU MA 101 -116.88 64.02 66.47
N GLU MA 102 -117.56 63.26 65.60
CA GLU MA 102 -117.66 63.67 64.21
C GLU MA 102 -118.43 64.97 64.06
N THR MA 103 -119.51 65.13 64.83
CA THR MA 103 -120.27 66.38 64.74
C THR MA 103 -119.41 67.58 65.16
N LEU MA 104 -118.71 67.47 66.28
CA LEU MA 104 -117.89 68.58 66.76
C LEU MA 104 -116.72 68.82 65.81
N GLU MA 105 -116.19 67.76 65.20
CA GLU MA 105 -115.16 67.95 64.19
C GLU MA 105 -115.70 68.71 63.00
N GLY MA 106 -116.93 68.41 62.59
CA GLY MA 106 -117.55 69.19 61.51
C GLY MA 106 -117.65 70.65 61.88
N HIS MA 107 -118.12 70.94 63.10
CA HIS MA 107 -118.24 72.34 63.52
C HIS MA 107 -116.88 73.03 63.56
N GLN MA 108 -115.86 72.38 64.12
CA GLN MA 108 -114.55 73.00 64.22
C GLN MA 108 -113.95 73.24 62.84
N ARG MA 109 -113.98 72.23 61.98
CA ARG MA 109 -113.42 72.34 60.64
C ARG MA 109 -114.20 73.36 59.80
N ALA MA 110 -115.49 73.55 60.09
CA ALA MA 110 -116.25 74.60 59.41
C ALA MA 110 -115.83 75.98 59.90
N ILE MA 111 -115.66 76.14 61.22
CA ILE MA 111 -115.23 77.43 61.75
C ILE MA 111 -113.76 77.71 61.50
N MET MA 112 -113.02 76.71 60.99
CA MET MA 112 -111.61 76.93 60.66
C MET MA 112 -111.45 78.07 59.67
N ALA MA 113 -112.33 78.15 58.68
CA ALA MA 113 -112.22 79.18 57.66
C ALA MA 113 -112.75 80.53 58.12
N HIS MA 114 -113.34 80.61 59.31
CA HIS MA 114 -113.78 81.90 59.81
C HIS MA 114 -112.60 82.69 60.37
N MET MA 115 -111.86 82.11 61.30
CA MET MA 115 -110.72 82.75 61.95
C MET MA 115 -109.43 82.26 61.34
N THR MA 116 -108.55 83.19 61.00
CA THR MA 116 -107.24 82.87 60.44
C THR MA 116 -106.30 82.35 61.53
N VAL MA 117 -105.21 81.72 61.09
CA VAL MA 117 -104.24 81.16 62.02
C VAL MA 117 -103.66 82.25 62.91
N GLU MA 118 -103.32 83.39 62.30
CA GLU MA 118 -102.86 84.54 63.08
C GLU MA 118 -103.85 84.88 64.17
N GLU MA 119 -105.15 84.75 63.88
CA GLU MA 119 -106.15 84.96 64.90
C GLU MA 119 -106.19 83.81 65.90
N ILE MA 120 -106.02 82.57 65.43
CA ILE MA 120 -106.28 81.43 66.32
C ILE MA 120 -105.21 81.34 67.40
N TYR MA 121 -103.94 81.55 67.07
CA TYR MA 121 -102.97 81.39 68.16
C TYR MA 121 -102.86 82.65 69.01
N LYS MA 122 -103.10 83.82 68.43
CA LYS MA 122 -103.06 85.06 69.19
C LYS MA 122 -104.37 85.30 69.93
N ASP MA 123 -105.46 85.47 69.19
CA ASP MA 123 -106.77 85.72 69.77
C ASP MA 123 -107.54 84.41 69.90
N ARG MA 124 -107.28 83.67 70.98
CA ARG MA 124 -107.85 82.34 71.14
C ARG MA 124 -109.13 82.35 71.98
N GLN MA 125 -109.27 83.34 72.86
CA GLN MA 125 -110.42 83.37 73.75
C GLN MA 125 -111.72 83.57 72.99
N LYS MA 126 -111.75 84.58 72.11
CA LYS MA 126 -112.95 84.83 71.32
C LYS MA 126 -113.25 83.67 70.38
N PHE MA 127 -112.20 83.10 69.77
CA PHE MA 127 -112.37 81.90 68.96
C PHE MA 127 -113.04 80.78 69.74
N SER MA 128 -112.51 80.47 70.93
CA SER MA 128 -113.05 79.38 71.73
C SER MA 128 -114.47 79.67 72.14
N GLU MA 129 -114.76 80.93 72.51
CA GLU MA 129 -116.12 81.28 72.92
C GLU MA 129 -117.12 81.11 71.78
N GLN MA 130 -116.76 81.55 70.57
CA GLN MA 130 -117.67 81.39 69.44
C GLN MA 130 -117.84 79.93 69.07
N VAL MA 131 -116.75 79.16 69.09
CA VAL MA 131 -116.85 77.73 68.81
C VAL MA 131 -117.78 77.07 69.82
N PHE MA 132 -117.59 77.38 71.11
CA PHE MA 132 -118.44 76.80 72.14
C PHE MA 132 -119.89 77.20 71.93
N LYS MA 133 -120.15 78.47 71.62
CA LYS MA 133 -121.53 78.90 71.43
C LYS MA 133 -122.21 78.12 70.30
N VAL MA 134 -121.58 78.09 69.13
CA VAL MA 134 -122.22 77.47 67.96
C VAL MA 134 -122.37 75.96 68.16
N ALA MA 135 -121.28 75.31 68.61
CA ALA MA 135 -121.32 73.87 68.82
C ALA MA 135 -122.33 73.50 69.90
N SER MA 136 -122.36 74.27 71.00
CA SER MA 136 -123.31 73.99 72.06
C SER MA 136 -124.73 74.16 71.59
N SER MA 137 -125.01 75.19 70.79
CA SER MA 137 -126.36 75.35 70.25
C SER MA 137 -126.75 74.15 69.40
N ASP MA 138 -125.90 73.78 68.43
CA ASP MA 138 -126.30 72.73 67.50
C ASP MA 138 -126.27 71.35 68.16
N LEU MA 139 -125.58 71.23 69.30
CA LEU MA 139 -125.51 69.93 69.97
C LEU MA 139 -126.57 69.78 71.04
N VAL MA 140 -126.96 70.89 71.68
CA VAL MA 140 -128.17 70.88 72.51
C VAL MA 140 -129.39 70.61 71.65
N ASN MA 141 -129.38 71.12 70.41
CA ASN MA 141 -130.38 70.71 69.46
C ASN MA 141 -130.38 69.19 69.29
N MET MA 142 -129.19 68.58 69.27
CA MET MA 142 -129.12 67.12 69.21
C MET MA 142 -129.33 66.50 70.60
N GLY MA 143 -128.86 67.18 71.66
CA GLY MA 143 -129.12 66.74 73.01
C GLY MA 143 -127.93 66.66 73.94
N ILE MA 144 -126.72 66.94 73.46
CA ILE MA 144 -125.52 66.92 74.31
C ILE MA 144 -125.01 68.35 74.47
N SER MA 145 -124.68 68.72 75.70
CA SER MA 145 -124.11 70.02 76.00
C SER MA 145 -122.63 69.86 76.28
N VAL MA 146 -121.81 70.63 75.57
CA VAL MA 146 -120.36 70.57 75.74
C VAL MA 146 -119.98 71.37 76.98
N VAL MA 147 -119.31 70.71 77.93
CA VAL MA 147 -118.88 71.40 79.14
C VAL MA 147 -117.84 72.45 78.82
N SER MA 148 -116.82 72.07 78.05
CA SER MA 148 -115.75 72.98 77.70
C SER MA 148 -115.00 72.44 76.49
N TYR MA 149 -114.72 73.30 75.54
CA TYR MA 149 -113.98 72.94 74.33
C TYR MA 149 -112.66 73.71 74.33
N THR MA 150 -111.60 73.04 73.89
CA THR MA 150 -110.28 73.66 73.78
C THR MA 150 -109.60 73.15 72.52
N LEU MA 151 -108.52 73.83 72.13
CA LEU MA 151 -107.71 73.44 71.00
C LEU MA 151 -106.41 72.84 71.50
N LYS MA 152 -106.14 71.59 71.12
CA LYS MA 152 -105.02 70.87 71.68
C LYS MA 152 -103.69 71.36 71.11
N ASP MA 153 -103.50 71.24 69.81
CA ASP MA 153 -102.25 71.60 69.18
C ASP MA 153 -102.51 72.11 67.77
N ILE MA 154 -101.61 72.97 67.29
CA ILE MA 154 -101.62 73.47 65.93
C ILE MA 154 -100.29 73.09 65.29
N HIS MA 155 -100.36 72.44 64.13
CA HIS MA 155 -99.17 71.98 63.42
C HIS MA 155 -99.23 72.45 61.98
N ASP MA 156 -98.07 72.81 61.44
CA ASP MA 156 -97.94 73.23 60.05
C ASP MA 156 -96.86 72.41 59.36
N ASP MA 157 -97.26 71.67 58.32
CA ASP MA 157 -96.32 70.89 57.54
C ASP MA 157 -95.75 71.66 56.37
N GLN MA 158 -96.20 72.90 56.14
CA GLN MA 158 -95.77 73.73 55.04
C GLN MA 158 -94.67 74.72 55.44
N ASP MA 159 -94.20 74.66 56.68
CA ASP MA 159 -93.22 75.57 57.25
C ASP MA 159 -93.72 77.01 57.27
N TYR MA 160 -95.04 77.21 57.38
CA TYR MA 160 -95.61 78.55 57.36
C TYR MA 160 -95.24 79.34 58.61
N LEU MA 161 -95.32 78.70 59.77
CA LEU MA 161 -95.18 79.42 61.04
C LEU MA 161 -93.72 79.42 61.52
N HIS MA 162 -92.90 78.51 61.00
CA HIS MA 162 -91.52 78.42 61.45
C HIS MA 162 -90.75 79.70 61.14
N SER MA 163 -90.99 80.29 59.97
CA SER MA 163 -90.31 81.55 59.63
C SER MA 163 -90.76 82.69 60.53
N LEU MA 164 -92.06 82.75 60.84
CA LEU MA 164 -92.56 83.76 61.76
C LEU MA 164 -91.91 83.61 63.13
N GLY MA 165 -91.69 82.37 63.57
CA GLY MA 165 -90.95 82.16 64.79
C GLY MA 165 -89.50 82.59 64.68
N LYS MA 166 -88.87 82.29 63.54
CA LYS MA 166 -87.43 82.52 63.37
C LYS MA 166 -87.11 84.01 63.29
N ALA MA 167 -88.08 84.82 62.88
CA ALA MA 167 -87.86 86.26 62.82
C ALA MA 167 -87.43 86.83 64.17
N ARG MA 168 -88.18 86.51 65.22
CA ARG MA 168 -87.86 87.04 66.54
C ARG MA 168 -86.56 86.44 67.06
N THR MA 169 -86.26 85.19 66.71
CA THR MA 169 -85.00 84.58 67.11
C THR MA 169 -83.83 85.35 66.52
N ALA MA 170 -83.92 85.75 65.25
CA ALA MA 170 -82.89 86.60 64.68
C ALA MA 170 -82.85 87.96 65.40
N GLN MA 171 -84.02 88.51 65.71
CA GLN MA 171 -84.06 89.83 66.34
C GLN MA 171 -83.44 89.81 67.72
N VAL MA 172 -83.41 88.65 68.38
CA VAL MA 172 -82.77 88.56 69.70
C VAL MA 172 -81.31 88.17 69.55
N GLN MA 173 -80.98 87.40 68.50
CA GLN MA 173 -79.59 87.03 68.27
C GLN MA 173 -78.74 88.25 67.92
N LYS MA 174 -79.34 89.27 67.30
CA LYS MA 174 -78.59 90.49 67.06
C LYS MA 174 -78.17 91.13 68.37
N ASP MA 175 -79.07 91.15 69.36
CA ASP MA 175 -78.72 91.62 70.69
C ASP MA 175 -77.66 90.73 71.35
N ALA MA 176 -77.79 89.41 71.17
CA ALA MA 176 -76.79 88.49 71.70
C ALA MA 176 -75.41 88.80 71.15
N ARG MA 177 -75.33 89.17 69.88
CA ARG MA 177 -74.03 89.50 69.28
C ARG MA 177 -73.56 90.89 69.71
N ILE MA 178 -74.49 91.84 69.86
CA ILE MA 178 -74.09 93.19 70.25
C ILE MA 178 -73.48 93.19 71.64
N GLY MA 179 -74.03 92.38 72.55
CA GLY MA 179 -73.44 92.28 73.88
C GLY MA 179 -72.03 91.73 73.85
N GLU MA 180 -71.81 90.67 73.05
CA GLU MA 180 -70.48 90.09 72.93
C GLU MA 180 -69.50 91.09 72.34
N ALA MA 181 -69.94 91.87 71.34
CA ALA MA 181 -69.07 92.88 70.76
C ALA MA 181 -68.70 93.95 71.78
N GLU MA 182 -69.67 94.42 72.56
CA GLU MA 182 -69.36 95.34 73.66
C GLU MA 182 -68.31 94.76 74.59
N ALA MA 183 -68.54 93.53 75.06
CA ALA MA 183 -67.62 92.93 76.02
C ALA MA 183 -66.22 92.76 75.45
N LYS MA 184 -66.13 92.28 74.20
CA LYS MA 184 -64.83 92.06 73.60
C LYS MA 184 -64.06 93.36 73.39
N ARG MA 185 -64.73 94.41 72.90
CA ARG MA 185 -64.03 95.69 72.72
C ARG MA 185 -63.58 96.25 74.06
N ASP MA 186 -64.44 96.19 75.07
CA ASP MA 186 -64.08 96.74 76.37
C ASP MA 186 -62.93 95.97 77.01
N ALA MA 187 -62.90 94.65 76.83
CA ALA MA 187 -61.77 93.88 77.36
C ALA MA 187 -60.49 94.19 76.62
N GLY MA 188 -60.53 94.16 75.29
CA GLY MA 188 -59.33 94.33 74.49
C GLY MA 188 -58.68 95.69 74.66
N ILE MA 189 -59.48 96.76 74.75
CA ILE MA 189 -58.91 98.10 74.86
C ILE MA 189 -57.95 98.19 76.06
N ARG MA 190 -58.42 97.85 77.26
CA ARG MA 190 -57.59 97.98 78.44
C ARG MA 190 -56.57 96.84 78.56
N GLU MA 191 -56.85 95.66 78.01
CA GLU MA 191 -55.81 94.64 77.98
C GLU MA 191 -54.61 95.11 77.18
N ALA MA 192 -54.85 95.66 75.98
CA ALA MA 192 -53.76 96.18 75.18
C ALA MA 192 -53.06 97.35 75.88
N LYS MA 193 -53.83 98.22 76.54
CA LYS MA 193 -53.18 99.33 77.23
C LYS MA 193 -52.27 98.85 78.36
N ALA MA 194 -52.73 97.89 79.17
CA ALA MA 194 -51.89 97.36 80.24
C ALA MA 194 -50.66 96.67 79.69
N LYS MA 195 -50.83 95.91 78.60
CA LYS MA 195 -49.70 95.33 77.89
C LYS MA 195 -48.69 96.41 77.53
N GLN MA 196 -49.17 97.54 77.02
CA GLN MA 196 -48.32 98.65 76.63
C GLN MA 196 -47.51 99.18 77.81
N GLU MA 197 -48.18 99.43 78.94
CA GLU MA 197 -47.44 99.95 80.09
C GLU MA 197 -46.39 98.95 80.58
N LYS MA 198 -46.72 97.66 80.62
CA LYS MA 198 -45.73 96.74 81.18
C LYS MA 198 -44.51 96.65 80.27
N VAL MA 199 -44.74 96.65 78.95
CA VAL MA 199 -43.59 96.60 78.03
C VAL MA 199 -42.76 97.88 78.14
N SER MA 200 -43.42 99.03 78.25
CA SER MA 200 -42.69 100.29 78.39
C SER MA 200 -41.81 100.29 79.64
N ALA MA 201 -42.36 99.83 80.76
CA ALA MA 201 -41.57 99.74 81.98
C ALA MA 201 -40.44 98.72 81.88
N GLN MA 202 -40.69 97.59 81.23
CA GLN MA 202 -39.64 96.59 81.07
C GLN MA 202 -38.47 97.15 80.26
N TYR MA 203 -38.77 97.88 79.18
CA TYR MA 203 -37.69 98.48 78.40
C TYR MA 203 -37.01 99.61 79.17
N LEU MA 204 -37.76 100.35 79.98
CA LEU MA 204 -37.12 101.37 80.82
C LEU MA 204 -36.12 100.73 81.77
N SER MA 205 -36.48 99.58 82.36
CA SER MA 205 -35.53 98.86 83.22
C SER MA 205 -34.34 98.35 82.41
N GLU MA 206 -34.59 97.85 81.21
CA GLU MA 206 -33.50 97.38 80.36
C GLU MA 206 -32.55 98.50 79.97
N ILE MA 207 -33.00 99.75 79.99
CA ILE MA 207 -32.08 100.88 79.80
C ILE MA 207 -31.03 100.90 80.89
N GLU MA 208 -31.46 100.83 82.16
CA GLU MA 208 -30.52 100.78 83.26
C GLU MA 208 -29.68 99.51 83.24
N MET MA 209 -30.25 98.42 82.72
CA MET MA 209 -29.45 97.21 82.48
C MET MA 209 -28.22 97.53 81.63
N ALA MA 210 -28.43 98.24 80.52
CA ALA MA 210 -27.31 98.59 79.65
C ALA MA 210 -26.40 99.63 80.30
N LYS MA 211 -26.96 100.53 81.11
CA LYS MA 211 -26.12 101.44 81.89
C LYS MA 211 -25.12 100.67 82.75
N ALA MA 212 -25.61 99.70 83.52
CA ALA MA 212 -24.72 98.90 84.36
C ALA MA 212 -23.77 98.06 83.53
N GLN MA 213 -24.24 97.52 82.40
CA GLN MA 213 -23.38 96.73 81.53
C GLN MA 213 -22.21 97.55 81.03
N ARG MA 214 -22.47 98.77 80.58
CA ARG MA 214 -21.39 99.67 80.21
C ARG MA 214 -20.46 99.95 81.38
N ASP MA 215 -21.04 100.32 82.52
CA ASP MA 215 -20.23 100.68 83.68
C ASP MA 215 -19.29 99.55 84.10
N TYR MA 216 -19.69 98.30 83.91
CA TYR MA 216 -18.83 97.17 84.23
C TYR MA 216 -17.85 96.84 83.12
N GLU MA 217 -18.33 96.74 81.88
CA GLU MA 217 -17.49 96.31 80.77
C GLU MA 217 -16.38 97.29 80.46
N LEU MA 218 -16.67 98.59 80.49
CA LEU MA 218 -15.64 99.58 80.17
C LEU MA 218 -14.49 99.52 81.17
N LYS MA 219 -14.80 99.43 82.46
CA LYS MA 219 -13.74 99.32 83.46
C LYS MA 219 -13.01 98.00 83.34
N LYS MA 220 -13.72 96.91 83.05
CA LYS MA 220 -13.03 95.63 82.89
C LYS MA 220 -12.02 95.70 81.75
N ALA MA 221 -12.42 96.28 80.62
CA ALA MA 221 -11.51 96.41 79.49
C ALA MA 221 -10.34 97.34 79.82
N ALA MA 222 -10.62 98.45 80.52
CA ALA MA 222 -9.54 99.37 80.88
C ALA MA 222 -8.51 98.70 81.78
N TYR MA 223 -8.97 97.87 82.71
CA TYR MA 223 -8.05 97.13 83.57
C TYR MA 223 -7.31 96.06 82.79
N ASP MA 224 -7.99 95.42 81.85
CA ASP MA 224 -7.35 94.41 81.01
C ASP MA 224 -6.22 95.01 80.19
N ILE MA 225 -6.38 96.26 79.74
CA ILE MA 225 -5.29 96.90 78.98
C ILE MA 225 -4.01 96.92 79.82
N GLU MA 226 -4.11 97.37 81.06
CA GLU MA 226 -2.94 97.47 81.92
C GLU MA 226 -2.35 96.10 82.22
N VAL MA 227 -3.21 95.12 82.52
CA VAL MA 227 -2.67 93.81 82.88
C VAL MA 227 -1.99 93.17 81.67
N ASN MA 228 -2.55 93.36 80.47
CA ASN MA 228 -1.91 92.82 79.28
C ASN MA 228 -0.58 93.50 79.00
N THR MA 229 -0.49 94.81 79.18
CA THR MA 229 0.79 95.49 78.97
C THR MA 229 1.85 94.96 79.94
N ARG MA 230 1.50 94.85 81.23
CA ARG MA 230 2.48 94.38 82.20
C ARG MA 230 2.87 92.93 81.95
N ARG MA 231 1.91 92.07 81.58
CA ARG MA 231 2.23 90.69 81.26
C ARG MA 231 3.14 90.60 80.04
N ALA MA 232 2.90 91.43 79.03
CA ALA MA 232 3.76 91.44 77.86
C ALA MA 232 5.18 91.83 78.22
N GLN MA 233 5.34 92.83 79.09
CA GLN MA 233 6.68 93.20 79.54
C GLN MA 233 7.34 92.04 80.31
N ALA MA 234 6.57 91.40 81.19
CA ALA MA 234 7.13 90.34 82.03
C ALA MA 234 7.57 89.15 81.21
N ASP MA 235 6.83 88.81 80.15
CA ASP MA 235 7.20 87.66 79.34
C ASP MA 235 8.57 87.84 78.70
N LEU MA 236 8.84 89.01 78.14
CA LEU MA 236 10.06 89.24 77.38
C LEU MA 236 11.21 89.78 78.21
N ALA MA 237 10.98 90.10 79.48
CA ALA MA 237 12.10 90.44 80.36
C ALA MA 237 13.14 89.30 80.40
N TYR MA 238 12.66 88.06 80.39
CA TYR MA 238 13.56 86.91 80.43
C TYR MA 238 14.48 86.88 79.21
N GLN MA 239 13.89 87.06 78.02
CA GLN MA 239 14.70 87.06 76.81
C GLN MA 239 15.67 88.24 76.79
N LEU MA 240 15.22 89.41 77.25
CA LEU MA 240 16.11 90.56 77.33
C LEU MA 240 17.32 90.26 78.19
N GLN MA 241 17.10 89.72 79.39
CA GLN MA 241 18.23 89.45 80.27
C GLN MA 241 19.13 88.33 79.74
N VAL MA 242 18.53 87.29 79.14
CA VAL MA 242 19.35 86.19 78.64
C VAL MA 242 20.22 86.67 77.48
N ALA MA 243 19.71 87.58 76.66
CA ALA MA 243 20.56 88.16 75.62
C ALA MA 243 21.65 89.03 76.23
N LYS MA 244 21.31 89.84 77.23
CA LYS MA 244 22.28 90.73 77.84
C LYS MA 244 23.44 89.95 78.45
N THR MA 245 23.15 88.78 79.03
CA THR MA 245 24.23 87.96 79.59
C THR MA 245 24.91 87.07 78.56
N LYS MA 246 24.19 86.66 77.51
CA LYS MA 246 24.83 85.97 76.40
C LYS MA 246 25.86 86.86 75.73
N GLN MA 247 25.72 88.18 75.85
CA GLN MA 247 26.77 89.08 75.40
C GLN MA 247 28.11 88.71 76.03
N GLN MA 248 28.15 88.60 77.37
CA GLN MA 248 29.39 88.24 78.04
C GLN MA 248 29.77 86.79 77.79
N ILE MA 249 28.78 85.92 77.67
CA ILE MA 249 29.06 84.52 77.36
C ILE MA 249 29.89 84.43 76.09
N GLU MA 250 29.45 85.12 75.03
CA GLU MA 250 30.18 85.13 73.77
C GLU MA 250 31.48 85.92 73.88
N GLU MA 251 31.49 86.99 74.66
CA GLU MA 251 32.72 87.77 74.83
C GLU MA 251 33.86 86.92 75.35
N GLN MA 252 33.57 85.97 76.26
CA GLN MA 252 34.60 85.08 76.74
C GLN MA 252 34.80 83.84 75.86
N ARG MA 253 33.73 83.32 75.27
CA ARG MA 253 33.84 82.17 74.39
C ARG MA 253 34.66 82.51 73.14
N VAL MA 254 34.82 83.81 72.85
CA VAL MA 254 35.74 84.20 71.79
C VAL MA 254 37.12 84.58 72.33
N GLN MA 255 37.20 85.03 73.58
CA GLN MA 255 38.49 85.30 74.21
C GLN MA 255 39.34 84.04 74.32
N VAL MA 256 38.70 82.88 74.48
CA VAL MA 256 39.49 81.64 74.46
C VAL MA 256 40.20 81.48 73.12
N GLN MA 257 39.57 81.89 72.01
CA GLN MA 257 40.25 81.86 70.72
C GLN MA 257 41.44 82.82 70.66
N VAL MA 258 41.31 84.00 71.27
CA VAL MA 258 42.44 84.92 71.33
C VAL MA 258 43.62 84.28 72.04
N VAL MA 259 43.34 83.60 73.16
CA VAL MA 259 44.40 82.91 73.88
C VAL MA 259 45.03 81.82 73.01
N GLU MA 260 44.19 81.03 72.33
CA GLU MA 260 44.68 80.01 71.42
C GLU MA 260 45.66 80.57 70.40
N ARG MA 261 45.28 81.65 69.72
CA ARG MA 261 46.16 82.19 68.69
C ARG MA 261 47.41 82.85 69.29
N ALA MA 262 47.26 83.55 70.41
CA ALA MA 262 48.38 84.21 71.07
C ALA MA 262 49.38 83.21 71.65
N GLN MA 263 49.01 81.93 71.75
CA GLN MA 263 50.01 80.92 72.06
C GLN MA 263 50.48 80.13 70.85
N GLN MA 264 49.64 80.00 69.81
CA GLN MA 264 50.14 79.45 68.55
C GLN MA 264 51.25 80.30 67.96
N VAL MA 265 51.24 81.61 68.24
CA VAL MA 265 52.34 82.43 67.77
C VAL MA 265 53.65 82.02 68.45
N ALA MA 266 53.60 81.64 69.74
CA ALA MA 266 54.80 81.14 70.39
C ALA MA 266 55.19 79.77 69.87
N VAL MA 267 54.20 78.94 69.54
CA VAL MA 267 54.48 77.66 68.88
C VAL MA 267 55.29 77.90 67.61
N GLN MA 268 54.86 78.86 66.78
CA GLN MA 268 55.61 79.17 65.57
C GLN MA 268 56.94 79.83 65.87
N GLU MA 269 57.04 80.56 66.98
CA GLU MA 269 58.31 81.15 67.39
C GLU MA 269 59.35 80.07 67.67
N GLN MA 270 58.92 78.95 68.25
CA GLN MA 270 59.83 77.83 68.39
C GLN MA 270 60.03 77.10 67.06
N GLU MA 271 58.98 77.06 66.23
CA GLU MA 271 59.06 76.36 64.96
C GLU MA 271 60.07 77.00 64.02
N ILE MA 272 60.26 78.32 64.10
CA ILE MA 272 61.21 78.97 63.19
C ILE MA 272 62.63 78.47 63.47
N ALA MA 273 63.00 78.36 64.75
CA ALA MA 273 64.33 77.84 65.08
C ALA MA 273 64.44 76.35 64.80
N ARG MA 274 63.34 75.62 65.01
CA ARG MA 274 63.36 74.20 64.66
C ARG MA 274 63.61 74.02 63.17
N ARG MA 275 62.96 74.83 62.34
CA ARG MA 275 63.19 74.79 60.90
C ARG MA 275 64.61 75.22 60.56
N GLU MA 276 65.13 76.26 61.22
CA GLU MA 276 66.53 76.61 61.09
C GLU MA 276 67.41 75.38 61.20
N LYS MA 277 67.35 74.71 62.36
CA LYS MA 277 68.25 73.59 62.63
C LYS MA 277 68.01 72.44 61.65
N GLU MA 278 66.75 72.05 61.46
CA GLU MA 278 66.45 70.89 60.62
C GLU MA 278 66.83 71.15 59.17
N LEU MA 279 66.52 72.33 58.65
CA LEU MA 279 66.88 72.67 57.28
C LEU MA 279 68.38 72.73 57.10
N GLU MA 280 69.10 73.29 58.08
CA GLU MA 280 70.56 73.26 58.00
C GLU MA 280 71.05 71.83 57.89
N ALA MA 281 70.60 70.95 58.81
CA ALA MA 281 71.06 69.58 58.82
C ALA MA 281 70.75 68.85 57.53
N ARG MA 282 69.55 69.06 56.96
CA ARG MA 282 69.13 68.30 55.80
C ARG MA 282 69.48 68.94 54.47
N VAL MA 283 70.04 70.15 54.46
CA VAL MA 283 70.38 70.79 53.19
C VAL MA 283 71.84 71.20 53.15
N ARG MA 284 72.28 72.00 54.12
CA ARG MA 284 73.60 72.63 54.02
C ARG MA 284 74.71 71.61 54.16
N LYS MA 285 74.63 70.74 55.17
CA LYS MA 285 75.65 69.70 55.34
C LYS MA 285 75.68 68.72 54.18
N PRO MA 286 74.56 68.20 53.68
CA PRO MA 286 74.64 67.35 52.47
C PRO MA 286 75.24 68.08 51.27
N ALA MA 287 74.96 69.38 51.12
CA ALA MA 287 75.57 70.13 50.03
C ALA MA 287 77.08 70.22 50.20
N GLU MA 288 77.57 70.49 51.41
CA GLU MA 288 79.01 70.52 51.65
C GLU MA 288 79.64 69.16 51.37
N ALA MA 289 79.00 68.08 51.83
CA ALA MA 289 79.54 66.75 51.59
C ALA MA 289 79.58 66.41 50.10
N GLU MA 290 78.52 66.78 49.37
CA GLU MA 290 78.51 66.53 47.93
C GLU MA 290 79.57 67.36 47.21
N ARG MA 291 79.79 68.60 47.65
CA ARG MA 291 80.84 69.41 47.05
C ARG MA 291 82.21 68.78 47.29
N TYR MA 292 82.46 68.29 48.49
CA TYR MA 292 83.74 67.64 48.76
C TYR MA 292 83.90 66.37 47.93
N LYS MA 293 82.82 65.59 47.80
CA LYS MA 293 82.87 64.38 46.99
C LYS MA 293 83.19 64.71 45.54
N LEU MA 294 82.52 65.72 44.99
CA LEU MA 294 82.79 66.13 43.62
C LEU MA 294 84.21 66.63 43.44
N GLU MA 295 84.70 67.42 44.40
CA GLU MA 295 86.08 67.88 44.35
C GLU MA 295 87.06 66.72 44.29
N ARG MA 296 86.89 65.74 45.18
CA ARG MA 296 87.84 64.63 45.23
C ARG MA 296 87.75 63.74 43.99
N LEU MA 297 86.53 63.45 43.53
CA LEU MA 297 86.39 62.62 42.33
C LEU MA 297 86.95 63.34 41.10
N ALA MA 298 86.73 64.65 40.99
CA ALA MA 298 87.30 65.40 39.88
C ALA MA 298 88.82 65.42 39.94
N GLU MA 299 89.39 65.57 41.14
CA GLU MA 299 90.84 65.53 41.27
C GLU MA 299 91.38 64.17 40.86
N ALA MA 300 90.71 63.10 41.25
CA ALA MA 300 91.12 61.76 40.83
C ALA MA 300 91.04 61.60 39.32
N GLU MA 301 89.96 62.10 38.71
CA GLU MA 301 89.81 61.98 37.26
C GLU MA 301 90.91 62.75 36.53
N LYS MA 302 91.24 63.96 37.01
CA LYS MA 302 92.34 64.70 36.41
C LYS MA 302 93.65 63.95 36.57
N SER MA 303 93.91 63.40 37.76
CA SER MA 303 95.15 62.68 37.99
C SER MA 303 95.26 61.46 37.08
N GLN MA 304 94.14 60.80 36.81
CA GLN MA 304 94.17 59.64 35.92
C GLN MA 304 94.36 60.08 34.47
N LEU MA 305 93.63 61.11 34.04
CA LEU MA 305 93.67 61.52 32.64
C LEU MA 305 95.04 62.08 32.26
N ILE MA 306 95.65 62.87 33.15
CA ILE MA 306 96.95 63.46 32.83
C ILE MA 306 97.99 62.39 32.55
N MET MA 307 98.04 61.34 33.37
CA MET MA 307 99.07 60.33 33.22
C MET MA 307 98.71 59.29 32.18
N GLN MA 308 97.43 59.03 31.93
CA GLN MA 308 97.06 58.25 30.75
C GLN MA 308 97.47 58.96 29.47
N ALA MA 309 97.28 60.28 29.43
CA ALA MA 309 97.74 61.07 28.28
C ALA MA 309 99.25 61.01 28.14
N GLU MA 310 99.97 61.10 29.27
CA GLU MA 310 101.42 60.99 29.22
C GLU MA 310 101.86 59.64 28.69
N ALA MA 311 101.19 58.57 29.12
CA ALA MA 311 101.51 57.23 28.61
C ALA MA 311 101.25 57.13 27.13
N GLU MA 312 100.13 57.67 26.65
CA GLU MA 312 99.83 57.63 25.22
C GLU MA 312 100.86 58.42 24.43
N ALA MA 313 101.26 59.59 24.93
CA ALA MA 313 102.26 60.40 24.24
C ALA MA 313 103.59 59.67 24.17
N ALA MA 314 104.01 59.04 25.26
CA ALA MA 314 105.26 58.28 25.24
C ALA MA 314 105.17 57.11 24.27
N SER MA 315 104.02 56.43 24.24
CA SER MA 315 103.83 55.34 23.28
C SER MA 315 103.99 55.84 21.85
N VAL MA 316 103.32 56.94 21.51
CA VAL MA 316 103.40 57.49 20.16
C VAL MA 316 104.82 57.88 19.83
N ARG MA 317 105.49 58.58 20.75
CA ARG MA 317 106.87 59.01 20.53
C ARG MA 317 107.77 57.82 20.24
N MET MA 318 107.73 56.79 21.10
CA MET MA 318 108.64 55.66 20.94
C MET MA 318 108.34 54.85 19.68
N ARG MA 319 107.07 54.57 19.41
CA ARG MA 319 106.74 53.80 18.21
C ARG MA 319 107.13 54.56 16.94
N GLY MA 320 106.86 55.87 16.91
CA GLY MA 320 107.25 56.66 15.75
C GLY MA 320 108.75 56.72 15.56
N GLU MA 321 109.50 56.89 16.65
CA GLU MA 321 110.96 56.91 16.55
C GLU MA 321 111.48 55.57 16.04
N ALA MA 322 110.93 54.46 16.53
CA ALA MA 322 111.36 53.15 16.07
C ALA MA 322 111.08 52.97 14.58
N GLU MA 323 109.88 53.36 14.13
CA GLU MA 323 109.55 53.14 12.73
C GLU MA 323 110.36 54.05 11.83
N ALA MA 324 110.67 55.28 12.30
CA ALA MA 324 111.53 56.16 11.53
C ALA MA 324 112.94 55.61 11.41
N PHE MA 325 113.46 55.03 12.50
CA PHE MA 325 114.78 54.40 12.41
C PHE MA 325 114.76 53.22 11.45
N ALA MA 326 113.66 52.47 11.44
CA ALA MA 326 113.52 51.37 10.49
C ALA MA 326 113.48 51.89 9.05
N ILE MA 327 112.79 53.01 8.81
CA ILE MA 327 112.77 53.62 7.49
C ILE MA 327 114.17 54.01 7.07
N GLY MA 328 114.93 54.63 7.98
CA GLY MA 328 116.31 54.95 7.68
C GLY MA 328 117.16 53.73 7.39
N ALA MA 329 116.89 52.62 8.08
CA ALA MA 329 117.62 51.39 7.83
C ALA MA 329 117.39 50.89 6.42
N ARG MA 330 116.12 50.75 6.01
CA ARG MA 330 115.89 50.39 4.61
C ARG MA 330 116.43 51.43 3.65
N ALA MA 331 116.46 52.71 4.05
CA ALA MA 331 117.00 53.73 3.17
C ALA MA 331 118.47 53.48 2.87
N ARG MA 332 119.26 53.29 3.92
CA ARG MA 332 120.68 53.00 3.74
C ARG MA 332 120.90 51.71 2.96
N ALA MA 333 120.12 50.67 3.28
CA ALA MA 333 120.25 49.40 2.56
C ALA MA 333 119.95 49.58 1.08
N GLU MA 334 118.88 50.30 0.75
CA GLU MA 334 118.48 50.47 -0.64
C GLU MA 334 119.47 51.34 -1.39
N ALA MA 335 120.07 52.33 -0.73
CA ALA MA 335 121.07 53.16 -1.39
C ALA MA 335 122.31 52.34 -1.73
N GLU MA 336 122.84 51.61 -0.73
CA GLU MA 336 123.99 50.76 -1.00
C GLU MA 336 123.64 49.67 -2.00
N GLN MA 337 122.36 49.31 -2.09
CA GLN MA 337 121.90 48.33 -3.07
C GLN MA 337 121.92 48.89 -4.47
N MET MA 338 121.41 50.11 -4.65
CA MET MA 338 121.27 50.69 -5.98
C MET MA 338 122.60 51.16 -6.52
N ALA MA 339 123.56 51.48 -5.64
CA ALA MA 339 124.88 51.83 -6.14
C ALA MA 339 125.47 50.70 -6.99
N LYS MA 340 125.34 49.46 -6.53
CA LYS MA 340 125.86 48.35 -7.31
C LYS MA 340 125.01 48.08 -8.55
N LYS MA 341 123.70 48.34 -8.50
CA LYS MA 341 122.91 48.26 -9.72
C LYS MA 341 123.47 49.19 -10.79
N ALA MA 342 123.76 50.44 -10.42
CA ALA MA 342 124.34 51.37 -11.38
C ALA MA 342 125.70 50.89 -11.87
N GLU MA 343 126.54 50.39 -10.95
CA GLU MA 343 127.85 49.91 -11.33
C GLU MA 343 127.75 48.76 -12.34
N ALA MA 344 126.84 47.82 -12.09
CA ALA MA 344 126.65 46.70 -13.01
C ALA MA 344 126.11 47.17 -14.35
N PHE MA 345 125.12 48.06 -14.34
CA PHE MA 345 124.55 48.58 -15.57
C PHE MA 345 125.59 49.29 -16.43
N GLN MA 346 126.62 49.86 -15.81
CA GLN MA 346 127.64 50.56 -16.59
C GLN MA 346 128.29 49.64 -17.62
N LEU MA 347 128.44 48.36 -17.32
CA LEU MA 347 129.08 47.40 -18.21
C LEU MA 347 128.07 46.67 -19.08
N TYR MA 348 127.22 47.41 -19.80
CA TYR MA 348 126.23 46.85 -20.71
C TYR MA 348 126.51 47.33 -22.12
N GLN MA 349 126.64 46.39 -23.05
CA GLN MA 349 126.84 46.67 -24.46
C GLN MA 349 125.52 46.57 -25.19
N GLU MA 350 125.58 46.58 -26.52
CA GLU MA 350 124.37 46.52 -27.33
C GLU MA 350 123.62 45.20 -27.16
N ALA MA 351 124.34 44.11 -26.93
CA ALA MA 351 123.68 42.82 -26.73
C ALA MA 351 122.79 42.84 -25.50
N ALA MA 352 123.28 43.43 -24.41
CA ALA MA 352 122.50 43.47 -23.18
C ALA MA 352 121.27 44.36 -23.32
N GLN MA 353 121.42 45.51 -23.97
CA GLN MA 353 120.26 46.37 -24.20
C GLN MA 353 119.24 45.70 -25.11
N LEU MA 354 119.71 44.97 -26.12
CA LEU MA 354 118.81 44.19 -26.96
C LEU MA 354 118.08 43.13 -26.16
N ASP MA 355 118.78 42.46 -25.25
CA ASP MA 355 118.13 41.47 -24.39
C ASP MA 355 117.06 42.11 -23.52
N MET MA 356 117.36 43.27 -22.94
CA MET MA 356 116.38 43.95 -22.11
C MET MA 356 115.16 44.36 -22.92
N LEU MA 357 115.38 44.91 -24.12
CA LEU MA 357 114.26 45.33 -24.96
C LEU MA 357 113.40 44.14 -25.36
N LEU MA 358 114.02 43.03 -25.73
CA LEU MA 358 113.26 41.85 -26.14
C LEU MA 358 112.67 41.10 -24.96
N GLU MA 359 113.13 41.35 -23.75
CA GLU MA 359 112.46 40.82 -22.57
C GLU MA 359 111.28 41.68 -22.16
N LYS MA 360 111.33 42.98 -22.42
CA LYS MA 360 110.25 43.87 -22.05
C LYS MA 360 109.14 43.97 -23.09
N LEU MA 361 109.45 43.72 -24.36
CA LEU MA 361 108.42 43.78 -25.40
C LEU MA 361 107.24 42.85 -25.14
N PRO MA 362 107.45 41.57 -24.80
CA PRO MA 362 106.27 40.71 -24.55
C PRO MA 362 105.38 41.19 -23.44
N GLN MA 363 105.94 41.81 -22.39
CA GLN MA 363 105.10 42.29 -21.30
C GLN MA 363 104.22 43.45 -21.74
N VAL MA 364 104.78 44.38 -22.52
CA VAL MA 364 103.96 45.47 -23.06
C VAL MA 364 102.90 44.93 -23.99
N ALA MA 365 103.26 43.93 -24.80
CA ALA MA 365 102.28 43.31 -25.70
C ALA MA 365 101.15 42.67 -24.90
N GLU MA 366 101.48 41.98 -23.81
CA GLU MA 366 100.43 41.45 -22.94
C GLU MA 366 99.55 42.55 -22.37
N GLU MA 367 100.16 43.61 -21.85
CA GLU MA 367 99.36 44.65 -21.23
C GLU MA 367 98.51 45.41 -22.25
N ILE MA 368 98.84 45.35 -23.53
CA ILE MA 368 98.04 46.07 -24.52
C ILE MA 368 97.03 45.14 -25.17
N SER MA 369 97.30 43.84 -25.17
CA SER MA 369 96.41 42.87 -25.81
C SER MA 369 95.52 42.12 -24.83
N GLY MA 370 95.67 42.34 -23.53
CA GLY MA 370 94.81 41.75 -22.55
C GLY MA 370 93.42 42.33 -22.57
N PRO MA 371 93.32 43.66 -22.42
CA PRO MA 371 92.01 44.30 -22.54
C PRO MA 371 91.36 44.10 -23.90
N LEU MA 372 92.15 44.06 -24.98
CA LEU MA 372 91.56 43.96 -26.31
C LEU MA 372 90.89 42.61 -26.54
N THR MA 373 91.45 41.53 -25.96
CA THR MA 373 90.88 40.21 -26.15
C THR MA 373 89.65 39.96 -25.29
N SER MA 374 89.09 40.99 -24.67
CA SER MA 374 87.83 40.87 -23.96
C SER MA 374 86.62 41.09 -24.84
N ALA MA 375 86.83 41.42 -26.12
CA ALA MA 375 85.71 41.61 -27.03
C ALA MA 375 84.96 40.29 -27.23
N ASN MA 376 83.62 40.38 -27.27
CA ASN MA 376 82.81 39.18 -27.39
C ASN MA 376 82.96 38.55 -28.78
N LYS MA 377 82.83 39.35 -29.83
CA LYS MA 377 82.97 38.86 -31.19
C LYS MA 377 83.61 39.91 -32.07
N ILE MA 378 84.32 39.46 -33.09
CA ILE MA 378 84.97 40.33 -34.06
C ILE MA 378 84.61 39.82 -35.45
N THR MA 379 84.10 40.71 -36.30
CA THR MA 379 83.67 40.37 -37.64
C THR MA 379 84.60 41.03 -38.64
N LEU MA 380 85.12 40.23 -39.58
CA LEU MA 380 86.07 40.67 -40.59
C LEU MA 380 85.44 40.53 -41.96
N VAL MA 381 85.51 41.58 -42.77
CA VAL MA 381 84.91 41.59 -44.10
C VAL MA 381 85.89 42.24 -45.06
N SER MA 382 86.06 41.62 -46.23
CA SER MA 382 86.95 42.13 -47.27
C SER MA 382 86.18 42.35 -48.55
N SER MA 383 86.78 43.14 -49.45
CA SER MA 383 86.18 43.44 -50.74
C SER MA 383 87.26 43.98 -51.67
N GLY MA 384 87.16 43.63 -52.94
CA GLY MA 384 88.15 44.09 -53.88
C GLY MA 384 89.50 43.48 -53.60
N SER MA 385 90.56 44.23 -53.91
CA SER MA 385 91.93 43.79 -53.70
C SER MA 385 92.41 44.03 -52.28
N GLY MA 386 91.50 44.27 -51.34
CA GLY MA 386 91.87 44.54 -49.98
C GLY MA 386 92.15 43.27 -49.19
N THR MA 387 92.56 43.48 -47.94
CA THR MA 387 92.87 42.41 -47.01
C THR MA 387 91.61 41.99 -46.24
N MET MA 388 91.72 40.85 -45.57
CA MET MA 388 90.60 40.30 -44.80
C MET MA 388 90.33 41.08 -43.53
N GLY MA 389 91.37 41.50 -42.80
CA GLY MA 389 91.22 42.30 -41.61
C GLY MA 389 92.02 41.86 -40.41
N ALA MA 390 92.61 40.65 -40.42
CA ALA MA 390 93.42 40.22 -39.29
C ALA MA 390 94.68 41.07 -39.18
N ALA MA 391 95.27 41.40 -40.33
CA ALA MA 391 96.38 42.33 -40.35
C ALA MA 391 96.00 43.68 -39.75
N LYS MA 392 94.75 44.09 -39.87
CA LYS MA 392 94.32 45.34 -39.25
C LYS MA 392 94.42 45.27 -37.74
N VAL MA 393 93.96 44.17 -37.14
CA VAL MA 393 94.01 44.03 -35.68
C VAL MA 393 95.46 43.95 -35.21
N THR MA 394 96.26 43.12 -35.89
CA THR MA 394 97.66 43.01 -35.49
C THR MA 394 98.39 44.33 -35.66
N GLY MA 395 98.08 45.08 -36.73
CA GLY MA 395 98.67 46.38 -36.93
C GLY MA 395 98.24 47.39 -35.89
N GLU MA 396 96.99 47.32 -35.44
CA GLU MA 396 96.54 48.21 -34.37
C GLU MA 396 97.32 47.94 -33.09
N VAL MA 397 97.45 46.66 -32.72
CA VAL MA 397 98.20 46.33 -31.50
C VAL MA 397 99.65 46.76 -31.63
N LEU MA 398 100.28 46.45 -32.77
CA LEU MA 398 101.69 46.80 -32.96
C LEU MA 398 101.90 48.30 -33.02
N ASP MA 399 100.95 49.02 -33.63
CA ASP MA 399 101.06 50.48 -33.70
C ASP MA 399 100.95 51.11 -32.33
N ILE MA 400 100.05 50.61 -31.49
CA ILE MA 400 100.00 51.11 -30.11
C ILE MA 400 101.31 50.78 -29.39
N LEU MA 401 101.80 49.56 -29.55
CA LEU MA 401 103.02 49.15 -28.86
C LEU MA 401 104.24 49.94 -29.32
N THR MA 402 104.22 50.44 -30.55
CA THR MA 402 105.35 51.22 -31.06
C THR MA 402 105.19 52.70 -30.86
N ARG MA 403 103.96 53.19 -30.70
CA ARG MA 403 103.75 54.62 -30.45
C ARG MA 403 103.84 54.94 -28.97
N LEU MA 404 103.62 53.96 -28.09
CA LEU MA 404 103.79 54.22 -26.67
C LEU MA 404 105.20 54.65 -26.31
N PRO MA 405 106.28 54.01 -26.78
CA PRO MA 405 107.62 54.52 -26.48
C PRO MA 405 107.86 55.93 -26.99
N GLU MA 406 107.26 56.31 -28.13
CA GLU MA 406 107.43 57.67 -28.61
C GLU MA 406 106.66 58.67 -27.75
N SER MA 407 105.47 58.28 -27.28
CA SER MA 407 104.74 59.15 -26.38
C SER MA 407 105.51 59.38 -25.08
N VAL MA 408 106.11 58.30 -24.55
CA VAL MA 408 106.97 58.45 -23.37
C VAL MA 408 108.21 59.26 -23.70
N GLU MA 409 108.74 59.11 -24.92
CA GLU MA 409 109.86 59.91 -25.39
C GLU MA 409 109.54 61.40 -25.31
N ARG MA 410 108.31 61.77 -25.68
CA ARG MA 410 107.93 63.18 -25.70
C ARG MA 410 108.10 63.83 -24.34
N LEU MA 411 107.88 63.07 -23.26
CA LEU MA 411 108.04 63.64 -21.93
C LEU MA 411 109.44 63.44 -21.38
N THR MA 412 109.92 62.19 -21.35
CA THR MA 412 111.18 61.90 -20.71
C THR MA 412 112.36 62.50 -21.48
N GLY MA 413 112.40 62.29 -22.79
CA GLY MA 413 113.50 62.77 -23.59
C GLY MA 413 114.71 61.86 -23.64
N VAL MA 414 114.57 60.60 -23.24
CA VAL MA 414 115.66 59.63 -23.26
C VAL MA 414 115.28 58.48 -24.18
N SER MA 415 116.21 58.12 -25.07
CA SER MA 415 115.93 57.15 -26.11
C SER MA 415 115.65 55.77 -25.52
N ILE MA 416 114.86 54.99 -26.26
CA ILE MA 416 114.51 53.64 -25.85
C ILE MA 416 115.08 52.58 -26.79
N SER MA 417 115.34 52.93 -28.05
CA SER MA 417 115.92 52.00 -29.01
C SER MA 417 117.32 52.47 -29.40
N GLN MA 418 118.26 51.52 -29.43
CA GLN MA 418 119.64 51.88 -29.74
C GLN MA 418 119.83 52.19 -31.21
N VAL MA 419 119.01 51.62 -32.08
CA VAL MA 419 119.12 51.87 -33.51
C VAL MA 419 117.76 52.26 -34.08
N MET NA 1 -127.74 46.30 101.40
CA MET NA 1 -127.62 45.52 102.63
C MET NA 1 -126.94 46.36 103.70
N GLY NA 2 -125.79 46.96 103.34
CA GLY NA 2 -125.04 47.78 104.26
C GLY NA 2 -125.83 48.98 104.78
N ASN NA 3 -125.76 49.22 106.09
CA ASN NA 3 -126.54 50.28 106.72
C ASN NA 3 -125.63 51.14 107.58
N CYS NA 4 -125.95 52.43 107.65
CA CYS NA 4 -125.32 53.38 108.58
C CYS NA 4 -123.80 53.44 108.35
N HIS NA 5 -123.43 53.95 107.18
CA HIS NA 5 -122.05 54.12 106.80
C HIS NA 5 -121.58 55.55 106.99
N THR NA 6 -120.33 55.70 107.39
CA THR NA 6 -119.68 56.99 107.55
C THR NA 6 -118.31 56.95 106.87
N VAL NA 7 -117.85 58.12 106.43
CA VAL NA 7 -116.60 58.24 105.69
C VAL NA 7 -115.75 59.31 106.35
N GLY NA 8 -114.43 59.19 106.18
CA GLY NA 8 -113.51 60.15 106.73
C GLY NA 8 -113.50 61.45 105.95
N PRO NA 9 -112.82 62.47 106.49
CA PRO NA 9 -112.82 63.78 105.83
C PRO NA 9 -112.13 63.80 104.47
N ASN NA 10 -111.32 62.79 104.14
CA ASN NA 10 -110.65 62.78 102.85
C ASN NA 10 -111.61 62.53 101.69
N GLU NA 11 -112.67 61.76 101.91
CA GLU NA 11 -113.60 61.40 100.85
C GLU NA 11 -115.00 61.84 101.22
N ALA NA 12 -115.77 62.21 100.20
CA ALA NA 12 -117.14 62.67 100.37
C ALA NA 12 -118.10 61.54 100.05
N LEU NA 13 -119.01 61.25 100.98
CA LEU NA 13 -120.03 60.24 100.77
C LEU NA 13 -121.23 60.86 100.06
N VAL NA 14 -121.67 60.23 98.97
CA VAL NA 14 -122.80 60.70 98.20
C VAL NA 14 -123.89 59.63 98.25
N VAL NA 15 -125.11 60.06 98.59
CA VAL NA 15 -126.28 59.19 98.60
C VAL NA 15 -127.43 59.91 97.93
N SER NA 16 -128.26 59.17 97.20
CA SER NA 16 -129.43 59.73 96.55
C SER NA 16 -130.52 58.67 96.48
N GLY NA 17 -131.73 59.05 96.87
CA GLY NA 17 -132.86 58.13 96.84
C GLY NA 17 -134.18 58.80 97.15
N GLY NA 18 -135.21 58.46 96.38
CA GLY NA 18 -136.52 59.06 96.56
C GLY NA 18 -137.39 58.32 97.56
N CYS NA 19 -137.44 58.80 98.80
CA CYS NA 19 -138.19 58.11 99.85
C CYS NA 19 -139.66 58.01 99.49
N CYS NA 20 -140.24 59.09 98.98
CA CYS NA 20 -141.61 59.10 98.47
C CYS NA 20 -141.66 59.37 96.98
N GLY NA 21 -140.55 59.15 96.27
CA GLY NA 21 -140.45 59.47 94.86
C GLY NA 21 -139.88 60.84 94.55
N SER NA 22 -139.75 61.71 95.55
CA SER NA 22 -139.18 63.02 95.36
C SER NA 22 -137.65 62.95 95.41
N ASP NA 23 -137.02 63.84 94.66
CA ASP NA 23 -135.57 63.83 94.50
C ASP NA 23 -134.92 64.34 95.78
N TYR NA 24 -134.31 63.43 96.54
CA TYR NA 24 -133.56 63.77 97.75
C TYR NA 24 -132.15 63.22 97.62
N LYS NA 25 -131.20 64.10 97.29
CA LYS NA 25 -129.80 63.74 97.17
C LYS NA 25 -129.02 64.38 98.31
N GLN NA 26 -128.25 63.56 99.04
CA GLN NA 26 -127.44 64.04 100.15
C GLN NA 26 -125.98 63.76 99.84
N TYR NA 27 -125.16 64.81 99.87
CA TYR NA 27 -123.72 64.71 99.67
C TYR NA 27 -123.04 65.30 100.89
N VAL NA 28 -122.34 64.46 101.65
CA VAL NA 28 -121.69 64.86 102.88
C VAL NA 28 -120.27 64.34 102.88
N PHE NA 29 -119.30 65.20 103.22
CA PHE NA 29 -117.90 64.83 103.29
C PHE NA 29 -117.50 64.68 104.75
N GLY NA 30 -116.94 63.52 105.09
CA GLY NA 30 -116.46 63.29 106.45
C GLY NA 30 -117.52 63.42 107.52
N GLY NA 31 -118.71 62.90 107.27
CA GLY NA 31 -119.80 63.03 108.23
C GLY NA 31 -120.53 61.74 108.53
N TRP NA 32 -121.85 61.84 108.68
CA TRP NA 32 -122.68 60.69 109.03
C TRP NA 32 -123.79 60.53 108.01
N ALA NA 33 -124.18 59.28 107.78
CA ALA NA 33 -125.29 58.98 106.86
C ALA NA 33 -125.77 57.57 107.14
N TRP NA 34 -126.98 57.27 106.64
CA TRP NA 34 -127.52 55.93 106.69
C TRP NA 34 -128.20 55.61 105.36
N ALA NA 35 -128.09 54.35 104.94
CA ALA NA 35 -128.72 53.87 103.72
C ALA NA 35 -129.16 52.43 103.93
N TRP NA 36 -130.36 52.11 103.47
CA TRP NA 36 -130.93 50.78 103.66
C TRP NA 36 -130.60 49.89 102.47
N TRP NA 37 -131.32 48.75 102.37
CA TRP NA 37 -131.05 47.77 101.32
C TRP NA 37 -131.16 48.40 99.94
N CYS NA 38 -132.26 49.11 99.66
CA CYS NA 38 -132.41 49.80 98.38
C CYS NA 38 -133.05 51.18 98.51
N ILE NA 39 -132.70 51.95 99.53
CA ILE NA 39 -133.26 53.30 99.62
C ILE NA 39 -132.45 54.29 98.80
N SER NA 40 -131.13 54.11 98.72
CA SER NA 40 -130.27 55.07 98.04
C SER NA 40 -129.06 54.33 97.51
N ASP NA 41 -128.03 55.08 97.12
CA ASP NA 41 -126.78 54.54 96.62
C ASP NA 41 -125.63 55.01 97.50
N THR NA 42 -124.72 54.08 97.81
CA THR NA 42 -123.56 54.37 98.66
C THR NA 42 -122.32 54.48 97.79
N GLN NA 43 -121.87 55.71 97.57
CA GLN NA 43 -120.65 55.95 96.79
C GLN NA 43 -119.84 57.03 97.47
N ARG NA 44 -118.54 57.02 97.20
CA ARG NA 44 -117.61 57.99 97.77
C ARG NA 44 -116.81 58.63 96.65
N ILE NA 45 -116.40 59.88 96.88
CA ILE NA 45 -115.58 60.63 95.94
C ILE NA 45 -114.26 60.93 96.63
N SER NA 46 -113.15 60.50 96.02
CA SER NA 46 -111.83 60.77 96.58
C SER NA 46 -111.45 62.22 96.34
N LEU NA 47 -111.43 63.02 97.40
CA LEU NA 47 -111.11 64.44 97.31
C LEU NA 47 -109.62 64.71 97.44
N GLU NA 48 -108.78 63.73 97.17
CA GLU NA 48 -107.33 63.90 97.27
C GLU NA 48 -106.83 64.74 96.10
N ILE NA 49 -105.65 65.34 96.29
CA ILE NA 49 -105.04 66.12 95.22
C ILE NA 49 -104.65 65.19 94.08
N MET NA 50 -104.90 65.63 92.86
CA MET NA 50 -104.50 64.92 91.66
C MET NA 50 -103.24 65.57 91.11
N THR NA 51 -102.23 64.74 90.81
CA THR NA 51 -100.99 65.24 90.26
C THR NA 51 -101.16 65.60 88.78
N LEU NA 52 -100.56 66.72 88.38
CA LEU NA 52 -100.62 67.19 87.01
C LEU NA 52 -99.22 67.39 86.47
N GLN NA 53 -98.98 66.92 85.24
CA GLN NA 53 -97.72 67.14 84.52
C GLN NA 53 -98.04 67.68 83.13
N PRO NA 54 -98.58 68.90 83.03
CA PRO NA 54 -98.84 69.46 81.69
C PRO NA 54 -97.55 69.71 80.93
N ARG NA 55 -97.41 69.06 79.78
CA ARG NA 55 -96.24 69.18 78.94
C ARG NA 55 -96.67 69.43 77.51
N CYS NA 56 -96.51 70.68 77.05
CA CYS NA 56 -96.88 71.08 75.70
C CYS NA 56 -95.64 71.05 74.82
N GLU NA 57 -95.75 70.42 73.66
CA GLU NA 57 -94.65 70.26 72.74
C GLU NA 57 -94.87 71.11 71.49
N ASP NA 58 -93.85 71.87 71.12
CA ASP NA 58 -93.87 72.71 69.92
C ASP NA 58 -95.02 73.72 69.96
N VAL NA 59 -95.03 74.52 71.02
CA VAL NA 59 -96.03 75.56 71.19
C VAL NA 59 -95.35 76.92 71.10
N GLU NA 60 -96.04 77.90 70.53
CA GLU NA 60 -95.45 79.18 70.18
C GLU NA 60 -96.22 80.32 70.84
N THR NA 61 -95.49 81.36 71.22
CA THR NA 61 -96.04 82.53 71.88
C THR NA 61 -96.51 83.55 70.84
N ALA NA 62 -96.79 84.77 71.29
CA ALA NA 62 -97.31 85.80 70.40
C ALA NA 62 -96.31 86.12 69.29
N GLU NA 63 -95.03 86.27 69.64
CA GLU NA 63 -94.01 86.53 68.62
C GLU NA 63 -93.68 85.28 67.82
N GLY NA 64 -94.11 84.10 68.27
CA GLY NA 64 -93.98 82.90 67.49
C GLY NA 64 -92.81 82.00 67.83
N VAL NA 65 -91.98 82.36 68.81
CA VAL NA 65 -90.85 81.52 69.17
C VAL NA 65 -91.36 80.22 69.74
N ALA NA 66 -90.90 79.10 69.17
CA ALA NA 66 -91.38 77.79 69.57
C ALA NA 66 -90.71 77.36 70.88
N LEU NA 67 -91.53 76.86 71.81
CA LEU NA 67 -91.04 76.37 73.09
C LEU NA 67 -91.74 75.06 73.41
N THR NA 68 -91.08 74.25 74.24
CA THR NA 68 -91.65 73.01 74.76
C THR NA 68 -91.75 73.16 76.27
N VAL NA 69 -92.86 73.74 76.72
CA VAL NA 69 -93.03 74.17 78.11
C VAL NA 69 -93.75 73.07 78.88
N THR NA 70 -93.16 72.66 80.00
CA THR NA 70 -93.77 71.69 80.91
C THR NA 70 -94.20 72.42 82.17
N GLY NA 71 -95.39 72.05 82.69
CA GLY NA 71 -95.96 72.73 83.82
C GLY NA 71 -96.32 71.77 84.96
N VAL NA 72 -96.72 72.37 86.09
CA VAL NA 72 -97.27 71.64 87.22
C VAL NA 72 -98.45 72.44 87.76
N ALA NA 73 -99.56 71.76 88.03
CA ALA NA 73 -100.75 72.39 88.57
C ALA NA 73 -101.31 71.53 89.70
N GLN NA 74 -101.87 72.21 90.71
CA GLN NA 74 -102.47 71.54 91.86
C GLN NA 74 -103.98 71.60 91.73
N VAL NA 75 -104.61 70.43 91.67
CA VAL NA 75 -106.04 70.31 91.42
C VAL NA 75 -106.65 69.39 92.46
N LYS NA 76 -107.84 69.78 92.94
CA LYS NA 76 -108.57 69.00 93.93
C LYS NA 76 -110.06 69.28 93.77
N ILE NA 77 -110.88 68.27 93.97
CA ILE NA 77 -112.34 68.46 93.94
C ILE NA 77 -112.76 69.32 95.12
N MET NA 78 -113.59 70.33 94.83
CA MET NA 78 -113.96 71.31 95.84
C MET NA 78 -114.98 70.72 96.81
N THR NA 79 -115.35 71.52 97.82
CA THR NA 79 -116.27 71.10 98.87
C THR NA 79 -117.38 72.12 99.09
N GLU NA 80 -117.72 72.88 98.06
CA GLU NA 80 -118.81 73.86 98.14
C GLU NA 80 -120.15 73.14 98.25
N LYS NA 81 -121.23 73.93 98.30
CA LYS NA 81 -122.57 73.38 98.44
C LYS NA 81 -123.24 73.09 97.10
N GLU NA 82 -123.44 74.12 96.28
CA GLU NA 82 -124.10 73.92 95.00
C GLU NA 82 -123.17 73.31 93.95
N LEU NA 83 -121.87 73.58 94.04
CA LEU NA 83 -120.92 73.00 93.08
C LEU NA 83 -120.77 71.50 93.29
N LEU NA 84 -120.94 71.01 94.51
CA LEU NA 84 -120.85 69.57 94.72
C LEU NA 84 -122.06 68.82 94.20
N ALA NA 85 -123.18 69.51 93.98
CA ALA NA 85 -124.25 68.88 93.21
C ALA NA 85 -123.76 68.54 91.81
N VAL NA 86 -123.07 69.48 91.17
CA VAL NA 86 -122.49 69.23 89.85
C VAL NA 86 -121.42 68.15 89.93
N ALA NA 87 -120.60 68.21 90.98
CA ALA NA 87 -119.53 67.24 91.14
C ALA NA 87 -120.07 65.82 91.25
N CYS NA 88 -121.15 65.65 92.03
CA CYS NA 88 -121.74 64.33 92.22
C CYS NA 88 -122.50 63.88 90.98
N GLU NA 89 -123.21 64.79 90.31
CA GLU NA 89 -123.92 64.42 89.09
C GLU NA 89 -122.99 64.33 87.88
N GLN NA 90 -121.70 64.62 88.05
CA GLN NA 90 -120.81 64.82 86.92
C GLN NA 90 -119.96 63.62 86.57
N PHE NA 91 -119.14 63.13 87.50
CA PHE NA 91 -118.01 62.31 87.10
C PHE NA 91 -118.05 60.88 87.62
N LEU NA 92 -118.14 60.69 88.93
CA LEU NA 92 -118.01 59.35 89.51
C LEU NA 92 -119.04 58.39 88.92
N GLY NA 93 -118.72 57.09 88.94
CA GLY NA 93 -117.56 56.53 89.62
C GLY NA 93 -116.37 56.16 88.77
N LYS NA 94 -116.02 57.01 87.80
CA LYS NA 94 -114.81 56.80 87.04
C LYS NA 94 -113.60 57.01 87.93
N ASN NA 95 -112.56 56.20 87.73
CA ASN NA 95 -111.47 56.09 88.69
C ASN NA 95 -110.50 57.27 88.58
N VAL NA 96 -109.49 57.25 89.45
CA VAL NA 96 -108.57 58.38 89.58
C VAL NA 96 -107.82 58.66 88.29
N GLN NA 97 -107.46 57.60 87.55
CA GLN NA 97 -106.82 57.80 86.26
C GLN NA 97 -107.70 58.61 85.33
N ASP NA 98 -109.02 58.45 85.46
CA ASP NA 98 -109.93 59.21 84.61
C ASP NA 98 -109.93 60.68 84.99
N ILE NA 99 -109.96 61.00 86.30
CA ILE NA 99 -109.82 62.40 86.70
C ILE NA 99 -108.54 62.98 86.13
N LYS NA 100 -107.42 62.30 86.35
CA LYS NA 100 -106.13 62.87 85.98
C LYS NA 100 -106.01 63.04 84.47
N ASN NA 101 -106.49 62.08 83.69
CA ASN NA 101 -106.43 62.22 82.23
C ASN NA 101 -107.30 63.37 81.75
N VAL NA 102 -108.56 63.44 82.23
CA VAL NA 102 -109.45 64.49 81.76
C VAL NA 102 -108.87 65.87 82.10
N VAL NA 103 -108.44 66.04 83.36
CA VAL NA 103 -107.91 67.33 83.77
C VAL NA 103 -106.60 67.62 83.05
N LEU NA 104 -105.84 66.57 82.73
CA LEU NA 104 -104.58 66.76 82.02
C LEU NA 104 -104.82 67.33 80.64
N GLN NA 105 -105.72 66.74 79.86
CA GLN NA 105 -105.98 67.28 78.53
C GLN NA 105 -106.59 68.68 78.59
N THR NA 106 -107.56 68.91 79.49
CA THR NA 106 -108.20 70.21 79.46
C THR NA 106 -107.23 71.32 79.91
N LEU NA 107 -106.45 71.07 80.96
CA LEU NA 107 -105.46 72.07 81.38
C LEU NA 107 -104.32 72.15 80.40
N GLU NA 108 -104.05 71.09 79.63
CA GLU NA 108 -103.07 71.18 78.56
C GLU NA 108 -103.51 72.20 77.53
N GLY NA 109 -104.76 72.08 77.07
CA GLY NA 109 -105.28 73.06 76.14
C GLY NA 109 -105.28 74.46 76.71
N HIS NA 110 -105.73 74.60 77.95
CA HIS NA 110 -105.82 75.93 78.55
C HIS NA 110 -104.43 76.54 78.73
N LEU NA 111 -103.46 75.74 79.15
CA LEU NA 111 -102.10 76.23 79.36
C LEU NA 111 -101.46 76.64 78.06
N ARG NA 112 -101.61 75.82 77.00
CA ARG NA 112 -101.08 76.22 75.71
C ARG NA 112 -101.74 77.51 75.22
N SER NA 113 -103.06 77.63 75.42
CA SER NA 113 -103.77 78.82 74.99
C SER NA 113 -103.23 80.06 75.68
N ILE NA 114 -103.13 80.03 77.01
CA ILE NA 114 -102.64 81.22 77.71
C ILE NA 114 -101.17 81.46 77.39
N LEU NA 115 -100.38 80.41 77.19
CA LEU NA 115 -98.99 80.59 76.80
C LEU NA 115 -98.90 81.34 75.48
N GLY NA 116 -99.77 81.00 74.53
CA GLY NA 116 -99.86 81.78 73.32
C GLY NA 116 -100.34 83.21 73.58
N THR NA 117 -101.14 83.40 74.63
CA THR NA 117 -101.69 84.71 74.91
C THR NA 117 -100.60 85.73 75.24
N LEU NA 118 -99.61 85.33 76.05
CA LEU NA 118 -98.56 86.26 76.43
C LEU NA 118 -97.29 85.97 75.63
N THR NA 119 -96.35 86.91 75.70
CA THR NA 119 -95.11 86.78 74.96
C THR NA 119 -94.05 86.05 75.77
N VAL NA 120 -92.97 85.68 75.09
CA VAL NA 120 -91.88 84.96 75.73
C VAL NA 120 -91.09 85.83 76.70
N GLU NA 121 -91.02 87.14 76.45
CA GLU NA 121 -90.36 88.02 77.41
C GLU NA 121 -91.09 88.01 78.74
N GLN NA 122 -92.43 87.98 78.72
CA GLN NA 122 -93.20 87.90 79.95
C GLN NA 122 -93.00 86.57 80.67
N ILE NA 123 -93.00 85.45 79.94
CA ILE NA 123 -92.77 84.16 80.59
C ILE NA 123 -91.33 84.08 81.08
N TYR NA 124 -90.46 84.94 80.55
CA TYR NA 124 -89.09 85.03 81.03
C TYR NA 124 -89.01 85.79 82.35
N GLN NA 125 -89.45 87.04 82.34
CA GLN NA 125 -89.30 87.92 83.51
C GLN NA 125 -90.37 87.68 84.57
N ASP NA 126 -91.63 87.91 84.23
CA ASP NA 126 -92.73 87.88 85.20
C ASP NA 126 -93.62 86.68 84.88
N ARG NA 127 -93.28 85.53 85.43
CA ARG NA 127 -94.09 84.34 85.28
C ARG NA 127 -94.90 84.00 86.54
N ASP NA 128 -94.63 84.66 87.66
CA ASP NA 128 -95.57 84.61 88.77
C ASP NA 128 -96.88 85.28 88.40
N GLN NA 129 -96.80 86.44 87.74
CA GLN NA 129 -97.99 87.06 87.19
C GLN NA 129 -98.60 86.21 86.08
N PHE NA 130 -97.77 85.45 85.37
CA PHE NA 130 -98.30 84.50 84.39
C PHE NA 130 -99.19 83.48 85.07
N ALA NA 131 -98.74 82.91 86.19
CA ALA NA 131 -99.57 81.97 86.94
C ALA NA 131 -100.81 82.65 87.53
N LYS NA 132 -100.66 83.90 87.97
CA LYS NA 132 -101.80 84.63 88.50
C LYS NA 132 -102.88 84.84 87.44
N LEU NA 133 -102.46 85.11 86.20
CA LEU NA 133 -103.41 85.19 85.10
C LEU NA 133 -103.93 83.82 84.68
N VAL NA 134 -103.12 82.78 84.82
CA VAL NA 134 -103.61 81.42 84.58
C VAL NA 134 -104.76 81.11 85.51
N ARG NA 135 -104.62 81.48 86.79
CA ARG NA 135 -105.73 81.35 87.72
C ARG NA 135 -106.95 82.12 87.24
N GLU NA 136 -106.77 83.40 86.92
CA GLU NA 136 -107.86 84.27 86.49
C GLU NA 136 -108.61 83.71 85.30
N VAL NA 137 -107.92 83.05 84.37
CA VAL NA 137 -108.58 82.52 83.17
C VAL NA 137 -109.04 81.07 83.33
N ALA NA 138 -108.47 80.30 84.24
CA ALA NA 138 -108.78 78.88 84.34
C ALA NA 138 -109.82 78.57 85.41
N ALA NA 139 -109.90 79.41 86.45
CA ALA NA 139 -110.97 79.27 87.43
C ALA NA 139 -112.37 79.29 86.83
N PRO NA 140 -112.70 80.19 85.88
CA PRO NA 140 -114.06 80.18 85.32
C PRO NA 140 -114.46 78.90 84.62
N ASP NA 141 -113.52 78.13 84.06
CA ASP NA 141 -113.87 76.94 83.30
C ASP NA 141 -113.49 75.65 84.01
N VAL NA 142 -112.30 75.57 84.61
CA VAL NA 142 -111.92 74.36 85.34
C VAL NA 142 -112.81 74.16 86.56
N GLY NA 143 -113.37 75.23 87.12
CA GLY NA 143 -114.28 75.09 88.22
C GLY NA 143 -115.68 74.64 87.83
N ARG NA 144 -115.99 74.64 86.54
CA ARG NA 144 -117.32 74.21 86.10
C ARG NA 144 -117.55 72.75 86.39
N MET NA 145 -116.55 71.90 86.19
CA MET NA 145 -116.64 70.49 86.52
C MET NA 145 -116.24 70.18 87.95
N GLY NA 146 -116.21 71.20 88.83
CA GLY NA 146 -115.96 71.00 90.23
C GLY NA 146 -114.52 70.82 90.63
N ILE NA 147 -113.57 71.06 89.73
CA ILE NA 147 -112.16 70.88 90.03
C ILE NA 147 -111.55 72.23 90.38
N GLU NA 148 -110.96 72.33 91.57
CA GLU NA 148 -110.30 73.54 92.01
C GLU NA 148 -108.85 73.55 91.56
N ILE NA 149 -108.26 74.75 91.54
CA ILE NA 149 -106.87 74.91 91.16
C ILE NA 149 -106.10 75.50 92.33
N LEU NA 150 -105.50 74.62 93.14
CA LEU NA 150 -104.78 75.09 94.33
C LEU NA 150 -103.54 75.89 93.96
N SER NA 151 -102.80 75.43 92.94
CA SER NA 151 -101.59 76.12 92.52
C SER NA 151 -101.35 75.84 91.04
N PHE NA 152 -100.56 76.72 90.42
CA PHE NA 152 -100.24 76.58 89.00
C PHE NA 152 -98.89 77.24 88.74
N THR NA 153 -98.07 76.56 87.95
CA THR NA 153 -96.84 77.13 87.41
C THR NA 153 -96.29 76.18 86.36
N ILE NA 154 -95.14 76.53 85.79
CA ILE NA 154 -94.53 75.75 84.72
C ILE NA 154 -93.26 75.11 85.24
N LYS NA 155 -93.06 73.83 84.89
CA LYS NA 155 -91.94 73.06 85.44
C LYS NA 155 -90.63 73.43 84.78
N ASP NA 156 -90.54 73.28 83.47
CA ASP NA 156 -89.30 73.58 82.75
C ASP NA 156 -89.64 74.06 81.35
N VAL NA 157 -88.73 74.84 80.77
CA VAL NA 157 -88.89 75.39 79.44
C VAL NA 157 -87.69 74.96 78.60
N TYR NA 158 -87.95 74.44 77.40
CA TYR NA 158 -86.90 74.02 76.50
C TYR NA 158 -87.17 74.56 75.10
N ASP NA 159 -86.11 74.91 74.39
CA ASP NA 159 -86.22 75.49 73.06
C ASP NA 159 -85.28 74.77 72.09
N LYS NA 160 -85.72 74.65 70.85
CA LYS NA 160 -84.89 74.12 69.77
C LYS NA 160 -84.17 75.19 68.98
N VAL NA 161 -84.67 76.42 69.00
CA VAL NA 161 -84.03 77.55 68.34
C VAL NA 161 -83.27 78.43 69.33
N ASP NA 162 -82.83 77.84 70.45
CA ASP NA 162 -81.94 78.42 71.46
C ASP NA 162 -82.21 79.91 71.71
N TYR NA 163 -83.42 80.21 72.18
CA TYR NA 163 -83.78 81.55 72.62
C TYR NA 163 -83.02 81.96 73.87
N LEU NA 164 -83.22 81.21 74.96
CA LEU NA 164 -82.68 81.61 76.26
C LEU NA 164 -81.16 81.55 76.29
N SER NA 165 -80.57 80.55 75.63
CA SER NA 165 -79.11 80.48 75.55
C SER NA 165 -78.56 81.70 74.83
N SER NA 166 -79.24 82.14 73.77
CA SER NA 166 -78.84 83.37 73.09
C SER NA 166 -79.00 84.57 74.02
N LEU NA 167 -80.06 84.59 74.81
CA LEU NA 167 -80.29 85.71 75.72
C LEU NA 167 -79.23 85.80 76.81
N GLY NA 168 -78.67 84.66 77.21
CA GLY NA 168 -77.63 84.65 78.23
C GLY NA 168 -76.29 85.17 77.73
N LYS NA 169 -76.12 85.19 76.41
CA LYS NA 169 -74.88 85.62 75.80
C LYS NA 169 -74.56 87.07 76.15
N THR NA 170 -75.58 87.87 76.45
CA THR NA 170 -75.36 89.30 76.66
C THR NA 170 -74.46 89.56 77.85
N GLN NA 171 -74.62 88.78 78.94
CA GLN NA 171 -73.83 89.00 80.14
C GLN NA 171 -72.87 87.86 80.43
N THR NA 172 -72.96 86.73 79.71
CA THR NA 172 -71.99 85.67 79.96
C THR NA 172 -70.57 86.10 79.63
N ALA NA 173 -70.41 87.21 78.90
CA ALA NA 173 -69.09 87.74 78.57
C ALA NA 173 -68.73 89.00 79.36
N VAL NA 174 -69.72 89.67 79.96
CA VAL NA 174 -69.43 90.87 80.73
C VAL NA 174 -68.55 90.53 81.94
N VAL NA 175 -68.89 89.46 82.66
CA VAL NA 175 -68.05 89.03 83.77
C VAL NA 175 -66.69 88.57 83.26
N GLN NA 176 -66.67 87.93 82.08
CA GLN NA 176 -65.39 87.58 81.48
C GLN NA 176 -64.60 88.82 81.10
N ARG NA 177 -65.29 89.86 80.63
CA ARG NA 177 -64.63 91.14 80.36
C ARG NA 177 -63.96 91.68 81.61
N ASP NA 178 -64.71 91.73 82.72
CA ASP NA 178 -64.15 92.27 83.96
C ASP NA 178 -62.99 91.41 84.46
N ALA NA 179 -63.12 90.09 84.36
CA ALA NA 179 -62.05 89.20 84.80
C ALA NA 179 -60.78 89.41 83.98
N ASP NA 180 -60.93 89.55 82.67
CA ASP NA 180 -59.77 89.80 81.82
C ASP NA 180 -59.12 91.14 82.16
N ILE NA 181 -59.93 92.17 82.41
CA ILE NA 181 -59.37 93.46 82.78
C ILE NA 181 -58.58 93.35 84.08
N GLY NA 182 -59.15 92.66 85.07
CA GLY NA 182 -58.48 92.54 86.35
C GLY NA 182 -57.18 91.77 86.25
N VAL NA 183 -57.20 90.65 85.53
CA VAL NA 183 -55.98 89.84 85.41
C VAL NA 183 -54.92 90.60 84.62
N ALA NA 184 -55.33 91.37 83.61
CA ALA NA 184 -54.36 92.16 82.86
C ALA NA 184 -53.71 93.21 83.76
N GLU NA 185 -54.52 93.92 84.56
CA GLU NA 185 -53.95 94.92 85.45
C GLU NA 185 -53.00 94.28 86.48
N ALA NA 186 -53.40 93.14 87.04
CA ALA NA 186 -52.54 92.48 88.02
C ALA NA 186 -51.22 92.05 87.41
N GLU NA 187 -51.27 91.45 86.21
CA GLU NA 187 -50.04 91.04 85.55
C GLU NA 187 -49.17 92.25 85.21
N ARG NA 188 -49.79 93.37 84.84
CA ARG NA 188 -49.02 94.57 84.55
C ARG NA 188 -48.27 95.05 85.80
N ASP NA 189 -48.96 95.08 86.94
CA ASP NA 189 -48.31 95.53 88.17
C ASP NA 189 -47.19 94.59 88.58
N ALA NA 190 -47.44 93.27 88.50
CA ALA NA 190 -46.41 92.31 88.84
C ALA NA 190 -45.19 92.49 87.95
N GLY NA 191 -45.41 92.61 86.64
CA GLY NA 191 -44.30 92.76 85.72
C GLY NA 191 -43.49 94.02 85.96
N ILE NA 192 -44.18 95.15 86.17
CA ILE NA 192 -43.46 96.40 86.38
C ILE NA 192 -42.59 96.32 87.62
N ARG NA 193 -43.14 95.82 88.74
CA ARG NA 193 -42.37 95.94 89.95
C ARG NA 193 -41.26 94.89 89.99
N GLU NA 194 -41.52 93.73 89.36
CA GLU NA 194 -40.47 92.71 89.22
C GLU NA 194 -39.33 93.21 88.36
N ALA NA 195 -39.64 93.93 87.27
CA ALA NA 195 -38.58 94.51 86.46
C ALA NA 195 -37.77 95.52 87.25
N GLU NA 196 -38.44 96.31 88.09
CA GLU NA 196 -37.71 97.24 88.95
C GLU NA 196 -36.76 96.51 89.88
N CYS NA 197 -37.23 95.41 90.50
CA CYS NA 197 -36.37 94.63 91.39
C CYS NA 197 -35.17 94.07 90.65
N LYS NA 198 -35.40 93.52 89.46
CA LYS NA 198 -34.33 92.94 88.66
C LYS NA 198 -33.31 94.00 88.31
N LYS NA 199 -33.77 95.20 87.96
CA LYS NA 199 -32.87 96.30 87.63
C LYS NA 199 -31.99 96.65 88.82
N GLU NA 200 -32.59 96.83 90.00
CA GLU NA 200 -31.78 97.20 91.16
C GLU NA 200 -30.75 96.13 91.50
N MET NA 201 -31.16 94.85 91.46
CA MET NA 201 -30.23 93.80 91.83
C MET NA 201 -29.10 93.67 90.82
N LEU NA 202 -29.39 93.86 89.53
CA LEU NA 202 -28.32 93.87 88.54
C LEU NA 202 -27.36 95.02 88.74
N ASP NA 203 -27.87 96.22 89.07
CA ASP NA 203 -26.96 97.33 89.29
C ASP NA 203 -26.00 97.03 90.44
N VAL NA 204 -26.52 96.52 91.55
CA VAL NA 204 -25.63 96.25 92.68
C VAL NA 204 -24.67 95.12 92.35
N LYS NA 205 -25.14 94.07 91.67
CA LYS NA 205 -24.26 92.96 91.31
C LYS NA 205 -23.14 93.43 90.40
N PHE NA 206 -23.44 94.30 89.45
CA PHE NA 206 -22.40 94.80 88.55
C PHE NA 206 -21.43 95.72 89.27
N MET NA 207 -21.89 96.49 90.26
CA MET NA 207 -20.95 97.27 91.05
C MET NA 207 -19.99 96.37 91.82
N ALA NA 208 -20.52 95.30 92.43
CA ALA NA 208 -19.67 94.36 93.13
C ALA NA 208 -18.67 93.70 92.19
N ASP NA 209 -19.13 93.31 90.99
CA ASP NA 209 -18.23 92.71 90.02
C ASP NA 209 -17.17 93.69 89.54
N THR NA 210 -17.50 94.98 89.44
CA THR NA 210 -16.51 95.99 89.10
C THR NA 210 -15.42 96.06 90.17
N LYS NA 211 -15.82 96.05 91.44
CA LYS NA 211 -14.82 96.04 92.50
C LYS NA 211 -13.96 94.78 92.46
N ILE NA 212 -14.56 93.63 92.18
CA ILE NA 212 -13.81 92.40 92.06
C ILE NA 212 -12.80 92.50 90.93
N ALA NA 213 -13.22 93.06 89.79
CA ALA NA 213 -12.32 93.22 88.66
C ALA NA 213 -11.16 94.15 89.01
N ASP NA 214 -11.44 95.21 89.77
CA ASP NA 214 -10.36 96.10 90.19
C ASP NA 214 -9.34 95.36 91.06
N SER NA 215 -9.83 94.57 92.03
CA SER NA 215 -8.92 93.82 92.87
C SER NA 215 -8.11 92.82 92.06
N LYS NA 216 -8.75 92.15 91.11
CA LYS NA 216 -8.05 91.19 90.24
C LYS NA 216 -6.97 91.90 89.42
N ARG NA 217 -7.28 93.09 88.91
CA ARG NA 217 -6.29 93.85 88.15
C ARG NA 217 -5.09 94.21 89.01
N ALA NA 218 -5.34 94.67 90.24
CA ALA NA 218 -4.23 95.02 91.11
C ALA NA 218 -3.36 93.81 91.40
N PHE NA 219 -4.00 92.67 91.70
CA PHE NA 219 -3.24 91.45 91.99
C PHE NA 219 -2.42 91.00 90.80
N GLU NA 220 -3.03 90.99 89.62
CA GLU NA 220 -2.31 90.56 88.43
C GLU NA 220 -1.14 91.49 88.11
N LEU NA 221 -1.35 92.80 88.26
CA LEU NA 221 -0.28 93.75 88.01
C LEU NA 221 0.89 93.51 88.95
N GLN NA 222 0.61 93.37 90.25
CA GLN NA 222 1.70 93.13 91.20
C GLN NA 222 2.41 91.81 90.92
N LYS NA 223 1.65 90.76 90.62
CA LYS NA 223 2.28 89.47 90.36
C LYS NA 223 3.16 89.50 89.12
N SER NA 224 2.70 90.13 88.04
CA SER NA 224 3.53 90.25 86.85
C SER NA 224 4.77 91.09 87.13
N ALA NA 225 4.62 92.16 87.91
CA ALA NA 225 5.77 92.99 88.25
C ALA NA 225 6.81 92.18 89.00
N PHE NA 226 6.38 91.35 89.94
CA PHE NA 226 7.31 90.52 90.69
C PHE NA 226 7.97 89.49 89.79
N SER NA 227 7.17 88.86 88.92
CA SER NA 227 7.70 87.87 87.99
C SER NA 227 8.77 88.47 87.10
N GLU NA 228 8.67 89.78 86.81
CA GLU NA 228 9.69 90.44 85.99
C GLU NA 228 11.09 90.23 86.58
N GLU NA 229 11.32 90.76 87.79
CA GLU NA 229 12.67 90.66 88.34
C GLU NA 229 13.02 89.24 88.76
N VAL NA 230 12.04 88.40 89.13
CA VAL NA 230 12.43 87.03 89.46
C VAL NA 230 12.94 86.32 88.22
N ASN NA 231 12.31 86.56 87.06
CA ASN NA 231 12.78 85.96 85.82
C ASN NA 231 14.13 86.54 85.41
N ILE NA 232 14.33 87.84 85.65
CA ILE NA 232 15.63 88.44 85.34
C ILE NA 232 16.74 87.76 86.14
N LYS NA 233 16.52 87.62 87.44
CA LYS NA 233 17.54 87.01 88.30
C LYS NA 233 17.78 85.55 87.91
N THR NA 234 16.72 84.81 87.61
CA THR NA 234 16.94 83.44 87.14
C THR NA 234 17.78 83.44 85.87
N ALA NA 235 17.38 84.21 84.86
CA ALA NA 235 18.07 84.21 83.58
C ALA NA 235 19.56 84.50 83.77
N GLU NA 236 19.90 85.37 84.72
CA GLU NA 236 21.30 85.48 85.10
C GLU NA 236 21.84 84.19 85.70
N ALA NA 237 21.01 83.50 86.50
CA ALA NA 237 21.49 82.34 87.26
C ALA NA 237 21.93 81.20 86.34
N GLN NA 238 21.14 80.87 85.31
CA GLN NA 238 21.59 79.75 84.47
C GLN NA 238 22.92 80.04 83.78
N LEU NA 239 23.09 81.25 83.24
CA LEU NA 239 24.23 81.51 82.38
C LEU NA 239 25.47 81.99 83.13
N ALA NA 240 25.37 82.25 84.43
CA ALA NA 240 26.61 82.45 85.20
C ALA NA 240 27.53 81.25 85.10
N TYR NA 241 26.94 80.04 85.01
CA TYR NA 241 27.74 78.82 84.88
C TYR NA 241 28.57 78.86 83.60
N GLU NA 242 27.94 79.19 82.47
CA GLU NA 242 28.68 79.24 81.21
C GLU NA 242 29.72 80.36 81.23
N LEU NA 243 29.39 81.49 81.85
CA LEU NA 243 30.36 82.59 81.93
C LEU NA 243 31.62 82.15 82.65
N GLN NA 244 31.46 81.56 83.84
CA GLN NA 244 32.63 81.11 84.57
C GLN NA 244 33.33 79.96 83.87
N GLY NA 245 32.57 79.10 83.17
CA GLY NA 245 33.19 78.02 82.43
C GLY NA 245 34.11 78.52 81.32
N ALA NA 246 33.65 79.52 80.56
CA ALA NA 246 34.50 80.10 79.53
C ALA NA 246 35.70 80.80 80.15
N ARG NA 247 35.48 81.52 81.26
CA ARG NA 247 36.59 82.21 81.91
C ARG NA 247 37.67 81.23 82.34
N GLU NA 248 37.27 80.05 82.85
CA GLU NA 248 38.25 79.05 83.23
C GLU NA 248 38.86 78.36 82.01
N GLN NA 249 38.06 78.08 80.98
CA GLN NA 249 38.57 77.48 79.76
C GLN NA 249 39.66 78.33 79.13
N GLN NA 250 39.63 79.64 79.35
CA GLN NA 250 40.76 80.48 78.94
C GLN NA 250 42.08 79.90 79.41
N LYS NA 251 42.26 79.77 80.73
CA LYS NA 251 43.50 79.23 81.28
C LYS NA 251 43.68 77.75 80.96
N ILE NA 252 42.58 77.00 80.92
CA ILE NA 252 42.68 75.58 80.58
C ILE NA 252 43.35 75.41 79.23
N ARG NA 253 42.87 76.14 78.22
CA ARG NA 253 43.45 76.02 76.90
C ARG NA 253 44.81 76.70 76.83
N GLN NA 254 45.04 77.73 77.62
CA GLN NA 254 46.37 78.34 77.70
C GLN NA 254 47.42 77.31 78.06
N GLU NA 255 47.16 76.52 79.10
CA GLU NA 255 48.14 75.48 79.46
C GLU NA 255 48.12 74.31 78.47
N GLU NA 256 46.95 73.92 77.97
CA GLU NA 256 46.90 72.83 77.00
C GLU NA 256 47.73 73.15 75.76
N ILE NA 257 47.84 74.43 75.41
CA ILE NA 257 48.66 74.82 74.26
C ILE NA 257 50.10 75.14 74.66
N GLU NA 258 50.35 75.54 75.90
CA GLU NA 258 51.73 75.63 76.38
C GLU NA 258 52.41 74.27 76.42
N ILE NA 259 51.63 73.18 76.46
CA ILE NA 259 52.19 71.84 76.37
C ILE NA 259 53.16 71.74 75.19
N GLU NA 260 52.65 71.94 73.98
CA GLU NA 260 53.50 71.77 72.81
C GLU NA 260 54.46 72.93 72.61
N VAL NA 261 54.21 74.09 73.21
CA VAL NA 261 55.23 75.13 73.24
C VAL NA 261 56.48 74.62 73.96
N VAL NA 262 56.29 74.04 75.14
CA VAL NA 262 57.39 73.49 75.91
C VAL NA 262 58.04 72.33 75.13
N GLN NA 263 57.23 71.51 74.48
CA GLN NA 263 57.78 70.39 73.71
C GLN NA 263 58.67 70.88 72.57
N ARG NA 264 58.18 71.83 71.77
CA ARG NA 264 58.93 72.33 70.64
C ARG NA 264 60.12 73.18 71.08
N LYS NA 265 60.10 73.70 72.31
CA LYS NA 265 61.24 74.47 72.79
C LYS NA 265 62.49 73.61 72.88
N LYS NA 266 62.36 72.34 73.24
CA LYS NA 266 63.48 71.43 73.33
C LYS NA 266 63.60 70.48 72.14
N GLN NA 267 62.59 70.43 71.27
CA GLN NA 267 62.87 69.91 69.94
C GLN NA 267 64.01 70.66 69.26
N ILE NA 268 64.30 71.88 69.70
CA ILE NA 268 65.48 72.61 69.21
C ILE NA 268 66.75 71.83 69.51
N ALA NA 269 66.91 71.40 70.77
CA ALA NA 269 68.09 70.62 71.14
C ALA NA 269 68.07 69.27 70.45
N VAL NA 270 66.88 68.69 70.28
CA VAL NA 270 66.77 67.44 69.51
C VAL NA 270 67.38 67.63 68.13
N GLU NA 271 67.00 68.72 67.45
CA GLU NA 271 67.48 68.96 66.10
C GLU NA 271 68.96 69.32 66.07
N ALA NA 272 69.47 69.99 67.11
CA ALA NA 272 70.90 70.27 67.16
C ALA NA 272 71.72 68.98 67.25
N GLN NA 273 71.30 68.07 68.14
CA GLN NA 273 71.96 66.77 68.21
C GLN NA 273 71.82 66.02 66.88
N GLU NA 274 70.68 66.15 66.22
CA GLU NA 274 70.52 65.57 64.89
C GLU NA 274 71.49 66.18 63.89
N ILE NA 275 71.75 67.49 63.98
CA ILE NA 275 72.72 68.13 63.10
C ILE NA 275 74.09 67.51 63.29
N LEU NA 276 74.51 67.35 64.53
CA LEU NA 276 75.82 66.73 64.78
C LEU NA 276 75.86 65.30 64.23
N ARG NA 277 74.80 64.52 64.51
CA ARG NA 277 74.76 63.14 64.04
C ARG NA 277 74.81 63.05 62.53
N THR NA 278 74.05 63.89 61.84
CA THR NA 278 74.03 63.82 60.38
C THR NA 278 75.32 64.35 59.78
N ASP NA 279 75.99 65.29 60.45
CA ASP NA 279 77.32 65.69 60.00
C ASP NA 279 78.28 64.51 60.03
N LYS NA 280 78.34 63.82 61.16
CA LYS NA 280 79.24 62.66 61.26
C LYS NA 280 78.83 61.55 60.29
N GLU NA 281 77.52 61.34 60.12
CA GLU NA 281 77.05 60.29 59.21
C GLU NA 281 77.43 60.61 57.77
N LEU NA 282 77.26 61.87 57.35
CA LEU NA 282 77.66 62.26 56.01
C LEU NA 282 79.17 62.10 55.82
N ILE NA 283 79.95 62.46 56.84
CA ILE NA 283 81.39 62.19 56.76
C ILE NA 283 81.63 60.72 56.46
N ALA NA 284 81.20 59.85 57.37
CA ALA NA 284 81.48 58.42 57.23
C ALA NA 284 80.89 57.83 55.96
N THR NA 285 79.85 58.46 55.41
CA THR NA 285 79.14 57.87 54.28
C THR NA 285 79.71 58.31 52.93
N VAL NA 286 80.11 59.57 52.78
CA VAL NA 286 80.52 60.03 51.45
C VAL NA 286 81.91 60.63 51.46
N ARG NA 287 82.37 61.18 52.59
CA ARG NA 287 83.63 61.89 52.59
C ARG NA 287 84.82 60.94 52.47
N ARG NA 288 84.80 59.84 53.23
CA ARG NA 288 85.87 58.86 53.21
C ARG NA 288 85.81 57.94 52.00
N PRO NA 289 84.62 57.46 51.60
CA PRO NA 289 84.56 56.71 50.33
C PRO NA 289 85.06 57.49 49.13
N ALA NA 290 84.88 58.81 49.11
CA ALA NA 290 85.43 59.61 48.02
C ALA NA 290 86.95 59.53 47.99
N GLU NA 291 87.59 59.63 49.16
CA GLU NA 291 89.05 59.54 49.23
C GLU NA 291 89.52 58.15 48.84
N ALA NA 292 88.81 57.12 49.29
CA ALA NA 292 89.17 55.75 48.91
C ALA NA 292 89.05 55.55 47.40
N GLU NA 293 87.98 56.08 46.81
CA GLU NA 293 87.82 55.99 45.36
C GLU NA 293 88.93 56.72 44.63
N ALA NA 294 89.32 57.90 45.13
CA ALA NA 294 90.42 58.62 44.51
C ALA NA 294 91.71 57.81 44.55
N HIS NA 295 92.00 57.20 45.70
CA HIS NA 295 93.19 56.37 45.83
C HIS NA 295 93.13 55.18 44.89
N ARG NA 296 91.97 54.54 44.78
CA ARG NA 296 91.82 53.41 43.88
C ARG NA 296 92.04 53.82 42.43
N ILE NA 297 91.47 54.96 42.02
CA ILE NA 297 91.61 55.42 40.65
C ILE NA 297 93.07 55.73 40.35
N GLN NA 298 93.78 56.39 41.27
CA GLN NA 298 95.16 56.74 40.98
C GLN NA 298 96.06 55.51 40.97
N GLN NA 299 95.80 54.53 41.85
CA GLN NA 299 96.56 53.29 41.81
C GLN NA 299 96.35 52.54 40.50
N ILE NA 300 95.09 52.40 40.08
CA ILE NA 300 94.81 51.68 38.85
C ILE NA 300 95.35 52.43 37.64
N ALA NA 301 95.31 53.76 37.68
CA ALA NA 301 95.90 54.56 36.60
C ALA NA 301 97.41 54.34 36.53
N GLU NA 302 98.07 54.26 37.68
CA GLU NA 302 99.50 53.96 37.68
C GLU NA 302 99.78 52.60 37.06
N GLY NA 303 98.99 51.59 37.44
CA GLY NA 303 99.17 50.28 36.85
C GLY NA 303 98.99 50.29 35.34
N GLU NA 304 97.91 50.93 34.88
CA GLU NA 304 97.62 50.97 33.45
C GLU NA 304 98.70 51.74 32.68
N LYS NA 305 99.19 52.84 33.27
CA LYS NA 305 100.25 53.62 32.61
C LYS NA 305 101.51 52.80 32.46
N VAL NA 306 101.90 52.08 33.52
CA VAL NA 306 103.11 51.25 33.42
C VAL NA 306 102.91 50.16 32.38
N LYS NA 307 101.72 49.54 32.37
CA LYS NA 307 101.45 48.49 31.39
C LYS NA 307 101.55 49.03 29.95
N GLN NA 308 100.93 50.19 29.70
CA GLN NA 308 100.96 50.76 28.36
C GLN NA 308 102.37 51.17 27.95
N VAL NA 309 103.15 51.73 28.87
CA VAL NA 309 104.52 52.11 28.55
C VAL NA 309 105.35 50.87 28.20
N LEU NA 310 105.21 49.81 28.99
CA LEU NA 310 105.96 48.59 28.70
C LEU NA 310 105.54 47.98 27.37
N LEU NA 311 104.24 47.94 27.09
CA LEU NA 311 103.77 47.40 25.82
C LEU NA 311 104.28 48.23 24.65
N ALA NA 312 104.28 49.56 24.79
CA ALA NA 312 104.79 50.43 23.74
C ALA NA 312 106.28 50.21 23.51
N GLN NA 313 107.05 50.05 24.59
CA GLN NA 313 108.48 49.77 24.43
C GLN NA 313 108.70 48.44 23.71
N ALA NA 314 107.92 47.42 24.08
CA ALA NA 314 108.04 46.13 23.43
C ALA NA 314 107.71 46.22 21.94
N GLU NA 315 106.64 46.94 21.61
CA GLU NA 315 106.26 47.10 20.21
C GLU NA 315 107.31 47.88 19.44
N ALA NA 316 107.87 48.92 20.06
CA ALA NA 316 108.89 49.72 19.39
C ALA NA 316 110.13 48.89 19.08
N GLU NA 317 110.59 48.08 20.04
CA GLU NA 317 111.78 47.30 19.79
C GLU NA 317 111.49 46.15 18.83
N LYS NA 318 110.25 45.63 18.86
CA LYS NA 318 109.81 44.69 17.83
C LYS NA 318 109.98 45.30 16.45
N ILE NA 319 109.48 46.52 16.26
CA ILE NA 319 109.57 47.18 14.96
C ILE NA 319 111.03 47.42 14.59
N ARG NA 320 111.85 47.83 15.56
CA ARG NA 320 113.25 48.09 15.27
C ARG NA 320 113.96 46.83 14.79
N LYS NA 321 113.77 45.71 15.49
CA LYS NA 321 114.44 44.48 15.11
C LYS NA 321 113.94 43.96 13.78
N ILE NA 322 112.63 44.03 13.55
CA ILE NA 322 112.09 43.60 12.26
C ILE NA 322 112.65 44.45 11.12
N GLY NA 323 112.75 45.76 11.35
CA GLY NA 323 113.30 46.64 10.33
C GLY NA 323 114.77 46.34 10.05
N GLU NA 324 115.54 46.06 11.10
CA GLU NA 324 116.94 45.69 10.89
C GLU NA 324 117.05 44.39 10.09
N ALA NA 325 116.20 43.40 10.40
CA ALA NA 325 116.23 42.16 9.64
C ALA NA 325 115.88 42.39 8.18
N GLU NA 326 114.86 43.22 7.93
CA GLU NA 326 114.49 43.51 6.54
C GLU NA 326 115.60 44.25 5.82
N ALA NA 327 116.28 45.18 6.49
CA ALA NA 327 117.39 45.87 5.88
C ALA NA 327 118.51 44.89 5.52
N ALA NA 328 118.81 43.95 6.42
CA ALA NA 328 119.85 42.98 6.15
C ALA NA 328 119.50 42.11 4.95
N VAL NA 329 118.26 41.62 4.89
CA VAL NA 329 117.89 40.75 3.78
C VAL NA 329 117.86 41.53 2.47
N ILE NA 330 117.41 42.79 2.51
CA ILE NA 330 117.39 43.61 1.30
C ILE NA 330 118.81 43.85 0.80
N GLU NA 331 119.74 44.13 1.72
CA GLU NA 331 121.13 44.30 1.31
C GLU NA 331 121.70 43.01 0.72
N ALA NA 332 121.31 41.86 1.28
CA ALA NA 332 121.74 40.58 0.72
C ALA NA 332 121.22 40.38 -0.69
N MET NA 333 119.93 40.70 -0.91
CA MET NA 333 119.38 40.65 -2.27
C MET NA 333 120.14 41.57 -3.21
N GLY NA 334 120.50 42.76 -2.73
CA GLY NA 334 121.26 43.66 -3.58
C GLY NA 334 122.61 43.08 -3.94
N LYS NA 335 123.32 42.53 -2.95
CA LYS NA 335 124.58 41.86 -3.21
C LYS NA 335 124.42 40.81 -4.31
N ALA NA 336 123.44 39.92 -4.14
CA ALA NA 336 123.29 38.78 -5.04
C ALA NA 336 122.86 39.22 -6.44
N GLU NA 337 121.87 40.10 -6.52
CA GLU NA 337 121.36 40.50 -7.82
C GLU NA 337 122.37 41.33 -8.59
N ALA NA 338 123.11 42.19 -7.89
CA ALA NA 338 124.16 42.95 -8.56
C ALA NA 338 125.27 42.03 -9.05
N GLU NA 339 125.64 41.03 -8.26
CA GLU NA 339 126.63 40.06 -8.73
C GLU NA 339 126.11 39.32 -9.96
N ARG NA 340 124.83 38.97 -9.95
CA ARG NA 340 124.22 38.30 -11.10
C ARG NA 340 124.34 39.16 -12.34
N MET NA 341 123.93 40.42 -12.24
CA MET NA 341 123.97 41.31 -13.40
C MET NA 341 125.39 41.54 -13.87
N LYS NA 342 126.33 41.69 -12.93
CA LYS NA 342 127.72 41.91 -13.30
C LYS NA 342 128.27 40.71 -14.06
N LEU NA 343 128.03 39.49 -13.55
CA LEU NA 343 128.53 38.31 -14.23
C LEU NA 343 127.85 38.11 -15.59
N LYS NA 344 126.57 38.49 -15.69
CA LYS NA 344 125.87 38.36 -16.95
C LYS NA 344 126.34 39.40 -17.96
N ALA NA 345 126.97 40.48 -17.48
CA ALA NA 345 127.47 41.51 -18.37
C ALA NA 345 128.57 40.99 -19.31
N GLU NA 346 129.59 40.32 -18.77
CA GLU NA 346 130.62 39.76 -19.63
C GLU NA 346 130.05 38.67 -20.52
N ALA NA 347 129.03 37.94 -20.04
CA ALA NA 347 128.39 36.93 -20.87
C ALA NA 347 127.76 37.55 -22.11
N TYR NA 348 127.02 38.64 -21.93
CA TYR NA 348 126.43 39.32 -23.07
C TYR NA 348 127.50 40.00 -23.93
N GLN NA 349 128.63 40.36 -23.33
CA GLN NA 349 129.64 41.09 -24.09
C GLN NA 349 130.24 40.22 -25.20
N LYS NA 350 130.14 38.90 -25.08
CA LYS NA 350 130.79 38.00 -26.02
C LYS NA 350 129.83 37.48 -27.08
N TYR NA 351 128.71 38.19 -27.28
CA TYR NA 351 127.69 37.80 -28.25
C TYR NA 351 128.03 38.32 -29.63
N GLY NA 352 127.92 37.44 -30.63
CA GLY NA 352 128.12 37.79 -32.01
C GLY NA 352 126.82 38.05 -32.74
N ASP NA 353 126.89 38.03 -34.08
CA ASP NA 353 125.69 38.20 -34.88
C ASP NA 353 124.74 37.03 -34.69
N ALA NA 354 125.26 35.80 -34.70
CA ALA NA 354 124.40 34.63 -34.60
C ALA NA 354 123.67 34.58 -33.26
N ALA NA 355 124.35 34.95 -32.18
CA ALA NA 355 123.71 34.92 -30.87
C ALA NA 355 122.61 35.96 -30.75
N LYS NA 356 122.82 37.16 -31.28
CA LYS NA 356 121.74 38.15 -31.30
C LYS NA 356 120.57 37.68 -32.16
N MET NA 357 120.87 37.04 -33.28
CA MET NA 357 119.82 36.44 -34.10
C MET NA 357 119.03 35.42 -33.30
N ALA NA 358 119.73 34.60 -32.51
CA ALA NA 358 119.05 33.62 -31.68
C ALA NA 358 118.15 34.29 -30.65
N LEU NA 359 118.63 35.38 -30.04
CA LEU NA 359 117.81 36.10 -29.08
C LEU NA 359 116.54 36.62 -29.73
N VAL NA 360 116.66 37.24 -30.91
CA VAL NA 360 115.49 37.80 -31.57
C VAL NA 360 114.52 36.69 -31.97
N LEU NA 361 115.04 35.59 -32.51
CA LEU NA 361 114.17 34.50 -32.93
C LEU NA 361 113.48 33.88 -31.73
N GLU NA 362 114.15 33.79 -30.58
CA GLU NA 362 113.51 33.26 -29.39
C GLU NA 362 112.43 34.19 -28.89
N ALA NA 363 112.66 35.50 -29.01
CA ALA NA 363 111.66 36.46 -28.53
C ALA NA 363 110.44 36.50 -29.44
N LEU NA 364 110.63 36.23 -30.73
CA LEU NA 364 109.54 36.39 -31.70
C LEU NA 364 108.28 35.60 -31.39
N PRO NA 365 108.32 34.30 -31.09
CA PRO NA 365 107.07 33.57 -30.87
C PRO NA 365 106.23 34.10 -29.73
N GLN NA 366 106.85 34.55 -28.64
CA GLN NA 366 106.07 35.08 -27.53
C GLN NA 366 105.36 36.37 -27.92
N ILE NA 367 106.06 37.26 -28.63
CA ILE NA 367 105.44 38.49 -29.11
C ILE NA 367 104.29 38.17 -30.06
N ALA NA 368 104.52 37.21 -30.96
CA ALA NA 368 103.48 36.83 -31.91
C ALA NA 368 102.27 36.27 -31.19
N ALA NA 369 102.48 35.45 -30.17
CA ALA NA 369 101.37 34.91 -29.39
C ALA NA 369 100.60 36.03 -28.70
N LYS NA 370 101.32 37.02 -28.17
CA LYS NA 370 100.65 38.12 -27.49
C LYS NA 370 99.82 38.96 -28.46
N ILE NA 371 100.38 39.26 -29.64
CA ILE NA 371 99.67 40.11 -30.59
C ILE NA 371 98.45 39.39 -31.16
N ALA NA 372 98.55 38.09 -31.38
CA ALA NA 372 97.45 37.33 -31.98
C ALA NA 372 96.36 36.97 -31.00
N ALA NA 373 96.55 37.21 -29.71
CA ALA NA 373 95.53 36.86 -28.72
C ALA NA 373 94.16 37.47 -29.01
N PRO NA 374 94.03 38.74 -29.42
CA PRO NA 374 92.68 39.25 -29.73
C PRO NA 374 92.01 38.54 -30.87
N LEU NA 375 92.77 37.85 -31.73
CA LEU NA 375 92.18 37.16 -32.87
C LEU NA 375 91.39 35.93 -32.45
N THR NA 376 91.50 35.54 -31.18
CA THR NA 376 90.84 34.34 -30.68
C THR NA 376 89.32 34.47 -30.72
N LYS NA 377 88.81 35.68 -30.55
CA LYS NA 377 87.39 35.90 -30.36
C LYS NA 377 86.66 36.22 -31.68
N VAL NA 378 87.29 35.98 -32.82
CA VAL NA 378 86.60 36.23 -34.09
C VAL NA 378 85.41 35.29 -34.23
N ASP NA 379 84.29 35.84 -34.68
CA ASP NA 379 83.06 35.07 -34.82
C ASP NA 379 82.88 34.51 -36.22
N GLU NA 380 82.91 35.38 -37.24
CA GLU NA 380 82.71 34.93 -38.61
C GLU NA 380 83.53 35.81 -39.53
N ILE NA 381 83.91 35.25 -40.67
CA ILE NA 381 84.75 35.94 -41.64
C ILE NA 381 84.02 35.93 -42.98
N VAL NA 382 83.91 37.09 -43.60
CA VAL NA 382 83.31 37.22 -44.93
C VAL NA 382 84.37 37.77 -45.88
N VAL NA 383 84.63 37.03 -46.96
CA VAL NA 383 85.63 37.40 -47.95
C VAL NA 383 84.96 37.53 -49.30
N LEU NA 384 85.20 38.65 -49.97
CA LEU NA 384 84.73 38.89 -51.32
C LEU NA 384 85.91 39.26 -52.21
N SER NA 385 85.84 38.87 -53.48
CA SER NA 385 86.93 39.12 -54.40
C SER NA 385 86.38 39.52 -55.75
N GLY NA 386 87.23 40.16 -56.55
CA GLY NA 386 86.84 40.62 -57.88
C GLY NA 386 86.11 41.94 -57.85
N ASP NA 387 86.43 42.82 -58.80
CA ASP NA 387 85.82 44.15 -58.86
C ASP NA 387 84.53 44.09 -59.69
N ASN NA 388 83.41 43.86 -59.00
CA ASN NA 388 82.11 43.75 -59.63
C ASN NA 388 81.07 44.47 -58.78
N SER NA 389 79.81 44.35 -59.19
CA SER NA 389 78.72 45.03 -58.51
C SER NA 389 78.33 44.27 -57.24
N LYS NA 390 77.36 44.82 -56.52
CA LYS NA 390 76.89 44.27 -55.25
C LYS NA 390 75.46 43.73 -55.38
N VAL NA 391 75.13 43.21 -56.55
CA VAL NA 391 73.78 42.70 -56.81
C VAL NA 391 73.75 41.18 -56.82
N THR NA 392 74.89 40.55 -57.14
CA THR NA 392 74.91 39.09 -57.28
C THR NA 392 74.58 38.40 -55.96
N SER NA 393 75.15 38.90 -54.85
CA SER NA 393 74.94 38.34 -53.51
C SER NA 393 75.40 36.89 -53.53
N GLU NA 394 74.60 35.94 -53.05
CA GLU NA 394 75.01 34.54 -53.02
C GLU NA 394 74.24 33.74 -54.06
N MET OA 1 -47.67 34.99 163.19
CA MET OA 1 -46.44 34.68 163.92
C MET OA 1 -45.31 35.62 163.53
N PHE OA 2 -44.27 35.67 164.36
CA PHE OA 2 -43.15 36.56 164.11
C PHE OA 2 -42.35 36.10 162.90
N PHE OA 3 -41.89 37.07 162.10
CA PHE OA 3 -41.13 36.80 160.88
C PHE OA 3 -39.77 37.48 160.98
N THR OA 4 -38.73 36.68 161.23
CA THR OA 4 -37.38 37.22 161.31
C THR OA 4 -36.90 37.68 159.94
N CYS OA 5 -36.03 38.68 159.95
CA CYS OA 5 -35.41 39.20 158.74
C CYS OA 5 -33.95 39.51 159.02
N GLY OA 6 -33.13 39.39 157.99
CA GLY OA 6 -31.76 39.80 158.09
C GLY OA 6 -31.61 41.31 157.97
N PRO OA 7 -30.36 41.77 157.97
CA PRO OA 7 -30.08 43.17 157.74
C PRO OA 7 -29.85 43.60 156.29
N ASN OA 8 -30.28 42.80 155.31
CA ASN OA 8 -30.22 43.16 153.91
C ASN OA 8 -31.60 43.34 153.29
N GLU OA 9 -32.66 43.27 154.10
CA GLU OA 9 -34.01 43.45 153.61
C GLU OA 9 -34.82 44.23 154.64
N ALA OA 10 -35.81 44.94 154.14
CA ALA OA 10 -36.72 45.71 154.99
C ALA OA 10 -38.09 45.03 154.99
N MET OA 11 -38.52 44.60 156.17
CA MET OA 11 -39.82 43.97 156.34
C MET OA 11 -40.83 45.05 156.74
N VAL OA 12 -41.66 45.46 155.79
CA VAL OA 12 -42.73 46.42 156.04
C VAL OA 12 -44.04 45.75 155.67
N VAL OA 13 -44.98 45.72 156.62
CA VAL OA 13 -46.25 45.03 156.43
C VAL OA 13 -47.36 45.88 157.06
N SER OA 14 -48.58 45.71 156.55
CA SER OA 14 -49.76 46.34 157.13
C SER OA 14 -50.61 45.25 157.80
N GLY OA 15 -50.98 45.49 159.05
CA GLY OA 15 -51.76 44.52 159.79
C GLY OA 15 -53.14 45.02 160.19
N PHE OA 16 -53.35 45.17 161.50
CA PHE OA 16 -54.60 45.69 162.04
C PHE OA 16 -54.28 46.85 162.97
N CYS OA 17 -54.85 48.01 162.71
CA CYS OA 17 -54.65 49.22 163.50
C CYS OA 17 -53.16 49.57 163.62
N ARG OA 18 -52.52 49.69 162.47
CA ARG OA 18 -51.10 50.05 162.36
C ARG OA 18 -50.94 51.15 161.33
N SER OA 19 -51.75 52.21 161.46
CA SER OA 19 -51.78 53.28 160.47
C SER OA 19 -50.42 53.97 160.27
N PRO OA 20 -49.70 54.37 161.32
CA PRO OA 20 -48.38 54.94 161.08
C PRO OA 20 -47.45 53.93 160.44
N PRO OA 21 -46.50 54.38 159.64
CA PRO OA 21 -45.60 53.44 158.95
C PRO OA 21 -44.75 52.65 159.94
N VAL OA 22 -44.43 51.42 159.55
CA VAL OA 22 -43.62 50.52 160.35
C VAL OA 22 -42.30 50.26 159.62
N MET OA 23 -41.19 50.60 160.25
CA MET OA 23 -39.86 50.44 159.68
C MET OA 23 -39.16 49.30 160.41
N VAL OA 24 -39.19 48.10 159.81
CA VAL OA 24 -38.56 46.93 160.39
C VAL OA 24 -37.59 46.35 159.37
N ALA OA 25 -36.32 46.24 159.76
CA ALA OA 25 -35.29 45.59 158.96
C ALA OA 25 -34.30 44.95 159.93
N GLY OA 26 -34.46 43.64 160.15
CA GLY OA 26 -33.67 42.95 161.15
C GLY OA 26 -34.39 42.81 162.47
N GLY OA 27 -35.65 42.37 162.42
CA GLY OA 27 -36.46 42.20 163.59
C GLY OA 27 -37.54 41.17 163.34
N ARG OA 28 -38.61 41.26 164.13
CA ARG OA 28 -39.76 40.38 163.97
C ARG OA 28 -41.06 41.18 164.06
N VAL OA 29 -42.09 40.65 163.42
CA VAL OA 29 -43.43 41.25 163.45
C VAL OA 29 -44.44 40.12 163.57
N PHE OA 30 -45.34 40.22 164.55
CA PHE OA 30 -46.44 39.27 164.67
C PHE OA 30 -47.44 39.52 163.55
N VAL OA 31 -47.60 38.53 162.68
CA VAL OA 31 -48.39 38.69 161.45
C VAL OA 31 -49.59 37.75 161.51
N LEU OA 32 -50.78 38.34 161.40
CA LEU OA 32 -52.00 37.55 161.25
C LEU OA 32 -52.07 37.01 159.82
N PRO OA 33 -52.55 35.77 159.63
CA PRO OA 33 -52.51 35.20 158.27
C PRO OA 33 -53.53 35.78 157.32
N CYS OA 34 -54.76 35.98 157.78
CA CYS OA 34 -55.85 36.45 156.92
C CYS OA 34 -56.11 37.94 157.05
N ILE OA 35 -55.29 38.68 157.81
CA ILE OA 35 -55.49 40.10 158.02
C ILE OA 35 -54.33 40.93 157.47
N GLN OA 36 -53.10 40.50 157.70
CA GLN OA 36 -51.93 41.26 157.31
C GLN OA 36 -51.46 40.88 155.90
N GLN OA 37 -50.77 41.82 155.26
CA GLN OA 37 -50.20 41.63 153.93
C GLN OA 37 -48.70 41.85 154.01
N ILE OA 38 -47.94 40.96 153.36
CA ILE OA 38 -46.48 40.91 153.49
C ILE OA 38 -45.86 41.38 152.18
N GLN OA 39 -44.91 42.31 152.29
CA GLN OA 39 -44.12 42.77 151.15
C GLN OA 39 -42.70 43.02 151.61
N ARG OA 40 -41.75 42.88 150.68
CA ARG OA 40 -40.33 42.91 151.00
C ARG OA 40 -39.57 43.82 150.05
N ILE OA 41 -38.49 44.41 150.56
CA ILE OA 41 -37.52 45.17 149.78
C ILE OA 41 -36.13 44.66 150.12
N SER OA 42 -35.33 44.39 149.09
CA SER OA 42 -33.94 43.97 149.29
C SER OA 42 -33.03 45.19 149.39
N LEU OA 43 -32.24 45.23 150.46
CA LEU OA 43 -31.34 46.35 150.72
C LEU OA 43 -29.92 46.09 150.24
N ASN OA 44 -29.68 44.97 149.58
CA ASN OA 44 -28.31 44.62 149.19
C ASN OA 44 -27.79 45.59 148.14
N THR OA 45 -26.51 45.93 148.24
CA THR OA 45 -25.91 46.90 147.34
C THR OA 45 -25.75 46.32 145.94
N LEU OA 46 -26.19 47.08 144.94
CA LEU OA 46 -26.09 46.66 143.55
C LEU OA 46 -25.18 47.63 142.80
N THR OA 47 -24.31 47.08 141.96
CA THR OA 47 -23.40 47.89 141.15
C THR OA 47 -24.06 48.30 139.85
N LEU OA 48 -23.69 49.48 139.36
CA LEU OA 48 -24.28 50.05 138.16
C LEU OA 48 -23.18 50.37 137.17
N ASN OA 49 -23.36 49.94 135.92
CA ASN OA 49 -22.42 50.23 134.85
C ASN OA 49 -22.94 51.45 134.08
N VAL OA 50 -22.67 52.63 134.63
CA VAL OA 50 -23.17 53.89 134.10
C VAL OA 50 -22.35 54.21 132.85
N LYS OA 51 -22.92 53.95 131.68
CA LYS OA 51 -22.22 54.09 130.42
C LYS OA 51 -22.73 55.31 129.66
N SER OA 52 -21.80 56.15 129.20
CA SER OA 52 -22.12 57.31 128.38
C SER OA 52 -21.37 57.18 127.06
N GLU OA 53 -22.10 57.29 125.95
CA GLU OA 53 -21.53 57.11 124.63
C GLU OA 53 -21.71 58.38 123.82
N LYS OA 54 -20.60 58.88 123.26
CA LYS OA 54 -20.59 60.05 122.38
C LYS OA 54 -21.22 61.26 123.07
N VAL OA 55 -20.61 61.68 124.17
CA VAL OA 55 -21.08 62.81 124.96
C VAL OA 55 -20.09 63.95 124.79
N TYR OA 56 -20.63 65.16 124.61
CA TYR OA 56 -19.80 66.33 124.40
C TYR OA 56 -19.36 66.97 125.71
N THR OA 57 -18.11 67.43 125.73
CA THR OA 57 -17.52 68.11 126.88
C THR OA 57 -17.69 69.62 126.71
N ARG OA 58 -17.03 70.40 127.56
CA ARG OA 58 -17.29 71.83 127.55
C ARG OA 58 -16.53 72.49 126.39
N HIS OA 59 -15.55 71.79 125.82
CA HIS OA 59 -15.03 72.14 124.49
C HIS OA 59 -15.89 71.59 123.36
N GLY OA 60 -16.77 70.64 123.65
CA GLY OA 60 -17.57 70.00 122.62
C GLY OA 60 -16.99 68.73 122.04
N VAL OA 61 -15.78 68.36 122.41
CA VAL OA 61 -15.18 67.13 121.87
C VAL OA 61 -15.95 65.91 122.39
N PRO OA 62 -16.30 64.96 121.54
CA PRO OA 62 -17.03 63.78 122.01
C PRO OA 62 -16.07 62.69 122.48
N ILE OA 63 -16.29 62.20 123.70
CA ILE OA 63 -15.49 61.13 124.28
C ILE OA 63 -16.42 60.09 124.88
N SER OA 64 -16.10 58.82 124.65
CA SER OA 64 -16.87 57.73 125.24
C SER OA 64 -16.42 57.52 126.67
N VAL OA 65 -17.34 57.70 127.62
CA VAL OA 65 -17.03 57.67 129.05
C VAL OA 65 -17.88 56.60 129.71
N THR OA 66 -17.24 55.73 130.49
CA THR OA 66 -17.91 54.69 131.25
C THR OA 66 -17.75 54.96 132.74
N GLY OA 67 -18.81 54.77 133.49
CA GLY OA 67 -18.78 54.99 134.92
C GLY OA 67 -19.37 53.81 135.67
N ILE OA 68 -18.89 53.62 136.90
CA ILE OA 68 -19.33 52.55 137.78
C ILE OA 68 -19.78 53.18 139.09
N ALA OA 69 -20.93 52.74 139.58
CA ALA OA 69 -21.50 53.28 140.82
C ALA OA 69 -21.95 52.14 141.72
N GLN OA 70 -21.82 52.35 143.03
CA GLN OA 70 -22.31 51.41 144.03
C GLN OA 70 -23.41 52.10 144.85
N VAL OA 71 -24.65 51.67 144.65
CA VAL OA 71 -25.81 52.32 145.23
C VAL OA 71 -26.49 51.35 146.19
N LYS OA 72 -26.95 51.87 147.33
CA LYS OA 72 -27.58 51.09 148.36
C LYS OA 72 -28.70 51.91 148.99
N ILE OA 73 -29.68 51.19 149.55
CA ILE OA 73 -30.82 51.81 150.22
C ILE OA 73 -30.49 51.94 151.68
N GLN OA 74 -30.27 53.18 152.15
CA GLN OA 74 -29.86 53.41 153.52
C GLN OA 74 -31.02 53.18 154.49
N GLY OA 75 -31.19 51.93 154.92
CA GLY OA 75 -32.27 51.60 155.84
C GLY OA 75 -32.09 52.12 157.24
N GLN OA 76 -30.90 52.64 157.57
CA GLN OA 76 -30.69 53.22 158.89
C GLN OA 76 -31.57 54.44 159.11
N ASN OA 77 -31.75 55.27 158.08
CA ASN OA 77 -32.59 56.45 158.18
C ASN OA 77 -34.05 56.05 158.06
N LYS OA 78 -34.83 56.29 159.12
CA LYS OA 78 -36.23 55.92 159.11
C LYS OA 78 -37.01 56.70 158.07
N GLU OA 79 -36.76 58.00 157.96
CA GLU OA 79 -37.50 58.83 157.01
C GLU OA 79 -37.21 58.42 155.58
N MET OA 80 -35.92 58.23 155.25
CA MET OA 80 -35.57 57.85 153.89
C MET OA 80 -36.11 56.48 153.54
N LEU OA 81 -36.02 55.53 154.47
CA LEU OA 81 -36.55 54.20 154.21
C LEU OA 81 -38.06 54.23 154.02
N ALA OA 82 -38.76 55.01 154.84
CA ALA OA 82 -40.21 55.13 154.70
C ALA OA 82 -40.57 55.76 153.35
N ALA OA 83 -39.80 56.75 152.92
CA ALA OA 83 -40.03 57.34 151.60
C ALA OA 83 -39.81 56.30 150.50
N ALA OA 84 -38.74 55.51 150.63
CA ALA OA 84 -38.40 54.55 149.58
C ALA OA 84 -39.43 53.43 149.50
N CYS OA 85 -39.98 53.02 150.64
CA CYS OA 85 -40.95 51.93 150.64
C CYS OA 85 -42.22 52.30 149.88
N GLN OA 86 -42.48 53.60 149.71
CA GLN OA 86 -43.70 54.02 149.04
C GLN OA 86 -43.72 53.68 147.56
N MET OA 87 -42.55 53.43 146.95
CA MET OA 87 -42.51 53.06 145.55
C MET OA 87 -41.66 51.82 145.25
N PHE OA 88 -40.77 51.41 146.14
CA PHE OA 88 -39.87 50.30 145.82
C PHE OA 88 -40.42 48.93 146.18
N LEU OA 89 -41.54 48.86 146.91
CA LEU OA 89 -42.20 47.59 147.12
C LEU OA 89 -42.77 47.07 145.80
N GLY OA 90 -42.58 45.78 145.55
CA GLY OA 90 -43.11 45.14 144.36
C GLY OA 90 -42.27 45.32 143.11
N LYS OA 91 -41.12 45.98 143.21
CA LYS OA 91 -40.23 46.18 142.07
C LYS OA 91 -39.05 45.21 142.17
N THR OA 92 -38.74 44.56 141.06
CA THR OA 92 -37.66 43.61 141.00
C THR OA 92 -36.31 44.32 141.09
N GLU OA 93 -35.27 43.53 141.34
CA GLU OA 93 -33.92 44.09 141.44
C GLU OA 93 -33.48 44.70 140.11
N ALA OA 94 -33.84 44.05 139.00
CA ALA OA 94 -33.41 44.55 137.69
C ALA OA 94 -33.97 45.94 137.40
N GLU OA 95 -35.27 46.14 137.64
CA GLU OA 95 -35.87 47.44 137.37
C GLU OA 95 -35.36 48.49 138.35
N ILE OA 96 -35.17 48.10 139.62
CA ILE OA 96 -34.64 49.03 140.62
C ILE OA 96 -33.26 49.52 140.20
N ALA OA 97 -32.42 48.59 139.75
CA ALA OA 97 -31.10 48.97 139.25
C ALA OA 97 -31.23 49.85 138.01
N HIS OA 98 -32.11 49.48 137.08
CA HIS OA 98 -32.19 50.16 135.79
C HIS OA 98 -32.65 51.60 135.90
N ILE OA 99 -33.64 51.87 136.76
CA ILE OA 99 -34.16 53.24 136.86
C ILE OA 99 -33.10 54.17 137.43
N ALA OA 100 -32.48 53.76 138.54
CA ALA OA 100 -31.41 54.56 139.13
C ALA OA 100 -30.22 54.67 138.19
N LEU OA 101 -29.99 53.64 137.36
CA LEU OA 101 -28.92 53.71 136.37
C LEU OA 101 -29.17 54.84 135.38
N GLU OA 102 -30.39 54.93 134.87
CA GLU OA 102 -30.72 56.01 133.95
C GLU OA 102 -30.63 57.37 134.63
N THR OA 103 -31.07 57.46 135.88
CA THR OA 103 -30.98 58.74 136.59
C THR OA 103 -29.51 59.16 136.76
N LEU OA 104 -28.66 58.24 137.22
CA LEU OA 104 -27.26 58.58 137.42
C LEU OA 104 -26.56 58.86 136.11
N GLU OA 105 -26.97 58.18 135.04
CA GLU OA 105 -26.44 58.50 133.71
C GLU OA 105 -26.83 59.91 133.31
N GLY OA 106 -28.07 60.32 133.59
CA GLY OA 106 -28.46 61.69 133.33
C GLY OA 106 -27.59 62.67 134.08
N HIS OA 107 -27.36 62.41 135.37
CA HIS OA 107 -26.52 63.33 136.15
C HIS OA 107 -25.10 63.39 135.61
N GLN OA 108 -24.51 62.23 135.29
CA GLN OA 108 -23.13 62.20 134.80
C GLN OA 108 -23.02 62.91 133.46
N ARG OA 109 -23.92 62.60 132.53
CA ARG OA 109 -23.88 63.20 131.21
C ARG OA 109 -24.19 64.69 131.28
N ALA OA 110 -24.95 65.13 132.27
CA ALA OA 110 -25.16 66.57 132.47
C ALA OA 110 -23.90 67.24 132.99
N ILE OA 111 -23.24 66.62 133.97
CA ILE OA 111 -22.01 67.20 134.51
C ILE OA 111 -20.83 67.03 133.55
N MET OA 112 -21.00 66.28 132.47
CA MET OA 112 -19.94 66.14 131.47
C MET OA 112 -19.51 67.49 130.93
N ALA OA 113 -20.48 68.38 130.68
CA ALA OA 113 -20.16 69.68 130.11
C ALA OA 113 -19.64 70.67 131.15
N HIS OA 114 -19.64 70.30 132.43
CA HIS OA 114 -19.06 71.20 133.42
C HIS OA 114 -17.54 71.12 133.41
N MET OA 115 -17.00 69.92 133.56
CA MET OA 115 -15.56 69.70 133.61
C MET OA 115 -15.07 69.19 132.26
N THR OA 116 -14.00 69.79 131.76
CA THR OA 116 -13.39 69.39 130.51
C THR OA 116 -12.60 68.09 130.68
N VAL OA 117 -12.28 67.46 129.54
CA VAL OA 117 -11.55 66.19 129.56
C VAL OA 117 -10.19 66.39 130.23
N GLU OA 118 -9.50 67.48 129.89
CA GLU OA 118 -8.25 67.81 130.55
C GLU OA 118 -8.42 67.84 132.06
N GLU OA 119 -9.57 68.33 132.53
CA GLU OA 119 -9.86 68.31 133.95
C GLU OA 119 -10.20 66.89 134.42
N ILE OA 120 -10.93 66.11 133.61
CA ILE OA 120 -11.45 64.85 134.13
C ILE OA 120 -10.34 63.83 134.34
N TYR OA 121 -9.36 63.74 133.44
CA TYR OA 121 -8.35 62.72 133.68
C TYR OA 121 -7.27 63.21 134.64
N LYS OA 122 -6.99 64.52 134.65
CA LYS OA 122 -6.01 65.06 135.57
C LYS OA 122 -6.60 65.31 136.94
N ASP OA 123 -7.58 66.21 137.02
CA ASP OA 123 -8.22 66.53 138.29
C ASP OA 123 -9.50 65.72 138.46
N ARG OA 124 -9.36 64.49 138.94
CA ARG OA 124 -10.47 63.56 139.02
C ARG OA 124 -11.14 63.56 140.39
N GLN OA 125 -10.39 63.92 141.44
CA GLN OA 125 -10.93 63.86 142.79
C GLN OA 125 -12.05 64.87 142.98
N LYS OA 126 -11.81 66.13 142.59
CA LYS OA 126 -12.85 67.14 142.73
C LYS OA 126 -14.05 66.83 141.84
N PHE OA 127 -13.79 66.35 140.62
CA PHE OA 127 -14.87 65.90 139.74
C PHE OA 127 -15.73 64.85 140.43
N SER OA 128 -15.10 63.79 140.95
CA SER OA 128 -15.84 62.71 141.58
C SER OA 128 -16.61 63.22 142.79
N GLU OA 129 -16.00 64.10 143.58
CA GLU OA 129 -16.68 64.61 144.76
C GLU OA 129 -17.91 65.42 144.40
N GLN OA 130 -17.81 66.28 143.37
CA GLN OA 130 -18.97 67.07 142.96
C GLN OA 130 -20.05 66.19 142.37
N VAL OA 131 -19.66 65.20 141.55
CA VAL OA 131 -20.64 64.27 141.00
C VAL OA 131 -21.35 63.54 142.12
N PHE OA 132 -20.60 63.04 143.09
CA PHE OA 132 -21.21 62.34 144.22
C PHE OA 132 -22.14 63.24 144.98
N LYS OA 133 -21.74 64.49 145.25
CA LYS OA 133 -22.60 65.40 145.99
C LYS OA 133 -23.92 65.62 145.28
N VAL OA 134 -23.88 66.00 144.00
CA VAL OA 134 -25.11 66.35 143.28
C VAL OA 134 -26.00 65.12 143.11
N ALA OA 135 -25.40 64.01 142.66
CA ALA OA 135 -26.16 62.79 142.44
C ALA OA 135 -26.76 62.28 143.75
N SER OA 136 -25.98 62.30 144.83
CA SER OA 136 -26.48 61.85 146.12
C SER OA 136 -27.62 62.72 146.61
N SER OA 137 -27.52 64.04 146.42
CA SER OA 137 -28.63 64.91 146.80
C SER OA 137 -29.89 64.55 146.02
N ASP OA 138 -29.80 64.50 144.70
CA ASP OA 138 -31.00 64.28 143.90
C ASP OA 138 -31.52 62.86 144.02
N LEU OA 139 -30.69 61.93 144.48
CA LEU OA 139 -31.13 60.53 144.59
C LEU OA 139 -31.65 60.22 145.99
N VAL OA 140 -31.11 60.89 147.02
CA VAL OA 140 -31.73 60.85 148.33
C VAL OA 140 -33.09 61.52 148.29
N ASN OA 141 -33.22 62.55 147.45
CA ASN OA 141 -34.54 63.08 147.15
C ASN OA 141 -35.45 61.99 146.60
N MET OA 142 -34.90 61.12 145.75
CA MET OA 142 -35.69 59.99 145.27
C MET OA 142 -35.72 58.85 146.28
N GLY OA 143 -34.62 58.66 147.03
CA GLY OA 143 -34.60 57.70 148.11
C GLY OA 143 -33.43 56.73 148.14
N ILE OA 144 -32.52 56.79 147.17
CA ILE OA 144 -31.35 55.93 147.14
C ILE OA 144 -30.11 56.78 147.37
N SER OA 145 -29.23 56.30 148.26
CA SER OA 145 -27.96 56.97 148.53
C SER OA 145 -26.83 56.18 147.87
N VAL OA 146 -26.03 56.88 147.07
CA VAL OA 146 -24.92 56.25 146.37
C VAL OA 146 -23.76 56.09 147.34
N VAL OA 147 -23.29 54.84 147.52
CA VAL OA 147 -22.17 54.60 148.42
C VAL OA 147 -20.90 55.23 147.87
N SER OA 148 -20.62 54.99 146.59
CA SER OA 148 -19.42 55.52 145.97
C SER OA 148 -19.58 55.47 144.46
N TYR OA 149 -19.21 56.56 143.79
CA TYR OA 149 -19.26 56.65 142.34
C TYR OA 149 -17.85 56.80 141.80
N THR OA 150 -17.57 56.16 140.68
CA THR OA 150 -16.27 56.24 140.03
C THR OA 150 -16.48 56.27 138.52
N LEU OA 151 -15.42 56.63 137.81
CA LEU OA 151 -15.41 56.66 136.36
C LEU OA 151 -14.60 55.48 135.85
N LYS OA 152 -15.23 54.62 135.05
CA LYS OA 152 -14.59 53.37 134.65
C LYS OA 152 -13.51 53.60 133.60
N ASP OA 153 -13.90 54.13 132.45
CA ASP OA 153 -12.96 54.31 131.34
C ASP OA 153 -13.35 55.54 130.54
N ILE OA 154 -12.36 56.15 129.91
CA ILE OA 154 -12.55 57.26 128.99
C ILE OA 154 -11.99 56.85 127.63
N HIS OA 155 -12.80 56.98 126.59
CA HIS OA 155 -12.41 56.58 125.25
C HIS OA 155 -12.68 57.73 124.28
N ASP OA 156 -11.80 57.89 123.31
CA ASP OA 156 -11.94 58.91 122.28
C ASP OA 156 -11.83 58.26 120.91
N ASP OA 157 -12.89 58.36 120.12
CA ASP OA 157 -12.90 57.85 118.76
C ASP OA 157 -12.42 58.88 117.74
N GLN OA 158 -12.16 60.11 118.17
CA GLN OA 158 -11.74 61.19 117.29
C GLN OA 158 -10.23 61.37 117.26
N ASP OA 159 -9.48 60.51 117.95
CA ASP OA 159 -8.03 60.60 118.09
C ASP OA 159 -7.60 61.88 118.80
N TYR OA 160 -8.44 62.42 119.68
CA TYR OA 160 -8.12 63.67 120.35
C TYR OA 160 -6.98 63.50 121.33
N LEU OA 161 -6.98 62.41 122.11
CA LEU OA 161 -6.03 62.26 123.21
C LEU OA 161 -4.78 61.51 122.77
N HIS OA 162 -4.85 60.81 121.65
CA HIS OA 162 -3.71 60.03 121.19
C HIS OA 162 -2.51 60.92 120.88
N SER OA 163 -2.76 62.08 120.26
CA SER OA 163 -1.66 63.00 119.97
C SER OA 163 -1.05 63.56 121.25
N LEU OA 164 -1.90 63.89 122.23
CA LEU OA 164 -1.39 64.37 123.51
C LEU OA 164 -0.50 63.32 124.17
N GLY OA 165 -0.89 62.04 124.05
CA GLY OA 165 -0.02 60.98 124.53
C GLY OA 165 1.27 60.88 123.73
N LYS OA 166 1.18 61.03 122.41
CA LYS OA 166 2.32 60.80 121.53
C LYS OA 166 3.38 61.89 121.71
N ALA OA 167 2.96 63.07 122.16
CA ALA OA 167 3.92 64.17 122.38
C ALA OA 167 5.03 63.75 123.35
N ARG OA 168 4.65 63.20 124.50
CA ARG OA 168 5.64 62.80 125.50
C ARG OA 168 6.47 61.62 125.00
N THR OA 169 5.85 60.73 124.22
CA THR OA 169 6.61 59.62 123.65
C THR OA 169 7.72 60.12 122.74
N ALA OA 170 7.43 61.14 121.93
CA ALA OA 170 8.49 61.75 121.13
C ALA OA 170 9.53 62.40 122.04
N GLN OA 171 9.07 63.08 123.10
CA GLN OA 171 9.99 63.78 123.98
C GLN OA 171 10.93 62.82 124.71
N VAL OA 172 10.52 61.56 124.87
CA VAL OA 172 11.40 60.60 125.51
C VAL OA 172 12.24 59.86 124.46
N GLN OA 173 11.69 59.71 123.25
CA GLN OA 173 12.45 59.07 122.19
C GLN OA 173 13.65 59.90 121.78
N LYS OA 174 13.56 61.23 121.92
CA LYS OA 174 14.74 62.05 121.64
C LYS OA 174 15.87 61.72 122.61
N ASP OA 175 15.53 61.51 123.89
CA ASP OA 175 16.52 61.06 124.86
C ASP OA 175 17.03 59.66 124.53
N ALA OA 176 16.14 58.78 124.09
CA ALA OA 176 16.56 57.43 123.70
C ALA OA 176 17.59 57.50 122.57
N ARG OA 177 17.41 58.42 121.63
CA ARG OA 177 18.37 58.55 120.54
C ARG OA 177 19.65 59.25 120.99
N ILE OA 178 19.54 60.22 121.89
CA ILE OA 178 20.73 60.94 122.34
C ILE OA 178 21.67 59.99 123.09
N GLY OA 179 21.11 59.07 123.88
CA GLY OA 179 21.95 58.10 124.56
C GLY OA 179 22.69 57.19 123.59
N GLU OA 180 21.99 56.72 122.55
CA GLU OA 180 22.62 55.88 121.54
C GLU OA 180 23.72 56.64 120.81
N ALA OA 181 23.48 57.90 120.50
CA ALA OA 181 24.50 58.71 119.84
C ALA OA 181 25.74 58.88 120.71
N GLU OA 182 25.54 59.17 122.00
CA GLU OA 182 26.67 59.20 122.94
C GLU OA 182 27.45 57.90 122.90
N ALA OA 183 26.75 56.77 123.06
CA ALA OA 183 27.43 55.49 123.13
C ALA OA 183 28.20 55.18 121.85
N LYS OA 184 27.57 55.43 120.69
CA LYS OA 184 28.22 55.13 119.42
C LYS OA 184 29.46 55.99 119.20
N ARG OA 185 29.37 57.30 119.48
CA ARG OA 185 30.54 58.14 119.31
C ARG OA 185 31.67 57.72 120.24
N ASP OA 186 31.33 57.45 121.51
CA ASP OA 186 32.36 57.06 122.47
C ASP OA 186 33.01 55.73 122.10
N ALA OA 187 32.23 54.78 121.58
CA ALA OA 187 32.83 53.53 121.15
C ALA OA 187 33.71 53.71 119.93
N GLY OA 188 33.20 54.41 118.90
CA GLY OA 188 33.94 54.55 117.66
C GLY OA 188 35.24 55.30 117.80
N ILE OA 189 35.27 56.35 118.61
CA ILE OA 189 36.50 57.14 118.75
C ILE OA 189 37.68 56.26 119.17
N ARG OA 190 37.55 55.53 120.28
CA ARG OA 190 38.64 54.72 120.76
C ARG OA 190 38.82 53.43 119.97
N GLU OA 191 37.76 52.88 119.37
CA GLU OA 191 37.95 51.75 118.47
C GLU OA 191 38.85 52.12 117.31
N ALA OA 192 38.57 53.27 116.67
CA ALA OA 192 39.41 53.72 115.58
C ALA OA 192 40.82 54.02 116.05
N LYS OA 193 40.97 54.62 117.23
CA LYS OA 193 42.31 54.91 117.73
C LYS OA 193 43.12 53.62 117.95
N ALA OA 194 42.51 52.60 118.56
CA ALA OA 194 43.21 51.35 118.79
C ALA OA 194 43.56 50.67 117.47
N LYS OA 195 42.63 50.70 116.50
CA LYS OA 195 42.92 50.25 115.15
C LYS OA 195 44.16 50.94 114.61
N GLN OA 196 44.25 52.25 114.81
CA GLN OA 196 45.38 53.02 114.32
C GLN OA 196 46.69 52.54 114.93
N GLU OA 197 46.71 52.38 116.27
CA GLU OA 197 47.96 51.91 116.89
C GLU OA 197 48.36 50.52 116.40
N LYS OA 198 47.40 49.60 116.25
CA LYS OA 198 47.82 48.26 115.88
C LYS OA 198 48.37 48.25 114.45
N VAL OA 199 47.75 49.01 113.55
CA VAL OA 199 48.27 49.08 112.19
C VAL OA 199 49.64 49.73 112.16
N SER OA 200 49.84 50.79 112.95
CA SER OA 200 51.14 51.45 112.98
C SER OA 200 52.23 50.49 113.46
N ALA OA 201 51.94 49.73 114.51
CA ALA OA 201 52.91 48.75 115.00
C ALA OA 201 53.15 47.63 114.00
N GLN OA 202 52.10 47.17 113.31
CA GLN OA 202 52.28 46.12 112.32
C GLN OA 202 53.20 46.58 111.19
N TYR OA 203 53.01 47.81 110.72
CA TYR OA 203 53.89 48.33 109.68
C TYR OA 203 55.31 48.57 110.20
N LEU OA 204 55.44 48.98 111.47
CA LEU OA 204 56.77 49.11 112.04
C LEU OA 204 57.50 47.77 112.04
N SER OA 205 56.79 46.69 112.37
CA SER OA 205 57.39 45.36 112.31
C SER OA 205 57.72 44.98 110.88
N GLU OA 206 56.83 45.30 109.93
CA GLU OA 206 57.10 45.01 108.54
C GLU OA 206 58.32 45.76 108.00
N ILE OA 207 58.68 46.88 108.63
CA ILE OA 207 59.94 47.54 108.27
C ILE OA 207 61.12 46.62 108.54
N GLU OA 208 61.19 46.06 109.74
CA GLU OA 208 62.26 45.11 110.05
C GLU OA 208 62.16 43.84 109.22
N MET OA 209 60.94 43.47 108.82
CA MET OA 209 60.78 42.37 107.86
C MET OA 209 61.59 42.65 106.59
N ALA OA 210 61.45 43.85 106.03
CA ALA OA 210 62.20 44.21 104.83
C ALA OA 210 63.69 44.36 105.11
N LYS OA 211 64.06 44.83 106.31
CA LYS OA 211 65.46 44.84 106.71
C LYS OA 211 66.08 43.45 106.59
N ALA OA 212 65.42 42.45 107.19
CA ALA OA 212 65.94 41.09 107.12
C ALA OA 212 65.88 40.54 105.71
N GLN OA 213 64.84 40.88 104.95
CA GLN OA 213 64.75 40.41 103.57
C GLN OA 213 65.92 40.92 102.74
N ARG OA 214 66.26 42.21 102.89
CA ARG OA 214 67.46 42.73 102.23
C ARG OA 214 68.70 42.01 102.70
N ASP OA 215 68.88 41.90 104.02
CA ASP OA 215 70.09 41.29 104.58
C ASP OA 215 70.30 39.88 104.06
N TYR OA 216 69.23 39.14 103.77
CA TYR OA 216 69.34 37.80 103.23
C TYR OA 216 69.52 37.79 101.72
N GLU OA 217 68.68 38.52 100.99
CA GLU OA 217 68.68 38.49 99.54
C GLU OA 217 69.98 39.04 98.95
N LEU OA 218 70.49 40.13 99.50
CA LEU OA 218 71.71 40.72 98.94
C LEU OA 218 72.88 39.75 99.05
N LYS OA 219 73.05 39.11 100.22
CA LYS OA 219 74.11 38.14 100.37
C LYS OA 219 73.90 36.92 99.49
N LYS OA 220 72.65 36.46 99.36
CA LYS OA 220 72.40 35.32 98.49
C LYS OA 220 72.80 35.63 97.06
N ALA OA 221 72.43 36.81 96.56
CA ALA OA 221 72.80 37.20 95.20
C ALA OA 221 74.32 37.35 95.06
N ALA OA 222 74.97 37.93 96.07
CA ALA OA 222 76.42 38.10 96.00
C ALA OA 222 77.13 36.75 95.93
N TYR OA 223 76.64 35.76 96.70
CA TYR OA 223 77.22 34.43 96.64
C TYR OA 223 76.90 33.75 95.31
N ASP OA 224 75.70 33.98 94.78
CA ASP OA 224 75.33 33.42 93.49
C ASP OA 224 76.24 33.93 92.38
N ILE OA 225 76.67 35.19 92.46
CA ILE OA 225 77.59 35.71 91.45
C ILE OA 225 78.85 34.86 91.38
N GLU OA 226 79.45 34.60 92.54
CA GLU OA 226 80.69 33.82 92.57
C GLU OA 226 80.46 32.39 92.09
N VAL OA 227 79.37 31.76 92.54
CA VAL OA 227 79.15 30.37 92.14
C VAL OA 227 78.90 30.28 90.65
N ASN OA 228 78.17 31.25 90.08
CA ASN OA 228 77.93 31.23 88.64
C ASN OA 228 79.22 31.44 87.86
N THR OA 229 80.10 32.35 88.32
CA THR OA 229 81.37 32.54 87.62
C THR OA 229 82.20 31.27 87.63
N ARG OA 230 82.33 30.63 88.80
CA ARG OA 230 83.12 29.41 88.87
C ARG OA 230 82.51 28.28 88.06
N ARG OA 231 81.18 28.13 88.07
CA ARG OA 231 80.54 27.11 87.26
C ARG OA 231 80.75 27.37 85.77
N ALA OA 232 80.70 28.63 85.35
CA ALA OA 232 80.94 28.96 83.95
C ALA OA 232 82.37 28.59 83.55
N GLN OA 233 83.33 28.86 84.41
CA GLN OA 233 84.71 28.45 84.12
C GLN OA 233 84.81 26.92 84.02
N ALA OA 234 84.18 26.21 84.95
CA ALA OA 234 84.29 24.77 85.01
C ALA OA 234 83.67 24.11 83.78
N ASP OA 235 82.56 24.66 83.28
CA ASP OA 235 81.91 24.07 82.12
C ASP OA 235 82.82 24.07 80.89
N LEU OA 236 83.50 25.18 80.64
CA LEU OA 236 84.28 25.36 79.42
C LEU OA 236 85.73 24.94 79.57
N ALA OA 237 86.18 24.59 80.78
CA ALA OA 237 87.52 24.02 80.92
C ALA OA 237 87.66 22.76 80.06
N TYR OA 238 86.60 21.95 79.98
CA TYR OA 238 86.65 20.73 79.18
C TYR OA 238 86.91 21.03 77.71
N GLN OA 239 86.16 22.00 77.16
CA GLN OA 239 86.36 22.37 75.76
C GLN OA 239 87.74 22.96 75.53
N LEU OA 240 88.21 23.78 76.47
CA LEU OA 240 89.56 24.33 76.35
C LEU OA 240 90.60 23.24 76.25
N GLN OA 241 90.55 22.25 77.15
CA GLN OA 241 91.54 21.19 77.13
C GLN OA 241 91.40 20.30 75.91
N VAL OA 242 90.17 20.01 75.48
CA VAL OA 242 90.00 19.12 74.33
C VAL OA 242 90.52 19.81 73.07
N ALA OA 243 90.36 21.13 72.97
CA ALA OA 243 90.97 21.84 71.85
C ALA OA 243 92.50 21.83 71.94
N LYS OA 244 93.03 22.05 73.15
CA LYS OA 244 94.48 22.09 73.31
C LYS OA 244 95.11 20.76 72.93
N THR OA 245 94.43 19.65 73.20
CA THR OA 245 94.98 18.35 72.82
C THR OA 245 94.64 17.97 71.38
N LYS OA 246 93.51 18.44 70.85
CA LYS OA 246 93.22 18.27 69.43
C LYS OA 246 94.28 18.96 68.58
N GLN OA 247 94.94 19.99 69.12
CA GLN OA 247 96.10 20.55 68.43
C GLN OA 247 97.11 19.47 68.07
N GLN OA 248 97.53 18.67 69.06
CA GLN OA 248 98.49 17.62 68.78
C GLN OA 248 97.88 16.48 67.97
N ILE OA 249 96.59 16.20 68.19
CA ILE OA 249 95.91 15.19 67.39
C ILE OA 249 96.05 15.51 65.91
N GLU OA 250 95.75 16.75 65.53
CA GLU OA 250 95.88 17.16 64.14
C GLU OA 250 97.33 17.28 63.71
N GLU OA 251 98.21 17.71 64.62
CA GLU OA 251 99.63 17.81 64.28
C GLU OA 251 100.19 16.47 63.80
N GLN OA 252 99.75 15.37 64.41
CA GLN OA 252 100.20 14.05 63.96
C GLN OA 252 99.35 13.48 62.81
N ARG OA 253 98.05 13.76 62.81
CA ARG OA 253 97.18 13.29 61.74
C ARG OA 253 97.56 13.93 60.41
N VAL OA 254 98.31 15.04 60.44
CA VAL OA 254 98.86 15.58 59.20
C VAL OA 254 100.28 15.12 58.96
N GLN OA 255 101.03 14.80 60.01
CA GLN OA 255 102.37 14.23 59.85
C GLN OA 255 102.34 12.90 59.11
N VAL OA 256 101.26 12.13 59.27
CA VAL OA 256 101.15 10.91 58.47
C VAL OA 256 101.14 11.24 56.99
N GLN OA 257 100.52 12.37 56.59
CA GLN OA 257 100.56 12.79 55.20
C GLN OA 257 101.98 13.15 54.74
N VAL OA 258 102.75 13.79 55.62
CA VAL OA 258 104.14 14.10 55.28
C VAL OA 258 104.90 12.83 55.00
N VAL OA 259 104.71 11.80 55.83
CA VAL OA 259 105.37 10.52 55.61
C VAL OA 259 104.92 9.92 54.27
N GLU OA 260 103.62 9.95 54.00
CA GLU OA 260 103.09 9.46 52.72
C GLU OA 260 103.81 10.10 51.54
N ARG OA 261 103.90 11.42 51.53
CA ARG OA 261 104.51 12.08 50.38
C ARG OA 261 106.02 11.87 50.33
N ALA OA 262 106.68 11.87 51.48
CA ALA OA 262 108.12 11.65 51.54
C ALA OA 262 108.51 10.23 51.16
N GLN OA 263 107.56 9.30 51.08
CA GLN OA 263 107.84 8.01 50.48
C GLN OA 263 107.33 7.87 49.05
N GLN OA 264 106.28 8.60 48.67
CA GLN OA 264 105.91 8.66 47.27
C GLN OA 264 107.02 9.27 46.42
N VAL OA 265 107.84 10.13 47.01
CA VAL OA 265 108.98 10.65 46.26
C VAL OA 265 109.96 9.52 45.93
N ALA OA 266 110.15 8.57 46.85
CA ALA OA 266 111.00 7.42 46.55
C ALA OA 266 110.34 6.50 45.53
N VAL OA 267 109.02 6.37 45.61
CA VAL OA 267 108.29 5.63 44.58
C VAL OA 267 108.60 6.20 43.20
N GLN OA 268 108.53 7.52 43.08
CA GLN OA 268 108.84 8.15 41.80
C GLN OA 268 110.33 8.05 41.46
N GLU OA 269 111.19 8.00 42.48
CA GLU OA 269 112.61 7.81 42.24
C GLU OA 269 112.89 6.47 41.57
N GLN OA 270 112.13 5.44 41.96
CA GLN OA 270 112.24 4.17 41.23
C GLN OA 270 111.51 4.24 39.89
N GLU OA 271 110.42 5.01 39.82
CA GLU OA 271 109.65 5.11 38.59
C GLU OA 271 110.45 5.76 37.47
N ILE OA 272 111.36 6.68 37.79
CA ILE OA 272 112.13 7.33 36.73
C ILE OA 272 113.01 6.31 36.02
N ALA OA 273 113.67 5.41 36.76
CA ALA OA 273 114.49 4.40 36.12
C ALA OA 273 113.64 3.34 35.44
N ARG OA 274 112.47 3.03 36.02
CA ARG OA 274 111.57 2.10 35.34
C ARG OA 274 111.15 2.66 33.97
N ARG OA 275 110.82 3.95 33.93
CA ARG OA 275 110.49 4.60 32.67
C ARG OA 275 111.68 4.63 31.73
N GLU OA 276 112.88 4.91 32.24
CA GLU OA 276 114.09 4.78 31.43
C GLU OA 276 114.10 3.45 30.69
N LYS OA 277 114.07 2.35 31.44
CA LYS OA 277 114.20 1.03 30.83
C LYS OA 277 113.05 0.73 29.88
N GLU OA 278 111.81 0.96 30.34
CA GLU OA 278 110.65 0.60 29.54
C GLU OA 278 110.58 1.42 28.25
N LEU OA 279 110.84 2.73 28.36
CA LEU OA 279 110.83 3.59 27.19
C LEU OA 279 111.93 3.22 26.22
N GLU OA 280 113.12 2.90 26.73
CA GLU OA 280 114.17 2.42 25.84
C GLU OA 280 113.70 1.19 25.08
N ALA OA 281 113.19 0.19 25.80
CA ALA OA 281 112.77 -1.06 25.17
C ALA OA 281 111.67 -0.84 24.14
N ARG OA 282 110.71 0.03 24.42
CA ARG OA 282 109.55 0.20 23.54
C ARG OA 282 109.72 1.28 22.49
N VAL OA 283 110.82 2.04 22.51
CA VAL OA 283 111.00 3.09 21.50
C VAL OA 283 112.33 2.93 20.77
N ARG OA 284 113.44 2.89 21.50
CA ARG OA 284 114.74 2.97 20.86
C ARG OA 284 115.05 1.73 20.04
N LYS OA 285 114.85 0.55 20.64
CA LYS OA 285 115.10 -0.69 19.91
C LYS OA 285 114.17 -0.86 18.71
N PRO OA 286 112.85 -0.61 18.81
CA PRO OA 286 112.03 -0.66 17.59
C PRO OA 286 112.48 0.32 16.52
N ALA OA 287 112.94 1.51 16.92
CA ALA OA 287 113.46 2.46 15.94
C ALA OA 287 114.70 1.92 15.24
N GLU OA 288 115.63 1.32 15.99
CA GLU OA 288 116.81 0.73 15.37
C GLU OA 288 116.43 -0.39 14.42
N ALA OA 289 115.50 -1.26 14.84
CA ALA OA 289 115.07 -2.35 13.98
C ALA OA 289 114.41 -1.84 12.71
N GLU OA 290 113.56 -0.81 12.83
CA GLU OA 290 112.92 -0.24 11.65
C GLU OA 290 113.93 0.42 10.73
N ARG OA 291 114.95 1.08 11.29
CA ARG OA 291 115.99 1.66 10.45
C ARG OA 291 116.74 0.59 9.69
N TYR OA 292 117.08 -0.52 10.36
CA TYR OA 292 117.77 -1.61 9.66
C TYR OA 292 116.88 -2.21 8.57
N LYS OA 293 115.60 -2.38 8.86
CA LYS OA 293 114.68 -2.91 7.86
C LYS OA 293 114.60 -2.01 6.64
N LEU OA 294 114.47 -0.70 6.88
CA LEU OA 294 114.44 0.26 5.78
C LEU OA 294 115.73 0.25 4.98
N GLU OA 295 116.87 0.18 5.67
CA GLU OA 295 118.15 0.10 4.98
C GLU OA 295 118.21 -1.11 4.06
N ARG OA 296 117.84 -2.28 4.58
CA ARG OA 296 117.95 -3.49 3.77
C ARG OA 296 116.95 -3.50 2.61
N LEU OA 297 115.71 -3.07 2.85
CA LEU OA 297 114.73 -3.03 1.77
C LEU OA 297 115.13 -2.02 0.70
N ALA OA 298 115.66 -0.86 1.10
CA ALA OA 298 116.14 0.10 0.12
C ALA OA 298 117.32 -0.43 -0.67
N GLU OA 299 118.24 -1.14 -0.01
CA GLU OA 299 119.35 -1.74 -0.75
C GLU OA 299 118.85 -2.76 -1.76
N ALA OA 300 117.87 -3.57 -1.37
CA ALA OA 300 117.30 -4.54 -2.30
C ALA OA 300 116.62 -3.84 -3.48
N GLU OA 301 115.88 -2.76 -3.21
CA GLU OA 301 115.21 -2.04 -4.28
C GLU OA 301 116.21 -1.42 -5.25
N LYS OA 302 117.30 -0.85 -4.72
CA LYS OA 302 118.34 -0.34 -5.61
C LYS OA 302 118.96 -1.45 -6.44
N SER OA 303 119.26 -2.59 -5.80
CA SER OA 303 119.86 -3.71 -6.53
C SER OA 303 118.95 -4.21 -7.63
N GLN OA 304 117.64 -4.21 -7.40
CA GLN OA 304 116.72 -4.64 -8.43
C GLN OA 304 116.60 -3.61 -9.55
N LEU OA 305 116.49 -2.33 -9.18
CA LEU OA 305 116.27 -1.29 -10.18
C LEU OA 305 117.48 -1.11 -11.08
N ILE OA 306 118.69 -1.18 -10.52
CA ILE OA 306 119.89 -1.00 -11.33
C ILE OA 306 119.97 -2.04 -12.43
N MET OA 307 119.70 -3.30 -12.11
CA MET OA 307 119.86 -4.36 -13.09
C MET OA 307 118.64 -4.51 -14.00
N GLN OA 308 117.45 -4.13 -13.54
CA GLN OA 308 116.33 -4.00 -14.46
C GLN OA 308 116.59 -2.91 -15.49
N ALA OA 309 117.18 -1.79 -15.05
CA ALA OA 309 117.58 -0.74 -15.98
C ALA OA 309 118.64 -1.23 -16.96
N GLU OA 310 119.61 -1.99 -16.47
CA GLU OA 310 120.63 -2.54 -17.35
C GLU OA 310 120.01 -3.47 -18.40
N ALA OA 311 119.05 -4.30 -17.97
CA ALA OA 311 118.37 -5.19 -18.91
C ALA OA 311 117.61 -4.39 -19.97
N GLU OA 312 116.90 -3.35 -19.55
CA GLU OA 312 116.17 -2.52 -20.49
C GLU OA 312 117.12 -1.84 -21.48
N ALA OA 313 118.25 -1.33 -20.99
CA ALA OA 313 119.22 -0.67 -21.85
C ALA OA 313 119.79 -1.66 -22.86
N ALA OA 314 120.12 -2.87 -22.43
CA ALA OA 314 120.62 -3.87 -23.36
C ALA OA 314 119.57 -4.25 -24.40
N SER OA 315 118.31 -4.36 -23.96
CA SER OA 315 117.23 -4.64 -24.91
C SER OA 315 117.13 -3.56 -25.97
N VAL OA 316 117.13 -2.29 -25.54
CA VAL OA 316 117.03 -1.19 -26.49
C VAL OA 316 118.22 -1.20 -27.44
N ARG OA 317 119.42 -1.36 -26.90
CA ARG OA 317 120.63 -1.39 -27.73
C ARG OA 317 120.53 -2.47 -28.80
N MET OA 318 120.23 -3.70 -28.39
CA MET OA 318 120.21 -4.81 -29.34
C MET OA 318 119.11 -4.67 -30.37
N ARG OA 319 117.90 -4.31 -29.95
CA ARG OA 319 116.81 -4.18 -30.91
C ARG OA 319 117.10 -3.05 -31.90
N GLY OA 320 117.62 -1.92 -31.42
CA GLY OA 320 117.95 -0.84 -32.32
C GLY OA 320 119.06 -1.19 -33.29
N GLU OA 321 120.08 -1.89 -32.82
CA GLU OA 321 121.16 -2.32 -33.71
C GLU OA 321 120.63 -3.27 -34.79
N ALA OA 322 119.75 -4.20 -34.39
CA ALA OA 322 119.19 -5.13 -35.36
C ALA OA 322 118.36 -4.40 -36.41
N GLU OA 323 117.53 -3.45 -35.98
CA GLU OA 323 116.66 -2.77 -36.94
C GLU OA 323 117.49 -1.85 -37.85
N ALA OA 324 118.56 -1.25 -37.31
CA ALA OA 324 119.45 -0.46 -38.15
C ALA OA 324 120.16 -1.31 -39.19
N PHE OA 325 120.60 -2.51 -38.81
CA PHE OA 325 121.21 -3.40 -39.78
C PHE OA 325 120.20 -3.81 -40.85
N ALA OA 326 118.95 -4.03 -40.45
CA ALA OA 326 117.90 -4.32 -41.42
C ALA OA 326 117.66 -3.16 -42.38
N ILE OA 327 117.69 -1.92 -41.85
CA ILE OA 327 117.56 -0.74 -42.70
C ILE OA 327 118.70 -0.69 -43.71
N GLY OA 328 119.93 -0.95 -43.25
CA GLY OA 328 121.05 -1.01 -44.17
C GLY OA 328 120.89 -2.10 -45.21
N ALA OA 329 120.31 -3.24 -44.83
CA ALA OA 329 120.09 -4.32 -45.78
C ALA OA 329 119.14 -3.89 -46.89
N ARG OA 330 117.97 -3.34 -46.54
CA ARG OA 330 117.12 -2.81 -47.59
C ARG OA 330 117.78 -1.67 -48.36
N ALA OA 331 118.64 -0.90 -47.72
CA ALA OA 331 119.33 0.18 -48.42
C ALA OA 331 120.19 -0.36 -49.55
N ARG OA 332 121.04 -1.34 -49.22
CA ARG OA 332 121.88 -1.96 -50.24
C ARG OA 332 121.06 -2.62 -51.33
N ALA OA 333 119.99 -3.34 -50.93
CA ALA OA 333 119.14 -3.98 -51.92
C ALA OA 333 118.49 -2.97 -52.85
N GLU OA 334 117.99 -1.87 -52.30
CA GLU OA 334 117.31 -0.86 -53.11
C GLU OA 334 118.28 -0.13 -54.02
N ALA OA 335 119.52 0.09 -53.55
CA ALA OA 335 120.50 0.74 -54.42
C ALA OA 335 120.86 -0.15 -55.60
N GLU OA 336 121.19 -1.41 -55.33
CA GLU OA 336 121.48 -2.33 -56.42
C GLU OA 336 120.27 -2.54 -57.31
N GLN OA 337 119.07 -2.33 -56.75
CA GLN OA 337 117.84 -2.43 -57.52
C GLN OA 337 117.69 -1.25 -58.48
N MET OA 338 117.92 -0.04 -57.99
CA MET OA 338 117.69 1.16 -58.79
C MET OA 338 118.77 1.37 -59.83
N ALA OA 339 119.97 0.82 -59.59
CA ALA OA 339 121.00 0.89 -60.63
C ALA OA 339 120.51 0.27 -61.92
N LYS OA 340 119.88 -0.90 -61.85
CA LYS OA 340 119.37 -1.53 -63.05
C LYS OA 340 118.15 -0.80 -63.62
N LYS OA 341 117.34 -0.17 -62.77
CA LYS OA 341 116.28 0.68 -63.29
C LYS OA 341 116.85 1.77 -64.18
N ALA OA 342 117.90 2.45 -63.71
CA ALA OA 342 118.52 3.48 -64.53
C ALA OA 342 119.12 2.89 -65.80
N GLU OA 343 119.78 1.74 -65.69
CA GLU OA 343 120.37 1.12 -66.88
C GLU OA 343 119.30 0.79 -67.91
N ALA OA 344 118.17 0.24 -67.47
CA ALA OA 344 117.09 -0.08 -68.40
C ALA OA 344 116.48 1.17 -69.00
N PHE OA 345 116.24 2.19 -68.18
CA PHE OA 345 115.68 3.45 -68.68
C PHE OA 345 116.56 4.08 -69.73
N GLN OA 346 117.88 3.87 -69.67
CA GLN OA 346 118.77 4.46 -70.66
C GLN OA 346 118.39 4.07 -72.09
N LEU OA 347 117.89 2.85 -72.29
CA LEU OA 347 117.52 2.36 -73.62
C LEU OA 347 116.05 2.60 -73.92
N TYR OA 348 115.59 3.83 -73.80
CA TYR OA 348 114.21 4.21 -74.11
C TYR OA 348 114.21 5.25 -75.23
N GLN OA 349 113.46 4.95 -76.29
CA GLN OA 349 113.28 5.83 -77.42
C GLN OA 349 111.97 6.60 -77.26
N GLU OA 350 111.58 7.30 -78.34
CA GLU OA 350 110.35 8.09 -78.29
C GLU OA 350 109.11 7.23 -78.11
N ALA OA 351 109.12 6.00 -78.64
CA ALA OA 351 107.96 5.12 -78.48
C ALA OA 351 107.72 4.79 -77.01
N ALA OA 352 108.80 4.52 -76.28
CA ALA OA 352 108.66 4.16 -74.87
C ALA OA 352 108.18 5.35 -74.05
N GLN OA 353 108.72 6.55 -74.31
CA GLN OA 353 108.25 7.73 -73.59
C GLN OA 353 106.80 8.02 -73.92
N LEU OA 354 106.39 7.83 -75.18
CA LEU OA 354 104.99 7.98 -75.54
C LEU OA 354 104.11 6.98 -74.80
N ASP OA 355 104.59 5.74 -74.67
CA ASP OA 355 103.83 4.73 -73.92
C ASP OA 355 103.69 5.14 -72.46
N MET OA 356 104.76 5.64 -71.85
CA MET OA 356 104.69 6.07 -70.45
C MET OA 356 103.72 7.23 -70.29
N LEU OA 357 103.78 8.22 -71.19
CA LEU OA 357 102.89 9.36 -71.10
C LEU OA 357 101.44 8.95 -71.26
N LEU OA 358 101.15 8.06 -72.21
CA LEU OA 358 99.78 7.62 -72.43
C LEU OA 358 99.31 6.61 -71.38
N GLU OA 359 100.22 6.01 -70.62
CA GLU OA 359 99.81 5.21 -69.48
C GLU OA 359 99.55 6.06 -68.26
N LYS OA 360 100.24 7.20 -68.12
CA LYS OA 360 100.05 8.07 -66.97
C LYS OA 360 98.92 9.07 -67.14
N LEU OA 361 98.57 9.44 -68.37
CA LEU OA 361 97.48 10.39 -68.57
C LEU OA 361 96.16 9.93 -67.99
N PRO OA 362 95.70 8.68 -68.19
CA PRO OA 362 94.42 8.28 -67.57
C PRO OA 362 94.41 8.38 -66.06
N GLN OA 363 95.53 8.12 -65.40
CA GLN OA 363 95.55 8.20 -63.94
C GLN OA 363 95.39 9.64 -63.46
N VAL OA 364 96.06 10.58 -64.13
CA VAL OA 364 95.89 11.99 -63.79
C VAL OA 364 94.44 12.42 -64.07
N ALA OA 365 93.88 11.96 -65.18
CA ALA OA 365 92.49 12.28 -65.49
C ALA OA 365 91.56 11.75 -64.42
N GLU OA 366 91.79 10.53 -63.94
CA GLU OA 366 91.00 10.00 -62.82
C GLU OA 366 91.15 10.86 -61.58
N GLU OA 367 92.38 11.21 -61.22
CA GLU OA 367 92.58 11.98 -60.00
C GLU OA 367 92.01 13.39 -60.09
N ILE OA 368 91.79 13.90 -61.30
CA ILE OA 368 91.25 15.26 -61.42
C ILE OA 368 89.74 15.22 -61.62
N SER OA 369 89.22 14.11 -62.13
CA SER OA 369 87.79 14.00 -62.40
C SER OA 369 87.03 13.21 -61.35
N GLY OA 370 87.73 12.64 -60.36
CA GLY OA 370 87.07 11.95 -59.28
C GLY OA 370 86.34 12.90 -58.34
N PRO OA 371 87.06 13.88 -57.80
CA PRO OA 371 86.40 14.90 -56.97
C PRO OA 371 85.34 15.68 -57.72
N LEU OA 372 85.53 15.95 -59.02
CA LEU OA 372 84.57 16.76 -59.76
C LEU OA 372 83.24 16.06 -59.93
N THR OA 373 83.24 14.73 -60.10
CA THR OA 373 82.01 14.00 -60.30
C THR OA 373 81.24 13.76 -59.00
N SER OA 374 81.61 14.44 -57.92
CA SER OA 374 80.85 14.40 -56.68
C SER OA 374 79.75 15.45 -56.63
N ALA OA 375 79.65 16.32 -57.64
CA ALA OA 375 78.60 17.32 -57.67
C ALA OA 375 77.23 16.66 -57.77
N ASN OA 376 76.26 17.20 -57.03
CA ASN OA 376 74.93 16.60 -57.01
C ASN OA 376 74.22 16.79 -58.34
N LYS OA 377 74.21 18.01 -58.86
CA LYS OA 377 73.57 18.30 -60.14
C LYS OA 377 74.34 19.37 -60.88
N ILE OA 378 74.27 19.30 -62.21
CA ILE OA 378 74.92 20.27 -63.09
C ILE OA 378 73.89 20.73 -64.10
N THR OA 379 73.71 22.04 -64.23
CA THR OA 379 72.73 22.63 -65.13
C THR OA 379 73.46 23.35 -66.25
N LEU OA 380 73.08 23.04 -67.49
CA LEU OA 380 73.70 23.59 -68.68
C LEU OA 380 72.67 24.42 -69.44
N VAL OA 381 73.04 25.64 -69.82
CA VAL OA 381 72.14 26.55 -70.51
C VAL OA 381 72.90 27.23 -71.64
N SER OA 382 72.29 27.31 -72.81
CA SER OA 382 72.89 27.94 -73.97
C SER OA 382 71.99 29.06 -74.48
N SER OA 383 72.58 29.92 -75.29
CA SER OA 383 71.84 31.05 -75.87
C SER OA 383 72.64 31.58 -77.05
N GLY OA 384 71.94 32.02 -78.10
CA GLY OA 384 72.63 32.54 -79.26
C GLY OA 384 73.39 31.45 -79.97
N SER OA 385 74.50 31.84 -80.58
CA SER OA 385 75.36 30.92 -81.32
C SER OA 385 76.34 30.19 -80.42
N GLY OA 386 76.11 30.19 -79.12
CA GLY OA 386 77.00 29.56 -78.18
C GLY OA 386 76.79 28.06 -78.08
N THR OA 387 77.64 27.44 -77.28
CA THR OA 387 77.58 26.01 -77.02
C THR OA 387 76.67 25.70 -75.84
N MET OA 388 76.34 24.42 -75.69
CA MET OA 388 75.45 23.97 -74.63
C MET OA 388 76.12 24.00 -73.26
N GLY OA 389 77.39 23.59 -73.17
CA GLY OA 389 78.14 23.64 -71.93
C GLY OA 389 78.91 22.38 -71.57
N ALA OA 390 78.66 21.26 -72.25
CA ALA OA 390 79.42 20.05 -71.95
C ALA OA 390 80.88 20.22 -72.33
N ALA OA 391 81.11 20.88 -73.47
CA ALA OA 391 82.47 21.24 -73.85
C ALA OA 391 83.15 22.10 -72.79
N LYS OA 392 82.39 22.91 -72.06
CA LYS OA 392 82.99 23.71 -71.00
C LYS OA 392 83.54 22.82 -69.89
N VAL OA 393 82.78 21.81 -69.47
CA VAL OA 393 83.24 20.92 -68.41
C VAL OA 393 84.44 20.11 -68.88
N THR OA 394 84.35 19.55 -70.09
CA THR OA 394 85.48 18.77 -70.61
C THR OA 394 86.72 19.65 -70.77
N GLY OA 395 86.53 20.89 -71.22
CA GLY OA 395 87.64 21.81 -71.35
C GLY OA 395 88.25 22.19 -70.01
N GLU OA 396 87.41 22.34 -68.98
CA GLU OA 396 87.94 22.61 -67.65
C GLU OA 396 88.82 21.47 -67.17
N VAL OA 397 88.33 20.23 -67.30
CA VAL OA 397 89.11 19.08 -66.87
C VAL OA 397 90.41 18.98 -67.68
N LEU OA 398 90.32 19.12 -69.00
CA LEU OA 398 91.51 19.01 -69.84
C LEU OA 398 92.49 20.15 -69.58
N ASP OA 399 91.98 21.35 -69.32
CA ASP OA 399 92.85 22.49 -69.03
C ASP OA 399 93.60 22.29 -67.73
N ILE OA 400 92.92 21.77 -66.71
CA ILE OA 400 93.64 21.44 -65.47
C ILE OA 400 94.69 20.38 -65.73
N LEU OA 401 94.32 19.33 -66.47
CA LEU OA 401 95.24 18.23 -66.74
C LEU OA 401 96.45 18.68 -67.56
N THR OA 402 96.29 19.72 -68.37
CA THR OA 402 97.39 20.20 -69.20
C THR OA 402 98.19 21.31 -68.53
N ARG OA 403 97.59 22.03 -67.58
CA ARG OA 403 98.32 23.08 -66.87
C ARG OA 403 99.08 22.52 -65.68
N LEU OA 404 98.66 21.37 -65.14
CA LEU OA 404 99.43 20.76 -64.06
C LEU OA 404 100.85 20.43 -64.46
N PRO OA 405 101.14 19.81 -65.61
CA PRO OA 405 102.54 19.59 -65.99
C PRO OA 405 103.33 20.87 -66.12
N GLU OA 406 102.71 21.97 -66.56
CA GLU OA 406 103.44 23.23 -66.66
C GLU OA 406 103.71 23.83 -65.28
N SER OA 407 102.76 23.68 -64.35
CA SER OA 407 103.01 24.14 -62.99
C SER OA 407 104.16 23.36 -62.36
N VAL OA 408 104.19 22.04 -62.58
CA VAL OA 408 105.32 21.24 -62.10
C VAL OA 408 106.61 21.62 -62.83
N GLU OA 409 106.49 21.96 -64.13
CA GLU OA 409 107.62 22.46 -64.90
C GLU OA 409 108.25 23.68 -64.24
N ARG OA 410 107.41 24.58 -63.73
CA ARG OA 410 107.90 25.82 -63.15
C ARG OA 410 108.87 25.55 -62.00
N LEU OA 411 108.65 24.47 -61.25
CA LEU OA 411 109.53 24.16 -60.14
C LEU OA 411 110.67 23.23 -60.56
N THR OA 412 110.33 22.08 -61.15
CA THR OA 412 111.36 21.08 -61.45
C THR OA 412 112.31 21.56 -62.53
N GLY OA 413 111.77 22.07 -63.63
CA GLY OA 413 112.59 22.49 -64.75
C GLY OA 413 112.97 21.39 -65.72
N VAL OA 414 112.29 20.25 -65.68
CA VAL OA 414 112.57 19.13 -66.58
C VAL OA 414 111.32 18.84 -67.40
N SER OA 415 111.51 18.72 -68.72
CA SER OA 415 110.40 18.60 -69.65
C SER OA 415 109.62 17.32 -69.41
N ILE OA 416 108.33 17.37 -69.76
CA ILE OA 416 107.44 16.22 -69.62
C ILE OA 416 106.94 15.70 -70.96
N SER OA 417 106.91 16.54 -71.99
CA SER OA 417 106.50 16.13 -73.33
C SER OA 417 107.68 16.21 -74.28
N GLN OA 418 107.85 15.18 -75.10
CA GLN OA 418 108.99 15.14 -76.02
C GLN OA 418 108.79 16.09 -77.19
N VAL OA 419 107.55 16.38 -77.56
CA VAL OA 419 107.28 17.30 -78.67
C VAL OA 419 106.29 18.37 -78.24
N MET PA 1 -35.30 26.36 163.73
CA MET PA 1 -35.23 25.07 164.40
C MET PA 1 -33.88 24.94 165.08
N GLY PA 2 -32.81 25.19 164.33
CA GLY PA 2 -31.47 25.11 164.85
C GLY PA 2 -31.21 26.02 166.03
N ASN PA 3 -30.56 25.51 167.07
CA ASN PA 3 -30.34 26.25 168.30
C ASN PA 3 -28.88 26.16 168.69
N CYS PA 4 -28.37 27.24 169.29
CA CYS PA 4 -27.04 27.27 169.92
C CYS PA 4 -25.94 26.92 168.91
N HIS PA 5 -25.79 27.81 167.94
CA HIS PA 5 -24.77 27.67 166.90
C HIS PA 5 -23.55 28.54 167.19
N THR PA 6 -22.39 28.00 166.83
CA THR PA 6 -21.11 28.70 166.95
C THR PA 6 -20.35 28.56 165.65
N VAL PA 7 -19.50 29.55 165.37
CA VAL PA 7 -18.74 29.60 164.12
C VAL PA 7 -17.27 29.81 164.45
N GLY PA 8 -16.41 29.35 163.55
CA GLY PA 8 -14.98 29.49 163.71
C GLY PA 8 -14.52 30.92 163.48
N PRO PA 9 -13.24 31.19 163.78
CA PRO PA 9 -12.72 32.55 163.64
C PRO PA 9 -12.68 33.05 162.21
N ASN PA 10 -12.74 32.16 161.22
CA ASN PA 10 -12.68 32.60 159.83
C ASN PA 10 -13.95 33.34 159.39
N GLU PA 11 -15.10 33.00 159.95
CA GLU PA 11 -16.37 33.59 159.55
C GLU PA 11 -17.05 34.22 160.75
N ALA PA 12 -17.77 35.30 160.49
CA ALA PA 12 -18.48 36.05 161.52
C ALA PA 12 -19.95 35.66 161.49
N LEU PA 13 -20.47 35.26 162.65
CA LEU PA 13 -21.88 34.93 162.77
C LEU PA 13 -22.68 36.19 163.08
N VAL PA 14 -23.74 36.42 162.31
CA VAL PA 14 -24.60 37.58 162.48
C VAL PA 14 -26.00 37.09 162.83
N VAL PA 15 -26.57 37.66 163.89
CA VAL PA 15 -27.93 37.38 164.31
C VAL PA 15 -28.61 38.70 164.65
N SER PA 16 -29.90 38.78 164.34
CA SER PA 16 -30.70 39.96 164.65
C SER PA 16 -32.13 39.54 164.91
N GLY PA 17 -32.70 40.05 166.00
CA GLY PA 17 -34.07 39.73 166.36
C GLY PA 17 -34.59 40.55 167.53
N GLY PA 18 -35.82 41.03 167.41
CA GLY PA 18 -36.40 41.85 168.46
C GLY PA 18 -37.13 41.05 169.51
N CYS PA 19 -36.47 40.79 170.65
CA CYS PA 19 -37.06 39.96 171.70
C CYS PA 19 -38.36 40.58 172.22
N CYS PA 20 -38.36 41.88 172.44
CA CYS PA 20 -39.55 42.62 172.82
C CYS PA 20 -39.95 43.64 171.76
N GLY PA 21 -39.49 43.46 170.52
CA GLY PA 21 -39.71 44.41 169.45
C GLY PA 21 -38.62 45.44 169.28
N SER PA 22 -37.69 45.55 170.23
CA SER PA 22 -36.59 46.48 170.12
C SER PA 22 -35.46 45.87 169.28
N ASP PA 23 -34.74 46.75 168.59
CA ASP PA 23 -33.71 46.32 167.65
C ASP PA 23 -32.50 45.82 168.42
N TYR PA 24 -32.29 44.51 168.42
CA TYR PA 24 -31.12 43.89 169.03
C TYR PA 24 -30.41 43.04 167.98
N LYS PA 25 -29.32 43.58 167.43
CA LYS PA 25 -28.50 42.87 166.45
C LYS PA 25 -27.17 42.51 167.08
N GLN PA 26 -26.80 41.23 166.98
CA GLN PA 26 -25.55 40.74 167.53
C GLN PA 26 -24.70 40.18 166.38
N TYR PA 27 -23.49 40.71 166.24
CA TYR PA 27 -22.53 40.25 165.25
C TYR PA 27 -21.26 39.84 165.98
N VAL PA 28 -20.94 38.54 165.93
CA VAL PA 28 -19.81 37.98 166.65
C VAL PA 28 -19.03 37.08 165.69
N PHE PA 29 -17.72 37.25 165.66
CA PHE PA 29 -16.84 36.44 164.83
C PHE PA 29 -16.12 35.42 165.69
N GLY PA 30 -16.24 34.15 165.32
CA GLY PA 30 -15.54 33.10 166.04
C GLY PA 30 -15.89 32.98 167.50
N GLY PA 31 -17.17 33.12 167.85
CA GLY PA 31 -17.59 33.09 169.23
C GLY PA 31 -18.76 32.19 169.52
N TRP PA 32 -19.65 32.62 170.41
CA TRP PA 32 -20.79 31.84 170.83
C TRP PA 32 -22.06 32.64 170.61
N ALA PA 33 -23.14 31.91 170.30
CA ALA PA 33 -24.45 32.53 170.12
C ALA PA 33 -25.52 31.46 170.22
N TRP PA 34 -26.76 31.90 170.43
CA TRP PA 34 -27.91 31.01 170.40
C TRP PA 34 -29.06 31.69 169.66
N ALA PA 35 -29.83 30.90 168.92
CA ALA PA 35 -31.00 31.38 168.20
C ALA PA 35 -32.06 30.30 168.20
N TRP PA 36 -33.31 30.70 168.43
CA TRP PA 36 -34.42 29.77 168.53
C TRP PA 36 -35.08 29.58 167.17
N TRP PA 37 -36.28 28.98 167.18
CA TRP PA 37 -37.00 28.69 165.94
C TRP PA 37 -37.20 29.94 165.10
N CYS PA 38 -37.72 31.01 165.70
CA CYS PA 38 -37.90 32.28 164.98
C CYS PA 38 -37.55 33.51 165.82
N ILE PA 39 -36.50 33.45 166.65
CA ILE PA 39 -36.15 34.64 167.40
C ILE PA 39 -35.25 35.57 166.59
N SER PA 40 -34.40 35.02 165.73
CA SER PA 40 -33.44 35.83 164.98
C SER PA 40 -33.11 35.12 163.67
N ASP PA 41 -32.05 35.56 163.00
CA ASP PA 41 -31.60 34.97 161.76
C ASP PA 41 -30.16 34.48 161.93
N THR PA 42 -29.88 33.29 161.40
CA THR PA 42 -28.57 32.67 161.50
C THR PA 42 -27.87 32.78 160.15
N GLN PA 43 -26.91 33.71 160.06
CA GLN PA 43 -26.13 33.88 158.85
C GLN PA 43 -24.68 34.10 159.21
N ARG PA 44 -23.80 33.78 158.26
CA ARG PA 44 -22.36 33.92 158.46
C ARG PA 44 -21.78 34.74 157.31
N ILE PA 45 -20.69 35.44 157.61
CA ILE PA 45 -19.97 36.25 156.63
C ILE PA 45 -18.57 35.68 156.50
N SER PA 46 -18.20 35.27 155.29
CA SER PA 46 -16.87 34.73 155.05
C SER PA 46 -15.84 35.85 155.05
N LEU PA 47 -15.01 35.92 156.10
CA LEU PA 47 -14.00 36.97 156.23
C LEU PA 47 -12.68 36.60 155.58
N GLU PA 48 -12.70 35.67 154.62
CA GLU PA 48 -11.48 35.28 153.93
C GLU PA 48 -11.03 36.37 152.97
N ILE PA 49 -9.74 36.34 152.63
CA ILE PA 49 -9.21 37.30 151.66
C ILE PA 49 -9.82 37.04 150.30
N MET PA 50 -10.19 38.11 149.61
CA MET PA 50 -10.70 38.04 148.25
C MET PA 50 -9.58 38.41 147.29
N THR PA 51 -9.38 37.59 146.26
CA THR PA 51 -8.35 37.84 145.27
C THR PA 51 -8.78 38.95 144.33
N LEU PA 52 -7.85 39.83 143.99
CA LEU PA 52 -8.09 40.94 143.08
C LEU PA 52 -7.11 40.90 141.92
N GLN PA 53 -7.62 41.10 140.70
CA GLN PA 53 -6.80 41.23 139.50
C GLN PA 53 -7.21 42.48 138.75
N PRO PA 54 -6.97 43.67 139.30
CA PRO PA 54 -7.31 44.90 138.58
C PRO PA 54 -6.45 45.05 137.33
N ARG PA 55 -7.11 45.10 136.18
CA ARG PA 55 -6.45 45.24 134.88
C ARG PA 55 -7.12 46.34 134.09
N CYS PA 56 -6.46 47.49 133.99
CA CYS PA 56 -6.97 48.64 133.26
C CYS PA 56 -6.36 48.65 131.87
N GLU PA 57 -7.21 48.81 130.85
CA GLU PA 57 -6.78 48.79 129.46
C GLU PA 57 -6.89 50.19 128.87
N ASP PA 58 -5.82 50.63 128.20
CA ASP PA 58 -5.78 51.92 127.52
C ASP PA 58 -6.07 53.08 128.48
N VAL PA 59 -5.27 53.15 129.54
CA VAL PA 59 -5.37 54.21 130.53
C VAL PA 59 -4.11 55.08 130.45
N GLU PA 60 -4.29 56.38 130.66
CA GLU PA 60 -3.24 57.36 130.42
C GLU PA 60 -2.95 58.17 131.68
N THR PA 61 -1.69 58.53 131.84
CA THR PA 61 -1.23 59.28 133.00
C THR PA 61 -1.36 60.78 132.73
N ALA PA 62 -0.73 61.59 133.59
CA ALA PA 62 -0.84 63.04 133.47
C ALA PA 62 -0.29 63.53 132.14
N GLU PA 63 0.87 63.03 131.73
CA GLU PA 63 1.43 63.41 130.44
C GLU PA 63 0.71 62.75 129.28
N GLY PA 64 -0.11 61.74 129.54
CA GLY PA 64 -0.97 61.16 128.53
C GLY PA 64 -0.48 59.89 127.89
N VAL PA 65 0.68 59.38 128.28
CA VAL PA 65 1.19 58.15 127.70
C VAL PA 65 0.27 56.99 128.06
N ALA PA 66 -0.20 56.28 127.04
CA ALA PA 66 -1.16 55.20 127.27
C ALA PA 66 -0.46 53.95 127.79
N LEU PA 67 -1.03 53.36 128.83
CA LEU PA 67 -0.51 52.14 129.41
C LEU PA 67 -1.65 51.19 129.69
N THR PA 68 -1.33 49.89 129.74
CA THR PA 68 -2.28 48.85 130.12
C THR PA 68 -1.74 48.21 131.40
N VAL PA 69 -2.10 48.80 132.54
CA VAL PA 69 -1.52 48.46 133.82
C VAL PA 69 -2.41 47.45 134.52
N THR PA 70 -1.82 46.34 134.96
CA THR PA 70 -2.50 45.32 135.73
C THR PA 70 -1.99 45.36 137.16
N GLY PA 71 -2.90 45.21 138.12
CA GLY PA 71 -2.57 45.33 139.53
C GLY PA 71 -2.99 44.12 140.34
N VAL PA 72 -2.56 44.12 141.61
CA VAL PA 72 -3.01 43.16 142.60
C VAL PA 72 -3.25 43.90 143.91
N ALA PA 73 -4.38 43.59 144.55
CA ALA PA 73 -4.74 44.20 145.82
C ALA PA 73 -5.25 43.14 146.77
N GLN PA 74 -4.95 43.32 148.05
CA GLN PA 74 -5.37 42.40 149.10
C GLN PA 74 -6.53 43.03 149.88
N VAL PA 75 -7.68 42.38 149.85
CA VAL PA 75 -8.91 42.90 150.44
C VAL PA 75 -9.53 41.85 151.34
N LYS PA 76 -10.04 42.30 152.48
CA LYS PA 76 -10.68 41.43 153.45
C LYS PA 76 -11.70 42.25 154.24
N ILE PA 77 -12.83 41.62 154.58
CA ILE PA 77 -13.81 42.28 155.42
C ILE PA 77 -13.25 42.49 156.81
N MET PA 78 -13.41 43.70 157.35
CA MET PA 78 -12.79 44.07 158.61
C MET PA 78 -13.55 43.45 159.77
N THR PA 79 -13.04 43.66 160.99
CA THR PA 79 -13.61 43.09 162.21
C THR PA 79 -13.80 44.15 163.29
N GLU PA 80 -13.98 45.41 162.89
CA GLU PA 80 -14.21 46.50 163.83
C GLU PA 80 -15.59 46.34 164.49
N LYS PA 81 -15.95 47.30 165.34
CA LYS PA 81 -17.21 47.25 166.07
C LYS PA 81 -18.33 47.96 165.31
N GLU PA 82 -18.19 49.25 165.06
CA GLU PA 82 -19.24 50.00 164.39
C GLU PA 82 -19.24 49.77 162.88
N LEU PA 83 -18.08 49.48 162.29
CA LEU PA 83 -18.02 49.22 160.86
C LEU PA 83 -18.68 47.89 160.50
N LEU PA 84 -18.67 46.92 161.42
CA LEU PA 84 -19.33 45.65 161.14
C LEU PA 84 -20.84 45.77 161.20
N ALA PA 85 -21.38 46.79 161.86
CA ALA PA 85 -22.80 47.07 161.68
C ALA PA 85 -23.11 47.37 160.22
N VAL PA 86 -22.28 48.20 159.59
CA VAL PA 86 -22.44 48.51 158.17
C VAL PA 86 -22.20 47.26 157.34
N ALA PA 87 -21.19 46.47 157.70
CA ALA PA 87 -20.88 45.26 156.94
C ALA PA 87 -22.05 44.29 156.95
N CYS PA 88 -22.69 44.11 158.12
CA CYS PA 88 -23.81 43.19 158.23
C CYS PA 88 -25.07 43.75 157.56
N GLU PA 89 -25.31 45.06 157.70
CA GLU PA 89 -26.46 45.65 157.04
C GLU PA 89 -26.24 45.90 155.56
N GLN PA 90 -25.06 45.60 155.04
CA GLN PA 90 -24.65 46.05 153.72
C GLN PA 90 -24.81 45.00 152.63
N PHE PA 91 -24.15 43.85 152.76
CA PHE PA 91 -23.90 43.03 151.58
C PHE PA 91 -24.55 41.67 151.60
N LEU PA 92 -24.28 40.85 152.63
CA LEU PA 92 -24.73 39.46 152.64
C LEU PA 92 -26.25 39.37 152.49
N GLY PA 93 -26.73 38.24 151.97
CA GLY PA 93 -25.93 37.06 151.68
C GLY PA 93 -25.54 36.81 150.24
N LYS PA 94 -25.14 37.86 149.53
CA LYS PA 94 -24.60 37.69 148.19
C LYS PA 94 -23.26 36.96 148.27
N ASN PA 95 -23.01 36.09 147.30
CA ASN PA 95 -21.93 35.12 147.41
C ASN PA 95 -20.57 35.76 147.10
N VAL PA 96 -19.52 34.95 147.21
CA VAL PA 96 -18.14 35.44 147.10
C VAL PA 96 -17.88 36.08 145.75
N GLN PA 97 -18.45 35.52 144.68
CA GLN PA 97 -18.30 36.14 143.36
C GLN PA 97 -18.83 37.56 143.37
N ASP PA 98 -19.87 37.82 144.17
CA ASP PA 98 -20.41 39.17 144.24
C ASP PA 98 -19.46 40.13 144.94
N ILE PA 99 -18.84 39.69 146.06
CA ILE PA 99 -17.83 40.52 146.68
C ILE PA 99 -16.73 40.83 145.69
N LYS PA 100 -16.20 39.79 145.03
CA LYS PA 100 -15.03 39.99 144.18
C LYS PA 100 -15.35 40.88 142.99
N ASN PA 101 -16.53 40.72 142.39
CA ASN PA 101 -16.90 41.57 141.26
C ASN PA 101 -17.08 43.01 141.69
N VAL PA 102 -17.82 43.24 142.78
CA VAL PA 102 -18.05 44.62 143.21
C VAL PA 102 -16.73 45.31 143.55
N VAL PA 103 -15.89 44.63 144.32
CA VAL PA 103 -14.61 45.24 144.71
C VAL PA 103 -13.72 45.40 143.49
N LEU PA 104 -13.84 44.48 142.52
CA LEU PA 104 -13.04 44.58 141.31
C LEU PA 104 -13.36 45.84 140.52
N GLN PA 105 -14.65 46.09 140.26
CA GLN PA 105 -14.99 47.31 139.52
C GLN PA 105 -14.64 48.57 140.31
N THR PA 106 -14.94 48.61 141.61
CA THR PA 106 -14.69 49.86 142.33
C THR PA 106 -13.19 50.15 142.43
N LEU PA 107 -12.38 49.13 142.74
CA LEU PA 107 -10.94 49.35 142.78
C LEU PA 107 -10.36 49.55 141.39
N GLU PA 108 -11.02 49.02 140.36
CA GLU PA 108 -10.60 49.32 139.00
C GLU PA 108 -10.70 50.82 138.73
N GLY PA 109 -11.87 51.39 139.03
CA GLY PA 109 -12.04 52.82 138.88
C GLY PA 109 -11.06 53.61 139.71
N HIS PA 110 -10.89 53.23 140.98
CA HIS PA 110 -9.99 53.97 141.87
C HIS PA 110 -8.55 53.88 141.39
N LEU PA 111 -8.12 52.70 140.95
CA LEU PA 111 -6.75 52.51 140.48
C LEU PA 111 -6.49 53.30 139.22
N ARG PA 112 -7.43 53.27 138.26
CA ARG PA 112 -7.25 54.08 137.06
C ARG PA 112 -7.19 55.56 137.42
N SER PA 113 -8.04 55.99 138.34
CA SER PA 113 -8.06 57.39 138.75
C SER PA 113 -6.71 57.82 139.32
N ILE PA 114 -6.20 57.06 140.29
CA ILE PA 114 -4.92 57.44 140.89
C ILE PA 114 -3.78 57.30 139.88
N LEU PA 115 -3.86 56.32 138.99
CA LEU PA 115 -2.84 56.20 137.96
C LEU PA 115 -2.81 57.44 137.08
N GLY PA 116 -3.98 57.97 136.75
CA GLY PA 116 -4.02 59.24 136.06
C GLY PA 116 -3.49 60.37 136.93
N THR PA 117 -3.63 60.25 138.25
CA THR PA 117 -3.21 61.32 139.15
C THR PA 117 -1.70 61.55 139.07
N LEU PA 118 -0.90 60.49 139.05
CA LEU PA 118 0.55 60.64 139.00
C LEU PA 118 1.06 60.41 137.59
N THR PA 119 2.32 60.78 137.37
CA THR PA 119 2.93 60.66 136.06
C THR PA 119 3.59 59.29 135.89
N VAL PA 120 3.96 59.00 134.64
CA VAL PA 120 4.59 57.72 134.33
C VAL PA 120 6.01 57.63 134.88
N GLU PA 121 6.72 58.75 135.02
CA GLU PA 121 8.03 58.71 135.64
C GLU PA 121 7.94 58.24 137.09
N GLN PA 122 6.91 58.69 137.81
CA GLN PA 122 6.71 58.24 139.18
C GLN PA 122 6.35 56.76 139.25
N ILE PA 123 5.47 56.28 138.37
CA ILE PA 123 5.14 54.85 138.39
C ILE PA 123 6.36 54.04 137.94
N TYR PA 124 7.31 54.69 137.28
CA TYR PA 124 8.55 54.03 136.91
C TYR PA 124 9.50 53.92 138.10
N GLN PA 125 9.87 55.04 138.70
CA GLN PA 125 10.87 55.06 139.75
C GLN PA 125 10.30 54.67 141.12
N ASP PA 126 9.36 55.46 141.63
CA ASP PA 126 8.84 55.30 142.99
C ASP PA 126 7.39 54.85 142.92
N ARG PA 127 7.20 53.54 142.82
CA ARG PA 127 5.85 52.97 142.84
C ARG PA 127 5.50 52.32 144.17
N ASP PA 128 6.46 52.16 145.08
CA ASP PA 128 6.10 51.84 146.46
C ASP PA 128 5.36 53.02 147.10
N GLN PA 129 5.84 54.24 146.86
CA GLN PA 129 5.11 55.42 147.28
C GLN PA 129 3.80 55.55 146.53
N PHE PA 130 3.74 55.05 145.29
CA PHE PA 130 2.48 55.01 144.56
C PHE PA 130 1.46 54.15 145.30
N ALA PA 131 1.87 52.97 145.77
CA ALA PA 131 0.97 52.13 146.55
C ALA PA 131 0.64 52.77 147.90
N LYS PA 132 1.60 53.47 148.51
CA LYS PA 132 1.33 54.14 149.77
C LYS PA 132 0.27 55.23 149.60
N LEU PA 133 0.32 55.95 148.47
CA LEU PA 133 -0.72 56.92 148.17
C LEU PA 133 -2.04 56.25 147.77
N VAL PA 134 -1.97 55.08 147.13
CA VAL PA 134 -3.18 54.33 146.84
C VAL PA 134 -3.91 53.98 148.13
N ARG PA 135 -3.15 53.55 149.14
CA ARG PA 135 -3.74 53.34 150.46
C ARG PA 135 -4.39 54.62 150.98
N GLU PA 136 -3.63 55.72 150.98
CA GLU PA 136 -4.12 56.98 151.51
C GLU PA 136 -5.42 57.45 150.85
N VAL PA 137 -5.58 57.18 149.55
CA VAL PA 137 -6.78 57.62 148.85
C VAL PA 137 -7.88 56.57 148.83
N ALA PA 138 -7.59 55.29 149.01
CA ALA PA 138 -8.58 54.23 148.85
C ALA PA 138 -9.17 53.79 150.19
N ALA PA 139 -8.41 53.93 151.28
CA ALA PA 139 -8.95 53.66 152.60
C ALA PA 139 -10.19 54.48 152.92
N PRO PA 140 -10.27 55.79 152.62
CA PRO PA 140 -11.49 56.54 152.96
C PRO PA 140 -12.76 56.04 152.27
N ASP PA 141 -12.66 55.43 151.09
CA ASP PA 141 -13.86 55.01 150.37
C ASP PA 141 -14.05 53.50 150.36
N VAL PA 142 -13.01 52.72 150.12
CA VAL PA 142 -13.15 51.27 150.14
C VAL PA 142 -13.50 50.76 151.53
N GLY PA 143 -13.13 51.51 152.58
CA GLY PA 143 -13.52 51.13 153.93
C GLY PA 143 -14.96 51.45 154.28
N ARG PA 144 -15.64 52.24 153.44
CA ARG PA 144 -17.03 52.60 153.73
C ARG PA 144 -17.93 51.38 153.68
N MET PA 145 -17.71 50.48 152.72
CA MET PA 145 -18.46 49.25 152.64
C MET PA 145 -17.84 48.11 153.45
N GLY PA 146 -16.95 48.44 154.38
CA GLY PA 146 -16.39 47.45 155.29
C GLY PA 146 -15.27 46.61 154.74
N ILE PA 147 -14.73 46.95 153.57
CA ILE PA 147 -13.67 46.17 152.95
C ILE PA 147 -12.33 46.83 153.27
N GLU PA 148 -11.42 46.06 153.87
CA GLU PA 148 -10.09 46.57 154.19
C GLU PA 148 -9.14 46.32 153.03
N ILE PA 149 -8.04 47.06 153.02
CA ILE PA 149 -7.03 46.91 151.98
C ILE PA 149 -5.72 46.48 152.63
N LEU PA 150 -5.48 45.16 152.67
CA LEU PA 150 -4.28 44.66 153.32
C LEU PA 150 -3.02 45.05 152.55
N SER PA 151 -3.07 44.98 151.23
CA SER PA 151 -1.92 45.34 150.41
C SER PA 151 -2.40 45.81 149.04
N PHE PA 152 -1.53 46.55 148.36
CA PHE PA 152 -1.85 47.07 147.04
C PHE PA 152 -0.55 47.28 146.25
N THR PA 153 -0.58 46.87 144.98
CA THR PA 153 0.48 47.18 144.03
C THR PA 153 -0.01 46.80 142.64
N ILE PA 154 0.86 46.97 141.65
CA ILE PA 154 0.52 46.73 140.25
C ILE PA 154 1.29 45.52 139.76
N LYS PA 155 0.60 44.64 139.03
CA LYS PA 155 1.19 43.37 138.61
C LYS PA 155 2.17 43.56 137.46
N ASP PA 156 1.71 44.10 136.35
CA ASP PA 156 2.55 44.29 135.19
C ASP PA 156 2.08 45.52 134.41
N VAL PA 157 3.01 46.11 133.66
CA VAL PA 157 2.73 47.30 132.87
C VAL PA 157 3.12 47.01 131.42
N TYR PA 158 2.22 47.31 130.50
CA TYR PA 158 2.46 47.09 129.08
C TYR PA 158 2.08 48.35 128.30
N ASP PA 159 2.82 48.63 127.24
CA ASP PA 159 2.62 49.81 126.42
C ASP PA 159 2.60 49.45 124.95
N LYS PA 160 1.77 50.16 124.19
CA LYS PA 160 1.71 50.02 122.74
C LYS PA 160 2.59 51.03 122.01
N VAL PA 161 2.92 52.16 122.66
CA VAL PA 161 3.80 53.17 122.10
C VAL PA 161 5.20 53.06 122.69
N ASP PA 162 5.59 51.86 123.15
CA ASP PA 162 6.94 51.49 123.60
C ASP PA 162 7.66 52.61 124.35
N TYR PA 163 7.08 53.00 125.48
CA TYR PA 163 7.71 53.94 126.40
C TYR PA 163 8.94 53.33 127.06
N LEU PA 164 8.75 52.25 127.82
CA LEU PA 164 9.82 51.69 128.63
C LEU PA 164 10.94 51.11 127.78
N SER PA 165 10.60 50.48 126.66
CA SER PA 165 11.63 49.97 125.76
C SER PA 165 12.48 51.10 125.23
N SER PA 166 11.85 52.24 124.90
CA SER PA 166 12.62 53.42 124.50
C SER PA 166 13.49 53.92 125.64
N LEU PA 167 12.96 53.89 126.86
CA LEU PA 167 13.74 54.35 128.00
C LEU PA 167 14.96 53.49 128.29
N GLY PA 168 14.88 52.20 127.97
CA GLY PA 168 16.01 51.31 128.17
C GLY PA 168 17.13 51.49 127.17
N LYS PA 169 16.81 52.16 126.05
CA LYS PA 169 17.79 52.40 125.00
C LYS PA 169 18.96 53.23 125.49
N THR PA 170 18.75 54.04 126.53
CA THR PA 170 19.78 54.97 126.97
C THR PA 170 21.02 54.22 127.46
N GLN PA 171 20.83 53.12 128.18
CA GLN PA 171 21.96 52.38 128.73
C GLN PA 171 22.15 51.01 128.10
N THR PA 172 21.20 50.55 127.28
CA THR PA 172 21.42 49.25 126.62
C THR PA 172 22.62 49.27 125.69
N ALA PA 173 23.11 50.46 125.34
CA ALA PA 173 24.29 50.61 124.49
C ALA PA 173 25.53 51.05 125.25
N VAL PA 174 25.38 51.60 126.46
CA VAL PA 174 26.54 52.02 127.23
C VAL PA 174 27.42 50.83 127.59
N VAL PA 175 26.81 49.73 128.04
CA VAL PA 175 27.58 48.53 128.31
C VAL PA 175 28.17 47.97 127.02
N GLN PA 176 27.42 48.08 125.92
CA GLN PA 176 27.98 47.69 124.63
C GLN PA 176 29.14 48.59 124.23
N ARG PA 177 29.04 49.88 124.54
CA ARG PA 177 30.17 50.79 124.32
C ARG PA 177 31.40 50.32 125.07
N ASP PA 178 31.26 50.03 126.37
CA ASP PA 178 32.40 49.61 127.16
C ASP PA 178 32.97 48.28 126.66
N ALA PA 179 32.09 47.35 126.29
CA ALA PA 179 32.55 46.06 125.79
C ALA PA 179 33.34 46.22 124.49
N ASP PA 180 32.85 47.07 123.59
CA ASP PA 180 33.58 47.31 122.35
C ASP PA 180 34.93 47.95 122.62
N ILE PA 181 34.98 48.90 123.56
CA ILE PA 181 36.26 49.52 123.88
C ILE PA 181 37.24 48.49 124.42
N GLY PA 182 36.76 47.63 125.33
CA GLY PA 182 37.64 46.63 125.91
C GLY PA 182 38.15 45.63 124.88
N VAL PA 183 37.26 45.15 124.02
CA VAL PA 183 37.68 44.17 123.02
C VAL PA 183 38.63 44.80 122.01
N ALA PA 184 38.41 46.08 121.68
CA ALA PA 184 39.33 46.76 120.77
C ALA PA 184 40.71 46.89 121.39
N GLU PA 185 40.78 47.28 122.66
CA GLU PA 185 42.08 47.40 123.32
C GLU PA 185 42.78 46.05 123.41
N ALA PA 186 42.04 45.00 123.73
CA ALA PA 186 42.64 43.67 123.85
C ALA PA 186 43.18 43.20 122.50
N GLU PA 187 42.40 43.39 121.44
CA GLU PA 187 42.87 43.00 120.12
C GLU PA 187 44.09 43.82 119.70
N ARG PA 188 44.12 45.10 120.07
CA ARG PA 188 45.28 45.92 119.76
C ARG PA 188 46.54 45.38 120.43
N ASP PA 189 46.43 45.04 121.72
CA ASP PA 189 47.60 44.53 122.44
C ASP PA 189 48.05 43.19 121.86
N ALA PA 190 47.09 42.30 121.57
CA ALA PA 190 47.44 41.02 120.99
C ALA PA 190 48.16 41.20 119.66
N GLY PA 191 47.61 42.06 118.80
CA GLY PA 191 48.22 42.27 117.49
C GLY PA 191 49.61 42.86 117.58
N ILE PA 192 49.80 43.87 118.44
CA ILE PA 192 51.12 44.48 118.54
C ILE PA 192 52.15 43.47 119.01
N ARG PA 193 51.84 42.68 120.05
CA ARG PA 193 52.91 41.87 120.59
C ARG PA 193 53.16 40.66 119.70
N GLU PA 194 52.10 40.17 119.03
CA GLU PA 194 52.26 39.09 118.05
C GLU PA 194 53.11 39.54 116.87
N ALA PA 195 52.92 40.79 116.41
CA ALA PA 195 53.75 41.31 115.34
C ALA PA 195 55.20 41.39 115.78
N GLU PA 196 55.43 41.80 117.03
CA GLU PA 196 56.80 41.82 117.55
C GLU PA 196 57.42 40.43 117.53
N CYS PA 197 56.67 39.42 117.97
CA CYS PA 197 57.19 38.05 117.97
C CYS PA 197 57.52 37.60 116.55
N LYS PA 198 56.61 37.86 115.61
CA LYS PA 198 56.82 37.46 114.23
C LYS PA 198 58.07 38.13 113.66
N LYS PA 199 58.28 39.41 114.00
CA LYS PA 199 59.46 40.13 113.54
C LYS PA 199 60.73 39.48 114.06
N GLU PA 200 60.79 39.20 115.36
CA GLU PA 200 62.00 38.61 115.91
C GLU PA 200 62.29 37.23 115.31
N MET PA 201 61.26 36.41 115.15
CA MET PA 201 61.49 35.06 114.63
C MET PA 201 61.92 35.12 113.16
N LEU PA 202 61.36 36.04 112.37
CA LEU PA 202 61.82 36.20 111.00
C LEU PA 202 63.27 36.67 110.94
N ASP PA 203 63.67 37.59 111.82
CA ASP PA 203 65.06 38.03 111.79
C ASP PA 203 66.01 36.87 112.05
N VAL PA 204 65.70 36.06 113.08
CA VAL PA 204 66.62 34.96 113.37
C VAL PA 204 66.59 33.92 112.26
N LYS PA 205 65.42 33.62 111.70
CA LYS PA 205 65.33 32.66 110.62
C LYS PA 205 66.12 33.10 109.40
N PHE PA 206 66.06 34.39 109.08
CA PHE PA 206 66.81 34.89 107.94
C PHE PA 206 68.31 34.89 108.21
N MET PA 207 68.73 35.14 109.45
CA MET PA 207 70.16 35.01 109.76
C MET PA 207 70.63 33.57 109.57
N ALA PA 208 69.84 32.61 110.04
CA ALA PA 208 70.20 31.21 109.84
C ALA PA 208 70.25 30.85 108.36
N ASP PA 209 69.28 31.34 107.58
CA ASP PA 209 69.28 31.07 106.14
C ASP PA 209 70.46 31.72 105.46
N THR PA 210 70.90 32.89 105.93
CA THR PA 210 72.10 33.51 105.38
C THR PA 210 73.33 32.65 105.62
N LYS PA 211 73.45 32.10 106.83
CA LYS PA 211 74.57 31.20 107.10
C LYS PA 211 74.50 29.94 106.23
N ILE PA 212 73.30 29.40 106.02
CA ILE PA 212 73.14 28.24 105.16
C ILE PA 212 73.56 28.57 103.73
N ALA PA 213 73.17 29.75 103.25
CA ALA PA 213 73.55 30.16 101.91
C ALA PA 213 75.07 30.30 101.79
N ASP PA 214 75.72 30.82 102.83
CA ASP PA 214 77.17 30.93 102.80
C ASP PA 214 77.82 29.56 102.71
N SER PA 215 77.33 28.60 103.50
CA SER PA 215 77.89 27.25 103.44
C SER PA 215 77.66 26.62 102.07
N LYS PA 216 76.47 26.82 101.51
CA LYS PA 216 76.17 26.29 100.17
C LYS PA 216 77.10 26.91 99.12
N ARG PA 217 77.36 28.20 99.24
CA ARG PA 217 78.26 28.86 98.29
C ARG PA 217 79.66 28.28 98.39
N ALA PA 218 80.16 28.09 99.61
CA ALA PA 218 81.49 27.51 99.77
C ALA PA 218 81.56 26.12 99.16
N PHE PA 219 80.55 25.29 99.44
CA PHE PA 219 80.54 23.93 98.91
C PHE PA 219 80.49 23.93 97.39
N GLU PA 220 79.62 24.75 96.80
CA GLU PA 220 79.50 24.79 95.34
C GLU PA 220 80.80 25.29 94.71
N LEU PA 221 81.43 26.30 95.31
CA LEU PA 221 82.68 26.80 94.77
C LEU PA 221 83.76 25.72 94.79
N GLN PA 222 83.91 25.02 95.91
CA GLN PA 222 84.92 23.97 95.97
C GLN PA 222 84.62 22.85 95.00
N LYS PA 223 83.35 22.44 94.89
CA LYS PA 223 83.00 21.36 93.97
C LYS PA 223 83.26 21.73 92.53
N SER PA 224 82.90 22.95 92.12
CA SER PA 224 83.19 23.38 90.75
C SER PA 224 84.68 23.46 90.50
N ALA PA 225 85.45 23.95 91.49
CA ALA PA 225 86.89 24.02 91.33
C ALA PA 225 87.48 22.64 91.11
N PHE PA 226 87.01 21.64 91.87
CA PHE PA 226 87.51 20.28 91.68
C PHE PA 226 87.11 19.73 90.32
N SER PA 227 85.85 19.97 89.93
CA SER PA 227 85.37 19.51 88.63
C SER PA 227 86.22 20.08 87.50
N GLU PA 228 86.77 21.29 87.69
CA GLU PA 228 87.63 21.88 86.67
C GLU PA 228 88.78 20.93 86.28
N GLU PA 229 89.66 20.63 87.24
CA GLU PA 229 90.80 19.79 86.88
C GLU PA 229 90.41 18.35 86.61
N VAL PA 230 89.33 17.84 87.22
CA VAL PA 230 88.97 16.47 86.87
C VAL PA 230 88.52 16.38 85.42
N ASN PA 231 87.79 17.40 84.95
CA ASN PA 231 87.39 17.42 83.55
C ASN PA 231 88.59 17.63 82.63
N ILE PA 232 89.55 18.45 83.06
CA ILE PA 232 90.76 18.64 82.25
C ILE PA 232 91.49 17.31 82.07
N LYS PA 233 91.69 16.58 83.17
CA LYS PA 233 92.40 15.31 83.09
C LYS PA 233 91.64 14.30 82.24
N THR PA 234 90.31 14.24 82.39
CA THR PA 234 89.55 13.34 81.53
C THR PA 234 89.74 13.72 80.07
N ALA PA 235 89.52 14.99 79.73
CA ALA PA 235 89.61 15.42 78.34
C ALA PA 235 90.95 15.04 77.73
N GLU PA 236 92.03 15.10 78.53
CA GLU PA 236 93.28 14.52 78.06
C GLU PA 236 93.17 13.01 77.86
N ALA PA 237 92.43 12.34 78.76
CA ALA PA 237 92.40 10.88 78.76
C ALA PA 237 91.77 10.32 77.48
N GLN PA 238 90.64 10.87 77.03
CA GLN PA 238 90.06 10.28 75.81
C GLN PA 238 90.99 10.42 74.60
N LEU PA 239 91.61 11.58 74.43
CA LEU PA 239 92.32 11.86 73.18
C LEU PA 239 93.77 11.41 73.20
N ALA PA 240 94.30 10.97 74.35
CA ALA PA 240 95.61 10.30 74.31
C ALA PA 240 95.58 9.09 73.38
N TYR PA 241 94.44 8.40 73.30
CA TYR PA 241 94.31 7.25 72.40
C TYR PA 241 94.52 7.67 70.95
N GLU PA 242 93.84 8.73 70.52
CA GLU PA 242 93.99 9.19 69.15
C GLU PA 242 95.40 9.69 68.88
N LEU PA 243 96.01 10.36 69.86
CA LEU PA 243 97.37 10.84 69.68
C LEU PA 243 98.33 9.68 69.41
N GLN PA 244 98.29 8.66 70.27
CA GLN PA 244 99.17 7.50 70.06
C GLN PA 244 98.80 6.75 68.78
N GLY PA 245 97.52 6.71 68.44
CA GLY PA 245 97.12 6.05 67.21
C GLY PA 245 97.71 6.71 65.98
N ALA PA 246 97.66 8.04 65.91
CA ALA PA 246 98.27 8.75 64.79
C ALA PA 246 99.79 8.56 64.80
N ARG PA 247 100.40 8.61 65.98
CA ARG PA 247 101.85 8.42 66.06
C ARG PA 247 102.26 7.06 65.52
N GLU PA 248 101.47 6.02 65.81
CA GLU PA 248 101.77 4.70 65.27
C GLU PA 248 101.43 4.60 63.79
N GLN PA 249 100.31 5.20 63.36
CA GLN PA 249 99.95 5.19 61.95
C GLN PA 249 101.03 5.81 61.09
N GLN PA 250 101.82 6.73 61.65
CA GLN PA 250 103.00 7.21 60.92
C GLN PA 250 103.83 6.05 60.38
N LYS PA 251 104.35 5.20 61.27
CA LYS PA 251 105.16 4.07 60.85
C LYS PA 251 104.36 3.03 60.09
N ILE PA 252 103.09 2.83 60.46
CA ILE PA 252 102.25 1.88 59.76
C ILE PA 252 102.20 2.22 58.27
N ARG PA 253 101.90 3.48 57.96
CA ARG PA 253 101.81 3.90 56.58
C ARG PA 253 103.19 3.99 55.94
N GLN PA 254 104.23 4.31 56.73
CA GLN PA 254 105.59 4.28 56.21
C GLN PA 254 105.92 2.93 55.60
N GLU PA 255 105.65 1.85 56.34
CA GLU PA 255 105.91 0.53 55.78
C GLU PA 255 104.92 0.13 54.69
N GLU PA 256 103.63 0.49 54.85
CA GLU PA 256 102.65 0.17 53.83
C GLU PA 256 103.02 0.79 52.48
N ILE PA 257 103.71 1.94 52.49
CA ILE PA 257 104.16 2.56 51.25
C ILE PA 257 105.56 2.12 50.84
N GLU PA 258 106.39 1.69 51.78
CA GLU PA 258 107.64 1.03 51.40
C GLU PA 258 107.40 -0.28 50.67
N ILE PA 259 106.22 -0.89 50.84
CA ILE PA 259 105.86 -2.08 50.08
C ILE PA 259 106.13 -1.86 48.59
N GLU PA 260 105.43 -0.90 47.99
CA GLU PA 260 105.58 -0.70 46.55
C GLU PA 260 106.89 -0.03 46.17
N VAL PA 261 107.56 0.64 47.11
CA VAL PA 261 108.92 1.09 46.85
C VAL PA 261 109.82 -0.11 46.57
N VAL PA 262 109.75 -1.11 47.43
CA VAL PA 262 110.54 -2.32 47.24
C VAL PA 262 110.12 -3.03 45.95
N GLN PA 263 108.81 -3.07 45.68
CA GLN PA 263 108.33 -3.71 44.46
C GLN PA 263 108.89 -3.04 43.20
N ARG PA 264 108.78 -1.71 43.13
CA ARG PA 264 109.25 -0.98 41.95
C ARG PA 264 110.77 -0.96 41.87
N LYS PA 265 111.46 -1.19 42.98
CA LYS PA 265 112.91 -1.24 42.93
C LYS PA 265 113.41 -2.38 42.05
N LYS PA 266 112.71 -3.51 42.06
CA LYS PA 266 113.08 -4.66 41.24
C LYS PA 266 112.24 -4.80 39.98
N GLN PA 267 111.15 -4.04 39.86
CA GLN PA 267 110.60 -3.84 38.52
C GLN PA 267 111.65 -3.29 37.56
N ILE PA 268 112.71 -2.66 38.08
CA ILE PA 268 113.83 -2.24 37.24
C ILE PA 268 114.46 -3.44 36.54
N ALA PA 269 114.77 -4.50 37.30
CA ALA PA 269 115.34 -5.70 36.72
C ALA PA 269 114.33 -6.40 35.81
N VAL PA 270 113.04 -6.35 36.19
CA VAL PA 270 112.01 -6.87 35.31
C VAL PA 270 112.10 -6.20 33.94
N GLU PA 271 112.19 -4.88 33.93
CA GLU PA 271 112.22 -4.14 32.67
C GLU PA 271 113.53 -4.35 31.92
N ALA PA 272 114.64 -4.55 32.62
CA ALA PA 272 115.89 -4.85 31.93
C ALA PA 272 115.81 -6.18 31.19
N GLN PA 273 115.30 -7.21 31.87
CA GLN PA 273 115.08 -8.48 31.18
C GLN PA 273 114.11 -8.32 30.02
N GLU PA 274 113.09 -7.47 30.19
CA GLU PA 274 112.19 -7.18 29.08
C GLU PA 274 112.91 -6.50 27.92
N ILE PA 275 113.87 -5.63 28.22
CA ILE PA 275 114.67 -5.00 27.16
C ILE PA 275 115.41 -6.05 26.35
N LEU PA 276 116.07 -6.97 27.05
CA LEU PA 276 116.79 -8.03 26.33
C LEU PA 276 115.82 -8.88 25.49
N ARG PA 277 114.68 -9.25 26.08
CA ARG PA 277 113.72 -10.08 25.36
C ARG PA 277 113.20 -9.38 24.13
N THR PA 278 112.86 -8.09 24.25
CA THR PA 278 112.30 -7.36 23.11
C THR PA 278 113.37 -7.09 22.06
N ASP PA 279 114.62 -6.93 22.46
CA ASP PA 279 115.70 -6.83 21.48
C ASP PA 279 115.76 -8.10 20.63
N LYS PA 280 115.80 -9.27 21.29
CA LYS PA 280 115.87 -10.52 20.53
C LYS PA 280 114.61 -10.73 19.70
N GLU PA 281 113.45 -10.37 20.25
CA GLU PA 281 112.20 -10.54 19.52
C GLU PA 281 112.16 -9.66 18.27
N LEU PA 282 112.60 -8.41 18.39
CA LEU PA 282 112.66 -7.53 17.22
C LEU PA 282 113.63 -8.06 16.19
N ILE PA 283 114.78 -8.60 16.63
CA ILE PA 283 115.69 -9.25 15.70
C ILE PA 283 114.93 -10.32 14.91
N ALA PA 284 114.43 -11.33 15.62
CA ALA PA 284 113.79 -12.47 14.96
C ALA PA 284 112.58 -12.05 14.14
N THR PA 285 111.96 -10.92 14.47
CA THR PA 285 110.71 -10.55 13.82
C THR PA 285 110.92 -9.69 12.58
N VAL PA 286 111.87 -8.76 12.59
CA VAL PA 286 111.99 -7.84 11.45
C VAL PA 286 113.38 -7.86 10.83
N ARG PA 287 114.42 -8.18 11.62
CA ARG PA 287 115.77 -8.06 11.10
C ARG PA 287 116.09 -9.15 10.08
N ARG PA 288 115.70 -10.39 10.37
CA ARG PA 288 115.97 -11.52 9.48
C ARG PA 288 114.98 -11.57 8.32
N PRO PA 289 113.68 -11.33 8.54
CA PRO PA 289 112.77 -11.23 7.38
C PRO PA 289 113.18 -10.15 6.38
N ALA PA 290 113.78 -9.06 6.83
CA ALA PA 290 114.27 -8.05 5.90
C ALA PA 290 115.36 -8.62 5.00
N GLU PA 291 116.30 -9.37 5.58
CA GLU PA 291 117.36 -9.97 4.78
C GLU PA 291 116.81 -11.01 3.82
N ALA PA 292 115.85 -11.82 4.28
CA ALA PA 292 115.23 -12.80 3.41
C ALA PA 292 114.50 -12.12 2.26
N GLU PA 293 113.79 -11.03 2.54
CA GLU PA 293 113.11 -10.28 1.48
C GLU PA 293 114.11 -9.71 0.48
N ALA PA 294 115.24 -9.18 0.98
CA ALA PA 294 116.26 -8.67 0.08
C ALA PA 294 116.79 -9.77 -0.83
N HIS PA 295 117.06 -10.95 -0.27
CA HIS PA 295 117.54 -12.06 -1.08
C HIS PA 295 116.50 -12.47 -2.11
N ARG PA 296 115.23 -12.52 -1.71
CA ARG PA 296 114.17 -12.88 -2.64
C ARG PA 296 114.08 -11.87 -3.78
N ILE PA 297 114.14 -10.59 -3.46
CA ILE PA 297 114.04 -9.55 -4.49
C ILE PA 297 115.20 -9.65 -5.46
N GLN PA 298 116.42 -9.85 -4.95
CA GLN PA 298 117.56 -9.89 -5.86
C GLN PA 298 117.55 -11.17 -6.72
N GLN PA 299 117.10 -12.29 -6.16
CA GLN PA 299 116.97 -13.52 -6.96
C GLN PA 299 115.93 -13.34 -8.07
N ILE PA 300 114.77 -12.80 -7.73
CA ILE PA 300 113.72 -12.61 -8.73
C ILE PA 300 114.13 -11.57 -9.76
N ALA PA 301 114.87 -10.54 -9.34
CA ALA PA 301 115.38 -9.56 -10.29
C ALA PA 301 116.37 -10.20 -11.25
N GLU PA 302 117.23 -11.10 -10.76
CA GLU PA 302 118.14 -11.82 -11.64
C GLU PA 302 117.37 -12.63 -12.66
N GLY PA 303 116.34 -13.36 -12.21
CA GLY PA 303 115.53 -14.14 -13.14
C GLY PA 303 114.88 -13.27 -14.19
N GLU PA 304 114.28 -12.16 -13.77
CA GLU PA 304 113.59 -11.28 -14.71
C GLU PA 304 114.57 -10.65 -15.70
N LYS PA 305 115.76 -10.26 -15.22
CA LYS PA 305 116.75 -9.67 -16.10
C LYS PA 305 117.20 -10.67 -17.16
N VAL PA 306 117.47 -11.91 -16.76
CA VAL PA 306 117.86 -12.92 -17.74
C VAL PA 306 116.74 -13.15 -18.74
N LYS PA 307 115.50 -13.22 -18.26
CA LYS PA 307 114.37 -13.43 -19.16
C LYS PA 307 114.25 -12.30 -20.18
N GLN PA 308 114.36 -11.05 -19.70
CA GLN PA 308 114.25 -9.90 -20.61
C GLN PA 308 115.39 -9.86 -21.61
N VAL PA 309 116.61 -10.18 -21.17
CA VAL PA 309 117.74 -10.18 -22.09
C VAL PA 309 117.54 -11.23 -23.17
N LEU PA 310 117.12 -12.43 -22.78
CA LEU PA 310 116.90 -13.49 -23.76
C LEU PA 310 115.78 -13.12 -24.74
N LEU PA 311 114.68 -12.55 -24.23
CA LEU PA 311 113.59 -12.14 -25.11
C LEU PA 311 114.04 -11.05 -26.07
N ALA PA 312 114.83 -10.10 -25.58
CA ALA PA 312 115.34 -9.05 -26.45
C ALA PA 312 116.26 -9.60 -27.53
N GLN PA 313 117.12 -10.55 -27.18
CA GLN PA 313 117.98 -11.18 -28.17
C GLN PA 313 117.16 -11.91 -29.22
N ALA PA 314 116.13 -12.63 -28.79
CA ALA PA 314 115.26 -13.34 -29.72
C ALA PA 314 114.57 -12.37 -30.67
N GLU PA 315 114.04 -11.27 -30.12
CA GLU PA 315 113.37 -10.28 -30.96
C GLU PA 315 114.34 -9.63 -31.94
N ALA PA 316 115.56 -9.34 -31.48
CA ALA PA 316 116.54 -8.71 -32.35
C ALA PA 316 116.90 -9.61 -33.51
N GLU PA 317 117.11 -10.90 -33.25
CA GLU PA 317 117.49 -11.79 -34.34
C GLU PA 317 116.29 -12.08 -35.23
N LYS PA 318 115.08 -12.08 -34.67
CA LYS PA 318 113.87 -12.11 -35.48
C LYS PA 318 113.87 -10.97 -36.48
N ILE PA 319 114.11 -9.76 -36.00
CA ILE PA 319 114.10 -8.59 -36.87
C ILE PA 319 115.20 -8.70 -37.91
N ARG PA 320 116.38 -9.18 -37.51
CA ARG PA 320 117.49 -9.31 -38.46
C ARG PA 320 117.16 -10.27 -39.59
N LYS PA 321 116.62 -11.44 -39.23
CA LYS PA 321 116.30 -12.45 -40.25
C LYS PA 321 115.17 -11.98 -41.15
N ILE PA 322 114.15 -11.33 -40.58
CA ILE PA 322 113.06 -10.82 -41.40
C ILE PA 322 113.57 -9.75 -42.36
N GLY PA 323 114.46 -8.88 -41.88
CA GLY PA 323 115.02 -7.85 -42.74
C GLY PA 323 115.86 -8.43 -43.86
N GLU PA 324 116.64 -9.47 -43.56
CA GLU PA 324 117.40 -10.13 -44.61
C GLU PA 324 116.49 -10.76 -45.65
N ALA PA 325 115.41 -11.40 -45.21
CA ALA PA 325 114.47 -11.98 -46.15
C ALA PA 325 113.83 -10.91 -47.03
N GLU PA 326 113.44 -9.78 -46.43
CA GLU PA 326 112.85 -8.70 -47.21
C GLU PA 326 113.86 -8.12 -48.20
N ALA PA 327 115.11 -7.99 -47.79
CA ALA PA 327 116.14 -7.50 -48.72
C ALA PA 327 116.31 -8.46 -49.90
N ALA PA 328 116.30 -9.77 -49.62
CA ALA PA 328 116.45 -10.74 -50.69
C ALA PA 328 115.29 -10.66 -51.67
N VAL PA 329 114.06 -10.59 -51.15
CA VAL PA 329 112.90 -10.55 -52.05
C VAL PA 329 112.87 -9.26 -52.83
N ILE PA 330 113.26 -8.14 -52.20
CA ILE PA 330 113.28 -6.86 -52.91
C ILE PA 330 114.32 -6.90 -54.03
N GLU PA 331 115.49 -7.48 -53.77
CA GLU PA 331 116.50 -7.60 -54.82
C GLU PA 331 115.99 -8.49 -55.94
N ALA PA 332 115.25 -9.55 -55.61
CA ALA PA 332 114.66 -10.40 -56.65
C ALA PA 332 113.67 -9.63 -57.51
N MET PA 333 112.80 -8.83 -56.88
CA MET PA 333 111.90 -7.96 -57.63
C MET PA 333 112.66 -7.01 -58.52
N GLY PA 334 113.77 -6.45 -58.03
CA GLY PA 334 114.56 -5.57 -58.87
C GLY PA 334 115.13 -6.29 -60.08
N LYS PA 335 115.69 -7.48 -59.85
CA LYS PA 335 116.17 -8.31 -60.96
C LYS PA 335 115.08 -8.49 -62.01
N ALA PA 336 113.91 -8.94 -61.57
CA ALA PA 336 112.85 -9.30 -62.51
C ALA PA 336 112.29 -8.08 -63.23
N GLU PA 337 112.01 -7.00 -62.49
CA GLU PA 337 111.39 -5.84 -63.10
C GLU PA 337 112.36 -5.13 -64.03
N ALA PA 338 113.64 -5.08 -63.68
CA ALA PA 338 114.63 -4.50 -64.58
C ALA PA 338 114.79 -5.33 -65.84
N GLU PA 339 114.77 -6.66 -65.71
CA GLU PA 339 114.81 -7.49 -66.90
C GLU PA 339 113.58 -7.25 -67.77
N ARG PA 340 112.42 -7.10 -67.14
CA ARG PA 340 111.19 -6.80 -67.87
C ARG PA 340 111.32 -5.52 -68.67
N MET PA 341 111.78 -4.45 -68.02
CA MET PA 341 111.91 -3.17 -68.68
C MET PA 341 112.95 -3.23 -69.80
N LYS PA 342 114.06 -3.92 -69.55
CA LYS PA 342 115.10 -4.03 -70.56
C LYS PA 342 114.58 -4.76 -71.80
N LEU PA 343 113.89 -5.88 -71.60
CA LEU PA 343 113.37 -6.62 -72.74
C LEU PA 343 112.28 -5.83 -73.46
N LYS PA 344 111.50 -5.04 -72.72
CA LYS PA 344 110.45 -4.24 -73.34
C LYS PA 344 111.05 -3.06 -74.11
N ALA PA 345 112.29 -2.69 -73.78
CA ALA PA 345 112.95 -1.59 -74.47
C ALA PA 345 113.15 -1.88 -75.96
N GLU PA 346 113.74 -3.04 -76.30
CA GLU PA 346 113.90 -3.37 -77.72
C GLU PA 346 112.55 -3.56 -78.39
N ALA PA 347 111.55 -4.02 -77.64
CA ALA PA 347 110.22 -4.17 -78.21
C ALA PA 347 109.66 -2.81 -78.64
N TYR PA 348 109.77 -1.80 -77.78
CA TYR PA 348 109.32 -0.46 -78.16
C TYR PA 348 110.21 0.14 -79.24
N GLN PA 349 111.48 -0.27 -79.31
CA GLN PA 349 112.38 0.35 -80.27
C GLN PA 349 111.97 0.05 -81.71
N LYS PA 350 111.19 -1.01 -81.92
CA LYS PA 350 110.85 -1.43 -83.27
C LYS PA 350 109.47 -0.95 -83.70
N TYR PA 351 108.96 0.09 -83.03
CA TYR PA 351 107.63 0.64 -83.30
C TYR PA 351 107.71 1.65 -84.44
N GLY PA 352 106.79 1.54 -85.39
CA GLY PA 352 106.67 2.47 -86.49
C GLY PA 352 105.59 3.49 -86.26
N ASP PA 353 105.17 4.15 -87.34
CA ASP PA 353 104.09 5.12 -87.23
C ASP PA 353 102.76 4.44 -86.88
N ALA PA 354 102.47 3.30 -87.52
CA ALA PA 354 101.19 2.63 -87.29
C ALA PA 354 101.08 2.14 -85.85
N ALA PA 355 102.17 1.64 -85.29
CA ALA PA 355 102.13 1.14 -83.92
C ALA PA 355 101.91 2.26 -82.91
N LYS PA 356 102.56 3.41 -83.12
CA LYS PA 356 102.31 4.56 -82.24
C LYS PA 356 100.87 5.04 -82.38
N MET PA 357 100.34 5.02 -83.61
CA MET PA 357 98.94 5.35 -83.81
C MET PA 357 98.04 4.40 -83.04
N ALA PA 358 98.38 3.11 -83.04
CA ALA PA 358 97.60 2.13 -82.29
C ALA PA 358 97.66 2.43 -80.80
N LEU PA 359 98.84 2.79 -80.29
CA LEU PA 359 98.96 3.13 -78.87
C LEU PA 359 98.07 4.31 -78.51
N VAL PA 360 98.12 5.37 -79.34
CA VAL PA 360 97.32 6.56 -79.04
C VAL PA 360 95.83 6.24 -79.11
N LEU PA 361 95.41 5.49 -80.13
CA LEU PA 361 94.00 5.15 -80.26
C LEU PA 361 93.53 4.28 -79.11
N GLU PA 362 94.39 3.37 -78.64
CA GLU PA 362 94.01 2.55 -77.49
C GLU PA 362 93.91 3.38 -76.23
N ALA PA 363 94.78 4.39 -76.08
CA ALA PA 363 94.73 5.22 -74.89
C ALA PA 363 93.52 6.14 -74.90
N LEU PA 364 93.06 6.56 -76.08
CA LEU PA 364 92.01 7.57 -76.18
C LEU PA 364 90.71 7.22 -75.44
N PRO PA 365 90.12 6.03 -75.59
CA PRO PA 365 88.84 5.78 -74.93
C PRO PA 365 88.90 5.87 -73.41
N GLN PA 366 89.99 5.43 -72.79
CA GLN PA 366 90.09 5.53 -71.34
C GLN PA 366 90.14 6.99 -70.89
N ILE PA 367 90.92 7.82 -71.59
CA ILE PA 367 90.99 9.23 -71.26
C ILE PA 367 89.62 9.87 -71.45
N ALA PA 368 88.94 9.52 -72.55
CA ALA PA 368 87.62 10.08 -72.81
C ALA PA 368 86.63 9.69 -71.72
N ALA PA 369 86.69 8.43 -71.27
CA ALA PA 369 85.81 7.99 -70.19
C ALA PA 369 86.10 8.75 -68.91
N LYS PA 370 87.38 9.00 -68.63
CA LYS PA 370 87.73 9.74 -67.41
C LYS PA 370 87.24 11.18 -67.47
N ILE PA 371 87.43 11.84 -68.62
CA ILE PA 371 87.04 13.24 -68.73
C ILE PA 371 85.53 13.40 -68.68
N ALA PA 372 84.79 12.47 -69.27
CA ALA PA 372 83.34 12.57 -69.33
C ALA PA 372 82.64 12.15 -68.05
N ALA PA 373 83.38 11.60 -67.08
CA ALA PA 373 82.74 11.15 -65.84
C ALA PA 373 81.96 12.24 -65.13
N PRO PA 374 82.44 13.49 -65.02
CA PRO PA 374 81.60 14.51 -64.35
C PRO PA 374 80.29 14.79 -65.07
N LEU PA 375 80.19 14.44 -66.35
CA LEU PA 375 78.96 14.72 -67.10
C LEU PA 375 77.83 13.80 -66.67
N THR PA 376 78.14 12.79 -65.85
CA THR PA 376 77.13 11.82 -65.42
C THR PA 376 76.05 12.46 -64.56
N LYS PA 377 76.40 13.49 -63.80
CA LYS PA 377 75.51 14.05 -62.81
C LYS PA 377 74.70 15.23 -63.32
N VAL PA 378 74.64 15.44 -64.64
CA VAL PA 378 73.83 16.54 -65.16
C VAL PA 378 72.36 16.28 -64.86
N ASP PA 379 71.66 17.33 -64.43
CA ASP PA 379 70.26 17.23 -64.06
C ASP PA 379 69.33 17.59 -65.21
N GLU PA 380 69.48 18.78 -65.77
CA GLU PA 380 68.62 19.22 -66.86
C GLU PA 380 69.42 20.12 -67.79
N ILE PA 381 69.00 20.15 -69.05
CA ILE PA 381 69.68 20.91 -70.09
C ILE PA 381 68.67 21.85 -70.71
N VAL PA 382 69.03 23.12 -70.82
CA VAL PA 382 68.19 24.13 -71.48
C VAL PA 382 68.96 24.69 -72.65
N VAL PA 383 68.38 24.60 -73.85
CA VAL PA 383 69.00 25.06 -75.07
C VAL PA 383 68.10 26.12 -75.72
N LEU PA 384 68.69 27.26 -76.06
CA LEU PA 384 68.00 28.31 -76.78
C LEU PA 384 68.79 28.66 -78.03
N SER PA 385 68.09 29.05 -79.09
CA SER PA 385 68.73 29.35 -80.36
C SER PA 385 68.07 30.58 -80.99
N GLY PA 386 68.80 31.20 -81.91
CA GLY PA 386 68.30 32.38 -82.59
C GLY PA 386 68.52 33.65 -81.80
N ASP PA 387 68.93 34.72 -82.46
CA ASP PA 387 69.18 36.01 -81.80
C ASP PA 387 67.90 36.82 -81.74
N ASN PA 388 67.16 36.66 -80.63
CA ASN PA 388 65.91 37.36 -80.43
C ASN PA 388 65.82 37.83 -78.98
N SER PA 389 64.67 38.38 -78.62
CA SER PA 389 64.46 38.91 -77.29
C SER PA 389 64.17 37.80 -76.29
N LYS PA 390 64.00 38.18 -75.02
CA LYS PA 390 63.78 37.25 -73.93
C LYS PA 390 62.35 37.38 -73.38
N VAL PA 391 61.41 37.70 -74.25
CA VAL PA 391 60.02 37.90 -73.83
C VAL PA 391 59.14 36.73 -74.24
N THR PA 392 59.52 36.03 -75.31
CA THR PA 392 58.69 34.95 -75.84
C THR PA 392 58.50 33.84 -74.82
N SER PA 393 59.58 33.45 -74.14
CA SER PA 393 59.58 32.38 -73.13
C SER PA 393 59.10 31.10 -73.80
N GLU PA 394 58.13 30.38 -73.25
CA GLU PA 394 57.66 29.14 -73.85
C GLU PA 394 56.27 29.33 -74.45
N MET QA 1 -14.47 14.73 172.34
CA MET QA 1 -13.22 14.11 172.79
C MET QA 1 -12.01 14.93 172.33
N PHE QA 2 -10.86 14.67 172.95
CA PHE QA 2 -9.65 15.41 172.63
C PHE QA 2 -9.15 15.03 171.25
N PHE QA 3 -8.65 16.03 170.52
CA PHE QA 3 -8.16 15.85 169.15
C PHE QA 3 -6.70 16.29 169.10
N THR QA 4 -5.79 15.31 169.03
CA THR QA 4 -4.38 15.61 168.95
C THR QA 4 -4.03 16.22 167.59
N CYS QA 5 -3.00 17.04 167.58
CA CYS QA 5 -2.50 17.64 166.36
C CYS QA 5 -0.98 17.69 166.41
N GLY QA 6 -0.36 17.61 165.23
CA GLY QA 6 1.07 17.78 165.13
C GLY QA 6 1.45 19.24 165.19
N PRO QA 7 2.75 19.50 165.02
CA PRO QA 7 3.24 20.87 164.94
C PRO QA 7 3.32 21.48 163.55
N ASN QA 8 2.60 20.93 162.57
CA ASN QA 8 2.51 21.50 161.24
C ASN QA 8 1.10 22.00 160.91
N GLU QA 9 0.19 21.95 161.88
CA GLU QA 9 -1.17 22.41 161.68
C GLU QA 9 -1.65 23.13 162.93
N ALA QA 10 -2.57 24.07 162.73
CA ALA QA 10 -3.18 24.81 163.82
C ALA QA 10 -4.62 24.36 163.98
N MET QA 11 -4.95 23.82 165.15
CA MET QA 11 -6.30 23.38 165.47
C MET QA 11 -7.02 24.52 166.18
N VAL QA 12 -7.89 25.21 165.46
CA VAL QA 12 -8.72 26.26 166.03
C VAL QA 12 -10.17 25.88 165.81
N VAL QA 13 -10.94 25.84 166.90
CA VAL QA 13 -12.33 25.40 166.87
C VAL QA 13 -13.15 26.29 167.80
N SER QA 14 -14.44 26.41 167.49
CA SER QA 14 -15.39 27.10 168.36
C SER QA 14 -16.30 26.08 169.02
N GLY QA 15 -16.43 26.16 170.34
CA GLY QA 15 -17.25 25.21 171.07
C GLY QA 15 -18.43 25.84 171.78
N PHE QA 16 -18.40 25.80 173.11
CA PHE QA 16 -19.44 26.42 173.93
C PHE QA 16 -18.76 27.35 174.94
N CYS QA 17 -19.16 28.62 174.94
CA CYS QA 17 -18.62 29.64 175.84
C CYS QA 17 -17.09 29.71 175.74
N ARG QA 18 -16.63 29.92 174.51
CA ARG QA 18 -15.21 30.07 174.20
C ARG QA 18 -15.00 31.29 173.31
N SER QA 19 -15.58 32.42 173.72
CA SER QA 19 -15.56 33.63 172.91
C SER QA 19 -14.15 34.13 172.57
N PRO QA 20 -13.21 34.22 173.50
CA PRO QA 20 -11.86 34.62 173.12
C PRO QA 20 -11.26 33.59 172.19
N PRO QA 21 -10.37 34.02 171.29
CA PRO QA 21 -9.78 33.08 170.33
C PRO QA 21 -8.94 32.02 171.03
N VAL QA 22 -8.91 30.84 170.43
CA VAL QA 22 -8.15 29.69 170.94
C VAL QA 22 -7.05 29.36 169.95
N MET QA 23 -5.81 29.41 170.42
CA MET QA 23 -4.63 29.14 169.59
C MET QA 23 -4.05 27.80 170.02
N VAL QA 24 -4.38 26.74 169.29
CA VAL QA 24 -3.90 25.40 169.57
C VAL QA 24 -3.22 24.86 168.33
N ALA QA 25 -1.94 24.49 168.46
CA ALA QA 25 -1.19 23.82 167.41
C ALA QA 25 -0.20 22.89 168.09
N GLY QA 26 -0.54 21.60 168.15
CA GLY QA 26 0.25 20.64 168.89
C GLY QA 26 -0.28 20.40 170.29
N GLY QA 27 -1.58 20.18 170.40
CA GLY QA 27 -2.22 19.93 171.68
C GLY QA 27 -3.49 19.15 171.48
N ARG QA 28 -4.39 19.27 172.46
CA ARG QA 28 -5.69 18.62 172.39
C ARG QA 28 -6.78 19.59 172.83
N VAL QA 29 -7.99 19.35 172.32
CA VAL QA 29 -9.17 20.13 172.67
C VAL QA 29 -10.34 19.16 172.83
N PHE QA 30 -11.04 19.23 173.96
CA PHE QA 30 -12.26 18.47 174.15
C PHE QA 30 -13.36 19.05 173.26
N VAL QA 31 -13.85 18.25 172.32
CA VAL QA 31 -14.77 18.74 171.28
C VAL QA 31 -16.09 18.00 171.43
N LEU QA 32 -17.16 18.77 171.62
CA LEU QA 32 -18.52 18.22 171.58
C LEU QA 32 -18.90 17.93 170.14
N PRO QA 33 -19.62 16.84 169.87
CA PRO QA 33 -19.90 16.49 168.46
C PRO QA 33 -20.94 17.37 167.81
N CYS QA 34 -22.03 17.69 168.51
CA CYS QA 34 -23.12 18.45 167.93
C CYS QA 34 -23.09 19.94 168.30
N ILE QA 35 -22.05 20.40 168.98
CA ILE QA 35 -21.94 21.78 169.42
C ILE QA 35 -20.75 22.50 168.79
N GLN QA 36 -19.60 21.84 168.72
CA GLN QA 36 -18.39 22.48 168.23
C GLN QA 36 -18.22 22.26 166.73
N GLN QA 37 -17.48 23.17 166.11
CA GLN QA 37 -17.16 23.12 164.68
C GLN QA 37 -15.65 23.08 164.52
N ILE QA 38 -15.18 22.20 163.64
CA ILE QA 38 -13.76 21.91 163.49
C ILE QA 38 -13.27 22.48 162.16
N GLN QA 39 -12.16 23.22 162.21
CA GLN QA 39 -11.49 23.73 161.03
C GLN QA 39 -9.99 23.68 161.25
N ARG QA 40 -9.25 23.55 160.15
CA ARG QA 40 -7.81 23.30 160.21
C ARG QA 40 -7.06 24.23 159.27
N ILE QA 41 -5.81 24.55 159.66
CA ILE QA 41 -4.87 25.27 158.81
C ILE QA 41 -3.56 24.49 158.82
N SER QA 42 -2.98 24.28 157.64
CA SER QA 42 -1.68 23.63 157.52
C SER QA 42 -0.56 24.66 157.62
N LEU QA 43 0.38 24.40 158.52
CA LEU QA 43 1.49 25.30 158.77
C LEU QA 43 2.76 24.90 158.01
N ASN QA 44 2.69 23.89 157.17
CA ASN QA 44 3.89 23.40 156.50
C ASN QA 44 4.40 24.44 155.51
N THR QA 45 5.72 24.53 155.41
CA THR QA 45 6.34 25.54 154.57
C THR QA 45 6.18 25.19 153.09
N LEU QA 46 5.73 26.16 152.30
CA LEU QA 46 5.54 25.97 150.86
C LEU QA 46 6.47 26.88 150.10
N THR QA 47 7.09 26.35 149.05
CA THR QA 47 8.00 27.13 148.22
C THR QA 47 7.22 27.85 147.12
N LEU QA 48 7.72 29.02 146.74
CA LEU QA 48 7.06 29.87 145.75
C LEU QA 48 8.04 30.18 144.62
N ASN QA 49 7.59 29.99 143.38
CA ASN QA 49 8.39 30.31 142.20
C ASN QA 49 7.98 31.70 141.73
N VAL QA 50 8.55 32.70 142.37
CA VAL QA 50 8.21 34.10 142.11
C VAL QA 50 8.87 34.49 140.79
N LYS QA 51 8.09 34.52 139.71
CA LYS QA 51 8.60 34.75 138.38
C LYS QA 51 8.20 36.15 137.91
N SER QA 52 9.19 36.89 137.40
CA SER QA 52 8.96 38.22 136.81
C SER QA 52 9.46 38.18 135.37
N GLU QA 53 8.60 38.58 134.44
CA GLU QA 53 8.91 38.53 133.02
C GLU QA 53 8.84 39.94 132.44
N LYS QA 54 9.92 40.34 131.76
CA LYS QA 54 10.00 41.62 131.06
C LYS QA 54 9.71 42.79 132.01
N VAL QA 55 10.56 42.92 133.02
CA VAL QA 55 10.44 43.95 134.04
C VAL QA 55 11.57 44.95 133.86
N TYR QA 56 11.25 46.24 133.94
CA TYR QA 56 12.23 47.30 133.73
C TYR QA 56 12.98 47.62 135.01
N THR QA 57 14.28 47.87 134.88
CA THR QA 57 15.15 48.26 135.97
C THR QA 57 15.23 49.78 136.05
N ARG QA 58 16.16 50.30 136.86
CA ARG QA 58 16.15 51.75 137.08
C ARG QA 58 16.83 52.45 135.92
N HIS QA 59 17.57 51.71 135.08
CA HIS QA 59 17.92 52.18 133.74
C HIS QA 59 16.81 51.97 132.73
N GLY QA 60 15.82 51.13 133.03
CA GLY QA 60 14.77 50.81 132.09
C GLY QA 60 15.02 49.58 131.25
N VAL QA 61 16.19 48.96 131.34
CA VAL QA 61 16.46 47.76 130.54
C VAL QA 61 15.58 46.61 131.01
N PRO QA 62 14.92 45.87 130.12
CA PRO QA 62 14.08 44.76 130.56
C PRO QA 62 14.89 43.48 130.70
N ILE QA 63 14.77 42.83 131.85
CA ILE QA 63 15.45 41.57 132.13
C ILE QA 63 14.45 40.60 132.75
N SER QA 64 14.50 39.36 132.29
CA SER QA 64 13.64 38.31 132.85
C SER QA 64 14.27 37.81 134.14
N VAL QA 65 13.55 37.97 135.25
CA VAL QA 65 14.07 37.66 136.58
C VAL QA 65 13.15 36.64 137.25
N THR QA 66 13.73 35.57 137.77
CA THR QA 66 13.01 34.54 138.48
C THR QA 66 13.46 34.53 139.94
N GLY QA 67 12.50 34.38 140.85
CA GLY QA 67 12.79 34.35 142.26
C GLY QA 67 12.13 33.17 142.94
N ILE QA 68 12.75 32.72 144.02
CA ILE QA 68 12.26 31.60 144.82
C ILE QA 68 12.14 32.07 146.26
N ALA QA 69 11.02 31.74 146.89
CA ALA QA 69 10.76 32.14 148.27
C ALA QA 69 10.26 30.95 149.08
N GLN QA 70 10.62 30.93 150.36
CA GLN QA 70 10.14 29.92 151.30
C GLN QA 70 9.33 30.63 152.38
N VAL QA 71 8.01 30.44 152.35
CA VAL QA 71 7.09 31.16 153.22
C VAL QA 71 6.40 30.16 154.15
N LYS QA 72 6.24 30.57 155.41
CA LYS QA 72 5.64 29.71 156.43
C LYS QA 72 4.80 30.58 157.35
N ILE QA 73 3.81 29.95 157.98
CA ILE QA 73 2.91 30.63 158.92
C ILE QA 73 3.50 30.46 160.31
N GLN QA 74 4.00 31.55 160.88
CA GLN QA 74 4.65 31.48 162.18
C GLN QA 74 3.64 31.29 163.30
N GLY QA 75 3.31 30.02 163.59
CA GLY QA 75 2.34 29.72 164.62
C GLY QA 75 2.84 29.97 166.04
N GLN QA 76 4.13 30.25 166.20
CA GLN QA 76 4.65 30.55 167.53
C GLN QA 76 4.05 31.85 168.07
N ASN QA 77 3.87 32.85 167.21
CA ASN QA 77 3.28 34.11 167.63
C ASN QA 77 1.77 33.97 167.71
N LYS QA 78 1.23 34.15 168.92
CA LYS QA 78 -0.21 34.00 169.13
C LYS QA 78 -0.99 35.06 168.35
N GLU QA 79 -0.52 36.30 168.39
CA GLU QA 79 -1.23 37.38 167.70
C GLU QA 79 -1.25 37.18 166.19
N MET QA 80 -0.09 36.85 165.62
CA MET QA 80 -0.02 36.65 164.18
C MET QA 80 -0.85 35.44 163.74
N LEU QA 81 -0.79 34.36 164.51
CA LEU QA 81 -1.59 33.18 164.17
C LEU QA 81 -3.07 33.49 164.26
N ALA QA 82 -3.49 34.22 165.29
CA ALA QA 82 -4.90 34.59 165.43
C ALA QA 82 -5.34 35.47 164.28
N ALA QA 83 -4.48 36.39 163.85
CA ALA QA 83 -4.81 37.21 162.69
C ALA QA 83 -4.95 36.35 161.44
N ALA QA 84 -4.04 35.39 161.25
CA ALA QA 84 -4.04 34.58 160.05
C ALA QA 84 -5.26 33.65 160.00
N CYS QA 85 -5.69 33.16 161.16
CA CYS QA 85 -6.83 32.25 161.19
C CYS QA 85 -8.12 32.92 160.74
N GLN QA 86 -8.17 34.26 160.79
CA GLN QA 86 -9.38 34.98 160.42
C GLN QA 86 -9.68 34.89 158.92
N MET QA 87 -8.69 34.55 158.10
CA MET QA 87 -8.93 34.42 156.67
C MET QA 87 -8.39 33.14 156.05
N PHE QA 88 -7.46 32.44 156.70
CA PHE QA 88 -6.83 31.28 156.07
C PHE QA 88 -7.56 29.98 156.34
N LEU QA 89 -8.54 29.97 157.25
CA LEU QA 89 -9.38 28.79 157.41
C LEU QA 89 -10.23 28.59 156.15
N GLY QA 90 -10.33 27.35 155.70
CA GLY QA 90 -11.13 27.01 154.55
C GLY QA 90 -10.49 27.25 153.21
N LYS QA 91 -9.24 27.70 153.19
CA LYS QA 91 -8.51 27.93 151.94
C LYS QA 91 -7.53 26.81 151.68
N THR QA 92 -7.52 26.31 150.45
CA THR QA 92 -6.65 25.21 150.08
C THR QA 92 -5.20 25.68 150.02
N GLU QA 93 -4.28 24.71 149.96
CA GLU QA 93 -2.86 25.03 149.89
C GLU QA 93 -2.53 25.77 148.60
N ALA QA 94 -3.17 25.38 147.49
CA ALA QA 94 -2.88 26.01 146.21
C ALA QA 94 -3.21 27.49 146.22
N GLU QA 95 -4.40 27.85 146.71
CA GLU QA 95 -4.78 29.26 146.74
C GLU QA 95 -3.94 30.05 147.74
N ILE QA 96 -3.64 29.43 148.88
CA ILE QA 96 -2.80 30.08 149.88
C ILE QA 96 -1.44 30.41 149.29
N ALA QA 97 -0.85 29.45 148.57
CA ALA QA 97 0.42 29.70 147.90
C ALA QA 97 0.27 30.79 146.84
N HIS QA 98 -0.80 30.71 146.04
CA HIS QA 98 -0.97 31.59 144.89
C HIS QA 98 -1.14 33.05 145.28
N ILE QA 99 -1.91 33.34 146.33
CA ILE QA 99 -2.15 34.73 146.70
C ILE QA 99 -0.86 35.37 147.20
N ALA QA 100 -0.15 34.70 148.11
CA ALA QA 100 1.12 35.22 148.59
C ALA QA 100 2.14 35.28 147.48
N LEU QA 101 2.05 34.39 146.49
CA LEU QA 101 2.95 34.45 145.34
C LEU QA 101 2.76 35.74 144.58
N GLU QA 102 1.50 36.12 144.32
CA GLU QA 102 1.24 37.37 143.62
C GLU QA 102 1.68 38.56 144.45
N THR QA 103 1.46 38.52 145.77
CA THR QA 103 1.90 39.63 146.60
C THR QA 103 3.42 39.79 146.57
N LEU QA 104 4.15 38.69 146.74
CA LEU QA 104 5.60 38.75 146.73
C LEU QA 104 6.13 39.15 145.35
N GLU QA 105 5.44 38.72 144.29
CA GLU QA 105 5.80 39.16 142.96
C GLU QA 105 5.63 40.67 142.82
N GLY QA 106 4.54 41.20 143.38
CA GLY QA 106 4.37 42.64 143.38
C GLY QA 106 5.51 43.35 144.09
N HIS QA 107 5.88 42.85 145.27
CA HIS QA 107 6.98 43.47 146.00
C HIS QA 107 8.30 43.40 145.22
N GLN QA 108 8.61 42.24 144.64
CA GLN QA 108 9.86 42.08 143.91
C GLN QA 108 9.90 42.98 142.68
N ARG QA 109 8.82 42.96 141.89
CA ARG QA 109 8.76 43.76 140.68
C ARG QA 109 8.74 45.25 141.00
N ALA QA 110 8.23 45.63 142.18
CA ALA QA 110 8.32 47.03 142.60
C ALA QA 110 9.74 47.40 142.98
N ILE QA 111 10.44 46.52 143.72
CA ILE QA 111 11.82 46.82 144.09
C ILE QA 111 12.79 46.64 142.93
N MET QA 112 12.31 46.11 141.81
CA MET QA 112 13.15 45.96 140.62
C MET QA 112 13.74 47.30 140.19
N ALA QA 113 12.93 48.36 140.25
CA ALA QA 113 13.38 49.67 139.81
C ALA QA 113 14.22 50.38 140.87
N HIS QA 114 14.35 49.81 142.05
CA HIS QA 114 15.23 50.43 143.04
C HIS QA 114 16.70 50.12 142.76
N MET QA 115 17.03 48.84 142.63
CA MET QA 115 18.39 48.39 142.38
C MET QA 115 18.57 48.05 140.91
N THR QA 116 19.65 48.55 140.32
CA THR QA 116 19.96 48.26 138.93
C THR QA 116 20.52 46.86 138.77
N VAL QA 117 20.53 46.38 137.52
CA VAL QA 117 21.02 45.03 137.25
C VAL QA 117 22.47 44.89 137.67
N GLU QA 118 23.30 45.90 137.36
CA GLU QA 118 24.68 45.92 137.82
C GLU QA 118 24.73 45.72 139.33
N GLU QA 119 23.79 46.31 140.05
CA GLU QA 119 23.72 46.09 141.49
C GLU QA 119 23.22 44.69 141.81
N ILE QA 120 22.23 44.18 141.07
CA ILE QA 120 21.58 42.95 141.49
C ILE QA 120 22.51 41.75 141.36
N TYR QA 121 23.30 41.66 140.29
CA TYR QA 121 24.13 40.46 140.21
C TYR QA 121 25.42 40.63 141.01
N LYS QA 122 25.92 41.85 141.14
CA LYS QA 122 27.13 42.08 141.93
C LYS QA 122 26.81 42.18 143.42
N ASP QA 123 26.04 43.19 143.79
CA ASP QA 123 25.66 43.41 145.19
C ASP QA 123 24.31 42.77 145.47
N ARG QA 124 24.31 41.48 145.75
CA ARG QA 124 23.06 40.74 145.90
C ARG QA 124 22.63 40.62 147.36
N GLN QA 125 23.59 40.68 148.29
CA GLN QA 125 23.26 40.48 149.70
C GLN QA 125 22.39 41.61 150.23
N LYS QA 126 22.78 42.86 149.97
CA LYS QA 126 21.98 43.99 150.43
C LYS QA 126 20.63 44.02 149.74
N PHE QA 127 20.60 43.72 148.44
CA PHE QA 127 19.33 43.58 147.73
C PHE QA 127 18.41 42.58 148.40
N SER QA 128 18.91 41.38 148.66
CA SER QA 128 18.10 40.33 149.26
C SER QA 128 17.62 40.74 150.65
N GLU QA 129 18.50 41.37 151.42
CA GLU QA 129 18.11 41.78 152.77
C GLU QA 129 17.01 42.83 152.74
N GLN QA 130 17.11 43.81 151.84
CA GLN QA 130 16.06 44.84 151.76
C GLN QA 130 14.75 44.24 151.27
N VAL QA 131 14.83 43.35 150.27
CA VAL QA 131 13.63 42.69 149.77
C VAL QA 131 12.97 41.90 150.90
N PHE QA 132 13.77 41.13 151.64
CA PHE QA 132 13.23 40.36 152.75
C PHE QA 132 12.60 41.27 153.80
N LYS QA 133 13.26 42.37 154.14
CA LYS QA 133 12.71 43.28 155.14
C LYS QA 133 11.35 43.81 154.72
N VAL QA 134 11.26 44.38 153.52
CA VAL QA 134 10.02 45.02 153.10
C VAL QA 134 8.91 44.00 152.91
N ALA QA 135 9.22 42.89 152.23
CA ALA QA 135 8.21 41.86 151.98
C ALA QA 135 7.75 41.25 153.30
N SER QA 136 8.69 40.98 154.21
CA SER QA 136 8.32 40.40 155.49
C SER QA 136 7.44 41.34 156.29
N SER QA 137 7.75 42.65 156.27
CA SER QA 137 6.89 43.59 156.97
C SER QA 137 5.47 43.57 156.39
N ASP QA 138 5.35 43.71 155.07
CA ASP QA 138 4.02 43.84 154.48
C ASP QA 138 3.26 42.51 154.50
N LEU QA 139 3.98 41.40 154.68
CA LEU QA 139 3.32 40.10 154.68
C LEU QA 139 2.98 39.65 156.09
N VAL QA 140 3.78 40.04 157.08
CA VAL QA 140 3.38 39.88 158.47
C VAL QA 140 2.18 40.75 158.76
N ASN QA 141 2.11 41.92 158.11
CA ASN QA 141 0.87 42.69 158.14
C ASN QA 141 -0.30 41.85 157.62
N MET QA 142 -0.06 41.05 156.57
CA MET QA 142 -1.10 40.16 156.09
C MET QA 142 -1.17 38.89 156.93
N GLY QA 143 -0.03 38.42 157.43
CA GLY QA 143 -0.02 37.29 158.34
C GLY QA 143 0.95 36.16 158.03
N ILE QA 144 1.69 36.24 156.93
CA ILE QA 144 2.68 35.22 156.57
C ILE QA 144 4.06 35.81 156.69
N SER QA 145 4.97 35.07 157.32
CA SER QA 145 6.36 35.47 157.46
C SER QA 145 7.21 34.65 156.50
N VAL QA 146 7.99 35.33 155.67
CA VAL QA 146 8.85 34.66 154.69
C VAL QA 146 10.10 34.15 155.42
N VAL QA 147 10.35 32.85 155.33
CA VAL QA 147 11.53 32.29 155.98
C VAL QA 147 12.80 32.78 155.29
N SER QA 148 12.83 32.73 153.96
CA SER QA 148 14.00 33.16 153.20
C SER QA 148 13.59 33.38 151.76
N TYR QA 149 14.04 34.49 151.19
CA TYR QA 149 13.79 34.83 149.80
C TYR QA 149 15.11 34.85 149.05
N THR QA 150 15.08 34.35 147.81
CA THR QA 150 16.26 34.35 146.96
C THR QA 150 15.83 34.64 145.52
N LEU QA 151 16.81 34.96 144.69
CA LEU QA 151 16.60 35.22 143.27
C LEU QA 151 17.09 34.02 142.47
N LYS QA 152 16.20 33.42 141.70
CA LYS QA 152 16.53 32.17 141.02
C LYS QA 152 17.45 32.40 139.84
N ASP QA 153 16.99 33.17 138.84
CA ASP QA 153 17.76 33.38 137.63
C ASP QA 153 17.49 34.77 137.09
N ILE QA 154 18.46 35.30 136.37
CA ILE QA 154 18.34 36.57 135.66
C ILE QA 154 18.60 36.30 134.18
N HIS QA 155 17.67 36.73 133.33
CA HIS QA 155 17.77 36.51 131.90
C HIS QA 155 17.55 37.83 131.17
N ASP QA 156 18.29 38.00 130.07
CA ASP QA 156 18.18 39.19 129.23
C ASP QA 156 17.96 38.76 127.80
N ASP QA 157 16.82 39.15 127.23
CA ASP QA 157 16.50 38.88 125.83
C ASP QA 157 16.99 39.98 124.90
N GLN QA 158 17.54 41.06 125.43
CA GLN QA 158 18.01 42.19 124.65
C GLN QA 158 19.50 42.14 124.37
N ASP QA 159 20.18 41.07 124.78
CA ASP QA 159 21.63 40.91 124.67
C ASP QA 159 22.39 41.97 125.45
N TYR QA 160 21.81 42.48 126.54
CA TYR QA 160 22.45 43.54 127.31
C TYR QA 160 23.69 43.04 128.04
N LEU QA 161 23.60 41.85 128.64
CA LEU QA 161 24.67 41.38 129.52
C LEU QA 161 25.68 40.52 128.77
N HIS QA 162 25.31 40.03 127.58
CA HIS QA 162 26.20 39.17 126.83
C HIS QA 162 27.48 39.90 126.43
N SER QA 163 27.35 41.18 126.04
CA SER QA 163 28.54 41.95 125.67
C SER QA 163 29.43 42.19 126.88
N LEU QA 164 28.82 42.48 128.04
CA LEU QA 164 29.60 42.65 129.25
C LEU QA 164 30.37 41.39 129.59
N GLY QA 165 29.75 40.23 129.36
CA GLY QA 165 30.48 38.97 129.53
C GLY QA 165 31.58 38.81 128.51
N LYS QA 166 31.31 39.18 127.26
CA LYS QA 166 32.26 38.92 126.17
C LYS QA 166 33.50 39.80 126.30
N ALA QA 167 33.39 40.94 126.97
CA ALA QA 167 34.55 41.82 127.16
C ALA QA 167 35.70 41.08 127.85
N ARG QA 168 35.41 40.42 128.97
CA ARG QA 168 36.46 39.71 129.70
C ARG QA 168 36.97 38.51 128.91
N THR QA 169 36.08 37.87 128.13
CA THR QA 169 36.53 36.76 127.29
C THR QA 169 37.56 37.23 126.28
N ALA QA 170 37.33 38.39 125.67
CA ALA QA 170 38.36 38.96 124.79
C ALA QA 170 39.62 39.28 125.57
N GLN QA 171 39.47 39.83 126.77
CA GLN QA 171 40.63 40.23 127.57
C GLN QA 171 41.47 39.03 127.97
N VAL QA 172 40.88 37.84 128.04
CA VAL QA 172 41.66 36.66 128.37
C VAL QA 172 42.17 35.99 127.09
N GLN QA 173 41.42 36.12 125.99
CA GLN QA 173 41.87 35.55 124.74
C GLN QA 173 43.12 36.25 124.23
N LYS QA 174 43.30 37.53 124.57
CA LYS QA 174 44.55 38.20 124.19
C LYS QA 174 45.73 37.54 124.89
N ASP QA 175 45.57 37.17 126.16
CA ASP QA 175 46.60 36.43 126.87
C ASP QA 175 46.80 35.04 126.26
N ALA QA 176 45.71 34.38 125.88
CA ALA QA 176 45.80 33.07 125.23
C ALA QA 176 46.63 33.15 123.96
N ARG QA 177 46.49 34.24 123.21
CA ARG QA 177 47.27 34.39 121.98
C ARG QA 177 48.71 34.80 122.28
N ILE QA 178 48.93 35.62 123.31
CA ILE QA 178 50.29 36.06 123.64
C ILE QA 178 51.13 34.88 124.06
N GLY QA 179 50.54 33.93 124.80
CA GLY QA 179 51.29 32.74 125.18
C GLY QA 179 51.69 31.90 123.99
N GLU QA 180 50.77 31.73 123.04
CA GLU QA 180 51.07 30.97 121.83
C GLU QA 180 52.16 31.66 121.02
N ALA QA 181 52.11 32.99 120.93
CA ALA QA 181 53.15 33.72 120.21
C ALA QA 181 54.52 33.53 120.86
N GLU QA 182 54.58 33.65 122.19
CA GLU QA 182 55.82 33.34 122.90
C GLU QA 182 56.34 31.96 122.54
N ALA QA 183 55.48 30.94 122.67
CA ALA QA 183 55.92 29.58 122.44
C ALA QA 183 56.40 29.37 121.01
N LYS QA 184 55.67 29.90 120.03
CA LYS QA 184 56.04 29.72 118.64
C LYS QA 184 57.36 30.40 118.31
N ARG QA 185 57.55 31.64 118.78
CA ARG QA 185 58.82 32.31 118.52
C ARG QA 185 59.99 31.58 119.16
N ASP QA 186 59.81 31.15 120.42
CA ASP QA 186 60.88 30.45 121.12
C ASP QA 186 61.21 29.12 120.47
N ALA QA 187 60.21 28.40 119.96
CA ALA QA 187 60.49 27.15 119.27
C ALA QA 187 61.19 27.40 117.94
N GLY QA 188 60.67 28.33 117.14
CA GLY QA 188 61.21 28.55 115.82
C GLY QA 188 62.63 29.06 115.80
N ILE QA 189 62.99 29.94 116.75
CA ILE QA 189 64.34 30.49 116.76
C ILE QA 189 65.39 29.37 116.83
N ARG QA 190 65.30 28.52 117.84
CA ARG QA 190 66.30 27.48 117.99
C ARG QA 190 66.11 26.32 117.02
N GLU QA 191 64.88 26.05 116.56
CA GLU QA 191 64.72 25.06 115.49
C GLU QA 191 65.48 25.48 114.24
N ALA QA 192 65.32 26.74 113.84
CA ALA QA 192 66.05 27.24 112.67
C ALA QA 192 67.55 27.22 112.92
N LYS QA 193 67.98 27.59 114.12
CA LYS QA 193 69.41 27.58 114.40
C LYS QA 193 70.00 26.17 114.30
N ALA QA 194 69.32 25.17 114.88
CA ALA QA 194 69.81 23.80 114.79
C ALA QA 194 69.82 23.30 113.35
N LYS QA 195 68.77 23.65 112.58
CA LYS QA 195 68.76 23.37 111.16
C LYS QA 195 70.00 23.94 110.49
N GLN QA 196 70.37 25.17 110.85
CA GLN QA 196 71.52 25.82 110.27
C GLN QA 196 72.80 25.05 110.57
N GLU QA 197 73.01 24.67 111.83
CA GLU QA 197 74.22 23.92 112.15
C GLU QA 197 74.29 22.59 111.42
N LYS QA 198 73.17 21.87 111.32
CA LYS QA 198 73.26 20.55 110.70
C LYS QA 198 73.58 20.70 109.22
N VAL QA 199 72.98 21.69 108.56
CA VAL QA 199 73.28 21.88 107.13
C VAL QA 199 74.72 22.31 106.94
N SER QA 200 75.23 23.19 107.82
CA SER QA 200 76.62 23.62 107.70
C SER QA 200 77.58 22.44 107.85
N ALA QA 201 77.32 21.57 108.83
CA ALA QA 201 78.16 20.38 108.99
C ALA QA 201 78.04 19.42 107.81
N GLN QA 202 76.83 19.24 107.28
CA GLN QA 202 76.65 18.36 106.13
C GLN QA 202 77.45 18.85 104.93
N TYR QA 203 77.42 20.16 104.68
CA TYR QA 203 78.21 20.69 103.57
C TYR QA 203 79.71 20.63 103.85
N LEU QA 204 80.11 20.79 105.11
CA LEU QA 204 81.52 20.61 105.45
C LEU QA 204 81.98 19.20 105.14
N SER QA 205 81.15 18.21 105.45
CA SER QA 205 81.48 16.82 105.09
C SER QA 205 81.50 16.63 103.58
N GLU QA 206 80.55 17.24 102.87
CA GLU QA 206 80.54 17.14 101.42
C GLU QA 206 81.78 17.78 100.78
N ILE QA 207 82.44 18.71 101.47
CA ILE QA 207 83.72 19.22 100.98
C ILE QA 207 84.75 18.09 100.92
N GLU QA 208 84.89 17.33 102.00
CA GLU QA 208 85.80 16.19 101.97
C GLU QA 208 85.34 15.11 101.01
N MET QA 209 84.04 15.00 100.80
CA MET QA 209 83.54 14.12 99.74
C MET QA 209 84.18 14.47 98.40
N ALA QA 210 84.17 15.76 98.04
CA ALA QA 210 84.77 16.18 96.78
C ALA QA 210 86.29 16.06 96.80
N LYS QA 211 86.92 16.26 97.97
CA LYS QA 211 88.34 15.98 98.10
C LYS QA 211 88.67 14.55 97.68
N ALA QA 212 87.95 13.58 98.26
CA ALA QA 212 88.19 12.19 97.91
C ALA QA 212 87.83 11.89 96.47
N GLN QA 213 86.75 12.51 95.97
CA GLN QA 213 86.36 12.31 94.58
C GLN QA 213 87.46 12.75 93.63
N ARG QA 214 88.05 13.92 93.87
CA ARG QA 214 89.20 14.36 93.09
C ARG QA 214 90.36 13.38 93.22
N ASP QA 215 90.71 13.02 94.46
CA ASP QA 215 91.85 12.16 94.70
C ASP QA 215 91.73 10.83 93.96
N TYR QA 216 90.51 10.33 93.79
CA TYR QA 216 90.29 9.09 93.06
C TYR QA 216 90.24 9.29 91.54
N GLU QA 217 89.44 10.27 91.09
CA GLU QA 217 89.21 10.46 89.68
C GLU QA 217 90.46 10.90 88.94
N LEU QA 218 91.26 11.80 89.53
CA LEU QA 218 92.46 12.26 88.85
C LEU QA 218 93.43 11.12 88.61
N LYS QA 219 93.65 10.29 89.63
CA LYS QA 219 94.55 9.14 89.44
C LYS QA 219 93.97 8.14 88.47
N LYS QA 220 92.66 7.91 88.50
CA LYS QA 220 92.06 6.97 87.55
C LYS QA 220 92.29 7.45 86.12
N ALA QA 221 92.07 8.74 85.87
CA ALA QA 221 92.30 9.29 84.53
C ALA QA 221 93.78 9.22 84.14
N ALA QA 222 94.67 9.51 85.08
CA ALA QA 222 96.10 9.46 84.78
C ALA QA 222 96.53 8.05 84.40
N TYR QA 223 96.00 7.05 85.09
CA TYR QA 223 96.30 5.67 84.75
C TYR QA 223 95.67 5.27 83.42
N ASP QA 224 94.46 5.77 83.16
CA ASP QA 224 93.80 5.49 81.89
C ASP QA 224 94.60 6.03 80.72
N ILE QA 225 95.26 7.18 80.89
CA ILE QA 225 96.07 7.70 79.80
C ILE QA 225 97.14 6.69 79.39
N GLU QA 226 97.86 6.14 80.37
CA GLU QA 226 98.92 5.19 80.08
C GLU QA 226 98.37 3.92 79.45
N VAL QA 227 97.27 3.40 80.00
CA VAL QA 227 96.74 2.15 79.47
C VAL QA 227 96.24 2.34 78.04
N ASN QA 228 95.61 3.49 77.75
CA ASN QA 228 95.16 3.75 76.39
C ASN QA 228 96.33 3.88 75.43
N THR QA 229 97.42 4.55 75.84
CA THR QA 229 98.57 4.66 74.96
C THR QA 229 99.16 3.28 74.64
N ARG QA 230 99.35 2.45 75.67
CA ARG QA 230 99.91 1.13 75.43
C ARG QA 230 98.99 0.25 74.59
N ARG QA 231 97.67 0.31 74.83
CA ARG QA 231 96.73 -0.45 74.02
C ARG QA 231 96.75 0.02 72.57
N ALA QA 232 96.86 1.33 72.34
CA ALA QA 232 96.95 1.84 70.98
C ALA QA 232 98.20 1.32 70.27
N GLN QA 233 99.33 1.30 70.97
CA GLN QA 233 100.53 0.72 70.38
C GLN QA 233 100.35 -0.75 70.06
N ALA QA 234 99.75 -1.50 71.00
CA ALA QA 234 99.60 -2.94 70.83
C ALA QA 234 98.69 -3.27 69.65
N ASP QA 235 97.63 -2.49 69.45
CA ASP QA 235 96.71 -2.78 68.35
C ASP QA 235 97.40 -2.71 67.00
N LEU QA 236 98.23 -1.69 66.78
CA LEU QA 236 98.82 -1.45 65.48
C LEU QA 236 100.19 -2.11 65.29
N ALA QA 237 100.75 -2.71 66.35
CA ALA QA 237 101.96 -3.50 66.16
C ALA QA 237 101.74 -4.61 65.13
N TYR QA 238 100.55 -5.21 65.13
CA TYR QA 238 100.25 -6.28 64.18
C TYR QA 238 100.33 -5.79 62.74
N GLN QA 239 99.69 -4.64 62.47
CA GLN QA 239 99.73 -4.08 61.12
C GLN QA 239 101.14 -3.68 60.73
N LEU QA 240 101.90 -3.12 61.67
CA LEU QA 240 103.28 -2.76 61.38
C LEU QA 240 104.09 -3.98 60.94
N GLN QA 241 103.99 -5.07 61.71
CA GLN QA 241 104.76 -6.26 61.36
C GLN QA 241 104.28 -6.91 60.06
N VAL QA 242 102.95 -6.93 59.84
CA VAL QA 242 102.45 -7.57 58.63
C VAL QA 242 102.88 -6.77 57.40
N ALA QA 243 102.95 -5.45 57.50
CA ALA QA 243 103.50 -4.67 56.40
C ALA QA 243 105.00 -4.93 56.22
N LYS QA 244 105.74 -5.00 57.32
CA LYS QA 244 107.18 -5.21 57.22
C LYS QA 244 107.49 -6.55 56.55
N THR QA 245 106.68 -7.57 56.79
CA THR QA 245 106.91 -8.86 56.14
C THR QA 245 106.29 -8.94 54.75
N LYS QA 246 105.19 -8.21 54.51
CA LYS QA 246 104.67 -8.10 53.16
C LYS QA 246 105.68 -7.46 52.23
N GLN QA 247 106.59 -6.66 52.78
CA GLN QA 247 107.71 -6.17 51.97
C GLN QA 247 108.44 -7.32 51.28
N GLN QA 248 108.85 -8.31 52.06
CA GLN QA 248 109.56 -9.45 51.47
C GLN QA 248 108.64 -10.32 50.64
N ILE QA 249 107.37 -10.44 51.05
CA ILE QA 249 106.40 -11.19 50.27
C ILE QA 249 106.37 -10.65 48.84
N GLU QA 250 106.23 -9.34 48.69
CA GLU QA 250 106.21 -8.73 47.37
C GLU QA 250 107.58 -8.77 46.71
N GLU QA 251 108.65 -8.64 47.48
CA GLU QA 251 110.00 -8.71 46.91
C GLU QA 251 110.22 -10.02 46.17
N GLN QA 252 109.70 -11.12 46.69
CA GLN QA 252 109.81 -12.39 45.98
C GLN QA 252 108.71 -12.63 44.95
N ARG QA 253 107.49 -12.16 45.22
CA ARG QA 253 106.40 -12.30 44.26
C ARG QA 253 106.68 -11.52 42.98
N VAL QA 254 107.61 -10.57 43.04
CA VAL QA 254 108.05 -9.91 41.81
C VAL QA 254 109.32 -10.55 41.25
N GLN QA 255 110.15 -11.16 42.09
CA GLN QA 255 111.32 -11.90 41.62
C GLN QA 255 110.93 -13.06 40.73
N VAL QA 256 109.77 -13.66 40.97
CA VAL QA 256 109.32 -14.71 40.05
C VAL QA 256 109.14 -14.13 38.64
N GLN QA 257 108.67 -12.88 38.52
CA GLN QA 257 108.57 -12.24 37.21
C GLN QA 257 109.94 -12.04 36.57
N VAL QA 258 110.95 -11.67 37.37
CA VAL QA 258 112.30 -11.54 36.82
C VAL QA 258 112.77 -12.86 36.24
N VAL QA 259 112.51 -13.95 36.96
CA VAL QA 259 112.88 -15.27 36.44
C VAL QA 259 112.14 -15.57 35.14
N GLU QA 260 110.85 -15.28 35.11
CA GLU QA 260 110.05 -15.49 33.90
C GLU QA 260 110.66 -14.78 32.70
N ARG QA 261 110.99 -13.49 32.85
CA ARG QA 261 111.53 -12.75 31.71
C ARG QA 261 112.94 -13.20 31.36
N ALA QA 262 113.78 -13.48 32.37
CA ALA QA 262 115.14 -13.93 32.12
C ALA QA 262 115.20 -15.31 31.49
N GLN QA 263 114.09 -16.06 31.47
CA GLN QA 263 114.04 -17.26 30.65
C GLN QA 263 113.30 -17.08 29.33
N GLN QA 264 112.34 -16.15 29.26
CA GLN QA 264 111.77 -15.80 27.96
C GLN QA 264 112.83 -15.24 27.02
N VAL QA 265 113.88 -14.61 27.56
CA VAL QA 265 114.96 -14.17 26.68
C VAL QA 265 115.66 -15.37 26.05
N ALA QA 266 115.82 -16.47 26.77
CA ALA QA 266 116.39 -17.68 26.17
C ALA QA 266 115.42 -18.31 25.18
N VAL QA 267 114.11 -18.24 25.47
CA VAL QA 267 113.12 -18.68 24.50
C VAL QA 267 113.31 -17.94 23.18
N GLN QA 268 113.46 -16.62 23.24
CA GLN QA 268 113.68 -15.84 22.03
C GLN QA 268 115.05 -16.13 21.42
N GLU QA 269 116.04 -16.48 22.24
CA GLU QA 269 117.35 -16.84 21.73
C GLU QA 269 117.27 -18.08 20.85
N GLN QA 270 116.41 -19.03 21.23
CA GLN QA 270 116.16 -20.16 20.33
C GLN QA 270 115.27 -19.76 19.16
N GLU QA 271 114.34 -18.84 19.39
CA GLU QA 271 113.41 -18.42 18.35
C GLU QA 271 114.14 -17.73 17.20
N ILE QA 272 115.23 -17.03 17.47
CA ILE QA 272 115.93 -16.34 16.39
C ILE QA 272 116.49 -17.35 15.40
N ALA QA 273 117.08 -18.44 15.88
CA ALA QA 273 117.60 -19.46 14.97
C ALA QA 273 116.48 -20.24 14.32
N ARG QA 274 115.38 -20.46 15.05
CA ARG QA 274 114.22 -21.10 14.43
C ARG QA 274 113.70 -20.27 13.26
N ARG QA 275 113.62 -18.96 13.45
CA ARG QA 275 113.21 -18.07 12.37
C ARG QA 275 114.23 -18.06 11.24
N GLU QA 276 115.52 -18.06 11.56
CA GLU QA 276 116.55 -18.25 10.54
C GLU QA 276 116.20 -19.42 9.62
N LYS QA 277 116.10 -20.61 10.21
CA LYS QA 277 115.89 -21.83 9.41
C LYS QA 277 114.56 -21.78 8.67
N GLU QA 278 113.47 -21.44 9.36
CA GLU QA 278 112.15 -21.47 8.74
C GLU QA 278 112.04 -20.45 7.62
N LEU QA 279 112.54 -19.24 7.85
CA LEU QA 279 112.50 -18.20 6.82
C LEU QA 279 113.35 -18.58 5.63
N GLU QA 280 114.53 -19.15 5.87
CA GLU QA 280 115.33 -19.64 4.75
C GLU QA 280 114.54 -20.65 3.93
N ALA QA 281 113.97 -21.66 4.58
CA ALA QA 281 113.23 -22.70 3.87
C ALA QA 281 112.04 -22.15 3.10
N ARG QA 282 111.31 -21.20 3.67
CA ARG QA 282 110.08 -20.71 3.06
C ARG QA 282 110.28 -19.51 2.14
N VAL QA 283 111.49 -18.95 2.06
CA VAL QA 283 111.70 -17.79 1.19
C VAL QA 283 112.83 -18.03 0.21
N ARG QA 284 114.02 -18.37 0.72
CA ARG QA 284 115.20 -18.37 -0.13
C ARG QA 284 115.15 -19.51 -1.15
N LYS QA 285 114.85 -20.72 -0.70
CA LYS QA 285 114.73 -21.85 -1.61
C LYS QA 285 113.62 -21.67 -2.64
N PRO QA 286 112.40 -21.24 -2.27
CA PRO QA 286 111.40 -20.95 -3.32
C PRO QA 286 111.85 -19.90 -4.30
N ALA QA 287 112.58 -18.87 -3.84
CA ALA QA 287 113.10 -17.87 -4.76
C ALA QA 287 114.10 -18.46 -5.74
N GLU QA 288 115.01 -19.32 -5.26
CA GLU QA 288 115.95 -19.99 -6.15
C GLU QA 288 115.23 -20.86 -7.17
N ALA QA 289 114.24 -21.62 -6.71
CA ALA QA 289 113.48 -22.48 -7.61
C ALA QA 289 112.73 -21.66 -8.66
N GLU QA 290 112.11 -20.56 -8.25
CA GLU QA 290 111.41 -19.70 -9.21
C GLU QA 290 112.38 -19.08 -10.20
N ARG QA 291 113.57 -18.68 -9.74
CA ARG QA 291 114.56 -18.14 -10.67
C ARG QA 291 114.98 -19.18 -11.70
N TYR QA 292 115.19 -20.42 -11.26
CA TYR QA 292 115.56 -21.47 -12.21
C TYR QA 292 114.43 -21.75 -13.19
N LYS QA 293 113.19 -21.76 -12.69
CA LYS QA 293 112.04 -21.97 -13.57
C LYS QA 293 111.93 -20.86 -14.62
N LEU QA 294 112.10 -19.61 -14.19
CA LEU QA 294 112.06 -18.50 -15.13
C LEU QA 294 113.19 -18.58 -16.15
N GLU QA 295 114.39 -18.93 -15.70
CA GLU QA 295 115.52 -19.10 -16.61
C GLU QA 295 115.21 -20.13 -17.68
N ARG QA 296 114.72 -21.31 -17.27
CA ARG QA 296 114.48 -22.37 -18.24
C ARG QA 296 113.33 -22.03 -19.18
N LEU QA 297 112.24 -21.46 -18.66
CA LEU QA 297 111.13 -21.09 -19.55
C LEU QA 297 111.54 -19.99 -20.52
N ALA QA 298 112.32 -19.02 -20.07
CA ALA QA 298 112.81 -17.98 -20.97
C ALA QA 298 113.73 -18.56 -22.03
N GLU QA 299 114.59 -19.50 -21.66
CA GLU QA 299 115.45 -20.14 -22.65
C GLU QA 299 114.62 -20.88 -23.68
N ALA QA 300 113.58 -21.58 -23.24
CA ALA QA 300 112.70 -22.29 -24.18
C ALA QA 300 111.99 -21.31 -25.10
N GLU QA 301 111.51 -20.19 -24.56
CA GLU QA 301 110.82 -19.20 -25.38
C GLU QA 301 111.76 -18.61 -26.42
N LYS QA 302 113.00 -18.31 -26.04
CA LYS QA 302 113.97 -17.82 -27.01
C LYS QA 302 114.25 -18.86 -28.08
N SER QA 303 114.41 -20.12 -27.67
CA SER QA 303 114.70 -21.19 -28.64
C SER QA 303 113.54 -21.36 -29.62
N GLN QA 304 112.31 -21.18 -29.15
CA GLN QA 304 111.17 -21.29 -30.04
C GLN QA 304 111.08 -20.08 -30.97
N LEU QA 305 111.25 -18.88 -30.42
CA LEU QA 305 111.07 -17.67 -31.22
C LEU QA 305 112.14 -17.54 -32.29
N ILE QA 306 113.39 -17.88 -31.98
CA ILE QA 306 114.46 -17.76 -32.96
C ILE QA 306 114.17 -18.60 -34.19
N MET QA 307 113.74 -19.85 -33.99
CA MET QA 307 113.54 -20.74 -35.12
C MET QA 307 112.20 -20.55 -35.80
N GLN QA 308 111.17 -20.06 -35.09
CA GLN QA 308 109.97 -19.62 -35.77
C GLN QA 308 110.26 -18.43 -36.67
N ALA QA 309 111.10 -17.50 -36.20
CA ALA QA 309 111.54 -16.38 -37.03
C ALA QA 309 112.33 -16.87 -38.24
N GLU QA 310 113.22 -17.84 -38.04
CA GLU QA 310 113.96 -18.40 -39.17
C GLU QA 310 113.03 -19.03 -40.19
N ALA QA 311 112.01 -19.75 -39.72
CA ALA QA 311 111.05 -20.36 -40.64
C ALA QA 311 110.29 -19.29 -41.41
N GLU QA 312 109.86 -18.23 -40.73
CA GLU QA 312 109.14 -17.16 -41.41
C GLU QA 312 110.03 -16.48 -42.45
N ALA QA 313 111.30 -16.24 -42.10
CA ALA QA 313 112.22 -15.61 -43.05
C ALA QA 313 112.44 -16.49 -44.26
N ALA QA 314 112.62 -17.80 -44.06
CA ALA QA 314 112.77 -18.70 -45.20
C ALA QA 314 111.52 -18.72 -46.06
N SER QA 315 110.34 -18.72 -45.44
CA SER QA 315 109.09 -18.67 -46.18
C SER QA 315 109.03 -17.42 -47.06
N VAL QA 316 109.33 -16.27 -46.47
CA VAL QA 316 109.28 -15.01 -47.23
C VAL QA 316 110.29 -15.05 -48.37
N ARG QA 317 111.52 -15.49 -48.09
CA ARG QA 317 112.55 -15.56 -49.12
C ARG QA 317 112.09 -16.42 -50.29
N MET QA 318 111.64 -17.65 -50.00
CA MET QA 318 111.28 -18.57 -51.08
C MET QA 318 110.06 -18.10 -51.86
N ARG QA 319 109.02 -17.62 -51.18
CA ARG QA 319 107.84 -17.16 -51.90
C ARG QA 319 108.17 -15.94 -52.76
N GLY QA 320 108.96 -15.01 -52.24
CA GLY QA 320 109.33 -13.85 -53.03
C GLY QA 320 110.19 -14.21 -54.23
N GLU QA 321 111.14 -15.14 -54.05
CA GLU QA 321 111.96 -15.57 -55.17
C GLU QA 321 111.10 -16.23 -56.25
N ALA QA 322 110.16 -17.08 -55.83
CA ALA QA 322 109.28 -17.73 -56.81
C ALA QA 322 108.45 -16.71 -57.57
N GLU QA 323 107.87 -15.74 -56.87
CA GLU QA 323 107.02 -14.78 -57.55
C GLU QA 323 107.83 -13.87 -58.46
N ALA QA 324 109.07 -13.54 -58.06
CA ALA QA 324 109.95 -12.76 -58.93
C ALA QA 324 110.31 -13.53 -60.19
N PHE QA 325 110.59 -14.83 -60.05
CA PHE QA 325 110.86 -15.64 -61.24
C PHE QA 325 109.64 -15.69 -62.15
N ALA QA 326 108.45 -15.78 -61.56
CA ALA QA 326 107.22 -15.74 -62.35
C ALA QA 326 107.06 -14.41 -63.08
N ILE QA 327 107.39 -13.30 -62.41
CA ILE QA 327 107.36 -11.99 -63.06
C ILE QA 327 108.31 -11.96 -64.24
N GLY QA 328 109.52 -12.47 -64.05
CA GLY QA 328 110.46 -12.56 -65.16
C GLY QA 328 109.95 -13.43 -66.30
N ALA QA 329 109.24 -14.50 -65.96
CA ALA QA 329 108.67 -15.36 -67.00
C ALA QA 329 107.66 -14.61 -67.85
N ARG QA 330 106.68 -13.96 -67.22
CA ARG QA 330 105.78 -13.14 -68.02
C ARG QA 330 106.51 -12.01 -68.73
N ALA QA 331 107.60 -11.49 -68.16
CA ALA QA 331 108.35 -10.44 -68.82
C ALA QA 331 108.92 -10.91 -70.15
N ARG QA 332 109.60 -12.05 -70.12
CA ARG QA 332 110.16 -12.61 -71.35
C ARG QA 332 109.06 -12.95 -72.34
N ALA QA 333 107.96 -13.55 -71.87
CA ALA QA 333 106.85 -13.89 -72.76
C ALA QA 333 106.27 -12.64 -73.42
N GLU QA 334 106.06 -11.58 -72.64
CA GLU QA 334 105.46 -10.37 -73.16
C GLU QA 334 106.39 -9.66 -74.12
N ALA QA 335 107.71 -9.71 -73.88
CA ALA QA 335 108.65 -9.09 -74.79
C ALA QA 335 108.65 -9.81 -76.14
N GLU QA 336 108.78 -11.15 -76.10
CA GLU QA 336 108.73 -11.91 -77.34
C GLU QA 336 107.37 -11.76 -78.02
N GLN QA 337 106.34 -11.47 -77.23
CA GLN QA 337 105.01 -11.25 -77.77
C GLN QA 337 104.91 -9.92 -78.52
N MET QA 338 105.45 -8.86 -77.91
CA MET QA 338 105.31 -7.52 -78.49
C MET QA 338 106.24 -7.32 -79.68
N ALA QA 339 107.34 -8.08 -79.74
CA ALA QA 339 108.18 -8.00 -80.92
C ALA QA 339 107.40 -8.31 -82.18
N LYS QA 340 106.59 -9.37 -82.14
CA LYS QA 340 105.79 -9.70 -83.32
C LYS QA 340 104.66 -8.71 -83.55
N LYS QA 341 104.11 -8.12 -82.48
CA LYS QA 341 103.15 -7.03 -82.69
C LYS QA 341 103.77 -5.91 -83.51
N ALA QA 342 104.98 -5.49 -83.15
CA ALA QA 342 105.65 -4.44 -83.92
C ALA QA 342 105.91 -4.90 -85.35
N GLU QA 343 106.38 -6.15 -85.53
CA GLU QA 343 106.65 -6.65 -86.86
C GLU QA 343 105.38 -6.64 -87.72
N ALA QA 344 104.25 -7.07 -87.16
CA ALA QA 344 103.01 -7.07 -87.90
C ALA QA 344 102.55 -5.65 -88.22
N PHE QA 345 102.62 -4.74 -87.23
CA PHE QA 345 102.23 -3.36 -87.45
C PHE QA 345 103.05 -2.70 -88.55
N GLN QA 346 104.29 -3.14 -88.76
CA GLN QA 346 105.11 -2.52 -89.81
C GLN QA 346 104.45 -2.62 -91.18
N LEU QA 347 103.71 -3.69 -91.44
CA LEU QA 347 103.05 -3.89 -92.74
C LEU QA 347 101.61 -3.38 -92.74
N TYR QA 348 101.42 -2.12 -92.37
CA TYR QA 348 100.10 -1.49 -92.37
C TYR QA 348 100.10 -0.30 -93.32
N GLN QA 349 99.17 -0.30 -94.25
CA GLN QA 349 98.98 0.78 -95.21
C GLN QA 349 97.87 1.70 -94.71
N GLU QA 350 97.44 2.62 -95.59
CA GLU QA 350 96.40 3.57 -95.22
C GLU QA 350 95.07 2.89 -94.93
N ALA QA 351 94.77 1.79 -95.62
CA ALA QA 351 93.51 1.09 -95.37
C ALA QA 351 93.45 0.56 -93.94
N ALA QA 352 94.56 0.00 -93.45
CA ALA QA 352 94.58 -0.55 -92.11
C ALA QA 352 94.46 0.54 -91.06
N GLN QA 353 95.16 1.67 -91.25
CA GLN QA 353 95.03 2.78 -90.31
C GLN QA 353 93.62 3.34 -90.32
N LEU QA 354 93.00 3.43 -91.50
CA LEU QA 354 91.61 3.85 -91.58
C LEU QA 354 90.70 2.89 -90.83
N ASP QA 355 90.94 1.58 -90.95
CA ASP QA 355 90.14 0.60 -90.22
C ASP QA 355 90.30 0.78 -88.72
N MET QA 356 91.53 1.00 -88.25
CA MET QA 356 91.76 1.20 -86.83
C MET QA 356 91.06 2.46 -86.33
N LEU QA 357 91.16 3.54 -87.09
CA LEU QA 357 90.51 4.79 -86.70
C LEU QA 357 89.00 4.64 -86.63
N LEU QA 358 88.41 3.98 -87.63
CA LEU QA 358 86.97 3.80 -87.64
C LEU QA 358 86.49 2.72 -86.68
N GLU QA 359 87.39 1.87 -86.19
CA GLU QA 359 87.02 0.96 -85.11
C GLU QA 359 87.11 1.63 -83.76
N LYS QA 360 88.01 2.62 -83.60
CA LYS QA 360 88.17 3.30 -82.32
C LYS QA 360 87.22 4.48 -82.15
N LEU QA 361 86.76 5.10 -83.23
CA LEU QA 361 85.83 6.22 -83.11
C LEU QA 361 84.56 5.87 -82.35
N PRO QA 362 83.86 4.77 -82.63
CA PRO QA 362 82.64 4.48 -81.86
C PRO QA 362 82.88 4.33 -80.37
N GLN QA 363 84.03 3.79 -79.96
CA GLN QA 363 84.29 3.63 -78.54
C GLN QA 363 84.47 4.97 -77.85
N VAL QA 364 85.19 5.90 -78.49
CA VAL QA 364 85.33 7.25 -77.93
C VAL QA 364 83.96 7.94 -77.89
N ALA QA 365 83.17 7.75 -78.93
CA ALA QA 365 81.82 8.33 -78.94
C ALA QA 365 80.98 7.79 -77.79
N GLU QA 366 81.06 6.48 -77.53
CA GLU QA 366 80.37 5.91 -76.38
C GLU QA 366 80.87 6.52 -75.08
N GLU QA 367 82.18 6.60 -74.91
CA GLU QA 367 82.71 7.12 -73.65
C GLU QA 367 82.40 8.60 -73.44
N ILE QA 368 82.09 9.34 -74.51
CA ILE QA 368 81.79 10.75 -74.35
C ILE QA 368 80.29 10.99 -74.27
N SER QA 369 79.49 10.07 -74.82
CA SER QA 369 78.05 10.24 -74.84
C SER QA 369 77.34 9.41 -73.78
N GLY QA 370 78.06 8.59 -73.02
CA GLY QA 370 77.46 7.84 -71.94
C GLY QA 370 77.08 8.72 -70.77
N PRO QA 371 78.05 9.48 -70.24
CA PRO QA 371 77.70 10.43 -69.19
C PRO QA 371 76.71 11.49 -69.61
N LEU QA 372 76.73 11.92 -70.88
CA LEU QA 372 75.84 12.99 -71.30
C LEU QA 372 74.39 12.53 -71.33
N THR QA 373 74.13 11.28 -71.67
CA THR QA 373 72.77 10.78 -71.74
C THR QA 373 72.18 10.46 -70.37
N SER QA 374 72.83 10.89 -69.30
CA SER QA 374 72.27 10.76 -67.95
C SER QA 374 71.42 11.96 -67.56
N ALA QA 375 71.31 12.97 -68.41
CA ALA QA 375 70.47 14.12 -68.11
C ALA QA 375 69.00 13.71 -68.06
N ASN QA 376 68.27 14.26 -67.08
CA ASN QA 376 66.88 13.89 -66.89
C ASN QA 376 66.01 14.39 -68.04
N LYS QA 377 66.15 15.68 -68.39
CA LYS QA 377 65.37 16.26 -69.47
C LYS QA 377 66.20 17.30 -70.19
N ILE QA 378 65.92 17.47 -71.48
CA ILE QA 378 66.58 18.45 -72.32
C ILE QA 378 65.50 19.23 -73.06
N THR QA 379 65.55 20.56 -72.97
CA THR QA 379 64.57 21.43 -73.59
C THR QA 379 65.23 22.21 -74.73
N LEU QA 380 64.62 22.16 -75.91
CA LEU QA 380 65.13 22.81 -77.10
C LEU QA 380 64.16 23.90 -77.54
N VAL QA 381 64.68 25.08 -77.80
CA VAL QA 381 63.87 26.23 -78.20
C VAL QA 381 64.55 26.95 -79.34
N SER QA 382 63.79 27.32 -80.37
CA SER QA 382 64.31 28.03 -81.52
C SER QA 382 63.55 29.34 -81.70
N SER QA 383 64.16 30.24 -82.48
CA SER QA 383 63.57 31.54 -82.76
C SER QA 383 64.25 32.13 -83.99
N GLY QA 384 63.48 32.83 -84.81
CA GLY QA 384 64.06 33.41 -85.99
C GLY QA 384 64.49 32.35 -86.98
N SER QA 385 65.55 32.67 -87.73
CA SER QA 385 66.10 31.75 -88.72
C SER QA 385 67.06 30.74 -88.13
N GLY QA 386 67.05 30.57 -86.80
CA GLY QA 386 67.95 29.66 -86.15
C GLY QA 386 67.47 28.22 -86.22
N THR QA 387 68.31 27.34 -85.67
CA THR QA 387 68.04 25.92 -85.61
C THR QA 387 67.29 25.57 -84.34
N MET QA 388 66.74 24.35 -84.30
CA MET QA 388 65.97 23.88 -83.15
C MET QA 388 66.85 23.58 -81.95
N GLY QA 389 68.01 22.97 -82.15
CA GLY QA 389 68.94 22.69 -81.07
C GLY QA 389 69.51 21.29 -81.02
N ALA QA 390 68.97 20.34 -81.78
CA ALA QA 390 69.53 19.00 -81.79
C ALA QA 390 70.92 19.00 -82.41
N ALA QA 391 71.09 19.79 -83.47
CA ALA QA 391 72.42 19.99 -84.05
C ALA QA 391 73.40 20.55 -83.02
N LYS QA 392 72.92 21.34 -82.07
CA LYS QA 392 73.81 21.85 -81.02
C LYS QA 392 74.36 20.72 -80.16
N VAL QA 393 73.50 19.78 -79.76
CA VAL QA 393 73.95 18.67 -78.93
C VAL QA 393 74.90 17.76 -79.71
N THR QA 394 74.53 17.42 -80.96
CA THR QA 394 75.39 16.60 -81.77
C THR QA 394 76.73 17.28 -82.03
N GLY QA 395 76.70 18.59 -82.27
CA GLY QA 395 77.93 19.33 -82.48
C GLY QA 395 78.79 19.38 -81.23
N GLU QA 396 78.17 19.50 -80.05
CA GLU QA 396 78.95 19.46 -78.81
C GLU QA 396 79.66 18.13 -78.66
N VAL QA 397 78.94 17.03 -78.88
CA VAL QA 397 79.56 15.70 -78.75
C VAL QA 397 80.67 15.53 -79.79
N LEU QA 398 80.41 15.91 -81.03
CA LEU QA 398 81.41 15.76 -82.08
C LEU QA 398 82.61 16.67 -81.86
N ASP QA 399 82.37 17.88 -81.35
CA ASP QA 399 83.47 18.80 -81.07
C ASP QA 399 84.36 18.27 -79.96
N ILE QA 400 83.78 17.71 -78.91
CA ILE QA 400 84.61 17.08 -77.88
C ILE QA 400 85.38 15.91 -78.48
N LEU QA 401 84.72 15.08 -79.28
CA LEU QA 401 85.37 13.90 -79.85
C LEU QA 401 86.49 14.29 -80.80
N THR QA 402 86.41 15.46 -81.43
CA THR QA 402 87.44 15.89 -82.37
C THR QA 402 88.52 16.74 -81.71
N ARG QA 403 88.21 17.38 -80.58
CA ARG QA 403 89.22 18.16 -79.88
C ARG QA 403 90.05 17.31 -78.93
N LEU QA 404 89.52 16.17 -78.49
CA LEU QA 404 90.32 15.28 -77.65
C LEU QA 404 91.58 14.80 -78.35
N PRO QA 405 91.56 14.34 -79.60
CA PRO QA 405 92.83 13.97 -80.26
C PRO QA 405 93.80 15.12 -80.37
N GLU QA 406 93.34 16.35 -80.53
CA GLU QA 406 94.25 17.49 -80.58
C GLU QA 406 94.85 17.79 -79.21
N SER QA 407 94.04 17.65 -78.15
CA SER QA 407 94.57 17.83 -76.81
C SER QA 407 95.65 16.79 -76.51
N VAL QA 408 95.41 15.54 -76.91
CA VAL QA 408 96.43 14.51 -76.76
C VAL QA 408 97.63 14.79 -77.65
N GLU QA 409 97.39 15.36 -78.84
CA GLU QA 409 98.45 15.79 -79.73
C GLU QA 409 99.38 16.77 -79.04
N ARG QA 410 98.81 17.70 -78.27
CA ARG QA 410 99.61 18.74 -77.62
C ARG QA 410 100.68 18.13 -76.72
N LEU QA 411 100.38 16.99 -76.09
CA LEU QA 411 101.36 16.37 -75.21
C LEU QA 411 102.23 15.36 -75.95
N THR QA 412 101.61 14.39 -76.63
CA THR QA 412 102.37 13.30 -77.24
C THR QA 412 103.21 13.80 -78.40
N GLY QA 413 102.60 14.57 -79.31
CA GLY QA 413 103.30 15.03 -80.48
C GLY QA 413 103.32 14.06 -81.65
N VAL QA 414 102.46 13.05 -81.64
CA VAL QA 414 102.38 12.06 -82.72
C VAL QA 414 101.00 12.11 -83.33
N SER QA 415 100.96 12.16 -84.67
CA SER QA 415 99.71 12.38 -85.39
C SER QA 415 98.75 11.22 -85.19
N ILE QA 416 97.45 11.52 -85.29
CA ILE QA 416 96.41 10.52 -85.14
C ILE QA 416 95.63 10.32 -86.43
N SER QA 417 95.58 11.30 -87.32
CA SER QA 417 94.89 11.19 -88.60
C SER QA 417 95.92 11.24 -89.72
N GLN QA 418 95.76 10.34 -90.70
CA GLN QA 418 96.72 10.28 -91.80
C GLN QA 418 96.52 11.43 -92.78
N VAL QA 419 95.31 11.97 -92.88
CA VAL QA 419 95.04 13.08 -93.78
C VAL QA 419 94.34 14.20 -93.03
N MET RA 1 -3.95 4.32 169.45
CA MET RA 1 -4.01 2.93 169.92
C MET RA 1 -2.61 2.49 170.33
N GLY RA 2 -1.65 2.68 169.43
CA GLY RA 2 -0.27 2.30 169.68
C GLY RA 2 0.33 2.97 170.91
N ASN RA 3 1.02 2.19 171.73
CA ASN RA 3 1.56 2.68 172.99
C ASN RA 3 3.03 2.30 173.10
N CYS RA 4 3.81 3.18 173.74
CA CYS RA 4 5.21 2.90 174.11
C CYS RA 4 6.05 2.56 172.88
N HIS RA 5 6.22 3.56 172.02
CA HIS RA 5 7.01 3.43 170.81
C HIS RA 5 8.39 4.04 170.99
N THR RA 6 9.38 3.39 170.35
CA THR RA 6 10.76 3.86 170.34
C THR RA 6 11.27 3.81 168.91
N VAL RA 7 12.23 4.69 168.61
CA VAL RA 7 12.78 4.82 167.27
C VAL RA 7 14.30 4.74 167.35
N GLY RA 8 14.91 4.31 166.26
CA GLY RA 8 16.35 4.20 166.18
C GLY RA 8 17.03 5.56 166.04
N PRO RA 9 18.36 5.57 166.15
CA PRO RA 9 19.09 6.84 166.11
C PRO RA 9 19.00 7.55 164.77
N ASN RA 10 18.61 6.86 163.69
CA ASN RA 10 18.54 7.51 162.39
C ASN RA 10 17.38 8.49 162.29
N GLU RA 11 16.28 8.24 162.99
CA GLU RA 11 15.09 9.09 162.91
C GLU RA 11 14.73 9.62 164.29
N ALA RA 12 14.18 10.82 164.33
CA ALA RA 12 13.80 11.49 165.56
C ALA RA 12 12.30 11.34 165.75
N LEU RA 13 11.90 10.85 166.92
CA LEU RA 13 10.49 10.72 167.25
C LEU RA 13 9.99 12.03 167.85
N VAL RA 14 8.88 12.53 167.33
CA VAL RA 14 8.28 13.78 167.80
C VAL RA 14 6.89 13.47 168.34
N VAL RA 15 6.61 13.93 169.55
CA VAL RA 15 5.30 13.79 170.17
C VAL RA 15 4.93 15.13 170.81
N SER RA 16 3.64 15.46 170.75
CA SER RA 16 3.14 16.69 171.35
C SER RA 16 1.71 16.46 171.82
N GLY RA 17 1.43 16.86 173.05
CA GLY RA 17 0.09 16.72 173.60
C GLY RA 17 -0.08 17.39 174.94
N GLY RA 18 -1.21 18.08 175.12
CA GLY RA 18 -1.46 18.79 176.37
C GLY RA 18 -2.15 17.95 177.42
N CYS RA 19 -1.38 17.41 178.36
CA CYS RA 19 -1.95 16.52 179.37
C CYS RA 19 -3.01 17.24 180.19
N CYS RA 20 -2.73 18.48 180.59
CA CYS RA 20 -3.70 19.32 181.28
C CYS RA 20 -4.07 20.55 180.46
N GLY RA 21 -3.84 20.50 179.15
CA GLY RA 21 -4.06 21.63 178.28
C GLY RA 21 -2.83 22.50 178.05
N SER RA 22 -1.77 22.30 178.82
CA SER RA 22 -0.55 23.06 178.64
C SER RA 22 0.31 22.43 177.53
N ASP RA 23 1.06 23.28 176.84
CA ASP RA 23 1.84 22.87 175.68
C ASP RA 23 3.05 22.06 176.15
N TYR RA 24 3.01 20.75 175.92
CA TYR RA 24 4.12 19.85 176.23
C TYR RA 24 4.49 19.11 174.96
N LYS RA 25 5.56 19.54 174.31
CA LYS RA 25 6.07 18.89 173.11
C LYS RA 25 7.40 18.22 173.43
N GLN RA 26 7.51 16.94 173.09
CA GLN RA 26 8.73 16.17 173.33
C GLN RA 26 9.27 15.69 171.99
N TYR RA 27 10.52 16.04 171.70
CA TYR RA 27 11.21 15.60 170.48
C TYR RA 27 12.48 14.87 170.92
N VAL RA 28 12.54 13.58 170.64
CA VAL RA 28 13.66 12.74 171.05
C VAL RA 28 14.10 11.90 169.86
N PHE RA 29 15.40 11.86 169.61
CA PHE RA 29 15.98 11.08 168.53
C PHE RA 29 16.62 9.82 169.10
N GLY RA 30 16.22 8.66 168.59
CA GLY RA 30 16.82 7.41 169.03
C GLY RA 30 16.68 7.13 170.51
N GLY RA 31 15.53 7.40 171.09
CA GLY RA 31 15.34 7.21 172.50
C GLY RA 31 14.07 6.46 172.88
N TRP RA 32 13.43 6.88 173.97
CA TRP RA 32 12.25 6.22 174.48
C TRP RA 32 11.11 7.23 174.60
N ALA RA 33 9.88 6.75 174.40
CA ALA RA 33 8.71 7.59 174.55
C ALA RA 33 7.48 6.69 174.69
N TRP RA 34 6.40 7.27 175.18
CA TRP RA 34 5.11 6.59 175.24
C TRP RA 34 4.02 7.56 174.82
N ALA RA 35 3.00 7.02 174.13
CA ALA RA 35 1.85 7.80 173.71
C ALA RA 35 0.61 6.91 173.75
N TRP RA 36 -0.49 7.46 174.25
CA TRP RA 36 -1.72 6.70 174.44
C TRP RA 36 -2.61 6.85 173.21
N TRP RA 37 -3.88 6.46 173.35
CA TRP RA 37 -4.83 6.49 172.23
C TRP RA 37 -4.93 7.88 171.61
N CYS RA 38 -5.14 8.90 172.45
CA CYS RA 38 -5.20 10.27 171.95
C CYS RA 38 -4.50 11.27 172.86
N ILE RA 39 -3.37 10.92 173.47
CA ILE RA 39 -2.68 11.91 174.31
C ILE RA 39 -1.77 12.81 173.47
N SER RA 40 -1.18 12.28 172.41
CA SER RA 40 -0.22 13.04 171.61
C SER RA 40 -0.25 12.51 170.19
N ASP RA 41 0.77 12.88 169.40
CA ASP RA 41 0.91 12.45 168.02
C ASP RA 41 2.24 11.72 167.86
N THR RA 42 2.21 10.60 167.15
CA THR RA 42 3.39 9.77 166.91
C THR RA 42 3.88 10.00 165.49
N GLN RA 43 4.96 10.76 165.34
CA GLN RA 43 5.56 11.02 164.04
C GLN RA 43 7.07 10.93 164.17
N ARG RA 44 7.72 10.64 163.05
CA ARG RA 44 9.16 10.52 162.99
C ARG RA 44 9.71 11.42 161.88
N ILE RA 45 10.93 11.89 162.06
CA ILE RA 45 11.63 12.73 161.09
C ILE RA 45 12.85 11.96 160.63
N SER RA 46 12.96 11.71 159.33
CA SER RA 46 14.12 11.02 158.79
C SER RA 46 15.32 11.95 158.75
N LEU RA 47 16.30 11.71 159.63
CA LEU RA 47 17.49 12.56 159.72
C LEU RA 47 18.60 12.10 158.79
N GLU RA 48 18.27 11.36 157.73
CA GLU RA 48 19.27 10.90 156.79
C GLU RA 48 19.75 12.05 155.92
N ILE RA 49 20.95 11.87 155.34
CA ILE RA 49 21.49 12.87 154.44
C ILE RA 49 20.64 12.94 153.18
N MET RA 50 20.36 14.17 152.73
CA MET RA 50 19.65 14.40 151.49
C MET RA 50 20.66 14.73 150.40
N THR RA 51 20.53 14.07 149.25
CA THR RA 51 21.43 14.33 148.14
C THR RA 51 21.06 15.63 147.44
N LEU RA 52 22.08 16.41 147.05
CA LEU RA 52 21.89 17.67 146.37
C LEU RA 52 22.66 17.67 145.06
N GLN RA 53 22.02 18.14 143.99
CA GLN RA 53 22.65 18.33 142.69
C GLN RA 53 22.36 19.74 142.19
N PRO RA 54 22.89 20.77 142.86
CA PRO RA 54 22.68 22.14 142.38
C PRO RA 54 23.34 22.35 141.03
N ARG RA 55 22.53 22.71 140.02
CA ARG RA 55 23.00 22.94 138.67
C ARG RA 55 22.42 24.26 138.17
N CYS RA 56 23.25 25.28 138.10
CA CYS RA 56 22.85 26.60 137.64
C CYS RA 56 23.23 26.76 136.18
N GLU RA 57 22.29 27.20 135.37
CA GLU RA 57 22.47 27.35 133.92
C GLU RA 57 22.53 28.82 133.56
N ASP RA 58 23.54 29.19 132.78
CA ASP RA 58 23.70 30.56 132.28
C ASP RA 58 23.79 31.57 133.42
N VAL RA 59 24.75 31.34 134.31
CA VAL RA 59 25.00 32.23 135.44
C VAL RA 59 26.35 32.89 135.25
N GLU RA 60 26.46 34.16 135.66
CA GLU RA 60 27.62 34.98 135.37
C GLU RA 60 28.23 35.52 136.65
N THR RA 61 29.56 35.64 136.64
CA THR RA 61 30.32 36.11 137.78
C THR RA 61 30.43 37.64 137.75
N ALA RA 62 31.32 38.19 138.58
CA ALA RA 62 31.45 39.64 138.67
C ALA RA 62 31.86 40.25 137.35
N GLU RA 63 32.84 39.65 136.67
CA GLU RA 63 33.25 40.14 135.36
C GLU RA 63 32.25 39.81 134.28
N GLY RA 64 31.31 38.91 134.54
CA GLY RA 64 30.22 38.65 133.63
C GLY RA 64 30.36 37.43 132.75
N VAL RA 65 31.46 36.69 132.85
CA VAL RA 65 31.64 35.51 132.03
C VAL RA 65 30.58 34.47 132.39
N ALA RA 66 29.84 34.01 131.39
CA ALA RA 66 28.74 33.08 131.63
C ALA RA 66 29.28 31.67 131.85
N LEU RA 67 28.79 31.00 132.89
CA LEU RA 67 29.16 29.64 133.20
C LEU RA 67 27.92 28.85 133.55
N THR RA 68 28.01 27.52 133.36
CA THR RA 68 26.96 26.59 133.76
C THR RA 68 27.56 25.68 134.82
N VAL RA 69 27.49 26.12 136.07
CA VAL RA 69 28.21 25.49 137.17
C VAL RA 69 27.26 24.53 137.88
N THR RA 70 27.70 23.28 138.05
CA THR RA 70 26.97 22.27 138.78
C THR RA 70 27.69 22.00 140.09
N GLY RA 71 26.94 21.83 141.18
CA GLY RA 71 27.50 21.67 142.50
C GLY RA 71 27.00 20.42 143.20
N VAL RA 72 27.61 20.15 144.36
CA VAL RA 72 27.16 19.12 145.28
C VAL RA 72 27.25 19.65 146.69
N ALA RA 73 26.21 19.43 147.49
CA ALA RA 73 26.17 19.88 148.87
C ALA RA 73 25.63 18.76 149.75
N GLN RA 74 26.16 18.68 150.97
CA GLN RA 74 25.75 17.68 151.94
C GLN RA 74 24.85 18.34 152.98
N VAL RA 75 23.61 17.89 153.08
CA VAL RA 75 22.61 18.49 153.95
C VAL RA 75 21.95 17.42 154.80
N LYS RA 76 21.72 17.74 156.06
CA LYS RA 76 21.08 16.84 157.00
C LYS RA 76 20.38 17.66 158.07
N ILE RA 77 19.22 17.18 158.52
CA ILE RA 77 18.50 17.85 159.61
C ILE RA 77 19.31 17.72 160.89
N MET RA 78 19.47 18.84 161.60
CA MET RA 78 20.32 18.90 162.77
C MET RA 78 19.65 18.22 163.96
N THR RA 79 20.38 18.15 165.08
CA THR RA 79 19.92 17.48 166.29
C THR RA 79 20.09 18.37 167.53
N GLU RA 80 20.08 19.69 167.34
CA GLU RA 80 20.20 20.62 168.44
C GLU RA 80 18.93 20.58 169.30
N LYS RA 81 18.90 21.42 170.33
CA LYS RA 81 17.77 21.45 171.27
C LYS RA 81 16.69 22.44 170.83
N GLU RA 82 17.04 23.73 170.74
CA GLU RA 82 16.04 24.73 170.37
C GLU RA 82 15.77 24.74 168.87
N LEU RA 83 16.75 24.39 168.05
CA LEU RA 83 16.53 24.35 166.61
C LEU RA 83 15.60 23.22 166.21
N LEU RA 84 15.57 22.12 166.96
CA LEU RA 84 14.66 21.05 166.63
C LEU RA 84 13.22 21.37 166.99
N ALA RA 85 12.98 22.35 167.85
CA ALA RA 85 11.63 22.87 167.99
C ALA RA 85 11.16 23.46 166.66
N VAL RA 86 12.02 24.25 166.01
CA VAL RA 86 11.70 24.80 164.70
C VAL RA 86 11.56 23.67 163.67
N ALA RA 87 12.46 22.69 163.74
CA ALA RA 87 12.43 21.59 162.78
C ALA RA 87 11.11 20.82 162.88
N CYS RA 88 10.65 20.57 164.10
CA CYS RA 88 9.41 19.82 164.28
C CYS RA 88 8.19 20.68 163.94
N GLU RA 89 8.21 21.96 164.29
CA GLU RA 89 7.09 22.82 163.94
C GLU RA 89 7.12 23.27 162.49
N GLN RA 90 8.14 22.88 161.74
CA GLN RA 90 8.40 23.48 160.43
C GLN RA 90 7.90 22.66 159.26
N PHE RA 91 8.35 21.42 159.10
CA PHE RA 91 8.26 20.78 157.80
C PHE RA 91 7.38 19.54 157.76
N LEU RA 92 7.65 18.54 158.61
CA LEU RA 92 6.96 17.25 158.51
C LEU RA 92 5.45 17.42 158.63
N GLY RA 93 4.70 16.48 158.05
CA GLY RA 93 5.21 15.25 157.46
C GLY RA 93 5.32 15.18 155.95
N LYS RA 94 5.79 16.26 155.34
CA LYS RA 94 6.08 16.23 153.90
C LYS RA 94 7.25 15.29 153.65
N ASN RA 95 7.19 14.56 152.53
CA ASN RA 95 8.08 13.44 152.31
C ASN RA 95 9.47 13.91 151.85
N VAL RA 96 10.36 12.93 151.65
CA VAL RA 96 11.77 13.22 151.38
C VAL RA 96 11.93 14.01 150.09
N GLN RA 97 11.10 13.74 149.08
CA GLN RA 97 11.16 14.53 147.85
C GLN RA 97 10.90 16.00 148.15
N ASP RA 98 10.06 16.28 149.14
CA ASP RA 98 9.79 17.67 149.49
C ASP RA 98 11.01 18.33 150.14
N ILE RA 99 11.70 17.63 151.05
CA ILE RA 99 12.94 18.18 151.60
C ILE RA 99 13.90 18.48 150.46
N LYS RA 100 14.13 17.49 149.59
CA LYS RA 100 15.16 17.65 148.58
C LYS RA 100 14.82 18.75 147.59
N ASN RA 101 13.55 18.88 147.19
CA ASN RA 101 13.18 19.95 146.28
C ASN RA 101 13.33 21.32 146.93
N VAL RA 102 12.83 21.48 148.15
CA VAL RA 102 12.92 22.78 148.80
C VAL RA 102 14.38 23.20 148.98
N VAL RA 103 15.20 22.28 149.49
CA VAL RA 103 16.60 22.60 149.72
C VAL RA 103 17.31 22.82 148.39
N LEU RA 104 16.87 22.11 147.35
CA LEU RA 104 17.49 22.27 146.04
C LEU RA 104 17.28 23.68 145.50
N GLN RA 105 16.02 24.17 145.51
CA GLN RA 105 15.80 25.52 145.02
C GLN RA 105 16.49 26.57 145.89
N THR RA 106 16.41 26.44 147.22
CA THR RA 106 16.99 27.51 148.03
C THR RA 106 18.51 27.53 147.91
N LEU RA 107 19.17 26.37 147.93
CA LEU RA 107 20.61 26.35 147.74
C LEU RA 107 20.99 26.68 146.30
N GLU RA 108 20.09 26.44 145.34
CA GLU RA 108 20.35 26.89 143.98
C GLU RA 108 20.47 28.41 143.94
N GLY RA 109 19.49 29.10 144.53
CA GLY RA 109 19.57 30.54 144.60
C GLY RA 109 20.80 31.02 145.34
N HIS RA 110 21.08 30.42 146.49
CA HIS RA 110 22.23 30.86 147.29
C HIS RA 110 23.54 30.62 146.55
N LEU RA 111 23.68 29.48 145.89
CA LEU RA 111 24.90 29.15 145.16
C LEU RA 111 25.10 30.08 143.98
N ARG RA 112 24.04 30.36 143.22
CA ARG RA 112 24.16 31.32 142.13
C ARG RA 112 24.54 32.69 142.66
N SER RA 113 23.94 33.10 143.78
CA SER RA 113 24.24 34.40 144.36
C SER RA 113 25.71 34.51 144.74
N ILE RA 114 26.23 33.53 145.48
CA ILE RA 114 27.63 33.60 145.89
C ILE RA 114 28.55 33.46 144.68
N LEU RA 115 28.15 32.66 143.69
CA LEU RA 115 28.97 32.54 142.48
C LEU RA 115 29.09 33.89 141.80
N GLY RA 116 27.99 34.65 141.76
CA GLY RA 116 28.09 36.02 141.27
C GLY RA 116 28.94 36.90 142.17
N THR RA 117 28.99 36.57 143.46
CA THR RA 117 29.73 37.40 144.40
C THR RA 117 31.22 37.40 144.09
N LEU RA 118 31.79 36.25 143.78
CA LEU RA 118 33.23 36.19 143.49
C LEU RA 118 33.46 36.11 141.98
N THR RA 119 34.72 36.30 141.60
CA THR RA 119 35.09 36.31 140.19
C THR RA 119 35.45 34.90 139.73
N VAL RA 120 35.56 34.76 138.40
CA VAL RA 120 35.90 33.48 137.80
C VAL RA 120 37.34 33.07 138.07
N GLU RA 121 38.25 34.03 138.23
CA GLU RA 121 39.62 33.68 138.59
C GLU RA 121 39.67 33.01 139.96
N GLN RA 122 38.86 33.49 140.91
CA GLN RA 122 38.80 32.85 142.21
C GLN RA 122 38.19 31.45 142.16
N ILE RA 123 37.11 31.26 141.39
CA ILE RA 123 36.54 29.92 141.28
C ILE RA 123 37.51 29.02 140.51
N TYR RA 124 38.44 29.61 139.78
CA TYR RA 124 39.48 28.84 139.09
C TYR RA 124 40.55 28.38 140.08
N GLN RA 125 41.21 29.33 140.74
CA GLN RA 125 42.35 29.01 141.59
C GLN RA 125 41.93 28.49 142.97
N ASP RA 126 41.25 29.33 143.75
CA ASP RA 126 40.94 29.03 145.14
C ASP RA 126 39.43 28.84 145.27
N ARG RA 127 38.99 27.60 145.04
CA ARG RA 127 37.59 27.25 145.23
C ARG RA 127 37.33 26.46 146.50
N ASP RA 128 38.37 26.00 147.18
CA ASP RA 128 38.18 25.52 148.56
C ASP RA 128 37.78 26.67 149.47
N GLN RA 129 38.44 27.83 149.31
CA GLN RA 129 38.00 29.02 150.02
C GLN RA 129 36.63 29.48 149.53
N PHE RA 130 36.29 29.20 148.27
CA PHE RA 130 34.95 29.48 147.79
C PHE RA 130 33.92 28.68 148.58
N ALA RA 131 34.18 27.40 148.80
CA ALA RA 131 33.27 26.58 149.62
C ALA RA 131 33.27 27.03 151.07
N LYS RA 132 34.43 27.46 151.58
CA LYS RA 132 34.49 27.96 152.96
C LYS RA 132 33.64 29.21 153.13
N LEU RA 133 33.63 30.09 152.12
CA LEU RA 133 32.75 31.24 152.15
C LEU RA 133 31.29 30.87 151.90
N VAL RA 134 31.04 29.82 151.11
CA VAL RA 134 29.68 29.32 150.94
C VAL RA 134 29.12 28.89 152.28
N ARG RA 135 29.94 28.19 153.08
CA ARG RA 135 29.52 27.85 154.43
C ARG RA 135 29.21 29.11 155.24
N GLU RA 136 30.14 30.07 155.25
CA GLU RA 136 29.98 31.30 156.03
C GLU RA 136 28.71 32.05 155.68
N VAL RA 137 28.29 32.03 154.41
CA VAL RA 137 27.09 32.76 154.00
C VAL RA 137 25.83 31.91 154.04
N ALA RA 138 25.92 30.58 153.98
CA ALA RA 138 24.73 29.74 153.88
C ALA RA 138 24.29 29.19 155.22
N ALA RA 139 25.23 29.02 156.16
CA ALA RA 139 24.86 28.63 157.52
C ALA RA 139 23.85 29.56 158.17
N PRO RA 140 23.97 30.90 158.07
CA PRO RA 140 22.98 31.77 158.72
C PRO RA 140 21.55 31.59 158.20
N ASP RA 141 21.34 31.17 156.97
CA ASP RA 141 19.99 31.07 156.42
C ASP RA 141 19.52 29.63 156.24
N VAL RA 142 20.37 28.75 155.71
CA VAL RA 142 19.97 27.36 155.56
C VAL RA 142 19.74 26.69 156.92
N GLY RA 143 20.40 27.18 157.96
CA GLY RA 143 20.17 26.65 159.30
C GLY RA 143 18.88 27.14 159.94
N ARG RA 144 18.24 28.15 159.36
CA ARG RA 144 17.00 28.66 159.94
C ARG RA 144 15.89 27.63 159.90
N MET RA 145 15.80 26.88 158.79
CA MET RA 145 14.82 25.80 158.69
C MET RA 145 15.36 24.47 159.20
N GLY RA 146 16.42 24.49 160.00
CA GLY RA 146 16.92 23.30 160.65
C GLY RA 146 17.78 22.39 159.80
N ILE RA 147 18.18 22.83 158.61
CA ILE RA 147 18.97 22.00 157.70
C ILE RA 147 20.44 22.39 157.86
N GLU RA 148 21.27 21.41 158.18
CA GLU RA 148 22.71 21.64 158.32
C GLU RA 148 23.40 21.44 156.98
N ILE RA 149 24.61 21.99 156.87
CA ILE RA 149 25.40 21.85 155.65
C ILE RA 149 26.69 21.12 155.98
N LEU RA 150 26.70 19.80 155.80
CA LEU RA 150 27.87 19.01 156.15
C LEU RA 150 29.04 19.32 155.23
N SER RA 151 28.78 19.49 153.93
CA SER RA 151 29.83 19.79 152.97
C SER RA 151 29.24 20.54 151.80
N PHE RA 152 30.11 21.23 151.07
CA PHE RA 152 29.70 22.02 149.92
C PHE RA 152 30.86 22.14 148.95
N THR RA 153 30.56 21.96 147.66
CA THR RA 153 31.50 22.26 146.58
C THR RA 153 30.73 22.20 145.27
N ILE RA 154 31.45 22.39 144.17
CA ILE RA 154 30.87 22.43 142.83
C ILE RA 154 31.32 21.21 142.05
N LYS RA 155 30.37 20.58 141.34
CA LYS RA 155 30.66 19.32 140.66
C LYS RA 155 31.47 19.54 139.38
N ASP RA 156 30.93 20.33 138.46
CA ASP RA 156 31.61 20.57 137.19
C ASP RA 156 31.26 21.96 136.69
N VAL RA 157 32.15 22.52 135.88
CA VAL RA 157 31.97 23.85 135.31
C VAL RA 157 32.07 23.74 133.79
N TYR RA 158 31.10 24.33 133.10
CA TYR RA 158 31.07 24.32 131.64
C TYR RA 158 30.81 25.72 131.13
N ASP RA 159 31.42 26.05 130.00
CA ASP RA 159 31.31 27.37 129.40
C ASP RA 159 30.99 27.26 127.92
N LYS RA 160 30.20 28.22 127.42
CA LYS RA 160 29.90 28.32 126.00
C LYS RA 160 30.82 29.29 125.28
N VAL RA 161 31.43 30.22 126.00
CA VAL RA 161 32.39 31.17 125.42
C VAL RA 161 33.83 30.75 125.73
N ASP RA 162 34.05 29.45 125.95
CA ASP RA 162 35.37 28.80 126.08
C ASP RA 162 36.38 29.66 126.84
N TYR RA 163 36.07 29.93 128.11
CA TYR RA 163 37.00 30.60 129.01
C TYR RA 163 38.19 29.72 129.35
N LEU RA 164 37.91 28.57 129.97
CA LEU RA 164 38.98 27.72 130.49
C LEU RA 164 39.84 27.12 129.38
N SER RA 165 39.21 26.75 128.27
CA SER RA 165 39.98 26.23 127.14
C SER RA 165 40.93 27.29 126.61
N SER RA 166 40.49 28.55 126.57
CA SER RA 166 41.37 29.64 126.19
C SER RA 166 42.49 29.81 127.21
N LEU RA 167 42.17 29.66 128.49
CA LEU RA 167 43.18 29.81 129.53
C LEU RA 167 44.24 28.73 129.46
N GLY RA 168 43.89 27.53 129.00
CA GLY RA 168 44.86 26.45 128.86
C GLY RA 168 45.82 26.63 127.71
N LYS RA 169 45.45 27.51 126.77
CA LYS RA 169 46.29 27.76 125.60
C LYS RA 169 47.66 28.31 125.98
N THR RA 170 47.76 28.96 127.14
CA THR RA 170 49.00 29.63 127.50
C THR RA 170 50.14 28.64 127.66
N GLN RA 171 49.87 27.47 128.24
CA GLN RA 171 50.92 26.49 128.47
C GLN RA 171 50.75 25.23 127.64
N THR RA 172 49.62 25.05 126.95
CA THR RA 172 49.49 23.87 126.10
C THR RA 172 50.51 23.86 124.98
N ALA RA 173 51.16 25.00 124.70
CA ALA RA 173 52.19 25.09 123.69
C ALA RA 173 53.59 25.20 124.26
N VAL RA 174 53.74 25.56 125.53
CA VAL RA 174 55.05 25.66 126.14
C VAL RA 174 55.75 24.31 126.16
N VAL RA 175 55.04 23.26 126.56
CA VAL RA 175 55.61 21.92 126.52
C VAL RA 175 55.87 21.50 125.09
N GLN RA 176 55.00 21.91 124.16
CA GLN RA 176 55.27 21.65 122.75
C GLN RA 176 56.50 22.41 122.28
N ARG RA 177 56.69 23.63 122.77
CA ARG RA 177 57.90 24.38 122.47
C ARG RA 177 59.14 23.61 122.92
N ASP RA 178 59.15 23.15 124.17
CA ASP RA 178 60.30 22.41 124.68
C ASP RA 178 60.53 21.12 123.90
N ALA RA 179 59.45 20.41 123.58
CA ALA RA 179 59.59 19.17 122.83
C ALA RA 179 60.18 19.41 121.44
N ASP RA 180 59.72 20.47 120.77
CA ASP RA 180 60.27 20.79 119.46
C ASP RA 180 61.75 21.15 119.56
N ILE RA 181 62.12 21.92 120.60
CA ILE RA 181 63.52 22.28 120.77
C ILE RA 181 64.36 21.02 120.97
N GLY RA 182 63.90 20.11 121.82
CA GLY RA 182 64.66 18.91 122.10
C GLY RA 182 64.81 18.02 120.87
N VAL RA 183 63.72 17.82 120.13
CA VAL RA 183 63.79 16.97 118.95
C VAL RA 183 64.68 17.61 117.89
N ALA RA 184 64.65 18.93 117.76
CA ALA RA 184 65.51 19.61 116.80
C ALA RA 184 66.98 19.42 117.17
N GLU RA 185 67.32 19.58 118.46
CA GLU RA 185 68.70 19.38 118.88
C GLU RA 185 69.15 17.95 118.65
N ALA RA 186 68.29 16.98 118.97
CA ALA RA 186 68.65 15.58 118.78
C ALA RA 186 68.88 15.26 117.32
N GLU RA 187 67.99 15.74 116.44
CA GLU RA 187 68.17 15.51 115.01
C GLU RA 187 69.44 16.18 114.50
N ARG RA 188 69.76 17.36 115.02
CA ARG RA 188 70.98 18.04 114.63
C ARG RA 188 72.21 17.20 114.98
N ASP RA 189 72.25 16.68 116.21
CA ASP RA 189 73.40 15.88 116.62
C ASP RA 189 73.50 14.60 115.80
N ALA RA 190 72.38 13.92 115.57
CA ALA RA 190 72.38 12.72 114.77
C ALA RA 190 72.91 13.00 113.37
N GLY RA 191 72.40 14.07 112.75
CA GLY RA 191 72.82 14.39 111.39
C GLY RA 191 74.29 14.74 111.30
N ILE RA 192 74.79 15.55 112.24
CA ILE RA 192 76.21 15.92 112.19
C ILE RA 192 77.09 14.69 112.31
N ARG RA 193 76.81 13.80 113.27
CA ARG RA 193 77.79 12.76 113.50
C ARG RA 193 77.67 11.69 112.43
N GLU RA 194 76.45 11.49 111.91
CA GLU RA 194 76.27 10.58 110.77
C GLU RA 194 76.99 11.08 109.53
N ALA RA 195 76.94 12.40 109.28
CA ALA RA 195 77.69 12.95 108.15
C ALA RA 195 79.18 12.73 108.34
N GLU RA 196 79.67 12.88 109.57
CA GLU RA 196 81.08 12.61 109.83
C GLU RA 196 81.42 11.16 109.50
N CYS RA 197 80.58 10.23 109.94
CA CYS RA 197 80.84 8.81 109.65
C CYS RA 197 80.85 8.55 108.15
N LYS RA 198 79.88 9.10 107.43
CA LYS RA 198 79.79 8.91 106.00
C LYS RA 198 81.05 9.45 105.31
N LYS RA 199 81.52 10.62 105.77
CA LYS RA 199 82.73 11.21 105.21
C LYS RA 199 83.93 10.29 105.39
N GLU RA 200 84.14 9.80 106.62
CA GLU RA 200 85.29 8.94 106.85
C GLU RA 200 85.22 7.65 106.02
N MET RA 201 84.05 7.03 105.94
CA MET RA 201 83.95 5.78 105.22
C MET RA 201 84.15 6.00 103.72
N LEU RA 202 83.65 7.12 103.17
CA LEU RA 202 83.92 7.43 101.77
C LEU RA 202 85.39 7.67 101.51
N ASP RA 203 86.09 8.37 102.43
CA ASP RA 203 87.52 8.58 102.20
C ASP RA 203 88.26 7.25 102.14
N VAL RA 204 87.98 6.35 103.07
CA VAL RA 204 88.71 5.08 103.05
C VAL RA 204 88.33 4.26 101.82
N LYS RA 205 87.05 4.25 101.46
CA LYS RA 205 86.62 3.48 100.29
C LYS RA 205 87.27 4.00 99.02
N PHE RA 206 87.40 5.33 98.90
CA PHE RA 206 88.04 5.88 97.71
C PHE RA 206 89.54 5.61 97.70
N MET RA 207 90.19 5.58 98.87
CA MET RA 207 91.60 5.18 98.89
C MET RA 207 91.76 3.73 98.42
N ALA RA 208 90.90 2.84 98.89
CA ALA RA 208 90.95 1.45 98.45
C ALA RA 208 90.72 1.34 96.94
N ASP RA 209 89.73 2.09 96.44
CA ASP RA 209 89.47 2.07 95.01
C ASP RA 209 90.63 2.63 94.20
N THR RA 210 91.34 3.63 94.74
CA THR RA 210 92.53 4.14 94.07
C THR RA 210 93.60 3.05 93.97
N LYS RA 211 93.82 2.31 95.05
CA LYS RA 211 94.77 1.21 94.98
C LYS RA 211 94.34 0.15 93.98
N ILE RA 212 93.04 -0.16 93.93
CA ILE RA 212 92.54 -1.12 92.96
C ILE RA 212 92.80 -0.64 91.54
N ALA RA 213 92.55 0.65 91.30
CA ALA RA 213 92.79 1.22 89.97
C ALA RA 213 94.26 1.14 89.59
N ASP RA 214 95.16 1.37 90.56
CA ASP RA 214 96.58 1.25 90.29
C ASP RA 214 96.95 -0.17 89.89
N SER RA 215 96.43 -1.16 90.62
CA SER RA 215 96.71 -2.55 90.28
C SER RA 215 96.16 -2.91 88.90
N LYS RA 216 94.95 -2.43 88.59
CA LYS RA 216 94.37 -2.68 87.29
C LYS RA 216 95.20 -2.06 86.17
N ARG RA 217 95.71 -0.84 86.41
CA ARG RA 217 96.56 -0.20 85.42
C ARG RA 217 97.83 -1.00 85.17
N ALA RA 218 98.47 -1.46 86.25
CA ALA RA 218 99.68 -2.25 86.08
C ALA RA 218 99.40 -3.53 85.30
N PHE RA 219 98.31 -4.22 85.63
CA PHE RA 219 97.97 -5.45 84.94
C PHE RA 219 97.69 -5.19 83.46
N GLU RA 220 96.89 -4.17 83.16
CA GLU RA 220 96.57 -3.87 81.78
C GLU RA 220 97.82 -3.49 80.99
N LEU RA 221 98.70 -2.70 81.59
CA LEU RA 221 99.93 -2.31 80.90
C LEU RA 221 100.78 -3.53 80.57
N GLN RA 222 100.98 -4.42 81.55
CA GLN RA 222 101.78 -5.62 81.28
C GLN RA 222 101.13 -6.51 80.23
N LYS RA 223 99.81 -6.67 80.30
CA LYS RA 223 99.13 -7.53 79.33
C LYS RA 223 99.22 -6.97 77.93
N SER RA 224 99.04 -5.66 77.76
CA SER RA 224 99.18 -5.06 76.44
C SER RA 224 100.61 -5.17 75.93
N ALA RA 225 101.58 -4.97 76.83
CA ALA RA 225 102.98 -5.11 76.42
C ALA RA 225 103.26 -6.51 75.90
N PHE RA 226 102.74 -7.54 76.59
CA PHE RA 226 102.95 -8.90 76.14
C PHE RA 226 102.26 -9.16 74.81
N SER RA 227 101.03 -8.66 74.69
CA SER RA 227 100.27 -8.82 73.46
C SER RA 227 101.01 -8.21 72.27
N GLU RA 228 101.80 -7.16 72.52
CA GLU RA 228 102.57 -6.55 71.44
C GLU RA 228 103.45 -7.58 70.73
N GLU RA 229 104.40 -8.18 71.47
CA GLU RA 229 105.30 -9.11 70.80
C GLU RA 229 104.63 -10.41 70.41
N VAL RA 230 103.59 -10.84 71.13
CA VAL RA 230 102.93 -12.06 70.67
C VAL RA 230 102.25 -11.83 69.33
N ASN RA 231 101.65 -10.65 69.14
CA ASN RA 231 101.05 -10.34 67.85
C ASN RA 231 102.11 -10.16 66.78
N ILE RA 232 103.26 -9.58 67.12
CA ILE RA 232 104.34 -9.47 66.15
C ILE RA 232 104.78 -10.85 65.65
N LYS RA 233 105.02 -11.76 66.59
CA LYS RA 233 105.46 -13.10 66.21
C LYS RA 233 104.40 -13.83 65.40
N THR RA 234 103.13 -13.69 65.77
CA THR RA 234 102.09 -14.31 64.94
C THR RA 234 102.12 -13.74 63.54
N ALA RA 235 102.08 -12.41 63.41
CA ALA RA 235 102.03 -11.78 62.10
C ALA RA 235 103.17 -12.25 61.22
N GLU RA 236 104.34 -12.49 61.80
CA GLU RA 236 105.39 -13.17 61.04
C GLU RA 236 104.97 -14.60 60.67
N ALA RA 237 104.27 -15.28 61.58
CA ALA RA 237 103.98 -16.70 61.39
C ALA RA 237 103.07 -16.95 60.19
N GLN RA 238 102.00 -16.16 60.02
CA GLN RA 238 101.14 -16.44 58.86
C GLN RA 238 101.88 -16.25 57.54
N LEU RA 239 102.66 -15.18 57.40
CA LEU RA 239 103.21 -14.83 56.11
C LEU RA 239 104.55 -15.49 55.80
N ALA RA 240 105.15 -16.19 56.76
CA ALA RA 240 106.29 -17.04 56.40
C ALA RA 240 105.90 -18.06 55.33
N TYR RA 241 104.65 -18.54 55.37
CA TYR RA 241 104.18 -19.49 54.37
C TYR RA 241 104.23 -18.88 52.98
N GLU RA 242 103.70 -17.67 52.82
CA GLU RA 242 103.71 -17.02 51.52
C GLU RA 242 105.14 -16.71 51.07
N LEU RA 243 106.00 -16.31 52.01
CA LEU RA 243 107.38 -16.03 51.65
C LEU RA 243 108.06 -17.26 51.05
N GLN RA 244 107.96 -18.40 51.75
CA GLN RA 244 108.58 -19.61 51.23
C GLN RA 244 107.89 -20.08 49.95
N GLY RA 245 106.58 -19.87 49.84
CA GLY RA 245 105.88 -20.25 48.62
C GLY RA 245 106.38 -19.50 47.41
N ALA RA 246 106.57 -18.19 47.54
CA ALA RA 246 107.12 -17.41 46.44
C ALA RA 246 108.55 -17.82 46.14
N ARG RA 247 109.35 -18.06 47.18
CA ARG RA 247 110.72 -18.48 46.98
C ARG RA 247 110.79 -19.78 46.19
N GLU RA 248 109.89 -20.72 46.47
CA GLU RA 248 109.85 -21.97 45.72
C GLU RA 248 109.27 -21.77 44.31
N GLN RA 249 108.23 -20.94 44.18
CA GLN RA 249 107.65 -20.65 42.87
C GLN RA 249 108.68 -20.08 41.93
N GLN RA 250 109.70 -19.41 42.45
CA GLN RA 250 110.82 -19.00 41.60
C GLN RA 250 111.33 -20.17 40.76
N LYS RA 251 111.81 -21.23 41.42
CA LYS RA 251 112.34 -22.38 40.71
C LYS RA 251 111.25 -23.14 39.97
N ILE RA 252 110.04 -23.20 40.54
CA ILE RA 252 108.94 -23.88 39.88
C ILE RA 252 108.73 -23.30 38.49
N ARG RA 253 108.61 -21.97 38.41
CA ARG RA 253 108.39 -21.32 37.13
C ARG RA 253 109.65 -21.35 36.27
N GLN RA 254 110.82 -21.33 36.89
CA GLN RA 254 112.07 -21.48 36.14
C GLN RA 254 112.05 -22.75 35.30
N GLU RA 255 111.70 -23.88 35.92
CA GLU RA 255 111.63 -25.12 35.15
C GLU RA 255 110.43 -25.17 34.23
N GLU RA 256 109.27 -24.65 34.66
CA GLU RA 256 108.10 -24.63 33.80
C GLU RA 256 108.36 -23.87 32.51
N ILE RA 257 109.24 -22.87 32.55
CA ILE RA 257 109.59 -22.12 31.34
C ILE RA 257 110.81 -22.70 30.62
N GLU RA 258 111.68 -23.41 31.33
CA GLU RA 258 112.72 -24.17 30.64
C GLU RA 258 112.14 -25.31 29.79
N ILE RA 259 110.91 -25.73 30.10
CA ILE RA 259 110.22 -26.71 29.26
C ILE RA 259 110.29 -26.30 27.79
N GLU RA 260 109.70 -25.15 27.46
CA GLU RA 260 109.65 -24.75 26.06
C GLU RA 260 110.98 -24.23 25.55
N VAL RA 261 111.91 -23.84 26.43
CA VAL RA 261 113.27 -23.57 25.99
C VAL RA 261 113.87 -24.83 25.38
N VAL RA 262 113.76 -25.94 26.11
CA VAL RA 262 114.28 -27.21 25.61
C VAL RA 262 113.53 -27.63 24.34
N GLN RA 263 112.23 -27.41 24.31
CA GLN RA 263 111.45 -27.76 23.12
C GLN RA 263 111.92 -26.99 21.88
N ARG RA 264 112.04 -25.67 22.00
CA ARG RA 264 112.44 -24.84 20.88
C ARG RA 264 113.91 -25.04 20.52
N LYS RA 265 114.72 -25.55 21.45
CA LYS RA 265 116.11 -25.82 21.12
C LYS RA 265 116.24 -26.86 20.03
N LYS RA 266 115.36 -27.86 20.01
CA LYS RA 266 115.38 -28.90 18.98
C LYS RA 266 114.34 -28.70 17.89
N GLN RA 267 113.41 -27.77 18.08
CA GLN RA 267 112.70 -27.27 16.91
C GLN RA 267 113.67 -26.73 15.85
N ILE RA 268 114.89 -26.38 16.24
CA ILE RA 268 115.92 -26.01 15.28
C ILE RA 268 116.20 -27.16 14.33
N ALA RA 269 116.44 -28.36 14.88
CA ALA RA 269 116.69 -29.52 14.03
C ALA RA 269 115.43 -29.89 13.24
N VAL RA 270 114.26 -29.71 13.84
CA VAL RA 270 113.01 -29.92 13.10
C VAL RA 270 113.00 -29.06 11.84
N GLU RA 271 113.33 -27.77 12.01
CA GLU RA 271 113.30 -26.85 10.88
C GLU RA 271 114.42 -27.14 9.88
N ALA RA 272 115.57 -27.62 10.33
CA ALA RA 272 116.63 -27.99 9.38
C ALA RA 272 116.20 -29.16 8.50
N GLN RA 273 115.60 -30.19 9.11
CA GLN RA 273 115.07 -31.28 8.31
C GLN RA 273 113.96 -30.79 7.38
N GLU RA 274 113.16 -29.83 7.84
CA GLU RA 274 112.16 -29.22 6.96
C GLU RA 274 112.81 -28.49 5.79
N ILE RA 275 113.95 -27.83 6.03
CA ILE RA 275 114.66 -27.16 4.94
C ILE RA 275 115.07 -28.17 3.88
N LEU RA 276 115.66 -29.29 4.31
CA LEU RA 276 116.04 -30.32 3.34
C LEU RA 276 114.83 -30.84 2.59
N ARG RA 277 113.75 -31.14 3.31
CA ARG RA 277 112.55 -31.68 2.67
C ARG RA 277 111.97 -30.70 1.66
N THR RA 278 111.90 -29.40 2.02
CA THR RA 278 111.30 -28.44 1.10
C THR RA 278 112.23 -28.17 -0.08
N ASP RA 279 113.55 -28.27 0.11
CA ASP RA 279 114.45 -28.18 -1.02
C ASP RA 279 114.15 -29.29 -2.04
N LYS RA 280 114.09 -30.53 -1.56
CA LYS RA 280 113.80 -31.64 -2.48
C LYS RA 280 112.40 -31.51 -3.09
N GLU RA 281 111.42 -31.07 -2.29
CA GLU RA 281 110.07 -30.92 -2.80
C GLU RA 281 110.00 -29.86 -3.88
N LEU RA 282 110.67 -28.72 -3.68
CA LEU RA 282 110.70 -27.69 -4.72
C LEU RA 282 111.39 -28.18 -5.97
N ILE RA 283 112.48 -28.96 -5.82
CA ILE RA 283 113.09 -29.59 -6.98
C ILE RA 283 112.05 -30.38 -7.76
N ALA RA 284 111.48 -31.40 -7.11
CA ALA RA 284 110.56 -32.30 -7.79
C ALA RA 284 109.32 -31.57 -8.31
N THR RA 285 108.98 -30.43 -7.72
CA THR RA 285 107.74 -29.76 -8.07
C THR RA 285 107.90 -28.75 -9.21
N VAL RA 286 109.00 -28.00 -9.25
CA VAL RA 286 109.10 -26.94 -10.26
C VAL RA 286 110.35 -27.07 -11.11
N ARG RA 287 111.42 -27.68 -10.59
CA ARG RA 287 112.68 -27.68 -11.33
C ARG RA 287 112.62 -28.62 -12.52
N ARG RA 288 112.08 -29.82 -12.33
CA ARG RA 288 111.99 -30.82 -13.39
C ARG RA 288 110.83 -30.52 -14.35
N PRO RA 289 109.65 -30.11 -13.88
CA PRO RA 289 108.61 -29.68 -14.82
C PRO RA 289 109.04 -28.54 -15.72
N ALA RA 290 109.90 -27.64 -15.24
CA ALA RA 290 110.41 -26.58 -16.10
C ALA RA 290 111.23 -27.16 -17.26
N GLU RA 291 112.10 -28.13 -16.96
CA GLU RA 291 112.88 -28.75 -18.02
C GLU RA 291 112.01 -29.51 -18.99
N ALA RA 292 111.01 -30.23 -18.48
CA ALA RA 292 110.09 -30.95 -19.35
C ALA RA 292 109.32 -29.98 -20.25
N GLU RA 293 108.88 -28.86 -19.70
CA GLU RA 293 108.19 -27.85 -20.50
C GLU RA 293 109.12 -27.29 -21.57
N ALA RA 294 110.38 -27.03 -21.23
CA ALA RA 294 111.32 -26.54 -22.23
C ALA RA 294 111.50 -27.55 -23.36
N HIS RA 295 111.64 -28.82 -23.01
CA HIS RA 295 111.77 -29.86 -24.04
C HIS RA 295 110.53 -29.93 -24.92
N ARG RA 296 109.35 -29.84 -24.30
CA ARG RA 296 108.10 -29.87 -25.07
C ARG RA 296 108.02 -28.69 -26.03
N ILE RA 297 108.37 -27.49 -25.54
CA ILE RA 297 108.29 -26.30 -26.38
C ILE RA 297 109.25 -26.42 -27.55
N GLN RA 298 110.48 -26.89 -27.31
CA GLN RA 298 111.43 -26.96 -28.41
C GLN RA 298 111.06 -28.06 -29.41
N GLN RA 299 110.51 -29.18 -28.94
CA GLN RA 299 110.03 -30.22 -29.86
C GLN RA 299 108.89 -29.70 -30.73
N ILE RA 300 107.90 -29.04 -30.11
CA ILE RA 300 106.76 -28.54 -30.87
C ILE RA 300 107.20 -27.43 -31.81
N ALA RA 301 108.17 -26.60 -31.39
CA ALA RA 301 108.70 -25.57 -32.28
C ALA RA 301 109.39 -26.19 -33.48
N GLU RA 302 110.13 -27.28 -33.27
CA GLU RA 302 110.74 -27.97 -34.41
C GLU RA 302 109.69 -28.48 -35.37
N GLY RA 303 108.64 -29.11 -34.84
CA GLY RA 303 107.56 -29.58 -35.69
C GLY RA 303 106.92 -28.47 -36.50
N GLU RA 304 106.59 -27.36 -35.83
CA GLU RA 304 105.95 -26.23 -36.49
C GLU RA 304 106.87 -25.61 -37.55
N LYS RA 305 108.16 -25.50 -37.25
CA LYS RA 305 109.09 -24.93 -38.21
C LYS RA 305 109.18 -25.80 -39.45
N VAL RA 306 109.27 -27.12 -39.27
CA VAL RA 306 109.33 -28.01 -40.44
C VAL RA 306 108.04 -27.90 -41.25
N LYS RA 307 106.89 -27.85 -40.57
CA LYS RA 307 105.62 -27.72 -41.27
C LYS RA 307 105.55 -26.43 -42.08
N GLN RA 308 105.96 -25.32 -41.47
CA GLN RA 308 105.91 -24.04 -42.17
C GLN RA 308 106.88 -24.01 -43.35
N VAL RA 309 108.07 -24.57 -43.18
CA VAL RA 309 109.03 -24.60 -44.28
C VAL RA 309 108.48 -25.42 -45.44
N LEU RA 310 107.91 -26.58 -45.14
CA LEU RA 310 107.35 -27.42 -46.21
C LEU RA 310 106.17 -26.73 -46.90
N LEU RA 311 105.30 -26.08 -46.13
CA LEU RA 311 104.18 -25.38 -46.73
C LEU RA 311 104.65 -24.23 -47.60
N ALA RA 312 105.67 -23.50 -47.16
CA ALA RA 312 106.22 -22.41 -47.95
C ALA RA 312 106.84 -22.91 -49.24
N GLN RA 313 107.57 -24.04 -49.18
CA GLN RA 313 108.14 -24.62 -50.40
C GLN RA 313 107.03 -25.02 -51.37
N ALA RA 314 105.97 -25.65 -50.85
CA ALA RA 314 104.86 -26.04 -51.70
C ALA RA 314 104.21 -24.84 -52.36
N GLU RA 315 103.99 -23.77 -51.59
CA GLU RA 315 103.38 -22.56 -52.14
C GLU RA 315 104.29 -21.92 -53.18
N ALA RA 316 105.60 -21.90 -52.92
CA ALA RA 316 106.53 -21.29 -53.86
C ALA RA 316 106.53 -22.05 -55.19
N GLU RA 317 106.55 -23.38 -55.14
CA GLU RA 317 106.58 -24.12 -56.39
C GLU RA 317 105.23 -24.08 -57.09
N LYS RA 318 104.13 -23.98 -56.31
CA LYS RA 318 102.83 -23.69 -56.88
C LYS RA 318 102.88 -22.41 -57.71
N ILE RA 319 103.41 -21.34 -57.12
CA ILE RA 319 103.48 -20.06 -57.82
C ILE RA 319 104.36 -20.17 -59.04
N ARG RA 320 105.48 -20.88 -58.93
CA ARG RA 320 106.40 -21.02 -60.06
C ARG RA 320 105.71 -21.72 -61.23
N LYS RA 321 105.04 -22.85 -60.96
CA LYS RA 321 104.39 -23.60 -62.02
C LYS RA 321 103.23 -22.82 -62.64
N ILE RA 322 102.45 -22.14 -61.80
CA ILE RA 322 101.35 -21.33 -62.33
C ILE RA 322 101.90 -20.21 -63.21
N GLY RA 323 102.98 -19.57 -62.78
CA GLY RA 323 103.58 -18.52 -63.59
C GLY RA 323 104.12 -19.04 -64.92
N GLU RA 324 104.74 -20.21 -64.91
CA GLU RA 324 105.20 -20.80 -66.16
C GLU RA 324 104.04 -21.10 -67.09
N ALA RA 325 102.94 -21.63 -66.54
CA ALA RA 325 101.76 -21.89 -67.38
C ALA RA 325 101.21 -20.60 -67.97
N GLU RA 326 101.13 -19.54 -67.16
CA GLU RA 326 100.63 -18.27 -67.67
C GLU RA 326 101.55 -17.70 -68.73
N ALA RA 327 102.87 -17.84 -68.55
CA ALA RA 327 103.80 -17.38 -69.57
C ALA RA 327 103.61 -18.14 -70.88
N ALA RA 328 103.42 -19.45 -70.79
CA ALA RA 328 103.21 -20.25 -71.99
C ALA RA 328 101.94 -19.83 -72.72
N VAL RA 329 100.84 -19.65 -71.98
CA VAL RA 329 99.59 -19.29 -72.64
C VAL RA 329 99.67 -17.89 -73.22
N ILE RA 330 100.36 -16.97 -72.53
CA ILE RA 330 100.51 -15.62 -73.05
C ILE RA 330 101.32 -15.62 -74.34
N GLU RA 331 102.39 -16.42 -74.37
CA GLU RA 331 103.18 -16.53 -75.59
C GLU RA 331 102.36 -17.13 -76.72
N ALA RA 332 101.50 -18.09 -76.40
CA ALA RA 332 100.61 -18.66 -77.42
C ALA RA 332 99.65 -17.61 -77.97
N MET RA 333 99.06 -16.81 -77.09
CA MET RA 333 98.21 -15.70 -77.54
C MET RA 333 98.99 -14.74 -78.43
N GLY RA 334 100.24 -14.45 -78.07
CA GLY RA 334 101.04 -13.58 -78.90
C GLY RA 334 101.27 -14.18 -80.29
N LYS RA 335 101.63 -15.46 -80.33
CA LYS RA 335 101.78 -16.15 -81.61
C LYS RA 335 100.53 -15.99 -82.45
N ALA RA 336 99.37 -16.32 -81.88
CA ALA RA 336 98.13 -16.35 -82.65
C ALA RA 336 97.70 -14.95 -83.09
N GLU RA 337 97.74 -13.98 -82.16
CA GLU RA 337 97.26 -12.65 -82.49
C GLU RA 337 98.18 -11.96 -83.49
N ALA RA 338 99.49 -12.17 -83.35
CA ALA RA 338 100.41 -11.61 -84.33
C ALA RA 338 100.22 -12.24 -85.70
N GLU RA 339 99.98 -13.55 -85.76
CA GLU RA 339 99.68 -14.18 -87.04
C GLU RA 339 98.39 -13.61 -87.63
N ARG RA 340 97.39 -13.37 -86.78
CA ARG RA 340 96.14 -12.77 -87.24
C ARG RA 340 96.38 -11.41 -87.86
N MET RA 341 97.11 -10.55 -87.16
CA MET RA 341 97.37 -9.22 -87.66
C MET RA 341 98.19 -9.25 -88.94
N LYS RA 342 99.19 -10.14 -89.00
CA LYS RA 342 100.01 -10.24 -90.18
C LYS RA 342 99.19 -10.67 -91.39
N LEU RA 343 98.34 -11.69 -91.23
CA LEU RA 343 97.52 -12.14 -92.35
C LEU RA 343 96.50 -11.08 -92.75
N LYS RA 344 96.00 -10.32 -91.78
CA LYS RA 344 95.04 -9.27 -92.08
C LYS RA 344 95.71 -8.09 -92.77
N ALA RA 345 97.03 -7.97 -92.63
CA ALA RA 345 97.76 -6.89 -93.28
C ALA RA 345 97.68 -6.96 -94.81
N GLU RA 346 97.98 -8.11 -95.40
CA GLU RA 346 97.86 -8.24 -96.85
C GLU RA 346 96.41 -8.09 -97.29
N ALA RA 347 95.47 -8.53 -96.44
CA ALA RA 347 94.06 -8.36 -96.77
C ALA RA 347 93.71 -6.88 -96.91
N TYR RA 348 94.13 -6.05 -95.96
CA TYR RA 348 93.88 -4.61 -96.06
C TYR RA 348 94.68 -3.99 -97.19
N GLN RA 349 95.82 -4.58 -97.55
CA GLN RA 349 96.66 -3.96 -98.56
C GLN RA 349 95.98 -3.95 -99.92
N LYS RA 350 95.01 -4.83 -100.13
CA LYS RA 350 94.38 -4.97 -101.44
C LYS RA 350 93.06 -4.20 -101.54
N TYR RA 351 92.86 -3.23 -100.66
CA TYR RA 351 91.63 -2.44 -100.62
C TYR RA 351 91.71 -1.28 -101.60
N GLY RA 352 90.65 -1.09 -102.37
CA GLY RA 352 90.53 0.02 -103.30
C GLY RA 352 89.70 1.15 -102.72
N ASP RA 353 89.24 2.03 -103.63
CA ASP RA 353 88.38 3.12 -103.19
C ASP RA 353 87.03 2.61 -102.70
N ALA RA 354 86.44 1.66 -103.42
CA ALA RA 354 85.12 1.16 -103.06
C ALA RA 354 85.14 0.47 -101.70
N ALA RA 355 86.20 -0.29 -101.42
CA ALA RA 355 86.28 -1.00 -100.14
C ALA RA 355 86.43 -0.03 -98.97
N LYS RA 356 87.24 1.02 -99.12
CA LYS RA 356 87.34 2.03 -98.08
C LYS RA 356 86.00 2.75 -97.89
N MET RA 357 85.31 3.02 -98.99
CA MET RA 357 83.97 3.59 -98.88
C MET RA 357 83.05 2.67 -98.10
N ALA RA 358 83.13 1.37 -98.34
CA ALA RA 358 82.32 0.41 -97.60
C ALA RA 358 82.67 0.44 -96.11
N LEU RA 359 83.95 0.53 -95.79
CA LEU RA 359 84.35 0.61 -94.38
C LEU RA 359 83.76 1.85 -93.71
N VAL RA 360 83.86 3.00 -94.37
CA VAL RA 360 83.35 4.23 -93.78
C VAL RA 360 81.83 4.17 -93.62
N LEU RA 361 81.13 3.67 -94.65
CA LEU RA 361 79.69 3.58 -94.56
C LEU RA 361 79.25 2.62 -93.47
N GLU RA 362 80.00 1.52 -93.29
CA GLU RA 362 79.66 0.58 -92.22
C GLU RA 362 79.91 1.21 -90.86
N ALA RA 363 80.95 2.03 -90.74
CA ALA RA 363 81.25 2.65 -89.45
C ALA RA 363 80.24 3.75 -89.11
N LEU RA 364 79.69 4.40 -90.13
CA LEU RA 364 78.83 5.58 -89.90
C LEU RA 364 77.62 5.31 -89.00
N PRO RA 365 76.81 4.27 -89.20
CA PRO RA 365 75.62 4.12 -88.35
C PRO RA 365 75.93 3.95 -86.87
N GLN RA 366 77.01 3.26 -86.52
CA GLN RA 366 77.35 3.10 -85.10
C GLN RA 366 77.73 4.43 -84.48
N ILE RA 367 78.54 5.23 -85.19
CA ILE RA 367 78.91 6.55 -84.69
C ILE RA 367 77.66 7.42 -84.54
N ALA RA 368 76.76 7.36 -85.54
CA ALA RA 368 75.54 8.16 -85.47
C ALA RA 368 74.68 7.75 -84.29
N ALA RA 369 74.59 6.44 -84.03
CA ALA RA 369 73.83 5.97 -82.88
C ALA RA 369 74.44 6.46 -81.58
N LYS RA 370 75.78 6.45 -81.51
CA LYS RA 370 76.44 6.92 -80.29
C LYS RA 370 76.21 8.40 -80.07
N ILE RA 371 76.34 9.21 -81.12
CA ILE RA 371 76.20 10.66 -80.96
C ILE RA 371 74.76 11.04 -80.63
N ALA RA 372 73.79 10.34 -81.19
CA ALA RA 372 72.39 10.67 -80.98
C ALA RA 372 71.83 10.16 -79.66
N ALA RA 373 72.60 9.35 -78.92
CA ALA RA 373 72.09 8.81 -77.66
C ALA RA 373 71.64 9.88 -76.67
N PRO RA 374 72.36 11.00 -76.48
CA PRO RA 374 71.84 12.02 -75.55
C PRO RA 374 70.50 12.61 -75.97
N LEU RA 375 70.13 12.50 -77.24
CA LEU RA 375 68.87 13.08 -77.71
C LEU RA 375 67.68 12.29 -77.21
N THR RA 376 67.91 11.13 -76.61
CA THR RA 376 66.83 10.27 -76.14
C THR RA 376 66.03 10.91 -75.03
N LYS RA 377 66.68 11.74 -74.21
CA LYS RA 377 66.08 12.26 -72.99
C LYS RA 377 65.41 13.62 -73.19
N VAL RA 378 65.19 14.06 -74.43
CA VAL RA 378 64.52 15.33 -74.65
C VAL RA 378 63.10 15.26 -74.13
N ASP RA 379 62.68 16.32 -73.44
CA ASP RA 379 61.36 16.38 -72.83
C ASP RA 379 60.34 17.08 -73.74
N GLU RA 380 60.62 18.30 -74.15
CA GLU RA 380 59.69 19.05 -74.98
C GLU RA 380 60.48 19.93 -75.92
N ILE RA 381 59.88 20.24 -77.07
CA ILE RA 381 60.52 21.04 -78.10
C ILE RA 381 59.61 22.23 -78.41
N VAL RA 382 60.17 23.43 -78.39
CA VAL RA 382 59.44 24.64 -78.74
C VAL RA 382 60.11 25.27 -79.96
N VAL RA 383 59.34 25.46 -81.03
CA VAL RA 383 59.84 26.02 -82.27
C VAL RA 383 59.06 27.29 -82.59
N LEU RA 384 59.78 28.36 -82.89
CA LEU RA 384 59.19 29.62 -83.31
C LEU RA 384 59.82 30.04 -84.63
N SER RA 385 59.04 30.70 -85.48
CA SER RA 385 59.53 31.11 -86.79
C SER RA 385 59.02 32.50 -87.12
N GLY RA 386 59.69 33.15 -88.06
CA GLY RA 386 59.33 34.48 -88.48
C GLY RA 386 59.88 35.56 -87.57
N ASP RA 387 60.36 36.65 -88.15
CA ASP RA 387 60.95 37.75 -87.39
C ASP RA 387 59.87 38.73 -86.97
N ASN RA 388 59.30 38.51 -85.79
CA ASN RA 388 58.24 39.36 -85.26
C ASN RA 388 58.47 39.58 -83.77
N SER RA 389 57.50 40.24 -83.14
CA SER RA 389 57.59 40.59 -81.74
C SER RA 389 57.27 39.37 -80.86
N LYS RA 390 57.37 39.56 -79.55
CA LYS RA 390 57.15 38.51 -78.56
C LYS RA 390 55.89 38.77 -77.75
N VAL RA 391 54.89 39.37 -78.38
CA VAL RA 391 53.64 39.73 -77.70
C VAL RA 391 52.51 38.79 -78.10
N THR RA 392 52.59 38.21 -79.31
CA THR RA 392 51.50 37.38 -79.81
C THR RA 392 51.28 36.16 -78.93
N SER RA 393 52.36 35.50 -78.51
CA SER RA 393 52.32 34.30 -77.67
C SER RA 393 51.52 33.23 -78.42
N GLU RA 394 50.54 32.59 -77.80
CA GLU RA 394 49.76 31.56 -78.47
C GLU RA 394 48.34 32.04 -78.78
#